data_8ADL
#
_entry.id   8ADL
#
_cell.length_a   1.00
_cell.length_b   1.00
_cell.length_c   1.00
_cell.angle_alpha   90.00
_cell.angle_beta   90.00
_cell.angle_gamma   90.00
#
_symmetry.space_group_name_H-M   'P 1'
#
loop_
_entity.id
_entity.type
_entity.pdbx_description
1 polymer 'Maintenance of telomere capping protein 5'
2 polymer 'Nucleoporin SEH1'
3 polymer 'SEH-associated protein 4'
4 polymer 'Protein transport protein SEC13'
5 polymer 'Restriction of telomere capping protein 1'
6 polymer 'Nitrogen permease regulator 3'
7 polymer 'Vacuolar membrane-associated protein IML1'
8 polymer 'Nitrogen permease regulator 2'
9 non-polymer 'ZINC ION'
#
loop_
_entity_poly.entity_id
_entity_poly.type
_entity_poly.pdbx_seq_one_letter_code
_entity_poly.pdbx_strand_id
1 'polypeptide(L)'
;MCSSINEGPYNSPTFGKSLSLKVDGGFNAVSINPSGRDIVLASRQGLYIIDLDDPFTPPRWLHHITPWQVADVQWSPHPA
KPYWIVSTSNQKAIIWNLAKSSSNAIEFVLHGHSRAITDINFNPQHPDVLATCSVDTYVHAWDMRSPHRPFYSTSSWRSA
ASQVKWNYKDPNVLASSHGNDIFVWDLRKGSTPLCSLKGHVSSVNSIDFNRFKYSEIMSSSNDGTVKFWDYSKSTTESKR
TVTTNFPIWRGRYLPFGEGYCIMPMVGGNNAVYLINLCDDDDSEQNKKTKLQPIYAFKGHSDRVIDFLWRSRHTCDGDYD
DREFQLVTWSKDCDLKLWPISDSIYGKVNFDRGKRLEEKLPDYDYCSYNKEPENRENVQKNEFRRLRENFVTTSGLKKNK
TNHITWLSGIRMNSATSQEDLFNETKIQNLGEEVSAIGHKFPKVVFEKISVSTRELCLTLNGPWSEENPDDYIFLRISIN
FPLNYPNKGDPPKFTIEENSNLTMSKRQEILSNLATIGQKYTDSNLYCLEPCIRFVLGEKVSLEDIEEGQEPLLNFDIAD
HIDFEELSSLDSSYSDSQNPENLSSQSDIESYKEALVFPDTSNQGLDFGRNLALDTTPVPNGCGSCWTATGELFCFFANE
KKPEKKQNAIIKLSQKEAGVEKHPFKIEPQVLYDKEVDSSVITAADELKARPKRYVDTLGLGGGTNGDSRTYFDDETSSD
DSFDSVADDWDDILRNDIIVRTKIPILRGNFKAFSSVHSESGKTVESTKKNKNLVISKNFSSLLSDRKELALEYLFMDAT
PEGFARNNALVAEKFDLDEISHCWQILSDMLIDQSDYDPYTTIWNNHPMGIKWFIKEAIVYFERQQNLQMLAMLCCVILS
ARRKKIPARYYGQELENMEGTIVFNDNESQNTSFWKGSDAFSTRSRSSTVTPNFYGNHLRGKNIHGGDNSSIRSDDHHAR
LRTHNTLNGSSKFTEPAQKQGSRAISSSPFHSRMPDIKVELLHDDIIEAYEQEDLLHLEVSDIPKFQTYIYQYSKLLFRW
GLPLERVKILKVSTDFRSSYSSQGIPPNNNKKSPYNGVLTHWIENNEFGEEKFLARNCNYCDLRVTRSSFICGNCQHVLH
SSCARIWWEIGDECPSGCGCNCPEMFDA
;
C,Q
2 'polypeptide(L)'
;MQPFDSGHDDLVHDVVYDFYGRHVATCSSDQHIKVFKLDKDTSNWELSDSWRAHDSSIVAIDWASPEYGRIIASASYDKT
VKLWEEDPDQEECSGRRWNKLCTLNDSKGSLYSVKFAPAHLGLKLACLGNDGILRLYDALEPSDLRSWTLTSEMKVLSIP
PANHLQSDFCLSWCPSRFSPEKLAVSALEQAIIYQRGKDGKLHVAAKLPGHKSLIRSISWAPSIGRWYQLIATGCKDGRI
RIFKITEKLSPLASEESLTNSNMFDNSADVDMDAQGRSDSNTEEKAELQSNLQVELLSEHDDHNGEVWSVSWNLTGTILS
SAGDDGKVRLWKATYSNEFKCMSVITAQQ
;
E,D,F,M,L,N
3 'polypeptide(L)'
;MGLIKKVTHWSYDNLIDYLSVNPTRDEVTHYKVDPENESDESIIKLHTVKDFGSITCLDYSESEIGMIGVGEKNGYLRIF
NISGQNSSSPASHAPVGLNANNETSMTNASGGKAAQAENIVGSVSNLKDTQGYPVSETNYDIRVRAKKQRCINSLGINTN
GLIAMGLDRNKHDSSLQIWDMNYHDDSHETINPMFSYCTNESIVSLKFLNDTSVLAASTKFLKEIDVRSPNPIYQHPTRL
TYDIKLNPFNDWQFSTYGDDGTLAIWDRRKLSDQASLGDLNVASPLLTFEKLVGSGAASRKYMNSCFRWSCVRNNEFATL
HRGDTIKRWRLGYYCDSNRDIAADDDNEMNIENLFVSSVHDTNTMYDRVATFDYIPRSNNGTSLICMRQSGTIYRMPISE
VCSKAILNNRNSLLLSNFENTEIDEIRVNNEHEKSNLENVKTILKNLSFEDLDVSEDYFPSGHDEPNNEIEYSELSEEEN
EGSNDVLDSKRGFELFWKPEKLLEKDISVIMRTRASLGYGLDPMNTVEMIDSSKNLQNNAYIRNTWRWIAIAKASVDDGT
MVSGDLDLGYEGVIGIWNGINGISNQDRYRQETILSDKQLNKEMEKIIKLRRKNRDRNSPIANAAGSPKYVQRRLCLIIS
GWDLSRSDYEDKYNIIMKNGHYEKAAAWAVFFGDIPKAVEILGSAKKERLRLIATAIAGYLAYKDLPGNNAWRQQCRKMS
SELDDPYLRVIFAFIADNDWWDILYEPAISLRERLGVALRFLNDTDLTTFLDRTSSTVIENGELEGLILTGITPNGIDLL
QSYVNKTSDVQSAALISIFGSPRYFRDQRVDEWIQTYRDMLKSWELFSMRARFDVLRSKLSRTKTGVLTADIKPRQIYIQ
CQNCKQNINTPRTSSPSSAVSTSAGNYKNGEAYRRNNADYKKFNTGSSEAQAADEKPRHKYCCPHCGSSFPRCAICLMPL
GTSNLPFVINGTQSRDPMQTEDSQDGANRELVSRKLKLNEWFSFCLSCNHGMHAGHAEEWFDRHNVCPTPGCTCQCNK
;
G,B,O,J
4 'polypeptide(L)'
;MVVIANAHNELIHDAVLDYYGKRLATCSSDKTIKIFEVEGETHKLIDTLTGHEGPVWRVDWAHPKFGTILASCSYDGKVL
IWKEENGRWSQIAVHAVHSASVNSVQWAPHEYGPLLLVASSDGKVSVVEFKENGTTSPIIIDAHAIGVNSASWAPATIEE
DGEHNGTKESRKFVTGGADNLVKIWKYNSDAQTYVLESTLEGHSDWVRDVAWSPTVLLRSYLASVSQDRTCIIWTQDNEQ
GPWKKTLLKEEKFPDVLWRASWSLSGNVLALSGGDNKVTLWKENLEGKWEPAGEVHQ
;
H,P
5 'polypeptide(L)'
;MSLSPHVENASIPKGSTPIPKNRNVSSIGKGEFLGSSSSNNSSFRMNHYSNSGQPSVLDSIRRPNLTPTFSYSNGVYMPE
SHRTSSFNDSYLPYDKNPYAKTTGSMSNKSNMKIKTKKNAINTNTRKSSGLIYTTKVDKELSSIDKVNDPNINGLVCAGK
THLGLYKFSPSDRSIKCVHDFITPNSNTSTRGTTSLLPKLSKRTRQNKFSTIADVKTGFNNYKNCIAVCNNSTAISIYDL
NKSSSIDNPLITSLCEHTRSINSFDFNMVESNLIISGGQDSCVKIWDLRSNKSKSSNRSDISINTASDSIRDVKWMPGYN
FASKNDQGSSTYGNLKSGYKFASIHDSGYLLKFDLRQPAQYEKKLNAHTGPGLCLNWHPNQEYIATGGRDGKCCLWFVGD
NANAAENTVLNYGNSPSLHAPNTSLNNSGSLAFPKLTINTGYPVTKLKFKPAYSSNIYNSLLGISSMGDEAEVRIYSLAR
KYIPKHVLLSETPSLGLVWWDENLIFNIDKGTRINGWDINKEPTVLENLSKNTTTWRDLDGNGLLSVDQEIGSYEVVEPE
LQPTSSTTCKKHPGTIKNPKNGNPENQGIIGGIKKGFSHTGLTSFTPERPPTLKAGPTFSTKSLTLASGASSFNSSSASL
TSLTPQTENREEIAIEPPCIITLDIPQIFNNIRLTKIAHSRKKNVISESSSMKNSPVEKFKYLARQLKFSYIREHNVSDS
ADTAYKNDIENIDVVKNATETHGDNTTTTNNNDDGDDDDDDDDDDKIIESHLLKKYNFPENNTWATLMNEKVNNKKSKRN
SSSSREFDEKDVRSSISSISASRQSHDRARKIDKNVEAELQEKIQTLVDLISIATHNASVYLSIDDLTNFKIWILIRDSL
LWDLKWMTSSQISSDNASNMDANESSDFEAGENLKTGKEFPEEDGAGTSGAESLVEERPQAFRANSDEPSDAEKKPVSKL
KEQLKNTEIIPYAQPNEDSDEVLTKLKELQNQRLESRTKMGETVSDDVIIEEDEHEHQEEEQPHDSPTKSAQFHASPIAK
SIPILQKREHRKSFIDTFMLHSPNGYNGDTDIGNEDDNISPRFTYNSVSPRSKVSSLQSYATTTSQLETFKKLSSHTAPI
IGSPRHAPSRPDSIGREQLSSSLTKKLAKCKKIIADPPWDTKKLIKQLYNQATETGNVVLTVNILFLFQTIYQITEIDIA
KDAIAHFLLLLHRYELFGIAADVLKYCPFEDIMGSEGDQSSIRLFCERCGELITNESSKEKLRAEAQQTGNKKIMDKFGY
WYCDSCKKKNTSCVLCERPLKKLTMVILPCGHEGHFQCIQEWFLDENEQECPGGCPGVAFI
;
A,I
6 'polypeptide(L)'
;MDECLPNSCLLGVHLVISTHSGPQIVYHYPPSNTAFLTNNPTKHQHLYGNHANLNKNTSTNKEEKLFNSGSTKTASQIAL
NESAKSYNTAITPSMTNTNTNNVTLPPTRSHANTVGSQSSIPAATNGVGYRKTDIEDTSRTFQYQETESETSSSGLSDSE
LSTDYLDISSDSFSISSSLSSSSLSSSPSSSSSSSPPQDGLSRTNSSFQSTDSMSPTSPQMIMENDSISVAESYLDSGTN
NKSRAASKRSQNFFHKLSTKKSTDSKTHSPVRKLKSKPSQSTKKGNKLLKNTSNETDGNAFTGSCSISSKKSLSSTGEHN
QELRNSSLNDTPGQSPHHYHHRYHHYHKNAATSQRNSHTQYDVEEEDMEVSAMLQDGKISMNEIFFEEENFQDINKILEF
DNDFVAEFCSPEREMCNTRFEFTVDNFCFLGLPIHVDSQGRWRKSKHKNKTRSKRSSSTTTNISRKKSIASKISSLSENT
LKKVNSGEADTVYDSNIGHEASTDTPNLRINTDVSGNEFEREKEDLGKNMNMFHVCFVMNPHLIEYNKRIDDMYQFVVTR
LSLLLRYVQSKTSYISSECHIILKEKERVLKHSKTYQSIRGAGNKGKYLYQRILAKSSLARALTECVDKIQRNEIACLEI
NDDKVISLQIPIQNEFEKMPNFKLQPVLRGSYLTSILNMKFLEKSSLRIESQNRQNDQAQFSDTNNNIYRFGNNINSTGH
CGAANVDDGDDNESNYYCDDNDDLLNYALLLLDEPNNIISSLETFSYQDDIGTIILKHLVRNIQPNIPLRSYRYLITDLL
DNPSSLDDLTTETNSLESSILRSCALHLMYWRHARIVIPLSSKYTYIVSPLAPIQGYTIDDYKSTSQNDGNVKKMDDREN
NKSGSDRVPLIYQNSMLFRSKFPSLPSLPIFLSLLSTDKPQAYSNIIPSREHKPVYLNALAWLIQYGYVTQLLTFINIRV
DKHIKMAVDEDLEKEGFRKTNTARRPSMDYKKTDKKLDDEDGQSRDANASEACSGKNEGMQSNDNNKDVDEKDNENDSRV
DDRDDNEIAIADEEEILHFEYDDPEMQHDYTIILEPERATAIEKRWLYRCIYGQPSDIQILFNKLLKYFNGKVPMELVII
KEEISRHDLKKLLNALDKYLIEIHHW
;
U,V
7 'polypeptide(L)'
;MFAKLHGKKQRPISSINSQTPRTSNTTHANSISLSSGNLIVGSNRNLRQKKEQFGSQQRASGRKLISNKENDDNVNNGGD
NNYDNGERVHRHHIPGLKIKAYQAELGYHESRFSENLVMLNLVEFPDIKPGDLVELKTYHKNPSASNGDKKIYFIAKDFD
GETKRRAKTSNVSILSGQLQTLLDLPSRSRIWIKLKPNKFDLQADVVEFNIKDCLLNRGDMWVLSSKLVDTCVFMDQRLA
FLDSIRGTIKGIYRNGKKIVSGYIGEQTRIIFRSESARLIFLIQITDEMWNFEETGEQLFQKMVNSFFPKIFKKWKDVDT
HHTITIAFAISMDLSDTSFKDLTPGESLKNSQDYFRIVVDQVSIIHWVDIMETLREEFMEIRKDLLNKQTDKGYSVANGR
FSPVIKSNFLELVNFATTILTDPFKQLDLRHTTTHVMIISPGSGLFDVDYSLLRLTGKKLLSLEMTMDLICLSKAPLHIV
PLFRYRDFENKLHHCVPLWLSVFFWNDHDKKSNSEWTPRCKIYDLQMMGITENELIREVDVEYLQLNKKVKSLSEFMNDY
DKNAFEVKILCAGSNTKQSKKLNSKFDTVFENDVVVKARKIPATATTTHGNTKFIWRGPKVALPAIKDIQKPNVIPDLSI
KTIEASFYDDCNTTNDKISTPTTSNNDNLEMNDSLVSVRSADNQNTSLALDSLKGLSKRNSLKDFTQRVITKFISNIDTS
KNKKIKSTLLRDDVDNSPLGSNTPLPSSESKISGLKLQQKGLADENVISKRGNLIIKKNLSIFGLPSNEIMSGSPSSYLG
SSHTRTSSKLSNMSDKAAFITEGQKSKHDDSNTYSLTQQLKHRISETWVDIKSPSIPVSSEFANELLPIRWKDVWPKYVA
RKYSKWRSFTTPAELPITISDFPSKDDFDRNFIFRNHSVTLNTDQEQYNQTYKDLLRDMIYMRLLTGFQICVGRQVEKIE
LSRESGESETVVNKYLDFNQNDAFKLYLMIDSEIHRITCSSSGIIDVERYLRKDEANLFDQVPSYIPLVKTRYESSFRDA
MIDPLHVKRESLNWNQIDQVLAGYGDNLIDRKWHGFRAKYVVLPTDIPPNTYSMVINGKSETLNPEEIRVEGLRRLIGSI
TRSRLRTEKEKKGRKTKREEIQPEVMFYTGPLYNFINEQQTSLESSAINFKDSIFVNDNNLLNRNVELSKLAYQIQRGED
RITLVNRKWHWKKHEKCFVGSEMVNWLIRNFSDIDTREDAIKYGQKVMKEGLFVHVLNKHNFLDGHYFYQFSPEYVMDTN
KLEKTNSHRSTLSDPKQMLRKASTGSSNDPSAMTPFSSVVPAISASNASVADAKEPSRPILMLSNSLVIDVDPAGKSSKQ
ESCTVHYDRVHNPDHCFHIRLEWLTTTPKLIDDLVGNWSRLCERYGLKMIEIPWEELCTIPSVNPFHSFVEIKLAINPWE
DPEFKDRELFAKSKFYYHVYLLKASGFLLDNRASKFLQNQDIEFDIMYSWGKPQFKYVQYIHHTGAYVAELRENGCLFLA
PNNIYISRVNPGNIIGKIHSASSSSLDAQKVILNFKSTCLDYQKLRSIFLDAKEMWITGKIVED
;
W,X
8 'polypeptide(L)'
;MLSYFQGFVPIHTIFYSVFHPTEGSKIKYEFPPNNLKNHGINFNTFKNYIIPKPILCHKLITFKYGTYRIVCYPVTINSP
IYARNFFSFNFVFVFPYDCETSPYEPAITRLGKMFKVLEEQNQLLSKSERDPVFFDLKVLENSTTTPSTAGPSSTPNPSS
NTTPTHPTSEKDTKDMRSSRYSDLIKDLGLPQSAFSIQDLLMRIFQDLNNYSECLIPIDEGNAVDIKIFPLLRPPTTCVS
LEDVPLSSVNLKKIIDVNWDPTMMSIVPYIDGLNSIAKISKLSNSDPGLVIECIRHLIYYKCVTLSDIFQFSNIYAPSSL
IRNFLTDPLMASDCQSYVTFPEVSKISNLPLNKSLGSGDQDSPSFSVRRKSKSSSIPSNPDSRTTSFSSTSRVSQNSSLN
SSFSSIYKDWRQSQTSCSSSNIHVINNRNRFLPTRSCLFDLYRSLSQGQTLKTWYESKYMILKENNIDIRRFITFGLEKR
IIYRCYSFPVMINAGSREPKEMTPIITKDLVNNDKLLEKRNHNHLLSATGSRNTAQSGNLKPERPSKVSFEMQRVSSLAT
GKSTMPKLSDEEEGILEESIRNAETFDKICVLLSKPKLEVESYLNELGEFKVINS
;
S,T
#
loop_
_chem_comp.id
_chem_comp.type
_chem_comp.name
_chem_comp.formula
ZN non-polymer 'ZINC ION' 'Zn 2'
#
# COMPACT_ATOMS: atom_id res chain seq x y z
N GLY A 8 -87.01 22.17 20.49
CA GLY A 8 -88.38 22.58 20.75
C GLY A 8 -89.05 21.77 21.85
N PRO A 9 -90.21 22.24 22.33
CA PRO A 9 -90.96 21.51 23.35
C PRO A 9 -92.00 20.54 22.82
N TYR A 10 -92.31 20.55 21.52
CA TYR A 10 -93.38 19.74 20.97
C TYR A 10 -92.92 18.39 20.45
N ASN A 11 -91.62 18.09 20.47
CA ASN A 11 -91.13 16.76 20.14
C ASN A 11 -90.80 15.94 21.38
N SER A 12 -91.27 16.36 22.56
CA SER A 12 -91.01 15.60 23.77
C SER A 12 -91.78 14.28 23.74
N PRO A 13 -91.20 13.20 24.27
CA PRO A 13 -91.91 11.91 24.33
C PRO A 13 -92.68 11.64 25.61
N THR A 14 -92.69 12.57 26.57
CA THR A 14 -93.28 12.32 27.88
C THR A 14 -94.41 13.28 28.25
N PHE A 15 -94.82 14.17 27.33
CA PHE A 15 -95.83 15.14 27.70
C PHE A 15 -97.24 14.56 27.62
N GLY A 16 -97.57 13.91 26.50
CA GLY A 16 -98.87 13.29 26.39
C GLY A 16 -98.99 11.92 26.99
N LYS A 17 -97.90 11.39 27.54
CA LYS A 17 -97.86 10.04 28.09
C LYS A 17 -97.68 10.09 29.60
N SER A 18 -98.06 8.99 30.25
CA SER A 18 -97.89 8.83 31.68
C SER A 18 -96.62 8.06 31.96
N LEU A 19 -95.86 8.52 32.94
CA LEU A 19 -94.51 8.03 33.19
C LEU A 19 -94.26 8.10 34.69
N SER A 20 -93.65 7.05 35.24
CA SER A 20 -93.33 6.99 36.65
C SER A 20 -91.84 6.70 36.82
N LEU A 21 -91.19 7.46 37.69
CA LEU A 21 -89.77 7.29 37.97
C LEU A 21 -89.56 7.03 39.46
N LYS A 22 -88.70 6.07 39.77
CA LYS A 22 -88.36 5.74 41.16
C LYS A 22 -87.07 6.47 41.52
N VAL A 23 -87.18 7.51 42.34
CA VAL A 23 -86.05 8.32 42.74
C VAL A 23 -85.83 8.10 44.23
N ASP A 24 -84.91 7.20 44.57
CA ASP A 24 -84.63 6.92 45.97
C ASP A 24 -83.69 7.98 46.56
N GLY A 25 -83.77 8.15 47.87
CA GLY A 25 -82.94 9.11 48.55
C GLY A 25 -83.68 9.97 49.56
N GLY A 26 -85.01 9.91 49.54
CA GLY A 26 -85.81 10.70 50.46
C GLY A 26 -85.84 12.17 50.11
N PHE A 27 -86.43 12.50 48.97
CA PHE A 27 -86.52 13.89 48.51
C PHE A 27 -87.82 14.51 48.99
N ASN A 28 -87.71 15.72 49.57
CA ASN A 28 -88.85 16.38 50.20
C ASN A 28 -89.43 17.53 49.38
N ALA A 29 -88.68 18.06 48.40
CA ALA A 29 -89.14 19.22 47.64
C ALA A 29 -88.96 18.98 46.16
N VAL A 30 -89.80 19.66 45.37
CA VAL A 30 -89.77 19.53 43.92
C VAL A 30 -90.22 20.85 43.28
N SER A 31 -89.66 21.14 42.11
CA SER A 31 -90.04 22.32 41.34
C SER A 31 -89.77 22.04 39.86
N ILE A 32 -90.41 22.83 39.00
CA ILE A 32 -90.42 22.54 37.57
C ILE A 32 -90.07 23.79 36.76
N ASN A 33 -89.46 23.56 35.59
CA ASN A 33 -89.34 24.60 34.57
C ASN A 33 -90.70 24.91 33.97
N PRO A 34 -91.04 26.20 33.81
CA PRO A 34 -92.23 26.53 33.02
C PRO A 34 -92.08 26.10 31.55
N SER A 35 -90.84 25.93 31.07
CA SER A 35 -90.61 25.34 29.76
C SER A 35 -90.88 23.84 29.72
N GLY A 36 -90.87 23.17 30.88
CA GLY A 36 -91.14 21.74 30.90
C GLY A 36 -89.98 20.82 30.63
N ARG A 37 -88.72 21.28 30.68
CA ARG A 37 -87.64 20.39 30.28
C ARG A 37 -86.99 19.65 31.45
N ASP A 38 -86.63 20.33 32.54
CA ASP A 38 -85.94 19.70 33.65
C ASP A 38 -86.81 19.76 34.90
N ILE A 39 -86.53 18.84 35.83
CA ILE A 39 -87.23 18.81 37.12
C ILE A 39 -86.19 18.57 38.21
N VAL A 40 -86.29 19.33 39.30
CA VAL A 40 -85.32 19.30 40.38
C VAL A 40 -85.97 18.71 41.63
N LEU A 41 -85.25 17.83 42.30
CA LEU A 41 -85.69 17.22 43.56
C LEU A 41 -84.68 17.51 44.65
N ALA A 42 -85.16 17.96 45.80
CA ALA A 42 -84.31 18.39 46.90
C ALA A 42 -84.40 17.42 48.07
N SER A 43 -83.26 17.04 48.62
CA SER A 43 -83.19 16.20 49.81
C SER A 43 -82.14 16.78 50.75
N ARG A 44 -81.85 16.06 51.83
CA ARG A 44 -80.81 16.49 52.75
C ARG A 44 -79.42 16.35 52.17
N GLN A 45 -79.24 15.50 51.15
CA GLN A 45 -77.95 15.32 50.50
C GLN A 45 -77.74 16.23 49.30
N GLY A 46 -78.76 16.94 48.84
CA GLY A 46 -78.59 17.86 47.72
C GLY A 46 -79.68 17.85 46.67
N LEU A 47 -79.30 18.14 45.42
CA LEU A 47 -80.23 18.32 44.32
C LEU A 47 -80.06 17.24 43.26
N TYR A 48 -81.18 16.79 42.70
CA TYR A 48 -81.19 15.87 41.56
C TYR A 48 -81.92 16.55 40.41
N ILE A 49 -81.21 16.75 39.29
CA ILE A 49 -81.79 17.39 38.10
C ILE A 49 -82.05 16.29 37.07
N ILE A 50 -83.31 16.10 36.73
CA ILE A 50 -83.73 15.03 35.81
C ILE A 50 -84.23 15.66 34.52
N ASP A 51 -83.72 15.18 33.38
CA ASP A 51 -84.28 15.55 32.10
C ASP A 51 -85.64 14.88 31.92
N LEU A 52 -86.67 15.68 31.62
CA LEU A 52 -88.00 15.12 31.42
C LEU A 52 -88.21 14.60 30.01
N ASP A 53 -87.30 14.89 29.08
CA ASP A 53 -87.33 14.29 27.75
C ASP A 53 -86.36 13.14 27.60
N ASP A 54 -85.37 13.04 28.48
CA ASP A 54 -84.45 11.91 28.54
C ASP A 54 -84.39 11.43 29.98
N PRO A 55 -85.40 10.65 30.43
CA PRO A 55 -85.40 10.17 31.81
C PRO A 55 -84.43 9.03 32.06
N PHE A 56 -83.85 8.46 31.01
CA PHE A 56 -82.94 7.33 31.17
C PHE A 56 -81.58 7.77 31.71
N THR A 57 -81.18 9.00 31.45
CA THR A 57 -79.92 9.52 31.98
C THR A 57 -80.03 9.69 33.50
N PRO A 58 -79.05 9.23 34.27
CA PRO A 58 -79.06 9.45 35.73
C PRO A 58 -79.00 10.93 36.06
N PRO A 59 -79.73 11.36 37.09
CA PRO A 59 -79.82 12.79 37.39
C PRO A 59 -78.52 13.37 37.94
N ARG A 60 -78.33 14.67 37.69
CA ARG A 60 -77.15 15.38 38.14
C ARG A 60 -77.24 15.63 39.64
N TRP A 61 -76.28 15.13 40.40
CA TRP A 61 -76.23 15.30 41.85
C TRP A 61 -75.36 16.49 42.19
N LEU A 62 -75.96 17.50 42.82
CA LEU A 62 -75.22 18.63 43.36
C LEU A 62 -75.15 18.47 44.88
N HIS A 63 -73.94 18.50 45.41
CA HIS A 63 -73.70 18.04 46.78
C HIS A 63 -73.93 19.19 47.76
N HIS A 64 -74.81 18.97 48.73
CA HIS A 64 -74.93 19.84 49.90
C HIS A 64 -75.49 19.00 51.04
N ILE A 65 -74.64 18.66 52.01
CA ILE A 65 -75.03 17.79 53.11
C ILE A 65 -75.52 18.65 54.27
N THR A 66 -76.76 18.42 54.69
CA THR A 66 -77.34 19.04 55.88
C THR A 66 -78.07 17.99 56.68
N PRO A 67 -78.08 18.11 58.03
CA PRO A 67 -78.82 17.13 58.83
C PRO A 67 -80.32 17.41 58.88
N TRP A 68 -80.72 18.66 58.67
CA TRP A 68 -82.13 19.04 58.73
C TRP A 68 -82.80 18.82 57.39
N GLN A 69 -84.09 18.52 57.41
CA GLN A 69 -84.84 18.25 56.20
C GLN A 69 -85.07 19.53 55.41
N VAL A 70 -84.85 19.48 54.11
CA VAL A 70 -85.10 20.64 53.26
C VAL A 70 -86.60 20.84 53.10
N ALA A 71 -87.01 22.10 52.93
CA ALA A 71 -88.43 22.44 52.87
C ALA A 71 -88.92 22.66 51.45
N ASP A 72 -88.33 23.61 50.73
CA ASP A 72 -88.85 23.98 49.42
C ASP A 72 -87.71 24.27 48.44
N VAL A 73 -88.01 24.05 47.17
CA VAL A 73 -87.16 24.43 46.05
C VAL A 73 -88.05 25.13 45.04
N GLN A 74 -87.48 26.11 44.32
CA GLN A 74 -88.27 27.00 43.48
C GLN A 74 -87.44 27.45 42.29
N TRP A 75 -87.96 27.22 41.09
CA TRP A 75 -87.28 27.71 39.90
C TRP A 75 -87.59 29.17 39.62
N SER A 76 -86.55 29.91 39.24
CA SER A 76 -86.70 31.34 39.00
C SER A 76 -87.40 31.54 37.66
N PRO A 77 -88.53 32.25 37.61
CA PRO A 77 -89.25 32.41 36.35
C PRO A 77 -88.71 33.51 35.44
N HIS A 78 -87.55 34.05 35.75
CA HIS A 78 -86.91 35.04 34.88
C HIS A 78 -86.42 34.35 33.61
N PRO A 79 -86.83 34.81 32.42
CA PRO A 79 -86.31 34.19 31.18
C PRO A 79 -84.82 34.44 30.97
N ALA A 80 -84.28 35.55 31.45
CA ALA A 80 -82.86 35.86 31.28
C ALA A 80 -81.96 35.13 32.26
N LYS A 81 -82.50 34.46 33.27
CA LYS A 81 -81.70 33.68 34.22
C LYS A 81 -82.27 32.27 34.35
N PRO A 82 -82.02 31.40 33.36
CA PRO A 82 -82.54 30.03 33.44
C PRO A 82 -81.58 29.06 34.10
N TYR A 83 -80.59 29.59 34.81
CA TYR A 83 -79.61 28.77 35.53
C TYR A 83 -79.74 28.88 37.04
N TRP A 84 -80.79 29.51 37.55
CA TRP A 84 -80.90 29.83 38.98
C TRP A 84 -81.85 28.85 39.66
N ILE A 85 -81.42 28.32 40.81
CA ILE A 85 -82.24 27.46 41.65
C ILE A 85 -82.16 27.99 43.08
N VAL A 86 -83.31 28.31 43.67
CA VAL A 86 -83.36 28.72 45.07
C VAL A 86 -83.84 27.53 45.90
N SER A 87 -83.03 27.12 46.87
CA SER A 87 -83.35 25.99 47.74
C SER A 87 -83.07 26.37 49.18
N THR A 88 -83.88 25.83 50.09
CA THR A 88 -83.75 26.11 51.51
C THR A 88 -82.73 25.14 52.11
N SER A 89 -81.78 25.68 52.86
CA SER A 89 -80.81 24.89 53.61
C SER A 89 -80.90 25.34 55.07
N ASN A 90 -81.85 24.74 55.80
CA ASN A 90 -82.23 25.13 57.15
C ASN A 90 -82.56 26.62 57.21
N GLN A 91 -81.74 27.40 57.92
CA GLN A 91 -82.04 28.81 58.16
C GLN A 91 -81.55 29.73 57.05
N LYS A 92 -80.94 29.21 55.99
CA LYS A 92 -80.43 30.02 54.90
C LYS A 92 -80.90 29.45 53.56
N ALA A 93 -81.10 30.34 52.60
CA ALA A 93 -81.54 29.96 51.27
C ALA A 93 -80.35 30.00 50.30
N ILE A 94 -80.20 28.95 49.52
CA ILE A 94 -79.04 28.76 48.66
C ILE A 94 -79.46 28.92 47.21
N ILE A 95 -78.82 29.85 46.50
CA ILE A 95 -79.05 30.07 45.08
C ILE A 95 -78.00 29.29 44.29
N TRP A 96 -78.46 28.33 43.47
CA TRP A 96 -77.58 27.46 42.72
C TRP A 96 -77.39 27.99 41.30
N ASN A 97 -76.14 27.96 40.82
CA ASN A 97 -75.80 28.32 39.44
C ASN A 97 -75.44 27.05 38.67
N LEU A 98 -76.34 26.63 37.77
CA LEU A 98 -76.11 25.41 37.01
C LEU A 98 -75.08 25.58 35.90
N ALA A 99 -74.76 26.82 35.52
CA ALA A 99 -73.66 27.03 34.57
C ALA A 99 -72.32 26.73 35.23
N LYS A 100 -72.25 26.86 36.55
CA LYS A 100 -71.07 26.47 37.30
C LYS A 100 -70.96 24.95 37.36
N SER A 101 -69.77 24.48 37.72
CA SER A 101 -69.54 23.04 37.85
C SER A 101 -70.28 22.50 39.06
N SER A 102 -70.45 21.17 39.08
CA SER A 102 -71.19 20.52 40.14
C SER A 102 -70.47 20.55 41.47
N SER A 103 -69.14 20.68 41.47
CA SER A 103 -68.39 20.75 42.72
C SER A 103 -68.68 22.05 43.47
N ASN A 104 -68.77 23.17 42.75
CA ASN A 104 -69.12 24.46 43.35
C ASN A 104 -70.18 25.11 42.46
N ALA A 105 -71.44 24.80 42.73
CA ALA A 105 -72.57 25.35 41.98
C ALA A 105 -73.32 26.44 42.74
N ILE A 106 -72.92 26.74 43.97
CA ILE A 106 -73.61 27.75 44.77
C ILE A 106 -73.09 29.14 44.39
N GLU A 107 -74.00 30.02 44.02
CA GLU A 107 -73.65 31.38 43.63
C GLU A 107 -73.62 32.33 44.83
N PHE A 108 -74.74 32.48 45.53
CA PHE A 108 -74.79 33.28 46.74
C PHE A 108 -75.87 32.72 47.67
N VAL A 109 -75.74 33.03 48.96
CA VAL A 109 -76.60 32.51 50.01
C VAL A 109 -77.26 33.66 50.74
N LEU A 110 -78.58 33.57 50.90
CA LEU A 110 -79.34 34.56 51.67
C LEU A 110 -79.30 34.21 53.16
N HIS A 111 -78.69 35.09 53.96
CA HIS A 111 -78.57 34.87 55.40
C HIS A 111 -79.62 35.74 56.09
N GLY A 112 -80.81 35.19 56.26
CA GLY A 112 -81.93 35.93 56.82
C GLY A 112 -82.37 35.43 58.18
N HIS A 113 -83.39 34.58 58.18
CA HIS A 113 -84.05 34.10 59.40
C HIS A 113 -83.08 33.28 60.26
N SER A 114 -83.45 33.12 61.53
CA SER A 114 -82.66 32.31 62.45
C SER A 114 -83.07 30.84 62.44
N ARG A 115 -84.34 30.56 62.23
CA ARG A 115 -84.84 29.19 62.14
C ARG A 115 -85.08 28.82 60.69
N ALA A 116 -85.55 27.58 60.47
CA ALA A 116 -85.62 27.01 59.13
C ALA A 116 -86.64 27.72 58.25
N ILE A 117 -86.23 27.99 57.01
CA ILE A 117 -87.12 28.61 56.03
C ILE A 117 -88.18 27.61 55.62
N THR A 118 -89.45 28.01 55.69
CA THR A 118 -90.57 27.09 55.47
C THR A 118 -91.02 27.06 54.02
N ASP A 119 -91.24 28.23 53.41
CA ASP A 119 -91.66 28.28 52.01
C ASP A 119 -91.03 29.49 51.34
N ILE A 120 -90.84 29.37 50.03
CA ILE A 120 -90.28 30.44 49.19
C ILE A 120 -91.13 30.58 47.93
N ASN A 121 -91.34 31.82 47.49
CA ASN A 121 -92.10 32.07 46.28
C ASN A 121 -91.52 33.28 45.54
N PHE A 122 -91.67 33.26 44.22
CA PHE A 122 -91.21 34.34 43.35
C PHE A 122 -92.39 35.20 42.91
N ASN A 123 -92.14 36.50 42.77
CA ASN A 123 -93.18 37.41 42.28
C ASN A 123 -93.35 37.18 40.78
N PRO A 124 -94.57 36.86 40.31
CA PRO A 124 -94.75 36.62 38.87
C PRO A 124 -94.55 37.85 38.00
N GLN A 125 -94.89 39.05 38.49
CA GLN A 125 -94.69 40.25 37.68
C GLN A 125 -93.22 40.63 37.61
N HIS A 126 -92.52 40.57 38.74
CA HIS A 126 -91.09 40.91 38.81
C HIS A 126 -90.34 39.68 39.32
N PRO A 127 -89.78 38.86 38.42
CA PRO A 127 -89.18 37.58 38.84
C PRO A 127 -87.86 37.71 39.59
N ASP A 128 -87.36 38.92 39.82
CA ASP A 128 -86.18 39.12 40.63
C ASP A 128 -86.49 39.37 42.10
N VAL A 129 -87.76 39.29 42.50
CA VAL A 129 -88.18 39.51 43.87
C VAL A 129 -88.62 38.18 44.46
N LEU A 130 -88.06 37.83 45.62
CA LEU A 130 -88.33 36.57 46.28
C LEU A 130 -88.76 36.81 47.72
N ALA A 131 -89.78 36.09 48.16
CA ALA A 131 -90.29 36.18 49.52
C ALA A 131 -90.09 34.86 50.23
N THR A 132 -89.52 34.90 51.43
CA THR A 132 -89.23 33.71 52.22
C THR A 132 -89.98 33.78 53.55
N CYS A 133 -90.59 32.68 53.93
CA CYS A 133 -91.24 32.55 55.22
C CYS A 133 -90.60 31.39 55.99
N SER A 134 -90.69 31.44 57.31
CA SER A 134 -89.89 30.53 58.13
C SER A 134 -90.62 30.22 59.43
N VAL A 135 -90.03 29.28 60.19
CA VAL A 135 -90.59 28.86 61.47
C VAL A 135 -90.40 29.91 62.56
N ASP A 136 -89.43 30.81 62.42
CA ASP A 136 -89.15 31.81 63.45
C ASP A 136 -90.08 33.02 63.40
N THR A 137 -91.24 32.90 62.74
CA THR A 137 -92.27 33.93 62.61
C THR A 137 -91.71 35.20 61.98
N TYR A 138 -91.26 35.05 60.74
CA TYR A 138 -90.76 36.18 59.96
C TYR A 138 -91.01 35.90 58.48
N VAL A 139 -91.42 36.93 57.75
CA VAL A 139 -91.53 36.89 56.30
C VAL A 139 -90.60 37.94 55.73
N HIS A 140 -89.58 37.52 55.01
CA HIS A 140 -88.58 38.41 54.43
C HIS A 140 -88.73 38.42 52.93
N ALA A 141 -88.75 39.61 52.34
CA ALA A 141 -88.79 39.77 50.89
C ALA A 141 -87.41 40.18 50.40
N TRP A 142 -86.88 39.44 49.44
CA TRP A 142 -85.53 39.65 48.94
C TRP A 142 -85.56 40.16 47.50
N ASP A 143 -84.46 40.78 47.11
CA ASP A 143 -84.22 41.19 45.73
C ASP A 143 -82.98 40.47 45.22
N MET A 144 -83.11 39.81 44.06
CA MET A 144 -81.99 39.06 43.51
C MET A 144 -80.93 39.95 42.87
N ARG A 145 -81.22 41.23 42.66
CA ARG A 145 -80.19 42.15 42.20
C ARG A 145 -79.23 42.52 43.32
N SER A 146 -79.72 42.59 44.56
CA SER A 146 -78.88 42.86 45.74
C SER A 146 -79.20 41.80 46.78
N PRO A 147 -78.66 40.59 46.63
CA PRO A 147 -79.04 39.47 47.50
C PRO A 147 -78.18 39.36 48.76
N HIS A 148 -78.17 40.42 49.56
CA HIS A 148 -77.43 40.44 50.82
C HIS A 148 -78.30 40.69 52.02
N ARG A 149 -79.23 41.64 51.94
CA ARG A 149 -80.19 41.95 52.99
C ARG A 149 -81.58 42.07 52.38
N PRO A 150 -82.63 41.70 53.10
CA PRO A 150 -83.98 41.87 52.56
C PRO A 150 -84.39 43.34 52.56
N PHE A 151 -85.14 43.72 51.53
CA PHE A 151 -85.66 45.07 51.42
C PHE A 151 -87.02 45.24 52.09
N TYR A 152 -87.58 44.17 52.66
CA TYR A 152 -88.87 44.23 53.32
C TYR A 152 -88.90 43.13 54.38
N SER A 153 -89.30 43.48 55.60
CA SER A 153 -89.43 42.53 56.69
C SER A 153 -90.77 42.70 57.39
N THR A 154 -91.42 41.57 57.67
CA THR A 154 -92.68 41.59 58.41
C THR A 154 -92.80 40.29 59.19
N SER A 155 -93.71 40.29 60.18
CA SER A 155 -93.84 39.19 61.10
C SER A 155 -95.28 39.11 61.59
N SER A 156 -95.67 37.90 62.03
CA SER A 156 -96.94 37.70 62.72
C SER A 156 -96.80 37.65 64.23
N TRP A 157 -95.57 37.40 64.72
CA TRP A 157 -95.15 37.47 66.13
C TRP A 157 -95.74 36.39 67.03
N ARG A 158 -96.66 35.56 66.52
CA ARG A 158 -97.26 34.51 67.33
C ARG A 158 -97.00 33.11 66.78
N SER A 159 -97.35 32.86 65.52
CA SER A 159 -97.36 31.51 64.98
C SER A 159 -96.39 31.39 63.81
N ALA A 160 -95.81 30.20 63.67
CA ALA A 160 -94.87 29.94 62.58
C ALA A 160 -95.59 29.95 61.24
N ALA A 161 -94.94 30.51 60.23
CA ALA A 161 -95.52 30.59 58.90
C ALA A 161 -95.51 29.22 58.21
N SER A 162 -96.45 29.04 57.29
CA SER A 162 -96.53 27.81 56.51
C SER A 162 -96.31 28.01 55.02
N GLN A 163 -96.89 29.07 54.44
CA GLN A 163 -96.62 29.43 53.06
C GLN A 163 -96.60 30.95 52.90
N VAL A 164 -96.00 31.40 51.80
CA VAL A 164 -96.08 32.77 51.34
C VAL A 164 -96.36 32.76 49.84
N LYS A 165 -97.32 33.58 49.40
CA LYS A 165 -97.71 33.62 48.00
C LYS A 165 -97.85 35.06 47.56
N TRP A 166 -97.53 35.31 46.29
CA TRP A 166 -97.63 36.62 45.68
C TRP A 166 -98.93 36.76 44.90
N ASN A 167 -99.35 38.01 44.70
CA ASN A 167 -100.52 38.31 43.88
C ASN A 167 -100.10 38.40 42.42
N TYR A 168 -100.83 37.72 41.54
CA TYR A 168 -100.47 37.70 40.13
C TYR A 168 -100.76 39.04 39.45
N LYS A 169 -101.81 39.74 39.88
CA LYS A 169 -102.21 40.99 39.28
C LYS A 169 -101.51 42.19 39.94
N ASP A 170 -101.70 42.35 41.24
CA ASP A 170 -101.18 43.52 41.95
C ASP A 170 -99.78 43.16 42.42
N PRO A 171 -98.72 43.78 41.86
CA PRO A 171 -97.37 43.24 42.05
C PRO A 171 -96.67 43.61 43.35
N ASN A 172 -97.42 44.10 44.34
CA ASN A 172 -96.83 44.34 45.65
C ASN A 172 -97.76 43.92 46.79
N VAL A 173 -98.54 42.87 46.59
CA VAL A 173 -99.39 42.31 47.63
C VAL A 173 -99.03 40.84 47.79
N LEU A 174 -98.67 40.45 49.02
CA LEU A 174 -98.33 39.07 49.33
C LEU A 174 -99.00 38.67 50.62
N ALA A 175 -99.38 37.39 50.70
CA ALA A 175 -100.08 36.86 51.85
C ALA A 175 -99.31 35.71 52.48
N SER A 176 -99.46 35.55 53.79
CA SER A 176 -98.80 34.47 54.52
C SER A 176 -99.79 33.86 55.50
N SER A 177 -99.64 32.56 55.74
CA SER A 177 -100.48 31.81 56.67
C SER A 177 -99.65 31.42 57.88
N HIS A 178 -100.10 31.80 59.08
CA HIS A 178 -99.39 31.55 60.32
C HIS A 178 -100.33 30.81 61.26
N GLY A 179 -100.31 29.48 61.19
CA GLY A 179 -101.18 28.66 62.02
C GLY A 179 -102.62 28.71 61.57
N ASN A 180 -103.50 29.24 62.42
CA ASN A 180 -104.92 29.32 62.09
C ASN A 180 -105.27 30.59 61.33
N ASP A 181 -104.32 31.51 61.17
CA ASP A 181 -104.58 32.84 60.65
C ASP A 181 -103.86 33.04 59.32
N ILE A 182 -104.45 33.84 58.45
CA ILE A 182 -103.85 34.23 57.18
C ILE A 182 -103.74 35.75 57.19
N PHE A 183 -102.53 36.25 57.00
CA PHE A 183 -102.25 37.68 56.97
C PHE A 183 -101.82 38.09 55.57
N VAL A 184 -102.42 39.17 55.06
CA VAL A 184 -102.10 39.71 53.75
C VAL A 184 -101.26 40.97 53.94
N TRP A 185 -100.04 40.97 53.40
CA TRP A 185 -99.13 42.09 53.57
C TRP A 185 -99.10 42.95 52.32
N ASP A 186 -99.07 44.26 52.52
CA ASP A 186 -98.79 45.23 51.46
C ASP A 186 -97.34 45.67 51.57
N LEU A 187 -96.63 45.65 50.43
CA LEU A 187 -95.19 45.91 50.44
C LEU A 187 -94.85 47.36 50.73
N ARG A 188 -95.80 48.29 50.57
CA ARG A 188 -95.59 49.68 50.94
C ARG A 188 -96.18 50.04 52.29
N LYS A 189 -96.78 49.09 53.00
CA LYS A 189 -97.43 49.39 54.28
C LYS A 189 -96.70 48.75 55.46
N GLY A 190 -95.43 48.41 55.29
CA GLY A 190 -94.63 47.92 56.41
C GLY A 190 -95.09 46.57 56.92
N SER A 191 -95.06 46.40 58.24
CA SER A 191 -95.47 45.16 58.88
C SER A 191 -96.95 45.11 59.22
N THR A 192 -97.68 46.21 59.04
CA THR A 192 -99.11 46.20 59.31
C THR A 192 -99.85 45.49 58.18
N PRO A 193 -100.63 44.45 58.47
CA PRO A 193 -101.29 43.71 57.39
C PRO A 193 -102.46 44.48 56.81
N LEU A 194 -102.70 44.26 55.51
CA LEU A 194 -103.90 44.82 54.87
C LEU A 194 -105.16 44.19 55.46
N CYS A 195 -105.13 42.88 55.68
CA CYS A 195 -106.26 42.17 56.26
C CYS A 195 -105.76 40.91 56.95
N SER A 196 -106.58 40.38 57.84
CA SER A 196 -106.27 39.17 58.60
C SER A 196 -107.44 38.21 58.47
N LEU A 197 -107.32 37.23 57.58
CA LEU A 197 -108.38 36.23 57.40
C LEU A 197 -108.33 35.23 58.55
N LYS A 198 -109.38 35.19 59.34
CA LYS A 198 -109.40 34.44 60.61
C LYS A 198 -110.68 33.62 60.72
N GLY A 199 -111.02 32.89 59.66
CA GLY A 199 -112.20 32.06 59.67
C GLY A 199 -111.95 30.58 59.84
N HIS A 200 -110.68 30.17 59.93
CA HIS A 200 -110.33 28.76 59.99
C HIS A 200 -110.26 28.31 61.45
N VAL A 201 -110.69 27.07 61.68
CA VAL A 201 -110.66 26.50 63.02
C VAL A 201 -109.32 25.85 63.32
N SER A 202 -108.85 24.97 62.45
CA SER A 202 -107.56 24.32 62.64
C SER A 202 -106.47 25.11 61.94
N SER A 203 -105.27 24.55 61.83
CA SER A 203 -104.13 25.27 61.29
C SER A 203 -104.17 25.27 59.77
N VAL A 204 -103.98 26.44 59.18
CA VAL A 204 -103.97 26.57 57.72
C VAL A 204 -102.65 26.07 57.18
N ASN A 205 -102.71 25.15 56.22
CA ASN A 205 -101.51 24.59 55.63
C ASN A 205 -101.08 25.32 54.36
N SER A 206 -102.01 25.51 53.43
CA SER A 206 -101.68 26.07 52.12
C SER A 206 -102.51 27.31 51.84
N ILE A 207 -101.91 28.23 51.09
CA ILE A 207 -102.55 29.46 50.64
C ILE A 207 -102.24 29.64 49.16
N ASP A 208 -103.16 30.27 48.44
CA ASP A 208 -102.98 30.44 47.01
C ASP A 208 -103.81 31.61 46.51
N PHE A 209 -103.19 32.46 45.68
CA PHE A 209 -103.87 33.57 45.05
C PHE A 209 -104.56 33.14 43.76
N ASN A 210 -105.43 34.01 43.26
CA ASN A 210 -106.08 33.82 41.97
C ASN A 210 -105.31 34.58 40.89
N ARG A 211 -105.03 33.91 39.78
CA ARG A 211 -104.24 34.53 38.72
C ARG A 211 -105.02 35.60 37.96
N PHE A 212 -106.34 35.56 37.99
CA PHE A 212 -107.17 36.47 37.20
C PHE A 212 -107.83 37.57 38.01
N LYS A 213 -108.32 37.27 39.21
CA LYS A 213 -108.91 38.28 40.06
C LYS A 213 -107.85 38.92 40.95
N TYR A 214 -108.03 40.22 41.22
CA TYR A 214 -107.07 40.96 42.03
C TYR A 214 -107.11 40.54 43.50
N SER A 215 -108.29 40.17 44.01
CA SER A 215 -108.50 40.06 45.45
C SER A 215 -109.25 38.78 45.79
N GLU A 216 -108.79 37.64 45.28
CA GLU A 216 -109.39 36.36 45.60
C GLU A 216 -108.29 35.41 46.08
N ILE A 217 -108.52 34.77 47.23
CA ILE A 217 -107.56 33.86 47.85
C ILE A 217 -108.31 32.60 48.27
N MET A 218 -107.74 31.44 47.98
CA MET A 218 -108.23 30.17 48.50
C MET A 218 -107.29 29.67 49.60
N SER A 219 -107.87 28.94 50.56
CA SER A 219 -107.13 28.45 51.72
C SER A 219 -107.50 27.00 51.97
N SER A 220 -106.64 26.29 52.68
CA SER A 220 -106.88 24.91 53.06
C SER A 220 -106.22 24.65 54.41
N SER A 221 -106.91 23.92 55.28
CA SER A 221 -106.48 23.71 56.65
C SER A 221 -106.57 22.22 56.99
N ASN A 222 -106.24 21.90 58.25
CA ASN A 222 -106.20 20.51 58.69
C ASN A 222 -107.56 19.94 59.02
N ASP A 223 -108.58 20.79 59.20
CA ASP A 223 -109.91 20.31 59.57
C ASP A 223 -110.68 19.75 58.39
N GLY A 224 -110.17 19.86 57.17
CA GLY A 224 -110.88 19.42 55.99
C GLY A 224 -111.64 20.49 55.24
N THR A 225 -111.44 21.76 55.58
CA THR A 225 -112.20 22.87 55.01
C THR A 225 -111.35 23.61 54.00
N VAL A 226 -111.88 23.78 52.79
CA VAL A 226 -111.29 24.63 51.77
C VAL A 226 -112.11 25.91 51.68
N LYS A 227 -111.49 27.04 52.02
CA LYS A 227 -112.18 28.31 52.14
C LYS A 227 -111.69 29.27 51.05
N PHE A 228 -112.64 29.92 50.37
CA PHE A 228 -112.34 30.89 49.34
C PHE A 228 -112.66 32.28 49.87
N TRP A 229 -111.70 33.21 49.72
CA TRP A 229 -111.79 34.52 50.34
C TRP A 229 -111.83 35.61 49.28
N ASP A 230 -112.42 36.75 49.66
CA ASP A 230 -112.41 37.97 48.85
C ASP A 230 -112.28 39.14 49.83
N TYR A 231 -111.04 39.58 50.07
CA TYR A 231 -110.80 40.58 51.11
C TYR A 231 -111.16 42.00 50.68
N SER A 232 -111.52 42.21 49.41
CA SER A 232 -112.11 43.49 49.04
C SER A 232 -113.51 43.65 49.62
N LYS A 233 -114.26 42.56 49.74
CA LYS A 233 -115.61 42.61 50.28
C LYS A 233 -115.58 42.58 51.80
N SER A 234 -115.07 41.50 52.38
CA SER A 234 -115.10 41.32 53.83
C SER A 234 -113.90 40.47 54.24
N THR A 235 -113.17 40.95 55.25
CA THR A 235 -112.07 40.16 55.81
C THR A 235 -112.59 38.95 56.57
N THR A 236 -113.59 39.14 57.41
CA THR A 236 -114.23 38.03 58.10
C THR A 236 -115.09 37.23 57.14
N GLU A 237 -115.28 35.95 57.48
CA GLU A 237 -116.04 34.97 56.70
C GLU A 237 -115.46 34.72 55.31
N SER A 238 -116.07 33.80 54.56
CA SER A 238 -115.54 33.37 53.27
C SER A 238 -116.63 33.41 52.22
N LYS A 239 -116.21 33.62 50.97
CA LYS A 239 -117.14 33.55 49.84
C LYS A 239 -117.65 32.12 49.65
N ARG A 240 -116.79 31.12 49.80
CA ARG A 240 -117.18 29.73 49.69
C ARG A 240 -116.42 28.92 50.71
N THR A 241 -117.00 27.78 51.10
CA THR A 241 -116.37 26.87 52.05
C THR A 241 -116.65 25.43 51.62
N VAL A 242 -115.61 24.70 51.25
CA VAL A 242 -115.74 23.33 50.76
C VAL A 242 -115.15 22.40 51.80
N THR A 243 -115.95 21.44 52.27
CA THR A 243 -115.57 20.53 53.33
C THR A 243 -115.25 19.16 52.76
N THR A 244 -114.10 18.61 53.16
CA THR A 244 -113.68 17.28 52.75
C THR A 244 -113.63 16.35 53.96
N ASN A 245 -113.47 15.06 53.68
CA ASN A 245 -113.38 14.04 54.72
C ASN A 245 -111.94 13.77 55.12
N PHE A 246 -110.98 14.49 54.55
CA PHE A 246 -109.56 14.31 54.79
C PHE A 246 -108.91 15.66 54.99
N PRO A 247 -107.82 15.74 55.75
CA PRO A 247 -107.03 16.98 55.78
C PRO A 247 -106.36 17.24 54.44
N ILE A 248 -106.18 18.53 54.14
CA ILE A 248 -105.61 18.99 52.87
C ILE A 248 -104.23 19.58 53.15
N TRP A 249 -103.22 19.10 52.42
CA TRP A 249 -101.85 19.58 52.59
C TRP A 249 -101.52 20.72 51.63
N ARG A 250 -101.82 20.55 50.35
CA ARG A 250 -101.55 21.56 49.33
C ARG A 250 -102.82 21.79 48.51
N GLY A 251 -103.32 23.03 48.55
CA GLY A 251 -104.42 23.43 47.70
C GLY A 251 -104.06 24.64 46.86
N ARG A 252 -104.29 24.56 45.54
CA ARG A 252 -103.89 25.63 44.64
C ARG A 252 -104.95 25.81 43.56
N TYR A 253 -105.00 27.02 43.01
CA TYR A 253 -105.87 27.30 41.88
C TYR A 253 -105.32 26.69 40.60
N LEU A 254 -106.21 26.40 39.66
CA LEU A 254 -105.77 25.84 38.39
C LEU A 254 -105.08 26.93 37.57
N PRO A 255 -104.02 26.59 36.83
CA PRO A 255 -103.40 27.59 35.93
C PRO A 255 -104.19 27.81 34.65
N PHE A 256 -105.17 26.97 34.35
CA PHE A 256 -105.99 27.11 33.16
C PHE A 256 -107.46 27.00 33.55
N GLY A 257 -108.29 27.84 32.95
CA GLY A 257 -109.71 27.78 33.22
C GLY A 257 -110.05 28.32 34.60
N GLU A 258 -111.30 28.07 35.01
CA GLU A 258 -111.79 28.45 36.32
C GLU A 258 -111.92 27.18 37.16
N GLY A 259 -111.02 27.02 38.12
CA GLY A 259 -111.00 25.82 38.94
C GLY A 259 -109.85 25.86 39.91
N TYR A 260 -109.75 24.79 40.70
CA TYR A 260 -108.71 24.70 41.71
C TYR A 260 -108.37 23.22 41.93
N CYS A 261 -107.18 22.99 42.48
CA CYS A 261 -106.64 21.64 42.62
C CYS A 261 -106.11 21.47 44.05
N ILE A 262 -106.76 20.58 44.80
CA ILE A 262 -106.34 20.25 46.15
C ILE A 262 -105.95 18.77 46.20
N MET A 263 -105.11 18.43 47.17
CA MET A 263 -104.63 17.09 47.39
C MET A 263 -104.66 16.80 48.88
N PRO A 264 -104.85 15.54 49.28
CA PRO A 264 -104.98 15.23 50.71
C PRO A 264 -103.65 15.33 51.44
N MET A 265 -103.74 15.19 52.76
CA MET A 265 -102.60 15.32 53.67
C MET A 265 -102.14 13.99 54.23
N VAL A 266 -103.05 13.21 54.80
CA VAL A 266 -102.70 11.89 55.32
C VAL A 266 -103.60 10.78 54.80
N GLY A 267 -104.84 11.06 54.39
CA GLY A 267 -105.73 10.03 53.91
C GLY A 267 -106.24 10.30 52.50
N GLY A 268 -107.54 10.15 52.30
CA GLY A 268 -108.18 10.50 51.04
C GLY A 268 -107.71 9.68 49.86
N ASN A 269 -107.34 8.42 50.08
CA ASN A 269 -106.87 7.46 49.08
C ASN A 269 -105.57 7.87 48.39
N ASN A 270 -104.92 8.94 48.87
CA ASN A 270 -103.67 9.50 48.32
C ASN A 270 -103.79 9.78 46.83
N ALA A 271 -104.88 10.46 46.45
CA ALA A 271 -105.13 10.80 45.06
C ALA A 271 -105.42 12.29 44.95
N VAL A 272 -104.84 12.93 43.94
CA VAL A 272 -105.04 14.36 43.72
C VAL A 272 -106.41 14.58 43.10
N TYR A 273 -107.17 15.51 43.66
CA TYR A 273 -108.56 15.74 43.28
C TYR A 273 -108.67 17.07 42.52
N LEU A 274 -109.40 17.04 41.41
CA LEU A 274 -109.61 18.22 40.58
C LEU A 274 -111.08 18.58 40.63
N ILE A 275 -111.38 19.80 41.06
CA ILE A 275 -112.74 20.25 41.34
C ILE A 275 -113.01 21.49 40.50
N ASN A 276 -114.15 21.51 39.81
CA ASN A 276 -114.54 22.70 39.08
C ASN A 276 -114.95 23.80 40.06
N LEU A 277 -114.71 25.04 39.64
CA LEU A 277 -115.12 26.24 40.39
C LEU A 277 -115.86 27.14 39.41
N CYS A 278 -117.15 26.87 39.24
CA CYS A 278 -118.00 27.64 38.33
C CYS A 278 -119.40 27.65 38.95
N ASP A 279 -119.69 28.72 39.68
CA ASP A 279 -120.98 28.88 40.35
C ASP A 279 -121.27 30.38 40.45
N ASP A 280 -122.27 30.72 41.27
CA ASP A 280 -122.65 32.11 41.46
C ASP A 280 -121.68 32.82 42.40
N ASN A 286 -121.19 33.04 51.89
CA ASN A 286 -121.05 31.81 52.67
C ASN A 286 -121.84 30.67 52.03
N LYS A 287 -121.14 29.58 51.71
CA LYS A 287 -121.77 28.39 51.13
C LYS A 287 -120.99 27.17 51.63
N LYS A 288 -121.48 26.56 52.70
CA LYS A 288 -120.85 25.39 53.29
C LYS A 288 -121.26 24.16 52.47
N THR A 289 -120.39 23.76 51.54
CA THR A 289 -120.65 22.63 50.65
C THR A 289 -119.65 21.50 50.93
N LYS A 290 -119.75 20.45 50.14
CA LYS A 290 -118.84 19.32 50.19
C LYS A 290 -117.98 19.27 48.94
N LEU A 291 -117.03 18.33 48.94
CA LEU A 291 -116.10 18.17 47.83
C LEU A 291 -116.73 17.30 46.74
N GLN A 292 -116.81 17.83 45.53
CA GLN A 292 -117.30 17.09 44.36
C GLN A 292 -116.26 17.20 43.25
N PRO A 293 -115.23 16.35 43.29
CA PRO A 293 -114.18 16.43 42.26
C PRO A 293 -114.64 15.90 40.91
N ILE A 294 -113.94 16.33 39.87
CA ILE A 294 -114.16 15.82 38.53
C ILE A 294 -113.27 14.60 38.24
N TYR A 295 -111.97 14.74 38.45
CA TYR A 295 -111.01 13.68 38.14
C TYR A 295 -110.18 13.38 39.38
N ALA A 296 -109.93 12.10 39.61
CA ALA A 296 -109.06 11.65 40.68
C ALA A 296 -107.90 10.87 40.09
N PHE A 297 -106.68 11.32 40.37
CA PHE A 297 -105.47 10.71 39.82
C PHE A 297 -105.09 9.55 40.72
N LYS A 298 -105.67 8.38 40.45
CA LYS A 298 -105.46 7.24 41.32
C LYS A 298 -104.07 6.64 41.13
N GLY A 299 -103.50 6.17 42.23
CA GLY A 299 -102.13 5.71 42.28
C GLY A 299 -101.54 6.07 43.62
N HIS A 300 -100.20 6.13 43.65
CA HIS A 300 -99.43 6.77 44.73
C HIS A 300 -99.73 6.11 46.08
N SER A 301 -99.17 4.91 46.24
CA SER A 301 -99.44 4.06 47.40
C SER A 301 -99.15 4.73 48.74
N ASP A 302 -98.21 5.68 48.78
CA ASP A 302 -97.97 6.50 49.95
C ASP A 302 -98.36 7.94 49.61
N ARG A 303 -98.35 8.81 50.62
CA ARG A 303 -98.93 10.14 50.48
C ARG A 303 -98.12 11.01 49.51
N VAL A 304 -98.83 11.91 48.83
CA VAL A 304 -98.23 12.88 47.92
C VAL A 304 -97.82 14.09 48.75
N ILE A 305 -96.63 14.63 48.50
CA ILE A 305 -96.10 15.73 49.27
C ILE A 305 -95.93 17.01 48.47
N ASP A 306 -96.05 16.96 47.14
CA ASP A 306 -96.16 18.17 46.31
C ASP A 306 -96.69 17.78 44.94
N PHE A 307 -97.21 18.78 44.24
CA PHE A 307 -97.65 18.64 42.85
C PHE A 307 -97.29 19.88 42.06
N LEU A 308 -97.02 19.69 40.77
CA LEU A 308 -96.53 20.74 39.89
C LEU A 308 -97.35 20.72 38.60
N TRP A 309 -97.05 21.66 37.70
CA TRP A 309 -97.68 21.70 36.39
C TRP A 309 -96.64 21.90 35.31
N ARG A 310 -96.86 21.26 34.17
CA ARG A 310 -95.95 21.30 33.03
C ARG A 310 -96.69 21.92 31.86
N SER A 311 -96.23 23.07 31.39
CA SER A 311 -96.92 23.82 30.37
C SER A 311 -96.05 24.00 29.13
N ARG A 312 -96.64 23.77 27.96
CA ARG A 312 -96.00 24.03 26.68
C ARG A 312 -96.98 24.75 25.77
N HIS A 313 -96.45 25.58 24.88
CA HIS A 313 -97.27 26.36 23.97
C HIS A 313 -96.44 26.73 22.75
N THR A 314 -97.07 27.40 21.79
CA THR A 314 -96.38 27.88 20.60
C THR A 314 -95.46 29.04 20.97
N CYS A 315 -94.38 29.19 20.19
CA CYS A 315 -93.37 30.19 20.53
C CYS A 315 -93.84 31.60 20.21
N ASP A 316 -94.50 31.79 19.07
CA ASP A 316 -94.90 33.14 18.67
C ASP A 316 -96.14 33.61 19.43
N GLY A 317 -97.22 32.83 19.37
CA GLY A 317 -98.41 33.13 20.14
C GLY A 317 -99.47 33.90 19.37
N ASP A 318 -100.48 33.21 18.87
CA ASP A 318 -101.66 33.85 18.30
C ASP A 318 -102.96 33.35 18.91
N TYR A 319 -103.05 32.06 19.22
CA TYR A 319 -104.20 31.48 19.89
C TYR A 319 -103.73 30.74 21.14
N ASP A 320 -104.60 30.70 22.15
CA ASP A 320 -104.23 30.11 23.44
C ASP A 320 -104.51 28.61 23.41
N ASP A 321 -103.62 27.87 22.76
CA ASP A 321 -103.68 26.42 22.69
C ASP A 321 -102.45 25.87 23.42
N ARG A 322 -102.56 25.74 24.74
CA ARG A 322 -101.50 25.22 25.58
C ARG A 322 -101.95 23.96 26.28
N GLU A 323 -101.06 22.98 26.37
CA GLU A 323 -101.32 21.72 27.04
C GLU A 323 -100.65 21.69 28.41
N PHE A 324 -101.23 20.90 29.32
CA PHE A 324 -100.76 20.81 30.69
C PHE A 324 -100.57 19.35 31.09
N GLN A 325 -99.57 19.11 31.93
CA GLN A 325 -99.28 17.78 32.45
C GLN A 325 -99.01 17.87 33.95
N LEU A 326 -99.72 17.07 34.73
CA LEU A 326 -99.57 17.09 36.17
C LEU A 326 -98.39 16.21 36.59
N VAL A 327 -97.50 16.78 37.41
CA VAL A 327 -96.34 16.07 37.95
C VAL A 327 -96.50 16.00 39.46
N THR A 328 -96.51 14.78 40.00
CA THR A 328 -96.68 14.57 41.43
C THR A 328 -95.48 13.80 41.98
N TRP A 329 -95.07 14.17 43.19
CA TRP A 329 -93.97 13.52 43.89
C TRP A 329 -94.47 13.05 45.25
N SER A 330 -94.15 11.81 45.61
CA SER A 330 -94.76 11.17 46.76
C SER A 330 -93.68 10.64 47.71
N LYS A 331 -94.12 10.20 48.89
CA LYS A 331 -93.21 9.72 49.92
C LYS A 331 -92.67 8.33 49.63
N ASP A 332 -93.30 7.56 48.74
CA ASP A 332 -92.82 6.24 48.37
C ASP A 332 -91.74 6.28 47.29
N CYS A 333 -91.11 7.44 47.08
CA CYS A 333 -90.05 7.66 46.10
C CYS A 333 -90.53 7.34 44.69
N ASP A 334 -91.65 7.94 44.30
CA ASP A 334 -92.19 7.80 42.95
C ASP A 334 -92.55 9.17 42.39
N LEU A 335 -92.06 9.45 41.18
CA LEU A 335 -92.34 10.69 40.47
C LEU A 335 -93.20 10.36 39.25
N LYS A 336 -94.46 10.76 39.27
CA LYS A 336 -95.42 10.37 38.26
C LYS A 336 -95.85 11.57 37.44
N LEU A 337 -96.00 11.36 36.14
CA LEU A 337 -96.52 12.36 35.22
C LEU A 337 -97.93 11.97 34.81
N TRP A 338 -98.86 12.90 34.94
CA TRP A 338 -100.27 12.62 34.66
C TRP A 338 -100.72 13.39 33.43
N PRO A 339 -101.16 12.70 32.37
CA PRO A 339 -101.73 13.40 31.22
C PRO A 339 -103.10 13.99 31.56
N ILE A 340 -103.44 15.08 30.87
CA ILE A 340 -104.72 15.74 31.02
C ILE A 340 -105.47 15.63 29.70
N SER A 341 -106.68 15.06 29.75
CA SER A 341 -107.48 14.84 28.56
C SER A 341 -108.28 16.09 28.21
N ASP A 342 -108.78 16.12 26.97
CA ASP A 342 -109.63 17.23 26.55
C ASP A 342 -111.00 17.21 27.23
N SER A 343 -111.40 16.06 27.77
CA SER A 343 -112.60 16.02 28.62
C SER A 343 -112.40 16.87 29.87
N ILE A 344 -111.21 16.81 30.47
CA ILE A 344 -110.89 17.68 31.60
C ILE A 344 -110.76 19.12 31.14
N TYR A 345 -110.22 19.34 29.93
CA TYR A 345 -110.09 20.68 29.38
C TYR A 345 -111.43 21.32 29.06
N GLY A 346 -112.48 20.53 28.85
CA GLY A 346 -113.81 21.04 28.59
C GLY A 346 -114.68 21.13 29.82
N LYS A 347 -114.49 20.20 30.76
CA LYS A 347 -115.23 20.25 32.02
C LYS A 347 -114.86 21.48 32.85
N VAL A 348 -113.57 21.81 32.92
CA VAL A 348 -113.14 23.11 33.39
C VAL A 348 -113.38 24.13 32.29
N ASN A 349 -113.91 25.30 32.65
CA ASN A 349 -114.25 26.34 31.68
C ASN A 349 -112.96 26.99 31.17
N PHE A 350 -112.31 26.30 30.23
CA PHE A 350 -111.04 26.72 29.66
C PHE A 350 -111.22 26.90 28.16
N ASP A 351 -111.06 28.13 27.69
CA ASP A 351 -111.23 28.44 26.27
C ASP A 351 -109.94 28.14 25.52
N ARG A 352 -109.84 26.90 25.03
CA ARG A 352 -108.67 26.47 24.26
C ARG A 352 -108.74 27.09 22.88
N GLY A 353 -107.91 28.11 22.65
CA GLY A 353 -107.94 28.87 21.42
C GLY A 353 -108.63 30.21 21.61
N LYS A 354 -107.84 31.27 21.78
CA LYS A 354 -108.36 32.59 22.06
C LYS A 354 -107.27 33.61 21.75
N ARG A 355 -107.66 34.75 21.20
CA ARG A 355 -106.69 35.81 20.92
C ARG A 355 -106.11 36.37 22.22
N LEU A 356 -104.79 36.39 22.30
CA LEU A 356 -104.11 36.76 23.53
C LEU A 356 -104.11 38.27 23.71
N GLU A 357 -104.46 38.71 24.91
CA GLU A 357 -104.24 40.11 25.29
C GLU A 357 -102.76 40.42 25.37
N GLU A 358 -101.98 39.51 25.95
CA GLU A 358 -100.53 39.63 26.00
C GLU A 358 -99.92 38.28 25.63
N LYS A 359 -98.83 38.33 24.87
CA LYS A 359 -98.16 37.13 24.41
C LYS A 359 -97.51 36.37 25.56
N LEU A 360 -97.53 35.05 25.48
CA LEU A 360 -96.94 34.21 26.51
C LEU A 360 -95.42 34.33 26.50
N PRO A 361 -94.78 34.20 27.66
CA PRO A 361 -93.31 34.25 27.71
C PRO A 361 -92.67 33.06 27.01
N ASP A 362 -91.47 33.28 26.49
CA ASP A 362 -90.73 32.25 25.77
C ASP A 362 -89.51 31.88 26.59
N TYR A 363 -89.38 30.60 26.93
CA TYR A 363 -88.30 30.10 27.75
C TYR A 363 -87.36 29.22 26.92
N ASP A 364 -86.08 29.23 27.29
CA ASP A 364 -85.11 28.36 26.64
C ASP A 364 -85.33 26.91 27.07
N TYR A 365 -85.28 26.01 26.10
CA TYR A 365 -85.52 24.58 26.33
C TYR A 365 -84.22 23.82 26.60
N CYS A 366 -83.18 24.48 27.09
CA CYS A 366 -81.90 23.83 27.31
C CYS A 366 -81.94 22.97 28.56
N SER A 367 -81.40 21.75 28.45
CA SER A 367 -81.28 20.85 29.58
C SER A 367 -80.11 21.26 30.47
N TYR A 368 -80.11 20.72 31.70
CA TYR A 368 -79.02 20.98 32.63
C TYR A 368 -78.56 19.72 33.37
N ASN A 369 -78.96 18.53 32.92
CA ASN A 369 -78.50 17.30 33.56
C ASN A 369 -77.06 17.00 33.21
N LYS A 370 -76.59 17.48 32.05
CA LYS A 370 -75.22 17.22 31.64
C LYS A 370 -74.25 18.05 32.46
N GLU A 371 -73.07 17.49 32.70
CA GLU A 371 -72.05 18.16 33.50
C GLU A 371 -71.42 19.29 32.68
N PRO A 372 -71.43 20.53 33.16
CA PRO A 372 -70.82 21.63 32.41
C PRO A 372 -69.36 21.83 32.77
N GLU A 373 -68.62 22.40 31.82
CA GLU A 373 -67.20 22.65 32.00
C GLU A 373 -66.79 23.82 31.13
N ASN A 374 -65.60 24.35 31.39
CA ASN A 374 -65.06 25.47 30.64
C ASN A 374 -64.68 25.07 29.22
N PHE A 383 -48.05 29.60 37.42
CA PHE A 383 -47.50 29.24 36.11
C PHE A 383 -48.48 28.37 35.32
N ARG A 384 -48.15 28.13 34.06
CA ARG A 384 -49.01 27.33 33.19
C ARG A 384 -48.76 25.84 33.43
N ARG A 385 -49.55 25.01 32.74
CA ARG A 385 -49.47 23.57 32.87
C ARG A 385 -49.15 22.94 31.51
N LEU A 386 -48.22 22.00 31.50
CA LEU A 386 -47.89 21.28 30.29
C LEU A 386 -49.01 20.31 29.92
N ARG A 387 -49.24 20.15 28.62
CA ARG A 387 -50.26 19.20 28.15
C ARG A 387 -49.78 17.78 28.36
N GLU A 388 -50.55 17.01 29.13
CA GLU A 388 -50.14 15.67 29.52
C GLU A 388 -51.38 14.79 29.71
N ASN A 389 -51.20 13.50 29.46
CA ASN A 389 -52.20 12.49 29.77
C ASN A 389 -51.62 11.70 30.95
N PHE A 390 -51.98 12.12 32.17
CA PHE A 390 -51.34 11.58 33.36
C PHE A 390 -51.79 10.15 33.63
N VAL A 391 -53.09 9.95 33.82
CA VAL A 391 -53.64 8.64 34.11
C VAL A 391 -54.70 8.32 33.07
N THR A 392 -54.84 7.03 32.76
CA THR A 392 -55.82 6.57 31.79
C THR A 392 -57.23 6.77 32.34
N THR A 393 -58.13 7.32 31.51
CA THR A 393 -59.51 7.52 31.93
C THR A 393 -60.23 6.19 32.11
N SER A 394 -59.89 5.18 31.28
CA SER A 394 -60.53 3.89 31.37
C SER A 394 -60.16 3.14 32.64
N GLY A 395 -59.04 3.48 33.27
CA GLY A 395 -58.67 2.88 34.54
C GLY A 395 -59.32 3.47 35.77
N LEU A 396 -60.09 4.55 35.61
CA LEU A 396 -60.77 5.17 36.74
C LEU A 396 -62.13 4.53 36.97
N LYS A 400 -70.65 1.12 36.78
CA LYS A 400 -71.83 1.98 36.74
C LYS A 400 -73.07 1.25 37.23
N THR A 401 -73.15 1.04 38.54
CA THR A 401 -74.33 0.43 39.13
C THR A 401 -75.43 1.44 39.45
N ASN A 402 -75.07 2.72 39.63
CA ASN A 402 -76.08 3.75 39.86
C ASN A 402 -76.94 3.93 38.62
N HIS A 403 -76.32 3.89 37.43
CA HIS A 403 -77.07 3.97 36.19
C HIS A 403 -77.99 2.76 36.02
N ILE A 404 -77.48 1.57 36.32
CA ILE A 404 -78.27 0.35 36.09
C ILE A 404 -79.35 0.17 37.15
N THR A 405 -79.25 0.84 38.30
CA THR A 405 -80.33 0.85 39.27
C THR A 405 -81.33 1.98 39.05
N TRP A 406 -80.88 3.11 38.47
CA TRP A 406 -81.81 4.18 38.14
C TRP A 406 -82.74 3.78 37.00
N LEU A 407 -82.22 3.04 36.02
CA LEU A 407 -83.02 2.61 34.88
C LEU A 407 -84.05 1.54 35.23
N SER A 408 -83.96 0.91 36.41
CA SER A 408 -84.98 -0.05 36.80
C SER A 408 -86.27 0.64 37.20
N GLY A 409 -86.18 1.86 37.71
CA GLY A 409 -87.31 2.62 38.16
C GLY A 409 -88.03 3.39 37.06
N ILE A 410 -87.54 3.32 35.83
CA ILE A 410 -88.16 4.03 34.71
C ILE A 410 -89.30 3.16 34.18
N ARG A 411 -90.52 3.68 34.21
CA ARG A 411 -91.71 2.97 33.70
C ARG A 411 -92.50 3.91 32.80
N MET A 412 -92.56 3.58 31.51
CA MET A 412 -93.34 4.39 30.56
C MET A 412 -94.75 3.81 30.53
N ASN A 413 -95.59 4.28 31.43
CA ASN A 413 -96.96 3.79 31.54
C ASN A 413 -97.84 4.33 30.41
N ILE A 427 -91.10 -6.90 28.25
CA ILE A 427 -90.18 -5.79 28.03
C ILE A 427 -90.79 -4.81 27.02
N GLN A 428 -90.99 -3.58 27.45
CA GLN A 428 -91.60 -2.55 26.61
C GLN A 428 -90.71 -1.32 26.43
N ASN A 429 -89.43 -1.41 26.79
CA ASN A 429 -88.54 -0.26 26.70
C ASN A 429 -87.11 -0.75 26.55
N LEU A 430 -86.28 0.10 25.93
CA LEU A 430 -84.85 -0.22 25.82
C LEU A 430 -84.14 -0.07 27.15
N GLY A 431 -84.43 1.01 27.88
CA GLY A 431 -83.79 1.24 29.16
C GLY A 431 -84.19 0.21 30.21
N GLU A 432 -85.46 -0.21 30.18
CA GLU A 432 -85.90 -1.27 31.08
C GLU A 432 -85.22 -2.59 30.76
N GLU A 433 -85.03 -2.88 29.47
CA GLU A 433 -84.29 -4.07 29.06
C GLU A 433 -82.85 -4.02 29.53
N VAL A 434 -82.19 -2.86 29.37
CA VAL A 434 -80.80 -2.71 29.78
C VAL A 434 -80.67 -2.87 31.29
N SER A 435 -81.58 -2.28 32.05
CA SER A 435 -81.53 -2.40 33.51
C SER A 435 -81.81 -3.83 33.96
N ALA A 436 -82.76 -4.51 33.32
CA ALA A 436 -83.07 -5.89 33.68
C ALA A 436 -81.90 -6.82 33.38
N ILE A 437 -81.21 -6.60 32.27
CA ILE A 437 -80.04 -7.43 31.95
C ILE A 437 -78.88 -7.10 32.89
N GLY A 438 -78.69 -5.82 33.22
CA GLY A 438 -77.66 -5.45 34.17
C GLY A 438 -77.90 -5.98 35.57
N HIS A 439 -79.17 -6.08 35.98
CA HIS A 439 -79.48 -6.72 37.25
C HIS A 439 -79.37 -8.24 37.15
N LYS A 440 -79.58 -8.78 35.94
CA LYS A 440 -79.49 -10.22 35.74
C LYS A 440 -78.04 -10.69 35.77
N PHE A 441 -77.14 -9.90 35.20
CA PHE A 441 -75.72 -10.27 35.09
C PHE A 441 -74.88 -9.27 35.86
N PRO A 442 -74.53 -9.56 37.12
CA PRO A 442 -73.63 -8.65 37.86
C PRO A 442 -72.19 -8.70 37.40
N LYS A 443 -71.78 -9.76 36.71
CA LYS A 443 -70.39 -9.85 36.24
C LYS A 443 -70.13 -8.97 35.03
N VAL A 444 -71.15 -8.69 34.23
CA VAL A 444 -71.00 -7.85 33.05
C VAL A 444 -70.90 -6.40 33.50
N VAL A 445 -69.80 -5.73 33.11
CA VAL A 445 -69.54 -4.36 33.53
C VAL A 445 -69.91 -3.43 32.37
N PHE A 446 -70.77 -2.46 32.64
CA PHE A 446 -71.19 -1.49 31.65
C PHE A 446 -70.29 -0.27 31.72
N GLU A 447 -69.75 0.14 30.57
CA GLU A 447 -68.90 1.32 30.49
C GLU A 447 -69.61 2.54 29.94
N LYS A 448 -70.57 2.36 29.04
CA LYS A 448 -71.30 3.50 28.46
C LYS A 448 -72.73 3.05 28.16
N ILE A 449 -73.69 3.58 28.91
CA ILE A 449 -75.11 3.37 28.64
C ILE A 449 -75.70 4.70 28.22
N SER A 450 -76.29 4.75 27.02
CA SER A 450 -76.92 5.97 26.51
C SER A 450 -78.14 5.55 25.70
N VAL A 451 -79.31 5.55 26.37
CA VAL A 451 -80.55 5.18 25.72
C VAL A 451 -81.00 6.27 24.74
N SER A 452 -80.71 7.54 25.05
CA SER A 452 -81.13 8.64 24.18
C SER A 452 -80.41 8.60 22.84
N THR A 453 -79.11 8.30 22.84
CA THR A 453 -78.37 8.16 21.60
C THR A 453 -78.34 6.72 21.11
N ARG A 454 -78.94 5.81 21.87
CA ARG A 454 -79.12 4.40 21.49
C ARG A 454 -77.78 3.70 21.22
N GLU A 455 -76.77 4.05 22.01
CA GLU A 455 -75.44 3.47 21.90
C GLU A 455 -75.08 2.82 23.22
N LEU A 456 -74.58 1.58 23.16
CA LEU A 456 -74.19 0.83 24.34
C LEU A 456 -72.76 0.34 24.19
N CYS A 457 -72.02 0.37 25.29
CA CYS A 457 -70.64 -0.11 25.32
C CYS A 457 -70.43 -0.85 26.63
N LEU A 458 -70.29 -2.18 26.55
CA LEU A 458 -70.24 -3.04 27.72
C LEU A 458 -69.01 -3.92 27.66
N THR A 459 -68.42 -4.18 28.83
CA THR A 459 -67.21 -4.97 28.97
C THR A 459 -67.50 -6.23 29.77
N LEU A 460 -66.89 -7.34 29.38
CA LEU A 460 -67.10 -8.62 30.05
C LEU A 460 -65.87 -9.50 29.88
N ASN A 461 -65.88 -10.63 30.58
CA ASN A 461 -64.85 -11.67 30.48
C ASN A 461 -65.48 -12.91 29.86
N GLY A 462 -65.08 -13.22 28.62
CA GLY A 462 -65.64 -14.34 27.90
C GLY A 462 -64.64 -15.44 27.63
N PRO A 463 -65.09 -16.70 27.64
CA PRO A 463 -64.22 -17.83 27.34
C PRO A 463 -64.08 -18.05 25.83
N TRP A 464 -63.27 -17.19 25.21
CA TRP A 464 -63.05 -17.21 23.77
C TRP A 464 -61.57 -17.13 23.45
N SER A 465 -60.77 -17.94 24.12
CA SER A 465 -59.33 -18.00 23.90
C SER A 465 -59.01 -19.27 23.12
N GLU A 466 -58.34 -19.11 21.98
CA GLU A 466 -58.00 -20.26 21.15
C GLU A 466 -56.84 -21.06 21.73
N GLU A 467 -55.96 -20.42 22.50
CA GLU A 467 -54.82 -21.11 23.09
C GLU A 467 -55.27 -22.07 24.19
N ASN A 468 -56.14 -21.60 25.09
CA ASN A 468 -56.65 -22.41 26.18
C ASN A 468 -58.15 -22.17 26.28
N PRO A 469 -58.96 -23.24 26.25
CA PRO A 469 -60.42 -23.07 26.41
C PRO A 469 -60.84 -22.58 27.79
N ASP A 470 -60.03 -22.80 28.82
CA ASP A 470 -60.37 -22.35 30.16
C ASP A 470 -59.97 -20.89 30.42
N ASP A 471 -59.20 -20.28 29.53
CA ASP A 471 -58.80 -18.90 29.70
C ASP A 471 -59.93 -17.96 29.28
N TYR A 472 -60.13 -16.90 30.07
CA TYR A 472 -61.15 -15.90 29.80
C TYR A 472 -60.49 -14.63 29.28
N ILE A 473 -61.01 -14.12 28.17
CA ILE A 473 -60.45 -12.94 27.50
C ILE A 473 -61.35 -11.75 27.78
N PHE A 474 -60.75 -10.64 28.23
CA PHE A 474 -61.47 -9.38 28.33
C PHE A 474 -61.88 -8.90 26.96
N LEU A 475 -63.17 -8.63 26.77
CA LEU A 475 -63.71 -8.20 25.49
C LEU A 475 -64.46 -6.88 25.67
N ARG A 476 -64.30 -5.98 24.70
CA ARG A 476 -65.05 -4.74 24.64
C ARG A 476 -65.94 -4.78 23.41
N ILE A 477 -67.26 -4.76 23.64
CA ILE A 477 -68.24 -4.77 22.57
C ILE A 477 -69.04 -3.48 22.65
N SER A 478 -69.08 -2.74 21.56
CA SER A 478 -69.86 -1.51 21.47
C SER A 478 -71.08 -1.78 20.60
N ILE A 479 -72.27 -1.48 21.12
CA ILE A 479 -73.53 -1.80 20.48
C ILE A 479 -74.26 -0.50 20.16
N ASN A 480 -74.69 -0.37 18.91
CA ASN A 480 -75.44 0.79 18.45
C ASN A 480 -76.84 0.36 18.07
N PHE A 481 -77.85 1.03 18.64
CA PHE A 481 -79.21 0.63 18.31
C PHE A 481 -79.84 1.62 17.34
N PRO A 482 -80.65 1.14 16.41
CA PRO A 482 -81.42 2.04 15.54
C PRO A 482 -82.62 2.62 16.28
N LEU A 483 -83.20 3.66 15.67
CA LEU A 483 -84.40 4.29 16.22
C LEU A 483 -85.64 3.42 16.08
N ASN A 484 -85.60 2.40 15.21
CA ASN A 484 -86.70 1.47 15.03
C ASN A 484 -86.48 0.15 15.76
N TYR A 485 -85.51 0.09 16.66
CA TYR A 485 -85.35 -1.08 17.51
C TYR A 485 -86.54 -1.20 18.47
N PRO A 486 -87.08 -2.41 18.66
CA PRO A 486 -86.73 -3.68 18.04
C PRO A 486 -87.70 -4.14 16.96
N ASN A 487 -88.10 -3.30 16.01
CA ASN A 487 -88.98 -3.76 14.95
C ASN A 487 -88.22 -4.65 13.96
N LYS A 488 -88.99 -5.33 13.11
CA LYS A 488 -88.42 -6.25 12.14
C LYS A 488 -87.65 -5.51 11.06
N GLY A 489 -86.48 -6.04 10.70
CA GLY A 489 -85.63 -5.43 9.71
C GLY A 489 -84.72 -4.35 10.24
N ASP A 490 -84.71 -4.10 11.54
CA ASP A 490 -83.87 -3.08 12.17
C ASP A 490 -83.11 -3.70 13.32
N PRO A 491 -82.03 -4.43 13.05
CA PRO A 491 -81.27 -5.07 14.12
C PRO A 491 -80.29 -4.10 14.75
N PRO A 492 -79.82 -4.39 15.97
CA PRO A 492 -78.74 -3.58 16.53
C PRO A 492 -77.42 -3.84 15.83
N LYS A 493 -76.56 -2.84 15.85
CA LYS A 493 -75.24 -2.92 15.23
C LYS A 493 -74.20 -3.24 16.29
N PHE A 494 -73.49 -4.35 16.13
CA PHE A 494 -72.47 -4.79 17.06
C PHE A 494 -71.10 -4.49 16.49
N THR A 495 -70.27 -3.78 17.25
CA THR A 495 -68.89 -3.53 16.88
C THR A 495 -68.00 -3.97 18.04
N ILE A 496 -67.05 -4.85 17.76
CA ILE A 496 -66.12 -5.36 18.77
C ILE A 496 -64.79 -4.63 18.60
N GLU A 497 -64.25 -4.14 19.70
CA GLU A 497 -62.97 -3.45 19.68
C GLU A 497 -61.85 -4.41 19.30
N GLU A 498 -60.87 -3.90 18.56
CA GLU A 498 -59.75 -4.71 18.08
C GLU A 498 -58.91 -5.16 19.27
N ASN A 499 -58.91 -6.46 19.53
CA ASN A 499 -58.20 -7.03 20.67
C ASN A 499 -57.06 -7.91 20.17
N SER A 500 -55.88 -7.75 20.77
CA SER A 500 -54.74 -8.59 20.41
C SER A 500 -54.92 -10.01 20.91
N ASN A 501 -55.63 -10.20 22.01
CA ASN A 501 -55.83 -11.55 22.54
C ASN A 501 -56.84 -12.33 21.71
N LEU A 502 -57.67 -11.65 20.95
CA LEU A 502 -58.73 -12.28 20.17
C LEU A 502 -58.28 -12.39 18.72
N THR A 503 -58.32 -13.61 18.18
CA THR A 503 -57.96 -13.82 16.79
C THR A 503 -59.05 -13.28 15.87
N MET A 504 -58.66 -12.95 14.64
CA MET A 504 -59.59 -12.31 13.71
C MET A 504 -60.67 -13.28 13.26
N SER A 505 -60.31 -14.56 13.11
CA SER A 505 -61.31 -15.57 12.73
C SER A 505 -62.35 -15.76 13.83
N LYS A 506 -61.90 -15.83 15.08
CA LYS A 506 -62.83 -15.95 16.20
C LYS A 506 -63.69 -14.70 16.35
N ARG A 507 -63.10 -13.53 16.10
CA ARG A 507 -63.84 -12.28 16.15
C ARG A 507 -64.92 -12.25 15.07
N GLN A 508 -64.59 -12.70 13.85
CA GLN A 508 -65.56 -12.75 12.77
C GLN A 508 -66.66 -13.77 13.06
N GLU A 509 -66.30 -14.91 13.67
CA GLU A 509 -67.29 -15.91 14.03
C GLU A 509 -68.25 -15.38 15.09
N ILE A 510 -67.71 -14.69 16.10
CA ILE A 510 -68.53 -14.11 17.16
C ILE A 510 -69.45 -13.04 16.60
N LEU A 511 -68.92 -12.18 15.72
CA LEU A 511 -69.73 -11.12 15.11
C LEU A 511 -70.83 -11.69 14.22
N SER A 512 -70.51 -12.75 13.45
CA SER A 512 -71.51 -13.37 12.60
C SER A 512 -72.60 -14.06 13.42
N ASN A 513 -72.22 -14.70 14.53
CA ASN A 513 -73.22 -15.34 15.37
C ASN A 513 -74.08 -14.30 16.10
N LEU A 514 -73.48 -13.18 16.50
CA LEU A 514 -74.25 -12.09 17.11
C LEU A 514 -75.23 -11.48 16.11
N ALA A 515 -74.80 -11.28 14.87
CA ALA A 515 -75.70 -10.78 13.83
C ALA A 515 -76.82 -11.77 13.54
N THR A 516 -76.50 -13.07 13.53
CA THR A 516 -77.52 -14.10 13.33
C THR A 516 -78.54 -14.10 14.46
N ILE A 517 -78.08 -13.98 15.71
CA ILE A 517 -78.98 -13.96 16.86
C ILE A 517 -79.85 -12.71 16.84
N GLY A 518 -79.26 -11.55 16.51
CA GLY A 518 -80.03 -10.32 16.43
C GLY A 518 -81.07 -10.35 15.32
N GLN A 519 -80.70 -10.89 14.15
CA GLN A 519 -81.66 -10.99 13.06
C GLN A 519 -82.76 -12.01 13.38
N LYS A 520 -82.42 -13.09 14.08
CA LYS A 520 -83.42 -14.11 14.39
C LYS A 520 -84.38 -13.64 15.46
N TYR A 521 -83.92 -12.80 16.39
CA TYR A 521 -84.82 -12.30 17.41
C TYR A 521 -85.56 -11.04 16.98
N THR A 522 -85.02 -10.26 16.05
CA THR A 522 -85.78 -9.17 15.47
C THR A 522 -86.74 -9.63 14.39
N ASP A 523 -86.58 -10.85 13.88
CA ASP A 523 -87.54 -11.37 12.91
C ASP A 523 -88.90 -11.64 13.57
N SER A 524 -88.88 -12.01 14.85
CA SER A 524 -90.09 -12.19 15.64
C SER A 524 -90.50 -10.92 16.37
N ASN A 525 -89.81 -9.79 16.09
CA ASN A 525 -90.04 -8.49 16.72
C ASN A 525 -89.91 -8.55 18.24
N LEU A 526 -88.95 -9.33 18.71
CA LEU A 526 -88.62 -9.39 20.12
C LEU A 526 -87.36 -8.56 20.39
N TYR A 527 -86.85 -8.63 21.62
CA TYR A 527 -85.69 -7.87 22.04
C TYR A 527 -84.47 -8.77 22.03
N CYS A 528 -83.36 -8.28 21.47
CA CYS A 528 -82.13 -9.06 21.38
C CYS A 528 -80.99 -8.28 22.04
N LEU A 529 -80.88 -8.41 23.36
CA LEU A 529 -79.68 -8.03 24.08
C LEU A 529 -79.30 -9.01 25.18
N GLU A 530 -80.26 -9.75 25.74
CA GLU A 530 -80.01 -10.80 26.71
C GLU A 530 -79.53 -12.11 26.06
N PRO A 531 -80.12 -12.60 24.95
CA PRO A 531 -79.49 -13.74 24.27
C PRO A 531 -78.09 -13.45 23.75
N CYS A 532 -77.83 -12.23 23.28
CA CYS A 532 -76.51 -11.89 22.79
C CYS A 532 -75.48 -11.92 23.90
N ILE A 533 -75.80 -11.31 25.04
CA ILE A 533 -74.88 -11.28 26.18
C ILE A 533 -74.68 -12.67 26.75
N ARG A 534 -75.78 -13.44 26.88
CA ARG A 534 -75.65 -14.82 27.34
C ARG A 534 -74.93 -15.72 26.34
N PHE A 535 -74.84 -15.31 25.07
CA PHE A 535 -74.00 -16.05 24.12
C PHE A 535 -72.53 -15.68 24.26
N VAL A 536 -72.22 -14.39 24.46
CA VAL A 536 -70.84 -13.94 24.44
C VAL A 536 -70.04 -14.53 25.61
N LEU A 537 -70.60 -14.47 26.82
CA LEU A 537 -70.05 -15.20 27.96
C LEU A 537 -71.02 -16.31 28.35
N GLY A 538 -70.47 -17.50 28.57
CA GLY A 538 -71.28 -18.67 28.85
C GLY A 538 -71.73 -19.38 27.59
N GLU A 539 -72.98 -19.83 27.56
CA GLU A 539 -73.52 -20.52 26.39
C GLU A 539 -73.78 -19.54 25.25
N THR A 616 -87.92 -74.86 50.13
CA THR A 616 -86.71 -74.42 50.83
C THR A 616 -85.99 -73.35 50.02
N THR A 617 -86.71 -72.33 49.61
CA THR A 617 -86.11 -71.23 48.86
C THR A 617 -85.25 -70.38 49.79
N PRO A 618 -84.04 -70.01 49.38
CA PRO A 618 -83.15 -69.25 50.25
C PRO A 618 -83.56 -67.77 50.32
N VAL A 619 -82.89 -67.05 51.20
CA VAL A 619 -83.08 -65.60 51.29
C VAL A 619 -82.61 -64.95 49.99
N PRO A 620 -83.40 -64.08 49.38
CA PRO A 620 -83.00 -63.47 48.10
C PRO A 620 -81.80 -62.55 48.26
N ASN A 621 -80.89 -62.62 47.29
CA ASN A 621 -79.68 -61.82 47.32
C ASN A 621 -79.95 -60.43 46.74
N GLY A 622 -79.07 -59.48 47.07
CA GLY A 622 -79.24 -58.12 46.64
C GLY A 622 -78.05 -57.54 45.92
N CYS A 623 -76.89 -58.20 46.05
CA CYS A 623 -75.67 -57.73 45.43
C CYS A 623 -74.94 -58.91 44.80
N GLY A 624 -74.09 -58.60 43.83
CA GLY A 624 -73.32 -59.61 43.15
C GLY A 624 -72.31 -58.99 42.21
N SER A 625 -71.74 -59.82 41.35
CA SER A 625 -70.71 -59.38 40.44
C SER A 625 -70.77 -60.19 39.15
N CYS A 626 -70.14 -59.66 38.11
CA CYS A 626 -70.01 -60.37 36.84
C CYS A 626 -68.76 -59.86 36.13
N TRP A 627 -67.78 -60.72 35.97
CA TRP A 627 -66.53 -60.34 35.34
C TRP A 627 -66.71 -60.24 33.82
N THR A 628 -65.78 -59.57 33.17
CA THR A 628 -65.74 -59.48 31.72
C THR A 628 -64.31 -59.76 31.24
N ALA A 629 -64.17 -59.87 29.92
CA ALA A 629 -62.90 -60.26 29.32
C ALA A 629 -61.82 -59.18 29.43
N THR A 630 -62.20 -57.93 29.70
CA THR A 630 -61.23 -56.86 29.82
C THR A 630 -60.98 -56.44 31.26
N GLY A 631 -61.44 -57.24 32.23
CA GLY A 631 -61.15 -56.97 33.63
C GLY A 631 -62.05 -55.98 34.31
N GLU A 632 -63.15 -55.59 33.69
CA GLU A 632 -64.11 -54.67 34.29
C GLU A 632 -65.10 -55.46 35.13
N LEU A 633 -65.19 -55.12 36.42
CA LEU A 633 -66.05 -55.83 37.35
C LEU A 633 -67.39 -55.11 37.43
N PHE A 634 -68.42 -55.71 36.83
CA PHE A 634 -69.76 -55.14 36.85
C PHE A 634 -70.48 -55.64 38.10
N CYS A 635 -70.65 -54.75 39.08
CA CYS A 635 -71.31 -55.08 40.34
C CYS A 635 -72.63 -54.33 40.44
N PHE A 636 -73.67 -55.04 40.85
CA PHE A 636 -74.96 -54.44 41.15
C PHE A 636 -75.17 -54.41 42.65
N PHE A 637 -75.98 -53.45 43.11
CA PHE A 637 -76.22 -53.29 44.53
C PHE A 637 -77.69 -52.92 44.76
N ALA A 638 -78.17 -53.25 45.95
CA ALA A 638 -79.48 -52.83 46.43
C ALA A 638 -79.34 -51.58 47.30
N ASN A 639 -80.42 -51.22 47.98
CA ASN A 639 -80.40 -50.08 48.90
C ASN A 639 -79.53 -50.37 50.13
N LYS A 772 -84.36 -48.47 45.31
CA LYS A 772 -83.69 -48.39 44.02
C LYS A 772 -82.56 -49.42 43.92
N ASN A 773 -82.06 -49.61 42.70
CA ASN A 773 -80.95 -50.52 42.43
C ASN A 773 -79.88 -49.80 41.63
N LEU A 774 -78.62 -50.07 41.94
CA LEU A 774 -77.50 -49.39 41.32
C LEU A 774 -76.56 -50.42 40.72
N VAL A 775 -76.19 -50.20 39.46
CA VAL A 775 -75.24 -51.05 38.75
C VAL A 775 -74.04 -50.17 38.37
N ILE A 776 -72.85 -50.57 38.84
CA ILE A 776 -71.63 -49.83 38.54
C ILE A 776 -70.58 -50.79 38.01
N SER A 777 -69.62 -50.24 37.27
CA SER A 777 -68.52 -51.01 36.71
C SER A 777 -67.20 -50.40 37.18
N LYS A 778 -66.32 -51.24 37.71
CA LYS A 778 -65.00 -50.81 38.17
C LYS A 778 -63.93 -51.57 37.40
N ASN A 779 -62.91 -50.86 36.94
CA ASN A 779 -61.82 -51.48 36.20
C ASN A 779 -60.89 -52.19 37.17
N PHE A 780 -60.56 -53.45 36.86
CA PHE A 780 -59.63 -54.22 37.68
C PHE A 780 -58.66 -54.99 36.80
N SER A 781 -58.17 -54.34 35.73
CA SER A 781 -57.28 -55.01 34.80
C SER A 781 -55.88 -55.20 35.35
N SER A 782 -55.51 -54.48 36.41
CA SER A 782 -54.19 -54.63 37.00
C SER A 782 -54.06 -55.92 37.79
N LEU A 783 -55.16 -56.50 38.26
CA LEU A 783 -55.10 -57.78 38.95
C LEU A 783 -55.05 -58.97 38.00
N LEU A 784 -55.24 -58.74 36.71
CA LEU A 784 -55.29 -59.80 35.70
C LEU A 784 -54.01 -59.79 34.89
N SER A 785 -53.33 -60.94 34.84
CA SER A 785 -52.05 -61.02 34.14
C SER A 785 -52.23 -60.97 32.63
N ASP A 786 -53.26 -61.64 32.12
CA ASP A 786 -53.51 -61.67 30.68
C ASP A 786 -54.16 -60.37 30.24
N ARG A 787 -53.58 -59.72 29.24
CA ARG A 787 -54.01 -58.40 28.79
C ARG A 787 -54.38 -58.43 27.33
N LYS A 788 -55.46 -57.71 26.98
CA LYS A 788 -55.90 -57.63 25.60
C LYS A 788 -54.94 -56.82 24.74
N GLU A 789 -54.23 -55.86 25.35
CA GLU A 789 -53.35 -54.97 24.57
C GLU A 789 -52.16 -55.71 23.98
N LEU A 790 -51.67 -56.75 24.65
CA LEU A 790 -50.56 -57.52 24.10
C LEU A 790 -51.01 -58.44 22.98
N ALA A 791 -52.26 -58.92 23.03
CA ALA A 791 -52.75 -59.82 21.99
C ALA A 791 -52.98 -59.10 20.67
N LEU A 792 -53.26 -57.80 20.72
CA LEU A 792 -53.43 -57.01 19.51
C LEU A 792 -52.11 -56.67 18.84
N GLU A 793 -50.98 -56.88 19.52
CA GLU A 793 -49.68 -56.54 18.98
C GLU A 793 -48.71 -57.71 18.90
N TYR A 794 -48.98 -58.83 19.55
CA TYR A 794 -48.14 -60.01 19.40
C TYR A 794 -48.24 -60.57 17.99
N LEU A 795 -47.11 -61.01 17.46
CA LEU A 795 -47.03 -61.70 16.18
C LEU A 795 -46.24 -62.98 16.38
N PHE A 796 -46.74 -64.09 15.83
CA PHE A 796 -46.07 -65.37 15.99
C PHE A 796 -46.05 -66.21 14.72
N MET A 797 -46.50 -65.68 13.58
CA MET A 797 -46.45 -66.46 12.35
C MET A 797 -45.80 -65.75 11.18
N ASP A 798 -46.04 -64.45 11.02
CA ASP A 798 -45.63 -63.74 9.81
C ASP A 798 -44.30 -62.99 10.00
N ALA A 799 -43.28 -63.74 10.40
CA ALA A 799 -41.92 -63.23 10.59
C ALA A 799 -40.97 -64.43 10.69
N THR A 800 -39.73 -64.15 11.04
CA THR A 800 -38.76 -65.19 11.38
C THR A 800 -39.03 -65.70 12.79
N PRO A 801 -38.50 -66.89 13.13
CA PRO A 801 -38.58 -67.35 14.53
C PRO A 801 -37.95 -66.40 15.54
N GLU A 802 -36.84 -65.76 15.16
CA GLU A 802 -36.28 -64.70 15.99
C GLU A 802 -37.16 -63.45 15.95
N GLY A 803 -37.85 -63.24 14.84
CA GLY A 803 -38.67 -62.04 14.67
C GLY A 803 -39.87 -62.02 15.60
N PHE A 804 -40.51 -63.18 15.81
CA PHE A 804 -41.62 -63.27 16.75
C PHE A 804 -41.20 -62.83 18.14
N ALA A 805 -40.09 -63.39 18.64
CA ALA A 805 -39.66 -63.12 20.00
C ALA A 805 -39.15 -61.69 20.14
N ARG A 806 -38.49 -61.15 19.11
CA ARG A 806 -38.05 -59.76 19.20
C ARG A 806 -39.23 -58.79 19.16
N ASN A 807 -40.23 -59.08 18.32
CA ASN A 807 -41.43 -58.25 18.29
C ASN A 807 -42.17 -58.31 19.62
N ASN A 808 -42.27 -59.50 20.22
CA ASN A 808 -42.91 -59.62 21.53
C ASN A 808 -42.11 -58.93 22.62
N ALA A 809 -40.78 -58.94 22.51
CA ALA A 809 -39.94 -58.21 23.47
C ALA A 809 -40.17 -56.71 23.35
N LEU A 810 -40.27 -56.19 22.13
CA LEU A 810 -40.57 -54.77 21.95
C LEU A 810 -41.96 -54.42 22.47
N VAL A 811 -42.94 -55.29 22.23
CA VAL A 811 -44.30 -55.05 22.69
C VAL A 811 -44.36 -55.04 24.21
N ALA A 812 -43.71 -56.01 24.86
CA ALA A 812 -43.69 -56.04 26.31
C ALA A 812 -42.84 -54.93 26.89
N GLU A 813 -41.88 -54.39 26.13
CA GLU A 813 -41.11 -53.25 26.61
C GLU A 813 -41.93 -51.98 26.56
N LYS A 814 -42.72 -51.79 25.50
CA LYS A 814 -43.52 -50.57 25.39
C LYS A 814 -44.75 -50.59 26.27
N PHE A 815 -45.09 -51.72 26.88
CA PHE A 815 -46.22 -51.82 27.81
C PHE A 815 -45.78 -52.00 29.26
N ASP A 816 -44.49 -51.78 29.55
CA ASP A 816 -43.92 -51.84 30.90
C ASP A 816 -44.12 -53.21 31.55
N LEU A 817 -43.54 -54.23 30.93
CA LEU A 817 -43.53 -55.61 31.44
C LEU A 817 -42.09 -56.11 31.31
N ASP A 818 -41.31 -55.94 32.38
CA ASP A 818 -39.87 -56.16 32.27
C ASP A 818 -39.51 -57.64 32.18
N GLU A 819 -40.14 -58.48 33.01
CA GLU A 819 -39.82 -59.91 33.02
C GLU A 819 -40.22 -60.58 31.72
N ILE A 820 -41.41 -60.23 31.19
CA ILE A 820 -41.88 -60.80 29.94
C ILE A 820 -41.00 -60.35 28.78
N SER A 821 -40.59 -59.08 28.79
CA SER A 821 -39.71 -58.56 27.75
C SER A 821 -38.34 -59.24 27.78
N HIS A 822 -37.81 -59.49 28.99
CA HIS A 822 -36.52 -60.18 29.07
C HIS A 822 -36.63 -61.64 28.67
N CYS A 823 -37.75 -62.29 28.99
CA CYS A 823 -37.95 -63.66 28.55
C CYS A 823 -38.02 -63.75 27.03
N TRP A 824 -38.73 -62.81 26.40
CA TRP A 824 -38.80 -62.79 24.94
C TRP A 824 -37.44 -62.44 24.33
N GLN A 825 -36.69 -61.56 24.97
CA GLN A 825 -35.35 -61.22 24.49
C GLN A 825 -34.41 -62.41 24.54
N ILE A 826 -34.46 -63.16 25.64
CA ILE A 826 -33.59 -64.33 25.80
C ILE A 826 -33.99 -65.42 24.80
N LEU A 827 -35.29 -65.63 24.59
CA LEU A 827 -35.73 -66.58 23.59
C LEU A 827 -35.36 -66.13 22.17
N SER A 828 -35.38 -64.81 21.92
CA SER A 828 -34.92 -64.29 20.64
C SER A 828 -33.45 -64.57 20.42
N ASP A 829 -32.62 -64.40 21.46
CA ASP A 829 -31.22 -64.74 21.37
C ASP A 829 -31.02 -66.23 21.12
N MET A 830 -31.83 -67.07 21.76
CA MET A 830 -31.69 -68.50 21.58
C MET A 830 -32.23 -69.00 20.25
N LEU A 831 -33.03 -68.19 19.55
CA LEU A 831 -33.58 -68.60 18.26
C LEU A 831 -32.96 -67.84 17.09
N ILE A 832 -31.71 -67.40 17.23
CA ILE A 832 -31.02 -66.69 16.16
C ILE A 832 -30.52 -67.69 15.13
N ASP A 833 -30.88 -67.48 13.87
CA ASP A 833 -30.31 -68.23 12.76
C ASP A 833 -29.74 -67.27 11.73
N GLN A 834 -29.25 -67.86 10.64
CA GLN A 834 -28.59 -67.11 9.57
C GLN A 834 -28.83 -67.84 8.26
N SER A 835 -28.39 -67.23 7.17
CA SER A 835 -28.63 -67.81 5.84
C SER A 835 -27.80 -69.08 5.64
N ASP A 836 -26.51 -69.03 5.98
CA ASP A 836 -25.66 -70.22 5.91
C ASP A 836 -26.08 -71.23 6.98
N TYR A 837 -25.86 -72.50 6.67
CA TYR A 837 -26.25 -73.58 7.57
C TYR A 837 -25.01 -74.25 8.15
N ASP A 838 -24.88 -74.20 9.48
CA ASP A 838 -23.89 -74.96 10.22
C ASP A 838 -24.56 -75.96 11.16
N PRO A 839 -24.00 -77.17 11.28
CA PRO A 839 -24.67 -78.21 12.07
C PRO A 839 -24.64 -77.96 13.57
N TYR A 840 -23.66 -77.21 14.07
CA TYR A 840 -23.50 -77.05 15.50
C TYR A 840 -24.63 -76.22 16.10
N THR A 841 -25.24 -75.33 15.31
CA THR A 841 -26.44 -74.64 15.78
C THR A 841 -27.60 -75.61 15.99
N THR A 842 -27.77 -76.56 15.08
CA THR A 842 -28.83 -77.56 15.25
C THR A 842 -28.54 -78.48 16.43
N ILE A 843 -27.27 -78.85 16.62
CA ILE A 843 -26.88 -79.70 17.75
C ILE A 843 -27.11 -78.97 19.07
N TRP A 844 -26.79 -77.67 19.12
CA TRP A 844 -27.01 -76.88 20.32
C TRP A 844 -28.50 -76.64 20.57
N ASN A 845 -29.29 -76.50 19.50
CA ASN A 845 -30.73 -76.33 19.65
C ASN A 845 -31.37 -77.59 20.22
N ASN A 846 -30.99 -78.77 19.71
CA ASN A 846 -31.58 -80.01 20.16
C ASN A 846 -31.07 -80.47 21.53
N HIS A 847 -30.13 -79.77 22.14
CA HIS A 847 -29.62 -80.16 23.45
C HIS A 847 -30.69 -79.92 24.52
N PRO A 848 -30.80 -80.79 25.52
CA PRO A 848 -31.82 -80.59 26.56
C PRO A 848 -31.55 -79.40 27.47
N MET A 849 -30.29 -79.01 27.66
CA MET A 849 -29.96 -77.94 28.59
C MET A 849 -30.07 -76.56 27.98
N GLY A 850 -30.30 -76.46 26.67
CA GLY A 850 -30.56 -75.19 26.03
C GLY A 850 -31.92 -75.20 25.37
N ILE A 851 -32.53 -74.01 25.29
CA ILE A 851 -33.86 -73.77 24.74
C ILE A 851 -34.96 -74.55 25.47
N LYS A 852 -34.90 -75.89 25.40
CA LYS A 852 -35.92 -76.73 26.03
C LYS A 852 -35.96 -76.56 27.53
N TRP A 853 -34.80 -76.44 28.17
CA TRP A 853 -34.75 -76.16 29.60
C TRP A 853 -35.34 -74.80 29.91
N PHE A 854 -35.04 -73.79 29.10
CA PHE A 854 -35.59 -72.46 29.29
C PHE A 854 -37.10 -72.46 29.16
N ILE A 855 -37.63 -73.18 28.17
CA ILE A 855 -39.07 -73.21 27.98
C ILE A 855 -39.75 -73.96 29.12
N LYS A 856 -39.15 -75.06 29.59
CA LYS A 856 -39.72 -75.80 30.72
C LYS A 856 -39.76 -74.95 31.99
N GLU A 857 -38.64 -74.28 32.30
CA GLU A 857 -38.59 -73.46 33.50
C GLU A 857 -39.49 -72.23 33.39
N ALA A 858 -39.63 -71.67 32.18
CA ALA A 858 -40.53 -70.54 31.99
C ALA A 858 -41.99 -70.97 32.13
N ILE A 859 -42.34 -72.16 31.63
CA ILE A 859 -43.67 -72.70 31.85
C ILE A 859 -43.96 -72.90 33.33
N VAL A 860 -42.98 -73.40 34.09
CA VAL A 860 -43.15 -73.56 35.53
C VAL A 860 -43.34 -72.21 36.21
N TYR A 861 -42.50 -71.23 35.86
CA TYR A 861 -42.54 -69.91 36.48
C TYR A 861 -43.83 -69.17 36.18
N PHE A 862 -44.33 -69.26 34.94
CA PHE A 862 -45.56 -68.58 34.58
C PHE A 862 -46.80 -69.38 34.96
N GLU A 863 -46.65 -70.67 35.25
CA GLU A 863 -47.71 -71.40 35.93
C GLU A 863 -47.86 -70.90 37.36
N ARG A 864 -46.74 -70.66 38.05
CA ARG A 864 -46.84 -70.12 39.41
C ARG A 864 -47.30 -68.66 39.41
N GLN A 865 -47.11 -67.93 38.31
CA GLN A 865 -47.54 -66.54 38.21
C GLN A 865 -48.97 -66.41 37.68
N GLN A 866 -49.59 -67.53 37.29
CA GLN A 866 -50.94 -67.57 36.72
C GLN A 866 -51.07 -66.68 35.49
N ASN A 867 -50.18 -66.91 34.52
CA ASN A 867 -50.15 -66.15 33.27
C ASN A 867 -50.40 -67.12 32.11
N LEU A 868 -51.67 -67.32 31.79
CA LEU A 868 -52.05 -68.20 30.69
C LEU A 868 -51.66 -67.63 29.33
N GLN A 869 -51.72 -66.30 29.18
CA GLN A 869 -51.35 -65.67 27.92
C GLN A 869 -49.89 -65.92 27.58
N MET A 870 -49.00 -65.71 28.55
CA MET A 870 -47.58 -65.93 28.32
C MET A 870 -47.27 -67.41 28.14
N LEU A 871 -48.02 -68.29 28.82
CA LEU A 871 -47.84 -69.73 28.65
C LEU A 871 -48.15 -70.16 27.22
N ALA A 872 -49.32 -69.79 26.71
CA ALA A 872 -49.69 -70.19 25.36
C ALA A 872 -48.88 -69.45 24.31
N MET A 873 -48.42 -68.23 24.61
CA MET A 873 -47.57 -67.52 23.66
C MET A 873 -46.20 -68.18 23.58
N LEU A 874 -45.65 -68.62 24.71
CA LEU A 874 -44.40 -69.38 24.70
C LEU A 874 -44.56 -70.67 23.91
N CYS A 875 -45.69 -71.36 24.10
CA CYS A 875 -45.94 -72.60 23.37
C CYS A 875 -46.05 -72.36 21.87
N CYS A 876 -46.77 -71.32 21.45
CA CYS A 876 -46.94 -71.12 20.01
C CYS A 876 -45.69 -70.56 19.36
N VAL A 877 -44.87 -69.80 20.08
CA VAL A 877 -43.58 -69.37 19.53
C VAL A 877 -42.62 -70.55 19.42
N ILE A 878 -42.58 -71.42 20.43
CA ILE A 878 -41.64 -72.54 20.37
C ILE A 878 -42.11 -73.59 19.37
N LEU A 879 -43.41 -73.63 19.06
CA LEU A 879 -43.89 -74.53 18.01
C LEU A 879 -43.81 -73.92 16.62
N SER A 880 -43.94 -72.60 16.50
CA SER A 880 -43.77 -71.96 15.20
C SER A 880 -42.30 -71.87 14.81
N ALA A 881 -41.39 -71.83 15.77
CA ALA A 881 -39.97 -71.87 15.47
C ALA A 881 -39.52 -73.24 15.00
N ARG A 882 -40.32 -74.28 15.23
CA ARG A 882 -39.95 -75.64 14.83
C ARG A 882 -39.88 -75.80 13.32
N ARG A 883 -40.75 -75.10 12.59
CA ARG A 883 -40.86 -75.14 11.12
C ARG A 883 -41.07 -76.57 10.59
N MET A 994 2.06 -100.29 5.36
CA MET A 994 0.91 -99.81 6.12
C MET A 994 -0.37 -100.54 5.70
N PRO A 995 -1.21 -100.89 6.67
CA PRO A 995 -2.45 -101.60 6.36
C PRO A 995 -3.55 -100.63 5.93
N ASP A 996 -4.71 -101.19 5.63
CA ASP A 996 -5.89 -100.41 5.23
C ASP A 996 -6.83 -100.28 6.43
N ILE A 997 -7.17 -99.04 6.77
CA ILE A 997 -7.97 -98.74 7.95
C ILE A 997 -9.37 -98.41 7.50
N LYS A 998 -10.36 -99.12 8.06
CA LYS A 998 -11.76 -98.88 7.75
C LYS A 998 -12.42 -98.16 8.92
N VAL A 999 -13.07 -97.03 8.62
CA VAL A 999 -13.70 -96.16 9.61
C VAL A 999 -15.20 -96.16 9.37
N GLU A 1000 -15.97 -96.46 10.41
CA GLU A 1000 -17.43 -96.52 10.32
C GLU A 1000 -18.04 -95.60 11.36
N LEU A 1001 -18.54 -94.45 10.91
CA LEU A 1001 -19.24 -93.53 11.80
C LEU A 1001 -20.58 -94.13 12.20
N LEU A 1002 -20.87 -94.11 13.51
CA LEU A 1002 -22.14 -94.60 14.06
C LEU A 1002 -22.80 -93.46 14.80
N HIS A 1003 -23.96 -93.01 14.29
CA HIS A 1003 -24.78 -91.96 14.89
C HIS A 1003 -23.99 -90.65 15.02
N ASP A 1004 -23.47 -90.19 13.89
CA ASP A 1004 -22.75 -88.93 13.86
C ASP A 1004 -23.73 -87.77 14.00
N ASP A 1005 -23.36 -86.80 14.84
CA ASP A 1005 -24.25 -85.67 15.11
C ASP A 1005 -24.34 -84.72 13.91
N ILE A 1006 -23.26 -84.59 13.15
CA ILE A 1006 -23.27 -83.70 11.99
C ILE A 1006 -24.20 -84.21 10.91
N ILE A 1007 -24.18 -85.52 10.65
CA ILE A 1007 -25.07 -86.12 9.65
C ILE A 1007 -26.52 -86.01 10.09
N GLU A 1008 -26.78 -86.22 11.38
CA GLU A 1008 -28.15 -86.11 11.90
C GLU A 1008 -28.65 -84.67 11.88
N ALA A 1009 -27.76 -83.70 12.07
CA ALA A 1009 -28.17 -82.30 11.93
C ALA A 1009 -28.44 -81.96 10.47
N TYR A 1010 -27.63 -82.50 9.55
CA TYR A 1010 -27.92 -82.37 8.13
C TYR A 1010 -29.20 -83.09 7.72
N GLU A 1011 -29.59 -84.15 8.42
CA GLU A 1011 -30.81 -84.89 8.12
C GLU A 1011 -32.01 -84.38 8.90
N GLN A 1012 -32.02 -83.10 9.27
CA GLN A 1012 -33.11 -82.52 10.07
C GLN A 1012 -33.48 -81.18 9.47
N GLU A 1013 -34.71 -81.07 8.96
CA GLU A 1013 -35.20 -79.82 8.39
C GLU A 1013 -35.77 -78.88 9.45
N ASP A 1014 -35.93 -79.34 10.68
CA ASP A 1014 -36.51 -78.54 11.74
C ASP A 1014 -35.42 -77.83 12.53
N LEU A 1015 -35.76 -76.63 13.01
CA LEU A 1015 -34.86 -75.90 13.91
C LEU A 1015 -34.72 -76.64 15.24
N LEU A 1016 -35.81 -77.19 15.75
CA LEU A 1016 -35.82 -77.94 17.00
C LEU A 1016 -36.53 -79.27 16.80
N HIS A 1017 -36.07 -80.28 17.53
CA HIS A 1017 -36.76 -81.56 17.58
C HIS A 1017 -37.56 -81.61 18.89
N LEU A 1018 -38.72 -80.96 18.86
CA LEU A 1018 -39.59 -80.93 20.03
C LEU A 1018 -40.36 -82.24 20.15
N GLU A 1019 -40.78 -82.54 21.37
CA GLU A 1019 -41.62 -83.70 21.63
C GLU A 1019 -42.73 -83.31 22.60
N VAL A 1020 -43.65 -84.25 22.82
CA VAL A 1020 -44.73 -84.02 23.77
C VAL A 1020 -44.18 -83.97 25.20
N SER A 1021 -43.08 -84.70 25.46
CA SER A 1021 -42.43 -84.62 26.76
C SER A 1021 -41.82 -83.25 27.01
N ASP A 1022 -41.41 -82.55 25.96
CA ASP A 1022 -40.87 -81.21 26.13
C ASP A 1022 -41.96 -80.21 26.49
N ILE A 1023 -43.07 -80.24 25.78
CA ILE A 1023 -44.20 -79.35 26.07
C ILE A 1023 -45.40 -80.23 26.42
N PRO A 1024 -45.65 -80.50 27.70
CA PRO A 1024 -46.69 -81.48 28.05
C PRO A 1024 -48.12 -80.97 27.89
N LYS A 1025 -48.33 -79.66 28.02
CA LYS A 1025 -49.65 -79.09 28.11
C LYS A 1025 -49.87 -77.99 27.08
N PHE A 1026 -49.38 -78.18 25.85
CA PHE A 1026 -49.56 -77.16 24.81
C PHE A 1026 -51.01 -77.07 24.37
N GLN A 1027 -51.71 -78.22 24.32
CA GLN A 1027 -53.07 -78.25 23.81
C GLN A 1027 -54.03 -77.47 24.70
N THR A 1028 -53.99 -77.72 26.01
CA THR A 1028 -54.91 -77.07 26.93
C THR A 1028 -54.65 -75.57 27.02
N TYR A 1029 -53.37 -75.17 27.09
CA TYR A 1029 -53.03 -73.76 27.22
C TYR A 1029 -53.40 -73.00 25.96
N ILE A 1030 -53.11 -73.58 24.77
CA ILE A 1030 -53.45 -72.93 23.51
C ILE A 1030 -54.96 -72.85 23.32
N TYR A 1031 -55.69 -73.90 23.72
CA TYR A 1031 -57.14 -73.89 23.59
C TYR A 1031 -57.79 -72.86 24.50
N GLN A 1032 -57.31 -72.76 25.75
CA GLN A 1032 -57.87 -71.80 26.68
C GLN A 1032 -57.55 -70.36 26.27
N TYR A 1033 -56.33 -70.12 25.77
CA TYR A 1033 -56.02 -68.78 25.27
C TYR A 1033 -56.78 -68.47 23.99
N SER A 1034 -57.12 -69.49 23.19
CA SER A 1034 -57.96 -69.26 22.02
C SER A 1034 -59.37 -68.87 22.44
N LYS A 1035 -59.90 -69.51 23.49
CA LYS A 1035 -61.19 -69.10 24.05
C LYS A 1035 -61.15 -67.66 24.56
N LEU A 1036 -60.07 -67.30 25.26
CA LEU A 1036 -59.92 -65.92 25.74
C LEU A 1036 -59.78 -64.93 24.59
N LEU A 1037 -59.14 -65.35 23.50
CA LEU A 1037 -59.01 -64.48 22.33
C LEU A 1037 -60.34 -64.30 21.62
N PHE A 1038 -61.17 -65.36 21.59
CA PHE A 1038 -62.50 -65.24 21.03
C PHE A 1038 -63.41 -64.37 21.88
N ARG A 1039 -63.17 -64.33 23.21
CA ARG A 1039 -63.94 -63.40 24.04
C ARG A 1039 -63.59 -61.95 23.74
N TRP A 1040 -62.38 -61.68 23.27
CA TRP A 1040 -62.05 -60.36 22.75
C TRP A 1040 -62.49 -60.26 21.29
N GLY A 1041 -62.14 -59.13 20.66
CA GLY A 1041 -62.50 -58.92 19.26
C GLY A 1041 -61.43 -59.38 18.30
N LEU A 1042 -60.84 -60.54 18.56
CA LEU A 1042 -59.75 -61.10 17.76
C LEU A 1042 -60.10 -62.53 17.39
N PRO A 1043 -60.95 -62.73 16.39
CA PRO A 1043 -61.36 -64.09 16.03
C PRO A 1043 -60.39 -64.82 15.10
N LEU A 1044 -59.44 -64.11 14.50
CA LEU A 1044 -58.45 -64.74 13.62
C LEU A 1044 -57.24 -65.27 14.37
N GLU A 1045 -56.87 -64.63 15.49
CA GLU A 1045 -55.71 -65.07 16.26
C GLU A 1045 -55.96 -66.44 16.91
N ARG A 1046 -57.19 -66.71 17.34
CA ARG A 1046 -57.50 -68.02 17.89
C ARG A 1046 -57.41 -69.09 16.82
N VAL A 1047 -57.75 -68.76 15.57
CA VAL A 1047 -57.64 -69.72 14.48
C VAL A 1047 -56.17 -69.97 14.16
N LYS A 1048 -55.35 -68.91 14.20
CA LYS A 1048 -53.91 -69.07 13.99
C LYS A 1048 -53.29 -69.97 15.05
N ILE A 1049 -53.62 -69.74 16.32
CA ILE A 1049 -53.01 -70.51 17.40
C ILE A 1049 -53.52 -71.95 17.40
N LEU A 1050 -54.79 -72.17 17.04
CA LEU A 1050 -55.29 -73.54 16.96
C LEU A 1050 -54.73 -74.25 15.74
N LYS A 1051 -54.47 -73.53 14.65
CA LYS A 1051 -53.81 -74.12 13.50
C LYS A 1051 -52.39 -74.55 13.84
N VAL A 1052 -51.67 -73.73 14.62
CA VAL A 1052 -50.32 -74.10 15.06
C VAL A 1052 -50.36 -75.35 15.94
N SER A 1053 -51.31 -75.38 16.88
CA SER A 1053 -51.42 -76.53 17.79
C SER A 1053 -51.81 -77.79 17.03
N THR A 1054 -52.74 -77.68 16.08
CA THR A 1054 -53.18 -78.84 15.31
C THR A 1054 -52.09 -79.30 14.35
N ASP A 1055 -51.29 -78.37 13.82
CA ASP A 1055 -50.17 -78.73 12.98
C ASP A 1055 -49.12 -79.52 13.77
N PHE A 1056 -48.84 -79.10 15.01
CA PHE A 1056 -47.91 -79.88 15.82
C PHE A 1056 -48.49 -81.24 16.22
N ARG A 1057 -49.80 -81.28 16.50
CA ARG A 1057 -50.45 -82.54 16.86
C ARG A 1057 -50.44 -83.52 15.70
N SER A 1058 -50.63 -83.03 14.47
CA SER A 1058 -50.48 -83.88 13.30
C SER A 1058 -49.01 -84.19 13.01
N SER A 1059 -48.10 -83.34 13.47
CA SER A 1059 -46.68 -83.59 13.27
C SER A 1059 -46.20 -84.78 14.11
N TYR A 1060 -46.61 -84.83 15.38
CA TYR A 1060 -46.19 -85.99 16.18
C TYR A 1060 -47.15 -87.17 16.03
N SER A 1061 -48.25 -87.00 15.30
CA SER A 1061 -49.21 -88.08 15.11
C SER A 1061 -49.91 -87.96 13.76
N SER A 1073 -66.55 -83.06 14.45
CA SER A 1073 -66.22 -82.41 13.19
C SER A 1073 -67.17 -81.24 12.93
N PRO A 1074 -66.81 -80.04 13.42
CA PRO A 1074 -67.67 -78.87 13.21
C PRO A 1074 -67.58 -78.27 11.82
N TYR A 1075 -66.62 -78.71 11.00
CA TYR A 1075 -66.42 -78.16 9.66
C TYR A 1075 -66.42 -79.28 8.63
N ASN A 1076 -67.41 -80.16 8.71
CA ASN A 1076 -67.51 -81.30 7.81
C ASN A 1076 -68.96 -81.45 7.38
N GLY A 1077 -69.26 -82.58 6.74
CA GLY A 1077 -70.61 -82.86 6.26
C GLY A 1077 -70.80 -82.40 4.83
N VAL A 1078 -70.81 -81.09 4.61
CA VAL A 1078 -71.02 -80.54 3.27
C VAL A 1078 -69.82 -80.86 2.37
N LEU A 1079 -70.10 -81.54 1.27
CA LEU A 1079 -69.15 -81.71 0.18
C LEU A 1079 -69.79 -81.21 -1.11
N THR A 1080 -69.03 -80.47 -1.90
CA THR A 1080 -69.55 -79.92 -3.14
C THR A 1080 -69.45 -80.97 -4.25
N HIS A 1081 -70.58 -81.24 -4.90
CA HIS A 1081 -70.69 -82.32 -5.88
C HIS A 1081 -71.05 -81.70 -7.23
N TRP A 1082 -70.20 -81.92 -8.23
CA TRP A 1082 -70.50 -81.51 -9.59
C TRP A 1082 -71.65 -82.33 -10.16
N ILE A 1083 -72.47 -81.68 -10.98
CA ILE A 1083 -73.56 -82.37 -11.65
C ILE A 1083 -72.98 -83.25 -12.76
N GLU A 1084 -73.17 -84.56 -12.63
CA GLU A 1084 -72.62 -85.52 -13.59
C GLU A 1084 -73.51 -85.49 -14.84
N ASN A 1085 -73.21 -84.55 -15.72
CA ASN A 1085 -73.98 -84.36 -16.95
C ASN A 1085 -73.37 -85.19 -18.07
N ASN A 1086 -74.21 -85.97 -18.74
CA ASN A 1086 -73.75 -86.81 -19.84
C ASN A 1086 -73.48 -85.93 -21.06
N GLU A 1087 -72.23 -85.51 -21.22
CA GLU A 1087 -71.83 -84.62 -22.30
C GLU A 1087 -70.76 -85.27 -23.17
N PHE A 1088 -70.57 -84.71 -24.36
CA PHE A 1088 -69.67 -85.28 -25.35
C PHE A 1088 -68.50 -84.37 -25.65
N GLY A 1089 -68.75 -83.10 -26.00
CA GLY A 1089 -67.70 -82.24 -26.48
C GLY A 1089 -67.13 -81.26 -25.47
N GLU A 1090 -67.22 -79.96 -25.79
CA GLU A 1090 -66.58 -78.94 -24.97
C GLU A 1090 -67.35 -78.59 -23.70
N GLU A 1091 -68.65 -78.88 -23.64
CA GLU A 1091 -69.40 -78.56 -22.43
C GLU A 1091 -68.98 -79.43 -21.25
N LYS A 1092 -68.31 -80.56 -21.51
CA LYS A 1092 -67.67 -81.29 -20.42
C LYS A 1092 -66.58 -80.45 -19.79
N PHE A 1093 -65.79 -79.74 -20.61
CA PHE A 1093 -64.79 -78.83 -20.09
C PHE A 1093 -65.42 -77.55 -19.55
N LEU A 1094 -66.51 -77.09 -20.18
CA LEU A 1094 -67.16 -75.85 -19.79
C LEU A 1094 -68.06 -76.00 -18.57
N ALA A 1095 -68.28 -77.22 -18.09
CA ALA A 1095 -69.05 -77.39 -16.86
C ALA A 1095 -68.31 -76.86 -15.65
N ARG A 1096 -67.01 -77.14 -15.56
CA ARG A 1096 -66.21 -76.69 -14.42
C ARG A 1096 -65.48 -75.37 -14.72
N ASN A 1097 -66.22 -74.37 -15.17
CA ASN A 1097 -65.65 -73.07 -15.49
C ASN A 1097 -66.44 -71.95 -14.83
N CYS A 1098 -65.73 -70.93 -14.37
CA CYS A 1098 -66.36 -69.77 -13.76
C CYS A 1098 -67.21 -69.02 -14.78
N ASN A 1099 -68.30 -68.42 -14.29
CA ASN A 1099 -69.25 -67.74 -15.15
C ASN A 1099 -68.95 -66.26 -15.34
N TYR A 1100 -67.85 -65.77 -14.77
CA TYR A 1100 -67.39 -64.40 -14.95
C TYR A 1100 -66.16 -64.29 -15.81
N CYS A 1101 -65.20 -65.21 -15.67
CA CYS A 1101 -63.93 -65.15 -16.38
C CYS A 1101 -63.70 -66.32 -17.32
N ASP A 1102 -64.55 -67.35 -17.29
CA ASP A 1102 -64.44 -68.56 -18.10
C ASP A 1102 -63.09 -69.25 -17.91
N LEU A 1103 -62.61 -69.27 -16.67
CA LEU A 1103 -61.46 -70.05 -16.26
C LEU A 1103 -61.91 -71.18 -15.35
N ARG A 1104 -61.06 -72.20 -15.22
CA ARG A 1104 -61.41 -73.35 -14.40
C ARG A 1104 -61.39 -72.97 -12.92
N VAL A 1105 -62.46 -73.30 -12.21
CA VAL A 1105 -62.58 -73.03 -10.78
C VAL A 1105 -62.21 -74.27 -9.99
N THR A 1106 -61.32 -74.11 -9.02
CA THR A 1106 -60.89 -75.23 -8.18
C THR A 1106 -60.79 -74.89 -6.70
N ARG A 1107 -60.70 -73.61 -6.32
CA ARG A 1107 -60.59 -73.22 -4.91
C ARG A 1107 -61.40 -71.95 -4.69
N SER A 1108 -62.07 -71.89 -3.53
CA SER A 1108 -62.76 -70.71 -3.02
C SER A 1108 -63.84 -70.22 -4.00
N SER A 1109 -64.85 -71.07 -4.16
CA SER A 1109 -65.93 -70.81 -5.10
C SER A 1109 -67.11 -70.16 -4.39
N PHE A 1110 -68.04 -69.65 -5.20
CA PHE A 1110 -69.35 -69.18 -4.74
C PHE A 1110 -70.43 -69.92 -5.50
N ILE A 1111 -71.37 -70.52 -4.77
CA ILE A 1111 -72.43 -71.33 -5.36
C ILE A 1111 -73.77 -70.72 -4.99
N CYS A 1112 -74.61 -70.50 -6.00
CA CYS A 1112 -76.00 -70.15 -5.82
C CYS A 1112 -76.87 -71.40 -5.72
N GLY A 1113 -78.03 -71.24 -5.11
CA GLY A 1113 -78.92 -72.37 -4.91
C GLY A 1113 -80.01 -72.50 -5.96
N ASN A 1114 -80.61 -71.38 -6.36
CA ASN A 1114 -81.65 -71.41 -7.38
C ASN A 1114 -81.09 -71.80 -8.73
N CYS A 1115 -80.02 -71.13 -9.16
CA CYS A 1115 -79.25 -71.55 -10.32
C CYS A 1115 -77.95 -72.19 -9.85
N GLN A 1116 -77.55 -73.27 -10.50
CA GLN A 1116 -76.41 -74.05 -10.05
C GLN A 1116 -75.16 -73.67 -10.86
N HIS A 1117 -74.66 -72.47 -10.57
CA HIS A 1117 -73.56 -71.87 -11.30
C HIS A 1117 -72.45 -71.45 -10.34
N VAL A 1118 -71.20 -71.72 -10.73
CA VAL A 1118 -70.04 -71.39 -9.91
C VAL A 1118 -69.58 -69.97 -10.22
N LEU A 1119 -68.83 -69.38 -9.29
CA LEU A 1119 -68.04 -68.19 -9.51
C LEU A 1119 -66.80 -68.28 -8.63
N HIS A 1120 -65.71 -67.65 -9.08
CA HIS A 1120 -64.56 -67.47 -8.20
C HIS A 1120 -64.91 -66.48 -7.09
N SER A 1121 -64.16 -66.53 -5.99
CA SER A 1121 -64.37 -65.59 -4.89
C SER A 1121 -64.05 -64.16 -5.33
N SER A 1122 -62.94 -63.98 -6.05
CA SER A 1122 -62.60 -62.66 -6.58
C SER A 1122 -63.61 -62.23 -7.65
N CYS A 1123 -64.02 -63.16 -8.51
CA CYS A 1123 -64.99 -62.84 -9.55
C CYS A 1123 -66.35 -62.50 -8.95
N ALA A 1124 -66.76 -63.19 -7.89
CA ALA A 1124 -68.01 -62.86 -7.22
C ALA A 1124 -67.92 -61.51 -6.52
N ARG A 1125 -66.80 -61.24 -5.84
CA ARG A 1125 -66.67 -59.97 -5.13
C ARG A 1125 -66.49 -58.79 -6.09
N ILE A 1126 -66.08 -59.05 -7.33
CA ILE A 1126 -66.06 -57.98 -8.33
C ILE A 1126 -67.44 -57.80 -8.97
N TRP A 1127 -68.12 -58.90 -9.27
CA TRP A 1127 -69.35 -58.80 -10.06
C TRP A 1127 -70.52 -58.26 -9.25
N TRP A 1128 -70.63 -58.62 -7.97
CA TRP A 1128 -71.78 -58.19 -7.19
C TRP A 1128 -71.65 -56.78 -6.66
N GLU A 1129 -70.51 -56.11 -6.87
CA GLU A 1129 -70.42 -54.68 -6.64
C GLU A 1129 -71.08 -53.88 -7.76
N ILE A 1130 -71.29 -54.48 -8.92
CA ILE A 1130 -71.86 -53.77 -10.07
C ILE A 1130 -73.05 -54.49 -10.69
N GLY A 1131 -73.23 -55.80 -10.51
CA GLY A 1131 -74.28 -56.53 -11.16
C GLY A 1131 -75.40 -56.93 -10.20
N ASP A 1132 -76.47 -57.47 -10.79
CA ASP A 1132 -77.64 -57.89 -10.04
C ASP A 1132 -78.17 -59.26 -10.41
N GLU A 1133 -77.83 -59.79 -11.58
CA GLU A 1133 -78.25 -61.13 -11.98
C GLU A 1133 -77.01 -62.02 -12.16
N CYS A 1134 -77.25 -63.27 -12.49
CA CYS A 1134 -76.16 -64.21 -12.73
C CYS A 1134 -75.39 -63.80 -13.98
N PRO A 1135 -74.05 -63.82 -13.93
CA PRO A 1135 -73.27 -63.41 -15.11
C PRO A 1135 -73.40 -64.34 -16.30
N SER A 1136 -73.90 -65.56 -16.13
CA SER A 1136 -74.20 -66.43 -17.25
C SER A 1136 -75.51 -66.06 -17.94
N GLY A 1137 -76.27 -65.12 -17.38
CA GLY A 1137 -77.51 -64.67 -17.97
C GLY A 1137 -78.63 -65.69 -17.96
N CYS A 1138 -78.78 -66.42 -16.86
CA CYS A 1138 -79.91 -67.34 -16.70
C CYS A 1138 -81.13 -66.68 -16.11
N GLY A 1139 -81.04 -65.41 -15.71
CA GLY A 1139 -82.18 -64.72 -15.15
C GLY A 1139 -82.40 -64.94 -13.67
N CYS A 1140 -81.41 -65.43 -12.94
CA CYS A 1140 -81.52 -65.73 -11.52
C CYS A 1140 -80.94 -64.58 -10.71
N ASN A 1141 -81.77 -63.99 -9.85
CA ASN A 1141 -81.32 -62.93 -8.94
C ASN A 1141 -80.59 -63.58 -7.77
N CYS A 1142 -79.31 -63.87 -8.01
CA CYS A 1142 -78.49 -64.57 -7.03
C CYS A 1142 -78.28 -63.87 -5.68
N PRO A 1143 -78.27 -62.54 -5.55
CA PRO A 1143 -78.30 -61.95 -4.20
C PRO A 1143 -79.55 -62.26 -3.38
N GLU A 1144 -80.66 -62.66 -4.00
CA GLU A 1144 -81.86 -62.97 -3.26
C GLU A 1144 -82.32 -64.42 -3.40
N MET A 1145 -81.56 -65.27 -4.10
CA MET A 1145 -82.00 -66.64 -4.31
C MET A 1145 -80.85 -67.64 -4.18
N PHE A 1146 -79.80 -67.30 -3.44
CA PHE A 1146 -78.68 -68.22 -3.26
C PHE A 1146 -78.87 -69.18 -2.10
N ASP A 1147 -80.01 -69.13 -1.42
CA ASP A 1147 -80.25 -69.98 -0.26
C ASP A 1147 -81.06 -71.21 -0.64
N MET B 1 -40.98 -48.04 -30.60
CA MET B 1 -40.31 -49.25 -31.06
C MET B 1 -39.25 -49.71 -30.06
N GLN B 2 -39.62 -49.76 -28.79
CA GLN B 2 -38.66 -50.13 -27.75
C GLN B 2 -38.37 -51.63 -27.81
N PRO B 3 -37.10 -52.02 -27.86
CA PRO B 3 -36.76 -53.44 -27.86
C PRO B 3 -36.47 -53.98 -26.46
N PHE B 4 -36.73 -55.28 -26.31
CA PHE B 4 -36.38 -56.00 -25.09
C PHE B 4 -35.63 -57.27 -25.47
N ASP B 5 -34.58 -57.58 -24.71
CA ASP B 5 -33.74 -58.74 -24.99
C ASP B 5 -34.30 -59.96 -24.28
N SER B 6 -34.54 -61.03 -25.06
CA SER B 6 -35.14 -62.23 -24.50
C SER B 6 -34.16 -63.04 -23.65
N GLY B 7 -32.86 -62.78 -23.77
CA GLY B 7 -31.90 -63.47 -22.95
C GLY B 7 -31.50 -64.85 -23.43
N HIS B 8 -31.95 -65.26 -24.62
CA HIS B 8 -31.52 -66.52 -25.20
C HIS B 8 -30.05 -66.49 -25.59
N ASP B 9 -29.44 -67.67 -25.60
CA ASP B 9 -28.04 -67.83 -26.00
C ASP B 9 -27.89 -68.20 -27.47
N ASP B 10 -28.98 -68.25 -28.22
CA ASP B 10 -28.95 -68.65 -29.62
C ASP B 10 -30.07 -67.93 -30.35
N LEU B 11 -30.41 -68.42 -31.54
CA LEU B 11 -31.45 -67.83 -32.36
C LEU B 11 -32.82 -68.01 -31.70
N VAL B 12 -33.73 -67.08 -31.99
CA VAL B 12 -35.12 -67.17 -31.57
C VAL B 12 -35.94 -67.63 -32.77
N HIS B 13 -36.66 -68.73 -32.62
CA HIS B 13 -37.31 -69.37 -33.76
C HIS B 13 -38.79 -69.02 -33.88
N ASP B 14 -39.53 -69.04 -32.78
CA ASP B 14 -40.96 -68.70 -32.82
C ASP B 14 -41.32 -67.94 -31.56
N VAL B 15 -42.06 -66.84 -31.73
CA VAL B 15 -42.65 -66.08 -30.64
C VAL B 15 -44.15 -66.02 -30.89
N VAL B 16 -44.94 -66.37 -29.87
CA VAL B 16 -46.40 -66.34 -29.98
C VAL B 16 -46.98 -65.56 -28.81
N TYR B 17 -48.04 -64.81 -29.10
CA TYR B 17 -48.86 -64.18 -28.07
C TYR B 17 -49.84 -65.20 -27.50
N ASP B 18 -50.31 -64.91 -26.29
CA ASP B 18 -51.37 -65.72 -25.69
C ASP B 18 -52.72 -65.17 -26.14
N PHE B 19 -53.80 -65.64 -25.51
CA PHE B 19 -55.12 -65.16 -25.86
C PHE B 19 -55.35 -63.73 -25.40
N TYR B 20 -54.90 -63.41 -24.19
CA TYR B 20 -55.15 -62.08 -23.63
C TYR B 20 -54.16 -61.03 -24.14
N GLY B 21 -53.06 -61.46 -24.75
CA GLY B 21 -52.09 -60.52 -25.28
C GLY B 21 -51.09 -59.98 -24.28
N ARG B 22 -51.18 -60.37 -23.02
CA ARG B 22 -50.25 -59.90 -21.99
C ARG B 22 -49.11 -60.88 -21.73
N HIS B 23 -49.03 -61.98 -22.47
CA HIS B 23 -47.97 -62.96 -22.29
C HIS B 23 -47.41 -63.37 -23.64
N VAL B 24 -46.09 -63.50 -23.72
CA VAL B 24 -45.41 -64.07 -24.87
C VAL B 24 -44.50 -65.19 -24.39
N ALA B 25 -44.43 -66.26 -25.19
CA ALA B 25 -43.49 -67.36 -24.97
C ALA B 25 -42.54 -67.40 -26.16
N THR B 26 -41.24 -67.46 -25.87
CA THR B 26 -40.21 -67.40 -26.91
C THR B 26 -39.42 -68.69 -26.90
N CYS B 27 -39.63 -69.53 -27.90
CA CYS B 27 -38.80 -70.70 -28.13
C CYS B 27 -37.51 -70.28 -28.83
N SER B 28 -36.53 -71.16 -28.80
CA SER B 28 -35.20 -70.80 -29.29
C SER B 28 -34.45 -72.05 -29.70
N SER B 29 -33.25 -71.86 -30.23
CA SER B 29 -32.39 -72.94 -30.69
C SER B 29 -31.46 -73.48 -29.62
N ASP B 30 -31.45 -72.88 -28.44
CA ASP B 30 -30.69 -73.41 -27.31
C ASP B 30 -31.57 -74.23 -26.37
N GLN B 31 -32.55 -74.94 -26.94
CA GLN B 31 -33.49 -75.86 -26.27
C GLN B 31 -34.11 -75.27 -24.99
N HIS B 32 -34.53 -74.01 -25.07
CA HIS B 32 -35.11 -73.33 -23.93
C HIS B 32 -36.42 -72.67 -24.34
N ILE B 33 -37.35 -72.59 -23.39
CA ILE B 33 -38.59 -71.82 -23.53
C ILE B 33 -38.64 -70.78 -22.43
N LYS B 34 -38.76 -69.52 -22.81
CA LYS B 34 -38.85 -68.42 -21.86
C LYS B 34 -40.20 -67.76 -22.02
N VAL B 35 -40.95 -67.66 -20.93
CA VAL B 35 -42.27 -67.05 -20.93
C VAL B 35 -42.16 -65.67 -20.30
N PHE B 36 -42.60 -64.66 -21.04
CA PHE B 36 -42.53 -63.28 -20.59
C PHE B 36 -43.94 -62.76 -20.32
N LYS B 37 -44.04 -61.89 -19.32
CA LYS B 37 -45.31 -61.29 -18.94
C LYS B 37 -45.18 -59.78 -19.00
N LEU B 38 -46.32 -59.10 -19.04
CA LEU B 38 -46.38 -57.65 -19.11
C LEU B 38 -46.77 -57.14 -17.73
N ASP B 39 -45.84 -56.48 -17.06
CA ASP B 39 -46.15 -55.84 -15.78
C ASP B 39 -46.97 -54.58 -16.02
N LYS B 40 -48.07 -54.45 -15.28
CA LYS B 40 -48.93 -53.29 -15.46
C LYS B 40 -48.33 -52.04 -14.84
N ASP B 41 -47.36 -52.18 -13.94
CA ASP B 41 -46.74 -51.02 -13.30
C ASP B 41 -45.54 -50.50 -14.09
N THR B 42 -44.55 -51.37 -14.33
CA THR B 42 -43.34 -50.95 -15.03
C THR B 42 -43.54 -50.83 -16.54
N SER B 43 -44.62 -51.41 -17.07
CA SER B 43 -44.95 -51.39 -18.52
C SER B 43 -43.82 -51.97 -19.37
N ASN B 44 -43.14 -52.99 -18.84
CA ASN B 44 -42.02 -53.60 -19.53
C ASN B 44 -42.12 -55.11 -19.41
N TRP B 45 -41.68 -55.81 -20.46
CA TRP B 45 -41.69 -57.27 -20.46
C TRP B 45 -40.65 -57.81 -19.49
N GLU B 46 -41.04 -58.83 -18.71
CA GLU B 46 -40.15 -59.45 -17.75
C GLU B 46 -40.36 -60.97 -17.79
N LEU B 47 -39.31 -61.70 -17.46
CA LEU B 47 -39.33 -63.16 -17.55
C LEU B 47 -40.16 -63.75 -16.42
N SER B 48 -41.03 -64.70 -16.76
CA SER B 48 -41.80 -65.43 -15.75
C SER B 48 -41.17 -66.77 -15.40
N ASP B 49 -40.75 -67.54 -16.40
CA ASP B 49 -40.07 -68.80 -16.16
C ASP B 49 -39.19 -69.14 -17.36
N SER B 50 -38.05 -69.77 -17.08
CA SER B 50 -37.15 -70.24 -18.12
C SER B 50 -36.70 -71.65 -17.78
N TRP B 51 -36.89 -72.59 -18.71
CA TRP B 51 -36.55 -73.98 -18.45
C TRP B 51 -36.13 -74.65 -19.74
N ARG B 52 -35.25 -75.65 -19.60
CA ARG B 52 -34.84 -76.47 -20.73
C ARG B 52 -35.94 -77.47 -21.05
N ALA B 53 -36.42 -77.45 -22.30
CA ALA B 53 -37.58 -78.23 -22.66
C ALA B 53 -37.24 -79.47 -23.47
N HIS B 54 -36.58 -79.32 -24.62
CA HIS B 54 -36.34 -80.44 -25.52
C HIS B 54 -34.86 -80.76 -25.62
N ASP B 55 -34.54 -81.78 -26.41
CA ASP B 55 -33.18 -82.21 -26.66
C ASP B 55 -32.61 -81.68 -27.96
N SER B 56 -33.40 -80.91 -28.72
CA SER B 56 -32.93 -80.29 -29.95
C SER B 56 -33.45 -78.87 -30.00
N SER B 57 -33.30 -78.22 -31.14
CA SER B 57 -33.79 -76.85 -31.29
C SER B 57 -35.31 -76.83 -31.43
N ILE B 58 -35.95 -75.96 -30.67
CA ILE B 58 -37.41 -75.83 -30.68
C ILE B 58 -37.78 -74.82 -31.75
N VAL B 59 -38.69 -75.20 -32.63
CA VAL B 59 -39.01 -74.38 -33.81
C VAL B 59 -40.43 -73.83 -33.78
N ALA B 60 -41.31 -74.34 -32.93
CA ALA B 60 -42.69 -73.85 -32.89
C ALA B 60 -43.27 -74.11 -31.52
N ILE B 61 -43.90 -73.08 -30.95
CA ILE B 61 -44.69 -73.20 -29.73
C ILE B 61 -46.03 -72.50 -29.95
N ASP B 62 -47.02 -72.90 -29.16
CA ASP B 62 -48.36 -72.34 -29.28
C ASP B 62 -49.09 -72.42 -27.96
N TRP B 63 -49.77 -71.34 -27.60
CA TRP B 63 -50.58 -71.29 -26.40
C TRP B 63 -51.92 -71.97 -26.62
N ALA B 64 -52.46 -72.55 -25.56
CA ALA B 64 -53.81 -73.07 -25.59
C ALA B 64 -54.78 -72.03 -25.07
N SER B 65 -56.06 -72.24 -25.37
CA SER B 65 -57.10 -71.31 -24.95
C SER B 65 -57.23 -71.31 -23.43
N PRO B 66 -57.44 -70.15 -22.80
CA PRO B 66 -57.42 -70.09 -21.33
C PRO B 66 -58.58 -70.79 -20.65
N GLU B 67 -59.65 -71.14 -21.38
CA GLU B 67 -60.69 -71.99 -20.81
C GLU B 67 -60.18 -73.40 -20.54
N TYR B 68 -59.09 -73.80 -21.16
CA TYR B 68 -58.44 -75.08 -20.93
C TYR B 68 -57.28 -74.97 -19.95
N GLY B 69 -57.05 -73.78 -19.40
CA GLY B 69 -55.89 -73.56 -18.55
C GLY B 69 -54.71 -73.03 -19.35
N ARG B 70 -53.59 -72.88 -18.64
CA ARG B 70 -52.37 -72.33 -19.22
C ARG B 70 -51.52 -73.49 -19.74
N ILE B 71 -51.75 -73.87 -20.99
CA ILE B 71 -51.05 -74.97 -21.63
C ILE B 71 -50.25 -74.43 -22.81
N ILE B 72 -48.96 -74.76 -22.86
CA ILE B 72 -48.07 -74.34 -23.93
C ILE B 72 -47.55 -75.58 -24.64
N ALA B 73 -47.83 -75.69 -25.93
CA ALA B 73 -47.25 -76.74 -26.76
C ALA B 73 -45.84 -76.36 -27.21
N SER B 74 -45.08 -77.36 -27.63
CA SER B 74 -43.71 -77.13 -28.11
C SER B 74 -43.31 -78.24 -29.06
N ALA B 75 -43.14 -77.91 -30.33
CA ALA B 75 -42.63 -78.84 -31.33
C ALA B 75 -41.17 -78.51 -31.64
N SER B 76 -40.35 -79.55 -31.77
CA SER B 76 -38.92 -79.39 -31.99
C SER B 76 -38.42 -80.41 -32.99
N TYR B 77 -37.11 -80.43 -33.22
CA TYR B 77 -36.48 -81.33 -34.17
C TYR B 77 -36.18 -82.71 -33.58
N ASP B 78 -36.32 -82.90 -32.28
CA ASP B 78 -36.09 -84.20 -31.67
C ASP B 78 -37.34 -85.09 -31.67
N LYS B 79 -38.29 -84.82 -32.58
CA LYS B 79 -39.47 -85.65 -32.83
C LYS B 79 -40.38 -85.76 -31.60
N THR B 80 -40.39 -84.73 -30.76
CA THR B 80 -41.19 -84.73 -29.54
C THR B 80 -42.09 -83.52 -29.51
N VAL B 81 -43.29 -83.70 -28.94
CA VAL B 81 -44.22 -82.62 -28.66
C VAL B 81 -44.41 -82.58 -27.17
N LYS B 82 -43.94 -81.52 -26.52
CA LYS B 82 -44.00 -81.42 -25.07
C LYS B 82 -45.00 -80.36 -24.67
N LEU B 83 -45.90 -80.74 -23.77
CA LEU B 83 -47.03 -79.92 -23.34
C LEU B 83 -46.76 -79.48 -21.91
N TRP B 84 -46.93 -78.20 -21.63
CA TRP B 84 -46.51 -77.67 -20.34
C TRP B 84 -47.66 -76.91 -19.70
N GLU B 85 -47.93 -77.23 -18.44
CA GLU B 85 -48.98 -76.59 -17.67
C GLU B 85 -48.36 -75.84 -16.50
N GLU B 86 -48.89 -74.66 -16.22
CA GLU B 86 -48.31 -73.81 -15.19
C GLU B 86 -48.85 -74.20 -13.82
N ASP B 87 -47.93 -74.43 -12.89
CA ASP B 87 -48.29 -74.65 -11.50
C ASP B 87 -48.52 -73.30 -10.82
N PRO B 88 -49.71 -73.03 -10.27
CA PRO B 88 -49.92 -71.74 -9.60
C PRO B 88 -49.09 -71.58 -8.33
N ASP B 89 -48.82 -72.66 -7.60
CA ASP B 89 -48.05 -72.59 -6.36
C ASP B 89 -46.61 -73.01 -6.63
N GLN B 90 -45.87 -72.10 -7.27
CA GLN B 90 -44.46 -72.33 -7.58
C GLN B 90 -43.77 -70.99 -7.71
N GLU B 91 -42.46 -70.99 -7.44
CA GLU B 91 -41.69 -69.75 -7.43
C GLU B 91 -41.47 -69.22 -8.84
N GLU B 92 -41.35 -67.91 -8.95
CA GLU B 92 -41.07 -67.27 -10.23
C GLU B 92 -39.61 -67.50 -10.65
N CYS B 93 -39.41 -67.71 -11.95
CA CYS B 93 -38.09 -67.89 -12.56
C CYS B 93 -37.30 -69.03 -11.93
N SER B 94 -37.99 -70.13 -11.64
CA SER B 94 -37.37 -71.27 -10.96
C SER B 94 -37.04 -72.42 -11.90
N GLY B 95 -37.78 -72.58 -12.99
CA GLY B 95 -37.64 -73.70 -13.87
C GLY B 95 -38.62 -74.83 -13.62
N ARG B 96 -39.24 -74.85 -12.45
CA ARG B 96 -40.26 -75.84 -12.11
C ARG B 96 -41.66 -75.27 -12.15
N ARG B 97 -41.84 -74.05 -12.66
CA ARG B 97 -43.16 -73.43 -12.72
C ARG B 97 -44.07 -74.13 -13.71
N TRP B 98 -43.53 -74.50 -14.86
CA TRP B 98 -44.30 -75.17 -15.90
C TRP B 98 -44.00 -76.67 -15.85
N ASN B 99 -45.03 -77.46 -15.57
CA ASN B 99 -44.87 -78.89 -15.36
C ASN B 99 -45.13 -79.64 -16.66
N LYS B 100 -44.22 -80.55 -16.98
CA LYS B 100 -44.32 -81.34 -18.20
C LYS B 100 -45.51 -82.29 -18.11
N LEU B 101 -46.23 -82.45 -19.23
CA LEU B 101 -47.44 -83.26 -19.25
C LEU B 101 -47.33 -84.48 -20.15
N CYS B 102 -46.94 -84.31 -21.41
CA CYS B 102 -46.89 -85.44 -22.32
C CYS B 102 -45.76 -85.24 -23.31
N THR B 103 -45.39 -86.34 -23.97
CA THR B 103 -44.35 -86.35 -25.01
C THR B 103 -44.83 -87.23 -26.15
N LEU B 104 -45.47 -86.61 -27.14
CA LEU B 104 -46.07 -87.37 -28.24
C LEU B 104 -44.96 -87.81 -29.19
N ASN B 105 -44.62 -89.10 -29.16
CA ASN B 105 -43.54 -89.66 -29.95
C ASN B 105 -44.02 -90.41 -31.17
N ASP B 106 -45.26 -90.17 -31.62
CA ASP B 106 -45.83 -90.92 -32.72
C ASP B 106 -45.29 -90.48 -34.08
N SER B 107 -44.49 -89.42 -34.13
CA SER B 107 -43.98 -88.87 -35.38
C SER B 107 -42.56 -89.35 -35.60
N LYS B 108 -42.32 -90.00 -36.74
CA LYS B 108 -40.98 -90.46 -37.11
C LYS B 108 -40.30 -89.44 -38.02
N GLY B 109 -40.20 -88.21 -37.51
CA GLY B 109 -39.58 -87.13 -38.24
C GLY B 109 -39.46 -85.87 -37.41
N SER B 110 -38.49 -85.01 -37.74
CA SER B 110 -38.28 -83.77 -37.01
C SER B 110 -39.40 -82.77 -37.31
N LEU B 111 -40.09 -82.32 -36.27
CA LEU B 111 -41.29 -81.52 -36.48
C LEU B 111 -40.95 -80.08 -36.78
N TYR B 112 -41.92 -79.38 -37.36
CA TYR B 112 -41.78 -77.99 -37.75
C TYR B 112 -42.83 -77.06 -37.12
N SER B 113 -44.08 -77.48 -37.05
CA SER B 113 -45.16 -76.60 -36.61
C SER B 113 -46.13 -77.34 -35.71
N VAL B 114 -46.52 -76.68 -34.62
CA VAL B 114 -47.59 -77.15 -33.75
C VAL B 114 -48.59 -76.02 -33.58
N LYS B 115 -49.88 -76.33 -33.69
CA LYS B 115 -50.93 -75.31 -33.60
C LYS B 115 -52.10 -75.90 -32.82
N PHE B 116 -52.49 -75.22 -31.74
CA PHE B 116 -53.69 -75.62 -31.02
C PHE B 116 -54.94 -75.32 -31.83
N ALA B 117 -55.99 -76.08 -31.56
CA ALA B 117 -57.28 -75.87 -32.20
C ALA B 117 -57.98 -74.63 -31.64
N PRO B 118 -58.98 -74.11 -32.34
CA PRO B 118 -59.84 -73.07 -31.76
C PRO B 118 -60.60 -73.55 -30.54
N ALA B 119 -61.30 -72.61 -29.92
CA ALA B 119 -62.05 -72.88 -28.69
C ALA B 119 -63.49 -73.31 -28.97
N HIS B 120 -63.72 -73.99 -30.10
CA HIS B 120 -65.01 -74.58 -30.40
C HIS B 120 -64.91 -76.05 -30.84
N LEU B 121 -63.70 -76.58 -30.98
CA LEU B 121 -63.50 -77.94 -31.45
C LEU B 121 -63.09 -78.92 -30.35
N GLY B 122 -62.68 -78.42 -29.19
CA GLY B 122 -62.13 -79.24 -28.12
C GLY B 122 -60.74 -78.77 -27.76
N LEU B 123 -60.04 -79.60 -27.00
CA LEU B 123 -58.62 -79.36 -26.75
C LEU B 123 -57.80 -80.22 -27.72
N LYS B 124 -57.97 -79.91 -29.00
CA LYS B 124 -57.27 -80.62 -30.05
C LYS B 124 -55.92 -79.94 -30.31
N LEU B 125 -55.18 -80.50 -31.26
CA LEU B 125 -53.82 -80.08 -31.54
C LEU B 125 -53.45 -80.61 -32.91
N ALA B 126 -52.47 -79.97 -33.54
CA ALA B 126 -52.00 -80.38 -34.85
C ALA B 126 -50.48 -80.34 -34.90
N CYS B 127 -49.90 -81.26 -35.67
CA CYS B 127 -48.46 -81.33 -35.84
C CYS B 127 -48.10 -81.70 -37.27
N LEU B 128 -46.97 -81.19 -37.72
CA LEU B 128 -46.43 -81.52 -39.03
C LEU B 128 -44.91 -81.45 -38.98
N GLY B 129 -44.27 -82.44 -39.59
CA GLY B 129 -42.82 -82.49 -39.63
C GLY B 129 -42.28 -82.93 -40.96
N ASN B 130 -41.01 -83.32 -41.01
CA ASN B 130 -40.42 -83.80 -42.26
C ASN B 130 -40.70 -85.29 -42.44
N ASP B 131 -41.98 -85.67 -42.32
CA ASP B 131 -42.43 -87.03 -42.57
C ASP B 131 -43.65 -87.10 -43.48
N GLY B 132 -44.27 -85.97 -43.80
CA GLY B 132 -45.43 -85.95 -44.66
C GLY B 132 -46.72 -86.42 -44.04
N ILE B 133 -46.76 -86.63 -42.72
CA ILE B 133 -47.92 -87.18 -42.04
C ILE B 133 -48.47 -86.16 -41.06
N LEU B 134 -49.75 -85.85 -41.17
CA LEU B 134 -50.42 -84.92 -40.26
C LEU B 134 -50.97 -85.70 -39.08
N ARG B 135 -50.76 -85.17 -37.87
CA ARG B 135 -51.18 -85.85 -36.66
C ARG B 135 -52.03 -84.92 -35.81
N LEU B 136 -53.16 -85.43 -35.32
CA LEU B 136 -54.08 -84.68 -34.47
C LEU B 136 -54.17 -85.35 -33.11
N TYR B 137 -54.04 -84.56 -32.05
CA TYR B 137 -54.06 -85.07 -30.69
C TYR B 137 -55.16 -84.38 -29.91
N ASP B 138 -56.13 -85.17 -29.44
CA ASP B 138 -57.27 -84.69 -28.66
C ASP B 138 -57.09 -85.07 -27.20
N ALA B 139 -57.36 -84.12 -26.30
CA ALA B 139 -57.38 -84.38 -24.87
C ALA B 139 -58.84 -84.63 -24.47
N LEU B 140 -59.27 -85.87 -24.68
CA LEU B 140 -60.69 -86.22 -24.52
C LEU B 140 -61.13 -86.29 -23.06
N GLU B 141 -60.19 -86.35 -22.11
CA GLU B 141 -60.56 -86.48 -20.70
C GLU B 141 -60.35 -85.16 -19.99
N PRO B 142 -61.42 -84.47 -19.58
CA PRO B 142 -61.25 -83.22 -18.83
C PRO B 142 -60.74 -83.42 -17.40
N SER B 143 -60.81 -84.62 -16.85
CA SER B 143 -60.35 -84.86 -15.48
C SER B 143 -58.83 -84.76 -15.37
N ASP B 144 -58.12 -85.40 -16.29
CA ASP B 144 -56.66 -85.32 -16.34
C ASP B 144 -56.18 -84.93 -17.74
N LEU B 145 -55.30 -83.92 -17.79
CA LEU B 145 -54.77 -83.44 -19.05
C LEU B 145 -53.44 -84.11 -19.40
N ARG B 146 -53.42 -85.44 -19.33
CA ARG B 146 -52.26 -86.22 -19.72
C ARG B 146 -52.57 -87.36 -20.68
N SER B 147 -53.83 -87.76 -20.84
CA SER B 147 -54.20 -88.83 -21.76
C SER B 147 -54.50 -88.23 -23.13
N TRP B 148 -53.45 -87.72 -23.76
CA TRP B 148 -53.56 -87.13 -25.08
C TRP B 148 -53.56 -88.25 -26.12
N THR B 149 -54.70 -88.47 -26.76
CA THR B 149 -54.92 -89.60 -27.66
C THR B 149 -54.88 -89.13 -29.11
N LEU B 150 -54.06 -89.79 -29.93
CA LEU B 150 -54.06 -89.54 -31.36
C LEU B 150 -55.37 -90.05 -31.95
N THR B 151 -56.00 -89.22 -32.78
CA THR B 151 -57.30 -89.53 -33.35
C THR B 151 -57.31 -89.55 -34.87
N SER B 152 -56.63 -88.60 -35.52
CA SER B 152 -56.57 -88.53 -36.96
C SER B 152 -55.11 -88.60 -37.42
N GLU B 153 -54.89 -89.25 -38.55
CA GLU B 153 -53.53 -89.41 -39.08
C GLU B 153 -53.62 -89.42 -40.60
N MET B 154 -53.41 -88.26 -41.21
CA MET B 154 -53.51 -88.08 -42.65
C MET B 154 -52.11 -87.85 -43.22
N LYS B 155 -51.80 -88.56 -44.31
CA LYS B 155 -50.53 -88.38 -45.00
C LYS B 155 -50.65 -87.28 -46.03
N VAL B 156 -49.73 -86.32 -45.99
CA VAL B 156 -49.75 -85.16 -46.87
C VAL B 156 -48.84 -85.36 -48.07
N LEU B 157 -47.59 -85.76 -47.85
CA LEU B 157 -46.66 -86.04 -48.92
C LEU B 157 -46.53 -87.54 -49.15
N SER B 158 -46.14 -87.89 -50.38
CA SER B 158 -45.96 -89.30 -50.71
C SER B 158 -44.72 -89.88 -50.03
N ILE B 159 -43.63 -89.13 -50.03
CA ILE B 159 -42.36 -89.58 -49.44
C ILE B 159 -41.83 -88.49 -48.53
N PRO B 160 -41.03 -88.82 -47.51
CA PRO B 160 -40.37 -87.78 -46.73
C PRO B 160 -39.37 -87.03 -47.59
N PRO B 161 -39.11 -85.76 -47.30
CA PRO B 161 -38.14 -84.99 -48.10
C PRO B 161 -36.71 -85.48 -47.86
N ALA B 162 -35.82 -85.05 -48.75
CA ALA B 162 -34.43 -85.47 -48.70
C ALA B 162 -33.72 -84.87 -47.48
N ASN B 163 -32.56 -85.47 -47.17
CA ASN B 163 -31.78 -85.04 -46.01
C ASN B 163 -31.24 -83.62 -46.19
N HIS B 164 -30.82 -83.29 -47.41
CA HIS B 164 -30.14 -82.03 -47.69
C HIS B 164 -31.06 -80.93 -48.18
N LEU B 165 -32.12 -81.26 -48.92
CA LEU B 165 -33.02 -80.25 -49.44
C LEU B 165 -33.82 -79.61 -48.32
N GLN B 166 -33.84 -78.28 -48.29
CA GLN B 166 -34.60 -77.56 -47.27
C GLN B 166 -36.09 -77.60 -47.58
N SER B 167 -36.89 -77.59 -46.52
CA SER B 167 -38.33 -77.63 -46.64
C SER B 167 -38.95 -77.00 -45.40
N ASP B 168 -40.16 -76.47 -45.57
CA ASP B 168 -40.86 -75.77 -44.49
C ASP B 168 -42.28 -76.27 -44.41
N PHE B 169 -42.81 -76.30 -43.18
CA PHE B 169 -44.18 -76.69 -42.91
C PHE B 169 -44.80 -75.72 -41.93
N CYS B 170 -46.05 -75.35 -42.17
CA CYS B 170 -46.75 -74.42 -41.29
C CYS B 170 -48.23 -74.80 -41.25
N LEU B 171 -48.87 -74.49 -40.13
CA LEU B 171 -50.26 -74.83 -39.88
C LEU B 171 -51.06 -73.57 -39.53
N SER B 172 -52.35 -73.60 -39.85
CA SER B 172 -53.25 -72.53 -39.46
C SER B 172 -54.66 -73.12 -39.36
N TRP B 173 -55.28 -72.95 -38.20
CA TRP B 173 -56.63 -73.44 -37.97
C TRP B 173 -57.67 -72.38 -38.33
N CYS B 174 -58.89 -72.85 -38.57
CA CYS B 174 -60.01 -71.96 -38.88
C CYS B 174 -60.80 -71.66 -37.61
N PRO B 175 -60.76 -70.42 -37.10
CA PRO B 175 -61.44 -70.08 -35.84
C PRO B 175 -62.88 -69.62 -36.05
N SER B 176 -63.66 -70.40 -36.77
CA SER B 176 -65.08 -70.12 -36.98
C SER B 176 -65.88 -71.17 -36.22
N ARG B 177 -66.70 -70.71 -35.29
CA ARG B 177 -67.50 -71.59 -34.46
C ARG B 177 -68.74 -72.12 -35.15
N PHE B 178 -69.03 -71.65 -36.36
CA PHE B 178 -70.26 -71.96 -37.08
C PHE B 178 -69.94 -72.38 -38.51
N SER B 179 -68.97 -73.29 -38.62
CA SER B 179 -68.53 -73.82 -39.90
C SER B 179 -67.89 -75.18 -39.64
N PRO B 180 -67.89 -76.08 -40.62
CA PRO B 180 -67.20 -77.37 -40.43
C PRO B 180 -65.71 -77.19 -40.22
N GLU B 181 -65.11 -78.13 -39.48
CA GLU B 181 -63.73 -78.02 -39.07
C GLU B 181 -62.79 -78.11 -40.27
N LYS B 182 -61.93 -77.09 -40.41
CA LYS B 182 -61.01 -76.99 -41.52
C LYS B 182 -59.60 -76.77 -40.99
N LEU B 183 -58.61 -77.21 -41.76
CA LEU B 183 -57.21 -77.06 -41.38
C LEU B 183 -56.40 -76.70 -42.61
N ALA B 184 -55.67 -75.59 -42.53
CA ALA B 184 -54.81 -75.16 -43.62
C ALA B 184 -53.40 -75.70 -43.40
N VAL B 185 -52.95 -76.57 -44.29
CA VAL B 185 -51.70 -77.30 -44.14
C VAL B 185 -50.80 -76.95 -45.32
N SER B 186 -49.58 -76.50 -45.02
CA SER B 186 -48.60 -76.18 -46.03
C SER B 186 -47.49 -77.23 -46.02
N ALA B 187 -47.18 -77.78 -47.20
CA ALA B 187 -46.10 -78.75 -47.33
C ALA B 187 -45.31 -78.41 -48.60
N LEU B 188 -44.10 -77.88 -48.41
CA LEU B 188 -43.19 -77.47 -49.49
C LEU B 188 -43.86 -76.48 -50.43
N GLU B 189 -44.22 -76.94 -51.62
CA GLU B 189 -44.85 -76.10 -52.63
C GLU B 189 -46.36 -76.31 -52.71
N GLN B 190 -46.94 -77.01 -51.73
CA GLN B 190 -48.36 -77.33 -51.74
C GLN B 190 -49.03 -76.77 -50.48
N ALA B 191 -50.22 -76.22 -50.66
CA ALA B 191 -51.04 -75.75 -49.55
C ALA B 191 -52.44 -76.33 -49.69
N ILE B 192 -52.85 -77.16 -48.72
CA ILE B 192 -54.09 -77.91 -48.80
C ILE B 192 -54.99 -77.51 -47.64
N ILE B 193 -56.28 -77.36 -47.90
CA ILE B 193 -57.30 -77.13 -46.88
C ILE B 193 -58.00 -78.46 -46.64
N TYR B 194 -57.82 -79.03 -45.46
CA TYR B 194 -58.57 -80.22 -45.09
C TYR B 194 -59.95 -79.84 -44.55
N GLN B 195 -60.80 -80.84 -44.40
CA GLN B 195 -62.12 -80.63 -43.83
C GLN B 195 -62.61 -81.91 -43.16
N ARG B 196 -63.24 -81.76 -42.00
CA ARG B 196 -63.77 -82.89 -41.24
C ARG B 196 -65.09 -83.33 -41.87
N GLY B 197 -65.10 -84.51 -42.48
CA GLY B 197 -66.29 -85.04 -43.10
C GLY B 197 -67.26 -85.61 -42.09
N LYS B 198 -68.34 -86.20 -42.62
CA LYS B 198 -69.37 -86.78 -41.76
C LYS B 198 -68.92 -88.06 -41.09
N ASP B 199 -67.84 -88.68 -41.58
CA ASP B 199 -67.32 -89.92 -41.02
C ASP B 199 -66.29 -89.70 -39.94
N GLY B 200 -66.01 -88.46 -39.56
CA GLY B 200 -65.01 -88.17 -38.56
C GLY B 200 -63.58 -88.21 -39.04
N LYS B 201 -63.34 -88.34 -40.34
CA LYS B 201 -62.01 -88.40 -40.91
C LYS B 201 -61.83 -87.27 -41.90
N LEU B 202 -60.67 -86.60 -41.83
CA LEU B 202 -60.39 -85.47 -42.70
C LEU B 202 -60.18 -85.93 -44.13
N HIS B 203 -60.62 -85.10 -45.08
CA HIS B 203 -60.46 -85.34 -46.50
C HIS B 203 -59.91 -84.09 -47.16
N VAL B 204 -59.28 -84.27 -48.31
CA VAL B 204 -58.82 -83.14 -49.11
C VAL B 204 -60.03 -82.41 -49.68
N ALA B 205 -60.24 -81.17 -49.24
CA ALA B 205 -61.41 -80.39 -49.64
C ALA B 205 -61.10 -79.36 -50.70
N ALA B 206 -60.04 -78.57 -50.53
CA ALA B 206 -59.65 -77.59 -51.52
C ALA B 206 -58.15 -77.34 -51.44
N LYS B 207 -57.52 -77.19 -52.60
CA LYS B 207 -56.10 -76.93 -52.71
C LYS B 207 -55.88 -75.52 -53.24
N LEU B 208 -55.02 -74.76 -52.57
CA LEU B 208 -54.71 -73.41 -53.02
C LEU B 208 -53.73 -73.49 -54.19
N PRO B 209 -54.05 -72.95 -55.35
CA PRO B 209 -53.14 -73.00 -56.49
C PRO B 209 -52.04 -71.96 -56.35
N GLY B 210 -51.13 -71.96 -57.32
CA GLY B 210 -49.97 -71.08 -57.25
C GLY B 210 -48.80 -71.76 -56.59
N HIS B 211 -48.05 -71.00 -55.79
CA HIS B 211 -47.01 -71.51 -54.89
C HIS B 211 -45.90 -72.24 -55.65
N LYS B 212 -45.19 -71.45 -56.46
CA LYS B 212 -44.07 -71.98 -57.25
C LYS B 212 -42.85 -72.33 -56.41
N SER B 213 -42.82 -71.96 -55.13
CA SER B 213 -41.66 -72.24 -54.28
C SER B 213 -42.17 -72.57 -52.88
N LEU B 214 -41.23 -72.58 -51.92
CA LEU B 214 -41.53 -73.03 -50.56
C LEU B 214 -42.44 -72.03 -49.85
N ILE B 215 -43.34 -72.58 -49.03
CA ILE B 215 -44.30 -71.77 -48.27
C ILE B 215 -43.76 -71.61 -46.85
N ARG B 216 -43.50 -70.37 -46.44
CA ARG B 216 -42.89 -70.10 -45.15
C ARG B 216 -43.88 -69.77 -44.04
N SER B 217 -45.10 -69.33 -44.35
CA SER B 217 -46.08 -69.00 -43.32
C SER B 217 -47.47 -69.05 -43.90
N ILE B 218 -48.37 -69.75 -43.22
CA ILE B 218 -49.81 -69.71 -43.49
C ILE B 218 -50.50 -69.15 -42.26
N SER B 219 -51.33 -68.14 -42.46
CA SER B 219 -52.15 -67.58 -41.40
C SER B 219 -53.59 -67.50 -41.89
N TRP B 220 -54.52 -68.10 -41.15
CA TRP B 220 -55.93 -68.02 -41.46
C TRP B 220 -56.47 -66.75 -40.81
N ALA B 221 -57.19 -65.94 -41.58
CA ALA B 221 -57.71 -64.70 -41.03
C ALA B 221 -58.86 -64.99 -40.08
N PRO B 222 -58.98 -64.26 -38.97
CA PRO B 222 -60.05 -64.55 -38.00
C PRO B 222 -61.43 -64.31 -38.59
N SER B 223 -62.31 -65.30 -38.40
CA SER B 223 -63.67 -65.19 -38.91
C SER B 223 -64.46 -64.24 -38.04
N ILE B 224 -64.45 -62.95 -38.41
CA ILE B 224 -65.10 -61.93 -37.61
C ILE B 224 -66.61 -61.93 -37.80
N GLY B 225 -67.11 -62.61 -38.83
CA GLY B 225 -68.53 -62.66 -39.09
C GLY B 225 -68.87 -62.45 -40.56
N ARG B 226 -67.84 -62.29 -41.38
CA ARG B 226 -68.03 -62.04 -42.79
C ARG B 226 -68.46 -63.33 -43.50
N TRP B 227 -68.87 -63.18 -44.76
CA TRP B 227 -69.28 -64.33 -45.55
C TRP B 227 -68.12 -64.98 -46.29
N TYR B 228 -66.90 -64.44 -46.15
CA TYR B 228 -65.73 -64.98 -46.83
C TYR B 228 -64.59 -65.07 -45.83
N GLN B 229 -63.73 -66.06 -46.04
CA GLN B 229 -62.56 -66.31 -45.21
C GLN B 229 -61.29 -66.04 -46.01
N LEU B 230 -60.23 -65.68 -45.31
CA LEU B 230 -58.97 -65.28 -45.94
C LEU B 230 -57.80 -66.08 -45.37
N ILE B 231 -56.90 -66.47 -46.28
CA ILE B 231 -55.65 -67.15 -45.93
C ILE B 231 -54.50 -66.34 -46.51
N ALA B 232 -53.54 -65.99 -45.66
CA ALA B 232 -52.36 -65.27 -46.10
C ALA B 232 -51.19 -66.24 -46.23
N THR B 233 -50.51 -66.18 -47.37
CA THR B 233 -49.43 -67.11 -47.70
C THR B 233 -48.14 -66.34 -47.93
N GLY B 234 -47.10 -66.68 -47.18
CA GLY B 234 -45.78 -66.13 -47.41
C GLY B 234 -44.89 -67.15 -48.11
N CYS B 235 -44.69 -66.99 -49.41
CA CYS B 235 -43.91 -67.95 -50.18
C CYS B 235 -42.43 -67.62 -50.14
N LYS B 236 -41.62 -68.54 -50.67
CA LYS B 236 -40.19 -68.27 -50.85
C LYS B 236 -39.93 -67.28 -51.97
N ASP B 237 -40.93 -67.05 -52.83
CA ASP B 237 -40.90 -65.93 -53.76
C ASP B 237 -41.30 -64.65 -53.02
N GLY B 238 -41.48 -63.57 -53.76
CA GLY B 238 -41.90 -62.32 -53.15
C GLY B 238 -43.37 -62.23 -52.86
N ARG B 239 -44.13 -63.27 -53.15
CA ARG B 239 -45.58 -63.21 -53.26
C ARG B 239 -46.23 -63.37 -51.88
N ILE B 240 -47.03 -62.39 -51.49
CA ILE B 240 -47.91 -62.50 -50.33
C ILE B 240 -49.30 -62.79 -50.88
N ARG B 241 -49.63 -64.06 -51.01
CA ARG B 241 -50.90 -64.45 -51.63
C ARG B 241 -52.00 -64.46 -50.58
N ILE B 242 -53.11 -63.80 -50.90
CA ILE B 242 -54.30 -63.79 -50.06
C ILE B 242 -55.42 -64.49 -50.82
N PHE B 243 -55.95 -65.55 -50.25
CA PHE B 243 -56.98 -66.37 -50.89
C PHE B 243 -58.33 -66.11 -50.24
N LYS B 244 -59.34 -65.88 -51.07
CA LYS B 244 -60.71 -65.66 -50.59
C LYS B 244 -61.45 -66.99 -50.70
N ILE B 245 -61.67 -67.63 -49.56
CA ILE B 245 -62.37 -68.92 -49.50
C ILE B 245 -63.82 -68.66 -49.13
N THR B 246 -64.74 -69.06 -50.01
CA THR B 246 -66.17 -68.92 -49.79
C THR B 246 -66.80 -70.31 -49.69
N GLU B 247 -67.51 -70.55 -48.60
CA GLU B 247 -68.08 -71.86 -48.31
C GLU B 247 -69.60 -71.79 -48.45
N LYS B 248 -70.17 -72.77 -49.15
CA LYS B 248 -71.61 -72.81 -49.35
C LYS B 248 -72.09 -74.24 -49.53
N LEU B 288 -67.84 -84.77 -46.70
CA LEU B 288 -67.89 -83.44 -47.29
C LEU B 288 -69.27 -82.82 -47.07
N GLN B 289 -69.39 -82.02 -46.00
CA GLN B 289 -70.69 -81.43 -45.69
C GLN B 289 -71.02 -80.28 -46.64
N SER B 290 -70.04 -79.43 -46.93
CA SER B 290 -70.29 -78.23 -47.74
C SER B 290 -69.14 -78.02 -48.71
N ASN B 291 -69.48 -77.76 -49.97
CA ASN B 291 -68.46 -77.42 -50.97
C ASN B 291 -67.94 -76.01 -50.73
N LEU B 292 -66.69 -75.78 -51.12
CA LEU B 292 -66.03 -74.51 -50.87
C LEU B 292 -65.09 -74.20 -52.03
N GLN B 293 -65.03 -72.93 -52.41
CA GLN B 293 -64.27 -72.47 -53.56
C GLN B 293 -63.12 -71.58 -53.12
N VAL B 294 -62.03 -71.65 -53.87
CA VAL B 294 -60.81 -70.90 -53.58
C VAL B 294 -60.59 -69.89 -54.70
N GLU B 295 -60.52 -68.61 -54.33
CA GLU B 295 -60.28 -67.54 -55.29
C GLU B 295 -59.20 -66.62 -54.75
N LEU B 296 -58.19 -66.36 -55.58
CA LEU B 296 -57.10 -65.48 -55.18
C LEU B 296 -57.59 -64.04 -55.15
N LEU B 297 -57.33 -63.35 -54.04
CA LEU B 297 -57.75 -61.97 -53.89
C LEU B 297 -56.66 -60.97 -54.27
N SER B 298 -55.42 -61.23 -53.84
CA SER B 298 -54.32 -60.32 -54.14
C SER B 298 -53.02 -61.10 -54.20
N GLU B 299 -52.03 -60.52 -54.87
CA GLU B 299 -50.74 -61.17 -55.06
C GLU B 299 -49.71 -60.05 -55.23
N HIS B 300 -48.96 -59.77 -54.17
CA HIS B 300 -48.06 -58.62 -54.11
C HIS B 300 -46.61 -59.09 -54.16
N ASP B 301 -45.83 -58.50 -55.08
CA ASP B 301 -44.40 -58.73 -55.17
C ASP B 301 -43.58 -57.62 -54.49
N ASP B 302 -44.11 -57.05 -53.41
CA ASP B 302 -43.58 -55.83 -52.83
C ASP B 302 -42.49 -56.07 -51.80
N HIS B 303 -41.78 -57.20 -51.87
CA HIS B 303 -40.72 -57.49 -50.92
C HIS B 303 -39.37 -57.84 -51.55
N ASN B 304 -39.35 -58.31 -52.81
CA ASN B 304 -38.13 -58.64 -53.55
C ASN B 304 -37.28 -59.70 -52.83
N GLY B 305 -37.94 -60.69 -52.25
CA GLY B 305 -37.23 -61.73 -51.52
C GLY B 305 -38.20 -62.69 -50.88
N GLU B 306 -37.66 -63.55 -50.03
CA GLU B 306 -38.49 -64.54 -49.36
C GLU B 306 -39.37 -63.89 -48.29
N VAL B 307 -40.66 -64.19 -48.32
CA VAL B 307 -41.58 -63.73 -47.30
C VAL B 307 -41.60 -64.78 -46.18
N TRP B 308 -41.14 -64.41 -45.00
CA TRP B 308 -40.91 -65.40 -43.95
C TRP B 308 -42.15 -65.58 -43.07
N SER B 309 -42.70 -64.50 -42.54
CA SER B 309 -43.87 -64.58 -41.69
C SER B 309 -44.94 -63.64 -42.20
N VAL B 310 -46.16 -64.13 -42.28
CA VAL B 310 -47.34 -63.33 -42.57
C VAL B 310 -48.39 -63.65 -41.52
N SER B 311 -49.04 -62.62 -40.99
CA SER B 311 -49.91 -62.81 -39.83
C SER B 311 -51.00 -61.75 -39.82
N TRP B 312 -52.16 -62.14 -39.32
CA TRP B 312 -53.34 -61.28 -39.30
C TRP B 312 -53.51 -60.62 -37.94
N ASN B 313 -54.49 -59.73 -37.88
CA ASN B 313 -54.84 -59.00 -36.67
C ASN B 313 -55.95 -59.76 -35.94
N LEU B 314 -56.56 -59.11 -34.95
CA LEU B 314 -57.71 -59.71 -34.29
C LEU B 314 -58.93 -59.74 -35.19
N THR B 315 -59.15 -58.68 -35.97
CA THR B 315 -60.34 -58.56 -36.81
C THR B 315 -60.08 -58.87 -38.27
N GLY B 316 -58.85 -59.21 -38.64
CA GLY B 316 -58.55 -59.48 -40.04
C GLY B 316 -58.48 -58.24 -40.90
N THR B 317 -58.14 -57.09 -40.29
CA THR B 317 -58.03 -55.82 -41.01
C THR B 317 -56.60 -55.48 -41.39
N ILE B 318 -55.64 -55.72 -40.50
CA ILE B 318 -54.24 -55.40 -40.72
C ILE B 318 -53.47 -56.69 -40.95
N LEU B 319 -52.74 -56.75 -42.05
CA LEU B 319 -51.91 -57.90 -42.38
C LEU B 319 -50.44 -57.50 -42.29
N SER B 320 -49.70 -58.15 -41.39
CA SER B 320 -48.29 -57.86 -41.17
C SER B 320 -47.46 -58.92 -41.89
N SER B 321 -46.71 -58.49 -42.90
CA SER B 321 -45.85 -59.37 -43.67
C SER B 321 -44.41 -58.94 -43.51
N ALA B 322 -43.56 -59.88 -43.10
CA ALA B 322 -42.12 -59.67 -42.97
C ALA B 322 -41.40 -60.43 -44.06
N GLY B 323 -40.52 -59.74 -44.78
CA GLY B 323 -39.85 -60.34 -45.92
C GLY B 323 -38.34 -60.20 -45.88
N ASP B 324 -37.67 -60.56 -46.97
CA ASP B 324 -36.21 -60.60 -47.00
C ASP B 324 -35.57 -59.24 -47.19
N ASP B 325 -36.35 -58.18 -47.41
CA ASP B 325 -35.79 -56.85 -47.57
C ASP B 325 -35.54 -56.15 -46.24
N GLY B 326 -35.82 -56.81 -45.11
CA GLY B 326 -35.59 -56.18 -43.83
C GLY B 326 -36.71 -55.27 -43.37
N LYS B 327 -37.82 -55.22 -44.10
CA LYS B 327 -38.90 -54.30 -43.82
C LYS B 327 -40.20 -55.06 -43.59
N VAL B 328 -40.99 -54.61 -42.62
CA VAL B 328 -42.29 -55.18 -42.32
C VAL B 328 -43.36 -54.29 -42.93
N ARG B 329 -44.15 -54.83 -43.84
CA ARG B 329 -45.17 -54.08 -44.57
C ARG B 329 -46.55 -54.43 -44.03
N LEU B 330 -47.32 -53.41 -43.66
CA LEU B 330 -48.69 -53.57 -43.23
C LEU B 330 -49.66 -53.34 -44.38
N TRP B 331 -50.75 -54.11 -44.38
CA TRP B 331 -51.70 -54.13 -45.49
C TRP B 331 -53.13 -53.95 -44.96
N LYS B 332 -53.90 -53.09 -45.63
CA LYS B 332 -55.29 -52.87 -45.31
C LYS B 332 -56.08 -52.74 -46.60
N ALA B 333 -57.40 -52.93 -46.50
CA ALA B 333 -58.30 -52.79 -47.63
C ALA B 333 -59.06 -51.48 -47.50
N THR B 334 -58.95 -50.62 -48.52
CA THR B 334 -59.63 -49.33 -48.52
C THR B 334 -60.44 -49.21 -49.80
N TYR B 335 -61.75 -49.00 -49.66
CA TYR B 335 -62.70 -48.72 -50.74
C TYR B 335 -62.87 -49.85 -51.75
N SER B 336 -62.22 -50.99 -51.53
CA SER B 336 -62.28 -52.10 -52.46
C SER B 336 -61.87 -53.37 -51.73
N ASN B 337 -62.09 -54.51 -52.38
CA ASN B 337 -61.70 -55.79 -51.80
C ASN B 337 -60.20 -56.03 -51.89
N GLU B 338 -59.54 -55.47 -52.89
CA GLU B 338 -58.11 -55.67 -53.07
C GLU B 338 -57.32 -54.95 -51.98
N PHE B 339 -56.36 -55.66 -51.37
CA PHE B 339 -55.58 -55.12 -50.27
C PHE B 339 -54.47 -54.22 -50.81
N LYS B 340 -54.41 -53.00 -50.28
CA LYS B 340 -53.33 -52.06 -50.62
C LYS B 340 -52.32 -51.98 -49.49
N CYS B 341 -51.14 -51.47 -49.81
CA CYS B 341 -50.09 -51.33 -48.82
C CYS B 341 -50.33 -50.12 -47.92
N MET B 342 -49.55 -50.05 -46.85
CA MET B 342 -49.67 -49.07 -45.78
C MET B 342 -48.27 -48.81 -45.24
N SER B 343 -48.21 -48.34 -43.99
CA SER B 343 -46.96 -48.07 -43.27
C SER B 343 -45.96 -49.21 -43.39
N VAL B 344 -44.71 -48.86 -43.71
CA VAL B 344 -43.64 -49.83 -43.86
C VAL B 344 -42.61 -49.60 -42.76
N ILE B 345 -42.37 -50.63 -41.95
CA ILE B 345 -41.50 -50.57 -40.78
C ILE B 345 -40.23 -51.32 -41.12
N THR B 346 -39.08 -50.66 -40.98
CA THR B 346 -37.80 -51.30 -41.26
C THR B 346 -36.97 -51.47 -39.99
N GLY C 2 -7.36 -67.56 -54.20
CA GLY C 2 -7.66 -66.66 -53.10
C GLY C 2 -7.98 -67.38 -51.81
N LEU C 3 -7.29 -66.98 -50.74
CA LEU C 3 -7.48 -67.59 -49.42
C LEU C 3 -7.45 -66.48 -48.38
N ILE C 4 -8.58 -66.26 -47.71
CA ILE C 4 -8.67 -65.38 -46.56
C ILE C 4 -8.83 -66.28 -45.34
N LYS C 5 -7.85 -66.27 -44.46
CA LYS C 5 -7.84 -67.10 -43.28
C LYS C 5 -7.93 -66.22 -42.04
N LYS C 6 -8.95 -66.46 -41.22
CA LYS C 6 -9.19 -65.66 -40.03
C LYS C 6 -8.37 -66.21 -38.86
N VAL C 7 -7.60 -65.34 -38.23
CA VAL C 7 -6.70 -65.72 -37.15
C VAL C 7 -7.12 -65.00 -35.89
N THR C 8 -7.23 -65.74 -34.79
CA THR C 8 -7.55 -65.19 -33.50
C THR C 8 -6.35 -65.35 -32.55
N HIS C 9 -6.57 -64.95 -31.29
CA HIS C 9 -5.60 -65.04 -30.20
C HIS C 9 -4.31 -64.26 -30.49
N TRP C 10 -4.39 -63.23 -31.33
CA TRP C 10 -3.24 -62.43 -31.70
C TRP C 10 -3.38 -60.96 -31.30
N SER C 11 -4.60 -60.45 -31.18
CA SER C 11 -4.85 -59.04 -30.89
C SER C 11 -5.41 -58.92 -29.48
N TYR C 12 -4.75 -58.09 -28.65
CA TYR C 12 -5.27 -57.80 -27.33
C TYR C 12 -6.51 -56.91 -27.37
N ASP C 13 -6.72 -56.16 -28.46
CA ASP C 13 -7.92 -55.36 -28.62
C ASP C 13 -9.03 -56.22 -29.21
N ASN C 14 -10.13 -55.58 -29.62
CA ASN C 14 -11.27 -56.30 -30.17
C ASN C 14 -11.13 -56.58 -31.65
N LEU C 15 -10.04 -56.14 -32.28
CA LEU C 15 -9.84 -56.32 -33.70
C LEU C 15 -9.47 -57.78 -33.99
N ILE C 16 -9.75 -58.21 -35.22
CA ILE C 16 -9.49 -59.57 -35.66
C ILE C 16 -8.51 -59.53 -36.81
N ASP C 17 -7.39 -60.25 -36.68
CA ASP C 17 -6.37 -60.28 -37.70
C ASP C 17 -6.80 -61.17 -38.86
N TYR C 18 -6.36 -60.80 -40.07
CA TYR C 18 -6.68 -61.56 -41.26
C TYR C 18 -5.42 -61.72 -42.11
N LEU C 19 -5.37 -62.85 -42.82
CA LEU C 19 -4.27 -63.16 -43.73
C LEU C 19 -4.85 -63.44 -45.11
N SER C 20 -4.36 -62.74 -46.13
CA SER C 20 -4.95 -62.76 -47.45
C SER C 20 -3.92 -63.14 -48.50
N VAL C 21 -4.36 -63.93 -49.48
CA VAL C 21 -3.57 -64.31 -50.64
C VAL C 21 -4.33 -63.87 -51.88
N ASN C 22 -3.63 -63.18 -52.78
CA ASN C 22 -4.23 -62.70 -54.02
C ASN C 22 -4.62 -63.88 -54.92
N PRO C 23 -5.64 -63.71 -55.78
CA PRO C 23 -6.09 -64.83 -56.63
C PRO C 23 -5.06 -65.33 -57.63
N THR C 24 -4.03 -64.55 -57.95
CA THR C 24 -2.92 -65.04 -58.76
C THR C 24 -1.90 -65.82 -57.92
N ARG C 25 -2.11 -65.89 -56.61
CA ARG C 25 -1.29 -66.65 -55.66
C ARG C 25 0.17 -66.18 -55.68
N ASP C 26 0.35 -64.90 -55.33
CA ASP C 26 1.66 -64.27 -55.41
C ASP C 26 2.08 -63.60 -54.11
N GLU C 27 1.16 -62.99 -53.37
CA GLU C 27 1.51 -62.20 -52.20
C GLU C 27 0.73 -62.68 -50.98
N VAL C 28 1.25 -62.35 -49.80
CA VAL C 28 0.60 -62.62 -48.52
C VAL C 28 0.45 -61.28 -47.80
N THR C 29 -0.77 -60.94 -47.43
CA THR C 29 -1.10 -59.64 -46.85
C THR C 29 -1.76 -59.84 -45.49
N HIS C 30 -1.36 -59.03 -44.50
CA HIS C 30 -1.89 -59.10 -43.15
C HIS C 30 -2.77 -57.89 -42.86
N TYR C 31 -3.92 -58.13 -42.22
CA TYR C 31 -4.91 -57.10 -41.97
C TYR C 31 -5.29 -57.06 -40.50
N LYS C 32 -5.92 -55.95 -40.10
CA LYS C 32 -6.58 -55.85 -38.81
C LYS C 32 -7.92 -55.15 -39.04
N VAL C 33 -9.02 -55.90 -38.91
CA VAL C 33 -10.35 -55.42 -39.28
C VAL C 33 -11.11 -55.03 -38.02
N ASP C 34 -11.71 -53.84 -38.02
CA ASP C 34 -12.54 -53.38 -36.92
C ASP C 34 -13.99 -53.76 -37.18
N PRO C 35 -14.63 -54.54 -36.30
CA PRO C 35 -16.00 -54.99 -36.57
C PRO C 35 -17.07 -53.94 -36.40
N GLU C 36 -16.80 -52.87 -35.63
CA GLU C 36 -17.84 -51.93 -35.24
C GLU C 36 -18.11 -50.85 -36.26
N ASN C 37 -17.34 -50.78 -37.34
CA ASN C 37 -17.56 -49.81 -38.41
C ASN C 37 -17.71 -50.57 -39.72
N GLU C 38 -18.85 -50.36 -40.39
CA GLU C 38 -19.16 -51.08 -41.63
C GLU C 38 -18.33 -50.60 -42.81
N SER C 39 -17.81 -49.37 -42.78
CA SER C 39 -17.11 -48.82 -43.92
C SER C 39 -15.78 -49.53 -44.16
N ASP C 40 -15.26 -49.36 -45.39
CA ASP C 40 -14.08 -50.09 -45.84
C ASP C 40 -12.78 -49.59 -45.20
N GLU C 41 -12.83 -48.49 -44.44
CA GLU C 41 -11.67 -48.00 -43.72
C GLU C 41 -11.27 -48.89 -42.55
N SER C 42 -12.15 -49.80 -42.13
CA SER C 42 -11.80 -50.75 -41.07
C SER C 42 -10.79 -51.78 -41.55
N ILE C 43 -10.79 -52.10 -42.84
CA ILE C 43 -9.81 -53.02 -43.41
C ILE C 43 -8.49 -52.28 -43.55
N ILE C 44 -7.62 -52.44 -42.57
CA ILE C 44 -6.31 -51.77 -42.52
C ILE C 44 -5.27 -52.73 -43.08
N LYS C 45 -4.67 -52.38 -44.21
CA LYS C 45 -3.60 -53.17 -44.80
C LYS C 45 -2.28 -52.84 -44.12
N LEU C 46 -1.78 -53.76 -43.29
CA LEU C 46 -0.57 -53.52 -42.51
C LEU C 46 0.71 -53.91 -43.25
N HIS C 47 0.84 -55.18 -43.64
CA HIS C 47 2.08 -55.71 -44.18
C HIS C 47 1.80 -56.55 -45.43
N THR C 48 2.82 -56.65 -46.28
CA THR C 48 2.74 -57.46 -47.49
C THR C 48 4.13 -58.01 -47.81
N VAL C 49 4.21 -59.33 -47.98
CA VAL C 49 5.42 -60.00 -48.45
C VAL C 49 5.13 -60.63 -49.80
N LYS C 50 5.94 -60.29 -50.80
CA LYS C 50 5.65 -60.55 -52.20
C LYS C 50 6.60 -61.60 -52.78
N ASP C 51 6.37 -61.94 -54.06
CA ASP C 51 7.21 -62.82 -54.87
C ASP C 51 7.37 -64.21 -54.26
N PHE C 52 6.28 -64.76 -53.74
CA PHE C 52 6.31 -66.12 -53.21
C PHE C 52 5.94 -67.18 -54.25
N GLY C 53 6.54 -67.08 -55.44
CA GLY C 53 6.34 -68.05 -56.50
C GLY C 53 4.90 -68.23 -56.94
N SER C 54 4.33 -69.38 -56.57
CA SER C 54 2.91 -69.66 -56.70
C SER C 54 2.48 -70.39 -55.44
N ILE C 55 1.79 -69.68 -54.55
CA ILE C 55 1.44 -70.25 -53.25
C ILE C 55 0.35 -71.29 -53.40
N THR C 56 0.53 -72.44 -52.75
CA THR C 56 -0.43 -73.54 -52.82
C THR C 56 -1.14 -73.83 -51.51
N CYS C 57 -0.62 -73.33 -50.39
CA CYS C 57 -1.24 -73.53 -49.09
C CYS C 57 -0.75 -72.45 -48.15
N LEU C 58 -1.40 -72.37 -46.99
CA LEU C 58 -0.99 -71.43 -45.95
C LEU C 58 -1.54 -71.93 -44.61
N ASP C 59 -0.85 -71.59 -43.54
CA ASP C 59 -1.30 -71.92 -42.20
C ASP C 59 -0.76 -70.86 -41.23
N TYR C 60 -1.16 -70.97 -39.97
CA TYR C 60 -0.72 -70.05 -38.93
C TYR C 60 -0.54 -70.81 -37.63
N SER C 61 0.33 -70.27 -36.77
CA SER C 61 0.62 -70.86 -35.47
C SER C 61 -0.07 -70.03 -34.40
N GLU C 62 -0.97 -70.66 -33.64
CA GLU C 62 -1.71 -69.95 -32.61
C GLU C 62 -0.89 -69.70 -31.35
N SER C 63 0.20 -70.45 -31.17
CA SER C 63 0.98 -70.35 -29.93
C SER C 63 1.75 -69.03 -29.86
N GLU C 64 2.42 -68.66 -30.94
CA GLU C 64 3.19 -67.43 -31.01
C GLU C 64 2.72 -66.55 -32.17
N ILE C 65 2.68 -65.25 -31.92
CA ILE C 65 2.02 -64.31 -32.82
C ILE C 65 2.91 -64.04 -34.02
N GLY C 66 2.35 -64.22 -35.22
CA GLY C 66 3.00 -63.81 -36.45
C GLY C 66 3.63 -64.94 -37.26
N MET C 67 3.71 -66.15 -36.71
CA MET C 67 4.37 -67.26 -37.40
C MET C 67 3.43 -67.76 -38.49
N ILE C 68 3.68 -67.37 -39.73
CA ILE C 68 2.78 -67.66 -40.84
C ILE C 68 3.56 -68.50 -41.85
N GLY C 69 3.30 -69.81 -41.86
CA GLY C 69 3.89 -70.68 -42.86
C GLY C 69 3.26 -70.45 -44.23
N VAL C 70 4.11 -70.45 -45.25
CA VAL C 70 3.67 -70.24 -46.62
C VAL C 70 4.30 -71.32 -47.49
N GLY C 71 3.45 -72.07 -48.21
CA GLY C 71 3.93 -73.08 -49.13
C GLY C 71 4.04 -72.57 -50.56
N GLU C 72 4.57 -73.43 -51.42
CA GLU C 72 4.77 -73.08 -52.83
C GLU C 72 4.60 -74.33 -53.67
N LYS C 73 4.56 -74.13 -54.99
CA LYS C 73 4.50 -75.25 -55.93
C LYS C 73 5.87 -75.92 -56.10
N ASN C 74 6.95 -75.15 -56.01
CA ASN C 74 8.28 -75.72 -56.16
C ASN C 74 8.63 -76.65 -55.01
N GLY C 75 8.21 -76.32 -53.79
CA GLY C 75 8.40 -77.23 -52.68
C GLY C 75 8.90 -76.55 -51.42
N TYR C 76 9.16 -75.24 -51.49
CA TYR C 76 9.74 -74.52 -50.37
C TYR C 76 8.64 -74.11 -49.40
N LEU C 77 8.79 -74.52 -48.14
CA LEU C 77 7.85 -74.17 -47.08
C LEU C 77 8.38 -72.98 -46.29
N ARG C 78 8.29 -71.81 -46.92
CA ARG C 78 8.82 -70.58 -46.37
C ARG C 78 8.07 -70.18 -45.10
N ILE C 79 8.71 -70.35 -43.96
CA ILE C 79 8.12 -70.05 -42.66
C ILE C 79 8.84 -68.81 -42.12
N PHE C 80 8.07 -67.77 -41.82
CA PHE C 80 8.64 -66.49 -41.43
C PHE C 80 7.72 -65.84 -40.40
N ASN C 81 8.00 -64.58 -40.10
CA ASN C 81 7.24 -63.81 -39.11
C ASN C 81 6.91 -62.45 -39.70
N ILE C 82 5.74 -61.92 -39.33
CA ILE C 82 5.26 -60.63 -39.80
C ILE C 82 5.06 -59.65 -38.65
N SER C 83 4.30 -60.06 -37.63
CA SER C 83 4.04 -59.21 -36.47
C SER C 83 5.14 -59.38 -35.41
N TYR C 140 12.23 -63.93 -37.93
CA TYR C 140 13.24 -64.32 -38.90
C TYR C 140 12.61 -64.80 -40.21
N ASP C 141 13.35 -65.61 -40.96
CA ASP C 141 12.85 -66.16 -42.22
C ASP C 141 13.64 -67.42 -42.56
N ILE C 142 12.98 -68.58 -42.49
CA ILE C 142 13.61 -69.83 -42.87
C ILE C 142 12.85 -70.43 -44.05
N ARG C 143 13.57 -71.17 -44.89
CA ARG C 143 13.03 -71.81 -46.08
C ARG C 143 13.42 -73.28 -46.05
N VAL C 144 12.49 -74.14 -45.69
CA VAL C 144 12.72 -75.58 -45.63
C VAL C 144 12.02 -76.25 -46.82
N ARG C 145 12.32 -77.52 -47.01
CA ARG C 145 11.72 -78.32 -48.07
C ARG C 145 11.83 -79.79 -47.68
N ALA C 146 11.13 -80.64 -48.42
CA ALA C 146 11.27 -82.07 -48.24
C ALA C 146 12.60 -82.56 -48.81
N LYS C 147 12.97 -83.78 -48.43
CA LYS C 147 14.20 -84.38 -48.94
C LYS C 147 14.12 -84.65 -50.44
N LYS C 148 12.92 -84.93 -50.94
CA LYS C 148 12.67 -85.03 -52.38
C LYS C 148 11.81 -83.84 -52.80
N GLN C 149 12.24 -83.16 -53.86
CA GLN C 149 11.59 -81.93 -54.30
C GLN C 149 10.31 -82.26 -55.07
N ARG C 150 9.17 -81.89 -54.49
CA ARG C 150 7.88 -82.02 -55.18
C ARG C 150 6.92 -81.00 -54.59
N CYS C 151 5.73 -80.93 -55.18
CA CYS C 151 4.77 -79.87 -54.84
C CYS C 151 4.14 -80.12 -53.48
N ILE C 152 4.08 -79.07 -52.67
CA ILE C 152 3.43 -79.13 -51.36
C ILE C 152 1.96 -78.75 -51.56
N ASN C 153 1.06 -79.64 -51.17
CA ASN C 153 -0.37 -79.45 -51.40
C ASN C 153 -1.16 -79.08 -50.15
N SER C 154 -0.57 -79.21 -48.97
CA SER C 154 -1.28 -78.89 -47.73
C SER C 154 -0.27 -78.49 -46.66
N LEU C 155 -0.77 -77.89 -45.59
CA LEU C 155 0.08 -77.35 -44.54
C LEU C 155 -0.74 -77.18 -43.27
N GLY C 156 -0.14 -77.57 -42.14
CA GLY C 156 -0.74 -77.39 -40.83
C GLY C 156 0.30 -77.15 -39.75
N ILE C 157 0.05 -76.19 -38.87
CA ILE C 157 0.94 -75.90 -37.75
C ILE C 157 0.15 -76.07 -36.46
N ASN C 158 0.61 -76.99 -35.60
CA ASN C 158 -0.12 -77.33 -34.39
C ASN C 158 0.14 -76.30 -33.30
N THR C 159 -0.54 -76.48 -32.16
CA THR C 159 -0.38 -75.56 -31.04
C THR C 159 0.94 -75.80 -30.31
N ASN C 160 1.33 -77.06 -30.14
CA ASN C 160 2.57 -77.36 -29.42
C ASN C 160 3.81 -77.05 -30.25
N GLY C 161 3.72 -77.15 -31.57
CA GLY C 161 4.84 -76.81 -32.42
C GLY C 161 5.03 -77.76 -33.59
N LEU C 162 4.23 -78.82 -33.65
CA LEU C 162 4.33 -79.77 -34.74
C LEU C 162 3.85 -79.14 -36.03
N ILE C 163 4.65 -79.28 -37.09
CA ILE C 163 4.34 -78.69 -38.40
C ILE C 163 4.31 -79.82 -39.41
N ALA C 164 3.13 -80.06 -39.98
CA ALA C 164 2.97 -81.10 -40.98
C ALA C 164 3.09 -80.51 -42.38
N MET C 165 3.02 -81.38 -43.39
CA MET C 165 3.25 -80.98 -44.77
C MET C 165 2.66 -82.05 -45.68
N GLY C 166 1.86 -81.62 -46.65
CA GLY C 166 1.26 -82.56 -47.59
C GLY C 166 1.91 -82.54 -48.96
N LEU C 167 2.55 -83.65 -49.32
CA LEU C 167 3.32 -83.76 -50.54
C LEU C 167 2.54 -84.52 -51.61
N ASP C 168 3.14 -84.62 -52.80
CA ASP C 168 2.54 -85.35 -53.90
C ASP C 168 2.85 -86.84 -53.75
N ARG C 169 2.46 -87.62 -54.77
CA ARG C 169 2.65 -89.07 -54.73
C ARG C 169 4.08 -89.41 -55.12
N ASN C 170 4.85 -89.94 -54.18
CA ASN C 170 6.21 -90.40 -54.44
C ASN C 170 6.32 -91.83 -53.96
N LYS C 171 6.86 -92.71 -54.81
CA LYS C 171 6.93 -94.13 -54.48
C LYS C 171 7.97 -94.40 -53.39
N HIS C 172 9.07 -93.65 -53.39
CA HIS C 172 10.16 -93.88 -52.45
C HIS C 172 10.20 -92.80 -51.36
N ASP C 173 9.06 -92.19 -51.06
CA ASP C 173 8.99 -91.16 -50.05
C ASP C 173 7.62 -91.19 -49.39
N SER C 174 7.57 -90.75 -48.13
CA SER C 174 6.34 -90.65 -47.39
C SER C 174 5.80 -89.22 -47.45
N SER C 175 4.48 -89.09 -47.61
CA SER C 175 3.89 -87.79 -47.85
C SER C 175 3.78 -86.98 -46.55
N LEU C 176 3.02 -87.48 -45.59
CA LEU C 176 2.72 -86.74 -44.37
C LEU C 176 3.96 -86.72 -43.49
N GLN C 177 4.68 -85.60 -43.50
CA GLN C 177 5.92 -85.44 -42.75
C GLN C 177 5.73 -84.39 -41.68
N ILE C 178 5.94 -84.78 -40.42
CA ILE C 178 5.73 -83.91 -39.27
C ILE C 178 7.04 -83.77 -38.53
N TRP C 179 7.40 -82.53 -38.18
CA TRP C 179 8.56 -82.24 -37.35
C TRP C 179 8.16 -81.19 -36.31
N ASP C 180 9.07 -80.91 -35.38
CA ASP C 180 8.89 -79.85 -34.42
C ASP C 180 9.86 -78.70 -34.71
N MET C 181 9.39 -77.47 -34.47
CA MET C 181 10.20 -76.29 -34.77
C MET C 181 11.41 -76.19 -33.86
N ASN C 182 11.27 -76.58 -32.59
CA ASN C 182 12.38 -76.54 -31.66
C ASN C 182 13.35 -77.71 -31.84
N TYR C 183 13.02 -78.68 -32.68
CA TYR C 183 13.85 -79.86 -32.90
C TYR C 183 14.15 -80.03 -34.37
N HIS C 184 14.55 -78.95 -35.04
CA HIS C 184 14.95 -79.00 -36.43
C HIS C 184 16.23 -78.21 -36.63
N ASP C 185 17.13 -78.73 -37.46
CA ASP C 185 18.39 -78.06 -37.76
C ASP C 185 18.17 -77.06 -38.89
N ASP C 186 18.54 -75.80 -38.65
CA ASP C 186 18.32 -74.72 -39.60
C ASP C 186 19.42 -74.63 -40.65
N SER C 187 20.45 -75.48 -40.59
CA SER C 187 21.55 -75.45 -41.54
C SER C 187 21.31 -76.37 -42.74
N HIS C 188 20.15 -77.02 -42.83
CA HIS C 188 19.86 -77.93 -43.92
C HIS C 188 18.55 -77.55 -44.58
N GLU C 189 18.52 -77.62 -45.92
CA GLU C 189 17.32 -77.30 -46.66
C GLU C 189 16.26 -78.39 -46.49
N THR C 190 16.67 -79.65 -46.53
CA THR C 190 15.74 -80.75 -46.31
C THR C 190 15.40 -80.87 -44.82
N ILE C 191 14.30 -81.55 -44.54
CA ILE C 191 13.76 -81.62 -43.20
C ILE C 191 14.11 -82.98 -42.59
N ASN C 192 13.87 -83.10 -41.28
CA ASN C 192 14.00 -84.37 -40.57
C ASN C 192 12.62 -84.82 -40.11
N PRO C 193 11.95 -85.71 -40.84
CA PRO C 193 10.57 -86.09 -40.47
C PRO C 193 10.51 -86.93 -39.21
N MET C 194 9.92 -86.38 -38.14
CA MET C 194 9.76 -87.12 -36.90
C MET C 194 8.76 -88.25 -37.06
N PHE C 195 7.68 -88.02 -37.79
CA PHE C 195 6.65 -89.02 -38.04
C PHE C 195 6.30 -88.98 -39.52
N SER C 196 6.32 -90.14 -40.18
CA SER C 196 6.07 -90.21 -41.60
C SER C 196 5.00 -91.26 -41.88
N TYR C 197 4.07 -90.93 -42.77
CA TYR C 197 3.01 -91.84 -43.19
C TYR C 197 2.73 -91.61 -44.67
N CYS C 198 1.80 -92.41 -45.20
CA CYS C 198 1.18 -92.23 -46.51
C CYS C 198 2.23 -92.28 -47.64
N THR C 199 2.91 -93.40 -47.73
CA THR C 199 3.81 -93.63 -48.85
C THR C 199 3.03 -93.91 -50.12
N ASN C 200 3.59 -93.46 -51.25
CA ASN C 200 3.01 -93.64 -52.59
C ASN C 200 1.61 -93.04 -52.68
N GLU C 201 1.41 -91.91 -52.02
CA GLU C 201 0.12 -91.22 -52.01
C GLU C 201 0.35 -89.72 -52.08
N SER C 202 -0.62 -89.01 -52.60
CA SER C 202 -0.58 -87.55 -52.72
C SER C 202 -1.56 -86.94 -51.73
N ILE C 203 -1.05 -86.47 -50.59
CA ILE C 203 -1.90 -85.88 -49.56
C ILE C 203 -2.29 -84.48 -50.01
N VAL C 204 -3.59 -84.24 -50.10
CA VAL C 204 -4.11 -82.96 -50.60
C VAL C 204 -4.65 -82.06 -49.50
N SER C 205 -4.98 -82.60 -48.32
CA SER C 205 -5.51 -81.81 -47.23
C SER C 205 -5.16 -82.45 -45.91
N LEU C 206 -4.84 -81.61 -44.93
CA LEU C 206 -4.52 -82.07 -43.59
C LEU C 206 -4.81 -80.95 -42.59
N LYS C 207 -5.10 -81.35 -41.36
CA LYS C 207 -5.39 -80.40 -40.29
C LYS C 207 -5.15 -81.08 -38.95
N PHE C 208 -4.71 -80.29 -37.98
CA PHE C 208 -4.33 -80.80 -36.66
C PHE C 208 -5.55 -80.77 -35.75
N LEU C 209 -6.06 -81.95 -35.39
CA LEU C 209 -7.22 -82.02 -34.51
C LEU C 209 -6.87 -81.64 -33.08
N ASN C 210 -5.75 -82.16 -32.58
CA ASN C 210 -5.31 -81.93 -31.21
C ASN C 210 -3.80 -81.72 -31.23
N ASP C 211 -3.20 -81.74 -30.04
CA ASP C 211 -1.75 -81.62 -29.93
C ASP C 211 -1.00 -82.85 -30.43
N THR C 212 -1.69 -83.97 -30.61
CA THR C 212 -1.05 -85.21 -31.04
C THR C 212 -1.56 -85.70 -32.39
N SER C 213 -2.88 -85.80 -32.57
CA SER C 213 -3.41 -86.41 -33.77
C SER C 213 -3.47 -85.40 -34.92
N VAL C 214 -3.56 -85.92 -36.14
CA VAL C 214 -3.73 -85.12 -37.35
C VAL C 214 -4.67 -85.85 -38.29
N LEU C 215 -5.57 -85.10 -38.92
CA LEU C 215 -6.55 -85.65 -39.87
C LEU C 215 -6.11 -85.27 -41.28
N ALA C 216 -5.57 -86.22 -42.01
CA ALA C 216 -5.06 -86.00 -43.35
C ALA C 216 -5.90 -86.76 -44.37
N ALA C 217 -6.01 -86.19 -45.57
CA ALA C 217 -6.79 -86.80 -46.65
C ALA C 217 -5.92 -86.93 -47.89
N SER C 218 -5.82 -88.15 -48.40
CA SER C 218 -5.09 -88.42 -49.63
C SER C 218 -6.02 -88.20 -50.82
N THR C 219 -5.60 -88.64 -52.01
CA THR C 219 -6.45 -88.53 -53.18
C THR C 219 -7.60 -89.54 -53.16
N LYS C 220 -7.54 -90.56 -52.31
CA LYS C 220 -8.60 -91.56 -52.26
C LYS C 220 -9.04 -91.96 -50.87
N PHE C 221 -8.38 -91.51 -49.80
CA PHE C 221 -8.68 -91.98 -48.46
C PHE C 221 -8.76 -90.81 -47.49
N LEU C 222 -9.54 -91.01 -46.43
CA LEU C 222 -9.60 -90.10 -45.29
C LEU C 222 -8.93 -90.80 -44.11
N LYS C 223 -7.85 -90.21 -43.60
CA LYS C 223 -7.01 -90.85 -42.59
C LYS C 223 -7.01 -90.00 -41.33
N GLU C 224 -7.21 -90.66 -40.19
CA GLU C 224 -7.07 -90.06 -38.87
C GLU C 224 -5.86 -90.71 -38.21
N ILE C 225 -4.70 -90.10 -38.38
CA ILE C 225 -3.42 -90.66 -37.95
C ILE C 225 -2.95 -89.91 -36.71
N ASP C 226 -2.64 -90.67 -35.66
CA ASP C 226 -2.05 -90.12 -34.45
C ASP C 226 -0.54 -90.32 -34.48
N VAL C 227 0.16 -89.52 -33.65
CA VAL C 227 1.60 -89.71 -33.50
C VAL C 227 1.95 -90.67 -32.38
N ARG C 228 1.01 -90.99 -31.50
CA ARG C 228 1.27 -91.96 -30.44
C ARG C 228 1.27 -93.39 -30.93
N SER C 229 0.67 -93.65 -32.09
CA SER C 229 0.63 -94.98 -32.69
C SER C 229 0.84 -94.86 -34.19
N PRO C 230 1.60 -95.78 -34.79
CA PRO C 230 1.77 -95.75 -36.25
C PRO C 230 0.54 -96.19 -37.02
N ASN C 231 -0.44 -96.81 -36.37
CA ASN C 231 -1.64 -97.27 -37.06
C ASN C 231 -2.68 -96.16 -37.08
N PRO C 232 -3.16 -95.74 -38.26
CA PRO C 232 -4.26 -94.77 -38.31
C PRO C 232 -5.55 -95.38 -37.79
N ILE C 233 -6.44 -94.49 -37.32
CA ILE C 233 -7.70 -94.94 -36.74
C ILE C 233 -8.62 -95.51 -37.81
N TYR C 234 -8.73 -94.84 -38.96
CA TYR C 234 -9.56 -95.35 -40.04
C TYR C 234 -9.03 -94.84 -41.37
N GLN C 235 -9.42 -95.52 -42.45
CA GLN C 235 -9.07 -95.14 -43.82
C GLN C 235 -10.29 -95.40 -44.69
N HIS C 236 -11.10 -94.35 -44.90
CA HIS C 236 -12.35 -94.52 -45.64
C HIS C 236 -12.13 -94.21 -47.12
N PRO C 237 -12.51 -95.12 -48.02
CA PRO C 237 -12.32 -94.86 -49.47
C PRO C 237 -13.43 -93.98 -50.02
N THR C 238 -13.06 -92.76 -50.41
CA THR C 238 -13.99 -91.81 -51.00
C THR C 238 -13.22 -90.83 -51.87
N ARG C 239 -13.94 -90.16 -52.75
CA ARG C 239 -13.35 -89.14 -53.61
C ARG C 239 -13.41 -87.75 -53.01
N LEU C 240 -14.35 -87.49 -52.11
CA LEU C 240 -14.55 -86.15 -51.55
C LEU C 240 -13.58 -85.97 -50.38
N THR C 241 -12.35 -85.58 -50.72
CA THR C 241 -11.25 -85.52 -49.77
C THR C 241 -10.47 -84.22 -49.84
N TYR C 242 -11.08 -83.14 -50.30
CA TYR C 242 -10.38 -81.88 -50.52
C TYR C 242 -10.79 -80.85 -49.47
N ASP C 243 -9.79 -80.17 -48.89
CA ASP C 243 -9.96 -79.02 -48.00
C ASP C 243 -10.80 -79.36 -46.77
N ILE C 244 -10.21 -80.20 -45.91
CA ILE C 244 -10.81 -80.50 -44.61
C ILE C 244 -10.85 -79.22 -43.77
N LYS C 245 -12.06 -78.77 -43.45
CA LYS C 245 -12.28 -77.61 -42.59
C LYS C 245 -12.98 -78.04 -41.31
N LEU C 246 -12.47 -77.59 -40.17
CA LEU C 246 -12.98 -77.97 -38.86
C LEU C 246 -13.97 -76.93 -38.34
N ASN C 247 -15.09 -77.41 -37.82
CA ASN C 247 -16.10 -76.55 -37.20
C ASN C 247 -15.57 -76.01 -35.88
N PRO C 248 -15.55 -74.69 -35.67
CA PRO C 248 -15.01 -74.14 -34.41
C PRO C 248 -15.84 -74.45 -33.17
N PHE C 249 -17.03 -75.05 -33.31
CA PHE C 249 -17.85 -75.42 -32.16
C PHE C 249 -17.86 -76.92 -31.91
N ASN C 250 -18.08 -77.73 -32.96
CA ASN C 250 -18.09 -79.18 -32.83
C ASN C 250 -16.78 -79.73 -33.37
N ASP C 251 -16.00 -80.38 -32.51
CA ASP C 251 -14.70 -80.90 -32.88
C ASP C 251 -14.77 -82.23 -33.61
N TRP C 252 -15.93 -82.89 -33.62
CA TRP C 252 -16.09 -84.19 -34.25
C TRP C 252 -16.67 -84.08 -35.66
N GLN C 253 -16.79 -82.88 -36.20
CA GLN C 253 -17.37 -82.66 -37.51
C GLN C 253 -16.40 -81.92 -38.42
N PHE C 254 -16.31 -82.36 -39.67
CA PHE C 254 -15.49 -81.69 -40.66
C PHE C 254 -16.15 -81.86 -42.02
N SER C 255 -15.79 -80.98 -42.95
CA SER C 255 -16.41 -80.94 -44.27
C SER C 255 -15.35 -80.92 -45.37
N THR C 256 -15.50 -81.80 -46.34
CA THR C 256 -14.64 -81.85 -47.52
C THR C 256 -15.51 -81.64 -48.75
N TYR C 257 -14.87 -81.66 -49.92
CA TYR C 257 -15.59 -81.68 -51.19
C TYR C 257 -14.72 -82.39 -52.23
N GLY C 258 -15.23 -82.46 -53.45
CA GLY C 258 -14.55 -83.19 -54.51
C GLY C 258 -14.35 -82.40 -55.79
N ASP C 259 -13.95 -83.11 -56.86
CA ASP C 259 -13.72 -82.46 -58.14
C ASP C 259 -15.02 -81.98 -58.78
N ASP C 260 -16.12 -82.70 -58.54
CA ASP C 260 -17.43 -82.32 -59.05
C ASP C 260 -18.14 -81.31 -58.17
N GLY C 261 -17.52 -80.87 -57.08
CA GLY C 261 -18.15 -79.92 -56.19
C GLY C 261 -19.08 -80.52 -55.17
N THR C 262 -19.14 -81.85 -55.07
CA THR C 262 -20.04 -82.53 -54.15
C THR C 262 -19.47 -82.39 -52.74
N LEU C 263 -19.89 -81.34 -52.05
CA LEU C 263 -19.47 -81.15 -50.67
C LEU C 263 -20.16 -82.17 -49.77
N ALA C 264 -19.46 -82.56 -48.71
CA ALA C 264 -20.03 -83.53 -47.76
C ALA C 264 -19.50 -83.26 -46.36
N ILE C 265 -20.40 -83.14 -45.40
CA ILE C 265 -20.04 -83.03 -43.99
C ILE C 265 -19.86 -84.43 -43.44
N TRP C 266 -18.70 -84.70 -42.85
CA TRP C 266 -18.41 -86.01 -42.27
C TRP C 266 -18.40 -85.93 -40.75
N ASP C 267 -18.65 -87.08 -40.13
CA ASP C 267 -18.45 -87.28 -38.71
C ASP C 267 -17.34 -88.30 -38.51
N ARG C 268 -16.37 -87.97 -37.66
CA ARG C 268 -15.27 -88.89 -37.40
C ARG C 268 -15.74 -90.16 -36.71
N ARG C 269 -16.68 -90.02 -35.77
CA ARG C 269 -17.19 -91.18 -35.04
C ARG C 269 -18.11 -92.05 -35.90
N LYS C 270 -18.65 -91.50 -36.99
CA LYS C 270 -19.42 -92.31 -37.93
C LYS C 270 -18.50 -93.14 -38.81
N LEU C 271 -17.36 -92.57 -39.21
CA LEU C 271 -16.38 -93.29 -40.02
C LEU C 271 -15.58 -94.31 -39.22
N SER C 272 -15.33 -94.04 -37.94
CA SER C 272 -14.55 -94.99 -37.13
C SER C 272 -15.30 -96.29 -36.90
N ASP C 273 -16.62 -96.20 -36.69
CA ASP C 273 -17.51 -97.35 -36.45
C ASP C 273 -17.08 -98.22 -35.27
N ALA C 283 -20.40 -96.18 -42.93
CA ALA C 283 -19.51 -95.03 -42.93
C ALA C 283 -19.98 -93.97 -43.92
N SER C 284 -21.30 -93.72 -43.93
CA SER C 284 -21.87 -92.72 -44.80
C SER C 284 -21.50 -91.32 -44.31
N PRO C 285 -21.49 -90.32 -45.20
CA PRO C 285 -21.34 -88.94 -44.76
C PRO C 285 -22.55 -88.49 -43.95
N LEU C 286 -22.31 -87.57 -43.02
CA LEU C 286 -23.41 -86.99 -42.25
C LEU C 286 -24.35 -86.20 -43.15
N LEU C 287 -23.80 -85.38 -44.05
CA LEU C 287 -24.59 -84.68 -45.04
C LEU C 287 -23.88 -84.75 -46.38
N THR C 288 -24.65 -84.60 -47.45
CA THR C 288 -24.11 -84.47 -48.80
C THR C 288 -24.77 -83.30 -49.49
N PHE C 289 -24.06 -82.71 -50.46
CA PHE C 289 -24.58 -81.59 -51.25
C PHE C 289 -24.06 -81.76 -52.67
N GLU C 290 -24.90 -82.25 -53.57
CA GLU C 290 -24.48 -82.51 -54.94
C GLU C 290 -24.32 -81.19 -55.69
N LYS C 291 -23.12 -80.99 -56.26
CA LYS C 291 -22.78 -79.83 -57.10
C LYS C 291 -22.99 -78.52 -56.35
N LEU C 292 -22.41 -78.45 -55.15
CA LEU C 292 -22.58 -77.28 -54.29
C LEU C 292 -21.54 -76.21 -54.53
N VAL C 293 -20.28 -76.60 -54.66
CA VAL C 293 -19.17 -75.65 -54.75
C VAL C 293 -18.51 -75.78 -56.11
N GLY C 294 -17.49 -74.96 -56.36
CA GLY C 294 -16.86 -74.93 -57.66
C GLY C 294 -16.01 -76.17 -57.93
N SER C 295 -15.79 -76.42 -59.21
CA SER C 295 -15.02 -77.57 -59.64
C SER C 295 -13.54 -77.23 -59.71
N GLY C 296 -12.74 -78.10 -60.32
CA GLY C 296 -11.31 -77.88 -60.43
C GLY C 296 -10.49 -78.35 -59.25
N ALA C 297 -11.01 -79.25 -58.42
CA ALA C 297 -10.23 -79.75 -57.29
C ALA C 297 -9.10 -80.67 -57.75
N ALA C 298 -9.40 -81.58 -58.68
CA ALA C 298 -8.41 -82.53 -59.17
C ALA C 298 -7.61 -81.99 -60.35
N SER C 299 -7.90 -80.77 -60.80
CA SER C 299 -7.22 -80.17 -61.93
C SER C 299 -6.39 -78.95 -61.57
N ARG C 300 -6.92 -78.05 -60.74
CA ARG C 300 -6.22 -76.83 -60.35
C ARG C 300 -5.85 -76.90 -58.87
N LYS C 301 -4.58 -76.64 -58.58
CA LYS C 301 -4.12 -76.64 -57.19
C LYS C 301 -4.38 -75.31 -56.50
N TYR C 302 -4.86 -74.31 -57.21
CA TYR C 302 -5.16 -72.98 -56.66
C TYR C 302 -6.68 -72.84 -56.69
N MET C 303 -7.31 -73.07 -55.54
CA MET C 303 -8.76 -73.08 -55.43
C MET C 303 -9.23 -71.88 -54.61
N ASN C 304 -10.36 -71.32 -55.01
CA ASN C 304 -11.00 -70.27 -54.23
C ASN C 304 -11.91 -70.92 -53.20
N SER C 305 -11.73 -70.53 -51.93
CA SER C 305 -12.52 -71.12 -50.87
C SER C 305 -13.95 -70.62 -50.92
N CYS C 306 -14.81 -71.37 -51.61
CA CYS C 306 -16.21 -71.00 -51.78
C CYS C 306 -17.12 -71.74 -50.79
N PHE C 307 -16.61 -71.98 -49.58
CA PHE C 307 -17.39 -72.58 -48.50
C PHE C 307 -16.63 -72.28 -47.20
N ARG C 308 -17.34 -71.69 -46.23
CA ARG C 308 -16.75 -71.33 -44.95
C ARG C 308 -17.68 -71.75 -43.83
N TRP C 309 -17.12 -72.38 -42.80
CA TRP C 309 -17.90 -72.70 -41.62
C TRP C 309 -18.22 -71.43 -40.85
N SER C 310 -19.39 -71.39 -40.23
CA SER C 310 -19.81 -70.22 -39.46
C SER C 310 -19.03 -70.13 -38.17
N CYS C 311 -18.51 -68.94 -37.87
CA CYS C 311 -17.79 -68.69 -36.63
C CYS C 311 -18.64 -68.00 -35.58
N VAL C 312 -19.94 -67.84 -35.82
CA VAL C 312 -20.81 -67.10 -34.93
C VAL C 312 -21.84 -67.99 -34.22
N ARG C 313 -22.25 -69.10 -34.82
CA ARG C 313 -23.19 -70.01 -34.18
C ARG C 313 -23.04 -71.39 -34.76
N ASN C 314 -23.40 -72.40 -33.96
CA ASN C 314 -23.24 -73.79 -34.35
C ASN C 314 -24.27 -74.17 -35.40
N ASN C 315 -23.99 -75.29 -36.10
CA ASN C 315 -24.87 -75.88 -37.11
C ASN C 315 -25.20 -74.90 -38.24
N GLU C 316 -24.21 -74.11 -38.64
CA GLU C 316 -24.38 -73.15 -39.73
C GLU C 316 -23.12 -73.11 -40.58
N PHE C 317 -23.30 -72.83 -41.86
CA PHE C 317 -22.18 -72.56 -42.76
C PHE C 317 -22.69 -71.71 -43.91
N ALA C 318 -21.74 -71.10 -44.62
CA ALA C 318 -22.05 -70.24 -45.75
C ALA C 318 -21.31 -70.74 -46.98
N THR C 319 -21.99 -70.73 -48.12
CA THR C 319 -21.40 -71.08 -49.39
C THR C 319 -21.59 -69.94 -50.38
N LEU C 320 -20.67 -69.86 -51.33
CA LEU C 320 -20.68 -68.83 -52.37
C LEU C 320 -20.97 -69.48 -53.72
N HIS C 321 -21.97 -68.96 -54.41
CA HIS C 321 -22.42 -69.54 -55.68
C HIS C 321 -22.38 -68.47 -56.75
N ARG C 322 -21.71 -68.78 -57.87
CA ARG C 322 -21.58 -67.92 -59.05
C ARG C 322 -20.91 -66.57 -58.75
N GLY C 323 -20.20 -66.45 -57.64
CA GLY C 323 -19.48 -65.23 -57.33
C GLY C 323 -20.31 -64.01 -57.00
N ASP C 324 -21.62 -64.14 -56.86
CA ASP C 324 -22.44 -62.96 -56.59
C ASP C 324 -23.35 -63.11 -55.38
N THR C 325 -23.89 -64.30 -55.14
CA THR C 325 -24.80 -64.53 -54.02
C THR C 325 -24.14 -65.44 -52.99
N ILE C 326 -24.51 -65.23 -51.73
CA ILE C 326 -24.00 -66.03 -50.62
C ILE C 326 -25.20 -66.66 -49.92
N LYS C 327 -25.18 -67.99 -49.79
CA LYS C 327 -26.24 -68.75 -49.14
C LYS C 327 -25.73 -69.23 -47.79
N ARG C 328 -26.44 -68.87 -46.72
CA ARG C 328 -26.14 -69.37 -45.38
C ARG C 328 -27.11 -70.50 -45.07
N TRP C 329 -26.58 -71.70 -44.92
CA TRP C 329 -27.36 -72.89 -44.62
C TRP C 329 -27.32 -73.16 -43.12
N ARG C 330 -28.48 -73.11 -42.47
CA ARG C 330 -28.59 -73.43 -41.05
C ARG C 330 -29.05 -74.87 -40.88
N LEU C 331 -28.35 -75.62 -40.03
CA LEU C 331 -28.57 -77.04 -39.89
C LEU C 331 -29.38 -77.36 -38.65
N GLY C 332 -30.11 -78.46 -38.72
CA GLY C 332 -30.82 -79.00 -37.58
C GLY C 332 -30.26 -80.36 -37.22
N TYR C 333 -30.38 -80.72 -35.94
CA TYR C 333 -29.81 -81.97 -35.46
C TYR C 333 -30.81 -82.69 -34.56
N TYR C 334 -30.85 -84.01 -34.69
CA TYR C 334 -31.66 -84.87 -33.85
C TYR C 334 -30.86 -86.11 -33.48
N CYS C 335 -30.97 -86.54 -32.23
CA CYS C 335 -30.24 -87.70 -31.73
C CYS C 335 -31.21 -88.87 -31.59
N ASP C 336 -30.83 -90.01 -32.16
CA ASP C 336 -31.66 -91.23 -32.11
C ASP C 336 -31.33 -91.98 -30.83
N SER C 337 -32.07 -91.69 -29.78
CA SER C 337 -31.87 -92.33 -28.49
C SER C 337 -33.18 -92.46 -27.72
N ASN C 350 -24.93 -89.16 -28.85
CA ASN C 350 -23.80 -88.28 -29.12
C ASN C 350 -23.74 -87.90 -30.60
N ILE C 351 -24.06 -88.87 -31.45
CA ILE C 351 -24.05 -88.66 -32.89
C ILE C 351 -25.36 -88.01 -33.30
N GLU C 352 -25.26 -86.86 -33.97
CA GLU C 352 -26.42 -86.08 -34.41
C GLU C 352 -26.51 -86.16 -35.93
N ASN C 353 -27.62 -86.69 -36.43
CA ASN C 353 -27.85 -86.78 -37.87
C ASN C 353 -28.32 -85.42 -38.35
N LEU C 354 -27.48 -84.73 -39.11
CA LEU C 354 -27.75 -83.36 -39.52
C LEU C 354 -28.75 -83.33 -40.68
N PHE C 355 -29.49 -82.22 -40.75
CA PHE C 355 -30.34 -81.93 -41.90
C PHE C 355 -30.51 -80.42 -42.00
N VAL C 356 -30.70 -79.94 -43.23
CA VAL C 356 -30.76 -78.50 -43.50
C VAL C 356 -32.15 -78.00 -43.15
N SER C 357 -32.22 -76.98 -42.29
CA SER C 357 -33.49 -76.40 -41.89
C SER C 357 -33.87 -75.22 -42.78
N SER C 358 -33.03 -74.18 -42.81
CA SER C 358 -33.33 -72.96 -43.54
C SER C 358 -32.12 -72.51 -44.34
N VAL C 359 -32.39 -71.90 -45.49
CA VAL C 359 -31.36 -71.35 -46.37
C VAL C 359 -31.64 -69.86 -46.53
N HIS C 360 -30.66 -69.03 -46.19
CA HIS C 360 -30.77 -67.59 -46.27
C HIS C 360 -29.85 -67.07 -47.37
N ASP C 361 -30.42 -66.31 -48.30
CA ASP C 361 -29.68 -65.79 -49.44
C ASP C 361 -29.36 -64.31 -49.23
N THR C 362 -28.10 -63.94 -49.43
CA THR C 362 -27.65 -62.56 -49.35
C THR C 362 -26.88 -62.23 -50.62
N ASN C 363 -27.22 -61.11 -51.25
CA ASN C 363 -26.49 -60.65 -52.43
C ASN C 363 -25.36 -59.72 -52.01
N THR C 364 -24.19 -59.94 -52.61
CA THR C 364 -23.03 -59.12 -52.32
C THR C 364 -23.18 -57.72 -52.90
N MET C 365 -22.38 -56.79 -52.35
CA MET C 365 -22.40 -55.41 -52.84
C MET C 365 -21.87 -55.33 -54.27
N TYR C 366 -20.77 -56.01 -54.56
CA TYR C 366 -20.17 -56.04 -55.88
C TYR C 366 -20.02 -57.48 -56.34
N ASP C 367 -20.22 -57.70 -57.64
CA ASP C 367 -20.17 -59.05 -58.19
C ASP C 367 -18.71 -59.50 -58.38
N ARG C 368 -18.55 -60.70 -58.94
CA ARG C 368 -17.25 -61.32 -59.22
C ARG C 368 -16.39 -61.44 -57.97
N VAL C 369 -16.88 -62.23 -57.02
CA VAL C 369 -16.19 -62.49 -55.76
C VAL C 369 -15.64 -63.92 -55.80
N ALA C 370 -14.36 -64.07 -55.45
CA ALA C 370 -13.74 -65.38 -55.46
C ALA C 370 -13.83 -66.08 -54.11
N THR C 371 -13.57 -65.37 -53.02
CA THR C 371 -13.63 -65.96 -51.69
C THR C 371 -14.11 -64.92 -50.69
N PHE C 372 -14.59 -65.41 -49.55
CA PHE C 372 -15.12 -64.55 -48.50
C PHE C 372 -14.71 -65.08 -47.14
N ASP C 373 -15.03 -64.31 -46.10
CA ASP C 373 -14.76 -64.71 -44.72
C ASP C 373 -15.73 -64.00 -43.80
N TYR C 374 -15.98 -64.62 -42.65
CA TYR C 374 -16.89 -64.07 -41.65
C TYR C 374 -16.21 -62.97 -40.85
N ILE C 375 -17.03 -62.19 -40.14
CA ILE C 375 -16.55 -61.21 -39.18
C ILE C 375 -17.38 -61.39 -37.90
N PRO C 376 -16.77 -61.75 -36.78
CA PRO C 376 -17.53 -61.84 -35.51
C PRO C 376 -17.81 -60.46 -34.95
N ARG C 377 -19.09 -60.11 -34.89
CA ARG C 377 -19.56 -58.81 -34.46
C ARG C 377 -20.15 -58.89 -33.06
N SER C 378 -20.38 -57.71 -32.48
CA SER C 378 -21.04 -57.63 -31.18
C SER C 378 -22.52 -57.91 -31.33
N ASN C 379 -23.11 -58.42 -30.24
CA ASN C 379 -24.53 -58.79 -30.16
C ASN C 379 -24.92 -59.79 -31.25
N ASN C 380 -24.03 -60.76 -31.49
CA ASN C 380 -24.25 -61.88 -32.40
C ASN C 380 -24.53 -61.44 -33.83
N GLY C 381 -23.92 -60.33 -34.25
CA GLY C 381 -24.06 -59.88 -35.62
C GLY C 381 -23.15 -60.60 -36.57
N THR C 382 -23.41 -60.39 -37.87
CA THR C 382 -22.65 -61.03 -38.93
C THR C 382 -22.33 -60.02 -40.02
N SER C 383 -21.06 -59.97 -40.41
CA SER C 383 -20.63 -59.25 -41.60
C SER C 383 -19.66 -60.13 -42.36
N LEU C 384 -19.58 -59.93 -43.67
CA LEU C 384 -18.78 -60.78 -44.53
C LEU C 384 -17.72 -59.94 -45.23
N ILE C 385 -16.47 -60.14 -44.86
CA ILE C 385 -15.35 -59.58 -45.61
C ILE C 385 -15.06 -60.49 -46.79
N CYS C 386 -14.99 -59.91 -47.98
CA CYS C 386 -14.89 -60.67 -49.21
C CYS C 386 -13.77 -60.12 -50.08
N MET C 387 -13.11 -61.02 -50.79
CA MET C 387 -12.05 -60.65 -51.73
C MET C 387 -12.50 -61.00 -53.14
N ARG C 388 -12.40 -60.02 -54.03
CA ARG C 388 -12.90 -60.17 -55.39
C ARG C 388 -11.93 -61.00 -56.23
N GLN C 389 -12.31 -61.21 -57.50
CA GLN C 389 -11.43 -61.91 -58.42
C GLN C 389 -10.21 -61.07 -58.77
N SER C 390 -10.33 -59.74 -58.67
CA SER C 390 -9.21 -58.85 -58.91
C SER C 390 -8.37 -58.60 -57.67
N GLY C 391 -8.71 -59.20 -56.53
CA GLY C 391 -7.95 -59.03 -55.32
C GLY C 391 -8.40 -57.88 -54.44
N THR C 392 -9.37 -57.08 -54.89
CA THR C 392 -9.90 -56.01 -54.06
C THR C 392 -10.71 -56.58 -52.90
N ILE C 393 -10.45 -56.08 -51.70
CA ILE C 393 -11.08 -56.58 -50.48
C ILE C 393 -12.04 -55.51 -49.97
N TYR C 394 -13.31 -55.88 -49.82
CA TYR C 394 -14.32 -55.00 -49.26
C TYR C 394 -15.09 -55.71 -48.16
N ARG C 395 -16.17 -55.10 -47.67
CA ARG C 395 -16.86 -55.60 -46.49
C ARG C 395 -18.35 -55.49 -46.73
N MET C 396 -19.03 -56.64 -46.73
CA MET C 396 -20.45 -56.73 -47.03
C MET C 396 -21.23 -57.08 -45.77
N PRO C 397 -22.04 -56.18 -45.24
CA PRO C 397 -22.84 -56.50 -44.04
C PRO C 397 -24.02 -57.39 -44.38
N ILE C 398 -24.45 -58.15 -43.38
CA ILE C 398 -25.61 -59.04 -43.49
C ILE C 398 -26.81 -58.29 -42.92
N SER C 399 -27.86 -58.19 -43.72
CA SER C 399 -29.05 -57.47 -43.30
C SER C 399 -29.81 -58.21 -42.21
N GLU C 400 -30.43 -57.45 -41.31
CA GLU C 400 -31.22 -58.00 -40.22
C GLU C 400 -32.64 -58.28 -40.73
N VAL C 401 -32.86 -59.52 -41.15
CA VAL C 401 -34.13 -59.92 -41.74
C VAL C 401 -35.07 -60.35 -40.62
N CYS C 402 -36.28 -59.81 -40.63
CA CYS C 402 -37.27 -60.14 -39.61
C CYS C 402 -37.79 -61.56 -39.81
N SER C 403 -37.82 -62.34 -38.74
CA SER C 403 -38.24 -63.73 -38.82
C SER C 403 -39.73 -63.90 -38.56
N LYS C 404 -40.27 -63.18 -37.59
CA LYS C 404 -41.68 -63.32 -37.22
C LYS C 404 -42.24 -61.96 -36.86
N ALA C 405 -43.38 -61.61 -37.46
CA ALA C 405 -44.06 -60.34 -37.18
C ALA C 405 -45.50 -60.68 -36.81
N ILE C 406 -45.72 -60.94 -35.53
CA ILE C 406 -47.04 -61.31 -35.04
C ILE C 406 -47.78 -60.05 -34.61
N LEU C 407 -49.10 -60.08 -34.76
CA LEU C 407 -49.95 -59.00 -34.32
C LEU C 407 -50.58 -59.37 -32.98
N ASN C 408 -51.51 -58.55 -32.51
CA ASN C 408 -52.06 -58.72 -31.18
C ASN C 408 -53.52 -58.24 -31.19
N ASN C 409 -54.24 -58.60 -30.13
CA ASN C 409 -55.59 -58.07 -29.95
C ASN C 409 -55.57 -56.58 -29.63
N ARG C 410 -54.51 -56.09 -29.00
CA ARG C 410 -54.34 -54.69 -28.67
C ARG C 410 -53.64 -53.90 -29.78
N ASN C 411 -53.53 -54.48 -30.98
CA ASN C 411 -52.85 -53.87 -32.14
C ASN C 411 -51.40 -53.52 -31.82
N SER C 412 -50.66 -54.51 -31.31
CA SER C 412 -49.25 -54.38 -31.01
C SER C 412 -48.45 -55.32 -31.92
N LEU C 413 -47.37 -54.81 -32.50
CA LEU C 413 -46.54 -55.58 -33.42
C LEU C 413 -45.29 -56.05 -32.70
N LEU C 414 -44.96 -57.33 -32.86
CA LEU C 414 -43.80 -57.93 -32.23
C LEU C 414 -42.91 -58.52 -33.31
N LEU C 415 -41.64 -58.12 -33.31
CA LEU C 415 -40.71 -58.43 -34.40
C LEU C 415 -39.54 -59.24 -33.88
N SER C 416 -39.27 -60.37 -34.51
CA SER C 416 -38.14 -61.21 -34.16
C SER C 416 -37.20 -61.33 -35.36
N ASN C 417 -35.91 -61.42 -35.09
CA ASN C 417 -34.88 -61.35 -36.13
C ASN C 417 -34.20 -62.69 -36.31
N PHE C 418 -33.66 -62.89 -37.52
CA PHE C 418 -32.88 -64.08 -37.84
C PHE C 418 -31.45 -64.03 -37.33
N GLU C 419 -31.00 -62.90 -36.79
CA GLU C 419 -29.59 -62.74 -36.43
C GLU C 419 -29.38 -62.63 -34.92
N ASN C 420 -29.99 -61.64 -34.27
CA ASN C 420 -29.70 -61.38 -32.87
C ASN C 420 -30.77 -62.00 -31.98
N THR C 421 -30.73 -61.65 -30.69
CA THR C 421 -31.59 -62.23 -29.67
C THR C 421 -32.80 -61.36 -29.34
N GLU C 422 -32.64 -60.04 -29.37
CA GLU C 422 -33.66 -59.12 -28.87
C GLU C 422 -34.90 -59.12 -29.76
N ILE C 423 -36.02 -58.72 -29.16
CA ILE C 423 -37.33 -58.74 -29.79
C ILE C 423 -37.88 -57.31 -29.81
N ASP C 424 -38.31 -56.86 -30.98
CA ASP C 424 -38.80 -55.50 -31.16
C ASP C 424 -40.31 -55.45 -30.95
N GLU C 425 -40.78 -54.41 -30.26
CA GLU C 425 -42.18 -54.26 -29.91
C GLU C 425 -42.66 -52.87 -30.31
N ILE C 426 -43.78 -52.81 -31.03
CA ILE C 426 -44.40 -51.55 -31.45
C ILE C 426 -45.75 -51.47 -30.75
N ARG C 427 -45.80 -50.76 -29.63
CA ARG C 427 -47.03 -50.61 -28.88
C ARG C 427 -47.98 -49.64 -29.57
N VAL C 428 -49.23 -49.63 -29.13
CA VAL C 428 -50.25 -48.78 -29.73
C VAL C 428 -50.46 -47.49 -28.93
N ASN C 429 -50.05 -47.46 -27.66
CA ASN C 429 -50.24 -46.33 -26.75
C ASN C 429 -51.70 -45.86 -26.67
N PHE C 496 -47.02 -42.76 -47.25
CA PHE C 496 -47.12 -43.86 -46.31
C PHE C 496 -47.45 -43.37 -44.91
N TRP C 497 -48.29 -44.13 -44.21
CA TRP C 497 -48.69 -43.79 -42.85
C TRP C 497 -47.56 -44.06 -41.86
N LYS C 498 -47.72 -43.53 -40.66
CA LYS C 498 -46.88 -43.98 -39.57
C LYS C 498 -47.44 -45.30 -39.03
N PRO C 499 -46.58 -46.15 -38.45
CA PRO C 499 -47.08 -47.43 -37.91
C PRO C 499 -48.04 -47.27 -36.75
N GLU C 500 -47.69 -46.46 -35.75
CA GLU C 500 -48.54 -46.27 -34.58
C GLU C 500 -49.86 -45.60 -34.96
N LYS C 501 -49.84 -44.69 -35.92
CA LYS C 501 -51.08 -44.04 -36.34
C LYS C 501 -52.01 -45.01 -37.07
N LEU C 502 -51.44 -45.91 -37.88
CA LEU C 502 -52.26 -46.91 -38.55
C LEU C 502 -52.81 -47.93 -37.57
N LEU C 503 -52.02 -48.30 -36.54
CA LEU C 503 -52.51 -49.20 -35.53
C LEU C 503 -53.52 -48.54 -34.60
N GLU C 504 -53.48 -47.22 -34.48
CA GLU C 504 -54.47 -46.51 -33.67
C GLU C 504 -55.75 -46.22 -34.45
N LYS C 505 -55.67 -46.14 -35.77
CA LYS C 505 -56.85 -45.90 -36.59
C LYS C 505 -57.55 -47.18 -37.00
N ASP C 506 -56.99 -48.35 -36.67
CA ASP C 506 -57.66 -49.61 -36.99
C ASP C 506 -58.88 -49.80 -36.11
N ILE C 507 -59.84 -50.58 -36.63
CA ILE C 507 -61.13 -50.75 -35.95
C ILE C 507 -61.03 -51.63 -34.73
N SER C 508 -59.94 -52.38 -34.57
CA SER C 508 -59.77 -53.22 -33.38
C SER C 508 -59.63 -52.39 -32.12
N VAL C 509 -58.74 -51.39 -32.14
CA VAL C 509 -58.54 -50.58 -30.95
C VAL C 509 -59.69 -49.60 -30.76
N ILE C 510 -60.37 -49.21 -31.85
CA ILE C 510 -61.59 -48.41 -31.74
C ILE C 510 -62.68 -49.21 -31.03
N MET C 511 -62.86 -50.48 -31.43
CA MET C 511 -63.83 -51.34 -30.76
C MET C 511 -63.46 -51.59 -29.32
N ARG C 512 -62.16 -51.71 -29.03
CA ARG C 512 -61.71 -51.91 -27.66
C ARG C 512 -62.01 -50.69 -26.78
N THR C 513 -61.74 -49.49 -27.29
CA THR C 513 -62.03 -48.27 -26.54
C THR C 513 -63.53 -48.07 -26.36
N ARG C 514 -64.32 -48.37 -27.38
CA ARG C 514 -65.77 -48.27 -27.27
C ARG C 514 -66.32 -49.27 -26.26
N ALA C 515 -65.82 -50.51 -26.28
CA ALA C 515 -66.27 -51.51 -25.32
C ALA C 515 -65.84 -51.15 -23.89
N SER C 516 -64.68 -50.52 -23.74
CA SER C 516 -64.27 -50.04 -22.42
C SER C 516 -65.15 -48.87 -21.96
N LEU C 517 -65.60 -48.03 -22.89
CA LEU C 517 -66.46 -46.91 -22.54
C LEU C 517 -67.91 -47.31 -22.31
N GLY C 518 -68.30 -48.53 -22.66
CA GLY C 518 -69.66 -48.98 -22.45
C GLY C 518 -70.57 -48.70 -23.64
N TYR C 519 -70.14 -49.13 -24.82
CA TYR C 519 -70.86 -48.85 -26.05
C TYR C 519 -71.98 -49.88 -26.25
N GLY C 520 -73.20 -49.41 -26.47
CA GLY C 520 -74.29 -50.26 -26.89
C GLY C 520 -75.13 -50.85 -25.78
N LEU C 521 -74.70 -50.74 -24.52
CA LEU C 521 -75.46 -51.34 -23.42
C LEU C 521 -76.78 -50.63 -23.20
N ASP C 522 -76.77 -49.30 -23.22
CA ASP C 522 -77.98 -48.49 -23.20
C ASP C 522 -77.99 -47.62 -24.45
N PRO C 523 -79.00 -47.72 -25.32
CA PRO C 523 -79.03 -46.90 -26.54
C PRO C 523 -79.03 -45.41 -26.28
N MET C 524 -79.73 -44.94 -25.24
CA MET C 524 -79.75 -43.51 -24.96
C MET C 524 -78.40 -43.06 -24.42
N ASN C 525 -77.77 -43.91 -23.60
CA ASN C 525 -76.45 -43.59 -23.08
C ASN C 525 -75.40 -43.56 -24.18
N THR C 526 -75.50 -44.46 -25.17
CA THR C 526 -74.50 -44.41 -26.23
C THR C 526 -74.77 -43.28 -27.22
N VAL C 527 -76.03 -42.84 -27.39
CA VAL C 527 -76.26 -41.59 -28.12
C VAL C 527 -75.64 -40.42 -27.37
N GLU C 528 -75.79 -40.40 -26.04
CA GLU C 528 -75.19 -39.34 -25.23
C GLU C 528 -73.67 -39.35 -25.32
N MET C 529 -73.06 -40.53 -25.31
CA MET C 529 -71.61 -40.64 -25.35
C MET C 529 -71.03 -40.37 -26.74
N ILE C 530 -71.75 -40.75 -27.81
CA ILE C 530 -71.30 -40.44 -29.15
C ILE C 530 -71.43 -38.95 -29.43
N ASP C 531 -72.55 -38.35 -29.02
CA ASP C 531 -72.76 -36.92 -29.22
C ASP C 531 -71.79 -36.08 -28.40
N SER C 532 -71.35 -36.57 -27.25
CA SER C 532 -70.32 -35.89 -26.47
C SER C 532 -68.93 -36.40 -26.83
N SER C 533 -68.62 -36.42 -28.12
CA SER C 533 -67.32 -36.89 -28.61
C SER C 533 -67.09 -36.30 -29.98
N LYS C 534 -65.97 -35.60 -30.15
CA LYS C 534 -65.64 -34.99 -31.44
C LYS C 534 -64.13 -34.96 -31.66
N GLN C 537 -65.27 -38.82 -32.58
CA GLN C 537 -64.99 -37.99 -33.75
C GLN C 537 -66.28 -37.68 -34.51
N ASN C 538 -66.21 -37.77 -35.83
CA ASN C 538 -67.37 -37.49 -36.69
C ASN C 538 -68.12 -38.77 -37.03
N ASN C 539 -68.67 -39.40 -36.00
CA ASN C 539 -69.48 -40.60 -36.14
C ASN C 539 -70.93 -40.16 -36.35
N ALA C 540 -71.41 -40.24 -37.59
CA ALA C 540 -72.71 -39.68 -37.93
C ALA C 540 -73.82 -40.73 -37.97
N TYR C 541 -73.60 -41.83 -38.69
CA TYR C 541 -74.65 -42.83 -38.86
C TYR C 541 -74.88 -43.63 -37.59
N ILE C 542 -73.84 -43.78 -36.75
CA ILE C 542 -73.96 -44.54 -35.52
C ILE C 542 -74.90 -43.85 -34.54
N ARG C 543 -74.77 -42.54 -34.40
CA ARG C 543 -75.63 -41.79 -33.49
C ARG C 543 -77.09 -41.83 -33.94
N ASN C 544 -77.34 -41.74 -35.25
CA ASN C 544 -78.70 -41.77 -35.75
C ASN C 544 -79.33 -43.16 -35.59
N THR C 545 -78.56 -44.22 -35.88
CA THR C 545 -79.14 -45.55 -35.73
C THR C 545 -79.34 -45.92 -34.26
N TRP C 546 -78.49 -45.42 -33.36
CA TRP C 546 -78.73 -45.67 -31.95
C TRP C 546 -79.86 -44.80 -31.40
N ARG C 547 -80.09 -43.62 -31.99
CA ARG C 547 -81.26 -42.83 -31.65
C ARG C 547 -82.55 -43.55 -32.05
N TRP C 548 -82.55 -44.16 -33.24
CA TRP C 548 -83.72 -44.93 -33.66
C TRP C 548 -83.91 -46.16 -32.77
N ILE C 549 -82.82 -46.81 -32.38
CA ILE C 549 -82.92 -47.97 -31.49
C ILE C 549 -83.45 -47.56 -30.12
N ALA C 550 -83.04 -46.38 -29.63
CA ALA C 550 -83.59 -45.85 -28.39
C ALA C 550 -85.08 -45.55 -28.50
N ILE C 551 -85.50 -44.99 -29.63
CA ILE C 551 -86.92 -44.70 -29.87
C ILE C 551 -87.72 -46.00 -29.91
N ALA C 552 -87.23 -47.00 -30.62
CA ALA C 552 -87.94 -48.27 -30.74
C ALA C 552 -87.98 -49.02 -29.42
N LYS C 553 -86.90 -48.94 -28.63
CA LYS C 553 -86.90 -49.58 -27.32
C LYS C 553 -87.83 -48.88 -26.35
N ALA C 554 -87.95 -47.54 -26.46
CA ALA C 554 -88.92 -46.83 -25.66
C ALA C 554 -90.35 -47.17 -26.08
N SER C 555 -90.56 -47.40 -27.38
CA SER C 555 -91.87 -47.79 -27.87
C SER C 555 -92.26 -49.19 -27.37
N VAL C 556 -91.31 -50.13 -27.43
CA VAL C 556 -91.54 -51.48 -26.93
C VAL C 556 -91.77 -51.47 -25.41
N ASP C 557 -90.95 -50.69 -24.68
CA ASP C 557 -91.04 -50.65 -23.22
C ASP C 557 -92.32 -49.98 -22.74
N ASP C 558 -92.94 -49.13 -23.55
CA ASP C 558 -94.20 -48.50 -23.19
C ASP C 558 -95.41 -49.37 -23.47
N GLY C 559 -95.22 -50.56 -24.03
CA GLY C 559 -96.33 -51.40 -24.45
C GLY C 559 -96.85 -51.11 -25.83
N THR C 560 -96.35 -50.09 -26.50
CA THR C 560 -96.81 -49.75 -27.84
C THR C 560 -96.28 -50.76 -28.85
N MET C 561 -97.18 -51.29 -29.68
CA MET C 561 -96.87 -52.20 -30.79
C MET C 561 -96.15 -53.46 -30.32
N VAL C 562 -96.59 -53.99 -29.17
CA VAL C 562 -96.20 -55.33 -28.73
C VAL C 562 -97.45 -56.12 -28.35
N SER C 563 -98.57 -55.41 -28.20
CA SER C 563 -99.82 -56.03 -27.79
C SER C 563 -100.57 -56.57 -28.99
N GLY C 564 -101.77 -57.10 -28.74
CA GLY C 564 -102.55 -57.72 -29.78
C GLY C 564 -102.16 -59.16 -30.03
N ASP C 565 -102.72 -59.73 -31.09
CA ASP C 565 -102.45 -61.11 -31.45
C ASP C 565 -101.14 -61.29 -32.20
N LEU C 566 -100.51 -60.20 -32.63
CA LEU C 566 -99.25 -60.24 -33.36
C LEU C 566 -98.27 -59.26 -32.73
N ASP C 567 -96.97 -59.62 -32.79
CA ASP C 567 -95.97 -58.89 -32.03
C ASP C 567 -95.70 -57.51 -32.62
N LEU C 568 -95.19 -57.45 -33.85
CA LEU C 568 -94.86 -56.21 -34.58
C LEU C 568 -93.92 -55.31 -33.77
N GLY C 569 -92.88 -55.92 -33.21
CA GLY C 569 -91.89 -55.22 -32.41
C GLY C 569 -90.56 -55.09 -33.14
N TYR C 570 -89.96 -53.90 -33.03
CA TYR C 570 -88.71 -53.55 -33.72
C TYR C 570 -88.79 -53.71 -35.24
N GLU C 571 -89.98 -53.51 -35.80
CA GLU C 571 -90.16 -53.59 -37.24
C GLU C 571 -89.72 -52.29 -37.90
N GLY C 572 -89.61 -52.34 -39.23
CA GLY C 572 -89.19 -51.21 -40.02
C GLY C 572 -90.31 -50.62 -40.87
N VAL C 573 -89.95 -49.56 -41.60
CA VAL C 573 -90.90 -48.88 -42.46
C VAL C 573 -91.29 -49.75 -43.65
N ILE C 574 -90.35 -50.54 -44.18
CA ILE C 574 -90.63 -51.41 -45.32
C ILE C 574 -91.61 -52.51 -44.92
N GLY C 575 -91.45 -53.08 -43.73
CA GLY C 575 -92.36 -54.13 -43.29
C GLY C 575 -93.77 -53.65 -43.04
N ILE C 576 -93.91 -52.43 -42.48
CA ILE C 576 -95.24 -51.84 -42.32
C ILE C 576 -95.85 -51.49 -43.67
N TRP C 577 -95.05 -50.91 -44.57
CA TRP C 577 -95.57 -50.41 -45.83
C TRP C 577 -95.99 -51.53 -46.76
N ASN C 578 -95.20 -52.61 -46.82
CA ASN C 578 -95.55 -53.72 -47.69
C ASN C 578 -96.58 -54.66 -47.07
N GLY C 579 -96.90 -54.48 -45.79
CA GLY C 579 -97.92 -55.29 -45.14
C GLY C 579 -97.46 -56.72 -44.87
N ILE C 580 -98.24 -57.67 -45.36
CA ILE C 580 -98.01 -59.11 -45.20
C ILE C 580 -97.88 -59.53 -43.73
N LEU C 595 -104.72 -63.31 -39.00
CA LEU C 595 -104.31 -63.69 -40.36
C LEU C 595 -105.16 -62.97 -41.40
N SER C 596 -106.39 -62.62 -41.05
CA SER C 596 -107.24 -61.87 -41.95
C SER C 596 -106.78 -60.42 -42.05
N ASP C 597 -106.95 -59.84 -43.25
CA ASP C 597 -106.55 -58.46 -43.49
C ASP C 597 -107.36 -57.47 -42.68
N LYS C 598 -108.67 -57.70 -42.57
CA LYS C 598 -109.54 -56.83 -41.77
C LYS C 598 -109.21 -56.93 -40.28
N GLN C 599 -108.90 -58.13 -39.80
CA GLN C 599 -108.55 -58.29 -38.38
C GLN C 599 -107.25 -57.58 -38.04
N LEU C 600 -106.22 -57.71 -38.90
CA LEU C 600 -104.97 -57.02 -38.64
C LEU C 600 -105.14 -55.51 -38.81
N ASN C 601 -105.99 -55.08 -39.74
CA ASN C 601 -106.26 -53.66 -39.91
C ASN C 601 -106.96 -53.07 -38.69
N LYS C 602 -107.93 -53.78 -38.12
CA LYS C 602 -108.63 -53.25 -36.96
C LYS C 602 -107.78 -53.30 -35.69
N GLU C 603 -106.94 -54.33 -35.52
CA GLU C 603 -106.07 -54.30 -34.35
C GLU C 603 -104.96 -53.27 -34.53
N MET C 604 -104.58 -52.97 -35.78
CA MET C 604 -103.60 -51.91 -36.00
C MET C 604 -104.21 -50.54 -35.75
N GLU C 605 -105.49 -50.37 -36.08
CA GLU C 605 -106.22 -49.17 -35.69
C GLU C 605 -106.31 -49.05 -34.16
N LYS C 606 -106.52 -50.17 -33.48
CA LYS C 606 -106.48 -50.18 -32.01
C LYS C 606 -105.08 -49.81 -31.50
N ILE C 607 -104.04 -50.22 -32.22
CA ILE C 607 -102.67 -49.84 -31.88
C ILE C 607 -102.48 -48.34 -32.00
N ILE C 608 -103.08 -47.74 -33.03
CA ILE C 608 -103.12 -46.29 -33.14
C ILE C 608 -103.89 -45.69 -31.98
N LYS C 609 -105.05 -46.26 -31.66
CA LYS C 609 -105.91 -45.74 -30.58
C LYS C 609 -105.36 -46.25 -29.23
N LEU C 610 -104.19 -45.75 -28.88
CA LEU C 610 -103.54 -46.08 -27.61
C LEU C 610 -103.10 -44.86 -26.83
N ARG C 611 -102.64 -43.80 -27.51
CA ARG C 611 -102.16 -42.60 -26.86
C ARG C 611 -103.04 -41.39 -27.17
N ARG C 612 -104.34 -41.64 -27.39
CA ARG C 612 -105.29 -40.56 -27.71
C ARG C 612 -105.85 -40.01 -26.40
N LYS C 613 -105.05 -39.15 -25.75
CA LYS C 613 -105.45 -38.53 -24.50
C LYS C 613 -106.25 -37.27 -24.73
N GLY C 626 -106.76 -37.81 -45.66
CA GLY C 626 -107.16 -37.96 -47.04
C GLY C 626 -106.27 -38.90 -47.83
N SER C 627 -105.86 -39.99 -47.20
CA SER C 627 -105.00 -40.99 -47.81
C SER C 627 -105.60 -42.37 -47.63
N PRO C 628 -105.41 -43.28 -48.60
CA PRO C 628 -105.94 -44.63 -48.42
C PRO C 628 -105.19 -45.45 -47.39
N LYS C 629 -103.86 -45.37 -47.38
CA LYS C 629 -103.06 -46.13 -46.43
C LYS C 629 -102.77 -45.33 -45.16
N TYR C 630 -103.84 -44.85 -44.52
CA TYR C 630 -103.71 -44.11 -43.27
C TYR C 630 -103.49 -45.02 -42.07
N VAL C 631 -103.71 -46.33 -42.23
CA VAL C 631 -103.46 -47.31 -41.17
C VAL C 631 -102.08 -47.89 -41.32
N GLN C 632 -101.27 -47.31 -42.19
CA GLN C 632 -99.87 -47.68 -42.34
C GLN C 632 -98.93 -46.49 -42.28
N ARG C 633 -99.32 -45.34 -42.84
CA ARG C 633 -98.53 -44.12 -42.72
C ARG C 633 -98.41 -43.67 -41.28
N ARG C 634 -99.49 -43.79 -40.50
CA ARG C 634 -99.42 -43.43 -39.09
C ARG C 634 -98.53 -44.38 -38.31
N LEU C 635 -98.54 -45.66 -38.66
CA LEU C 635 -97.63 -46.62 -38.03
C LEU C 635 -96.17 -46.32 -38.37
N CYS C 636 -95.90 -45.92 -39.61
CA CYS C 636 -94.54 -45.53 -39.97
C CYS C 636 -94.12 -44.26 -39.24
N LEU C 637 -95.05 -43.33 -39.04
CA LEU C 637 -94.75 -42.13 -38.26
C LEU C 637 -94.50 -42.46 -36.79
N ILE C 638 -95.20 -43.46 -36.25
CA ILE C 638 -94.93 -43.91 -34.89
C ILE C 638 -93.56 -44.57 -34.80
N ILE C 639 -93.23 -45.43 -35.77
CA ILE C 639 -91.97 -46.17 -35.76
C ILE C 639 -90.79 -45.21 -35.90
N SER C 640 -90.87 -44.28 -36.84
CA SER C 640 -89.76 -43.36 -37.09
C SER C 640 -89.68 -42.24 -36.06
N GLY C 641 -90.65 -42.13 -35.16
CA GLY C 641 -90.66 -41.07 -34.17
C GLY C 641 -91.13 -39.74 -34.71
N TRP C 642 -92.07 -39.73 -35.65
CA TRP C 642 -92.53 -38.50 -36.27
C TRP C 642 -94.04 -38.33 -36.09
N ASP C 643 -94.53 -38.57 -34.88
CA ASP C 643 -95.91 -38.34 -34.50
C ASP C 643 -95.98 -37.46 -33.28
N LEU C 644 -95.22 -36.37 -33.32
CA LEU C 644 -95.10 -35.44 -32.21
C LEU C 644 -95.97 -34.22 -32.42
N SER C 645 -96.42 -33.62 -31.33
CA SER C 645 -97.37 -32.52 -31.38
C SER C 645 -96.68 -31.20 -31.73
N ARG C 646 -97.51 -30.21 -32.07
CA ARG C 646 -96.98 -28.93 -32.54
C ARG C 646 -96.41 -28.10 -31.40
N SER C 647 -97.01 -28.19 -30.20
CA SER C 647 -96.42 -27.56 -29.03
C SER C 647 -95.08 -28.22 -28.68
N ASP C 648 -95.03 -29.54 -28.76
CA ASP C 648 -93.76 -30.24 -28.60
C ASP C 648 -92.82 -29.98 -29.76
N TYR C 649 -93.36 -29.64 -30.95
CA TYR C 649 -92.50 -29.16 -32.03
C TYR C 649 -91.84 -27.83 -31.69
N GLU C 650 -92.59 -26.92 -31.06
CA GLU C 650 -92.01 -25.67 -30.59
C GLU C 650 -90.97 -25.91 -29.49
N ASP C 651 -91.24 -26.87 -28.60
CA ASP C 651 -90.27 -27.25 -27.58
C ASP C 651 -89.01 -27.84 -28.19
N LYS C 652 -89.17 -28.67 -29.24
CA LYS C 652 -88.01 -29.22 -29.93
C LYS C 652 -87.22 -28.13 -30.66
N TYR C 653 -87.92 -27.14 -31.22
CA TYR C 653 -87.24 -26.00 -31.83
C TYR C 653 -86.41 -25.25 -30.80
N ASN C 654 -86.98 -25.03 -29.62
CA ASN C 654 -86.25 -24.38 -28.54
C ASN C 654 -85.05 -25.21 -28.09
N ILE C 655 -85.21 -26.53 -28.06
CA ILE C 655 -84.13 -27.43 -27.65
C ILE C 655 -82.97 -27.37 -28.66
N ILE C 656 -83.30 -27.44 -29.95
CA ILE C 656 -82.27 -27.42 -30.98
C ILE C 656 -81.59 -26.06 -31.04
N MET C 657 -82.35 -24.97 -30.83
CA MET C 657 -81.74 -23.65 -30.76
C MET C 657 -80.82 -23.51 -29.55
N LYS C 658 -81.22 -24.08 -28.41
CA LYS C 658 -80.39 -24.03 -27.22
C LYS C 658 -79.13 -24.88 -27.36
N ASN C 659 -79.19 -25.95 -28.16
CA ASN C 659 -78.01 -26.76 -28.42
C ASN C 659 -76.99 -26.05 -29.30
N GLY C 660 -77.39 -24.98 -30.01
CA GLY C 660 -76.48 -24.22 -30.83
C GLY C 660 -76.54 -24.54 -32.31
N HIS C 661 -77.21 -25.62 -32.69
CA HIS C 661 -77.36 -26.01 -34.10
C HIS C 661 -78.54 -25.25 -34.70
N TYR C 662 -78.30 -23.98 -35.04
CA TYR C 662 -79.34 -23.15 -35.64
C TYR C 662 -79.69 -23.64 -37.04
N GLU C 663 -78.73 -24.19 -37.77
CA GLU C 663 -78.99 -24.68 -39.12
C GLU C 663 -79.92 -25.89 -39.09
N LYS C 664 -79.75 -26.76 -38.08
CA LYS C 664 -80.65 -27.90 -37.95
C LYS C 664 -82.06 -27.46 -37.56
N ALA C 665 -82.17 -26.42 -36.74
CA ALA C 665 -83.49 -25.86 -36.41
C ALA C 665 -84.16 -25.25 -37.64
N ALA C 666 -83.39 -24.55 -38.47
CA ALA C 666 -83.92 -24.02 -39.71
C ALA C 666 -84.33 -25.12 -40.67
N ALA C 667 -83.54 -26.20 -40.73
CA ALA C 667 -83.87 -27.32 -41.59
C ALA C 667 -85.14 -28.01 -41.12
N TRP C 668 -85.31 -28.14 -39.80
CA TRP C 668 -86.54 -28.74 -39.28
C TRP C 668 -87.75 -27.85 -39.50
N ALA C 669 -87.57 -26.52 -39.42
CA ALA C 669 -88.66 -25.61 -39.73
C ALA C 669 -89.04 -25.67 -41.21
N VAL C 670 -88.05 -25.77 -42.09
CA VAL C 670 -88.31 -25.93 -43.51
C VAL C 670 -89.00 -27.26 -43.78
N PHE C 671 -88.59 -28.30 -43.06
CA PHE C 671 -89.18 -29.62 -43.19
C PHE C 671 -90.64 -29.62 -42.75
N PHE C 672 -90.96 -28.91 -41.67
CA PHE C 672 -92.33 -28.84 -41.17
C PHE C 672 -93.13 -27.69 -41.77
N GLY C 673 -92.52 -26.86 -42.62
CA GLY C 673 -93.25 -25.98 -43.50
C GLY C 673 -93.36 -24.53 -43.05
N ASP C 674 -93.18 -24.25 -41.76
CA ASP C 674 -93.31 -22.87 -41.26
C ASP C 674 -92.07 -22.07 -41.64
N ILE C 675 -92.03 -21.67 -42.92
CA ILE C 675 -90.90 -20.87 -43.43
C ILE C 675 -90.73 -19.53 -42.71
N PRO C 676 -91.80 -18.77 -42.37
CA PRO C 676 -91.58 -17.59 -41.52
C PRO C 676 -90.95 -17.90 -40.16
N LYS C 677 -91.26 -19.06 -39.58
CA LYS C 677 -90.58 -19.44 -38.35
C LYS C 677 -89.12 -19.80 -38.61
N ALA C 678 -88.80 -20.34 -39.80
CA ALA C 678 -87.41 -20.54 -40.17
C ALA C 678 -86.67 -19.22 -40.30
N VAL C 679 -87.34 -18.21 -40.85
CA VAL C 679 -86.75 -16.87 -40.95
C VAL C 679 -86.51 -16.29 -39.56
N GLU C 680 -87.49 -16.46 -38.66
CA GLU C 680 -87.35 -15.94 -37.29
C GLU C 680 -86.25 -16.66 -36.52
N ILE C 681 -86.13 -17.98 -36.72
CA ILE C 681 -85.10 -18.76 -36.03
C ILE C 681 -83.71 -18.39 -36.55
N LEU C 682 -83.54 -18.35 -37.87
CA LEU C 682 -82.23 -18.01 -38.42
C LEU C 682 -81.88 -16.54 -38.22
N GLY C 683 -82.89 -15.68 -38.13
CA GLY C 683 -82.61 -14.31 -37.73
C GLY C 683 -82.28 -14.22 -36.25
N SER C 684 -81.56 -13.15 -35.91
CA SER C 684 -81.09 -12.87 -34.55
C SER C 684 -80.26 -14.04 -33.99
N ALA C 685 -79.44 -14.63 -34.86
CA ALA C 685 -78.60 -15.76 -34.47
C ALA C 685 -77.22 -15.27 -34.04
N LYS C 686 -76.34 -16.22 -33.74
CA LYS C 686 -74.98 -15.90 -33.32
C LYS C 686 -74.04 -15.57 -34.47
N LYS C 687 -74.48 -15.74 -35.72
CA LYS C 687 -73.63 -15.52 -36.87
C LYS C 687 -74.29 -14.54 -37.83
N GLU C 688 -73.47 -13.78 -38.55
CA GLU C 688 -73.96 -12.92 -39.62
C GLU C 688 -74.31 -13.71 -40.87
N ARG C 689 -73.62 -14.84 -41.09
CA ARG C 689 -73.86 -15.67 -42.25
C ARG C 689 -75.25 -16.27 -42.20
N LEU C 690 -75.68 -16.70 -41.01
CA LEU C 690 -77.02 -17.22 -40.81
C LEU C 690 -78.07 -16.14 -41.05
N ARG C 691 -77.77 -14.89 -40.70
CA ARG C 691 -78.70 -13.80 -40.98
C ARG C 691 -78.81 -13.54 -42.48
N LEU C 692 -77.68 -13.65 -43.21
CA LEU C 692 -77.74 -13.53 -44.67
C LEU C 692 -78.55 -14.65 -45.29
N ILE C 693 -78.39 -15.87 -44.76
CA ILE C 693 -79.18 -17.02 -45.22
C ILE C 693 -80.65 -16.80 -44.90
N ALA C 694 -80.95 -16.20 -43.75
CA ALA C 694 -82.33 -15.88 -43.38
C ALA C 694 -82.94 -14.86 -44.33
N THR C 695 -82.16 -13.85 -44.74
CA THR C 695 -82.65 -12.88 -45.71
C THR C 695 -82.93 -13.55 -47.06
N ALA C 696 -82.04 -14.44 -47.48
CA ALA C 696 -82.25 -15.18 -48.73
C ALA C 696 -83.50 -16.05 -48.65
N ILE C 697 -83.73 -16.70 -47.50
CA ILE C 697 -84.92 -17.53 -47.30
C ILE C 697 -86.17 -16.65 -47.33
N ALA C 698 -86.13 -15.50 -46.65
CA ALA C 698 -87.26 -14.59 -46.62
C ALA C 698 -87.56 -13.99 -47.99
N GLY C 699 -86.59 -13.97 -48.90
CA GLY C 699 -86.83 -13.53 -50.26
C GLY C 699 -87.60 -14.51 -51.14
N TYR C 700 -88.29 -15.48 -50.53
CA TYR C 700 -89.05 -16.51 -51.23
C TYR C 700 -90.56 -16.40 -51.04
N LEU C 701 -91.02 -15.87 -49.90
CA LEU C 701 -92.44 -15.84 -49.58
C LEU C 701 -93.23 -14.98 -50.57
N ALA C 702 -92.70 -13.82 -50.93
CA ALA C 702 -93.27 -12.97 -51.96
C ALA C 702 -92.78 -13.33 -53.35
N TYR C 703 -92.26 -14.55 -53.54
CA TYR C 703 -91.61 -14.91 -54.79
C TYR C 703 -92.06 -16.25 -55.37
N LYS C 704 -92.72 -17.11 -54.59
CA LYS C 704 -93.05 -18.47 -55.01
C LYS C 704 -94.06 -18.54 -56.16
N ASP C 705 -94.77 -17.45 -56.47
CA ASP C 705 -95.68 -17.43 -57.59
C ASP C 705 -94.99 -17.20 -58.94
N LEU C 706 -93.70 -16.88 -58.93
CA LEU C 706 -92.98 -16.63 -60.17
C LEU C 706 -92.81 -17.93 -60.96
N PRO C 707 -92.89 -17.87 -62.30
CA PRO C 707 -92.78 -19.09 -63.11
C PRO C 707 -91.44 -19.81 -63.00
N GLY C 708 -90.33 -19.09 -62.84
CA GLY C 708 -89.03 -19.71 -62.69
C GLY C 708 -88.07 -19.24 -63.77
N ASN C 709 -86.90 -19.89 -63.78
CA ASN C 709 -85.79 -19.60 -64.70
C ASN C 709 -85.36 -18.14 -64.62
N ASN C 710 -85.28 -17.62 -63.39
CA ASN C 710 -84.89 -16.25 -63.12
C ASN C 710 -83.57 -16.24 -62.36
N ALA C 711 -82.99 -15.04 -62.24
CA ALA C 711 -81.65 -14.91 -61.67
C ALA C 711 -81.62 -15.25 -60.18
N TRP C 712 -82.72 -15.02 -59.46
CA TRP C 712 -82.77 -15.35 -58.04
C TRP C 712 -82.75 -16.87 -57.82
N ARG C 713 -83.50 -17.61 -58.62
CA ARG C 713 -83.45 -19.06 -58.53
C ARG C 713 -82.11 -19.61 -58.99
N GLN C 714 -81.48 -18.96 -59.98
CA GLN C 714 -80.14 -19.35 -60.40
C GLN C 714 -79.13 -19.13 -59.28
N GLN C 715 -79.23 -18.00 -58.57
CA GLN C 715 -78.36 -17.73 -57.43
C GLN C 715 -78.59 -18.72 -56.30
N CYS C 716 -79.86 -19.09 -56.06
CA CYS C 716 -80.15 -20.08 -55.02
C CYS C 716 -79.60 -21.45 -55.40
N ARG C 717 -79.70 -21.83 -56.67
CA ARG C 717 -79.12 -23.10 -57.11
C ARG C 717 -77.61 -23.09 -57.04
N LYS C 718 -76.98 -21.96 -57.36
CA LYS C 718 -75.53 -21.83 -57.20
C LYS C 718 -75.12 -21.95 -55.74
N MET C 719 -75.90 -21.33 -54.84
CA MET C 719 -75.60 -21.43 -53.41
C MET C 719 -75.81 -22.85 -52.90
N SER C 720 -76.81 -23.56 -53.43
CA SER C 720 -77.01 -24.96 -53.06
C SER C 720 -75.85 -25.81 -53.54
N SER C 721 -75.31 -25.49 -54.72
CA SER C 721 -74.18 -26.26 -55.25
C SER C 721 -72.90 -25.99 -54.45
N GLU C 722 -72.66 -24.75 -54.03
CA GLU C 722 -71.36 -24.39 -53.50
C GLU C 722 -71.23 -24.59 -51.98
N LEU C 723 -72.34 -24.56 -51.24
CA LEU C 723 -72.28 -24.47 -49.79
C LEU C 723 -71.98 -25.81 -49.15
N ASP C 724 -71.31 -25.76 -47.99
CA ASP C 724 -70.84 -26.95 -47.31
C ASP C 724 -71.84 -27.54 -46.33
N ASP C 725 -72.70 -26.71 -45.73
CA ASP C 725 -73.67 -27.20 -44.76
C ASP C 725 -74.79 -27.94 -45.46
N PRO C 726 -75.06 -29.21 -45.10
CA PRO C 726 -76.12 -29.95 -45.81
C PRO C 726 -77.52 -29.49 -45.47
N TYR C 727 -77.75 -29.01 -44.25
CA TYR C 727 -79.08 -28.51 -43.87
C TYR C 727 -79.45 -27.28 -44.68
N LEU C 728 -78.53 -26.33 -44.80
CA LEU C 728 -78.77 -25.16 -45.64
C LEU C 728 -78.74 -25.52 -47.12
N ARG C 729 -78.03 -26.60 -47.50
CA ARG C 729 -78.07 -27.08 -48.87
C ARG C 729 -79.47 -27.52 -49.27
N VAL C 730 -80.09 -28.37 -48.44
CA VAL C 730 -81.45 -28.79 -48.75
C VAL C 730 -82.45 -27.68 -48.53
N ILE C 731 -82.14 -26.70 -47.66
CA ILE C 731 -83.00 -25.53 -47.51
C ILE C 731 -83.02 -24.73 -48.82
N PHE C 732 -81.85 -24.49 -49.40
CA PHE C 732 -81.78 -23.76 -50.67
C PHE C 732 -82.37 -24.57 -51.82
N ALA C 733 -82.23 -25.90 -51.78
CA ALA C 733 -82.83 -26.74 -52.81
C ALA C 733 -84.35 -26.72 -52.75
N PHE C 734 -84.92 -26.68 -51.54
CA PHE C 734 -86.37 -26.59 -51.43
C PHE C 734 -86.90 -25.20 -51.73
N ILE C 735 -86.13 -24.16 -51.39
CA ILE C 735 -86.56 -22.79 -51.62
C ILE C 735 -86.52 -22.47 -53.12
N ALA C 736 -85.45 -22.88 -53.82
CA ALA C 736 -85.29 -22.52 -55.22
C ALA C 736 -86.34 -23.21 -56.10
N ASP C 737 -86.63 -24.49 -55.83
CA ASP C 737 -87.68 -25.20 -56.53
C ASP C 737 -88.52 -25.97 -55.52
N ASN C 738 -89.84 -25.83 -55.62
CA ASN C 738 -90.75 -26.46 -54.67
C ASN C 738 -91.00 -27.92 -55.07
N ASP C 739 -89.96 -28.73 -54.91
CA ASP C 739 -90.02 -30.16 -55.10
C ASP C 739 -89.21 -30.84 -54.00
N TRP C 740 -89.71 -31.98 -53.54
CA TRP C 740 -89.06 -32.70 -52.45
C TRP C 740 -88.00 -33.68 -52.92
N TRP C 741 -87.90 -33.93 -54.23
CA TRP C 741 -87.04 -35.00 -54.72
C TRP C 741 -85.57 -34.65 -54.67
N ASP C 742 -85.22 -33.36 -54.69
CA ASP C 742 -83.85 -32.96 -54.42
C ASP C 742 -83.48 -33.09 -52.95
N ILE C 743 -84.47 -33.28 -52.08
CA ILE C 743 -84.23 -33.40 -50.64
C ILE C 743 -84.17 -34.85 -50.20
N LEU C 744 -85.00 -35.70 -50.80
CA LEU C 744 -85.09 -37.11 -50.42
C LEU C 744 -83.86 -37.92 -50.81
N TYR C 745 -83.02 -37.41 -51.72
CA TYR C 745 -81.85 -38.16 -52.16
C TYR C 745 -80.53 -37.54 -51.69
N GLU C 746 -80.59 -36.50 -50.86
CA GLU C 746 -79.36 -35.91 -50.35
C GLU C 746 -78.80 -36.79 -49.24
N PRO C 747 -77.60 -37.35 -49.38
CA PRO C 747 -77.12 -38.33 -48.40
C PRO C 747 -76.54 -37.73 -47.14
N ALA C 748 -76.12 -36.47 -47.17
CA ALA C 748 -75.45 -35.85 -46.03
C ALA C 748 -76.41 -35.50 -44.90
N ILE C 749 -77.71 -35.46 -45.17
CA ILE C 749 -78.71 -35.27 -44.11
C ILE C 749 -79.19 -36.65 -43.65
N SER C 750 -79.70 -36.70 -42.42
CA SER C 750 -80.06 -37.98 -41.82
C SER C 750 -81.28 -38.58 -42.49
N LEU C 751 -81.35 -39.92 -42.47
CA LEU C 751 -82.41 -40.64 -43.14
C LEU C 751 -83.72 -40.61 -42.37
N ARG C 752 -83.67 -40.38 -41.05
CA ARG C 752 -84.90 -40.24 -40.27
C ARG C 752 -85.67 -38.98 -40.66
N GLU C 753 -84.96 -37.86 -40.87
CA GLU C 753 -85.59 -36.64 -41.34
C GLU C 753 -86.16 -36.80 -42.75
N ARG C 754 -85.42 -37.50 -43.61
CA ARG C 754 -85.91 -37.73 -44.97
C ARG C 754 -87.15 -38.63 -44.97
N LEU C 755 -87.20 -39.62 -44.09
CA LEU C 755 -88.41 -40.42 -43.99
C LEU C 755 -89.57 -39.63 -43.39
N GLY C 756 -89.28 -38.70 -42.47
CA GLY C 756 -90.32 -37.83 -41.96
C GLY C 756 -90.93 -36.96 -43.05
N VAL C 757 -90.06 -36.33 -43.86
CA VAL C 757 -90.55 -35.49 -44.95
C VAL C 757 -91.02 -36.28 -46.15
N ALA C 758 -90.82 -37.60 -46.17
CA ALA C 758 -91.41 -38.44 -47.18
C ALA C 758 -92.79 -38.95 -46.77
N LEU C 759 -92.97 -39.28 -45.50
CA LEU C 759 -94.29 -39.68 -45.04
C LEU C 759 -95.23 -38.48 -44.90
N ARG C 760 -94.68 -37.31 -44.58
CA ARG C 760 -95.53 -36.12 -44.43
C ARG C 760 -96.02 -35.62 -45.79
N PHE C 761 -95.11 -35.49 -46.77
CA PHE C 761 -95.43 -34.84 -48.05
C PHE C 761 -94.97 -35.73 -49.22
N LEU C 762 -95.80 -36.71 -49.60
CA LEU C 762 -95.59 -37.52 -50.79
C LEU C 762 -96.83 -38.36 -51.04
N ASN C 763 -97.17 -38.54 -52.32
CA ASN C 763 -98.20 -39.49 -52.69
C ASN C 763 -97.72 -40.91 -52.42
N ASP C 764 -98.69 -41.81 -52.18
CA ASP C 764 -98.36 -43.19 -51.85
C ASP C 764 -97.67 -43.92 -53.01
N THR C 765 -98.10 -43.61 -54.25
CA THR C 765 -97.45 -44.19 -55.43
C THR C 765 -96.02 -43.71 -55.61
N ASP C 766 -95.67 -42.56 -55.05
CA ASP C 766 -94.29 -42.08 -55.07
C ASP C 766 -93.53 -42.47 -53.82
N LEU C 767 -94.23 -42.55 -52.68
CA LEU C 767 -93.58 -42.97 -51.43
C LEU C 767 -93.16 -44.43 -51.50
N THR C 768 -93.94 -45.28 -52.17
CA THR C 768 -93.56 -46.67 -52.33
C THR C 768 -92.29 -46.80 -53.18
N THR C 769 -92.18 -46.01 -54.25
CA THR C 769 -90.96 -46.03 -55.06
C THR C 769 -89.76 -45.49 -54.30
N PHE C 770 -89.96 -44.43 -53.52
CA PHE C 770 -88.88 -43.90 -52.69
C PHE C 770 -88.41 -44.92 -51.66
N LEU C 771 -89.37 -45.61 -51.02
CA LEU C 771 -89.03 -46.62 -50.03
C LEU C 771 -88.28 -47.79 -50.66
N ASP C 772 -88.72 -48.24 -51.84
CA ASP C 772 -88.05 -49.34 -52.53
C ASP C 772 -86.63 -48.94 -52.94
N ARG C 773 -86.47 -47.73 -53.47
CA ARG C 773 -85.14 -47.26 -53.88
C ARG C 773 -84.19 -47.13 -52.70
N THR C 774 -84.67 -46.52 -51.60
CA THR C 774 -83.81 -46.28 -50.46
C THR C 774 -83.47 -47.60 -49.75
N SER C 775 -84.44 -48.52 -49.68
CA SER C 775 -84.19 -49.82 -49.06
C SER C 775 -83.20 -50.64 -49.88
N SER C 776 -83.37 -50.66 -51.21
CA SER C 776 -82.42 -51.38 -52.06
C SER C 776 -81.04 -50.74 -52.04
N THR C 777 -80.97 -49.44 -51.77
CA THR C 777 -79.67 -48.80 -51.61
C THR C 777 -79.01 -49.21 -50.29
N VAL C 778 -79.77 -49.17 -49.19
CA VAL C 778 -79.16 -49.37 -47.88
C VAL C 778 -78.91 -50.83 -47.55
N ILE C 779 -79.59 -51.77 -48.22
CA ILE C 779 -79.28 -53.17 -48.01
C ILE C 779 -77.88 -53.50 -48.53
N GLU C 780 -77.55 -53.01 -49.73
CA GLU C 780 -76.26 -53.34 -50.34
C GLU C 780 -75.15 -52.40 -49.91
N ASN C 781 -75.46 -51.14 -49.59
CA ASN C 781 -74.43 -50.20 -49.19
C ASN C 781 -74.00 -50.36 -47.74
N GLY C 782 -74.73 -51.13 -46.94
CA GLY C 782 -74.34 -51.35 -45.57
C GLY C 782 -74.54 -50.17 -44.64
N GLU C 783 -75.44 -49.26 -44.97
CA GLU C 783 -75.67 -48.09 -44.14
C GLU C 783 -76.46 -48.47 -42.90
N LEU C 784 -75.96 -48.07 -41.73
CA LEU C 784 -76.62 -48.41 -40.47
C LEU C 784 -77.93 -47.67 -40.27
N GLU C 785 -78.14 -46.57 -40.99
CA GLU C 785 -79.40 -45.84 -40.91
C GLU C 785 -80.50 -46.45 -41.76
N GLY C 786 -80.22 -47.55 -42.45
CA GLY C 786 -81.29 -48.27 -43.12
C GLY C 786 -82.15 -49.12 -42.21
N LEU C 787 -81.74 -49.25 -40.95
CA LEU C 787 -82.52 -49.99 -39.96
C LEU C 787 -83.85 -49.33 -39.64
N ILE C 788 -84.01 -48.04 -39.94
CA ILE C 788 -85.33 -47.44 -39.85
C ILE C 788 -86.27 -48.03 -40.90
N LEU C 789 -85.77 -48.23 -42.12
CA LEU C 789 -86.59 -48.80 -43.17
C LEU C 789 -86.82 -50.28 -42.98
N THR C 790 -85.77 -51.03 -42.65
CA THR C 790 -85.86 -52.49 -42.66
C THR C 790 -86.15 -53.10 -41.30
N GLY C 791 -85.85 -52.39 -40.21
CA GLY C 791 -86.02 -52.94 -38.89
C GLY C 791 -84.95 -53.97 -38.55
N ILE C 792 -85.06 -54.52 -37.36
CA ILE C 792 -84.21 -55.64 -36.94
C ILE C 792 -84.95 -56.91 -37.35
N THR C 793 -84.77 -57.27 -38.62
CA THR C 793 -85.45 -58.37 -39.30
C THR C 793 -84.37 -59.22 -39.97
N PRO C 794 -84.72 -60.34 -40.62
CA PRO C 794 -83.71 -61.01 -41.47
C PRO C 794 -83.10 -60.10 -42.53
N ASN C 795 -83.89 -59.19 -43.13
CA ASN C 795 -83.30 -58.22 -44.03
C ASN C 795 -82.42 -57.22 -43.29
N GLY C 796 -82.76 -56.90 -42.04
CA GLY C 796 -81.86 -56.12 -41.21
C GLY C 796 -80.56 -56.86 -40.91
N ILE C 797 -80.63 -58.19 -40.78
CA ILE C 797 -79.42 -58.97 -40.59
C ILE C 797 -78.60 -59.01 -41.88
N ASP C 798 -79.27 -58.99 -43.04
CA ASP C 798 -78.55 -58.84 -44.31
C ASP C 798 -77.85 -57.48 -44.39
N LEU C 799 -78.53 -56.43 -43.93
CA LEU C 799 -77.92 -55.10 -43.88
C LEU C 799 -76.70 -55.08 -42.97
N LEU C 800 -76.82 -55.69 -41.78
CA LEU C 800 -75.70 -55.72 -40.85
C LEU C 800 -74.56 -56.60 -41.36
N GLN C 801 -74.88 -57.66 -42.10
CA GLN C 801 -73.86 -58.50 -42.72
C GLN C 801 -73.09 -57.74 -43.79
N SER C 802 -73.79 -56.97 -44.62
CA SER C 802 -73.11 -56.12 -45.60
C SER C 802 -72.27 -55.05 -44.92
N TYR C 803 -72.77 -54.52 -43.79
CA TYR C 803 -72.01 -53.53 -43.03
C TYR C 803 -70.74 -54.14 -42.44
N VAL C 804 -70.83 -55.37 -41.96
CA VAL C 804 -69.65 -56.07 -41.42
C VAL C 804 -68.67 -56.39 -42.53
N ASN C 805 -69.17 -56.77 -43.71
CA ASN C 805 -68.29 -57.00 -44.86
C ASN C 805 -67.56 -55.74 -45.27
N LYS C 806 -68.25 -54.60 -45.25
CA LYS C 806 -67.63 -53.35 -45.69
C LYS C 806 -66.69 -52.77 -44.63
N THR C 807 -67.03 -52.91 -43.35
CA THR C 807 -66.34 -52.18 -42.29
C THR C 807 -65.60 -53.04 -41.29
N SER C 808 -65.92 -54.33 -41.15
CA SER C 808 -65.38 -55.23 -40.11
C SER C 808 -65.65 -54.70 -38.71
N ASP C 809 -66.89 -54.32 -38.45
CA ASP C 809 -67.35 -53.89 -37.14
C ASP C 809 -68.38 -54.91 -36.64
N VAL C 810 -67.89 -55.92 -35.91
CA VAL C 810 -68.78 -56.92 -35.34
C VAL C 810 -69.41 -56.43 -34.03
N GLN C 811 -68.84 -55.38 -33.41
CA GLN C 811 -69.38 -54.85 -32.17
C GLN C 811 -70.76 -54.25 -32.37
N SER C 812 -70.91 -53.41 -33.40
CA SER C 812 -72.20 -52.78 -33.67
C SER C 812 -73.21 -53.80 -34.16
N ALA C 813 -72.77 -54.77 -34.96
CA ALA C 813 -73.66 -55.83 -35.42
C ALA C 813 -74.18 -56.67 -34.27
N ALA C 814 -73.32 -56.99 -33.30
CA ALA C 814 -73.75 -57.74 -32.13
C ALA C 814 -74.73 -56.93 -31.28
N LEU C 815 -74.37 -55.69 -30.95
CA LEU C 815 -75.22 -54.88 -30.08
C LEU C 815 -76.55 -54.50 -30.74
N ILE C 816 -76.62 -54.51 -32.07
CA ILE C 816 -77.90 -54.28 -32.74
C ILE C 816 -78.70 -55.56 -32.85
N SER C 817 -78.06 -56.66 -33.24
CA SER C 817 -78.78 -57.91 -33.50
C SER C 817 -79.24 -58.61 -32.23
N ILE C 818 -78.71 -58.24 -31.06
CA ILE C 818 -79.22 -58.85 -29.83
C ILE C 818 -80.60 -58.31 -29.45
N PHE C 819 -81.03 -57.20 -30.04
CA PHE C 819 -82.36 -56.67 -29.73
C PHE C 819 -83.49 -57.51 -30.30
N GLY C 820 -83.27 -58.18 -31.43
CA GLY C 820 -84.39 -58.83 -32.06
C GLY C 820 -84.22 -60.25 -32.57
N SER C 821 -82.99 -60.76 -32.62
CA SER C 821 -82.82 -62.07 -33.25
C SER C 821 -83.36 -63.22 -32.39
N PRO C 822 -82.81 -63.54 -31.19
CA PRO C 822 -83.31 -64.75 -30.51
C PRO C 822 -84.72 -64.62 -29.97
N ARG C 823 -85.24 -63.39 -29.90
CA ARG C 823 -86.64 -63.17 -29.58
C ARG C 823 -87.55 -63.57 -30.73
N TYR C 824 -87.09 -63.41 -31.98
CA TYR C 824 -87.98 -63.55 -33.12
C TYR C 824 -87.51 -64.56 -34.17
N PHE C 825 -86.22 -64.62 -34.46
CA PHE C 825 -85.74 -65.44 -35.58
C PHE C 825 -84.38 -66.03 -35.27
N ARG C 826 -84.25 -67.34 -35.46
CA ARG C 826 -82.99 -68.03 -35.23
C ARG C 826 -82.16 -67.99 -36.51
N ASP C 827 -81.03 -67.29 -36.47
CA ASP C 827 -80.11 -67.23 -37.59
C ASP C 827 -78.68 -67.35 -37.09
N GLN C 828 -77.84 -67.97 -37.91
CA GLN C 828 -76.50 -68.38 -37.52
C GLN C 828 -75.52 -67.21 -37.46
N ARG C 829 -75.76 -66.17 -38.27
CA ARG C 829 -74.87 -65.01 -38.33
C ARG C 829 -74.88 -64.22 -37.02
N VAL C 830 -76.06 -64.06 -36.41
CA VAL C 830 -76.15 -63.35 -35.14
C VAL C 830 -75.41 -64.11 -34.05
N ASP C 831 -75.53 -65.45 -34.05
CA ASP C 831 -74.80 -66.26 -33.09
C ASP C 831 -73.29 -66.13 -33.29
N GLU C 832 -72.86 -66.08 -34.56
CA GLU C 832 -71.44 -65.86 -34.86
C GLU C 832 -70.97 -64.51 -34.35
N TRP C 833 -71.77 -63.46 -34.54
CA TRP C 833 -71.38 -62.12 -34.08
C TRP C 833 -71.34 -62.05 -32.56
N ILE C 834 -72.31 -62.69 -31.88
CA ILE C 834 -72.35 -62.68 -30.42
C ILE C 834 -71.15 -63.42 -29.84
N GLN C 835 -70.84 -64.60 -30.40
CA GLN C 835 -69.71 -65.37 -29.90
C GLN C 835 -68.39 -64.65 -30.19
N THR C 836 -68.28 -64.01 -31.35
CA THR C 836 -67.07 -63.25 -31.68
C THR C 836 -66.88 -62.07 -30.74
N TYR C 837 -67.96 -61.34 -30.43
CA TYR C 837 -67.82 -60.21 -29.52
C TYR C 837 -67.55 -60.65 -28.10
N ARG C 838 -68.10 -61.79 -27.67
CA ARG C 838 -67.79 -62.30 -26.33
C ARG C 838 -66.33 -62.74 -26.24
N ASP C 839 -65.82 -63.39 -27.28
CA ASP C 839 -64.41 -63.77 -27.30
C ASP C 839 -63.50 -62.55 -27.37
N MET C 840 -63.93 -61.49 -28.07
CA MET C 840 -63.15 -60.26 -28.08
C MET C 840 -63.13 -59.59 -26.72
N LEU C 841 -64.27 -59.57 -26.03
CA LEU C 841 -64.31 -58.99 -24.68
C LEU C 841 -63.49 -59.80 -23.70
N LYS C 842 -63.46 -61.12 -23.86
CA LYS C 842 -62.56 -61.94 -23.04
C LYS C 842 -61.11 -61.72 -23.43
N SER C 843 -60.83 -61.40 -24.70
CA SER C 843 -59.46 -61.20 -25.15
C SER C 843 -58.87 -59.92 -24.56
N TRP C 844 -59.68 -58.87 -24.46
CA TRP C 844 -59.23 -57.62 -23.86
C TRP C 844 -59.39 -57.61 -22.34
N GLU C 845 -59.75 -58.76 -21.76
CA GLU C 845 -60.00 -58.91 -20.32
C GLU C 845 -61.08 -57.96 -19.83
N LEU C 846 -62.09 -57.75 -20.67
CA LEU C 846 -63.28 -56.98 -20.28
C LEU C 846 -64.40 -57.94 -19.87
N PHE C 847 -64.16 -58.63 -18.75
CA PHE C 847 -65.11 -59.62 -18.26
C PHE C 847 -66.39 -58.98 -17.75
N SER C 848 -66.29 -57.79 -17.15
CA SER C 848 -67.48 -57.06 -16.70
C SER C 848 -68.38 -56.70 -17.87
N MET C 849 -67.78 -56.22 -18.97
CA MET C 849 -68.57 -55.88 -20.14
C MET C 849 -69.18 -57.11 -20.79
N ARG C 850 -68.47 -58.26 -20.74
CA ARG C 850 -69.04 -59.50 -21.25
C ARG C 850 -70.23 -59.95 -20.41
N ALA C 851 -70.13 -59.81 -19.09
CA ALA C 851 -71.24 -60.19 -18.23
C ALA C 851 -72.44 -59.26 -18.42
N ARG C 852 -72.19 -57.95 -18.56
CA ARG C 852 -73.29 -57.02 -18.87
C ARG C 852 -73.91 -57.32 -20.22
N PHE C 853 -73.09 -57.69 -21.21
CA PHE C 853 -73.60 -58.06 -22.52
C PHE C 853 -74.47 -59.31 -22.43
N ASP C 854 -74.05 -60.28 -21.62
CA ASP C 854 -74.83 -61.52 -21.47
C ASP C 854 -76.16 -61.26 -20.76
N VAL C 855 -76.16 -60.44 -19.71
CA VAL C 855 -77.43 -60.15 -19.03
C VAL C 855 -78.32 -59.27 -19.91
N LEU C 856 -77.73 -58.43 -20.77
CA LEU C 856 -78.54 -57.65 -21.70
C LEU C 856 -79.14 -58.55 -22.77
N ARG C 857 -78.39 -59.57 -23.21
CA ARG C 857 -78.94 -60.57 -24.14
C ARG C 857 -80.10 -61.32 -23.51
N SER C 858 -79.97 -61.70 -22.24
CA SER C 858 -81.05 -62.39 -21.55
C SER C 858 -82.25 -61.49 -21.34
N LYS C 859 -82.03 -60.19 -21.09
CA LYS C 859 -83.14 -59.26 -20.98
C LYS C 859 -83.84 -59.05 -22.31
N LEU C 860 -83.09 -59.03 -23.41
CA LEU C 860 -83.68 -58.77 -24.72
C LEU C 860 -84.11 -60.02 -25.46
N SER C 861 -83.90 -61.20 -24.88
CA SER C 861 -84.44 -62.42 -25.47
C SER C 861 -85.79 -62.82 -24.89
N ARG C 862 -86.33 -62.04 -23.95
CA ARG C 862 -87.62 -62.37 -23.36
C ARG C 862 -88.74 -62.05 -24.32
N THR C 863 -89.64 -63.01 -24.51
CA THR C 863 -90.81 -62.83 -25.37
C THR C 863 -91.89 -62.02 -24.67
N LYS C 864 -93.02 -61.87 -25.35
CA LYS C 864 -94.18 -61.22 -24.75
C LYS C 864 -94.74 -62.05 -23.60
N THR C 865 -94.71 -63.38 -23.74
CA THR C 865 -95.08 -64.26 -22.63
C THR C 865 -94.10 -64.13 -21.47
N GLY C 866 -92.80 -63.99 -21.78
CA GLY C 866 -91.76 -63.95 -20.76
C GLY C 866 -90.79 -65.09 -20.81
N VAL C 867 -90.95 -66.03 -21.74
CA VAL C 867 -90.07 -67.19 -21.82
C VAL C 867 -88.72 -66.79 -22.40
N LEU C 868 -87.65 -67.11 -21.68
CA LEU C 868 -86.30 -66.76 -22.11
C LEU C 868 -85.87 -67.72 -23.21
N THR C 869 -85.63 -67.19 -24.40
CA THR C 869 -85.23 -67.98 -25.56
C THR C 869 -83.72 -68.03 -25.77
N ALA C 870 -82.94 -67.43 -24.88
CA ALA C 870 -81.50 -67.47 -25.04
C ALA C 870 -80.93 -68.80 -24.56
N ASP C 871 -79.70 -69.08 -24.99
CA ASP C 871 -79.00 -70.29 -24.59
C ASP C 871 -78.19 -70.01 -23.33
N ILE C 872 -78.51 -70.69 -22.25
CA ILE C 872 -77.81 -70.51 -20.98
C ILE C 872 -76.95 -71.73 -20.69
N LYS C 873 -75.98 -71.54 -19.80
CA LYS C 873 -75.10 -72.62 -19.38
C LYS C 873 -75.87 -73.62 -18.52
N PRO C 874 -75.65 -74.92 -18.72
CA PRO C 874 -76.32 -75.92 -17.87
C PRO C 874 -75.82 -75.87 -16.44
N ARG C 875 -76.58 -76.54 -15.58
CA ARG C 875 -76.31 -76.56 -14.14
C ARG C 875 -75.01 -77.30 -13.85
N GLN C 876 -74.18 -76.72 -13.00
CA GLN C 876 -72.80 -77.18 -12.82
C GLN C 876 -72.58 -77.95 -11.52
N ILE C 877 -72.87 -77.35 -10.37
CA ILE C 877 -72.49 -77.93 -9.08
C ILE C 877 -73.66 -77.78 -8.11
N TYR C 878 -73.72 -78.65 -7.11
CA TYR C 878 -74.70 -78.54 -6.06
C TYR C 878 -74.10 -79.09 -4.77
N ILE C 879 -74.69 -78.68 -3.65
CA ILE C 879 -74.14 -78.94 -2.33
C ILE C 879 -74.83 -80.14 -1.71
N GLN C 880 -74.04 -81.11 -1.26
CA GLN C 880 -74.54 -82.26 -0.53
C GLN C 880 -74.29 -82.07 0.97
N CYS C 881 -74.65 -83.09 1.76
CA CYS C 881 -74.46 -83.06 3.20
C CYS C 881 -73.84 -84.33 3.76
N GLN C 882 -73.76 -85.41 2.97
CA GLN C 882 -73.10 -86.67 3.31
C GLN C 882 -73.77 -87.41 4.49
N ASN C 883 -74.93 -86.95 4.94
CA ASN C 883 -75.73 -87.63 5.94
C ASN C 883 -77.01 -88.21 5.38
N CYS C 884 -77.63 -87.53 4.41
CA CYS C 884 -78.67 -88.11 3.58
C CYS C 884 -78.33 -88.05 2.09
N LYS C 885 -77.19 -87.45 1.73
CA LYS C 885 -76.69 -87.36 0.36
C LYS C 885 -77.70 -86.71 -0.60
N GLN C 886 -78.24 -85.58 -0.16
CA GLN C 886 -79.20 -84.82 -0.94
C GLN C 886 -78.79 -83.35 -0.98
N ASN C 887 -79.51 -82.59 -1.80
CA ASN C 887 -79.29 -81.15 -1.86
C ASN C 887 -79.78 -80.50 -0.59
N ILE C 888 -79.06 -79.47 -0.11
CA ILE C 888 -79.44 -78.81 1.12
C ILE C 888 -80.37 -77.62 0.87
N ASN C 889 -80.67 -77.32 -0.39
CA ASN C 889 -81.56 -76.23 -0.73
C ASN C 889 -82.36 -76.57 -1.98
N THR C 890 -83.61 -76.12 -2.02
CA THR C 890 -84.53 -76.49 -3.08
C THR C 890 -84.65 -75.38 -4.10
N PRO C 891 -84.28 -75.60 -5.37
CA PRO C 891 -84.44 -74.62 -6.44
C PRO C 891 -85.91 -74.32 -6.74
N LYS C 940 -82.35 -71.56 8.74
CA LYS C 940 -82.73 -72.88 9.22
C LYS C 940 -81.59 -73.54 9.99
N TYR C 941 -80.38 -73.42 9.44
CA TYR C 941 -79.13 -73.91 10.04
C TYR C 941 -79.11 -75.43 10.23
N CYS C 942 -79.93 -76.15 9.47
CA CYS C 942 -79.94 -77.61 9.49
C CYS C 942 -80.31 -78.12 8.10
N CYS C 943 -79.98 -79.38 7.84
CA CYS C 943 -80.33 -79.97 6.55
C CYS C 943 -81.84 -80.19 6.48
N PRO C 944 -82.50 -79.79 5.39
CA PRO C 944 -83.95 -79.92 5.30
C PRO C 944 -84.44 -81.33 4.97
N HIS C 945 -83.56 -82.32 4.89
CA HIS C 945 -83.99 -83.68 4.63
C HIS C 945 -83.56 -84.69 5.69
N CYS C 946 -82.53 -84.39 6.49
CA CYS C 946 -82.14 -85.29 7.57
C CYS C 946 -81.85 -84.58 8.88
N GLY C 947 -81.91 -83.25 8.92
CA GLY C 947 -81.77 -82.52 10.16
C GLY C 947 -80.35 -82.44 10.72
N SER C 948 -79.36 -82.92 9.98
CA SER C 948 -77.99 -82.89 10.47
C SER C 948 -77.46 -81.46 10.48
N SER C 949 -76.49 -81.21 11.35
CA SER C 949 -76.01 -79.87 11.57
C SER C 949 -75.11 -79.41 10.42
N PHE C 950 -75.31 -78.18 9.98
CA PHE C 950 -74.48 -77.61 8.95
C PHE C 950 -73.12 -77.22 9.53
N PRO C 951 -72.05 -77.28 8.73
CA PRO C 951 -70.74 -76.85 9.22
C PRO C 951 -70.73 -75.35 9.49
N ARG C 952 -69.90 -74.97 10.45
CA ARG C 952 -69.83 -73.60 10.93
C ARG C 952 -68.67 -72.88 10.27
N CYS C 953 -68.73 -71.55 10.29
CA CYS C 953 -67.59 -70.75 9.86
C CYS C 953 -66.43 -70.97 10.82
N ALA C 954 -65.21 -71.02 10.27
CA ALA C 954 -64.04 -71.25 11.09
C ALA C 954 -63.63 -70.04 11.91
N ILE C 955 -64.22 -68.88 11.64
CA ILE C 955 -63.79 -67.65 12.31
C ILE C 955 -64.79 -67.25 13.38
N CYS C 956 -66.03 -66.99 12.98
CA CYS C 956 -67.06 -66.53 13.90
C CYS C 956 -67.94 -67.63 14.46
N LEU C 957 -67.72 -68.89 14.06
CA LEU C 957 -68.46 -70.06 14.54
C LEU C 957 -69.96 -69.94 14.31
N MET C 958 -70.34 -69.39 13.15
CA MET C 958 -71.74 -69.26 12.78
C MET C 958 -72.08 -70.19 11.63
N PRO C 959 -73.23 -70.85 11.67
CA PRO C 959 -73.52 -71.92 10.70
C PRO C 959 -74.00 -71.36 9.36
N LEU C 960 -74.38 -72.28 8.47
CA LEU C 960 -74.91 -71.93 7.16
C LEU C 960 -76.41 -71.69 7.25
N GLY C 961 -76.87 -70.65 6.58
CA GLY C 961 -78.28 -70.32 6.58
C GLY C 961 -78.96 -70.63 5.27
N THR C 962 -80.00 -71.46 5.30
CA THR C 962 -80.76 -71.82 4.11
C THR C 962 -82.23 -71.48 4.30
N SER C 963 -82.84 -70.91 3.26
CA SER C 963 -84.24 -70.55 3.30
C SER C 963 -84.85 -70.55 1.91
N LYS C 995 -76.48 -55.47 -4.21
CA LYS C 995 -77.21 -55.53 -2.95
C LYS C 995 -76.74 -56.72 -2.11
N LEU C 996 -75.79 -57.48 -2.64
CA LEU C 996 -75.27 -58.66 -1.96
C LEU C 996 -74.14 -58.24 -1.03
N LYS C 997 -74.40 -58.27 0.27
CA LYS C 997 -73.36 -58.01 1.25
C LYS C 997 -72.35 -59.15 1.26
N LEU C 998 -71.10 -58.82 1.61
CA LEU C 998 -70.03 -59.81 1.63
C LEU C 998 -70.25 -60.87 2.71
N ASN C 999 -70.70 -60.45 3.90
CA ASN C 999 -70.90 -61.38 4.99
C ASN C 999 -72.26 -62.07 4.92
N GLU C 1000 -72.58 -62.69 3.79
CA GLU C 1000 -73.85 -63.39 3.64
C GLU C 1000 -73.76 -64.77 3.00
N TRP C 1001 -72.70 -65.08 2.24
CA TRP C 1001 -72.58 -66.39 1.62
C TRP C 1001 -71.26 -67.05 1.98
N PHE C 1002 -71.27 -68.37 2.05
CA PHE C 1002 -70.03 -69.13 2.23
C PHE C 1002 -69.22 -69.22 0.95
N SER C 1003 -67.91 -69.04 1.08
CA SER C 1003 -66.97 -69.26 -0.01
C SER C 1003 -66.41 -70.66 0.14
N PHE C 1004 -67.15 -71.65 -0.37
CA PHE C 1004 -66.76 -73.05 -0.25
C PHE C 1004 -65.65 -73.37 -1.22
N CYS C 1005 -64.54 -73.88 -0.70
CA CYS C 1005 -63.50 -74.42 -1.57
C CYS C 1005 -63.95 -75.75 -2.13
N LEU C 1006 -63.60 -76.01 -3.38
CA LEU C 1006 -63.99 -77.24 -4.05
C LEU C 1006 -62.93 -78.34 -3.93
N SER C 1007 -61.86 -78.09 -3.18
CA SER C 1007 -60.82 -79.08 -2.94
C SER C 1007 -60.85 -79.64 -1.52
N CYS C 1008 -60.97 -78.79 -0.51
CA CYS C 1008 -61.01 -79.23 0.87
C CYS C 1008 -62.41 -79.20 1.48
N ASN C 1009 -63.39 -78.61 0.78
CA ASN C 1009 -64.80 -78.57 1.18
C ASN C 1009 -64.99 -77.91 2.55
N HIS C 1010 -64.25 -76.85 2.82
CA HIS C 1010 -64.38 -76.07 4.05
C HIS C 1010 -64.87 -74.66 3.71
N GLY C 1011 -65.90 -74.22 4.42
CA GLY C 1011 -66.58 -72.97 4.09
C GLY C 1011 -66.42 -71.91 5.16
N MET C 1012 -66.21 -70.67 4.70
CA MET C 1012 -66.18 -69.48 5.53
C MET C 1012 -67.05 -68.42 4.86
N HIS C 1013 -67.52 -67.47 5.66
CA HIS C 1013 -68.17 -66.29 5.09
C HIS C 1013 -67.18 -65.51 4.24
N ALA C 1014 -67.70 -64.84 3.20
CA ALA C 1014 -66.84 -64.18 2.22
C ALA C 1014 -66.06 -63.02 2.82
N GLY C 1015 -66.69 -62.28 3.73
CA GLY C 1015 -65.95 -61.25 4.46
C GLY C 1015 -64.90 -61.86 5.36
N HIS C 1016 -65.24 -62.94 6.04
CA HIS C 1016 -64.29 -63.66 6.88
C HIS C 1016 -63.17 -64.27 6.03
N ALA C 1017 -63.53 -64.81 4.87
CA ALA C 1017 -62.51 -65.40 3.99
C ALA C 1017 -61.58 -64.34 3.43
N GLU C 1018 -62.11 -63.17 3.10
CA GLU C 1018 -61.25 -62.08 2.64
C GLU C 1018 -60.35 -61.57 3.75
N GLU C 1019 -60.88 -61.47 4.98
CA GLU C 1019 -60.07 -60.99 6.10
C GLU C 1019 -59.01 -61.99 6.50
N TRP C 1020 -59.29 -63.29 6.36
CA TRP C 1020 -58.32 -64.33 6.74
C TRP C 1020 -57.28 -64.55 5.64
N PHE C 1021 -57.72 -64.71 4.40
CA PHE C 1021 -56.83 -65.06 3.30
C PHE C 1021 -56.01 -63.88 2.79
N ASP C 1022 -56.27 -62.66 3.27
CA ASP C 1022 -55.43 -61.52 2.92
C ASP C 1022 -54.04 -61.66 3.54
N ARG C 1023 -53.97 -62.13 4.78
CA ARG C 1023 -52.71 -62.25 5.50
C ARG C 1023 -52.30 -63.70 5.73
N HIS C 1024 -53.01 -64.66 5.14
CA HIS C 1024 -52.69 -66.06 5.28
C HIS C 1024 -52.98 -66.79 3.97
N ASN C 1025 -52.43 -68.01 3.86
CA ASN C 1025 -52.56 -68.77 2.62
C ASN C 1025 -52.87 -70.24 2.88
N VAL C 1026 -53.45 -70.58 4.03
CA VAL C 1026 -53.79 -71.96 4.33
C VAL C 1026 -55.25 -72.00 4.80
N CYS C 1027 -55.86 -73.17 4.66
CA CYS C 1027 -57.24 -73.35 5.10
C CYS C 1027 -57.31 -73.23 6.62
N PRO C 1028 -58.25 -72.44 7.16
CA PRO C 1028 -58.27 -72.18 8.60
C PRO C 1028 -58.75 -73.36 9.44
N THR C 1029 -59.33 -74.39 8.83
CA THR C 1029 -59.84 -75.52 9.59
C THR C 1029 -58.70 -76.35 10.18
N PRO C 1030 -58.91 -76.96 11.36
CA PRO C 1030 -57.83 -77.68 12.03
C PRO C 1030 -57.47 -79.02 11.38
N GLY C 1031 -56.61 -79.00 10.37
CA GLY C 1031 -56.13 -80.23 9.78
C GLY C 1031 -56.21 -80.28 8.27
N CYS C 1032 -56.29 -79.11 7.64
CA CYS C 1032 -56.32 -78.99 6.19
C CYS C 1032 -55.11 -78.22 5.70
N THR C 1033 -54.49 -78.71 4.64
CA THR C 1033 -53.39 -78.03 3.96
C THR C 1033 -53.83 -77.80 2.51
N CYS C 1034 -54.55 -76.71 2.29
CA CYS C 1034 -55.10 -76.40 0.98
C CYS C 1034 -55.10 -74.88 0.83
N GLN C 1035 -54.26 -74.37 -0.06
CA GLN C 1035 -54.17 -72.92 -0.31
C GLN C 1035 -55.34 -72.53 -1.20
N CYS C 1036 -56.43 -72.09 -0.56
CA CYS C 1036 -57.64 -71.74 -1.28
C CYS C 1036 -57.59 -70.37 -1.94
N ASN C 1037 -56.59 -69.56 -1.65
CA ASN C 1037 -56.49 -68.24 -2.25
C ASN C 1037 -55.05 -67.95 -2.67
N VAL D 2 -69.60 -47.02 33.83
CA VAL D 2 -70.95 -47.42 33.45
C VAL D 2 -71.83 -47.52 34.68
N VAL D 3 -72.55 -46.45 34.99
CA VAL D 3 -73.37 -46.33 36.19
C VAL D 3 -74.84 -46.35 35.77
N ILE D 4 -75.59 -47.33 36.26
CA ILE D 4 -77.02 -47.43 36.02
C ILE D 4 -77.73 -47.26 37.35
N ALA D 5 -78.62 -46.28 37.42
CA ALA D 5 -79.41 -46.00 38.61
C ALA D 5 -80.87 -46.33 38.37
N ASN D 6 -81.50 -46.91 39.40
CA ASN D 6 -82.89 -47.41 39.43
C ASN D 6 -83.31 -48.11 38.13
N ALA D 7 -82.55 -49.16 37.80
CA ALA D 7 -82.92 -50.00 36.66
C ALA D 7 -84.25 -50.72 36.90
N HIS D 8 -84.48 -51.17 38.13
CA HIS D 8 -85.71 -51.85 38.50
C HIS D 8 -86.34 -51.14 39.70
N ASN D 9 -87.67 -51.24 39.79
CA ASN D 9 -88.39 -50.54 40.84
C ASN D 9 -88.11 -51.14 42.22
N GLU D 10 -88.11 -52.47 42.32
CA GLU D 10 -87.92 -53.14 43.61
C GLU D 10 -86.94 -54.29 43.43
N LEU D 11 -85.81 -54.20 44.14
CA LEU D 11 -84.81 -55.24 44.31
C LEU D 11 -84.08 -55.61 43.02
N ILE D 12 -82.99 -56.36 43.14
CA ILE D 12 -82.21 -56.84 42.00
C ILE D 12 -81.56 -58.15 42.40
N HIS D 13 -81.52 -59.10 41.46
CA HIS D 13 -81.03 -60.43 41.77
C HIS D 13 -79.82 -60.87 40.96
N ASP D 14 -79.70 -60.44 39.70
CA ASP D 14 -78.53 -60.76 38.90
C ASP D 14 -78.34 -59.70 37.82
N ALA D 15 -77.10 -59.55 37.37
CA ALA D 15 -76.78 -58.68 36.25
C ALA D 15 -75.59 -59.31 35.52
N VAL D 16 -75.88 -60.08 34.48
CA VAL D 16 -74.88 -60.92 33.83
C VAL D 16 -74.54 -60.29 32.49
N LEU D 17 -73.26 -59.99 32.29
CA LEU D 17 -72.78 -59.52 30.99
C LEU D 17 -72.79 -60.67 29.99
N ASP D 18 -72.85 -60.31 28.71
CA ASP D 18 -72.86 -61.30 27.64
C ASP D 18 -71.43 -61.78 27.37
N TYR D 19 -71.27 -62.54 26.29
CA TYR D 19 -69.96 -63.11 25.95
C TYR D 19 -68.96 -62.03 25.55
N TYR D 20 -69.41 -61.03 24.80
CA TYR D 20 -68.51 -59.99 24.29
C TYR D 20 -68.40 -58.80 25.22
N GLY D 21 -69.11 -58.81 26.36
CA GLY D 21 -69.12 -57.66 27.24
C GLY D 21 -69.85 -56.47 26.67
N LYS D 22 -70.80 -56.69 25.76
CA LYS D 22 -71.50 -55.61 25.09
C LYS D 22 -72.96 -55.50 25.46
N ARG D 23 -73.56 -56.55 26.03
CA ARG D 23 -74.96 -56.52 26.45
C ARG D 23 -75.08 -57.06 27.85
N LEU D 24 -75.89 -56.39 28.67
CA LEU D 24 -76.06 -56.72 30.08
C LEU D 24 -77.51 -57.08 30.34
N ALA D 25 -77.73 -58.23 30.97
CA ALA D 25 -79.07 -58.75 31.24
C ALA D 25 -79.31 -58.69 32.74
N THR D 26 -80.08 -57.69 33.17
CA THR D 26 -80.40 -57.49 34.58
C THR D 26 -81.79 -58.03 34.87
N CYS D 27 -81.88 -58.93 35.84
CA CYS D 27 -83.15 -59.47 36.29
C CYS D 27 -83.38 -59.09 37.74
N SER D 28 -84.63 -59.15 38.17
CA SER D 28 -85.00 -58.65 39.50
C SER D 28 -86.23 -59.40 39.99
N SER D 29 -86.78 -58.95 41.11
CA SER D 29 -88.00 -59.52 41.66
C SER D 29 -89.26 -58.90 41.07
N ASP D 30 -89.12 -57.93 40.18
CA ASP D 30 -90.26 -57.30 39.51
C ASP D 30 -90.78 -58.08 38.31
N LYS D 31 -90.41 -59.36 38.20
CA LYS D 31 -90.78 -60.24 37.08
C LYS D 31 -90.33 -59.69 35.73
N THR D 32 -89.24 -58.92 35.72
CA THR D 32 -88.79 -58.20 34.54
C THR D 32 -87.32 -58.50 34.29
N ILE D 33 -86.95 -58.63 33.02
CA ILE D 33 -85.57 -58.73 32.58
C ILE D 33 -85.30 -57.60 31.59
N LYS D 34 -84.22 -56.87 31.82
CA LYS D 34 -83.91 -55.69 31.02
C LYS D 34 -82.54 -55.87 30.37
N ILE D 35 -82.46 -55.52 29.09
CA ILE D 35 -81.25 -55.65 28.30
C ILE D 35 -80.70 -54.27 28.02
N PHE D 36 -79.42 -54.06 28.32
CA PHE D 36 -78.78 -52.76 28.16
C PHE D 36 -77.57 -52.91 27.24
N GLU D 37 -77.42 -51.96 26.32
CA GLU D 37 -76.21 -51.86 25.53
C GLU D 37 -75.17 -51.10 26.33
N VAL D 38 -74.07 -51.78 26.68
CA VAL D 38 -73.09 -51.19 27.59
C VAL D 38 -71.79 -50.89 26.84
N GLU D 39 -71.90 -50.60 25.55
CA GLU D 39 -70.75 -50.15 24.77
C GLU D 39 -70.25 -48.81 25.29
N GLY D 40 -68.94 -48.73 25.54
CA GLY D 40 -68.37 -47.54 26.16
C GLY D 40 -68.90 -47.35 27.57
N GLU D 41 -69.19 -46.10 27.91
CA GLU D 41 -69.89 -45.78 29.15
C GLU D 41 -71.39 -45.64 28.98
N THR D 42 -71.88 -45.65 27.74
CA THR D 42 -73.31 -45.53 27.49
C THR D 42 -74.04 -46.80 27.90
N HIS D 43 -75.18 -46.63 28.56
CA HIS D 43 -75.99 -47.76 29.06
C HIS D 43 -77.43 -47.61 28.59
N LYS D 44 -77.59 -47.39 27.28
CA LYS D 44 -78.91 -47.24 26.68
C LYS D 44 -79.74 -48.52 26.80
N LEU D 45 -80.96 -48.38 27.30
CA LEU D 45 -81.88 -49.50 27.46
C LEU D 45 -82.36 -49.98 26.10
N ILE D 46 -82.71 -51.27 26.03
CA ILE D 46 -83.19 -51.87 24.79
C ILE D 46 -84.61 -52.38 24.97
N ASP D 47 -84.81 -53.30 25.91
CA ASP D 47 -86.08 -54.00 26.02
C ASP D 47 -86.42 -54.26 27.48
N THR D 48 -87.68 -54.62 27.71
CA THR D 48 -88.27 -54.71 29.05
C THR D 48 -89.05 -56.03 29.15
N LEU D 49 -88.35 -57.12 28.89
CA LEU D 49 -88.91 -58.47 28.83
C LEU D 49 -89.72 -58.84 30.08
N THR D 50 -90.97 -59.25 29.85
CA THR D 50 -91.91 -59.62 30.92
C THR D 50 -92.55 -60.95 30.52
N GLY D 51 -92.04 -62.05 31.06
CA GLY D 51 -92.67 -63.33 30.86
C GLY D 51 -92.97 -64.10 32.13
N HIS D 52 -92.25 -63.82 33.20
CA HIS D 52 -92.30 -64.63 34.41
C HIS D 52 -93.44 -64.19 35.31
N GLU D 53 -94.07 -65.15 35.97
CA GLU D 53 -95.10 -64.88 36.97
C GLU D 53 -94.54 -64.67 38.36
N GLY D 54 -93.25 -64.89 38.56
CA GLY D 54 -92.64 -64.72 39.86
C GLY D 54 -91.34 -63.93 39.80
N PRO D 55 -90.72 -63.72 40.96
CA PRO D 55 -89.42 -63.03 40.98
C PRO D 55 -88.34 -63.83 40.24
N VAL D 56 -87.58 -63.13 39.41
CA VAL D 56 -86.57 -63.75 38.57
C VAL D 56 -85.24 -63.77 39.31
N TRP D 57 -84.63 -64.95 39.40
CA TRP D 57 -83.40 -65.12 40.18
C TRP D 57 -82.15 -64.91 39.33
N ARG D 58 -81.98 -65.72 38.28
CA ARG D 58 -80.74 -65.74 37.53
C ARG D 58 -81.03 -65.77 36.04
N VAL D 59 -80.11 -65.22 35.27
CA VAL D 59 -80.10 -65.29 33.82
C VAL D 59 -78.71 -65.70 33.38
N ASP D 60 -78.61 -66.22 32.15
CA ASP D 60 -77.33 -66.67 31.63
C ASP D 60 -77.38 -66.61 30.11
N TRP D 61 -76.51 -65.79 29.52
CA TRP D 61 -76.41 -65.73 28.07
C TRP D 61 -75.83 -67.02 27.51
N ALA D 62 -76.29 -67.40 26.32
CA ALA D 62 -75.69 -68.51 25.60
C ALA D 62 -74.51 -68.02 24.78
N HIS D 63 -73.77 -68.97 24.23
CA HIS D 63 -72.64 -68.65 23.38
C HIS D 63 -73.13 -68.03 22.07
N PRO D 64 -72.36 -67.11 21.48
CA PRO D 64 -72.68 -66.62 20.13
C PRO D 64 -72.59 -67.69 19.06
N LYS D 65 -71.95 -68.83 19.35
CA LYS D 65 -72.04 -70.02 18.52
C LYS D 65 -73.48 -70.43 18.27
N PHE D 66 -74.34 -70.31 19.29
CA PHE D 66 -75.75 -70.66 19.16
C PHE D 66 -76.65 -69.44 18.95
N GLY D 67 -76.08 -68.24 18.89
CA GLY D 67 -76.86 -67.05 18.64
C GLY D 67 -77.07 -66.22 19.90
N THR D 68 -77.91 -65.21 19.77
CA THR D 68 -78.24 -64.32 20.88
C THR D 68 -79.40 -64.94 21.68
N ILE D 69 -79.04 -65.84 22.58
CA ILE D 69 -80.00 -66.60 23.36
C ILE D 69 -79.73 -66.36 24.83
N LEU D 70 -80.75 -65.97 25.58
CA LEU D 70 -80.64 -65.72 27.01
C LEU D 70 -81.65 -66.59 27.75
N ALA D 71 -81.14 -67.40 28.68
CA ALA D 71 -82.00 -68.21 29.54
C ALA D 71 -82.40 -67.42 30.78
N SER D 72 -83.37 -67.95 31.52
CA SER D 72 -83.89 -67.27 32.70
C SER D 72 -84.54 -68.29 33.62
N CYS D 73 -84.44 -68.03 34.92
CA CYS D 73 -85.06 -68.86 35.93
C CYS D 73 -85.75 -67.97 36.95
N SER D 74 -86.84 -68.47 37.53
CA SER D 74 -87.65 -67.65 38.42
C SER D 74 -88.27 -68.51 39.52
N TYR D 75 -89.04 -67.85 40.38
CA TYR D 75 -89.63 -68.47 41.57
C TYR D 75 -90.76 -69.43 41.20
N ASP D 76 -91.35 -69.29 40.02
CA ASP D 76 -92.50 -70.11 39.63
C ASP D 76 -92.11 -71.48 39.09
N GLY D 77 -90.82 -71.78 38.97
CA GLY D 77 -90.39 -73.05 38.44
C GLY D 77 -90.36 -73.15 36.94
N LYS D 78 -90.57 -72.04 36.23
CA LYS D 78 -90.56 -72.03 34.77
C LYS D 78 -89.25 -71.42 34.28
N VAL D 79 -88.55 -72.15 33.42
CA VAL D 79 -87.33 -71.67 32.78
C VAL D 79 -87.70 -71.15 31.40
N LEU D 80 -87.62 -69.83 31.23
CA LEU D 80 -87.94 -69.19 29.97
C LEU D 80 -86.67 -68.80 29.23
N ILE D 81 -86.71 -68.93 27.90
CA ILE D 81 -85.54 -68.78 27.05
C ILE D 81 -85.87 -67.75 25.98
N TRP D 82 -85.03 -66.73 25.86
CA TRP D 82 -85.32 -65.57 25.03
C TRP D 82 -84.31 -65.48 23.91
N LYS D 83 -84.78 -65.27 22.69
CA LYS D 83 -83.93 -65.14 21.51
C LYS D 83 -84.26 -63.84 20.79
N GLU D 84 -83.23 -63.12 20.36
CA GLU D 84 -83.37 -61.84 19.67
C GLU D 84 -83.16 -62.05 18.18
N GLU D 85 -84.25 -62.10 17.41
CA GLU D 85 -84.20 -62.26 15.97
C GLU D 85 -84.63 -60.96 15.32
N ASN D 86 -83.77 -60.43 14.44
CA ASN D 86 -84.01 -59.18 13.70
C ASN D 86 -84.28 -58.00 14.64
N GLY D 87 -83.62 -57.98 15.79
CA GLY D 87 -83.84 -56.96 16.79
C GLY D 87 -85.10 -57.12 17.60
N ARG D 88 -85.84 -58.21 17.44
CA ARG D 88 -87.09 -58.45 18.15
C ARG D 88 -86.86 -59.57 19.17
N TRP D 89 -86.72 -59.19 20.43
CA TRP D 89 -86.60 -60.17 21.51
C TRP D 89 -87.92 -60.93 21.68
N SER D 90 -87.83 -62.24 21.84
CA SER D 90 -89.03 -63.07 21.96
C SER D 90 -88.70 -64.37 22.69
N GLN D 91 -89.66 -64.84 23.46
CA GLN D 91 -89.56 -66.14 24.12
C GLN D 91 -89.70 -67.25 23.09
N ILE D 92 -88.90 -68.31 23.25
CA ILE D 92 -88.86 -69.42 22.30
C ILE D 92 -89.38 -70.71 22.92
N ALA D 93 -88.75 -71.18 24.00
CA ALA D 93 -89.08 -72.49 24.57
C ALA D 93 -89.33 -72.36 26.07
N VAL D 94 -90.11 -73.30 26.59
CA VAL D 94 -90.49 -73.34 28.00
C VAL D 94 -89.97 -74.62 28.61
N HIS D 95 -89.31 -74.51 29.76
CA HIS D 95 -88.78 -75.64 30.52
C HIS D 95 -89.32 -75.58 31.94
N ALA D 96 -90.51 -76.15 32.14
CA ALA D 96 -91.14 -76.19 33.46
C ALA D 96 -91.26 -77.65 33.87
N VAL D 97 -90.21 -78.17 34.51
CA VAL D 97 -90.17 -79.58 34.90
C VAL D 97 -90.07 -79.78 36.40
N HIS D 98 -89.71 -78.76 37.18
CA HIS D 98 -89.54 -78.90 38.62
C HIS D 98 -90.78 -78.44 39.37
N SER D 99 -91.03 -79.08 40.51
CA SER D 99 -92.20 -78.79 41.33
C SER D 99 -91.99 -77.63 42.29
N ALA D 100 -90.81 -77.02 42.30
CA ALA D 100 -90.53 -75.90 43.20
C ALA D 100 -89.81 -74.79 42.45
N SER D 101 -89.30 -73.80 43.19
CA SER D 101 -88.62 -72.67 42.57
C SER D 101 -87.29 -73.13 41.98
N VAL D 102 -87.04 -72.74 40.73
CA VAL D 102 -85.76 -73.02 40.08
C VAL D 102 -84.75 -71.97 40.52
N ASN D 103 -83.64 -72.42 41.10
CA ASN D 103 -82.69 -71.51 41.73
C ASN D 103 -81.59 -71.06 40.77
N SER D 104 -80.90 -72.01 40.13
CA SER D 104 -79.73 -71.69 39.31
C SER D 104 -79.96 -72.09 37.87
N VAL D 105 -79.55 -71.20 36.95
CA VAL D 105 -79.53 -71.47 35.53
C VAL D 105 -78.17 -71.07 34.98
N GLN D 106 -77.58 -71.93 34.17
CA GLN D 106 -76.25 -71.67 33.61
C GLN D 106 -76.05 -72.54 32.38
N TRP D 107 -75.57 -71.94 31.29
CA TRP D 107 -75.32 -72.68 30.07
C TRP D 107 -74.05 -73.52 30.19
N ALA D 108 -74.02 -74.62 29.45
CA ALA D 108 -72.83 -75.44 29.37
C ALA D 108 -71.74 -74.74 28.56
N PRO D 109 -70.49 -75.18 28.68
CA PRO D 109 -69.48 -74.75 27.71
C PRO D 109 -69.86 -75.18 26.30
N HIS D 110 -69.50 -74.34 25.33
CA HIS D 110 -70.00 -74.48 23.96
C HIS D 110 -69.48 -75.73 23.24
N GLU D 111 -68.49 -76.42 23.80
CA GLU D 111 -68.06 -77.69 23.23
C GLU D 111 -69.07 -78.79 23.48
N TYR D 112 -69.90 -78.66 24.51
CA TYR D 112 -70.85 -79.69 24.90
C TYR D 112 -72.17 -79.57 24.17
N GLY D 113 -72.35 -78.53 23.35
CA GLY D 113 -73.61 -78.26 22.73
C GLY D 113 -74.46 -77.31 23.56
N PRO D 114 -75.63 -76.92 23.06
CA PRO D 114 -76.49 -76.00 23.81
C PRO D 114 -77.24 -76.69 24.94
N LEU D 115 -76.53 -76.88 26.05
CA LEU D 115 -77.05 -77.57 27.22
C LEU D 115 -77.22 -76.59 28.38
N LEU D 116 -78.34 -76.69 29.08
CA LEU D 116 -78.70 -75.77 30.16
C LEU D 116 -78.73 -76.51 31.48
N LEU D 117 -78.01 -75.98 32.46
CA LEU D 117 -77.97 -76.56 33.81
C LEU D 117 -79.06 -75.89 34.64
N VAL D 118 -80.20 -76.58 34.79
CA VAL D 118 -81.34 -76.06 35.53
C VAL D 118 -81.36 -76.73 36.89
N ALA D 119 -81.19 -75.94 37.96
CA ALA D 119 -81.16 -76.44 39.32
C ALA D 119 -82.27 -75.76 40.12
N SER D 120 -83.02 -76.55 40.88
CA SER D 120 -84.20 -76.08 41.58
C SER D 120 -84.05 -76.29 43.09
N SER D 121 -84.96 -75.67 43.84
CA SER D 121 -84.91 -75.64 45.29
C SER D 121 -85.49 -76.89 45.94
N ASP D 122 -86.00 -77.84 45.17
CA ASP D 122 -86.49 -79.10 45.71
C ASP D 122 -85.42 -80.20 45.69
N GLY D 123 -84.15 -79.84 45.59
CA GLY D 123 -83.08 -80.82 45.58
C GLY D 123 -82.93 -81.58 44.29
N LYS D 124 -83.51 -81.09 43.20
CA LYS D 124 -83.47 -81.76 41.90
C LYS D 124 -82.81 -80.85 40.87
N VAL D 125 -81.97 -81.45 40.03
CA VAL D 125 -81.30 -80.74 38.95
C VAL D 125 -81.70 -81.40 37.64
N SER D 126 -81.63 -80.62 36.56
CA SER D 126 -82.02 -81.11 35.25
C SER D 126 -81.15 -80.45 34.18
N VAL D 127 -80.58 -81.27 33.31
CA VAL D 127 -79.75 -80.81 32.20
C VAL D 127 -80.54 -81.00 30.91
N VAL D 128 -80.84 -79.89 30.24
CA VAL D 128 -81.77 -79.89 29.10
C VAL D 128 -81.06 -79.31 27.89
N GLU D 129 -81.30 -79.92 26.73
CA GLU D 129 -80.67 -79.53 25.47
C GLU D 129 -81.69 -78.81 24.60
N PHE D 130 -81.28 -77.69 24.02
CA PHE D 130 -82.14 -76.88 23.14
C PHE D 130 -81.58 -76.96 21.72
N LYS D 131 -82.02 -77.97 20.97
CA LYS D 131 -81.64 -78.13 19.57
C LYS D 131 -82.90 -78.18 18.73
N GLU D 132 -83.02 -77.22 17.80
CA GLU D 132 -84.08 -77.13 16.79
C GLU D 132 -85.48 -77.20 17.40
N ASN D 133 -86.41 -77.82 16.69
CA ASN D 133 -87.76 -78.03 17.20
C ASN D 133 -87.89 -79.34 17.98
N GLY D 134 -87.04 -80.32 17.68
CA GLY D 134 -87.05 -81.58 18.39
C GLY D 134 -86.28 -81.53 19.70
N THR D 135 -86.88 -80.93 20.73
CA THR D 135 -86.24 -80.79 22.03
C THR D 135 -86.06 -82.15 22.69
N THR D 136 -85.02 -82.25 23.53
CA THR D 136 -84.66 -83.49 24.19
C THR D 136 -85.28 -83.57 25.58
N SER D 137 -85.38 -84.78 26.08
CA SER D 137 -85.87 -85.00 27.43
C SER D 137 -84.80 -84.59 28.44
N PRO D 138 -85.09 -83.67 29.36
CA PRO D 138 -84.09 -83.27 30.37
C PRO D 138 -83.85 -84.40 31.36
N ILE D 139 -82.58 -84.80 31.48
CA ILE D 139 -82.21 -85.84 32.44
C ILE D 139 -82.26 -85.26 33.84
N ILE D 140 -83.00 -85.92 34.73
CA ILE D 140 -83.25 -85.44 36.08
C ILE D 140 -82.60 -86.41 37.05
N ILE D 141 -81.77 -85.89 37.95
CA ILE D 141 -81.20 -86.66 39.05
C ILE D 141 -81.39 -85.85 40.33
N ASP D 142 -81.67 -86.55 41.42
CA ASP D 142 -81.85 -85.91 42.72
C ASP D 142 -80.47 -85.58 43.28
N ALA D 143 -80.06 -84.32 43.12
CA ALA D 143 -78.71 -83.93 43.50
C ALA D 143 -78.56 -83.86 45.02
N HIS D 144 -79.53 -83.25 45.70
CA HIS D 144 -79.45 -83.04 47.13
C HIS D 144 -80.79 -83.41 47.77
N ALA D 145 -80.78 -83.49 49.11
CA ALA D 145 -81.95 -83.98 49.82
C ALA D 145 -82.97 -82.89 50.09
N ILE D 146 -82.52 -81.71 50.53
CA ILE D 146 -83.44 -80.67 50.95
C ILE D 146 -83.50 -79.49 49.99
N GLY D 147 -82.49 -79.29 49.14
CA GLY D 147 -82.54 -78.20 48.18
C GLY D 147 -81.22 -77.90 47.50
N VAL D 148 -81.27 -77.37 46.29
CA VAL D 148 -80.10 -76.97 45.53
C VAL D 148 -80.24 -75.49 45.19
N ASN D 149 -79.24 -74.69 45.59
CA ASN D 149 -79.27 -73.25 45.36
C ASN D 149 -78.33 -72.78 44.27
N SER D 150 -77.37 -73.60 43.85
CA SER D 150 -76.43 -73.18 42.81
C SER D 150 -75.91 -74.41 42.07
N ALA D 151 -75.50 -74.18 40.82
CA ALA D 151 -74.94 -75.23 39.98
C ALA D 151 -74.16 -74.57 38.85
N SER D 152 -72.88 -74.91 38.74
CA SER D 152 -71.99 -74.29 37.76
C SER D 152 -71.17 -75.37 37.06
N TRP D 153 -70.74 -75.05 35.84
CA TRP D 153 -70.09 -76.03 34.97
C TRP D 153 -68.58 -76.00 35.14
N ALA D 154 -67.94 -77.10 34.73
CA ALA D 154 -66.49 -77.15 34.61
C ALA D 154 -66.06 -76.86 33.17
N PRO D 155 -65.01 -76.08 32.97
CA PRO D 155 -64.63 -75.71 31.60
C PRO D 155 -64.01 -76.87 30.84
N ALA D 156 -64.22 -76.85 29.52
CA ALA D 156 -63.65 -77.84 28.62
C ALA D 156 -62.29 -77.33 28.16
N THR D 157 -61.23 -77.75 28.88
CA THR D 157 -59.89 -77.29 28.57
C THR D 157 -59.37 -77.86 27.26
N ILE D 158 -59.88 -79.01 26.84
CA ILE D 158 -59.53 -79.59 25.55
C ILE D 158 -60.75 -79.57 24.63
N GLU D 159 -60.53 -79.96 23.38
CA GLU D 159 -61.58 -79.90 22.36
C GLU D 159 -62.65 -80.95 22.62
N SER D 170 -64.08 -85.82 30.81
CA SER D 170 -65.52 -85.89 30.66
C SER D 170 -66.19 -84.64 31.23
N ARG D 171 -67.49 -84.49 30.95
CA ARG D 171 -68.22 -83.29 31.35
C ARG D 171 -68.53 -83.37 32.84
N LYS D 172 -68.28 -82.27 33.55
CA LYS D 172 -68.51 -82.20 34.99
C LYS D 172 -69.15 -80.87 35.34
N PHE D 173 -69.92 -80.87 36.42
CA PHE D 173 -70.47 -79.64 36.96
C PHE D 173 -70.60 -79.75 38.48
N VAL D 174 -70.35 -78.64 39.16
CA VAL D 174 -70.44 -78.57 40.62
C VAL D 174 -71.89 -78.26 40.99
N THR D 175 -72.36 -78.84 42.09
CA THR D 175 -73.73 -78.64 42.55
C THR D 175 -73.70 -78.32 44.04
N GLY D 176 -74.14 -77.11 44.39
CA GLY D 176 -74.18 -76.67 45.77
C GLY D 176 -75.57 -76.84 46.35
N GLY D 177 -75.66 -77.58 47.45
CA GLY D 177 -76.92 -77.91 48.06
C GLY D 177 -77.28 -77.01 49.23
N ALA D 178 -78.42 -77.32 49.83
CA ALA D 178 -78.89 -76.66 51.05
C ALA D 178 -78.73 -77.54 52.28
N ASP D 179 -77.94 -78.62 52.18
CA ASP D 179 -77.73 -79.52 53.30
C ASP D 179 -76.26 -79.65 53.63
N ASN D 180 -75.56 -78.50 53.69
CA ASN D 180 -74.17 -78.40 54.13
C ASN D 180 -73.21 -79.19 53.24
N LEU D 181 -73.51 -79.33 51.96
CA LEU D 181 -72.73 -80.21 51.12
C LEU D 181 -72.45 -79.57 49.76
N VAL D 182 -71.34 -79.98 49.16
CA VAL D 182 -70.96 -79.62 47.81
C VAL D 182 -70.66 -80.92 47.07
N LYS D 183 -71.33 -81.14 45.93
CA LYS D 183 -71.26 -82.41 45.24
C LYS D 183 -70.78 -82.21 43.81
N ILE D 184 -69.84 -83.04 43.38
CA ILE D 184 -69.25 -82.99 42.06
C ILE D 184 -69.84 -84.14 41.25
N TRP D 185 -70.36 -83.84 40.06
CA TRP D 185 -71.04 -84.82 39.24
C TRP D 185 -70.26 -85.05 37.94
N LYS D 186 -70.22 -86.31 37.52
CA LYS D 186 -69.48 -86.72 36.32
C LYS D 186 -70.41 -87.46 35.38
N TYR D 187 -70.27 -87.19 34.08
CA TYR D 187 -71.07 -87.88 33.07
C TYR D 187 -70.56 -89.29 32.88
N ASN D 188 -71.47 -90.26 32.91
CA ASN D 188 -71.15 -91.66 32.63
C ASN D 188 -71.86 -92.05 31.34
N SER D 189 -71.09 -92.54 30.36
CA SER D 189 -71.68 -92.91 29.08
C SER D 189 -72.46 -94.21 29.16
N ASP D 190 -72.11 -95.09 30.11
CA ASP D 190 -72.84 -96.35 30.23
C ASP D 190 -74.23 -96.12 30.82
N ALA D 191 -74.33 -95.31 31.87
CA ALA D 191 -75.61 -95.02 32.48
C ALA D 191 -76.41 -93.94 31.76
N GLN D 192 -75.78 -93.23 30.81
CA GLN D 192 -76.38 -92.13 30.05
C GLN D 192 -76.89 -91.00 30.93
N THR D 193 -76.38 -90.86 32.15
CA THR D 193 -76.78 -89.82 33.08
C THR D 193 -75.51 -89.28 33.75
N TYR D 194 -75.70 -88.49 34.80
CA TYR D 194 -74.59 -87.98 35.60
C TYR D 194 -74.53 -88.74 36.92
N VAL D 195 -73.38 -89.35 37.18
CA VAL D 195 -73.17 -90.11 38.41
C VAL D 195 -72.35 -89.25 39.36
N LEU D 196 -72.40 -89.58 40.64
CA LEU D 196 -71.64 -88.83 41.63
C LEU D 196 -70.17 -89.18 41.54
N GLU D 197 -69.32 -88.16 41.58
CA GLU D 197 -67.87 -88.33 41.53
C GLU D 197 -67.21 -88.17 42.89
N SER D 198 -67.54 -87.10 43.61
CA SER D 198 -66.96 -86.84 44.91
C SER D 198 -67.94 -86.05 45.76
N THR D 199 -67.77 -86.14 47.08
CA THR D 199 -68.63 -85.47 48.04
C THR D 199 -67.78 -84.62 48.97
N LEU D 200 -68.13 -83.35 49.08
CA LEU D 200 -67.28 -82.34 49.71
C LEU D 200 -68.07 -81.70 50.84
N GLU D 201 -67.53 -81.77 52.06
CA GLU D 201 -68.21 -81.26 53.25
C GLU D 201 -67.31 -80.28 53.99
N GLY D 202 -67.66 -78.98 53.94
CA GLY D 202 -66.88 -77.98 54.62
C GLY D 202 -67.71 -76.83 55.17
N HIS D 203 -69.02 -76.96 55.16
CA HIS D 203 -69.92 -75.88 55.54
C HIS D 203 -70.87 -76.33 56.65
N SER D 204 -71.27 -75.37 57.47
CA SER D 204 -72.24 -75.60 58.53
C SER D 204 -73.64 -75.06 58.19
N ASP D 205 -73.83 -74.52 57.00
CA ASP D 205 -75.10 -73.93 56.61
C ASP D 205 -75.35 -74.19 55.13
N TRP D 206 -76.37 -73.54 54.58
CA TRP D 206 -76.81 -73.78 53.21
C TRP D 206 -75.79 -73.20 52.23
N VAL D 207 -75.27 -74.04 51.34
CA VAL D 207 -74.29 -73.60 50.36
C VAL D 207 -75.00 -72.73 49.32
N ARG D 208 -74.61 -71.46 49.25
CA ARG D 208 -75.31 -70.47 48.45
C ARG D 208 -74.85 -70.45 47.00
N ASP D 209 -73.55 -70.32 46.76
CA ASP D 209 -73.01 -70.26 45.41
C ASP D 209 -71.79 -71.15 45.31
N VAL D 210 -71.73 -71.93 44.23
CA VAL D 210 -70.55 -72.71 43.88
C VAL D 210 -70.08 -72.27 42.50
N ALA D 211 -68.77 -72.10 42.35
CA ALA D 211 -68.22 -71.52 41.13
C ALA D 211 -66.90 -72.20 40.80
N TRP D 212 -66.79 -72.68 39.57
CA TRP D 212 -65.59 -73.34 39.10
C TRP D 212 -64.72 -72.32 38.39
N SER D 213 -63.41 -72.51 38.47
CA SER D 213 -62.51 -71.57 37.79
C SER D 213 -62.49 -71.87 36.30
N PRO D 214 -62.59 -70.85 35.44
CA PRO D 214 -62.57 -71.09 34.00
C PRO D 214 -61.19 -71.46 33.47
N THR D 215 -60.13 -71.19 34.22
CA THR D 215 -58.76 -71.49 33.80
C THR D 215 -58.18 -72.54 34.72
N VAL D 216 -57.53 -73.55 34.14
CA VAL D 216 -56.94 -74.65 34.87
C VAL D 216 -55.44 -74.65 34.56
N LEU D 217 -54.65 -74.02 35.44
CA LEU D 217 -53.20 -74.07 35.37
C LEU D 217 -52.73 -74.75 36.65
N LEU D 218 -52.38 -76.04 36.53
CA LEU D 218 -51.79 -76.89 37.58
C LEU D 218 -52.80 -77.26 38.68
N ARG D 219 -53.99 -76.66 38.65
CA ARG D 219 -54.99 -76.84 39.70
C ARG D 219 -56.36 -76.50 39.14
N SER D 220 -57.38 -77.16 39.67
CA SER D 220 -58.78 -76.87 39.38
C SER D 220 -59.40 -76.24 40.62
N TYR D 221 -59.75 -74.97 40.53
CA TYR D 221 -60.22 -74.20 41.67
C TYR D 221 -61.74 -74.26 41.78
N LEU D 222 -62.23 -74.17 43.00
CA LEU D 222 -63.65 -73.97 43.28
C LEU D 222 -63.80 -72.84 44.29
N ALA D 223 -65.04 -72.37 44.44
CA ALA D 223 -65.33 -71.30 45.39
C ALA D 223 -66.76 -71.49 45.90
N SER D 224 -66.88 -72.12 47.07
CA SER D 224 -68.17 -72.42 47.67
C SER D 224 -68.42 -71.47 48.84
N VAL D 225 -69.56 -70.79 48.81
CA VAL D 225 -69.95 -69.89 49.89
C VAL D 225 -71.24 -70.40 50.51
N SER D 226 -71.45 -70.07 51.78
CA SER D 226 -72.59 -70.59 52.51
C SER D 226 -73.06 -69.54 53.52
N GLN D 227 -74.09 -69.89 54.27
CA GLN D 227 -74.75 -68.97 55.19
C GLN D 227 -74.07 -68.90 56.56
N ASP D 228 -73.04 -69.70 56.80
CA ASP D 228 -72.27 -69.62 58.03
C ASP D 228 -71.11 -68.62 57.94
N ARG D 229 -71.15 -67.72 56.94
CA ARG D 229 -70.20 -66.63 56.75
C ARG D 229 -68.77 -67.15 56.60
N THR D 230 -68.56 -67.93 55.56
CA THR D 230 -67.25 -68.53 55.30
C THR D 230 -67.13 -68.83 53.80
N CYS D 231 -65.89 -69.03 53.36
CA CYS D 231 -65.59 -69.34 51.97
C CYS D 231 -64.51 -70.42 51.94
N ILE D 232 -64.76 -71.48 51.18
CA ILE D 232 -63.82 -72.58 51.01
C ILE D 232 -63.39 -72.64 49.56
N ILE D 233 -62.09 -72.76 49.32
CA ILE D 233 -61.53 -72.83 47.97
C ILE D 233 -61.01 -74.25 47.78
N TRP D 234 -61.81 -75.10 47.13
CA TRP D 234 -61.48 -76.51 46.97
C TRP D 234 -60.65 -76.69 45.70
N THR D 235 -59.40 -77.11 45.85
CA THR D 235 -58.48 -77.25 44.74
C THR D 235 -58.17 -78.72 44.48
N GLN D 236 -57.81 -79.02 43.25
CA GLN D 236 -57.46 -80.38 42.84
C GLN D 236 -56.25 -80.33 41.94
N ASP D 237 -55.20 -81.08 42.29
CA ASP D 237 -53.97 -81.06 41.50
C ASP D 237 -54.10 -81.92 40.25
N ASN D 238 -54.52 -83.16 40.41
CA ASN D 238 -54.59 -84.10 39.30
C ASN D 238 -55.98 -84.07 38.67
N GLU D 239 -56.18 -84.92 37.65
CA GLU D 239 -57.49 -85.03 37.03
C GLU D 239 -58.47 -85.79 37.92
N GLN D 240 -58.01 -86.85 38.59
CA GLN D 240 -58.82 -87.62 39.52
C GLN D 240 -58.05 -87.70 40.83
N GLY D 241 -58.31 -86.77 41.74
CA GLY D 241 -57.61 -86.71 43.00
C GLY D 241 -58.44 -86.10 44.12
N PRO D 242 -57.87 -86.07 45.33
CA PRO D 242 -58.58 -85.48 46.46
C PRO D 242 -58.64 -83.96 46.37
N TRP D 243 -59.63 -83.40 47.05
CA TRP D 243 -59.83 -81.96 47.08
C TRP D 243 -59.24 -81.37 48.35
N LYS D 244 -58.39 -80.35 48.18
CA LYS D 244 -57.75 -79.68 49.31
C LYS D 244 -58.65 -78.57 49.81
N LYS D 245 -59.29 -78.79 50.96
CA LYS D 245 -60.11 -77.78 51.60
C LYS D 245 -59.22 -76.74 52.28
N THR D 246 -59.40 -75.47 51.93
CA THR D 246 -58.68 -74.38 52.56
C THR D 246 -59.60 -73.18 52.70
N LEU D 247 -59.39 -72.41 53.76
CA LEU D 247 -60.20 -71.24 54.04
C LEU D 247 -59.76 -70.06 53.18
N LEU D 248 -60.63 -69.05 53.11
CA LEU D 248 -60.28 -67.77 52.51
C LEU D 248 -59.94 -66.71 53.55
N LYS D 249 -60.49 -66.82 54.76
CA LYS D 249 -60.20 -65.87 55.83
C LYS D 249 -60.01 -66.63 57.13
N GLU D 250 -59.07 -66.15 57.95
CA GLU D 250 -58.93 -66.68 59.30
C GLU D 250 -60.10 -66.29 60.18
N GLU D 251 -60.64 -65.10 59.98
CA GLU D 251 -61.83 -64.63 60.69
C GLU D 251 -63.07 -65.05 59.92
N LYS D 252 -64.23 -64.50 60.29
CA LYS D 252 -65.49 -64.78 59.64
C LYS D 252 -66.03 -63.51 59.00
N PHE D 253 -66.79 -63.68 57.92
CA PHE D 253 -67.32 -62.55 57.18
C PHE D 253 -68.43 -61.86 57.97
N PRO D 254 -68.63 -60.55 57.76
CA PRO D 254 -69.64 -59.82 58.54
C PRO D 254 -71.07 -60.32 58.36
N ASP D 255 -71.44 -60.78 57.17
CA ASP D 255 -72.82 -61.17 56.90
C ASP D 255 -72.81 -62.39 55.99
N VAL D 256 -74.01 -62.79 55.56
CA VAL D 256 -74.20 -63.99 54.75
C VAL D 256 -73.59 -63.77 53.37
N LEU D 257 -72.85 -64.77 52.90
CA LEU D 257 -72.23 -64.70 51.58
C LEU D 257 -73.16 -65.28 50.53
N TRP D 258 -73.45 -64.50 49.49
CA TRP D 258 -74.43 -64.85 48.48
C TRP D 258 -73.82 -65.43 47.21
N ARG D 259 -72.78 -64.79 46.68
CA ARG D 259 -72.29 -65.10 45.35
C ARG D 259 -70.79 -65.30 45.36
N ALA D 260 -70.32 -66.03 44.35
CA ALA D 260 -68.89 -66.20 44.07
C ALA D 260 -68.73 -66.21 42.56
N SER D 261 -67.90 -65.31 42.04
CA SER D 261 -67.71 -65.18 40.60
C SER D 261 -66.22 -65.06 40.31
N TRP D 262 -65.67 -66.10 39.68
CA TRP D 262 -64.26 -66.13 39.35
C TRP D 262 -63.96 -65.15 38.22
N SER D 263 -62.73 -64.66 38.18
CA SER D 263 -62.28 -63.88 37.04
C SER D 263 -62.09 -64.80 35.83
N LEU D 264 -62.15 -64.20 34.64
CA LEU D 264 -62.14 -64.99 33.41
C LEU D 264 -60.75 -65.51 33.07
N SER D 265 -59.71 -64.85 33.54
CA SER D 265 -58.34 -65.34 33.40
C SER D 265 -57.54 -64.80 34.57
N GLY D 266 -56.84 -65.69 35.26
CA GLY D 266 -56.19 -65.31 36.51
C GLY D 266 -57.16 -65.51 37.65
N ASN D 267 -56.80 -66.33 38.63
CA ASN D 267 -57.73 -66.78 39.66
C ASN D 267 -57.96 -65.64 40.66
N VAL D 268 -58.84 -64.73 40.27
CA VAL D 268 -59.31 -63.66 41.14
C VAL D 268 -60.78 -63.90 41.44
N LEU D 269 -61.14 -63.89 42.72
CA LEU D 269 -62.48 -64.26 43.17
C LEU D 269 -63.19 -63.02 43.69
N ALA D 270 -64.44 -62.83 43.25
CA ALA D 270 -65.26 -61.69 43.64
C ALA D 270 -66.42 -62.19 44.50
N LEU D 271 -66.26 -62.12 45.82
CA LEU D 271 -67.31 -62.53 46.72
C LEU D 271 -68.36 -61.42 46.88
N SER D 272 -69.52 -61.80 47.40
CA SER D 272 -70.64 -60.88 47.56
C SER D 272 -71.35 -61.22 48.87
N GLY D 273 -70.98 -60.50 49.93
CA GLY D 273 -71.58 -60.72 51.23
C GLY D 273 -72.93 -60.04 51.37
N GLY D 274 -73.53 -60.24 52.54
CA GLY D 274 -74.81 -59.62 52.81
C GLY D 274 -74.74 -58.18 53.25
N ASP D 275 -73.54 -57.62 53.34
CA ASP D 275 -73.34 -56.23 53.72
C ASP D 275 -73.28 -55.29 52.52
N ASN D 276 -73.66 -55.77 51.34
CA ASN D 276 -73.62 -55.03 50.08
C ASN D 276 -72.21 -54.51 49.79
N LYS D 277 -71.27 -55.45 49.71
CA LYS D 277 -69.86 -55.15 49.59
C LYS D 277 -69.17 -56.29 48.88
N VAL D 278 -68.55 -56.00 47.74
CA VAL D 278 -67.87 -57.00 46.93
C VAL D 278 -66.39 -57.01 47.29
N THR D 279 -65.90 -58.17 47.74
CA THR D 279 -64.52 -58.34 48.18
C THR D 279 -63.75 -59.13 47.13
N LEU D 280 -62.58 -58.63 46.75
CA LEU D 280 -61.73 -59.26 45.75
C LEU D 280 -60.57 -59.97 46.44
N TRP D 281 -60.25 -61.17 45.96
CA TRP D 281 -59.21 -62.00 46.56
C TRP D 281 -58.30 -62.56 45.47
N LYS D 282 -57.00 -62.40 45.66
CA LYS D 282 -55.99 -62.90 44.72
C LYS D 282 -54.93 -63.66 45.51
N GLU D 283 -54.61 -64.87 45.05
CA GLU D 283 -53.66 -65.69 45.77
C GLU D 283 -52.23 -65.17 45.59
N ASN D 284 -51.41 -65.41 46.60
CA ASN D 284 -49.99 -65.09 46.54
C ASN D 284 -49.22 -66.24 45.89
N LEU D 285 -47.90 -66.11 45.83
CA LEU D 285 -47.06 -67.20 45.35
C LEU D 285 -47.02 -68.36 46.34
N GLU D 286 -47.09 -68.08 47.64
CA GLU D 286 -47.09 -69.16 48.63
C GLU D 286 -48.42 -69.88 48.66
N GLY D 287 -49.53 -69.15 48.57
CA GLY D 287 -50.85 -69.75 48.67
C GLY D 287 -51.72 -69.14 49.75
N LYS D 288 -51.40 -67.91 50.15
CA LYS D 288 -52.18 -67.18 51.14
C LYS D 288 -53.11 -66.20 50.43
N TRP D 289 -54.40 -66.32 50.67
CA TRP D 289 -55.41 -65.55 49.93
C TRP D 289 -55.47 -64.13 50.46
N GLU D 290 -54.59 -63.28 49.96
CA GLU D 290 -54.56 -61.87 50.31
C GLU D 290 -55.71 -61.15 49.61
N PRO D 291 -56.35 -60.19 50.26
CA PRO D 291 -57.34 -59.36 49.57
C PRO D 291 -56.68 -58.49 48.50
N ALA D 292 -57.44 -58.24 47.43
CA ALA D 292 -56.92 -57.51 46.28
C ALA D 292 -57.83 -56.36 45.85
N GLY D 293 -58.80 -56.00 46.65
CA GLY D 293 -59.68 -54.89 46.31
C GLY D 293 -61.00 -55.00 47.04
N GLU D 294 -61.84 -54.00 46.80
CA GLU D 294 -63.14 -53.88 47.46
C GLU D 294 -64.01 -52.92 46.69
N VAL D 295 -65.24 -53.35 46.37
CA VAL D 295 -66.23 -52.49 45.74
C VAL D 295 -67.43 -52.42 46.67
N HIS D 296 -67.79 -51.20 47.07
CA HIS D 296 -68.93 -50.97 47.95
C HIS D 296 -69.83 -49.89 47.34
N GLN D 297 -71.13 -50.19 47.26
CA GLN D 297 -72.16 -49.31 46.70
C GLN D 297 -71.84 -48.77 45.31
N SER E 128 -2.57 -123.50 40.52
CA SER E 128 -2.91 -123.26 39.11
C SER E 128 -3.90 -124.31 38.61
N SER E 129 -4.28 -124.19 37.34
CA SER E 129 -5.20 -125.16 36.75
C SER E 129 -4.52 -126.50 36.49
N GLY E 130 -3.29 -126.46 35.97
CA GLY E 130 -2.56 -127.67 35.67
C GLY E 130 -1.84 -128.30 36.83
N LEU E 131 -1.90 -127.70 38.02
CA LEU E 131 -1.27 -128.29 39.18
C LEU E 131 -2.06 -129.53 39.61
N ILE E 132 -1.36 -130.64 39.82
CA ILE E 132 -1.97 -131.93 40.13
C ILE E 132 -1.48 -132.46 41.47
N TYR E 133 -0.17 -132.59 41.63
CA TYR E 133 0.43 -133.22 42.80
C TYR E 133 1.16 -132.19 43.64
N THR E 134 1.03 -132.32 44.97
CA THR E 134 1.82 -131.53 45.91
C THR E 134 1.89 -132.27 47.23
N THR E 135 2.96 -132.00 47.97
CA THR E 135 3.18 -132.55 49.31
C THR E 135 4.20 -131.66 50.01
N LYS E 136 4.73 -132.16 51.14
CA LYS E 136 5.75 -131.45 51.90
C LYS E 136 6.79 -132.45 52.37
N VAL E 137 8.03 -131.98 52.51
CA VAL E 137 9.15 -132.79 52.96
C VAL E 137 9.74 -132.13 54.20
N ASP E 138 9.96 -132.92 55.26
CA ASP E 138 10.43 -132.38 56.52
C ASP E 138 11.92 -132.03 56.50
N LYS E 139 12.69 -132.55 55.55
CA LYS E 139 14.12 -132.29 55.49
C LYS E 139 14.49 -131.64 54.16
N GLU E 140 15.74 -131.21 54.07
CA GLU E 140 16.22 -130.50 52.88
C GLU E 140 16.40 -131.46 51.72
N LEU E 141 16.27 -130.92 50.51
CA LEU E 141 16.45 -131.68 49.28
C LEU E 141 17.45 -130.97 48.39
N SER E 142 18.06 -131.73 47.48
CA SER E 142 19.08 -131.20 46.59
C SER E 142 18.75 -131.37 45.11
N SER E 143 18.20 -132.52 44.71
CA SER E 143 17.91 -132.76 43.30
C SER E 143 16.76 -133.75 43.19
N ILE E 144 16.31 -133.97 41.96
CA ILE E 144 15.21 -134.88 41.67
C ILE E 144 15.46 -135.53 40.30
N ASP E 145 15.07 -136.79 40.18
CA ASP E 145 15.15 -137.49 38.90
C ASP E 145 13.98 -138.46 38.79
N LYS E 146 13.66 -138.84 37.56
CA LYS E 146 12.50 -139.66 37.25
C LYS E 146 12.93 -141.11 37.05
N VAL E 147 12.17 -142.02 37.64
CA VAL E 147 12.39 -143.45 37.42
C VAL E 147 11.89 -143.78 36.00
N ASN E 148 12.82 -144.13 35.11
CA ASN E 148 12.48 -144.39 33.71
C ASN E 148 11.83 -145.76 33.62
N ASP E 149 10.55 -145.80 33.95
CA ASP E 149 9.78 -147.04 33.96
C ASP E 149 8.32 -146.74 33.64
N PRO E 150 7.80 -147.23 32.51
CA PRO E 150 6.39 -146.98 32.18
C PRO E 150 5.40 -147.71 33.08
N ASN E 151 5.84 -148.73 33.81
CA ASN E 151 4.93 -149.48 34.68
C ASN E 151 4.64 -148.71 35.97
N ILE E 152 5.68 -148.36 36.72
CA ILE E 152 5.51 -147.69 38.00
C ILE E 152 5.52 -146.19 37.78
N ASN E 153 5.03 -145.45 38.77
CA ASN E 153 4.92 -144.00 38.67
C ASN E 153 5.66 -143.31 39.81
N GLY E 154 6.90 -143.73 40.08
CA GLY E 154 7.68 -143.16 41.15
C GLY E 154 8.71 -142.15 40.65
N LEU E 155 9.32 -141.46 41.62
CA LEU E 155 10.38 -140.50 41.37
C LEU E 155 11.47 -140.69 42.41
N VAL E 156 12.68 -140.26 42.06
CA VAL E 156 13.82 -140.27 42.97
C VAL E 156 14.17 -138.82 43.29
N CYS E 157 14.13 -138.49 44.57
CA CYS E 157 14.46 -137.14 45.04
C CYS E 157 15.73 -137.20 45.88
N ALA E 158 16.69 -136.35 45.56
CA ALA E 158 17.95 -136.29 46.28
C ALA E 158 17.90 -135.23 47.37
N THR E 161 20.92 -136.89 53.36
CA THR E 161 21.02 -137.59 52.08
C THR E 161 19.80 -138.47 51.83
N HIS E 162 18.72 -137.84 51.36
CA HIS E 162 17.49 -138.58 51.08
C HIS E 162 17.53 -139.20 49.69
N LEU E 163 17.08 -140.45 49.60
CA LEU E 163 16.84 -141.13 48.32
C LEU E 163 15.52 -141.87 48.48
N GLY E 164 14.42 -141.19 48.17
CA GLY E 164 13.08 -141.71 48.38
C GLY E 164 12.38 -142.00 47.06
N LEU E 165 11.84 -143.20 46.94
CA LEU E 165 11.02 -143.59 45.80
C LEU E 165 9.66 -142.94 45.96
N TYR E 166 9.56 -141.69 45.48
CA TYR E 166 8.37 -140.88 45.68
C TYR E 166 7.36 -141.23 44.60
N LYS E 167 6.37 -142.05 44.94
CA LYS E 167 5.37 -142.53 43.99
C LYS E 167 4.13 -141.66 44.08
N PHE E 168 3.64 -141.23 42.92
CA PHE E 168 2.41 -140.45 42.81
C PHE E 168 1.32 -141.31 42.17
N SER E 169 0.07 -141.04 42.55
CA SER E 169 -1.07 -141.78 42.01
C SER E 169 -2.12 -140.78 41.54
N PRO E 170 -2.70 -140.97 40.35
CA PRO E 170 -3.72 -140.03 39.85
C PRO E 170 -5.07 -140.16 40.55
N SER E 171 -5.29 -141.24 41.31
CA SER E 171 -6.57 -141.40 41.99
C SER E 171 -6.75 -140.39 43.11
N ASP E 172 -5.69 -140.14 43.88
CA ASP E 172 -5.75 -139.22 45.01
C ASP E 172 -4.97 -137.94 44.80
N ARG E 173 -4.21 -137.83 43.69
CA ARG E 173 -3.38 -136.66 43.36
C ARG E 173 -2.38 -136.34 44.47
N SER E 174 -1.78 -137.38 45.05
CA SER E 174 -0.83 -137.20 46.15
C SER E 174 0.39 -138.08 45.92
N ILE E 175 1.51 -137.65 46.50
CA ILE E 175 2.77 -138.37 46.38
C ILE E 175 3.08 -138.93 47.78
N LYS E 176 2.02 -139.30 48.51
CA LYS E 176 2.15 -139.80 49.87
C LYS E 176 2.85 -141.15 49.93
N CYS E 177 2.90 -141.90 48.82
CA CYS E 177 3.64 -143.14 48.77
C CYS E 177 5.14 -142.89 48.76
N VAL E 178 5.75 -142.91 49.94
CA VAL E 178 7.17 -142.59 50.11
C VAL E 178 7.87 -143.84 50.62
N HIS E 179 8.88 -144.29 49.88
CA HIS E 179 9.72 -145.41 50.26
C HIS E 179 11.05 -144.87 50.77
N ASP E 180 11.21 -144.79 52.09
CA ASP E 180 12.39 -144.20 52.71
C ASP E 180 13.56 -145.17 52.58
N PHE E 181 14.22 -145.09 51.41
CA PHE E 181 15.37 -145.93 51.10
C PHE E 181 16.63 -145.19 51.57
N ILE E 182 17.03 -145.47 52.81
CA ILE E 182 18.16 -144.85 53.51
C ILE E 182 18.04 -143.32 53.53
N THR E 211 25.32 -130.76 48.37
CA THR E 211 26.45 -130.97 47.48
C THR E 211 26.12 -130.51 46.06
N ILE E 212 27.16 -130.24 45.28
CA ILE E 212 26.98 -129.79 43.88
C ILE E 212 26.93 -131.05 43.01
N ALA E 213 25.74 -131.63 42.94
CA ALA E 213 25.50 -132.84 42.18
C ALA E 213 24.02 -132.93 41.84
N ASP E 214 23.71 -133.75 40.85
CA ASP E 214 22.33 -133.99 40.44
C ASP E 214 22.12 -135.50 40.32
N VAL E 215 21.03 -135.98 40.93
CA VAL E 215 20.74 -137.41 40.91
C VAL E 215 20.27 -137.83 39.52
N LYS E 216 20.66 -139.02 39.11
CA LYS E 216 20.27 -139.57 37.80
C LYS E 216 19.93 -141.05 37.96
N THR E 217 19.02 -141.51 37.10
CA THR E 217 18.58 -142.90 37.09
C THR E 217 19.02 -143.58 35.81
N GLY E 218 19.14 -144.91 35.87
CA GLY E 218 19.61 -145.69 34.76
C GLY E 218 18.55 -145.90 33.69
N PHE E 219 19.02 -146.36 32.53
CA PHE E 219 18.16 -146.60 31.37
C PHE E 219 18.37 -148.01 30.86
N ASN E 220 17.45 -148.45 30.01
CA ASN E 220 17.51 -149.70 29.24
C ASN E 220 17.56 -150.88 30.20
N ASN E 221 18.57 -151.77 30.12
CA ASN E 221 18.61 -152.95 30.97
C ASN E 221 18.88 -152.60 32.43
N TYR E 222 19.65 -151.54 32.68
CA TYR E 222 19.90 -151.06 34.03
C TYR E 222 18.78 -150.10 34.44
N LYS E 223 17.59 -150.66 34.58
CA LYS E 223 16.36 -149.89 34.80
C LYS E 223 16.12 -149.59 36.27
N ASN E 224 17.04 -149.97 37.16
CA ASN E 224 16.82 -149.83 38.59
C ASN E 224 18.02 -149.27 39.34
N CYS E 225 18.91 -148.53 38.66
CA CYS E 225 20.12 -148.00 39.27
C CYS E 225 19.99 -146.50 39.48
N ILE E 226 20.39 -146.04 40.66
CA ILE E 226 20.32 -144.64 41.04
C ILE E 226 21.71 -144.24 41.54
N ALA E 227 22.25 -143.15 40.97
CA ALA E 227 23.57 -142.65 41.33
C ALA E 227 23.42 -141.31 42.04
N VAL E 228 24.16 -141.15 43.15
CA VAL E 228 24.16 -139.90 43.90
C VAL E 228 25.55 -139.73 44.51
N CYS E 229 25.94 -138.48 44.73
CA CYS E 229 27.24 -138.13 45.29
C CYS E 229 27.08 -137.71 46.74
N ASN E 230 27.89 -138.30 47.63
CA ASN E 230 27.80 -138.05 49.06
C ASN E 230 29.03 -137.34 49.60
N ASN E 231 30.23 -137.90 49.38
CA ASN E 231 31.46 -137.37 49.93
C ASN E 231 32.19 -136.43 48.96
N SER E 232 31.57 -136.13 47.81
CA SER E 232 32.10 -135.24 46.77
C SER E 232 33.41 -135.74 46.17
N THR E 233 33.70 -137.04 46.31
CA THR E 233 34.89 -137.65 45.72
C THR E 233 34.60 -138.95 44.99
N ALA E 234 33.40 -139.51 45.10
CA ALA E 234 33.09 -140.80 44.49
C ALA E 234 31.63 -140.83 44.09
N ILE E 235 31.31 -141.74 43.18
CA ILE E 235 29.95 -141.96 42.70
C ILE E 235 29.40 -143.18 43.40
N SER E 236 28.27 -143.02 44.07
CA SER E 236 27.63 -144.10 44.82
C SER E 236 26.41 -144.58 44.04
N ILE E 237 26.39 -145.88 43.71
CA ILE E 237 25.30 -146.49 42.96
C ILE E 237 24.38 -147.20 43.94
N TYR E 238 23.08 -147.16 43.68
CA TYR E 238 22.08 -147.80 44.53
C TYR E 238 21.07 -148.54 43.67
N ASP E 239 20.46 -149.56 44.26
CA ASP E 239 19.43 -150.36 43.62
C ASP E 239 18.13 -150.28 44.40
N LEU E 240 17.03 -150.09 43.68
CA LEU E 240 15.73 -150.03 44.34
C LEU E 240 15.27 -151.41 44.79
N ASN E 241 15.65 -152.46 44.06
CA ASN E 241 15.28 -153.81 44.46
C ASN E 241 16.07 -154.26 45.69
N LYS E 242 17.30 -153.78 45.84
CA LYS E 242 18.12 -154.10 47.00
C LYS E 242 17.89 -153.08 48.11
N SER E 243 16.64 -153.01 48.57
CA SER E 243 16.24 -152.08 49.61
C SER E 243 15.70 -152.77 50.86
N SER E 244 15.84 -154.09 50.94
CA SER E 244 15.37 -154.81 52.12
C SER E 244 16.34 -154.62 53.28
N SER E 245 15.86 -154.96 54.49
CA SER E 245 16.71 -154.87 55.67
C SER E 245 17.83 -155.89 55.63
N ILE E 246 17.53 -157.12 55.17
CA ILE E 246 18.56 -158.15 55.06
C ILE E 246 19.51 -157.84 53.92
N ASP E 247 18.99 -157.33 52.80
CA ASP E 247 19.83 -157.04 51.64
C ASP E 247 20.69 -155.82 51.91
N ASN E 248 21.94 -155.88 51.42
CA ASN E 248 22.85 -154.75 51.55
C ASN E 248 22.46 -153.67 50.56
N PRO E 249 22.12 -152.45 51.02
CA PRO E 249 21.70 -151.38 50.12
C PRO E 249 22.87 -150.59 49.54
N LEU E 250 23.90 -151.29 49.08
CA LEU E 250 25.08 -150.66 48.50
C LEU E 250 25.51 -151.42 47.26
N ILE E 251 25.89 -150.67 46.23
CA ILE E 251 26.47 -151.22 45.01
C ILE E 251 27.92 -150.70 44.97
N THR E 252 28.77 -151.42 44.23
CA THR E 252 30.20 -151.13 44.21
C THR E 252 30.45 -149.72 43.67
N SER E 253 31.01 -148.87 44.52
CA SER E 253 31.24 -147.47 44.19
C SER E 253 32.44 -147.30 43.28
N LEU E 254 32.51 -146.13 42.65
CA LEU E 254 33.54 -145.79 41.68
C LEU E 254 34.21 -144.50 42.16
N CYS E 255 35.53 -144.54 42.32
CA CYS E 255 36.27 -143.41 42.91
C CYS E 255 37.59 -143.24 42.18
N GLU E 256 37.66 -142.23 41.32
CA GLU E 256 38.93 -141.82 40.73
C GLU E 256 39.09 -140.31 40.69
N HIS E 257 38.05 -139.53 40.99
CA HIS E 257 38.14 -138.07 40.90
C HIS E 257 38.95 -137.52 42.06
N THR E 258 39.97 -136.72 41.75
CA THR E 258 40.77 -136.07 42.77
C THR E 258 40.12 -134.80 43.30
N ARG E 259 39.11 -134.28 42.62
CA ARG E 259 38.41 -133.08 43.06
C ARG E 259 36.92 -133.34 43.13
N SER E 260 36.12 -132.28 43.31
CA SER E 260 34.68 -132.45 43.46
C SER E 260 34.04 -132.89 42.14
N ILE E 261 33.01 -133.73 42.24
CA ILE E 261 32.28 -134.21 41.09
C ILE E 261 31.09 -133.30 40.85
N ASN E 262 30.96 -132.77 39.63
CA ASN E 262 29.92 -131.82 39.30
C ASN E 262 28.72 -132.43 38.59
N SER E 263 28.94 -133.47 37.78
CA SER E 263 27.86 -134.05 36.99
C SER E 263 28.13 -135.53 36.74
N PHE E 264 27.06 -136.26 36.49
CA PHE E 264 27.12 -137.62 35.97
C PHE E 264 25.79 -137.92 35.29
N ASP E 265 25.80 -138.89 34.38
CA ASP E 265 24.61 -139.20 33.61
C ASP E 265 24.70 -140.63 33.06
N PHE E 266 23.62 -141.39 33.25
CA PHE E 266 23.52 -142.71 32.66
C PHE E 266 23.25 -142.59 31.16
N ASN E 267 23.70 -143.60 30.41
CA ASN E 267 23.48 -143.61 28.98
C ASN E 267 22.14 -144.27 28.66
N MET E 268 21.51 -143.82 27.58
CA MET E 268 20.19 -144.30 27.20
C MET E 268 20.23 -145.41 26.15
N VAL E 269 21.34 -145.58 25.44
CA VAL E 269 21.49 -146.63 24.44
C VAL E 269 22.25 -147.82 24.99
N GLU E 270 23.42 -147.58 25.58
CA GLU E 270 24.22 -148.63 26.20
C GLU E 270 24.06 -148.51 27.72
N SER E 271 23.31 -149.45 28.31
CA SER E 271 23.04 -149.39 29.74
C SER E 271 24.28 -149.62 30.60
N ASN E 272 25.29 -150.30 30.07
CA ASN E 272 26.49 -150.63 30.82
C ASN E 272 27.54 -149.52 30.79
N LEU E 273 27.20 -148.34 30.27
CA LEU E 273 28.14 -147.24 30.18
C LEU E 273 27.59 -146.02 30.91
N ILE E 274 28.47 -145.35 31.66
CA ILE E 274 28.12 -144.16 32.42
C ILE E 274 29.20 -143.11 32.16
N ILE E 275 28.84 -141.85 32.36
CA ILE E 275 29.75 -140.73 32.16
C ILE E 275 29.66 -139.85 33.39
N SER E 276 30.72 -139.07 33.62
CA SER E 276 30.76 -138.11 34.72
C SER E 276 31.81 -137.05 34.41
N GLY E 277 32.03 -136.17 35.39
CA GLY E 277 33.01 -135.11 35.24
C GLY E 277 32.99 -134.23 36.47
N GLY E 278 33.91 -133.26 36.48
CA GLY E 278 33.98 -132.35 37.60
C GLY E 278 35.17 -131.42 37.50
N GLN E 279 35.71 -131.06 38.66
CA GLN E 279 36.83 -130.13 38.74
C GLN E 279 38.18 -130.79 38.49
N ASP E 280 38.22 -132.10 38.27
CA ASP E 280 39.48 -132.80 38.07
C ASP E 280 40.00 -132.68 36.64
N SER E 281 39.26 -131.99 35.76
CA SER E 281 39.64 -131.74 34.37
C SER E 281 39.84 -133.03 33.57
N CYS E 282 39.09 -134.08 33.91
CA CYS E 282 39.18 -135.35 33.22
C CYS E 282 37.79 -135.97 33.13
N VAL E 283 37.39 -136.35 31.94
CA VAL E 283 36.13 -137.05 31.70
C VAL E 283 36.44 -138.53 31.56
N LYS E 284 35.78 -139.36 32.37
CA LYS E 284 36.11 -140.76 32.50
C LYS E 284 34.91 -141.62 32.13
N ILE E 285 35.18 -142.85 31.69
CA ILE E 285 34.15 -143.80 31.28
C ILE E 285 34.34 -145.09 32.08
N TRP E 286 33.26 -145.56 32.70
CA TRP E 286 33.29 -146.76 33.53
C TRP E 286 32.47 -147.88 32.88
N ASP E 287 32.35 -148.98 33.62
CA ASP E 287 31.53 -150.12 33.21
C ASP E 287 30.86 -150.69 34.44
N LEU E 288 29.54 -150.92 34.34
CA LEU E 288 28.78 -151.41 35.48
C LEU E 288 28.81 -152.92 35.63
N ARG E 289 29.30 -153.64 34.62
CA ARG E 289 29.36 -155.10 34.69
C ARG E 289 30.66 -155.61 35.30
N SER E 290 31.62 -154.74 35.56
CA SER E 290 32.90 -155.15 36.13
C SER E 290 32.79 -155.37 37.64
N ARG E 298 38.20 -147.97 39.24
CA ARG E 298 38.98 -147.34 38.19
C ARG E 298 38.22 -147.34 36.87
N SER E 299 38.30 -146.23 36.13
CA SER E 299 37.60 -146.09 34.86
C SER E 299 38.34 -146.83 33.76
N ASP E 300 37.62 -147.07 32.66
CA ASP E 300 38.19 -147.74 31.49
C ASP E 300 38.84 -146.74 30.52
N ILE E 301 38.12 -145.68 30.17
CA ILE E 301 38.59 -144.69 29.22
C ILE E 301 38.58 -143.33 29.90
N SER E 302 39.71 -142.64 29.88
CA SER E 302 39.85 -141.32 30.48
C SER E 302 40.25 -140.31 29.41
N ILE E 303 39.58 -139.18 29.37
CA ILE E 303 39.84 -138.11 28.40
C ILE E 303 40.19 -136.85 29.17
N ASN E 304 41.37 -136.29 28.88
CA ASN E 304 41.77 -135.02 29.46
C ASN E 304 41.10 -133.88 28.71
N THR E 305 40.66 -132.86 29.47
CA THR E 305 39.94 -131.72 28.91
C THR E 305 40.78 -130.46 28.86
N ALA E 306 42.11 -130.60 28.93
CA ALA E 306 43.06 -129.47 28.87
C ALA E 306 42.80 -128.44 29.96
N SER E 307 42.74 -128.91 31.21
CA SER E 307 42.57 -128.08 32.42
C SER E 307 41.29 -127.24 32.36
N ASP E 308 40.20 -127.84 31.89
CA ASP E 308 38.90 -127.20 31.87
C ASP E 308 38.01 -127.83 32.92
N SER E 309 37.39 -126.99 33.75
CA SER E 309 36.55 -127.48 34.85
C SER E 309 35.21 -127.92 34.28
N ILE E 310 34.92 -129.21 34.35
CA ILE E 310 33.65 -129.75 33.88
C ILE E 310 32.54 -129.37 34.86
N ARG E 311 31.47 -128.78 34.34
CA ARG E 311 30.27 -128.54 35.12
C ARG E 311 29.15 -129.52 34.79
N ASP E 312 28.88 -129.74 33.50
CA ASP E 312 27.85 -130.67 33.06
C ASP E 312 28.35 -131.48 31.87
N VAL E 313 28.11 -132.79 31.90
CA VAL E 313 28.30 -133.68 30.76
C VAL E 313 27.04 -134.52 30.61
N LYS E 314 26.44 -134.49 29.42
CA LYS E 314 25.23 -135.24 29.13
C LYS E 314 25.44 -136.14 27.92
N TRP E 315 24.87 -137.34 27.97
CA TRP E 315 24.91 -138.25 26.84
C TRP E 315 23.98 -137.78 25.72
N MET E 316 24.25 -138.26 24.53
CA MET E 316 23.31 -138.09 23.42
C MET E 316 22.12 -139.02 23.64
N PRO E 317 20.89 -138.51 23.61
CA PRO E 317 19.74 -139.34 24.00
C PRO E 317 19.29 -140.26 22.88
N GLY E 318 18.85 -141.45 23.27
CA GLY E 318 18.27 -142.37 22.31
C GLY E 318 16.83 -142.03 21.98
N TYR E 319 15.95 -142.15 22.98
CA TYR E 319 14.55 -141.71 22.93
C TYR E 319 13.80 -142.37 21.76
N ASN E 320 13.63 -143.69 21.89
CA ASN E 320 12.96 -144.52 20.90
C ASN E 320 11.52 -144.05 20.63
N PHE E 321 11.27 -143.59 19.41
CA PHE E 321 9.95 -143.09 19.05
C PHE E 321 9.43 -143.82 17.81
N ALA E 322 8.33 -143.33 17.24
CA ALA E 322 7.76 -143.93 16.04
C ALA E 322 8.61 -143.63 14.81
N SER E 337 23.73 -143.03 17.46
CA SER E 337 22.81 -142.69 18.54
C SER E 337 23.32 -143.21 19.87
N GLY E 338 23.55 -142.30 20.82
CA GLY E 338 24.01 -142.69 22.14
C GLY E 338 25.50 -142.93 22.25
N TYR E 339 26.25 -142.79 21.16
CA TYR E 339 27.69 -143.03 21.17
C TYR E 339 28.51 -141.76 21.31
N LYS E 340 27.86 -140.61 21.50
CA LYS E 340 28.56 -139.34 21.64
C LYS E 340 28.04 -138.60 22.87
N PHE E 341 28.83 -137.62 23.31
CA PHE E 341 28.46 -136.79 24.46
C PHE E 341 29.20 -135.47 24.33
N ALA E 342 28.74 -134.48 25.09
CA ALA E 342 29.32 -133.15 25.07
C ALA E 342 29.70 -132.74 26.50
N SER E 343 30.42 -131.63 26.60
CA SER E 343 30.84 -131.12 27.89
C SER E 343 30.76 -129.60 27.89
N ILE E 344 30.24 -129.05 28.99
CA ILE E 344 30.29 -127.61 29.25
C ILE E 344 31.42 -127.37 30.25
N HIS E 345 31.99 -126.16 30.19
CA HIS E 345 33.21 -125.87 30.94
C HIS E 345 33.13 -124.46 31.49
N ASP E 346 33.96 -124.22 32.52
CA ASP E 346 34.11 -122.87 33.07
C ASP E 346 34.79 -121.93 32.10
N SER E 347 35.50 -122.46 31.09
CA SER E 347 36.13 -121.64 30.06
C SER E 347 35.17 -121.24 28.95
N GLY E 348 33.89 -121.60 29.07
CA GLY E 348 32.92 -121.20 28.06
C GLY E 348 33.02 -121.96 26.76
N TYR E 349 33.59 -123.16 26.77
CA TYR E 349 33.78 -123.96 25.56
C TYR E 349 32.89 -125.19 25.62
N LEU E 350 32.17 -125.45 24.53
CA LEU E 350 31.39 -126.67 24.38
C LEU E 350 32.20 -127.67 23.55
N LEU E 351 32.47 -128.83 24.13
CA LEU E 351 33.36 -129.82 23.54
C LEU E 351 32.58 -131.10 23.27
N LYS E 352 32.24 -131.33 22.00
CA LYS E 352 31.58 -132.56 21.60
C LYS E 352 32.60 -133.69 21.46
N PHE E 353 32.26 -134.86 21.96
CA PHE E 353 33.18 -135.98 22.00
C PHE E 353 32.58 -137.19 21.29
N ASP E 354 33.26 -138.33 21.40
CA ASP E 354 32.83 -139.58 20.80
C ASP E 354 33.34 -140.74 21.63
N LEU E 355 32.51 -141.79 21.77
CA LEU E 355 32.94 -142.97 22.49
C LEU E 355 34.06 -143.70 21.74
N ARG E 356 33.95 -143.79 20.42
CA ARG E 356 34.94 -144.47 19.60
C ARG E 356 36.16 -143.60 19.32
N GLN E 357 36.17 -142.33 19.72
CA GLN E 357 37.28 -141.43 19.49
C GLN E 357 37.69 -140.80 20.82
N PRO E 358 38.43 -141.52 21.66
CA PRO E 358 38.88 -140.95 22.92
C PRO E 358 39.99 -139.94 22.72
N ALA E 359 40.09 -139.01 23.69
CA ALA E 359 41.11 -137.96 23.78
C ALA E 359 41.14 -137.01 22.59
N GLN E 360 40.11 -137.03 21.74
CA GLN E 360 40.01 -136.14 20.58
C GLN E 360 38.57 -135.68 20.48
N TYR E 361 38.32 -134.39 20.73
CA TYR E 361 36.97 -133.87 20.63
C TYR E 361 36.53 -133.82 19.17
N GLU E 362 35.26 -134.14 18.93
CA GLU E 362 34.74 -134.14 17.57
C GLU E 362 34.44 -132.72 17.11
N LYS E 363 33.64 -131.97 17.86
CA LYS E 363 33.29 -130.60 17.54
C LYS E 363 33.59 -129.69 18.71
N LYS E 364 34.30 -128.59 18.45
CA LYS E 364 34.64 -127.60 19.46
C LYS E 364 33.92 -126.30 19.15
N LEU E 365 33.20 -125.77 20.13
CA LEU E 365 32.49 -124.51 19.98
C LEU E 365 32.73 -123.64 21.20
N ASN E 366 32.87 -122.33 20.96
CA ASN E 366 32.95 -121.35 22.04
C ASN E 366 31.54 -120.97 22.44
N ALA E 367 31.07 -121.51 23.57
CA ALA E 367 29.67 -121.37 23.94
C ALA E 367 29.35 -119.98 24.47
N HIS E 368 29.96 -119.59 25.58
CA HIS E 368 29.61 -118.33 26.24
C HIS E 368 30.87 -117.65 26.74
N THR E 369 30.78 -116.33 26.89
CA THR E 369 31.78 -115.60 27.67
C THR E 369 31.55 -115.89 29.15
N GLY E 370 32.65 -116.12 29.87
CA GLY E 370 32.56 -116.58 31.23
C GLY E 370 32.19 -118.06 31.30
N PRO E 371 31.78 -118.52 32.48
CA PRO E 371 31.48 -119.95 32.64
C PRO E 371 30.14 -120.33 32.03
N GLY E 372 30.11 -121.53 31.45
CA GLY E 372 28.88 -122.14 30.99
C GLY E 372 28.38 -123.16 31.99
N LEU E 373 27.13 -122.99 32.42
CA LEU E 373 26.57 -123.78 33.51
C LEU E 373 25.49 -124.74 33.06
N CYS E 374 25.12 -124.76 31.77
CA CYS E 374 24.05 -125.61 31.28
C CYS E 374 24.50 -126.38 30.04
N LEU E 375 24.01 -127.61 29.92
CA LEU E 375 24.27 -128.45 28.76
C LEU E 375 23.15 -129.47 28.66
N ASN E 376 22.49 -129.51 27.50
CA ASN E 376 21.51 -130.55 27.22
C ASN E 376 21.37 -130.70 25.71
N TRP E 377 20.87 -131.86 25.30
CA TRP E 377 20.71 -132.20 23.90
C TRP E 377 19.24 -132.16 23.52
N HIS E 378 18.96 -131.84 22.26
CA HIS E 378 17.61 -131.94 21.76
C HIS E 378 17.20 -133.41 21.61
N PRO E 379 15.97 -133.76 21.97
CA PRO E 379 15.57 -135.19 21.97
C PRO E 379 15.64 -135.88 20.62
N ASN E 380 15.35 -135.18 19.52
CA ASN E 380 15.29 -135.82 18.21
C ASN E 380 16.43 -135.37 17.31
N GLN E 381 16.57 -134.08 17.06
CA GLN E 381 17.63 -133.56 16.21
C GLN E 381 18.91 -133.34 17.03
N GLU E 382 20.04 -133.29 16.31
CA GLU E 382 21.35 -133.11 16.94
C GLU E 382 21.59 -131.62 17.17
N TYR E 383 20.86 -131.08 18.14
CA TYR E 383 20.98 -129.69 18.54
C TYR E 383 21.25 -129.60 20.04
N ILE E 384 22.20 -128.74 20.40
CA ILE E 384 22.66 -128.60 21.77
C ILE E 384 22.34 -127.19 22.23
N ALA E 385 21.60 -127.07 23.32
CA ALA E 385 21.26 -125.79 23.94
C ALA E 385 21.99 -125.67 25.27
N THR E 386 22.74 -124.58 25.44
CA THR E 386 23.57 -124.37 26.61
C THR E 386 23.10 -123.14 27.38
N GLY E 387 23.89 -122.75 28.38
CA GLY E 387 23.62 -121.58 29.19
C GLY E 387 24.65 -121.38 30.27
N GLY E 388 24.88 -120.14 30.68
CA GLY E 388 25.91 -119.85 31.66
C GLY E 388 25.66 -118.55 32.38
N ARG E 389 26.75 -117.92 32.84
CA ARG E 389 26.66 -116.66 33.57
C ARG E 389 26.23 -115.50 32.70
N ASP E 390 26.36 -115.63 31.38
CA ASP E 390 25.92 -114.57 30.47
C ASP E 390 24.40 -114.45 30.40
N GLY E 391 23.69 -115.50 30.80
CA GLY E 391 22.23 -115.46 30.76
C GLY E 391 21.65 -115.53 29.37
N LYS E 392 22.40 -116.05 28.41
CA LYS E 392 21.96 -116.17 27.02
C LYS E 392 21.91 -117.65 26.68
N CYS E 393 20.72 -118.24 26.71
CA CYS E 393 20.53 -119.64 26.32
C CYS E 393 20.68 -119.73 24.80
N CYS E 394 21.83 -120.23 24.36
CA CYS E 394 22.17 -120.28 22.94
C CYS E 394 22.02 -121.70 22.41
N LEU E 395 21.36 -121.83 21.26
CA LEU E 395 21.15 -123.11 20.60
C LEU E 395 22.24 -123.35 19.56
N TRP E 396 22.86 -124.52 19.63
CA TRP E 396 23.98 -124.87 18.76
C TRP E 396 23.63 -126.10 17.92
N PHE E 397 24.03 -126.07 16.65
CA PHE E 397 23.90 -127.20 15.76
C PHE E 397 25.21 -128.00 15.78
N VAL E 398 25.12 -129.28 16.14
CA VAL E 398 26.29 -130.13 16.28
C VAL E 398 26.22 -131.35 15.34
N GLY E 399 25.34 -131.30 14.34
CA GLY E 399 25.21 -132.40 13.41
C GLY E 399 25.92 -132.16 12.09
N PHE E 433 26.14 -116.73 15.30
CA PHE E 433 26.97 -117.89 15.64
C PHE E 433 26.18 -119.05 16.32
N PRO E 434 25.19 -118.77 17.22
CA PRO E 434 24.27 -119.85 17.58
C PRO E 434 23.01 -119.84 16.72
N LYS E 435 22.14 -120.84 16.90
CA LYS E 435 20.89 -120.88 16.14
C LYS E 435 19.87 -119.90 16.73
N LEU E 436 19.56 -120.03 18.02
CA LEU E 436 18.63 -119.15 18.69
C LEU E 436 19.26 -118.65 19.99
N THR E 437 18.96 -117.40 20.35
CA THR E 437 19.52 -116.77 21.53
C THR E 437 18.39 -116.22 22.39
N ILE E 438 18.33 -116.68 23.64
CA ILE E 438 17.30 -116.26 24.59
C ILE E 438 18.00 -115.48 25.69
N ASN E 439 17.93 -114.15 25.62
CA ASN E 439 18.59 -113.28 26.59
C ASN E 439 17.75 -113.26 27.87
N THR E 440 17.95 -114.29 28.69
CA THR E 440 17.23 -114.37 29.96
C THR E 440 17.75 -113.36 30.97
N GLY E 441 19.03 -112.99 30.87
CA GLY E 441 19.62 -111.99 31.75
C GLY E 441 20.11 -112.51 33.08
N TYR E 442 19.46 -113.58 33.61
CA TYR E 442 19.89 -114.15 34.87
C TYR E 442 20.77 -115.37 34.62
N PRO E 443 21.69 -115.70 35.55
CA PRO E 443 22.48 -116.93 35.38
C PRO E 443 21.65 -118.20 35.42
N VAL E 444 21.55 -118.87 34.28
CA VAL E 444 20.70 -120.04 34.14
C VAL E 444 21.46 -121.25 34.67
N THR E 445 20.76 -122.12 35.41
CA THR E 445 21.40 -123.28 36.01
C THR E 445 20.91 -124.63 35.50
N LYS E 446 19.72 -124.72 34.92
CA LYS E 446 19.15 -126.02 34.56
C LYS E 446 18.35 -125.93 33.25
N LEU E 447 18.52 -126.95 32.42
CA LEU E 447 17.75 -127.13 31.19
C LEU E 447 17.29 -128.57 31.08
N LYS E 448 16.00 -128.78 30.81
CA LYS E 448 15.46 -130.10 30.53
C LYS E 448 14.46 -129.97 29.39
N PHE E 449 14.82 -130.52 28.22
CA PHE E 449 13.90 -130.59 27.10
C PHE E 449 12.72 -131.52 27.41
N LYS E 450 11.57 -131.20 26.84
CA LYS E 450 10.41 -132.08 26.94
C LYS E 450 10.66 -133.34 26.11
N PRO E 451 10.11 -134.48 26.54
CA PRO E 451 10.24 -135.70 25.72
C PRO E 451 9.20 -135.75 24.60
N ALA E 452 9.60 -135.49 23.37
CA ALA E 452 8.70 -135.53 22.23
C ALA E 452 9.50 -135.69 20.95
N TYR E 453 8.79 -135.90 19.85
CA TYR E 453 9.38 -135.95 18.51
C TYR E 453 9.15 -134.60 17.85
N SER E 454 10.18 -133.76 17.87
CA SER E 454 10.15 -132.45 17.22
C SER E 454 10.78 -132.57 15.84
N SER E 455 9.94 -132.66 14.81
CA SER E 455 10.44 -132.67 13.43
C SER E 455 11.11 -131.35 13.06
N ASN E 456 10.50 -130.23 13.44
CA ASN E 456 11.11 -128.91 13.32
C ASN E 456 11.76 -128.52 14.64
N ILE E 457 12.95 -127.91 14.56
CA ILE E 457 13.69 -127.57 15.76
C ILE E 457 13.06 -126.40 16.51
N TYR E 458 12.19 -125.63 15.86
CA TYR E 458 11.56 -124.49 16.50
C TYR E 458 10.39 -124.88 17.39
N ASN E 459 9.86 -126.09 17.22
CA ASN E 459 8.77 -126.58 18.07
C ASN E 459 9.30 -127.41 19.24
N SER E 460 10.25 -126.85 19.98
CA SER E 460 10.88 -127.54 21.10
C SER E 460 10.59 -126.80 22.38
N LEU E 461 9.95 -127.46 23.34
CA LEU E 461 9.64 -126.87 24.64
C LEU E 461 10.82 -127.10 25.58
N LEU E 462 11.37 -126.00 26.10
CA LEU E 462 12.61 -126.04 26.87
C LEU E 462 12.36 -125.40 28.23
N GLY E 463 12.80 -126.08 29.28
CA GLY E 463 12.64 -125.57 30.64
C GLY E 463 13.83 -124.79 31.14
N ILE E 464 13.75 -123.46 31.07
CA ILE E 464 14.80 -122.59 31.60
C ILE E 464 14.53 -122.33 33.07
N SER E 465 15.56 -122.54 33.90
CA SER E 465 15.44 -122.30 35.34
C SER E 465 16.76 -121.77 35.87
N SER E 466 16.68 -121.01 36.95
CA SER E 466 17.85 -120.45 37.61
C SER E 466 17.84 -120.84 39.09
N MET E 467 18.94 -120.53 39.77
CA MET E 467 19.10 -120.82 41.19
C MET E 467 19.36 -119.52 41.93
N GLY E 468 18.60 -119.29 42.99
CA GLY E 468 18.75 -118.07 43.78
C GLY E 468 17.44 -117.75 44.50
N ASP E 469 17.33 -116.48 44.90
CA ASP E 469 16.13 -116.02 45.59
C ASP E 469 14.94 -115.84 44.66
N GLU E 470 15.16 -115.83 43.35
CA GLU E 470 14.09 -115.70 42.36
C GLU E 470 14.22 -116.86 41.37
N ALA E 471 13.61 -117.99 41.71
CA ALA E 471 13.66 -119.18 40.87
C ALA E 471 12.24 -119.64 40.56
N GLU E 472 11.98 -119.87 39.28
CA GLU E 472 10.65 -120.32 38.83
C GLU E 472 10.82 -121.25 37.65
N VAL E 473 9.83 -122.11 37.45
CA VAL E 473 9.83 -123.02 36.31
C VAL E 473 9.31 -122.26 35.09
N ARG E 474 10.19 -122.02 34.13
CA ARG E 474 9.86 -121.33 32.89
C ARG E 474 10.02 -122.29 31.72
N ILE E 475 8.93 -122.55 31.01
CA ILE E 475 8.92 -123.48 29.89
C ILE E 475 8.83 -122.66 28.62
N TYR E 476 9.94 -122.55 27.90
CA TYR E 476 10.01 -121.78 26.67
C TYR E 476 9.83 -122.68 25.46
N SER E 477 9.00 -122.25 24.52
CA SER E 477 8.97 -122.83 23.18
C SER E 477 9.94 -122.09 22.28
N LEU E 478 10.67 -122.85 21.47
CA LEU E 478 11.71 -122.24 20.64
C LEU E 478 11.15 -121.45 19.46
N ALA E 479 9.86 -121.58 19.17
CA ALA E 479 9.24 -120.75 18.14
C ALA E 479 9.13 -119.30 18.59
N ARG E 480 8.80 -119.08 19.86
CA ARG E 480 8.71 -117.74 20.43
C ARG E 480 9.75 -117.63 21.55
N LYS E 481 10.92 -117.09 21.21
CA LYS E 481 12.03 -116.98 22.14
C LYS E 481 11.93 -115.75 23.05
N TYR E 482 10.89 -114.92 22.86
CA TYR E 482 10.73 -113.71 23.67
C TYR E 482 9.67 -113.84 24.76
N ILE E 483 8.63 -114.63 24.52
CA ILE E 483 7.58 -114.88 25.51
C ILE E 483 7.68 -116.33 25.97
N PRO E 484 7.69 -116.60 27.27
CA PRO E 484 7.58 -117.98 27.74
C PRO E 484 6.17 -118.51 27.52
N LYS E 485 6.04 -119.83 27.62
CA LYS E 485 4.75 -120.49 27.51
C LYS E 485 4.14 -120.83 28.86
N HIS E 486 4.96 -121.11 29.87
CA HIS E 486 4.48 -121.43 31.21
C HIS E 486 5.43 -120.84 32.22
N VAL E 487 4.89 -120.09 33.18
CA VAL E 487 5.68 -119.41 34.21
C VAL E 487 5.24 -120.04 35.53
N LEU E 488 5.11 -121.37 35.51
CA LEU E 488 4.85 -122.21 36.68
C LEU E 488 5.69 -121.79 37.88
N LEU E 489 5.03 -121.36 38.95
CA LEU E 489 5.68 -120.70 40.07
C LEU E 489 5.20 -121.32 41.37
N SER E 490 6.12 -121.46 42.32
CA SER E 490 5.82 -122.01 43.63
C SER E 490 6.04 -120.94 44.70
N GLU E 491 5.59 -121.25 45.92
CA GLU E 491 5.70 -120.31 47.04
C GLU E 491 7.15 -120.05 47.45
N THR E 492 8.06 -120.97 47.13
CA THR E 492 9.48 -120.85 47.43
C THR E 492 10.28 -121.06 46.16
N PRO E 493 11.48 -120.51 46.07
CA PRO E 493 12.32 -120.72 44.88
C PRO E 493 12.67 -122.18 44.66
N SER E 494 12.69 -122.58 43.39
CA SER E 494 12.88 -123.97 43.00
C SER E 494 14.36 -124.29 42.84
N LEU E 495 14.65 -125.58 42.72
CA LEU E 495 16.03 -126.05 42.57
C LEU E 495 16.22 -126.95 41.36
N GLY E 496 15.26 -127.81 41.05
CA GLY E 496 15.41 -128.77 39.97
C GLY E 496 14.07 -129.16 39.41
N LEU E 497 14.04 -129.43 38.11
CA LEU E 497 12.80 -129.80 37.41
C LEU E 497 13.09 -130.95 36.47
N VAL E 498 12.17 -131.92 36.42
CA VAL E 498 12.30 -133.07 35.55
C VAL E 498 10.98 -133.31 34.82
N TRP E 499 11.07 -133.95 33.66
CA TRP E 499 9.92 -134.26 32.82
C TRP E 499 9.59 -135.75 32.98
N TRP E 500 8.40 -136.04 33.50
CA TRP E 500 7.97 -137.43 33.60
C TRP E 500 7.58 -138.00 32.25
N ASP E 501 6.80 -137.25 31.47
CA ASP E 501 6.32 -137.71 30.18
C ASP E 501 6.12 -136.50 29.27
N GLU E 502 5.32 -136.66 28.22
CA GLU E 502 5.04 -135.56 27.30
C GLU E 502 4.23 -134.44 27.94
N ASN E 503 3.57 -134.70 29.06
CA ASN E 503 2.71 -133.71 29.70
C ASN E 503 3.22 -133.30 31.07
N LEU E 504 3.42 -134.24 31.99
CA LEU E 504 3.66 -133.91 33.39
C LEU E 504 5.11 -133.52 33.62
N ILE E 505 5.31 -132.45 34.37
CA ILE E 505 6.63 -131.99 34.80
C ILE E 505 6.57 -131.65 36.28
N PHE E 506 7.53 -132.15 37.05
CA PHE E 506 7.58 -131.95 38.49
C PHE E 506 8.73 -131.00 38.82
N ASN E 507 8.78 -130.60 40.09
CA ASN E 507 9.92 -129.82 40.57
C ASN E 507 10.04 -129.97 42.08
N ILE E 508 11.23 -129.61 42.58
CA ILE E 508 11.48 -129.44 44.00
C ILE E 508 11.83 -127.98 44.24
N ASP E 509 11.79 -127.58 45.51
CA ASP E 509 11.98 -126.18 45.86
C ASP E 509 12.67 -126.07 47.21
N LYS E 510 13.01 -124.82 47.57
CA LYS E 510 13.60 -124.55 48.88
C LYS E 510 12.61 -124.81 50.01
N GLY E 511 11.31 -124.72 49.75
CA GLY E 511 10.28 -125.06 50.71
C GLY E 511 9.99 -126.54 50.83
N THR E 512 10.72 -127.37 50.07
CA THR E 512 10.63 -128.83 50.11
C THR E 512 9.21 -129.32 49.83
N ARG E 513 8.65 -128.86 48.72
CA ARG E 513 7.35 -129.30 48.24
C ARG E 513 7.51 -129.91 46.86
N ILE E 514 7.09 -131.17 46.71
CA ILE E 514 7.19 -131.87 45.43
C ILE E 514 5.94 -131.52 44.64
N ASN E 515 6.00 -130.38 43.96
CA ASN E 515 4.88 -129.91 43.16
C ASN E 515 4.93 -130.52 41.76
N GLY E 516 3.76 -130.71 41.19
CA GLY E 516 3.64 -131.24 39.84
C GLY E 516 2.63 -130.45 39.02
N TRP E 517 2.96 -130.27 37.74
CA TRP E 517 2.11 -129.49 36.84
C TRP E 517 1.82 -130.27 35.57
N ASP E 518 0.69 -129.95 34.96
CA ASP E 518 0.26 -130.56 33.70
C ASP E 518 0.24 -129.47 32.63
N ILE E 519 1.14 -129.59 31.63
CA ILE E 519 1.26 -128.55 30.61
C ILE E 519 0.15 -128.58 29.58
N ASN E 520 -0.69 -129.62 29.58
CA ASN E 520 -1.85 -129.66 28.69
C ASN E 520 -3.08 -129.02 29.30
N LYS E 521 -3.02 -128.60 30.57
CA LYS E 521 -4.13 -127.95 31.26
C LYS E 521 -3.66 -126.67 31.93
N GLU E 522 -2.81 -125.91 31.25
CA GLU E 522 -2.24 -124.70 31.82
C GLU E 522 -2.56 -123.50 30.95
N PRO E 523 -2.84 -122.33 31.56
CA PRO E 523 -3.03 -121.11 30.77
C PRO E 523 -1.76 -120.71 30.04
N THR E 524 -1.93 -120.10 28.88
CA THR E 524 -0.81 -119.64 28.08
C THR E 524 -0.50 -118.19 28.41
N VAL E 525 0.80 -117.88 28.51
CA VAL E 525 1.24 -116.53 28.87
C VAL E 525 0.94 -115.55 27.76
N LEU E 526 0.91 -116.01 26.51
CA LEU E 526 0.66 -115.13 25.38
C LEU E 526 -0.75 -114.56 25.43
N GLU E 527 -1.73 -115.39 25.81
CA GLU E 527 -3.13 -114.96 25.85
C GLU E 527 -3.37 -113.87 26.89
N ASN E 528 -2.68 -113.94 28.03
CA ASN E 528 -2.88 -112.99 29.11
C ASN E 528 -2.21 -111.64 28.85
N LEU E 529 -1.25 -111.57 27.94
CA LEU E 529 -0.54 -110.32 27.70
C LEU E 529 -1.41 -109.34 26.93
N SER E 530 -1.11 -108.05 27.12
CA SER E 530 -1.92 -107.00 26.52
C SER E 530 -1.71 -106.97 25.01
N LYS E 531 -2.80 -106.73 24.27
CA LYS E 531 -2.79 -106.89 22.83
C LYS E 531 -2.98 -105.60 22.06
N ASN E 532 -3.68 -104.63 22.62
CA ASN E 532 -3.94 -103.37 21.95
C ASN E 532 -3.93 -102.25 22.98
N THR E 533 -3.63 -101.04 22.52
CA THR E 533 -3.61 -99.88 23.40
C THR E 533 -4.05 -98.64 22.63
N THR E 534 -4.62 -97.68 23.37
CA THR E 534 -5.07 -96.42 22.80
C THR E 534 -4.64 -95.26 23.68
N THR E 535 -4.24 -94.16 23.05
CA THR E 535 -3.93 -92.89 23.71
C THR E 535 -4.47 -91.75 22.86
N TRP E 536 -4.75 -90.62 23.50
CA TRP E 536 -5.20 -89.41 22.81
C TRP E 536 -4.17 -88.30 22.95
N ARG E 537 -4.06 -87.49 21.90
CA ARG E 537 -3.12 -86.36 21.89
C ARG E 537 -3.76 -85.03 22.22
N ASP E 538 -4.97 -84.78 21.76
CA ASP E 538 -5.57 -83.48 21.94
C ASP E 538 -7.08 -83.64 22.02
N LEU E 539 -7.81 -82.53 21.86
CA LEU E 539 -9.24 -82.52 22.09
C LEU E 539 -9.98 -83.25 20.97
N ASP E 540 -9.74 -82.83 19.73
CA ASP E 540 -10.48 -83.38 18.61
C ASP E 540 -10.08 -84.81 18.30
N GLY E 541 -8.79 -85.13 18.45
CA GLY E 541 -8.30 -86.44 18.09
C GLY E 541 -7.40 -86.44 16.87
N ASN E 542 -6.53 -85.43 16.76
CA ASN E 542 -5.57 -85.40 15.65
C ASN E 542 -4.61 -86.57 15.70
N GLY E 543 -4.22 -86.99 16.91
CA GLY E 543 -3.43 -88.20 17.04
C GLY E 543 -4.07 -89.25 17.92
N LEU E 544 -4.49 -90.36 17.32
CA LEU E 544 -5.09 -91.47 18.05
C LEU E 544 -4.38 -92.74 17.62
N LEU E 545 -3.95 -93.54 18.58
CA LEU E 545 -3.09 -94.69 18.31
C LEU E 545 -3.74 -96.02 18.63
N SER E 546 -3.25 -97.04 17.93
CA SER E 546 -3.53 -98.44 18.17
C SER E 546 -2.26 -99.20 17.84
N VAL E 547 -2.32 -100.53 17.96
CA VAL E 547 -1.31 -101.39 17.37
C VAL E 547 -2.02 -102.45 16.55
N ASP E 548 -1.59 -102.59 15.29
CA ASP E 548 -2.14 -103.60 14.40
C ASP E 548 -1.19 -104.80 14.39
N GLN E 549 -1.25 -105.54 15.48
CA GLN E 549 -0.43 -106.72 15.67
C GLN E 549 -1.30 -107.96 15.65
N GLU E 550 -0.81 -109.01 15.01
CA GLU E 550 -1.47 -110.30 14.99
C GLU E 550 -0.80 -111.23 16.00
N ILE E 551 -1.62 -112.03 16.67
CA ILE E 551 -1.09 -113.04 17.57
C ILE E 551 -0.75 -114.29 16.77
N GLY E 552 0.47 -114.79 16.95
CA GLY E 552 0.91 -115.99 16.29
C GLY E 552 0.62 -117.22 17.13
N SER E 553 1.37 -118.27 16.85
CA SER E 553 1.28 -119.51 17.62
C SER E 553 2.64 -119.86 18.17
N TYR E 554 2.67 -120.89 19.01
CA TYR E 554 3.91 -121.45 19.51
C TYR E 554 4.44 -122.57 18.62
N GLU E 555 3.80 -122.79 17.48
CA GLU E 555 4.28 -123.70 16.44
C GLU E 555 4.33 -122.95 15.12
N VAL E 556 5.36 -123.24 14.33
CA VAL E 556 5.56 -122.56 13.06
C VAL E 556 4.54 -123.03 12.03
N ALA E 654 9.15 -114.62 13.28
CA ALA E 654 7.95 -115.43 13.49
C ALA E 654 6.70 -114.57 13.39
N ILE E 655 6.81 -113.31 13.81
CA ILE E 655 5.71 -112.37 13.80
C ILE E 655 6.09 -111.21 12.89
N GLU E 656 5.16 -110.80 12.02
CA GLU E 656 5.35 -109.59 11.24
C GLU E 656 5.46 -108.38 12.16
N PRO E 657 6.29 -107.39 11.83
CA PRO E 657 6.42 -106.19 12.65
C PRO E 657 5.10 -105.44 12.79
N PRO E 658 4.66 -105.20 14.04
CA PRO E 658 3.36 -104.54 14.25
C PRO E 658 3.35 -103.10 13.76
N CYS E 659 2.20 -102.67 13.26
CA CYS E 659 2.01 -101.34 12.71
C CYS E 659 1.22 -100.50 13.71
N ILE E 660 1.83 -99.42 14.18
CA ILE E 660 1.15 -98.44 15.02
C ILE E 660 0.30 -97.55 14.13
N ILE E 661 -1.00 -97.48 14.43
CA ILE E 661 -1.98 -96.82 13.58
C ILE E 661 -2.21 -95.43 14.16
N THR E 662 -1.53 -94.43 13.60
CA THR E 662 -1.76 -93.04 13.96
C THR E 662 -2.79 -92.47 12.99
N LEU E 663 -3.92 -92.01 13.52
CA LEU E 663 -5.05 -91.60 12.69
C LEU E 663 -5.37 -90.13 12.93
N ASP E 664 -5.57 -89.40 11.84
CA ASP E 664 -6.13 -88.04 11.89
C ASP E 664 -7.64 -88.18 11.88
N ILE E 665 -8.22 -88.29 13.07
CA ILE E 665 -9.67 -88.48 13.19
C ILE E 665 -10.49 -87.32 12.63
N PRO E 666 -10.18 -86.03 12.90
CA PRO E 666 -11.00 -84.97 12.29
C PRO E 666 -10.97 -84.93 10.77
N GLN E 667 -9.81 -85.17 10.15
CA GLN E 667 -9.72 -85.14 8.69
C GLN E 667 -10.50 -86.30 8.07
N ILE E 668 -10.36 -87.50 8.63
CA ILE E 668 -11.08 -88.67 8.16
C ILE E 668 -12.59 -88.47 8.33
N PHE E 669 -12.99 -87.92 9.49
CA PHE E 669 -14.41 -87.71 9.76
C PHE E 669 -15.00 -86.66 8.83
N ASN E 670 -14.24 -85.59 8.53
CA ASN E 670 -14.71 -84.59 7.59
C ASN E 670 -14.83 -85.16 6.18
N ASN E 671 -13.89 -86.04 5.81
CA ASN E 671 -13.97 -86.70 4.49
C ASN E 671 -15.21 -87.58 4.40
N ILE E 672 -15.48 -88.38 5.44
CA ILE E 672 -16.66 -89.25 5.42
C ILE E 672 -17.94 -88.43 5.45
N ARG E 673 -17.95 -87.31 6.18
CA ARG E 673 -19.13 -86.45 6.23
C ARG E 673 -19.42 -85.83 4.88
N LEU E 674 -18.40 -85.23 4.24
CA LEU E 674 -18.58 -84.63 2.93
C LEU E 674 -18.89 -85.66 1.86
N THR E 675 -18.43 -86.89 2.03
CA THR E 675 -18.86 -87.98 1.13
C THR E 675 -20.32 -88.32 1.35
N LYS E 676 -20.75 -88.39 2.61
CA LYS E 676 -22.11 -88.80 2.93
C LYS E 676 -23.14 -87.75 2.54
N ILE E 677 -22.75 -86.47 2.47
CA ILE E 677 -23.73 -85.42 2.19
C ILE E 677 -23.71 -84.96 0.74
N ALA E 678 -22.79 -85.45 -0.08
CA ALA E 678 -22.81 -85.16 -1.51
C ALA E 678 -23.81 -86.02 -2.27
N HIS E 679 -24.34 -87.08 -1.64
CA HIS E 679 -25.29 -88.03 -2.24
C HIS E 679 -24.78 -88.63 -3.55
N ASN E 694 -13.07 -76.43 9.56
CA ASN E 694 -11.93 -77.28 9.25
C ASN E 694 -10.74 -76.94 10.13
N SER E 695 -9.95 -77.97 10.47
CA SER E 695 -8.74 -77.90 11.30
C SER E 695 -9.04 -77.28 12.65
N PRO E 696 -9.73 -77.98 13.55
CA PRO E 696 -10.13 -77.37 14.82
C PRO E 696 -8.99 -77.10 15.79
N VAL E 697 -7.78 -77.62 15.55
CA VAL E 697 -6.62 -77.21 16.33
C VAL E 697 -6.29 -75.74 16.05
N GLU E 698 -6.33 -75.34 14.78
CA GLU E 698 -6.17 -73.93 14.43
C GLU E 698 -7.30 -73.08 14.98
N LYS E 699 -8.52 -73.64 15.02
CA LYS E 699 -9.64 -72.94 15.65
C LYS E 699 -9.41 -72.73 17.14
N PHE E 700 -8.87 -73.75 17.82
CA PHE E 700 -8.53 -73.62 19.23
C PHE E 700 -7.46 -72.56 19.45
N LYS E 701 -6.46 -72.52 18.56
CA LYS E 701 -5.43 -71.49 18.63
C LYS E 701 -6.02 -70.10 18.43
N TYR E 702 -6.94 -69.96 17.46
CA TYR E 702 -7.57 -68.67 17.18
C TYR E 702 -8.42 -68.20 18.36
N LEU E 703 -9.19 -69.10 18.97
CA LEU E 703 -10.03 -68.70 20.08
C LEU E 703 -9.26 -68.54 21.38
N ALA E 704 -8.09 -69.17 21.50
CA ALA E 704 -7.24 -68.89 22.64
C ALA E 704 -6.54 -67.55 22.50
N ARG E 705 -6.18 -67.17 21.27
CA ARG E 705 -5.43 -65.94 21.06
C ARG E 705 -6.33 -64.70 21.06
N GLN E 706 -7.45 -64.75 20.34
CA GLN E 706 -8.21 -63.56 20.02
C GLN E 706 -9.36 -63.26 20.97
N LEU E 707 -9.57 -64.09 21.99
CA LEU E 707 -10.64 -63.83 22.95
C LEU E 707 -10.13 -62.98 24.11
N LYS E 708 -11.07 -62.42 24.85
CA LYS E 708 -10.77 -61.58 26.01
C LYS E 708 -11.11 -62.38 27.27
N PHE E 709 -10.12 -63.14 27.75
CA PHE E 709 -10.31 -63.93 28.95
C PHE E 709 -10.28 -63.07 30.21
N SER E 710 -9.57 -61.95 30.17
CA SER E 710 -9.25 -61.18 31.36
C SER E 710 -10.25 -60.04 31.55
N TYR E 711 -10.69 -59.86 32.79
CA TYR E 711 -11.53 -58.71 33.12
C TYR E 711 -10.73 -57.42 33.05
N ILE E 712 -9.48 -57.44 33.50
CA ILE E 712 -8.64 -56.24 33.47
C ILE E 712 -7.88 -56.18 32.16
N VAL E 836 -20.70 -46.70 51.00
CA VAL E 836 -21.27 -47.91 50.43
C VAL E 836 -21.60 -47.70 48.96
N GLU E 837 -21.61 -46.44 48.53
CA GLU E 837 -21.88 -46.12 47.13
C GLU E 837 -20.71 -46.48 46.22
N ALA E 838 -19.50 -46.54 46.78
CA ALA E 838 -18.34 -46.92 45.98
C ALA E 838 -18.42 -48.36 45.51
N GLU E 839 -18.96 -49.24 46.36
CA GLU E 839 -19.17 -50.63 45.96
C GLU E 839 -20.19 -50.74 44.83
N LEU E 840 -21.26 -49.95 44.91
CA LEU E 840 -22.26 -49.93 43.85
C LEU E 840 -21.67 -49.41 42.54
N GLN E 841 -20.86 -48.36 42.61
CA GLN E 841 -20.25 -47.82 41.40
C GLN E 841 -19.24 -48.80 40.80
N GLU E 842 -18.48 -49.48 41.65
CA GLU E 842 -17.54 -50.50 41.17
C GLU E 842 -18.27 -51.66 40.52
N LYS E 843 -19.41 -52.08 41.10
CA LYS E 843 -20.20 -53.15 40.51
C LYS E 843 -20.79 -52.73 39.16
N ILE E 844 -21.24 -51.48 39.06
CA ILE E 844 -21.79 -50.99 37.79
C ILE E 844 -20.70 -50.93 36.72
N GLN E 845 -19.50 -50.45 37.09
CA GLN E 845 -18.39 -50.40 36.13
C GLN E 845 -17.96 -51.80 35.71
N THR E 846 -17.95 -52.74 36.66
CA THR E 846 -17.64 -54.14 36.35
C THR E 846 -18.66 -54.73 35.39
N LEU E 847 -19.95 -54.43 35.60
CA LEU E 847 -20.96 -54.92 34.67
C LEU E 847 -20.81 -54.28 33.30
N VAL E 848 -20.43 -53.00 33.24
CA VAL E 848 -20.32 -52.32 31.96
C VAL E 848 -19.15 -52.88 31.14
N ASP E 849 -17.97 -53.01 31.75
CA ASP E 849 -16.88 -53.53 30.92
C ASP E 849 -16.96 -55.04 30.74
N LEU E 850 -17.72 -55.76 31.57
CA LEU E 850 -18.02 -57.15 31.25
C LEU E 850 -18.98 -57.26 30.07
N ILE E 851 -19.91 -56.31 29.94
CA ILE E 851 -20.75 -56.23 28.75
C ILE E 851 -19.88 -55.98 27.52
N SER E 852 -18.88 -55.08 27.66
CA SER E 852 -17.95 -54.82 26.56
C SER E 852 -17.14 -56.06 26.18
N ILE E 853 -16.67 -56.82 27.19
CA ILE E 853 -15.93 -58.05 26.92
C ILE E 853 -16.82 -59.09 26.24
N ALA E 854 -18.07 -59.20 26.69
CA ALA E 854 -19.02 -60.13 26.08
C ALA E 854 -19.32 -59.75 24.63
N THR E 855 -19.44 -58.45 24.36
CA THR E 855 -19.65 -57.98 22.99
C THR E 855 -18.44 -58.29 22.11
N HIS E 856 -17.23 -58.11 22.65
CA HIS E 856 -16.03 -58.44 21.88
C HIS E 856 -15.95 -59.93 21.59
N ASN E 857 -16.30 -60.77 22.58
CA ASN E 857 -16.25 -62.21 22.38
C ASN E 857 -17.29 -62.66 21.35
N ALA E 858 -18.49 -62.06 21.39
CA ALA E 858 -19.50 -62.34 20.39
C ALA E 858 -19.04 -61.91 19.01
N SER E 859 -18.40 -60.74 18.91
CA SER E 859 -17.89 -60.27 17.62
C SER E 859 -16.80 -61.17 17.07
N VAL E 860 -15.89 -61.64 17.92
CA VAL E 860 -14.78 -62.45 17.41
C VAL E 860 -15.25 -63.88 17.12
N TYR E 861 -16.32 -64.35 17.77
CA TYR E 861 -16.97 -65.57 17.29
C TYR E 861 -17.66 -65.35 15.95
N LEU E 862 -18.34 -64.21 15.77
CA LEU E 862 -19.00 -63.94 14.50
C LEU E 862 -18.00 -63.71 13.37
N SER E 863 -16.75 -63.38 13.69
CA SER E 863 -15.73 -63.22 12.67
C SER E 863 -15.41 -64.54 11.98
N ILE E 864 -15.35 -65.64 12.74
CA ILE E 864 -15.02 -66.94 12.15
C ILE E 864 -16.26 -67.76 11.83
N ASP E 865 -17.46 -67.20 12.01
CA ASP E 865 -18.73 -67.80 11.60
C ASP E 865 -18.99 -69.14 12.29
N ASP E 866 -19.08 -69.09 13.62
CA ASP E 866 -19.68 -70.16 14.41
C ASP E 866 -20.75 -69.56 15.31
N LEU E 867 -22.00 -69.68 14.86
CA LEU E 867 -23.13 -69.01 15.52
C LEU E 867 -23.49 -69.65 16.85
N THR E 868 -23.10 -70.92 17.07
CA THR E 868 -23.52 -71.64 18.27
C THR E 868 -22.94 -71.08 19.56
N ASN E 869 -21.83 -70.33 19.50
CA ASN E 869 -21.28 -69.68 20.66
C ASN E 869 -21.45 -68.17 20.64
N PHE E 870 -21.65 -67.59 19.45
CA PHE E 870 -22.11 -66.21 19.35
C PHE E 870 -23.45 -66.04 20.03
N LYS E 871 -24.36 -67.02 19.87
CA LYS E 871 -25.63 -66.99 20.58
C LYS E 871 -25.43 -67.05 22.08
N ILE E 872 -24.46 -67.86 22.54
CA ILE E 872 -24.17 -67.99 23.97
C ILE E 872 -23.70 -66.66 24.53
N TRP E 873 -22.78 -66.00 23.84
CA TRP E 873 -22.27 -64.74 24.36
C TRP E 873 -23.26 -63.60 24.21
N ILE E 874 -24.18 -63.68 23.24
CA ILE E 874 -25.27 -62.71 23.17
C ILE E 874 -26.21 -62.89 24.36
N LEU E 875 -26.49 -64.15 24.72
CA LEU E 875 -27.29 -64.43 25.90
C LEU E 875 -26.64 -63.91 27.18
N ILE E 876 -25.32 -64.10 27.30
CA ILE E 876 -24.58 -63.62 28.47
C ILE E 876 -24.57 -62.10 28.51
N ARG E 877 -24.39 -61.45 27.35
CA ARG E 877 -24.39 -59.99 27.28
C ARG E 877 -25.74 -59.42 27.69
N ASP E 878 -26.83 -60.03 27.22
CA ASP E 878 -28.15 -59.52 27.58
C ASP E 878 -28.50 -59.81 29.04
N SER E 879 -28.00 -60.92 29.60
CA SER E 879 -28.18 -61.16 31.03
C SER E 879 -27.43 -60.13 31.86
N LEU E 880 -26.21 -59.79 31.44
CA LEU E 880 -25.44 -58.75 32.13
C LEU E 880 -26.10 -57.39 31.99
N LEU E 881 -26.72 -57.12 30.84
CA LEU E 881 -27.45 -55.86 30.66
C LEU E 881 -28.69 -55.82 31.56
N TRP E 882 -29.36 -56.95 31.74
CA TRP E 882 -30.49 -57.05 32.66
C TRP E 882 -30.05 -56.78 34.09
N ASP E 883 -28.93 -57.37 34.50
CA ASP E 883 -28.39 -57.13 35.84
C ASP E 883 -27.97 -55.68 36.01
N LEU E 884 -27.38 -55.08 34.97
CA LEU E 884 -26.98 -53.68 35.03
C LEU E 884 -28.18 -52.75 35.14
N LYS E 885 -29.27 -53.06 34.42
CA LYS E 885 -30.45 -52.20 34.49
C LYS E 885 -31.17 -52.36 35.84
N TRP E 886 -31.09 -53.54 36.46
CA TRP E 886 -31.67 -53.66 37.79
C TRP E 886 -30.76 -53.13 38.89
N MET E 887 -29.46 -53.02 38.65
CA MET E 887 -28.61 -52.31 39.60
C MET E 887 -28.79 -50.80 39.48
N THR E 888 -28.96 -50.31 38.24
CA THR E 888 -29.20 -48.88 38.03
C THR E 888 -30.56 -48.45 38.56
N SER E 889 -31.59 -49.29 38.35
CA SER E 889 -32.92 -48.98 38.85
C SER E 889 -32.98 -49.02 40.37
N SER E 890 -32.14 -49.83 41.01
CA SER E 890 -32.10 -49.90 42.47
C SER E 890 -31.27 -48.75 43.03
N ILE E 1154 -40.88 -71.28 45.90
CA ILE E 1154 -40.58 -70.33 44.85
C ILE E 1154 -39.15 -70.58 44.35
N ALA E 1155 -38.93 -70.37 43.04
CA ALA E 1155 -37.63 -70.57 42.43
C ALA E 1155 -37.33 -69.40 41.51
N ASP E 1156 -36.06 -69.24 41.18
CA ASP E 1156 -35.63 -68.15 40.31
C ASP E 1156 -36.09 -68.40 38.88
N PRO E 1157 -36.32 -67.34 38.10
CA PRO E 1157 -36.68 -67.50 36.70
C PRO E 1157 -35.51 -68.02 35.89
N PRO E 1158 -35.76 -68.67 34.75
CA PRO E 1158 -34.64 -69.16 33.93
C PRO E 1158 -33.82 -68.07 33.28
N TRP E 1159 -34.32 -66.84 33.19
CA TRP E 1159 -33.56 -65.74 32.63
C TRP E 1159 -32.82 -64.94 33.69
N ASP E 1160 -32.81 -65.42 34.93
CA ASP E 1160 -31.96 -64.85 35.96
C ASP E 1160 -30.49 -65.01 35.56
N THR E 1161 -29.68 -64.02 35.92
CA THR E 1161 -28.31 -63.95 35.41
C THR E 1161 -27.46 -65.11 35.92
N LYS E 1162 -27.49 -65.37 37.23
CA LYS E 1162 -26.69 -66.46 37.79
C LYS E 1162 -27.15 -67.82 37.28
N LYS E 1163 -28.47 -68.04 37.23
CA LYS E 1163 -29.00 -69.33 36.80
C LYS E 1163 -28.71 -69.59 35.32
N LEU E 1164 -28.89 -68.57 34.47
CA LEU E 1164 -28.65 -68.76 33.04
C LEU E 1164 -27.17 -68.92 32.75
N ILE E 1165 -26.30 -68.17 33.44
CA ILE E 1165 -24.86 -68.31 33.23
C ILE E 1165 -24.39 -69.67 33.70
N LYS E 1166 -24.92 -70.16 34.84
CA LYS E 1166 -24.57 -71.49 35.31
C LYS E 1166 -25.07 -72.58 34.37
N GLN E 1167 -26.26 -72.38 33.77
CA GLN E 1167 -26.78 -73.39 32.86
C GLN E 1167 -26.00 -73.44 31.55
N LEU E 1168 -25.59 -72.26 31.04
CA LEU E 1168 -24.73 -72.23 29.86
C LEU E 1168 -23.36 -72.84 30.17
N TYR E 1169 -22.85 -72.61 31.38
CA TYR E 1169 -21.62 -73.26 31.82
C TYR E 1169 -21.77 -74.78 31.85
N ASN E 1170 -22.90 -75.27 32.36
CA ASN E 1170 -23.11 -76.72 32.46
C ASN E 1170 -23.26 -77.35 31.08
N GLN E 1171 -23.96 -76.66 30.17
CA GLN E 1171 -24.07 -77.15 28.80
C GLN E 1171 -22.72 -77.14 28.10
N ALA E 1172 -21.89 -76.13 28.36
CA ALA E 1172 -20.56 -76.08 27.77
C ALA E 1172 -19.67 -77.19 28.30
N THR E 1173 -19.71 -77.45 29.60
CA THR E 1173 -18.85 -78.48 30.17
C THR E 1173 -19.40 -79.88 29.95
N GLU E 1174 -20.66 -80.02 29.54
CA GLU E 1174 -21.17 -81.31 29.11
C GLU E 1174 -20.90 -81.57 27.64
N THR E 1175 -20.96 -80.52 26.81
CA THR E 1175 -20.69 -80.70 25.38
C THR E 1175 -19.21 -80.94 25.13
N GLY E 1176 -18.36 -80.15 25.77
CA GLY E 1176 -16.92 -80.29 25.60
C GLY E 1176 -16.24 -79.02 25.12
N ASN E 1177 -16.90 -77.88 25.27
CA ASN E 1177 -16.35 -76.59 24.86
C ASN E 1177 -15.48 -76.05 25.99
N VAL E 1178 -14.18 -76.33 25.91
CA VAL E 1178 -13.25 -75.95 26.97
C VAL E 1178 -13.07 -74.44 27.02
N VAL E 1179 -12.96 -73.81 25.85
CA VAL E 1179 -12.70 -72.37 25.77
C VAL E 1179 -13.83 -71.57 26.40
N LEU E 1180 -15.08 -71.96 26.12
CA LEU E 1180 -16.22 -71.19 26.59
C LEU E 1180 -16.40 -71.33 28.10
N THR E 1181 -16.25 -72.56 28.63
CA THR E 1181 -16.39 -72.74 30.08
C THR E 1181 -15.25 -72.07 30.83
N VAL E 1182 -14.04 -72.07 30.25
CA VAL E 1182 -12.91 -71.43 30.90
C VAL E 1182 -13.05 -69.91 30.87
N ASN E 1183 -13.58 -69.37 29.76
CA ASN E 1183 -13.86 -67.94 29.69
C ASN E 1183 -14.91 -67.52 30.70
N ILE E 1184 -15.97 -68.32 30.87
CA ILE E 1184 -16.98 -68.02 31.88
C ILE E 1184 -16.39 -68.14 33.28
N LEU E 1185 -15.47 -69.08 33.48
CA LEU E 1185 -14.85 -69.22 34.81
C LEU E 1185 -13.92 -68.06 35.14
N PHE E 1186 -13.22 -67.48 34.18
CA PHE E 1186 -12.51 -66.24 34.49
C PHE E 1186 -13.49 -65.08 34.74
N LEU E 1187 -14.45 -64.89 33.84
CA LEU E 1187 -15.19 -63.63 33.87
C LEU E 1187 -16.27 -63.62 34.95
N PHE E 1188 -16.92 -64.75 35.23
CA PHE E 1188 -18.11 -64.76 36.06
C PHE E 1188 -18.01 -65.80 37.18
N GLN E 1189 -16.91 -65.80 37.92
CA GLN E 1189 -16.78 -66.68 39.09
C GLN E 1189 -16.89 -65.95 40.40
N THR E 1190 -16.19 -64.81 40.54
CA THR E 1190 -16.23 -64.06 41.79
C THR E 1190 -17.58 -63.41 42.01
N ILE E 1191 -18.19 -62.86 40.95
CA ILE E 1191 -19.46 -62.17 41.12
C ILE E 1191 -20.62 -63.14 41.15
N TYR E 1192 -20.56 -64.21 40.35
CA TYR E 1192 -21.56 -65.27 40.36
C TYR E 1192 -20.87 -66.57 40.75
N GLN E 1193 -21.16 -67.06 41.96
CA GLN E 1193 -20.52 -68.27 42.43
C GLN E 1193 -21.05 -69.49 41.68
N ILE E 1194 -20.38 -69.87 40.60
CA ILE E 1194 -20.87 -70.93 39.73
C ILE E 1194 -20.63 -72.29 40.37
N THR E 1195 -19.36 -72.63 40.58
CA THR E 1195 -19.01 -73.88 41.24
C THR E 1195 -18.11 -73.62 42.44
N GLU E 1196 -17.57 -74.68 43.03
CA GLU E 1196 -16.58 -74.54 44.07
C GLU E 1196 -15.27 -73.97 43.49
N ILE E 1197 -14.47 -73.39 44.38
CA ILE E 1197 -13.19 -72.81 43.97
C ILE E 1197 -12.24 -73.89 43.47
N ASP E 1198 -12.35 -75.11 44.04
CA ASP E 1198 -11.50 -76.21 43.62
C ASP E 1198 -11.77 -76.61 42.17
N ILE E 1199 -13.04 -76.71 41.79
CA ILE E 1199 -13.40 -77.12 40.44
C ILE E 1199 -12.99 -76.05 39.43
N ALA E 1200 -13.20 -74.77 39.77
CA ALA E 1200 -12.84 -73.67 38.88
C ALA E 1200 -11.32 -73.61 38.69
N LYS E 1201 -10.57 -73.72 39.79
CA LYS E 1201 -9.12 -73.68 39.70
C LYS E 1201 -8.56 -74.89 38.96
N ASP E 1202 -9.20 -76.05 39.13
CA ASP E 1202 -8.78 -77.25 38.39
C ASP E 1202 -9.04 -77.09 36.90
N ALA E 1203 -10.17 -76.47 36.54
CA ALA E 1203 -10.46 -76.22 35.14
C ALA E 1203 -9.47 -75.25 34.52
N ILE E 1204 -9.11 -74.19 35.26
CA ILE E 1204 -8.12 -73.24 34.76
C ILE E 1204 -6.75 -73.90 34.62
N ALA E 1205 -6.38 -74.74 35.58
CA ALA E 1205 -5.10 -75.46 35.52
C ALA E 1205 -5.07 -76.43 34.35
N HIS E 1206 -6.17 -77.14 34.10
CA HIS E 1206 -6.24 -78.06 32.98
C HIS E 1206 -6.21 -77.32 31.64
N PHE E 1207 -6.84 -76.14 31.58
CA PHE E 1207 -6.77 -75.32 30.37
C PHE E 1207 -5.35 -74.84 30.11
N LEU E 1208 -4.63 -74.45 31.17
CA LEU E 1208 -3.25 -74.00 30.99
C LEU E 1208 -2.33 -75.15 30.62
N LEU E 1209 -2.56 -76.33 31.18
CA LEU E 1209 -1.78 -77.51 30.77
C LEU E 1209 -2.08 -77.89 29.33
N LEU E 1210 -3.34 -77.72 28.91
CA LEU E 1210 -3.71 -77.98 27.52
C LEU E 1210 -3.06 -76.99 26.57
N LEU E 1211 -2.97 -75.72 26.99
CA LEU E 1211 -2.24 -74.72 26.20
C LEU E 1211 -0.75 -75.02 26.16
N HIS E 1212 -0.20 -75.57 27.26
CA HIS E 1212 1.19 -75.96 27.27
C HIS E 1212 1.46 -77.18 26.40
N ARG E 1213 0.45 -78.04 26.21
CA ARG E 1213 0.62 -79.23 25.37
C ARG E 1213 0.85 -78.84 23.91
N TYR E 1214 0.11 -77.86 23.41
CA TYR E 1214 0.45 -77.24 22.15
C TYR E 1214 1.61 -76.28 22.35
N GLU E 1215 2.16 -75.78 21.25
CA GLU E 1215 3.21 -74.76 21.33
C GLU E 1215 2.60 -73.35 21.44
N LEU E 1216 1.70 -73.18 22.40
CA LEU E 1216 1.04 -71.91 22.69
C LEU E 1216 1.43 -71.52 24.11
N PHE E 1217 2.58 -70.87 24.25
CA PHE E 1217 3.08 -70.48 25.56
C PHE E 1217 2.83 -69.02 25.88
N GLY E 1218 2.87 -68.14 24.88
CA GLY E 1218 2.53 -66.74 25.12
C GLY E 1218 1.07 -66.55 25.45
N ILE E 1219 0.20 -67.36 24.85
CA ILE E 1219 -1.23 -67.33 25.19
C ILE E 1219 -1.43 -67.79 26.63
N ALA E 1220 -0.72 -68.83 27.04
CA ALA E 1220 -0.79 -69.29 28.43
C ALA E 1220 -0.25 -68.25 29.39
N ALA E 1221 0.78 -67.50 28.98
CA ALA E 1221 1.30 -66.41 29.81
C ALA E 1221 0.28 -65.29 29.95
N ASP E 1222 -0.40 -64.95 28.85
CA ASP E 1222 -1.48 -63.96 28.90
C ASP E 1222 -2.61 -64.42 29.82
N VAL E 1223 -2.95 -65.70 29.76
CA VAL E 1223 -4.01 -66.25 30.61
C VAL E 1223 -3.61 -66.21 32.09
N LEU E 1224 -2.38 -66.62 32.39
CA LEU E 1224 -1.93 -66.68 33.78
C LEU E 1224 -1.59 -65.32 34.38
N LYS E 1225 -1.27 -64.33 33.55
CA LYS E 1225 -0.87 -63.02 34.07
C LYS E 1225 -2.02 -62.30 34.77
N TYR E 1226 -3.23 -62.41 34.22
CA TYR E 1226 -4.39 -61.71 34.76
C TYR E 1226 -5.42 -62.69 35.32
N CYS E 1227 -4.96 -63.80 35.87
CA CYS E 1227 -5.86 -64.79 36.47
C CYS E 1227 -6.28 -64.31 37.85
N PRO E 1228 -7.59 -64.27 38.15
CA PRO E 1228 -8.03 -63.86 39.49
C PRO E 1228 -7.64 -64.86 40.58
N PHE E 1229 -7.34 -66.11 40.24
CA PHE E 1229 -6.87 -67.08 41.22
C PHE E 1229 -5.35 -67.08 41.23
N GLU E 1230 -4.76 -66.79 42.38
CA GLU E 1230 -3.34 -66.48 42.47
C GLU E 1230 -2.45 -67.71 42.60
N ASP E 1231 -3.02 -68.90 42.79
CA ASP E 1231 -2.25 -70.10 43.09
C ASP E 1231 -2.64 -71.22 42.12
N ILE E 1232 -2.65 -70.89 40.82
CA ILE E 1232 -3.06 -71.86 39.82
C ILE E 1232 -1.91 -72.80 39.48
N MET E 1233 -0.80 -72.26 38.99
CA MET E 1233 0.36 -73.04 38.60
C MET E 1233 1.53 -72.67 39.50
N GLY E 1234 1.86 -73.56 40.43
CA GLY E 1234 2.95 -73.30 41.36
C GLY E 1234 2.47 -72.64 42.64
N SER E 1235 3.15 -72.98 43.73
CA SER E 1235 2.86 -72.40 45.04
C SER E 1235 4.06 -71.72 45.68
N GLU E 1236 5.16 -71.59 44.94
CA GLU E 1236 6.37 -70.96 45.46
C GLU E 1236 6.43 -69.46 45.18
N GLY E 1237 5.39 -68.90 44.57
CA GLY E 1237 5.36 -67.47 44.29
C GLY E 1237 6.18 -67.11 43.07
N ASP E 1238 7.30 -66.42 43.29
CA ASP E 1238 8.17 -65.98 42.20
C ASP E 1238 9.13 -67.12 41.89
N GLN E 1239 8.78 -67.93 40.91
CA GLN E 1239 9.64 -69.02 40.46
C GLN E 1239 10.58 -68.60 39.34
N SER E 1240 10.41 -67.39 38.79
CA SER E 1240 11.28 -66.87 37.75
C SER E 1240 12.21 -65.79 38.27
N SER E 1241 12.27 -65.60 39.58
CA SER E 1241 13.15 -64.60 40.17
C SER E 1241 14.59 -65.08 40.16
N ILE E 1242 15.49 -64.22 39.70
CA ILE E 1242 16.92 -64.52 39.61
C ILE E 1242 17.65 -63.49 40.46
N ARG E 1243 17.98 -63.86 41.69
CA ARG E 1243 18.76 -62.98 42.55
C ARG E 1243 20.23 -63.19 42.26
N LEU E 1244 20.97 -62.09 42.23
CA LEU E 1244 22.38 -62.11 41.87
C LEU E 1244 23.26 -61.62 43.01
N PHE E 1245 24.45 -62.17 43.10
CA PHE E 1245 25.50 -61.63 43.95
C PHE E 1245 26.36 -60.67 43.14
N CYS E 1246 26.93 -59.68 43.82
CA CYS E 1246 27.71 -58.67 43.13
C CYS E 1246 29.02 -59.25 42.62
N GLU E 1247 29.43 -58.81 41.42
CA GLU E 1247 30.68 -59.25 40.82
C GLU E 1247 31.90 -58.62 41.46
N ARG E 1248 31.73 -57.60 42.29
CA ARG E 1248 32.85 -56.89 42.90
C ARG E 1248 32.98 -57.16 44.39
N CYS E 1249 31.88 -57.08 45.14
CA CYS E 1249 31.93 -57.23 46.59
C CYS E 1249 31.43 -58.57 47.07
N GLY E 1250 30.57 -59.25 46.31
CA GLY E 1250 30.10 -60.56 46.67
C GLY E 1250 28.83 -60.61 47.48
N GLU E 1251 28.33 -59.47 47.96
CA GLU E 1251 27.06 -59.47 48.68
C GLU E 1251 25.90 -59.56 47.70
N LEU E 1252 24.75 -59.96 48.22
CA LEU E 1252 23.57 -60.16 47.38
C LEU E 1252 23.00 -58.83 46.91
N ILE E 1253 22.63 -58.78 45.64
CA ILE E 1253 22.00 -57.59 45.07
C ILE E 1253 20.52 -57.59 45.42
N THR E 1254 20.18 -56.95 46.53
CA THR E 1254 18.78 -56.75 46.91
C THR E 1254 18.32 -55.32 46.79
N ASN E 1255 19.23 -54.34 46.97
CA ASN E 1255 19.02 -52.92 46.72
C ASN E 1255 17.80 -52.37 47.47
N GLU E 1256 17.71 -52.73 48.75
CA GLU E 1256 16.55 -52.32 49.54
C GLU E 1256 16.59 -50.84 49.88
N SER E 1257 17.79 -50.27 50.05
CA SER E 1257 17.91 -48.84 50.35
C SER E 1257 17.44 -47.99 49.18
N SER E 1258 17.82 -48.38 47.95
CA SER E 1258 17.39 -47.65 46.77
C SER E 1258 15.88 -47.76 46.57
N LYS E 1259 15.32 -48.95 46.83
CA LYS E 1259 13.87 -49.13 46.72
C LYS E 1259 13.13 -48.29 47.76
N GLU E 1260 13.67 -48.22 48.98
CA GLU E 1260 13.06 -47.39 50.02
C GLU E 1260 13.10 -45.91 49.66
N LYS E 1261 14.25 -45.43 49.17
CA LYS E 1261 14.38 -44.03 48.79
C LYS E 1261 13.46 -43.68 47.62
N LEU E 1262 13.39 -44.56 46.62
CA LEU E 1262 12.53 -44.28 45.47
C LEU E 1262 11.06 -44.38 45.83
N ARG E 1263 10.69 -45.28 46.75
CA ARG E 1263 9.31 -45.35 47.22
C ARG E 1263 8.94 -44.09 48.00
N ALA E 1264 9.85 -43.58 48.83
CA ALA E 1264 9.58 -42.34 49.55
C ALA E 1264 9.45 -41.16 48.59
N GLU E 1265 10.31 -41.11 47.56
CA GLU E 1265 10.22 -40.00 46.61
C GLU E 1265 8.97 -40.09 45.76
N ALA E 1266 8.53 -41.31 45.39
CA ALA E 1266 7.30 -41.46 44.63
C ALA E 1266 6.06 -41.25 45.50
N GLN E 1267 6.18 -41.45 46.82
CA GLN E 1267 5.06 -41.13 47.71
C GLN E 1267 4.95 -39.63 47.92
N GLN E 1268 6.08 -38.93 48.05
CA GLN E 1268 6.03 -37.47 48.20
C GLN E 1268 5.65 -36.76 46.91
N THR E 1269 5.86 -37.38 45.76
CA THR E 1269 5.49 -36.83 44.47
C THR E 1269 4.26 -37.57 43.93
N GLY E 1270 3.90 -37.26 42.68
CA GLY E 1270 2.71 -37.85 42.09
C GLY E 1270 2.96 -38.58 40.79
N ASN E 1271 4.11 -39.24 40.66
CA ASN E 1271 4.45 -40.00 39.46
C ASN E 1271 4.99 -41.37 39.85
N LYS E 1272 4.73 -42.35 38.99
CA LYS E 1272 5.28 -43.70 39.15
C LYS E 1272 6.54 -43.92 38.31
N LYS E 1273 7.02 -42.90 37.62
CA LYS E 1273 8.21 -43.06 36.79
C LYS E 1273 9.51 -42.95 37.58
N ILE E 1274 9.45 -42.45 38.82
CA ILE E 1274 10.63 -42.43 39.68
C ILE E 1274 11.01 -43.85 40.09
N MET E 1275 10.00 -44.71 40.31
CA MET E 1275 10.25 -46.10 40.68
C MET E 1275 10.83 -46.92 39.54
N ASP E 1276 10.83 -46.40 38.31
CA ASP E 1276 11.50 -47.06 37.20
C ASP E 1276 13.02 -46.96 37.27
N LYS E 1277 13.54 -46.10 38.16
CA LYS E 1277 14.98 -46.02 38.38
C LYS E 1277 15.52 -47.17 39.21
N PHE E 1278 14.65 -47.97 39.82
CA PHE E 1278 15.09 -49.12 40.58
C PHE E 1278 15.53 -50.25 39.66
N GLY E 1279 16.60 -50.92 40.02
CA GLY E 1279 17.11 -52.02 39.22
C GLY E 1279 18.13 -52.81 39.98
N TYR E 1280 18.48 -53.96 39.41
CA TYR E 1280 19.48 -54.85 39.98
C TYR E 1280 20.78 -54.83 39.20
N TRP E 1281 20.98 -53.81 38.36
CA TRP E 1281 22.21 -53.63 37.61
C TRP E 1281 23.25 -52.84 38.37
N TYR E 1282 22.92 -52.40 39.58
CA TYR E 1282 23.85 -51.66 40.43
C TYR E 1282 23.82 -52.25 41.83
N CYS E 1283 24.91 -52.03 42.56
CA CYS E 1283 25.04 -52.48 43.94
C CYS E 1283 25.00 -51.27 44.86
N ASP E 1284 24.24 -51.38 45.95
CA ASP E 1284 24.23 -50.33 46.96
C ASP E 1284 25.33 -50.48 47.99
N SER E 1285 25.83 -51.70 48.19
CA SER E 1285 26.85 -51.93 49.21
C SER E 1285 28.20 -51.38 48.77
N CYS E 1286 28.60 -51.66 47.53
CA CYS E 1286 29.91 -51.27 47.01
C CYS E 1286 29.84 -50.12 46.01
N LYS E 1287 28.64 -49.55 45.78
CA LYS E 1287 28.42 -48.42 44.86
C LYS E 1287 28.89 -48.71 43.43
N LYS E 1288 28.62 -49.93 42.95
CA LYS E 1288 28.86 -50.23 41.53
C LYS E 1288 27.87 -49.44 40.68
N LYS E 1289 28.38 -48.82 39.61
CA LYS E 1289 27.55 -47.90 38.83
C LYS E 1289 26.59 -48.64 37.93
N ASN E 1290 27.09 -49.44 37.01
CA ASN E 1290 26.23 -50.11 36.04
C ASN E 1290 26.91 -51.38 35.54
N THR E 1291 26.12 -52.21 34.87
CA THR E 1291 26.62 -53.40 34.20
C THR E 1291 26.82 -53.08 32.72
N SER E 1292 27.97 -53.47 32.19
CA SER E 1292 28.35 -53.14 30.83
C SER E 1292 28.14 -54.35 29.91
N CYS E 1293 27.75 -54.06 28.67
CA CYS E 1293 27.61 -55.11 27.67
C CYS E 1293 28.97 -55.69 27.33
N VAL E 1294 28.98 -56.98 27.00
CA VAL E 1294 30.24 -57.66 26.70
C VAL E 1294 30.76 -57.30 25.31
N LEU E 1295 29.93 -56.74 24.44
CA LEU E 1295 30.33 -56.37 23.09
C LEU E 1295 30.51 -54.87 22.92
N CYS E 1296 29.51 -54.07 23.27
CA CYS E 1296 29.53 -52.63 23.01
C CYS E 1296 29.96 -51.80 24.22
N GLU E 1297 30.05 -52.41 25.40
CA GLU E 1297 30.49 -51.75 26.65
C GLU E 1297 29.63 -50.55 27.02
N ARG E 1298 28.35 -50.62 26.71
CA ARG E 1298 27.35 -49.62 27.03
C ARG E 1298 26.55 -50.05 28.26
N PRO E 1299 25.88 -49.12 28.94
CA PRO E 1299 25.04 -49.51 30.09
C PRO E 1299 23.89 -50.42 29.68
N LEU E 1300 23.51 -51.29 30.61
CA LEU E 1300 22.56 -52.36 30.34
C LEU E 1300 21.56 -52.41 31.48
N LYS E 1301 20.29 -52.16 31.17
CA LYS E 1301 19.33 -51.91 32.23
C LYS E 1301 18.07 -52.77 32.16
N LYS E 1302 17.58 -53.08 30.96
CA LYS E 1302 16.22 -53.58 30.83
C LYS E 1302 16.11 -55.00 30.30
N LEU E 1303 17.02 -55.45 29.44
CA LEU E 1303 16.99 -56.83 28.96
C LEU E 1303 18.41 -57.25 28.60
N THR E 1304 18.82 -58.41 29.09
CA THR E 1304 20.15 -58.94 28.84
C THR E 1304 20.07 -60.27 28.12
N MET E 1305 21.24 -60.86 27.87
CA MET E 1305 21.33 -62.18 27.25
C MET E 1305 22.57 -62.86 27.82
N VAL E 1306 22.35 -63.72 28.81
CA VAL E 1306 23.46 -64.27 29.59
C VAL E 1306 24.13 -65.39 28.79
N ILE E 1307 25.45 -65.32 28.67
CA ILE E 1307 26.24 -66.41 28.15
C ILE E 1307 26.53 -67.37 29.29
N LEU E 1308 26.17 -68.65 29.10
CA LEU E 1308 26.08 -69.56 30.25
C LEU E 1308 27.44 -69.97 30.82
N PRO E 1309 28.41 -70.51 30.06
CA PRO E 1309 29.62 -71.06 30.72
C PRO E 1309 30.51 -70.00 31.37
N CYS E 1310 30.38 -68.73 31.00
CA CYS E 1310 31.27 -67.69 31.47
C CYS E 1310 30.57 -66.57 32.24
N GLY E 1311 29.24 -66.47 32.17
CA GLY E 1311 28.52 -65.49 32.95
C GLY E 1311 28.71 -64.04 32.52
N HIS E 1312 28.45 -63.75 31.25
CA HIS E 1312 28.57 -62.40 30.71
C HIS E 1312 27.22 -61.95 30.16
N GLU E 1313 26.90 -60.68 30.37
CA GLU E 1313 25.63 -60.11 29.93
C GLU E 1313 25.71 -59.77 28.44
N GLY E 1314 24.73 -59.02 27.96
CA GLY E 1314 24.73 -58.52 26.59
C GLY E 1314 23.34 -58.21 26.09
N HIS E 1315 23.22 -57.25 25.18
CA HIS E 1315 21.94 -56.96 24.55
C HIS E 1315 21.51 -58.10 23.64
N PHE E 1316 20.23 -58.09 23.26
CA PHE E 1316 19.78 -59.01 22.22
C PHE E 1316 20.49 -58.75 20.90
N GLN E 1317 20.59 -57.48 20.51
CA GLN E 1317 21.17 -57.14 19.21
C GLN E 1317 22.66 -57.45 19.17
N CYS E 1318 23.39 -57.15 20.25
CA CYS E 1318 24.84 -57.37 20.28
C CYS E 1318 25.18 -58.86 20.24
N ILE E 1319 24.54 -59.65 21.12
CA ILE E 1319 24.79 -61.08 21.19
C ILE E 1319 24.34 -61.77 19.90
N GLN E 1320 23.18 -61.37 19.38
CA GLN E 1320 22.66 -61.96 18.14
C GLN E 1320 23.57 -61.64 16.96
N GLU E 1321 24.08 -60.40 16.88
CA GLU E 1321 25.02 -60.03 15.82
C GLU E 1321 26.31 -60.83 15.92
N TRP E 1322 26.85 -60.95 17.15
CA TRP E 1322 28.12 -61.64 17.34
C TRP E 1322 28.00 -63.13 17.05
N PHE E 1323 26.85 -63.75 17.35
CA PHE E 1323 26.75 -65.20 17.21
C PHE E 1323 26.04 -65.65 15.93
N LEU E 1324 25.42 -64.74 15.17
CA LEU E 1324 24.80 -65.10 13.89
C LEU E 1324 25.40 -64.34 12.72
N ASP E 1325 25.51 -63.01 12.83
CA ASP E 1325 25.97 -62.21 11.69
C ASP E 1325 27.46 -62.36 11.48
N GLU E 1326 28.23 -62.38 12.56
CA GLU E 1326 29.67 -62.58 12.45
C GLU E 1326 30.06 -64.05 12.48
N ASN E 1327 29.11 -64.94 12.79
CA ASN E 1327 29.30 -66.39 12.82
C ASN E 1327 30.46 -66.80 13.73
N GLU E 1328 30.54 -66.17 14.90
CA GLU E 1328 31.57 -66.44 15.88
C GLU E 1328 31.08 -67.44 16.90
N GLN E 1329 32.04 -68.06 17.61
CA GLN E 1329 31.74 -69.14 18.54
C GLN E 1329 32.22 -68.88 19.96
N GLU E 1330 33.03 -67.87 20.20
CA GLU E 1330 33.55 -67.58 21.53
C GLU E 1330 32.83 -66.38 22.14
N CYS E 1331 33.01 -66.22 23.45
CA CYS E 1331 32.48 -65.06 24.15
C CYS E 1331 33.20 -63.79 23.67
N PRO E 1332 32.48 -62.67 23.53
CA PRO E 1332 33.15 -61.42 23.15
C PRO E 1332 34.20 -60.94 24.14
N GLY E 1333 34.05 -61.25 25.43
CA GLY E 1333 35.04 -60.85 26.41
C GLY E 1333 36.33 -61.65 26.36
N GLY E 1334 36.30 -62.83 25.75
CA GLY E 1334 37.48 -63.67 25.70
C GLY E 1334 37.49 -64.71 26.79
N CYS E 1335 37.20 -65.96 26.46
CA CYS E 1335 37.07 -67.00 27.47
C CYS E 1335 37.72 -68.30 27.00
N PRO E 1336 38.34 -69.06 27.92
CA PRO E 1336 38.95 -70.34 27.53
C PRO E 1336 37.93 -71.43 27.27
N GLY E 1337 37.20 -71.31 26.16
CA GLY E 1337 36.20 -72.30 25.81
C GLY E 1337 35.42 -71.83 24.60
N VAL E 1338 34.43 -72.64 24.24
CA VAL E 1338 33.55 -72.35 23.12
C VAL E 1338 32.11 -72.24 23.65
N ALA E 1339 31.55 -71.03 23.55
CA ALA E 1339 30.13 -70.81 23.77
C ALA E 1339 29.42 -70.71 22.42
N PHE E 1340 29.36 -71.85 21.75
CA PHE E 1340 28.95 -71.91 20.36
C PHE E 1340 27.46 -71.58 20.19
N ILE E 1341 27.12 -71.14 18.98
CA ILE E 1341 25.76 -70.82 18.56
C ILE E 1341 25.14 -69.76 19.44
N GLY F 2 34.42 14.86 12.13
CA GLY F 2 33.81 13.89 11.25
C GLY F 2 32.73 13.08 11.92
N LEU F 3 31.55 13.06 11.31
CA LEU F 3 30.41 12.29 11.81
C LEU F 3 29.91 11.36 10.71
N ILE F 4 29.71 10.09 11.06
CA ILE F 4 29.04 9.13 10.21
C ILE F 4 27.82 8.62 10.97
N LYS F 5 26.65 8.75 10.35
CA LYS F 5 25.38 8.43 11.01
C LYS F 5 24.59 7.48 10.13
N LYS F 6 24.47 6.23 10.56
CA LYS F 6 23.68 5.24 9.84
C LYS F 6 22.20 5.59 9.93
N VAL F 7 21.49 5.46 8.81
CA VAL F 7 20.10 5.88 8.70
C VAL F 7 19.28 4.67 8.27
N THR F 8 18.23 4.37 9.03
CA THR F 8 17.27 3.33 8.70
C THR F 8 15.93 3.93 8.31
N HIS F 9 15.06 3.06 7.78
CA HIS F 9 13.67 3.39 7.41
C HIS F 9 13.59 4.51 6.38
N TRP F 10 14.56 4.59 5.48
CA TRP F 10 14.52 5.53 4.37
C TRP F 10 14.53 4.86 3.00
N SER F 11 15.12 3.67 2.88
CA SER F 11 15.26 2.98 1.61
C SER F 11 14.42 1.72 1.65
N TYR F 12 13.60 1.52 0.61
CA TYR F 12 12.82 0.30 0.47
C TYR F 12 13.62 -0.86 -0.10
N ASP F 13 14.81 -0.61 -0.61
CA ASP F 13 15.64 -1.65 -1.20
C ASP F 13 16.61 -2.16 -0.13
N ASN F 14 17.58 -2.97 -0.54
CA ASN F 14 18.58 -3.49 0.38
C ASN F 14 19.65 -2.47 0.77
N LEU F 15 19.67 -1.31 0.10
CA LEU F 15 20.68 -0.30 0.40
C LEU F 15 20.41 0.35 1.75
N ILE F 16 21.47 0.83 2.38
CA ILE F 16 21.40 1.51 3.67
C ILE F 16 21.88 2.94 3.48
N ASP F 17 21.06 3.89 3.89
CA ASP F 17 21.42 5.30 3.78
C ASP F 17 22.41 5.69 4.86
N TYR F 18 23.33 6.57 4.50
CA TYR F 18 24.33 7.09 5.42
C TYR F 18 24.42 8.60 5.27
N LEU F 19 24.74 9.26 6.36
CA LEU F 19 24.95 10.70 6.40
C LEU F 19 26.34 11.00 6.93
N SER F 20 27.03 11.94 6.30
CA SER F 20 28.41 12.22 6.65
C SER F 20 28.62 13.73 6.81
N VAL F 21 29.58 14.08 7.65
CA VAL F 21 30.00 15.46 7.86
C VAL F 21 31.52 15.49 7.72
N ASN F 22 32.02 16.44 6.93
CA ASN F 22 33.46 16.57 6.72
C ASN F 22 34.14 16.97 8.02
N PRO F 23 35.44 16.66 8.16
CA PRO F 23 36.15 17.02 9.40
C PRO F 23 36.24 18.52 9.67
N THR F 24 36.11 19.35 8.65
CA THR F 24 36.06 20.80 8.83
C THR F 24 34.66 21.30 9.19
N ARG F 25 33.66 20.41 9.27
CA ARG F 25 32.29 20.72 9.69
C ARG F 25 31.65 21.79 8.80
N ASP F 26 31.56 21.48 7.51
CA ASP F 26 31.07 22.47 6.56
C ASP F 26 29.95 21.95 5.68
N GLU F 27 29.94 20.65 5.41
CA GLU F 27 29.00 20.08 4.44
C GLU F 27 28.38 18.81 5.00
N VAL F 28 27.19 18.49 4.51
CA VAL F 28 26.49 17.26 4.85
C VAL F 28 26.34 16.47 3.56
N THR F 29 26.96 15.29 3.51
CA THR F 29 26.92 14.42 2.34
C THR F 29 26.01 13.23 2.62
N HIS F 30 25.12 12.95 1.67
CA HIS F 30 24.19 11.83 1.79
C HIS F 30 24.71 10.69 0.92
N TYR F 31 24.89 9.52 1.53
CA TYR F 31 25.48 8.37 0.87
C TYR F 31 24.46 7.25 0.76
N LYS F 32 24.86 6.20 0.02
CA LYS F 32 24.03 5.00 -0.13
C LYS F 32 24.98 3.84 -0.34
N VAL F 33 25.13 3.00 0.68
CA VAL F 33 26.10 1.91 0.67
C VAL F 33 25.37 0.61 0.43
N ASP F 34 25.75 -0.11 -0.63
CA ASP F 34 25.22 -1.44 -0.87
C ASP F 34 25.88 -2.44 0.07
N PRO F 35 25.11 -3.20 0.85
CA PRO F 35 25.72 -4.03 1.90
C PRO F 35 26.43 -5.27 1.37
N GLU F 36 26.01 -5.80 0.22
CA GLU F 36 26.52 -7.08 -0.26
C GLU F 36 27.75 -6.96 -1.14
N ASN F 37 28.25 -5.76 -1.41
CA ASN F 37 29.40 -5.56 -2.27
C ASN F 37 30.49 -4.87 -1.47
N GLU F 38 31.64 -5.52 -1.36
CA GLU F 38 32.75 -5.05 -0.53
C GLU F 38 33.65 -4.05 -1.22
N SER F 39 33.38 -3.68 -2.46
CA SER F 39 34.24 -2.75 -3.16
C SER F 39 34.05 -1.34 -2.63
N ASP F 40 35.05 -0.48 -2.91
CA ASP F 40 34.98 0.92 -2.50
C ASP F 40 33.98 1.71 -3.33
N GLU F 41 33.57 1.20 -4.49
CA GLU F 41 32.58 1.85 -5.33
C GLU F 41 31.15 1.62 -4.86
N SER F 42 30.94 0.78 -3.84
CA SER F 42 29.61 0.57 -3.29
C SER F 42 29.11 1.78 -2.51
N ILE F 43 30.00 2.67 -2.10
CA ILE F 43 29.63 3.88 -1.37
C ILE F 43 29.28 4.93 -2.42
N ILE F 44 27.98 5.08 -2.69
CA ILE F 44 27.49 5.96 -3.75
C ILE F 44 27.18 7.32 -3.15
N LYS F 45 27.79 8.36 -3.71
CA LYS F 45 27.55 9.73 -3.27
C LYS F 45 26.31 10.27 -3.98
N LEU F 46 25.32 10.73 -3.21
CA LEU F 46 24.05 11.17 -3.74
C LEU F 46 23.95 12.70 -3.83
N HIS F 47 24.12 13.38 -2.70
CA HIS F 47 23.99 14.84 -2.66
C HIS F 47 24.84 15.40 -1.54
N THR F 48 25.31 16.63 -1.74
CA THR F 48 26.11 17.34 -0.74
C THR F 48 25.49 18.71 -0.52
N VAL F 49 25.17 19.01 0.74
CA VAL F 49 24.56 20.27 1.13
C VAL F 49 25.62 21.08 1.86
N LYS F 50 26.16 22.09 1.20
CA LYS F 50 27.20 22.95 1.75
C LYS F 50 26.55 24.15 2.44
N ASP F 51 27.35 25.18 2.73
CA ASP F 51 26.93 26.41 3.41
C ASP F 51 26.41 26.12 4.82
N PHE F 52 27.24 25.44 5.60
CA PHE F 52 27.09 25.34 7.04
C PHE F 52 28.32 25.94 7.70
N GLY F 53 28.10 26.64 8.81
CA GLY F 53 29.22 27.25 9.52
C GLY F 53 30.09 26.23 10.20
N SER F 54 29.54 25.56 11.21
CA SER F 54 30.31 24.61 12.01
C SER F 54 29.32 23.66 12.68
N ILE F 55 29.24 22.43 12.17
CA ILE F 55 28.19 21.50 12.60
C ILE F 55 28.61 20.81 13.88
N THR F 56 27.80 20.97 14.93
CA THR F 56 28.06 20.32 16.21
C THR F 56 27.24 19.05 16.42
N CYS F 57 26.09 18.93 15.74
CA CYS F 57 25.21 17.78 15.92
C CYS F 57 24.40 17.55 14.67
N LEU F 58 23.89 16.33 14.51
CA LEU F 58 23.12 15.95 13.35
C LEU F 58 22.11 14.88 13.76
N ASP F 59 20.91 14.97 13.19
CA ASP F 59 19.87 13.97 13.42
C ASP F 59 18.99 13.90 12.19
N TYR F 60 18.24 12.80 12.09
CA TYR F 60 17.38 12.54 10.95
C TYR F 60 16.01 12.09 11.45
N SER F 61 15.02 12.16 10.56
CA SER F 61 13.66 11.74 10.86
C SER F 61 13.36 10.40 10.20
N GLU F 62 12.89 9.44 11.00
CA GLU F 62 12.66 8.09 10.50
C GLU F 62 11.39 7.99 9.66
N SER F 63 10.35 8.73 10.04
CA SER F 63 9.06 8.60 9.37
C SER F 63 9.08 9.21 7.98
N GLU F 64 9.64 10.40 7.84
CA GLU F 64 9.67 11.12 6.57
C GLU F 64 11.06 11.04 5.95
N ILE F 65 11.12 10.63 4.69
CA ILE F 65 12.38 10.38 4.01
C ILE F 65 12.99 11.70 3.58
N GLY F 66 14.23 11.94 3.99
CA GLY F 66 15.01 13.08 3.56
C GLY F 66 15.18 14.16 4.60
N MET F 67 14.33 14.20 5.62
CA MET F 67 14.31 15.29 6.58
C MET F 67 15.48 15.15 7.55
N ILE F 68 16.40 16.11 7.49
CA ILE F 68 17.66 16.06 8.24
C ILE F 68 17.79 17.36 9.01
N GLY F 69 17.95 17.24 10.32
CA GLY F 69 18.25 18.40 11.16
C GLY F 69 19.74 18.48 11.42
N VAL F 70 20.27 19.69 11.26
CA VAL F 70 21.70 19.95 11.45
C VAL F 70 21.84 21.14 12.37
N GLY F 71 22.50 20.93 13.52
CA GLY F 71 22.76 22.02 14.43
C GLY F 71 24.12 22.65 14.15
N GLU F 72 24.34 23.80 14.79
CA GLU F 72 25.56 24.55 14.54
C GLU F 72 26.01 25.23 15.83
N LYS F 73 27.29 25.60 15.86
CA LYS F 73 27.84 26.29 17.03
C LYS F 73 27.38 27.74 17.13
N ASN F 74 27.02 28.35 16.00
CA ASN F 74 26.59 29.75 16.04
C ASN F 74 25.21 29.89 16.66
N GLY F 75 24.37 28.87 16.57
CA GLY F 75 23.09 28.89 17.25
C GLY F 75 21.91 28.55 16.38
N TYR F 76 22.15 28.27 15.10
CA TYR F 76 21.09 28.10 14.12
C TYR F 76 20.93 26.62 13.79
N LEU F 77 19.75 26.08 14.06
CA LEU F 77 19.40 24.74 13.61
C LEU F 77 18.77 24.82 12.23
N ARG F 78 19.29 24.03 11.31
CA ARG F 78 18.78 24.02 9.94
C ARG F 78 18.10 22.69 9.68
N ILE F 79 16.81 22.73 9.38
CA ILE F 79 16.03 21.55 9.04
C ILE F 79 15.78 21.61 7.54
N PHE F 80 16.23 20.59 6.82
CA PHE F 80 16.16 20.60 5.36
C PHE F 80 15.89 19.19 4.87
N ASN F 81 15.91 19.03 3.54
CA ASN F 81 15.61 17.77 2.90
C ASN F 81 16.65 17.51 1.81
N ILE F 82 16.94 16.23 1.59
CA ILE F 82 17.90 15.80 0.57
C ILE F 82 17.25 14.88 -0.46
N SER F 83 16.63 13.80 0.00
CA SER F 83 15.98 12.86 -0.90
C SER F 83 14.52 13.22 -1.12
N TYR F 140 12.26 20.92 2.16
CA TYR F 140 12.50 22.35 2.06
C TYR F 140 13.82 22.73 2.71
N ASP F 141 13.86 23.94 3.28
CA ASP F 141 15.05 24.41 3.99
C ASP F 141 14.62 25.54 4.93
N ILE F 142 14.69 25.29 6.23
CA ILE F 142 14.28 26.28 7.23
C ILE F 142 15.35 26.36 8.30
N ARG F 143 15.78 27.58 8.62
CA ARG F 143 16.69 27.85 9.73
C ARG F 143 15.89 28.32 10.93
N VAL F 144 16.05 27.64 12.06
CA VAL F 144 15.39 28.00 13.30
C VAL F 144 16.43 28.14 14.40
N ARG F 145 16.05 28.86 15.46
CA ARG F 145 16.93 29.07 16.59
C ARG F 145 16.08 29.28 17.85
N ALA F 146 16.77 29.30 18.99
CA ALA F 146 16.13 29.57 20.27
C ALA F 146 15.86 31.06 20.44
N LYS F 147 15.16 31.44 21.48
CA LYS F 147 14.94 32.83 21.73
C LYS F 147 16.28 33.44 21.98
N LYS F 148 17.11 32.83 22.82
CA LYS F 148 18.46 33.33 23.03
C LYS F 148 19.42 32.47 22.21
N GLN F 149 20.23 33.12 21.37
CA GLN F 149 21.07 32.41 20.42
C GLN F 149 22.29 31.84 21.14
N ARG F 150 22.40 30.51 21.15
CA ARG F 150 23.54 29.83 21.76
C ARG F 150 23.70 28.47 21.09
N CYS F 151 24.84 27.85 21.36
CA CYS F 151 25.26 26.66 20.62
C CYS F 151 24.34 25.47 20.86
N ILE F 152 24.03 24.75 19.78
CA ILE F 152 23.18 23.57 19.84
C ILE F 152 24.09 22.36 20.00
N ASN F 153 24.21 21.87 21.23
CA ASN F 153 25.08 20.73 21.50
C ASN F 153 24.46 19.43 20.98
N SER F 154 23.17 19.23 21.20
CA SER F 154 22.51 17.99 20.85
C SER F 154 21.19 18.27 20.14
N LEU F 155 20.72 17.28 19.38
CA LEU F 155 19.51 17.42 18.59
C LEU F 155 18.86 16.05 18.46
N GLY F 156 17.54 16.01 18.55
CA GLY F 156 16.80 14.79 18.35
C GLY F 156 15.48 15.02 17.65
N ILE F 157 15.23 14.26 16.58
CA ILE F 157 13.99 14.31 15.84
C ILE F 157 13.28 12.97 16.04
N ASN F 158 12.05 13.03 16.56
CA ASN F 158 11.29 11.83 16.89
C ASN F 158 10.56 11.30 15.66
N THR F 159 9.95 10.13 15.84
CA THR F 159 9.20 9.52 14.74
C THR F 159 7.89 10.26 14.46
N ASN F 160 7.27 10.82 15.49
CA ASN F 160 6.02 11.57 15.33
C ASN F 160 6.26 13.04 15.02
N GLY F 161 7.42 13.40 14.49
CA GLY F 161 7.69 14.75 14.05
C GLY F 161 8.10 15.71 15.14
N LEU F 162 8.18 15.26 16.40
CA LEU F 162 8.52 16.13 17.50
C LEU F 162 10.04 16.31 17.56
N ILE F 163 10.48 17.56 17.70
CA ILE F 163 11.89 17.91 17.61
C ILE F 163 12.34 18.53 18.93
N ALA F 164 13.41 17.98 19.50
CA ALA F 164 14.04 18.52 20.71
C ALA F 164 15.34 19.21 20.36
N MET F 165 15.92 19.90 21.35
CA MET F 165 17.10 20.72 21.15
C MET F 165 17.88 20.82 22.45
N GLY F 166 19.19 20.55 22.37
CA GLY F 166 20.05 20.76 23.52
C GLY F 166 20.98 21.94 23.34
N LEU F 167 20.87 22.93 24.22
CA LEU F 167 21.63 24.16 24.13
C LEU F 167 22.60 24.27 25.30
N ASP F 168 23.40 25.33 25.27
CA ASP F 168 24.38 25.58 26.33
C ASP F 168 23.67 26.25 27.52
N ARG F 169 24.45 26.77 28.46
CA ARG F 169 23.91 27.28 29.71
C ARG F 169 23.49 28.74 29.53
N ASN F 170 22.19 29.01 29.68
CA ASN F 170 21.69 30.37 29.78
C ASN F 170 20.70 30.44 30.93
N LYS F 171 20.86 31.44 31.79
CA LYS F 171 20.08 31.51 33.02
C LYS F 171 18.63 31.92 32.78
N HIS F 172 18.32 32.52 31.64
CA HIS F 172 16.98 33.02 31.36
C HIS F 172 16.24 32.20 30.30
N ASP F 173 16.78 31.05 29.90
CA ASP F 173 16.16 30.28 28.84
C ASP F 173 16.38 28.80 29.12
N SER F 174 15.49 27.98 28.58
CA SER F 174 15.58 26.54 28.75
C SER F 174 16.59 25.94 27.79
N SER F 175 17.28 24.89 28.25
CA SER F 175 18.27 24.19 27.44
C SER F 175 17.73 22.90 26.83
N LEU F 176 16.45 22.58 27.07
CA LEU F 176 15.80 21.45 26.41
C LEU F 176 14.45 21.96 25.91
N GLN F 177 14.42 22.46 24.69
CA GLN F 177 13.24 23.01 24.07
C GLN F 177 12.68 22.01 23.07
N ILE F 178 11.46 21.55 23.30
CA ILE F 178 10.82 20.54 22.47
C ILE F 178 9.62 21.18 21.79
N TRP F 179 9.53 21.03 20.47
CA TRP F 179 8.46 21.65 19.70
C TRP F 179 8.17 20.82 18.46
N ASP F 180 7.05 21.12 17.81
CA ASP F 180 6.66 20.50 16.56
C ASP F 180 6.81 21.53 15.44
N MET F 181 7.32 21.07 14.29
CA MET F 181 7.51 21.97 13.14
C MET F 181 6.19 22.32 12.45
N ASN F 182 5.13 21.54 12.67
CA ASN F 182 3.85 21.84 12.04
C ASN F 182 3.15 23.04 12.66
N TYR F 183 3.50 23.37 13.90
CA TYR F 183 2.91 24.51 14.61
C TYR F 183 3.92 25.64 14.78
N HIS F 184 4.85 25.76 13.83
CA HIS F 184 5.88 26.79 13.84
C HIS F 184 5.54 27.87 12.83
N ASP F 185 5.49 29.11 13.29
CA ASP F 185 5.25 30.25 12.40
C ASP F 185 6.47 30.48 11.53
N ASP F 186 6.27 30.46 10.20
CA ASP F 186 7.38 30.60 9.28
C ASP F 186 7.92 32.02 9.20
N SER F 187 7.23 32.99 9.81
CA SER F 187 7.63 34.39 9.75
C SER F 187 8.67 34.77 10.79
N HIS F 188 9.05 33.84 11.67
CA HIS F 188 10.01 34.13 12.73
C HIS F 188 11.07 33.05 12.79
N GLU F 189 12.31 33.46 13.11
CA GLU F 189 13.40 32.51 13.28
C GLU F 189 13.31 31.79 14.62
N THR F 190 12.86 32.48 15.67
CA THR F 190 12.80 31.89 17.00
C THR F 190 11.69 30.84 17.09
N ILE F 191 11.95 29.78 17.85
CA ILE F 191 11.01 28.68 18.00
C ILE F 191 10.09 28.96 19.17
N ASN F 192 8.90 28.37 19.12
CA ASN F 192 7.95 28.41 20.23
C ASN F 192 7.83 27.01 20.81
N PRO F 193 8.47 26.72 21.94
CA PRO F 193 8.52 25.34 22.43
C PRO F 193 7.25 24.93 23.14
N MET F 194 6.77 23.72 22.82
CA MET F 194 5.65 23.14 23.55
C MET F 194 6.06 22.73 24.95
N PHE F 195 7.24 22.15 25.10
CA PHE F 195 7.75 21.71 26.39
C PHE F 195 9.15 22.27 26.57
N SER F 196 9.38 22.91 27.71
CA SER F 196 10.68 23.48 28.05
C SER F 196 11.16 22.90 29.37
N TYR F 197 12.42 22.47 29.40
CA TYR F 197 13.01 21.90 30.59
C TYR F 197 14.45 22.38 30.71
N CYS F 198 15.03 22.11 31.89
CA CYS F 198 16.46 22.29 32.17
C CYS F 198 16.92 23.74 32.02
N THR F 199 16.33 24.61 32.83
CA THR F 199 16.78 25.99 32.88
C THR F 199 18.08 26.07 33.67
N ASN F 200 18.96 26.99 33.25
CA ASN F 200 20.29 27.20 33.83
C ASN F 200 21.10 25.90 33.83
N GLU F 201 21.05 25.17 32.73
CA GLU F 201 21.85 23.96 32.56
C GLU F 201 22.38 23.93 31.13
N SER F 202 23.27 22.98 30.88
CA SER F 202 23.88 22.81 29.55
C SER F 202 23.66 21.38 29.08
N ILE F 203 22.58 21.17 28.33
CA ILE F 203 22.26 19.85 27.80
C ILE F 203 23.26 19.52 26.70
N VAL F 204 24.10 18.51 26.94
CA VAL F 204 25.17 18.16 26.01
C VAL F 204 24.87 16.92 25.19
N SER F 205 23.85 16.14 25.56
CA SER F 205 23.44 14.98 24.79
C SER F 205 21.99 14.68 25.11
N LEU F 206 21.23 14.27 24.09
CA LEU F 206 19.84 13.87 24.30
C LEU F 206 19.48 12.79 23.28
N LYS F 207 18.49 11.99 23.63
CA LYS F 207 18.03 10.91 22.77
C LYS F 207 16.56 10.66 23.04
N PHE F 208 15.81 10.32 21.98
CA PHE F 208 14.39 10.07 22.08
C PHE F 208 14.16 8.57 22.27
N LEU F 209 13.74 8.17 23.47
CA LEU F 209 13.50 6.77 23.74
C LEU F 209 12.25 6.27 23.05
N ASN F 210 11.17 7.04 23.11
CA ASN F 210 9.91 6.66 22.49
C ASN F 210 9.20 7.94 22.06
N ASP F 211 7.89 7.84 21.82
CA ASP F 211 7.11 8.97 21.32
C ASP F 211 6.94 10.09 22.34
N THR F 212 7.22 9.85 23.62
CA THR F 212 6.94 10.87 24.61
C THR F 212 8.13 11.23 25.48
N SER F 213 8.98 10.27 25.83
CA SER F 213 10.05 10.52 26.79
C SER F 213 11.36 10.83 26.07
N VAL F 214 12.17 11.67 26.71
CA VAL F 214 13.48 12.03 26.19
C VAL F 214 14.52 11.83 27.29
N LEU F 215 15.66 11.25 26.93
CA LEU F 215 16.75 10.99 27.87
C LEU F 215 17.84 12.02 27.62
N ALA F 216 17.83 13.09 28.41
CA ALA F 216 18.73 14.22 28.24
C ALA F 216 19.88 14.13 29.23
N ALA F 217 21.03 14.68 28.83
CA ALA F 217 22.24 14.69 29.66
C ALA F 217 22.77 16.10 29.76
N SER F 218 22.93 16.59 30.99
CA SER F 218 23.54 17.89 31.25
C SER F 218 25.02 17.72 31.56
N THR F 219 25.67 18.80 32.01
CA THR F 219 27.07 18.74 32.39
C THR F 219 27.29 18.13 33.76
N LYS F 220 26.23 17.95 34.56
CA LYS F 220 26.38 17.39 35.90
C LYS F 220 25.33 16.35 36.25
N PHE F 221 24.38 16.06 35.36
CA PHE F 221 23.27 15.18 35.67
C PHE F 221 22.91 14.35 34.45
N LEU F 222 22.15 13.29 34.69
CA LEU F 222 21.66 12.40 33.64
C LEU F 222 20.17 12.21 33.86
N LYS F 223 19.36 12.83 33.00
CA LYS F 223 17.93 12.93 33.21
C LYS F 223 17.15 12.11 32.19
N GLU F 224 15.91 11.79 32.56
CA GLU F 224 14.93 11.21 31.66
C GLU F 224 13.63 11.97 31.88
N ILE F 225 13.18 12.68 30.86
CA ILE F 225 12.07 13.62 30.99
C ILE F 225 10.94 13.14 30.09
N ASP F 226 9.74 13.06 30.66
CA ASP F 226 8.54 12.72 29.92
C ASP F 226 7.72 13.99 29.70
N VAL F 227 7.27 14.20 28.46
CA VAL F 227 6.54 15.42 28.11
C VAL F 227 5.14 15.46 28.67
N ARG F 228 4.61 14.34 29.16
CA ARG F 228 3.29 14.30 29.76
C ARG F 228 3.29 14.67 31.23
N SER F 229 4.46 14.95 31.80
CA SER F 229 4.62 15.33 33.20
C SER F 229 5.57 16.52 33.30
N PRO F 230 5.35 17.41 34.26
CA PRO F 230 6.27 18.55 34.44
C PRO F 230 7.47 18.28 35.33
N ASN F 231 7.74 17.02 35.64
CA ASN F 231 8.79 16.62 36.57
C ASN F 231 9.62 15.53 35.89
N PRO F 232 10.95 15.60 35.96
CA PRO F 232 11.77 14.50 35.44
C PRO F 232 11.54 13.21 36.22
N ILE F 233 11.67 12.09 35.50
CA ILE F 233 11.48 10.77 36.13
C ILE F 233 12.61 10.48 37.09
N TYR F 234 13.86 10.70 36.66
CA TYR F 234 14.98 10.56 37.57
C TYR F 234 16.09 11.52 37.16
N GLN F 235 16.95 11.84 38.11
CA GLN F 235 18.10 12.73 37.90
C GLN F 235 19.29 12.09 38.63
N HIS F 236 20.05 11.27 37.91
CA HIS F 236 21.20 10.60 38.50
C HIS F 236 22.44 11.45 38.31
N PRO F 237 23.14 11.82 39.38
CA PRO F 237 24.34 12.66 39.24
C PRO F 237 25.55 11.85 38.81
N THR F 238 26.08 12.16 37.64
CA THR F 238 27.29 11.52 37.14
C THR F 238 28.00 12.48 36.19
N ARG F 239 29.30 12.26 36.03
CA ARG F 239 30.10 13.06 35.12
C ARG F 239 30.27 12.43 33.75
N LEU F 240 29.73 11.23 33.55
CA LEU F 240 29.77 10.54 32.27
C LEU F 240 28.42 10.73 31.58
N THR F 241 28.28 11.86 30.90
CA THR F 241 27.01 12.33 30.34
C THR F 241 27.19 12.80 28.91
N TYR F 242 28.03 12.14 28.12
CA TYR F 242 28.30 12.56 26.75
C TYR F 242 27.98 11.45 25.76
N ASP F 243 27.32 11.83 24.67
CA ASP F 243 27.02 10.98 23.51
C ASP F 243 26.20 9.75 23.91
N ILE F 244 24.96 10.03 24.31
CA ILE F 244 24.01 8.96 24.61
C ILE F 244 23.73 8.16 23.36
N LYS F 245 23.91 6.84 23.46
CA LYS F 245 23.66 5.91 22.35
C LYS F 245 22.77 4.79 22.86
N LEU F 246 21.54 4.73 22.35
CA LEU F 246 20.64 3.65 22.73
C LEU F 246 21.08 2.34 22.07
N ASN F 247 20.93 1.25 22.80
CA ASN F 247 21.19 -0.07 22.24
C ASN F 247 20.02 -0.44 21.33
N PRO F 248 20.26 -0.73 20.05
CA PRO F 248 19.14 -1.03 19.14
C PRO F 248 18.39 -2.31 19.49
N PHE F 249 18.98 -3.23 20.23
CA PHE F 249 18.31 -4.47 20.61
C PHE F 249 17.66 -4.42 21.98
N ASN F 250 17.93 -3.38 22.77
CA ASN F 250 17.37 -3.28 24.12
C ASN F 250 17.34 -1.80 24.50
N ASP F 251 16.15 -1.21 24.54
CA ASP F 251 16.02 0.22 24.79
C ASP F 251 16.38 0.61 26.22
N TRP F 252 16.39 -0.34 27.15
CA TRP F 252 16.71 -0.02 28.53
C TRP F 252 18.19 0.26 28.75
N GLN F 253 19.04 -0.17 27.83
CA GLN F 253 20.48 0.01 27.94
C GLN F 253 20.93 1.17 27.05
N PHE F 254 21.60 2.15 27.64
CA PHE F 254 22.24 3.21 26.89
C PHE F 254 23.68 3.36 27.40
N SER F 255 24.41 4.31 26.82
CA SER F 255 25.87 4.29 26.96
C SER F 255 26.42 5.70 26.75
N THR F 256 27.01 6.25 27.79
CA THR F 256 27.64 7.56 27.76
C THR F 256 29.12 7.43 28.15
N TYR F 257 29.86 8.51 27.92
CA TYR F 257 31.25 8.60 28.36
C TYR F 257 31.47 9.98 28.96
N GLY F 258 32.69 10.23 29.43
CA GLY F 258 33.00 11.47 30.11
C GLY F 258 34.19 12.22 29.55
N ASP F 259 34.63 13.25 30.28
CA ASP F 259 35.74 14.09 29.81
C ASP F 259 37.07 13.36 29.87
N ASP F 260 37.23 12.43 30.81
CA ASP F 260 38.46 11.68 30.94
C ASP F 260 38.53 10.46 30.02
N GLY F 261 37.47 10.18 29.28
CA GLY F 261 37.43 9.02 28.41
C GLY F 261 36.82 7.78 29.02
N THR F 262 36.14 7.89 30.16
CA THR F 262 35.59 6.74 30.87
C THR F 262 34.22 6.42 30.28
N LEU F 263 34.16 5.39 29.45
CA LEU F 263 32.89 4.94 28.89
C LEU F 263 32.12 4.16 29.95
N ALA F 264 30.79 4.31 29.91
CA ALA F 264 29.91 3.63 30.87
C ALA F 264 28.63 3.20 30.16
N ILE F 265 28.33 1.92 30.23
CA ILE F 265 27.05 1.39 29.77
C ILE F 265 26.09 1.38 30.95
N TRP F 266 24.92 1.98 30.77
CA TRP F 266 23.95 2.14 31.84
C TRP F 266 22.73 1.25 31.61
N ASP F 267 21.88 1.21 32.63
CA ASP F 267 20.54 0.65 32.53
C ASP F 267 19.56 1.64 33.13
N ARG F 268 18.46 1.90 32.41
CA ARG F 268 17.50 2.89 32.87
C ARG F 268 16.72 2.40 34.08
N ARG F 269 16.49 1.09 34.19
CA ARG F 269 15.80 0.54 35.35
C ARG F 269 16.64 0.65 36.62
N LYS F 270 17.97 0.56 36.49
CA LYS F 270 18.83 0.72 37.65
C LYS F 270 18.83 2.15 38.15
N LEU F 271 18.79 3.12 37.23
CA LEU F 271 18.74 4.53 37.61
C LEU F 271 17.37 4.93 38.14
N SER F 272 16.30 4.32 37.61
CA SER F 272 14.95 4.64 38.09
C SER F 272 14.73 4.13 39.51
N ASP F 273 15.24 2.94 39.83
CA ASP F 273 15.11 2.30 41.15
C ASP F 273 13.67 2.15 41.61
N ALA F 283 22.79 3.51 42.51
CA ALA F 283 22.57 3.54 41.07
C ALA F 283 23.89 3.61 40.31
N SER F 284 24.61 2.50 40.32
CA SER F 284 25.91 2.40 39.67
C SER F 284 25.74 2.16 38.18
N PRO F 285 26.74 2.50 37.37
CA PRO F 285 26.73 2.10 35.97
C PRO F 285 26.82 0.58 35.84
N LEU F 286 26.23 0.07 34.76
CA LEU F 286 26.23 -1.38 34.58
C LEU F 286 27.60 -1.90 34.18
N LEU F 287 28.36 -1.10 33.42
CA LEU F 287 29.77 -1.33 33.19
C LEU F 287 30.49 0.01 33.17
N THR F 288 31.81 -0.03 33.39
CA THR F 288 32.63 1.15 33.27
C THR F 288 34.00 0.77 32.75
N PHE F 289 34.51 1.56 31.81
CA PHE F 289 35.80 1.31 31.17
C PHE F 289 36.66 2.55 31.33
N GLU F 290 37.71 2.47 32.14
CA GLU F 290 38.54 3.64 32.42
C GLU F 290 39.45 3.91 31.24
N LYS F 291 39.32 5.13 30.69
CA LYS F 291 40.15 5.64 29.59
C LYS F 291 40.08 4.74 28.36
N LEU F 292 38.86 4.57 27.85
CA LEU F 292 38.62 3.77 26.66
C LEU F 292 38.42 4.60 25.41
N VAL F 293 37.78 5.76 25.52
CA VAL F 293 37.50 6.62 24.38
C VAL F 293 38.32 7.90 24.52
N GLY F 294 38.20 8.80 23.55
CA GLY F 294 39.00 10.00 23.56
C GLY F 294 38.58 10.96 24.66
N SER F 295 39.52 11.81 25.05
CA SER F 295 39.31 12.75 26.14
C SER F 295 38.88 14.10 25.60
N GLY F 296 38.80 15.09 26.49
CA GLY F 296 38.40 16.42 26.12
C GLY F 296 36.96 16.56 25.68
N ALA F 297 36.03 15.95 26.42
CA ALA F 297 34.62 16.09 26.05
C ALA F 297 34.09 17.47 26.42
N ALA F 298 34.50 17.99 27.58
CA ALA F 298 34.01 19.30 28.00
C ALA F 298 34.72 20.42 27.25
N SER F 299 36.03 20.26 27.00
CA SER F 299 36.79 21.33 26.36
C SER F 299 36.49 21.41 24.86
N ARG F 300 36.41 20.27 24.20
CA ARG F 300 36.21 20.23 22.74
C ARG F 300 34.75 19.93 22.43
N LYS F 301 34.21 20.66 21.47
CA LYS F 301 32.84 20.46 21.01
C LYS F 301 32.75 19.59 19.77
N TYR F 302 33.86 19.38 19.07
CA TYR F 302 33.84 18.72 17.76
C TYR F 302 34.57 17.38 17.95
N MET F 303 33.84 16.38 18.43
CA MET F 303 34.44 15.11 18.78
C MET F 303 33.93 13.99 17.90
N ASN F 304 34.85 13.13 17.48
CA ASN F 304 34.53 11.98 16.65
C ASN F 304 34.03 10.85 17.54
N SER F 305 32.89 10.27 17.17
CA SER F 305 32.31 9.18 17.95
C SER F 305 33.11 7.91 17.65
N CYS F 306 33.97 7.53 18.59
CA CYS F 306 34.81 6.35 18.46
C CYS F 306 34.24 5.15 19.21
N PHE F 307 32.92 5.04 19.26
CA PHE F 307 32.25 3.94 19.93
C PHE F 307 30.85 3.79 19.36
N ARG F 308 30.52 2.58 18.90
CA ARG F 308 29.23 2.28 18.29
C ARG F 308 28.66 1.00 18.88
N TRP F 309 27.36 1.00 19.16
CA TRP F 309 26.67 -0.23 19.51
C TRP F 309 26.54 -1.12 18.27
N SER F 310 26.40 -2.41 18.50
CA SER F 310 26.29 -3.38 17.42
C SER F 310 24.84 -3.46 16.96
N CYS F 311 24.61 -3.23 15.68
CA CYS F 311 23.30 -3.39 15.06
C CYS F 311 23.16 -4.71 14.31
N VAL F 312 24.13 -5.61 14.46
CA VAL F 312 24.08 -6.91 13.80
C VAL F 312 23.67 -7.97 14.83
N ARG F 313 24.04 -7.76 16.09
CA ARG F 313 23.69 -8.70 17.15
C ARG F 313 23.70 -7.99 18.49
N ASN F 314 23.06 -8.61 19.47
CA ASN F 314 22.96 -8.07 20.81
C ASN F 314 24.23 -8.35 21.61
N ASN F 315 24.39 -7.59 22.71
CA ASN F 315 25.48 -7.74 23.67
C ASN F 315 26.85 -7.60 23.02
N GLU F 316 27.01 -6.54 22.23
CA GLU F 316 28.26 -6.27 21.54
C GLU F 316 28.38 -4.78 21.27
N PHE F 317 29.61 -4.26 21.34
CA PHE F 317 29.88 -2.91 20.91
C PHE F 317 31.31 -2.84 20.40
N ALA F 318 31.56 -1.84 19.55
CA ALA F 318 32.86 -1.64 18.93
C ALA F 318 33.45 -0.31 19.37
N THR F 319 34.76 -0.27 19.58
CA THR F 319 35.47 0.94 19.95
C THR F 319 36.66 1.15 19.02
N LEU F 320 37.00 2.41 18.80
CA LEU F 320 38.11 2.80 17.94
C LEU F 320 39.27 3.28 18.78
N HIS F 321 40.44 2.67 18.59
CA HIS F 321 41.62 2.95 19.41
C HIS F 321 42.77 3.34 18.51
N ARG F 322 43.25 4.58 18.68
CA ARG F 322 44.45 5.12 18.03
C ARG F 322 44.35 5.14 16.51
N GLY F 323 43.14 5.04 15.95
CA GLY F 323 42.97 5.06 14.51
C GLY F 323 43.51 3.86 13.76
N ASP F 324 43.84 2.78 14.46
CA ASP F 324 44.46 1.62 13.83
C ASP F 324 43.69 0.33 14.06
N THR F 325 43.12 0.12 15.24
CA THR F 325 42.44 -1.11 15.58
C THR F 325 41.02 -0.83 16.04
N ILE F 326 40.13 -1.79 15.80
CA ILE F 326 38.75 -1.73 16.25
C ILE F 326 38.50 -2.94 17.14
N LYS F 327 38.10 -2.69 18.38
CA LYS F 327 37.88 -3.74 19.37
C LYS F 327 36.39 -4.00 19.49
N ARG F 328 35.95 -5.20 19.11
CA ARG F 328 34.56 -5.60 19.24
C ARG F 328 34.38 -6.32 20.56
N TRP F 329 33.90 -5.60 21.57
CA TRP F 329 33.71 -6.14 22.91
C TRP F 329 32.40 -6.91 22.96
N ARG F 330 32.49 -8.22 23.16
CA ARG F 330 31.30 -9.06 23.32
C ARG F 330 31.00 -9.21 24.81
N LEU F 331 29.77 -8.91 25.18
CA LEU F 331 29.38 -8.89 26.59
C LEU F 331 28.57 -10.13 26.95
N GLY F 332 28.67 -10.53 28.21
CA GLY F 332 27.87 -11.60 28.75
C GLY F 332 26.97 -11.08 29.85
N TYR F 333 25.87 -11.79 30.13
CA TYR F 333 24.88 -11.30 31.07
C TYR F 333 24.41 -12.43 31.97
N TYR F 334 23.98 -12.06 33.17
CA TYR F 334 23.34 -12.97 34.11
C TYR F 334 22.37 -12.18 34.98
N CYS F 335 21.21 -12.76 35.24
CA CYS F 335 20.20 -12.14 36.09
C CYS F 335 20.25 -12.80 37.46
N ASP F 336 20.42 -11.98 38.50
CA ASP F 336 20.55 -12.47 39.88
C ASP F 336 19.16 -12.82 40.39
N SER F 337 18.71 -14.03 40.09
CA SER F 337 17.40 -14.50 40.51
C SER F 337 17.42 -16.00 40.83
N ASN F 350 14.90 -8.91 36.37
CA ASN F 350 14.87 -8.75 34.92
C ASN F 350 16.08 -7.98 34.44
N ILE F 351 16.74 -7.27 35.35
CA ILE F 351 17.92 -6.48 35.02
C ILE F 351 19.10 -7.42 34.89
N GLU F 352 19.76 -7.38 33.73
CA GLU F 352 20.90 -8.24 33.45
C GLU F 352 22.20 -7.53 33.83
N ASN F 353 23.00 -8.18 34.67
CA ASN F 353 24.30 -7.66 35.06
C ASN F 353 25.33 -8.07 34.01
N LEU F 354 26.00 -7.10 33.41
CA LEU F 354 26.88 -7.33 32.29
C LEU F 354 28.32 -7.53 32.73
N PHE F 355 29.07 -8.28 31.92
CA PHE F 355 30.51 -8.42 32.08
C PHE F 355 31.11 -8.72 30.71
N VAL F 356 32.40 -8.41 30.57
CA VAL F 356 33.09 -8.57 29.30
C VAL F 356 33.53 -10.02 29.14
N SER F 357 33.07 -10.66 28.06
CA SER F 357 33.39 -12.05 27.79
C SER F 357 34.58 -12.22 26.84
N SER F 358 34.54 -11.54 25.69
CA SER F 358 35.62 -11.63 24.72
C SER F 358 35.76 -10.31 23.99
N VAL F 359 37.00 -9.93 23.68
CA VAL F 359 37.31 -8.77 22.88
C VAL F 359 38.02 -9.22 21.62
N HIS F 360 37.52 -8.80 20.46
CA HIS F 360 38.08 -9.16 19.18
C HIS F 360 38.67 -7.91 18.52
N ASP F 361 39.94 -7.97 18.16
CA ASP F 361 40.65 -6.83 17.60
C ASP F 361 40.79 -6.99 16.09
N THR F 362 40.43 -5.95 15.34
CA THR F 362 40.52 -5.95 13.89
C THR F 362 41.35 -4.74 13.47
N ASN F 363 42.43 -4.99 12.73
CA ASN F 363 43.27 -3.91 12.23
C ASN F 363 42.59 -3.22 11.05
N THR F 364 42.63 -1.89 11.06
CA THR F 364 42.02 -1.12 9.98
C THR F 364 42.84 -1.24 8.70
N MET F 365 42.16 -1.12 7.56
CA MET F 365 42.83 -1.16 6.27
C MET F 365 43.75 0.04 6.08
N TYR F 366 43.31 1.22 6.49
CA TYR F 366 44.14 2.43 6.44
C TYR F 366 44.16 3.08 7.81
N ASP F 367 45.28 3.74 8.11
CA ASP F 367 45.44 4.36 9.41
C ASP F 367 44.73 5.72 9.46
N ARG F 368 44.87 6.40 10.60
CA ARG F 368 44.34 7.75 10.84
C ARG F 368 42.83 7.81 10.65
N VAL F 369 42.13 6.84 11.23
CA VAL F 369 40.67 6.78 11.19
C VAL F 369 40.14 7.56 12.39
N ALA F 370 39.23 8.50 12.13
CA ALA F 370 38.62 9.29 13.19
C ALA F 370 37.29 8.75 13.66
N THR F 371 36.44 8.29 12.74
CA THR F 371 35.12 7.78 13.11
C THR F 371 34.73 6.66 12.17
N PHE F 372 33.73 5.88 12.57
CA PHE F 372 33.32 4.70 11.84
C PHE F 372 31.88 4.38 12.18
N ASP F 373 31.29 3.48 11.38
CA ASP F 373 29.91 3.03 11.60
C ASP F 373 29.76 1.64 11.01
N TYR F 374 28.67 0.98 11.40
CA TYR F 374 28.42 -0.40 11.01
C TYR F 374 27.68 -0.48 9.68
N ILE F 375 28.00 -1.52 8.92
CA ILE F 375 27.21 -1.92 7.74
C ILE F 375 26.73 -3.34 7.95
N PRO F 376 25.45 -3.57 8.24
CA PRO F 376 24.95 -4.94 8.35
C PRO F 376 24.88 -5.60 6.98
N ARG F 377 25.27 -6.87 6.95
CA ARG F 377 25.19 -7.70 5.76
C ARG F 377 24.32 -8.92 6.04
N SER F 378 24.14 -9.75 5.02
CA SER F 378 23.40 -10.98 5.21
C SER F 378 24.23 -11.99 5.99
N ASN F 379 23.54 -12.99 6.55
CA ASN F 379 24.14 -14.07 7.35
C ASN F 379 24.94 -13.54 8.54
N ASN F 380 24.40 -12.50 9.19
CA ASN F 380 24.99 -11.86 10.37
C ASN F 380 26.40 -11.34 10.11
N GLY F 381 26.66 -10.90 8.88
CA GLY F 381 27.97 -10.34 8.56
C GLY F 381 28.14 -8.94 9.07
N THR F 382 29.38 -8.47 9.03
CA THR F 382 29.71 -7.14 9.52
C THR F 382 30.74 -6.49 8.61
N SER F 383 30.46 -5.25 8.22
CA SER F 383 31.41 -4.40 7.53
C SER F 383 31.36 -3.03 8.19
N LEU F 384 32.48 -2.32 8.12
CA LEU F 384 32.61 -1.05 8.83
C LEU F 384 32.97 0.05 7.85
N ILE F 385 32.03 0.98 7.64
CA ILE F 385 32.31 2.18 6.86
C ILE F 385 33.07 3.17 7.75
N CYS F 386 34.25 3.57 7.30
CA CYS F 386 35.17 4.35 8.11
C CYS F 386 35.50 5.65 7.42
N MET F 387 35.58 6.73 8.19
CA MET F 387 35.96 8.04 7.70
C MET F 387 37.31 8.39 8.28
N ARG F 388 38.27 8.71 7.42
CA ARG F 388 39.62 8.98 7.88
C ARG F 388 39.71 10.41 8.40
N GLN F 389 40.91 10.77 8.88
CA GLN F 389 41.12 12.12 9.41
C GLN F 389 41.09 13.16 8.30
N SER F 390 41.44 12.77 7.08
CA SER F 390 41.41 13.66 5.93
C SER F 390 40.04 13.74 5.27
N GLY F 391 39.05 13.03 5.78
CA GLY F 391 37.71 13.03 5.22
C GLY F 391 37.45 11.95 4.20
N THR F 392 38.44 11.13 3.87
CA THR F 392 38.23 10.03 2.93
C THR F 392 37.38 8.94 3.58
N ILE F 393 36.35 8.48 2.88
CA ILE F 393 35.44 7.45 3.38
C ILE F 393 35.73 6.18 2.59
N TYR F 394 36.03 5.10 3.32
CA TYR F 394 36.32 3.81 2.73
C TYR F 394 35.57 2.72 3.48
N ARG F 395 35.44 1.56 2.83
CA ARG F 395 34.72 0.42 3.38
C ARG F 395 35.70 -0.71 3.68
N MET F 396 35.56 -1.31 4.86
CA MET F 396 36.46 -2.36 5.32
C MET F 396 35.66 -3.54 5.83
N PRO F 397 35.99 -4.76 5.43
CA PRO F 397 35.28 -5.94 5.94
C PRO F 397 35.84 -6.45 7.26
N ILE F 398 35.03 -7.25 7.94
CA ILE F 398 35.42 -7.95 9.15
C ILE F 398 35.63 -9.41 8.80
N SER F 399 36.84 -9.92 9.06
CA SER F 399 37.21 -11.25 8.64
C SER F 399 36.50 -12.32 9.47
N GLU F 400 36.27 -13.48 8.86
CA GLU F 400 35.64 -14.62 9.51
C GLU F 400 36.70 -15.39 10.28
N VAL F 401 36.80 -15.14 11.58
CA VAL F 401 37.80 -15.80 12.42
C VAL F 401 37.20 -17.06 13.01
N CYS F 402 37.89 -18.19 12.82
CA CYS F 402 37.43 -19.47 13.35
C CYS F 402 37.57 -19.49 14.87
N SER F 403 36.50 -19.90 15.55
CA SER F 403 36.49 -19.94 17.01
C SER F 403 36.90 -21.29 17.57
N LYS F 404 36.61 -22.39 16.86
CA LYS F 404 36.96 -23.72 17.35
C LYS F 404 37.21 -24.63 16.16
N ALA F 405 38.34 -25.33 16.17
CA ALA F 405 38.68 -26.32 15.16
C ALA F 405 38.88 -27.66 15.88
N ILE F 406 37.79 -28.38 16.07
CA ILE F 406 37.82 -29.67 16.77
C ILE F 406 38.03 -30.78 15.76
N LEU F 407 38.86 -31.74 16.13
CA LEU F 407 39.10 -32.91 15.29
C LEU F 407 38.19 -34.05 15.74
N ASN F 408 38.43 -35.24 15.20
CA ASN F 408 37.56 -36.38 15.41
C ASN F 408 38.40 -37.64 15.52
N ASN F 409 37.75 -38.76 15.80
CA ASN F 409 38.41 -40.05 15.70
C ASN F 409 38.47 -40.55 14.25
N ARG F 410 37.74 -39.92 13.34
CA ARG F 410 37.77 -40.23 11.92
C ARG F 410 38.56 -39.21 11.12
N ASN F 411 39.37 -38.39 11.81
CA ASN F 411 40.15 -37.30 11.21
C ASN F 411 39.24 -36.31 10.46
N SER F 412 38.16 -35.92 11.11
CA SER F 412 37.20 -34.96 10.56
C SER F 412 37.31 -33.65 11.33
N LEU F 413 37.48 -32.55 10.61
CA LEU F 413 37.68 -31.24 11.19
C LEU F 413 36.37 -30.46 11.14
N LEU F 414 36.01 -29.83 12.25
CA LEU F 414 34.78 -29.05 12.38
C LEU F 414 35.14 -27.63 12.79
N LEU F 415 34.71 -26.66 11.99
CA LEU F 415 35.12 -25.27 12.15
C LEU F 415 33.92 -24.41 12.52
N SER F 416 34.07 -23.60 13.56
CA SER F 416 33.02 -22.70 14.02
C SER F 416 33.54 -21.27 13.96
N ASN F 417 32.71 -20.36 13.45
CA ASN F 417 33.12 -18.98 13.26
C ASN F 417 32.70 -18.11 14.44
N PHE F 418 33.29 -16.93 14.50
CA PHE F 418 32.93 -15.92 15.49
C PHE F 418 31.87 -14.95 14.99
N GLU F 419 31.42 -15.09 13.74
CA GLU F 419 30.51 -14.13 13.14
C GLU F 419 29.14 -14.72 12.83
N ASN F 420 29.08 -15.77 12.03
CA ASN F 420 27.82 -16.33 11.59
C ASN F 420 27.48 -17.59 12.36
N THR F 421 26.45 -18.30 11.91
CA THR F 421 25.91 -19.48 12.59
C THR F 421 26.40 -20.78 11.99
N GLU F 422 26.65 -20.82 10.68
CA GLU F 422 26.94 -22.07 9.98
C GLU F 422 28.29 -22.65 10.41
N ILE F 423 28.38 -23.97 10.28
CA ILE F 423 29.53 -24.74 10.77
C ILE F 423 30.15 -25.47 9.59
N ASP F 424 31.45 -25.30 9.41
CA ASP F 424 32.18 -25.92 8.30
C ASP F 424 32.76 -27.25 8.72
N GLU F 425 32.79 -28.20 7.78
CA GLU F 425 33.24 -29.56 8.04
C GLU F 425 34.19 -29.99 6.93
N ILE F 426 35.35 -30.52 7.33
CA ILE F 426 36.33 -31.08 6.39
C ILE F 426 36.40 -32.58 6.68
N ARG F 427 35.69 -33.37 5.88
CA ARG F 427 35.64 -34.81 6.09
C ARG F 427 36.90 -35.48 5.54
N VAL F 428 36.97 -36.80 5.72
CA VAL F 428 38.12 -37.58 5.27
C VAL F 428 37.81 -38.43 4.04
N ASN F 429 36.52 -38.69 3.77
CA ASN F 429 36.06 -39.53 2.65
C ASN F 429 36.72 -40.89 2.59
N PHE F 496 53.03 -26.50 1.60
CA PHE F 496 51.81 -26.77 2.35
C PHE F 496 50.98 -27.87 1.67
N TRP F 497 50.48 -28.80 2.50
CA TRP F 497 49.65 -29.88 2.02
C TRP F 497 48.22 -29.40 1.78
N LYS F 498 47.43 -30.26 1.18
CA LYS F 498 45.99 -30.09 1.22
C LYS F 498 45.46 -30.58 2.57
N PRO F 499 44.36 -30.00 3.08
CA PRO F 499 43.82 -30.49 4.35
C PRO F 499 43.24 -31.89 4.26
N GLU F 500 42.51 -32.18 3.17
CA GLU F 500 41.92 -33.51 3.00
C GLU F 500 42.99 -34.57 2.84
N LYS F 501 44.05 -34.27 2.09
CA LYS F 501 45.12 -35.25 1.90
C LYS F 501 45.93 -35.46 3.18
N LEU F 502 46.16 -34.40 3.95
CA LEU F 502 46.86 -34.54 5.21
C LEU F 502 46.05 -35.34 6.22
N LEU F 503 44.73 -35.13 6.25
CA LEU F 503 43.90 -35.94 7.15
C LEU F 503 43.75 -37.37 6.65
N GLU F 504 43.82 -37.57 5.33
CA GLU F 504 43.75 -38.91 4.76
C GLU F 504 45.03 -39.70 4.96
N LYS F 505 46.18 -39.02 5.05
CA LYS F 505 47.46 -39.69 5.20
C LYS F 505 47.92 -39.79 6.65
N ASP F 506 47.10 -39.34 7.60
CA ASP F 506 47.45 -39.52 8.99
C ASP F 506 47.26 -40.98 9.39
N ILE F 507 47.84 -41.35 10.53
CA ILE F 507 47.81 -42.75 10.94
C ILE F 507 46.52 -43.09 11.68
N SER F 508 45.77 -42.08 12.15
CA SER F 508 44.50 -42.32 12.83
C SER F 508 43.42 -42.84 11.89
N VAL F 509 43.56 -42.65 10.58
CA VAL F 509 42.60 -43.17 9.61
C VAL F 509 43.17 -44.39 8.91
N ILE F 510 44.50 -44.47 8.80
CA ILE F 510 45.15 -45.69 8.30
C ILE F 510 44.88 -46.85 9.24
N MET F 511 45.02 -46.62 10.55
CA MET F 511 44.73 -47.66 11.54
C MET F 511 43.25 -48.02 11.55
N ARG F 512 42.37 -47.03 11.32
CA ARG F 512 40.93 -47.31 11.25
C ARG F 512 40.59 -48.18 10.06
N THR F 513 41.15 -47.87 8.89
CA THR F 513 40.90 -48.69 7.70
C THR F 513 41.47 -50.09 7.85
N ARG F 514 42.66 -50.22 8.44
CA ARG F 514 43.25 -51.54 8.66
C ARG F 514 42.43 -52.35 9.65
N ALA F 515 41.95 -51.72 10.74
CA ALA F 515 41.11 -52.42 11.70
C ALA F 515 39.76 -52.79 11.10
N SER F 516 39.26 -51.99 10.17
CA SER F 516 38.05 -52.36 9.44
C SER F 516 38.30 -53.57 8.55
N LEU F 517 39.49 -53.65 7.96
CA LEU F 517 39.82 -54.77 7.07
C LEU F 517 40.28 -56.01 7.83
N GLY F 518 40.42 -55.94 9.15
CA GLY F 518 40.85 -57.10 9.93
C GLY F 518 42.35 -57.25 10.03
N TYR F 519 43.02 -56.25 10.57
CA TYR F 519 44.48 -56.20 10.64
C TYR F 519 44.94 -56.83 11.95
N GLY F 520 45.77 -57.87 11.85
CA GLY F 520 46.44 -58.46 13.00
C GLY F 520 45.82 -59.73 13.53
N LEU F 521 44.62 -60.09 13.08
CA LEU F 521 43.96 -61.28 13.62
C LEU F 521 44.60 -62.56 13.12
N ASP F 522 45.17 -62.53 11.92
CA ASP F 522 45.90 -63.65 11.34
C ASP F 522 47.03 -63.10 10.48
N PRO F 523 48.29 -63.42 10.78
CA PRO F 523 49.43 -62.77 10.10
C PRO F 523 49.47 -63.02 8.59
N MET F 524 49.06 -64.20 8.13
CA MET F 524 48.97 -64.46 6.70
C MET F 524 47.90 -63.60 6.06
N ASN F 525 46.80 -63.35 6.78
CA ASN F 525 45.76 -62.46 6.28
C ASN F 525 46.26 -61.03 6.18
N THR F 526 47.09 -60.59 7.13
CA THR F 526 47.70 -59.27 7.05
C THR F 526 48.64 -59.16 5.86
N VAL F 527 49.44 -60.20 5.62
CA VAL F 527 50.37 -60.19 4.48
C VAL F 527 49.59 -60.16 3.17
N GLU F 528 48.51 -60.93 3.07
CA GLU F 528 47.67 -60.92 1.88
C GLU F 528 46.93 -59.60 1.72
N MET F 529 46.61 -58.92 2.82
CA MET F 529 45.96 -57.62 2.75
C MET F 529 46.92 -56.56 2.23
N ILE F 530 48.14 -56.53 2.77
CA ILE F 530 49.12 -55.52 2.37
C ILE F 530 49.59 -55.77 0.94
N ASP F 531 49.78 -57.03 0.57
CA ASP F 531 50.23 -57.36 -0.78
C ASP F 531 49.17 -57.09 -1.85
N SER F 532 47.89 -57.08 -1.47
CA SER F 532 46.82 -56.73 -2.39
C SER F 532 46.51 -55.23 -2.40
N SER F 533 47.17 -54.44 -1.57
CA SER F 533 46.93 -53.00 -1.53
C SER F 533 48.22 -52.23 -1.29
N ASN F 539 55.98 -48.30 3.20
CA ASN F 539 55.28 -49.17 4.14
C ASN F 539 55.46 -50.64 3.76
N ALA F 540 56.71 -51.05 3.53
CA ALA F 540 57.03 -52.42 3.20
C ALA F 540 57.61 -53.21 4.37
N TYR F 541 58.03 -52.54 5.45
CA TYR F 541 58.51 -53.25 6.63
C TYR F 541 57.39 -53.94 7.40
N ILE F 542 56.16 -53.45 7.29
CA ILE F 542 55.02 -54.09 7.93
C ILE F 542 54.77 -55.47 7.35
N ARG F 543 54.85 -55.60 6.02
CA ARG F 543 54.70 -56.90 5.37
C ARG F 543 55.79 -57.87 5.78
N ASN F 544 57.03 -57.38 5.91
CA ASN F 544 58.14 -58.24 6.30
C ASN F 544 58.00 -58.72 7.74
N THR F 545 57.63 -57.83 8.66
CA THR F 545 57.50 -58.25 10.05
C THR F 545 56.29 -59.16 10.25
N TRP F 546 55.21 -58.98 9.47
CA TRP F 546 54.10 -59.91 9.61
C TRP F 546 54.39 -61.25 8.92
N ARG F 547 55.23 -61.26 7.88
CA ARG F 547 55.69 -62.53 7.32
C ARG F 547 56.54 -63.30 8.33
N TRP F 548 57.43 -62.60 9.04
CA TRP F 548 58.22 -63.25 10.08
C TRP F 548 57.33 -63.75 11.22
N ILE F 549 56.31 -62.96 11.58
CA ILE F 549 55.40 -63.36 12.65
C ILE F 549 54.60 -64.59 12.23
N ALA F 550 54.21 -64.66 10.94
CA ALA F 550 53.54 -65.86 10.44
C ALA F 550 54.45 -67.07 10.50
N ILE F 551 55.74 -66.90 10.15
CA ILE F 551 56.69 -68.01 10.20
C ILE F 551 56.89 -68.49 11.64
N ALA F 552 57.06 -67.54 12.57
CA ALA F 552 57.28 -67.90 13.97
C ALA F 552 56.03 -68.51 14.60
N LYS F 553 54.84 -68.03 14.23
CA LYS F 553 53.61 -68.60 14.74
C LYS F 553 53.37 -70.00 14.18
N ALA F 554 53.79 -70.25 12.93
CA ALA F 554 53.72 -71.60 12.40
C ALA F 554 54.72 -72.52 13.10
N SER F 555 55.89 -71.99 13.47
CA SER F 555 56.87 -72.80 14.18
C SER F 555 56.40 -73.14 15.59
N VAL F 556 55.76 -72.19 16.27
CA VAL F 556 55.23 -72.45 17.61
C VAL F 556 54.03 -73.40 17.54
N ASP F 557 53.12 -73.17 16.60
CA ASP F 557 51.88 -73.94 16.54
C ASP F 557 52.11 -75.39 16.13
N ASP F 558 53.16 -75.65 15.35
CA ASP F 558 53.50 -77.00 14.95
C ASP F 558 54.33 -77.74 15.99
N GLY F 559 54.65 -77.08 17.10
CA GLY F 559 55.39 -77.73 18.18
C GLY F 559 56.88 -77.86 17.96
N THR F 560 57.44 -77.14 16.98
CA THR F 560 58.88 -77.17 16.76
C THR F 560 59.64 -76.53 17.91
N MET F 561 59.06 -75.53 18.55
CA MET F 561 59.65 -74.89 19.73
C MET F 561 58.94 -75.24 21.02
N VAL F 562 57.75 -75.84 20.96
CA VAL F 562 57.02 -76.19 22.18
C VAL F 562 57.70 -77.37 22.89
N SER F 563 58.15 -78.36 22.13
CA SER F 563 58.67 -79.60 22.71
C SER F 563 59.98 -79.38 23.45
N GLY F 564 60.16 -80.17 24.51
CA GLY F 564 61.34 -80.10 25.36
C GLY F 564 61.07 -79.36 26.65
N ASP F 565 62.15 -79.20 27.44
CA ASP F 565 62.13 -78.40 28.66
C ASP F 565 62.48 -76.94 28.38
N LEU F 566 62.20 -76.47 27.18
CA LEU F 566 62.66 -75.19 26.66
C LEU F 566 61.46 -74.41 26.19
N ASP F 567 61.48 -73.09 26.40
CA ASP F 567 60.41 -72.27 25.82
C ASP F 567 60.74 -71.92 24.37
N LEU F 568 61.80 -71.13 24.14
CA LEU F 568 62.27 -70.69 22.81
C LEU F 568 61.14 -70.16 21.93
N GLY F 569 60.13 -69.53 22.54
CA GLY F 569 58.97 -69.09 21.83
C GLY F 569 59.08 -67.63 21.44
N TYR F 570 59.03 -67.38 20.13
CA TYR F 570 59.13 -66.04 19.55
C TYR F 570 60.44 -65.35 19.96
N GLU F 571 61.51 -66.13 20.02
CA GLU F 571 62.83 -65.64 20.38
C GLU F 571 63.61 -65.30 19.11
N GLY F 572 64.31 -64.19 19.15
CA GLY F 572 64.99 -63.67 17.97
C GLY F 572 66.36 -64.28 17.75
N VAL F 573 67.01 -63.80 16.69
CA VAL F 573 68.33 -64.29 16.31
C VAL F 573 69.38 -63.88 17.33
N ILE F 574 69.25 -62.68 17.90
CA ILE F 574 70.23 -62.16 18.85
C ILE F 574 70.24 -63.01 20.12
N GLY F 575 69.07 -63.37 20.63
CA GLY F 575 69.01 -64.17 21.85
C GLY F 575 69.54 -65.58 21.67
N ILE F 576 69.33 -66.17 20.50
CA ILE F 576 69.89 -67.48 20.20
C ILE F 576 71.40 -67.40 20.06
N TRP F 577 71.88 -66.40 19.31
CA TRP F 577 73.31 -66.31 19.00
C TRP F 577 74.14 -65.91 20.21
N ASN F 578 73.61 -65.08 21.10
CA ASN F 578 74.37 -64.61 22.25
C ASN F 578 74.24 -65.52 23.46
N GLY F 579 73.56 -66.66 23.34
CA GLY F 579 73.45 -67.59 24.44
C GLY F 579 72.29 -67.29 25.35
N ILE F 580 72.56 -66.64 26.48
CA ILE F 580 71.53 -66.30 27.45
C ILE F 580 71.29 -64.80 27.48
N LEU F 595 70.26 -74.40 32.34
CA LEU F 595 71.02 -73.53 33.25
C LEU F 595 72.51 -73.61 32.98
N SER F 596 72.93 -74.72 32.37
CA SER F 596 74.33 -74.95 32.04
C SER F 596 74.59 -74.73 30.55
N ASP F 597 75.86 -74.54 30.22
CA ASP F 597 76.27 -74.39 28.82
C ASP F 597 76.02 -75.67 28.03
N LYS F 598 76.36 -76.82 28.61
CA LYS F 598 76.03 -78.09 27.98
C LYS F 598 74.53 -78.33 27.95
N GLN F 599 73.80 -77.87 28.99
CA GLN F 599 72.35 -77.99 28.99
C GLN F 599 71.70 -77.16 27.89
N LEU F 600 72.15 -75.91 27.71
CA LEU F 600 71.61 -75.09 26.64
C LEU F 600 72.01 -75.62 25.27
N ASN F 601 73.22 -76.17 25.16
CA ASN F 601 73.66 -76.78 23.90
C ASN F 601 72.82 -78.00 23.55
N LYS F 602 72.49 -78.84 24.53
CA LYS F 602 71.71 -80.03 24.22
C LYS F 602 70.23 -79.72 23.98
N GLU F 603 69.66 -78.71 24.65
CA GLU F 603 68.29 -78.35 24.31
C GLU F 603 68.21 -77.65 22.95
N MET F 604 69.28 -76.95 22.55
CA MET F 604 69.31 -76.45 21.18
C MET F 604 69.49 -77.59 20.19
N GLU F 605 70.27 -78.61 20.55
CA GLU F 605 70.51 -79.75 19.67
C GLU F 605 69.23 -80.55 19.45
N LYS F 606 68.40 -80.70 20.48
CA LYS F 606 67.19 -81.50 20.34
C LYS F 606 66.15 -80.85 19.43
N ILE F 607 66.22 -79.54 19.22
CA ILE F 607 65.33 -78.89 18.25
C ILE F 607 65.72 -79.29 16.83
N ILE F 608 67.02 -79.28 16.53
CA ILE F 608 67.47 -79.74 15.22
C ILE F 608 67.26 -81.25 15.10
N LYS F 609 67.41 -81.98 16.19
CA LYS F 609 67.06 -83.41 16.18
C LYS F 609 65.58 -83.61 16.48
N LEU F 610 64.73 -82.88 15.75
CA LEU F 610 63.28 -83.03 15.70
C LEU F 610 62.75 -83.01 14.29
N ARG F 611 63.35 -82.20 13.41
CA ARG F 611 62.93 -82.12 12.02
C ARG F 611 64.14 -82.25 11.09
N ALA F 625 79.55 -80.15 10.68
CA ALA F 625 79.54 -78.87 11.39
C ALA F 625 80.40 -77.84 10.67
N GLY F 626 81.68 -77.80 11.02
CA GLY F 626 82.61 -76.86 10.44
C GLY F 626 82.64 -75.49 11.10
N SER F 627 81.87 -75.29 12.16
CA SER F 627 81.84 -74.01 12.87
C SER F 627 81.90 -74.28 14.37
N PRO F 628 82.51 -73.37 15.14
CA PRO F 628 82.46 -73.51 16.61
C PRO F 628 81.06 -73.41 17.17
N LYS F 629 80.20 -72.57 16.57
CA LYS F 629 78.81 -72.42 16.97
C LYS F 629 77.96 -72.82 15.75
N TYR F 630 77.68 -74.11 15.62
CA TYR F 630 76.94 -74.59 14.47
C TYR F 630 75.45 -74.77 14.75
N VAL F 631 75.10 -75.31 15.92
CA VAL F 631 73.70 -75.51 16.26
C VAL F 631 72.99 -74.19 16.46
N GLN F 632 73.71 -73.17 16.94
CA GLN F 632 73.14 -71.84 17.05
C GLN F 632 72.82 -71.25 15.68
N ARG F 633 73.66 -71.52 14.68
CA ARG F 633 73.37 -71.08 13.32
C ARG F 633 72.14 -71.80 12.76
N ARG F 634 71.99 -73.09 13.09
CA ARG F 634 70.81 -73.83 12.65
C ARG F 634 69.54 -73.30 13.29
N LEU F 635 69.59 -72.99 14.59
CA LEU F 635 68.42 -72.40 15.25
C LEU F 635 68.11 -71.01 14.70
N CYS F 636 69.14 -70.22 14.40
CA CYS F 636 68.92 -68.90 13.83
C CYS F 636 68.35 -68.99 12.42
N LEU F 637 68.72 -70.02 11.67
CA LEU F 637 68.11 -70.25 10.36
C LEU F 637 66.66 -70.72 10.49
N ILE F 638 66.36 -71.48 11.55
CA ILE F 638 64.98 -71.91 11.79
C ILE F 638 64.10 -70.73 12.18
N ILE F 639 64.60 -69.85 13.06
CA ILE F 639 63.84 -68.67 13.49
C ILE F 639 63.59 -67.73 12.33
N SER F 640 64.62 -67.48 11.52
CA SER F 640 64.50 -66.52 10.42
C SER F 640 63.77 -67.10 9.20
N GLY F 641 63.33 -68.35 9.26
CA GLY F 641 62.65 -68.96 8.13
C GLY F 641 63.55 -69.18 6.93
N TRP F 642 64.80 -69.54 7.16
CA TRP F 642 65.80 -69.72 6.11
C TRP F 642 66.46 -71.08 6.22
N ASP F 643 65.64 -72.11 6.39
CA ASP F 643 66.10 -73.50 6.40
C ASP F 643 65.39 -74.30 5.33
N LEU F 644 65.26 -73.73 4.14
CA LEU F 644 64.64 -74.41 3.01
C LEU F 644 65.66 -75.21 2.23
N SER F 645 65.19 -76.30 1.61
CA SER F 645 66.05 -77.18 0.84
C SER F 645 66.17 -76.67 -0.60
N ARG F 646 66.92 -77.40 -1.42
CA ARG F 646 67.12 -77.01 -2.82
C ARG F 646 65.84 -77.15 -3.62
N SER F 647 65.08 -78.23 -3.38
CA SER F 647 63.75 -78.34 -3.98
C SER F 647 62.83 -77.27 -3.44
N ASP F 648 62.94 -76.96 -2.15
CA ASP F 648 62.18 -75.84 -1.59
C ASP F 648 62.66 -74.51 -2.16
N TYR F 649 63.96 -74.39 -2.47
CA TYR F 649 64.46 -73.20 -3.14
C TYR F 649 63.82 -73.03 -4.51
N GLU F 650 63.72 -74.13 -5.28
CA GLU F 650 63.09 -74.05 -6.60
C GLU F 650 61.60 -73.76 -6.49
N ASP F 651 60.94 -74.31 -5.45
CA ASP F 651 59.53 -74.01 -5.23
C ASP F 651 59.31 -72.56 -4.86
N LYS F 652 60.21 -71.99 -4.05
CA LYS F 652 60.12 -70.57 -3.72
C LYS F 652 60.40 -69.70 -4.93
N TYR F 653 61.33 -70.12 -5.81
CA TYR F 653 61.55 -69.42 -7.06
C TYR F 653 60.30 -69.40 -7.92
N ASN F 654 59.63 -70.54 -8.03
CA ASN F 654 58.40 -70.64 -8.83
C ASN F 654 57.28 -69.79 -8.23
N ILE F 655 57.15 -69.80 -6.90
CA ILE F 655 56.12 -69.00 -6.23
C ILE F 655 56.38 -67.51 -6.43
N ILE F 656 57.63 -67.08 -6.30
CA ILE F 656 57.97 -65.68 -6.49
C ILE F 656 57.78 -65.25 -7.94
N MET F 657 58.14 -66.12 -8.88
CA MET F 657 57.93 -65.82 -10.30
C MET F 657 56.44 -65.77 -10.65
N LYS F 658 55.61 -66.55 -9.95
CA LYS F 658 54.18 -66.58 -10.27
C LYS F 658 53.47 -65.28 -9.96
N ASN F 659 54.04 -64.42 -9.11
CA ASN F 659 53.46 -63.12 -8.82
C ASN F 659 53.94 -62.03 -9.77
N GLY F 660 54.72 -62.38 -10.79
CA GLY F 660 55.29 -61.40 -11.70
C GLY F 660 56.56 -60.74 -11.22
N HIS F 661 57.06 -61.12 -10.05
CA HIS F 661 58.28 -60.51 -9.49
C HIS F 661 59.48 -61.35 -9.94
N TYR F 662 59.97 -61.04 -11.13
CA TYR F 662 61.16 -61.70 -11.65
C TYR F 662 62.44 -61.17 -10.98
N GLU F 663 62.47 -59.88 -10.66
CA GLU F 663 63.63 -59.30 -10.01
C GLU F 663 63.84 -59.88 -8.62
N LYS F 664 62.75 -60.12 -7.89
CA LYS F 664 62.85 -60.74 -6.57
C LYS F 664 63.37 -62.16 -6.67
N ALA F 665 62.95 -62.90 -7.71
CA ALA F 665 63.45 -64.26 -7.90
C ALA F 665 64.92 -64.27 -8.26
N ALA F 666 65.35 -63.31 -9.09
CA ALA F 666 66.78 -63.21 -9.41
C ALA F 666 67.60 -62.83 -8.18
N ALA F 667 67.08 -61.93 -7.35
CA ALA F 667 67.76 -61.58 -6.11
C ALA F 667 67.83 -62.75 -5.15
N TRP F 668 66.77 -63.55 -5.06
CA TRP F 668 66.79 -64.74 -4.22
C TRP F 668 67.78 -65.78 -4.73
N ALA F 669 67.90 -65.91 -6.06
CA ALA F 669 68.86 -66.85 -6.63
C ALA F 669 70.29 -66.39 -6.39
N VAL F 670 70.55 -65.09 -6.47
CA VAL F 670 71.88 -64.57 -6.19
C VAL F 670 72.20 -64.69 -4.70
N PHE F 671 71.18 -64.52 -3.84
CA PHE F 671 71.37 -64.62 -2.39
C PHE F 671 71.82 -66.02 -1.97
N PHE F 672 71.27 -67.05 -2.61
CA PHE F 672 71.69 -68.42 -2.32
C PHE F 672 72.94 -68.83 -3.09
N GLY F 673 73.48 -67.94 -3.92
CA GLY F 673 74.67 -68.22 -4.71
C GLY F 673 74.42 -68.77 -6.09
N ASP F 674 73.18 -69.03 -6.47
CA ASP F 674 72.87 -69.60 -7.78
C ASP F 674 72.73 -68.49 -8.81
N ILE F 675 73.89 -67.89 -9.14
CA ILE F 675 73.94 -66.82 -10.14
C ILE F 675 73.56 -67.30 -11.54
N PRO F 676 74.01 -68.47 -12.05
CA PRO F 676 73.44 -68.96 -13.31
C PRO F 676 71.95 -69.22 -13.27
N LYS F 677 71.42 -69.61 -12.11
CA LYS F 677 69.96 -69.74 -11.99
C LYS F 677 69.28 -68.38 -12.06
N ALA F 678 69.93 -67.34 -11.52
CA ALA F 678 69.40 -65.98 -11.68
C ALA F 678 69.42 -65.55 -13.14
N VAL F 679 70.47 -65.93 -13.87
CA VAL F 679 70.57 -65.65 -15.31
C VAL F 679 69.42 -66.34 -16.05
N GLU F 680 69.16 -67.61 -15.70
CA GLU F 680 68.07 -68.35 -16.33
C GLU F 680 66.71 -67.76 -15.98
N ILE F 681 66.52 -67.35 -14.73
CA ILE F 681 65.24 -66.83 -14.28
C ILE F 681 64.94 -65.49 -14.94
N LEU F 682 65.92 -64.58 -14.92
CA LEU F 682 65.71 -63.28 -15.58
C LEU F 682 65.69 -63.41 -17.09
N GLY F 683 66.30 -64.45 -17.65
CA GLY F 683 66.08 -64.77 -19.05
C GLY F 683 64.67 -65.26 -19.28
N SER F 684 64.19 -65.02 -20.51
CA SER F 684 62.82 -65.33 -20.93
C SER F 684 61.77 -64.68 -20.01
N ALA F 685 62.03 -63.43 -19.64
CA ALA F 685 61.09 -62.67 -18.83
C ALA F 685 60.11 -61.94 -19.74
N LYS F 686 59.31 -61.04 -19.15
CA LYS F 686 58.29 -60.31 -19.90
C LYS F 686 58.72 -58.89 -20.26
N LYS F 687 59.93 -58.48 -19.90
CA LYS F 687 60.38 -57.12 -20.15
C LYS F 687 61.72 -57.10 -20.87
N GLU F 688 61.85 -56.15 -21.79
CA GLU F 688 63.10 -55.94 -22.53
C GLU F 688 64.21 -55.44 -21.62
N ARG F 689 63.87 -54.57 -20.66
CA ARG F 689 64.83 -54.08 -19.68
C ARG F 689 65.34 -55.23 -18.81
N LEU F 690 64.46 -56.14 -18.44
CA LEU F 690 64.86 -57.31 -17.68
C LEU F 690 65.79 -58.20 -18.49
N ARG F 691 65.57 -58.30 -19.80
CA ARG F 691 66.47 -59.09 -20.64
C ARG F 691 67.84 -58.46 -20.75
N LEU F 692 67.90 -57.13 -20.83
CA LEU F 692 69.19 -56.43 -20.82
C LEU F 692 69.92 -56.63 -19.50
N ILE F 693 69.18 -56.58 -18.39
CA ILE F 693 69.75 -56.83 -17.08
C ILE F 693 70.24 -58.27 -16.98
N ALA F 694 69.50 -59.20 -17.58
CA ALA F 694 69.91 -60.61 -17.60
C ALA F 694 71.20 -60.80 -18.38
N THR F 695 71.35 -60.10 -19.50
CA THR F 695 72.60 -60.16 -20.26
C THR F 695 73.77 -59.58 -19.46
N ALA F 696 73.51 -58.48 -18.73
CA ALA F 696 74.56 -57.88 -17.91
C ALA F 696 74.99 -58.84 -16.79
N ILE F 697 74.04 -59.53 -16.16
CA ILE F 697 74.37 -60.49 -15.11
C ILE F 697 75.08 -61.71 -15.70
N ALA F 698 74.66 -62.14 -16.89
CA ALA F 698 75.33 -63.22 -17.61
C ALA F 698 76.75 -62.88 -18.02
N GLY F 699 77.08 -61.59 -18.12
CA GLY F 699 78.47 -61.23 -18.35
C GLY F 699 79.38 -61.26 -17.14
N TYR F 700 79.12 -62.18 -16.21
CA TYR F 700 79.95 -62.37 -15.03
C TYR F 700 80.58 -63.74 -14.92
N LEU F 701 79.92 -64.79 -15.44
CA LEU F 701 80.33 -66.17 -15.16
C LEU F 701 81.73 -66.49 -15.68
N ALA F 702 82.07 -65.98 -16.86
CA ALA F 702 83.42 -66.12 -17.37
C ALA F 702 84.37 -65.06 -16.79
N TYR F 703 83.83 -64.05 -16.11
CA TYR F 703 84.63 -62.95 -15.58
C TYR F 703 85.10 -63.20 -14.16
N LYS F 704 84.58 -64.22 -13.47
CA LYS F 704 84.90 -64.44 -12.06
C LYS F 704 86.36 -64.86 -11.85
N ASP F 705 87.03 -65.35 -12.89
CA ASP F 705 88.44 -65.70 -12.79
C ASP F 705 89.36 -64.49 -12.93
N LEU F 706 88.84 -63.36 -13.42
CA LEU F 706 89.66 -62.18 -13.67
C LEU F 706 90.01 -61.47 -12.36
N PRO F 707 91.20 -60.86 -12.30
CA PRO F 707 91.50 -59.95 -11.18
C PRO F 707 90.56 -58.75 -11.10
N GLY F 708 90.12 -58.24 -12.25
CA GLY F 708 89.13 -57.18 -12.27
C GLY F 708 89.61 -55.84 -12.77
N ASN F 709 89.14 -54.77 -12.11
CA ASN F 709 89.51 -53.37 -12.38
C ASN F 709 89.16 -52.93 -13.80
N ASN F 710 88.22 -53.60 -14.44
CA ASN F 710 87.84 -53.32 -15.82
C ASN F 710 86.97 -52.06 -15.87
N ALA F 711 86.74 -51.58 -17.10
CA ALA F 711 85.71 -50.59 -17.33
C ALA F 711 84.31 -51.18 -17.19
N TRP F 712 84.18 -52.50 -17.40
CA TRP F 712 82.90 -53.17 -17.17
C TRP F 712 82.52 -53.19 -15.70
N ARG F 713 83.50 -53.39 -14.81
CA ARG F 713 83.23 -53.30 -13.38
C ARG F 713 82.81 -51.89 -12.98
N GLN F 714 83.43 -50.87 -13.60
CA GLN F 714 83.02 -49.48 -13.34
C GLN F 714 81.62 -49.22 -13.86
N GLN F 715 81.26 -49.82 -15.00
CA GLN F 715 79.91 -49.69 -15.53
C GLN F 715 78.89 -50.34 -14.60
N CYS F 716 79.22 -51.52 -14.06
CA CYS F 716 78.34 -52.18 -13.10
C CYS F 716 78.20 -51.37 -11.81
N ARG F 717 79.29 -50.78 -11.34
CA ARG F 717 79.22 -49.96 -10.13
C ARG F 717 78.36 -48.72 -10.34
N LYS F 718 78.51 -48.06 -11.50
CA LYS F 718 77.68 -46.90 -11.82
C LYS F 718 76.21 -47.28 -11.98
N MET F 719 75.95 -48.43 -12.61
CA MET F 719 74.59 -48.90 -12.80
C MET F 719 73.92 -49.26 -11.47
N SER F 720 74.69 -49.86 -10.55
CA SER F 720 74.16 -50.14 -9.22
C SER F 720 73.93 -48.85 -8.45
N SER F 721 74.73 -47.82 -8.72
CA SER F 721 74.52 -46.53 -8.06
C SER F 721 73.29 -45.82 -8.59
N GLU F 722 72.98 -45.96 -9.89
CA GLU F 722 71.93 -45.16 -10.50
C GLU F 722 70.56 -45.85 -10.52
N LEU F 723 70.51 -47.17 -10.33
CA LEU F 723 69.24 -47.88 -10.47
C LEU F 723 68.32 -47.63 -9.28
N ASP F 724 67.01 -47.66 -9.56
CA ASP F 724 66.01 -47.43 -8.53
C ASP F 724 65.47 -48.71 -7.92
N ASP F 725 65.45 -49.81 -8.66
CA ASP F 725 64.99 -51.10 -8.14
C ASP F 725 66.04 -51.63 -7.17
N PRO F 726 65.69 -51.86 -5.90
CA PRO F 726 66.73 -52.30 -4.94
C PRO F 726 67.29 -53.68 -5.23
N TYR F 727 66.51 -54.60 -5.81
CA TYR F 727 67.02 -55.94 -6.06
C TYR F 727 68.06 -55.94 -7.18
N LEU F 728 67.79 -55.23 -8.27
CA LEU F 728 68.76 -55.11 -9.34
C LEU F 728 70.00 -54.34 -8.91
N ARG F 729 69.81 -53.37 -8.00
CA ARG F 729 70.95 -52.68 -7.40
C ARG F 729 71.80 -53.65 -6.59
N VAL F 730 71.14 -54.57 -5.86
CA VAL F 730 71.84 -55.60 -5.12
C VAL F 730 72.66 -56.48 -6.08
N ILE F 731 72.06 -56.87 -7.20
CA ILE F 731 72.74 -57.75 -8.13
C ILE F 731 73.96 -57.06 -8.73
N PHE F 732 73.78 -55.83 -9.21
CA PHE F 732 74.87 -55.15 -9.89
C PHE F 732 75.97 -54.72 -8.91
N ALA F 733 75.62 -54.46 -7.65
CA ALA F 733 76.64 -54.14 -6.66
C ALA F 733 77.36 -55.39 -6.17
N PHE F 734 76.71 -56.55 -6.23
CA PHE F 734 77.36 -57.78 -5.79
C PHE F 734 78.23 -58.39 -6.88
N ILE F 735 77.83 -58.27 -8.16
CA ILE F 735 78.56 -58.90 -9.24
C ILE F 735 79.95 -58.26 -9.40
N ALA F 736 80.03 -56.94 -9.37
CA ALA F 736 81.30 -56.24 -9.35
C ALA F 736 81.78 -56.13 -7.90
N ASP F 737 83.05 -56.50 -7.68
CA ASP F 737 83.67 -56.53 -6.35
C ASP F 737 82.88 -57.44 -5.41
N ASN F 738 82.95 -58.74 -5.71
CA ASN F 738 82.06 -59.73 -5.11
C ASN F 738 82.41 -59.97 -3.65
N ASP F 739 81.87 -59.08 -2.80
CA ASP F 739 81.89 -59.24 -1.36
C ASP F 739 80.47 -59.08 -0.84
N TRP F 740 80.20 -59.69 0.31
CA TRP F 740 78.84 -59.69 0.85
C TRP F 740 78.53 -58.46 1.69
N TRP F 741 79.54 -57.70 2.11
CA TRP F 741 79.33 -56.52 2.93
C TRP F 741 78.70 -55.35 2.18
N ASP F 742 78.66 -55.40 0.85
CA ASP F 742 78.02 -54.34 0.07
C ASP F 742 76.54 -54.60 -0.17
N ILE F 743 76.02 -55.71 0.33
CA ILE F 743 74.63 -56.09 0.15
C ILE F 743 73.87 -56.06 1.47
N LEU F 744 74.48 -56.53 2.55
CA LEU F 744 73.81 -56.74 3.82
C LEU F 744 73.90 -55.53 4.77
N TYR F 745 74.26 -54.36 4.26
CA TYR F 745 74.26 -53.14 5.06
C TYR F 745 73.24 -52.10 4.63
N GLU F 746 72.73 -52.18 3.39
CA GLU F 746 71.77 -51.17 2.97
C GLU F 746 70.41 -51.44 3.61
N PRO F 747 69.58 -50.41 3.78
CA PRO F 747 68.21 -50.65 4.29
C PRO F 747 67.15 -50.80 3.21
N ALA F 748 67.54 -50.91 1.93
CA ALA F 748 66.54 -51.03 0.88
C ALA F 748 65.91 -52.41 0.84
N ILE F 749 66.68 -53.46 1.13
CA ILE F 749 66.17 -54.82 1.13
C ILE F 749 65.80 -55.22 2.55
N SER F 750 64.99 -56.27 2.65
CA SER F 750 64.47 -56.71 3.95
C SER F 750 65.58 -57.30 4.81
N LEU F 751 65.42 -57.15 6.13
CA LEU F 751 66.38 -57.70 7.07
C LEU F 751 66.35 -59.22 7.11
N ARG F 752 65.19 -59.82 6.83
CA ARG F 752 65.12 -61.27 6.73
C ARG F 752 65.96 -61.80 5.57
N GLU F 753 65.90 -61.12 4.42
CA GLU F 753 66.73 -61.54 3.29
C GLU F 753 68.19 -61.21 3.51
N ARG F 754 68.49 -60.19 4.32
CA ARG F 754 69.87 -59.91 4.68
C ARG F 754 70.44 -60.97 5.60
N LEU F 755 69.63 -61.45 6.55
CA LEU F 755 70.08 -62.55 7.42
C LEU F 755 70.07 -63.87 6.69
N GLY F 756 69.35 -63.98 5.57
CA GLY F 756 69.45 -65.16 4.73
C GLY F 756 70.82 -65.34 4.09
N VAL F 757 71.59 -64.27 3.97
CA VAL F 757 72.97 -64.37 3.49
C VAL F 757 73.99 -64.13 4.58
N ALA F 758 73.62 -63.49 5.69
CA ALA F 758 74.57 -63.29 6.77
C ALA F 758 74.78 -64.56 7.58
N LEU F 759 73.72 -65.35 7.78
CA LEU F 759 73.85 -66.60 8.50
C LEU F 759 74.29 -67.75 7.61
N ARG F 760 74.31 -67.57 6.29
CA ARG F 760 74.61 -68.64 5.35
C ARG F 760 75.97 -68.51 4.68
N PHE F 761 76.34 -67.31 4.25
CA PHE F 761 77.56 -67.07 3.48
C PHE F 761 78.51 -66.14 4.20
N LEU F 762 78.65 -66.31 5.52
CA LEU F 762 79.51 -65.43 6.31
C LEU F 762 79.92 -66.20 7.55
N ASN F 763 81.04 -65.79 8.14
CA ASN F 763 81.67 -66.53 9.22
C ASN F 763 81.37 -65.92 10.58
N ASP F 764 81.47 -66.75 11.63
CA ASP F 764 81.04 -66.37 12.96
C ASP F 764 81.91 -65.28 13.60
N THR F 765 83.07 -64.97 13.02
CA THR F 765 83.92 -63.93 13.59
C THR F 765 83.31 -62.55 13.38
N ASP F 766 82.74 -62.30 12.21
CA ASP F 766 82.12 -61.02 11.89
C ASP F 766 80.61 -61.03 11.99
N LEU F 767 80.01 -62.23 12.13
CA LEU F 767 78.56 -62.32 12.26
C LEU F 767 78.07 -61.68 13.54
N THR F 768 78.81 -61.86 14.64
CA THR F 768 78.44 -61.23 15.90
C THR F 768 78.56 -59.71 15.82
N THR F 769 79.56 -59.19 15.08
CA THR F 769 79.67 -57.76 14.89
C THR F 769 78.51 -57.22 14.06
N PHE F 770 78.16 -57.91 12.98
CA PHE F 770 77.03 -57.49 12.15
C PHE F 770 75.73 -57.51 12.93
N LEU F 771 75.50 -58.57 13.72
CA LEU F 771 74.28 -58.68 14.50
C LEU F 771 74.22 -57.61 15.58
N ASP F 772 75.36 -57.31 16.22
CA ASP F 772 75.39 -56.26 17.23
C ASP F 772 75.10 -54.89 16.63
N ARG F 773 75.71 -54.58 15.48
CA ARG F 773 75.45 -53.29 14.84
C ARG F 773 74.01 -53.16 14.37
N THR F 774 73.45 -54.22 13.78
CA THR F 774 72.08 -54.14 13.30
C THR F 774 71.09 -54.06 14.46
N SER F 775 71.35 -54.79 15.55
CA SER F 775 70.49 -54.71 16.73
C SER F 775 70.55 -53.34 17.38
N SER F 776 71.74 -52.76 17.49
CA SER F 776 71.87 -51.43 18.06
C SER F 776 71.25 -50.37 17.17
N THR F 777 71.24 -50.61 15.86
CA THR F 777 70.54 -49.70 14.95
C THR F 777 69.03 -49.79 15.14
N VAL F 778 68.48 -51.00 15.15
CA VAL F 778 67.02 -51.14 15.15
C VAL F 778 66.40 -50.91 16.51
N ILE F 779 67.15 -51.01 17.60
CA ILE F 779 66.59 -50.74 18.92
C ILE F 779 66.29 -49.25 19.07
N GLU F 780 67.24 -48.40 18.70
CA GLU F 780 67.04 -46.96 18.86
C GLU F 780 66.32 -46.32 17.68
N ASN F 781 66.42 -46.88 16.47
CA ASN F 781 65.67 -46.34 15.35
C ASN F 781 64.20 -46.72 15.43
N GLY F 782 63.90 -47.95 15.85
CA GLY F 782 62.52 -48.39 15.95
C GLY F 782 61.96 -48.90 14.64
N GLU F 783 62.62 -49.88 14.06
CA GLU F 783 62.18 -50.51 12.81
C GLU F 783 61.53 -51.84 13.14
N LEU F 784 60.36 -52.10 12.56
CA LEU F 784 59.63 -53.33 12.82
C LEU F 784 60.33 -54.56 12.28
N GLU F 785 61.27 -54.39 11.35
CA GLU F 785 62.06 -55.51 10.85
C GLU F 785 63.16 -55.94 11.82
N GLY F 786 63.37 -55.20 12.90
CA GLY F 786 64.32 -55.63 13.92
C GLY F 786 63.84 -56.79 14.77
N LEU F 787 62.55 -57.15 14.66
CA LEU F 787 62.01 -58.30 15.37
C LEU F 787 62.57 -59.62 14.86
N ILE F 788 63.23 -59.63 13.70
CA ILE F 788 64.07 -60.76 13.33
C ILE F 788 65.15 -60.99 14.38
N LEU F 789 65.78 -59.90 14.82
CA LEU F 789 66.89 -60.01 15.76
C LEU F 789 66.41 -60.14 17.20
N THR F 790 65.45 -59.30 17.60
CA THR F 790 65.08 -59.25 19.00
C THR F 790 63.89 -60.14 19.37
N GLY F 791 63.10 -60.59 18.38
CA GLY F 791 61.94 -61.39 18.73
C GLY F 791 60.87 -60.55 19.43
N ILE F 792 60.13 -61.20 20.32
CA ILE F 792 59.11 -60.53 21.11
C ILE F 792 59.59 -60.54 22.55
N THR F 793 60.91 -60.43 22.73
CA THR F 793 61.53 -60.29 24.03
C THR F 793 61.21 -58.90 24.62
N PRO F 794 61.60 -58.64 25.88
CA PRO F 794 61.55 -57.25 26.37
C PRO F 794 62.34 -56.25 25.55
N ASN F 795 63.43 -56.67 24.91
CA ASN F 795 64.10 -55.81 23.94
C ASN F 795 63.22 -55.55 22.74
N GLY F 796 62.42 -56.55 22.32
CA GLY F 796 61.41 -56.30 21.31
C GLY F 796 60.35 -55.31 21.76
N ILE F 797 60.02 -55.30 23.05
CA ILE F 797 59.09 -54.31 23.57
C ILE F 797 59.72 -52.93 23.56
N ASP F 798 61.03 -52.85 23.82
CA ASP F 798 61.74 -51.58 23.69
C ASP F 798 61.75 -51.07 22.25
N LEU F 799 61.95 -51.99 21.29
CA LEU F 799 61.87 -51.65 19.88
C LEU F 799 60.48 -51.14 19.51
N LEU F 800 59.43 -51.81 20.01
CA LEU F 800 58.07 -51.38 19.74
C LEU F 800 57.76 -50.04 20.41
N GLN F 801 58.37 -49.78 21.57
CA GLN F 801 58.19 -48.48 22.22
C GLN F 801 58.82 -47.36 21.41
N SER F 802 60.01 -47.61 20.85
CA SER F 802 60.62 -46.63 19.96
C SER F 802 59.79 -46.46 18.68
N TYR F 803 59.20 -47.54 18.19
CA TYR F 803 58.32 -47.46 17.02
C TYR F 803 57.07 -46.63 17.32
N VAL F 804 56.51 -46.76 18.53
CA VAL F 804 55.35 -45.96 18.92
C VAL F 804 55.75 -44.50 19.09
N ASN F 805 56.94 -44.25 19.64
CA ASN F 805 57.43 -42.89 19.77
C ASN F 805 57.65 -42.24 18.40
N LYS F 806 58.05 -43.02 17.41
CA LYS F 806 58.37 -42.46 16.09
C LYS F 806 57.14 -42.33 15.19
N THR F 807 56.19 -43.27 15.26
CA THR F 807 55.11 -43.34 14.30
C THR F 807 53.71 -43.27 14.90
N SER F 808 53.57 -43.46 16.22
CA SER F 808 52.28 -43.56 16.91
C SER F 808 51.41 -44.68 16.34
N ASP F 809 52.05 -45.78 15.94
CA ASP F 809 51.34 -46.95 15.44
C ASP F 809 51.16 -47.93 16.61
N VAL F 810 50.19 -47.62 17.46
CA VAL F 810 49.92 -48.48 18.61
C VAL F 810 49.17 -49.73 18.22
N GLN F 811 48.51 -49.74 17.06
CA GLN F 811 47.80 -50.93 16.59
C GLN F 811 48.76 -52.07 16.27
N SER F 812 49.77 -51.79 15.45
CA SER F 812 50.76 -52.81 15.11
C SER F 812 51.57 -53.23 16.32
N ALA F 813 51.86 -52.27 17.21
CA ALA F 813 52.59 -52.58 18.44
C ALA F 813 51.79 -53.53 19.33
N ALA F 814 50.49 -53.29 19.48
CA ALA F 814 49.66 -54.15 20.31
C ALA F 814 49.52 -55.54 19.69
N LEU F 815 49.26 -55.61 18.37
CA LEU F 815 49.08 -56.91 17.73
C LEU F 815 50.38 -57.71 17.68
N ILE F 816 51.53 -57.05 17.59
CA ILE F 816 52.79 -57.75 17.70
C ILE F 816 53.01 -58.22 19.13
N SER F 817 52.70 -57.36 20.11
CA SER F 817 53.04 -57.63 21.50
C SER F 817 52.22 -58.79 22.06
N ILE F 818 50.95 -58.90 21.69
CA ILE F 818 50.07 -59.91 22.28
C ILE F 818 50.46 -61.34 21.96
N PHE F 819 51.41 -61.56 21.04
CA PHE F 819 51.90 -62.91 20.77
C PHE F 819 52.72 -63.47 21.92
N GLY F 820 53.47 -62.63 22.62
CA GLY F 820 54.34 -63.15 23.66
C GLY F 820 54.48 -62.31 24.92
N SER F 821 53.75 -61.20 25.01
CA SER F 821 53.99 -60.29 26.14
C SER F 821 53.35 -60.74 27.45
N PRO F 822 52.08 -61.25 27.50
CA PRO F 822 51.61 -61.81 28.78
C PRO F 822 52.02 -63.26 28.95
N ARG F 823 52.31 -63.94 27.84
CA ARG F 823 52.59 -65.36 27.88
C ARG F 823 53.95 -65.65 28.51
N TYR F 824 54.95 -64.81 28.23
CA TYR F 824 56.31 -65.07 28.67
C TYR F 824 56.83 -64.10 29.73
N PHE F 825 56.26 -62.91 29.84
CA PHE F 825 56.67 -61.93 30.85
C PHE F 825 55.44 -61.09 31.21
N ARG F 826 55.68 -59.90 31.76
CA ARG F 826 54.61 -58.93 32.01
C ARG F 826 55.21 -57.55 32.12
N ASP F 827 54.69 -56.60 31.33
CA ASP F 827 55.13 -55.22 31.38
C ASP F 827 53.94 -54.29 31.19
N GLN F 828 54.09 -53.06 31.71
CA GLN F 828 52.99 -52.10 31.72
C GLN F 828 52.78 -51.45 30.35
N ARG F 829 53.84 -51.36 29.53
CA ARG F 829 53.73 -50.70 28.23
C ARG F 829 52.79 -51.44 27.29
N VAL F 830 52.85 -52.77 27.30
CA VAL F 830 51.97 -53.56 26.46
C VAL F 830 50.53 -53.44 26.93
N ASP F 831 50.32 -53.39 28.25
CA ASP F 831 48.98 -53.17 28.79
C ASP F 831 48.43 -51.81 28.36
N GLU F 832 49.28 -50.79 28.37
CA GLU F 832 48.87 -49.47 27.88
C GLU F 832 48.51 -49.50 26.41
N TRP F 833 49.30 -50.21 25.60
CA TRP F 833 49.01 -50.30 24.16
C TRP F 833 47.73 -51.06 23.89
N ILE F 834 47.50 -52.15 24.63
CA ILE F 834 46.27 -52.94 24.46
C ILE F 834 45.04 -52.13 24.85
N GLN F 835 45.11 -51.44 25.98
CA GLN F 835 43.99 -50.61 26.42
C GLN F 835 43.73 -49.46 25.46
N THR F 836 44.79 -48.85 24.94
CA THR F 836 44.62 -47.74 23.99
C THR F 836 44.00 -48.21 22.69
N TYR F 837 44.44 -49.36 22.17
CA TYR F 837 43.87 -49.88 20.93
C TYR F 837 42.42 -50.33 21.14
N ARG F 838 42.11 -50.89 22.31
CA ARG F 838 40.73 -51.28 22.57
C ARG F 838 39.82 -50.06 22.69
N ASP F 839 40.31 -48.99 23.32
CA ASP F 839 39.53 -47.75 23.40
C ASP F 839 39.32 -47.14 22.01
N MET F 840 40.34 -47.20 21.15
CA MET F 840 40.19 -46.68 19.80
C MET F 840 39.23 -47.53 18.97
N LEU F 841 39.24 -48.86 19.19
CA LEU F 841 38.29 -49.72 18.51
C LEU F 841 36.86 -49.46 19.00
N LYS F 842 36.70 -49.14 20.27
CA LYS F 842 35.39 -48.73 20.77
C LYS F 842 34.95 -47.40 20.16
N SER F 843 35.90 -46.47 19.99
CA SER F 843 35.56 -45.15 19.47
C SER F 843 35.17 -45.19 18.00
N TRP F 844 35.69 -46.14 17.24
CA TRP F 844 35.31 -46.32 15.84
C TRP F 844 34.11 -47.23 15.66
N GLU F 845 33.48 -47.66 16.76
CA GLU F 845 32.34 -48.58 16.78
C GLU F 845 32.67 -49.91 16.12
N LEU F 846 33.92 -50.36 16.22
CA LEU F 846 34.32 -51.68 15.75
C LEU F 846 34.35 -52.65 16.93
N PHE F 847 33.16 -52.92 17.45
CA PHE F 847 33.05 -53.77 18.64
C PHE F 847 33.34 -55.24 18.32
N SER F 848 32.94 -55.69 17.12
CA SER F 848 33.23 -57.06 16.72
C SER F 848 34.73 -57.30 16.56
N MET F 849 35.44 -56.32 16.01
CA MET F 849 36.89 -56.43 15.90
C MET F 849 37.57 -56.36 17.26
N ARG F 850 37.00 -55.58 18.20
CA ARG F 850 37.51 -55.56 19.56
C ARG F 850 37.33 -56.91 20.24
N ALA F 851 36.19 -57.55 20.02
CA ALA F 851 35.95 -58.88 20.59
C ALA F 851 36.88 -59.92 19.96
N ARG F 852 37.13 -59.81 18.64
CA ARG F 852 38.10 -60.70 18.00
C ARG F 852 39.50 -60.48 18.55
N PHE F 853 39.85 -59.23 18.83
CA PHE F 853 41.14 -58.93 19.47
C PHE F 853 41.22 -59.54 20.86
N ASP F 854 40.12 -59.49 21.62
CA ASP F 854 40.11 -60.07 22.96
C ASP F 854 40.25 -61.60 22.92
N VAL F 855 39.55 -62.26 22.00
CA VAL F 855 39.68 -63.72 21.93
C VAL F 855 41.05 -64.12 21.36
N LEU F 856 41.67 -63.26 20.55
CA LEU F 856 43.02 -63.54 20.09
C LEU F 856 44.03 -63.37 21.23
N ARG F 857 43.80 -62.38 22.10
CA ARG F 857 44.64 -62.23 23.28
C ARG F 857 44.51 -63.43 24.22
N SER F 858 43.28 -63.91 24.40
CA SER F 858 43.07 -65.05 25.28
C SER F 858 43.62 -66.35 24.67
N LYS F 859 43.60 -66.47 23.34
CA LYS F 859 44.15 -67.67 22.71
C LYS F 859 45.67 -67.69 22.74
N LEU F 860 46.32 -66.53 22.66
CA LEU F 860 47.77 -66.45 22.61
C LEU F 860 48.43 -66.32 23.98
N SER F 861 47.67 -66.40 25.07
CA SER F 861 48.23 -66.41 26.40
C SER F 861 48.39 -67.81 26.97
N ARG F 862 48.13 -68.83 26.18
CA ARG F 862 48.29 -70.22 26.63
C ARG F 862 49.78 -70.56 26.70
N THR F 863 50.24 -70.97 27.88
CA THR F 863 51.62 -71.35 28.07
C THR F 863 51.85 -72.77 27.55
N LYS F 864 53.09 -73.27 27.72
CA LYS F 864 53.38 -74.65 27.38
C LYS F 864 52.63 -75.63 28.28
N THR F 865 52.53 -75.30 29.57
CA THR F 865 51.71 -76.11 30.48
C THR F 865 50.23 -76.01 30.12
N GLY F 866 49.77 -74.81 29.77
CA GLY F 866 48.38 -74.58 29.42
C GLY F 866 47.66 -73.57 30.28
N VAL F 867 48.33 -72.93 31.24
CA VAL F 867 47.68 -71.97 32.13
C VAL F 867 47.52 -70.64 31.40
N LEU F 868 46.32 -70.08 31.47
CA LEU F 868 46.09 -68.74 30.93
C LEU F 868 46.80 -67.68 31.77
N THR F 869 47.40 -66.72 31.08
CA THR F 869 48.00 -65.56 31.73
C THR F 869 47.32 -64.25 31.39
N ALA F 870 46.34 -64.28 30.48
CA ALA F 870 45.63 -63.07 30.11
C ALA F 870 44.68 -62.63 31.22
N ASP F 871 44.55 -61.31 31.36
CA ASP F 871 43.60 -60.72 32.30
C ASP F 871 42.24 -60.67 31.61
N ILE F 872 41.53 -61.81 31.67
CA ILE F 872 40.25 -61.93 30.98
C ILE F 872 39.19 -61.11 31.72
N LYS F 873 38.09 -60.87 31.03
CA LYS F 873 37.01 -60.07 31.59
C LYS F 873 36.32 -60.90 32.68
N PRO F 874 36.13 -60.34 33.87
CA PRO F 874 35.62 -61.14 34.99
C PRO F 874 34.15 -61.50 34.83
N ARG F 875 33.70 -62.39 35.71
CA ARG F 875 32.33 -62.88 35.68
C ARG F 875 31.35 -61.78 36.07
N GLN F 876 30.20 -61.77 35.42
CA GLN F 876 29.14 -60.81 35.70
C GLN F 876 27.87 -61.45 36.23
N ILE F 877 27.75 -62.77 36.16
CA ILE F 877 26.58 -63.50 36.64
C ILE F 877 27.00 -64.36 37.84
N TYR F 878 26.34 -64.13 38.98
CA TYR F 878 26.47 -64.98 40.17
C TYR F 878 25.06 -65.30 40.63
N ILE F 879 24.47 -66.35 40.06
CA ILE F 879 23.07 -66.69 40.34
C ILE F 879 22.95 -67.26 41.74
N GLN F 880 22.01 -66.72 42.52
CA GLN F 880 21.67 -67.30 43.81
C GLN F 880 20.67 -68.44 43.60
N CYS F 881 20.98 -69.61 44.14
CA CYS F 881 20.09 -70.75 44.01
C CYS F 881 18.87 -70.55 44.89
N GLN F 882 17.70 -70.94 44.37
CA GLN F 882 16.47 -70.71 45.12
C GLN F 882 16.28 -71.70 46.26
N ASN F 883 16.79 -72.92 46.10
CA ASN F 883 16.58 -73.94 47.13
C ASN F 883 17.53 -73.79 48.33
N CYS F 884 18.77 -73.36 48.11
CA CYS F 884 19.74 -73.29 49.20
C CYS F 884 20.22 -71.88 49.51
N LYS F 885 19.80 -70.87 48.75
CA LYS F 885 20.18 -69.46 48.96
C LYS F 885 21.70 -69.26 48.96
N GLN F 886 22.39 -69.93 48.04
CA GLN F 886 23.85 -69.86 47.97
C GLN F 886 24.28 -69.62 46.52
N ASN F 887 25.51 -69.13 46.37
CA ASN F 887 26.06 -68.83 45.05
C ASN F 887 26.32 -70.11 44.26
N ILE F 888 25.87 -70.14 43.01
CA ILE F 888 26.16 -71.27 42.14
C ILE F 888 27.54 -71.21 41.51
N ASN F 889 28.26 -70.10 41.67
CA ASN F 889 29.56 -69.90 41.04
C ASN F 889 30.58 -69.48 42.11
N THR F 890 31.19 -70.46 42.76
CA THR F 890 32.19 -70.19 43.79
C THR F 890 33.54 -70.79 43.42
N PRO F 937 28.85 -80.02 32.54
CA PRO F 937 27.54 -79.36 32.41
C PRO F 937 27.41 -78.54 31.13
N ARG F 938 27.74 -79.16 29.99
CA ARG F 938 27.68 -78.47 28.71
C ARG F 938 26.27 -78.46 28.12
N HIS F 939 25.34 -79.25 28.67
CA HIS F 939 23.97 -79.28 28.19
C HIS F 939 22.94 -79.03 29.27
N LYS F 940 23.33 -79.00 30.55
CA LYS F 940 22.38 -78.77 31.64
C LYS F 940 23.16 -78.16 32.80
N TYR F 941 22.71 -77.00 33.27
CA TYR F 941 23.35 -76.28 34.36
C TYR F 941 22.52 -76.39 35.63
N CYS F 942 23.16 -76.75 36.73
CA CYS F 942 22.50 -76.86 38.01
C CYS F 942 23.40 -76.28 39.10
N CYS F 943 22.83 -76.11 40.29
CA CYS F 943 23.59 -75.62 41.43
C CYS F 943 24.59 -76.68 41.89
N PRO F 944 25.87 -76.32 42.08
CA PRO F 944 26.84 -77.33 42.49
C PRO F 944 26.67 -77.79 43.93
N HIS F 945 26.08 -76.98 44.80
CA HIS F 945 25.94 -77.37 46.19
C HIS F 945 24.83 -78.40 46.41
N CYS F 946 23.68 -78.21 45.76
CA CYS F 946 22.52 -79.06 46.00
C CYS F 946 21.99 -79.77 44.76
N GLY F 947 22.30 -79.30 43.56
CA GLY F 947 21.83 -79.93 42.35
C GLY F 947 20.54 -79.38 41.79
N SER F 948 19.91 -78.42 42.46
CA SER F 948 18.63 -77.89 42.01
C SER F 948 18.80 -77.08 40.73
N SER F 949 17.75 -77.10 39.91
CA SER F 949 17.81 -76.47 38.60
C SER F 949 17.70 -74.95 38.72
N PHE F 950 17.85 -74.29 37.58
CA PHE F 950 17.76 -72.84 37.52
C PHE F 950 16.32 -72.38 37.70
N PRO F 951 16.09 -71.09 37.98
CA PRO F 951 14.73 -70.56 38.00
C PRO F 951 14.04 -70.73 36.65
N ARG F 952 12.72 -70.99 36.71
CA ARG F 952 11.96 -71.34 35.53
C ARG F 952 11.74 -70.14 34.62
N CYS F 953 11.51 -70.44 33.34
CA CYS F 953 11.12 -69.42 32.39
C CYS F 953 9.73 -68.88 32.72
N ALA F 954 9.53 -67.60 32.46
CA ALA F 954 8.26 -66.95 32.77
C ALA F 954 7.17 -67.24 31.74
N ILE F 955 7.52 -67.83 30.60
CA ILE F 955 6.57 -68.06 29.52
C ILE F 955 6.14 -69.52 29.45
N CYS F 956 7.09 -70.45 29.44
CA CYS F 956 6.82 -71.87 29.30
C CYS F 956 6.99 -72.67 30.59
N LEU F 957 7.47 -72.03 31.67
CA LEU F 957 7.66 -72.64 32.99
C LEU F 957 8.61 -73.84 32.96
N MET F 958 9.54 -73.85 32.01
CA MET F 958 10.61 -74.82 31.97
C MET F 958 11.84 -74.26 32.69
N PRO F 959 12.62 -75.12 33.35
CA PRO F 959 13.84 -74.65 34.02
C PRO F 959 14.86 -74.13 33.02
N LEU F 960 15.42 -72.95 33.31
CA LEU F 960 16.36 -72.32 32.42
C LEU F 960 17.73 -73.00 32.49
N GLY F 961 18.61 -72.59 31.59
CA GLY F 961 19.95 -73.15 31.56
C GLY F 961 20.06 -74.55 31.01
N THR F 962 19.01 -75.06 30.38
CA THR F 962 19.03 -76.40 29.78
C THR F 962 18.82 -76.27 28.28
N SER F 963 19.71 -76.90 27.51
CA SER F 963 19.57 -76.98 26.07
C SER F 963 18.81 -78.24 25.69
N ASN F 964 18.44 -78.30 24.40
CA ASN F 964 17.66 -79.40 23.81
C ASN F 964 16.32 -79.60 24.54
N LEU F 965 15.50 -78.56 24.48
CA LEU F 965 14.15 -78.62 25.02
C LEU F 965 13.29 -79.53 24.15
N PRO F 966 12.21 -80.09 24.72
CA PRO F 966 11.32 -80.96 23.91
C PRO F 966 10.61 -80.24 22.78
N PHE F 967 10.51 -78.91 22.81
CA PHE F 967 9.83 -78.14 21.78
C PHE F 967 10.85 -77.27 21.06
N VAL F 968 10.37 -76.53 20.07
CA VAL F 968 11.22 -75.63 19.28
C VAL F 968 10.74 -74.21 19.53
N ILE F 969 11.66 -73.36 19.99
CA ILE F 969 11.36 -71.96 20.29
C ILE F 969 11.59 -71.18 19.01
N ASN F 970 10.55 -71.12 18.16
CA ASN F 970 10.63 -70.36 16.92
C ASN F 970 10.21 -68.92 17.20
N GLY F 971 11.13 -68.19 17.83
CA GLY F 971 10.87 -66.84 18.27
C GLY F 971 10.88 -65.84 17.12
N THR F 972 10.57 -64.59 17.47
CA THR F 972 10.52 -63.51 16.49
C THR F 972 11.93 -63.11 16.05
N ASN F 988 21.00 -71.13 3.54
CA ASN F 988 21.02 -70.32 4.76
C ASN F 988 20.39 -71.08 5.92
N ARG F 989 20.43 -72.41 5.85
CA ARG F 989 19.88 -73.22 6.93
C ARG F 989 20.74 -73.19 8.18
N GLU F 990 22.05 -72.90 8.04
CA GLU F 990 22.93 -72.87 9.20
C GLU F 990 22.58 -71.71 10.12
N LEU F 991 22.27 -70.55 9.55
CA LEU F 991 21.89 -69.40 10.37
C LEU F 991 20.52 -69.61 11.01
N VAL F 992 19.61 -70.30 10.31
CA VAL F 992 18.31 -70.62 10.90
C VAL F 992 18.47 -71.59 12.07
N SER F 993 19.32 -72.61 11.91
CA SER F 993 19.57 -73.55 13.01
C SER F 993 20.27 -72.88 14.18
N ARG F 994 21.19 -71.96 13.87
CA ARG F 994 21.86 -71.19 14.92
C ARG F 994 20.89 -70.29 15.67
N LYS F 995 19.95 -69.67 14.95
CA LYS F 995 18.92 -68.85 15.59
C LYS F 995 18.00 -69.69 16.45
N LEU F 996 17.63 -70.89 15.98
CA LEU F 996 16.75 -71.77 16.73
C LEU F 996 17.42 -72.26 18.01
N LYS F 997 18.71 -72.60 17.94
CA LYS F 997 19.45 -73.04 19.12
C LYS F 997 19.92 -71.88 19.99
N LEU F 998 19.86 -70.66 19.46
CA LEU F 998 20.11 -69.43 20.20
C LEU F 998 18.87 -68.93 20.94
N ASN F 999 17.69 -69.33 20.48
CA ASN F 999 16.44 -68.90 21.13
C ASN F 999 16.29 -69.51 22.52
N GLU F 1000 16.88 -70.67 22.78
CA GLU F 1000 16.74 -71.28 24.11
C GLU F 1000 17.87 -70.92 25.07
N TRP F 1001 18.15 -69.63 25.25
CA TRP F 1001 19.19 -69.19 26.17
C TRP F 1001 18.59 -68.53 27.41
N PHE F 1002 19.49 -68.00 28.23
CA PHE F 1002 19.15 -67.45 29.52
C PHE F 1002 19.13 -65.93 29.38
N SER F 1003 17.93 -65.36 29.34
CA SER F 1003 17.74 -63.92 29.21
C SER F 1003 16.90 -63.44 30.39
N PHE F 1004 17.26 -62.29 30.96
CA PHE F 1004 16.51 -61.76 32.07
C PHE F 1004 16.64 -60.25 32.12
N CYS F 1005 15.66 -59.62 32.75
CA CYS F 1005 15.62 -58.18 32.94
C CYS F 1005 16.38 -57.80 34.19
N LEU F 1006 17.14 -56.70 34.11
CA LEU F 1006 17.91 -56.23 35.25
C LEU F 1006 17.15 -55.24 36.11
N SER F 1007 15.89 -54.96 35.79
CA SER F 1007 15.06 -54.08 36.62
C SER F 1007 14.06 -54.85 37.47
N CYS F 1008 13.51 -55.96 36.96
CA CYS F 1008 12.56 -56.75 37.72
C CYS F 1008 13.04 -58.18 38.01
N ASN F 1009 14.17 -58.59 37.44
CA ASN F 1009 14.83 -59.88 37.74
C ASN F 1009 13.92 -61.08 37.45
N HIS F 1010 13.36 -61.10 36.24
CA HIS F 1010 12.48 -62.19 35.81
C HIS F 1010 13.05 -62.82 34.56
N GLY F 1011 13.20 -64.14 34.58
CA GLY F 1011 13.90 -64.84 33.53
C GLY F 1011 12.99 -65.36 32.42
N MET F 1012 13.57 -65.46 31.23
CA MET F 1012 12.87 -65.94 30.05
C MET F 1012 13.88 -66.60 29.14
N HIS F 1013 13.38 -67.45 28.24
CA HIS F 1013 14.19 -67.83 27.09
C HIS F 1013 14.28 -66.65 26.12
N ALA F 1014 15.34 -66.64 25.32
CA ALA F 1014 15.57 -65.52 24.40
C ALA F 1014 14.49 -65.48 23.32
N GLY F 1015 14.15 -66.64 22.75
CA GLY F 1015 13.06 -66.68 21.79
C GLY F 1015 11.71 -66.41 22.41
N HIS F 1016 11.49 -66.88 23.64
CA HIS F 1016 10.24 -66.62 24.34
C HIS F 1016 10.10 -65.14 24.67
N ALA F 1017 11.19 -64.49 25.06
CA ALA F 1017 11.15 -63.05 25.33
C ALA F 1017 10.99 -62.25 24.04
N GLU F 1018 11.57 -62.72 22.93
CA GLU F 1018 11.40 -62.03 21.65
C GLU F 1018 9.98 -62.17 21.13
N GLU F 1019 9.36 -63.34 21.31
CA GLU F 1019 8.00 -63.55 20.85
C GLU F 1019 6.96 -62.90 21.76
N TRP F 1020 7.25 -62.81 23.06
CA TRP F 1020 6.32 -62.18 23.99
C TRP F 1020 6.27 -60.67 23.80
N PHE F 1021 7.41 -60.02 23.61
CA PHE F 1021 7.48 -58.57 23.55
C PHE F 1021 7.26 -58.03 22.14
N ASP F 1022 6.99 -58.90 21.17
CA ASP F 1022 6.51 -58.46 19.87
C ASP F 1022 5.02 -58.15 19.87
N ARG F 1023 4.29 -58.53 20.91
CA ARG F 1023 2.86 -58.26 20.98
C ARG F 1023 2.47 -57.52 22.25
N HIS F 1024 3.26 -57.65 23.32
CA HIS F 1024 2.96 -57.04 24.60
C HIS F 1024 4.08 -56.09 25.02
N ASN F 1025 3.88 -55.44 26.17
CA ASN F 1025 4.86 -54.50 26.68
C ASN F 1025 5.06 -54.60 28.19
N VAL F 1026 4.53 -55.63 28.85
CA VAL F 1026 4.63 -55.80 30.29
C VAL F 1026 5.30 -57.15 30.55
N CYS F 1027 5.95 -57.27 31.70
CA CYS F 1027 6.59 -58.52 32.10
C CYS F 1027 5.54 -59.63 32.24
N PRO F 1028 5.79 -60.82 31.71
CA PRO F 1028 4.76 -61.88 31.73
C PRO F 1028 4.46 -62.46 33.11
N THR F 1029 5.30 -62.23 34.10
CA THR F 1029 5.01 -62.74 35.44
C THR F 1029 3.82 -61.98 36.04
N PRO F 1030 2.91 -62.69 36.73
CA PRO F 1030 1.77 -62.02 37.36
C PRO F 1030 2.22 -61.15 38.53
N GLY F 1031 1.74 -59.91 38.56
CA GLY F 1031 2.07 -59.00 39.63
C GLY F 1031 3.25 -58.10 39.38
N CYS F 1032 3.83 -58.11 38.19
CA CYS F 1032 4.98 -57.28 37.86
C CYS F 1032 4.59 -56.31 36.76
N THR F 1033 4.89 -55.03 36.99
CA THR F 1033 4.65 -53.97 36.02
C THR F 1033 6.01 -53.38 35.66
N CYS F 1034 6.67 -53.98 34.67
CA CYS F 1034 8.00 -53.56 34.25
C CYS F 1034 8.09 -53.72 32.73
N GLN F 1035 8.18 -52.60 32.02
CA GLN F 1035 8.28 -52.60 30.57
C GLN F 1035 9.71 -52.96 30.20
N CYS F 1036 9.99 -54.26 30.09
CA CYS F 1036 11.34 -54.73 29.83
C CYS F 1036 11.80 -54.46 28.41
N ASN F 1037 10.89 -54.16 27.48
CA ASN F 1037 11.29 -53.90 26.10
C ASN F 1037 12.03 -52.57 25.99
N LYS F 1038 11.38 -51.48 26.37
CA LYS F 1038 12.00 -50.16 26.33
C LYS F 1038 11.40 -49.25 27.38
N MET G 1 35.35 -28.24 2.28
CA MET G 1 34.72 -27.47 3.35
C MET G 1 33.23 -27.29 3.10
N GLN G 2 32.47 -28.37 3.20
CA GLN G 2 31.02 -28.28 3.05
C GLN G 2 30.41 -27.69 4.32
N PRO G 3 29.64 -26.62 4.22
CA PRO G 3 29.00 -26.04 5.41
C PRO G 3 27.58 -26.55 5.63
N PHE G 4 27.23 -26.66 6.91
CA PHE G 4 25.85 -26.95 7.29
C PHE G 4 25.41 -25.92 8.32
N ASP G 5 24.20 -25.38 8.13
CA ASP G 5 23.68 -24.36 9.03
C ASP G 5 23.09 -25.03 10.27
N SER G 6 23.58 -24.65 11.45
CA SER G 6 23.11 -25.29 12.67
C SER G 6 21.73 -24.80 13.07
N GLY G 7 21.41 -23.54 12.78
CA GLY G 7 20.08 -23.01 13.05
C GLY G 7 19.98 -22.12 14.27
N HIS G 8 21.09 -21.81 14.93
CA HIS G 8 21.07 -20.91 16.07
C HIS G 8 20.77 -19.49 15.61
N ASP G 9 20.10 -18.73 16.49
CA ASP G 9 19.80 -17.34 16.24
C ASP G 9 20.91 -16.40 16.70
N ASP G 10 21.99 -16.92 17.26
CA ASP G 10 23.09 -16.09 17.75
C ASP G 10 24.39 -16.88 17.59
N LEU G 11 25.43 -16.43 18.30
CA LEU G 11 26.79 -16.91 18.07
C LEU G 11 26.97 -18.29 18.67
N VAL G 12 27.36 -19.26 17.84
CA VAL G 12 27.67 -20.61 18.32
C VAL G 12 28.99 -20.58 19.08
N HIS G 13 28.93 -20.94 20.36
CA HIS G 13 30.09 -20.79 21.25
C HIS G 13 30.96 -22.04 21.29
N ASP G 14 30.39 -23.16 21.74
CA ASP G 14 31.14 -24.40 21.90
C ASP G 14 30.50 -25.50 21.05
N VAL G 15 31.31 -26.15 20.23
CA VAL G 15 30.93 -27.35 19.49
C VAL G 15 31.85 -28.48 19.96
N VAL G 16 31.25 -29.60 20.37
CA VAL G 16 32.00 -30.75 20.87
C VAL G 16 31.48 -32.02 20.20
N TYR G 17 32.40 -32.91 19.85
CA TYR G 17 32.06 -34.26 19.41
C TYR G 17 31.79 -35.16 20.61
N ASP G 18 31.20 -36.31 20.33
CA ASP G 18 31.05 -37.34 21.34
C ASP G 18 32.20 -38.33 21.23
N PHE G 19 32.10 -39.45 21.94
CA PHE G 19 33.15 -40.47 21.88
C PHE G 19 33.21 -41.13 20.50
N TYR G 20 32.05 -41.44 19.92
CA TYR G 20 32.01 -42.17 18.66
C TYR G 20 32.20 -41.26 17.45
N GLY G 21 32.09 -39.95 17.61
CA GLY G 21 32.31 -39.04 16.51
C GLY G 21 31.16 -38.90 15.54
N ARG G 22 30.01 -39.50 15.81
CA ARG G 22 28.84 -39.39 14.94
C ARG G 22 27.78 -38.47 15.52
N HIS G 23 28.06 -37.78 16.62
CA HIS G 23 27.15 -36.82 17.22
C HIS G 23 27.92 -35.58 17.60
N VAL G 24 27.35 -34.41 17.28
CA VAL G 24 27.92 -33.14 17.71
C VAL G 24 26.84 -32.38 18.46
N ALA G 25 27.26 -31.68 19.50
CA ALA G 25 26.37 -30.84 20.28
C ALA G 25 26.89 -29.41 20.20
N THR G 26 26.02 -28.49 19.82
CA THR G 26 26.38 -27.09 19.65
C THR G 26 25.57 -26.24 20.63
N CYS G 27 26.26 -25.41 21.39
CA CYS G 27 25.62 -24.45 22.27
C CYS G 27 25.92 -23.04 21.77
N SER G 28 25.03 -22.11 22.08
CA SER G 28 25.13 -20.78 21.53
C SER G 28 24.55 -19.76 22.51
N SER G 29 24.59 -18.50 22.10
CA SER G 29 24.11 -17.39 22.92
C SER G 29 22.59 -17.20 22.83
N ASP G 30 21.90 -18.00 22.03
CA ASP G 30 20.45 -18.02 22.00
C ASP G 30 19.86 -18.95 23.05
N GLN G 31 20.67 -19.35 24.04
CA GLN G 31 20.26 -20.18 25.18
C GLN G 31 19.71 -21.52 24.73
N HIS G 32 20.32 -22.11 23.71
CA HIS G 32 19.85 -23.35 23.12
C HIS G 32 21.01 -24.33 22.97
N ILE G 33 20.70 -25.62 23.11
CA ILE G 33 21.62 -26.69 22.80
C ILE G 33 21.02 -27.50 21.67
N LYS G 34 21.79 -27.71 20.61
CA LYS G 34 21.35 -28.49 19.46
C LYS G 34 22.27 -29.68 19.29
N VAL G 35 21.69 -30.87 19.22
CA VAL G 35 22.43 -32.11 19.00
C VAL G 35 22.17 -32.57 17.57
N PHE G 36 23.24 -32.77 16.81
CA PHE G 36 23.15 -33.20 15.43
C PHE G 36 23.70 -34.61 15.28
N LYS G 37 23.13 -35.36 14.36
CA LYS G 37 23.55 -36.72 14.09
C LYS G 37 23.95 -36.87 12.64
N LEU G 38 24.86 -37.80 12.38
CA LEU G 38 25.36 -38.09 11.04
C LEU G 38 24.77 -39.41 10.59
N ASP G 39 23.83 -39.35 9.64
CA ASP G 39 23.26 -40.56 9.10
C ASP G 39 24.25 -41.27 8.19
N LYS G 40 24.28 -42.61 8.28
CA LYS G 40 25.21 -43.38 7.47
C LYS G 40 24.77 -43.46 6.01
N ASP G 41 23.50 -43.20 5.72
CA ASP G 41 22.98 -43.26 4.36
C ASP G 41 23.03 -41.91 3.66
N THR G 42 22.48 -40.87 4.30
CA THR G 42 22.44 -39.55 3.68
C THR G 42 23.82 -38.87 3.70
N SER G 43 24.65 -39.21 4.69
CA SER G 43 25.98 -38.61 4.89
C SER G 43 25.91 -37.10 5.02
N ASN G 44 24.92 -36.61 5.77
CA ASN G 44 24.77 -35.19 6.04
C ASN G 44 24.33 -35.00 7.48
N TRP G 45 24.70 -33.85 8.05
CA TRP G 45 24.44 -33.57 9.46
C TRP G 45 23.00 -33.12 9.62
N GLU G 46 22.19 -33.94 10.29
CA GLU G 46 20.78 -33.65 10.51
C GLU G 46 20.53 -33.43 12.00
N LEU G 47 19.61 -32.52 12.31
CA LEU G 47 19.33 -32.17 13.70
C LEU G 47 18.57 -33.30 14.38
N SER G 48 19.00 -33.65 15.60
CA SER G 48 18.31 -34.64 16.41
C SER G 48 17.38 -34.01 17.43
N ASP G 49 17.85 -33.02 18.18
CA ASP G 49 17.00 -32.31 19.13
C ASP G 49 17.58 -30.93 19.38
N SER G 50 16.68 -29.97 19.60
CA SER G 50 17.05 -28.62 20.01
C SER G 50 16.13 -28.18 21.13
N TRP G 51 16.71 -27.74 22.24
CA TRP G 51 15.92 -27.36 23.40
C TRP G 51 16.60 -26.22 24.14
N ARG G 52 15.79 -25.41 24.82
CA ARG G 52 16.31 -24.32 25.63
C ARG G 52 16.86 -24.88 26.93
N ALA G 53 18.05 -24.43 27.31
CA ALA G 53 18.76 -24.99 28.46
C ALA G 53 18.91 -23.99 29.60
N HIS G 54 19.50 -22.83 29.34
CA HIS G 54 19.85 -21.89 30.38
C HIS G 54 19.14 -20.56 30.17
N ASP G 55 19.35 -19.64 31.12
CA ASP G 55 18.84 -18.28 31.04
C ASP G 55 19.89 -17.29 30.55
N SER G 56 21.07 -17.76 30.19
CA SER G 56 22.13 -16.91 29.66
C SER G 56 22.82 -17.66 28.54
N SER G 57 23.91 -17.09 28.03
CA SER G 57 24.61 -17.67 26.89
C SER G 57 25.39 -18.90 27.34
N ILE G 58 25.06 -20.06 26.76
CA ILE G 58 25.80 -21.27 27.02
C ILE G 58 27.14 -21.21 26.32
N VAL G 59 28.23 -21.41 27.07
CA VAL G 59 29.58 -21.21 26.55
C VAL G 59 30.43 -22.46 26.61
N ALA G 60 29.98 -23.52 27.29
CA ALA G 60 30.77 -24.75 27.36
C ALA G 60 29.83 -25.93 27.61
N ILE G 61 29.94 -26.94 26.74
CA ILE G 61 29.21 -28.19 26.90
C ILE G 61 30.19 -29.34 26.67
N ASP G 62 29.89 -30.49 27.26
CA ASP G 62 30.75 -31.65 27.12
C ASP G 62 29.93 -32.92 27.18
N TRP G 63 30.38 -33.93 26.44
CA TRP G 63 29.77 -35.25 26.46
C TRP G 63 30.40 -36.11 27.55
N ALA G 64 29.60 -37.00 28.11
CA ALA G 64 30.10 -37.99 29.05
C ALA G 64 30.60 -39.21 28.31
N SER G 65 31.24 -40.12 29.05
CA SER G 65 31.65 -41.38 28.47
C SER G 65 30.44 -42.22 28.10
N PRO G 66 30.49 -42.95 26.98
CA PRO G 66 29.31 -43.72 26.55
C PRO G 66 29.01 -44.93 27.41
N GLU G 67 29.90 -45.32 28.33
CA GLU G 67 29.61 -46.40 29.25
C GLU G 67 28.75 -45.98 30.43
N TYR G 68 28.56 -44.67 30.62
CA TYR G 68 27.66 -44.15 31.63
C TYR G 68 26.33 -43.70 31.06
N GLY G 69 26.15 -43.79 29.74
CA GLY G 69 24.91 -43.41 29.09
C GLY G 69 25.13 -42.27 28.10
N ARG G 70 24.09 -41.45 27.95
CA ARG G 70 24.12 -40.27 27.08
C ARG G 70 23.87 -39.05 27.96
N ILE G 71 24.94 -38.48 28.49
CA ILE G 71 24.86 -37.34 29.41
C ILE G 71 25.62 -36.18 28.78
N ILE G 72 24.98 -35.02 28.72
CA ILE G 72 25.59 -33.79 28.25
C ILE G 72 25.54 -32.77 29.38
N ALA G 73 26.71 -32.29 29.79
CA ALA G 73 26.78 -31.17 30.72
C ALA G 73 26.79 -29.86 29.94
N SER G 74 26.48 -28.78 30.64
CA SER G 74 26.33 -27.49 29.98
C SER G 74 26.62 -26.37 30.97
N ALA G 75 27.63 -25.56 30.65
CA ALA G 75 27.98 -24.39 31.46
C ALA G 75 27.55 -23.13 30.74
N SER G 76 26.94 -22.21 31.49
CA SER G 76 26.51 -20.93 30.93
C SER G 76 26.89 -19.81 31.88
N TYR G 77 26.60 -18.59 31.46
CA TYR G 77 26.96 -17.41 32.23
C TYR G 77 26.00 -17.13 33.38
N ASP G 78 24.91 -17.89 33.51
CA ASP G 78 23.99 -17.76 34.63
C ASP G 78 24.39 -18.59 35.84
N LYS G 79 25.68 -18.93 35.96
CA LYS G 79 26.27 -19.54 37.16
C LYS G 79 25.68 -20.92 37.47
N THR G 80 25.33 -21.68 36.44
CA THR G 80 24.72 -22.99 36.62
C THR G 80 25.35 -23.99 35.68
N VAL G 81 25.41 -25.25 36.11
CA VAL G 81 25.73 -26.38 35.26
C VAL G 81 24.54 -27.31 35.27
N LYS G 82 24.00 -27.60 34.10
CA LYS G 82 22.85 -28.48 33.97
C LYS G 82 23.25 -29.76 33.23
N LEU G 83 22.77 -30.88 33.74
CA LEU G 83 23.10 -32.20 33.20
C LEU G 83 21.90 -32.74 32.45
N TRP G 84 22.13 -33.26 31.26
CA TRP G 84 21.05 -33.61 30.34
C TRP G 84 21.20 -35.08 29.94
N GLU G 85 20.26 -35.90 30.37
CA GLU G 85 20.19 -37.31 29.99
C GLU G 85 19.15 -37.49 28.90
N GLU G 86 19.41 -38.44 27.99
CA GLU G 86 18.56 -38.66 26.84
C GLU G 86 17.70 -39.90 27.07
N ASP G 87 16.39 -39.73 26.96
CA ASP G 87 15.47 -40.86 26.92
C ASP G 87 15.10 -41.17 25.48
N PRO G 88 15.44 -42.35 24.96
CA PRO G 88 15.22 -42.62 23.53
C PRO G 88 13.76 -42.78 23.13
N ASP G 89 12.83 -42.89 24.09
CA ASP G 89 11.41 -42.99 23.78
C ASP G 89 10.75 -41.61 23.69
N GLN G 90 11.35 -40.73 22.89
CA GLN G 90 10.80 -39.41 22.62
C GLN G 90 11.09 -39.06 21.17
N GLU G 91 10.28 -38.15 20.62
CA GLU G 91 10.40 -37.79 19.21
C GLU G 91 11.58 -36.85 19.00
N GLU G 92 12.25 -37.03 17.87
CA GLU G 92 13.33 -36.14 17.48
C GLU G 92 12.78 -34.77 17.07
N CYS G 93 13.62 -33.74 17.29
CA CYS G 93 13.29 -32.33 17.02
C CYS G 93 12.02 -31.90 17.74
N SER G 94 11.89 -32.30 19.01
CA SER G 94 10.71 -31.98 19.80
C SER G 94 11.01 -31.19 21.07
N GLY G 95 12.25 -31.17 21.52
CA GLY G 95 12.60 -30.47 22.75
C GLY G 95 12.50 -31.31 24.00
N ARG G 96 11.96 -32.54 23.91
CA ARG G 96 11.85 -33.44 25.04
C ARG G 96 12.73 -34.67 24.92
N ARG G 97 13.65 -34.68 23.95
CA ARG G 97 14.51 -35.84 23.76
C ARG G 97 15.59 -35.94 24.83
N TRP G 98 15.96 -34.82 25.45
CA TRP G 98 17.01 -34.78 26.45
C TRP G 98 16.41 -34.25 27.74
N ASN G 99 16.44 -35.07 28.79
CA ASN G 99 15.81 -34.74 30.06
C ASN G 99 16.84 -34.18 31.03
N LYS G 100 16.44 -33.18 31.79
CA LYS G 100 17.31 -32.54 32.77
C LYS G 100 17.54 -33.47 33.96
N LEU G 101 18.76 -33.45 34.49
CA LEU G 101 19.15 -34.29 35.61
C LEU G 101 19.40 -33.50 36.88
N CYS G 102 20.24 -32.47 36.83
CA CYS G 102 20.61 -31.73 38.02
C CYS G 102 20.95 -30.30 37.65
N THR G 103 20.92 -29.43 38.66
CA THR G 103 21.42 -28.06 38.54
C THR G 103 22.48 -27.86 39.62
N LEU G 104 23.68 -27.48 39.20
CA LEU G 104 24.80 -27.28 40.12
C LEU G 104 24.90 -25.79 40.40
N ASN G 105 24.28 -25.35 41.49
CA ASN G 105 24.15 -23.94 41.83
C ASN G 105 25.25 -23.45 42.76
N ASP G 106 26.28 -24.26 43.00
CA ASP G 106 27.32 -23.90 43.96
C ASP G 106 28.24 -22.79 43.45
N SER G 107 28.26 -22.54 42.14
CA SER G 107 29.19 -21.58 41.57
C SER G 107 28.68 -20.16 41.79
N LYS G 108 29.46 -19.36 42.49
CA LYS G 108 29.18 -17.93 42.63
C LYS G 108 29.90 -17.11 41.56
N GLY G 109 29.70 -17.49 40.31
CA GLY G 109 30.38 -16.85 39.21
C GLY G 109 30.03 -17.49 37.88
N SER G 110 30.10 -16.71 36.80
CA SER G 110 29.71 -17.20 35.48
C SER G 110 30.72 -18.23 34.99
N LEU G 111 30.25 -19.44 34.72
CA LEU G 111 31.14 -20.56 34.42
C LEU G 111 31.59 -20.53 32.97
N TYR G 112 32.85 -20.90 32.75
CA TYR G 112 33.49 -20.79 31.45
C TYR G 112 33.78 -22.13 30.80
N SER G 113 34.19 -23.13 31.55
CA SER G 113 34.56 -24.43 30.99
C SER G 113 34.04 -25.56 31.87
N VAL G 114 33.53 -26.60 31.23
CA VAL G 114 33.15 -27.85 31.89
C VAL G 114 33.68 -29.02 31.07
N LYS G 115 34.42 -29.90 31.71
CA LYS G 115 34.95 -31.10 31.07
C LYS G 115 34.68 -32.31 31.95
N PHE G 116 34.14 -33.36 31.36
CA PHE G 116 33.96 -34.63 32.06
C PHE G 116 35.31 -35.32 32.26
N ALA G 117 35.40 -36.06 33.36
CA ALA G 117 36.61 -36.83 33.64
C ALA G 117 36.66 -38.05 32.72
N PRO G 118 37.85 -38.65 32.57
CA PRO G 118 37.92 -39.95 31.89
C PRO G 118 37.15 -41.02 32.67
N ALA G 119 36.69 -42.04 31.92
CA ALA G 119 35.75 -43.02 32.46
C ALA G 119 36.33 -43.87 33.57
N HIS G 120 37.65 -44.01 33.65
CA HIS G 120 38.26 -44.82 34.71
C HIS G 120 38.28 -44.12 36.05
N LEU G 121 38.01 -42.81 36.09
CA LEU G 121 37.94 -42.07 37.34
C LEU G 121 36.53 -41.97 37.89
N GLY G 122 35.55 -42.52 37.20
CA GLY G 122 34.16 -42.40 37.59
C GLY G 122 33.42 -41.37 36.77
N LEU G 123 32.19 -41.09 37.19
CA LEU G 123 31.38 -40.06 36.55
C LEU G 123 31.61 -38.72 37.23
N LYS G 124 32.84 -38.23 37.10
CA LYS G 124 33.21 -36.94 37.68
C LYS G 124 32.97 -35.82 36.68
N LEU G 125 33.27 -34.59 37.10
CA LEU G 125 33.04 -33.41 36.29
C LEU G 125 33.94 -32.30 36.83
N ALA G 126 34.19 -31.29 36.00
CA ALA G 126 35.01 -30.15 36.39
C ALA G 126 34.30 -28.86 36.01
N CYS G 127 34.50 -27.83 36.83
CA CYS G 127 33.91 -26.52 36.61
C CYS G 127 34.98 -25.44 36.79
N LEU G 128 34.85 -24.36 36.04
CA LEU G 128 35.75 -23.22 36.19
C LEU G 128 35.06 -21.96 35.71
N GLY G 129 34.94 -20.96 36.57
CA GLY G 129 34.26 -19.73 36.23
C GLY G 129 35.05 -18.49 36.58
N ASN G 130 34.39 -17.32 36.53
CA ASN G 130 35.06 -16.06 36.85
C ASN G 130 35.00 -15.75 38.35
N ASP G 131 35.38 -16.74 39.14
CA ASP G 131 35.60 -16.57 40.58
C ASP G 131 36.87 -17.27 41.05
N GLY G 132 37.60 -17.94 40.16
CA GLY G 132 38.84 -18.58 40.51
C GLY G 132 38.71 -19.92 41.19
N ILE G 133 37.53 -20.52 41.20
CA ILE G 133 37.28 -21.74 41.96
C ILE G 133 37.08 -22.89 40.99
N LEU G 134 37.88 -23.93 41.15
CA LEU G 134 37.75 -25.18 40.40
C LEU G 134 36.93 -26.15 41.24
N ARG G 135 35.79 -26.58 40.69
CA ARG G 135 34.86 -27.44 41.42
C ARG G 135 34.73 -28.78 40.73
N LEU G 136 34.81 -29.86 41.50
CA LEU G 136 34.67 -31.22 41.00
C LEU G 136 33.41 -31.86 41.59
N TYR G 137 32.55 -32.38 40.71
CA TYR G 137 31.29 -32.98 41.11
C TYR G 137 31.31 -34.45 40.72
N ASP G 138 30.97 -35.33 41.67
CA ASP G 138 30.94 -36.76 41.43
C ASP G 138 29.52 -37.29 41.55
N ALA G 139 29.19 -38.28 40.73
CA ALA G 139 27.90 -38.97 40.80
C ALA G 139 28.08 -40.25 41.61
N LEU G 140 28.09 -40.10 42.93
CA LEU G 140 28.38 -41.21 43.83
C LEU G 140 27.18 -42.12 44.07
N GLU G 141 25.96 -41.70 43.72
CA GLU G 141 24.79 -42.54 43.89
C GLU G 141 24.48 -43.25 42.59
N PRO G 142 24.55 -44.59 42.55
CA PRO G 142 24.34 -45.29 41.27
C PRO G 142 22.88 -45.45 40.88
N SER G 143 21.94 -45.32 41.82
CA SER G 143 20.53 -45.56 41.50
C SER G 143 19.97 -44.46 40.62
N ASP G 144 20.23 -43.20 40.97
CA ASP G 144 19.79 -42.06 40.19
C ASP G 144 20.96 -41.13 39.93
N LEU G 145 21.05 -40.65 38.69
CA LEU G 145 22.08 -39.68 38.33
C LEU G 145 21.56 -38.25 38.46
N ARG G 146 20.96 -37.95 39.62
CA ARG G 146 20.50 -36.61 39.92
C ARG G 146 21.13 -36.05 41.19
N SER G 147 21.93 -36.82 41.89
CA SER G 147 22.59 -36.37 43.12
C SER G 147 24.08 -36.34 42.84
N TRP G 148 24.56 -35.21 42.35
CA TRP G 148 25.97 -35.00 42.06
C TRP G 148 26.57 -34.22 43.23
N THR G 149 27.50 -34.87 43.94
CA THR G 149 28.06 -34.30 45.16
C THR G 149 29.39 -33.62 44.85
N LEU G 150 29.56 -32.42 45.40
CA LEU G 150 30.83 -31.71 45.25
C LEU G 150 31.89 -32.40 46.09
N THR G 151 33.03 -32.73 45.45
CA THR G 151 34.12 -33.43 46.11
C THR G 151 35.31 -32.53 46.38
N SER G 152 35.82 -31.85 45.35
CA SER G 152 36.97 -30.98 45.48
C SER G 152 36.59 -29.56 45.11
N GLU G 153 37.21 -28.59 45.79
CA GLU G 153 36.92 -27.17 45.57
C GLU G 153 38.21 -26.40 45.80
N MET G 154 38.94 -26.15 44.72
CA MET G 154 40.21 -25.46 44.78
C MET G 154 40.01 -23.96 44.57
N LYS G 155 41.11 -23.21 44.58
CA LYS G 155 41.09 -21.76 44.37
C LYS G 155 42.26 -21.41 43.46
N VAL G 156 41.99 -21.39 42.15
CA VAL G 156 43.04 -21.10 41.18
C VAL G 156 43.45 -19.63 41.25
N LEU G 157 42.49 -18.73 41.40
CA LEU G 157 42.75 -17.31 41.51
C LEU G 157 42.49 -16.84 42.93
N SER G 158 43.30 -15.88 43.39
CA SER G 158 43.12 -15.36 44.75
C SER G 158 41.86 -14.53 44.87
N ILE G 159 41.60 -13.66 43.89
CA ILE G 159 40.40 -12.84 43.87
C ILE G 159 39.73 -13.02 42.52
N PRO G 160 38.40 -12.87 42.42
CA PRO G 160 37.75 -12.96 41.11
C PRO G 160 38.16 -11.81 40.21
N PRO G 161 38.19 -12.00 38.90
CA PRO G 161 38.51 -10.91 37.98
C PRO G 161 37.43 -9.83 38.00
N ALA G 162 37.84 -8.62 37.62
CA ALA G 162 36.95 -7.48 37.67
C ALA G 162 35.85 -7.59 36.62
N ASN G 163 34.85 -6.71 36.76
CA ASN G 163 33.66 -6.76 35.91
C ASN G 163 33.98 -6.41 34.46
N HIS G 164 34.88 -5.45 34.25
CA HIS G 164 35.14 -4.88 32.94
C HIS G 164 36.32 -5.51 32.21
N LEU G 165 37.08 -6.38 32.88
CA LEU G 165 38.22 -7.02 32.26
C LEU G 165 37.81 -8.36 31.71
N GLN G 166 38.27 -8.68 30.50
CA GLN G 166 37.95 -9.99 29.94
C GLN G 166 38.78 -11.06 30.62
N SER G 167 38.25 -12.28 30.62
CA SER G 167 38.89 -13.40 31.27
C SER G 167 38.55 -14.66 30.50
N ASP G 168 39.45 -15.65 30.57
CA ASP G 168 39.21 -16.93 29.94
C ASP G 168 39.73 -18.04 30.84
N PHE G 169 38.96 -19.12 30.89
CA PHE G 169 39.27 -20.29 31.71
C PHE G 169 39.05 -21.54 30.88
N CYS G 170 40.03 -22.43 30.87
CA CYS G 170 39.96 -23.67 30.12
C CYS G 170 40.38 -24.83 31.00
N LEU G 171 39.85 -26.00 30.68
CA LEU G 171 40.08 -27.22 31.45
C LEU G 171 40.53 -28.32 30.50
N SER G 172 41.33 -29.24 31.04
CA SER G 172 41.77 -30.40 30.26
C SER G 172 42.18 -31.51 31.22
N TRP G 173 41.54 -32.66 31.10
CA TRP G 173 41.88 -33.83 31.89
C TRP G 173 43.01 -34.62 31.22
N CYS G 174 43.59 -35.54 31.98
CA CYS G 174 44.60 -36.42 31.43
C CYS G 174 43.93 -37.74 31.09
N PRO G 175 43.81 -38.11 29.80
CA PRO G 175 43.10 -39.34 29.41
C PRO G 175 43.98 -40.58 29.45
N SER G 176 44.67 -40.78 30.56
CA SER G 176 45.54 -41.94 30.76
C SER G 176 45.12 -42.63 32.04
N ARG G 177 44.78 -43.92 31.95
CA ARG G 177 44.40 -44.71 33.11
C ARG G 177 45.60 -45.38 33.77
N PHE G 178 46.81 -45.10 33.29
CA PHE G 178 48.03 -45.67 33.82
C PHE G 178 48.89 -44.61 34.52
N SER G 179 48.29 -43.49 34.85
CA SER G 179 48.94 -42.37 35.52
C SER G 179 47.96 -41.85 36.57
N PRO G 180 48.46 -41.17 37.61
CA PRO G 180 47.55 -40.56 38.59
C PRO G 180 46.67 -39.48 37.98
N GLU G 181 45.57 -39.22 38.67
CA GLU G 181 44.56 -38.28 38.20
C GLU G 181 45.11 -36.85 38.12
N LYS G 182 45.08 -36.29 36.92
CA LYS G 182 45.59 -34.95 36.67
C LYS G 182 44.51 -34.12 35.99
N LEU G 183 44.67 -32.80 36.08
CA LEU G 183 43.71 -31.86 35.50
C LEU G 183 44.47 -30.59 35.14
N ALA G 184 44.62 -30.34 33.84
CA ALA G 184 45.27 -29.12 33.37
C ALA G 184 44.27 -27.97 33.49
N VAL G 185 44.56 -27.03 34.38
CA VAL G 185 43.66 -25.93 34.70
C VAL G 185 44.35 -24.63 34.29
N SER G 186 43.68 -23.84 33.47
CA SER G 186 44.19 -22.55 33.03
C SER G 186 43.46 -21.43 33.75
N ALA G 187 44.22 -20.58 34.43
CA ALA G 187 43.75 -19.31 34.97
C ALA G 187 43.71 -18.27 33.86
N LEU G 188 43.68 -16.99 34.23
CA LEU G 188 43.81 -15.91 33.25
C LEU G 188 45.09 -16.07 32.44
N GLU G 189 46.24 -15.98 33.08
CA GLU G 189 47.52 -16.17 32.42
C GLU G 189 48.37 -17.26 33.06
N GLN G 190 47.77 -18.09 33.92
CA GLN G 190 48.48 -19.14 34.63
C GLN G 190 47.92 -20.49 34.21
N ALA G 191 48.81 -21.43 33.89
CA ALA G 191 48.43 -22.79 33.56
C ALA G 191 48.99 -23.72 34.64
N ILE G 192 48.09 -24.48 35.27
CA ILE G 192 48.43 -25.35 36.39
C ILE G 192 48.06 -26.78 36.05
N ILE G 193 48.96 -27.71 36.34
CA ILE G 193 48.65 -29.13 36.33
C ILE G 193 48.43 -29.57 37.76
N TYR G 194 47.27 -30.18 38.02
CA TYR G 194 46.94 -30.68 39.35
C TYR G 194 47.19 -32.18 39.43
N GLN G 195 47.20 -32.69 40.66
CA GLN G 195 47.23 -34.13 40.90
C GLN G 195 46.38 -34.46 42.12
N ARG G 196 45.84 -35.68 42.11
CA ARG G 196 45.10 -36.21 43.25
C ARG G 196 46.11 -36.92 44.16
N GLY G 197 46.33 -36.36 45.34
CA GLY G 197 47.29 -36.91 46.26
C GLY G 197 46.78 -38.13 47.00
N LYS G 198 47.64 -38.65 47.89
CA LYS G 198 47.28 -39.82 48.68
C LYS G 198 46.23 -39.52 49.73
N ASP G 199 46.03 -38.25 50.08
CA ASP G 199 45.03 -37.83 51.04
C ASP G 199 43.65 -37.64 50.42
N GLY G 200 43.51 -37.86 49.11
CA GLY G 200 42.25 -37.68 48.44
C GLY G 200 41.92 -36.25 48.07
N LYS G 201 42.89 -35.34 48.13
CA LYS G 201 42.69 -33.95 47.81
C LYS G 201 43.58 -33.55 46.63
N LEU G 202 43.09 -32.62 45.83
CA LEU G 202 43.87 -32.13 44.70
C LEU G 202 45.01 -31.24 45.18
N HIS G 203 46.17 -31.40 44.56
CA HIS G 203 47.36 -30.63 44.90
C HIS G 203 47.97 -30.06 43.63
N VAL G 204 48.61 -28.88 43.77
CA VAL G 204 49.31 -28.28 42.66
C VAL G 204 50.56 -29.10 42.35
N ALA G 205 50.62 -29.65 41.14
CA ALA G 205 51.68 -30.58 40.77
C ALA G 205 52.76 -29.94 39.91
N ALA G 206 52.36 -29.24 38.86
CA ALA G 206 53.32 -28.53 38.01
C ALA G 206 52.65 -27.29 37.43
N LYS G 207 53.46 -26.33 37.03
CA LYS G 207 53.00 -25.09 36.42
C LYS G 207 53.69 -24.91 35.07
N LEU G 208 52.90 -24.75 34.03
CA LEU G 208 53.45 -24.50 32.71
C LEU G 208 53.87 -23.04 32.61
N PRO G 209 55.14 -22.74 32.34
CA PRO G 209 55.61 -21.37 32.36
C PRO G 209 55.31 -20.65 31.04
N GLY G 210 55.76 -19.41 30.96
CA GLY G 210 55.48 -18.57 29.81
C GLY G 210 54.16 -17.85 29.98
N HIS G 211 53.35 -17.83 28.92
CA HIS G 211 51.96 -17.37 28.93
C HIS G 211 51.86 -15.92 29.39
N LYS G 212 52.41 -15.03 28.54
CA LYS G 212 52.45 -13.61 28.85
C LYS G 212 51.09 -12.93 28.81
N SER G 213 50.08 -13.59 28.24
CA SER G 213 48.74 -13.00 28.12
C SER G 213 47.72 -14.09 28.40
N LEU G 214 46.46 -13.84 28.04
CA LEU G 214 45.37 -14.73 28.38
C LEU G 214 45.48 -16.05 27.64
N ILE G 215 45.12 -17.14 28.32
CA ILE G 215 45.15 -18.48 27.74
C ILE G 215 43.74 -18.80 27.25
N ARG G 216 43.61 -19.05 25.95
CA ARG G 216 42.30 -19.28 25.37
C ARG G 216 41.89 -20.74 25.36
N SER G 217 42.84 -21.66 25.22
CA SER G 217 42.48 -23.07 25.10
C SER G 217 43.64 -23.94 25.55
N ILE G 218 43.31 -25.00 26.29
CA ILE G 218 44.26 -26.01 26.76
C ILE G 218 43.76 -27.36 26.28
N SER G 219 44.64 -28.14 25.65
CA SER G 219 44.28 -29.47 25.16
C SER G 219 45.39 -30.45 25.50
N TRP G 220 45.04 -31.48 26.28
CA TRP G 220 45.98 -32.53 26.62
C TRP G 220 46.00 -33.52 25.46
N ALA G 221 47.19 -33.89 24.99
CA ALA G 221 47.26 -34.84 23.88
C ALA G 221 46.91 -36.24 24.39
N PRO G 222 46.17 -37.02 23.61
CA PRO G 222 45.74 -38.35 24.07
C PRO G 222 46.93 -39.29 24.28
N SER G 223 46.89 -40.02 25.37
CA SER G 223 47.96 -40.94 25.75
C SER G 223 47.87 -42.18 24.86
N ILE G 224 48.70 -42.20 23.82
CA ILE G 224 48.71 -43.32 22.88
C ILE G 224 49.63 -44.44 23.33
N GLY G 225 50.48 -44.20 24.32
CA GLY G 225 51.41 -45.21 24.79
C GLY G 225 52.83 -44.69 24.90
N ARG G 226 53.04 -43.46 24.44
CA ARG G 226 54.34 -42.82 24.54
C ARG G 226 54.66 -42.46 25.99
N TRP G 227 55.95 -42.28 26.26
CA TRP G 227 56.41 -42.05 27.62
C TRP G 227 56.36 -40.59 28.03
N TYR G 228 55.93 -39.69 27.14
CA TYR G 228 55.83 -38.27 27.45
C TYR G 228 54.41 -37.78 27.17
N GLN G 229 53.90 -36.96 28.09
CA GLN G 229 52.60 -36.31 27.91
C GLN G 229 52.79 -34.96 27.23
N LEU G 230 51.88 -34.62 26.33
CA LEU G 230 51.94 -33.38 25.57
C LEU G 230 50.72 -32.52 25.90
N ILE G 231 50.97 -31.24 26.18
CA ILE G 231 49.92 -30.25 26.41
C ILE G 231 50.06 -29.16 25.38
N ALA G 232 48.98 -28.86 24.67
CA ALA G 232 48.93 -27.76 23.73
C ALA G 232 48.23 -26.57 24.36
N THR G 233 48.72 -25.36 24.05
CA THR G 233 48.20 -24.15 24.66
C THR G 233 48.06 -23.06 23.60
N GLY G 234 46.87 -22.49 23.50
CA GLY G 234 46.63 -21.31 22.68
C GLY G 234 46.47 -20.09 23.58
N CYS G 235 47.25 -19.06 23.28
CA CYS G 235 47.32 -17.86 24.11
C CYS G 235 46.69 -16.67 23.40
N LYS G 236 46.51 -15.59 24.17
CA LYS G 236 46.14 -14.31 23.58
C LYS G 236 47.27 -13.70 22.75
N ASP G 237 48.50 -14.16 22.97
CA ASP G 237 49.59 -13.88 22.05
C ASP G 237 49.45 -14.78 20.83
N GLY G 238 50.45 -14.75 19.94
CA GLY G 238 50.40 -15.58 18.76
C GLY G 238 51.02 -16.93 18.99
N ARG G 239 51.18 -17.32 20.25
CA ARG G 239 52.01 -18.44 20.63
C ARG G 239 51.18 -19.72 20.76
N ILE G 240 51.63 -20.78 20.09
CA ILE G 240 51.10 -22.11 20.31
C ILE G 240 52.15 -22.93 21.07
N ARG G 241 52.08 -22.92 22.40
CA ARG G 241 53.09 -23.56 23.22
C ARG G 241 52.72 -25.02 23.45
N ILE G 242 53.64 -25.91 23.09
CA ILE G 242 53.49 -27.35 23.29
C ILE G 242 54.46 -27.79 24.37
N PHE G 243 53.93 -28.27 25.49
CA PHE G 243 54.73 -28.67 26.64
C PHE G 243 54.90 -30.18 26.66
N LYS G 244 56.12 -30.64 26.88
CA LYS G 244 56.43 -32.06 27.01
C LYS G 244 56.54 -32.41 28.49
N ILE G 245 55.60 -33.22 28.97
CA ILE G 245 55.50 -33.59 30.37
C ILE G 245 55.96 -35.03 30.53
N THR G 246 56.97 -35.24 31.38
CA THR G 246 57.52 -36.55 31.69
C THR G 246 57.26 -36.86 33.16
N GLU G 247 56.74 -38.04 33.43
CA GLU G 247 56.38 -38.44 34.79
C GLU G 247 57.18 -39.68 35.19
N LYS G 248 57.65 -39.68 36.43
CA LYS G 248 58.45 -40.79 36.96
C LYS G 248 57.94 -41.23 38.32
N ALA G 286 55.90 -34.48 48.11
CA ALA G 286 55.13 -34.59 49.35
C ALA G 286 53.64 -34.73 49.06
N GLU G 287 53.08 -35.88 49.45
CA GLU G 287 51.68 -36.22 49.28
C GLU G 287 51.25 -36.20 47.80
N LEU G 288 52.16 -36.62 46.93
CA LEU G 288 51.85 -36.89 45.53
C LEU G 288 52.41 -38.25 45.15
N GLN G 289 51.72 -38.92 44.22
CA GLN G 289 52.11 -40.27 43.84
C GLN G 289 53.41 -40.29 43.07
N SER G 290 53.61 -39.32 42.18
CA SER G 290 54.82 -39.27 41.36
C SER G 290 55.06 -37.85 40.90
N ASN G 291 56.30 -37.39 41.03
CA ASN G 291 56.66 -36.06 40.54
C ASN G 291 56.75 -36.06 39.02
N LEU G 292 56.70 -34.86 38.45
CA LEU G 292 56.60 -34.70 37.00
C LEU G 292 57.24 -33.37 36.61
N GLN G 293 57.90 -33.38 35.45
CA GLN G 293 58.66 -32.23 34.97
C GLN G 293 58.02 -31.67 33.70
N VAL G 294 58.25 -30.38 33.48
CA VAL G 294 57.65 -29.65 32.36
C VAL G 294 58.78 -29.09 31.51
N GLU G 295 58.77 -29.41 30.22
CA GLU G 295 59.74 -28.89 29.26
C GLU G 295 58.98 -28.32 28.07
N LEU G 296 59.23 -27.06 27.74
CA LEU G 296 58.60 -26.41 26.60
C LEU G 296 59.21 -26.97 25.32
N LEU G 297 58.47 -27.86 24.65
CA LEU G 297 58.97 -28.51 23.45
C LEU G 297 59.10 -27.53 22.29
N SER G 298 58.06 -26.73 22.05
CA SER G 298 58.07 -25.82 20.91
C SER G 298 57.15 -24.64 21.19
N GLU G 299 57.36 -23.57 20.41
CA GLU G 299 56.58 -22.35 20.53
C GLU G 299 56.57 -21.67 19.17
N HIS G 300 55.39 -21.48 18.61
CA HIS G 300 55.22 -21.03 17.23
C HIS G 300 54.44 -19.72 17.19
N ASP G 301 54.89 -18.80 16.34
CA ASP G 301 54.27 -17.49 16.18
C ASP G 301 53.62 -17.32 14.81
N ASP G 302 53.10 -18.40 14.24
CA ASP G 302 52.65 -18.37 12.85
C ASP G 302 51.32 -17.67 12.64
N HIS G 303 50.53 -17.46 13.70
CA HIS G 303 49.19 -16.94 13.52
C HIS G 303 49.12 -15.43 13.43
N ASN G 304 50.08 -14.73 14.06
CA ASN G 304 50.12 -13.26 14.12
C ASN G 304 48.82 -12.68 14.70
N GLY G 305 48.28 -13.34 15.71
CA GLY G 305 47.04 -12.93 16.31
C GLY G 305 46.83 -13.56 17.68
N GLU G 306 45.61 -14.00 17.96
CA GLU G 306 45.30 -14.75 19.18
C GLU G 306 44.87 -16.16 18.78
N VAL G 307 45.55 -17.16 19.32
CA VAL G 307 45.19 -18.55 19.07
C VAL G 307 43.96 -18.86 19.92
N TRP G 308 42.79 -18.88 19.28
CA TRP G 308 41.55 -18.99 20.03
C TRP G 308 41.29 -20.42 20.51
N SER G 309 41.56 -21.41 19.67
CA SER G 309 41.36 -22.80 20.05
C SER G 309 42.55 -23.63 19.60
N VAL G 310 42.87 -24.65 20.39
CA VAL G 310 43.83 -25.68 19.98
C VAL G 310 43.22 -27.03 20.33
N SER G 311 43.40 -28.00 19.43
CA SER G 311 42.80 -29.32 19.61
C SER G 311 43.72 -30.37 19.03
N TRP G 312 43.55 -31.59 19.50
CA TRP G 312 44.36 -32.73 19.11
C TRP G 312 43.53 -33.72 18.31
N ASN G 313 44.23 -34.70 17.74
CA ASN G 313 43.60 -35.78 17.01
C ASN G 313 43.26 -36.91 17.99
N LEU G 314 42.85 -38.06 17.48
CA LEU G 314 42.67 -39.23 18.34
C LEU G 314 44.02 -39.75 18.84
N THR G 315 45.03 -39.75 17.97
CA THR G 315 46.34 -40.26 18.31
C THR G 315 47.30 -39.18 18.79
N GLY G 316 46.86 -37.92 18.82
CA GLY G 316 47.76 -36.84 19.18
C GLY G 316 48.86 -36.58 18.18
N THR G 317 48.59 -36.76 16.89
CA THR G 317 49.57 -36.51 15.85
C THR G 317 49.28 -35.24 15.04
N ILE G 318 48.05 -34.75 15.06
CA ILE G 318 47.68 -33.53 14.34
C ILE G 318 47.19 -32.51 15.35
N LEU G 319 47.78 -31.32 15.31
CA LEU G 319 47.39 -30.20 16.17
C LEU G 319 46.69 -29.16 15.31
N SER G 320 45.42 -28.89 15.61
CA SER G 320 44.64 -27.89 14.88
C SER G 320 44.53 -26.63 15.72
N SER G 321 44.98 -25.50 15.15
CA SER G 321 44.96 -24.23 15.85
C SER G 321 44.26 -23.18 14.98
N ALA G 322 43.44 -22.36 15.61
CA ALA G 322 42.68 -21.30 14.93
C ALA G 322 43.09 -19.95 15.49
N GLY G 323 43.39 -19.00 14.59
CA GLY G 323 43.82 -17.68 15.01
C GLY G 323 43.04 -16.54 14.39
N ASP G 324 43.48 -15.30 14.63
CA ASP G 324 42.80 -14.12 14.10
C ASP G 324 43.21 -13.78 12.66
N ASP G 325 44.11 -14.55 12.04
CA ASP G 325 44.43 -14.35 10.65
C ASP G 325 43.44 -15.03 9.71
N GLY G 326 42.36 -15.58 10.24
CA GLY G 326 41.39 -16.30 9.45
C GLY G 326 41.84 -17.67 9.00
N LYS G 327 42.93 -18.19 9.56
CA LYS G 327 43.54 -19.43 9.11
C LYS G 327 43.48 -20.46 10.21
N VAL G 328 43.17 -21.70 9.83
CA VAL G 328 43.25 -22.85 10.71
C VAL G 328 44.45 -23.68 10.25
N ARG G 329 45.44 -23.82 11.13
CA ARG G 329 46.69 -24.47 10.80
C ARG G 329 46.75 -25.85 11.44
N LEU G 330 47.19 -26.83 10.66
CA LEU G 330 47.42 -28.18 11.16
C LEU G 330 48.92 -28.39 11.38
N TRP G 331 49.26 -29.06 12.47
CA TRP G 331 50.65 -29.22 12.89
C TRP G 331 50.97 -30.69 13.10
N LYS G 332 52.15 -31.11 12.66
CA LYS G 332 52.60 -32.48 12.78
C LYS G 332 54.07 -32.50 13.16
N ALA G 333 54.51 -33.62 13.75
CA ALA G 333 55.90 -33.82 14.16
C ALA G 333 56.58 -34.70 13.10
N THR G 334 57.54 -34.12 12.38
CA THR G 334 58.27 -34.82 11.33
C THR G 334 59.74 -34.92 11.68
N TYR G 335 60.27 -36.16 11.63
CA TYR G 335 61.68 -36.52 11.75
C TYR G 335 62.23 -36.38 13.17
N SER G 336 61.45 -35.78 14.07
CA SER G 336 61.84 -35.59 15.46
C SER G 336 60.59 -35.30 16.26
N ASN G 337 60.78 -34.91 17.52
CA ASN G 337 59.65 -34.54 18.37
C ASN G 337 59.19 -33.12 18.12
N GLU G 338 59.97 -32.31 17.41
CA GLU G 338 59.63 -30.92 17.15
C GLU G 338 58.47 -30.83 16.16
N PHE G 339 57.45 -30.05 16.51
CA PHE G 339 56.25 -29.93 15.69
C PHE G 339 56.47 -28.92 14.57
N LYS G 340 56.08 -29.30 13.36
CA LYS G 340 56.20 -28.45 12.19
C LYS G 340 54.83 -28.23 11.56
N CYS G 341 54.69 -27.11 10.87
CA CYS G 341 53.41 -26.75 10.28
C CYS G 341 53.12 -27.60 9.04
N MET G 342 51.88 -27.52 8.60
CA MET G 342 51.32 -28.34 7.52
C MET G 342 50.27 -27.49 6.80
N SER G 343 49.31 -28.17 6.16
CA SER G 343 48.15 -27.54 5.52
C SER G 343 47.55 -26.41 6.34
N VAL G 344 47.36 -25.27 5.69
CA VAL G 344 46.75 -24.09 6.28
C VAL G 344 45.39 -23.87 5.62
N ILE G 345 44.34 -23.81 6.43
CA ILE G 345 42.97 -23.71 5.92
C ILE G 345 42.45 -22.32 6.27
N THR G 346 42.17 -21.53 5.24
CA THR G 346 41.62 -20.19 5.43
C THR G 346 40.10 -20.23 5.39
N ALA G 347 39.49 -19.25 6.08
CA ALA G 347 38.04 -19.17 6.17
C ALA G 347 37.57 -17.72 6.07
N MET H 1 -1.45 -87.36 9.52
CA MET H 1 -0.63 -88.47 10.00
C MET H 1 -0.96 -89.75 9.25
N GLN H 2 0.00 -90.68 9.24
CA GLN H 2 -0.18 -91.97 8.61
C GLN H 2 0.39 -93.04 9.53
N PRO H 3 -0.15 -94.27 9.48
CA PRO H 3 0.44 -95.36 10.25
C PRO H 3 1.85 -95.69 9.79
N PHE H 4 2.69 -96.08 10.75
CA PHE H 4 4.07 -96.41 10.49
C PHE H 4 4.37 -97.80 11.04
N ASP H 5 5.32 -98.48 10.41
CA ASP H 5 5.70 -99.82 10.80
C ASP H 5 6.90 -99.75 11.75
N SER H 6 6.76 -100.36 12.92
CA SER H 6 7.82 -100.41 13.90
C SER H 6 8.85 -101.47 13.52
N GLY H 7 9.99 -101.42 14.19
CA GLY H 7 11.02 -102.44 14.08
C GLY H 7 10.88 -103.55 15.11
N HIS H 8 9.73 -103.63 15.79
CA HIS H 8 9.57 -104.59 16.87
C HIS H 8 9.46 -106.01 16.33
N ASP H 9 10.11 -106.94 17.03
CA ASP H 9 10.12 -108.34 16.62
C ASP H 9 8.99 -109.15 17.26
N ASP H 10 8.13 -108.51 18.06
CA ASP H 10 7.04 -109.21 18.72
C ASP H 10 5.95 -108.18 19.05
N LEU H 11 5.02 -108.57 19.93
CA LEU H 11 3.85 -107.75 20.21
C LEU H 11 4.22 -106.49 20.98
N VAL H 12 3.60 -105.38 20.60
CA VAL H 12 3.74 -104.11 21.31
C VAL H 12 2.68 -104.05 22.40
N HIS H 13 3.11 -103.82 23.64
CA HIS H 13 2.23 -103.97 24.80
C HIS H 13 1.66 -102.65 25.30
N ASP H 14 2.50 -101.64 25.53
CA ASP H 14 2.04 -100.35 26.02
C ASP H 14 2.68 -99.22 25.24
N VAL H 15 1.86 -98.32 24.73
CA VAL H 15 2.30 -97.17 23.94
C VAL H 15 1.82 -95.91 24.64
N VAL H 16 2.74 -94.99 24.92
CA VAL H 16 2.44 -93.82 25.74
C VAL H 16 3.08 -92.59 25.11
N TYR H 17 2.25 -91.56 24.90
CA TYR H 17 2.70 -90.23 24.49
C TYR H 17 3.57 -89.52 25.52
N ASP H 18 4.32 -88.53 25.02
CA ASP H 18 4.95 -87.54 25.87
C ASP H 18 3.92 -86.44 26.20
N PHE H 19 4.39 -85.36 26.82
CA PHE H 19 3.47 -84.27 27.17
C PHE H 19 3.00 -83.52 25.94
N TYR H 20 3.88 -83.27 24.98
CA TYR H 20 3.59 -82.38 23.86
C TYR H 20 3.05 -83.10 22.65
N GLY H 21 2.93 -84.43 22.70
CA GLY H 21 2.39 -85.16 21.57
C GLY H 21 3.33 -85.31 20.41
N ARG H 22 4.61 -84.98 20.57
CA ARG H 22 5.58 -85.06 19.50
C ARG H 22 6.45 -86.31 19.60
N HIS H 23 6.31 -87.10 20.66
CA HIS H 23 7.13 -88.29 20.85
C HIS H 23 6.26 -89.46 21.29
N VAL H 24 6.57 -90.64 20.77
CA VAL H 24 5.83 -91.87 21.04
C VAL H 24 6.82 -92.91 21.51
N ALA H 25 6.64 -93.43 22.72
CA ALA H 25 7.46 -94.51 23.25
C ALA H 25 6.65 -95.80 23.24
N THR H 26 7.14 -96.78 22.50
CA THR H 26 6.50 -98.08 22.37
C THR H 26 7.35 -99.13 23.07
N CYS H 27 6.81 -99.75 24.11
CA CYS H 27 7.47 -100.86 24.78
C CYS H 27 6.86 -102.17 24.30
N SER H 28 7.70 -103.18 24.13
CA SER H 28 7.27 -104.44 23.54
C SER H 28 7.86 -105.60 24.33
N SER H 29 7.42 -106.81 23.95
CA SER H 29 7.84 -108.02 24.62
C SER H 29 9.21 -108.53 24.18
N ASP H 30 9.81 -107.91 23.17
CA ASP H 30 11.11 -108.34 22.67
C ASP H 30 12.27 -107.69 23.42
N GLN H 31 12.04 -107.22 24.65
CA GLN H 31 13.00 -106.51 25.47
C GLN H 31 13.57 -105.29 24.74
N HIS H 32 12.67 -104.37 24.39
CA HIS H 32 13.05 -103.21 23.61
C HIS H 32 12.07 -102.07 23.87
N ILE H 33 12.60 -100.84 23.81
CA ILE H 33 11.80 -99.62 23.84
C ILE H 33 12.20 -98.79 22.63
N LYS H 34 11.22 -98.39 21.82
CA LYS H 34 11.47 -97.57 20.65
C LYS H 34 10.75 -96.24 20.80
N VAL H 35 11.52 -95.16 20.89
CA VAL H 35 10.98 -93.81 21.02
C VAL H 35 11.04 -93.15 19.65
N PHE H 36 9.88 -92.68 19.18
CA PHE H 36 9.76 -92.04 17.88
C PHE H 36 9.59 -90.55 18.05
N LYS H 37 9.81 -89.80 16.97
CA LYS H 37 9.64 -88.36 16.97
C LYS H 37 8.80 -87.95 15.76
N LEU H 38 8.04 -86.88 15.93
CA LEU H 38 7.15 -86.38 14.88
C LEU H 38 7.88 -85.26 14.14
N ASP H 39 8.40 -85.57 12.96
CA ASP H 39 9.06 -84.57 12.14
C ASP H 39 8.04 -83.61 11.54
N LYS H 40 8.35 -82.31 11.59
CA LYS H 40 7.48 -81.32 10.96
C LYS H 40 7.49 -81.46 9.44
N ASP H 41 8.63 -81.82 8.86
CA ASP H 41 8.70 -82.10 7.43
C ASP H 41 8.12 -83.48 7.11
N THR H 42 7.30 -83.52 6.05
CA THR H 42 6.68 -84.70 5.43
C THR H 42 5.65 -85.41 6.31
N SER H 43 5.49 -84.97 7.56
CA SER H 43 4.41 -85.41 8.47
C SER H 43 4.38 -86.92 8.66
N ASN H 44 5.56 -87.53 8.78
CA ASN H 44 5.66 -88.96 9.00
C ASN H 44 6.56 -89.25 10.18
N TRP H 45 6.35 -90.40 10.81
CA TRP H 45 7.09 -90.77 12.01
C TRP H 45 8.44 -91.38 11.66
N GLU H 46 9.49 -90.90 12.32
CA GLU H 46 10.85 -91.38 12.14
C GLU H 46 11.39 -91.88 13.48
N LEU H 47 12.13 -92.98 13.44
CA LEU H 47 12.65 -93.57 14.67
C LEU H 47 13.77 -92.71 15.23
N SER H 48 13.81 -92.56 16.56
CA SER H 48 14.86 -91.79 17.21
C SER H 48 15.81 -92.65 18.03
N ASP H 49 15.31 -93.59 18.83
CA ASP H 49 16.18 -94.51 19.54
C ASP H 49 15.46 -95.84 19.72
N SER H 50 16.25 -96.90 19.88
CA SER H 50 15.72 -98.25 20.04
C SER H 50 16.75 -99.08 20.80
N TRP H 51 16.50 -99.31 22.09
CA TRP H 51 17.50 -99.97 22.93
C TRP H 51 16.82 -101.03 23.78
N ARG H 52 17.63 -101.99 24.21
CA ARG H 52 17.17 -103.03 25.11
C ARG H 52 17.15 -102.52 26.55
N ALA H 53 16.00 -102.65 27.22
CA ALA H 53 15.79 -102.09 28.55
C ALA H 53 15.73 -103.13 29.65
N HIS H 54 15.07 -104.27 29.41
CA HIS H 54 14.86 -105.29 30.42
C HIS H 54 15.25 -106.64 29.87
N ASP H 55 15.09 -107.67 30.69
CA ASP H 55 15.39 -109.05 30.31
C ASP H 55 14.14 -109.87 30.02
N SER H 56 12.98 -109.22 29.86
CA SER H 56 11.74 -109.93 29.64
C SER H 56 10.76 -108.97 28.94
N SER H 57 9.48 -109.34 28.94
CA SER H 57 8.47 -108.52 28.30
C SER H 57 8.18 -107.27 29.12
N ILE H 58 8.36 -106.10 28.49
CA ILE H 58 8.03 -104.82 29.11
C ILE H 58 6.53 -104.61 28.94
N VAL H 59 5.80 -104.51 30.05
CA VAL H 59 4.35 -104.49 30.03
C VAL H 59 3.76 -103.11 30.30
N ALA H 60 4.57 -102.15 30.75
CA ALA H 60 4.06 -100.81 31.01
C ALA H 60 5.15 -99.79 30.76
N ILE H 61 4.74 -98.57 30.44
CA ILE H 61 5.65 -97.46 30.20
C ILE H 61 4.90 -96.17 30.50
N ASP H 62 5.65 -95.13 30.87
CA ASP H 62 5.07 -93.84 31.18
C ASP H 62 6.14 -92.76 31.08
N TRP H 63 5.77 -91.62 30.50
CA TRP H 63 6.63 -90.45 30.48
C TRP H 63 6.45 -89.63 31.74
N ALA H 64 7.53 -88.99 32.17
CA ALA H 64 7.47 -88.07 33.30
C ALA H 64 6.98 -86.71 32.82
N SER H 65 6.79 -85.79 33.78
CA SER H 65 6.40 -84.43 33.44
C SER H 65 7.54 -83.74 32.71
N PRO H 66 7.22 -82.85 31.76
CA PRO H 66 8.28 -82.21 30.95
C PRO H 66 9.18 -81.27 31.73
N GLU H 67 8.76 -80.82 32.91
CA GLU H 67 9.60 -79.94 33.72
C GLU H 67 10.74 -80.68 34.39
N TYR H 68 10.63 -82.01 34.52
CA TYR H 68 11.66 -82.82 35.15
C TYR H 68 12.59 -83.48 34.16
N GLY H 69 12.43 -83.22 32.87
CA GLY H 69 13.31 -83.76 31.86
C GLY H 69 12.61 -84.78 30.98
N ARG H 70 13.41 -85.47 30.18
CA ARG H 70 12.91 -86.54 29.31
C ARG H 70 13.14 -87.86 30.02
N ILE H 71 12.19 -88.26 30.85
CA ILE H 71 12.28 -89.48 31.65
C ILE H 71 11.14 -90.41 31.27
N ILE H 72 11.47 -91.63 30.90
CA ILE H 72 10.50 -92.70 30.80
C ILE H 72 10.78 -93.71 31.90
N ALA H 73 9.76 -94.51 32.22
CA ALA H 73 9.88 -95.53 33.24
C ALA H 73 9.25 -96.81 32.72
N SER H 74 9.99 -97.91 32.78
CA SER H 74 9.56 -99.17 32.19
C SER H 74 9.45 -100.24 33.27
N ALA H 75 8.29 -100.89 33.32
CA ALA H 75 8.05 -102.02 34.20
C ALA H 75 7.90 -103.28 33.34
N SER H 76 8.53 -104.36 33.77
CA SER H 76 8.55 -105.59 32.99
C SER H 76 8.35 -106.78 33.91
N TYR H 77 8.54 -107.98 33.36
CA TYR H 77 8.41 -109.22 34.11
C TYR H 77 9.72 -109.63 34.78
N ASP H 78 10.67 -108.71 34.92
CA ASP H 78 11.90 -108.97 35.65
C ASP H 78 11.85 -108.43 37.08
N LYS H 79 10.63 -108.12 37.56
CA LYS H 79 10.39 -107.59 38.92
C LYS H 79 11.14 -106.28 39.17
N THR H 80 11.33 -105.48 38.12
CA THR H 80 12.11 -104.26 38.18
C THR H 80 11.37 -103.12 37.52
N VAL H 81 11.67 -101.89 37.95
CA VAL H 81 11.29 -100.67 37.25
C VAL H 81 12.56 -99.88 36.96
N LYS H 82 12.85 -99.67 35.69
CA LYS H 82 14.05 -98.98 35.24
C LYS H 82 13.67 -97.65 34.59
N LEU H 83 14.34 -96.58 34.99
CA LEU H 83 14.09 -95.25 34.46
C LEU H 83 15.16 -94.91 33.42
N TRP H 84 14.78 -94.11 32.42
CA TRP H 84 15.67 -93.76 31.33
C TRP H 84 15.62 -92.26 31.06
N GLU H 85 16.77 -91.60 31.14
CA GLU H 85 16.90 -90.18 30.84
C GLU H 85 17.59 -90.01 29.50
N GLU H 86 17.03 -89.15 28.65
CA GLU H 86 17.54 -88.98 27.30
C GLU H 86 18.79 -88.12 27.31
N ASP H 87 19.84 -88.59 26.66
CA ASP H 87 21.05 -87.79 26.45
C ASP H 87 21.10 -87.32 25.00
N PRO H 88 20.88 -86.02 24.74
CA PRO H 88 20.76 -85.56 23.35
C PRO H 88 22.09 -85.43 22.61
N ASP H 89 23.22 -85.56 23.31
CA ASP H 89 24.51 -85.44 22.65
C ASP H 89 24.80 -86.65 21.76
N GLN H 90 24.29 -87.82 22.14
CA GLN H 90 24.51 -89.03 21.35
C GLN H 90 23.67 -88.99 20.08
N GLU H 91 24.13 -89.73 19.08
CA GLU H 91 23.43 -89.75 17.79
C GLU H 91 22.16 -90.58 17.89
N GLU H 92 21.22 -90.26 16.99
CA GLU H 92 19.95 -90.98 16.96
C GLU H 92 20.14 -92.35 16.31
N CYS H 93 19.26 -93.28 16.70
CA CYS H 93 19.28 -94.68 16.25
C CYS H 93 20.63 -95.35 16.53
N SER H 94 21.22 -95.04 17.69
CA SER H 94 22.51 -95.58 18.07
C SER H 94 22.44 -96.56 19.24
N GLY H 95 21.44 -96.43 20.11
CA GLY H 95 21.30 -97.30 21.26
C GLY H 95 21.91 -96.77 22.53
N ARG H 96 22.71 -95.71 22.48
CA ARG H 96 23.30 -95.10 23.66
C ARG H 96 22.66 -93.77 24.02
N ARG H 97 21.52 -93.43 23.41
CA ARG H 97 20.91 -92.14 23.64
C ARG H 97 20.23 -92.08 25.02
N TRP H 98 19.55 -93.14 25.42
CA TRP H 98 18.83 -93.18 26.68
C TRP H 98 19.63 -93.96 27.71
N ASN H 99 19.96 -93.29 28.82
CA ASN H 99 20.81 -93.85 29.86
C ASN H 99 19.97 -94.19 31.08
N LYS H 100 20.24 -95.35 31.68
CA LYS H 100 19.50 -95.79 32.85
C LYS H 100 19.82 -94.90 34.05
N LEU H 101 18.78 -94.59 34.83
CA LEU H 101 18.93 -93.78 36.03
C LEU H 101 18.97 -94.65 37.29
N CYS H 102 17.93 -95.45 37.50
CA CYS H 102 17.82 -96.26 38.71
C CYS H 102 16.94 -97.47 38.42
N THR H 103 17.22 -98.57 39.10
CA THR H 103 16.45 -99.79 39.00
C THR H 103 15.80 -100.09 40.34
N LEU H 104 14.47 -100.05 40.38
CA LEU H 104 13.73 -100.25 41.64
C LEU H 104 13.32 -101.73 41.75
N ASN H 105 14.34 -102.55 41.99
CA ASN H 105 14.15 -104.00 42.12
C ASN H 105 13.76 -104.30 43.57
N ASP H 106 12.49 -104.05 43.88
CA ASP H 106 11.96 -104.29 45.22
C ASP H 106 10.71 -105.16 45.26
N SER H 107 10.13 -105.51 44.12
CA SER H 107 8.93 -106.33 44.09
C SER H 107 9.30 -107.81 43.98
N LYS H 108 8.70 -108.63 44.84
CA LYS H 108 8.92 -110.07 44.77
C LYS H 108 8.20 -110.69 43.57
N GLY H 109 7.21 -110.00 43.01
CA GLY H 109 6.50 -110.45 41.84
C GLY H 109 6.78 -109.55 40.65
N SER H 110 6.40 -110.05 39.47
CA SER H 110 6.58 -109.29 38.24
C SER H 110 5.63 -108.10 38.22
N LEU H 111 6.17 -106.92 37.92
CA LEU H 111 5.39 -105.69 37.97
C LEU H 111 4.60 -105.50 36.69
N TYR H 112 3.33 -105.14 36.83
CA TYR H 112 2.41 -105.00 35.70
C TYR H 112 2.16 -103.56 35.29
N SER H 113 2.07 -102.63 36.24
CA SER H 113 1.73 -101.25 35.94
C SER H 113 2.70 -100.29 36.59
N VAL H 114 3.11 -99.27 35.82
CA VAL H 114 3.88 -98.14 36.31
C VAL H 114 3.20 -96.86 35.83
N LYS H 115 3.08 -95.89 36.73
CA LYS H 115 2.42 -94.63 36.40
C LYS H 115 3.07 -93.49 37.18
N PHE H 116 3.35 -92.40 36.48
CA PHE H 116 3.81 -91.18 37.14
C PHE H 116 2.64 -90.38 37.70
N ALA H 117 2.87 -89.75 38.85
CA ALA H 117 1.89 -88.88 39.45
C ALA H 117 1.77 -87.58 38.65
N PRO H 118 0.71 -86.80 38.87
CA PRO H 118 0.65 -85.47 38.27
C PRO H 118 1.79 -84.58 38.75
N ALA H 119 2.16 -83.61 37.90
CA ALA H 119 3.35 -82.81 38.12
C ALA H 119 3.30 -81.95 39.39
N HIS H 120 2.11 -81.68 39.92
CA HIS H 120 2.00 -80.88 41.12
C HIS H 120 2.23 -81.69 42.40
N LEU H 121 2.44 -82.99 42.29
CA LEU H 121 2.81 -83.83 43.42
C LEU H 121 4.32 -83.99 43.58
N GLY H 122 5.11 -83.39 42.69
CA GLY H 122 6.51 -83.71 42.60
C GLY H 122 6.73 -84.93 41.72
N LEU H 123 8.00 -85.30 41.56
CA LEU H 123 8.36 -86.48 40.78
C LEU H 123 8.05 -87.72 41.61
N LYS H 124 6.82 -88.20 41.48
CA LYS H 124 6.33 -89.33 42.26
C LYS H 124 5.89 -90.44 41.31
N LEU H 125 6.23 -91.69 41.65
CA LEU H 125 6.03 -92.82 40.77
C LEU H 125 5.29 -93.91 41.53
N ALA H 126 4.54 -94.74 40.79
CA ALA H 126 3.73 -95.80 41.36
C ALA H 126 4.03 -97.12 40.69
N CYS H 127 3.86 -98.21 41.44
CA CYS H 127 4.12 -99.55 40.95
C CYS H 127 3.05 -100.51 41.47
N LEU H 128 2.63 -101.44 40.61
CA LEU H 128 1.74 -102.52 41.00
C LEU H 128 2.17 -103.79 40.27
N GLY H 129 2.19 -104.90 40.99
CA GLY H 129 2.67 -106.14 40.43
C GLY H 129 2.07 -107.37 41.07
N ASN H 130 2.76 -108.51 40.89
CA ASN H 130 2.22 -109.80 41.31
C ASN H 130 2.30 -110.00 42.82
N ASP H 131 3.15 -109.23 43.52
CA ASP H 131 3.22 -109.33 44.96
C ASP H 131 1.93 -108.86 45.63
N GLY H 132 1.19 -107.97 44.99
CA GLY H 132 -0.08 -107.54 45.52
C GLY H 132 -0.06 -106.30 46.39
N ILE H 133 1.02 -105.53 46.37
CA ILE H 133 1.14 -104.33 47.18
C ILE H 133 1.46 -103.14 46.27
N LEU H 134 0.85 -102.00 46.58
CA LEU H 134 1.09 -100.76 45.84
C LEU H 134 2.30 -100.05 46.44
N ARG H 135 3.28 -99.76 45.59
CA ARG H 135 4.51 -99.11 46.01
C ARG H 135 4.57 -97.71 45.40
N LEU H 136 4.89 -96.72 46.23
CA LEU H 136 5.04 -95.34 45.78
C LEU H 136 6.50 -94.92 45.97
N TYR H 137 7.11 -94.45 44.88
CA TYR H 137 8.50 -94.01 44.88
C TYR H 137 8.53 -92.51 44.63
N ASP H 138 9.09 -91.76 45.58
CA ASP H 138 9.17 -90.31 45.47
C ASP H 138 10.64 -89.91 45.40
N ALA H 139 10.91 -88.88 44.62
CA ALA H 139 12.19 -88.17 44.70
C ALA H 139 11.96 -86.95 45.58
N LEU H 140 12.31 -87.06 46.86
CA LEU H 140 12.11 -85.96 47.79
C LEU H 140 13.00 -84.78 47.44
N GLU H 141 14.18 -85.04 46.91
CA GLU H 141 14.99 -84.03 46.24
C GLU H 141 14.95 -84.32 44.74
N PRO H 142 14.19 -83.54 43.95
CA PRO H 142 14.22 -83.74 42.49
C PRO H 142 15.48 -83.21 41.82
N SER H 143 16.45 -82.74 42.60
CA SER H 143 17.76 -82.37 42.08
C SER H 143 18.47 -83.54 41.43
N ASP H 144 18.49 -84.69 42.11
CA ASP H 144 19.10 -85.90 41.58
C ASP H 144 18.01 -86.90 41.24
N LEU H 145 18.07 -87.44 40.02
CA LEU H 145 17.07 -88.37 39.54
C LEU H 145 17.36 -89.81 39.92
N ARG H 146 18.51 -90.08 40.54
CA ARG H 146 18.94 -91.42 40.88
C ARG H 146 18.67 -91.76 42.34
N SER H 147 18.00 -90.88 43.08
CA SER H 147 17.70 -91.10 44.49
C SER H 147 16.19 -91.26 44.66
N TRP H 148 15.72 -92.50 44.62
CA TRP H 148 14.31 -92.83 44.75
C TRP H 148 14.10 -93.55 46.08
N THR H 149 13.18 -93.03 46.89
CA THR H 149 12.85 -93.62 48.18
C THR H 149 11.41 -94.10 48.17
N LEU H 150 11.20 -95.34 48.63
CA LEU H 150 9.85 -95.89 48.75
C LEU H 150 9.13 -95.21 49.90
N THR H 151 8.05 -94.47 49.59
CA THR H 151 7.37 -93.66 50.59
C THR H 151 6.04 -94.23 51.04
N SER H 152 5.45 -95.16 50.29
CA SER H 152 4.18 -95.76 50.65
C SER H 152 4.14 -97.19 50.14
N GLU H 153 3.83 -98.12 51.04
CA GLU H 153 3.75 -99.55 50.72
C GLU H 153 2.41 -100.05 51.24
N MET H 154 1.38 -99.93 50.40
CA MET H 154 0.00 -100.22 50.79
C MET H 154 -0.43 -101.54 50.16
N LYS H 155 -0.97 -102.43 51.00
CA LYS H 155 -1.42 -103.74 50.56
C LYS H 155 -2.84 -103.62 50.00
N VAL H 156 -2.99 -103.76 48.68
CA VAL H 156 -4.29 -103.61 48.04
C VAL H 156 -5.10 -104.89 48.06
N LEU H 157 -4.55 -105.99 48.57
CA LEU H 157 -5.25 -107.28 48.60
C LEU H 157 -5.24 -107.83 50.01
N SER H 158 -6.30 -108.56 50.35
CA SER H 158 -6.32 -109.30 51.60
C SER H 158 -5.27 -110.42 51.60
N ILE H 159 -5.14 -111.12 50.48
CA ILE H 159 -4.13 -112.17 50.33
C ILE H 159 -3.47 -112.03 48.98
N PRO H 160 -2.19 -112.41 48.89
CA PRO H 160 -1.53 -112.44 47.58
C PRO H 160 -2.13 -113.51 46.71
N PRO H 161 -2.06 -113.36 45.38
CA PRO H 161 -2.69 -114.35 44.48
C PRO H 161 -1.86 -115.62 44.41
N ALA H 162 -2.52 -116.77 44.57
CA ALA H 162 -1.84 -118.05 44.35
C ALA H 162 -1.62 -118.30 42.86
N ASN H 163 -2.62 -118.02 42.03
CA ASN H 163 -2.49 -118.16 40.59
C ASN H 163 -1.84 -116.90 40.05
N HIS H 164 -0.50 -116.91 39.99
CA HIS H 164 0.24 -115.73 39.61
C HIS H 164 0.18 -115.47 38.11
N LEU H 165 0.07 -116.52 37.30
CA LEU H 165 0.11 -116.36 35.85
C LEU H 165 -1.19 -115.76 35.32
N GLN H 166 -2.30 -115.97 36.01
CA GLN H 166 -3.58 -115.39 35.62
C GLN H 166 -3.86 -114.19 36.53
N SER H 167 -3.26 -113.06 36.17
CA SER H 167 -3.49 -111.81 36.88
C SER H 167 -3.16 -110.65 35.93
N ASP H 168 -3.70 -109.48 36.25
CA ASP H 168 -3.43 -108.28 35.49
C ASP H 168 -3.73 -107.07 36.37
N PHE H 169 -2.77 -106.15 36.47
CA PHE H 169 -2.86 -105.01 37.37
C PHE H 169 -2.77 -103.73 36.56
N CYS H 170 -3.46 -102.69 37.03
CA CYS H 170 -3.43 -101.40 36.36
C CYS H 170 -3.57 -100.28 37.39
N LEU H 171 -3.03 -99.11 37.04
CA LEU H 171 -3.06 -97.92 37.88
C LEU H 171 -3.44 -96.71 37.04
N SER H 172 -4.11 -95.76 37.69
CA SER H 172 -4.44 -94.50 37.05
C SER H 172 -4.50 -93.40 38.11
N TRP H 173 -3.77 -92.32 37.87
CA TRP H 173 -3.73 -91.19 38.77
C TRP H 173 -4.86 -90.22 38.46
N CYS H 174 -5.18 -89.38 39.45
CA CYS H 174 -6.18 -88.34 39.27
C CYS H 174 -5.50 -87.03 38.92
N PRO H 175 -5.74 -86.46 37.73
CA PRO H 175 -5.04 -85.24 37.34
C PRO H 175 -5.61 -83.94 37.93
N SER H 176 -6.50 -84.03 38.91
CA SER H 176 -7.07 -82.83 39.52
C SER H 176 -6.02 -82.17 40.41
N ARG H 177 -5.67 -80.93 40.08
CA ARG H 177 -4.57 -80.26 40.78
C ARG H 177 -4.95 -79.83 42.19
N PHE H 178 -6.23 -79.54 42.44
CA PHE H 178 -6.64 -78.98 43.70
C PHE H 178 -7.55 -79.87 44.52
N SER H 179 -8.01 -80.98 43.95
CA SER H 179 -8.60 -82.04 44.75
C SER H 179 -7.50 -82.81 45.47
N PRO H 180 -7.84 -83.53 46.55
CA PRO H 180 -6.85 -84.38 47.19
C PRO H 180 -6.35 -85.49 46.29
N GLU H 181 -5.15 -85.98 46.61
CA GLU H 181 -4.48 -87.01 45.83
C GLU H 181 -5.29 -88.29 45.77
N LYS H 182 -5.68 -88.69 44.56
CA LYS H 182 -6.47 -89.91 44.36
C LYS H 182 -5.73 -90.83 43.40
N LEU H 183 -5.72 -92.12 43.73
CA LEU H 183 -5.06 -93.13 42.92
C LEU H 183 -6.02 -94.29 42.75
N ALA H 184 -6.06 -94.85 41.55
CA ALA H 184 -6.92 -95.99 41.24
C ALA H 184 -6.12 -97.28 41.18
N VAL H 185 -6.57 -98.30 41.90
CA VAL H 185 -5.92 -99.61 41.91
C VAL H 185 -6.93 -100.63 41.40
N SER H 186 -6.57 -101.33 40.34
CA SER H 186 -7.37 -102.44 39.81
C SER H 186 -6.54 -103.71 39.96
N ALA H 187 -6.73 -104.42 41.07
CA ALA H 187 -5.76 -105.46 41.43
C ALA H 187 -6.01 -106.76 40.66
N LEU H 188 -7.11 -107.45 40.96
CA LEU H 188 -7.51 -108.61 40.16
C LEU H 188 -8.92 -108.45 39.61
N GLU H 189 -9.92 -108.21 40.47
CA GLU H 189 -11.29 -108.06 40.02
C GLU H 189 -12.00 -106.91 40.73
N GLN H 190 -11.29 -106.12 41.51
CA GLN H 190 -11.85 -104.97 42.20
C GLN H 190 -11.30 -103.68 41.60
N ALA H 191 -11.74 -102.55 42.14
CA ALA H 191 -11.20 -101.26 41.76
C ALA H 191 -11.36 -100.32 42.94
N ILE H 192 -10.23 -99.88 43.51
CA ILE H 192 -10.21 -99.18 44.78
C ILE H 192 -9.57 -97.81 44.55
N ILE H 193 -10.23 -96.76 45.03
CA ILE H 193 -9.68 -95.41 44.97
C ILE H 193 -9.00 -95.12 46.30
N TYR H 194 -7.75 -94.64 46.23
CA TYR H 194 -6.93 -94.37 47.41
C TYR H 194 -6.70 -92.89 47.55
N GLN H 195 -6.98 -92.35 48.73
CA GLN H 195 -6.71 -90.94 49.03
C GLN H 195 -5.67 -90.81 50.12
N ARG H 196 -5.06 -89.62 50.18
CA ARG H 196 -4.11 -89.25 51.21
C ARG H 196 -4.79 -88.30 52.19
N GLY H 197 -4.94 -88.74 53.43
CA GLY H 197 -5.54 -87.94 54.48
C GLY H 197 -4.52 -87.05 55.17
N LYS H 198 -4.88 -86.60 56.36
CA LYS H 198 -3.96 -85.81 57.17
C LYS H 198 -2.80 -86.63 57.70
N ASP H 199 -2.94 -87.95 57.75
CA ASP H 199 -1.89 -88.84 58.25
C ASP H 199 -0.72 -88.98 57.29
N GLY H 200 -0.87 -88.55 56.03
CA GLY H 200 0.16 -88.77 55.04
C GLY H 200 0.21 -90.18 54.49
N LYS H 201 -0.77 -91.01 54.80
CA LYS H 201 -0.82 -92.40 54.35
C LYS H 201 -2.05 -92.63 53.50
N LEU H 202 -1.97 -93.61 52.62
CA LEU H 202 -3.08 -93.94 51.74
C LEU H 202 -4.20 -94.63 52.51
N HIS H 203 -5.43 -94.30 52.16
CA HIS H 203 -6.61 -94.93 52.74
C HIS H 203 -7.59 -95.30 51.62
N VAL H 204 -8.41 -96.32 51.87
CA VAL H 204 -9.43 -96.70 50.91
C VAL H 204 -10.55 -95.66 50.93
N ALA H 205 -10.85 -95.09 49.76
CA ALA H 205 -11.88 -94.06 49.65
C ALA H 205 -13.20 -94.62 49.12
N ALA H 206 -13.16 -95.29 47.96
CA ALA H 206 -14.36 -95.87 47.38
C ALA H 206 -13.99 -97.08 46.55
N LYS H 207 -14.97 -97.96 46.33
CA LYS H 207 -14.76 -99.19 45.59
C LYS H 207 -15.74 -99.24 44.42
N LEU H 208 -15.21 -99.39 43.21
CA LEU H 208 -16.05 -99.50 42.03
C LEU H 208 -16.66 -100.89 41.97
N PRO H 209 -17.99 -101.03 41.93
CA PRO H 209 -18.60 -102.36 41.96
C PRO H 209 -18.59 -103.05 40.61
N GLY H 210 -19.22 -104.22 40.53
CA GLY H 210 -19.25 -104.99 39.30
C GLY H 210 -17.95 -105.74 39.09
N HIS H 211 -17.43 -105.70 37.86
CA HIS H 211 -16.11 -106.21 37.49
C HIS H 211 -15.98 -107.71 37.78
N LYS H 212 -16.78 -108.48 37.03
CA LYS H 212 -16.82 -109.93 37.19
C LYS H 212 -15.54 -110.62 36.74
N SER H 213 -14.71 -109.96 35.94
CA SER H 213 -13.49 -110.60 35.42
C SER H 213 -12.26 -109.76 35.73
N LEU H 214 -11.13 -110.13 35.13
CA LEU H 214 -9.88 -109.41 35.33
C LEU H 214 -9.96 -108.03 34.67
N ILE H 215 -9.31 -107.06 35.29
CA ILE H 215 -9.33 -105.68 34.81
C ILE H 215 -8.05 -105.44 34.01
N ARG H 216 -8.22 -105.19 32.71
CA ARG H 216 -7.08 -105.02 31.82
C ARG H 216 -6.69 -103.56 31.64
N SER H 217 -7.52 -102.62 32.05
CA SER H 217 -7.21 -101.20 31.90
C SER H 217 -8.04 -100.37 32.87
N ILE H 218 -7.51 -99.18 33.18
CA ILE H 218 -8.22 -98.19 33.99
C ILE H 218 -7.72 -96.82 33.55
N SER H 219 -8.62 -95.84 33.58
CA SER H 219 -8.29 -94.50 33.09
C SER H 219 -9.17 -93.48 33.78
N TRP H 220 -8.57 -92.64 34.61
CA TRP H 220 -9.29 -91.52 35.20
C TRP H 220 -9.53 -90.47 34.12
N ALA H 221 -10.60 -89.68 34.29
CA ALA H 221 -10.83 -88.71 33.23
C ALA H 221 -10.47 -87.29 33.69
N PRO H 222 -9.85 -86.50 32.82
CA PRO H 222 -9.60 -85.09 33.15
C PRO H 222 -10.87 -84.26 33.07
N SER H 223 -11.42 -83.88 34.23
CA SER H 223 -12.67 -83.13 34.27
C SER H 223 -12.35 -81.64 34.29
N ILE H 224 -12.55 -80.98 33.15
CA ILE H 224 -12.29 -79.55 33.03
C ILE H 224 -13.61 -78.84 33.35
N GLY H 225 -13.82 -78.55 34.63
CA GLY H 225 -14.95 -77.78 35.07
C GLY H 225 -16.18 -78.57 35.47
N ARG H 226 -16.18 -79.88 35.21
CA ARG H 226 -17.32 -80.72 35.60
C ARG H 226 -17.40 -80.88 37.11
N TRP H 227 -18.62 -81.07 37.59
CA TRP H 227 -18.88 -81.33 39.01
C TRP H 227 -18.73 -82.80 39.36
N TYR H 228 -18.40 -83.65 38.39
CA TYR H 228 -18.21 -85.07 38.61
C TYR H 228 -16.92 -85.51 37.92
N GLN H 229 -16.51 -86.75 38.22
CA GLN H 229 -15.32 -87.34 37.64
C GLN H 229 -15.66 -88.71 37.08
N LEU H 230 -14.94 -89.11 36.03
CA LEU H 230 -15.23 -90.34 35.32
C LEU H 230 -14.04 -91.29 35.38
N ILE H 231 -14.33 -92.57 35.63
CA ILE H 231 -13.33 -93.63 35.58
C ILE H 231 -13.80 -94.67 34.58
N ALA H 232 -12.94 -95.00 33.61
CA ALA H 232 -13.23 -96.00 32.60
C ALA H 232 -12.41 -97.26 32.88
N THR H 233 -13.09 -98.41 32.95
CA THR H 233 -12.45 -99.68 33.24
C THR H 233 -12.78 -100.67 32.13
N GLY H 234 -11.74 -101.28 31.56
CA GLY H 234 -11.91 -102.37 30.61
C GLY H 234 -11.59 -103.70 31.26
N CYS H 235 -12.40 -104.71 30.94
CA CYS H 235 -12.34 -105.99 31.62
C CYS H 235 -12.04 -107.12 30.65
N LYS H 236 -11.62 -108.26 31.21
CA LYS H 236 -11.44 -109.46 30.42
C LYS H 236 -12.77 -109.98 29.88
N ASP H 237 -13.86 -109.76 30.61
CA ASP H 237 -15.19 -110.15 30.15
C ASP H 237 -15.63 -109.36 28.92
N GLY H 238 -15.08 -108.18 28.69
CA GLY H 238 -15.39 -107.41 27.51
C GLY H 238 -16.28 -106.20 27.76
N ARG H 239 -16.50 -105.82 29.01
CA ARG H 239 -17.45 -104.77 29.36
C ARG H 239 -16.71 -103.50 29.72
N ILE H 240 -17.00 -102.44 28.98
CA ILE H 240 -16.60 -101.08 29.36
C ILE H 240 -17.51 -100.59 30.48
N ARG H 241 -16.92 -100.08 31.54
CA ARG H 241 -17.69 -99.52 32.65
C ARG H 241 -17.20 -98.12 32.92
N ILE H 242 -18.13 -97.16 32.95
CA ILE H 242 -17.84 -95.76 33.22
C ILE H 242 -18.51 -95.39 34.53
N PHE H 243 -17.71 -94.97 35.51
CA PHE H 243 -18.18 -94.67 36.85
C PHE H 243 -18.18 -93.17 37.07
N LYS H 244 -19.31 -92.64 37.53
CA LYS H 244 -19.44 -91.20 37.76
C LYS H 244 -19.06 -90.93 39.21
N ILE H 245 -17.87 -90.37 39.40
CA ILE H 245 -17.34 -90.10 40.73
C ILE H 245 -17.69 -88.67 41.11
N THR H 246 -18.31 -88.49 42.27
CA THR H 246 -18.68 -87.19 42.79
C THR H 246 -18.00 -86.98 44.13
N GLU H 247 -17.40 -85.80 44.31
CA GLU H 247 -16.61 -85.50 45.49
C GLU H 247 -17.21 -84.30 46.20
N LYS H 248 -17.36 -84.41 47.52
CA LYS H 248 -17.83 -83.32 48.36
C LYS H 248 -16.88 -83.15 49.54
N LEU H 249 -16.49 -81.91 49.81
CA LEU H 249 -15.57 -81.63 50.91
C LEU H 249 -16.28 -81.68 52.25
N GLU H 287 -7.51 -89.74 58.41
CA GLU H 287 -8.89 -89.43 58.04
C GLU H 287 -8.94 -88.60 56.76
N LEU H 288 -9.82 -89.01 55.84
CA LEU H 288 -9.92 -88.35 54.55
C LEU H 288 -10.65 -87.01 54.69
N GLN H 289 -10.35 -86.10 53.77
CA GLN H 289 -10.97 -84.78 53.74
C GLN H 289 -12.19 -84.72 52.83
N SER H 290 -12.53 -85.82 52.15
CA SER H 290 -13.66 -85.83 51.23
C SER H 290 -14.16 -87.26 51.06
N ASN H 291 -15.48 -87.41 51.04
CA ASN H 291 -16.11 -88.69 50.82
C ASN H 291 -16.55 -88.82 49.37
N LEU H 292 -16.49 -90.04 48.85
CA LEU H 292 -16.75 -90.32 47.44
C LEU H 292 -17.94 -91.26 47.32
N GLN H 293 -18.86 -90.92 46.43
CA GLN H 293 -19.98 -91.80 46.08
C GLN H 293 -19.81 -92.25 44.64
N VAL H 294 -20.02 -93.54 44.40
CA VAL H 294 -19.78 -94.14 43.10
C VAL H 294 -21.13 -94.55 42.51
N GLU H 295 -21.41 -94.06 41.31
CA GLU H 295 -22.61 -94.42 40.56
C GLU H 295 -22.19 -94.91 39.20
N LEU H 296 -22.58 -96.12 38.85
CA LEU H 296 -22.25 -96.70 37.55
C LEU H 296 -23.06 -95.95 36.48
N LEU H 297 -22.39 -95.08 35.74
CA LEU H 297 -23.08 -94.25 34.77
C LEU H 297 -23.50 -95.07 33.56
N SER H 298 -22.65 -95.99 33.10
CA SER H 298 -22.93 -96.72 31.87
C SER H 298 -22.15 -98.02 31.87
N GLU H 299 -22.66 -98.97 31.08
CA GLU H 299 -22.02 -100.26 30.89
C GLU H 299 -22.19 -100.68 29.44
N HIS H 300 -21.09 -101.09 28.80
CA HIS H 300 -21.11 -101.37 27.37
C HIS H 300 -20.31 -102.62 27.05
N ASP H 301 -20.99 -103.64 26.54
CA ASP H 301 -20.37 -104.91 26.15
C ASP H 301 -20.29 -105.03 24.63
N ASP H 302 -20.06 -103.91 23.95
CA ASP H 302 -20.08 -103.89 22.49
C ASP H 302 -18.86 -104.54 21.87
N HIS H 303 -17.77 -104.69 22.62
CA HIS H 303 -16.62 -105.46 22.14
C HIS H 303 -16.93 -106.94 22.36
N ASN H 304 -17.23 -107.65 21.27
CA ASN H 304 -17.53 -109.07 21.34
C ASN H 304 -16.23 -109.84 21.55
N GLY H 305 -15.76 -109.84 22.79
CA GLY H 305 -14.49 -110.44 23.11
C GLY H 305 -13.87 -109.89 24.38
N GLU H 306 -12.62 -109.43 24.28
CA GLU H 306 -11.85 -109.01 25.45
C GLU H 306 -11.32 -107.60 25.21
N VAL H 307 -11.56 -106.71 26.18
CA VAL H 307 -11.10 -105.33 26.09
C VAL H 307 -9.75 -105.22 26.78
N TRP H 308 -8.76 -104.66 26.07
CA TRP H 308 -7.41 -104.55 26.60
C TRP H 308 -7.00 -103.16 27.03
N SER H 309 -7.66 -102.11 26.54
CA SER H 309 -7.26 -100.75 26.89
C SER H 309 -8.42 -99.78 26.80
N VAL H 310 -8.48 -98.85 27.74
CA VAL H 310 -9.37 -97.69 27.67
C VAL H 310 -8.57 -96.44 28.01
N SER H 311 -8.92 -95.33 27.38
CA SER H 311 -8.21 -94.07 27.58
C SER H 311 -9.09 -92.91 27.20
N TRP H 312 -9.26 -91.96 28.11
CA TRP H 312 -10.00 -90.75 27.82
C TRP H 312 -9.17 -89.81 26.95
N ASN H 313 -9.81 -88.78 26.42
CA ASN H 313 -9.12 -87.68 25.79
C ASN H 313 -8.86 -86.59 26.84
N LEU H 314 -8.42 -85.42 26.39
CA LEU H 314 -8.08 -84.36 27.34
C LEU H 314 -9.29 -83.57 27.81
N THR H 315 -10.45 -83.73 27.18
CA THR H 315 -11.68 -83.13 27.70
C THR H 315 -12.38 -84.00 28.71
N GLY H 316 -12.11 -85.31 28.71
CA GLY H 316 -12.91 -86.23 29.48
C GLY H 316 -14.24 -86.57 28.85
N THR H 317 -14.37 -86.33 27.54
CA THR H 317 -15.63 -86.53 26.83
C THR H 317 -15.63 -87.77 25.95
N ILE H 318 -14.60 -87.94 25.12
CA ILE H 318 -14.51 -89.09 24.21
C ILE H 318 -13.58 -90.12 24.82
N LEU H 319 -14.02 -91.38 24.81
CA LEU H 319 -13.26 -92.48 25.39
C LEU H 319 -12.96 -93.51 24.32
N SER H 320 -11.70 -93.90 24.21
CA SER H 320 -11.31 -94.98 23.31
C SER H 320 -11.38 -96.32 24.03
N SER H 321 -11.50 -97.38 23.24
CA SER H 321 -11.55 -98.74 23.77
C SER H 321 -11.07 -99.68 22.68
N ALA H 322 -9.95 -100.35 22.92
CA ALA H 322 -9.37 -101.27 21.96
C ALA H 322 -9.53 -102.70 22.46
N GLY H 323 -10.00 -103.59 21.58
CA GLY H 323 -10.21 -104.98 21.92
C GLY H 323 -9.22 -105.90 21.22
N ASP H 324 -9.42 -107.20 21.47
CA ASP H 324 -8.59 -108.24 20.87
C ASP H 324 -9.01 -108.58 19.44
N ASP H 325 -10.11 -108.01 18.96
CA ASP H 325 -10.59 -108.25 17.61
C ASP H 325 -9.99 -107.29 16.59
N GLY H 326 -9.04 -106.46 17.00
CA GLY H 326 -8.49 -105.46 16.10
C GLY H 326 -9.38 -104.26 15.89
N LYS H 327 -10.37 -104.07 16.75
CA LYS H 327 -11.34 -102.99 16.61
C LYS H 327 -11.15 -101.97 17.71
N VAL H 328 -11.31 -100.70 17.37
CA VAL H 328 -11.19 -99.59 18.30
C VAL H 328 -12.47 -98.77 18.24
N ARG H 329 -13.12 -98.58 19.39
CA ARG H 329 -14.39 -97.88 19.45
C ARG H 329 -14.25 -96.59 20.26
N LEU H 330 -14.93 -95.54 19.82
CA LEU H 330 -14.93 -94.25 20.46
C LEU H 330 -16.30 -93.99 21.08
N TRP H 331 -16.31 -93.62 22.36
CA TRP H 331 -17.55 -93.43 23.10
C TRP H 331 -17.67 -91.98 23.52
N LYS H 332 -18.80 -91.36 23.18
CA LYS H 332 -19.12 -90.00 23.57
C LYS H 332 -20.47 -89.99 24.26
N ALA H 333 -20.58 -89.21 25.33
CA ALA H 333 -21.83 -89.11 26.07
C ALA H 333 -22.90 -88.43 25.23
N THR H 334 -24.11 -88.96 25.31
CA THR H 334 -25.24 -88.44 24.55
C THR H 334 -25.91 -87.31 25.33
N TYR H 335 -27.13 -86.94 24.91
CA TYR H 335 -27.87 -85.90 25.61
C TYR H 335 -28.19 -86.32 27.04
N SER H 336 -28.56 -87.58 27.24
CA SER H 336 -28.75 -88.12 28.57
C SER H 336 -27.39 -88.50 29.15
N ASN H 337 -27.39 -88.95 30.41
CA ASN H 337 -26.16 -89.39 31.08
C ASN H 337 -25.90 -90.86 30.71
N GLU H 338 -25.56 -91.08 29.45
CA GLU H 338 -25.35 -92.43 28.93
C GLU H 338 -24.49 -92.33 27.68
N PHE H 339 -23.33 -92.99 27.71
CA PHE H 339 -22.42 -92.98 26.57
C PHE H 339 -22.92 -93.91 25.47
N LYS H 340 -22.61 -93.57 24.23
CA LYS H 340 -22.92 -94.40 23.08
C LYS H 340 -21.73 -94.43 22.14
N CYS H 341 -21.62 -95.51 21.37
CA CYS H 341 -20.50 -95.66 20.45
C CYS H 341 -20.62 -94.69 19.30
N MET H 342 -19.53 -93.97 19.01
CA MET H 342 -19.51 -92.98 17.93
C MET H 342 -18.88 -93.53 16.66
N SER H 343 -17.82 -94.31 16.76
CA SER H 343 -17.20 -94.90 15.58
C SER H 343 -16.53 -96.21 15.94
N VAL H 344 -16.33 -97.03 14.91
CA VAL H 344 -15.58 -98.27 15.00
C VAL H 344 -14.43 -98.19 14.01
N ILE H 345 -13.21 -98.47 14.48
CA ILE H 345 -12.02 -98.42 13.64
C ILE H 345 -11.54 -99.84 13.42
N THR H 346 -11.51 -100.27 12.17
CA THR H 346 -11.10 -101.61 11.78
C THR H 346 -9.77 -101.55 11.04
N ALA H 347 -8.92 -102.54 11.27
CA ALA H 347 -7.55 -102.50 10.77
C ALA H 347 -7.31 -103.60 9.75
N GLN H 348 -8.24 -103.75 8.81
CA GLN H 348 -8.09 -104.71 7.71
C GLN H 348 -6.90 -104.41 6.82
N GLY I 8 90.37 12.94 14.31
CA GLY I 8 91.80 13.05 14.58
C GLY I 8 92.50 14.07 13.71
N PRO I 9 93.74 14.41 14.06
CA PRO I 9 94.52 15.36 13.24
C PRO I 9 95.40 14.72 12.18
N TYR I 10 95.55 13.40 12.17
CA TYR I 10 96.48 12.73 11.26
C TYR I 10 95.83 12.27 9.96
N ASN I 11 94.52 12.44 9.81
CA ASN I 11 93.86 12.17 8.53
C ASN I 11 93.56 13.42 7.73
N SER I 12 94.17 14.55 8.08
CA SER I 12 93.95 15.78 7.32
C SER I 12 94.58 15.67 5.93
N PRO I 13 93.93 16.23 4.90
CA PRO I 13 94.51 16.21 3.56
C PRO I 13 95.36 17.42 3.19
N THR I 14 95.53 18.40 4.08
CA THR I 14 96.18 19.66 3.75
C THR I 14 97.42 19.95 4.60
N PHE I 15 97.85 19.01 5.46
CA PHE I 15 98.98 19.30 6.33
C PHE I 15 100.30 19.09 5.63
N GLY I 16 100.49 17.95 4.97
CA GLY I 16 101.71 17.73 4.23
C GLY I 16 101.75 18.33 2.85
N LYS I 17 100.66 18.96 2.42
CA LYS I 17 100.54 19.51 1.08
C LYS I 17 100.47 21.04 1.14
N SER I 18 100.79 21.66 0.01
CA SER I 18 100.72 23.11 -0.12
C SER I 18 99.40 23.49 -0.76
N LEU I 19 98.76 24.52 -0.22
CA LEU I 19 97.40 24.87 -0.59
C LEU I 19 97.24 26.38 -0.49
N SER I 20 96.59 26.97 -1.48
CA SER I 20 96.33 28.41 -1.50
C SER I 20 94.84 28.67 -1.67
N LEU I 21 94.31 29.58 -0.84
CA LEU I 21 92.90 29.96 -0.88
C LEU I 21 92.80 31.47 -1.10
N LYS I 22 91.87 31.87 -1.98
CA LYS I 22 91.63 33.28 -2.25
C LYS I 22 90.45 33.73 -1.40
N VAL I 23 90.72 34.53 -0.38
CA VAL I 23 89.71 35.02 0.55
C VAL I 23 89.61 36.53 0.33
N ASP I 24 88.64 36.95 -0.47
CA ASP I 24 88.45 38.37 -0.73
C ASP I 24 87.68 39.03 0.40
N GLY I 25 87.89 40.34 0.54
CA GLY I 25 87.22 41.11 1.57
C GLY I 25 88.11 42.06 2.33
N GLY I 26 89.43 41.95 2.13
CA GLY I 26 90.37 42.81 2.81
C GLY I 26 90.54 42.48 4.28
N PHE I 27 91.09 41.31 4.56
CA PHE I 27 91.29 40.85 5.93
C PHE I 27 92.69 41.25 6.39
N ASN I 28 92.77 41.85 7.59
CA ASN I 28 94.02 42.39 8.09
C ASN I 28 94.67 41.53 9.17
N ALA I 29 93.92 40.64 9.81
CA ALA I 29 94.44 39.86 10.92
C ALA I 29 94.11 38.37 10.73
N VAL I 30 94.94 37.51 11.31
CA VAL I 30 94.75 36.07 11.19
C VAL I 30 95.28 35.40 12.45
N SER I 31 94.64 34.30 12.84
CA SER I 31 95.04 33.49 13.98
C SER I 31 94.56 32.06 13.72
N ILE I 32 95.14 31.11 14.47
CA ILE I 32 94.94 29.70 14.19
C ILE I 32 94.55 28.98 15.47
N ASN I 33 93.76 27.93 15.32
CA ASN I 33 93.52 26.99 16.40
C ASN I 33 94.80 26.22 16.70
N PRO I 34 95.20 26.06 17.97
CA PRO I 34 96.31 25.16 18.28
C PRO I 34 96.05 23.71 17.96
N SER I 35 94.79 23.28 17.84
CA SER I 35 94.51 21.94 17.33
C SER I 35 94.79 21.83 15.84
N GLY I 36 94.86 22.94 15.11
CA GLY I 36 95.10 22.92 13.70
C GLY I 36 93.88 22.73 12.83
N ARG I 37 92.68 22.88 13.38
CA ARG I 37 91.45 22.59 12.64
C ARG I 37 90.86 23.83 12.00
N ASP I 38 90.74 24.93 12.74
CA ASP I 38 90.09 26.14 12.25
C ASP I 38 91.09 27.29 12.17
N ILE I 39 90.78 28.24 11.28
CA ILE I 39 91.56 29.45 11.11
C ILE I 39 90.59 30.62 10.97
N VAL I 40 90.88 31.73 11.67
CA VAL I 40 90.00 32.88 11.72
C VAL I 40 90.67 34.04 11.00
N LEU I 41 89.89 34.74 10.18
CA LEU I 41 90.34 35.93 9.47
C LEU I 41 89.45 37.10 9.84
N ALA I 42 90.05 38.23 10.18
CA ALA I 42 89.33 39.40 10.67
C ALA I 42 89.40 40.53 9.66
N SER I 43 88.27 41.16 9.39
CA SER I 43 88.18 42.33 8.54
C SER I 43 87.27 43.34 9.21
N ARG I 44 86.98 44.43 8.50
CA ARG I 44 86.05 45.44 8.98
C ARG I 44 84.61 44.94 9.00
N GLN I 45 84.29 43.92 8.21
CA GLN I 45 82.94 43.37 8.18
C GLN I 45 82.73 42.21 9.15
N GLY I 46 83.79 41.71 9.78
CA GLY I 46 83.64 40.63 10.74
C GLY I 46 84.65 39.51 10.66
N LEU I 47 84.22 38.30 11.02
CA LEU I 47 85.09 37.14 11.14
C LEU I 47 84.74 36.08 10.11
N TYR I 48 85.77 35.42 9.57
CA TYR I 48 85.62 34.29 8.68
C TYR I 48 86.29 33.07 9.30
N ILE I 49 85.51 32.02 9.57
CA ILE I 49 86.04 30.79 10.15
C ILE I 49 86.10 29.74 9.05
N ILE I 50 87.30 29.28 8.72
CA ILE I 50 87.52 28.33 7.64
C ILE I 50 87.98 27.01 8.23
N ASP I 51 87.32 25.92 7.83
CA ASP I 51 87.80 24.59 8.15
C ASP I 51 89.05 24.29 7.32
N LEU I 52 90.13 23.90 7.99
CA LEU I 52 91.38 23.59 7.29
C LEU I 52 91.40 22.17 6.73
N ASP I 53 90.44 21.32 7.10
CA ASP I 53 90.31 20.00 6.49
C ASP I 53 89.22 19.96 5.43
N ASP I 54 88.30 20.92 5.43
CA ASP I 54 87.28 21.06 4.39
C ASP I 54 87.30 22.50 3.90
N PRO I 55 88.26 22.86 3.03
CA PRO I 55 88.33 24.24 2.54
C PRO I 55 87.29 24.57 1.48
N PHE I 56 86.57 23.58 0.97
CA PHE I 56 85.59 23.81 -0.08
C PHE I 56 84.32 24.46 0.46
N THR I 57 84.01 24.22 1.74
CA THR I 57 82.86 24.85 2.37
C THR I 57 83.11 26.34 2.54
N PRO I 58 82.16 27.20 2.18
CA PRO I 58 82.32 28.64 2.42
C PRO I 58 82.45 28.96 3.90
N PRO I 59 83.30 29.92 4.25
CA PRO I 59 83.57 30.17 5.67
C PRO I 59 82.39 30.81 6.40
N ARG I 60 82.34 30.55 7.70
CA ARG I 60 81.27 31.09 8.54
C ARG I 60 81.52 32.57 8.79
N TRP I 61 80.56 33.40 8.38
CA TRP I 61 80.65 34.84 8.53
C TRP I 61 79.92 35.26 9.80
N LEU I 62 80.66 35.85 10.74
CA LEU I 62 80.09 36.46 11.93
C LEU I 62 80.12 37.97 11.74
N HIS I 63 78.96 38.61 11.87
CA HIS I 63 78.78 39.98 11.42
C HIS I 63 79.20 40.94 12.52
N HIS I 64 80.13 41.84 12.20
CA HIS I 64 80.42 43.00 13.04
C HIS I 64 80.97 44.09 12.13
N ILE I 65 80.17 45.12 11.87
CA ILE I 65 80.54 46.18 10.94
C ILE I 65 81.20 47.30 11.71
N THR I 66 82.44 47.64 11.35
CA THR I 66 83.17 48.77 11.88
C THR I 66 83.84 49.51 10.73
N PRO I 67 83.97 50.85 10.84
CA PRO I 67 84.67 51.58 9.78
C PRO I 67 86.19 51.52 9.90
N TRP I 68 86.70 51.29 11.11
CA TRP I 68 88.13 51.25 11.33
C TRP I 68 88.67 49.85 11.08
N GLN I 69 89.94 49.80 10.65
CA GLN I 69 90.58 48.53 10.32
C GLN I 69 90.87 47.74 11.59
N VAL I 70 90.57 46.45 11.57
CA VAL I 70 90.87 45.59 12.72
C VAL I 70 92.36 45.33 12.78
N ALA I 71 92.87 45.15 14.00
CA ALA I 71 94.30 45.00 14.23
C ALA I 71 94.72 43.55 14.43
N ASP I 72 94.16 42.87 15.43
CA ASP I 72 94.62 41.53 15.78
C ASP I 72 93.45 40.64 16.16
N VAL I 73 93.63 39.35 15.92
CA VAL I 73 92.73 38.30 16.36
C VAL I 73 93.57 37.21 17.02
N GLN I 74 92.99 36.53 18.00
CA GLN I 74 93.75 35.62 18.85
C GLN I 74 92.87 34.48 19.33
N TRP I 75 93.28 33.25 19.06
CA TRP I 75 92.58 32.07 19.55
C TRP I 75 92.97 31.77 20.99
N SER I 76 91.98 31.41 21.79
CA SER I 76 92.22 31.16 23.21
C SER I 76 92.89 29.80 23.34
N PRO I 77 94.08 29.71 23.95
CA PRO I 77 94.76 28.41 24.05
C PRO I 77 94.29 27.54 25.20
N HIS I 78 93.19 27.91 25.86
CA HIS I 78 92.61 27.09 26.91
C HIS I 78 91.97 25.85 26.28
N PRO I 79 92.34 24.65 26.70
CA PRO I 79 91.68 23.45 26.13
C PRO I 79 90.21 23.34 26.51
N ALA I 80 89.81 23.86 27.67
CA ALA I 80 88.41 23.80 28.08
C ALA I 80 87.53 24.86 27.42
N LYS I 81 88.11 25.84 26.73
CA LYS I 81 87.35 26.86 26.01
C LYS I 81 87.86 26.97 24.58
N PRO I 82 87.51 26.01 23.71
CA PRO I 82 87.96 26.09 22.31
C PRO I 82 86.97 26.82 21.42
N TYR I 83 86.04 27.56 22.02
CA TYR I 83 85.05 28.34 21.30
C TYR I 83 85.25 29.84 21.43
N TRP I 84 86.37 30.28 22.00
CA TRP I 84 86.57 31.69 22.32
C TRP I 84 87.50 32.30 21.28
N ILE I 85 87.12 33.46 20.76
CA ILE I 85 87.93 34.24 19.83
C ILE I 85 87.97 35.67 20.32
N VAL I 86 89.17 36.20 20.55
CA VAL I 86 89.34 37.60 20.93
C VAL I 86 89.78 38.39 19.72
N SER I 87 89.01 39.42 19.37
CA SER I 87 89.29 40.27 18.22
C SER I 87 89.15 41.73 18.62
N THR I 88 89.97 42.58 18.01
CA THR I 88 89.97 44.00 18.30
C THR I 88 88.90 44.70 17.46
N SER I 89 88.07 45.50 18.12
CA SER I 89 87.08 46.34 17.44
C SER I 89 87.33 47.78 17.90
N ASN I 90 88.26 48.45 17.20
CA ASN I 90 88.79 49.76 17.54
C ASN I 90 89.29 49.76 18.99
N GLN I 91 88.63 50.49 19.88
CA GLN I 91 89.11 50.67 21.25
C GLN I 91 88.64 49.59 22.21
N LYS I 92 87.89 48.60 21.73
CA LYS I 92 87.38 47.54 22.58
C LYS I 92 87.68 46.18 21.96
N ALA I 93 87.90 45.19 22.81
CA ALA I 93 88.18 43.83 22.38
C ALA I 93 86.94 42.96 22.56
N ILE I 94 86.59 42.19 21.53
CA ILE I 94 85.35 41.44 21.49
C ILE I 94 85.68 39.96 21.60
N ILE I 95 85.10 39.29 22.59
CA ILE I 95 85.26 37.86 22.78
C ILE I 95 84.07 37.16 22.14
N TRP I 96 84.35 36.32 21.14
CA TRP I 96 83.31 35.63 20.38
C TRP I 96 83.08 34.24 20.94
N ASN I 97 81.81 33.86 21.07
CA ASN I 97 81.41 32.52 21.49
C ASN I 97 80.87 31.76 20.29
N LEU I 98 81.65 30.79 19.80
CA LEU I 98 81.26 30.02 18.62
C LEU I 98 80.16 29.00 18.91
N ALA I 99 79.92 28.67 20.18
CA ALA I 99 78.77 27.84 20.52
C ALA I 99 77.47 28.60 20.33
N LYS I 100 77.51 29.92 20.42
CA LYS I 100 76.35 30.75 20.14
C LYS I 100 76.09 30.81 18.63
N SER I 101 74.88 31.25 18.28
CA SER I 101 74.52 31.39 16.88
C SER I 101 75.28 32.55 16.24
N SER I 102 75.32 32.55 14.91
CA SER I 102 76.07 33.56 14.18
C SER I 102 75.44 34.95 14.27
N SER I 103 74.13 35.03 14.53
CA SER I 103 73.47 36.33 14.67
C SER I 103 73.94 37.07 15.91
N ASN I 104 74.09 36.35 17.03
CA ASN I 104 74.61 36.92 18.29
C ASN I 104 75.65 35.95 18.84
N ALA I 105 76.90 36.13 18.40
CA ALA I 105 78.02 35.30 18.85
C ALA I 105 78.92 36.00 19.84
N ILE I 106 78.66 37.26 20.17
CA ILE I 106 79.50 38.02 21.08
C ILE I 106 79.09 37.70 22.52
N GLU I 107 80.06 37.25 23.33
CA GLU I 107 79.81 36.91 24.72
C GLU I 107 79.97 38.12 25.65
N PHE I 108 81.16 38.72 25.66
CA PHE I 108 81.39 39.93 26.42
C PHE I 108 82.48 40.76 25.75
N VAL I 109 82.47 42.06 26.04
CA VAL I 109 83.36 43.03 25.41
C VAL I 109 84.18 43.71 26.50
N LEU I 110 85.49 43.77 26.30
CA LEU I 110 86.40 44.48 27.20
C LEU I 110 86.45 45.97 26.86
N HIS I 111 85.98 46.82 27.78
CA HIS I 111 85.96 48.26 27.57
C HIS I 111 87.13 48.85 28.36
N GLY I 112 88.30 48.92 27.71
CA GLY I 112 89.51 49.37 28.35
C GLY I 112 90.01 50.70 27.80
N HIS I 113 90.94 50.62 26.86
CA HIS I 113 91.63 51.78 26.31
C HIS I 113 90.66 52.70 25.58
N SER I 114 91.10 53.94 25.38
CA SER I 114 90.31 54.92 24.65
C SER I 114 90.59 54.89 23.15
N ARG I 115 91.82 54.59 22.75
CA ARG I 115 92.18 54.46 21.35
C ARG I 115 92.27 53.00 20.96
N ALA I 116 92.61 52.76 19.68
CA ALA I 116 92.52 51.42 19.10
C ALA I 116 93.53 50.45 19.71
N ILE I 117 93.04 49.24 20.01
CA ILE I 117 93.90 48.19 20.54
C ILE I 117 94.83 47.71 19.42
N THR I 118 96.13 47.69 19.71
CA THR I 118 97.13 47.40 18.68
C THR I 118 97.45 45.92 18.59
N ASP I 119 97.74 45.27 19.71
CA ASP I 119 98.04 43.85 19.72
C ASP I 119 97.48 43.22 20.99
N ILE I 120 97.17 41.93 20.90
CA ILE I 120 96.65 41.13 22.01
C ILE I 120 97.40 39.80 22.06
N ASN I 121 97.68 39.33 23.28
CA ASN I 121 98.36 38.07 23.47
C ASN I 121 97.83 37.38 24.72
N PHE I 122 97.87 36.05 24.71
CA PHE I 122 97.46 35.21 25.83
C PHE I 122 98.68 34.70 26.57
N ASN I 123 98.56 34.57 27.89
CA ASN I 123 99.63 34.00 28.68
C ASN I 123 99.70 32.51 28.44
N PRO I 124 100.83 31.96 27.99
CA PRO I 124 100.90 30.52 27.72
C PRO I 124 100.76 29.64 28.96
N GLN I 125 101.25 30.09 30.12
CA GLN I 125 101.12 29.29 31.33
C GLN I 125 99.69 29.31 31.84
N HIS I 126 99.06 30.48 31.87
CA HIS I 126 97.70 30.64 32.34
C HIS I 126 96.86 31.19 31.20
N PRO I 127 96.16 30.34 30.44
CA PRO I 127 95.47 30.81 29.24
C PRO I 127 94.23 31.65 29.50
N ASP I 128 93.86 31.91 30.75
CA ASP I 128 92.76 32.79 31.07
C ASP I 128 93.21 34.24 31.30
N VAL I 129 94.49 34.54 31.10
CA VAL I 129 95.04 35.88 31.28
C VAL I 129 95.38 36.45 29.92
N LEU I 130 94.88 37.65 29.63
CA LEU I 130 95.07 38.31 28.35
C LEU I 130 95.64 39.71 28.56
N ALA I 131 96.63 40.07 27.74
CA ALA I 131 97.22 41.40 27.79
C ALA I 131 96.96 42.13 26.49
N THR I 132 96.49 43.37 26.59
CA THR I 132 96.16 44.20 25.44
C THR I 132 97.02 45.46 25.45
N CYS I 133 97.56 45.80 24.29
CA CYS I 133 98.30 47.04 24.10
C CYS I 133 97.62 47.85 23.00
N SER I 134 97.82 49.17 23.04
CA SER I 134 97.01 50.05 22.20
C SER I 134 97.81 51.29 21.81
N VAL I 135 97.20 52.09 20.94
CA VAL I 135 97.82 53.33 20.46
C VAL I 135 97.82 54.42 21.52
N ASP I 136 96.93 54.36 22.50
CA ASP I 136 96.82 55.40 23.52
C ASP I 136 97.85 55.28 24.63
N THR I 137 98.94 54.54 24.40
CA THR I 137 100.05 54.34 25.33
C THR I 137 99.56 53.74 26.66
N TYR I 138 99.01 52.53 26.57
CA TYR I 138 98.55 51.79 27.72
C TYR I 138 98.67 50.30 27.42
N VAL I 139 99.12 49.54 28.41
CA VAL I 139 99.13 48.08 28.35
C VAL I 139 98.26 47.58 29.50
N HIS I 140 97.15 46.94 29.16
CA HIS I 140 96.20 46.43 30.15
C HIS I 140 96.24 44.91 30.14
N ALA I 141 96.32 44.31 31.33
CA ALA I 141 96.25 42.87 31.49
C ALA I 141 94.89 42.49 32.03
N TRP I 142 94.20 41.58 31.34
CA TRP I 142 92.84 41.21 31.69
C TRP I 142 92.80 39.78 32.19
N ASP I 143 91.74 39.47 32.93
CA ASP I 143 91.42 38.12 33.35
C ASP I 143 90.08 37.72 32.76
N MET I 144 90.04 36.56 32.11
CA MET I 144 88.81 36.10 31.47
C MET I 144 87.80 35.56 32.46
N ARG I 145 88.20 35.31 33.71
CA ARG I 145 87.24 34.95 34.74
C ARG I 145 86.40 36.15 35.20
N SER I 146 87.00 37.34 35.21
CA SER I 146 86.30 38.58 35.54
C SER I 146 86.59 39.59 34.45
N PRO I 147 85.92 39.48 33.30
CA PRO I 147 86.25 40.32 32.14
C PRO I 147 85.49 41.65 32.12
N HIS I 148 85.66 42.44 33.17
CA HIS I 148 85.03 43.75 33.25
C HIS I 148 86.03 44.88 33.41
N ARG I 149 87.03 44.71 34.27
CA ARG I 149 88.10 45.67 34.48
C ARG I 149 89.43 44.95 34.47
N PRO I 150 90.50 45.60 33.99
CA PRO I 150 91.82 44.94 34.02
C PRO I 150 92.38 44.90 35.43
N PHE I 151 93.09 43.81 35.74
CA PHE I 151 93.74 43.65 37.03
C PHE I 151 95.16 44.21 37.05
N TYR I 152 95.63 44.74 35.92
CA TYR I 152 96.97 45.32 35.84
C TYR I 152 96.97 46.37 34.75
N SER I 153 97.50 47.54 35.06
CA SER I 153 97.62 48.63 34.10
C SER I 153 99.03 49.22 34.14
N THR I 154 99.59 49.45 32.97
CA THR I 154 100.89 50.10 32.86
C THR I 154 100.95 50.87 31.54
N SER I 155 101.92 51.78 31.46
CA SER I 155 102.00 52.69 30.34
C SER I 155 103.45 53.09 30.09
N SER I 156 103.74 53.50 28.86
CA SER I 156 105.01 54.11 28.52
C SER I 156 104.95 55.64 28.47
N TRP I 157 103.74 56.20 28.33
CA TRP I 157 103.42 57.62 28.42
C TRP I 157 103.96 58.48 27.28
N ARG I 158 104.76 57.91 26.39
CA ARG I 158 105.31 58.69 25.28
C ARG I 158 104.88 58.15 23.92
N SER I 159 105.12 56.87 23.64
CA SER I 159 104.96 56.32 22.31
C SER I 159 103.91 55.22 22.29
N ALA I 160 103.21 55.12 21.17
CA ALA I 160 102.18 54.10 21.00
C ALA I 160 102.79 52.71 20.94
N ALA I 161 102.12 51.75 21.57
CA ALA I 161 102.61 50.38 21.61
C ALA I 161 102.41 49.71 20.25
N SER I 162 103.26 48.71 19.98
CA SER I 162 103.15 47.94 18.75
C SER I 162 102.84 46.47 18.99
N GLN I 163 103.46 45.83 19.98
CA GLN I 163 103.13 44.47 20.38
C GLN I 163 103.25 44.32 21.89
N VAL I 164 102.61 43.28 22.40
CA VAL I 164 102.79 42.81 23.77
C VAL I 164 102.95 41.29 23.74
N LYS I 165 103.94 40.78 24.46
CA LYS I 165 104.21 39.35 24.47
C LYS I 165 104.47 38.88 25.90
N TRP I 166 104.06 37.65 26.18
CA TRP I 166 104.24 37.02 27.48
C TRP I 166 105.48 36.12 27.47
N ASN I 167 106.01 35.89 28.67
CA ASN I 167 107.12 34.97 28.85
C ASN I 167 106.59 33.55 28.99
N TYR I 168 107.19 32.61 28.24
CA TYR I 168 106.72 31.23 28.27
C TYR I 168 107.08 30.54 29.56
N LYS I 169 108.21 30.89 30.16
CA LYS I 169 108.69 30.27 31.39
C LYS I 169 108.16 30.97 32.63
N ASP I 170 108.47 32.26 32.78
CA ASP I 170 108.11 33.00 33.98
C ASP I 170 106.71 33.57 33.78
N PRO I 171 105.69 33.08 34.52
CA PRO I 171 104.30 33.36 34.14
C PRO I 171 103.76 34.71 34.59
N ASN I 172 104.62 35.64 35.00
CA ASN I 172 104.14 36.99 35.30
C ASN I 172 105.11 38.06 34.79
N VAL I 173 105.76 37.81 33.67
CA VAL I 173 106.63 38.78 33.02
C VAL I 173 106.15 38.99 31.60
N LEU I 174 105.86 40.24 31.23
CA LEU I 174 105.41 40.57 29.89
C LEU I 174 106.15 41.82 29.41
N ALA I 175 106.40 41.87 28.11
CA ALA I 175 107.15 42.96 27.50
C ALA I 175 106.31 43.65 26.43
N SER I 176 106.56 44.94 26.25
CA SER I 176 105.86 45.72 25.24
C SER I 176 106.86 46.61 24.52
N SER I 177 106.59 46.87 23.24
CA SER I 177 107.42 47.72 22.40
C SER I 177 106.64 48.98 22.08
N HIS I 178 107.21 50.14 22.40
CA HIS I 178 106.56 51.43 22.21
C HIS I 178 107.47 52.30 21.36
N GLY I 179 107.29 52.24 20.04
CA GLY I 179 108.11 53.02 19.13
C GLY I 179 109.52 52.48 19.02
N ASN I 180 110.50 53.28 19.45
CA ASN I 180 111.89 52.88 19.38
C ASN I 180 112.33 52.08 20.61
N ASP I 181 111.48 51.99 21.63
CA ASP I 181 111.86 51.44 22.92
C ASP I 181 111.07 50.18 23.20
N ILE I 182 111.69 49.25 23.94
CA ILE I 182 111.04 48.03 24.40
C ILE I 182 111.11 48.02 25.93
N PHE I 183 109.96 47.94 26.57
CA PHE I 183 109.86 47.92 28.03
C PHE I 183 109.36 46.55 28.48
N VAL I 184 110.02 45.98 29.48
CA VAL I 184 109.66 44.69 30.06
C VAL I 184 108.99 44.94 31.40
N TRP I 185 107.74 44.52 31.53
CA TRP I 185 106.96 44.76 32.73
C TRP I 185 106.90 43.50 33.60
N ASP I 186 107.01 43.69 34.91
CA ASP I 186 106.72 42.66 35.89
C ASP I 186 105.32 42.90 36.45
N LEU I 187 104.51 41.84 36.49
CA LEU I 187 103.10 41.98 36.87
C LEU I 187 102.91 42.30 38.34
N ARG I 188 103.91 42.05 39.18
CA ARG I 188 103.86 42.43 40.59
C ARG I 188 104.63 43.71 40.89
N LYS I 189 105.22 44.36 39.88
CA LYS I 189 106.02 45.55 40.09
C LYS I 189 105.37 46.81 39.53
N GLY I 190 104.06 46.79 39.30
CA GLY I 190 103.35 47.98 38.88
C GLY I 190 103.75 48.46 37.50
N SER I 191 103.84 49.78 37.35
CA SER I 191 104.19 50.40 36.09
C SER I 191 105.70 50.58 35.90
N THR I 192 106.50 50.29 36.92
CA THR I 192 107.94 50.41 36.79
C THR I 192 108.47 49.23 35.99
N PRO I 193 109.19 49.45 34.89
CA PRO I 193 109.65 48.33 34.06
C PRO I 193 110.82 47.60 34.71
N LEU I 194 110.89 46.29 34.44
CA LEU I 194 112.05 45.52 34.86
C LEU I 194 113.30 45.98 34.12
N CYS I 195 113.18 46.25 32.83
CA CYS I 195 114.28 46.74 32.02
C CYS I 195 113.71 47.50 30.84
N SER I 196 114.56 48.34 30.23
CA SER I 196 114.16 49.14 29.07
C SER I 196 115.22 48.97 27.98
N LEU I 197 114.93 48.12 27.01
CA LEU I 197 115.86 47.91 25.90
C LEU I 197 115.75 49.08 24.94
N LYS I 198 116.83 49.84 24.79
CA LYS I 198 116.83 51.11 24.07
C LYS I 198 118.01 51.20 23.12
N GLY I 199 118.21 50.15 22.34
CA GLY I 199 119.29 50.12 21.37
C GLY I 199 118.87 50.34 19.94
N HIS I 200 117.58 50.48 19.68
CA HIS I 200 117.06 50.60 18.32
C HIS I 200 117.02 52.05 17.88
N VAL I 201 117.33 52.28 16.61
CA VAL I 201 117.31 53.62 16.03
C VAL I 201 115.91 53.97 15.51
N SER I 202 115.33 53.11 14.70
CA SER I 202 114.00 53.34 14.15
C SER I 202 112.96 52.69 15.04
N SER I 203 111.72 52.62 14.57
CA SER I 203 110.62 52.13 15.38
C SER I 203 110.59 50.60 15.39
N VAL I 204 110.46 50.04 16.58
CA VAL I 204 110.41 48.59 16.74
C VAL I 204 109.02 48.10 16.34
N ASN I 205 108.97 47.13 15.43
CA ASN I 205 107.68 46.62 14.98
C ASN I 205 107.23 45.39 15.78
N SER I 206 108.10 44.39 15.90
CA SER I 206 107.73 43.12 16.51
C SER I 206 108.65 42.79 17.67
N ILE I 207 108.08 42.09 18.65
CA ILE I 207 108.80 41.61 19.83
C ILE I 207 108.40 40.16 20.05
N ASP I 208 109.32 39.37 20.60
CA ASP I 208 109.06 37.96 20.80
C ASP I 208 109.96 37.41 21.90
N PHE I 209 109.37 36.63 22.80
CA PHE I 209 110.11 35.96 23.85
C PHE I 209 110.66 34.63 23.35
N ASN I 210 111.58 34.06 24.12
CA ASN I 210 112.11 32.74 23.87
C ASN I 210 111.34 31.73 24.70
N ARG I 211 110.90 30.64 24.06
CA ARG I 211 110.10 29.65 24.75
C ARG I 211 110.90 28.82 25.74
N PHE I 212 112.22 28.72 25.57
CA PHE I 212 113.04 27.86 26.40
C PHE I 212 113.87 28.60 27.44
N LYS I 213 114.42 29.76 27.09
CA LYS I 213 115.17 30.56 28.04
C LYS I 213 114.25 31.54 28.76
N TYR I 214 114.54 31.78 30.03
CA TYR I 214 113.72 32.69 30.83
C TYR I 214 113.87 34.14 30.39
N SER I 215 115.05 34.54 29.92
CA SER I 215 115.39 35.95 29.78
C SER I 215 116.06 36.23 28.44
N GLU I 216 115.45 35.76 27.35
CA GLU I 216 115.96 36.04 26.01
C GLU I 216 114.81 36.59 25.18
N ILE I 217 115.06 37.72 24.50
CA ILE I 217 114.07 38.41 23.68
C ILE I 217 114.70 38.77 22.35
N MET I 218 113.99 38.51 21.26
CA MET I 218 114.38 38.99 19.93
C MET I 218 113.48 40.15 19.52
N SER I 219 114.05 41.08 18.74
CA SER I 219 113.34 42.28 18.32
C SER I 219 113.58 42.52 16.83
N SER I 220 112.69 43.30 16.23
CA SER I 220 112.81 43.68 14.83
C SER I 220 112.23 45.07 14.63
N SER I 221 112.91 45.89 13.84
CA SER I 221 112.57 47.30 13.66
C SER I 221 112.54 47.62 12.17
N ASN I 222 112.29 48.89 11.87
CA ASN I 222 112.13 49.34 10.49
C ASN I 222 113.45 49.55 9.77
N ASP I 223 114.56 49.64 10.51
CA ASP I 223 115.86 49.89 9.89
C ASP I 223 116.47 48.64 9.26
N GLY I 224 115.87 47.48 9.45
CA GLY I 224 116.44 46.24 8.93
C GLY I 224 117.24 45.44 9.93
N THR I 225 117.21 45.79 11.21
CA THR I 225 118.05 45.15 12.22
C THR I 225 117.22 44.20 13.07
N VAL I 226 117.67 42.96 13.19
CA VAL I 226 117.08 41.99 14.11
C VAL I 226 118.04 41.84 15.29
N LYS I 227 117.58 42.22 16.47
CA LYS I 227 118.41 42.27 17.67
C LYS I 227 117.94 41.24 18.68
N PHE I 228 118.89 40.49 19.23
CA PHE I 228 118.62 39.48 20.25
C PHE I 228 119.10 39.99 21.59
N TRP I 229 118.25 39.92 22.60
CA TRP I 229 118.51 40.54 23.89
C TRP I 229 118.59 39.48 24.99
N ASP I 230 119.31 39.80 26.05
CA ASP I 230 119.35 38.99 27.27
C ASP I 230 119.42 39.96 28.45
N TYR I 231 118.25 40.29 29.02
CA TYR I 231 118.19 41.33 30.04
C TYR I 231 118.66 40.84 31.41
N SER I 232 118.95 39.56 31.57
CA SER I 232 119.63 39.11 32.78
C SER I 232 121.08 39.57 32.80
N LYS I 233 121.71 39.65 31.63
CA LYS I 233 123.10 40.08 31.54
C LYS I 233 123.21 41.60 31.53
N SER I 234 122.64 42.24 30.51
CA SER I 234 122.76 43.68 30.34
C SER I 234 121.52 44.21 29.65
N THR I 235 120.94 45.27 30.20
CA THR I 235 119.80 45.93 29.54
C THR I 235 120.26 46.67 28.28
N THR I 236 121.35 47.42 28.38
CA THR I 236 121.92 48.06 27.21
C THR I 236 122.61 47.04 26.31
N GLU I 237 122.70 47.37 25.02
CA GLU I 237 123.28 46.54 23.96
C GLU I 237 122.56 45.20 23.79
N SER I 238 123.01 44.41 22.81
CA SER I 238 122.32 43.18 22.45
C SER I 238 123.32 42.03 22.38
N LYS I 239 122.82 40.82 22.63
CA LYS I 239 123.64 39.62 22.47
C LYS I 239 124.00 39.39 21.00
N ARG I 240 123.06 39.62 20.10
CA ARG I 240 123.30 39.49 18.67
C ARG I 240 122.53 40.57 17.93
N THR I 241 123.02 40.92 16.76
CA THR I 241 122.37 41.91 15.90
C THR I 241 122.48 41.46 14.45
N VAL I 242 121.35 41.17 13.83
CA VAL I 242 121.32 40.67 12.46
C VAL I 242 120.71 41.75 11.58
N THR I 243 121.44 42.15 10.54
CA THR I 243 121.04 43.25 9.67
C THR I 243 120.54 42.70 8.35
N THR I 244 119.38 43.17 7.91
CA THR I 244 118.79 42.79 6.64
C THR I 244 118.73 44.00 5.72
N ASN I 245 118.40 43.74 4.46
CA ASN I 245 118.28 44.79 3.46
C ASN I 245 116.85 45.31 3.34
N PHE I 246 115.94 44.81 4.17
CA PHE I 246 114.54 45.16 4.13
C PHE I 246 114.04 45.42 5.55
N PRO I 247 113.03 46.26 5.72
CA PRO I 247 112.37 46.36 7.02
C PRO I 247 111.63 45.07 7.36
N ILE I 248 111.55 44.77 8.64
CA ILE I 248 110.92 43.56 9.14
C ILE I 248 109.63 43.94 9.85
N TRP I 249 108.53 43.28 9.47
CA TRP I 249 107.23 43.55 10.06
C TRP I 249 106.92 42.62 11.23
N ARG I 250 107.12 41.32 11.04
CA ARG I 250 106.87 40.33 12.09
C ARG I 250 108.08 39.42 12.20
N GLY I 251 108.71 39.42 13.37
CA GLY I 251 109.77 38.49 13.68
C GLY I 251 109.48 37.69 14.93
N ARG I 252 109.60 36.37 14.85
CA ARG I 252 109.26 35.50 15.97
C ARG I 252 110.25 34.35 16.06
N TYR I 253 110.37 33.81 17.26
CA TYR I 253 111.19 32.62 17.48
C TYR I 253 110.47 31.39 16.94
N LEU I 254 111.25 30.38 16.59
CA LEU I 254 110.66 29.15 16.09
C LEU I 254 110.01 28.40 17.25
N PRO I 255 108.87 27.74 17.01
CA PRO I 255 108.28 26.90 18.07
C PRO I 255 108.98 25.57 18.24
N PHE I 256 109.86 25.20 17.31
CA PHE I 256 110.62 23.96 17.39
C PHE I 256 112.09 24.26 17.15
N GLY I 257 112.96 23.62 17.92
CA GLY I 257 114.38 23.79 17.73
C GLY I 257 114.86 25.15 18.21
N GLU I 258 116.11 25.46 17.84
CA GLU I 258 116.72 26.74 18.15
C GLU I 258 116.80 27.54 16.85
N GLY I 259 115.95 28.55 16.75
CA GLY I 259 115.90 29.35 15.53
C GLY I 259 114.82 30.40 15.64
N TYR I 260 114.68 31.17 14.56
CA TYR I 260 113.71 32.26 14.54
C TYR I 260 113.25 32.47 13.11
N CYS I 261 112.09 33.10 12.97
CA CYS I 261 111.44 33.26 11.67
C CYS I 261 111.01 34.71 11.53
N ILE I 262 111.61 35.42 10.58
CA ILE I 262 111.27 36.80 10.28
C ILE I 262 110.76 36.89 8.84
N MET I 263 109.95 37.91 8.59
CA MET I 263 109.37 38.18 7.29
C MET I 263 109.47 39.67 7.01
N PRO I 264 109.59 40.07 5.75
CA PRO I 264 109.80 41.49 5.45
C PRO I 264 108.54 42.33 5.66
N MET I 265 108.72 43.63 5.53
CA MET I 265 107.67 44.62 5.76
C MET I 265 107.15 45.24 4.48
N VAL I 266 108.05 45.74 3.62
CA VAL I 266 107.63 46.29 2.34
C VAL I 266 108.41 45.72 1.16
N GLY I 267 109.62 45.20 1.35
CA GLY I 267 110.38 44.65 0.24
C GLY I 267 110.78 43.21 0.46
N GLY I 268 112.05 42.89 0.19
CA GLY I 268 112.60 41.58 0.48
C GLY I 268 111.95 40.44 -0.28
N ASN I 269 111.49 40.69 -1.51
CA ASN I 269 110.85 39.73 -2.42
C ASN I 269 109.55 39.15 -1.86
N ASN I 270 109.05 39.67 -0.74
CA ASN I 270 107.82 39.21 -0.07
C ASN I 270 107.84 37.71 0.22
N ALA I 271 108.96 37.25 0.79
CA ALA I 271 109.15 35.84 1.12
C ALA I 271 109.56 35.71 2.58
N VAL I 272 108.97 34.74 3.26
CA VAL I 272 109.28 34.50 4.67
C VAL I 272 110.60 33.77 4.77
N TYR I 273 111.49 34.27 5.63
CA TYR I 273 112.86 33.78 5.75
C TYR I 273 113.02 33.01 7.05
N LEU I 274 113.66 31.84 6.98
CA LEU I 274 113.90 30.99 8.14
C LEU I 274 115.40 30.92 8.38
N ILE I 275 115.84 31.31 9.57
CA ILE I 275 117.25 31.46 9.89
C ILE I 275 117.55 30.61 11.11
N ASN I 276 118.62 29.82 11.05
CA ASN I 276 119.07 29.06 12.19
C ASN I 276 119.68 29.99 13.24
N LEU I 277 119.54 29.59 14.52
CA LEU I 277 120.14 30.32 15.63
C LEU I 277 120.90 29.29 16.47
N CYS I 278 122.14 29.01 16.05
CA CYS I 278 123.02 28.05 16.71
C CYS I 278 124.45 28.58 16.53
N ASP I 279 124.92 29.31 17.54
CA ASP I 279 126.27 29.88 17.48
C ASP I 279 126.79 30.00 18.90
N ASP I 280 127.89 30.74 19.07
CA ASP I 280 128.49 30.94 20.38
C ASP I 280 127.70 31.96 21.20
N ASN I 286 127.80 41.36 21.52
CA ASN I 286 127.60 42.16 20.31
C ASN I 286 128.22 41.47 19.09
N LYS I 287 127.40 41.21 18.08
CA LYS I 287 127.85 40.59 16.83
C LYS I 287 126.99 41.14 15.70
N LYS I 288 127.49 42.19 15.04
CA LYS I 288 126.78 42.81 13.92
C LYS I 288 127.00 41.97 12.67
N THR I 289 126.05 41.10 12.37
CA THR I 289 126.12 40.20 11.22
C THR I 289 125.03 40.54 10.22
N LYS I 290 124.96 39.75 9.16
CA LYS I 290 123.94 39.87 8.13
C LYS I 290 122.99 38.69 8.20
N LEU I 291 121.95 38.75 7.37
CA LEU I 291 120.92 37.70 7.32
C LEU I 291 121.37 36.59 6.40
N GLN I 292 121.41 35.37 6.92
CA GLN I 292 121.72 34.17 6.15
C GLN I 292 120.61 33.15 6.38
N PRO I 293 119.51 33.26 5.65
CA PRO I 293 118.40 32.33 5.86
C PRO I 293 118.68 30.95 5.30
N ILE I 294 117.96 29.96 5.81
CA ILE I 294 118.00 28.60 5.30
C ILE I 294 116.98 28.39 4.19
N TYR I 295 115.71 28.70 4.46
CA TYR I 295 114.63 28.48 3.51
C TYR I 295 113.88 29.78 3.28
N ALA I 296 113.52 30.03 2.02
CA ALA I 296 112.71 31.18 1.64
C ALA I 296 111.43 30.67 0.99
N PHE I 297 110.29 31.07 1.53
CA PHE I 297 108.99 30.62 1.05
C PHE I 297 108.58 31.54 -0.09
N LYS I 298 109.02 31.21 -1.30
CA LYS I 298 108.78 32.09 -2.44
C LYS I 298 107.32 32.01 -2.89
N GLY I 299 106.81 33.15 -3.32
CA GLY I 299 105.41 33.31 -3.66
C GLY I 299 104.96 34.70 -3.27
N HIS I 300 103.65 34.84 -3.05
CA HIS I 300 103.05 35.99 -2.37
C HIS I 300 103.37 37.30 -3.08
N SER I 301 102.70 37.50 -4.23
CA SER I 301 102.96 38.63 -5.12
C SER I 301 102.84 39.98 -4.43
N ASP I 302 102.00 40.08 -3.40
CA ASP I 302 101.95 41.28 -2.56
C ASP I 302 102.45 40.91 -1.17
N ARG I 303 102.60 41.91 -0.30
CA ARG I 303 103.30 41.73 0.96
C ARG I 303 102.52 40.84 1.93
N VAL I 304 103.26 40.11 2.75
CA VAL I 304 102.71 39.27 3.80
C VAL I 304 102.49 40.12 5.05
N ILE I 305 101.35 39.95 5.71
CA ILE I 305 101.00 40.76 6.87
C ILE I 305 100.91 39.97 8.17
N ASP I 306 100.92 38.64 8.12
CA ASP I 306 101.08 37.81 9.31
C ASP I 306 101.48 36.40 8.88
N PHE I 307 102.03 35.65 9.84
CA PHE I 307 102.33 34.25 9.65
C PHE I 307 102.02 33.48 10.94
N LEU I 308 101.62 32.22 10.79
CA LEU I 308 101.16 31.40 11.89
C LEU I 308 101.85 30.03 11.81
N TRP I 309 101.55 29.17 12.78
CA TRP I 309 102.07 27.81 12.79
C TRP I 309 100.95 26.82 13.09
N ARG I 310 101.01 25.67 12.44
CA ARG I 310 100.04 24.59 12.58
C ARG I 310 100.76 23.37 13.11
N SER I 311 100.39 22.93 14.31
CA SER I 311 101.09 21.85 14.98
C SER I 311 100.16 20.68 15.24
N ARG I 312 100.63 19.47 14.95
CA ARG I 312 99.93 18.25 15.27
C ARG I 312 100.91 17.25 15.87
N HIS I 313 100.39 16.38 16.75
CA HIS I 313 101.21 15.40 17.44
C HIS I 313 100.31 14.25 17.89
N THR I 314 100.93 13.24 18.49
CA THR I 314 100.18 12.11 19.03
C THR I 314 99.41 12.55 20.27
N CYS I 315 98.28 11.87 20.51
CA CYS I 315 97.39 12.28 21.59
C CYS I 315 97.98 11.92 22.96
N ASP I 316 98.54 10.72 23.10
CA ASP I 316 99.03 10.28 24.39
C ASP I 316 100.37 10.93 24.73
N GLY I 317 101.36 10.79 23.87
CA GLY I 317 102.63 11.46 24.06
C GLY I 317 103.70 10.62 24.73
N ASP I 318 104.61 10.05 23.95
CA ASP I 318 105.80 9.41 24.50
C ASP I 318 107.09 9.93 23.89
N TYR I 319 107.09 10.22 22.59
CA TYR I 319 108.24 10.82 21.91
C TYR I 319 107.78 12.09 21.20
N ASP I 320 108.71 13.04 21.07
CA ASP I 320 108.38 14.34 20.49
C ASP I 320 108.53 14.28 18.97
N ASP I 321 107.53 13.69 18.32
CA ASP I 321 107.48 13.62 16.87
C ASP I 321 106.25 14.44 16.44
N ARG I 322 106.45 15.74 16.31
CA ARG I 322 105.39 16.66 15.89
C ARG I 322 105.78 17.34 14.58
N GLU I 323 104.78 17.50 13.70
CA GLU I 323 104.97 18.17 12.43
C GLU I 323 104.41 19.59 12.48
N PHE I 324 104.97 20.45 11.64
CA PHE I 324 104.60 21.86 11.62
C PHE I 324 104.28 22.28 10.20
N GLN I 325 103.33 23.21 10.07
CA GLN I 325 102.94 23.75 8.78
C GLN I 325 102.79 25.26 8.91
N LEU I 326 103.48 25.99 8.03
CA LEU I 326 103.44 27.44 8.06
C LEU I 326 102.21 27.95 7.32
N VAL I 327 101.47 28.85 7.96
CA VAL I 327 100.29 29.46 7.37
C VAL I 327 100.54 30.96 7.26
N THR I 328 100.47 31.47 6.03
CA THR I 328 100.73 32.88 5.76
C THR I 328 99.51 33.53 5.11
N TRP I 329 99.24 34.77 5.50
CA TRP I 329 98.14 35.55 4.94
C TRP I 329 98.72 36.87 4.41
N SER I 330 98.32 37.23 3.20
CA SER I 330 98.96 38.33 2.49
C SER I 330 97.92 39.36 2.06
N LYS I 331 98.42 40.49 1.55
CA LYS I 331 97.56 41.61 1.14
C LYS I 331 96.85 41.35 -0.19
N ASP I 332 97.34 40.41 -1.00
CA ASP I 332 96.70 40.08 -2.27
C ASP I 332 95.54 39.10 -2.11
N CYS I 333 95.00 38.96 -0.90
CA CYS I 333 93.88 38.07 -0.57
C CYS I 333 94.19 36.62 -0.92
N ASP I 334 95.32 36.12 -0.42
CA ASP I 334 95.74 34.74 -0.61
C ASP I 334 96.15 34.15 0.73
N LEU I 335 95.60 33.00 1.07
CA LEU I 335 95.92 32.27 2.30
C LEU I 335 96.64 30.98 1.92
N LYS I 336 97.94 30.91 2.20
CA LYS I 336 98.79 29.82 1.74
C LYS I 336 99.26 28.98 2.91
N LEU I 337 99.29 27.67 2.70
CA LEU I 337 99.84 26.71 3.65
C LEU I 337 101.16 26.19 3.11
N TRP I 338 102.20 26.25 3.94
CA TRP I 338 103.54 25.86 3.51
C TRP I 338 103.98 24.59 4.23
N PRO I 339 104.25 23.51 3.52
CA PRO I 339 104.81 22.31 4.16
C PRO I 339 106.26 22.54 4.60
N ILE I 340 106.65 21.84 5.66
CA ILE I 340 108.02 21.88 6.17
C ILE I 340 108.64 20.50 6.00
N SER I 341 109.77 20.45 5.30
CA SER I 341 110.45 19.20 5.01
C SER I 341 111.36 18.79 6.17
N ASP I 342 111.75 17.52 6.17
CA ASP I 342 112.69 17.04 7.19
C ASP I 342 114.09 17.61 7.01
N SER I 343 114.42 18.11 5.81
CA SER I 343 115.66 18.85 5.63
C SER I 343 115.66 20.12 6.48
N ILE I 344 114.51 20.81 6.54
CA ILE I 344 114.37 21.96 7.41
C ILE I 344 114.37 21.52 8.87
N TYR I 345 113.77 20.37 9.17
CA TYR I 345 113.75 19.85 10.53
C TYR I 345 115.13 19.43 11.02
N GLY I 346 116.06 19.14 10.11
CA GLY I 346 117.41 18.78 10.49
C GLY I 346 118.39 19.94 10.47
N LYS I 347 118.18 20.88 9.54
CA LYS I 347 119.03 22.07 9.49
C LYS I 347 118.85 22.95 10.72
N VAL I 348 117.62 23.13 11.18
CA VAL I 348 117.38 23.66 12.51
C VAL I 348 117.62 22.56 13.54
N ASN I 349 118.29 22.91 14.63
CA ASN I 349 118.66 21.93 15.65
C ASN I 349 117.41 21.54 16.45
N PHE I 350 116.63 20.65 15.87
CA PHE I 350 115.37 20.18 16.44
C PHE I 350 115.48 18.68 16.62
N ASP I 351 115.41 18.23 17.87
CA ASP I 351 115.54 16.81 18.18
C ASP I 351 114.17 16.15 18.00
N ARG I 352 113.91 15.67 16.79
CA ARG I 352 112.66 14.98 16.46
C ARG I 352 112.69 13.59 17.06
N GLY I 353 111.96 13.39 18.15
CA GLY I 353 111.98 12.16 18.90
C GLY I 353 112.79 12.30 20.17
N LYS I 354 112.10 12.51 21.28
CA LYS I 354 112.74 12.76 22.57
C LYS I 354 111.71 12.52 23.66
N ARG I 355 112.16 11.93 24.77
CA ARG I 355 111.27 11.70 25.91
C ARG I 355 110.82 13.04 26.51
N LEU I 356 109.51 13.21 26.64
CA LEU I 356 108.95 14.48 27.06
C LEU I 356 109.12 14.67 28.56
N GLU I 357 109.59 15.85 28.96
CA GLU I 357 109.55 16.23 30.36
C GLU I 357 108.10 16.43 30.83
N GLU I 358 107.28 17.06 30.01
CA GLU I 358 105.86 17.22 30.28
C GLU I 358 105.08 16.89 29.00
N LYS I 359 103.95 16.21 29.17
CA LYS I 359 103.14 15.82 28.02
C LYS I 359 102.51 17.05 27.37
N LEU I 360 102.38 17.00 26.05
CA LEU I 360 101.79 18.08 25.30
C LEU I 360 100.29 18.18 25.58
N PRO I 361 99.73 19.39 25.55
CA PRO I 361 98.28 19.55 25.75
C PRO I 361 97.48 18.93 24.61
N ASP I 362 96.28 18.47 24.95
CA ASP I 362 95.39 17.84 23.99
C ASP I 362 94.19 18.74 23.76
N TYR I 363 93.96 19.12 22.51
CA TYR I 363 92.89 20.02 22.14
C TYR I 363 91.83 19.27 21.34
N ASP I 364 90.58 19.70 21.48
CA ASP I 364 89.49 19.12 20.70
C ASP I 364 89.60 19.54 19.24
N TYR I 365 89.41 18.57 18.35
CA TYR I 365 89.52 18.80 16.91
C TYR I 365 88.18 19.15 16.26
N CYS I 366 87.24 19.69 17.02
CA CYS I 366 85.92 19.99 16.49
C CYS I 366 85.95 21.24 15.62
N SER I 367 85.30 21.17 14.47
CA SER I 367 85.16 22.31 13.59
C SER I 367 84.10 23.27 14.10
N TYR I 368 84.13 24.49 13.58
CA TYR I 368 83.13 25.51 13.92
C TYR I 368 82.64 26.28 12.69
N ASN I 369 82.91 25.80 11.48
CA ASN I 369 82.41 26.47 10.29
C ASN I 369 80.92 26.23 10.11
N LYS I 370 80.40 25.13 10.63
CA LYS I 370 78.99 24.82 10.50
C LYS I 370 78.16 25.71 11.42
N GLU I 371 76.97 26.05 10.96
CA GLU I 371 76.09 26.92 11.73
C GLU I 371 75.51 26.17 12.92
N PRO I 372 75.69 26.64 14.14
CA PRO I 372 75.14 25.95 15.30
C PRO I 372 73.74 26.43 15.66
N GLU I 373 72.98 25.54 16.30
CA GLU I 373 71.62 25.84 16.69
C GLU I 373 71.27 24.98 17.90
N ASN I 374 70.16 25.35 18.54
CA ASN I 374 69.68 24.64 19.72
C ASN I 374 69.15 23.25 19.37
N PHE I 383 53.73 32.60 25.53
CA PHE I 383 53.06 31.34 25.22
C PHE I 383 53.88 30.50 24.25
N ARG I 384 53.45 29.27 24.02
CA ARG I 384 54.15 28.36 23.15
C ARG I 384 53.78 28.63 21.69
N ARG I 385 54.43 27.90 20.78
CA ARG I 385 54.23 28.06 19.35
C ARG I 385 53.76 26.74 18.77
N LEU I 386 52.74 26.81 17.91
CA LEU I 386 52.26 25.62 17.21
C LEU I 386 53.25 25.18 16.15
N ARG I 387 53.37 23.87 15.96
CA ARG I 387 54.26 23.35 14.93
C ARG I 387 53.67 23.60 13.55
N GLU I 388 54.42 24.33 12.72
CA GLU I 388 53.93 24.74 11.42
C GLU I 388 55.09 24.85 10.44
N ASN I 389 54.78 24.62 9.17
CA ASN I 389 55.71 24.87 8.07
C ASN I 389 55.14 26.08 7.33
N PHE I 390 55.61 27.26 7.71
CA PHE I 390 55.01 28.50 7.22
C PHE I 390 55.32 28.75 5.76
N VAL I 391 56.61 28.85 5.42
CA VAL I 391 57.02 29.10 4.05
C VAL I 391 57.97 27.98 3.62
N THR I 392 57.94 27.67 2.32
CA THR I 392 58.79 26.63 1.77
C THR I 392 60.24 27.09 1.78
N THR I 393 61.14 26.20 2.23
CA THR I 393 62.56 26.53 2.26
C THR I 393 63.13 26.65 0.85
N SER I 394 62.62 25.86 -0.10
CA SER I 394 63.10 25.90 -1.47
C SER I 394 62.73 27.20 -2.17
N GLY I 395 61.69 27.90 -1.70
CA GLY I 395 61.35 29.20 -2.25
C GLY I 395 62.14 30.37 -1.73
N LEU I 396 63.02 30.14 -0.75
CA LEU I 396 63.83 31.21 -0.19
C LEU I 396 65.13 31.37 -0.98
N LYS I 400 73.24 30.34 -5.12
CA LYS I 400 74.49 30.21 -4.37
C LYS I 400 75.69 30.59 -5.22
N THR I 401 75.85 31.90 -5.46
CA THR I 401 77.02 32.38 -6.19
C THR I 401 78.23 32.62 -5.28
N ASN I 402 78.01 32.84 -3.99
CA ASN I 402 79.12 32.98 -3.05
C ASN I 402 79.90 31.68 -2.93
N HIS I 403 79.18 30.55 -2.90
CA HIS I 403 79.82 29.24 -2.88
C HIS I 403 80.61 28.99 -4.15
N ILE I 404 80.03 29.33 -5.31
CA ILE I 404 80.68 29.05 -6.59
C ILE I 404 81.83 30.01 -6.86
N THR I 405 81.87 31.16 -6.18
CA THR I 405 83.04 32.04 -6.27
C THR I 405 84.10 31.73 -5.24
N TRP I 406 83.72 31.18 -4.09
CA TRP I 406 84.72 30.76 -3.10
C TRP I 406 85.52 29.56 -3.59
N LEU I 407 84.86 28.64 -4.30
CA LEU I 407 85.52 27.45 -4.82
C LEU I 407 86.49 27.75 -5.97
N SER I 408 86.44 28.95 -6.55
CA SER I 408 87.39 29.29 -7.61
C SER I 408 88.77 29.60 -7.05
N GLY I 409 88.84 30.08 -5.81
CA GLY I 409 90.10 30.43 -5.19
C GLY I 409 90.83 29.28 -4.53
N ILE I 410 90.26 28.09 -4.53
CA ILE I 410 90.89 26.94 -3.90
C ILE I 410 91.86 26.32 -4.91
N ARG I 411 93.14 26.26 -4.55
CA ARG I 411 94.17 25.68 -5.41
C ARG I 411 95.00 24.73 -4.57
N MET I 412 94.93 23.43 -4.88
CA MET I 412 95.70 22.42 -4.17
C MET I 412 97.03 22.25 -4.90
N ASN I 413 98.00 23.08 -4.51
CA ASN I 413 99.31 23.08 -5.12
C ASN I 413 100.13 21.87 -4.67
N ILE I 427 92.06 20.34 -15.12
CA ILE I 427 91.27 20.17 -13.91
C ILE I 427 91.91 19.12 -13.01
N GLN I 428 92.27 19.52 -11.80
CA GLN I 428 92.93 18.62 -10.84
C GLN I 428 92.19 18.51 -9.52
N ASN I 429 90.93 18.96 -9.47
CA ASN I 429 90.17 18.93 -8.23
C ASN I 429 88.69 18.90 -8.56
N LEU I 430 87.90 18.35 -7.63
CA LEU I 430 86.45 18.33 -7.80
C LEU I 430 85.86 19.72 -7.59
N GLY I 431 86.32 20.43 -6.56
CA GLY I 431 85.79 21.76 -6.29
C GLY I 431 86.16 22.77 -7.36
N GLU I 432 87.37 22.65 -7.90
CA GLU I 432 87.77 23.51 -9.02
C GLU I 432 86.92 23.23 -10.26
N GLU I 433 86.60 21.96 -10.51
CA GLU I 433 85.71 21.60 -11.60
C GLU I 433 84.32 22.19 -11.40
N VAL I 434 83.79 22.09 -10.17
CA VAL I 434 82.46 22.61 -9.88
C VAL I 434 82.42 24.11 -10.05
N SER I 435 83.45 24.82 -9.57
CA SER I 435 83.50 26.26 -9.71
C SER I 435 83.66 26.69 -11.17
N ALA I 436 84.48 25.96 -11.94
CA ALA I 436 84.66 26.29 -13.35
C ALA I 436 83.38 26.09 -14.14
N ILE I 437 82.63 25.03 -13.83
CA ILE I 437 81.36 24.80 -14.53
C ILE I 437 80.33 25.84 -14.10
N GLY I 438 80.29 26.19 -12.81
CA GLY I 438 79.39 27.23 -12.35
C GLY I 438 79.69 28.60 -12.93
N HIS I 439 80.96 28.88 -13.17
CA HIS I 439 81.32 30.12 -13.87
C HIS I 439 81.04 30.02 -15.37
N LYS I 440 81.08 28.80 -15.92
CA LYS I 440 80.82 28.62 -17.34
C LYS I 440 79.34 28.78 -17.65
N PHE I 441 78.47 28.31 -16.77
CA PHE I 441 77.03 28.33 -16.99
C PHE I 441 76.36 29.15 -15.90
N PRO I 442 76.10 30.45 -16.14
CA PRO I 442 75.38 31.24 -15.13
C PRO I 442 73.90 30.91 -15.02
N LYS I 443 73.32 30.27 -16.03
CA LYS I 443 71.90 29.93 -15.99
C LYS I 443 71.63 28.73 -15.10
N VAL I 444 72.60 27.84 -14.93
CA VAL I 444 72.42 26.65 -14.09
C VAL I 444 72.50 27.09 -12.63
N VAL I 445 71.46 26.78 -11.86
CA VAL I 445 71.36 27.18 -10.46
C VAL I 445 71.73 25.99 -9.59
N PHE I 446 72.69 26.18 -8.70
CA PHE I 446 73.12 25.14 -7.78
C PHE I 446 72.35 25.26 -6.48
N GLU I 447 71.77 24.14 -6.03
CA GLU I 447 71.04 24.12 -4.77
C GLU I 447 71.83 23.52 -3.62
N LYS I 448 72.71 22.55 -3.90
CA LYS I 448 73.50 21.93 -2.84
C LYS I 448 74.85 21.53 -3.42
N ILE I 449 75.90 22.21 -2.99
CA ILE I 449 77.28 21.86 -3.34
C ILE I 449 77.97 21.39 -2.07
N SER I 450 78.47 20.16 -2.07
CA SER I 450 79.18 19.60 -0.92
C SER I 450 80.30 18.71 -1.45
N VAL I 451 81.50 19.30 -1.56
CA VAL I 451 82.66 18.56 -2.06
C VAL I 451 83.13 17.54 -1.02
N SER I 452 83.00 17.87 0.28
CA SER I 452 83.46 16.97 1.32
C SER I 452 82.63 15.68 1.37
N THR I 453 81.32 15.78 1.20
CA THR I 453 80.47 14.60 1.15
C THR I 453 80.24 14.13 -0.28
N ARG I 454 80.80 14.83 -1.26
CA ARG I 454 80.79 14.45 -2.67
C ARG I 454 79.38 14.28 -3.22
N GLU I 455 78.47 15.14 -2.79
CA GLU I 455 77.09 15.13 -3.23
C GLU I 455 76.76 16.48 -3.85
N LEU I 456 76.13 16.45 -5.03
CA LEU I 456 75.76 17.65 -5.75
C LEU I 456 74.28 17.62 -6.10
N CYS I 457 73.63 18.78 -6.01
CA CYS I 457 72.22 18.91 -6.34
C CYS I 457 72.04 20.25 -7.07
N LEU I 458 71.77 20.19 -8.37
CA LEU I 458 71.73 21.37 -9.21
C LEU I 458 70.40 21.41 -9.98
N THR I 459 69.89 22.62 -10.18
CA THR I 459 68.62 22.86 -10.85
C THR I 459 68.85 23.65 -12.13
N LEU I 460 68.11 23.31 -13.18
CA LEU I 460 68.25 23.98 -14.47
C LEU I 460 66.93 23.90 -15.23
N ASN I 461 66.89 24.60 -16.36
CA ASN I 461 65.76 24.58 -17.28
C ASN I 461 66.22 23.91 -18.57
N GLY I 462 65.69 22.71 -18.83
CA GLY I 462 66.09 21.94 -19.98
C GLY I 462 64.96 21.75 -20.98
N PRO I 463 65.30 21.70 -22.27
CA PRO I 463 64.28 21.47 -23.32
C PRO I 463 64.00 19.98 -23.48
N TRP I 464 63.22 19.44 -22.54
CA TRP I 464 62.88 18.02 -22.50
C TRP I 464 61.39 17.83 -22.27
N SER I 465 60.57 18.56 -23.03
CA SER I 465 59.13 18.45 -22.96
C SER I 465 58.62 17.69 -24.17
N GLU I 466 57.89 16.60 -23.92
CA GLU I 466 57.36 15.79 -25.01
C GLU I 466 56.19 16.45 -25.71
N GLU I 467 55.44 17.29 -24.99
CA GLU I 467 54.28 17.96 -25.58
C GLU I 467 54.71 19.01 -26.60
N ASN I 468 55.69 19.85 -26.22
CA ASN I 468 56.19 20.89 -27.10
C ASN I 468 57.71 20.89 -27.03
N PRO I 469 58.40 20.80 -28.17
CA PRO I 469 59.87 20.84 -28.15
C PRO I 469 60.44 22.19 -27.73
N ASP I 470 59.69 23.27 -27.88
CA ASP I 470 60.18 24.59 -27.48
C ASP I 470 59.96 24.88 -25.99
N ASP I 471 59.19 24.05 -25.29
CA ASP I 471 58.95 24.25 -23.86
C ASP I 471 60.13 23.75 -23.04
N TYR I 472 60.51 24.52 -22.02
CA TYR I 472 61.60 24.18 -21.13
C TYR I 472 61.04 23.71 -19.80
N ILE I 473 61.52 22.57 -19.32
CA ILE I 473 61.03 21.96 -18.09
C ILE I 473 62.07 22.16 -17.00
N PHE I 474 61.62 22.65 -15.84
CA PHE I 474 62.47 22.69 -14.66
C PHE I 474 62.82 21.29 -14.22
N LEU I 475 64.11 21.01 -14.07
CA LEU I 475 64.58 19.69 -13.69
C LEU I 475 65.47 19.78 -12.47
N ARG I 476 65.31 18.83 -11.55
CA ARG I 476 66.18 18.70 -10.38
C ARG I 476 66.96 17.40 -10.51
N ILE I 477 68.28 17.52 -10.62
CA ILE I 477 69.18 16.37 -10.73
C ILE I 477 70.10 16.39 -9.52
N SER I 478 70.12 15.29 -8.78
CA SER I 478 71.01 15.13 -7.64
C SER I 478 72.12 14.17 -8.02
N ILE I 479 73.37 14.60 -7.83
CA ILE I 479 74.54 13.86 -8.27
C ILE I 479 75.36 13.47 -7.05
N ASN I 480 75.71 12.19 -6.96
CA ASN I 480 76.53 11.67 -5.88
C ASN I 480 77.85 11.18 -6.45
N PHE I 481 78.94 11.67 -5.86
CA PHE I 481 80.25 11.26 -6.39
C PHE I 481 80.89 10.23 -5.45
N PRO I 482 81.58 9.23 -6.01
CA PRO I 482 82.35 8.32 -5.17
C PRO I 482 83.66 8.95 -4.70
N LEU I 483 84.28 8.30 -3.73
CA LEU I 483 85.57 8.76 -3.21
C LEU I 483 86.71 8.52 -4.18
N ASN I 484 86.51 7.65 -5.18
CA ASN I 484 87.51 7.39 -6.21
C ASN I 484 87.22 8.13 -7.50
N TYR I 485 86.31 9.10 -7.49
CA TYR I 485 86.12 9.96 -8.64
C TYR I 485 87.36 10.83 -8.86
N PRO I 486 87.82 10.98 -10.12
CA PRO I 486 87.30 10.40 -11.36
C PRO I 486 88.13 9.25 -11.90
N ASN I 487 88.52 8.26 -11.10
CA ASN I 487 89.27 7.13 -11.64
C ASN I 487 88.35 6.21 -12.45
N LYS I 488 88.98 5.32 -13.22
CA LYS I 488 88.25 4.40 -14.08
C LYS I 488 87.46 3.38 -13.27
N GLY I 489 86.23 3.12 -13.69
CA GLY I 489 85.37 2.20 -13.00
C GLY I 489 84.58 2.79 -11.84
N ASP I 490 84.71 4.10 -11.59
CA ASP I 490 84.01 4.77 -10.49
C ASP I 490 83.29 5.99 -11.04
N PRO I 491 82.13 5.79 -11.66
CA PRO I 491 81.39 6.92 -12.24
C PRO I 491 80.55 7.62 -11.17
N PRO I 492 80.14 8.86 -11.41
CA PRO I 492 79.19 9.51 -10.50
C PRO I 492 77.81 8.91 -10.63
N LYS I 493 77.05 8.99 -9.55
CA LYS I 493 75.69 8.47 -9.50
C LYS I 493 74.71 9.61 -9.70
N PHE I 494 73.89 9.51 -10.74
CA PHE I 494 72.90 10.52 -11.07
C PHE I 494 71.52 10.06 -10.64
N THR I 495 70.84 10.87 -9.84
CA THR I 495 69.46 10.62 -9.45
C THR I 495 68.63 11.85 -9.81
N ILE I 496 67.57 11.64 -10.58
CA ILE I 496 66.68 12.73 -10.99
C ILE I 496 65.43 12.66 -10.13
N GLU I 497 65.03 13.81 -9.59
CA GLU I 497 63.83 13.89 -8.77
C GLU I 497 62.59 13.61 -9.62
N GLU I 498 61.61 12.96 -9.01
CA GLU I 498 60.38 12.58 -9.69
C GLU I 498 59.60 13.83 -10.07
N ASN I 499 59.50 14.08 -11.37
CA ASN I 499 58.83 15.27 -11.90
C ASN I 499 57.59 14.86 -12.67
N SER I 500 56.48 15.55 -12.40
CA SER I 500 55.25 15.29 -13.13
C SER I 500 55.33 15.75 -14.57
N ASN I 501 56.11 16.81 -14.84
CA ASN I 501 56.21 17.32 -16.21
C ASN I 501 57.08 16.42 -17.07
N LEU I 502 57.92 15.59 -16.47
CA LEU I 502 58.85 14.73 -17.19
C LEU I 502 58.27 13.32 -17.27
N THR I 503 58.14 12.80 -18.48
CA THR I 503 57.67 11.44 -18.66
C THR I 503 58.74 10.44 -18.23
N MET I 504 58.28 9.24 -17.88
CA MET I 504 59.19 8.22 -17.33
C MET I 504 60.14 7.71 -18.40
N SER I 505 59.65 7.60 -19.64
CA SER I 505 60.52 7.15 -20.74
C SER I 505 61.62 8.17 -21.03
N LYS I 506 61.26 9.46 -21.04
CA LYS I 506 62.26 10.50 -21.26
C LYS I 506 63.24 10.57 -20.09
N ARG I 507 62.75 10.36 -18.87
CA ARG I 507 63.62 10.33 -17.69
C ARG I 507 64.60 9.17 -17.77
N GLN I 508 64.13 7.99 -18.18
CA GLN I 508 65.01 6.84 -18.33
C GLN I 508 66.02 7.04 -19.45
N GLU I 509 65.60 7.68 -20.54
CA GLU I 509 66.52 7.98 -21.64
C GLU I 509 67.60 8.97 -21.21
N ILE I 510 67.21 10.01 -20.47
CA ILE I 510 68.17 11.00 -19.98
C ILE I 510 69.13 10.35 -18.98
N LEU I 511 68.63 9.51 -18.08
CA LEU I 511 69.48 8.84 -17.11
C LEU I 511 70.45 7.87 -17.79
N SER I 512 69.98 7.14 -18.79
CA SER I 512 70.85 6.21 -19.52
C SER I 512 71.93 6.95 -20.30
N ASN I 513 71.57 8.09 -20.92
CA ASN I 513 72.57 8.86 -21.64
C ASN I 513 73.58 9.51 -20.70
N LEU I 514 73.11 9.95 -19.52
CA LEU I 514 74.02 10.51 -18.52
C LEU I 514 74.99 9.44 -18.00
N ALA I 515 74.48 8.22 -17.75
CA ALA I 515 75.35 7.13 -17.34
C ALA I 515 76.34 6.75 -18.43
N THR I 516 75.89 6.77 -19.69
CA THR I 516 76.79 6.48 -20.82
C THR I 516 77.90 7.53 -20.92
N ILE I 517 77.53 8.81 -20.76
CA ILE I 517 78.52 9.89 -20.84
C ILE I 517 79.51 9.80 -19.68
N GLY I 518 79.00 9.53 -18.48
CA GLY I 518 79.88 9.39 -17.32
C GLY I 518 80.83 8.20 -17.44
N GLN I 519 80.32 7.07 -17.94
CA GLN I 519 81.19 5.90 -18.12
C GLN I 519 82.20 6.13 -19.23
N LYS I 520 81.82 6.86 -20.29
CA LYS I 520 82.72 7.09 -21.40
C LYS I 520 83.81 8.09 -21.03
N TYR I 521 83.50 9.05 -20.15
CA TYR I 521 84.53 10.00 -19.75
C TYR I 521 85.36 9.51 -18.57
N THR I 522 84.81 8.62 -17.73
CA THR I 522 85.64 7.98 -16.71
C THR I 522 86.46 6.83 -17.27
N ASP I 523 86.14 6.33 -18.46
CA ASP I 523 86.97 5.29 -19.07
C ASP I 523 88.34 5.84 -19.47
N SER I 524 88.39 7.12 -19.84
CA SER I 524 89.63 7.82 -20.14
C SER I 524 90.21 8.51 -18.91
N ASN I 525 89.61 8.29 -17.73
CA ASN I 525 90.01 8.88 -16.46
C ASN I 525 89.98 10.41 -16.51
N LEU I 526 88.99 10.97 -17.20
CA LEU I 526 88.77 12.40 -17.23
C LEU I 526 87.62 12.75 -16.28
N TYR I 527 87.21 14.01 -16.31
CA TYR I 527 86.15 14.52 -15.44
C TYR I 527 84.85 14.61 -16.23
N CYS I 528 83.76 14.14 -15.62
CA CYS I 528 82.45 14.14 -16.27
C CYS I 528 81.45 14.88 -15.39
N LEU I 529 81.42 16.20 -15.53
CA LEU I 529 80.31 17.00 -15.03
C LEU I 529 79.92 18.13 -15.97
N GLU I 530 80.82 18.62 -16.80
CA GLU I 530 80.54 19.62 -17.82
C GLU I 530 79.89 19.01 -19.08
N PRO I 531 80.35 17.85 -19.62
CA PRO I 531 79.57 17.22 -20.69
C PRO I 531 78.17 16.81 -20.27
N CYS I 532 77.98 16.37 -19.03
CA CYS I 532 76.66 15.97 -18.56
C CYS I 532 75.72 17.17 -18.52
N ILE I 533 76.19 18.29 -17.94
CA ILE I 533 75.36 19.48 -17.84
C ILE I 533 75.09 20.06 -19.22
N ARG I 534 76.11 20.10 -20.08
CA ARG I 534 75.90 20.57 -21.46
C ARG I 534 75.02 19.62 -22.27
N PHE I 535 74.87 18.37 -21.84
CA PHE I 535 73.90 17.49 -22.49
C PHE I 535 72.48 17.75 -22.00
N VAL I 536 72.31 17.98 -20.69
CA VAL I 536 70.96 18.07 -20.12
C VAL I 536 70.24 19.30 -20.66
N LEU I 537 70.89 20.46 -20.65
CA LEU I 537 70.37 21.63 -21.34
C LEU I 537 71.26 21.95 -22.53
N GLY I 538 70.63 22.21 -23.68
CA GLY I 538 71.36 22.44 -24.91
C GLY I 538 71.63 21.14 -25.66
N GLU I 539 72.84 21.01 -26.21
CA GLU I 539 73.21 19.81 -26.94
C GLU I 539 73.47 18.64 -25.99
N THR I 616 85.29 43.01 -81.68
CA THR I 616 84.20 43.80 -81.13
C THR I 616 83.50 43.04 -80.01
N THR I 617 84.28 42.56 -79.05
CA THR I 617 83.71 41.86 -77.91
C THR I 617 83.01 42.85 -76.98
N PRO I 618 81.80 42.54 -76.51
CA PRO I 618 81.06 43.48 -75.67
C PRO I 618 81.60 43.48 -74.25
N VAL I 619 81.07 44.40 -73.46
CA VAL I 619 81.40 44.46 -72.02
C VAL I 619 80.87 43.20 -71.35
N PRO I 620 81.69 42.50 -70.56
CA PRO I 620 81.22 41.25 -69.92
C PRO I 620 80.12 41.50 -68.90
N ASN I 621 79.13 40.62 -68.90
CA ASN I 621 78.00 40.73 -67.98
C ASN I 621 78.34 40.11 -66.63
N GLY I 622 77.57 40.51 -65.62
CA GLY I 622 77.84 40.05 -64.27
C GLY I 622 76.63 39.42 -63.60
N CYS I 623 75.44 39.66 -64.14
CA CYS I 623 74.22 39.12 -63.58
C CYS I 623 73.34 38.58 -64.69
N GLY I 624 72.43 37.70 -64.30
CA GLY I 624 71.52 37.10 -65.26
C GLY I 624 70.50 36.23 -64.56
N SER I 625 69.79 35.44 -65.35
CA SER I 625 68.71 34.60 -64.82
C SER I 625 68.59 33.34 -65.65
N CYS I 626 67.92 32.34 -65.08
CA CYS I 626 67.62 31.10 -65.78
C CYS I 626 66.37 30.51 -65.16
N TRP I 627 65.30 30.45 -65.94
CA TRP I 627 64.04 29.92 -65.44
C TRP I 627 64.08 28.40 -65.38
N THR I 628 63.16 27.83 -64.62
CA THR I 628 62.98 26.38 -64.54
C THR I 628 61.51 26.04 -64.70
N ALA I 629 61.23 24.73 -64.80
CA ALA I 629 59.88 24.28 -65.09
C ALA I 629 58.92 24.46 -63.92
N THR I 630 59.43 24.68 -62.72
CA THR I 630 58.57 24.88 -61.54
C THR I 630 58.50 26.33 -61.10
N GLY I 631 58.98 27.26 -61.92
CA GLY I 631 58.84 28.67 -61.61
C GLY I 631 59.89 29.25 -60.70
N GLU I 632 60.96 28.52 -60.42
CA GLU I 632 62.04 29.01 -59.58
C GLU I 632 63.04 29.77 -60.45
N LEU I 633 63.27 31.04 -60.10
CA LEU I 633 64.14 31.91 -60.87
C LEU I 633 65.54 31.85 -60.27
N PHE I 634 66.46 31.18 -60.97
CA PHE I 634 67.85 31.07 -60.51
C PHE I 634 68.62 32.26 -61.07
N CYS I 635 68.97 33.19 -60.19
CA CYS I 635 69.71 34.40 -60.56
C CYS I 635 71.09 34.37 -59.94
N PHE I 636 72.11 34.70 -60.73
CA PHE I 636 73.46 34.87 -60.25
C PHE I 636 73.82 36.34 -60.22
N PHE I 637 74.74 36.71 -59.34
CA PHE I 637 75.13 38.10 -59.18
C PHE I 637 76.63 38.20 -58.95
N ALA I 638 77.18 39.34 -59.32
CA ALA I 638 78.56 39.71 -59.01
C ALA I 638 78.60 40.57 -57.75
N ASN I 639 79.76 41.17 -57.48
CA ASN I 639 79.93 42.07 -56.35
C ASN I 639 79.14 43.36 -56.55
N LYS I 772 83.65 38.15 -55.11
CA LYS I 772 82.87 36.92 -55.00
C LYS I 772 81.65 36.93 -55.92
N ASN I 773 81.03 35.77 -56.07
CA ASN I 773 79.82 35.61 -56.88
C ASN I 773 78.77 34.89 -56.07
N LEU I 774 77.51 35.31 -56.22
CA LEU I 774 76.41 34.78 -55.44
C LEU I 774 75.34 34.28 -56.38
N VAL I 775 74.87 33.05 -56.14
CA VAL I 775 73.78 32.44 -56.90
C VAL I 775 72.65 32.15 -55.94
N ILE I 776 71.47 32.72 -56.21
CA ILE I 776 70.30 32.53 -55.38
C ILE I 776 69.13 32.11 -56.25
N SER I 777 68.16 31.44 -55.63
CA SER I 777 66.95 31.00 -56.29
C SER I 777 65.74 31.57 -55.58
N LYS I 778 64.84 32.19 -56.34
CA LYS I 778 63.61 32.75 -55.80
C LYS I 778 62.41 32.10 -56.48
N ASN I 779 61.43 31.71 -55.68
CA ASN I 779 60.22 31.08 -56.21
C ASN I 779 59.31 32.14 -56.82
N PHE I 780 58.85 31.87 -58.04
CA PHE I 780 57.93 32.78 -58.73
C PHE I 780 56.83 31.99 -59.42
N SER I 781 56.32 30.97 -58.73
CA SER I 781 55.29 30.12 -59.33
C SER I 781 53.92 30.79 -59.39
N SER I 782 53.72 31.86 -58.63
CA SER I 782 52.44 32.57 -58.66
C SER I 782 52.26 33.39 -59.93
N LEU I 783 53.34 33.76 -60.60
CA LEU I 783 53.23 34.48 -61.87
C LEU I 783 52.99 33.56 -63.05
N LEU I 784 53.09 32.25 -62.84
CA LEU I 784 52.96 31.26 -63.92
C LEU I 784 51.62 30.56 -63.79
N SER I 785 50.84 30.58 -64.87
CA SER I 785 49.49 30.01 -64.84
C SER I 785 49.55 28.49 -64.83
N ASP I 786 50.46 27.89 -65.59
CA ASP I 786 50.58 26.45 -65.65
C ASP I 786 51.31 25.93 -64.41
N ARG I 787 50.71 24.96 -63.72
CA ARG I 787 51.21 24.47 -62.46
C ARG I 787 51.44 22.97 -62.52
N LYS I 788 52.54 22.53 -61.91
CA LYS I 788 52.88 21.10 -61.87
C LYS I 788 51.92 20.33 -60.99
N GLU I 789 51.34 20.97 -59.97
CA GLU I 789 50.50 20.27 -59.01
C GLU I 789 49.19 19.79 -59.64
N LEU I 790 48.67 20.52 -60.63
CA LEU I 790 47.45 20.08 -61.30
C LEU I 790 47.72 18.94 -62.26
N ALA I 791 48.91 18.89 -62.86
CA ALA I 791 49.24 17.82 -63.81
C ALA I 791 49.42 16.48 -63.12
N LEU I 792 49.82 16.49 -61.85
CA LEU I 792 49.95 15.25 -61.09
C LEU I 792 48.61 14.70 -60.62
N GLU I 793 47.53 15.47 -60.74
CA GLU I 793 46.22 15.05 -60.28
C GLU I 793 45.15 15.07 -61.36
N TYR I 794 45.38 15.72 -62.50
CA TYR I 794 44.42 15.65 -63.60
C TYR I 794 44.35 14.24 -64.17
N LEU I 795 43.13 13.83 -64.52
CA LEU I 795 42.88 12.57 -65.21
C LEU I 795 42.00 12.85 -66.41
N PHE I 796 42.35 12.27 -67.56
CA PHE I 796 41.57 12.52 -68.78
C PHE I 796 41.38 11.26 -69.62
N MET I 797 41.76 10.08 -69.14
CA MET I 797 41.55 8.88 -69.93
C MET I 797 40.86 7.76 -69.16
N ASP I 798 41.20 7.55 -67.89
CA ASP I 798 40.76 6.37 -67.15
C ASP I 798 39.53 6.68 -66.29
N ALA I 799 38.47 7.16 -66.93
CA ALA I 799 37.19 7.45 -66.30
C ALA I 799 36.16 7.66 -67.40
N THR I 800 34.97 8.12 -67.02
CA THR I 800 33.95 8.54 -67.95
C THR I 800 34.29 9.94 -68.49
N PRO I 801 33.69 10.34 -69.63
CA PRO I 801 33.87 11.73 -70.08
C PRO I 801 33.40 12.77 -69.07
N GLU I 802 32.33 12.49 -68.34
CA GLU I 802 31.94 13.36 -67.23
C GLU I 802 32.92 13.22 -66.06
N GLY I 803 33.52 12.04 -65.91
CA GLY I 803 34.43 11.80 -64.81
C GLY I 803 35.70 12.61 -64.88
N PHE I 804 36.25 12.78 -66.09
CA PHE I 804 37.44 13.62 -66.28
C PHE I 804 37.19 15.03 -65.80
N ALA I 805 36.07 15.63 -66.25
CA ALA I 805 35.80 17.02 -65.94
C ALA I 805 35.43 17.19 -64.47
N ARG I 806 34.72 16.22 -63.88
CA ARG I 806 34.41 16.32 -62.46
C ARG I 806 35.67 16.16 -61.60
N ASN I 807 36.56 15.25 -61.97
CA ASN I 807 37.82 15.10 -61.26
C ASN I 807 38.67 16.36 -61.37
N ASN I 808 38.72 16.96 -62.56
CA ASN I 808 39.46 18.20 -62.74
C ASN I 808 38.82 19.37 -61.97
N ALA I 809 37.49 19.37 -61.86
CA ALA I 809 36.81 20.39 -61.06
C ALA I 809 37.16 20.23 -59.58
N LEU I 810 37.20 19.00 -59.08
CA LEU I 810 37.59 18.77 -57.69
C LEU I 810 39.04 19.16 -57.46
N VAL I 811 39.92 18.85 -58.41
CA VAL I 811 41.34 19.19 -58.29
C VAL I 811 41.54 20.70 -58.28
N ALA I 812 40.87 21.41 -59.20
CA ALA I 812 40.97 22.87 -59.22
C ALA I 812 40.28 23.52 -58.03
N GLU I 813 39.30 22.83 -57.42
CA GLU I 813 38.68 23.36 -56.21
C GLU I 813 39.61 23.22 -55.01
N LYS I 814 40.31 22.09 -54.90
CA LYS I 814 41.20 21.90 -53.76
C LYS I 814 42.51 22.67 -53.89
N PHE I 815 42.80 23.26 -55.05
CA PHE I 815 43.98 24.08 -55.23
C PHE I 815 43.66 25.56 -55.36
N ASP I 816 42.44 25.97 -55.03
CA ASP I 816 41.98 27.36 -55.04
C ASP I 816 42.13 28.02 -56.42
N LEU I 817 41.40 27.47 -57.38
CA LEU I 817 41.32 27.99 -58.74
C LEU I 817 39.84 27.99 -59.11
N ASP I 818 39.17 29.12 -58.89
CA ASP I 818 37.71 29.15 -58.97
C ASP I 818 37.22 29.11 -60.41
N GLU I 819 37.85 29.89 -61.30
CA GLU I 819 37.39 29.95 -62.69
C GLU I 819 37.63 28.62 -63.40
N ILE I 820 38.77 28.00 -63.16
CA ILE I 820 39.10 26.71 -63.78
C ILE I 820 38.15 25.64 -63.25
N SER I 821 37.85 25.66 -61.94
CA SER I 821 36.93 24.70 -61.36
C SER I 821 35.53 24.86 -61.91
N HIS I 822 35.09 26.11 -62.11
CA HIS I 822 33.75 26.30 -62.67
C HIS I 822 33.69 25.91 -64.14
N CYS I 823 34.77 26.15 -64.89
CA CYS I 823 34.81 25.70 -66.28
C CYS I 823 34.74 24.18 -66.38
N TRP I 824 35.48 23.49 -65.51
CA TRP I 824 35.42 22.03 -65.50
C TRP I 824 34.05 21.53 -65.04
N GLN I 825 33.42 22.22 -64.09
CA GLN I 825 32.09 21.85 -63.63
C GLN I 825 31.06 22.00 -64.73
N ILE I 826 31.13 23.11 -65.48
CA ILE I 826 30.19 23.36 -66.57
C ILE I 826 30.39 22.35 -67.69
N LEU I 827 31.66 22.03 -68.01
CA LEU I 827 31.92 21.00 -69.01
C LEU I 827 31.47 19.61 -68.54
N SER I 828 31.57 19.34 -67.23
CA SER I 828 31.05 18.10 -66.67
C SER I 828 29.55 18.01 -66.83
N ASP I 829 28.84 19.12 -66.58
CA ASP I 829 27.39 19.15 -66.79
C ASP I 829 27.05 18.94 -68.26
N MET I 830 27.83 19.53 -69.16
CA MET I 830 27.55 19.39 -70.58
C MET I 830 27.93 18.02 -71.13
N LEU I 831 28.74 17.24 -70.41
CA LEU I 831 29.14 15.91 -70.87
C LEU I 831 28.46 14.79 -70.07
N ILE I 832 27.29 15.04 -69.52
CA ILE I 832 26.57 14.03 -68.76
C ILE I 832 25.89 13.06 -69.71
N ASP I 833 26.15 11.77 -69.54
CA ASP I 833 25.43 10.72 -70.24
C ASP I 833 24.84 9.73 -69.25
N GLN I 834 24.22 8.70 -69.80
CA GLN I 834 23.53 7.68 -69.00
C GLN I 834 23.59 6.37 -69.76
N SER I 835 23.11 5.30 -69.12
CA SER I 835 23.18 3.98 -69.73
C SER I 835 22.23 3.86 -70.93
N ASP I 836 20.99 4.31 -70.77
CA ASP I 836 20.05 4.32 -71.88
C ASP I 836 20.46 5.36 -72.92
N TYR I 837 20.11 5.10 -74.17
CA TYR I 837 20.49 5.98 -75.28
C TYR I 837 19.24 6.67 -75.82
N ASP I 838 19.23 8.00 -75.76
CA ASP I 838 18.25 8.83 -76.42
C ASP I 838 18.91 9.72 -77.47
N PRO I 839 18.26 9.92 -78.62
CA PRO I 839 18.90 10.66 -79.72
C PRO I 839 19.03 12.15 -79.46
N TYR I 840 18.16 12.72 -78.62
CA TYR I 840 18.14 14.16 -78.42
C TYR I 840 19.38 14.65 -77.70
N THR I 841 20.00 13.80 -76.88
CA THR I 841 21.29 14.14 -76.28
C THR I 841 22.37 14.27 -77.35
N THR I 842 22.38 13.36 -78.32
CA THR I 842 23.37 13.45 -79.41
C THR I 842 23.10 14.68 -80.29
N ILE I 843 21.82 14.97 -80.55
CA ILE I 843 21.46 16.14 -81.35
C ILE I 843 21.87 17.43 -80.63
N TRP I 844 21.66 17.48 -79.31
CA TRP I 844 22.07 18.65 -78.53
C TRP I 844 23.59 18.75 -78.43
N ASN I 845 24.29 17.62 -78.37
CA ASN I 845 25.74 17.64 -78.34
C ASN I 845 26.32 18.17 -79.64
N ASN I 846 25.78 17.73 -80.78
CA ASN I 846 26.29 18.14 -82.08
C ASN I 846 25.88 19.56 -82.47
N HIS I 847 25.06 20.23 -81.68
CA HIS I 847 24.64 21.59 -82.01
C HIS I 847 25.82 22.55 -81.86
N PRO I 848 25.94 23.56 -82.74
CA PRO I 848 27.06 24.50 -82.62
C PRO I 848 26.98 25.41 -81.41
N MET I 849 25.79 25.70 -80.91
CA MET I 849 25.63 26.64 -79.81
C MET I 849 25.81 26.01 -78.44
N GLY I 850 25.94 24.68 -78.37
CA GLY I 850 26.23 24.00 -77.13
C GLY I 850 27.52 23.21 -77.27
N ILE I 851 28.23 23.07 -76.15
CA ILE I 851 29.52 22.40 -76.02
C ILE I 851 30.60 23.05 -76.89
N LYS I 852 30.42 23.00 -78.21
CA LYS I 852 31.42 23.54 -79.14
C LYS I 852 31.62 25.04 -78.95
N TRP I 853 30.52 25.77 -78.74
CA TRP I 853 30.62 27.21 -78.44
C TRP I 853 31.36 27.45 -77.13
N PHE I 854 31.06 26.64 -76.11
CA PHE I 854 31.75 26.77 -74.83
C PHE I 854 33.23 26.51 -74.96
N ILE I 855 33.61 25.48 -75.73
CA ILE I 855 35.03 25.16 -75.89
C ILE I 855 35.73 26.26 -76.67
N LYS I 856 35.09 26.79 -77.72
CA LYS I 856 35.70 27.88 -78.50
C LYS I 856 35.91 29.12 -77.65
N GLU I 857 34.89 29.52 -76.88
CA GLU I 857 35.02 30.72 -76.05
C GLU I 857 36.00 30.50 -74.90
N ALA I 858 36.08 29.28 -74.37
CA ALA I 858 37.05 28.99 -73.32
C ALA I 858 38.48 29.01 -73.87
N ILE I 859 38.68 28.50 -75.09
CA ILE I 859 39.98 28.61 -75.74
C ILE I 859 40.37 30.06 -75.95
N VAL I 860 39.43 30.91 -76.37
CA VAL I 860 39.72 32.34 -76.54
C VAL I 860 40.08 32.97 -75.20
N TYR I 861 39.30 32.68 -74.16
CA TYR I 861 39.51 33.29 -72.84
C TYR I 861 40.83 32.86 -72.21
N PHE I 862 41.20 31.59 -72.36
CA PHE I 862 42.45 31.10 -71.79
C PHE I 862 43.64 31.39 -72.69
N GLU I 863 43.41 31.70 -73.96
CA GLU I 863 44.45 32.31 -74.78
C GLU I 863 44.78 33.70 -74.28
N ARG I 864 43.76 34.49 -73.95
CA ARG I 864 44.02 35.82 -73.41
C ARG I 864 44.61 35.77 -72.00
N GLN I 865 44.39 34.68 -71.26
CA GLN I 865 44.93 34.53 -69.91
C GLN I 865 46.31 33.87 -69.91
N GLN I 866 46.79 33.45 -71.08
CA GLN I 866 48.08 32.76 -71.25
C GLN I 866 48.18 31.51 -70.38
N ASN I 867 47.19 30.62 -70.54
CA ASN I 867 47.11 29.37 -69.79
C ASN I 867 47.17 28.21 -70.78
N LEU I 868 48.40 27.77 -71.09
CA LEU I 868 48.59 26.66 -72.00
C LEU I 868 48.12 25.33 -71.41
N GLN I 869 48.29 25.16 -70.09
CA GLN I 869 47.87 23.94 -69.43
C GLN I 869 46.36 23.73 -69.57
N MET I 870 45.59 24.77 -69.28
CA MET I 870 44.14 24.67 -69.38
C MET I 870 43.69 24.54 -70.83
N LEU I 871 44.41 25.16 -71.76
CA LEU I 871 44.10 25.03 -73.18
C LEU I 871 44.23 23.58 -73.65
N ALA I 872 45.40 22.97 -73.39
CA ALA I 872 45.60 21.60 -73.82
C ALA I 872 44.77 20.61 -73.02
N MET I 873 44.45 20.93 -71.77
CA MET I 873 43.58 20.06 -70.99
C MET I 873 42.16 20.09 -71.53
N LEU I 874 41.67 21.28 -71.91
CA LEU I 874 40.36 21.39 -72.55
C LEU I 874 40.35 20.62 -73.86
N CYS I 875 41.42 20.72 -74.64
CA CYS I 875 41.49 19.98 -75.91
C CYS I 875 41.49 18.47 -75.70
N CYS I 876 42.26 17.97 -74.72
CA CYS I 876 42.32 16.52 -74.54
C CYS I 876 41.07 15.97 -73.87
N VAL I 877 40.38 16.76 -73.04
CA VAL I 877 39.10 16.31 -72.51
C VAL I 877 38.03 16.30 -73.59
N ILE I 878 38.01 17.33 -74.45
CA ILE I 878 36.97 17.36 -75.47
C ILE I 878 37.25 16.35 -76.58
N LEU I 879 38.51 15.91 -76.73
CA LEU I 879 38.81 14.84 -77.68
C LEU I 879 38.66 13.45 -77.06
N SER I 880 38.89 13.30 -75.77
CA SER I 880 38.66 12.02 -75.11
C SER I 880 37.18 11.75 -74.90
N ALA I 881 36.37 12.80 -74.77
CA ALA I 881 34.93 12.63 -74.68
C ALA I 881 34.32 12.22 -76.01
N ARG I 882 35.05 12.39 -77.12
CA ARG I 882 34.51 12.05 -78.43
C ARG I 882 34.30 10.55 -78.60
N ARG I 883 35.16 9.73 -77.98
CA ARG I 883 35.13 8.27 -78.06
C ARG I 883 35.18 7.75 -79.50
N MET I 994 -10.12 6.62 -99.41
CA MET I 994 -8.87 7.26 -99.03
C MET I 994 -7.71 6.74 -99.87
N PRO I 995 -6.81 7.63 -100.28
CA PRO I 995 -5.66 7.24 -101.10
C PRO I 995 -4.54 6.69 -100.23
N ASP I 996 -3.45 6.29 -100.89
CA ASP I 996 -2.26 5.78 -100.22
C ASP I 996 -1.21 6.87 -100.17
N ILE I 997 -0.73 7.18 -98.96
CA ILE I 997 0.19 8.27 -98.71
C ILE I 997 1.59 7.70 -98.52
N LYS I 998 2.54 8.17 -99.30
CA LYS I 998 3.94 7.76 -99.18
C LYS I 998 4.75 8.84 -98.51
N VAL I 999 5.48 8.48 -97.45
CA VAL I 999 6.25 9.40 -96.64
C VAL I 999 7.72 9.03 -96.76
N GLU I 1000 8.55 10.01 -97.12
CA GLU I 1000 9.98 9.79 -97.32
C GLU I 1000 10.76 10.77 -96.44
N LEU I 1001 11.31 10.25 -95.33
CA LEU I 1001 12.16 11.07 -94.48
C LEU I 1001 13.48 11.37 -95.19
N LEU I 1002 13.87 12.63 -95.19
CA LEU I 1002 15.14 13.08 -95.78
C LEU I 1002 15.96 13.76 -94.69
N HIS I 1003 17.10 13.14 -94.36
CA HIS I 1003 18.06 13.64 -93.37
C HIS I 1003 17.40 13.83 -92.00
N ASP I 1004 16.81 12.74 -91.51
CA ASP I 1004 16.21 12.75 -90.19
C ASP I 1004 17.29 12.79 -89.12
N ASP I 1005 17.08 13.64 -88.11
CA ASP I 1005 18.09 13.81 -87.06
C ASP I 1005 18.16 12.60 -86.13
N ILE I 1006 17.03 11.92 -85.92
CA ILE I 1006 17.01 10.77 -85.03
C ILE I 1006 17.80 9.61 -85.63
N ILE I 1007 17.64 9.37 -86.93
CA ILE I 1007 18.38 8.31 -87.61
C ILE I 1007 19.87 8.62 -87.63
N GLU I 1008 20.22 9.89 -87.86
CA GLU I 1008 21.63 10.29 -87.87
C GLU I 1008 22.26 10.20 -86.48
N ALA I 1009 21.48 10.45 -85.42
CA ALA I 1009 21.99 10.26 -84.08
C ALA I 1009 22.15 8.78 -83.76
N TYR I 1010 21.24 7.95 -84.24
CA TYR I 1010 21.40 6.50 -84.14
C TYR I 1010 22.58 5.99 -84.96
N GLU I 1011 22.93 6.67 -86.05
CA GLU I 1011 24.05 6.27 -86.89
C GLU I 1011 25.36 6.95 -86.49
N GLN I 1012 25.52 7.29 -85.21
CA GLN I 1012 26.70 7.97 -84.74
C GLN I 1012 27.16 7.34 -83.43
N GLU I 1013 28.33 6.71 -83.43
CA GLU I 1013 28.87 6.10 -82.24
C GLU I 1013 29.62 7.08 -81.34
N ASP I 1014 29.84 8.31 -81.81
CA ASP I 1014 30.58 9.29 -81.05
C ASP I 1014 29.63 10.16 -80.24
N LEU I 1015 30.11 10.59 -79.07
CA LEU I 1015 29.38 11.57 -78.26
C LEU I 1015 29.29 12.91 -78.98
N LEU I 1016 30.36 13.33 -79.63
CA LEU I 1016 30.43 14.58 -80.36
C LEU I 1016 30.99 14.34 -81.75
N HIS I 1017 30.51 15.11 -82.72
CA HIS I 1017 31.09 15.12 -84.06
C HIS I 1017 32.00 16.35 -84.17
N LEU I 1018 33.20 16.21 -83.63
CA LEU I 1018 34.17 17.30 -83.67
C LEU I 1018 34.83 17.37 -85.04
N GLU I 1019 35.34 18.56 -85.37
CA GLU I 1019 36.08 18.76 -86.60
C GLU I 1019 37.30 19.62 -86.29
N VAL I 1020 38.16 19.77 -87.31
CA VAL I 1020 39.33 20.63 -87.16
C VAL I 1020 38.92 22.09 -87.06
N SER I 1021 37.79 22.46 -87.68
CA SER I 1021 37.26 23.81 -87.55
C SER I 1021 36.79 24.10 -86.13
N ASP I 1022 36.35 23.07 -85.39
CA ASP I 1022 35.94 23.27 -84.02
C ASP I 1022 37.13 23.51 -83.11
N ILE I 1023 38.18 22.71 -83.24
CA ILE I 1023 39.40 22.89 -82.45
C ILE I 1023 40.54 23.16 -83.42
N PRO I 1024 40.87 24.41 -83.71
CA PRO I 1024 41.86 24.68 -84.77
C PRO I 1024 43.30 24.41 -84.38
N LYS I 1025 43.63 24.50 -83.10
CA LYS I 1025 45.01 24.46 -82.65
C LYS I 1025 45.23 23.40 -81.58
N PHE I 1026 44.63 22.23 -81.75
CA PHE I 1026 44.81 21.17 -80.76
C PHE I 1026 46.23 20.60 -80.79
N GLN I 1027 46.81 20.51 -82.00
CA GLN I 1027 48.11 19.87 -82.16
C GLN I 1027 49.21 20.67 -81.46
N THR I 1028 49.25 21.98 -81.70
CA THR I 1028 50.31 22.82 -81.12
C THR I 1028 50.19 22.91 -79.61
N TYR I 1029 48.96 23.09 -79.10
CA TYR I 1029 48.77 23.21 -77.66
C TYR I 1029 49.10 21.90 -76.94
N ILE I 1030 48.65 20.78 -77.51
CA ILE I 1030 48.92 19.48 -76.89
C ILE I 1030 50.42 19.15 -76.96
N TYR I 1031 51.08 19.50 -78.07
CA TYR I 1031 52.51 19.25 -78.19
C TYR I 1031 53.32 20.09 -77.22
N GLN I 1032 52.97 21.37 -77.07
CA GLN I 1032 53.70 22.23 -76.15
C GLN I 1032 53.47 21.82 -74.69
N TYR I 1033 52.23 21.43 -74.35
CA TYR I 1033 52.00 20.94 -72.98
C TYR I 1033 52.67 19.60 -72.75
N SER I 1034 52.84 18.79 -73.80
CA SER I 1034 53.59 17.54 -73.67
C SER I 1034 55.07 17.83 -73.40
N LYS I 1035 55.63 18.84 -74.07
CA LYS I 1035 56.99 19.28 -73.78
C LYS I 1035 57.13 19.77 -72.34
N LEU I 1036 56.15 20.55 -71.88
CA LEU I 1036 56.16 21.03 -70.49
C LEU I 1036 56.01 19.87 -69.50
N LEU I 1037 55.24 18.85 -69.86
CA LEU I 1037 55.08 17.68 -69.00
C LEU I 1037 56.36 16.86 -68.94
N PHE I 1038 57.08 16.79 -70.06
CA PHE I 1038 58.37 16.09 -70.07
C PHE I 1038 59.42 16.86 -69.27
N ARG I 1039 59.30 18.19 -69.21
CA ARG I 1039 60.21 18.94 -68.36
C ARG I 1039 59.97 18.66 -66.87
N TRP I 1040 58.75 18.30 -66.50
CA TRP I 1040 58.48 17.78 -65.16
C TRP I 1040 58.80 16.29 -65.10
N GLY I 1041 58.51 15.68 -63.96
CA GLY I 1041 58.75 14.26 -63.79
C GLY I 1041 57.56 13.39 -64.15
N LEU I 1042 56.89 13.73 -65.26
CA LEU I 1042 55.70 13.03 -65.71
C LEU I 1042 55.88 12.66 -67.19
N PRO I 1043 56.62 11.58 -67.46
CA PRO I 1043 56.87 11.21 -68.85
C PRO I 1043 55.77 10.38 -69.50
N LEU I 1044 54.83 9.85 -68.71
CA LEU I 1044 53.72 9.07 -69.25
C LEU I 1044 52.54 9.94 -69.67
N GLU I 1045 52.32 11.07 -68.99
CA GLU I 1045 51.20 11.94 -69.32
C GLU I 1045 51.38 12.59 -70.70
N ARG I 1046 52.62 12.92 -71.07
CA ARG I 1046 52.85 13.46 -72.40
C ARG I 1046 52.58 12.40 -73.48
N VAL I 1047 52.84 11.13 -73.17
CA VAL I 1047 52.55 10.07 -74.13
C VAL I 1047 51.05 9.87 -74.25
N LYS I 1048 50.33 9.97 -73.13
CA LYS I 1048 48.87 9.89 -73.16
C LYS I 1048 48.27 11.01 -74.00
N ILE I 1049 48.72 12.25 -73.79
CA ILE I 1049 48.14 13.38 -74.49
C ILE I 1049 48.52 13.36 -75.97
N LEU I 1050 49.73 12.89 -76.31
CA LEU I 1050 50.10 12.80 -77.71
C LEU I 1050 49.38 11.63 -78.39
N LYS I 1051 49.09 10.56 -77.64
CA LYS I 1051 48.28 9.48 -78.19
C LYS I 1051 46.87 9.95 -78.49
N VAL I 1052 46.29 10.77 -77.60
CA VAL I 1052 44.96 11.33 -77.84
C VAL I 1052 44.97 12.22 -79.09
N SER I 1053 45.98 13.08 -79.19
CA SER I 1053 46.08 13.99 -80.35
C SER I 1053 46.29 13.22 -81.65
N THR I 1054 47.15 12.20 -81.63
CA THR I 1054 47.41 11.42 -82.82
C THR I 1054 46.21 10.55 -83.19
N ASP I 1055 45.45 10.08 -82.20
CA ASP I 1055 44.23 9.34 -82.48
C ASP I 1055 43.20 10.22 -83.16
N PHE I 1056 43.06 11.47 -82.71
CA PHE I 1056 42.13 12.37 -83.39
C PHE I 1056 42.63 12.75 -84.80
N ARG I 1057 43.95 12.92 -84.94
CA ARG I 1057 44.51 13.24 -86.25
C ARG I 1057 44.33 12.10 -87.25
N SER I 1058 44.46 10.86 -86.78
CA SER I 1058 44.13 9.71 -87.62
C SER I 1058 42.62 9.56 -87.79
N SER I 1059 41.82 10.09 -86.87
CA SER I 1059 40.38 10.01 -87.00
C SER I 1059 39.88 10.90 -88.13
N TYR I 1060 40.38 12.13 -88.22
CA TYR I 1060 39.94 12.97 -89.32
C TYR I 1060 40.79 12.77 -90.58
N SER I 1061 41.83 11.94 -90.52
CA SER I 1061 42.67 11.68 -91.67
C SER I 1061 43.25 10.27 -91.62
N SER I 1073 60.26 9.42 -88.23
CA SER I 1073 59.88 8.20 -87.55
C SER I 1073 60.89 7.83 -86.47
N PRO I 1074 60.68 8.36 -85.25
CA PRO I 1074 61.62 8.05 -84.16
C PRO I 1074 61.45 6.67 -83.56
N TYR I 1075 60.41 5.94 -83.91
CA TYR I 1075 60.12 4.62 -83.35
C TYR I 1075 59.94 3.60 -84.46
N ASN I 1076 60.86 3.60 -85.43
CA ASN I 1076 60.78 2.71 -86.57
C ASN I 1076 62.16 2.16 -86.85
N GLY I 1077 62.31 1.51 -88.00
CA GLY I 1077 63.58 0.92 -88.39
C GLY I 1077 63.69 -0.53 -87.97
N VAL I 1078 63.78 -0.78 -86.66
CA VAL I 1078 63.92 -2.13 -86.14
C VAL I 1078 62.63 -2.90 -86.36
N LEU I 1079 62.74 -4.03 -87.08
CA LEU I 1079 61.68 -5.02 -87.17
C LEU I 1079 62.26 -6.37 -86.73
N THR I 1080 61.48 -7.10 -85.94
CA THR I 1080 61.94 -8.40 -85.44
C THR I 1080 61.66 -9.46 -86.49
N HIS I 1081 62.69 -10.21 -86.87
CA HIS I 1081 62.62 -11.19 -87.94
C HIS I 1081 62.91 -12.56 -87.38
N TRP I 1082 61.95 -13.48 -87.52
CA TRP I 1082 62.17 -14.87 -87.15
C TRP I 1082 63.19 -15.52 -88.07
N ILE I 1083 63.99 -16.42 -87.50
CA ILE I 1083 64.96 -17.18 -88.29
C ILE I 1083 64.22 -18.23 -89.12
N GLU I 1084 64.29 -18.09 -90.44
CA GLU I 1084 63.59 -19.00 -91.36
C GLU I 1084 64.37 -20.31 -91.41
N ASN I 1085 64.08 -21.19 -90.45
CA ASN I 1085 64.76 -22.46 -90.35
C ASN I 1085 64.00 -23.53 -91.13
N ASN I 1086 64.70 -24.25 -91.98
CA ASN I 1086 64.06 -25.30 -92.78
C ASN I 1086 63.77 -26.50 -91.89
N GLU I 1087 62.55 -26.56 -91.36
CA GLU I 1087 62.14 -27.60 -90.44
C GLU I 1087 60.94 -28.36 -91.01
N PHE I 1088 60.71 -29.55 -90.45
CA PHE I 1088 59.66 -30.44 -90.94
C PHE I 1088 58.56 -30.67 -89.93
N GLY I 1089 58.89 -31.03 -88.69
CA GLY I 1089 57.87 -31.44 -87.74
C GLY I 1089 57.48 -30.40 -86.71
N GLU I 1090 57.65 -30.73 -85.43
CA GLU I 1090 57.18 -29.87 -84.35
C GLU I 1090 58.08 -28.69 -84.06
N GLU I 1091 59.35 -28.74 -84.46
CA GLU I 1091 60.24 -27.61 -84.20
C GLU I 1091 59.85 -26.38 -85.02
N LYS I 1092 59.07 -26.56 -86.09
CA LYS I 1092 58.46 -25.42 -86.77
C LYS I 1092 57.51 -24.70 -85.82
N PHE I 1093 56.72 -25.46 -85.06
CA PHE I 1093 55.84 -24.86 -84.06
C PHE I 1093 56.62 -24.41 -82.83
N LEU I 1094 57.69 -25.13 -82.48
CA LEU I 1094 58.47 -24.82 -81.29
C LEU I 1094 59.45 -23.68 -81.50
N ALA I 1095 59.62 -23.20 -82.74
CA ALA I 1095 60.47 -22.04 -82.97
C ALA I 1095 59.88 -20.78 -82.37
N ARG I 1096 58.58 -20.57 -82.54
CA ARG I 1096 57.93 -19.36 -82.00
C ARG I 1096 57.30 -19.62 -80.64
N ASN I 1097 58.08 -20.16 -79.69
CA ASN I 1097 57.59 -20.44 -78.35
C ASN I 1097 58.53 -19.87 -77.32
N CYS I 1098 57.96 -19.37 -76.22
CA CYS I 1098 58.74 -18.83 -75.12
C CYS I 1098 59.57 -19.93 -74.45
N ASN I 1099 60.73 -19.55 -73.95
CA ASN I 1099 61.67 -20.50 -73.37
C ASN I 1099 61.48 -20.68 -71.87
N TYR I 1100 60.48 -20.03 -71.28
CA TYR I 1100 60.14 -20.19 -69.88
C TYR I 1100 58.84 -20.94 -69.65
N CYS I 1101 57.83 -20.70 -70.48
CA CYS I 1101 56.52 -21.30 -70.32
C CYS I 1101 56.10 -22.19 -71.47
N ASP I 1102 56.85 -22.22 -72.57
CA ASP I 1102 56.56 -22.99 -73.78
C ASP I 1102 55.18 -22.68 -74.35
N LEU I 1103 54.81 -21.40 -74.32
CA LEU I 1103 53.62 -20.88 -74.98
C LEU I 1103 54.05 -19.99 -76.15
N ARG I 1104 53.13 -19.78 -77.08
CA ARG I 1104 53.45 -18.97 -78.26
C ARG I 1104 53.58 -17.50 -77.86
N VAL I 1105 54.67 -16.87 -78.28
CA VAL I 1105 54.94 -15.47 -78.00
C VAL I 1105 54.53 -14.63 -79.22
N THR I 1106 53.75 -13.59 -78.97
CA THR I 1106 53.30 -12.70 -80.03
C THR I 1106 53.36 -11.22 -79.68
N ARG I 1107 53.41 -10.84 -78.41
CA ARG I 1107 53.47 -9.45 -78.00
C ARG I 1107 54.41 -9.31 -76.81
N SER I 1108 55.18 -8.22 -76.81
CA SER I 1108 56.01 -7.78 -75.68
C SER I 1108 57.04 -8.86 -75.29
N SER I 1109 57.95 -9.10 -76.23
CA SER I 1109 58.96 -10.13 -76.08
C SER I 1109 60.26 -9.54 -75.53
N PHE I 1110 61.15 -10.44 -75.11
CA PHE I 1110 62.52 -10.11 -74.75
C PHE I 1110 63.48 -10.94 -75.58
N ILE I 1111 64.41 -10.29 -76.26
CA ILE I 1111 65.34 -10.95 -77.16
C ILE I 1111 66.77 -10.71 -76.68
N CYS I 1112 67.53 -11.80 -76.54
CA CYS I 1112 68.96 -11.75 -76.30
C CYS I 1112 69.72 -11.70 -77.62
N GLY I 1113 70.94 -11.20 -77.56
CA GLY I 1113 71.75 -11.07 -78.77
C GLY I 1113 72.71 -12.20 -78.99
N ASN I 1114 73.37 -12.66 -77.92
CA ASN I 1114 74.32 -13.77 -78.05
C ASN I 1114 73.60 -15.07 -78.40
N CYS I 1115 72.56 -15.41 -77.64
CA CYS I 1115 71.66 -16.49 -78.00
C CYS I 1115 70.35 -15.91 -78.52
N GLN I 1116 69.82 -16.51 -79.57
CA GLN I 1116 68.65 -15.95 -80.26
C GLN I 1116 67.38 -16.65 -79.78
N HIS I 1117 67.00 -16.32 -78.53
CA HIS I 1117 65.90 -16.97 -77.85
C HIS I 1117 64.92 -15.92 -77.32
N VAL I 1118 63.62 -16.19 -77.49
CA VAL I 1118 62.57 -15.28 -77.05
C VAL I 1118 62.21 -15.57 -75.60
N LEU I 1119 61.60 -14.58 -74.96
CA LEU I 1119 60.90 -14.75 -73.69
C LEU I 1119 59.74 -13.77 -73.66
N HIS I 1120 58.68 -14.14 -72.93
CA HIS I 1120 57.64 -13.17 -72.65
C HIS I 1120 58.16 -12.11 -71.68
N SER I 1121 57.50 -10.94 -71.66
CA SER I 1121 57.89 -9.89 -70.74
C SER I 1121 57.66 -10.31 -69.29
N SER I 1122 56.52 -10.93 -69.01
CA SER I 1122 56.26 -11.45 -67.67
C SER I 1122 57.19 -12.61 -67.34
N CYS I 1123 57.45 -13.49 -68.31
CA CYS I 1123 58.36 -14.61 -68.08
C CYS I 1123 59.79 -14.13 -67.85
N ALA I 1124 60.22 -13.10 -68.58
CA ALA I 1124 61.56 -12.56 -68.35
C ALA I 1124 61.64 -11.84 -67.00
N ARG I 1125 60.61 -11.09 -66.63
CA ARG I 1125 60.65 -10.39 -65.35
C ARG I 1125 60.50 -11.33 -64.17
N ILE I 1126 59.96 -12.54 -64.38
CA ILE I 1126 59.94 -13.54 -63.32
C ILE I 1126 61.27 -14.29 -63.26
N TRP I 1127 61.83 -14.64 -64.43
CA TRP I 1127 62.99 -15.54 -64.45
C TRP I 1127 64.26 -14.84 -63.99
N TRP I 1128 64.45 -13.58 -64.36
CA TRP I 1128 65.70 -12.90 -64.03
C TRP I 1128 65.74 -12.39 -62.59
N GLU I 1129 64.64 -12.50 -61.85
CA GLU I 1129 64.70 -12.30 -60.41
C GLU I 1129 65.33 -13.48 -59.69
N ILE I 1130 65.36 -14.65 -60.31
CA ILE I 1130 65.88 -15.85 -59.67
C ILE I 1130 66.94 -16.57 -60.49
N GLY I 1131 67.03 -16.38 -61.80
CA GLY I 1131 67.95 -17.11 -62.63
C GLY I 1131 69.12 -16.25 -63.11
N ASP I 1132 70.09 -16.93 -63.74
CA ASP I 1132 71.28 -16.27 -64.25
C ASP I 1132 71.65 -16.67 -65.67
N GLU I 1133 71.18 -17.79 -66.18
CA GLU I 1133 71.43 -18.21 -67.55
C GLU I 1133 70.11 -18.27 -68.32
N CYS I 1134 70.21 -18.60 -69.61
CA CYS I 1134 69.03 -18.73 -70.44
C CYS I 1134 68.19 -19.91 -69.97
N PRO I 1135 66.86 -19.75 -69.87
CA PRO I 1135 66.01 -20.86 -69.40
C PRO I 1135 65.97 -22.05 -70.35
N SER I 1136 66.37 -21.90 -71.61
CA SER I 1136 66.50 -23.03 -72.51
C SER I 1136 67.77 -23.83 -72.27
N GLY I 1137 68.64 -23.36 -71.38
CA GLY I 1137 69.87 -24.06 -71.05
C GLY I 1137 70.89 -24.13 -72.16
N CYS I 1138 71.09 -23.03 -72.89
CA CYS I 1138 72.13 -22.96 -73.89
C CYS I 1138 73.46 -22.48 -73.33
N GLY I 1139 73.51 -22.10 -72.06
CA GLY I 1139 74.75 -21.64 -71.46
C GLY I 1139 75.08 -20.19 -71.69
N CYS I 1140 74.11 -19.37 -72.10
CA CYS I 1140 74.33 -17.96 -72.39
C CYS I 1140 73.92 -17.12 -71.19
N ASN I 1141 74.86 -16.33 -70.67
CA ASN I 1141 74.59 -15.41 -69.57
C ASN I 1141 73.90 -14.17 -70.14
N CYS I 1142 72.59 -14.30 -70.32
CA CYS I 1142 71.80 -13.25 -70.94
C CYS I 1142 71.77 -11.90 -70.22
N PRO I 1143 71.89 -11.78 -68.89
CA PRO I 1143 72.08 -10.44 -68.30
C PRO I 1143 73.36 -9.73 -68.71
N GLU I 1144 74.37 -10.44 -69.21
CA GLU I 1144 75.61 -9.82 -69.62
C GLU I 1144 75.92 -10.00 -71.11
N MET I 1145 75.02 -10.60 -71.89
CA MET I 1145 75.30 -10.85 -73.30
C MET I 1145 74.08 -10.61 -74.18
N PHE I 1146 73.14 -9.77 -73.74
CA PHE I 1146 71.97 -9.48 -74.55
C PHE I 1146 72.18 -8.32 -75.53
N ASP I 1147 73.38 -7.76 -75.59
CA ASP I 1147 73.65 -6.63 -76.46
C ASP I 1147 74.29 -7.09 -77.77
N MET J 1 33.97 -33.65 -51.35
CA MET J 1 33.16 -34.05 -52.50
C MET J 1 32.15 -32.96 -52.86
N GLN J 2 32.63 -31.71 -52.94
CA GLN J 2 31.73 -30.60 -53.22
C GLN J 2 31.29 -30.62 -54.68
N PRO J 3 29.99 -30.57 -54.96
CA PRO J 3 29.52 -30.52 -56.35
C PRO J 3 29.31 -29.10 -56.85
N PHE J 4 29.47 -28.95 -58.17
CA PHE J 4 29.16 -27.70 -58.85
C PHE J 4 28.28 -28.00 -60.05
N ASP J 5 27.28 -27.15 -60.27
CA ASP J 5 26.32 -27.34 -61.35
C ASP J 5 26.85 -26.67 -62.62
N SER J 6 26.92 -27.45 -63.70
CA SER J 6 27.47 -26.92 -64.94
C SER J 6 26.52 -25.98 -65.66
N GLY J 7 25.23 -25.98 -65.29
CA GLY J 7 24.28 -25.07 -65.90
C GLY J 7 23.74 -25.49 -67.24
N HIS J 8 24.03 -26.71 -67.69
CA HIS J 8 23.46 -27.23 -68.92
C HIS J 8 21.97 -27.49 -68.76
N ASP J 9 21.26 -27.42 -69.89
CA ASP J 9 19.82 -27.69 -69.92
C ASP J 9 19.51 -29.13 -70.28
N ASP J 10 20.52 -29.98 -70.43
CA ASP J 10 20.32 -31.37 -70.85
C ASP J 10 21.44 -32.20 -70.22
N LEU J 11 21.63 -33.41 -70.75
CA LEU J 11 22.64 -34.32 -70.25
C LEU J 11 24.04 -33.79 -70.55
N VAL J 12 25.00 -34.17 -69.71
CA VAL J 12 26.41 -33.87 -69.92
C VAL J 12 27.07 -35.13 -70.44
N HIS J 13 27.70 -35.04 -71.61
CA HIS J 13 28.20 -36.22 -72.31
C HIS J 13 29.68 -36.47 -72.09
N ASP J 14 30.52 -35.44 -72.17
CA ASP J 14 31.94 -35.61 -71.95
C ASP J 14 32.50 -34.39 -71.22
N VAL J 15 33.31 -34.65 -70.19
CA VAL J 15 34.06 -33.62 -69.48
C VAL J 15 35.53 -34.01 -69.55
N VAL J 16 36.37 -33.06 -69.96
CA VAL J 16 37.80 -33.29 -70.07
C VAL J 16 38.56 -32.19 -69.33
N TYR J 17 39.65 -32.57 -68.69
CA TYR J 17 40.60 -31.63 -68.13
C TYR J 17 41.53 -31.13 -69.22
N ASP J 18 42.14 -29.97 -68.97
CA ASP J 18 43.17 -29.46 -69.86
C ASP J 18 44.52 -30.02 -69.43
N PHE J 19 45.60 -29.48 -69.99
CA PHE J 19 46.93 -29.97 -69.64
C PHE J 19 47.31 -29.55 -68.23
N TYR J 20 47.02 -28.31 -67.85
CA TYR J 20 47.41 -27.79 -66.55
C TYR J 20 46.49 -28.23 -65.43
N GLY J 21 45.31 -28.74 -65.75
CA GLY J 21 44.38 -29.20 -64.74
C GLY J 21 43.52 -28.13 -64.10
N ARG J 22 43.68 -26.87 -64.49
CA ARG J 22 42.91 -25.78 -63.92
C ARG J 22 41.71 -25.40 -64.79
N HIS J 23 41.47 -26.10 -65.88
CA HIS J 23 40.35 -25.81 -66.77
C HIS J 23 39.64 -27.10 -67.15
N VAL J 24 38.30 -27.06 -67.14
CA VAL J 24 37.48 -28.14 -67.68
C VAL J 24 36.51 -27.57 -68.71
N ALA J 25 36.29 -28.32 -69.77
CA ALA J 25 35.29 -28.02 -70.79
C ALA J 25 34.23 -29.12 -70.75
N THR J 26 32.96 -28.72 -70.70
CA THR J 26 31.87 -29.67 -70.55
C THR J 26 30.96 -29.57 -71.78
N CYS J 27 31.02 -30.58 -72.63
CA CYS J 27 30.07 -30.70 -73.73
C CYS J 27 28.76 -31.30 -73.20
N SER J 28 27.71 -31.18 -74.00
CA SER J 28 26.39 -31.56 -73.52
C SER J 28 25.50 -31.88 -74.71
N SER J 29 24.27 -32.31 -74.41
CA SER J 29 23.29 -32.69 -75.42
C SER J 29 22.40 -31.54 -75.85
N ASP J 30 22.55 -30.35 -75.25
CA ASP J 30 21.85 -29.16 -75.71
C ASP J 30 22.74 -28.28 -76.59
N GLN J 31 23.59 -28.94 -77.39
CA GLN J 31 24.50 -28.34 -78.39
C GLN J 31 25.27 -27.12 -77.85
N HIS J 32 25.80 -27.25 -76.64
CA HIS J 32 26.54 -26.17 -76.00
C HIS J 32 27.86 -26.70 -75.47
N ILE J 33 28.87 -25.84 -75.46
CA ILE J 33 30.14 -26.11 -74.80
C ILE J 33 30.38 -25.02 -73.77
N LYS J 34 30.57 -25.43 -72.52
CA LYS J 34 30.84 -24.52 -71.42
C LYS J 34 32.24 -24.81 -70.89
N VAL J 35 33.08 -23.79 -70.84
CA VAL J 35 34.44 -23.91 -70.35
C VAL J 35 34.52 -23.30 -68.96
N PHE J 36 34.96 -24.09 -67.99
CA PHE J 36 35.05 -23.65 -66.61
C PHE J 36 36.51 -23.51 -66.21
N LYS J 37 36.78 -22.53 -65.36
CA LYS J 37 38.13 -22.27 -64.86
C LYS J 37 38.12 -22.33 -63.35
N LEU J 38 39.31 -22.48 -62.78
CA LEU J 38 39.47 -22.57 -61.33
C LEU J 38 40.05 -21.24 -60.85
N ASP J 39 39.23 -20.49 -60.09
CA ASP J 39 39.70 -19.27 -59.48
C ASP J 39 40.61 -19.59 -58.30
N LYS J 40 41.79 -18.96 -58.27
CA LYS J 40 42.73 -19.22 -57.19
C LYS J 40 42.29 -18.58 -55.88
N ASP J 41 41.39 -17.59 -55.93
CA ASP J 41 40.93 -16.91 -54.72
C ASP J 41 39.72 -17.60 -54.11
N THR J 42 38.64 -17.74 -54.88
CA THR J 42 37.41 -18.35 -54.37
C THR J 42 37.49 -19.87 -54.27
N SER J 43 38.47 -20.50 -54.95
CA SER J 43 38.67 -21.94 -54.97
C SER J 43 37.41 -22.69 -55.45
N ASN J 44 36.70 -22.09 -56.40
CA ASN J 44 35.48 -22.67 -56.92
C ASN J 44 35.45 -22.54 -58.44
N TRP J 45 34.87 -23.54 -59.09
CA TRP J 45 34.75 -23.51 -60.54
C TRP J 45 33.75 -22.45 -60.99
N GLU J 46 34.12 -21.71 -62.04
CA GLU J 46 33.27 -20.66 -62.57
C GLU J 46 33.34 -20.69 -64.10
N LEU J 47 32.26 -20.27 -64.73
CA LEU J 47 32.15 -20.34 -66.18
C LEU J 47 33.01 -19.26 -66.84
N SER J 48 33.76 -19.67 -67.87
CA SER J 48 34.56 -18.73 -68.66
C SER J 48 33.85 -18.30 -69.94
N ASP J 49 33.27 -19.26 -70.68
CA ASP J 49 32.51 -18.93 -71.88
C ASP J 49 31.51 -20.04 -72.13
N SER J 50 30.34 -19.66 -72.66
CA SER J 50 29.31 -20.61 -73.05
C SER J 50 28.77 -20.21 -74.41
N TRP J 51 28.80 -21.15 -75.37
CA TRP J 51 28.37 -20.83 -76.72
C TRP J 51 27.77 -22.06 -77.37
N ARG J 52 26.83 -21.84 -78.28
CA ARG J 52 26.25 -22.92 -79.07
C ARG J 52 27.23 -23.33 -80.16
N ALA J 53 27.59 -24.60 -80.20
CA ALA J 53 28.66 -25.06 -81.08
C ALA J 53 28.14 -25.82 -82.29
N HIS J 54 27.38 -26.90 -82.09
CA HIS J 54 26.98 -27.76 -83.19
C HIS J 54 25.47 -27.72 -83.38
N ASP J 55 25.00 -28.49 -84.37
CA ASP J 55 23.59 -28.60 -84.69
C ASP J 55 22.96 -29.86 -84.12
N SER J 56 23.74 -30.70 -83.43
CA SER J 56 23.22 -31.89 -82.78
C SER J 56 23.85 -31.99 -81.39
N SER J 57 23.67 -33.15 -80.74
CA SER J 57 24.25 -33.35 -79.44
C SER J 57 25.75 -33.60 -79.56
N ILE J 58 26.54 -32.91 -78.73
CA ILE J 58 27.99 -33.05 -78.73
C ILE J 58 28.36 -34.16 -77.75
N VAL J 59 29.15 -35.13 -78.22
CA VAL J 59 29.44 -36.32 -77.44
C VAL J 59 30.89 -36.44 -77.02
N ALA J 60 31.80 -35.65 -77.60
CA ALA J 60 33.21 -35.74 -77.25
C ALA J 60 33.90 -34.42 -77.54
N ILE J 61 34.67 -33.93 -76.56
CA ILE J 61 35.55 -32.79 -76.74
C ILE J 61 36.91 -33.14 -76.17
N ASP J 62 37.93 -32.42 -76.65
CA ASP J 62 39.29 -32.68 -76.21
C ASP J 62 40.13 -31.42 -76.34
N TRP J 63 40.94 -31.15 -75.31
CA TRP J 63 41.85 -30.01 -75.33
C TRP J 63 43.10 -30.35 -76.13
N ALA J 64 43.68 -29.33 -76.75
CA ALA J 64 44.97 -29.47 -77.39
C ALA J 64 46.07 -29.05 -76.43
N SER J 65 47.31 -29.46 -76.76
CA SER J 65 48.45 -29.14 -75.92
C SER J 65 48.71 -27.64 -75.94
N PRO J 66 49.08 -27.05 -74.79
CA PRO J 66 49.20 -25.59 -74.71
C PRO J 66 50.35 -25.00 -75.52
N GLU J 67 51.30 -25.80 -75.97
CA GLU J 67 52.31 -25.33 -76.91
C GLU J 67 51.71 -24.99 -78.26
N TYR J 68 50.53 -25.51 -78.56
CA TYR J 68 49.80 -25.20 -79.77
C TYR J 68 48.75 -24.12 -79.56
N GLY J 69 48.67 -23.57 -78.35
CA GLY J 69 47.61 -22.64 -78.01
C GLY J 69 46.42 -23.32 -77.39
N ARG J 70 45.38 -22.53 -77.14
CA ARG J 70 44.17 -23.01 -76.48
C ARG J 70 43.18 -23.42 -77.57
N ILE J 71 43.26 -24.69 -77.97
CA ILE J 71 42.41 -25.25 -79.02
C ILE J 71 41.56 -26.36 -78.42
N ILE J 72 40.25 -26.29 -78.63
CA ILE J 72 39.31 -27.29 -78.14
C ILE J 72 38.62 -27.92 -79.34
N ALA J 73 38.77 -29.24 -79.49
CA ALA J 73 38.04 -30.00 -80.48
C ALA J 73 36.63 -30.32 -79.98
N SER J 74 35.74 -30.67 -80.91
CA SER J 74 34.37 -31.02 -80.57
C SER J 74 33.79 -31.92 -81.65
N ALA J 75 33.54 -33.18 -81.31
CA ALA J 75 32.85 -34.12 -82.19
C ALA J 75 31.41 -34.31 -81.74
N SER J 76 30.49 -34.36 -82.70
CA SER J 76 29.07 -34.45 -82.41
C SER J 76 28.41 -35.40 -83.40
N TYR J 77 27.08 -35.50 -83.29
CA TYR J 77 26.29 -36.38 -84.14
C TYR J 77 25.92 -35.77 -85.48
N ASP J 78 26.16 -34.47 -85.69
CA ASP J 78 25.88 -33.83 -86.96
C ASP J 78 27.04 -33.93 -87.95
N LYS J 79 27.93 -34.92 -87.76
CA LYS J 79 29.00 -35.26 -88.69
C LYS J 79 29.99 -34.12 -88.88
N THR J 80 30.18 -33.29 -87.86
CA THR J 80 31.08 -32.15 -87.92
C THR J 80 32.08 -32.20 -86.79
N VAL J 81 33.29 -31.74 -87.07
CA VAL J 81 34.34 -31.55 -86.07
C VAL J 81 34.66 -30.08 -86.04
N LYS J 82 34.34 -29.41 -84.94
CA LYS J 82 34.53 -27.97 -84.84
C LYS J 82 35.66 -27.68 -83.87
N LEU J 83 36.60 -26.85 -84.32
CA LEU J 83 37.82 -26.53 -83.60
C LEU J 83 37.72 -25.09 -83.13
N TRP J 84 38.03 -24.84 -81.87
CA TRP J 84 37.77 -23.53 -81.29
C TRP J 84 39.04 -23.02 -80.64
N GLU J 85 39.40 -21.77 -80.97
CA GLU J 85 40.57 -21.11 -80.42
C GLU J 85 40.13 -19.91 -79.61
N GLU J 86 40.78 -19.69 -78.48
CA GLU J 86 40.37 -18.63 -77.57
C GLU J 86 40.98 -17.31 -78.01
N ASP J 87 40.13 -16.29 -78.14
CA ASP J 87 40.61 -14.93 -78.39
C ASP J 87 41.00 -14.30 -77.06
N PRO J 88 42.25 -13.86 -76.89
CA PRO J 88 42.63 -13.22 -75.62
C PRO J 88 41.94 -11.89 -75.37
N ASP J 89 41.65 -11.12 -76.42
CA ASP J 89 41.00 -9.81 -76.27
C ASP J 89 39.50 -9.96 -76.56
N GLN J 90 38.80 -10.54 -75.60
CA GLN J 90 37.36 -10.73 -75.71
C GLN J 90 36.77 -10.81 -74.31
N GLU J 91 35.50 -10.43 -74.20
CA GLU J 91 34.84 -10.38 -72.89
C GLU J 91 34.54 -11.77 -72.36
N GLU J 92 34.53 -11.89 -71.03
CA GLU J 92 34.19 -13.16 -70.39
C GLU J 92 32.70 -13.43 -70.50
N CYS J 93 32.36 -14.72 -70.70
CA CYS J 93 30.98 -15.21 -70.77
C CYS J 93 30.15 -14.49 -71.83
N SER J 94 30.76 -14.25 -72.99
CA SER J 94 30.12 -13.50 -74.06
C SER J 94 29.60 -14.38 -75.19
N GLY J 95 30.23 -15.53 -75.42
CA GLY J 95 29.92 -16.39 -76.54
C GLY J 95 30.81 -16.20 -77.74
N ARG J 96 31.54 -15.09 -77.80
CA ARG J 96 32.49 -14.82 -78.89
C ARG J 96 33.93 -15.00 -78.43
N ARG J 97 34.16 -15.54 -77.23
CA ARG J 97 35.51 -15.71 -76.73
C ARG J 97 36.26 -16.77 -77.52
N TRP J 98 35.59 -17.87 -77.85
CA TRP J 98 36.21 -18.96 -78.58
C TRP J 98 35.80 -18.87 -80.05
N ASN J 99 36.77 -18.67 -80.93
CA ASN J 99 36.51 -18.42 -82.33
C ASN J 99 36.58 -19.72 -83.11
N LYS J 100 35.57 -19.96 -83.94
CA LYS J 100 35.51 -21.18 -84.74
C LYS J 100 36.61 -21.18 -85.79
N LEU J 101 37.20 -22.35 -86.02
CA LEU J 101 38.34 -22.48 -86.92
C LEU J 101 38.04 -23.34 -88.14
N CYS J 102 37.55 -24.56 -87.94
CA CYS J 102 37.33 -25.46 -89.07
C CYS J 102 36.14 -26.35 -88.78
N THR J 103 35.60 -26.95 -89.85
CA THR J 103 34.48 -27.88 -89.76
C THR J 103 34.77 -29.05 -90.70
N LEU J 104 35.38 -30.10 -90.15
CA LEU J 104 35.80 -31.24 -90.97
C LEU J 104 34.58 -32.09 -91.31
N ASN J 105 34.13 -32.01 -92.56
CA ASN J 105 32.94 -32.69 -93.03
C ASN J 105 33.24 -33.94 -93.84
N ASP J 106 34.45 -34.49 -93.71
CA ASP J 106 34.85 -35.64 -94.51
C ASP J 106 34.23 -36.94 -94.04
N SER J 107 33.52 -36.93 -92.91
CA SER J 107 32.96 -38.15 -92.33
C SER J 107 31.48 -38.24 -92.68
N LYS J 108 31.09 -39.33 -93.32
CA LYS J 108 29.69 -39.58 -93.66
C LYS J 108 29.03 -40.46 -92.59
N GLY J 109 29.08 -39.95 -91.36
CA GLY J 109 28.49 -40.64 -90.22
C GLY J 109 28.57 -39.82 -88.94
N SER J 110 27.65 -40.08 -88.02
CA SER J 110 27.62 -39.34 -86.76
C SER J 110 28.79 -39.76 -85.87
N LEU J 111 29.61 -38.79 -85.47
CA LEU J 111 30.85 -39.10 -84.78
C LEU J 111 30.61 -39.39 -83.30
N TYR J 112 31.58 -40.06 -82.70
CA TYR J 112 31.53 -40.45 -81.29
C TYR J 112 32.69 -39.93 -80.47
N SER J 113 33.91 -39.96 -81.00
CA SER J 113 35.09 -39.63 -80.20
C SER J 113 36.07 -38.81 -81.03
N VAL J 114 36.62 -37.77 -80.40
CA VAL J 114 37.72 -36.99 -80.96
C VAL J 114 38.82 -36.92 -79.92
N LYS J 115 40.06 -37.14 -80.33
CA LYS J 115 41.20 -37.16 -79.42
C LYS J 115 42.37 -36.47 -80.09
N PHE J 116 42.92 -35.44 -79.45
CA PHE J 116 44.13 -34.81 -79.95
C PHE J 116 45.33 -35.75 -79.77
N ALA J 117 46.34 -35.55 -80.61
CA ALA J 117 47.57 -36.31 -80.52
C ALA J 117 48.42 -35.83 -79.35
N PRO J 118 49.40 -36.62 -78.92
CA PRO J 118 50.40 -36.14 -77.95
C PRO J 118 51.22 -34.98 -78.49
N ALA J 119 52.05 -34.43 -77.62
CA ALA J 119 52.88 -33.27 -77.95
C ALA J 119 54.23 -33.68 -78.51
N HIS J 120 54.31 -34.81 -79.21
CA HIS J 120 55.51 -35.21 -79.92
C HIS J 120 55.24 -35.62 -81.37
N LEU J 121 53.98 -35.64 -81.80
CA LEU J 121 53.62 -36.08 -83.14
C LEU J 121 53.23 -34.94 -84.06
N GLY J 122 52.96 -33.76 -83.53
CA GLY J 122 52.45 -32.63 -84.28
C GLY J 122 51.14 -32.17 -83.68
N LEU J 123 50.44 -31.33 -84.45
CA LEU J 123 49.08 -30.97 -84.09
C LEU J 123 48.11 -31.84 -84.88
N LYS J 124 48.19 -33.14 -84.60
CA LYS J 124 47.32 -34.11 -85.24
C LYS J 124 46.03 -34.26 -84.44
N LEU J 125 45.16 -35.13 -84.94
CA LEU J 125 43.82 -35.30 -84.41
C LEU J 125 43.28 -36.63 -84.92
N ALA J 126 42.32 -37.18 -84.19
CA ALA J 126 41.70 -38.45 -84.57
C ALA J 126 40.19 -38.36 -84.40
N CYS J 127 39.47 -39.07 -85.27
CA CYS J 127 38.03 -39.11 -85.22
C CYS J 127 37.51 -40.50 -85.56
N LEU J 128 36.38 -40.85 -84.95
CA LEU J 128 35.71 -42.11 -85.26
C LEU J 128 34.21 -41.92 -85.05
N GLY J 129 33.43 -42.46 -85.98
CA GLY J 129 31.99 -42.36 -85.90
C GLY J 129 31.30 -43.65 -86.31
N ASN J 130 30.00 -43.59 -86.57
CA ASN J 130 29.26 -44.77 -87.02
C ASN J 130 29.40 -44.96 -88.52
N ASP J 131 30.64 -44.93 -89.01
CA ASP J 131 30.94 -45.19 -90.40
C ASP J 131 32.07 -46.20 -90.59
N GLY J 132 32.77 -46.60 -89.53
CA GLY J 132 33.84 -47.56 -89.61
C GLY J 132 35.14 -47.04 -90.20
N ILE J 133 35.27 -45.73 -90.39
CA ILE J 133 36.43 -45.14 -91.03
C ILE J 133 37.14 -44.23 -90.05
N LEU J 134 38.43 -44.46 -89.85
CA LEU J 134 39.26 -43.63 -88.99
C LEU J 134 39.84 -42.49 -89.80
N ARG J 135 39.78 -41.27 -89.25
CA ARG J 135 40.26 -40.09 -89.96
C ARG J 135 41.26 -39.34 -89.10
N LEU J 136 42.38 -38.95 -89.70
CA LEU J 136 43.43 -38.19 -89.02
C LEU J 136 43.58 -36.83 -89.71
N TYR J 137 43.62 -35.78 -88.90
CA TYR J 137 43.71 -34.41 -89.40
C TYR J 137 44.94 -33.74 -88.82
N ASP J 138 45.87 -33.34 -89.68
CA ASP J 138 47.10 -32.68 -89.29
C ASP J 138 47.03 -31.20 -89.65
N ALA J 139 47.44 -30.34 -88.73
CA ALA J 139 47.57 -28.90 -88.98
C ALA J 139 49.02 -28.64 -89.34
N LEU J 140 49.33 -28.85 -90.63
CA LEU J 140 50.71 -28.81 -91.10
C LEU J 140 51.27 -27.39 -91.20
N GLU J 141 50.43 -26.36 -91.17
CA GLU J 141 50.90 -24.99 -91.32
C GLU J 141 50.88 -24.29 -89.98
N PRO J 142 52.05 -23.98 -89.39
CA PRO J 142 52.04 -23.24 -88.12
C PRO J 142 51.64 -21.77 -88.25
N SER J 143 51.66 -21.21 -89.46
CA SER J 143 51.30 -19.80 -89.62
C SER J 143 49.82 -19.56 -89.39
N ASP J 144 48.96 -20.41 -89.97
CA ASP J 144 47.52 -20.33 -89.75
C ASP J 144 46.95 -21.69 -89.33
N LEU J 145 46.18 -21.68 -88.26
CA LEU J 145 45.57 -22.91 -87.74
C LEU J 145 44.17 -23.12 -88.29
N ARG J 146 44.04 -23.02 -89.62
CA ARG J 146 42.78 -23.29 -90.30
C ARG J 146 42.90 -24.26 -91.45
N SER J 147 44.11 -24.52 -91.96
CA SER J 147 44.31 -25.45 -93.08
C SER J 147 44.54 -26.85 -92.51
N TRP J 148 43.48 -27.40 -91.93
CA TRP J 148 43.52 -28.74 -91.37
C TRP J 148 43.33 -29.75 -92.48
N THR J 149 44.39 -30.49 -92.80
CA THR J 149 44.43 -31.39 -93.94
C THR J 149 44.31 -32.83 -93.49
N LEU J 150 43.38 -33.56 -94.08
CA LEU J 150 43.27 -35.00 -93.84
C LEU J 150 44.47 -35.69 -94.45
N THR J 151 45.09 -36.59 -93.68
CA THR J 151 46.30 -37.27 -94.11
C THR J 151 46.19 -38.77 -94.13
N SER J 152 45.54 -39.37 -93.13
CA SER J 152 45.36 -40.81 -93.07
C SER J 152 43.87 -41.13 -93.02
N GLU J 153 43.48 -42.23 -93.66
CA GLU J 153 42.08 -42.64 -93.71
C GLU J 153 42.04 -44.17 -93.74
N MET J 154 41.88 -44.78 -92.56
CA MET J 154 41.86 -46.23 -92.41
C MET J 154 40.44 -46.67 -92.07
N LYS J 155 39.98 -47.73 -92.75
CA LYS J 155 38.67 -48.29 -92.47
C LYS J 155 38.79 -49.36 -91.38
N VAL J 156 37.96 -49.24 -90.35
CA VAL J 156 37.99 -50.14 -89.21
C VAL J 156 36.97 -51.26 -89.34
N LEU J 157 35.72 -50.92 -89.63
CA LEU J 157 34.67 -51.90 -89.83
C LEU J 157 34.40 -52.09 -91.32
N SER J 158 33.87 -53.27 -91.65
CA SER J 158 33.54 -53.57 -93.04
C SER J 158 32.32 -52.77 -93.50
N ILE J 159 31.30 -52.69 -92.66
CA ILE J 159 30.05 -51.99 -92.99
C ILE J 159 29.71 -51.05 -91.83
N PRO J 160 28.97 -49.95 -92.09
CA PRO J 160 28.47 -49.15 -90.98
C PRO J 160 27.47 -49.93 -90.16
N PRO J 161 27.35 -49.63 -88.87
CA PRO J 161 26.38 -50.35 -88.03
C PRO J 161 24.95 -50.00 -88.38
N ALA J 162 24.02 -50.81 -87.88
CA ALA J 162 22.61 -50.63 -88.17
C ALA J 162 22.06 -49.37 -87.51
N ASN J 163 20.89 -48.95 -87.99
CA ASN J 163 20.25 -47.74 -87.48
C ASN J 163 19.82 -47.89 -86.04
N HIS J 164 19.33 -49.09 -85.67
CA HIS J 164 18.74 -49.33 -84.37
C HIS J 164 19.71 -49.90 -83.35
N LEU J 165 20.67 -50.72 -83.78
CA LEU J 165 21.61 -51.34 -82.85
C LEU J 165 22.56 -50.29 -82.28
N GLN J 166 22.69 -50.28 -80.97
CA GLN J 166 23.59 -49.33 -80.30
C GLN J 166 25.04 -49.77 -80.47
N SER J 167 25.92 -48.77 -80.53
CA SER J 167 27.34 -49.01 -80.70
C SER J 167 28.12 -47.84 -80.12
N ASP J 168 29.35 -48.12 -79.69
CA ASP J 168 30.19 -47.12 -79.04
C ASP J 168 31.58 -47.15 -79.67
N PHE J 169 32.20 -45.98 -79.73
CA PHE J 169 33.56 -45.83 -80.25
C PHE J 169 34.35 -44.91 -79.32
N CYS J 170 35.60 -45.27 -79.06
CA CYS J 170 36.45 -44.47 -78.21
C CYS J 170 37.89 -44.55 -78.71
N LEU J 171 38.65 -43.49 -78.44
CA LEU J 171 40.02 -43.36 -78.90
C LEU J 171 40.95 -43.11 -77.72
N SER J 172 42.20 -43.54 -77.87
CA SER J 172 43.24 -43.25 -76.88
C SER J 172 44.58 -43.27 -77.59
N TRP J 173 45.32 -42.17 -77.46
CA TRP J 173 46.64 -42.05 -78.07
C TRP J 173 47.73 -42.51 -77.11
N CYS J 174 48.88 -42.85 -77.69
CA CYS J 174 50.04 -43.26 -76.90
C CYS J 174 50.96 -42.08 -76.66
N PRO J 175 51.07 -41.57 -75.42
CA PRO J 175 51.89 -40.39 -75.15
C PRO J 175 53.34 -40.73 -74.81
N SER J 176 53.98 -41.51 -75.66
CA SER J 176 55.40 -41.85 -75.51
C SER J 176 56.17 -41.15 -76.62
N ARG J 177 57.11 -40.29 -76.23
CA ARG J 177 57.89 -39.53 -77.18
C ARG J 177 59.02 -40.33 -77.82
N PHE J 178 59.24 -41.56 -77.38
CA PHE J 178 60.36 -42.39 -77.80
C PHE J 178 59.88 -43.77 -78.20
N SER J 179 58.83 -43.80 -79.01
CA SER J 179 58.22 -45.02 -79.51
C SER J 179 57.49 -44.69 -80.81
N PRO J 180 57.32 -45.66 -81.71
CA PRO J 180 56.54 -45.39 -82.93
C PRO J 180 55.10 -45.04 -82.62
N GLU J 181 54.50 -44.24 -83.50
CA GLU J 181 53.17 -43.71 -83.26
C GLU J 181 52.11 -44.81 -83.27
N LYS J 182 51.35 -44.89 -82.19
CA LYS J 182 50.33 -45.91 -82.00
C LYS J 182 49.00 -45.26 -81.65
N LEU J 183 47.92 -45.94 -82.00
CA LEU J 183 46.57 -45.43 -81.74
C LEU J 183 45.69 -46.59 -81.30
N ALA J 184 45.06 -46.46 -80.13
CA ALA J 184 44.16 -47.48 -79.63
C ALA J 184 42.73 -47.13 -80.05
N VAL J 185 42.14 -47.97 -80.88
CA VAL J 185 40.84 -47.70 -81.50
C VAL J 185 39.87 -48.79 -81.08
N SER J 186 38.73 -48.39 -80.53
CA SER J 186 37.68 -49.33 -80.13
C SER J 186 36.51 -49.21 -81.09
N ALA J 187 36.06 -50.34 -81.61
CA ALA J 187 34.88 -50.38 -82.48
C ALA J 187 34.03 -51.58 -82.09
N LEU J 188 32.89 -51.30 -81.45
CA LEU J 188 31.93 -52.30 -80.98
C LEU J 188 32.60 -53.30 -80.04
N GLU J 189 32.82 -54.52 -80.53
CA GLU J 189 33.44 -55.58 -79.75
C GLU J 189 34.91 -55.78 -80.10
N GLN J 190 35.51 -54.85 -80.84
CA GLN J 190 36.89 -54.98 -81.28
C GLN J 190 37.71 -53.79 -80.80
N ALA J 191 38.93 -54.07 -80.35
CA ALA J 191 39.88 -53.04 -79.95
C ALA J 191 41.21 -53.31 -80.66
N ILE J 192 41.62 -52.37 -81.51
CA ILE J 192 42.79 -52.55 -82.37
C ILE J 192 43.81 -51.47 -82.06
N ILE J 193 45.09 -51.86 -82.01
CA ILE J 193 46.20 -50.93 -81.88
C ILE J 193 46.81 -50.75 -83.26
N TYR J 194 46.70 -49.54 -83.81
CA TYR J 194 47.37 -49.22 -85.05
C TYR J 194 48.81 -48.81 -84.79
N GLN J 195 49.59 -48.72 -85.87
CA GLN J 195 50.97 -48.27 -85.77
C GLN J 195 51.40 -47.63 -87.09
N ARG J 196 52.13 -46.52 -86.98
CA ARG J 196 52.63 -45.80 -88.15
C ARG J 196 53.85 -46.53 -88.70
N GLY J 197 53.69 -47.11 -89.89
CA GLY J 197 54.78 -47.82 -90.53
C GLY J 197 55.78 -46.89 -91.18
N LYS J 198 56.75 -47.50 -91.88
CA LYS J 198 57.79 -46.72 -92.53
C LYS J 198 57.28 -46.00 -93.76
N ASP J 199 56.12 -46.38 -94.28
CA ASP J 199 55.54 -45.76 -95.48
C ASP J 199 54.63 -44.59 -95.16
N GLY J 200 54.49 -44.22 -93.89
CA GLY J 200 53.60 -43.14 -93.51
C GLY J 200 52.14 -43.50 -93.43
N LYS J 201 51.79 -44.78 -93.55
CA LYS J 201 50.41 -45.23 -93.49
C LYS J 201 50.24 -46.22 -92.35
N LEU J 202 49.17 -46.05 -91.59
CA LEU J 202 48.90 -46.92 -90.44
C LEU J 202 48.53 -48.32 -90.89
N HIS J 203 48.96 -49.30 -90.10
CA HIS J 203 48.66 -50.71 -90.35
C HIS J 203 48.17 -51.34 -89.05
N VAL J 204 47.42 -52.43 -89.19
CA VAL J 204 46.99 -53.20 -88.02
C VAL J 204 48.21 -53.88 -87.41
N ALA J 205 48.55 -53.49 -86.18
CA ALA J 205 49.75 -54.00 -85.52
C ALA J 205 49.44 -55.05 -84.47
N ALA J 206 48.47 -54.79 -83.59
CA ALA J 206 48.08 -55.76 -82.58
C ALA J 206 46.63 -55.54 -82.21
N LYS J 207 45.91 -56.64 -82.02
CA LYS J 207 44.50 -56.63 -81.62
C LYS J 207 44.36 -57.16 -80.21
N LEU J 208 43.64 -56.43 -79.36
CA LEU J 208 43.41 -56.88 -78.00
C LEU J 208 42.32 -57.94 -77.99
N PRO J 209 42.59 -59.15 -77.50
CA PRO J 209 41.57 -60.19 -77.49
C PRO J 209 40.58 -59.97 -76.35
N GLY J 210 39.59 -60.86 -76.28
CA GLY J 210 38.53 -60.71 -75.30
C GLY J 210 37.37 -59.93 -75.87
N HIS J 211 36.76 -59.08 -75.04
CA HIS J 211 35.76 -58.08 -75.44
C HIS J 211 34.54 -58.75 -76.08
N LYS J 212 33.82 -59.49 -75.23
CA LYS J 212 32.60 -60.17 -75.67
C LYS J 212 31.43 -59.22 -75.90
N SER J 213 31.55 -57.95 -75.52
CA SER J 213 30.45 -57.00 -75.69
C SER J 213 31.04 -55.65 -76.05
N LEU J 214 30.20 -54.62 -75.97
CA LEU J 214 30.57 -53.28 -76.42
C LEU J 214 31.63 -52.65 -75.52
N ILE J 215 32.56 -51.91 -76.13
CA ILE J 215 33.63 -51.25 -75.41
C ILE J 215 33.24 -49.79 -75.20
N ARG J 216 33.14 -49.38 -73.93
CA ARG J 216 32.67 -48.05 -73.61
C ARG J 216 33.77 -47.02 -73.35
N SER J 217 34.99 -47.46 -73.02
CA SER J 217 36.08 -46.52 -72.78
C SER J 217 37.42 -47.22 -72.95
N ILE J 218 38.31 -46.61 -73.73
CA ILE J 218 39.71 -47.01 -73.81
C ILE J 218 40.56 -45.85 -73.31
N SER J 219 41.46 -46.14 -72.37
CA SER J 219 42.41 -45.16 -71.89
C SER J 219 43.79 -45.77 -71.93
N TRP J 220 44.73 -45.11 -72.61
CA TRP J 220 46.11 -45.53 -72.65
C TRP J 220 46.82 -44.95 -71.43
N ALA J 221 47.52 -45.80 -70.69
CA ALA J 221 48.19 -45.31 -69.49
C ALA J 221 49.40 -44.46 -69.88
N PRO J 222 49.68 -43.38 -69.16
CA PRO J 222 50.80 -42.49 -69.52
C PRO J 222 52.14 -43.20 -69.41
N SER J 223 52.94 -43.08 -70.47
CA SER J 223 54.25 -43.71 -70.49
C SER J 223 55.21 -42.93 -69.60
N ILE J 224 55.27 -43.31 -68.33
CA ILE J 224 56.09 -42.59 -67.36
C ILE J 224 57.56 -42.91 -67.49
N GLY J 225 57.91 -43.97 -68.21
CA GLY J 225 59.30 -44.35 -68.40
C GLY J 225 59.52 -45.84 -68.23
N ARG J 226 58.43 -46.58 -67.99
CA ARG J 226 58.52 -48.01 -67.77
C ARG J 226 58.78 -48.73 -69.09
N TRP J 227 59.08 -50.03 -68.99
CA TRP J 227 59.31 -50.84 -70.16
C TRP J 227 58.05 -51.47 -70.71
N TYR J 228 56.90 -51.23 -70.08
CA TYR J 228 55.62 -51.79 -70.50
C TYR J 228 54.57 -50.69 -70.51
N GLN J 229 53.61 -50.81 -71.42
CA GLN J 229 52.50 -49.88 -71.54
C GLN J 229 51.20 -50.57 -71.18
N LEU J 230 50.23 -49.77 -70.71
CA LEU J 230 48.97 -50.29 -70.21
C LEU J 230 47.79 -49.63 -70.91
N ILE J 231 46.78 -50.44 -71.22
CA ILE J 231 45.52 -49.98 -71.80
C ILE J 231 44.40 -50.46 -70.88
N ALA J 232 43.54 -49.54 -70.46
CA ALA J 232 42.39 -49.88 -69.62
C ALA J 232 41.14 -49.90 -70.50
N THR J 233 40.37 -50.97 -70.38
CA THR J 233 39.19 -51.20 -71.21
C THR J 233 37.95 -51.33 -70.34
N GLY J 234 36.96 -50.49 -70.58
CA GLY J 234 35.68 -50.61 -69.91
C GLY J 234 34.64 -51.20 -70.86
N CYS J 235 34.34 -52.47 -70.68
CA CYS J 235 33.41 -53.17 -71.56
C CYS J 235 31.97 -53.01 -71.10
N LYS J 236 31.04 -53.45 -71.95
CA LYS J 236 29.64 -53.51 -71.56
C LYS J 236 29.38 -54.61 -70.54
N ASP J 237 30.30 -55.56 -70.40
CA ASP J 237 30.30 -56.50 -69.29
C ASP J 237 30.87 -55.81 -68.06
N GLY J 238 31.08 -56.58 -66.99
CA GLY J 238 31.67 -56.02 -65.78
C GLY J 238 33.17 -55.85 -65.82
N ARG J 239 33.80 -56.20 -66.94
CA ARG J 239 35.24 -56.43 -66.99
C ARG J 239 35.97 -55.12 -67.21
N ILE J 240 36.90 -54.81 -66.30
CA ILE J 240 37.86 -53.72 -66.49
C ILE J 240 39.17 -54.40 -66.90
N ARG J 241 39.38 -54.54 -68.20
CA ARG J 241 40.54 -55.25 -68.70
C ARG J 241 41.73 -54.31 -68.79
N ILE J 242 42.87 -54.73 -68.25
CA ILE J 242 44.12 -54.00 -68.33
C ILE J 242 45.09 -54.85 -69.13
N PHE J 243 45.59 -54.31 -70.24
CA PHE J 243 46.47 -55.04 -71.15
C PHE J 243 47.88 -54.53 -71.00
N LYS J 244 48.85 -55.44 -70.86
CA LYS J 244 50.26 -55.09 -70.76
C LYS J 244 50.87 -55.25 -72.15
N ILE J 245 51.14 -54.12 -72.81
CA ILE J 245 51.72 -54.10 -74.14
C ILE J 245 53.22 -53.87 -74.02
N THR J 246 54.01 -54.82 -74.51
CA THR J 246 55.46 -54.73 -74.50
C THR J 246 55.97 -54.66 -75.93
N GLU J 247 56.74 -53.63 -76.24
CA GLU J 247 57.22 -53.37 -77.58
C GLU J 247 58.72 -53.65 -77.66
N LYS J 248 59.14 -54.38 -78.69
CA LYS J 248 60.55 -54.70 -78.87
C LYS J 248 60.88 -54.90 -80.35
N LEU J 288 55.98 -51.59 -90.42
CA LEU J 288 56.10 -52.21 -89.10
C LEU J 288 57.53 -52.11 -88.59
N GLN J 289 57.81 -51.06 -87.81
CA GLN J 289 59.18 -50.86 -87.33
C GLN J 289 59.54 -51.84 -86.22
N SER J 290 58.62 -52.08 -85.29
CA SER J 290 58.91 -52.91 -84.14
C SER J 290 57.70 -53.78 -83.82
N ASN J 291 57.95 -55.07 -83.59
CA ASN J 291 56.89 -55.98 -83.17
C ASN J 291 56.52 -55.73 -81.71
N LEU J 292 55.26 -56.01 -81.38
CA LEU J 292 54.75 -55.72 -80.05
C LEU J 292 53.74 -56.79 -79.66
N GLN J 293 53.76 -57.18 -78.39
CA GLN J 293 52.95 -58.26 -77.88
C GLN J 293 51.93 -57.74 -76.88
N VAL J 294 50.77 -58.39 -76.85
CA VAL J 294 49.65 -58.00 -76.01
C VAL J 294 49.42 -59.11 -74.98
N GLU J 295 49.49 -58.74 -73.70
CA GLU J 295 49.27 -59.69 -72.61
C GLU J 295 48.32 -59.07 -71.60
N LEU J 296 47.27 -59.82 -71.25
CA LEU J 296 46.29 -59.33 -70.29
C LEU J 296 46.90 -59.36 -68.89
N LEU J 297 46.80 -58.24 -68.17
CA LEU J 297 47.35 -58.15 -66.84
C LEU J 297 46.33 -58.43 -65.76
N SER J 298 45.11 -57.91 -65.89
CA SER J 298 44.07 -58.13 -64.89
C SER J 298 42.71 -58.07 -65.56
N GLU J 299 41.71 -58.65 -64.89
CA GLU J 299 40.36 -58.73 -65.43
C GLU J 299 39.42 -58.83 -64.23
N HIS J 300 38.80 -57.70 -63.88
CA HIS J 300 38.01 -57.59 -62.65
C HIS J 300 36.53 -57.51 -62.99
N ASP J 301 35.72 -58.35 -62.33
CA ASP J 301 34.27 -58.31 -62.44
C ASP J 301 33.62 -57.59 -61.27
N ASP J 302 34.30 -56.56 -60.72
CA ASP J 302 33.92 -55.96 -59.45
C ASP J 302 32.91 -54.83 -59.60
N HIS J 303 32.11 -54.81 -60.65
CA HIS J 303 31.11 -53.77 -60.85
C HIS J 303 29.70 -54.28 -61.09
N ASN J 304 29.52 -55.52 -61.56
CA ASN J 304 28.21 -56.15 -61.80
C ASN J 304 27.34 -55.35 -62.77
N GLY J 305 27.97 -54.81 -63.81
CA GLY J 305 27.23 -54.01 -64.78
C GLY J 305 28.16 -53.43 -65.82
N GLU J 306 27.63 -52.53 -66.62
CA GLU J 306 28.43 -51.92 -67.68
C GLU J 306 29.43 -50.94 -67.11
N VAL J 307 30.69 -51.07 -67.52
CA VAL J 307 31.74 -50.14 -67.15
C VAL J 307 31.75 -49.03 -68.19
N TRP J 308 31.44 -47.81 -67.77
CA TRP J 308 31.22 -46.73 -68.73
C TRP J 308 32.51 -45.97 -69.02
N SER J 309 33.20 -45.50 -67.99
CA SER J 309 34.42 -44.75 -68.17
C SER J 309 35.52 -45.37 -67.32
N VAL J 310 36.69 -45.55 -67.93
CA VAL J 310 37.90 -45.96 -67.22
C VAL J 310 39.01 -44.99 -67.63
N SER J 311 39.78 -44.53 -66.65
CA SER J 311 40.72 -43.46 -66.91
C SER J 311 41.90 -43.56 -65.95
N TRP J 312 43.06 -43.15 -66.44
CA TRP J 312 44.31 -43.25 -65.69
C TRP J 312 44.66 -41.92 -65.03
N ASN J 313 45.71 -41.96 -64.22
CA ASN J 313 46.23 -40.79 -63.52
C ASN J 313 47.33 -40.15 -64.38
N LEU J 314 48.08 -39.23 -63.78
CA LEU J 314 49.23 -38.66 -64.47
C LEU J 314 50.35 -39.67 -64.62
N THR J 315 50.60 -40.47 -63.58
CA THR J 315 51.71 -41.42 -63.58
C THR J 315 51.30 -42.85 -63.87
N GLY J 316 50.01 -43.11 -64.11
CA GLY J 316 49.57 -44.47 -64.36
C GLY J 316 49.53 -45.32 -63.12
N THR J 317 49.35 -44.72 -61.95
CA THR J 317 49.28 -45.44 -60.68
C THR J 317 47.86 -45.69 -60.21
N ILE J 318 46.97 -44.71 -60.36
CA ILE J 318 45.59 -44.82 -59.91
C ILE J 318 44.70 -44.96 -61.13
N LEU J 319 43.87 -46.00 -61.13
CA LEU J 319 42.91 -46.24 -62.20
C LEU J 319 41.50 -46.02 -61.68
N SER J 320 40.78 -45.06 -62.25
CA SER J 320 39.43 -44.71 -61.83
C SER J 320 38.45 -45.36 -62.81
N SER J 321 37.65 -46.30 -62.32
CA SER J 321 36.65 -46.99 -63.12
C SER J 321 35.26 -46.70 -62.56
N ALA J 322 34.38 -46.21 -63.43
CA ALA J 322 32.98 -45.96 -63.09
C ALA J 322 32.10 -46.99 -63.79
N GLY J 323 31.23 -47.62 -63.03
CA GLY J 323 30.41 -48.70 -63.57
C GLY J 323 28.93 -48.52 -63.31
N ASP J 324 28.13 -49.54 -63.61
CA ASP J 324 26.69 -49.45 -63.53
C ASP J 324 26.14 -49.58 -62.11
N ASP J 325 26.99 -49.88 -61.13
CA ASP J 325 26.52 -49.98 -59.74
C ASP J 325 26.46 -48.64 -59.04
N GLY J 326 26.78 -47.54 -59.71
CA GLY J 326 26.73 -46.25 -59.07
C GLY J 326 27.97 -45.91 -58.26
N LYS J 327 29.00 -46.74 -58.30
CA LYS J 327 30.19 -46.56 -57.49
C LYS J 327 31.43 -46.46 -58.36
N VAL J 328 32.34 -45.58 -57.97
CA VAL J 328 33.61 -45.39 -58.65
C VAL J 328 34.70 -46.09 -57.87
N ARG J 329 35.34 -47.07 -58.48
CA ARG J 329 36.35 -47.90 -57.82
C ARG J 329 37.74 -47.48 -58.29
N LEU J 330 38.62 -47.19 -57.33
CA LEU J 330 40.02 -46.88 -57.63
C LEU J 330 40.90 -48.11 -57.48
N TRP J 331 41.91 -48.20 -58.34
CA TRP J 331 42.76 -49.38 -58.45
C TRP J 331 44.23 -48.98 -58.39
N LYS J 332 45.01 -49.72 -57.60
CA LYS J 332 46.45 -49.52 -57.52
C LYS J 332 47.13 -50.88 -57.46
N ALA J 333 48.43 -50.88 -57.77
CA ALA J 333 49.25 -52.08 -57.71
C ALA J 333 50.12 -52.04 -56.46
N THR J 334 50.00 -53.05 -55.62
CA THR J 334 50.78 -53.13 -54.39
C THR J 334 51.48 -54.49 -54.34
N TYR J 335 52.82 -54.46 -54.24
CA TYR J 335 53.69 -55.62 -54.05
C TYR J 335 53.68 -56.62 -55.21
N SER J 336 52.95 -56.33 -56.28
CA SER J 336 52.83 -57.25 -57.41
C SER J 336 52.37 -56.47 -58.63
N ASN J 337 52.44 -57.12 -59.78
CA ASN J 337 51.99 -56.49 -61.02
C ASN J 337 50.47 -56.45 -61.12
N GLU J 338 49.78 -57.40 -60.51
CA GLU J 338 48.32 -57.46 -60.58
C GLU J 338 47.70 -56.30 -59.80
N PHE J 339 46.74 -55.62 -60.42
CA PHE J 339 46.11 -54.46 -59.79
C PHE J 339 45.03 -54.91 -58.80
N LYS J 340 45.12 -54.40 -57.58
CA LYS J 340 44.11 -54.66 -56.56
C LYS J 340 43.21 -53.44 -56.39
N CYS J 341 42.06 -53.67 -55.77
CA CYS J 341 41.11 -52.59 -55.54
C CYS J 341 41.54 -51.72 -54.34
N MET J 342 40.86 -50.59 -54.21
CA MET J 342 41.16 -49.55 -53.23
C MET J 342 39.83 -48.90 -52.85
N SER J 343 39.93 -47.65 -52.37
CA SER J 343 38.78 -46.83 -51.99
C SER J 343 37.68 -46.84 -53.03
N VAL J 344 36.44 -47.05 -52.57
CA VAL J 344 35.28 -47.09 -53.46
C VAL J 344 34.39 -45.90 -53.12
N ILE J 345 34.13 -45.07 -54.13
CA ILE J 345 33.37 -43.83 -53.98
C ILE J 345 32.01 -44.04 -54.63
N THR J 346 30.95 -43.80 -53.86
CA THR J 346 29.59 -43.96 -54.38
C THR J 346 28.88 -42.61 -54.47
N GLY K 2 -3.17 -53.99 -67.97
CA GLY K 2 -2.69 -52.94 -67.09
C GLY K 2 -2.32 -51.67 -67.82
N LEU K 3 -2.88 -50.55 -67.37
CA LEU K 3 -2.63 -49.24 -67.98
C LEU K 3 -2.47 -48.21 -66.87
N ILE K 4 -1.27 -47.66 -66.75
CA ILE K 4 -1.00 -46.53 -65.88
C ILE K 4 -0.81 -45.32 -66.78
N LYS K 5 -1.71 -44.35 -66.67
CA LYS K 5 -1.69 -43.16 -67.50
C LYS K 5 -1.42 -41.95 -66.62
N LYS K 6 -0.35 -41.22 -66.95
CA LYS K 6 0.07 -40.06 -66.18
C LYS K 6 -0.69 -38.82 -66.65
N VAL K 7 -1.33 -38.13 -65.71
CA VAL K 7 -2.17 -36.98 -66.01
C VAL K 7 -1.58 -35.77 -65.31
N THR K 8 -1.43 -34.68 -66.05
CA THR K 8 -0.95 -33.41 -65.53
C THR K 8 -2.06 -32.36 -65.56
N HIS K 9 -1.70 -31.14 -65.18
CA HIS K 9 -2.57 -29.96 -65.18
C HIS K 9 -3.80 -30.15 -64.29
N TRP K 10 -3.71 -31.02 -63.27
CA TRP K 10 -4.81 -31.29 -62.37
C TRP K 10 -4.51 -30.93 -60.92
N SER K 11 -3.24 -30.92 -60.52
CA SER K 11 -2.85 -30.67 -59.14
C SER K 11 -2.16 -29.32 -59.05
N TYR K 12 -2.65 -28.46 -58.17
CA TYR K 12 -1.99 -27.18 -57.91
C TYR K 12 -0.69 -27.35 -57.15
N ASP K 13 -0.52 -28.45 -56.42
CA ASP K 13 0.72 -28.73 -55.73
C ASP K 13 1.71 -29.41 -56.68
N ASN K 14 2.81 -29.92 -56.14
CA ASN K 14 3.83 -30.55 -56.96
C ASN K 14 3.53 -32.03 -57.24
N LEU K 15 2.44 -32.55 -56.71
CA LEU K 15 2.09 -33.95 -56.89
C LEU K 15 1.58 -34.19 -58.30
N ILE K 16 1.71 -35.43 -58.76
CA ILE K 16 1.29 -35.82 -60.10
C ILE K 16 0.22 -36.89 -59.98
N ASP K 17 -0.94 -36.65 -60.60
CA ASP K 17 -2.05 -37.58 -60.56
C ASP K 17 -1.80 -38.76 -61.48
N TYR K 18 -2.31 -39.93 -61.08
CA TYR K 18 -2.17 -41.14 -61.87
C TYR K 18 -3.50 -41.87 -61.93
N LEU K 19 -3.73 -42.55 -63.04
CA LEU K 19 -4.92 -43.36 -63.27
C LEU K 19 -4.49 -44.78 -63.61
N SER K 20 -5.01 -45.74 -62.86
CA SER K 20 -4.54 -47.12 -62.95
C SER K 20 -5.69 -48.06 -63.25
N VAL K 21 -5.41 -49.08 -64.08
CA VAL K 21 -6.34 -50.15 -64.40
C VAL K 21 -5.66 -51.46 -64.04
N ASN K 22 -6.37 -52.31 -63.29
CA ASN K 22 -5.83 -53.60 -62.88
C ASN K 22 -5.63 -54.52 -64.09
N PRO K 23 -4.68 -55.46 -64.01
CA PRO K 23 -4.40 -56.33 -65.18
C PRO K 23 -5.55 -57.23 -65.60
N THR K 24 -6.53 -57.48 -64.73
CA THR K 24 -7.75 -58.17 -65.12
C THR K 24 -8.75 -57.25 -65.80
N ARG K 25 -8.44 -55.95 -65.88
CA ARG K 25 -9.24 -54.93 -66.56
C ARG K 25 -10.64 -54.83 -65.96
N ASP K 26 -10.68 -54.50 -64.68
CA ASP K 26 -11.94 -54.46 -63.93
C ASP K 26 -12.19 -53.15 -63.22
N GLU K 27 -11.16 -52.50 -62.68
CA GLU K 27 -11.32 -51.31 -61.87
C GLU K 27 -10.48 -50.16 -62.41
N VAL K 28 -10.88 -48.95 -62.02
CA VAL K 28 -10.14 -47.73 -62.34
C VAL K 28 -9.82 -47.04 -61.02
N THR K 29 -8.53 -46.77 -60.79
CA THR K 29 -8.06 -46.25 -59.52
C THR K 29 -7.28 -44.95 -59.75
N HIS K 30 -7.53 -43.95 -58.91
CA HIS K 30 -6.88 -42.65 -59.02
C HIS K 30 -5.88 -42.44 -57.89
N TYR K 31 -4.72 -41.91 -58.23
CA TYR K 31 -3.61 -41.76 -57.29
C TYR K 31 -3.11 -40.33 -57.27
N LYS K 32 -2.35 -40.00 -56.22
CA LYS K 32 -1.56 -38.77 -56.16
C LYS K 32 -0.20 -39.12 -55.58
N VAL K 33 0.84 -39.07 -56.43
CA VAL K 33 2.17 -39.56 -56.08
C VAL K 33 3.07 -38.37 -55.75
N ASP K 34 3.76 -38.46 -54.61
CA ASP K 34 4.72 -37.43 -54.22
C ASP K 34 6.10 -37.80 -54.72
N PRO K 35 6.75 -36.97 -55.54
CA PRO K 35 8.05 -37.36 -56.12
C PRO K 35 9.21 -37.28 -55.15
N GLU K 36 9.11 -36.52 -54.07
CA GLU K 36 10.25 -36.22 -53.21
C GLU K 36 10.52 -37.29 -52.16
N ASN K 37 9.66 -38.30 -52.03
CA ASN K 37 9.88 -39.39 -51.11
C ASN K 37 9.86 -40.70 -51.88
N GLU K 38 10.94 -41.46 -51.78
CA GLU K 38 11.08 -42.71 -52.52
C GLU K 38 10.20 -43.83 -51.98
N SER K 39 9.79 -43.77 -50.72
CA SER K 39 9.04 -44.86 -50.12
C SER K 39 7.63 -44.97 -50.71
N ASP K 40 7.03 -46.15 -50.52
CA ASP K 40 5.76 -46.49 -51.15
C ASP K 40 4.57 -45.75 -50.54
N GLU K 41 4.78 -45.01 -49.44
CA GLU K 41 3.73 -44.21 -48.85
C GLU K 41 3.35 -43.00 -49.69
N SER K 42 4.18 -42.63 -50.67
CA SER K 42 3.85 -41.53 -51.57
C SER K 42 2.71 -41.91 -52.51
N ILE K 43 2.57 -43.20 -52.84
CA ILE K 43 1.48 -43.67 -53.68
C ILE K 43 0.22 -43.70 -52.82
N ILE K 44 -0.59 -42.65 -52.91
CA ILE K 44 -1.81 -42.50 -52.12
C ILE K 44 -2.98 -42.95 -53.00
N LYS K 45 -3.64 -44.04 -52.59
CA LYS K 45 -4.83 -44.52 -53.29
C LYS K 45 -6.05 -43.73 -52.83
N LEU K 46 -6.56 -42.84 -53.70
CA LEU K 46 -7.67 -41.96 -53.35
C LEU K 46 -9.04 -42.59 -53.62
N HIS K 47 -9.31 -42.94 -54.88
CA HIS K 47 -10.63 -43.37 -55.30
C HIS K 47 -10.54 -44.63 -56.16
N THR K 48 -11.64 -45.38 -56.19
CA THR K 48 -11.74 -46.58 -57.00
C THR K 48 -13.19 -46.76 -57.43
N VAL K 49 -13.40 -46.91 -58.73
CA VAL K 49 -14.70 -47.26 -59.30
C VAL K 49 -14.59 -48.63 -59.96
N LYS K 50 -15.46 -49.55 -59.56
CA LYS K 50 -15.32 -50.97 -59.84
C LYS K 50 -16.40 -51.44 -60.82
N ASP K 51 -16.31 -52.74 -61.18
CA ASP K 51 -17.30 -53.46 -61.99
C ASP K 51 -17.51 -52.82 -63.36
N PHE K 52 -16.43 -52.39 -64.00
CA PHE K 52 -16.53 -51.84 -65.35
C PHE K 52 -16.34 -52.89 -66.43
N GLY K 53 -17.03 -54.03 -66.30
CA GLY K 53 -17.01 -55.09 -67.29
C GLY K 53 -15.63 -55.64 -67.60
N SER K 54 -15.14 -55.32 -68.80
CA SER K 54 -13.75 -55.57 -69.19
C SER K 54 -13.29 -54.33 -69.95
N ILE K 55 -12.46 -53.51 -69.31
CA ILE K 55 -12.05 -52.24 -69.89
C ILE K 55 -11.07 -52.47 -71.03
N THR K 56 -11.30 -51.78 -72.15
CA THR K 56 -10.44 -51.94 -73.33
C THR K 56 -9.65 -50.69 -73.67
N CYS K 57 -10.02 -49.53 -73.12
CA CYS K 57 -9.30 -48.28 -73.38
C CYS K 57 -9.61 -47.31 -72.25
N LEU K 58 -8.86 -46.22 -72.22
CA LEU K 58 -9.09 -45.16 -71.25
C LEU K 58 -8.48 -43.87 -71.80
N ASP K 59 -9.04 -42.74 -71.37
CA ASP K 59 -8.50 -41.44 -71.75
C ASP K 59 -8.86 -40.45 -70.64
N TYR K 60 -8.36 -39.23 -70.77
CA TYR K 60 -8.63 -38.17 -69.81
C TYR K 60 -8.76 -36.84 -70.54
N SER K 61 -9.49 -35.92 -69.92
CA SER K 61 -9.73 -34.60 -70.48
C SER K 61 -8.88 -33.60 -69.70
N GLU K 62 -7.98 -32.91 -70.40
CA GLU K 62 -7.09 -31.96 -69.76
C GLU K 62 -7.78 -30.64 -69.42
N SER K 63 -8.91 -30.35 -70.08
CA SER K 63 -9.57 -29.05 -69.89
C SER K 63 -10.20 -28.94 -68.51
N GLU K 64 -10.94 -29.97 -68.09
CA GLU K 64 -11.59 -29.97 -66.79
C GLU K 64 -11.15 -31.18 -65.97
N ILE K 65 -10.98 -30.96 -64.67
CA ILE K 65 -10.31 -31.92 -63.80
C ILE K 65 -11.29 -33.05 -63.46
N GLY K 66 -10.85 -34.29 -63.69
CA GLY K 66 -11.57 -35.46 -63.25
C GLY K 66 -12.36 -36.20 -64.30
N MET K 67 -12.50 -35.63 -65.50
CA MET K 67 -13.31 -36.25 -66.55
C MET K 67 -12.52 -37.40 -67.15
N ILE K 68 -12.84 -38.63 -66.74
CA ILE K 68 -12.08 -39.80 -67.12
C ILE K 68 -13.02 -40.74 -67.89
N GLY K 69 -12.87 -40.74 -69.21
CA GLY K 69 -13.62 -41.67 -70.03
C GLY K 69 -13.11 -43.09 -69.87
N VAL K 70 -14.04 -44.04 -69.81
CA VAL K 70 -13.71 -45.45 -69.63
C VAL K 70 -14.50 -46.25 -70.65
N GLY K 71 -13.80 -47.02 -71.49
CA GLY K 71 -14.43 -47.89 -72.45
C GLY K 71 -14.62 -49.31 -71.94
N GLU K 72 -15.31 -50.11 -72.75
CA GLU K 72 -15.59 -51.49 -72.40
C GLU K 72 -15.61 -52.33 -73.67
N LYS K 73 -15.67 -53.66 -73.48
CA LYS K 73 -15.79 -54.57 -74.61
C LYS K 73 -17.21 -54.63 -75.15
N ASN K 74 -18.21 -54.45 -74.29
CA ASN K 74 -19.60 -54.48 -74.74
C ASN K 74 -19.93 -53.28 -75.63
N GLY K 75 -19.37 -52.12 -75.33
CA GLY K 75 -19.55 -50.98 -76.22
C GLY K 75 -19.86 -49.69 -75.49
N TYR K 76 -20.01 -49.75 -74.17
CA TYR K 76 -20.43 -48.59 -73.40
C TYR K 76 -19.22 -47.73 -73.08
N LEU K 77 -19.30 -46.45 -73.47
CA LEU K 77 -18.23 -45.49 -73.19
C LEU K 77 -18.58 -44.67 -71.96
N ARG K 78 -18.44 -45.32 -70.81
CA ARG K 78 -18.81 -44.74 -69.52
C ARG K 78 -17.91 -43.56 -69.20
N ILE K 79 -18.47 -42.35 -69.30
CA ILE K 79 -17.74 -41.11 -69.04
C ILE K 79 -18.29 -40.53 -67.75
N PHE K 80 -17.42 -40.32 -66.77
CA PHE K 80 -17.82 -39.90 -65.44
C PHE K 80 -16.77 -38.96 -64.87
N ASN K 81 -16.91 -38.64 -63.59
CA ASN K 81 -16.01 -37.76 -62.88
C ASN K 81 -15.61 -38.39 -61.56
N ILE K 82 -14.37 -38.12 -61.14
CA ILE K 82 -13.82 -38.65 -59.90
C ILE K 82 -13.43 -37.53 -58.95
N SER K 83 -12.63 -36.58 -59.41
CA SER K 83 -12.20 -35.46 -58.58
C SER K 83 -13.20 -34.32 -58.64
N TYR K 140 -20.82 -36.19 -62.51
CA TYR K 140 -21.95 -37.05 -62.82
C TYR K 140 -21.48 -38.40 -63.38
N ASP K 141 -22.36 -39.06 -64.12
CA ASP K 141 -22.03 -40.36 -64.73
C ASP K 141 -22.97 -40.59 -65.91
N ILE K 142 -22.42 -40.55 -67.12
CA ILE K 142 -23.18 -40.85 -68.33
C ILE K 142 -22.59 -42.08 -68.99
N ARG K 143 -23.45 -42.83 -69.69
CA ARG K 143 -23.07 -44.06 -70.38
C ARG K 143 -23.59 -43.96 -71.81
N VAL K 144 -22.70 -43.68 -72.75
CA VAL K 144 -23.04 -43.58 -74.16
C VAL K 144 -22.52 -44.81 -74.89
N ARG K 145 -22.95 -44.95 -76.14
CA ARG K 145 -22.52 -46.05 -77.00
C ARG K 145 -22.71 -45.64 -78.45
N ALA K 146 -22.15 -46.43 -79.35
CA ALA K 146 -22.40 -46.22 -80.77
C ALA K 146 -23.81 -46.66 -81.14
N LYS K 147 -24.25 -46.24 -82.34
CA LYS K 147 -25.57 -46.64 -82.82
C LYS K 147 -25.64 -48.13 -83.10
N LYS K 148 -24.52 -48.75 -83.49
CA LYS K 148 -24.41 -50.19 -83.61
C LYS K 148 -23.51 -50.69 -82.49
N GLN K 149 -23.96 -51.73 -81.78
CA GLN K 149 -23.24 -52.23 -80.61
C GLN K 149 -22.08 -53.10 -81.07
N ARG K 150 -20.86 -52.65 -80.79
CA ARG K 150 -19.66 -53.44 -81.04
C ARG K 150 -18.56 -52.96 -80.09
N CYS K 151 -17.43 -53.66 -80.13
CA CYS K 151 -16.36 -53.41 -79.17
C CYS K 151 -15.64 -52.11 -79.47
N ILE K 152 -15.41 -51.32 -78.43
CA ILE K 152 -14.64 -50.08 -78.54
C ILE K 152 -13.18 -50.41 -78.29
N ASN K 153 -12.33 -50.09 -79.25
CA ASN K 153 -10.91 -50.45 -79.19
C ASN K 153 -9.99 -49.28 -78.89
N SER K 154 -10.48 -48.03 -78.97
CA SER K 154 -9.64 -46.87 -78.70
C SER K 154 -10.52 -45.72 -78.22
N LEU K 155 -9.86 -44.71 -77.65
CA LEU K 155 -10.57 -43.59 -77.04
C LEU K 155 -9.63 -42.40 -76.93
N GLY K 156 -10.15 -41.22 -77.26
CA GLY K 156 -9.42 -39.98 -77.12
C GLY K 156 -10.34 -38.81 -76.80
N ILE K 157 -9.93 -37.96 -75.86
CA ILE K 157 -10.68 -36.78 -75.48
C ILE K 157 -9.80 -35.56 -75.72
N ASN K 158 -10.26 -34.65 -76.58
CA ASN K 158 -9.46 -33.51 -76.98
C ASN K 158 -9.53 -32.40 -75.92
N THR K 159 -8.77 -31.34 -76.16
CA THR K 159 -8.74 -30.22 -75.23
C THR K 159 -10.01 -29.37 -75.35
N ASN K 160 -10.49 -29.15 -76.57
CA ASN K 160 -11.68 -28.31 -76.75
C ASN K 160 -12.95 -29.04 -76.33
N GLY K 161 -12.99 -30.36 -76.45
CA GLY K 161 -14.15 -31.11 -76.03
C GLY K 161 -14.53 -32.23 -76.95
N LEU K 162 -13.83 -32.35 -78.08
CA LEU K 162 -14.11 -33.42 -79.03
C LEU K 162 -13.70 -34.77 -78.45
N ILE K 163 -14.60 -35.74 -78.52
CA ILE K 163 -14.37 -37.08 -77.97
C ILE K 163 -14.52 -38.07 -79.10
N ALA K 164 -13.42 -38.75 -79.44
CA ALA K 164 -13.44 -39.74 -80.50
C ALA K 164 -13.63 -41.13 -79.91
N MET K 165 -13.73 -42.13 -80.77
CA MET K 165 -14.05 -43.49 -80.37
C MET K 165 -13.63 -44.44 -81.49
N GLY K 166 -12.89 -45.49 -81.13
CA GLY K 166 -12.46 -46.47 -82.12
C GLY K 166 -13.23 -47.77 -82.04
N LEU K 167 -13.98 -48.06 -83.10
CA LEU K 167 -14.88 -49.20 -83.15
C LEU K 167 -14.25 -50.33 -83.98
N ASP K 168 -14.96 -51.46 -84.02
CA ASP K 168 -14.53 -52.60 -84.82
C ASP K 168 -14.94 -52.41 -86.28
N ARG K 169 -14.72 -53.44 -87.09
CA ARG K 169 -15.02 -53.37 -88.52
C ARG K 169 -16.49 -53.64 -88.74
N ASN K 170 -17.23 -52.61 -89.19
CA ASN K 170 -18.63 -52.76 -89.55
C ASN K 170 -18.83 -52.25 -90.97
N LYS K 171 -19.50 -53.04 -91.79
CA LYS K 171 -19.67 -52.68 -93.20
C LYS K 171 -20.62 -51.51 -93.38
N HIS K 172 -21.65 -51.42 -92.54
CA HIS K 172 -22.68 -50.39 -92.66
C HIS K 172 -22.53 -49.31 -91.59
N ASP K 173 -21.32 -49.12 -91.07
CA ASP K 173 -21.07 -48.12 -90.05
C ASP K 173 -19.66 -47.59 -90.19
N SER K 174 -19.46 -46.35 -89.75
CA SER K 174 -18.15 -45.72 -89.75
C SER K 174 -17.51 -45.84 -88.37
N SER K 175 -16.21 -46.11 -88.36
CA SER K 175 -15.53 -46.42 -87.11
C SER K 175 -15.24 -45.16 -86.31
N LEU K 176 -14.44 -44.25 -86.87
CA LEU K 176 -13.96 -43.07 -86.15
C LEU K 176 -15.12 -42.08 -86.01
N GLN K 177 -15.73 -42.05 -84.84
CA GLN K 177 -16.88 -41.20 -84.58
C GLN K 177 -16.52 -40.15 -83.53
N ILE K 178 -16.64 -38.89 -83.90
CA ILE K 178 -16.25 -37.76 -83.06
C ILE K 178 -17.49 -36.90 -82.79
N TRP K 179 -17.69 -36.55 -81.53
CA TRP K 179 -18.75 -35.62 -81.13
C TRP K 179 -18.17 -34.63 -80.12
N ASP K 180 -18.98 -33.64 -79.76
CA ASP K 180 -18.61 -32.71 -78.71
C ASP K 180 -19.50 -32.92 -77.49
N MET K 181 -18.90 -32.74 -76.30
CA MET K 181 -19.62 -32.99 -75.06
C MET K 181 -20.74 -31.97 -74.84
N ASN K 182 -20.52 -30.71 -75.23
CA ASN K 182 -21.55 -29.69 -75.09
C ASN K 182 -22.63 -29.77 -76.15
N TYR K 183 -22.47 -30.62 -77.17
CA TYR K 183 -23.43 -30.74 -78.26
C TYR K 183 -23.86 -32.20 -78.41
N HIS K 184 -24.22 -32.83 -77.30
CA HIS K 184 -24.76 -34.19 -77.32
C HIS K 184 -25.96 -34.27 -76.40
N ASP K 185 -26.99 -35.00 -76.85
CA ASP K 185 -28.20 -35.21 -76.07
C ASP K 185 -28.00 -36.37 -75.11
N ASP K 186 -28.23 -36.11 -73.82
CA ASP K 186 -28.02 -37.11 -72.77
C ASP K 186 -29.19 -38.06 -72.59
N SER K 187 -30.27 -37.89 -73.35
CA SER K 187 -31.44 -38.75 -73.24
C SER K 187 -31.40 -39.95 -74.18
N HIS K 188 -30.31 -40.13 -74.93
CA HIS K 188 -30.19 -41.23 -75.87
C HIS K 188 -28.91 -42.00 -75.61
N GLU K 189 -29.02 -43.34 -75.68
CA GLU K 189 -27.85 -44.19 -75.49
C GLU K 189 -26.88 -44.08 -76.66
N THR K 190 -27.41 -44.09 -77.88
CA THR K 190 -26.56 -43.93 -79.05
C THR K 190 -26.11 -42.48 -79.19
N ILE K 191 -25.05 -42.29 -79.97
CA ILE K 191 -24.40 -41.00 -80.09
C ILE K 191 -24.80 -40.33 -81.40
N ASN K 192 -24.46 -39.06 -81.54
CA ASN K 192 -24.65 -38.32 -82.79
C ASN K 192 -23.27 -37.98 -83.35
N PRO K 193 -22.74 -38.76 -84.30
CA PRO K 193 -21.38 -38.50 -84.79
C PRO K 193 -21.28 -37.24 -85.63
N MET K 194 -20.54 -36.25 -85.13
CA MET K 194 -20.34 -35.01 -85.88
C MET K 194 -19.46 -35.25 -87.10
N PHE K 195 -18.44 -36.07 -86.95
CA PHE K 195 -17.53 -36.40 -88.04
C PHE K 195 -17.29 -37.91 -88.04
N SER K 196 -17.47 -38.54 -89.20
CA SER K 196 -17.36 -39.99 -89.31
C SER K 196 -16.42 -40.34 -90.44
N TYR K 197 -15.53 -41.31 -90.20
CA TYR K 197 -14.62 -41.81 -91.21
C TYR K 197 -14.42 -43.31 -91.01
N CYS K 198 -13.62 -43.90 -91.91
CA CYS K 198 -13.11 -45.26 -91.78
C CYS K 198 -14.24 -46.30 -91.74
N THR K 199 -15.03 -46.32 -92.81
CA THR K 199 -16.05 -47.35 -92.96
C THR K 199 -15.39 -48.69 -93.31
N ASN K 200 -16.01 -49.77 -92.82
CA ASN K 200 -15.57 -51.15 -93.06
C ASN K 200 -14.13 -51.37 -92.59
N GLU K 201 -13.78 -50.74 -91.47
CA GLU K 201 -12.44 -50.86 -90.90
C GLU K 201 -12.56 -50.92 -89.39
N SER K 202 -11.57 -51.54 -88.75
CA SER K 202 -11.51 -51.67 -87.30
C SER K 202 -10.38 -50.78 -86.77
N ILE K 203 -10.75 -49.61 -86.26
CA ILE K 203 -9.77 -48.66 -85.74
C ILE K 203 -9.29 -49.16 -84.38
N VAL K 204 -7.99 -49.36 -84.25
CA VAL K 204 -7.42 -49.92 -83.03
C VAL K 204 -6.70 -48.88 -82.18
N SER K 205 -6.31 -47.74 -82.75
CA SER K 205 -5.62 -46.71 -82.00
C SER K 205 -5.92 -45.34 -82.60
N LEU K 206 -6.07 -44.35 -81.72
CA LEU K 206 -6.31 -42.98 -82.15
C LEU K 206 -5.84 -42.03 -81.06
N LYS K 207 -5.47 -40.81 -81.48
CA LYS K 207 -5.00 -39.80 -80.55
C LYS K 207 -5.18 -38.43 -81.20
N PHE K 208 -5.47 -37.43 -80.37
CA PHE K 208 -5.77 -36.08 -80.83
C PHE K 208 -4.48 -35.29 -80.90
N LEU K 209 -4.05 -34.95 -82.12
CA LEU K 209 -2.82 -34.18 -82.28
C LEU K 209 -3.02 -32.73 -81.86
N ASN K 210 -4.13 -32.13 -82.28
CA ASN K 210 -4.42 -30.73 -82.00
C ASN K 210 -5.89 -30.62 -81.66
N ASP K 211 -6.40 -29.38 -81.63
CA ASP K 211 -7.82 -29.15 -81.37
C ASP K 211 -8.71 -29.55 -82.54
N THR K 212 -8.14 -29.78 -83.73
CA THR K 212 -8.91 -30.14 -84.91
C THR K 212 -8.57 -31.52 -85.44
N SER K 213 -7.29 -31.81 -85.67
CA SER K 213 -6.91 -33.05 -86.32
C SER K 213 -6.87 -34.20 -85.33
N VAL K 214 -6.92 -35.42 -85.87
CA VAL K 214 -6.80 -36.65 -85.09
C VAL K 214 -6.02 -37.66 -85.90
N LEU K 215 -5.12 -38.38 -85.24
CA LEU K 215 -4.27 -39.40 -85.87
C LEU K 215 -4.79 -40.77 -85.46
N ALA K 216 -5.48 -41.44 -86.38
CA ALA K 216 -6.09 -42.73 -86.10
C ALA K 216 -5.42 -43.82 -86.94
N ALA K 217 -5.36 -45.03 -86.39
CA ALA K 217 -4.74 -46.16 -87.06
C ALA K 217 -5.72 -47.32 -87.12
N SER K 218 -5.97 -47.80 -88.33
CA SER K 218 -6.82 -48.97 -88.54
C SER K 218 -5.99 -50.24 -88.40
N THR K 219 -6.55 -51.38 -88.80
CA THR K 219 -5.80 -52.63 -88.77
C THR K 219 -4.74 -52.70 -89.87
N LYS K 220 -4.81 -51.82 -90.88
CA LYS K 220 -3.85 -51.87 -91.96
C LYS K 220 -3.32 -50.50 -92.40
N PHE K 221 -3.84 -49.40 -91.89
CA PHE K 221 -3.47 -48.08 -92.38
C PHE K 221 -3.21 -47.12 -91.22
N LEU K 222 -2.35 -46.14 -91.49
CA LEU K 222 -2.12 -45.02 -90.59
C LEU K 222 -2.74 -43.78 -91.23
N LYS K 223 -3.71 -43.19 -90.55
CA LYS K 223 -4.50 -42.10 -91.10
C LYS K 223 -4.33 -40.84 -90.26
N GLU K 224 -4.09 -39.72 -90.94
CA GLU K 224 -4.06 -38.40 -90.32
C GLU K 224 -5.26 -37.63 -90.87
N ILE K 225 -6.37 -37.70 -90.14
CA ILE K 225 -7.65 -37.15 -90.59
C ILE K 225 -7.94 -35.89 -89.80
N ASP K 226 -8.21 -34.80 -90.51
CA ASP K 226 -8.65 -33.56 -89.90
C ASP K 226 -10.17 -33.45 -89.96
N VAL K 227 -10.72 -32.58 -89.11
CA VAL K 227 -12.15 -32.30 -89.17
C VAL K 227 -12.49 -31.12 -90.09
N ARG K 228 -11.49 -30.33 -90.49
CA ARG K 228 -11.75 -29.24 -91.41
C ARG K 228 -11.92 -29.71 -92.85
N SER K 229 -11.44 -30.91 -93.17
CA SER K 229 -11.58 -31.49 -94.50
C SER K 229 -11.91 -32.97 -94.37
N PRO K 230 -12.79 -33.49 -95.22
CA PRO K 230 -13.09 -34.93 -95.18
C PRO K 230 -11.98 -35.80 -95.73
N ASN K 231 -11.00 -35.23 -96.43
CA ASN K 231 -9.90 -36.01 -96.99
C ASN K 231 -8.78 -36.14 -95.98
N PRO K 232 -8.37 -37.36 -95.61
CA PRO K 232 -7.20 -37.52 -94.74
C PRO K 232 -5.92 -37.11 -95.45
N ILE K 233 -4.92 -36.72 -94.65
CA ILE K 233 -3.66 -36.25 -95.20
C ILE K 233 -2.89 -37.41 -95.86
N TYR K 234 -2.84 -38.56 -95.21
CA TYR K 234 -2.16 -39.72 -95.79
C TYR K 234 -2.77 -41.00 -95.23
N GLN K 235 -2.53 -42.10 -95.96
CA GLN K 235 -2.97 -43.43 -95.55
C GLN K 235 -1.86 -44.41 -95.93
N HIS K 236 -0.99 -44.70 -94.95
CA HIS K 236 0.17 -45.54 -95.24
C HIS K 236 -0.15 -47.00 -94.91
N PRO K 237 0.06 -47.93 -95.85
CA PRO K 237 -0.23 -49.34 -95.60
C PRO K 237 0.90 -50.01 -94.81
N THR K 238 0.60 -50.37 -93.56
CA THR K 238 1.56 -51.05 -92.71
C THR K 238 0.81 -51.86 -91.66
N ARG K 239 1.51 -52.82 -91.07
CA ARG K 239 0.94 -53.63 -90.00
C ARG K 239 1.18 -53.06 -88.61
N LEU K 240 2.21 -52.25 -88.44
CA LEU K 240 2.58 -51.71 -87.13
C LEU K 240 1.72 -50.48 -86.86
N THR K 241 0.52 -50.71 -86.35
CA THR K 241 -0.49 -49.67 -86.20
C THR K 241 -1.16 -49.69 -84.82
N TYR K 242 -0.50 -50.22 -83.81
CA TYR K 242 -1.10 -50.39 -82.49
C TYR K 242 -0.51 -49.40 -81.49
N ASP K 243 -1.39 -48.74 -80.73
CA ASP K 243 -1.04 -47.88 -79.59
C ASP K 243 -0.13 -46.72 -80.00
N ILE K 244 -0.72 -45.81 -80.78
CA ILE K 244 -0.04 -44.56 -81.12
C ILE K 244 0.19 -43.74 -79.85
N LYS K 245 1.45 -43.52 -79.52
CA LYS K 245 1.85 -42.72 -78.36
C LYS K 245 2.62 -41.49 -78.85
N LEU K 246 2.25 -40.32 -78.34
CA LEU K 246 2.84 -39.05 -78.76
C LEU K 246 3.96 -38.63 -77.82
N ASN K 247 5.08 -38.20 -78.39
CA ASN K 247 6.21 -37.69 -77.62
C ASN K 247 5.87 -36.33 -77.02
N PRO K 248 5.97 -36.15 -75.70
CA PRO K 248 5.60 -34.85 -75.09
C PRO K 248 6.51 -33.69 -75.48
N PHE K 249 7.63 -33.92 -76.17
CA PHE K 249 8.51 -32.85 -76.61
C PHE K 249 8.42 -32.58 -78.11
N ASN K 250 8.47 -33.62 -78.93
CA ASN K 250 8.36 -33.49 -80.38
C ASN K 250 6.96 -33.90 -80.81
N ASP K 251 6.22 -32.96 -81.38
CA ASP K 251 4.84 -33.21 -81.79
C ASP K 251 4.73 -33.94 -83.12
N TRP K 252 5.81 -34.02 -83.88
CA TRP K 252 5.81 -34.66 -85.20
C TRP K 252 6.28 -36.10 -85.16
N GLN K 253 6.45 -36.68 -83.98
CA GLN K 253 6.94 -38.03 -83.82
C GLN K 253 5.97 -38.86 -82.98
N PHE K 254 5.72 -40.09 -83.44
CA PHE K 254 4.88 -41.02 -82.68
C PHE K 254 5.40 -42.43 -82.93
N SER K 255 5.04 -43.35 -82.03
CA SER K 255 5.53 -44.71 -82.05
C SER K 255 4.40 -45.70 -81.93
N THR K 256 4.36 -46.68 -82.83
CA THR K 256 3.41 -47.77 -82.81
C THR K 256 4.18 -49.08 -82.69
N TYR K 257 3.44 -50.19 -82.66
CA TYR K 257 4.03 -51.52 -82.74
C TYR K 257 3.01 -52.46 -83.37
N GLY K 258 3.40 -53.74 -83.50
CA GLY K 258 2.57 -54.72 -84.16
C GLY K 258 2.33 -55.99 -83.38
N ASP K 259 1.79 -57.00 -84.05
CA ASP K 259 1.50 -58.26 -83.39
C ASP K 259 2.77 -59.03 -83.06
N ASP K 260 3.82 -58.86 -83.86
CA ASP K 260 5.10 -59.51 -83.61
C ASP K 260 5.98 -58.70 -82.66
N GLY K 261 5.51 -57.57 -82.16
CA GLY K 261 6.28 -56.75 -81.26
C GLY K 261 7.25 -55.81 -81.94
N THR K 262 7.19 -55.69 -83.26
CA THR K 262 8.11 -54.84 -84.02
C THR K 262 7.69 -53.39 -83.83
N LEU K 263 8.26 -52.75 -82.81
CA LEU K 263 7.98 -51.34 -82.56
C LEU K 263 8.65 -50.50 -83.64
N ALA K 264 8.02 -49.37 -83.97
CA ALA K 264 8.58 -48.47 -84.97
C ALA K 264 8.19 -47.03 -84.65
N ILE K 265 9.19 -46.16 -84.62
CA ILE K 265 8.97 -44.72 -84.47
C ILE K 265 8.70 -44.13 -85.84
N TRP K 266 7.58 -43.43 -85.99
CA TRP K 266 7.23 -42.82 -87.26
C TRP K 266 7.36 -41.30 -87.18
N ASP K 267 7.56 -40.70 -88.34
CA ASP K 267 7.47 -39.25 -88.51
C ASP K 267 6.29 -38.95 -89.42
N ARG K 268 5.44 -38.01 -88.99
CA ARG K 268 4.28 -37.65 -89.80
C ARG K 268 4.70 -36.97 -91.11
N ARG K 269 5.73 -36.12 -91.05
CA ARG K 269 6.19 -35.42 -92.24
C ARG K 269 6.94 -36.35 -93.20
N LYS K 270 7.43 -37.48 -92.72
CA LYS K 270 8.05 -38.48 -93.60
C LYS K 270 6.99 -39.27 -94.36
N LEU K 271 5.87 -39.57 -93.70
CA LEU K 271 4.76 -40.28 -94.32
C LEU K 271 3.94 -39.40 -95.24
N SER K 272 3.83 -38.11 -94.95
CA SER K 272 3.03 -37.23 -95.81
C SER K 272 3.69 -37.02 -97.17
N ASP K 273 5.02 -36.93 -97.21
CA ASP K 273 5.81 -36.75 -98.43
C ASP K 273 5.40 -35.52 -99.24
N ALA K 283 8.25 -43.52 -97.57
CA ALA K 283 7.46 -43.46 -96.34
C ALA K 283 7.95 -44.52 -95.34
N SER K 284 9.27 -44.63 -95.21
CA SER K 284 9.85 -45.56 -94.26
C SER K 284 9.64 -45.06 -92.83
N PRO K 285 9.66 -45.96 -91.86
CA PRO K 285 9.66 -45.53 -90.45
C PRO K 285 10.97 -44.83 -90.11
N LEU K 286 10.88 -43.90 -89.16
CA LEU K 286 12.09 -43.22 -88.68
C LEU K 286 13.02 -44.20 -87.97
N LEU K 287 12.47 -45.07 -87.13
CA LEU K 287 13.24 -46.14 -86.51
C LEU K 287 12.40 -47.41 -86.51
N THR K 288 13.09 -48.55 -86.45
CA THR K 288 12.44 -49.84 -86.28
C THR K 288 13.15 -50.61 -85.17
N PHE K 289 12.41 -51.52 -84.53
CA PHE K 289 12.95 -52.37 -83.48
C PHE K 289 12.29 -53.74 -83.61
N GLU K 290 13.01 -54.70 -84.18
CA GLU K 290 12.45 -56.03 -84.41
C GLU K 290 12.34 -56.78 -83.09
N LYS K 291 11.12 -57.25 -82.78
CA LYS K 291 10.81 -58.07 -81.60
C LYS K 291 11.20 -57.35 -80.30
N LEU K 292 10.75 -56.11 -80.17
CA LEU K 292 11.10 -55.29 -79.03
C LEU K 292 10.14 -55.46 -77.86
N VAL K 293 8.84 -55.47 -78.15
CA VAL K 293 7.82 -55.47 -77.09
C VAL K 293 7.02 -56.77 -77.18
N GLY K 294 6.06 -56.93 -76.27
CA GLY K 294 5.32 -58.16 -76.20
C GLY K 294 4.35 -58.35 -77.35
N SER K 295 3.99 -59.60 -77.59
CA SER K 295 3.09 -59.95 -78.67
C SER K 295 1.64 -59.88 -78.19
N GLY K 296 0.72 -60.41 -79.00
CA GLY K 296 -0.68 -60.40 -78.66
C GLY K 296 -1.44 -59.15 -79.04
N ALA K 297 -0.94 -58.36 -79.99
CA ALA K 297 -1.65 -57.17 -80.41
C ALA K 297 -2.88 -57.51 -81.23
N ALA K 298 -2.75 -58.45 -82.16
CA ALA K 298 -3.85 -58.84 -83.03
C ALA K 298 -4.70 -59.96 -82.44
N SER K 299 -4.35 -60.44 -81.25
CA SER K 299 -5.07 -61.53 -80.60
C SER K 299 -5.76 -61.11 -79.30
N ARG K 300 -5.09 -60.34 -78.45
CA ARG K 300 -5.64 -59.90 -77.19
C ARG K 300 -5.88 -58.40 -77.21
N LYS K 301 -7.11 -58.00 -76.84
CA LYS K 301 -7.44 -56.58 -76.79
C LYS K 301 -7.01 -55.93 -75.49
N TYR K 302 -6.51 -56.70 -74.53
CA TYR K 302 -6.05 -56.19 -73.24
C TYR K 302 -4.53 -56.34 -73.22
N MET K 303 -3.82 -55.26 -73.51
CA MET K 303 -2.37 -55.27 -73.63
C MET K 303 -1.74 -54.51 -72.47
N ASN K 304 -0.60 -55.02 -72.01
CA ASN K 304 0.20 -54.32 -71.01
C ASN K 304 1.13 -53.35 -71.73
N SER K 305 1.09 -52.09 -71.32
CA SER K 305 1.91 -51.08 -71.97
C SER K 305 3.38 -51.27 -71.60
N CYS K 306 4.11 -52.01 -72.43
CA CYS K 306 5.52 -52.30 -72.21
C CYS K 306 6.44 -51.39 -73.01
N PHE K 307 6.02 -50.13 -73.20
CA PHE K 307 6.83 -49.11 -73.84
C PHE K 307 6.23 -47.77 -73.47
N ARG K 308 7.06 -46.87 -72.95
CA ARG K 308 6.62 -45.54 -72.52
C ARG K 308 7.61 -44.51 -73.01
N TRP K 309 7.10 -43.43 -73.59
CA TRP K 309 7.96 -42.31 -73.96
C TRP K 309 8.45 -41.59 -72.71
N SER K 310 9.68 -41.09 -72.77
CA SER K 310 10.27 -40.38 -71.63
C SER K 310 9.62 -39.02 -71.46
N CYS K 311 9.23 -38.69 -70.23
CA CYS K 311 8.65 -37.40 -69.91
C CYS K 311 9.66 -36.44 -69.30
N VAL K 312 10.94 -36.80 -69.24
CA VAL K 312 11.93 -35.99 -68.58
C VAL K 312 12.95 -35.37 -69.54
N ARG K 313 13.20 -35.99 -70.70
CA ARG K 313 14.12 -35.42 -71.67
C ARG K 313 13.79 -35.97 -73.06
N ASN K 314 14.12 -35.18 -74.08
CA ASN K 314 13.81 -35.55 -75.45
C ASN K 314 14.71 -36.67 -75.94
N ASN K 315 14.27 -37.31 -77.02
CA ASN K 315 14.99 -38.40 -77.71
C ASN K 315 15.31 -39.56 -76.77
N GLU K 316 14.36 -39.89 -75.89
CA GLU K 316 14.51 -41.00 -74.96
C GLU K 316 13.18 -41.73 -74.81
N PHE K 317 13.26 -43.03 -74.56
CA PHE K 317 12.11 -43.83 -74.20
C PHE K 317 12.58 -45.04 -73.42
N ALA K 318 11.63 -45.66 -72.72
CA ALA K 318 11.91 -46.83 -71.89
C ALA K 318 11.02 -47.98 -72.34
N THR K 319 11.60 -49.18 -72.39
CA THR K 319 10.87 -50.40 -72.70
C THR K 319 11.07 -51.41 -71.59
N LEU K 320 10.08 -52.29 -71.44
CA LEU K 320 10.08 -53.32 -70.41
C LEU K 320 10.20 -54.68 -71.09
N HIS K 321 11.18 -55.48 -70.67
CA HIS K 321 11.46 -56.76 -71.31
C HIS K 321 11.41 -57.85 -70.24
N ARG K 322 10.63 -58.90 -70.51
CA ARG K 322 10.47 -60.08 -69.65
C ARG K 322 9.96 -59.75 -68.25
N GLY K 323 9.36 -58.57 -68.06
CA GLY K 323 8.77 -58.22 -66.78
C GLY K 323 9.72 -57.98 -65.63
N ASP K 324 11.02 -57.95 -65.87
CA ASP K 324 11.96 -57.76 -64.77
C ASP K 324 12.95 -56.63 -64.99
N THR K 325 13.41 -56.43 -66.21
CA THR K 325 14.39 -55.40 -66.52
C THR K 325 13.75 -54.30 -67.36
N ILE K 326 14.25 -53.08 -67.18
CA ILE K 326 13.77 -51.91 -67.93
C ILE K 326 14.98 -51.31 -68.65
N LYS K 327 14.85 -51.16 -69.97
CA LYS K 327 15.89 -50.60 -70.81
C LYS K 327 15.47 -49.20 -71.24
N ARG K 328 16.29 -48.21 -70.93
CA ARG K 328 16.08 -46.83 -71.38
C ARG K 328 16.97 -46.58 -72.59
N TRP K 329 16.34 -46.38 -73.76
CA TRP K 329 17.06 -46.13 -74.99
C TRP K 329 17.11 -44.63 -75.25
N ARG K 330 18.32 -44.08 -75.30
CA ARG K 330 18.53 -42.67 -75.62
C ARG K 330 18.88 -42.52 -77.09
N LEU K 331 18.19 -41.60 -77.77
CA LEU K 331 18.29 -41.47 -79.21
C LEU K 331 19.18 -40.30 -79.59
N GLY K 332 19.80 -40.41 -80.76
CA GLY K 332 20.56 -39.33 -81.35
C GLY K 332 19.91 -38.91 -82.66
N TYR K 333 20.10 -37.64 -83.02
CA TYR K 333 19.47 -37.10 -84.22
C TYR K 333 20.48 -36.28 -85.00
N TYR K 334 20.40 -36.39 -86.32
CA TYR K 334 21.20 -35.61 -87.26
C TYR K 334 20.34 -35.17 -88.42
N CYS K 335 20.53 -33.92 -88.84
CA CYS K 335 19.75 -33.34 -89.93
C CYS K 335 20.63 -33.27 -91.18
N ASP K 336 20.10 -33.79 -92.29
CA ASP K 336 20.82 -33.79 -93.56
C ASP K 336 20.55 -32.48 -94.29
N SER K 337 21.40 -31.48 -94.05
CA SER K 337 21.25 -30.19 -94.67
C SER K 337 22.61 -29.52 -94.89
N ASN K 350 14.57 -30.03 -90.96
CA ASN K 350 13.50 -30.19 -89.98
C ASN K 350 13.34 -31.67 -89.61
N ILE K 351 13.51 -32.54 -90.59
CA ILE K 351 13.40 -33.98 -90.39
C ILE K 351 14.71 -34.50 -89.83
N GLU K 352 14.66 -35.15 -88.68
CA GLU K 352 15.84 -35.70 -88.02
C GLU K 352 15.79 -37.22 -88.11
N ASN K 353 16.80 -37.80 -88.73
CA ASN K 353 16.91 -39.25 -88.84
C ASN K 353 17.46 -39.80 -87.53
N LEU K 354 16.61 -40.49 -86.77
CA LEU K 354 16.97 -40.94 -85.44
C LEU K 354 17.86 -42.17 -85.50
N PHE K 355 18.68 -42.34 -84.46
CA PHE K 355 19.45 -43.55 -84.24
C PHE K 355 19.74 -43.69 -82.76
N VAL K 356 19.87 -44.94 -82.32
CA VAL K 356 20.04 -45.24 -80.89
C VAL K 356 21.48 -45.02 -80.50
N SER K 357 21.70 -44.17 -79.49
CA SER K 357 23.05 -43.89 -79.02
C SER K 357 23.46 -44.83 -77.87
N SER K 358 22.73 -44.80 -76.77
CA SER K 358 23.06 -45.57 -75.58
C SER K 358 21.82 -46.28 -75.04
N VAL K 359 22.04 -47.45 -74.46
CA VAL K 359 20.99 -48.24 -73.83
C VAL K 359 21.39 -48.45 -72.36
N HIS K 360 20.51 -48.04 -71.45
CA HIS K 360 20.75 -48.14 -70.03
C HIS K 360 19.79 -49.17 -69.43
N ASP K 361 20.34 -50.16 -68.74
CA ASP K 361 19.53 -51.24 -68.16
C ASP K 361 19.37 -51.02 -66.66
N THR K 362 18.14 -51.11 -66.19
CA THR K 362 17.82 -51.02 -64.77
C THR K 362 16.97 -52.21 -64.38
N ASN K 363 17.35 -52.89 -63.30
CA ASN K 363 16.57 -54.00 -62.79
C ASN K 363 15.57 -53.51 -61.76
N THR K 364 14.33 -54.00 -61.88
CA THR K 364 13.27 -53.61 -60.96
C THR K 364 13.49 -54.22 -59.58
N MET K 365 12.84 -53.62 -58.58
CA MET K 365 12.92 -54.13 -57.21
C MET K 365 12.28 -55.50 -57.09
N TYR K 366 11.10 -55.69 -57.68
CA TYR K 366 10.39 -56.96 -57.66
C TYR K 366 10.08 -57.39 -59.08
N ASP K 367 10.15 -58.69 -59.34
CA ASP K 367 9.93 -59.22 -60.68
C ASP K 367 8.44 -59.27 -61.00
N ARG K 368 8.12 -59.79 -62.19
CA ARG K 368 6.76 -59.95 -62.70
C ARG K 368 6.00 -58.63 -62.73
N VAL K 369 6.50 -57.71 -63.55
CA VAL K 369 5.90 -56.40 -63.74
C VAL K 369 5.23 -56.37 -65.11
N ALA K 370 3.98 -55.91 -65.15
CA ALA K 370 3.24 -55.84 -66.41
C ALA K 370 3.39 -54.48 -67.10
N THR K 371 3.28 -53.39 -66.35
CA THR K 371 3.41 -52.07 -66.94
C THR K 371 4.07 -51.13 -65.94
N PHE K 372 4.60 -50.02 -66.46
CA PHE K 372 5.30 -49.04 -65.63
C PHE K 372 4.95 -47.64 -66.12
N ASP K 373 5.43 -46.64 -65.38
CA ASP K 373 5.25 -45.25 -65.74
C ASP K 373 6.36 -44.42 -65.11
N TYR K 374 6.65 -43.28 -65.74
CA TYR K 374 7.69 -42.38 -65.27
C TYR K 374 7.18 -41.54 -64.10
N ILE K 375 8.12 -40.91 -63.39
CA ILE K 375 7.82 -39.92 -62.38
C ILE K 375 8.74 -38.74 -62.61
N PRO K 376 8.21 -37.55 -62.93
CA PRO K 376 9.05 -36.35 -63.07
C PRO K 376 9.51 -35.84 -61.71
N ARG K 377 10.82 -35.89 -61.48
CA ARG K 377 11.44 -35.52 -60.21
C ARG K 377 12.13 -34.17 -60.34
N SER K 378 12.52 -33.62 -59.19
CA SER K 378 13.29 -32.39 -59.17
C SER K 378 14.74 -32.67 -59.57
N ASN K 379 15.37 -31.62 -60.12
CA ASN K 379 16.75 -31.67 -60.62
C ASN K 379 16.96 -32.77 -61.65
N ASN K 380 15.96 -32.92 -62.55
CA ASN K 380 16.01 -33.83 -63.69
C ASN K 380 16.20 -35.29 -63.28
N GLY K 381 15.65 -35.67 -62.12
CA GLY K 381 15.73 -37.05 -61.69
C GLY K 381 14.66 -37.92 -62.35
N THR K 382 14.83 -39.22 -62.17
CA THR K 382 13.92 -40.20 -62.75
C THR K 382 13.60 -41.28 -61.72
N SER K 383 12.30 -41.56 -61.55
CA SER K 383 11.84 -42.71 -60.81
C SER K 383 10.72 -43.38 -61.61
N LEU K 384 10.56 -44.67 -61.41
CA LEU K 384 9.61 -45.47 -62.19
C LEU K 384 8.57 -46.07 -61.26
N ILE K 385 7.34 -45.59 -61.35
CA ILE K 385 6.22 -46.25 -60.69
C ILE K 385 5.74 -47.38 -61.59
N CYS K 386 5.61 -48.57 -61.00
CA CYS K 386 5.34 -49.78 -61.76
C CYS K 386 4.20 -50.55 -61.12
N MET K 387 3.40 -51.19 -61.95
CA MET K 387 2.30 -52.03 -61.51
C MET K 387 2.58 -53.47 -61.90
N ARG K 388 2.49 -54.37 -60.93
CA ARG K 388 2.85 -55.76 -61.13
C ARG K 388 1.74 -56.50 -61.87
N GLN K 389 1.97 -57.79 -62.12
CA GLN K 389 0.96 -58.63 -62.75
C GLN K 389 -0.21 -58.87 -61.81
N SER K 390 0.03 -58.80 -60.50
CA SER K 390 -1.02 -58.95 -59.51
C SER K 390 -1.73 -57.65 -59.18
N GLY K 391 -1.33 -56.54 -59.80
CA GLY K 391 -1.96 -55.26 -59.56
C GLY K 391 -1.35 -54.45 -58.44
N THR K 392 -0.34 -54.99 -57.74
CA THR K 392 0.35 -54.22 -56.71
C THR K 392 1.21 -53.14 -57.35
N ILE K 393 1.10 -51.92 -56.81
CA ILE K 393 1.78 -50.76 -57.36
C ILE K 393 2.88 -50.34 -56.38
N TYR K 394 4.11 -50.30 -56.86
CA TYR K 394 5.25 -49.85 -56.07
C TYR K 394 6.06 -48.82 -56.85
N ARG K 395 7.21 -48.42 -56.33
CA ARG K 395 7.96 -47.29 -56.88
C ARG K 395 9.43 -47.68 -56.91
N MET K 396 10.01 -47.73 -58.11
CA MET K 396 11.39 -48.14 -58.31
C MET K 396 12.23 -46.96 -58.73
N PRO K 397 13.17 -46.50 -57.89
CA PRO K 397 14.04 -45.39 -58.28
C PRO K 397 15.10 -45.80 -59.27
N ILE K 398 15.56 -44.84 -60.06
CA ILE K 398 16.61 -45.03 -61.04
C ILE K 398 17.92 -44.59 -60.41
N SER K 399 18.91 -45.48 -60.40
CA SER K 399 20.19 -45.18 -59.78
C SER K 399 20.97 -44.14 -60.59
N GLU K 400 21.72 -43.30 -59.87
CA GLU K 400 22.56 -42.28 -60.48
C GLU K 400 23.89 -42.92 -60.89
N VAL K 401 23.98 -43.34 -62.14
CA VAL K 401 25.15 -44.03 -62.66
C VAL K 401 26.15 -42.98 -63.16
N CYS K 402 27.40 -43.10 -62.73
CA CYS K 402 28.43 -42.17 -63.13
C CYS K 402 28.82 -42.41 -64.59
N SER K 403 28.87 -41.32 -65.37
CA SER K 403 29.16 -41.43 -66.79
C SER K 403 30.64 -41.30 -67.10
N LYS K 404 31.33 -40.37 -66.42
CA LYS K 404 32.74 -40.13 -66.67
C LYS K 404 33.45 -39.84 -65.36
N ALA K 405 34.56 -40.54 -65.12
CA ALA K 405 35.37 -40.34 -63.92
C ALA K 405 36.81 -40.08 -64.38
N ILE K 406 37.12 -38.83 -64.65
CA ILE K 406 38.44 -38.43 -65.13
C ILE K 406 39.32 -38.10 -63.95
N LEU K 407 40.61 -38.35 -64.09
CA LEU K 407 41.59 -38.00 -63.08
C LEU K 407 42.30 -36.72 -63.51
N ASN K 408 43.34 -36.35 -62.77
CA ASN K 408 43.99 -35.07 -62.98
C ASN K 408 45.46 -35.20 -62.63
N ASN K 409 46.24 -34.20 -63.04
CA ASN K 409 47.64 -34.15 -62.63
C ASN K 409 47.79 -33.86 -61.14
N ARG K 410 46.82 -33.14 -60.58
CA ARG K 410 46.81 -32.82 -59.14
C ARG K 410 46.08 -33.86 -58.31
N ASN K 411 45.82 -35.05 -58.88
CA ASN K 411 45.11 -36.15 -58.23
C ASN K 411 43.72 -35.72 -57.75
N SER K 412 42.96 -35.15 -58.67
CA SER K 412 41.57 -34.72 -58.42
C SER K 412 40.64 -35.54 -59.29
N LEU K 413 39.55 -36.02 -58.69
CA LEU K 413 38.58 -36.87 -59.39
C LEU K 413 37.36 -36.03 -59.74
N LEU K 414 36.91 -36.15 -60.98
CA LEU K 414 35.75 -35.41 -61.48
C LEU K 414 34.71 -36.40 -61.99
N LEU K 415 33.49 -36.30 -61.47
CA LEU K 415 32.45 -37.30 -61.70
C LEU K 415 31.27 -36.67 -62.40
N SER K 416 30.84 -37.27 -63.50
CA SER K 416 29.67 -36.81 -64.25
C SER K 416 28.64 -37.93 -64.30
N ASN K 417 27.36 -37.53 -64.26
CA ASN K 417 26.26 -38.48 -64.11
C ASN K 417 25.45 -38.59 -65.38
N PHE K 418 24.79 -39.74 -65.54
CA PHE K 418 23.88 -39.97 -66.68
C PHE K 418 22.52 -39.34 -66.49
N GLU K 419 22.21 -38.77 -65.33
CA GLU K 419 20.87 -38.29 -65.04
C GLU K 419 20.81 -36.78 -64.90
N ASN K 420 21.55 -36.20 -63.97
CA ASN K 420 21.40 -34.78 -63.68
C ASN K 420 22.49 -33.97 -64.38
N THR K 421 22.59 -32.70 -64.02
CA THR K 421 23.49 -31.75 -64.66
C THR K 421 24.79 -31.53 -63.90
N GLU K 422 24.75 -31.56 -62.57
CA GLU K 422 25.89 -31.17 -61.74
C GLU K 422 27.04 -32.17 -61.85
N ILE K 423 28.23 -31.66 -61.55
CA ILE K 423 29.48 -32.41 -61.69
C ILE K 423 30.14 -32.49 -60.32
N ASP K 424 30.51 -33.70 -59.91
CA ASP K 424 31.11 -33.94 -58.61
C ASP K 424 32.63 -33.87 -58.69
N GLU K 425 33.24 -33.24 -57.69
CA GLU K 425 34.68 -33.01 -57.66
C GLU K 425 35.24 -33.48 -56.32
N ILE K 426 36.29 -34.29 -56.37
CA ILE K 426 36.98 -34.78 -55.18
C ILE K 426 38.39 -34.21 -55.20
N ARG K 427 38.59 -33.10 -54.49
CA ARG K 427 39.90 -32.46 -54.45
C ARG K 427 40.86 -33.26 -53.56
N VAL K 428 42.14 -32.93 -53.66
CA VAL K 428 43.18 -33.61 -52.91
C VAL K 428 43.56 -32.87 -51.63
N ASN K 429 43.27 -31.56 -51.55
CA ASN K 429 43.63 -30.68 -50.43
C ASN K 429 45.12 -30.74 -50.10
N PHE K 496 38.96 -50.87 -46.73
CA PHE K 496 39.05 -49.92 -47.83
C PHE K 496 39.54 -48.56 -47.35
N TRP K 497 40.37 -47.92 -48.18
CA TRP K 497 40.91 -46.61 -47.87
C TRP K 497 39.85 -45.53 -48.04
N LYS K 498 40.16 -44.36 -47.51
CA LYS K 498 39.39 -43.19 -47.89
C LYS K 498 39.87 -42.68 -49.25
N PRO K 499 38.99 -42.01 -50.02
CA PRO K 499 39.43 -41.50 -51.33
C PRO K 499 40.51 -40.43 -51.25
N GLU K 500 40.31 -39.43 -50.39
CA GLU K 500 41.27 -38.34 -50.27
C GLU K 500 42.62 -38.83 -49.74
N LYS K 501 42.60 -39.81 -48.82
CA LYS K 501 43.84 -40.34 -48.29
C LYS K 501 44.60 -41.13 -49.35
N LEU K 502 43.89 -41.88 -50.20
CA LEU K 502 44.55 -42.60 -51.27
C LEU K 502 45.10 -41.66 -52.33
N LEU K 503 44.38 -40.57 -52.61
CA LEU K 503 44.88 -39.59 -53.57
C LEU K 503 46.02 -38.76 -52.99
N GLU K 504 46.11 -38.65 -51.66
CA GLU K 504 47.21 -37.94 -51.03
C GLU K 504 48.45 -38.83 -50.86
N LYS K 505 48.25 -40.15 -50.79
CA LYS K 505 49.37 -41.07 -50.65
C LYS K 505 49.93 -41.53 -51.99
N ASP K 506 49.30 -41.13 -53.10
CA ASP K 506 49.83 -41.50 -54.41
C ASP K 506 51.10 -40.72 -54.71
N ILE K 507 51.94 -41.31 -55.56
CA ILE K 507 53.25 -40.75 -55.84
C ILE K 507 53.19 -39.51 -56.72
N SER K 508 52.05 -39.24 -57.37
CA SER K 508 51.92 -38.05 -58.19
C SER K 508 51.96 -36.78 -57.33
N VAL K 509 51.17 -36.75 -56.27
CA VAL K 509 51.14 -35.55 -55.43
C VAL K 509 52.38 -35.47 -54.55
N ILE K 510 52.99 -36.62 -54.24
CA ILE K 510 54.28 -36.62 -53.55
C ILE K 510 55.35 -36.00 -54.43
N MET K 511 55.39 -36.39 -55.71
CA MET K 511 56.35 -35.81 -56.65
C MET K 511 56.07 -34.32 -56.85
N ARG K 512 54.79 -33.93 -56.85
CA ARG K 512 54.44 -32.52 -57.01
C ARG K 512 54.93 -31.69 -55.82
N THR K 513 54.72 -32.20 -54.59
CA THR K 513 55.17 -31.49 -53.41
C THR K 513 56.70 -31.44 -53.34
N ARG K 514 57.38 -32.53 -53.71
CA ARG K 514 58.84 -32.53 -53.74
C ARG K 514 59.38 -31.56 -54.78
N ALA K 515 58.77 -31.51 -55.97
CA ALA K 515 59.20 -30.58 -57.00
C ALA K 515 58.94 -29.13 -56.59
N SER K 516 57.85 -28.90 -55.86
CA SER K 516 57.61 -27.55 -55.33
C SER K 516 58.63 -27.18 -54.25
N LEU K 517 59.05 -28.15 -53.45
CA LEU K 517 60.04 -27.90 -52.41
C LEU K 517 61.47 -27.79 -52.94
N GLY K 518 61.71 -28.16 -54.19
CA GLY K 518 63.04 -28.07 -54.76
C GLY K 518 63.86 -29.33 -54.57
N TYR K 519 63.30 -30.47 -54.97
CA TYR K 519 63.94 -31.76 -54.76
C TYR K 519 64.93 -32.03 -55.89
N GLY K 520 66.17 -32.37 -55.53
CA GLY K 520 67.14 -32.87 -56.47
C GLY K 520 68.01 -31.83 -57.14
N LEU K 521 67.71 -30.53 -56.97
CA LEU K 521 68.52 -29.51 -57.63
C LEU K 521 69.91 -29.41 -57.03
N ASP K 522 70.01 -29.45 -55.71
CA ASP K 522 71.28 -29.55 -55.01
C ASP K 522 71.25 -30.81 -54.16
N PRO K 523 72.18 -31.76 -54.36
CA PRO K 523 72.16 -32.99 -53.54
C PRO K 523 72.32 -32.76 -52.06
N MET K 524 73.16 -31.79 -51.65
CA MET K 524 73.32 -31.54 -50.22
C MET K 524 72.07 -30.88 -49.65
N ASN K 525 71.44 -30.00 -50.43
CA ASN K 525 70.21 -29.36 -50.00
C ASN K 525 69.06 -30.36 -49.88
N THR K 526 69.00 -31.35 -50.79
CA THR K 526 67.92 -32.32 -50.66
C THR K 526 68.20 -33.35 -49.56
N VAL K 527 69.47 -33.64 -49.25
CA VAL K 527 69.75 -34.39 -48.02
C VAL K 527 69.30 -33.61 -46.79
N GLU K 528 69.56 -32.30 -46.79
CA GLU K 528 69.13 -31.46 -45.67
C GLU K 528 67.62 -31.41 -45.54
N MET K 529 66.91 -31.34 -46.67
CA MET K 529 65.46 -31.24 -46.64
C MET K 529 64.79 -32.58 -46.33
N ILE K 530 65.36 -33.69 -46.79
CA ILE K 530 64.81 -35.00 -46.44
C ILE K 530 65.07 -35.31 -44.97
N ASP K 531 66.28 -35.00 -44.47
CA ASP K 531 66.59 -35.25 -43.07
C ASP K 531 65.76 -34.36 -42.14
N SER K 532 65.40 -33.16 -42.58
CA SER K 532 64.50 -32.31 -41.79
C SER K 532 63.04 -32.53 -42.19
N SER K 533 62.62 -33.79 -42.19
CA SER K 533 61.25 -34.15 -42.53
C SER K 533 60.95 -35.51 -41.93
N LYS K 534 59.88 -35.60 -41.14
CA LYS K 534 59.51 -36.86 -40.51
C LYS K 534 57.99 -36.96 -40.34
N GLN K 537 58.69 -37.89 -44.32
CA GLN K 537 58.37 -39.04 -43.48
C GLN K 537 59.60 -39.92 -43.29
N ASN K 538 59.42 -41.23 -43.39
CA ASN K 538 60.51 -42.18 -43.22
C ASN K 538 61.11 -42.58 -44.57
N ASN K 539 61.70 -41.58 -45.23
CA ASN K 539 62.39 -41.80 -46.50
C ASN K 539 63.84 -42.12 -46.19
N ALA K 540 64.20 -43.40 -46.32
CA ALA K 540 65.51 -43.87 -45.87
C ALA K 540 66.52 -43.99 -47.01
N TYR K 541 66.14 -44.67 -48.10
CA TYR K 541 67.09 -44.92 -49.18
C TYR K 541 67.36 -43.66 -50.00
N ILE K 542 66.40 -42.74 -50.05
CA ILE K 542 66.55 -41.50 -50.82
C ILE K 542 67.64 -40.63 -50.20
N ARG K 543 67.64 -40.49 -48.87
CA ARG K 543 68.64 -39.67 -48.19
C ARG K 543 70.03 -40.24 -48.38
N ASN K 544 70.18 -41.56 -48.31
CA ASN K 544 71.49 -42.19 -48.47
C ASN K 544 72.00 -42.07 -49.90
N THR K 545 71.12 -42.27 -50.89
CA THR K 545 71.59 -42.17 -52.26
C THR K 545 71.88 -40.71 -52.64
N TRP K 546 71.16 -39.75 -52.07
CA TRP K 546 71.51 -38.36 -52.34
C TRP K 546 72.75 -37.93 -51.57
N ARG K 547 73.03 -38.55 -50.42
CA ARG K 547 74.29 -38.31 -49.73
C ARG K 547 75.47 -38.82 -50.56
N TRP K 548 75.31 -40.00 -51.17
CA TRP K 548 76.37 -40.50 -52.05
C TRP K 548 76.54 -39.62 -53.28
N ILE K 549 75.42 -39.12 -53.84
CA ILE K 549 75.51 -38.25 -55.00
C ILE K 549 76.19 -36.93 -54.62
N ALA K 550 75.93 -36.43 -53.41
CA ALA K 550 76.63 -35.24 -52.92
C ALA K 550 78.12 -35.49 -52.76
N ILE K 551 78.49 -36.67 -52.25
CA ILE K 551 79.90 -37.02 -52.09
C ILE K 551 80.59 -37.12 -53.45
N ALA K 552 79.94 -37.77 -54.41
CA ALA K 552 80.52 -37.94 -55.74
C ALA K 552 80.62 -36.60 -56.48
N LYS K 553 79.62 -35.73 -56.30
CA LYS K 553 79.67 -34.41 -56.92
C LYS K 553 80.75 -33.54 -56.29
N ALA K 554 80.97 -33.67 -54.98
CA ALA K 554 82.08 -32.97 -54.35
C ALA K 554 83.42 -33.51 -54.82
N SER K 555 83.50 -34.82 -55.07
CA SER K 555 84.72 -35.42 -55.59
C SER K 555 85.02 -34.94 -57.01
N VAL K 556 83.99 -34.89 -57.86
CA VAL K 556 84.16 -34.39 -59.23
C VAL K 556 84.50 -32.91 -59.22
N ASP K 557 83.83 -32.11 -58.38
CA ASP K 557 84.06 -30.67 -58.33
C ASP K 557 85.42 -30.30 -57.78
N ASP K 558 86.04 -31.18 -56.99
CA ASP K 558 87.38 -30.94 -56.47
C ASP K 558 88.48 -31.31 -57.45
N GLY K 559 88.13 -31.84 -58.62
CA GLY K 559 89.12 -32.34 -59.55
C GLY K 559 89.56 -33.76 -59.32
N THR K 560 89.09 -34.40 -58.26
CA THR K 560 89.46 -35.78 -57.97
C THR K 560 88.76 -36.72 -58.93
N MET K 561 89.54 -37.62 -59.54
CA MET K 561 89.05 -38.69 -60.42
C MET K 561 88.27 -38.13 -61.61
N VAL K 562 88.76 -37.03 -62.18
CA VAL K 562 88.28 -36.54 -63.48
C VAL K 562 89.49 -36.25 -64.37
N SER K 563 90.67 -36.21 -63.77
CA SER K 563 91.88 -35.90 -64.51
C SER K 563 92.49 -37.16 -65.12
N GLY K 564 93.65 -37.01 -65.75
CA GLY K 564 94.28 -38.10 -66.44
C GLY K 564 93.73 -38.30 -67.84
N ASP K 565 94.14 -39.40 -68.46
CA ASP K 565 93.72 -39.73 -69.81
C ASP K 565 92.34 -40.36 -69.87
N LEU K 566 91.77 -40.74 -68.72
CA LEU K 566 90.46 -41.36 -68.66
C LEU K 566 89.63 -40.66 -67.60
N ASP K 567 88.31 -40.61 -67.83
CA ASP K 567 87.43 -39.77 -67.02
C ASP K 567 87.25 -40.34 -65.61
N LEU K 568 86.63 -41.54 -65.51
CA LEU K 568 86.36 -42.24 -64.26
C LEU K 568 85.57 -41.36 -63.28
N GLY K 569 84.53 -40.71 -63.79
CA GLY K 569 83.68 -39.84 -62.99
C GLY K 569 82.32 -40.46 -62.76
N TYR K 570 81.82 -40.31 -61.52
CA TYR K 570 80.55 -40.89 -61.06
C TYR K 570 80.50 -42.41 -61.25
N GLU K 571 81.64 -43.08 -61.15
CA GLU K 571 81.69 -44.53 -61.26
C GLU K 571 81.31 -45.17 -59.93
N GLY K 572 81.09 -46.48 -59.97
CA GLY K 572 80.69 -47.24 -58.81
C GLY K 572 81.79 -48.19 -58.33
N VAL K 573 81.45 -48.89 -57.24
CA VAL K 573 82.39 -49.84 -56.65
C VAL K 573 82.59 -51.05 -57.56
N ILE K 574 81.55 -51.48 -58.27
CA ILE K 574 81.66 -52.63 -59.17
C ILE K 574 82.58 -52.32 -60.35
N GLY K 575 82.48 -51.10 -60.89
CA GLY K 575 83.31 -50.72 -62.01
C GLY K 575 84.78 -50.62 -61.65
N ILE K 576 85.08 -50.08 -60.45
CA ILE K 576 86.45 -50.04 -59.98
C ILE K 576 86.97 -51.45 -59.69
N TRP K 577 86.15 -52.28 -59.05
CA TRP K 577 86.60 -53.59 -58.60
C TRP K 577 86.83 -54.54 -59.76
N ASN K 578 85.96 -54.51 -60.76
CA ASN K 578 86.13 -55.39 -61.90
C ASN K 578 87.12 -54.86 -62.92
N GLY K 579 87.57 -53.61 -62.78
CA GLY K 579 88.56 -53.04 -63.67
C GLY K 579 88.01 -52.71 -65.04
N ILE K 580 88.66 -53.25 -66.07
CA ILE K 580 88.31 -53.04 -67.49
C ILE K 580 88.28 -51.57 -67.87
N LEU K 595 95.02 -47.42 -72.18
CA LEU K 595 94.49 -48.74 -72.52
C LEU K 595 95.32 -49.86 -71.90
N SER K 596 96.60 -49.60 -71.69
CA SER K 596 97.46 -50.57 -71.02
C SER K 596 97.14 -50.65 -69.53
N ASP K 597 97.28 -51.85 -68.99
CA ASP K 597 97.00 -52.10 -67.57
C ASP K 597 97.98 -51.36 -66.66
N LYS K 598 99.26 -51.36 -67.03
CA LYS K 598 100.26 -50.64 -66.24
C LYS K 598 100.05 -49.13 -66.30
N GLN K 599 99.67 -48.61 -67.46
CA GLN K 599 99.43 -47.17 -67.58
C GLN K 599 98.22 -46.73 -66.75
N LEU K 600 97.13 -47.50 -66.80
CA LEU K 600 95.97 -47.15 -65.99
C LEU K 600 96.26 -47.34 -64.50
N ASN K 601 97.06 -48.34 -64.15
CA ASN K 601 97.45 -48.55 -62.76
C ASN K 601 98.30 -47.38 -62.24
N LYS K 602 99.24 -46.89 -63.05
CA LYS K 602 100.09 -45.80 -62.57
C LYS K 602 99.35 -44.47 -62.54
N GLU K 603 98.43 -44.22 -63.49
CA GLU K 603 97.65 -42.98 -63.38
C GLU K 603 96.63 -43.08 -62.25
N MET K 604 96.17 -44.29 -61.91
CA MET K 604 95.28 -44.45 -60.78
C MET K 604 96.02 -44.27 -59.46
N GLU K 605 97.29 -44.71 -59.41
CA GLU K 605 98.15 -44.40 -58.27
C GLU K 605 98.39 -42.90 -58.16
N LYS K 606 98.55 -42.21 -59.29
CA LYS K 606 98.64 -40.75 -59.28
C LYS K 606 97.34 -40.12 -58.78
N ILE K 607 96.20 -40.73 -59.11
CA ILE K 607 94.91 -40.27 -58.62
C ILE K 607 94.84 -40.41 -57.10
N ILE K 608 95.39 -41.51 -56.56
CA ILE K 608 95.53 -41.64 -55.11
C ILE K 608 96.47 -40.56 -54.57
N LYS K 609 97.62 -40.36 -55.24
CA LYS K 609 98.61 -39.38 -54.80
C LYS K 609 98.17 -37.97 -55.25
N LEU K 610 97.08 -37.51 -54.65
CA LEU K 610 96.54 -36.18 -54.90
C LEU K 610 96.29 -35.38 -53.64
N ARG K 611 95.87 -36.03 -52.55
CA ARG K 611 95.56 -35.34 -51.30
C ARG K 611 96.52 -35.76 -50.19
N ARG K 612 97.76 -36.10 -50.54
CA ARG K 612 98.76 -36.52 -49.56
C ARG K 612 99.49 -35.27 -49.07
N LYS K 613 98.84 -34.57 -48.14
CA LYS K 613 99.41 -33.36 -47.55
C LYS K 613 100.30 -33.69 -46.36
N GLY K 626 98.81 -54.58 -47.05
CA GLY K 626 99.07 -55.99 -47.24
C GLY K 626 98.04 -56.68 -48.11
N SER K 627 97.59 -55.99 -49.16
CA SER K 627 96.60 -56.52 -50.09
C SER K 627 97.10 -56.37 -51.51
N PRO K 628 96.74 -57.30 -52.40
CA PRO K 628 97.17 -57.15 -53.79
C PRO K 628 96.44 -56.05 -54.54
N LYS K 629 95.13 -55.92 -54.34
CA LYS K 629 94.34 -54.89 -55.02
C LYS K 629 94.25 -53.61 -54.18
N TYR K 630 95.40 -53.08 -53.79
CA TYR K 630 95.46 -51.83 -53.03
C TYR K 630 95.26 -50.61 -53.92
N VAL K 631 95.35 -50.76 -55.24
CA VAL K 631 95.12 -49.68 -56.18
C VAL K 631 93.67 -49.68 -56.65
N GLN K 632 92.85 -50.50 -56.00
CA GLN K 632 91.41 -50.52 -56.25
C GLN K 632 90.58 -50.39 -54.98
N ARG K 633 91.03 -50.99 -53.88
CA ARG K 633 90.35 -50.82 -52.59
C ARG K 633 90.39 -49.37 -52.12
N ARG K 634 91.52 -48.69 -52.33
CA ARG K 634 91.62 -47.28 -51.96
C ARG K 634 90.72 -46.41 -52.84
N LEU K 635 90.59 -46.76 -54.12
CA LEU K 635 89.66 -46.04 -54.99
C LEU K 635 88.21 -46.25 -54.55
N CYS K 636 87.86 -47.47 -54.13
CA CYS K 636 86.51 -47.71 -53.64
C CYS K 636 86.27 -46.97 -52.32
N LEU K 637 87.30 -46.86 -51.48
CA LEU K 637 87.17 -46.07 -50.26
C LEU K 637 87.01 -44.58 -50.55
N ILE K 638 87.67 -44.09 -51.61
CA ILE K 638 87.48 -42.70 -52.02
C ILE K 638 86.07 -42.49 -52.57
N ILE K 639 85.58 -43.42 -53.40
CA ILE K 639 84.28 -43.29 -54.02
C ILE K 639 83.17 -43.34 -52.96
N SER K 640 83.25 -44.29 -52.04
CA SER K 640 82.21 -44.45 -51.04
C SER K 640 82.31 -43.44 -49.91
N GLY K 641 83.36 -42.62 -49.89
CA GLY K 641 83.53 -41.66 -48.82
C GLY K 641 84.07 -42.25 -47.53
N TRP K 642 84.93 -43.27 -47.62
CA TRP K 642 85.44 -43.93 -46.43
C TRP K 642 86.97 -43.87 -46.39
N ASP K 643 87.53 -42.70 -46.66
CA ASP K 643 88.96 -42.45 -46.56
C ASP K 643 89.21 -41.26 -45.65
N LEU K 644 88.54 -41.26 -44.51
CA LEU K 644 88.60 -40.16 -43.56
C LEU K 644 89.56 -40.48 -42.42
N SER K 645 90.15 -39.44 -41.84
CA SER K 645 91.18 -39.62 -40.84
C SER K 645 90.58 -39.93 -39.47
N ARG K 646 91.45 -40.37 -38.56
CA ARG K 646 90.99 -40.82 -37.25
C ARG K 646 90.59 -39.64 -36.36
N SER K 647 91.30 -38.51 -36.47
CA SER K 647 90.88 -37.30 -35.77
C SER K 647 89.55 -36.81 -36.32
N ASP K 648 89.37 -36.85 -37.64
CA ASP K 648 88.07 -36.56 -38.22
C ASP K 648 87.05 -37.64 -37.88
N TYR K 649 87.49 -38.88 -37.61
CA TYR K 649 86.58 -39.88 -37.09
C TYR K 649 86.07 -39.49 -35.69
N GLU K 650 86.96 -38.96 -34.85
CA GLU K 650 86.52 -38.45 -33.55
C GLU K 650 85.57 -37.27 -33.69
N ASP K 651 85.85 -36.39 -34.66
CA ASP K 651 84.95 -35.27 -34.94
C ASP K 651 83.59 -35.77 -35.43
N LYS K 652 83.57 -36.81 -36.26
CA LYS K 652 82.32 -37.39 -36.73
C LYS K 652 81.57 -38.06 -35.58
N TYR K 653 82.29 -38.69 -34.66
CA TYR K 653 81.66 -39.26 -33.47
C TYR K 653 80.99 -38.17 -32.63
N ASN K 654 81.69 -37.04 -32.45
CA ASN K 654 81.10 -35.91 -31.73
C ASN K 654 79.89 -35.34 -32.45
N ILE K 655 79.94 -35.31 -33.79
CA ILE K 655 78.82 -34.79 -34.58
C ILE K 655 77.60 -35.69 -34.43
N ILE K 656 77.80 -37.01 -34.54
CA ILE K 656 76.69 -37.96 -34.44
C ILE K 656 76.12 -37.98 -33.03
N MET K 657 76.99 -37.84 -32.01
CA MET K 657 76.51 -37.74 -30.63
C MET K 657 75.72 -36.46 -30.40
N LYS K 658 76.16 -35.34 -31.00
CA LYS K 658 75.45 -34.08 -30.86
C LYS K 658 74.12 -34.11 -31.60
N ASN K 659 74.01 -34.90 -32.67
CA ASN K 659 72.74 -35.03 -33.37
C ASN K 659 71.72 -35.83 -32.58
N GLY K 660 72.14 -36.59 -31.57
CA GLY K 660 71.23 -37.34 -30.73
C GLY K 660 71.14 -38.81 -31.07
N HIS K 661 71.66 -39.24 -32.22
CA HIS K 661 71.66 -40.64 -32.62
C HIS K 661 72.84 -41.36 -31.98
N TYR K 662 72.68 -41.70 -30.70
CA TYR K 662 73.73 -42.40 -29.97
C TYR K 662 73.93 -43.82 -30.51
N GLU K 663 72.85 -44.45 -30.97
CA GLU K 663 72.95 -45.81 -31.49
C GLU K 663 73.76 -45.84 -32.78
N LYS K 664 73.62 -44.82 -33.62
CA LYS K 664 74.43 -44.75 -34.83
C LYS K 664 75.90 -44.49 -34.52
N ALA K 665 76.17 -43.69 -33.48
CA ALA K 665 77.56 -43.50 -33.04
C ALA K 665 78.16 -44.78 -32.50
N ALA K 666 77.38 -45.56 -31.74
CA ALA K 666 77.85 -46.85 -31.26
C ALA K 666 78.07 -47.82 -32.41
N ALA K 667 77.18 -47.80 -33.40
CA ALA K 667 77.35 -48.67 -34.56
C ALA K 667 78.59 -48.30 -35.36
N TRP K 668 78.87 -47.00 -35.50
CA TRP K 668 80.07 -46.58 -36.19
C TRP K 668 81.33 -46.92 -35.41
N ALA K 669 81.27 -46.84 -34.08
CA ALA K 669 82.42 -47.26 -33.27
C ALA K 669 82.66 -48.77 -33.36
N VAL K 670 81.58 -49.56 -33.37
CA VAL K 670 81.71 -51.00 -33.57
C VAL K 670 82.25 -51.31 -34.96
N PHE K 671 81.81 -50.53 -35.96
CA PHE K 671 82.28 -50.69 -37.32
C PHE K 671 83.76 -50.38 -37.44
N PHE K 672 84.24 -49.35 -36.76
CA PHE K 672 85.64 -48.96 -36.80
C PHE K 672 86.49 -49.66 -35.73
N GLY K 673 85.88 -50.46 -34.86
CA GLY K 673 86.60 -51.42 -34.05
C GLY K 673 86.88 -51.00 -32.62
N ASP K 674 86.83 -49.70 -32.31
CA ASP K 674 87.14 -49.25 -30.95
C ASP K 674 85.93 -49.51 -30.05
N ILE K 675 85.81 -50.80 -29.66
CA ILE K 675 84.72 -51.21 -28.76
C ILE K 675 84.75 -50.51 -27.40
N PRO K 676 85.90 -50.27 -26.74
CA PRO K 676 85.86 -49.41 -25.53
C PRO K 676 85.34 -48.01 -25.79
N LYS K 677 85.59 -47.44 -26.97
CA LYS K 677 84.99 -46.15 -27.28
C LYS K 677 83.48 -46.28 -27.50
N ALA K 678 83.02 -47.41 -28.01
CA ALA K 678 81.59 -47.66 -28.10
C ALA K 678 80.96 -47.74 -26.71
N VAL K 679 81.66 -48.37 -25.76
CA VAL K 679 81.19 -48.42 -24.38
C VAL K 679 81.13 -47.03 -23.78
N GLU K 680 82.16 -46.22 -24.03
CA GLU K 680 82.20 -44.86 -23.50
C GLU K 680 81.11 -43.98 -24.11
N ILE K 681 80.85 -44.15 -25.41
CA ILE K 681 79.83 -43.36 -26.09
C ILE K 681 78.44 -43.75 -25.60
N LEU K 682 78.15 -45.05 -25.56
CA LEU K 682 76.84 -45.49 -25.11
C LEU K 682 76.63 -45.29 -23.62
N GLY K 683 77.71 -45.30 -22.84
CA GLY K 683 77.60 -44.90 -21.46
C GLY K 683 77.41 -43.41 -21.33
N SER K 684 76.83 -43.01 -20.20
CA SER K 684 76.51 -41.61 -19.87
C SER K 684 75.63 -40.97 -20.95
N ALA K 685 74.68 -41.75 -21.47
CA ALA K 685 73.79 -41.27 -22.52
C ALA K 685 72.50 -40.74 -21.91
N LYS K 686 71.56 -40.34 -22.78
CA LYS K 686 70.29 -39.81 -22.33
C LYS K 686 69.28 -40.87 -21.93
N LYS K 687 69.58 -42.15 -22.15
CA LYS K 687 68.65 -43.23 -21.86
C LYS K 687 69.30 -44.25 -20.95
N GLU K 688 68.48 -44.92 -20.13
CA GLU K 688 68.95 -46.02 -19.33
C GLU K 688 69.11 -47.30 -20.16
N ARG K 689 68.31 -47.43 -21.21
CA ARG K 689 68.37 -48.61 -22.08
C ARG K 689 69.70 -48.67 -22.80
N LEU K 690 70.20 -47.51 -23.25
CA LEU K 690 71.50 -47.43 -23.88
C LEU K 690 72.62 -47.77 -22.91
N ARG K 691 72.46 -47.42 -21.62
CA ARG K 691 73.45 -47.80 -20.63
C ARG K 691 73.44 -49.31 -20.39
N LEU K 692 72.26 -49.93 -20.41
CA LEU K 692 72.19 -51.39 -20.30
C LEU K 692 72.83 -52.07 -21.51
N ILE K 693 72.62 -51.51 -22.69
CA ILE K 693 73.26 -52.02 -23.90
C ILE K 693 74.77 -51.83 -23.81
N ALA K 694 75.22 -50.72 -23.23
CA ALA K 694 76.66 -50.48 -23.04
C ALA K 694 77.27 -51.49 -22.08
N THR K 695 76.54 -51.84 -21.01
CA THR K 695 77.02 -52.87 -20.09
C THR K 695 77.11 -54.23 -20.79
N ALA K 696 76.11 -54.56 -21.61
CA ALA K 696 76.15 -55.81 -22.37
C ALA K 696 77.32 -55.83 -23.34
N ILE K 697 77.60 -54.70 -24.00
CA ILE K 697 78.73 -54.59 -24.91
C ILE K 697 80.05 -54.74 -24.16
N ALA K 698 80.17 -54.08 -23.01
CA ALA K 698 81.37 -54.16 -22.19
C ALA K 698 81.59 -55.56 -21.63
N GLY K 699 80.54 -56.38 -21.54
CA GLY K 699 80.71 -57.76 -21.13
C GLY K 699 81.32 -58.70 -22.18
N TYR K 700 81.96 -58.13 -23.20
CA TYR K 700 82.56 -58.87 -24.29
C TYR K 700 84.09 -58.82 -24.33
N LEU K 701 84.68 -57.72 -23.83
CA LEU K 701 86.13 -57.53 -23.92
C LEU K 701 86.91 -58.59 -23.14
N ALA K 702 86.45 -58.91 -21.93
CA ALA K 702 87.01 -60.01 -21.15
C ALA K 702 86.38 -61.35 -21.47
N TYR K 703 85.75 -61.48 -22.64
CA TYR K 703 84.96 -62.67 -22.96
C TYR K 703 85.24 -63.26 -24.33
N LYS K 704 85.90 -62.53 -25.24
CA LYS K 704 86.07 -62.95 -26.62
C LYS K 704 86.97 -64.18 -26.78
N ASP K 705 87.74 -64.56 -25.76
CA ASP K 705 88.55 -65.77 -25.83
C ASP K 705 87.76 -67.05 -25.55
N LEU K 706 86.50 -66.93 -25.12
CA LEU K 706 85.70 -68.11 -24.83
C LEU K 706 85.36 -68.86 -26.11
N PRO K 707 85.32 -70.20 -26.07
CA PRO K 707 85.03 -70.98 -27.28
C PRO K 707 83.66 -70.74 -27.88
N GLY K 708 82.64 -70.49 -27.07
CA GLY K 708 81.31 -70.23 -27.57
C GLY K 708 80.30 -71.21 -27.04
N ASN K 709 79.08 -71.12 -27.59
CA ASN K 709 77.93 -71.95 -27.20
C ASN K 709 77.62 -71.85 -25.71
N ASN K 710 77.71 -70.64 -25.17
CA ASN K 710 77.46 -70.36 -23.77
C ASN K 710 76.22 -69.48 -23.63
N ALA K 711 75.75 -69.33 -22.38
CA ALA K 711 74.49 -68.65 -22.13
C ALA K 711 74.57 -67.15 -22.45
N TRP K 712 75.74 -66.54 -22.31
CA TRP K 712 75.90 -65.12 -22.64
C TRP K 712 75.75 -64.88 -24.14
N ARG K 713 76.37 -65.73 -24.96
CA ARG K 713 76.21 -65.60 -26.40
C ARG K 713 74.79 -65.94 -26.84
N GLN K 714 74.14 -66.87 -26.14
CA GLN K 714 72.74 -67.18 -26.42
C GLN K 714 71.84 -65.99 -26.09
N GLN K 715 72.11 -65.31 -24.97
CA GLN K 715 71.35 -64.11 -24.62
C GLN K 715 71.60 -62.99 -25.62
N CYS K 716 72.84 -62.84 -26.09
CA CYS K 716 73.14 -61.82 -27.09
C CYS K 716 72.45 -62.12 -28.41
N ARG K 717 72.40 -63.39 -28.81
CA ARG K 717 71.68 -63.77 -30.03
C ARG K 717 70.18 -63.56 -29.89
N LYS K 718 69.63 -63.85 -28.72
CA LYS K 718 68.21 -63.57 -28.46
C LYS K 718 67.93 -62.07 -28.53
N MET K 719 68.83 -61.25 -27.97
CA MET K 719 68.64 -59.81 -28.03
C MET K 719 68.77 -59.29 -29.46
N SER K 720 69.66 -59.89 -30.25
CA SER K 720 69.77 -59.51 -31.66
C SER K 720 68.50 -59.89 -32.42
N SER K 721 67.89 -61.02 -32.07
CA SER K 721 66.67 -61.44 -32.73
C SER K 721 65.48 -60.54 -32.36
N GLU K 722 65.39 -60.12 -31.08
CA GLU K 722 64.17 -59.48 -30.61
C GLU K 722 64.17 -57.96 -30.79
N LEU K 723 65.32 -57.32 -30.84
CA LEU K 723 65.39 -55.87 -30.74
C LEU K 723 65.04 -55.18 -32.05
N ASP K 724 64.47 -53.97 -31.92
CA ASP K 724 63.94 -53.23 -33.07
C ASP K 724 64.98 -52.34 -33.74
N ASP K 725 65.95 -51.83 -32.99
CA ASP K 725 66.95 -50.93 -33.56
C ASP K 725 67.94 -51.72 -34.41
N PRO K 726 68.13 -51.36 -35.69
CA PRO K 726 69.05 -52.15 -36.53
C PRO K 726 70.51 -51.94 -36.19
N TYR K 727 70.89 -50.76 -35.72
CA TYR K 727 72.28 -50.50 -35.35
C TYR K 727 72.69 -51.36 -34.16
N LEU K 728 71.85 -51.40 -33.12
CA LEU K 728 72.11 -52.28 -32.00
C LEU K 728 71.92 -53.74 -32.35
N ARG K 729 71.09 -54.04 -33.37
CA ARG K 729 70.96 -55.41 -33.86
C ARG K 729 72.29 -55.91 -34.42
N VAL K 730 72.90 -55.13 -35.32
CA VAL K 730 74.18 -55.56 -35.87
C VAL K 730 75.30 -55.43 -34.83
N ILE K 731 75.15 -54.55 -33.83
CA ILE K 731 76.10 -54.51 -32.73
C ILE K 731 76.09 -55.83 -31.96
N PHE K 732 74.89 -56.30 -31.61
CA PHE K 732 74.78 -57.57 -30.90
C PHE K 732 75.19 -58.75 -31.76
N ALA K 733 74.95 -58.69 -33.08
CA ALA K 733 75.37 -59.76 -33.97
C ALA K 733 76.89 -59.82 -34.08
N PHE K 734 77.56 -58.66 -34.07
CA PHE K 734 79.03 -58.68 -34.12
C PHE K 734 79.63 -59.05 -32.77
N ILE K 735 78.99 -58.66 -31.67
CA ILE K 735 79.50 -58.96 -30.34
C ILE K 735 79.37 -60.44 -30.03
N ALA K 736 78.21 -61.03 -30.35
CA ALA K 736 77.96 -62.43 -30.00
C ALA K 736 78.87 -63.38 -30.79
N ASP K 737 79.07 -63.11 -32.07
CA ASP K 737 79.99 -63.90 -32.88
C ASP K 737 80.85 -62.94 -33.71
N ASN K 738 82.16 -63.16 -33.68
CA ASN K 738 83.10 -62.28 -34.39
C ASN K 738 83.18 -62.68 -35.86
N ASP K 739 82.10 -62.41 -36.57
CA ASP K 739 82.02 -62.58 -38.01
C ASP K 739 81.26 -61.41 -38.60
N TRP K 740 81.69 -60.97 -39.78
CA TRP K 740 81.08 -59.82 -40.43
C TRP K 740 79.91 -60.18 -41.32
N TRP K 741 79.68 -61.47 -41.57
CA TRP K 741 78.69 -61.87 -42.57
C TRP K 741 77.26 -61.70 -42.09
N ASP K 742 77.03 -61.70 -40.78
CA ASP K 742 75.72 -61.33 -40.25
C ASP K 742 75.47 -59.83 -40.35
N ILE K 743 76.51 -59.04 -40.62
CA ILE K 743 76.39 -57.59 -40.70
C ILE K 743 76.25 -57.12 -42.14
N LEU K 744 76.95 -57.78 -43.07
CA LEU K 744 76.95 -57.40 -44.47
C LEU K 744 75.63 -57.67 -45.18
N TYR K 745 74.76 -58.51 -44.62
CA TYR K 745 73.50 -58.84 -45.26
C TYR K 745 72.29 -58.27 -44.53
N GLU K 746 72.50 -57.46 -43.49
CA GLU K 746 71.38 -56.86 -42.79
C GLU K 746 70.84 -55.69 -43.62
N PRO K 747 69.58 -55.72 -44.07
CA PRO K 747 69.12 -54.70 -45.00
C PRO K 747 68.69 -53.40 -44.33
N ALA K 748 68.38 -53.41 -43.03
CA ALA K 748 67.88 -52.23 -42.36
C ALA K 748 68.96 -51.19 -42.07
N ILE K 749 70.23 -51.56 -42.16
CA ILE K 749 71.32 -50.60 -42.04
C ILE K 749 71.72 -50.16 -43.45
N SER K 750 72.32 -48.98 -43.53
CA SER K 750 72.63 -48.39 -44.83
C SER K 750 73.73 -49.16 -45.55
N LEU K 751 73.67 -49.12 -46.87
CA LEU K 751 74.60 -49.88 -47.70
C LEU K 751 75.99 -49.22 -47.77
N ARG K 752 76.07 -47.91 -47.53
CA ARG K 752 77.36 -47.25 -47.50
C ARG K 752 78.20 -47.72 -46.32
N GLU K 753 77.57 -47.88 -45.16
CA GLU K 753 78.26 -48.42 -43.99
C GLU K 753 78.69 -49.87 -44.21
N ARG K 754 77.83 -50.66 -44.86
CA ARG K 754 78.16 -52.05 -45.14
C ARG K 754 79.32 -52.14 -46.14
N LEU K 755 79.36 -51.26 -47.13
CA LEU K 755 80.51 -51.25 -48.03
C LEU K 755 81.78 -50.76 -47.34
N GLY K 756 81.65 -49.84 -46.39
CA GLY K 756 82.81 -49.43 -45.60
C GLY K 756 83.38 -50.58 -44.80
N VAL K 757 82.51 -51.33 -44.11
CA VAL K 757 82.98 -52.47 -43.31
C VAL K 757 83.26 -53.70 -44.15
N ALA K 758 82.94 -53.66 -45.45
CA ALA K 758 83.37 -54.72 -46.35
C ALA K 758 84.72 -54.42 -46.96
N LEU K 759 84.99 -53.16 -47.30
CA LEU K 759 86.31 -52.83 -47.82
C LEU K 759 87.35 -52.79 -46.71
N ARG K 760 86.95 -52.42 -45.48
CA ARG K 760 87.89 -52.38 -44.38
C ARG K 760 88.31 -53.79 -43.92
N PHE K 761 87.34 -54.68 -43.72
CA PHE K 761 87.59 -55.99 -43.11
C PHE K 761 86.97 -57.10 -43.96
N LEU K 762 87.66 -57.54 -45.01
CA LEU K 762 87.28 -58.70 -45.80
C LEU K 762 88.41 -59.05 -46.76
N ASN K 763 88.62 -60.35 -46.96
CA ASN K 763 89.53 -60.81 -48.00
C ASN K 763 88.96 -60.47 -49.37
N ASP K 764 89.86 -60.31 -50.35
CA ASP K 764 89.44 -59.94 -51.70
C ASP K 764 88.61 -61.02 -52.37
N THR K 765 88.93 -62.30 -52.11
CA THR K 765 88.13 -63.40 -52.64
C THR K 765 86.75 -63.47 -52.03
N ASP K 766 86.54 -62.89 -50.85
CA ASP K 766 85.21 -62.79 -50.25
C ASP K 766 84.54 -61.47 -50.58
N LEU K 767 85.33 -60.39 -50.70
CA LEU K 767 84.77 -59.09 -51.06
C LEU K 767 84.21 -59.09 -52.48
N THR K 768 84.86 -59.83 -53.38
CA THR K 768 84.34 -59.94 -54.75
C THR K 768 82.99 -60.65 -54.77
N THR K 769 82.85 -61.72 -53.98
CA THR K 769 81.57 -62.44 -53.90
C THR K 769 80.50 -61.57 -53.25
N PHE K 770 80.86 -60.82 -52.21
CA PHE K 770 79.89 -59.91 -51.58
C PHE K 770 79.44 -58.83 -52.55
N LEU K 771 80.39 -58.27 -53.32
CA LEU K 771 80.04 -57.25 -54.29
C LEU K 771 79.15 -57.79 -55.39
N ASP K 772 79.44 -59.00 -55.88
CA ASP K 772 78.63 -59.61 -56.92
C ASP K 772 77.22 -59.89 -56.41
N ARG K 773 77.11 -60.43 -55.19
CA ARG K 773 75.80 -60.73 -54.61
C ARG K 773 74.97 -59.47 -54.39
N THR K 774 75.60 -58.43 -53.81
CA THR K 774 74.86 -57.21 -53.51
C THR K 774 74.48 -56.46 -54.78
N SER K 775 75.37 -56.45 -55.79
CA SER K 775 75.07 -55.80 -57.05
C SER K 775 73.94 -56.52 -57.79
N SER K 776 73.98 -57.85 -57.84
CA SER K 776 72.91 -58.61 -58.48
C SER K 776 71.61 -58.49 -57.71
N THR K 777 71.66 -58.23 -56.40
CA THR K 777 70.44 -57.96 -55.66
C THR K 777 69.86 -56.59 -56.01
N VAL K 778 70.72 -55.57 -56.02
CA VAL K 778 70.21 -54.20 -56.15
C VAL K 778 69.87 -53.82 -57.59
N ILE K 779 70.40 -54.54 -58.59
CA ILE K 779 69.98 -54.28 -59.97
C ILE K 779 68.53 -54.68 -60.16
N GLU K 780 68.13 -55.85 -59.66
CA GLU K 780 66.78 -56.34 -59.88
C GLU K 780 65.79 -55.82 -58.85
N ASN K 781 66.24 -55.57 -57.62
CA ASN K 781 65.33 -55.10 -56.58
C ASN K 781 65.01 -53.60 -56.70
N GLY K 782 65.74 -52.87 -57.52
CA GLY K 782 65.46 -51.46 -57.69
C GLY K 782 65.83 -50.57 -56.53
N GLU K 783 66.77 -51.00 -55.69
CA GLU K 783 67.17 -50.20 -54.53
C GLU K 783 68.04 -49.03 -54.99
N LEU K 784 67.68 -47.82 -54.53
CA LEU K 784 68.42 -46.63 -54.93
C LEU K 784 69.79 -46.55 -54.29
N GLU K 785 70.03 -47.30 -53.22
CA GLU K 785 71.35 -47.33 -52.60
C GLU K 785 72.32 -48.27 -53.31
N GLY K 786 71.89 -48.92 -54.39
CA GLY K 786 72.82 -49.67 -55.21
C GLY K 786 73.68 -48.82 -56.12
N LEU K 787 73.38 -47.53 -56.21
CA LEU K 787 74.17 -46.60 -57.01
C LEU K 787 75.58 -46.41 -56.47
N ILE K 788 75.83 -46.74 -55.20
CA ILE K 788 77.19 -46.77 -54.71
C ILE K 788 77.98 -47.89 -55.39
N LEU K 789 77.35 -49.06 -55.55
CA LEU K 789 78.04 -50.18 -56.19
C LEU K 789 78.16 -49.98 -57.70
N THR K 790 77.07 -49.55 -58.35
CA THR K 790 77.05 -49.56 -59.81
C THR K 790 77.39 -48.21 -60.42
N GLY K 791 77.24 -47.11 -59.69
CA GLY K 791 77.48 -45.80 -60.25
C GLY K 791 76.35 -45.36 -61.18
N ILE K 792 76.54 -44.17 -61.74
CA ILE K 792 75.63 -43.67 -62.78
C ILE K 792 76.22 -44.13 -64.10
N THR K 793 75.90 -45.37 -64.46
CA THR K 793 76.42 -46.09 -65.61
C THR K 793 75.22 -46.66 -66.36
N PRO K 794 75.40 -47.32 -67.51
CA PRO K 794 74.27 -48.08 -68.09
C PRO K 794 73.66 -49.09 -67.15
N ASN K 795 74.46 -49.75 -66.31
CA ASN K 795 73.89 -50.63 -65.29
C ASN K 795 73.18 -49.82 -64.21
N GLY K 796 73.66 -48.61 -63.93
CA GLY K 796 72.89 -47.71 -63.06
C GLY K 796 71.58 -47.29 -63.68
N ILE K 797 71.52 -47.15 -65.01
CA ILE K 797 70.28 -46.85 -65.68
C ILE K 797 69.35 -48.06 -65.65
N ASP K 798 69.91 -49.28 -65.71
CA ASP K 798 69.10 -50.47 -65.49
C ASP K 798 68.51 -50.51 -64.08
N LEU K 799 69.32 -50.12 -63.08
CA LEU K 799 68.83 -50.03 -61.71
C LEU K 799 67.71 -49.01 -61.57
N LEU K 800 67.87 -47.84 -62.19
CA LEU K 800 66.84 -46.81 -62.11
C LEU K 800 65.60 -47.21 -62.90
N GLN K 801 65.76 -47.97 -63.99
CA GLN K 801 64.62 -48.48 -64.73
C GLN K 801 63.82 -49.48 -63.91
N SER K 802 64.52 -50.39 -63.22
CA SER K 802 63.81 -51.32 -62.32
C SER K 802 63.16 -50.58 -61.16
N TYR K 803 63.79 -49.51 -60.67
CA TYR K 803 63.19 -48.70 -59.61
C TYR K 803 61.93 -47.99 -60.11
N VAL K 804 61.94 -47.51 -61.35
CA VAL K 804 60.77 -46.86 -61.93
C VAL K 804 59.65 -47.87 -62.18
N ASN K 805 60.02 -49.09 -62.60
CA ASN K 805 59.03 -50.15 -62.76
C ASN K 805 58.37 -50.51 -61.44
N LYS K 806 59.17 -50.56 -60.36
CA LYS K 806 58.62 -50.95 -59.07
C LYS K 806 57.84 -49.83 -58.41
N THR K 807 58.26 -48.57 -58.57
CA THR K 807 57.74 -47.47 -57.79
C THR K 807 57.01 -46.39 -58.57
N SER K 808 57.23 -46.27 -59.89
CA SER K 808 56.71 -45.19 -60.73
C SER K 808 57.14 -43.81 -60.21
N ASP K 809 58.44 -43.67 -59.95
CA ASP K 809 59.04 -42.40 -59.55
C ASP K 809 60.01 -41.98 -60.65
N VAL K 810 59.50 -41.20 -61.61
CA VAL K 810 60.35 -40.69 -62.67
C VAL K 810 61.12 -39.45 -62.23
N GLN K 811 60.70 -38.80 -61.14
CA GLN K 811 61.40 -37.61 -60.65
C GLN K 811 62.80 -37.96 -60.18
N SER K 812 62.93 -39.00 -59.35
CA SER K 812 64.24 -39.40 -58.85
C SER K 812 65.12 -39.94 -59.97
N ALA K 813 64.51 -40.69 -60.89
CA ALA K 813 65.27 -41.22 -62.03
C ALA K 813 65.82 -40.10 -62.90
N ALA K 814 65.01 -39.06 -63.14
CA ALA K 814 65.49 -37.91 -63.91
C ALA K 814 66.61 -37.17 -63.19
N LEU K 815 66.38 -36.83 -61.91
CA LEU K 815 67.39 -36.05 -61.18
C LEU K 815 68.66 -36.83 -60.92
N ILE K 816 68.62 -38.16 -60.95
CA ILE K 816 69.84 -38.94 -60.83
C ILE K 816 70.52 -39.12 -62.18
N SER K 817 69.76 -39.43 -63.23
CA SER K 817 70.34 -39.74 -64.53
C SER K 817 70.86 -38.50 -65.25
N ILE K 818 70.46 -37.30 -64.84
CA ILE K 818 71.03 -36.10 -65.48
C ILE K 818 72.46 -35.84 -65.06
N PHE K 819 72.95 -36.48 -63.99
CA PHE K 819 74.33 -36.28 -63.58
C PHE K 819 75.33 -36.93 -64.52
N GLY K 820 74.97 -38.03 -65.17
CA GLY K 820 75.98 -38.75 -65.93
C GLY K 820 75.64 -39.22 -67.32
N SER K 821 74.37 -39.16 -67.73
CA SER K 821 74.02 -39.75 -69.02
C SER K 821 74.53 -38.93 -70.20
N PRO K 822 74.08 -37.70 -70.48
CA PRO K 822 74.52 -37.04 -71.74
C PRO K 822 75.99 -36.64 -71.71
N ARG K 823 76.62 -36.63 -70.54
CA ARG K 823 78.06 -36.44 -70.44
C ARG K 823 78.81 -37.67 -70.93
N TYR K 824 78.26 -38.87 -70.72
CA TYR K 824 79.03 -40.08 -70.96
C TYR K 824 78.38 -41.07 -71.92
N PHE K 825 77.06 -41.25 -71.87
CA PHE K 825 76.43 -42.31 -72.63
C PHE K 825 75.05 -41.88 -73.11
N ARG K 826 74.79 -42.04 -74.41
CA ARG K 826 73.50 -41.69 -74.98
C ARG K 826 72.57 -42.90 -74.88
N ASP K 827 71.51 -42.76 -74.07
CA ASP K 827 70.50 -43.81 -73.94
C ASP K 827 69.12 -43.18 -73.93
N GLN K 828 68.16 -43.93 -74.48
CA GLN K 828 66.83 -43.41 -74.77
C GLN K 828 65.97 -43.28 -73.51
N ARG K 829 66.22 -44.12 -72.51
CA ARG K 829 65.44 -44.11 -71.28
C ARG K 829 65.63 -42.82 -70.48
N VAL K 830 66.86 -42.31 -70.43
CA VAL K 830 67.13 -41.07 -69.72
C VAL K 830 66.43 -39.90 -70.41
N ASP K 831 66.43 -39.90 -71.74
CA ASP K 831 65.71 -38.87 -72.49
C ASP K 831 64.21 -38.95 -72.23
N GLU K 832 63.67 -40.17 -72.13
CA GLU K 832 62.26 -40.34 -71.80
C GLU K 832 61.95 -39.82 -70.40
N TRP K 833 62.82 -40.09 -69.43
CA TRP K 833 62.60 -39.61 -68.07
C TRP K 833 62.70 -38.10 -67.98
N ILE K 834 63.66 -37.50 -68.70
CA ILE K 834 63.83 -36.05 -68.69
C ILE K 834 62.63 -35.36 -69.32
N GLN K 835 62.17 -35.86 -70.47
CA GLN K 835 61.02 -35.26 -71.13
C GLN K 835 59.74 -35.44 -70.31
N THR K 836 59.59 -36.61 -69.65
CA THR K 836 58.43 -36.84 -68.81
C THR K 836 58.43 -35.91 -67.60
N TYR K 837 59.59 -35.69 -66.97
CA TYR K 837 59.62 -34.79 -65.82
C TYR K 837 59.44 -33.34 -66.23
N ARG K 838 59.94 -32.95 -67.41
CA ARG K 838 59.70 -31.59 -67.88
C ARG K 838 58.22 -31.36 -68.19
N ASP K 839 57.56 -32.35 -68.81
CA ASP K 839 56.13 -32.23 -69.07
C ASP K 839 55.32 -32.24 -67.77
N MET K 840 55.78 -32.99 -66.75
CA MET K 840 55.11 -32.95 -65.46
C MET K 840 55.26 -31.59 -64.78
N LEU K 841 56.46 -31.00 -64.86
CA LEU K 841 56.67 -29.68 -64.28
C LEU K 841 55.87 -28.61 -65.01
N LYS K 842 55.72 -28.75 -66.33
CA LYS K 842 54.83 -27.85 -67.07
C LYS K 842 53.37 -28.11 -66.72
N SER K 843 53.01 -29.36 -66.39
CA SER K 843 51.63 -29.69 -66.07
C SER K 843 51.21 -29.07 -64.75
N TRP K 844 52.11 -29.05 -63.76
CA TRP K 844 51.81 -28.44 -62.47
C TRP K 844 52.11 -26.95 -62.47
N GLU K 845 52.42 -26.37 -63.63
CA GLU K 845 52.77 -24.95 -63.80
C GLU K 845 53.98 -24.57 -62.94
N LEU K 846 54.93 -25.50 -62.82
CA LEU K 846 56.20 -25.23 -62.16
C LEU K 846 57.27 -24.90 -63.21
N PHE K 847 57.07 -23.76 -63.86
CA PHE K 847 57.96 -23.33 -64.94
C PHE K 847 59.35 -22.95 -64.41
N SER K 848 59.39 -22.36 -63.20
CA SER K 848 60.67 -22.02 -62.58
C SER K 848 61.50 -23.27 -62.31
N MET K 849 60.86 -24.33 -61.80
CA MET K 849 61.56 -25.57 -61.53
C MET K 849 62.01 -26.24 -62.82
N ARG K 850 61.21 -26.12 -63.89
CA ARG K 850 61.62 -26.65 -65.19
C ARG K 850 62.84 -25.91 -65.73
N ALA K 851 62.86 -24.58 -65.58
CA ALA K 851 64.02 -23.81 -66.04
C ALA K 851 65.26 -24.12 -65.22
N ARG K 852 65.12 -24.28 -63.90
CA ARG K 852 66.26 -24.68 -63.07
C ARG K 852 66.72 -26.08 -63.44
N PHE K 853 65.80 -26.99 -63.74
CA PHE K 853 66.16 -28.33 -64.17
C PHE K 853 66.92 -28.30 -65.49
N ASP K 854 66.50 -27.44 -66.42
CA ASP K 854 67.18 -27.33 -67.71
C ASP K 854 68.59 -26.75 -67.56
N VAL K 855 68.75 -25.71 -66.74
CA VAL K 855 70.09 -25.15 -66.55
C VAL K 855 70.96 -26.12 -65.76
N LEU K 856 70.38 -26.93 -64.87
CA LEU K 856 71.16 -27.96 -64.18
C LEU K 856 71.59 -29.07 -65.13
N ARG K 857 70.72 -29.41 -66.10
CA ARG K 857 71.10 -30.37 -67.13
C ARG K 857 72.24 -29.83 -67.97
N SER K 858 72.19 -28.56 -68.33
CA SER K 858 73.27 -27.95 -69.12
C SER K 858 74.56 -27.87 -68.31
N LYS K 859 74.46 -27.62 -67.00
CA LYS K 859 75.66 -27.61 -66.17
C LYS K 859 76.25 -29.01 -66.02
N LEU K 860 75.41 -30.04 -65.95
CA LEU K 860 75.90 -31.39 -65.73
C LEU K 860 76.15 -32.15 -67.04
N SER K 861 75.91 -31.54 -68.19
CA SER K 861 76.28 -32.15 -69.46
C SER K 861 77.64 -31.69 -69.96
N ARG K 862 78.33 -30.81 -69.23
CA ARG K 862 79.62 -30.33 -69.66
C ARG K 862 80.69 -31.39 -69.45
N THR K 863 81.48 -31.64 -70.49
CA THR K 863 82.56 -32.62 -70.42
C THR K 863 83.78 -32.02 -69.71
N LYS K 864 84.86 -32.80 -69.65
CA LYS K 864 86.11 -32.31 -69.10
C LYS K 864 86.69 -31.20 -69.98
N THR K 865 86.53 -31.32 -71.30
CA THR K 865 86.93 -30.24 -72.19
C THR K 865 86.07 -29.00 -71.98
N GLY K 866 84.77 -29.19 -71.74
CA GLY K 866 83.83 -28.09 -71.60
C GLY K 866 82.76 -28.04 -72.66
N VAL K 867 82.75 -28.97 -73.61
CA VAL K 867 81.78 -28.95 -74.70
C VAL K 867 80.42 -29.41 -74.16
N LEU K 868 79.39 -28.60 -74.39
CA LEU K 868 78.05 -28.92 -73.93
C LEU K 868 77.44 -29.96 -74.85
N THR K 869 77.14 -31.13 -74.30
CA THR K 869 76.58 -32.24 -75.06
C THR K 869 75.06 -32.31 -74.97
N ALA K 870 74.41 -31.36 -74.30
CA ALA K 870 72.96 -31.41 -74.20
C ALA K 870 72.33 -30.86 -75.48
N ASP K 871 71.04 -31.17 -75.66
CA ASP K 871 70.28 -30.70 -76.81
C ASP K 871 69.60 -29.39 -76.44
N ILE K 872 69.95 -28.32 -77.15
CA ILE K 872 69.39 -27.00 -76.90
C ILE K 872 68.45 -26.62 -78.04
N LYS K 873 67.57 -25.66 -77.76
CA LYS K 873 66.64 -25.16 -78.75
C LYS K 873 67.39 -24.35 -79.81
N PRO K 874 67.05 -24.51 -81.09
CA PRO K 874 67.70 -23.71 -82.13
C PRO K 874 67.34 -22.24 -82.04
N ARG K 875 68.11 -21.44 -82.77
CA ARG K 875 67.96 -19.98 -82.75
C ARG K 875 66.64 -19.57 -83.38
N GLN K 876 65.93 -18.65 -82.71
CA GLN K 876 64.55 -18.34 -83.05
C GLN K 876 64.38 -17.01 -83.80
N ILE K 877 64.82 -15.90 -83.21
CA ILE K 877 64.52 -14.58 -83.76
C ILE K 877 65.77 -13.72 -83.71
N TYR K 878 65.84 -12.72 -84.59
CA TYR K 878 66.93 -11.75 -84.54
C TYR K 878 66.40 -10.42 -85.04
N ILE K 879 67.12 -9.36 -84.67
CA ILE K 879 66.66 -7.99 -84.87
C ILE K 879 67.31 -7.42 -86.13
N GLN K 880 66.47 -6.89 -87.02
CA GLN K 880 66.94 -6.18 -88.21
C GLN K 880 66.84 -4.67 -87.99
N CYS K 881 67.18 -3.91 -89.04
CA CYS K 881 67.11 -2.46 -88.98
C CYS K 881 66.44 -1.82 -90.19
N GLN K 882 66.20 -2.58 -91.26
CA GLN K 882 65.46 -2.17 -92.47
C GLN K 882 66.16 -1.05 -93.24
N ASN K 883 67.39 -0.71 -92.88
CA ASN K 883 68.21 0.24 -93.63
C ASN K 883 69.38 -0.43 -94.32
N CYS K 884 69.98 -1.45 -93.70
CA CYS K 884 70.89 -2.37 -94.38
C CYS K 884 70.43 -3.81 -94.31
N LYS K 885 69.32 -4.08 -93.60
CA LYS K 885 68.71 -5.42 -93.48
C LYS K 885 69.69 -6.45 -92.92
N GLN K 886 70.36 -6.08 -91.84
CA GLN K 886 71.32 -6.96 -91.17
C GLN K 886 71.03 -6.98 -89.67
N ASN K 887 71.73 -7.87 -88.98
CA ASN K 887 71.63 -7.94 -87.53
C ASN K 887 72.29 -6.72 -86.91
N ILE K 888 71.70 -6.19 -85.83
CA ILE K 888 72.25 -5.01 -85.19
C ILE K 888 73.25 -5.36 -84.10
N ASN K 889 73.46 -6.64 -83.83
CA ASN K 889 74.41 -7.07 -82.81
C ASN K 889 75.06 -8.39 -83.22
N THR K 890 76.34 -8.54 -82.88
CA THR K 890 77.14 -9.66 -83.35
C THR K 890 77.25 -10.71 -82.25
N PRO K 891 76.76 -11.93 -82.45
CA PRO K 891 76.90 -13.03 -81.50
C PRO K 891 78.35 -13.47 -81.32
N LYS K 940 76.40 2.20 -78.18
CA LYS K 940 76.72 2.66 -79.52
C LYS K 940 75.61 3.55 -80.08
N TYR K 941 74.36 3.12 -79.85
CA TYR K 941 73.13 3.81 -80.24
C TYR K 941 73.00 4.03 -81.75
N CYS K 942 73.69 3.21 -82.54
CA CYS K 942 73.58 3.25 -84.00
C CYS K 942 73.78 1.85 -84.54
N CYS K 943 73.33 1.64 -85.77
CA CYS K 943 73.50 0.33 -86.41
C CYS K 943 74.98 0.14 -86.75
N PRO K 944 75.57 -1.02 -86.43
CA PRO K 944 76.99 -1.23 -86.69
C PRO K 944 77.33 -1.57 -88.12
N HIS K 945 76.37 -1.56 -89.05
CA HIS K 945 76.65 -1.84 -90.45
C HIS K 945 76.24 -0.72 -91.40
N CYS K 946 75.32 0.16 -91.01
CA CYS K 946 74.94 1.28 -91.86
C CYS K 946 74.84 2.60 -91.12
N GLY K 947 75.00 2.62 -89.79
CA GLY K 947 75.03 3.85 -89.04
C GLY K 947 73.69 4.52 -88.84
N SER K 948 72.59 3.88 -89.24
CA SER K 948 71.27 4.48 -89.09
C SER K 948 70.87 4.52 -87.62
N SER K 949 69.99 5.46 -87.29
CA SER K 949 69.65 5.71 -85.90
C SER K 949 68.70 4.63 -85.39
N PHE K 950 68.98 4.15 -84.17
CA PHE K 950 68.09 3.20 -83.53
C PHE K 950 66.83 3.89 -83.03
N PRO K 951 65.70 3.18 -82.99
CA PRO K 951 64.48 3.78 -82.45
C PRO K 951 64.62 4.02 -80.95
N ARG K 952 63.92 5.05 -80.49
CA ARG K 952 64.01 5.51 -79.11
C ARG K 952 62.86 4.94 -78.30
N CYS K 953 63.04 4.94 -76.98
CA CYS K 953 61.93 4.60 -76.09
C CYS K 953 60.85 5.67 -76.21
N ALA K 954 59.60 5.23 -76.15
CA ALA K 954 58.49 6.17 -76.27
C ALA K 954 58.25 6.99 -75.02
N ILE K 955 58.91 6.67 -73.91
CA ILE K 955 58.65 7.34 -72.65
C ILE K 955 59.78 8.32 -72.33
N CYS K 956 61.00 7.80 -72.19
CA CYS K 956 62.15 8.62 -71.80
C CYS K 956 62.97 9.11 -72.98
N LEU K 957 62.60 8.75 -74.21
CA LEU K 957 63.28 9.19 -75.44
C LEU K 957 64.77 8.82 -75.45
N MET K 958 65.08 7.63 -74.94
CA MET K 958 66.45 7.14 -74.94
C MET K 958 66.61 5.96 -75.90
N PRO K 959 67.69 5.91 -76.66
CA PRO K 959 67.80 4.94 -77.76
C PRO K 959 68.21 3.56 -77.25
N LEU K 960 68.43 2.65 -78.20
CA LEU K 960 68.88 1.30 -77.91
C LEU K 960 70.39 1.26 -77.79
N GLY K 961 70.88 0.53 -76.80
CA GLY K 961 72.31 0.41 -76.60
C GLY K 961 72.84 -0.96 -76.97
N THR K 962 73.80 -1.01 -77.88
CA THR K 962 74.41 -2.25 -78.32
C THR K 962 75.92 -2.20 -78.09
N SER K 963 76.47 -3.30 -77.61
CA SER K 963 77.91 -3.39 -77.36
C SER K 963 78.37 -4.85 -77.41
N LYS K 995 70.86 -10.42 -61.70
CA LYS K 995 71.69 -9.22 -61.83
C LYS K 995 71.20 -8.34 -62.97
N LEU K 996 70.13 -8.76 -63.64
CA LEU K 996 69.57 -8.02 -64.76
C LEU K 996 68.56 -7.00 -64.23
N LYS K 997 68.93 -5.73 -64.28
CA LYS K 997 68.02 -4.66 -63.93
C LYS K 997 66.91 -4.56 -64.98
N LEU K 998 65.74 -4.09 -64.54
CA LEU K 998 64.60 -3.97 -65.44
C LEU K 998 64.83 -2.90 -66.50
N ASN K 999 65.42 -1.77 -66.11
CA ASN K 999 65.64 -0.67 -67.05
C ASN K 999 66.92 -0.85 -67.85
N GLU K 1000 67.08 -1.99 -68.50
CA GLU K 1000 68.27 -2.25 -69.30
C GLU K 1000 68.01 -2.85 -70.68
N TRP K 1001 66.87 -3.51 -70.91
CA TRP K 1001 66.58 -4.09 -72.21
C TRP K 1001 65.23 -3.62 -72.74
N PHE K 1002 65.14 -3.53 -74.06
CA PHE K 1002 63.86 -3.23 -74.70
C PHE K 1002 62.94 -4.44 -74.73
N SER K 1003 61.66 -4.19 -74.42
CA SER K 1003 60.61 -5.19 -74.57
C SER K 1003 59.95 -4.96 -75.93
N PHE K 1004 60.54 -5.52 -76.97
CA PHE K 1004 60.06 -5.35 -78.33
C PHE K 1004 58.83 -6.22 -78.56
N CYS K 1005 57.73 -5.59 -78.96
CA CYS K 1005 56.57 -6.35 -79.42
C CYS K 1005 56.85 -6.93 -80.80
N LEU K 1006 56.37 -8.14 -81.02
CA LEU K 1006 56.58 -8.83 -82.29
C LEU K 1006 55.44 -8.60 -83.28
N SER K 1007 54.46 -7.76 -82.94
CA SER K 1007 53.37 -7.42 -83.83
C SER K 1007 53.48 -6.01 -84.39
N CYS K 1008 53.75 -5.02 -83.53
CA CYS K 1008 53.88 -3.63 -83.97
C CYS K 1008 55.32 -3.15 -84.06
N ASN K 1009 56.28 -3.95 -83.57
CA ASN K 1009 57.72 -3.66 -83.66
C ASN K 1009 58.10 -2.33 -83.02
N HIS K 1010 57.48 -2.01 -81.88
CA HIS K 1010 57.79 -0.82 -81.12
C HIS K 1010 58.37 -1.21 -79.77
N GLY K 1011 59.50 -0.60 -79.41
CA GLY K 1011 60.26 -1.01 -78.23
C GLY K 1011 60.28 0.05 -77.15
N MET K 1012 60.15 -0.41 -75.91
CA MET K 1012 60.29 0.40 -74.70
C MET K 1012 61.19 -0.35 -73.73
N HIS K 1013 61.81 0.39 -72.82
CA HIS K 1013 62.50 -0.25 -71.70
C HIS K 1013 61.51 -1.03 -70.85
N ALA K 1014 61.99 -2.11 -70.23
CA ALA K 1014 61.11 -3.02 -69.51
C ALA K 1014 60.48 -2.37 -68.29
N GLY K 1015 61.25 -1.54 -67.59
CA GLY K 1015 60.67 -0.76 -66.50
C GLY K 1015 59.66 0.24 -67.01
N HIS K 1016 59.96 0.91 -68.12
CA HIS K 1016 59.02 1.83 -68.74
C HIS K 1016 57.79 1.10 -69.26
N ALA K 1017 57.99 -0.09 -69.85
CA ALA K 1017 56.86 -0.87 -70.35
C ALA K 1017 55.98 -1.36 -69.21
N GLU K 1018 56.57 -1.76 -68.09
CA GLU K 1018 55.78 -2.16 -66.93
C GLU K 1018 55.03 -0.98 -66.34
N GLU K 1019 55.66 0.19 -66.27
CA GLU K 1019 55.00 1.37 -65.72
C GLU K 1019 53.89 1.88 -66.63
N TRP K 1020 54.04 1.74 -67.94
CA TRP K 1020 53.03 2.21 -68.88
C TRP K 1020 51.88 1.21 -69.02
N PHE K 1021 52.19 -0.06 -69.23
CA PHE K 1021 51.18 -1.07 -69.51
C PHE K 1021 50.43 -1.52 -68.27
N ASP K 1022 50.84 -1.09 -67.08
CA ASP K 1022 50.07 -1.39 -65.88
C ASP K 1022 48.74 -0.66 -65.88
N ARG K 1023 48.73 0.59 -66.32
CA ARG K 1023 47.53 1.43 -66.32
C ARG K 1023 47.02 1.70 -67.73
N HIS K 1024 47.58 1.08 -68.75
CA HIS K 1024 47.15 1.27 -70.12
C HIS K 1024 47.26 -0.03 -70.88
N ASN K 1025 46.61 -0.09 -72.04
CA ASN K 1025 46.55 -1.32 -72.82
C ASN K 1025 46.75 -1.08 -74.32
N VAL K 1026 47.39 0.03 -74.70
CA VAL K 1026 47.65 0.33 -76.10
C VAL K 1026 49.13 0.66 -76.25
N CYS K 1027 49.64 0.49 -77.47
CA CYS K 1027 51.02 0.82 -77.78
C CYS K 1027 51.24 2.32 -77.64
N PRO K 1028 52.28 2.75 -76.91
CA PRO K 1028 52.44 4.19 -76.66
C PRO K 1028 52.90 5.00 -77.86
N THR K 1029 53.32 4.37 -78.94
CA THR K 1029 53.81 5.09 -80.11
C THR K 1029 52.66 5.79 -80.84
N PRO K 1030 52.93 6.95 -81.45
CA PRO K 1030 51.84 7.73 -82.06
C PRO K 1030 51.32 7.14 -83.37
N GLY K 1031 50.37 6.22 -83.28
CA GLY K 1031 49.74 5.68 -84.47
C GLY K 1031 49.67 4.17 -84.53
N CYS K 1032 49.79 3.52 -83.38
CA CYS K 1032 49.72 2.08 -83.28
C CYS K 1032 48.54 1.68 -82.40
N THR K 1033 47.79 0.68 -82.86
CA THR K 1033 46.70 0.09 -82.08
C THR K 1033 47.03 -1.39 -81.91
N CYS K 1034 47.82 -1.70 -80.87
CA CYS K 1034 48.27 -3.06 -80.62
C CYS K 1034 48.39 -3.24 -79.12
N GLN K 1035 47.52 -4.06 -78.54
CA GLN K 1035 47.53 -4.32 -77.10
C GLN K 1035 48.66 -5.31 -76.81
N CYS K 1036 49.83 -4.77 -76.46
CA CYS K 1036 51.01 -5.60 -76.22
C CYS K 1036 51.00 -6.27 -74.85
N ASN K 1037 50.09 -5.91 -73.96
CA ASN K 1037 50.04 -6.52 -72.64
C ASN K 1037 48.60 -6.80 -72.23
N VAL L 2 68.12 27.94 -52.46
CA VAL L 2 69.39 27.45 -52.98
C VAL L 2 70.35 28.62 -53.15
N VAL L 3 71.19 28.83 -52.13
CA VAL L 3 72.12 29.96 -52.07
C VAL L 3 73.53 29.42 -52.23
N ILE L 4 74.23 29.88 -53.27
CA ILE L 4 75.62 29.51 -53.51
C ILE L 4 76.46 30.77 -53.38
N ALA L 5 77.44 30.74 -52.48
CA ALA L 5 78.35 31.86 -52.27
C ALA L 5 79.75 31.50 -52.74
N ASN L 6 80.42 32.48 -53.34
CA ASN L 6 81.76 32.41 -53.96
C ASN L 6 81.99 31.09 -54.71
N ALA L 7 81.14 30.84 -55.70
CA ALA L 7 81.32 29.68 -56.57
C ALA L 7 82.59 29.82 -57.41
N HIS L 8 82.89 31.02 -57.88
CA HIS L 8 84.09 31.30 -58.65
C HIS L 8 84.88 32.42 -58.00
N ASN L 9 86.20 32.41 -58.21
CA ASN L 9 87.07 33.38 -57.56
C ASN L 9 86.87 34.78 -58.13
N GLU L 10 86.76 34.90 -59.45
CA GLU L 10 86.63 36.20 -60.10
C GLU L 10 85.53 36.13 -61.15
N LEU L 11 84.48 36.94 -60.96
CA LEU L 11 83.41 37.21 -61.92
C LEU L 11 82.55 35.99 -62.22
N ILE L 12 81.41 36.22 -62.88
CA ILE L 12 80.50 35.15 -63.28
C ILE L 12 79.77 35.62 -64.54
N HIS L 13 79.56 34.70 -65.48
CA HIS L 13 78.98 35.06 -66.77
C HIS L 13 77.67 34.37 -67.09
N ASP L 14 77.48 33.12 -66.66
CA ASP L 14 76.22 32.43 -66.88
C ASP L 14 76.04 31.35 -65.81
N ALA L 15 74.78 31.02 -65.55
CA ALA L 15 74.44 29.91 -64.67
C ALA L 15 73.14 29.30 -65.19
N VAL L 16 73.26 28.25 -66.00
CA VAL L 16 72.14 27.69 -66.75
C VAL L 16 71.74 26.38 -66.11
N LEU L 17 70.48 26.29 -65.70
CA LEU L 17 69.93 25.04 -65.20
C LEU L 17 69.76 24.05 -66.35
N ASP L 18 69.73 22.77 -66.00
CA ASP L 18 69.56 21.72 -66.98
C ASP L 18 68.08 21.57 -67.35
N TYR L 19 67.75 20.52 -68.10
CA TYR L 19 66.38 20.32 -68.55
C TYR L 19 65.45 19.99 -67.40
N TYR L 20 65.90 19.18 -66.44
CA TYR L 20 65.07 18.74 -65.34
C TYR L 20 65.15 19.67 -64.13
N GLY L 21 65.93 20.73 -64.20
CA GLY L 21 66.13 21.59 -63.05
C GLY L 21 66.91 20.96 -61.93
N LYS L 22 67.75 19.97 -62.23
CA LYS L 22 68.48 19.21 -61.23
C LYS L 22 69.97 19.47 -61.24
N ARG L 23 70.52 19.99 -62.33
CA ARG L 23 71.95 20.29 -62.42
C ARG L 23 72.15 21.69 -62.96
N LEU L 24 73.08 22.42 -62.36
CA LEU L 24 73.34 23.81 -62.70
C LEU L 24 74.78 23.95 -63.18
N ALA L 25 74.94 24.57 -64.35
CA ALA L 25 76.25 24.73 -64.98
C ALA L 25 76.63 26.20 -64.94
N THR L 26 77.53 26.55 -64.01
CA THR L 26 77.98 27.93 -63.83
C THR L 26 79.33 28.09 -64.50
N CYS L 27 79.44 29.07 -65.39
CA CYS L 27 80.69 29.42 -66.04
C CYS L 27 81.07 30.85 -65.67
N SER L 28 82.35 31.16 -65.84
CA SER L 28 82.87 32.44 -65.37
C SER L 28 84.07 32.83 -66.23
N SER L 29 84.76 33.91 -65.82
CA SER L 29 85.96 34.36 -66.48
C SER L 29 87.22 33.65 -65.99
N ASP L 30 87.09 32.75 -65.02
CA ASP L 30 88.22 31.99 -64.49
C ASP L 30 88.56 30.76 -65.32
N LYS L 31 88.07 30.69 -66.56
CA LYS L 31 88.27 29.56 -67.48
C LYS L 31 87.75 28.26 -66.89
N THR L 32 86.73 28.33 -66.04
CA THR L 32 86.24 27.19 -65.29
C THR L 32 84.73 27.07 -65.46
N ILE L 33 84.26 25.83 -65.56
CA ILE L 33 82.83 25.51 -65.55
C ILE L 33 82.58 24.55 -64.40
N LYS L 34 81.59 24.86 -63.57
CA LYS L 34 81.30 24.08 -62.37
C LYS L 34 79.87 23.55 -62.43
N ILE L 35 79.72 22.27 -62.09
CA ILE L 35 78.43 21.59 -62.12
C ILE L 35 77.98 21.34 -60.68
N PHE L 36 76.76 21.75 -60.37
CA PHE L 36 76.22 21.64 -59.03
C PHE L 36 74.93 20.83 -59.06
N GLU L 37 74.78 19.91 -58.11
CA GLU L 37 73.52 19.22 -57.91
C GLU L 37 72.61 20.09 -57.06
N VAL L 38 71.50 20.54 -57.63
CA VAL L 38 70.65 21.52 -56.96
C VAL L 38 69.33 20.88 -56.55
N GLU L 39 69.35 19.58 -56.28
CA GLU L 39 68.20 18.89 -55.74
C GLU L 39 67.85 19.44 -54.35
N GLY L 40 66.58 19.80 -54.16
CA GLY L 40 66.16 20.45 -52.92
C GLY L 40 66.83 21.80 -52.77
N GLU L 41 67.26 22.10 -51.54
CA GLU L 41 68.08 23.28 -51.28
C GLU L 41 69.56 22.98 -51.27
N THR L 42 69.94 21.70 -51.34
CA THR L 42 71.36 21.33 -51.34
C THR L 42 72.01 21.69 -52.67
N HIS L 43 73.20 22.27 -52.61
CA HIS L 43 73.94 22.71 -53.78
C HIS L 43 75.35 22.12 -53.78
N LYS L 44 75.43 20.80 -53.57
CA LYS L 44 76.71 20.10 -53.55
C LYS L 44 77.42 20.16 -54.89
N LEU L 45 78.69 20.57 -54.86
CA LEU L 45 79.51 20.67 -56.06
C LEU L 45 79.84 19.27 -56.59
N ILE L 46 80.06 19.19 -57.90
CA ILE L 46 80.39 17.91 -58.54
C ILE L 46 81.76 17.99 -59.18
N ASP L 47 81.96 18.92 -60.12
CA ASP L 47 83.17 18.93 -60.92
C ASP L 47 83.61 20.36 -61.21
N THR L 48 84.84 20.49 -61.68
CA THR L 48 85.54 21.77 -61.82
C THR L 48 86.20 21.82 -63.20
N LEU L 49 85.38 21.62 -64.22
CA LEU L 49 85.82 21.52 -65.63
C LEU L 49 86.71 22.68 -66.06
N THR L 50 87.89 22.36 -66.57
CA THR L 50 88.89 23.34 -67.02
C THR L 50 89.39 22.90 -68.40
N GLY L 51 88.83 23.49 -69.45
CA GLY L 51 89.33 23.24 -70.79
C GLY L 51 89.69 24.49 -71.57
N HIS L 52 89.08 25.62 -71.21
CA HIS L 52 89.18 26.83 -72.01
C HIS L 52 90.42 27.63 -71.66
N GLU L 53 91.03 28.24 -72.67
CA GLU L 53 92.16 29.13 -72.48
C GLU L 53 91.74 30.57 -72.21
N GLY L 54 90.45 30.90 -72.32
CA GLY L 54 89.98 32.24 -72.09
C GLY L 54 88.76 32.27 -71.19
N PRO L 55 88.26 33.47 -70.92
CA PRO L 55 87.03 33.59 -70.12
C PRO L 55 85.83 32.97 -70.82
N VAL L 56 85.07 32.19 -70.06
CA VAL L 56 83.93 31.44 -70.58
C VAL L 56 82.67 32.31 -70.48
N TRP L 57 81.97 32.47 -71.61
CA TRP L 57 80.81 33.35 -71.66
C TRP L 57 79.51 32.61 -71.35
N ARG L 58 79.19 31.60 -72.14
CA ARG L 58 77.88 30.95 -72.05
C ARG L 58 78.03 29.44 -72.13
N VAL L 59 77.09 28.75 -71.49
CA VAL L 59 76.96 27.30 -71.57
C VAL L 59 75.49 26.99 -71.85
N ASP L 60 75.25 25.79 -72.37
CA ASP L 60 73.89 25.37 -72.70
C ASP L 60 73.81 23.86 -72.67
N TRP L 61 72.97 23.34 -71.78
CA TRP L 61 72.74 21.91 -71.71
C TRP L 61 72.00 21.42 -72.96
N ALA L 62 72.32 20.21 -73.38
CA ALA L 62 71.57 19.56 -74.43
C ALA L 62 70.37 18.84 -73.85
N HIS L 63 69.49 18.36 -74.74
CA HIS L 63 68.33 17.60 -74.33
C HIS L 63 68.76 16.25 -73.75
N PRO L 64 68.01 15.72 -72.78
CA PRO L 64 68.27 14.34 -72.33
C PRO L 64 68.00 13.29 -73.39
N LYS L 65 67.28 13.65 -74.47
CA LYS L 65 67.19 12.82 -75.67
C LYS L 65 68.57 12.46 -76.21
N PHE L 66 69.51 13.40 -76.15
CA PHE L 66 70.87 13.17 -76.62
C PHE L 66 71.85 12.87 -75.50
N GLY L 67 71.39 12.84 -74.25
CA GLY L 67 72.25 12.51 -73.12
C GLY L 67 72.62 13.75 -72.32
N THR L 68 73.54 13.53 -71.38
CA THR L 68 74.05 14.60 -70.53
C THR L 68 75.20 15.29 -71.24
N ILE L 69 74.86 16.24 -72.10
CA ILE L 69 75.81 16.95 -72.95
C ILE L 69 75.68 18.44 -72.66
N LEU L 70 76.81 19.08 -72.35
CA LEU L 70 76.85 20.51 -72.10
C LEU L 70 77.84 21.17 -73.05
N ALA L 71 77.35 22.15 -73.81
CA ALA L 71 78.20 22.94 -74.68
C ALA L 71 78.78 24.13 -73.92
N SER L 72 79.76 24.79 -74.54
CA SER L 72 80.44 25.90 -73.90
C SER L 72 81.08 26.78 -74.97
N CYS L 73 81.14 28.08 -74.69
CA CYS L 73 81.76 29.05 -75.58
C CYS L 73 82.62 30.00 -74.74
N SER L 74 83.71 30.48 -75.33
CA SER L 74 84.66 31.28 -74.58
C SER L 74 85.30 32.33 -75.49
N TYR L 75 86.20 33.12 -74.89
CA TYR L 75 86.84 34.24 -75.57
C TYR L 75 87.85 33.80 -76.62
N ASP L 76 88.34 32.57 -76.55
CA ASP L 76 89.36 32.09 -77.47
C ASP L 76 88.82 31.60 -78.80
N GLY L 77 87.50 31.60 -78.98
CA GLY L 77 86.90 31.13 -80.21
C GLY L 77 86.73 29.62 -80.32
N LYS L 78 86.97 28.89 -79.23
CA LYS L 78 86.84 27.44 -79.22
C LYS L 78 85.55 27.06 -78.50
N VAL L 79 84.72 26.26 -79.17
CA VAL L 79 83.49 25.74 -78.59
C VAL L 79 83.78 24.33 -78.11
N LEU L 80 83.79 24.15 -76.79
CA LEU L 80 84.06 22.85 -76.18
C LEU L 80 82.76 22.23 -75.69
N ILE L 81 82.68 20.91 -75.82
CA ILE L 81 81.45 20.16 -75.58
C ILE L 81 81.77 19.05 -74.58
N TRP L 82 81.01 18.99 -73.49
CA TRP L 82 81.33 18.11 -72.37
C TRP L 82 80.22 17.10 -72.19
N LYS L 83 80.61 15.83 -72.04
CA LYS L 83 79.66 14.74 -71.83
C LYS L 83 80.04 13.96 -70.57
N GLU L 84 79.04 13.61 -69.78
CA GLU L 84 79.25 12.90 -68.52
C GLU L 84 78.87 11.43 -68.72
N GLU L 85 79.89 10.58 -68.86
CA GLU L 85 79.69 9.15 -69.04
C GLU L 85 80.18 8.44 -67.78
N ASN L 86 79.30 7.63 -67.18
CA ASN L 86 79.58 6.86 -65.96
C ASN L 86 80.04 7.75 -64.81
N GLY L 87 79.48 8.96 -64.73
CA GLY L 87 79.89 9.92 -63.71
C GLY L 87 81.19 10.63 -63.98
N ARG L 88 81.81 10.41 -65.14
CA ARG L 88 83.10 11.02 -65.48
C ARG L 88 82.86 12.06 -66.57
N TRP L 89 82.86 13.34 -66.17
CA TRP L 89 82.76 14.43 -67.13
C TRP L 89 84.01 14.50 -68.00
N SER L 90 83.82 14.69 -69.30
CA SER L 90 84.94 14.71 -70.22
C SER L 90 84.57 15.47 -71.48
N GLN L 91 85.56 16.18 -72.03
CA GLN L 91 85.40 16.86 -73.31
C GLN L 91 85.35 15.84 -74.44
N ILE L 92 84.47 16.08 -75.43
CA ILE L 92 84.26 15.15 -76.53
C ILE L 92 84.73 15.75 -77.87
N ALA L 93 84.15 16.88 -78.28
CA ALA L 93 84.41 17.44 -79.60
C ALA L 93 84.82 18.90 -79.49
N VAL L 94 85.57 19.37 -80.48
CA VAL L 94 86.07 20.73 -80.54
C VAL L 94 85.50 21.40 -81.79
N HIS L 95 84.95 22.61 -81.61
CA HIS L 95 84.39 23.42 -82.69
C HIS L 95 85.08 24.79 -82.66
N ALA L 96 86.21 24.90 -83.34
CA ALA L 96 86.97 26.15 -83.42
C ALA L 96 87.00 26.58 -84.89
N VAL L 97 85.97 27.31 -85.31
CA VAL L 97 85.85 27.72 -86.70
C VAL L 97 85.86 29.24 -86.88
N HIS L 98 85.65 30.02 -85.83
CA HIS L 98 85.59 31.46 -85.95
C HIS L 98 86.92 32.10 -85.57
N SER L 99 87.22 33.23 -86.22
CA SER L 99 88.47 33.95 -86.02
C SER L 99 88.44 34.89 -84.82
N ALA L 100 87.32 35.00 -84.12
CA ALA L 100 87.21 35.89 -82.98
C ALA L 100 86.52 35.19 -81.81
N SER L 101 86.16 35.95 -80.78
CA SER L 101 85.52 35.39 -79.61
C SER L 101 84.11 34.91 -79.95
N VAL L 102 83.79 33.69 -79.56
CA VAL L 102 82.44 33.15 -79.74
C VAL L 102 81.57 33.67 -78.60
N ASN L 103 80.47 34.35 -78.95
CA ASN L 103 79.67 35.04 -77.95
C ASN L 103 78.53 34.18 -77.42
N SER L 104 77.71 33.61 -78.30
CA SER L 104 76.50 32.91 -77.90
C SER L 104 76.56 31.45 -78.32
N VAL L 105 76.16 30.57 -77.40
CA VAL L 105 75.99 29.14 -77.68
C VAL L 105 74.63 28.72 -77.15
N GLN L 106 73.88 27.96 -77.96
CA GLN L 106 72.55 27.53 -77.58
C GLN L 106 72.16 26.33 -78.43
N TRP L 107 71.64 25.28 -77.80
CA TRP L 107 71.23 24.09 -78.52
C TRP L 107 69.90 24.34 -79.24
N ALA L 108 69.70 23.62 -80.34
CA ALA L 108 68.45 23.66 -81.06
C ALA L 108 67.37 22.93 -80.27
N PRO L 109 66.09 23.16 -80.59
CA PRO L 109 65.04 22.27 -80.08
C PRO L 109 65.26 20.85 -80.56
N HIS L 110 64.89 19.90 -79.70
CA HIS L 110 65.26 18.50 -79.89
C HIS L 110 64.58 17.84 -81.09
N GLU L 111 63.58 18.49 -81.68
CA GLU L 111 62.99 17.98 -82.91
C GLU L 111 63.92 18.15 -84.11
N TYR L 112 64.84 19.10 -84.05
CA TYR L 112 65.72 19.43 -85.15
C TYR L 112 66.99 18.57 -85.16
N GLY L 113 67.19 17.74 -84.14
CA GLY L 113 68.41 16.99 -83.98
C GLY L 113 69.39 17.74 -83.10
N PRO L 114 70.55 17.13 -82.82
CA PRO L 114 71.55 17.80 -81.97
C PRO L 114 72.34 18.87 -82.72
N LEU L 115 71.71 20.04 -82.84
CA LEU L 115 72.27 21.18 -83.58
C LEU L 115 72.61 22.29 -82.61
N LEU L 116 73.78 22.89 -82.80
CA LEU L 116 74.31 23.92 -81.92
C LEU L 116 74.39 25.25 -82.65
N LEU L 117 73.81 26.29 -82.05
CA LEU L 117 73.84 27.64 -82.61
C LEU L 117 75.06 28.35 -82.04
N VAL L 118 76.13 28.42 -82.82
CA VAL L 118 77.38 29.05 -82.40
C VAL L 118 77.46 30.42 -83.08
N ALA L 119 77.45 31.48 -82.27
CA ALA L 119 77.51 32.85 -82.76
C ALA L 119 78.74 33.53 -82.18
N SER L 120 79.48 34.23 -83.04
CA SER L 120 80.76 34.82 -82.65
C SER L 120 80.73 36.34 -82.84
N SER L 121 81.75 36.98 -82.29
CA SER L 121 81.84 38.44 -82.26
C SER L 121 82.37 39.05 -83.56
N ASP L 122 82.73 38.24 -84.55
CA ASP L 122 83.16 38.75 -85.84
C ASP L 122 82.02 38.85 -86.85
N GLY L 123 80.77 38.86 -86.39
CA GLY L 123 79.64 38.96 -87.28
C GLY L 123 79.31 37.69 -88.04
N LYS L 124 79.82 36.54 -87.59
CA LYS L 124 79.60 35.27 -88.26
C LYS L 124 78.93 34.30 -87.31
N VAL L 125 77.96 33.55 -87.83
CA VAL L 125 77.26 32.52 -87.07
C VAL L 125 77.48 31.18 -87.76
N SER L 126 77.37 30.12 -86.98
CA SER L 126 77.60 28.78 -87.51
C SER L 126 76.70 27.79 -86.77
N VAL L 127 75.98 26.97 -87.54
CA VAL L 127 75.10 25.94 -87.01
C VAL L 127 75.75 24.59 -87.28
N VAL L 128 76.10 23.88 -86.21
CA VAL L 128 76.92 22.67 -86.29
C VAL L 128 76.16 21.51 -85.65
N GLU L 129 76.23 20.35 -86.29
CA GLU L 129 75.54 19.15 -85.84
C GLU L 129 76.54 18.18 -85.22
N PHE L 130 76.18 17.62 -84.07
CA PHE L 130 77.03 16.67 -83.35
C PHE L 130 76.36 15.30 -83.38
N LYS L 131 76.62 14.53 -84.43
CA LYS L 131 76.10 13.17 -84.56
C LYS L 131 77.27 12.21 -84.73
N GLU L 132 77.40 11.27 -83.79
CA GLU L 132 78.36 10.17 -83.80
C GLU L 132 79.81 10.65 -83.98
N ASN L 133 80.61 9.87 -84.69
CA ASN L 133 81.97 10.27 -85.02
C ASN L 133 82.05 11.04 -86.33
N GLY L 134 81.10 10.84 -87.23
CA GLY L 134 81.05 11.55 -88.48
C GLY L 134 80.41 12.92 -88.36
N THR L 135 81.16 13.89 -87.81
CA THR L 135 80.65 15.23 -87.62
C THR L 135 80.40 15.93 -88.95
N THR L 136 79.44 16.85 -88.95
CA THR L 136 79.03 17.56 -90.15
C THR L 136 79.77 18.89 -90.28
N SER L 137 79.81 19.40 -91.50
CA SER L 137 80.40 20.70 -91.76
C SER L 137 79.46 21.80 -91.25
N PRO L 138 79.92 22.67 -90.35
CA PRO L 138 79.05 23.76 -89.86
C PRO L 138 78.79 24.79 -90.95
N ILE L 139 77.52 25.03 -91.24
CA ILE L 139 77.15 26.02 -92.24
C ILE L 139 77.37 27.41 -91.66
N ILE L 140 78.13 28.24 -92.38
CA ILE L 140 78.52 29.56 -91.91
C ILE L 140 77.89 30.60 -92.82
N ILE L 141 77.17 31.55 -92.23
CA ILE L 141 76.65 32.71 -92.94
C ILE L 141 77.01 33.96 -92.14
N ASP L 142 77.33 35.03 -92.86
CA ASP L 142 77.67 36.30 -92.23
C ASP L 142 76.38 36.98 -91.78
N ALA L 143 76.07 36.84 -90.49
CA ALA L 143 74.79 37.33 -89.98
C ALA L 143 74.78 38.85 -89.89
N HIS L 144 75.86 39.44 -89.36
CA HIS L 144 75.92 40.88 -89.15
C HIS L 144 77.27 41.39 -89.62
N ALA L 145 77.37 42.72 -89.70
CA ALA L 145 78.55 43.35 -90.28
C ALA L 145 79.68 43.51 -89.29
N ILE L 146 79.39 43.96 -88.08
CA ILE L 146 80.44 44.29 -87.11
C ILE L 146 80.51 43.31 -85.95
N GLY L 147 79.45 42.55 -85.67
CA GLY L 147 79.53 41.57 -84.59
C GLY L 147 78.17 41.01 -84.19
N VAL L 148 78.17 39.79 -83.67
CA VAL L 148 76.97 39.12 -83.16
C VAL L 148 77.20 38.76 -81.70
N ASN L 149 76.32 39.23 -80.83
CA ASN L 149 76.47 38.98 -79.39
C ASN L 149 75.48 37.98 -78.83
N SER L 150 74.41 37.65 -79.57
CA SER L 150 73.42 36.70 -79.08
C SER L 150 72.73 36.02 -80.25
N ALA L 151 72.24 34.80 -79.99
CA ALA L 151 71.52 34.03 -80.99
C ALA L 151 70.70 32.97 -80.27
N SER L 152 69.38 32.98 -80.49
CA SER L 152 68.46 32.08 -79.79
C SER L 152 67.50 31.46 -80.79
N TRP L 153 67.00 30.28 -80.44
CA TRP L 153 66.18 29.49 -81.36
C TRP L 153 64.69 29.79 -81.19
N ALA L 154 63.93 29.44 -82.21
CA ALA L 154 62.47 29.45 -82.16
C ALA L 154 61.94 28.06 -81.83
N PRO L 155 60.94 27.94 -80.97
CA PRO L 155 60.49 26.60 -80.57
C PRO L 155 59.71 25.91 -81.68
N ALA L 156 59.80 24.58 -81.69
CA ALA L 156 59.07 23.74 -82.64
C ALA L 156 57.72 23.40 -82.03
N THR L 157 56.70 24.21 -82.34
CA THR L 157 55.37 24.01 -81.78
C THR L 157 54.70 22.76 -82.31
N ILE L 158 55.08 22.31 -83.50
CA ILE L 158 54.57 21.07 -84.06
C ILE L 158 55.70 20.05 -84.14
N GLU L 159 55.35 18.83 -84.52
CA GLU L 159 56.30 17.72 -84.57
C GLU L 159 57.31 17.89 -85.70
N SER L 170 59.01 25.98 -90.64
CA SER L 170 60.43 25.71 -90.84
C SER L 170 61.25 26.21 -89.65
N ARG L 171 62.53 25.82 -89.61
CA ARG L 171 63.38 26.14 -88.48
C ARG L 171 63.82 27.60 -88.57
N LYS L 172 63.72 28.31 -87.45
CA LYS L 172 64.08 29.72 -87.39
C LYS L 172 64.87 30.00 -86.12
N PHE L 173 65.72 31.02 -86.18
CA PHE L 173 66.43 31.48 -85.00
C PHE L 173 66.68 32.98 -85.11
N VAL L 174 66.57 33.67 -83.98
CA VAL L 174 66.81 35.11 -83.91
C VAL L 174 68.30 35.34 -83.72
N THR L 175 68.82 36.41 -84.33
CA THR L 175 70.23 36.75 -84.26
C THR L 175 70.37 38.22 -83.93
N GLY L 176 70.96 38.51 -82.76
CA GLY L 176 71.15 39.88 -82.33
C GLY L 176 72.57 40.33 -82.60
N GLY L 177 72.69 41.43 -83.34
CA GLY L 177 73.97 41.93 -83.78
C GLY L 177 74.51 43.06 -82.91
N ALA L 178 75.68 43.56 -83.30
CA ALA L 178 76.29 44.72 -82.69
C ALA L 178 76.17 45.97 -83.55
N ASP L 179 75.28 45.96 -84.55
CA ASP L 179 75.10 47.10 -85.43
C ASP L 179 73.65 47.56 -85.43
N ASN L 180 73.07 47.66 -84.22
CA ASN L 180 71.72 48.22 -83.98
C ASN L 180 70.63 47.44 -84.69
N LEU L 181 70.80 46.14 -84.88
CA LEU L 181 69.87 45.38 -85.70
C LEU L 181 69.53 44.04 -85.04
N VAL L 182 68.34 43.55 -85.36
CA VAL L 182 67.87 42.22 -84.98
C VAL L 182 67.39 41.53 -86.24
N LYS L 183 67.92 40.35 -86.53
CA LYS L 183 67.69 39.68 -87.80
C LYS L 183 67.10 38.30 -87.55
N ILE L 184 66.05 37.97 -88.31
CA ILE L 184 65.36 36.69 -88.21
C ILE L 184 65.77 35.85 -89.42
N TRP L 185 66.22 34.63 -89.17
CA TRP L 185 66.72 33.76 -90.22
C TRP L 185 65.83 32.54 -90.38
N LYS L 186 65.62 32.14 -91.63
CA LYS L 186 64.76 31.01 -91.98
C LYS L 186 65.54 30.00 -92.81
N TYR L 187 65.33 28.72 -92.52
CA TYR L 187 65.96 27.66 -93.29
C TYR L 187 65.31 27.51 -94.65
N ASN L 188 66.13 27.48 -95.69
CA ASN L 188 65.67 27.24 -97.05
C ASN L 188 66.24 25.90 -97.51
N SER L 189 65.35 25.00 -97.93
CA SER L 189 65.79 23.67 -98.35
C SER L 189 66.47 23.70 -99.71
N ASP L 190 66.10 24.67 -100.57
CA ASP L 190 66.72 24.76 -101.88
C ASP L 190 68.17 25.23 -101.79
N ALA L 191 68.43 26.26 -100.97
CA ALA L 191 69.79 26.76 -100.80
C ALA L 191 70.61 25.96 -99.80
N GLN L 192 69.97 25.07 -99.04
CA GLN L 192 70.60 24.23 -98.00
C GLN L 192 71.28 25.06 -96.92
N THR L 193 70.88 26.32 -96.74
CA THR L 193 71.44 27.19 -95.72
C THR L 193 70.30 27.96 -95.07
N TYR L 194 70.65 28.98 -94.29
CA TYR L 194 69.66 29.86 -93.68
C TYR L 194 69.63 31.19 -94.41
N VAL L 195 68.47 31.56 -94.93
CA VAL L 195 68.30 32.81 -95.65
C VAL L 195 67.64 33.81 -94.71
N LEU L 196 67.77 35.10 -95.05
CA LEU L 196 67.19 36.14 -94.22
C LEU L 196 65.68 36.20 -94.44
N GLU L 197 64.93 36.29 -93.35
CA GLU L 197 63.48 36.36 -93.39
C GLU L 197 62.96 37.78 -93.16
N SER L 198 63.45 38.45 -92.13
CA SER L 198 63.00 39.80 -91.81
C SER L 198 64.13 40.54 -91.11
N THR L 199 64.06 41.88 -91.17
CA THR L 199 65.07 42.74 -90.58
C THR L 199 64.38 43.74 -89.66
N LEU L 200 64.85 43.80 -88.41
CA LEU L 200 64.15 44.49 -87.32
C LEU L 200 65.09 45.54 -86.75
N GLU L 201 64.66 46.80 -86.76
CA GLU L 201 65.48 47.92 -86.31
C GLU L 201 64.74 48.72 -85.25
N GLY L 202 65.20 48.63 -84.01
CA GLY L 202 64.58 49.36 -82.92
C GLY L 202 65.53 49.82 -81.84
N HIS L 203 66.83 49.69 -82.10
CA HIS L 203 67.85 49.98 -81.09
C HIS L 203 68.85 51.00 -81.62
N SER L 204 69.40 51.78 -80.68
CA SER L 204 70.44 52.75 -80.99
C SER L 204 71.84 52.28 -80.58
N ASP L 205 71.97 51.06 -80.07
CA ASP L 205 73.25 50.57 -79.60
C ASP L 205 73.34 49.07 -79.89
N TRP L 206 74.37 48.43 -79.33
CA TRP L 206 74.65 47.02 -79.62
C TRP L 206 73.62 46.13 -78.96
N VAL L 207 72.96 45.30 -79.77
CA VAL L 207 71.93 44.40 -79.24
C VAL L 207 72.61 43.30 -78.45
N ARG L 208 72.32 43.24 -77.14
CA ARG L 208 73.04 42.36 -76.22
C ARG L 208 72.45 40.96 -76.18
N ASP L 209 71.15 40.83 -75.94
CA ASP L 209 70.51 39.53 -75.85
C ASP L 209 69.20 39.55 -76.62
N VAL L 210 68.97 38.50 -77.40
CA VAL L 210 67.70 38.27 -78.08
C VAL L 210 67.16 36.93 -77.62
N ALA L 211 65.86 36.89 -77.33
CA ALA L 211 65.25 35.72 -76.71
C ALA L 211 63.86 35.52 -77.27
N TRP L 212 63.60 34.30 -77.74
CA TRP L 212 62.31 33.94 -78.30
C TRP L 212 61.48 33.30 -77.21
N SER L 213 60.16 33.50 -77.26
CA SER L 213 59.31 32.88 -76.26
C SER L 213 59.13 31.39 -76.57
N PRO L 214 59.25 30.53 -75.56
CA PRO L 214 59.08 29.08 -75.82
C PRO L 214 57.63 28.69 -76.07
N THR L 215 56.66 29.52 -75.69
CA THR L 215 55.24 29.22 -75.87
C THR L 215 54.64 30.21 -76.86
N VAL L 216 53.87 29.69 -77.80
CA VAL L 216 53.23 30.49 -78.84
C VAL L 216 51.73 30.31 -78.70
N LEU L 217 51.08 31.24 -78.00
CA LEU L 217 49.63 31.31 -77.92
C LEU L 217 49.22 32.64 -78.54
N LEU L 218 48.74 32.57 -79.79
CA LEU L 218 48.18 33.67 -80.57
C LEU L 218 49.23 34.68 -81.03
N ARG L 219 50.47 34.55 -80.55
CA ARG L 219 51.54 35.50 -80.82
C ARG L 219 52.88 34.83 -80.61
N SER L 220 53.88 35.28 -81.37
CA SER L 220 55.26 34.87 -81.20
C SER L 220 56.04 36.04 -80.63
N TYR L 221 56.50 35.90 -79.39
CA TYR L 221 57.14 36.99 -78.66
C TYR L 221 58.65 36.95 -78.85
N LEU L 222 59.26 38.13 -78.81
CA LEU L 222 60.70 38.28 -78.73
C LEU L 222 61.04 39.26 -77.61
N ALA L 223 62.33 39.29 -77.25
CA ALA L 223 62.79 40.20 -76.20
C ALA L 223 64.23 40.59 -76.53
N SER L 224 64.41 41.75 -77.16
CA SER L 224 65.72 42.24 -77.56
C SER L 224 66.15 43.36 -76.62
N VAL L 225 67.33 43.23 -76.04
CA VAL L 225 67.90 44.26 -75.17
C VAL L 225 69.19 44.76 -75.79
N SER L 226 69.53 46.01 -75.46
CA SER L 226 70.69 46.65 -76.07
C SER L 226 71.32 47.61 -75.06
N GLN L 227 72.39 48.26 -75.49
CA GLN L 227 73.19 49.12 -74.62
C GLN L 227 72.66 50.53 -74.49
N ASP L 228 71.58 50.87 -75.19
CA ASP L 228 70.93 52.17 -75.03
C ASP L 228 69.86 52.17 -73.94
N ARG L 229 69.89 51.15 -73.06
CA ARG L 229 69.02 51.03 -71.89
C ARG L 229 67.54 51.03 -72.28
N THR L 230 67.17 50.01 -73.06
CA THR L 230 65.80 49.87 -73.53
C THR L 230 65.51 48.40 -73.82
N CYS L 231 64.23 48.08 -73.92
CA CYS L 231 63.78 46.73 -74.22
C CYS L 231 62.62 46.79 -75.18
N ILE L 232 62.70 46.04 -76.28
CA ILE L 232 61.66 45.97 -77.29
C ILE L 232 61.11 44.55 -77.32
N ILE L 233 59.78 44.43 -77.32
CA ILE L 233 59.11 43.14 -77.35
C ILE L 233 58.45 43.01 -78.72
N TRP L 234 59.11 42.30 -79.64
CA TRP L 234 58.65 42.20 -81.02
C TRP L 234 57.70 41.00 -81.13
N THR L 235 56.44 41.27 -81.44
CA THR L 235 55.42 40.24 -81.50
C THR L 235 54.95 40.04 -82.94
N GLN L 236 54.45 38.83 -83.21
CA GLN L 236 53.97 38.48 -84.54
C GLN L 236 52.68 37.68 -84.39
N ASP L 237 51.61 38.13 -85.05
CA ASP L 237 50.33 37.46 -84.93
C ASP L 237 50.27 36.21 -85.82
N ASN L 238 50.60 36.35 -87.09
CA ASN L 238 50.48 35.26 -88.04
C ASN L 238 51.81 34.50 -88.14
N GLU L 239 51.85 33.49 -89.01
CA GLU L 239 53.08 32.75 -89.23
C GLU L 239 54.08 33.56 -90.07
N GLN L 240 53.59 34.28 -91.07
CA GLN L 240 54.42 35.16 -91.91
C GLN L 240 53.77 36.53 -91.91
N GLY L 241 54.20 37.39 -91.00
CA GLY L 241 53.62 38.71 -90.89
C GLY L 241 54.59 39.74 -90.34
N PRO L 242 54.14 41.00 -90.27
CA PRO L 242 55.00 42.06 -89.73
C PRO L 242 55.17 41.94 -88.23
N TRP L 243 56.26 42.52 -87.74
CA TRP L 243 56.59 42.51 -86.32
C TRP L 243 56.15 43.82 -85.68
N LYS L 244 55.39 43.72 -84.59
CA LYS L 244 54.88 44.87 -83.86
C LYS L 244 55.92 45.28 -82.81
N LYS L 245 56.64 46.37 -83.08
CA LYS L 245 57.59 46.94 -82.14
C LYS L 245 56.85 47.68 -81.03
N THR L 246 57.10 47.29 -79.77
CA THR L 246 56.53 47.97 -78.63
C THR L 246 57.57 48.02 -77.51
N LEU L 247 57.52 49.08 -76.72
CA LEU L 247 58.45 49.27 -75.62
C LEU L 247 58.04 48.44 -74.41
N LEU L 248 58.99 48.28 -73.49
CA LEU L 248 58.70 47.70 -72.19
C LEU L 248 58.55 48.75 -71.10
N LYS L 249 59.19 49.91 -71.24
CA LYS L 249 59.08 50.99 -70.27
C LYS L 249 58.94 52.30 -71.00
N GLU L 250 58.13 53.20 -70.43
CA GLU L 250 58.05 54.56 -70.94
C GLU L 250 59.33 55.34 -70.64
N GLU L 251 59.95 55.07 -69.49
CA GLU L 251 61.24 55.66 -69.14
C GLU L 251 62.37 54.79 -69.66
N LYS L 252 63.60 55.06 -69.21
CA LYS L 252 64.76 54.30 -69.61
C LYS L 252 65.36 53.59 -68.39
N PHE L 253 65.99 52.45 -68.64
CA PHE L 253 66.55 51.65 -67.58
C PHE L 253 67.78 52.33 -66.97
N PRO L 254 68.07 52.07 -65.69
CA PRO L 254 69.21 52.75 -65.04
C PRO L 254 70.56 52.45 -65.67
N ASP L 255 70.79 51.24 -66.16
CA ASP L 255 72.10 50.86 -66.68
C ASP L 255 71.91 49.97 -67.91
N VAL L 256 73.03 49.44 -68.40
CA VAL L 256 73.04 48.64 -69.62
C VAL L 256 72.34 47.30 -69.36
N LEU L 257 71.47 46.91 -70.30
CA LEU L 257 70.73 45.66 -70.18
C LEU L 257 71.52 44.54 -70.86
N TRP L 258 71.78 43.47 -70.11
CA TRP L 258 72.65 42.38 -70.54
C TRP L 258 71.87 41.19 -71.08
N ARG L 259 70.86 40.73 -70.36
CA ARG L 259 70.22 39.45 -70.62
C ARG L 259 68.72 39.59 -70.69
N ALA L 260 68.10 38.63 -71.38
CA ALA L 260 66.64 38.48 -71.43
C ALA L 260 66.35 37.00 -71.44
N SER L 261 65.56 36.53 -70.48
CA SER L 261 65.25 35.12 -70.33
C SER L 261 63.76 34.95 -70.09
N TRP L 262 63.07 34.39 -71.08
CA TRP L 262 61.63 34.19 -70.98
C TRP L 262 61.33 33.07 -69.99
N SER L 263 60.14 33.14 -69.39
CA SER L 263 59.65 32.03 -68.59
C SER L 263 59.29 30.85 -69.49
N LEU L 264 59.30 29.66 -68.91
CA LEU L 264 59.10 28.44 -69.70
C LEU L 264 57.65 28.24 -70.10
N SER L 265 56.71 28.79 -69.34
CA SER L 265 55.31 28.77 -69.72
C SER L 265 54.66 30.00 -69.10
N GLY L 266 53.94 30.77 -69.91
CA GLY L 266 53.46 32.05 -69.47
C GLY L 266 54.49 33.12 -69.75
N ASN L 267 54.14 34.14 -70.53
CA ASN L 267 55.11 35.09 -71.05
C ASN L 267 55.53 36.05 -69.93
N VAL L 268 56.46 35.58 -69.11
CA VAL L 268 57.09 36.38 -68.07
C VAL L 268 58.56 36.55 -68.46
N LEU L 269 59.03 37.80 -68.47
CA LEU L 269 60.35 38.14 -68.95
C LEU L 269 61.22 38.57 -67.77
N ALA L 270 62.43 38.03 -67.70
CA ALA L 270 63.39 38.33 -66.63
C ALA L 270 64.57 39.09 -67.24
N LEU L 271 64.53 40.42 -67.14
CA LEU L 271 65.64 41.22 -67.64
C LEU L 271 66.77 41.28 -66.62
N SER L 272 67.94 41.69 -67.09
CA SER L 272 69.15 41.73 -66.27
C SER L 272 69.94 42.98 -66.65
N GLY L 273 69.74 44.06 -65.90
CA GLY L 273 70.43 45.30 -66.17
C GLY L 273 71.83 45.31 -65.61
N GLY L 274 72.52 46.42 -65.84
CA GLY L 274 73.87 46.57 -65.33
C GLY L 274 73.97 46.98 -63.89
N ASP L 275 72.83 47.17 -63.23
CA ASP L 275 72.79 47.55 -61.83
C ASP L 275 72.69 46.35 -60.89
N ASN L 276 72.94 45.14 -61.41
CA ASN L 276 72.84 43.88 -60.67
C ASN L 276 71.45 43.72 -60.04
N LYS L 277 70.44 43.74 -60.90
CA LYS L 277 69.05 43.75 -60.47
C LYS L 277 68.20 43.11 -61.56
N VAL L 278 67.51 42.02 -61.22
CA VAL L 278 66.67 41.30 -62.16
C VAL L 278 65.24 41.79 -62.04
N THR L 279 64.70 42.30 -63.15
CA THR L 279 63.35 42.86 -63.20
C THR L 279 62.43 41.89 -63.92
N LEU L 280 61.27 41.61 -63.33
CA LEU L 280 60.29 40.70 -63.89
C LEU L 280 59.14 41.49 -64.49
N TRP L 281 58.67 41.06 -65.66
CA TRP L 281 57.63 41.76 -66.40
C TRP L 281 56.58 40.77 -66.88
N LYS L 282 55.32 41.06 -66.61
CA LYS L 282 54.19 40.23 -67.01
C LYS L 282 53.15 41.11 -67.68
N GLU L 283 52.68 40.70 -68.85
CA GLU L 283 51.73 41.51 -69.60
C GLU L 283 50.34 41.44 -68.96
N ASN L 284 49.60 42.53 -69.11
CA ASN L 284 48.22 42.58 -68.67
C ASN L 284 47.29 42.02 -69.74
N LEU L 285 45.99 42.09 -69.50
CA LEU L 285 45.02 41.70 -70.50
C LEU L 285 44.95 42.70 -71.66
N GLU L 286 45.19 43.98 -71.37
CA GLU L 286 45.17 44.97 -72.44
C GLU L 286 46.44 44.90 -73.28
N GLY L 287 47.59 44.71 -72.66
CA GLY L 287 48.85 44.70 -73.37
C GLY L 287 49.86 45.68 -72.83
N LYS L 288 49.69 46.09 -71.57
CA LYS L 288 50.62 47.00 -70.92
C LYS L 288 51.55 46.19 -70.02
N TRP L 289 52.86 46.33 -70.25
CA TRP L 289 53.86 45.48 -69.58
C TRP L 289 54.09 45.99 -68.16
N GLU L 290 53.24 45.55 -67.25
CA GLU L 290 53.36 45.89 -65.84
C GLU L 290 54.51 45.08 -65.22
N PRO L 291 55.29 45.67 -64.31
CA PRO L 291 56.27 44.88 -63.57
C PRO L 291 55.60 43.86 -62.66
N ALA L 292 56.27 42.73 -62.47
CA ALA L 292 55.72 41.62 -61.71
C ALA L 292 56.68 41.10 -60.64
N GLY L 293 57.76 41.81 -60.36
CA GLY L 293 58.69 41.37 -59.34
C GLY L 293 60.05 41.98 -59.55
N GLU L 294 60.95 41.66 -58.63
CA GLU L 294 62.31 42.20 -58.65
C GLU L 294 63.20 41.34 -57.77
N VAL L 295 64.35 40.92 -58.30
CA VAL L 295 65.36 40.19 -57.54
C VAL L 295 66.63 41.02 -57.57
N HIS L 296 67.14 41.37 -56.40
CA HIS L 296 68.38 42.15 -56.27
C HIS L 296 69.30 41.45 -55.28
N GLN L 297 70.56 41.26 -55.70
CA GLN L 297 71.61 40.61 -54.92
C GLN L 297 71.22 39.24 -54.35
N SER M 128 -4.40 41.58 -122.75
CA SER M 128 -4.16 40.15 -122.55
C SER M 128 -3.33 39.57 -123.68
N SER M 129 -3.05 38.26 -123.59
CA SER M 129 -2.27 37.61 -124.65
C SER M 129 -3.11 37.40 -125.90
N GLY M 130 -4.36 36.99 -125.74
CA GLY M 130 -5.23 36.76 -126.89
C GLY M 130 -5.91 37.98 -127.44
N LEU M 131 -5.70 39.15 -126.85
CA LEU M 131 -6.27 40.38 -127.38
C LEU M 131 -5.56 40.75 -128.68
N ILE M 132 -6.35 41.02 -129.72
CA ILE M 132 -5.84 41.30 -131.05
C ILE M 132 -6.26 42.68 -131.54
N TYR M 133 -7.56 42.95 -131.54
CA TYR M 133 -8.11 44.18 -132.11
C TYR M 133 -8.66 45.07 -131.00
N THR M 134 -8.44 46.38 -131.14
CA THR M 134 -9.05 47.37 -130.26
C THR M 134 -9.08 48.70 -130.99
N THR M 135 -10.07 49.53 -130.62
CA THR M 135 -10.20 50.89 -131.14
C THR M 135 -11.07 51.68 -130.17
N LYS M 136 -11.53 52.85 -130.61
CA LYS M 136 -12.41 53.69 -129.82
C LYS M 136 -13.49 54.27 -130.72
N VAL M 137 -14.66 54.52 -130.14
CA VAL M 137 -15.80 55.09 -130.84
C VAL M 137 -16.22 56.37 -130.13
N ASP M 138 -16.40 57.45 -130.89
CA ASP M 138 -16.72 58.74 -130.30
C ASP M 138 -18.16 58.85 -129.82
N LYS M 139 -19.05 57.98 -130.28
CA LYS M 139 -20.46 58.04 -129.90
C LYS M 139 -20.88 56.74 -129.24
N GLU M 140 -22.10 56.75 -128.70
CA GLU M 140 -22.61 55.60 -127.96
C GLU M 140 -22.98 54.46 -128.91
N LEU M 141 -22.92 53.23 -128.38
CA LEU M 141 -23.27 52.04 -129.14
C LEU M 141 -24.27 51.22 -128.35
N SER M 142 -25.02 50.39 -129.07
CA SER M 142 -26.07 49.58 -128.45
C SER M 142 -25.89 48.08 -128.65
N SER M 143 -25.48 47.64 -129.84
CA SER M 143 -25.32 46.22 -130.12
C SER M 143 -24.29 46.02 -131.20
N ILE M 144 -23.97 44.75 -131.47
CA ILE M 144 -22.98 44.39 -132.48
C ILE M 144 -23.41 43.06 -133.11
N ASP M 145 -23.15 42.91 -134.40
CA ASP M 145 -23.41 41.66 -135.10
C ASP M 145 -22.33 41.45 -136.16
N LYS M 146 -22.17 40.20 -136.56
CA LYS M 146 -21.13 39.80 -137.49
C LYS M 146 -21.69 39.66 -138.90
N VAL M 147 -20.97 40.19 -139.88
CA VAL M 147 -21.34 39.99 -141.28
C VAL M 147 -21.00 38.55 -141.65
N ASN M 148 -22.03 37.75 -141.93
CA ASN M 148 -21.85 36.33 -142.22
C ASN M 148 -21.33 36.19 -143.65
N ASP M 149 -20.03 36.41 -143.81
CA ASP M 149 -19.38 36.37 -145.11
C ASP M 149 -17.93 35.93 -144.95
N PRO M 150 -17.55 34.76 -145.49
CA PRO M 150 -16.16 34.31 -145.36
C PRO M 150 -15.17 35.13 -146.17
N ASN M 151 -15.63 35.91 -147.15
CA ASN M 151 -14.72 36.71 -147.96
C ASN M 151 -14.24 37.95 -147.22
N ILE M 152 -15.19 38.79 -146.78
CA ILE M 152 -14.85 40.03 -146.11
C ILE M 152 -14.74 39.79 -144.61
N ASN M 153 -14.10 40.72 -143.91
CA ASN M 153 -13.87 40.58 -142.48
C ASN M 153 -14.43 41.78 -141.72
N GLY M 154 -15.67 42.16 -142.03
CA GLY M 154 -16.30 43.30 -141.38
C GLY M 154 -17.29 42.89 -140.28
N LEU M 155 -17.73 43.91 -139.55
CA LEU M 155 -18.73 43.73 -138.49
C LEU M 155 -19.73 44.88 -138.58
N VAL M 156 -20.92 44.62 -138.05
CA VAL M 156 -21.97 45.64 -137.95
C VAL M 156 -22.16 45.97 -136.48
N CYS M 157 -21.97 47.24 -136.14
CA CYS M 157 -22.14 47.72 -134.77
C CYS M 157 -23.32 48.66 -134.70
N ALA M 158 -24.23 48.41 -133.77
CA ALA M 158 -25.41 49.26 -133.60
C ALA M 158 -25.17 50.32 -132.55
N THR M 161 -27.79 56.54 -133.88
CA THR M 161 -28.06 55.30 -134.57
C THR M 161 -26.95 54.96 -135.57
N HIS M 162 -25.86 54.39 -135.06
CA HIS M 162 -24.73 54.02 -135.89
C HIS M 162 -24.94 52.65 -136.51
N LEU M 163 -24.61 52.54 -137.80
CA LEU M 163 -24.55 51.26 -138.51
C LEU M 163 -23.28 51.31 -139.37
N GLY M 164 -22.17 50.89 -138.79
CA GLY M 164 -20.86 50.99 -139.43
C GLY M 164 -20.32 49.62 -139.78
N LEU M 165 -19.89 49.47 -141.03
CA LEU M 165 -19.23 48.26 -141.49
C LEU M 165 -17.80 48.28 -140.96
N TYR M 166 -17.63 47.78 -139.73
CA TYR M 166 -16.36 47.86 -139.02
C TYR M 166 -15.49 46.68 -139.47
N LYS M 167 -14.55 46.95 -140.37
CA LYS M 167 -13.68 45.93 -140.94
C LYS M 167 -12.37 45.88 -140.19
N PHE M 168 -11.95 44.68 -139.80
CA PHE M 168 -10.67 44.45 -139.15
C PHE M 168 -9.72 43.73 -140.10
N SER M 169 -8.43 43.99 -139.93
CA SER M 169 -7.40 43.37 -140.76
C SER M 169 -6.32 42.79 -139.86
N PRO M 170 -5.86 41.55 -140.11
CA PRO M 170 -4.82 40.97 -139.27
C PRO M 170 -3.43 41.54 -139.51
N SER M 171 -3.23 42.30 -140.59
CA SER M 171 -1.92 42.87 -140.87
C SER M 171 -1.56 43.96 -139.86
N ASP M 172 -2.52 44.81 -139.51
CA ASP M 172 -2.28 45.92 -138.60
C ASP M 172 -2.97 45.76 -137.25
N ARG M 173 -3.81 44.73 -137.09
CA ARG M 173 -4.56 44.45 -135.85
C ARG M 173 -5.43 45.64 -135.44
N SER M 174 -6.06 46.29 -136.42
CA SER M 174 -6.88 47.45 -136.15
C SER M 174 -8.20 47.35 -136.92
N ILE M 175 -9.22 48.03 -136.40
CA ILE M 175 -10.54 48.04 -137.00
C ILE M 175 -10.77 49.46 -137.51
N LYS M 176 -9.68 50.09 -137.97
CA LYS M 176 -9.73 51.47 -138.45
C LYS M 176 -10.54 51.61 -139.75
N CYS M 177 -10.76 50.52 -140.48
CA CYS M 177 -11.60 50.56 -141.67
C CYS M 177 -13.06 50.68 -141.28
N VAL M 178 -13.57 51.91 -141.24
CA VAL M 178 -14.93 52.19 -140.80
C VAL M 178 -15.69 52.78 -141.99
N HIS M 179 -16.80 52.14 -142.34
CA HIS M 179 -17.70 52.61 -143.40
C HIS M 179 -18.93 53.21 -142.73
N ASP M 180 -18.97 54.54 -142.63
CA ASP M 180 -20.03 55.25 -141.93
C ASP M 180 -21.28 55.23 -142.80
N PHE M 181 -22.03 54.14 -142.68
CA PHE M 181 -23.28 53.94 -143.42
C PHE M 181 -24.42 54.50 -142.58
N ILE M 182 -24.73 55.77 -142.81
CA ILE M 182 -25.74 56.55 -142.08
C ILE M 182 -25.50 56.54 -140.57
N THR M 211 -32.11 51.90 -127.48
CA THR M 211 -33.32 51.11 -127.59
C THR M 211 -33.07 49.67 -127.16
N ILE M 212 -34.15 48.96 -126.80
CA ILE M 212 -34.05 47.56 -126.37
C ILE M 212 -34.18 46.70 -127.63
N ALA M 213 -33.05 46.54 -128.31
CA ALA M 213 -33.00 45.77 -129.54
C ALA M 213 -31.55 45.31 -129.77
N ASP M 214 -31.40 44.29 -130.61
CA ASP M 214 -30.09 43.78 -130.97
C ASP M 214 -30.03 43.66 -132.49
N VAL M 215 -28.94 44.17 -133.07
CA VAL M 215 -28.78 44.15 -134.52
C VAL M 215 -28.45 42.74 -134.98
N LYS M 216 -28.98 42.37 -136.15
CA LYS M 216 -28.77 41.05 -136.73
C LYS M 216 -28.53 41.19 -138.22
N THR M 217 -27.75 40.26 -138.78
CA THR M 217 -27.43 40.23 -140.20
C THR M 217 -28.06 39.00 -140.85
N GLY M 218 -28.27 39.11 -142.16
CA GLY M 218 -28.91 38.04 -142.90
C GLY M 218 -27.97 36.89 -143.22
N PHE M 219 -28.57 35.78 -143.65
CA PHE M 219 -27.86 34.56 -143.96
C PHE M 219 -28.23 34.09 -145.36
N ASN M 220 -27.42 33.17 -145.88
CA ASN M 220 -27.66 32.43 -147.13
C ASN M 220 -27.73 33.40 -148.30
N ASN M 221 -28.80 33.43 -149.09
CA ASN M 221 -28.88 34.29 -150.25
C ASN M 221 -29.00 35.76 -149.87
N TYR M 222 -29.65 36.06 -148.75
CA TYR M 222 -29.74 37.43 -148.24
C TYR M 222 -28.51 37.71 -147.37
N LYS M 223 -27.36 37.76 -148.04
CA LYS M 223 -26.06 37.87 -147.37
C LYS M 223 -25.66 39.30 -147.08
N ASN M 224 -26.53 40.28 -147.37
CA ASN M 224 -26.17 41.68 -147.24
C ASN M 224 -27.25 42.52 -146.57
N CYS M 225 -28.13 41.91 -145.78
CA CYS M 225 -29.24 42.62 -145.14
C CYS M 225 -28.97 42.79 -143.65
N ILE M 226 -29.20 44.00 -143.15
CA ILE M 226 -28.99 44.35 -141.75
C ILE M 226 -30.28 44.95 -141.22
N ALA M 227 -30.77 44.42 -140.11
CA ALA M 227 -32.00 44.89 -139.48
C ALA M 227 -31.68 45.56 -138.15
N VAL M 228 -32.29 46.72 -137.91
CA VAL M 228 -32.11 47.45 -136.66
C VAL M 228 -33.42 48.18 -136.37
N CYS M 229 -33.66 48.42 -135.07
CA CYS M 229 -34.88 49.09 -134.61
C CYS M 229 -34.54 50.51 -134.19
N ASN M 230 -35.32 51.47 -134.69
CA ASN M 230 -35.07 52.89 -134.44
C ASN M 230 -36.19 53.53 -133.62
N ASN M 231 -37.43 53.43 -134.09
CA ASN M 231 -38.58 54.07 -133.44
C ASN M 231 -39.30 53.15 -132.47
N SER M 232 -38.77 51.95 -132.22
CA SER M 232 -39.32 50.95 -131.30
C SER M 232 -40.72 50.48 -131.70
N THR M 233 -41.09 50.65 -132.97
CA THR M 233 -42.38 50.19 -133.48
C THR M 233 -42.27 49.47 -134.81
N ALA M 234 -41.11 49.47 -135.46
CA ALA M 234 -40.97 48.87 -136.78
C ALA M 234 -39.57 48.33 -136.95
N ILE M 235 -39.42 47.40 -137.89
CA ILE M 235 -38.13 46.81 -138.24
C ILE M 235 -37.63 47.48 -139.51
N SER M 236 -36.44 48.05 -139.44
CA SER M 236 -35.82 48.75 -140.56
C SER M 236 -34.74 47.86 -141.16
N ILE M 237 -34.85 47.56 -142.45
CA ILE M 237 -33.89 46.73 -143.16
C ILE M 237 -32.96 47.63 -143.96
N TYR M 238 -31.68 47.25 -144.03
CA TYR M 238 -30.68 48.02 -144.74
C TYR M 238 -29.82 47.08 -145.58
N ASP M 239 -29.23 47.64 -146.63
CA ASP M 239 -28.34 46.91 -147.52
C ASP M 239 -26.97 47.58 -147.53
N LEU M 240 -25.92 46.76 -147.45
CA LEU M 240 -24.57 47.31 -147.49
C LEU M 240 -24.19 47.73 -148.91
N ASN M 241 -24.70 47.03 -149.92
CA ASN M 241 -24.41 47.41 -151.30
C ASN M 241 -25.12 48.71 -151.67
N LYS M 242 -26.30 48.96 -151.11
CA LYS M 242 -27.05 50.19 -151.35
C LYS M 242 -26.64 51.27 -150.35
N SER M 243 -25.36 51.62 -150.39
CA SER M 243 -24.79 52.62 -149.49
C SER M 243 -24.22 53.82 -150.23
N SER M 244 -24.45 53.92 -151.53
CA SER M 244 -23.95 55.07 -152.29
C SER M 244 -24.81 56.31 -152.01
N SER M 245 -24.26 57.47 -152.39
CA SER M 245 -24.99 58.72 -152.23
C SER M 245 -26.20 58.79 -153.15
N ILE M 246 -26.05 58.32 -154.39
CA ILE M 246 -27.17 58.30 -155.34
C ILE M 246 -28.19 57.25 -154.92
N ASP M 247 -27.73 56.09 -154.48
CA ASP M 247 -28.63 55.00 -154.11
C ASP M 247 -29.37 55.33 -152.82
N ASN M 248 -30.64 54.96 -152.78
CA ASN M 248 -31.43 55.16 -151.57
C ASN M 248 -31.04 54.11 -150.53
N PRO M 249 -30.55 54.53 -149.34
CA PRO M 249 -30.12 53.57 -148.32
C PRO M 249 -31.26 53.09 -147.42
N LEU M 250 -32.39 52.73 -148.04
CA LEU M 250 -33.55 52.25 -147.31
C LEU M 250 -34.16 51.06 -148.03
N ILE M 251 -34.57 50.06 -147.25
CA ILE M 251 -35.29 48.91 -147.75
C ILE M 251 -36.68 48.98 -147.12
N THR M 252 -37.66 48.34 -147.75
CA THR M 252 -39.06 48.42 -147.33
C THR M 252 -39.23 47.89 -145.90
N SER M 253 -39.62 48.78 -145.00
CA SER M 253 -39.76 48.46 -143.59
C SER M 253 -41.01 47.65 -143.32
N LEU M 254 -41.03 47.01 -142.14
CA LEU M 254 -42.12 46.15 -141.71
C LEU M 254 -42.62 46.67 -140.38
N CYS M 255 -43.93 46.93 -140.29
CA CYS M 255 -44.50 47.58 -139.11
C CYS M 255 -45.86 46.97 -138.82
N GLU M 256 -45.92 46.10 -137.82
CA GLU M 256 -47.20 45.62 -137.30
C GLU M 256 -47.24 45.58 -135.77
N HIS M 257 -46.12 45.78 -135.09
CA HIS M 257 -46.09 45.67 -133.64
C HIS M 257 -46.73 46.90 -133.00
N THR M 258 -47.70 46.67 -132.13
CA THR M 258 -48.34 47.76 -131.40
C THR M 258 -47.53 48.22 -130.19
N ARG M 259 -46.55 47.43 -129.77
CA ARG M 259 -45.71 47.79 -128.63
C ARG M 259 -44.24 47.73 -129.02
N SER M 260 -43.34 47.81 -128.04
CA SER M 260 -41.92 47.83 -128.34
C SER M 260 -41.45 46.46 -128.83
N ILE M 261 -40.50 46.49 -129.76
CA ILE M 261 -39.91 45.28 -130.32
C ILE M 261 -38.67 44.92 -129.51
N ASN M 262 -38.61 43.69 -129.01
CA ASN M 262 -37.51 43.26 -128.16
C ASN M 262 -36.45 42.44 -128.88
N SER M 263 -36.83 41.68 -129.90
CA SER M 263 -35.88 40.80 -130.58
C SER M 263 -36.31 40.60 -132.02
N PHE M 264 -35.33 40.26 -132.86
CA PHE M 264 -35.56 39.77 -134.21
C PHE M 264 -34.33 38.99 -134.63
N ASP M 265 -34.52 38.10 -135.61
CA ASP M 265 -33.43 37.23 -136.04
C ASP M 265 -33.69 36.72 -137.44
N PHE M 266 -32.67 36.82 -138.30
CA PHE M 266 -32.73 36.24 -139.62
C PHE M 266 -32.58 34.73 -139.55
N ASN M 267 -33.18 34.03 -140.51
CA ASN M 267 -33.09 32.59 -140.56
C ASN M 267 -31.85 32.17 -141.34
N MET M 268 -31.28 31.03 -140.95
CA MET M 268 -30.04 30.55 -141.54
C MET M 268 -30.26 29.53 -142.65
N VAL M 269 -31.44 28.93 -142.73
CA VAL M 269 -31.75 27.96 -143.77
C VAL M 269 -32.56 28.59 -144.89
N GLU M 270 -33.66 29.26 -144.55
CA GLU M 270 -34.49 29.97 -145.52
C GLU M 270 -34.19 31.47 -145.38
N SER M 271 -33.49 32.01 -146.38
CA SER M 271 -33.08 33.42 -146.32
C SER M 271 -34.26 34.39 -146.45
N ASN M 272 -35.38 33.95 -147.03
CA ASN M 272 -36.52 34.81 -147.24
C ASN M 272 -37.48 34.84 -146.04
N LEU M 273 -37.08 34.28 -144.90
CA LEU M 273 -37.92 34.25 -143.72
C LEU M 273 -37.21 34.91 -142.55
N ILE M 274 -37.94 35.72 -141.81
CA ILE M 274 -37.44 36.43 -140.65
C ILE M 274 -38.44 36.24 -139.50
N ILE M 275 -37.95 36.40 -138.27
CA ILE M 275 -38.77 36.25 -137.09
C ILE M 275 -38.50 37.47 -136.20
N SER M 276 -39.46 37.77 -135.33
CA SER M 276 -39.32 38.86 -134.38
C SER M 276 -40.30 38.62 -133.23
N GLY M 277 -40.35 39.60 -132.33
CA GLY M 277 -41.25 39.53 -131.18
C GLY M 277 -41.04 40.74 -130.31
N GLY M 278 -41.86 40.82 -129.26
CA GLY M 278 -41.76 41.94 -128.34
C GLY M 278 -42.87 41.93 -127.31
N GLN M 279 -43.28 43.13 -126.89
CA GLN M 279 -44.30 43.29 -125.88
C GLN M 279 -45.72 43.16 -126.42
N ASP M 280 -45.90 42.97 -127.72
CA ASP M 280 -47.22 42.87 -128.31
C ASP M 280 -47.85 41.49 -128.15
N SER M 281 -47.14 40.55 -127.53
CA SER M 281 -47.60 39.18 -127.25
C SER M 281 -47.98 38.43 -128.51
N CYS M 282 -47.30 38.72 -129.62
CA CYS M 282 -47.56 38.05 -130.90
C CYS M 282 -46.24 37.86 -131.63
N VAL M 283 -45.97 36.64 -132.04
CA VAL M 283 -44.80 36.31 -132.85
C VAL M 283 -45.26 36.21 -134.31
N LYS M 284 -44.61 36.99 -135.17
CA LYS M 284 -45.05 37.15 -136.55
C LYS M 284 -43.95 36.70 -137.52
N ILE M 285 -44.37 36.29 -138.71
CA ILE M 285 -43.47 35.81 -139.76
C ILE M 285 -43.70 36.65 -141.01
N TRP M 286 -42.62 37.18 -141.59
CA TRP M 286 -42.67 38.02 -142.77
C TRP M 286 -42.03 37.33 -143.96
N ASP M 287 -41.93 38.06 -145.07
CA ASP M 287 -41.25 37.60 -146.28
C ASP M 287 -40.52 38.77 -146.90
N LEU M 288 -39.24 38.57 -147.24
CA LEU M 288 -38.43 39.64 -147.78
C LEU M 288 -38.58 39.82 -149.29
N ARG M 289 -39.21 38.88 -149.97
CA ARG M 289 -39.39 38.98 -151.42
C ARG M 289 -40.68 39.70 -151.81
N SER M 290 -41.53 40.03 -150.85
CA SER M 290 -42.78 40.72 -151.14
C SER M 290 -42.55 42.21 -151.36
N ARG M 298 -47.16 44.15 -143.49
CA ARG M 298 -47.97 43.16 -142.79
C ARG M 298 -47.33 41.78 -142.88
N SER M 299 -47.37 41.04 -141.77
CA SER M 299 -46.78 39.72 -141.71
C SER M 299 -47.67 38.69 -142.38
N ASP M 300 -47.07 37.53 -142.69
CA ASP M 300 -47.80 36.43 -143.31
C ASP M 300 -48.43 35.50 -142.28
N ILE M 301 -47.67 35.08 -141.28
CA ILE M 301 -48.13 34.15 -140.25
C ILE M 301 -47.94 34.82 -138.90
N SER M 302 -49.00 34.87 -138.11
CA SER M 302 -48.96 35.46 -136.78
C SER M 302 -49.38 34.41 -135.76
N ILE M 303 -48.61 34.30 -134.68
CA ILE M 303 -48.87 33.35 -133.61
C ILE M 303 -49.05 34.12 -132.31
N ASN M 304 -50.19 33.92 -131.65
CA ASN M 304 -50.42 34.51 -130.34
C ASN M 304 -49.72 33.71 -129.27
N THR M 305 -49.14 34.41 -128.29
CA THR M 305 -48.36 33.77 -127.23
C THR M 305 -49.08 33.78 -125.89
N ALA M 306 -50.41 33.97 -125.91
CA ALA M 306 -51.27 33.98 -124.72
C ALA M 306 -50.83 35.02 -123.69
N SER M 307 -50.70 36.27 -124.17
CA SER M 307 -50.35 37.45 -123.34
C SER M 307 -49.01 37.27 -122.62
N ASP M 308 -48.03 36.71 -123.31
CA ASP M 308 -46.68 36.56 -122.78
C ASP M 308 -45.77 37.56 -123.49
N SER M 309 -45.00 38.32 -122.70
CA SER M 309 -44.11 39.34 -123.25
C SER M 309 -42.87 38.67 -123.81
N ILE M 310 -42.71 38.73 -125.13
CA ILE M 310 -41.53 38.16 -125.78
C ILE M 310 -40.31 39.03 -125.50
N ARG M 311 -39.24 38.42 -125.01
CA ARG M 311 -37.95 39.09 -124.87
C ARG M 311 -36.96 38.67 -125.95
N ASP M 312 -36.83 37.37 -126.20
CA ASP M 312 -35.93 36.84 -127.22
C ASP M 312 -36.61 35.73 -127.99
N VAL M 313 -36.47 35.76 -129.32
CA VAL M 313 -36.84 34.65 -130.20
C VAL M 313 -35.68 34.41 -131.15
N LYS M 314 -35.18 33.16 -131.17
CA LYS M 314 -34.08 32.79 -132.04
C LYS M 314 -34.48 31.60 -132.92
N TRP M 315 -34.01 31.63 -134.17
CA TRP M 315 -34.22 30.51 -135.07
C TRP M 315 -33.35 29.32 -134.69
N MET M 316 -33.77 28.14 -135.15
CA MET M 316 -32.92 26.97 -135.08
C MET M 316 -31.80 27.10 -136.11
N PRO M 317 -30.54 26.96 -135.71
CA PRO M 317 -29.44 27.27 -136.64
C PRO M 317 -29.17 26.12 -137.60
N GLY M 318 -28.80 26.49 -138.82
CA GLY M 318 -28.39 25.50 -139.80
C GLY M 318 -26.95 25.04 -139.58
N TYR M 319 -26.00 25.95 -139.78
CA TYR M 319 -24.58 25.77 -139.46
C TYR M 319 -24.01 24.56 -140.19
N ASN M 320 -23.95 24.69 -141.52
CA ASN M 320 -23.42 23.66 -142.42
C ASN M 320 -22.00 23.26 -142.08
N PHE M 321 -21.79 22.02 -141.64
CA PHE M 321 -20.48 21.52 -141.27
C PHE M 321 -20.14 20.27 -142.04
N ALA M 322 -19.06 19.59 -141.65
CA ALA M 322 -18.65 18.35 -142.31
C ALA M 322 -19.58 17.21 -141.93
N SER M 337 -34.29 21.15 -140.03
CA SER M 337 -33.25 22.13 -139.76
C SER M 337 -33.68 23.52 -140.24
N GLY M 338 -33.74 24.47 -139.30
CA GLY M 338 -34.11 25.82 -139.64
C GLY M 338 -35.60 26.08 -139.74
N TYR M 339 -36.43 25.07 -139.53
CA TYR M 339 -37.88 25.20 -139.64
C TYR M 339 -38.56 25.39 -138.30
N LYS M 340 -37.80 25.52 -137.21
CA LYS M 340 -38.37 25.70 -135.88
C LYS M 340 -37.69 26.87 -135.18
N PHE M 341 -38.34 27.36 -134.13
CA PHE M 341 -37.81 28.46 -133.33
C PHE M 341 -38.44 28.37 -131.95
N ALA M 342 -37.83 29.07 -131.00
CA ALA M 342 -38.30 29.08 -129.62
C ALA M 342 -38.51 30.52 -129.16
N SER M 343 -39.13 30.66 -128.00
CA SER M 343 -39.40 31.97 -127.43
C SER M 343 -39.19 31.95 -125.92
N ILE M 344 -38.53 32.98 -125.41
CA ILE M 344 -38.44 33.22 -123.98
C ILE M 344 -39.45 34.31 -123.63
N HIS M 345 -39.92 34.28 -122.38
CA HIS M 345 -41.04 35.12 -121.96
C HIS M 345 -40.79 35.64 -120.56
N ASP M 346 -41.50 36.73 -120.23
CA ASP M 346 -41.49 37.26 -118.87
C ASP M 346 -42.17 36.33 -117.88
N SER M 347 -42.99 35.40 -118.35
CA SER M 347 -43.64 34.42 -117.49
C SER M 347 -42.74 33.22 -117.20
N GLY M 348 -41.49 33.24 -117.66
CA GLY M 348 -40.58 32.15 -117.37
C GLY M 348 -40.85 30.88 -118.13
N TYR M 349 -41.52 30.95 -119.28
CA TYR M 349 -41.88 29.78 -120.06
C TYR M 349 -41.11 29.79 -121.37
N LEU M 350 -40.51 28.64 -121.71
CA LEU M 350 -39.85 28.44 -122.99
C LEU M 350 -40.81 27.71 -123.92
N LEU M 351 -41.14 28.33 -125.05
CA LEU M 351 -42.15 27.83 -125.96
C LEU M 351 -41.51 27.51 -127.31
N LYS M 352 -41.30 26.23 -127.58
CA LYS M 352 -40.79 25.79 -128.86
C LYS M 352 -41.91 25.75 -129.89
N PHE M 353 -41.63 26.24 -131.09
CA PHE M 353 -42.64 26.38 -132.12
C PHE M 353 -42.20 25.64 -133.39
N ASP M 354 -42.97 25.83 -134.45
CA ASP M 354 -42.69 25.21 -135.75
C ASP M 354 -43.24 26.10 -136.85
N LEU M 355 -42.49 26.18 -137.96
CA LEU M 355 -42.97 26.96 -139.11
C LEU M 355 -44.19 26.31 -139.74
N ARG M 356 -44.20 24.98 -139.84
CA ARG M 356 -45.31 24.26 -140.43
C ARG M 356 -46.48 24.06 -139.47
N GLN M 357 -46.33 24.45 -138.21
CA GLN M 357 -47.39 24.30 -137.21
C GLN M 357 -47.62 25.65 -136.53
N PRO M 358 -48.34 26.55 -137.19
CA PRO M 358 -48.64 27.86 -136.57
C PRO M 358 -49.67 27.74 -135.47
N ALA M 359 -49.61 28.69 -134.53
CA ALA M 359 -50.52 28.87 -133.40
C ALA M 359 -50.57 27.67 -132.45
N GLN M 360 -49.63 26.73 -132.57
CA GLN M 360 -49.56 25.57 -131.69
C GLN M 360 -48.10 25.34 -131.36
N TYR M 361 -47.72 25.54 -130.10
CA TYR M 361 -46.34 25.31 -129.70
C TYR M 361 -46.04 23.82 -129.70
N GLU M 362 -44.82 23.48 -130.14
CA GLU M 362 -44.42 22.08 -130.19
C GLU M 362 -44.04 21.56 -128.80
N LYS M 363 -43.12 22.24 -128.13
CA LYS M 363 -42.68 21.86 -126.79
C LYS M 363 -42.80 23.05 -125.85
N LYS M 364 -43.42 22.83 -124.70
CA LYS M 364 -43.58 23.85 -123.67
C LYS M 364 -42.78 23.45 -122.44
N LEU M 365 -41.94 24.36 -121.97
CA LEU M 365 -41.13 24.13 -120.78
C LEU M 365 -41.18 25.36 -119.87
N ASN M 366 -41.23 25.11 -118.57
CA ASN M 366 -41.13 26.17 -117.57
C ASN M 366 -39.65 26.45 -117.32
N ALA M 367 -39.15 27.54 -117.89
CA ALA M 367 -37.70 27.79 -117.88
C ALA M 367 -37.22 28.26 -116.51
N HIS M 368 -37.70 29.41 -116.05
CA HIS M 368 -37.19 30.02 -114.83
C HIS M 368 -38.34 30.62 -114.03
N THR M 369 -38.12 30.72 -112.72
CA THR M 369 -38.97 31.57 -111.90
C THR M 369 -38.66 33.03 -112.18
N GLY M 370 -39.70 33.84 -112.33
CA GLY M 370 -39.53 35.20 -112.77
C GLY M 370 -39.29 35.27 -114.27
N PRO M 371 -38.82 36.40 -114.76
CA PRO M 371 -38.64 36.57 -116.21
C PRO M 371 -37.39 35.85 -116.72
N GLY M 372 -37.50 35.29 -117.92
CA GLY M 372 -36.38 34.73 -118.63
C GLY M 372 -35.90 35.70 -119.68
N LEU M 373 -34.60 36.03 -119.62
CA LEU M 373 -34.04 37.08 -120.46
C LEU M 373 -33.08 36.56 -121.52
N CYS M 374 -32.83 35.25 -121.58
CA CYS M 374 -31.88 34.68 -122.52
C CYS M 374 -32.49 33.51 -123.26
N LEU M 375 -32.12 33.36 -124.53
CA LEU M 375 -32.55 32.23 -125.35
C LEU M 375 -31.55 32.05 -126.47
N ASN M 376 -30.99 30.85 -126.58
CA ASN M 376 -30.13 30.50 -127.71
C ASN M 376 -30.12 28.99 -127.88
N TRP M 377 -29.76 28.56 -129.09
CA TRP M 377 -29.76 27.15 -129.44
C TRP M 377 -28.32 26.65 -129.54
N HIS M 378 -28.14 25.37 -129.25
CA HIS M 378 -26.85 24.75 -129.46
C HIS M 378 -26.58 24.59 -130.97
N PRO M 379 -25.36 24.84 -131.43
CA PRO M 379 -25.08 24.82 -132.88
C PRO M 379 -25.33 23.49 -133.57
N ASN M 380 -25.08 22.36 -132.91
CA ASN M 380 -25.19 21.05 -133.55
C ASN M 380 -26.37 20.24 -133.01
N GLN M 381 -26.41 19.99 -131.72
CA GLN M 381 -27.50 19.24 -131.12
C GLN M 381 -28.68 20.16 -130.79
N GLU M 382 -29.85 19.54 -130.65
CA GLU M 382 -31.08 20.28 -130.34
C GLU M 382 -31.18 20.51 -128.83
N TYR M 383 -30.32 21.40 -128.36
CA TYR M 383 -30.28 21.78 -126.95
C TYR M 383 -30.42 23.29 -126.82
N ILE M 384 -31.25 23.73 -125.88
CA ILE M 384 -31.57 25.14 -125.69
C ILE M 384 -31.09 25.54 -124.30
N ALA M 385 -30.25 26.57 -124.24
CA ALA M 385 -29.75 27.12 -122.99
C ALA M 385 -30.35 28.51 -122.80
N THR M 386 -30.97 28.74 -121.64
CA THR M 386 -31.68 29.97 -121.36
C THR M 386 -31.04 30.68 -120.17
N GLY M 387 -31.70 31.74 -119.72
CA GLY M 387 -31.25 32.51 -118.58
C GLY M 387 -32.18 33.67 -118.29
N GLY M 388 -32.26 34.08 -117.03
CA GLY M 388 -33.16 35.15 -116.64
C GLY M 388 -32.74 35.84 -115.37
N ARG M 389 -33.73 36.38 -114.65
CA ARG M 389 -33.46 37.09 -113.40
C ARG M 389 -33.02 36.16 -112.28
N ASP M 390 -33.28 34.86 -112.40
CA ASP M 390 -32.83 33.90 -111.40
C ASP M 390 -31.32 33.70 -111.42
N GLY M 391 -30.67 34.03 -112.52
CA GLY M 391 -29.22 33.87 -112.61
C GLY M 391 -28.77 32.44 -112.73
N LYS M 392 -29.65 31.55 -113.19
CA LYS M 392 -29.35 30.13 -113.35
C LYS M 392 -29.46 29.80 -114.84
N CYS M 393 -28.32 29.74 -115.52
CA CYS M 393 -28.28 29.35 -116.93
C CYS M 393 -28.58 27.86 -117.02
N CYS M 394 -29.80 27.51 -117.42
CA CYS M 394 -30.26 26.13 -117.45
C CYS M 394 -30.28 25.61 -118.88
N LEU M 395 -29.75 24.40 -119.07
CA LEU M 395 -29.70 23.74 -120.37
C LEU M 395 -30.89 22.81 -120.52
N TRP M 396 -31.61 22.94 -121.63
CA TRP M 396 -32.82 22.19 -121.89
C TRP M 396 -32.67 21.33 -123.14
N PHE M 397 -33.18 20.11 -123.08
CA PHE M 397 -33.25 19.21 -124.23
C PHE M 397 -34.60 19.38 -124.91
N VAL M 398 -34.60 19.74 -126.18
CA VAL M 398 -35.83 19.99 -126.93
C VAL M 398 -35.94 19.08 -128.14
N GLY M 399 -35.17 17.99 -128.18
CA GLY M 399 -35.22 17.07 -129.29
C GLY M 399 -36.03 15.82 -129.00
N PHE M 433 -34.58 18.84 -113.60
CA PHE M 433 -35.47 19.27 -114.68
C PHE M 433 -34.73 19.88 -115.90
N PRO M 434 -33.64 20.68 -115.71
CA PRO M 434 -32.79 20.97 -116.87
C PRO M 434 -31.62 20.01 -116.98
N LYS M 435 -30.83 20.13 -118.04
CA LYS M 435 -29.65 19.26 -118.19
C LYS M 435 -28.51 19.73 -117.30
N LEU M 436 -28.11 20.99 -117.46
CA LEU M 436 -27.03 21.58 -116.65
C LEU M 436 -27.51 22.91 -116.10
N THR M 437 -27.07 23.23 -114.88
CA THR M 437 -27.46 24.45 -114.18
C THR M 437 -26.21 25.20 -113.75
N ILE M 438 -26.07 26.44 -114.19
CA ILE M 438 -24.94 27.29 -113.86
C ILE M 438 -25.47 28.45 -113.01
N ASN M 439 -25.29 28.34 -111.70
CA ASN M 439 -25.78 29.36 -110.76
C ASN M 439 -24.84 30.56 -110.81
N THR M 440 -25.05 31.40 -111.82
CA THR M 440 -24.24 32.62 -111.95
C THR M 440 -24.58 33.65 -110.89
N GLY M 441 -25.81 33.66 -110.40
CA GLY M 441 -26.24 34.56 -109.36
C GLY M 441 -26.65 35.94 -109.83
N TYR M 442 -26.06 36.42 -110.94
CA TYR M 442 -26.42 37.73 -111.47
C TYR M 442 -27.42 37.58 -112.61
N PRO M 443 -28.28 38.59 -112.84
CA PRO M 443 -29.19 38.52 -114.00
C PRO M 443 -28.47 38.49 -115.33
N VAL M 444 -28.54 37.36 -116.02
CA VAL M 444 -27.80 37.16 -117.26
C VAL M 444 -28.62 37.77 -118.40
N THR M 445 -27.94 38.46 -119.33
CA THR M 445 -28.61 39.13 -120.42
C THR M 445 -28.29 38.59 -121.81
N LYS M 446 -27.16 37.91 -122.01
CA LYS M 446 -26.75 37.51 -123.34
C LYS M 446 -26.06 36.15 -123.34
N LEU M 447 -26.38 35.35 -124.35
CA LEU M 447 -25.74 34.05 -124.59
C LEU M 447 -25.43 33.93 -126.08
N LYS M 448 -24.19 33.55 -126.39
CA LYS M 448 -23.78 33.24 -127.76
C LYS M 448 -22.88 32.01 -127.71
N PHE M 449 -23.38 30.89 -128.24
CA PHE M 449 -22.57 29.70 -128.39
C PHE M 449 -21.46 29.92 -129.41
N LYS M 450 -20.33 29.24 -129.19
CA LYS M 450 -19.26 29.25 -130.17
C LYS M 450 -19.68 28.46 -131.41
N PRO M 451 -19.20 28.85 -132.59
CA PRO M 451 -19.49 28.06 -133.80
C PRO M 451 -18.57 26.86 -133.96
N ALA M 452 -19.08 25.66 -133.67
CA ALA M 452 -18.28 24.44 -133.79
C ALA M 452 -19.22 23.25 -133.90
N TYR M 453 -18.63 22.09 -134.17
CA TYR M 453 -19.35 20.82 -134.19
C TYR M 453 -19.06 20.11 -132.86
N SER M 454 -20.01 20.21 -131.94
CA SER M 454 -19.92 19.54 -130.64
C SER M 454 -20.69 18.23 -130.71
N SER M 455 -19.96 17.12 -130.87
CA SER M 455 -20.58 15.79 -130.86
C SER M 455 -21.16 15.47 -129.49
N ASN M 456 -20.42 15.79 -128.43
CA ASN M 456 -20.92 15.70 -127.06
C ASN M 456 -21.41 17.07 -126.61
N ILE M 457 -22.54 17.09 -125.90
CA ILE M 457 -23.14 18.36 -125.49
C ILE M 457 -22.35 19.03 -124.38
N TYR M 458 -21.48 18.30 -123.69
CA TYR M 458 -20.70 18.86 -122.60
C TYR M 458 -19.48 19.65 -123.08
N ASN M 459 -19.07 19.45 -124.34
CA ASN M 459 -17.96 20.21 -124.91
C ASN M 459 -18.45 21.42 -125.68
N SER M 460 -19.28 22.25 -125.05
CA SER M 460 -19.86 23.42 -125.68
C SER M 460 -19.39 24.67 -124.94
N LEU M 461 -18.73 25.57 -125.66
CA LEU M 461 -18.27 26.82 -125.08
C LEU M 461 -19.36 27.87 -125.19
N LEU M 462 -19.78 28.42 -124.06
CA LEU M 462 -20.93 29.29 -123.97
C LEU M 462 -20.52 30.62 -123.35
N GLY M 463 -20.92 31.72 -123.98
CA GLY M 463 -20.60 33.04 -123.48
C GLY M 463 -21.67 33.65 -122.60
N ILE M 464 -21.49 33.56 -121.29
CA ILE M 464 -22.41 34.16 -120.33
C ILE M 464 -22.00 35.61 -120.08
N SER M 465 -22.95 36.53 -120.20
CA SER M 465 -22.69 37.94 -119.98
C SER M 465 -23.92 38.58 -119.35
N SER M 466 -23.68 39.64 -118.59
CA SER M 466 -24.73 40.40 -117.94
C SER M 466 -24.63 41.87 -118.33
N MET M 467 -25.64 42.65 -117.94
CA MET M 467 -25.68 44.08 -118.21
C MET M 467 -25.78 44.83 -116.88
N GLY M 468 -24.89 45.81 -116.71
CA GLY M 468 -24.88 46.60 -115.48
C GLY M 468 -23.50 47.19 -115.26
N ASP M 469 -23.25 47.57 -114.01
CA ASP M 469 -21.97 48.14 -113.63
C ASP M 469 -20.85 47.11 -113.55
N GLU M 470 -21.18 45.82 -113.53
CA GLU M 470 -20.19 44.73 -113.48
C GLU M 470 -20.51 43.78 -114.63
N ALA M 471 -19.95 44.07 -115.80
CA ALA M 471 -20.17 43.26 -117.00
C ALA M 471 -18.84 42.83 -117.57
N GLU M 472 -18.69 41.53 -117.83
CA GLU M 472 -17.46 40.98 -118.38
C GLU M 472 -17.81 39.82 -119.30
N VAL M 473 -16.91 39.53 -120.24
CA VAL M 473 -17.08 38.41 -121.16
C VAL M 473 -16.62 37.15 -120.44
N ARG M 474 -17.56 36.26 -120.13
CA ARG M 474 -17.28 34.99 -119.48
C ARG M 474 -17.61 33.85 -120.44
N ILE M 475 -16.62 33.05 -120.79
CA ILE M 475 -16.79 31.95 -121.72
C ILE M 475 -16.73 30.66 -120.92
N TYR M 476 -17.89 30.04 -120.72
CA TYR M 476 -18.01 28.81 -119.95
C TYR M 476 -18.01 27.60 -120.88
N SER M 477 -17.24 26.59 -120.52
CA SER M 477 -17.37 25.26 -121.12
C SER M 477 -18.36 24.43 -120.31
N LEU M 478 -19.21 23.70 -121.00
CA LEU M 478 -20.26 22.95 -120.32
C LEU M 478 -19.73 21.72 -119.58
N ALA M 479 -18.49 21.33 -119.83
CA ALA M 479 -17.89 20.23 -119.07
C ALA M 479 -17.61 20.65 -117.63
N ARG M 480 -17.16 21.89 -117.43
CA ARG M 480 -16.92 22.44 -116.09
C ARG M 480 -17.83 23.63 -115.90
N LYS M 481 -18.98 23.38 -115.26
CA LYS M 481 -19.99 24.41 -115.05
C LYS M 481 -19.72 25.28 -113.83
N TYR M 482 -18.64 25.01 -113.10
CA TYR M 482 -18.30 25.78 -111.91
C TYR M 482 -17.17 26.77 -112.12
N ILE M 483 -16.22 26.46 -112.99
CA ILE M 483 -15.11 27.36 -113.33
C ILE M 483 -15.29 27.84 -114.75
N PRO M 484 -15.22 29.14 -115.02
CA PRO M 484 -15.18 29.62 -116.40
C PRO M 484 -13.85 29.29 -117.05
N LYS M 485 -13.83 29.38 -118.38
CA LYS M 485 -12.61 29.17 -119.14
C LYS M 485 -11.91 30.47 -119.52
N HIS M 486 -12.66 31.55 -119.73
CA HIS M 486 -12.08 32.85 -120.08
C HIS M 486 -12.91 33.93 -119.41
N VAL M 487 -12.22 34.83 -118.70
CA VAL M 487 -12.85 35.91 -117.95
C VAL M 487 -12.36 37.21 -118.61
N LEU M 488 -12.35 37.19 -119.94
CA LEU M 488 -12.05 38.35 -120.79
C LEU M 488 -12.75 39.60 -120.30
N LEU M 489 -11.96 40.61 -119.93
CA LEU M 489 -12.45 41.78 -119.20
C LEU M 489 -11.91 43.04 -119.85
N SER M 490 -12.74 44.06 -119.90
CA SER M 490 -12.40 45.36 -120.47
C SER M 490 -12.42 46.42 -119.39
N GLU M 491 -11.89 47.61 -119.73
CA GLU M 491 -11.82 48.72 -118.80
C GLU M 491 -13.18 49.25 -118.40
N THR M 492 -14.21 49.03 -119.23
CA THR M 492 -15.58 49.45 -118.98
C THR M 492 -16.49 48.25 -119.13
N PRO M 493 -17.65 48.27 -118.47
CA PRO M 493 -18.60 47.15 -118.60
C PRO M 493 -19.09 46.97 -120.03
N SER M 494 -19.26 45.71 -120.42
CA SER M 494 -19.61 45.36 -121.79
C SER M 494 -21.12 45.33 -121.97
N LEU M 495 -21.53 45.24 -123.23
CA LEU M 495 -22.94 45.22 -123.59
C LEU M 495 -23.32 44.04 -124.48
N GLY M 496 -22.47 43.67 -125.41
CA GLY M 496 -22.79 42.61 -126.35
C GLY M 496 -21.53 41.94 -126.87
N LEU M 497 -21.64 40.65 -127.15
CA LEU M 497 -20.51 39.86 -127.62
C LEU M 497 -20.98 38.96 -128.76
N VAL M 498 -20.16 38.85 -129.81
CA VAL M 498 -20.47 38.01 -130.95
C VAL M 498 -19.24 37.18 -131.32
N TRP M 499 -19.50 36.03 -131.96
CA TRP M 499 -18.45 35.11 -132.39
C TRP M 499 -18.24 35.26 -133.89
N TRP M 500 -17.04 35.68 -134.28
CA TRP M 500 -16.73 35.77 -135.71
C TRP M 500 -16.50 34.39 -136.32
N ASP M 501 -15.75 33.54 -135.64
CA ASP M 501 -15.41 32.21 -136.16
C ASP M 501 -15.20 31.28 -134.97
N GLU M 502 -14.52 30.15 -135.22
CA GLU M 502 -14.24 29.20 -134.16
C GLU M 502 -13.27 29.74 -133.10
N ASN M 503 -12.52 30.80 -133.41
CA ASN M 503 -11.54 31.34 -132.48
C ASN M 503 -11.88 32.75 -132.01
N LEU M 504 -12.08 33.70 -132.93
CA LEU M 504 -12.16 35.11 -132.57
C LEU M 504 -13.56 35.46 -132.05
N ILE M 505 -13.60 36.21 -130.96
CA ILE M 505 -14.82 36.74 -130.39
C ILE M 505 -14.60 38.21 -130.05
N PHE M 506 -15.53 39.07 -130.45
CA PHE M 506 -15.43 40.50 -130.23
C PHE M 506 -16.46 40.92 -129.18
N ASN M 507 -16.36 42.18 -128.76
CA ASN M 507 -17.38 42.75 -127.88
C ASN M 507 -17.39 44.27 -128.02
N ILE M 508 -18.49 44.86 -127.56
CA ILE M 508 -18.60 46.29 -127.36
C ILE M 508 -18.81 46.55 -125.86
N ASP M 509 -18.63 47.80 -125.46
CA ASP M 509 -18.67 48.15 -124.05
C ASP M 509 -19.23 49.56 -123.88
N LYS M 510 -19.43 49.93 -122.62
CA LYS M 510 -19.88 51.28 -122.29
C LYS M 510 -18.84 52.34 -122.63
N GLY M 511 -17.56 51.95 -122.65
CA GLY M 511 -16.49 52.83 -123.08
C GLY M 511 -16.32 52.94 -124.57
N THR M 512 -17.17 52.25 -125.34
CA THR M 512 -17.21 52.30 -126.81
C THR M 512 -15.87 51.91 -127.42
N ARG M 513 -15.35 50.76 -127.00
CA ARG M 513 -14.15 50.17 -127.56
C ARG M 513 -14.47 48.81 -128.15
N ILE M 514 -14.17 48.64 -129.44
CA ILE M 514 -14.45 47.38 -130.14
C ILE M 514 -13.24 46.48 -129.89
N ASN M 515 -13.27 45.79 -128.76
CA ASN M 515 -12.18 44.89 -128.40
C ASN M 515 -12.40 43.51 -129.00
N GLY M 516 -11.29 42.84 -129.31
CA GLY M 516 -11.34 41.50 -129.85
C GLY M 516 -10.35 40.59 -129.17
N TRP M 517 -10.76 39.34 -128.97
CA TRP M 517 -9.95 38.36 -128.27
C TRP M 517 -9.83 37.08 -129.09
N ASP M 518 -8.73 36.36 -128.88
CA ASP M 518 -8.48 35.08 -129.54
C ASP M 518 -8.46 34.00 -128.46
N ILE M 519 -9.43 33.08 -128.51
CA ILE M 519 -9.56 32.07 -127.48
C ILE M 519 -8.55 30.94 -127.61
N ASN M 520 -7.81 30.88 -128.71
CA ASN M 520 -6.75 29.89 -128.86
C ASN M 520 -5.40 30.38 -128.32
N LYS M 521 -5.32 31.64 -127.89
CA LYS M 521 -4.09 32.21 -127.34
C LYS M 521 -4.39 32.91 -126.02
N GLU M 522 -5.23 32.30 -125.18
CA GLU M 522 -5.66 32.91 -123.95
C GLU M 522 -5.31 32.00 -122.76
N PRO M 523 -4.87 32.57 -121.63
CA PRO M 523 -4.65 31.75 -120.44
C PRO M 523 -5.94 31.14 -119.93
N THR M 524 -5.82 29.95 -119.34
CA THR M 524 -6.97 29.25 -118.78
C THR M 524 -7.12 29.59 -117.30
N VAL M 525 -8.38 29.80 -116.89
CA VAL M 525 -8.65 30.18 -115.51
C VAL M 525 -8.37 29.03 -114.55
N LEU M 526 -8.51 27.79 -115.03
CA LEU M 526 -8.27 26.63 -114.17
C LEU M 526 -6.82 26.55 -113.73
N GLU M 527 -5.89 26.86 -114.64
CA GLU M 527 -4.47 26.75 -114.33
C GLU M 527 -4.04 27.76 -113.26
N ASN M 528 -4.63 28.96 -113.27
CA ASN M 528 -4.24 30.00 -112.33
C ASN M 528 -4.81 29.78 -110.92
N LEU M 529 -5.83 28.95 -110.78
CA LEU M 529 -6.45 28.77 -109.47
C LEU M 529 -5.57 27.91 -108.57
N SER M 530 -5.73 28.11 -107.26
CA SER M 530 -4.90 27.42 -106.28
C SER M 530 -5.23 25.93 -106.26
N LYS M 531 -4.21 25.10 -106.11
CA LYS M 531 -4.36 23.66 -106.29
C LYS M 531 -4.14 22.86 -105.03
N ASN M 532 -3.30 23.36 -104.11
CA ASN M 532 -3.00 22.64 -102.88
C ASN M 532 -2.82 23.66 -101.75
N THR M 533 -3.04 23.21 -100.53
CA THR M 533 -2.90 24.07 -99.37
C THR M 533 -2.40 23.25 -98.18
N THR M 534 -1.70 23.92 -97.27
CA THR M 534 -1.20 23.29 -96.05
C THR M 534 -1.43 24.20 -94.86
N THR M 535 -1.80 23.58 -93.72
CA THR M 535 -1.92 24.26 -92.43
C THR M 535 -1.37 23.33 -91.35
N TRP M 536 -0.94 23.93 -90.24
CA TRP M 536 -0.44 23.18 -89.09
C TRP M 536 -1.36 23.39 -87.89
N ARG M 537 -1.49 22.35 -87.07
CA ARG M 537 -2.33 22.40 -85.88
C ARG M 537 -1.55 22.67 -84.60
N ASP M 538 -0.37 22.10 -84.46
CA ASP M 538 0.36 22.21 -83.21
C ASP M 538 1.85 22.17 -83.51
N LEU M 539 2.64 21.92 -82.47
CA LEU M 539 4.09 22.04 -82.58
C LEU M 539 4.67 20.87 -83.38
N ASP M 540 4.36 19.64 -82.95
CA ASP M 540 4.95 18.46 -83.57
C ASP M 540 4.38 18.22 -84.96
N GLY M 541 3.10 18.50 -85.17
CA GLY M 541 2.46 18.19 -86.43
C GLY M 541 1.47 17.05 -86.37
N ASN M 542 0.69 16.99 -85.28
CA ASN M 542 -0.36 15.99 -85.17
C ASN M 542 -1.41 16.14 -86.26
N GLY M 543 -1.74 17.38 -86.62
CA GLY M 543 -2.61 17.59 -87.76
C GLY M 543 -1.99 18.44 -88.86
N LEU M 544 -1.72 17.82 -90.00
CA LEU M 544 -1.16 18.50 -91.16
C LEU M 544 -2.01 18.15 -92.37
N LEU M 545 -2.43 19.16 -93.12
CA LEU M 545 -3.41 18.98 -94.18
C LEU M 545 -2.85 19.26 -95.57
N SER M 546 -3.50 18.62 -96.54
CA SER M 546 -3.31 18.85 -97.96
C SER M 546 -4.67 18.65 -98.61
N VAL M 547 -4.71 18.78 -99.93
CA VAL M 547 -5.83 18.30 -100.71
C VAL M 547 -5.30 17.42 -101.84
N ASP M 548 -5.84 16.21 -101.94
CA ASP M 548 -5.47 15.29 -103.01
C ASP M 548 -6.51 15.38 -104.12
N GLN M 549 -6.42 16.48 -104.85
CA GLN M 549 -7.32 16.76 -105.96
C GLN M 549 -6.55 16.67 -107.27
N GLU M 550 -7.20 16.09 -108.27
CA GLU M 550 -6.65 16.04 -109.62
C GLU M 550 -7.30 17.11 -110.49
N ILE M 551 -6.51 17.73 -111.35
CA ILE M 551 -7.04 18.68 -112.31
C ILE M 551 -7.56 17.93 -113.52
N GLY M 552 -8.79 18.22 -113.91
CA GLY M 552 -9.38 17.62 -115.08
C GLY M 552 -9.14 18.44 -116.31
N SER M 553 -9.99 18.25 -117.31
CA SER M 553 -9.94 19.02 -118.53
C SER M 553 -11.27 19.71 -118.76
N TYR M 554 -11.32 20.56 -119.78
CA TYR M 554 -12.56 21.17 -120.22
C TYR M 554 -13.25 20.35 -121.29
N GLU M 555 -12.73 19.15 -121.59
CA GLU M 555 -13.38 18.18 -122.46
C GLU M 555 -13.48 16.85 -121.73
N VAL M 556 -14.58 16.16 -121.94
CA VAL M 556 -14.83 14.89 -121.25
C VAL M 556 -13.93 13.79 -121.82
N ALA M 654 -17.71 15.28 -113.01
CA ALA M 654 -16.58 15.41 -113.91
C ALA M 654 -15.27 15.18 -113.17
N ILE M 655 -15.24 15.59 -111.91
CA ILE M 655 -14.06 15.48 -111.06
C ILE M 655 -14.41 14.59 -109.88
N GLU M 656 -13.52 13.65 -109.56
CA GLU M 656 -13.66 12.86 -108.34
C GLU M 656 -13.58 13.77 -107.12
N PRO M 657 -14.35 13.49 -106.07
CA PRO M 657 -14.31 14.31 -104.85
C PRO M 657 -12.92 14.34 -104.22
N PRO M 658 -12.36 15.53 -104.01
CA PRO M 658 -11.00 15.63 -103.46
C PRO M 658 -10.91 15.12 -102.04
N CYS M 659 -9.77 14.52 -101.72
CA CYS M 659 -9.51 13.94 -100.41
C CYS M 659 -8.57 14.85 -99.64
N ILE M 660 -9.05 15.36 -98.50
CA ILE M 660 -8.21 16.11 -97.58
C ILE M 660 -7.37 15.14 -96.78
N ILE M 661 -6.05 15.33 -96.82
CA ILE M 661 -5.09 14.39 -96.25
C ILE M 661 -4.69 14.92 -94.87
N THR M 662 -5.34 14.41 -93.83
CA THR M 662 -4.96 14.73 -92.46
C THR M 662 -3.97 13.66 -91.98
N LEU M 663 -2.77 14.08 -91.62
CA LEU M 663 -1.69 13.15 -91.31
C LEU M 663 -1.21 13.34 -89.88
N ASP M 664 -1.04 12.22 -89.17
CA ASP M 664 -0.38 12.21 -87.87
C ASP M 664 1.12 12.06 -88.14
N ILE M 665 1.79 13.20 -88.28
CA ILE M 665 3.21 13.20 -88.61
C ILE M 665 4.09 12.55 -87.53
N PRO M 666 3.91 12.84 -86.21
CA PRO M 666 4.76 12.14 -85.22
C PRO M 666 4.59 10.63 -85.19
N GLN M 667 3.37 10.12 -85.34
CA GLN M 667 3.16 8.67 -85.31
C GLN M 667 3.78 8.00 -86.54
N ILE M 668 3.57 8.59 -87.71
CA ILE M 668 4.16 8.07 -88.95
C ILE M 668 5.68 8.12 -88.88
N PHE M 669 6.24 9.22 -88.36
CA PHE M 669 7.69 9.36 -88.27
C PHE M 669 8.27 8.37 -87.28
N ASN M 670 7.59 8.12 -86.17
CA ASN M 670 8.06 7.12 -85.20
C ASN M 670 7.99 5.71 -85.80
N ASN M 671 6.95 5.44 -86.60
CA ASN M 671 6.86 4.15 -87.28
C ASN M 671 8.01 3.96 -88.26
N ILE M 672 8.31 4.98 -89.06
CA ILE M 672 9.39 4.87 -90.04
C ILE M 672 10.74 4.78 -89.33
N ARG M 673 10.90 5.48 -88.20
CA ARG M 673 12.16 5.41 -87.45
C ARG M 673 12.38 4.02 -86.86
N LEU M 674 11.36 3.48 -86.19
CA LEU M 674 11.47 2.13 -85.62
C LEU M 674 11.60 1.06 -86.68
N THR M 675 11.05 1.30 -87.88
CA THR M 675 11.30 0.39 -88.99
C THR M 675 12.75 0.48 -89.46
N LYS M 676 13.28 1.70 -89.56
CA LYS M 676 14.63 1.90 -90.07
C LYS M 676 15.70 1.41 -89.12
N ILE M 677 15.42 1.35 -87.81
CA ILE M 677 16.46 0.97 -86.86
C ILE M 677 16.35 -0.48 -86.40
N ALA M 678 15.31 -1.20 -86.82
CA ALA M 678 15.24 -2.63 -86.54
C ALA M 678 16.09 -3.47 -87.49
N HIS M 679 16.59 -2.87 -88.58
CA HIS M 679 17.39 -3.54 -89.61
C HIS M 679 16.73 -4.79 -90.18
N ASN M 694 7.33 9.13 -76.93
CA ASN M 694 6.10 8.94 -77.68
C ASN M 694 5.02 9.92 -77.22
N SER M 695 4.17 10.33 -78.18
CA SER M 695 3.05 11.25 -77.99
C SER M 695 3.52 12.57 -77.38
N PRO M 696 4.22 13.42 -78.14
CA PRO M 696 4.78 14.65 -77.55
C PRO M 696 3.75 15.70 -77.18
N VAL M 697 2.49 15.57 -77.59
CA VAL M 697 1.45 16.44 -77.06
C VAL M 697 1.22 16.17 -75.58
N GLU M 698 1.20 14.90 -75.19
CA GLU M 698 1.12 14.54 -73.77
C GLU M 698 2.38 14.97 -73.03
N LYS M 699 3.53 14.93 -73.69
CA LYS M 699 4.76 15.45 -73.09
C LYS M 699 4.67 16.95 -72.86
N PHE M 700 4.10 17.69 -73.82
CA PHE M 700 3.91 19.13 -73.65
C PHE M 700 2.95 19.42 -72.50
N LYS M 701 1.89 18.62 -72.38
CA LYS M 701 0.97 18.76 -71.25
C LYS M 701 1.66 18.50 -69.92
N TYR M 702 2.49 17.45 -69.87
CA TYR M 702 3.21 17.10 -68.65
C TYR M 702 4.19 18.20 -68.24
N LEU M 703 4.93 18.74 -69.21
CA LEU M 703 5.90 19.78 -68.87
C LEU M 703 5.26 21.13 -68.65
N ALA M 704 4.06 21.36 -69.17
CA ALA M 704 3.33 22.58 -68.81
C ALA M 704 2.75 22.47 -67.41
N ARG M 705 2.32 21.27 -67.01
CA ARG M 705 1.66 21.11 -65.72
C ARG M 705 2.67 21.01 -64.57
N GLN M 706 3.72 20.21 -64.72
CA GLN M 706 4.55 19.80 -63.60
C GLN M 706 5.80 20.65 -63.41
N LEU M 707 6.02 21.65 -64.24
CA LEU M 707 7.19 22.51 -64.07
C LEU M 707 6.86 23.69 -63.17
N LYS M 708 7.92 24.35 -62.70
CA LYS M 708 7.80 25.52 -61.82
C LYS M 708 8.16 26.75 -62.64
N PHE M 709 7.16 27.32 -63.30
CA PHE M 709 7.38 28.52 -64.11
C PHE M 709 7.53 29.77 -63.24
N SER M 710 6.94 29.77 -62.06
CA SER M 710 6.80 30.97 -61.26
C SER M 710 7.90 31.04 -60.21
N TYR M 711 8.46 32.25 -60.06
CA TYR M 711 9.43 32.49 -58.98
C TYR M 711 8.75 32.47 -57.62
N ILE M 712 7.54 33.02 -57.53
CA ILE M 712 6.81 33.05 -56.26
C ILE M 712 5.94 31.80 -56.13
N VAL M 836 21.12 49.34 -47.74
CA VAL M 836 21.52 48.73 -49.00
C VAL M 836 21.73 47.23 -48.82
N GLU M 837 21.82 46.79 -47.57
CA GLU M 837 21.99 45.37 -47.28
C GLU M 837 20.72 44.58 -47.53
N ALA M 838 19.55 45.23 -47.47
CA ALA M 838 18.29 44.54 -47.74
C ALA M 838 18.21 44.09 -49.20
N GLU M 839 18.73 44.90 -50.12
CA GLU M 839 18.78 44.51 -51.52
C GLU M 839 19.68 43.30 -51.73
N LEU M 840 20.83 43.27 -51.03
CA LEU M 840 21.73 42.13 -51.12
C LEU M 840 21.09 40.86 -50.56
N GLN M 841 20.38 40.99 -49.43
CA GLN M 841 19.72 39.83 -48.85
C GLN M 841 18.58 39.32 -49.73
N GLU M 842 17.83 40.25 -50.35
CA GLU M 842 16.78 39.86 -51.27
C GLU M 842 17.35 39.17 -52.51
N LYS M 843 18.49 39.67 -53.02
CA LYS M 843 19.13 39.03 -54.16
C LYS M 843 19.64 37.63 -53.81
N ILE M 844 20.18 37.46 -52.60
CA ILE M 844 20.66 36.15 -52.17
C ILE M 844 19.50 35.17 -52.02
N GLN M 845 18.38 35.63 -51.44
CA GLN M 845 17.21 34.78 -51.30
C GLN M 845 16.61 34.42 -52.65
N THR M 846 16.61 35.37 -53.58
CA THR M 846 16.15 35.11 -54.95
C THR M 846 17.03 34.07 -55.62
N LEU M 847 18.35 34.16 -55.45
CA LEU M 847 19.24 33.17 -56.03
C LEU M 847 19.02 31.79 -55.39
N VAL M 848 18.75 31.76 -54.08
CA VAL M 848 18.58 30.48 -53.39
C VAL M 848 17.31 29.76 -53.85
N ASP M 849 16.18 30.48 -53.88
CA ASP M 849 14.98 29.76 -54.31
C ASP M 849 14.91 29.60 -55.82
N LEU M 850 15.67 30.37 -56.60
CA LEU M 850 15.82 30.05 -58.01
C LEU M 850 16.65 28.78 -58.21
N ILE M 851 17.65 28.56 -57.35
CA ILE M 851 18.39 27.30 -57.36
C ILE M 851 17.44 26.15 -57.03
N SER M 852 16.54 26.37 -56.07
CA SER M 852 15.55 25.34 -55.72
C SER M 852 14.60 25.05 -56.89
N ILE M 853 14.16 26.10 -57.60
CA ILE M 853 13.29 25.92 -58.76
C ILE M 853 14.02 25.18 -59.88
N ALA M 854 15.30 25.52 -60.10
CA ALA M 854 16.10 24.84 -61.11
C ALA M 854 16.30 23.38 -60.77
N THR M 855 16.52 23.07 -59.49
CA THR M 855 16.65 21.69 -59.04
C THR M 855 15.34 20.92 -59.25
N HIS M 856 14.20 21.55 -58.96
CA HIS M 856 12.91 20.91 -59.18
C HIS M 856 12.67 20.65 -60.67
N ASN M 857 13.04 21.60 -61.53
CA ASN M 857 12.85 21.43 -62.96
C ASN M 857 13.76 20.32 -63.50
N ALA M 858 14.99 20.25 -63.00
CA ALA M 858 15.89 19.16 -63.38
C ALA M 858 15.35 17.81 -62.92
N SER M 859 14.80 17.76 -61.71
CA SER M 859 14.23 16.52 -61.19
C SER M 859 13.01 16.08 -62.00
N VAL M 860 12.15 17.02 -62.39
CA VAL M 860 10.94 16.62 -63.10
C VAL M 860 11.25 16.29 -64.56
N TYR M 861 12.32 16.86 -65.13
CA TYR M 861 12.83 16.34 -66.40
C TYR M 861 13.41 14.94 -66.25
N LEU M 862 14.16 14.69 -65.16
CA LEU M 862 14.73 13.36 -64.96
C LEU M 862 13.65 12.32 -64.65
N SER M 863 12.47 12.75 -64.21
CA SER M 863 11.38 11.81 -63.97
C SER M 863 10.88 11.17 -65.27
N ILE M 864 10.80 11.95 -66.36
CA ILE M 864 10.31 11.42 -67.62
C ILE M 864 11.43 11.00 -68.56
N ASP M 865 12.69 11.06 -68.10
CA ASP M 865 13.87 10.56 -68.81
C ASP M 865 14.07 11.25 -70.16
N ASP M 866 14.29 12.57 -70.11
CA ASP M 866 14.85 13.30 -71.23
C ASP M 866 16.06 14.11 -70.72
N LEU M 867 17.25 13.54 -70.94
CA LEU M 867 18.47 14.09 -70.38
C LEU M 867 18.90 15.40 -71.03
N THR M 868 18.43 15.68 -72.25
CA THR M 868 18.90 16.84 -73.01
C THR M 868 18.47 18.17 -72.40
N ASN M 869 17.44 18.19 -71.55
CA ASN M 869 17.05 19.40 -70.84
C ASN M 869 17.34 19.33 -69.34
N PHE M 870 17.49 18.13 -68.80
CA PHE M 870 18.06 17.96 -67.47
C PHE M 870 19.47 18.53 -67.41
N LYS M 871 20.26 18.29 -68.46
CA LYS M 871 21.59 18.89 -68.55
C LYS M 871 21.51 20.41 -68.58
N ILE M 872 20.52 20.96 -69.30
CA ILE M 872 20.35 22.41 -69.40
C ILE M 872 20.05 23.00 -68.03
N TRP M 873 19.13 22.37 -67.30
CA TRP M 873 18.78 22.93 -66.00
C TRP M 873 19.85 22.67 -64.95
N ILE M 874 20.67 21.62 -65.10
CA ILE M 874 21.82 21.45 -64.24
C ILE M 874 22.85 22.54 -64.49
N LEU M 875 23.05 22.90 -65.77
CA LEU M 875 23.94 24.01 -66.11
C LEU M 875 23.43 25.33 -65.52
N ILE M 876 22.13 25.57 -65.60
CA ILE M 876 21.54 26.79 -65.06
C ILE M 876 21.65 26.81 -63.53
N ARG M 877 21.42 25.67 -62.88
CA ARG M 877 21.55 25.57 -61.43
C ARG M 877 22.98 25.85 -60.97
N ASP M 878 23.96 25.30 -61.68
CA ASP M 878 25.35 25.54 -61.27
C ASP M 878 25.80 26.96 -61.59
N SER M 879 25.27 27.57 -62.65
CA SER M 879 25.55 28.98 -62.90
C SER M 879 24.96 29.87 -61.80
N LEU M 880 23.74 29.56 -61.36
CA LEU M 880 23.14 30.30 -60.25
C LEU M 880 23.91 30.08 -58.95
N LEU M 881 24.43 28.87 -58.74
CA LEU M 881 25.25 28.62 -57.56
C LEU M 881 26.56 29.41 -57.61
N TRP M 882 27.14 29.54 -58.81
CA TRP M 882 28.34 30.36 -59.00
C TRP M 882 28.06 31.82 -58.69
N ASP M 883 26.92 32.33 -59.17
CA ASP M 883 26.53 33.70 -58.87
C ASP M 883 26.25 33.89 -57.39
N LEU M 884 25.63 32.90 -56.74
CA LEU M 884 25.36 32.97 -55.31
C LEU M 884 26.65 32.96 -54.50
N LYS M 885 27.64 32.16 -54.91
CA LYS M 885 28.89 32.12 -54.16
C LYS M 885 29.70 33.39 -54.37
N TRP M 886 29.57 34.04 -55.53
CA TRP M 886 30.26 35.32 -55.70
C TRP M 886 29.50 36.49 -55.08
N MET M 887 28.19 36.35 -54.86
CA MET M 887 27.50 37.37 -54.07
C MET M 887 27.80 37.21 -52.58
N THR M 888 27.91 35.96 -52.12
CA THR M 888 28.25 35.70 -50.72
C THR M 888 29.68 36.10 -50.41
N SER M 889 30.62 35.81 -51.34
CA SER M 889 32.01 36.20 -51.14
C SER M 889 32.20 37.71 -51.17
N SER M 890 31.35 38.42 -51.91
CA SER M 890 31.43 39.88 -51.97
C SER M 890 30.76 40.51 -50.75
N ILE M 1154 38.57 42.84 -74.01
CA ILE M 1154 38.25 41.81 -73.03
C ILE M 1154 36.78 41.43 -73.18
N ALA M 1155 36.46 40.16 -72.95
CA ALA M 1155 35.11 39.65 -73.05
C ALA M 1155 34.82 38.76 -71.86
N ASP M 1156 33.53 38.52 -71.62
CA ASP M 1156 33.12 37.70 -70.50
C ASP M 1156 33.44 36.23 -70.77
N PRO M 1157 33.68 35.44 -69.73
CA PRO M 1157 33.91 33.99 -69.93
C PRO M 1157 32.64 33.30 -70.35
N PRO M 1158 32.74 32.14 -71.01
CA PRO M 1158 31.51 31.43 -71.42
C PRO M 1158 30.73 30.84 -70.26
N TRP M 1159 31.33 30.69 -69.09
CA TRP M 1159 30.61 30.19 -67.92
C TRP M 1159 30.04 31.31 -67.06
N ASP M 1160 30.09 32.56 -67.54
CA ASP M 1160 29.39 33.65 -66.88
C ASP M 1160 27.89 33.38 -66.93
N THR M 1161 27.19 33.79 -65.87
CA THR M 1161 25.80 33.41 -65.69
C THR M 1161 24.90 34.00 -66.77
N LYS M 1162 25.02 35.31 -67.03
CA LYS M 1162 24.20 35.95 -68.04
C LYS M 1162 24.50 35.41 -69.44
N LYS M 1163 25.78 35.25 -69.77
CA LYS M 1163 26.17 34.78 -71.10
C LYS M 1163 25.73 33.34 -71.33
N LEU M 1164 25.91 32.48 -70.35
CA LEU M 1164 25.53 31.08 -70.51
C LEU M 1164 24.02 30.92 -70.56
N ILE M 1165 23.29 31.67 -69.72
CA ILE M 1165 21.83 31.58 -69.74
C ILE M 1165 21.28 32.11 -71.05
N LYS M 1166 21.87 33.20 -71.58
CA LYS M 1166 21.44 33.73 -72.87
C LYS M 1166 21.78 32.76 -74.00
N GLN M 1167 22.90 32.05 -73.92
CA GLN M 1167 23.26 31.11 -74.98
C GLN M 1167 22.36 29.88 -74.95
N LEU M 1168 22.02 29.39 -73.75
CA LEU M 1168 21.06 28.29 -73.65
C LEU M 1168 19.68 28.72 -74.14
N TYR M 1169 19.30 29.97 -73.86
CA TYR M 1169 18.06 30.53 -74.39
C TYR M 1169 18.07 30.56 -75.91
N ASN M 1170 19.19 30.97 -76.49
CA ASN M 1170 19.28 31.07 -77.96
C ASN M 1170 19.27 29.69 -78.60
N GLN M 1171 19.93 28.72 -77.99
CA GLN M 1171 19.87 27.35 -78.49
C GLN M 1171 18.47 26.77 -78.37
N ALA M 1172 17.76 27.09 -77.27
CA ALA M 1172 16.39 26.62 -77.11
C ALA M 1172 15.45 27.24 -78.14
N THR M 1173 15.59 28.54 -78.39
CA THR M 1173 14.69 29.18 -79.35
C THR M 1173 15.10 28.94 -80.80
N GLU M 1174 16.30 28.42 -81.05
CA GLU M 1174 16.66 27.96 -82.39
C GLU M 1174 16.24 26.52 -82.61
N THR M 1175 16.31 25.67 -81.58
CA THR M 1175 15.91 24.28 -81.73
C THR M 1175 14.40 24.15 -81.84
N GLY M 1176 13.67 24.86 -80.98
CA GLY M 1176 12.22 24.81 -80.99
C GLY M 1176 11.61 24.38 -79.68
N ASN M 1177 12.38 24.46 -78.60
CA ASN M 1177 11.92 24.09 -77.27
C ASN M 1177 11.20 25.28 -76.66
N VAL M 1178 9.87 25.31 -76.81
CA VAL M 1178 9.07 26.45 -76.36
C VAL M 1178 9.03 26.49 -74.84
N VAL M 1179 8.88 25.33 -74.20
CA VAL M 1179 8.73 25.25 -72.75
C VAL M 1179 9.99 25.78 -72.05
N LEU M 1180 11.16 25.39 -72.55
CA LEU M 1180 12.40 25.75 -71.87
C LEU M 1180 12.70 27.25 -72.03
N THR M 1181 12.50 27.80 -73.23
CA THR M 1181 12.75 29.23 -73.42
C THR M 1181 11.74 30.07 -72.65
N VAL M 1182 10.49 29.61 -72.55
CA VAL M 1182 9.48 30.35 -71.81
C VAL M 1182 9.76 30.28 -70.30
N ASN M 1183 10.23 29.12 -69.81
CA ASN M 1183 10.62 29.00 -68.41
C ASN M 1183 11.79 29.91 -68.08
N ILE M 1184 12.79 29.99 -68.96
CA ILE M 1184 13.90 30.90 -68.76
C ILE M 1184 13.44 32.35 -68.81
N LEU M 1185 12.45 32.65 -69.67
CA LEU M 1185 11.95 34.02 -69.74
C LEU M 1185 11.16 34.42 -68.50
N PHE M 1186 10.42 33.51 -67.87
CA PHE M 1186 9.86 33.87 -66.56
C PHE M 1186 10.94 34.02 -65.50
N LEU M 1187 11.82 33.03 -65.39
CA LEU M 1187 12.67 32.98 -64.21
C LEU M 1187 13.85 33.96 -64.28
N PHE M 1188 14.42 34.19 -65.46
CA PHE M 1188 15.68 34.93 -65.56
C PHE M 1188 15.60 36.05 -66.57
N GLN M 1189 14.57 36.89 -66.48
CA GLN M 1189 14.47 38.07 -67.34
C GLN M 1189 14.76 39.37 -66.61
N THR M 1190 14.17 39.54 -65.42
CA THR M 1190 14.38 40.77 -64.66
C THR M 1190 15.81 40.87 -64.13
N ILE M 1191 16.35 39.76 -63.64
CA ILE M 1191 17.68 39.80 -63.06
C ILE M 1191 18.76 39.74 -64.14
N TYR M 1192 18.54 38.97 -65.20
CA TYR M 1192 19.44 38.90 -66.35
C TYR M 1192 18.68 39.37 -67.58
N GLN M 1193 19.03 40.56 -68.09
CA GLN M 1193 18.33 41.10 -69.24
C GLN M 1193 18.69 40.32 -70.50
N ILE M 1194 17.90 39.30 -70.81
CA ILE M 1194 18.21 38.41 -71.93
C ILE M 1194 17.91 39.08 -73.26
N THR M 1195 16.64 39.42 -73.49
CA THR M 1195 16.24 40.13 -74.70
C THR M 1195 15.48 41.41 -74.34
N GLU M 1196 14.91 42.05 -75.36
CA GLU M 1196 14.02 43.17 -75.12
C GLU M 1196 12.73 42.71 -74.45
N ILE M 1197 12.06 43.65 -73.78
CA ILE M 1197 10.81 43.35 -73.11
C ILE M 1197 9.72 42.96 -74.11
N ASP M 1198 9.77 43.52 -75.32
CA ASP M 1198 8.80 43.20 -76.35
C ASP M 1198 8.90 41.74 -76.77
N ILE M 1199 10.12 41.25 -76.99
CA ILE M 1199 10.33 39.87 -77.44
C ILE M 1199 9.92 38.89 -76.34
N ALA M 1200 10.27 39.20 -75.09
CA ALA M 1200 9.91 38.33 -73.97
C ALA M 1200 8.40 38.27 -73.78
N LYS M 1201 7.74 39.44 -73.82
CA LYS M 1201 6.29 39.48 -73.65
C LYS M 1201 5.58 38.80 -74.82
N ASP M 1202 6.12 38.94 -76.03
CA ASP M 1202 5.54 38.25 -77.18
C ASP M 1202 5.68 36.74 -77.06
N ALA M 1203 6.82 36.27 -76.54
CA ALA M 1203 7.01 34.84 -76.33
C ALA M 1203 6.04 34.31 -75.27
N ILE M 1204 5.85 35.06 -74.19
CA ILE M 1204 4.90 34.63 -73.15
C ILE M 1204 3.47 34.62 -73.70
N ALA M 1205 3.12 35.63 -74.51
CA ALA M 1205 1.79 35.68 -75.10
C ALA M 1205 1.57 34.53 -76.08
N HIS M 1206 2.59 34.20 -76.88
CA HIS M 1206 2.47 33.08 -77.81
C HIS M 1206 2.38 31.75 -77.08
N PHE M 1207 3.11 31.62 -75.96
CA PHE M 1207 3.00 30.40 -75.15
C PHE M 1207 1.61 30.26 -74.55
N LEU M 1208 1.03 31.38 -74.09
CA LEU M 1208 -0.31 31.32 -73.52
C LEU M 1208 -1.37 31.04 -74.58
N LEU M 1209 -1.19 31.60 -75.78
CA LEU M 1209 -2.09 31.28 -76.89
C LEU M 1209 -1.96 29.82 -77.31
N LEU M 1210 -0.74 29.28 -77.25
CA LEU M 1210 -0.51 27.87 -77.55
C LEU M 1210 -1.17 26.97 -76.51
N LEU M 1211 -1.10 27.38 -75.23
CA LEU M 1211 -1.81 26.65 -74.18
C LEU M 1211 -3.31 26.74 -74.34
N HIS M 1212 -3.81 27.88 -74.83
CA HIS M 1212 -5.23 28.02 -75.10
C HIS M 1212 -5.68 27.20 -76.30
N ARG M 1213 -4.76 26.93 -77.24
CA ARG M 1213 -5.11 26.12 -78.42
C ARG M 1213 -5.43 24.69 -78.03
N TYR M 1214 -4.65 24.12 -77.12
CA TYR M 1214 -5.05 22.87 -76.48
C TYR M 1214 -6.11 23.17 -75.41
N GLU M 1215 -6.70 22.11 -74.87
CA GLU M 1215 -7.64 22.27 -73.76
C GLU M 1215 -6.92 22.30 -72.42
N LEU M 1216 -5.92 23.18 -72.32
CA LEU M 1216 -5.13 23.39 -71.10
C LEU M 1216 -5.36 24.83 -70.68
N PHE M 1217 -6.43 25.06 -69.92
CA PHE M 1217 -6.76 26.41 -69.48
C PHE M 1217 -6.37 26.68 -68.03
N GLY M 1218 -6.43 25.67 -67.17
CA GLY M 1218 -5.96 25.86 -65.80
C GLY M 1218 -4.46 26.06 -65.74
N ILE M 1219 -3.72 25.40 -66.63
CA ILE M 1219 -2.28 25.60 -66.73
C ILE M 1219 -1.98 27.03 -67.20
N ALA M 1220 -2.76 27.52 -68.17
CA ALA M 1220 -2.59 28.90 -68.62
C ALA M 1220 -2.95 29.90 -67.51
N ALA M 1221 -3.94 29.56 -66.69
CA ALA M 1221 -4.28 30.41 -65.56
C ALA M 1221 -3.16 30.44 -64.52
N ASP M 1222 -2.54 29.28 -64.25
CA ASP M 1222 -1.39 29.22 -63.37
C ASP M 1222 -0.22 30.05 -63.91
N VAL M 1223 -0.01 29.98 -65.23
CA VAL M 1223 1.07 30.73 -65.86
C VAL M 1223 0.82 32.24 -65.78
N LEU M 1224 -0.42 32.68 -66.07
CA LEU M 1224 -0.74 34.09 -66.09
C LEU M 1224 -0.92 34.69 -64.70
N LYS M 1225 -1.21 33.89 -63.68
CA LYS M 1225 -1.45 34.42 -62.34
C LYS M 1225 -0.18 35.00 -61.72
N TYR M 1226 0.96 34.35 -61.93
CA TYR M 1226 2.21 34.77 -61.35
C TYR M 1226 3.20 35.27 -62.40
N CYS M 1227 2.70 35.86 -63.47
CA CYS M 1227 3.55 36.40 -64.51
C CYS M 1227 4.14 37.74 -64.08
N PRO M 1228 5.47 37.91 -64.15
CA PRO M 1228 6.05 39.21 -63.77
C PRO M 1228 5.68 40.35 -64.71
N PHE M 1229 5.24 40.05 -65.93
CA PHE M 1229 4.78 41.07 -66.86
C PHE M 1229 3.27 41.21 -66.72
N GLU M 1230 2.81 42.41 -66.38
CA GLU M 1230 1.43 42.62 -65.94
C GLU M 1230 0.46 42.85 -67.10
N ASP M 1231 0.94 43.00 -68.32
CA ASP M 1231 0.09 43.38 -69.46
C ASP M 1231 0.30 42.39 -70.60
N ILE M 1232 0.23 41.10 -70.29
CA ILE M 1232 0.46 40.08 -71.31
C ILE M 1232 -0.79 39.85 -72.14
N MET M 1233 -1.89 39.45 -71.50
CA MET M 1233 -3.14 39.18 -72.19
C MET M 1233 -4.19 40.17 -71.71
N GLY M 1234 -4.50 41.14 -72.55
CA GLY M 1234 -5.48 42.15 -72.21
C GLY M 1234 -4.85 43.37 -71.58
N SER M 1235 -5.45 44.53 -71.86
CA SER M 1235 -4.99 45.80 -71.30
C SER M 1235 -6.07 46.52 -70.52
N GLU M 1236 -7.22 45.90 -70.29
CA GLU M 1236 -8.31 46.52 -69.56
C GLU M 1236 -8.26 46.23 -68.06
N GLY M 1237 -7.24 45.51 -67.60
CA GLY M 1237 -7.11 45.22 -66.19
C GLY M 1237 -8.00 44.07 -65.75
N ASP M 1238 -9.02 44.38 -64.96
CA ASP M 1238 -9.96 43.36 -64.46
C ASP M 1238 -11.04 43.16 -65.50
N GLN M 1239 -10.84 42.16 -66.36
CA GLN M 1239 -11.84 41.80 -67.36
C GLN M 1239 -12.84 40.77 -66.85
N SER M 1240 -12.61 40.20 -65.68
CA SER M 1240 -13.53 39.23 -65.08
C SER M 1240 -14.31 39.82 -63.92
N SER M 1241 -14.24 41.13 -63.72
CA SER M 1241 -14.96 41.78 -62.63
C SER M 1241 -16.44 41.89 -62.99
N ILE M 1242 -17.30 41.50 -62.05
CA ILE M 1242 -18.75 41.54 -62.23
C ILE M 1242 -19.31 42.43 -61.13
N ARG M 1243 -19.56 43.70 -61.46
CA ARG M 1243 -20.19 44.60 -60.51
C ARG M 1243 -21.69 44.45 -60.59
N LEU M 1244 -22.33 44.46 -59.43
CA LEU M 1244 -23.76 44.21 -59.32
C LEU M 1244 -24.49 45.42 -58.75
N PHE M 1245 -25.72 45.61 -59.20
CA PHE M 1245 -26.63 46.55 -58.56
C PHE M 1245 -27.47 45.79 -57.52
N CYS M 1246 -27.88 46.51 -56.49
CA CYS M 1246 -28.64 45.87 -55.41
C CYS M 1246 -30.03 45.49 -55.88
N GLU M 1247 -30.49 44.32 -55.42
CA GLU M 1247 -31.82 43.83 -55.75
C GLU M 1247 -32.94 44.57 -55.01
N ARG M 1248 -32.61 45.35 -53.99
CA ARG M 1248 -33.59 46.05 -53.18
C ARG M 1248 -33.62 47.55 -53.42
N CYS M 1249 -32.46 48.20 -53.43
CA CYS M 1249 -32.39 49.65 -53.56
C CYS M 1249 -31.97 50.11 -54.95
N GLY M 1250 -31.25 49.28 -55.69
CA GLY M 1250 -30.86 49.62 -57.06
C GLY M 1250 -29.53 50.32 -57.21
N GLU M 1251 -28.90 50.74 -56.11
CA GLU M 1251 -27.57 51.33 -56.22
C GLU M 1251 -26.52 50.24 -56.42
N LEU M 1252 -25.36 50.67 -56.92
CA LEU M 1252 -24.29 49.74 -57.24
C LEU M 1252 -23.64 49.20 -55.97
N ILE M 1253 -23.38 47.89 -55.95
CA ILE M 1253 -22.71 47.26 -54.83
C ILE M 1253 -21.21 47.49 -54.96
N THR M 1254 -20.71 48.57 -54.36
CA THR M 1254 -19.29 48.83 -54.27
C THR M 1254 -18.72 48.64 -52.87
N ASN M 1255 -19.52 48.89 -51.83
CA ASN M 1255 -19.19 48.59 -50.43
C ASN M 1255 -17.88 49.23 -49.99
N GLU M 1256 -17.71 50.51 -50.34
CA GLU M 1256 -16.46 51.20 -50.03
C GLU M 1256 -16.33 51.51 -48.55
N SER M 1257 -17.45 51.78 -47.87
CA SER M 1257 -17.42 52.07 -46.43
C SER M 1257 -16.99 50.84 -45.64
N SER M 1258 -17.50 49.66 -46.01
CA SER M 1258 -17.11 48.44 -45.32
C SER M 1258 -15.64 48.11 -45.58
N LYS M 1259 -15.16 48.34 -46.80
CA LYS M 1259 -13.75 48.11 -47.11
C LYS M 1259 -12.85 49.07 -46.34
N GLU M 1260 -13.28 50.33 -46.21
CA GLU M 1260 -12.51 51.31 -45.43
C GLU M 1260 -12.45 50.92 -43.96
N LYS M 1261 -13.58 50.53 -43.39
CA LYS M 1261 -13.62 50.14 -41.98
C LYS M 1261 -12.79 48.89 -41.72
N LEU M 1262 -12.87 47.90 -42.61
CA LEU M 1262 -12.10 46.67 -42.42
C LEU M 1262 -10.61 46.91 -42.65
N ARG M 1263 -10.25 47.81 -43.57
CA ARG M 1263 -8.85 48.16 -43.76
C ARG M 1263 -8.30 48.89 -42.53
N ALA M 1264 -9.08 49.78 -41.94
CA ALA M 1264 -8.65 50.46 -40.72
C ALA M 1264 -8.50 49.48 -39.57
N GLU M 1265 -9.42 48.53 -39.44
CA GLU M 1265 -9.34 47.54 -38.36
C GLU M 1265 -8.16 46.59 -38.57
N ALA M 1266 -7.89 46.21 -39.81
CA ALA M 1266 -6.74 45.35 -40.09
C ALA M 1266 -5.41 46.11 -39.98
N GLN M 1267 -5.42 47.43 -40.16
CA GLN M 1267 -4.21 48.21 -39.92
C GLN M 1267 -3.95 48.39 -38.43
N GLN M 1268 -5.00 48.61 -37.64
CA GLN M 1268 -4.82 48.73 -36.20
C GLN M 1268 -4.50 47.40 -35.53
N THR M 1269 -4.86 46.28 -36.14
CA THR M 1269 -4.56 44.95 -35.63
C THR M 1269 -3.45 44.32 -36.48
N GLY M 1270 -3.18 43.04 -36.21
CA GLY M 1270 -2.11 42.35 -36.90
C GLY M 1270 -2.53 41.09 -37.62
N ASN M 1271 -3.74 41.07 -38.17
CA ASN M 1271 -4.24 39.92 -38.90
C ASN M 1271 -4.86 40.36 -40.22
N LYS M 1272 -4.77 39.50 -41.22
CA LYS M 1272 -5.42 39.72 -42.51
C LYS M 1272 -6.76 39.01 -42.63
N LYS M 1273 -7.22 38.34 -41.58
CA LYS M 1273 -8.49 37.62 -41.64
C LYS M 1273 -9.69 38.52 -41.41
N ILE M 1274 -9.48 39.74 -40.91
CA ILE M 1274 -10.57 40.70 -40.78
C ILE M 1274 -11.03 41.17 -42.16
N MET M 1275 -10.08 41.31 -43.09
CA MET M 1275 -10.43 41.73 -44.45
C MET M 1275 -11.18 40.66 -45.23
N ASP M 1276 -11.24 39.42 -44.73
CA ASP M 1276 -12.05 38.39 -45.35
C ASP M 1276 -13.54 38.59 -45.10
N LYS M 1277 -13.92 39.51 -44.20
CA LYS M 1277 -15.31 39.85 -43.99
C LYS M 1277 -15.88 40.75 -45.09
N PHE M 1278 -15.02 41.29 -45.95
CA PHE M 1278 -15.50 42.11 -47.06
C PHE M 1278 -16.11 41.23 -48.15
N GLY M 1279 -17.22 41.70 -48.72
CA GLY M 1279 -17.88 40.95 -49.77
C GLY M 1279 -18.90 41.82 -50.47
N TYR M 1280 -19.41 41.30 -51.58
CA TYR M 1280 -20.43 41.97 -52.37
C TYR M 1280 -21.78 41.29 -52.24
N TRP M 1281 -21.95 40.46 -51.22
CA TRP M 1281 -23.22 39.81 -50.92
C TRP M 1281 -24.12 40.66 -50.04
N TYR M 1282 -23.66 41.84 -49.62
CA TYR M 1282 -24.42 42.76 -48.80
C TYR M 1282 -24.32 44.15 -49.39
N CYS M 1283 -25.31 44.97 -49.06
CA CYS M 1283 -25.34 46.36 -49.49
C CYS M 1283 -25.12 47.26 -48.28
N ASP M 1284 -24.27 48.28 -48.46
CA ASP M 1284 -24.07 49.26 -47.40
C ASP M 1284 -25.08 50.39 -47.45
N SER M 1285 -25.67 50.67 -48.61
CA SER M 1285 -26.60 51.77 -48.74
C SER M 1285 -27.94 51.44 -48.07
N CYS M 1286 -28.47 50.25 -48.33
CA CYS M 1286 -29.78 49.85 -47.83
C CYS M 1286 -29.70 48.83 -46.70
N LYS M 1287 -28.49 48.48 -46.24
CA LYS M 1287 -28.27 47.53 -45.14
C LYS M 1287 -28.89 46.16 -45.41
N LYS M 1288 -28.77 45.68 -46.64
CA LYS M 1288 -29.16 44.30 -46.94
C LYS M 1288 -28.20 43.34 -46.24
N LYS M 1289 -28.74 42.31 -45.59
CA LYS M 1289 -27.91 41.45 -44.76
C LYS M 1289 -27.09 40.47 -45.59
N ASN M 1290 -27.74 39.61 -46.36
CA ASN M 1290 -27.03 38.58 -47.11
C ASN M 1290 -27.86 38.17 -48.30
N THR M 1291 -27.21 37.45 -49.21
CA THR M 1291 -27.86 36.83 -50.36
C THR M 1291 -28.16 35.38 -50.03
N SER M 1292 -29.39 34.95 -50.32
CA SER M 1292 -29.83 33.61 -49.98
C SER M 1292 -29.82 32.71 -51.20
N CYS M 1293 -29.51 31.43 -50.96
CA CYS M 1293 -29.55 30.44 -52.02
C CYS M 1293 -30.99 30.22 -52.48
N VAL M 1294 -31.14 29.91 -53.77
CA VAL M 1294 -32.48 29.73 -54.33
C VAL M 1294 -33.09 28.39 -53.94
N LEU M 1295 -32.29 27.44 -53.46
CA LEU M 1295 -32.78 26.13 -53.06
C LEU M 1295 -32.85 25.95 -51.55
N CYS M 1296 -31.75 26.21 -50.84
CA CYS M 1296 -31.68 25.93 -49.40
C CYS M 1296 -31.92 27.16 -48.54
N GLU M 1297 -31.96 28.36 -49.13
CA GLU M 1297 -32.23 29.62 -48.42
C GLU M 1297 -31.24 29.90 -47.30
N ARG M 1298 -30.00 29.48 -47.48
CA ARG M 1298 -28.89 29.70 -46.56
C ARG M 1298 -28.02 30.85 -47.06
N PRO M 1299 -27.21 31.46 -46.18
CA PRO M 1299 -26.32 32.53 -46.64
C PRO M 1299 -25.28 32.03 -47.65
N LEU M 1300 -24.90 32.94 -48.54
CA LEU M 1300 -24.08 32.60 -49.70
C LEU M 1300 -22.99 33.65 -49.84
N LYS M 1301 -21.74 33.23 -49.70
CA LYS M 1301 -20.66 34.20 -49.51
C LYS M 1301 -19.50 34.03 -50.49
N LYS M 1302 -19.14 32.80 -50.85
CA LYS M 1302 -17.85 32.56 -51.48
C LYS M 1302 -17.91 32.04 -52.90
N LEU M 1303 -18.92 31.27 -53.27
CA LEU M 1303 -19.06 30.80 -54.65
C LEU M 1303 -20.54 30.58 -54.95
N THR M 1304 -21.01 31.12 -56.07
CA THR M 1304 -22.40 31.01 -56.46
C THR M 1304 -22.49 30.30 -57.81
N MET M 1305 -23.73 30.17 -58.30
CA MET M 1305 -24.00 29.57 -59.61
C MET M 1305 -25.23 30.27 -60.16
N VAL M 1306 -25.02 31.24 -61.04
CA VAL M 1306 -26.10 32.12 -61.48
C VAL M 1306 -26.92 31.40 -62.55
N ILE M 1307 -28.23 31.39 -62.35
CA ILE M 1307 -29.17 30.95 -63.37
C ILE M 1307 -29.44 32.13 -64.29
N LEU M 1308 -29.21 31.94 -65.60
CA LEU M 1308 -29.11 33.09 -66.51
C LEU M 1308 -30.45 33.78 -66.79
N PRO M 1309 -31.52 33.11 -67.25
CA PRO M 1309 -32.71 33.88 -67.68
C PRO M 1309 -33.44 34.58 -66.55
N CYS M 1310 -33.24 34.18 -65.30
CA CYS M 1310 -33.98 34.71 -64.17
C CYS M 1310 -33.13 35.41 -63.12
N GLY M 1311 -31.80 35.22 -63.14
CA GLY M 1311 -30.94 35.92 -62.22
C GLY M 1311 -31.03 35.49 -60.76
N HIS M 1312 -30.86 34.19 -60.51
CA HIS M 1312 -30.89 33.65 -59.16
C HIS M 1312 -29.57 32.97 -58.83
N GLU M 1313 -29.12 33.14 -57.59
CA GLU M 1313 -27.84 32.58 -57.15
C GLU M 1313 -28.03 31.10 -56.80
N GLY M 1314 -27.02 30.53 -56.15
CA GLY M 1314 -27.11 29.16 -55.65
C GLY M 1314 -25.74 28.54 -55.47
N HIS M 1315 -25.62 27.61 -54.53
CA HIS M 1315 -24.38 26.86 -54.36
C HIS M 1315 -24.15 25.93 -55.55
N PHE M 1316 -22.91 25.44 -55.65
CA PHE M 1316 -22.64 24.38 -56.62
C PHE M 1316 -23.44 23.12 -56.30
N GLN M 1317 -23.45 22.72 -55.02
CA GLN M 1317 -24.10 21.48 -54.65
C GLN M 1317 -25.62 21.56 -54.81
N CYS M 1318 -26.21 22.70 -54.44
CA CYS M 1318 -27.67 22.85 -54.52
C CYS M 1318 -28.14 22.87 -55.97
N ILE M 1319 -27.51 23.70 -56.81
CA ILE M 1319 -27.88 23.82 -58.22
C ILE M 1319 -27.61 22.50 -58.96
N GLN M 1320 -26.46 21.87 -58.67
CA GLN M 1320 -26.12 20.61 -59.31
C GLN M 1320 -27.09 19.51 -58.91
N GLU M 1321 -27.50 19.45 -57.63
CA GLU M 1321 -28.47 18.47 -57.20
C GLU M 1321 -29.82 18.70 -57.88
N TRP M 1322 -30.26 19.96 -57.94
CA TRP M 1322 -31.56 20.28 -58.52
C TRP M 1322 -31.60 20.00 -60.02
N PHE M 1323 -30.49 20.21 -60.73
CA PHE M 1323 -30.53 20.06 -62.18
C PHE M 1323 -29.98 18.75 -62.70
N LEU M 1324 -29.35 17.93 -61.86
CA LEU M 1324 -28.88 16.60 -62.28
C LEU M 1324 -29.51 15.47 -61.47
N ASP M 1325 -29.49 15.57 -60.13
CA ASP M 1325 -29.97 14.47 -59.31
C ASP M 1325 -31.49 14.38 -59.33
N GLU M 1326 -32.16 15.54 -59.27
CA GLU M 1326 -33.62 15.55 -59.34
C GLU M 1326 -34.13 15.62 -60.78
N ASN M 1327 -33.24 15.87 -61.74
CA ASN M 1327 -33.56 15.93 -63.19
C ASN M 1327 -34.66 16.94 -63.47
N GLU M 1328 -34.58 18.09 -62.83
CA GLU M 1328 -35.55 19.17 -63.01
C GLU M 1328 -35.07 20.16 -64.05
N GLN M 1329 -36.02 20.95 -64.56
CA GLN M 1329 -35.73 21.86 -65.66
C GLN M 1329 -36.06 23.31 -65.36
N GLU M 1330 -36.76 23.61 -64.27
CA GLU M 1330 -37.12 24.98 -63.94
C GLU M 1330 -36.25 25.51 -62.81
N CYS M 1331 -36.29 26.83 -62.63
CA CYS M 1331 -35.60 27.46 -61.52
C CYS M 1331 -36.24 27.05 -60.19
N PRO M 1332 -35.43 26.83 -59.14
CA PRO M 1332 -36.02 26.50 -57.83
C PRO M 1332 -36.92 27.57 -57.27
N GLY M 1333 -36.68 28.84 -57.58
CA GLY M 1333 -37.53 29.91 -57.08
C GLY M 1333 -38.88 29.98 -57.76
N GLY M 1334 -39.03 29.39 -58.94
CA GLY M 1334 -40.28 29.45 -59.66
C GLY M 1334 -40.30 30.56 -60.69
N CYS M 1335 -40.14 30.20 -61.97
CA CYS M 1335 -40.02 31.21 -63.01
C CYS M 1335 -40.83 30.82 -64.24
N PRO M 1336 -41.43 31.80 -64.94
CA PRO M 1336 -42.19 31.48 -66.16
C PRO M 1336 -41.29 31.14 -67.34
N GLY M 1337 -40.67 29.97 -67.28
CA GLY M 1337 -39.79 29.55 -68.36
C GLY M 1337 -39.08 28.28 -67.97
N VAL M 1338 -38.20 27.83 -68.87
CA VAL M 1338 -37.40 26.63 -68.66
C VAL M 1338 -35.92 27.04 -68.66
N ALA M 1339 -35.28 26.87 -67.51
CA ALA M 1339 -33.82 26.98 -67.42
C ALA M 1339 -33.22 25.57 -67.38
N PHE M 1340 -33.32 24.91 -68.54
CA PHE M 1340 -33.03 23.48 -68.64
C PHE M 1340 -31.55 23.19 -68.44
N ILE M 1341 -31.26 21.95 -68.04
CA ILE M 1341 -29.93 21.42 -67.85
C ILE M 1341 -29.14 22.25 -66.84
N GLY N 2 -31.63 14.60 18.21
CA GLY N 2 -31.18 13.67 17.19
C GLY N 2 -30.12 14.25 16.27
N LEU N 3 -29.00 13.54 16.14
CA LEU N 3 -27.90 13.94 15.28
C LEU N 3 -27.59 12.82 14.30
N ILE N 4 -27.47 13.16 13.02
CA ILE N 4 -26.96 12.25 12.00
C ILE N 4 -25.74 12.91 11.39
N LYS N 5 -24.61 12.21 11.41
CA LYS N 5 -23.33 12.76 10.98
C LYS N 5 -22.69 11.82 9.97
N LYS N 6 -22.65 12.26 8.71
CA LYS N 6 -22.00 11.49 7.67
C LYS N 6 -20.50 11.46 7.88
N VAL N 7 -19.91 10.28 7.68
CA VAL N 7 -18.50 10.04 7.96
C VAL N 7 -17.82 9.54 6.69
N THR N 8 -16.74 10.22 6.31
CA THR N 8 -15.92 9.82 5.18
C THR N 8 -14.56 9.31 5.67
N HIS N 9 -13.82 8.71 4.72
CA HIS N 9 -12.46 8.21 4.92
C HIS N 9 -12.37 7.16 6.02
N TRP N 10 -13.41 6.35 6.18
CA TRP N 10 -13.38 5.22 7.11
C TRP N 10 -13.58 3.88 6.43
N SER N 11 -14.27 3.83 5.30
CA SER N 11 -14.58 2.59 4.61
C SER N 11 -13.85 2.57 3.28
N TYR N 12 -13.15 1.47 3.00
CA TYR N 12 -12.49 1.28 1.72
C TYR N 12 -13.44 0.80 0.63
N ASP N 13 -14.64 0.38 0.98
CA ASP N 13 -15.61 -0.12 0.02
C ASP N 13 -16.53 1.04 -0.41
N ASN N 14 -17.59 0.73 -1.14
CA ASN N 14 -18.55 1.74 -1.56
C ASN N 14 -19.47 2.20 -0.44
N LEU N 15 -19.47 1.53 0.70
CA LEU N 15 -20.34 1.90 1.80
C LEU N 15 -19.91 3.21 2.43
N ILE N 16 -20.86 3.92 3.02
CA ILE N 16 -20.61 5.20 3.68
C ILE N 16 -20.99 5.03 5.15
N ASP N 17 -20.05 5.35 6.03
CA ASP N 17 -20.30 5.25 7.47
C ASP N 17 -21.16 6.39 7.95
N TYR N 18 -22.03 6.11 8.91
CA TYR N 18 -22.89 7.10 9.53
C TYR N 18 -22.87 6.93 11.03
N LEU N 19 -23.04 8.04 11.74
CA LEU N 19 -23.10 8.07 13.18
C LEU N 19 -24.41 8.72 13.60
N SER N 20 -25.08 8.14 14.59
CA SER N 20 -26.38 8.61 15.01
C SER N 20 -26.44 8.75 16.52
N VAL N 21 -27.29 9.68 16.96
CA VAL N 21 -27.57 9.90 18.37
C VAL N 21 -29.09 9.90 18.54
N ASN N 22 -29.57 9.13 19.52
CA ASN N 22 -31.00 9.05 19.78
C ASN N 22 -31.53 10.40 20.26
N PRO N 23 -32.83 10.66 20.06
CA PRO N 23 -33.39 11.96 20.49
C PRO N 23 -33.32 12.21 21.98
N THR N 24 -33.21 11.17 22.81
CA THR N 24 -33.02 11.34 24.23
C THR N 24 -31.55 11.57 24.62
N ARG N 25 -30.64 11.57 23.64
CA ARG N 25 -29.21 11.88 23.82
C ARG N 25 -28.56 10.92 24.82
N ASP N 26 -28.61 9.64 24.50
CA ASP N 26 -28.12 8.64 25.45
C ASP N 26 -27.13 7.67 24.81
N GLU N 27 -27.26 7.41 23.52
CA GLU N 27 -26.46 6.38 22.86
C GLU N 27 -25.92 6.90 21.54
N VAL N 28 -24.81 6.31 21.12
CA VAL N 28 -24.19 6.61 19.83
C VAL N 28 -24.23 5.32 19.02
N THR N 29 -24.95 5.34 17.90
CA THR N 29 -25.09 4.19 17.03
C THR N 29 -24.27 4.39 15.77
N HIS N 30 -23.49 3.38 15.40
CA HIS N 30 -22.66 3.43 14.19
C HIS N 30 -23.34 2.63 13.11
N TYR N 31 -23.57 3.26 11.96
CA TYR N 31 -24.31 2.66 10.86
C TYR N 31 -23.41 2.48 9.65
N LYS N 32 -23.96 1.79 8.64
CA LYS N 32 -23.26 1.58 7.38
C LYS N 32 -24.32 1.47 6.30
N VAL N 33 -24.45 2.50 5.49
CA VAL N 33 -25.51 2.59 4.48
C VAL N 33 -24.91 2.31 3.11
N ASP N 34 -25.44 1.30 2.43
CA ASP N 34 -25.05 1.02 1.06
C ASP N 34 -25.72 2.03 0.12
N PRO N 35 -24.94 2.75 -0.69
CA PRO N 35 -25.53 3.86 -1.46
C PRO N 35 -26.38 3.42 -2.64
N GLU N 36 -26.11 2.25 -3.21
CA GLU N 36 -26.75 1.82 -4.45
C GLU N 36 -28.05 1.06 -4.23
N ASN N 37 -28.46 0.83 -2.99
CA ASN N 37 -29.67 0.06 -2.68
C ASN N 37 -30.63 0.95 -1.90
N GLU N 38 -31.81 1.17 -2.45
CA GLU N 38 -32.78 2.10 -1.89
C GLU N 38 -33.67 1.48 -0.81
N SER N 39 -33.47 0.21 -0.48
CA SER N 39 -34.32 -0.42 0.52
C SER N 39 -33.97 0.08 1.92
N ASP N 40 -34.90 -0.13 2.85
CA ASP N 40 -34.68 0.25 4.24
C ASP N 40 -33.70 -0.68 4.95
N GLU N 41 -33.45 -1.87 4.39
CA GLU N 41 -32.49 -2.80 4.95
C GLU N 41 -31.04 -2.46 4.60
N SER N 42 -30.82 -1.45 3.75
CA SER N 42 -29.46 -1.02 3.43
C SER N 42 -28.80 -0.31 4.60
N ILE N 43 -29.57 0.17 5.57
CA ILE N 43 -29.03 0.85 6.74
C ILE N 43 -28.69 -0.24 7.76
N ILE N 44 -27.41 -0.64 7.78
CA ILE N 44 -26.95 -1.74 8.62
C ILE N 44 -26.46 -1.19 9.95
N LYS N 45 -27.03 -1.70 11.04
CA LYS N 45 -26.63 -1.30 12.39
C LYS N 45 -25.41 -2.12 12.81
N LEU N 46 -24.32 -1.44 13.17
CA LEU N 46 -23.07 -2.10 13.51
C LEU N 46 -22.84 -2.20 15.02
N HIS N 47 -22.85 -1.07 15.72
CA HIS N 47 -22.59 -1.07 17.15
C HIS N 47 -23.29 0.12 17.79
N THR N 48 -23.67 -0.06 19.06
CA THR N 48 -24.30 0.99 19.86
C THR N 48 -23.55 1.14 21.17
N VAL N 49 -23.09 2.35 21.45
CA VAL N 49 -22.35 2.66 22.65
C VAL N 49 -23.26 3.48 23.56
N LYS N 50 -23.76 2.84 24.61
CA LYS N 50 -24.68 3.47 25.54
C LYS N 50 -23.87 4.08 26.70
N ASP N 51 -24.56 4.42 27.80
CA ASP N 51 -23.97 5.03 28.99
C ASP N 51 -23.36 6.41 28.68
N PHE N 52 -24.17 7.27 28.07
CA PHE N 52 -23.89 8.69 27.97
C PHE N 52 -25.01 9.45 28.68
N GLY N 53 -24.64 10.52 29.37
CA GLY N 53 -25.63 11.31 30.08
C GLY N 53 -26.53 12.09 29.15
N SER N 54 -25.96 13.05 28.44
CA SER N 54 -26.73 13.93 27.56
C SER N 54 -25.78 14.52 26.54
N ILE N 55 -25.84 14.03 25.31
CA ILE N 55 -24.85 14.37 24.29
C ILE N 55 -25.21 15.70 23.65
N THR N 56 -24.30 16.67 23.73
CA THR N 56 -24.50 17.96 23.11
C THR N 56 -23.77 18.12 21.77
N CYS N 57 -22.71 17.35 21.55
CA CYS N 57 -21.91 17.48 20.33
C CYS N 57 -21.24 16.16 20.03
N LEU N 58 -20.86 15.99 18.76
CA LEU N 58 -20.22 14.77 18.30
C LEU N 58 -19.27 15.11 17.15
N ASP N 59 -18.13 14.43 17.12
CA ASP N 59 -17.17 14.59 16.04
C ASP N 59 -16.40 13.30 15.88
N TYR N 60 -15.76 13.15 14.72
CA TYR N 60 -15.02 11.95 14.37
C TYR N 60 -13.66 12.34 13.81
N SER N 61 -12.75 11.36 13.78
CA SER N 61 -11.41 11.55 13.25
C SER N 61 -11.29 10.89 11.88
N GLU N 62 -10.83 11.66 10.90
CA GLU N 62 -10.76 11.17 9.53
C GLU N 62 -9.59 10.22 9.32
N SER N 63 -8.45 10.49 9.97
CA SER N 63 -7.24 9.71 9.71
C SER N 63 -7.33 8.32 10.32
N GLU N 64 -7.80 8.22 11.56
CA GLU N 64 -7.89 6.95 12.26
C GLU N 64 -9.32 6.45 12.29
N ILE N 65 -9.53 5.20 11.88
CA ILE N 65 -10.87 4.65 11.74
C ILE N 65 -11.40 4.25 13.11
N GLY N 66 -12.57 4.77 13.45
CA GLY N 66 -13.28 4.38 14.66
C GLY N 66 -13.26 5.42 15.76
N MET N 67 -12.33 6.36 15.72
CA MET N 67 -12.13 7.30 16.82
C MET N 67 -13.23 8.36 16.80
N ILE N 68 -14.06 8.37 17.83
CA ILE N 68 -15.25 9.21 17.89
C ILE N 68 -15.20 9.98 19.20
N GLY N 69 -15.25 11.30 19.12
CA GLY N 69 -15.37 12.15 20.30
C GLY N 69 -16.82 12.53 20.53
N VAL N 70 -17.26 12.41 21.77
CA VAL N 70 -18.64 12.70 22.15
C VAL N 70 -18.60 13.61 23.37
N GLY N 71 -19.18 14.81 23.23
CA GLY N 71 -19.27 15.73 24.33
C GLY N 71 -20.57 15.57 25.09
N GLU N 72 -20.64 16.20 26.26
CA GLU N 72 -21.82 16.06 27.11
C GLU N 72 -22.08 17.36 27.83
N LYS N 73 -23.32 17.50 28.32
CA LYS N 73 -23.71 18.70 29.05
C LYS N 73 -23.11 18.74 30.44
N ASN N 74 -22.80 17.58 31.03
CA ASN N 74 -22.24 17.57 32.38
C ASN N 74 -20.81 18.07 32.40
N GLY N 75 -20.07 17.92 31.31
CA GLY N 75 -18.74 18.48 31.21
C GLY N 75 -17.67 17.52 30.76
N TYR N 76 -18.05 16.27 30.50
CA TYR N 76 -17.10 15.20 30.22
C TYR N 76 -17.10 14.89 28.73
N LEU N 77 -15.95 15.05 28.09
CA LEU N 77 -15.76 14.60 26.73
C LEU N 77 -15.25 13.17 26.74
N ARG N 78 -15.91 12.30 26.00
CA ARG N 78 -15.53 10.89 25.94
C ARG N 78 -15.00 10.60 24.55
N ILE N 79 -13.73 10.20 24.46
CA ILE N 79 -13.09 9.79 23.22
C ILE N 79 -12.96 8.28 23.24
N PHE N 80 -13.57 7.62 22.25
CA PHE N 80 -13.62 6.16 22.25
C PHE N 80 -13.52 5.66 20.82
N ASN N 81 -13.65 4.35 20.66
CA ASN N 81 -13.54 3.69 19.37
C ASN N 81 -14.67 2.72 19.20
N ILE N 82 -15.09 2.52 17.95
CA ILE N 82 -16.17 1.60 17.60
C ILE N 82 -15.69 0.53 16.61
N SER N 83 -15.13 0.96 15.49
CA SER N 83 -14.64 0.02 14.48
C SER N 83 -13.18 -0.33 14.72
N TYR N 140 -9.99 2.63 22.20
CA TYR N 140 -10.11 2.53 23.65
C TYR N 140 -11.32 3.28 24.15
N ASP N 141 -11.21 3.84 25.37
CA ASP N 141 -12.29 4.63 25.95
C ASP N 141 -11.69 5.51 27.04
N ILE N 142 -11.67 6.82 26.81
CA ILE N 142 -11.09 7.75 27.77
C ILE N 142 -12.05 8.93 27.96
N ARG N 143 -12.33 9.25 29.22
CA ARG N 143 -13.11 10.43 29.57
C ARG N 143 -12.17 11.55 29.98
N VAL N 144 -12.31 12.71 29.32
CA VAL N 144 -11.51 13.88 29.62
C VAL N 144 -12.43 15.07 29.86
N ARG N 145 -11.90 16.06 30.55
CA ARG N 145 -12.65 17.27 30.86
C ARG N 145 -11.69 18.45 30.99
N ALA N 146 -12.26 19.64 31.09
CA ALA N 146 -11.48 20.86 31.30
C ALA N 146 -11.06 20.98 32.76
N LYS N 147 -10.24 21.95 33.07
CA LYS N 147 -9.87 22.15 34.44
C LYS N 147 -11.13 22.51 35.17
N LYS N 148 -11.93 23.44 34.64
CA LYS N 148 -13.20 23.77 35.26
C LYS N 148 -14.30 23.05 34.49
N GLN N 149 -15.12 22.29 35.21
CA GLN N 149 -16.10 21.42 34.55
C GLN N 149 -17.30 22.24 34.10
N ARG N 150 -17.53 22.27 32.79
CA ARG N 150 -18.66 23.00 32.22
C ARG N 150 -19.01 22.36 30.87
N CYS N 151 -20.17 22.73 30.36
CA CYS N 151 -20.77 22.06 29.20
C CYS N 151 -19.94 22.23 27.94
N ILE N 152 -19.78 21.15 27.20
CA ILE N 152 -19.05 21.15 25.93
C ILE N 152 -20.05 21.41 24.81
N ASN N 153 -20.10 22.66 24.34
CA ASN N 153 -21.03 23.01 23.28
C ASN N 153 -20.58 22.45 21.93
N SER N 154 -19.29 22.56 21.61
CA SER N 154 -18.77 22.16 20.31
C SER N 154 -17.50 21.35 20.48
N LEU N 155 -17.20 20.57 19.45
CA LEU N 155 -16.05 19.68 19.47
C LEU N 155 -15.54 19.49 18.05
N GLY N 156 -14.21 19.48 17.90
CA GLY N 156 -13.62 19.22 16.61
C GLY N 156 -12.34 18.41 16.71
N ILE N 157 -12.26 17.34 15.93
CA ILE N 157 -11.08 16.49 15.87
C ILE N 157 -10.47 16.64 14.47
N ASN N 158 -9.21 17.06 14.43
CA ASN N 158 -8.54 17.34 13.17
C ASN N 158 -7.96 16.07 12.57
N THR N 159 -7.43 16.20 11.35
CA THR N 159 -6.85 15.05 10.66
C THR N 159 -5.52 14.65 11.28
N ASN N 160 -4.74 15.62 11.79
CA ASN N 160 -3.46 15.34 12.41
C ASN N 160 -3.59 15.04 13.91
N GLY N 161 -4.76 14.59 14.36
CA GLY N 161 -4.94 14.16 15.73
C GLY N 161 -5.18 15.27 16.72
N LEU N 162 -5.19 16.52 16.29
CA LEU N 162 -5.36 17.64 17.21
C LEU N 162 -6.83 17.83 17.51
N ILE N 163 -7.16 17.99 18.80
CA ILE N 163 -8.54 18.02 19.27
C ILE N 163 -8.81 19.36 19.94
N ALA N 164 -9.87 20.04 19.50
CA ALA N 164 -10.34 21.28 20.09
C ALA N 164 -11.60 21.04 20.90
N MET N 165 -12.02 22.06 21.64
CA MET N 165 -13.14 21.97 22.56
C MET N 165 -13.79 23.32 22.74
N GLY N 166 -15.11 23.36 22.59
CA GLY N 166 -15.85 24.58 22.88
C GLY N 166 -16.68 24.46 24.14
N LEU N 167 -16.41 25.32 25.12
CA LEU N 167 -17.07 25.27 26.41
C LEU N 167 -17.93 26.51 26.62
N ASP N 168 -18.63 26.54 27.75
CA ASP N 168 -19.48 27.67 28.10
C ASP N 168 -18.62 28.78 28.70
N ARG N 169 -19.26 29.78 29.29
CA ARG N 169 -18.56 30.96 29.76
C ARG N 169 -18.04 30.74 31.18
N ASN N 170 -16.71 30.77 31.34
CA ASN N 170 -16.08 30.80 32.65
C ASN N 170 -14.99 31.85 32.64
N LYS N 171 -14.99 32.70 33.65
CA LYS N 171 -14.10 33.85 33.68
C LYS N 171 -12.65 33.48 33.95
N HIS N 172 -12.39 32.30 34.51
CA HIS N 172 -11.03 31.90 34.89
C HIS N 172 -10.46 30.81 34.01
N ASP N 173 -11.13 30.48 32.90
CA ASP N 173 -10.68 29.38 32.06
C ASP N 173 -11.00 29.69 30.60
N SER N 174 -10.23 29.10 29.70
CA SER N 174 -10.43 29.30 28.27
C SER N 174 -11.58 28.44 27.76
N SER N 175 -12.31 28.97 26.79
CA SER N 175 -13.43 28.27 26.17
C SER N 175 -13.06 27.64 24.83
N LEU N 176 -11.81 27.77 24.40
CA LEU N 176 -11.32 27.07 23.21
C LEU N 176 -9.97 26.46 23.59
N GLN N 177 -10.02 25.22 24.08
CA GLN N 177 -8.83 24.50 24.53
C GLN N 177 -8.46 23.46 23.48
N ILE N 178 -7.28 23.60 22.90
CA ILE N 178 -6.80 22.72 21.82
C ILE N 178 -5.61 21.93 22.36
N TRP N 179 -5.66 20.62 22.19
CA TRP N 179 -4.62 19.74 22.71
C TRP N 179 -4.52 18.50 21.84
N ASP N 180 -3.44 17.75 22.05
CA ASP N 180 -3.22 16.47 21.39
C ASP N 180 -3.37 15.35 22.40
N MET N 181 -4.01 14.26 21.99
CA MET N 181 -4.22 13.13 22.89
C MET N 181 -2.96 12.32 23.13
N ASN N 182 -1.95 12.44 22.27
CA ASN N 182 -0.72 11.69 22.44
C ASN N 182 0.14 12.23 23.58
N TYR N 183 -0.05 13.49 23.96
CA TYR N 183 0.69 14.12 25.05
C TYR N 183 -0.20 14.36 26.27
N HIS N 184 -1.19 13.50 26.46
CA HIS N 184 -2.13 13.58 27.57
C HIS N 184 -1.77 12.53 28.61
N ASP N 185 -1.58 12.97 29.85
CA ASP N 185 -1.32 12.05 30.95
C ASP N 185 -2.59 11.28 31.30
N ASP N 186 -2.50 9.95 31.26
CA ASP N 186 -3.67 9.11 31.50
C ASP N 186 -4.09 9.08 32.97
N SER N 187 -3.26 9.61 33.87
CA SER N 187 -3.54 9.57 35.29
C SER N 187 -4.45 10.70 35.76
N HIS N 188 -4.84 11.61 34.88
CA HIS N 188 -5.66 12.75 35.25
C HIS N 188 -6.81 12.91 34.26
N GLU N 189 -7.97 13.33 34.78
CA GLU N 189 -9.11 13.62 33.93
C GLU N 189 -8.97 14.95 33.20
N THR N 190 -8.38 15.95 33.87
CA THR N 190 -8.26 17.27 33.27
C THR N 190 -7.23 17.28 32.14
N ILE N 191 -7.52 18.07 31.11
CA ILE N 191 -6.67 18.17 29.93
C ILE N 191 -5.63 19.25 30.13
N ASN N 192 -4.50 19.09 29.44
CA ASN N 192 -3.46 20.12 29.39
C ASN N 192 -3.41 20.71 28.00
N PRO N 193 -3.97 21.91 27.78
CA PRO N 193 -4.10 22.42 26.41
C PRO N 193 -2.80 23.02 25.90
N MET N 194 -2.46 22.67 24.65
CA MET N 194 -1.35 23.30 23.97
C MET N 194 -1.66 24.75 23.61
N PHE N 195 -2.87 25.01 23.14
CA PHE N 195 -3.31 26.34 22.75
C PHE N 195 -4.63 26.64 23.44
N SER N 196 -4.70 27.79 24.11
CA SER N 196 -5.91 28.23 24.79
C SER N 196 -6.33 29.59 24.27
N TYR N 197 -7.61 29.74 23.96
CA TYR N 197 -8.15 30.99 23.44
C TYR N 197 -9.52 31.23 24.06
N CYS N 198 -10.02 32.45 23.87
CA CYS N 198 -11.39 32.85 24.16
C CYS N 198 -11.73 32.71 25.65
N THR N 199 -11.00 33.45 26.47
CA THR N 199 -11.32 33.51 27.89
C THR N 199 -12.54 34.42 28.09
N ASN N 200 -13.36 34.05 29.07
CA ASN N 200 -14.62 34.75 29.41
C ASN N 200 -15.54 34.84 28.20
N GLU N 201 -15.64 33.75 27.44
CA GLU N 201 -16.55 33.68 26.31
C GLU N 201 -17.21 32.32 26.30
N SER N 202 -18.22 32.15 25.45
CA SER N 202 -18.95 30.90 25.31
C SER N 202 -18.90 30.43 23.86
N ILE N 203 -17.91 29.59 23.55
CA ILE N 203 -17.76 29.06 22.19
C ILE N 203 -18.88 28.05 21.95
N VAL N 204 -19.78 28.38 21.01
CA VAL N 204 -20.95 27.55 20.76
C VAL N 204 -20.84 26.73 19.48
N SER N 205 -19.86 27.02 18.62
CA SER N 205 -19.61 26.23 17.43
C SER N 205 -18.17 26.44 17.00
N LEU N 206 -17.54 25.36 16.52
CA LEU N 206 -16.18 25.46 16.00
C LEU N 206 -16.01 24.43 14.89
N LYS N 207 -15.05 24.71 14.01
CA LYS N 207 -14.78 23.83 12.88
C LYS N 207 -13.31 23.98 12.50
N PHE N 208 -12.70 22.86 12.10
CA PHE N 208 -11.29 22.83 11.72
C PHE N 208 -11.19 23.02 10.21
N LEU N 209 -10.69 24.18 9.78
CA LEU N 209 -10.56 24.45 8.36
C LEU N 209 -9.42 23.64 7.75
N ASN N 210 -8.28 23.61 8.42
CA ASN N 210 -7.12 22.87 7.93
C ASN N 210 -6.34 22.37 9.14
N ASP N 211 -5.07 22.01 8.93
CA ASP N 211 -4.24 21.44 9.98
C ASP N 211 -3.89 22.43 11.09
N THR N 212 -4.07 23.72 10.87
CA THR N 212 -3.61 24.68 11.87
C THR N 212 -4.69 25.65 12.34
N SER N 213 -5.59 26.07 11.46
CA SER N 213 -6.53 27.12 11.81
C SER N 213 -7.87 26.52 12.23
N VAL N 214 -8.56 27.22 13.13
CA VAL N 214 -9.86 26.81 13.62
C VAL N 214 -10.81 27.99 13.50
N LEU N 215 -12.03 27.74 13.04
CA LEU N 215 -13.06 28.78 12.87
C LEU N 215 -14.06 28.61 14.00
N ALA N 216 -13.89 29.38 15.06
CA ALA N 216 -14.71 29.28 16.26
C ALA N 216 -15.78 30.36 16.29
N ALA N 217 -16.90 30.05 16.93
CA ALA N 217 -18.02 30.98 17.06
C ALA N 217 -18.42 31.09 18.51
N SER N 218 -18.44 32.33 19.03
CA SER N 218 -18.90 32.61 20.37
C SER N 218 -20.36 33.04 20.34
N THR N 219 -20.86 33.53 21.48
CA THR N 219 -22.23 34.03 21.54
C THR N 219 -22.39 35.43 20.97
N LYS N 220 -21.28 36.13 20.70
CA LYS N 220 -21.35 37.48 20.17
C LYS N 220 -20.37 37.76 19.05
N PHE N 221 -19.54 36.79 18.67
CA PHE N 221 -18.48 37.02 17.70
C PHE N 221 -18.29 35.78 16.83
N LEU N 222 -17.62 35.97 15.70
CA LEU N 222 -17.31 34.90 14.76
C LEU N 222 -15.82 35.00 14.45
N LYS N 223 -15.04 34.06 14.98
CA LYS N 223 -13.59 34.16 14.96
C LYS N 223 -12.97 33.08 14.06
N GLU N 224 -11.74 33.36 13.65
CA GLU N 224 -10.90 32.38 12.96
C GLU N 224 -9.53 32.49 13.59
N ILE N 225 -9.11 31.42 14.27
CA ILE N 225 -7.91 31.43 15.10
C ILE N 225 -6.90 30.45 14.52
N ASP N 226 -5.67 30.92 14.34
CA ASP N 226 -4.57 30.08 13.89
C ASP N 226 -3.68 29.76 15.09
N VAL N 227 -3.32 28.49 15.24
CA VAL N 227 -2.53 28.06 16.39
C VAL N 227 -1.07 28.49 16.32
N ARG N 228 -0.61 28.96 15.17
CA ARG N 228 0.76 29.43 15.01
C ARG N 228 0.91 30.90 15.41
N SER N 229 -0.17 31.57 15.79
CA SER N 229 -0.17 32.96 16.20
C SER N 229 -0.99 33.12 17.46
N PRO N 230 -0.63 34.04 18.34
CA PRO N 230 -1.42 34.26 19.56
C PRO N 230 -2.56 35.27 19.41
N ASN N 231 -2.92 35.62 18.17
CA ASN N 231 -3.90 36.65 17.88
C ASN N 231 -4.88 36.07 16.86
N PRO N 232 -6.19 36.25 17.05
CA PRO N 232 -7.14 35.82 16.01
C PRO N 232 -6.96 36.59 14.72
N ILE N 233 -7.23 35.92 13.60
CA ILE N 233 -7.11 36.55 12.28
C ILE N 233 -8.18 37.61 12.10
N TYR N 234 -9.43 37.30 12.42
CA TYR N 234 -10.48 38.29 12.39
C TYR N 234 -11.53 37.95 13.43
N GLN N 235 -12.28 38.98 13.82
CA GLN N 235 -13.37 38.86 14.81
C GLN N 235 -14.53 39.68 14.28
N HIS N 236 -15.42 39.04 13.53
CA HIS N 236 -16.57 39.75 12.96
C HIS N 236 -17.75 39.65 13.92
N PRO N 237 -18.32 40.78 14.36
CA PRO N 237 -19.44 40.73 15.30
C PRO N 237 -20.75 40.43 14.58
N THR N 238 -21.36 39.30 14.94
CA THR N 238 -22.65 38.91 14.39
C THR N 238 -23.36 38.02 15.40
N ARG N 239 -24.69 37.98 15.29
CA ARG N 239 -25.50 37.13 16.16
C ARG N 239 -25.84 35.79 15.53
N LEU N 240 -25.42 35.56 14.28
CA LEU N 240 -25.63 34.29 13.60
C LEU N 240 -24.34 33.49 13.67
N THR N 241 -24.16 32.79 14.78
CA THR N 241 -22.91 32.11 15.13
C THR N 241 -23.16 30.69 15.61
N TYR N 242 -24.13 29.99 15.02
CA TYR N 242 -24.49 28.65 15.45
C TYR N 242 -24.34 27.65 14.30
N ASP N 243 -23.75 26.50 14.62
CA ASP N 243 -23.64 25.33 13.73
C ASP N 243 -22.89 25.67 12.44
N ILE N 244 -21.60 25.96 12.61
CA ILE N 244 -20.72 26.20 11.47
C ILE N 244 -20.62 24.94 10.63
N LYS N 245 -20.91 25.06 9.33
CA LYS N 245 -20.84 23.96 8.39
C LYS N 245 -20.00 24.40 7.19
N LEU N 246 -18.83 23.80 7.02
CA LEU N 246 -18.00 24.09 5.87
C LEU N 246 -18.61 23.50 4.60
N ASN N 247 -18.48 24.24 3.51
CA ASN N 247 -18.90 23.72 2.21
C ASN N 247 -17.86 22.72 1.73
N PRO N 248 -18.22 21.46 1.46
CA PRO N 248 -17.22 20.47 1.06
C PRO N 248 -16.55 20.76 -0.28
N PHE N 249 -17.15 21.57 -1.14
CA PHE N 249 -16.57 21.91 -2.43
C PHE N 249 -15.81 23.23 -2.43
N ASN N 250 -15.91 24.02 -1.36
CA ASN N 250 -15.23 25.30 -1.30
C ASN N 250 -15.04 25.67 0.17
N ASP N 251 -13.80 25.59 0.65
CA ASP N 251 -13.53 25.80 2.07
C ASP N 251 -13.72 27.24 2.50
N TRP N 252 -13.73 28.19 1.57
CA TRP N 252 -13.90 29.59 1.92
C TRP N 252 -15.32 29.92 2.33
N GLN N 253 -16.29 29.09 1.97
CA GLN N 253 -17.70 29.33 2.28
C GLN N 253 -18.12 28.45 3.45
N PHE N 254 -18.66 29.09 4.49
CA PHE N 254 -19.26 28.39 5.60
C PHE N 254 -20.63 29.01 5.88
N SER N 255 -21.33 28.49 6.88
CA SER N 255 -22.76 28.75 7.00
C SER N 255 -23.21 28.58 8.44
N THR N 256 -23.65 29.66 9.06
CA THR N 256 -24.17 29.66 10.41
C THR N 256 -25.61 30.18 10.42
N TYR N 257 -26.28 29.99 11.55
CA TYR N 257 -27.60 30.56 11.77
C TYR N 257 -27.66 31.15 13.17
N GLY N 258 -28.81 31.72 13.53
CA GLY N 258 -28.96 32.41 14.79
C GLY N 258 -30.12 31.94 15.64
N ASP N 259 -30.40 32.69 16.71
CA ASP N 259 -31.46 32.30 17.63
C ASP N 259 -32.86 32.50 17.03
N ASP N 260 -33.00 33.45 16.11
CA ASP N 260 -34.28 33.70 15.47
C ASP N 260 -34.53 32.81 14.26
N GLY N 261 -33.57 31.98 13.88
CA GLY N 261 -33.71 31.13 12.72
C GLY N 261 -33.16 31.70 11.43
N THR N 262 -32.37 32.78 11.50
CA THR N 262 -31.86 33.45 10.31
C THR N 262 -30.59 32.75 9.86
N LEU N 263 -30.69 31.92 8.83
CA LEU N 263 -29.52 31.27 8.26
C LEU N 263 -28.72 32.26 7.43
N ALA N 264 -27.40 32.11 7.45
CA ALA N 264 -26.49 32.98 6.72
C ALA N 264 -25.32 32.18 6.18
N ILE N 265 -25.12 32.24 4.87
CA ILE N 265 -23.94 31.68 4.23
C ILE N 265 -22.89 32.78 4.15
N TRP N 266 -21.69 32.49 4.65
CA TRP N 266 -20.62 33.47 4.72
C TRP N 266 -19.50 33.16 3.74
N ASP N 267 -18.57 34.09 3.63
CA ASP N 267 -17.30 33.88 2.95
C ASP N 267 -16.18 34.38 3.86
N ARG N 268 -15.15 33.57 4.02
CA ARG N 268 -14.05 33.93 4.93
C ARG N 268 -13.21 35.07 4.38
N ARG N 269 -13.10 35.18 3.05
CA ARG N 269 -12.36 36.27 2.45
C ARG N 269 -13.07 37.61 2.64
N LYS N 270 -14.40 37.61 2.66
CA LYS N 270 -15.15 38.84 2.91
C LYS N 270 -14.96 39.31 4.35
N LEU N 271 -14.93 38.37 5.29
CA LEU N 271 -14.72 38.73 6.70
C LEU N 271 -13.28 39.12 6.97
N SER N 272 -12.31 38.52 6.27
CA SER N 272 -10.91 38.88 6.47
C SER N 272 -10.61 40.28 5.96
N ASP N 273 -11.19 40.66 4.82
CA ASP N 273 -11.01 41.97 4.18
C ASP N 273 -9.55 42.32 3.90
N ALA N 283 -18.41 43.98 6.08
CA ALA N 283 -18.31 42.53 6.08
C ALA N 283 -19.69 41.89 6.26
N SER N 284 -20.50 41.97 5.22
CA SER N 284 -21.85 41.44 5.23
C SER N 284 -21.83 39.94 4.95
N PRO N 285 -22.88 39.22 5.39
CA PRO N 285 -23.01 37.83 4.96
C PRO N 285 -23.25 37.74 3.46
N LEU N 286 -22.79 36.62 2.88
CA LEU N 286 -22.93 36.45 1.44
C LEU N 286 -24.37 36.18 1.05
N LEU N 287 -25.13 35.48 1.90
CA LEU N 287 -26.57 35.37 1.78
C LEU N 287 -27.18 35.41 3.18
N THR N 288 -28.46 35.73 3.26
CA THR N 288 -29.19 35.67 4.51
C THR N 288 -30.63 35.28 4.24
N PHE N 289 -31.15 34.37 5.06
CA PHE N 289 -32.51 33.85 4.91
C PHE N 289 -33.24 34.07 6.22
N GLU N 290 -34.22 34.97 6.23
CA GLU N 290 -34.92 35.31 7.47
C GLU N 290 -35.90 34.20 7.82
N LYS N 291 -35.73 33.63 9.02
CA LYS N 291 -36.59 32.60 9.60
C LYS N 291 -36.69 31.37 8.69
N LEU N 292 -35.54 30.77 8.42
CA LEU N 292 -35.47 29.57 7.60
C LEU N 292 -35.31 28.29 8.40
N VAL N 293 -34.57 28.34 9.51
CA VAL N 293 -34.32 27.17 10.34
C VAL N 293 -35.01 27.36 11.69
N GLY N 294 -34.89 26.36 12.57
CA GLY N 294 -35.58 26.42 13.84
C GLY N 294 -34.99 27.46 14.76
N SER N 295 -35.82 27.92 15.69
CA SER N 295 -35.45 28.97 16.62
C SER N 295 -34.95 28.37 17.93
N GLY N 296 -34.72 29.24 18.91
CA GLY N 296 -34.24 28.82 20.22
C GLY N 296 -32.84 28.26 20.23
N ALA N 297 -31.89 28.92 19.54
CA ALA N 297 -30.52 28.45 19.55
C ALA N 297 -29.85 28.75 20.89
N ALA N 298 -30.12 29.92 21.46
CA ALA N 298 -29.49 30.28 22.73
C ALA N 298 -30.16 29.58 23.89
N SER N 299 -31.49 29.44 23.85
CA SER N 299 -32.21 28.83 24.96
C SER N 299 -32.04 27.32 25.00
N ARG N 300 -32.11 26.67 23.85
CA ARG N 300 -32.05 25.22 23.78
C ARG N 300 -30.65 24.79 23.36
N LYS N 301 -30.13 23.76 24.03
CA LYS N 301 -28.84 23.19 23.72
C LYS N 301 -28.92 21.96 22.83
N TYR N 302 -30.09 21.36 22.70
CA TYR N 302 -30.25 20.07 22.03
C TYR N 302 -31.05 20.35 20.77
N MET N 303 -30.36 20.77 19.71
CA MET N 303 -31.04 21.21 18.49
C MET N 303 -30.71 20.30 17.32
N ASN N 304 -31.75 19.98 16.54
CA ASN N 304 -31.60 19.14 15.37
C ASN N 304 -31.11 20.00 14.20
N SER N 305 -30.07 19.54 13.52
CA SER N 305 -29.52 20.28 12.38
C SER N 305 -30.45 20.06 11.20
N CYS N 306 -31.26 21.09 10.89
CA CYS N 306 -32.21 21.05 9.79
C CYS N 306 -31.67 21.75 8.55
N PHE N 307 -30.36 21.68 8.32
CA PHE N 307 -29.73 22.31 7.16
C PHE N 307 -28.42 21.61 6.89
N ARG N 308 -28.23 21.14 5.66
CA ARG N 308 -27.04 20.44 5.24
C ARG N 308 -26.54 20.98 3.91
N TRP N 309 -25.22 21.15 3.80
CA TRP N 309 -24.61 21.44 2.52
C TRP N 309 -24.67 20.22 1.62
N SER N 310 -24.62 20.46 0.32
CA SER N 310 -24.69 19.38 -0.67
C SER N 310 -23.29 18.81 -0.87
N CYS N 311 -23.16 17.50 -0.67
CA CYS N 311 -21.93 16.78 -0.96
C CYS N 311 -21.97 16.04 -2.29
N VAL N 312 -23.00 16.28 -3.10
CA VAL N 312 -23.12 15.64 -4.41
C VAL N 312 -22.73 16.64 -5.49
N ARG N 313 -22.97 17.92 -5.24
CA ARG N 313 -22.60 18.96 -6.21
C ARG N 313 -22.44 20.29 -5.49
N ASN N 314 -21.78 21.22 -6.17
CA ASN N 314 -21.51 22.54 -5.62
C ASN N 314 -22.72 23.45 -5.79
N ASN N 315 -22.72 24.54 -5.01
CA ASN N 315 -23.73 25.61 -5.06
C ASN N 315 -25.13 25.06 -4.79
N GLU N 316 -25.26 24.28 -3.72
CA GLU N 316 -26.54 23.70 -3.35
C GLU N 316 -26.55 23.41 -1.86
N PHE N 317 -27.71 23.58 -1.24
CA PHE N 317 -27.91 23.16 0.14
C PHE N 317 -29.36 22.78 0.34
N ALA N 318 -29.60 21.94 1.34
CA ALA N 318 -30.93 21.43 1.65
C ALA N 318 -31.34 21.91 3.03
N THR N 319 -32.64 22.22 3.19
CA THR N 319 -33.19 22.64 4.46
C THR N 319 -34.42 21.81 4.77
N LEU N 320 -34.68 21.61 6.06
CA LEU N 320 -35.81 20.84 6.54
C LEU N 320 -36.86 21.78 7.13
N HIS N 321 -38.08 21.70 6.63
CA HIS N 321 -39.15 22.61 7.01
C HIS N 321 -40.34 21.81 7.52
N ARG N 322 -40.69 21.99 8.79
CA ARG N 322 -41.88 21.44 9.43
C ARG N 322 -41.91 19.91 9.44
N GLY N 323 -40.77 19.26 9.22
CA GLY N 323 -40.72 17.81 9.21
C GLY N 323 -41.42 17.13 8.06
N ASP N 324 -41.79 17.87 7.02
CA ASP N 324 -42.56 17.31 5.91
C ASP N 324 -41.89 17.48 4.56
N THR N 325 -41.24 18.62 4.32
CA THR N 325 -40.65 18.91 3.02
C THR N 325 -39.17 19.25 3.18
N ILE N 326 -38.41 18.95 2.14
CA ILE N 326 -36.99 19.28 2.07
C ILE N 326 -36.77 20.16 0.84
N LYS N 327 -36.26 21.36 1.06
CA LYS N 327 -36.05 22.34 0.00
C LYS N 327 -34.57 22.34 -0.39
N ARG N 328 -34.29 21.93 -1.62
CA ARG N 328 -32.91 21.96 -2.15
C ARG N 328 -32.70 23.27 -2.88
N TRP N 329 -32.06 24.22 -2.19
CA TRP N 329 -31.81 25.55 -2.74
C TRP N 329 -30.57 25.50 -3.62
N ARG N 330 -30.75 25.73 -4.92
CA ARG N 330 -29.64 25.80 -5.85
C ARG N 330 -29.22 27.25 -6.02
N LEU N 331 -27.94 27.53 -5.83
CA LEU N 331 -27.43 28.88 -5.83
C LEU N 331 -26.70 29.19 -7.13
N GLY N 332 -26.72 30.46 -7.51
CA GLY N 332 -25.96 30.95 -8.64
C GLY N 332 -24.93 31.95 -8.20
N TYR N 333 -23.88 32.14 -8.99
CA TYR N 333 -22.77 33.00 -8.59
C TYR N 333 -22.32 33.86 -9.75
N TYR N 334 -21.75 35.01 -9.41
CA TYR N 334 -21.10 35.90 -10.37
C TYR N 334 -20.01 36.67 -9.67
N CYS N 335 -18.87 36.84 -10.34
CA CYS N 335 -17.74 37.58 -9.81
C CYS N 335 -17.71 38.97 -10.45
N ASP N 336 -17.72 40.01 -9.62
CA ASP N 336 -17.76 41.39 -10.09
C ASP N 336 -16.36 41.77 -10.56
N SER N 337 -16.05 41.43 -11.81
CA SER N 337 -14.74 41.74 -12.38
C SER N 337 -14.84 42.08 -13.86
N ASN N 350 -12.19 37.31 -7.07
CA ASN N 350 -12.29 35.87 -6.91
C ASN N 350 -13.46 35.49 -6.02
N ILE N 351 -13.97 36.45 -5.27
CA ILE N 351 -15.10 36.22 -4.38
C ILE N 351 -16.37 36.21 -5.21
N GLU N 352 -17.12 35.12 -5.11
CA GLU N 352 -18.36 34.95 -5.87
C GLU N 352 -19.55 35.43 -5.05
N ASN N 353 -20.33 36.34 -5.63
CA ASN N 353 -21.55 36.85 -5.00
C ASN N 353 -22.69 35.89 -5.32
N LEU N 354 -23.32 35.36 -4.28
CA LEU N 354 -24.31 34.30 -4.45
C LEU N 354 -25.72 34.88 -4.53
N PHE N 355 -26.60 34.14 -5.21
CA PHE N 355 -28.02 34.43 -5.23
C PHE N 355 -28.76 33.13 -5.48
N VAL N 356 -30.03 33.10 -5.06
CA VAL N 356 -30.84 31.89 -5.16
C VAL N 356 -31.42 31.78 -6.56
N SER N 357 -31.12 30.68 -7.25
CA SER N 357 -31.58 30.46 -8.61
C SER N 357 -32.85 29.62 -8.67
N SER N 358 -32.87 28.46 -8.01
CA SER N 358 -34.04 27.59 -8.01
C SER N 358 -34.11 26.85 -6.69
N VAL N 359 -35.34 26.65 -6.21
CA VAL N 359 -35.62 25.86 -5.01
C VAL N 359 -36.48 24.67 -5.41
N HIS N 360 -36.04 23.47 -5.05
CA HIS N 360 -36.75 22.24 -5.38
C HIS N 360 -37.27 21.63 -4.08
N ASP N 361 -38.58 21.39 -4.02
CA ASP N 361 -39.23 20.87 -2.83
C ASP N 361 -39.51 19.38 -2.98
N THR N 362 -39.12 18.60 -1.98
CA THR N 362 -39.35 17.15 -1.98
C THR N 362 -40.10 16.79 -0.70
N ASN N 363 -41.26 16.15 -0.86
CA ASN N 363 -42.03 15.70 0.29
C ASN N 363 -41.40 14.46 0.91
N THR N 364 -41.32 14.45 2.23
CA THR N 364 -40.74 13.31 2.94
C THR N 364 -41.68 12.11 2.87
N MET N 365 -41.07 10.91 2.93
CA MET N 365 -41.86 9.68 2.94
C MET N 365 -42.69 9.56 4.21
N TYR N 366 -42.11 9.92 5.36
CA TYR N 366 -42.83 9.92 6.62
C TYR N 366 -42.69 11.27 7.28
N ASP N 367 -43.71 11.66 8.04
CA ASP N 367 -43.71 12.96 8.69
C ASP N 367 -42.89 12.93 9.97
N ARG N 368 -42.87 14.08 10.67
CA ARG N 368 -42.21 14.25 11.96
C ARG N 368 -40.71 13.93 11.90
N VAL N 369 -40.06 14.47 10.87
CA VAL N 369 -38.62 14.30 10.68
C VAL N 369 -37.91 15.44 11.41
N ALA N 370 -36.96 15.09 12.27
CA ALA N 370 -36.20 16.08 13.01
C ALA N 370 -34.87 16.44 12.36
N THR N 371 -34.14 15.46 11.82
CA THR N 371 -32.85 15.73 11.20
C THR N 371 -32.64 14.77 10.05
N PHE N 372 -31.68 15.11 9.19
CA PHE N 372 -31.44 14.36 7.97
C PHE N 372 -30.00 14.57 7.52
N ASP N 373 -29.56 13.75 6.58
CA ASP N 373 -28.23 13.84 6.01
C ASP N 373 -28.25 13.26 4.60
N TYR N 374 -27.20 13.56 3.85
CA TYR N 374 -27.09 13.16 2.45
C TYR N 374 -26.49 11.77 2.30
N ILE N 375 -26.96 11.05 1.29
CA ILE N 375 -26.32 9.81 0.82
C ILE N 375 -25.95 10.01 -0.64
N PRO N 376 -24.67 10.17 -0.97
CA PRO N 376 -24.28 10.24 -2.37
C PRO N 376 -24.39 8.89 -3.05
N ARG N 377 -24.90 8.90 -4.28
CA ARG N 377 -24.99 7.72 -5.11
C ARG N 377 -24.21 7.94 -6.40
N SER N 378 -24.19 6.93 -7.26
CA SER N 378 -23.55 7.06 -8.55
C SER N 378 -24.40 7.93 -9.47
N ASN N 379 -23.74 8.44 -10.53
CA ASN N 379 -24.36 9.30 -11.55
C ASN N 379 -25.01 10.54 -10.95
N ASN N 380 -24.33 11.13 -9.96
CA ASN N 380 -24.75 12.35 -9.27
C ASN N 380 -26.14 12.21 -8.64
N GLY N 381 -26.48 11.01 -8.17
CA GLY N 381 -27.74 10.79 -7.52
C GLY N 381 -27.75 11.31 -6.10
N THR N 382 -28.94 11.36 -5.51
CA THR N 382 -29.11 11.88 -4.16
C THR N 382 -30.14 11.04 -3.43
N SER N 383 -29.79 10.62 -2.22
CA SER N 383 -30.72 10.01 -1.28
C SER N 383 -30.50 10.64 0.08
N LEU N 384 -31.54 10.67 0.90
CA LEU N 384 -31.50 11.37 2.17
C LEU N 384 -31.84 10.40 3.30
N ILE N 385 -30.85 10.11 4.13
CA ILE N 385 -31.08 9.34 5.34
C ILE N 385 -31.68 10.27 6.39
N CYS N 386 -32.85 9.91 6.91
CA CYS N 386 -33.63 10.80 7.76
C CYS N 386 -33.90 10.11 9.09
N MET N 387 -33.82 10.88 10.17
CA MET N 387 -34.12 10.39 11.51
C MET N 387 -35.39 11.10 11.98
N ARG N 388 -36.39 10.31 12.37
CA ARG N 388 -37.66 10.87 12.76
C ARG N 388 -37.59 11.38 14.20
N GLN N 389 -38.70 11.96 14.67
CA GLN N 389 -38.74 12.49 16.03
C GLN N 389 -38.72 11.37 17.06
N SER N 390 -39.19 10.19 16.69
CA SER N 390 -39.19 9.02 17.58
C SER N 390 -37.89 8.24 17.53
N GLY N 391 -36.91 8.69 16.74
CA GLY N 391 -35.65 8.01 16.61
C GLY N 391 -35.56 6.98 15.51
N THR N 392 -36.63 6.75 14.77
CA THR N 392 -36.60 5.81 13.65
C THR N 392 -35.80 6.40 12.51
N ILE N 393 -34.88 5.62 11.96
CA ILE N 393 -34.03 6.05 10.85
C ILE N 393 -34.49 5.31 9.59
N TYR N 394 -34.82 6.08 8.55
CA TYR N 394 -35.27 5.52 7.28
C TYR N 394 -34.56 6.22 6.14
N ARG N 395 -34.59 5.58 4.97
CA ARG N 395 -33.93 6.08 3.78
C ARG N 395 -34.97 6.48 2.74
N MET N 396 -34.78 7.65 2.14
CA MET N 396 -35.73 8.20 1.18
C MET N 396 -35.00 8.67 -0.06
N PRO N 397 -35.46 8.31 -1.26
CA PRO N 397 -34.82 8.77 -2.49
C PRO N 397 -35.31 10.14 -2.93
N ILE N 398 -34.51 10.76 -3.80
CA ILE N 398 -34.86 12.01 -4.45
C ILE N 398 -35.23 11.70 -5.90
N SER N 399 -36.45 12.07 -6.29
CA SER N 399 -36.97 11.70 -7.59
C SER N 399 -36.29 12.49 -8.71
N GLU N 400 -36.21 11.87 -9.89
CA GLU N 400 -35.62 12.49 -11.07
C GLU N 400 -36.68 13.35 -11.75
N VAL N 401 -36.65 14.65 -11.49
CA VAL N 401 -37.61 15.59 -12.04
C VAL N 401 -37.08 16.14 -13.35
N CYS N 402 -37.89 16.03 -14.41
CA CYS N 402 -37.49 16.53 -15.72
C CYS N 402 -37.49 18.05 -15.73
N SER N 403 -36.41 18.65 -16.23
CA SER N 403 -36.27 20.10 -16.26
C SER N 403 -36.75 20.71 -17.57
N LYS N 404 -36.62 20.00 -18.68
CA LYS N 404 -37.04 20.53 -19.97
C LYS N 404 -37.47 19.38 -20.87
N ALA N 405 -38.65 19.50 -21.46
CA ALA N 405 -39.17 18.54 -22.43
C ALA N 405 -39.42 19.29 -23.74
N ILE N 406 -38.39 19.39 -24.55
CA ILE N 406 -38.46 20.11 -25.82
C ILE N 406 -38.86 19.14 -26.92
N LEU N 407 -39.74 19.59 -27.81
CA LEU N 407 -40.15 18.80 -28.95
C LEU N 407 -39.30 19.19 -30.16
N ASN N 408 -39.69 18.68 -31.33
CA ASN N 408 -38.89 18.83 -32.54
C ASN N 408 -39.83 19.04 -33.72
N ASN N 409 -39.25 19.28 -34.90
CA ASN N 409 -40.02 19.25 -36.13
C ASN N 409 -40.26 17.84 -36.63
N ARG N 410 -39.56 16.84 -36.07
CA ARG N 410 -39.74 15.44 -36.39
C ARG N 410 -40.50 14.70 -35.31
N ASN N 411 -41.17 15.43 -34.41
CA ASN N 411 -41.90 14.89 -33.26
C ASN N 411 -40.99 14.04 -32.36
N SER N 412 -39.82 14.60 -32.07
CA SER N 412 -38.84 13.96 -31.20
C SER N 412 -38.78 14.71 -29.88
N LEU N 413 -38.91 13.98 -28.77
CA LEU N 413 -38.94 14.57 -27.45
C LEU N 413 -37.58 14.38 -26.78
N LEU N 414 -37.08 15.46 -26.17
CA LEU N 414 -35.78 15.46 -25.51
C LEU N 414 -35.98 15.88 -24.06
N LEU N 415 -35.54 15.04 -23.13
CA LEU N 415 -35.82 15.21 -21.71
C LEU N 415 -34.52 15.46 -20.96
N SER N 416 -34.50 16.49 -20.13
CA SER N 416 -33.35 16.84 -19.32
C SER N 416 -33.73 16.82 -17.86
N ASN N 417 -32.88 16.22 -17.03
CA ASN N 417 -33.18 16.04 -15.61
C ASN N 417 -32.59 17.17 -14.78
N PHE N 418 -33.07 17.27 -13.55
CA PHE N 418 -32.53 18.21 -12.57
C PHE N 418 -31.44 17.60 -11.70
N GLU N 419 -31.12 16.32 -11.88
CA GLU N 419 -30.19 15.63 -11.01
C GLU N 419 -28.91 15.22 -11.72
N ASN N 420 -29.00 14.43 -12.79
CA ASN N 420 -27.83 13.89 -13.46
C ASN N 420 -27.53 14.66 -14.74
N THR N 421 -26.61 14.13 -15.53
CA THR N 421 -26.12 14.78 -16.74
C THR N 421 -26.78 14.24 -18.01
N GLU N 422 -27.13 12.96 -18.04
CA GLU N 422 -27.59 12.30 -19.25
C GLU N 422 -28.94 12.85 -19.71
N ILE N 423 -29.18 12.75 -21.02
CA ILE N 423 -30.33 13.34 -21.67
C ILE N 423 -31.11 12.23 -22.36
N ASP N 424 -32.41 12.15 -22.07
CA ASP N 424 -33.27 11.11 -22.64
C ASP N 424 -33.95 11.60 -23.91
N GLU N 425 -34.13 10.69 -24.86
CA GLU N 425 -34.68 11.00 -26.17
C GLU N 425 -35.76 9.99 -26.52
N ILE N 426 -36.92 10.48 -26.93
CA ILE N 426 -38.02 9.64 -27.42
C ILE N 426 -38.20 9.97 -28.90
N ARG N 427 -37.64 9.12 -29.76
CA ARG N 427 -37.70 9.35 -31.20
C ARG N 427 -39.05 8.93 -31.76
N VAL N 428 -39.22 9.13 -33.07
CA VAL N 428 -40.46 8.81 -33.74
C VAL N 428 -40.33 7.57 -34.63
N ASN N 429 -39.10 7.19 -35.02
CA ASN N 429 -38.81 6.05 -35.89
C ASN N 429 -39.59 6.08 -37.21
N PHE N 496 -54.58 6.27 -21.41
CA PHE N 496 -53.33 6.90 -21.79
C PHE N 496 -52.68 6.19 -22.96
N TRP N 497 -52.19 6.96 -23.92
CA TRP N 497 -51.51 6.44 -25.08
C TRP N 497 -50.06 6.07 -24.74
N LYS N 498 -49.41 5.42 -25.68
CA LYS N 498 -47.96 5.34 -25.63
C LYS N 498 -47.36 6.64 -26.17
N PRO N 499 -46.19 7.04 -25.67
CA PRO N 499 -45.58 8.28 -26.21
C PRO N 499 -45.14 8.15 -27.65
N GLU N 500 -44.53 7.02 -28.01
CA GLU N 500 -44.08 6.81 -29.39
C GLU N 500 -45.24 6.76 -30.36
N LYS N 501 -46.34 6.10 -29.97
CA LYS N 501 -47.49 6.02 -30.86
C LYS N 501 -48.21 7.36 -30.98
N LEU N 502 -48.27 8.13 -29.89
CA LEU N 502 -48.89 9.45 -29.96
C LEU N 502 -48.06 10.41 -30.82
N LEU N 503 -46.73 10.33 -30.73
CA LEU N 503 -45.89 11.15 -31.59
C LEU N 503 -45.91 10.66 -33.04
N GLU N 504 -46.12 9.35 -33.25
CA GLU N 504 -46.21 8.81 -34.59
C GLU N 504 -47.54 9.12 -35.26
N LYS N 505 -48.60 9.30 -34.49
CA LYS N 505 -49.93 9.57 -35.05
C LYS N 505 -50.26 11.05 -35.09
N ASP N 506 -49.33 11.92 -34.71
CA ASP N 506 -49.56 13.35 -34.86
C ASP N 506 -49.48 13.74 -36.33
N ILE N 507 -49.98 14.93 -36.64
CA ILE N 507 -50.03 15.37 -38.03
C ILE N 507 -48.71 15.99 -38.48
N SER N 508 -47.85 16.37 -37.54
CA SER N 508 -46.55 16.95 -37.88
C SER N 508 -45.60 15.92 -38.50
N VAL N 509 -45.85 14.63 -38.31
CA VAL N 509 -45.02 13.59 -38.91
C VAL N 509 -45.75 12.95 -40.08
N ILE N 510 -47.09 12.96 -40.05
CA ILE N 510 -47.88 12.54 -41.20
C ILE N 510 -47.63 13.46 -42.39
N MET N 511 -47.64 14.78 -42.13
CA MET N 511 -47.34 15.75 -43.19
C MET N 511 -45.90 15.63 -43.67
N ARG N 512 -44.97 15.31 -42.77
CA ARG N 512 -43.58 15.13 -43.17
C ARG N 512 -43.41 13.91 -44.07
N THR N 513 -44.05 12.79 -43.73
CA THR N 513 -43.98 11.60 -44.57
C THR N 513 -44.65 11.83 -45.93
N ARG N 514 -45.79 12.53 -45.94
CA ARG N 514 -46.47 12.82 -47.20
C ARG N 514 -45.64 13.75 -48.07
N ALA N 515 -45.01 14.77 -47.48
CA ALA N 515 -44.15 15.67 -48.23
C ALA N 515 -42.90 14.97 -48.73
N SER N 516 -42.41 13.98 -47.98
CA SER N 516 -41.31 13.15 -48.47
C SER N 516 -41.74 12.31 -49.66
N LEU N 517 -42.99 11.82 -49.64
CA LEU N 517 -43.49 11.00 -50.73
C LEU N 517 -43.98 11.80 -51.92
N GLY N 518 -44.00 13.14 -51.83
CA GLY N 518 -44.46 13.95 -52.94
C GLY N 518 -45.96 14.19 -52.95
N TYR N 519 -46.49 14.77 -51.89
CA TYR N 519 -47.92 14.97 -51.72
C TYR N 519 -48.33 16.33 -52.30
N GLY N 520 -49.25 16.31 -53.25
CA GLY N 520 -49.86 17.50 -53.77
C GLY N 520 -49.31 18.00 -55.09
N LEU N 521 -48.20 17.45 -55.56
CA LEU N 521 -47.61 17.96 -56.80
C LEU N 521 -48.40 17.52 -58.02
N ASP N 522 -49.07 16.38 -57.95
CA ASP N 522 -49.94 15.89 -59.01
C ASP N 522 -51.08 15.11 -58.37
N PRO N 523 -52.34 15.53 -58.57
CA PRO N 523 -53.47 14.93 -57.82
C PRO N 523 -53.66 13.44 -58.08
N MET N 524 -53.39 12.97 -59.30
CA MET N 524 -53.46 11.53 -59.56
C MET N 524 -52.37 10.79 -58.81
N ASN N 525 -51.20 11.42 -58.66
CA ASN N 525 -50.13 10.81 -57.87
C ASN N 525 -50.50 10.73 -56.39
N THR N 526 -51.21 11.75 -55.89
CA THR N 526 -51.70 11.70 -54.51
C THR N 526 -52.74 10.59 -54.32
N VAL N 527 -53.64 10.44 -55.29
CA VAL N 527 -54.65 9.38 -55.20
C VAL N 527 -54.00 8.01 -55.25
N GLU N 528 -53.00 7.83 -56.13
CA GLU N 528 -52.28 6.57 -56.20
C GLU N 528 -51.43 6.33 -54.95
N MET N 529 -50.96 7.39 -54.30
CA MET N 529 -50.21 7.23 -53.05
C MET N 529 -51.11 6.79 -51.92
N ILE N 530 -52.27 7.44 -51.78
CA ILE N 530 -53.19 7.09 -50.68
C ILE N 530 -53.80 5.72 -50.90
N ASP N 531 -54.15 5.38 -52.15
CA ASP N 531 -54.74 4.08 -52.44
C ASP N 531 -53.74 2.94 -52.28
N SER N 532 -52.44 3.20 -52.38
CA SER N 532 -51.43 2.18 -52.13
C SER N 532 -50.98 2.13 -50.68
N SER N 533 -51.51 3.00 -49.82
CA SER N 533 -51.12 3.01 -48.41
C SER N 533 -52.32 3.34 -47.52
N ASN N 539 -59.27 8.43 -42.90
CA ASN N 539 -58.59 9.31 -43.82
C ASN N 539 -58.93 8.97 -45.27
N ALA N 540 -60.23 8.88 -45.56
CA ALA N 540 -60.70 8.59 -46.90
C ALA N 540 -61.25 9.82 -47.62
N TYR N 541 -61.51 10.92 -46.90
CA TYR N 541 -61.94 12.14 -47.56
C TYR N 541 -60.83 12.82 -48.34
N ILE N 542 -59.57 12.59 -47.96
CA ILE N 542 -58.44 13.14 -48.70
C ILE N 542 -58.36 12.56 -50.10
N ARG N 543 -58.58 11.25 -50.22
CA ARG N 543 -58.60 10.60 -51.54
C ARG N 543 -59.73 11.12 -52.40
N ASN N 544 -60.91 11.36 -51.80
CA ASN N 544 -62.04 11.85 -52.56
C ASN N 544 -61.82 13.28 -53.05
N THR N 545 -61.29 14.15 -52.18
CA THR N 545 -61.08 15.52 -52.63
C THR N 545 -59.94 15.63 -53.62
N TRP N 546 -58.92 14.76 -53.54
CA TRP N 546 -57.89 14.81 -54.56
C TRP N 546 -58.35 14.17 -55.88
N ARG N 547 -59.27 13.21 -55.82
CA ARG N 547 -59.89 12.71 -57.05
C ARG N 547 -60.71 13.80 -57.74
N TRP N 548 -61.47 14.57 -56.95
CA TRP N 548 -62.22 15.69 -57.53
C TRP N 548 -61.28 16.75 -58.09
N ILE N 549 -60.17 17.02 -57.40
CA ILE N 549 -59.21 18.00 -57.88
C ILE N 549 -58.55 17.53 -59.17
N ALA N 550 -58.29 16.22 -59.28
CA ALA N 550 -57.77 15.67 -60.54
C ALA N 550 -58.79 15.82 -61.67
N ILE N 551 -60.06 15.59 -61.38
CA ILE N 551 -61.11 15.74 -62.41
C ILE N 551 -61.23 17.19 -62.85
N ALA N 552 -61.22 18.12 -61.90
CA ALA N 552 -61.36 19.54 -62.22
C ALA N 552 -60.12 20.07 -62.93
N LYS N 553 -58.93 19.59 -62.56
CA LYS N 553 -57.71 20.00 -63.25
C LYS N 553 -57.65 19.44 -64.65
N ALA N 554 -58.19 18.24 -64.87
CA ALA N 554 -58.28 17.73 -66.23
C ALA N 554 -59.30 18.52 -67.05
N SER N 555 -60.37 18.98 -66.42
CA SER N 555 -61.37 19.79 -67.13
C SER N 555 -60.80 21.15 -67.50
N VAL N 556 -60.01 21.76 -66.61
CA VAL N 556 -59.39 23.05 -66.91
C VAL N 556 -58.29 22.89 -67.96
N ASP N 557 -57.45 21.86 -67.82
CA ASP N 557 -56.28 21.71 -68.70
C ASP N 557 -56.69 21.34 -70.12
N ASP N 558 -57.82 20.66 -70.29
CA ASP N 558 -58.32 20.31 -71.62
C ASP N 558 -59.11 21.44 -72.26
N GLY N 559 -59.28 22.56 -71.57
CA GLY N 559 -59.97 23.70 -72.14
C GLY N 559 -61.48 23.60 -72.14
N THR N 560 -62.05 22.68 -71.38
CA THR N 560 -63.51 22.57 -71.29
C THR N 560 -64.11 23.79 -70.58
N MET N 561 -63.38 24.36 -69.62
CA MET N 561 -63.82 25.57 -68.93
C MET N 561 -63.03 26.81 -69.32
N VAL N 562 -61.91 26.65 -70.03
CA VAL N 562 -61.11 27.80 -70.45
C VAL N 562 -61.82 28.59 -71.56
N SER N 563 -62.43 27.88 -72.51
CA SER N 563 -62.99 28.51 -73.70
C SER N 563 -64.20 29.37 -73.37
N GLY N 564 -64.36 30.46 -74.13
CA GLY N 564 -65.44 31.40 -73.95
C GLY N 564 -64.99 32.65 -73.23
N ASP N 565 -65.98 33.53 -72.99
CA ASP N 565 -65.79 34.74 -72.18
C ASP N 565 -66.04 34.49 -70.70
N LEU N 566 -65.83 33.24 -70.26
CA LEU N 566 -66.22 32.76 -68.95
C LEU N 566 -65.00 32.17 -68.26
N ASP N 567 -64.89 32.37 -66.95
CA ASP N 567 -63.82 31.69 -66.23
C ASP N 567 -64.24 30.26 -65.87
N LEU N 568 -65.25 30.12 -64.99
CA LEU N 568 -65.79 28.83 -64.51
C LEU N 568 -64.70 27.84 -64.10
N GLY N 569 -63.60 28.36 -63.56
CA GLY N 569 -62.46 27.54 -63.22
C GLY N 569 -62.47 27.15 -61.76
N TYR N 570 -62.53 25.82 -61.51
CA TYR N 570 -62.57 25.24 -60.17
C TYR N 570 -63.77 25.76 -59.38
N GLU N 571 -64.90 25.92 -60.06
CA GLU N 571 -66.12 26.39 -59.46
C GLU N 571 -66.98 25.19 -59.06
N GLY N 572 -67.58 25.27 -57.87
CA GLY N 572 -68.30 24.15 -57.31
C GLY N 572 -69.73 24.05 -57.79
N VAL N 573 -70.43 23.05 -57.26
CA VAL N 573 -71.81 22.78 -57.63
C VAL N 573 -72.73 23.89 -57.12
N ILE N 574 -72.44 24.42 -55.93
CA ILE N 574 -73.28 25.45 -55.32
C ILE N 574 -73.27 26.72 -56.16
N GLY N 575 -72.08 27.14 -56.62
CA GLY N 575 -71.99 28.35 -57.42
C GLY N 575 -72.67 28.24 -58.77
N ILE N 576 -72.60 27.06 -59.39
CA ILE N 576 -73.31 26.84 -60.65
C ILE N 576 -74.82 26.83 -60.43
N TRP N 577 -75.27 26.11 -59.39
CA TRP N 577 -76.70 25.92 -59.18
C TRP N 577 -77.38 27.19 -58.71
N ASN N 578 -76.71 28.02 -57.92
CA ASN N 578 -77.31 29.22 -57.37
C ASN N 578 -77.15 30.43 -58.28
N GLY N 579 -76.59 30.26 -59.47
CA GLY N 579 -76.47 31.36 -60.40
C GLY N 579 -75.20 32.16 -60.21
N ILE N 580 -75.31 33.29 -59.54
CA ILE N 580 -74.16 34.17 -59.31
C ILE N 580 -73.79 34.16 -57.84
N LEU N 595 -73.06 38.86 -67.31
CA LEU N 595 -73.60 39.80 -66.34
C LEU N 595 -75.13 39.71 -66.29
N SER N 596 -75.73 39.20 -67.37
CA SER N 596 -77.17 39.05 -67.47
C SER N 596 -77.56 37.59 -67.28
N ASP N 597 -78.85 37.38 -66.97
CA ASP N 597 -79.38 36.03 -66.83
C ASP N 597 -79.35 35.27 -68.15
N LYS N 598 -79.74 35.92 -69.26
CA LYS N 598 -79.59 35.31 -70.57
C LYS N 598 -78.13 35.14 -70.95
N GLN N 599 -77.27 36.09 -70.54
CA GLN N 599 -75.84 35.97 -70.80
C GLN N 599 -75.23 34.78 -70.06
N LEU N 600 -75.57 34.62 -68.78
CA LEU N 600 -75.06 33.47 -68.03
C LEU N 600 -75.64 32.16 -68.56
N ASN N 601 -76.90 32.18 -68.99
CA ASN N 601 -77.50 30.99 -69.58
C ASN N 601 -76.80 30.59 -70.88
N LYS N 602 -76.47 31.57 -71.72
CA LYS N 602 -75.82 31.21 -72.98
C LYS N 602 -74.36 30.82 -72.81
N GLU N 603 -73.63 31.42 -71.85
CA GLU N 603 -72.27 30.94 -71.62
C GLU N 603 -72.27 29.58 -70.93
N MET N 604 -73.29 29.26 -70.14
CA MET N 604 -73.41 27.89 -69.66
C MET N 604 -73.78 26.94 -70.78
N GLU N 605 -74.60 27.39 -71.72
CA GLU N 605 -75.02 26.54 -72.85
C GLU N 605 -73.84 26.22 -73.76
N LYS N 606 -72.94 27.19 -73.96
CA LYS N 606 -71.81 26.94 -74.88
C LYS N 606 -70.81 25.94 -74.32
N ILE N 607 -70.79 25.72 -73.01
CA ILE N 607 -69.94 24.67 -72.44
C ILE N 607 -70.47 23.29 -72.81
N ILE N 608 -71.79 23.10 -72.68
CA ILE N 608 -72.40 21.84 -73.10
C ILE N 608 -72.34 21.72 -74.62
N LYS N 609 -72.45 22.83 -75.34
CA LYS N 609 -72.23 22.80 -76.79
C LYS N 609 -70.75 22.97 -77.13
N LEU N 610 -69.91 22.18 -76.47
CA LEU N 610 -68.49 22.01 -76.76
C LEU N 610 -68.08 20.54 -76.78
N ARG N 611 -68.67 19.72 -75.92
CA ARG N 611 -68.37 18.29 -75.88
C ARG N 611 -69.65 17.46 -75.89
N ALA N 625 -84.73 18.31 -72.45
CA ALA N 625 -84.56 19.01 -71.18
C ALA N 625 -85.42 18.37 -70.09
N GLY N 626 -86.66 18.84 -69.97
CA GLY N 626 -87.57 18.35 -68.95
C GLY N 626 -87.44 19.00 -67.60
N SER N 627 -86.57 19.99 -67.45
CA SER N 627 -86.38 20.69 -66.18
C SER N 627 -86.31 22.18 -66.44
N PRO N 628 -86.79 23.01 -65.50
CA PRO N 628 -86.62 24.46 -65.64
C PRO N 628 -85.15 24.89 -65.64
N LYS N 629 -84.31 24.21 -64.88
CA LYS N 629 -82.88 24.48 -64.83
C LYS N 629 -82.18 23.20 -65.29
N TYR N 630 -82.01 23.05 -66.60
CA TYR N 630 -81.41 21.85 -67.14
C TYR N 630 -79.92 22.01 -67.45
N VAL N 631 -79.52 23.15 -68.00
CA VAL N 631 -78.12 23.37 -68.32
C VAL N 631 -77.28 23.49 -67.06
N GLN N 632 -77.87 24.01 -65.97
CA GLN N 632 -77.17 24.05 -64.69
C GLN N 632 -76.92 22.65 -64.16
N ARG N 633 -77.86 21.73 -64.36
CA ARG N 633 -77.65 20.34 -63.97
C ARG N 633 -76.55 19.68 -64.80
N ARG N 634 -76.49 20.03 -66.08
CA ARG N 634 -75.43 19.49 -66.95
C ARG N 634 -74.05 20.01 -66.52
N LEU N 635 -73.96 21.31 -66.20
CA LEU N 635 -72.69 21.85 -65.71
C LEU N 635 -72.31 21.27 -64.36
N CYS N 636 -73.29 21.03 -63.48
CA CYS N 636 -73.00 20.43 -62.19
C CYS N 636 -72.58 18.97 -62.34
N LEU N 637 -73.10 18.27 -63.35
CA LEU N 637 -72.62 16.92 -63.63
C LEU N 637 -71.23 16.94 -64.22
N ILE N 638 -70.89 17.98 -65.00
CA ILE N 638 -69.54 18.10 -65.54
C ILE N 638 -68.53 18.39 -64.45
N ILE N 639 -68.88 19.30 -63.52
CA ILE N 639 -67.98 19.64 -62.42
C ILE N 639 -67.75 18.45 -61.51
N SER N 640 -68.82 17.73 -61.17
CA SER N 640 -68.72 16.62 -60.24
C SER N 640 -68.15 15.35 -60.87
N GLY N 641 -67.83 15.38 -62.16
CA GLY N 641 -67.30 14.20 -62.84
C GLY N 641 -68.32 13.09 -62.97
N TRP N 642 -69.58 13.43 -63.22
CA TRP N 642 -70.67 12.47 -63.33
C TRP N 642 -71.43 12.66 -64.63
N ASP N 643 -70.69 12.78 -65.73
CA ASP N 643 -71.27 12.85 -67.06
C ASP N 643 -70.72 11.73 -67.95
N LEU N 644 -70.66 10.52 -67.39
CA LEU N 644 -70.19 9.36 -68.13
C LEU N 644 -71.35 8.67 -68.84
N SER N 645 -71.02 8.04 -69.97
CA SER N 645 -72.02 7.35 -70.78
C SER N 645 -72.21 5.92 -70.27
N ARG N 646 -73.10 5.18 -70.94
CA ARG N 646 -73.38 3.80 -70.54
C ARG N 646 -72.19 2.88 -70.79
N SER N 647 -71.51 3.08 -71.93
CA SER N 647 -70.26 2.37 -72.18
C SER N 647 -69.19 2.80 -71.17
N ASP N 648 -69.17 4.10 -70.84
CA ASP N 648 -68.28 4.58 -69.80
C ASP N 648 -68.68 4.05 -68.43
N TYR N 649 -69.99 3.84 -68.21
CA TYR N 649 -70.44 3.19 -66.97
C TYR N 649 -69.92 1.77 -66.87
N GLU N 650 -69.97 1.01 -67.98
CA GLU N 650 -69.46 -0.36 -67.97
C GLU N 650 -67.94 -0.37 -67.80
N ASP N 651 -67.24 0.60 -68.40
CA ASP N 651 -65.80 0.70 -68.23
C ASP N 651 -65.44 1.02 -66.79
N LYS N 652 -66.21 1.91 -66.15
CA LYS N 652 -65.97 2.21 -64.74
C LYS N 652 -66.27 1.01 -63.85
N TYR N 653 -67.30 0.23 -64.20
CA TYR N 653 -67.58 -1.01 -63.48
C TYR N 653 -66.40 -1.98 -63.58
N ASN N 654 -65.85 -2.13 -64.79
CA ASN N 654 -64.71 -3.03 -64.99
C ASN N 654 -63.48 -2.55 -64.23
N ILE N 655 -63.22 -1.23 -64.25
CA ILE N 655 -62.08 -0.67 -63.54
C ILE N 655 -62.22 -0.87 -62.03
N ILE N 656 -63.42 -0.63 -61.49
CA ILE N 656 -63.65 -0.80 -60.07
C ILE N 656 -63.56 -2.27 -59.66
N MET N 657 -64.07 -3.17 -60.50
CA MET N 657 -63.95 -4.60 -60.24
C MET N 657 -62.51 -5.09 -60.32
N LYS N 658 -61.68 -4.46 -61.16
CA LYS N 658 -60.30 -4.89 -61.32
C LYS N 658 -59.45 -4.65 -60.08
N ASN N 659 -59.87 -3.78 -59.17
CA ASN N 659 -59.15 -3.57 -57.92
C ASN N 659 -59.62 -4.49 -56.80
N GLY N 660 -60.52 -5.43 -57.08
CA GLY N 660 -61.08 -6.29 -56.07
C GLY N 660 -62.24 -5.71 -55.30
N HIS N 661 -62.67 -4.49 -55.61
CA HIS N 661 -63.77 -3.84 -54.91
C HIS N 661 -65.06 -4.17 -55.64
N TYR N 662 -65.63 -5.32 -55.29
CA TYR N 662 -66.93 -5.72 -55.85
C TYR N 662 -68.08 -4.95 -55.20
N GLU N 663 -67.96 -4.65 -53.91
CA GLU N 663 -69.02 -3.91 -53.22
C GLU N 663 -69.16 -2.50 -53.77
N LYS N 664 -68.03 -1.87 -54.12
CA LYS N 664 -68.07 -0.53 -54.72
C LYS N 664 -68.72 -0.57 -56.09
N ALA N 665 -68.46 -1.62 -56.87
CA ALA N 665 -69.08 -1.75 -58.18
C ALA N 665 -70.59 -1.98 -58.06
N ALA N 666 -71.00 -2.79 -57.08
CA ALA N 666 -72.44 -2.99 -56.84
C ALA N 666 -73.11 -1.70 -56.40
N ALA N 667 -72.44 -0.92 -55.54
CA ALA N 667 -72.97 0.36 -55.12
C ALA N 667 -73.07 1.34 -56.28
N TRP N 668 -72.07 1.35 -57.16
CA TRP N 668 -72.12 2.20 -58.34
C TRP N 668 -73.24 1.79 -59.29
N ALA N 669 -73.48 0.48 -59.42
CA ALA N 669 -74.56 0.01 -60.27
C ALA N 669 -75.93 0.38 -59.70
N VAL N 670 -76.08 0.30 -58.38
CA VAL N 670 -77.33 0.69 -57.74
C VAL N 670 -77.52 2.21 -57.83
N PHE N 671 -76.42 2.97 -57.73
CA PHE N 671 -76.50 4.43 -57.81
C PHE N 671 -77.02 4.90 -59.16
N PHE N 672 -76.62 4.24 -60.24
CA PHE N 672 -77.13 4.59 -61.56
C PHE N 672 -78.48 3.93 -61.86
N GLY N 673 -79.00 3.13 -60.94
CA GLY N 673 -80.27 2.45 -61.10
C GLY N 673 -80.20 1.07 -61.70
N ASP N 674 -79.02 0.59 -62.07
CA ASP N 674 -78.87 -0.73 -62.69
C ASP N 674 -78.71 -1.79 -61.59
N ILE N 675 -79.81 -2.03 -60.89
CA ILE N 675 -79.88 -3.03 -59.82
C ILE N 675 -79.70 -4.46 -60.35
N PRO N 676 -80.29 -4.89 -61.48
CA PRO N 676 -79.90 -6.20 -62.03
C PRO N 676 -78.43 -6.29 -62.40
N LYS N 677 -77.82 -5.18 -62.83
CA LYS N 677 -76.38 -5.19 -63.08
C LYS N 677 -75.60 -5.32 -61.79
N ALA N 678 -76.11 -4.76 -60.68
CA ALA N 678 -75.49 -4.99 -59.38
C ALA N 678 -75.61 -6.45 -58.96
N VAL N 679 -76.75 -7.07 -59.25
CA VAL N 679 -76.93 -8.50 -58.99
C VAL N 679 -75.91 -9.32 -59.78
N GLU N 680 -75.73 -8.98 -61.06
CA GLU N 680 -74.77 -9.70 -61.91
C GLU N 680 -73.34 -9.47 -61.43
N ILE N 681 -73.02 -8.24 -61.02
CA ILE N 681 -71.65 -7.92 -60.61
C ILE N 681 -71.30 -8.62 -59.31
N LEU N 682 -72.18 -8.54 -58.31
CA LEU N 682 -71.93 -9.22 -57.05
C LEU N 682 -72.06 -10.74 -57.19
N GLY N 683 -72.80 -11.22 -58.18
CA GLY N 683 -72.73 -12.62 -58.53
C GLY N 683 -71.39 -12.98 -59.14
N SER N 684 -70.99 -14.24 -58.95
CA SER N 684 -69.69 -14.77 -59.39
C SER N 684 -68.53 -13.95 -58.83
N ALA N 685 -68.64 -13.58 -57.55
CA ALA N 685 -67.58 -12.86 -56.87
C ALA N 685 -66.61 -13.87 -56.23
N LYS N 686 -65.69 -13.37 -55.41
CA LYS N 686 -64.69 -14.21 -54.78
C LYS N 686 -65.01 -14.55 -53.34
N LYS N 687 -66.14 -14.09 -52.81
CA LYS N 687 -66.49 -14.32 -51.42
C LYS N 687 -67.89 -14.92 -51.29
N GLU N 688 -68.02 -15.85 -50.34
CA GLU N 688 -69.31 -16.47 -50.04
C GLU N 688 -70.29 -15.49 -49.42
N ARG N 689 -69.78 -14.57 -48.58
CA ARG N 689 -70.61 -13.52 -48.00
C ARG N 689 -71.14 -12.60 -49.07
N LEU N 690 -70.31 -12.28 -50.07
CA LEU N 690 -70.74 -11.46 -51.19
C LEU N 690 -71.81 -12.18 -52.01
N ARG N 691 -71.72 -13.51 -52.13
CA ARG N 691 -72.75 -14.25 -52.86
C ARG N 691 -74.08 -14.25 -52.10
N LEU N 692 -74.02 -14.35 -50.77
CA LEU N 692 -75.24 -14.24 -49.97
C LEU N 692 -75.87 -12.85 -50.09
N ILE N 693 -75.03 -11.81 -50.09
CA ILE N 693 -75.50 -10.45 -50.28
C ILE N 693 -76.10 -10.29 -51.67
N ALA N 694 -75.51 -10.95 -52.68
CA ALA N 694 -76.03 -10.91 -54.03
C ALA N 694 -77.40 -11.57 -54.12
N THR N 695 -77.59 -12.69 -53.42
CA THR N 695 -78.90 -13.33 -53.38
C THR N 695 -79.93 -12.45 -52.69
N ALA N 696 -79.53 -11.76 -51.61
CA ALA N 696 -80.43 -10.84 -50.92
C ALA N 696 -80.86 -9.68 -51.83
N ILE N 697 -79.91 -9.14 -52.59
CA ILE N 697 -80.23 -8.04 -53.52
C ILE N 697 -81.10 -8.55 -54.68
N ALA N 698 -80.81 -9.77 -55.15
CA ALA N 698 -81.64 -10.41 -56.17
C ALA N 698 -83.06 -10.70 -55.70
N GLY N 699 -83.29 -10.80 -54.40
CA GLY N 699 -84.65 -10.90 -53.91
C GLY N 699 -85.45 -9.62 -53.86
N TYR N 700 -85.19 -8.71 -54.79
CA TYR N 700 -85.92 -7.45 -54.89
C TYR N 700 -86.65 -7.27 -56.22
N LEU N 701 -86.14 -7.85 -57.31
CA LEU N 701 -86.63 -7.50 -58.65
C LEU N 701 -88.09 -7.90 -58.85
N ALA N 702 -88.49 -9.05 -58.33
CA ALA N 702 -89.90 -9.43 -58.34
C ALA N 702 -90.69 -8.79 -57.21
N TYR N 703 -90.02 -8.18 -56.24
CA TYR N 703 -90.65 -7.58 -55.08
C TYR N 703 -91.03 -6.12 -55.27
N LYS N 704 -90.53 -5.48 -56.34
CA LYS N 704 -90.76 -4.05 -56.54
C LYS N 704 -92.21 -3.70 -56.83
N ASP N 705 -93.02 -4.67 -57.26
CA ASP N 705 -94.44 -4.44 -57.49
C ASP N 705 -95.25 -4.52 -56.20
N LEU N 706 -94.69 -5.07 -55.13
CA LEU N 706 -95.41 -5.25 -53.88
C LEU N 706 -95.59 -3.93 -53.15
N PRO N 707 -96.70 -3.76 -52.42
CA PRO N 707 -96.80 -2.62 -51.49
C PRO N 707 -95.77 -2.65 -50.38
N GLY N 708 -95.38 -3.83 -49.91
CA GLY N 708 -94.30 -3.96 -48.96
C GLY N 708 -94.70 -4.41 -47.57
N ASN N 709 -94.08 -3.81 -46.55
CA ASN N 709 -94.34 -4.04 -45.13
C ASN N 709 -94.08 -5.49 -44.71
N ASN N 710 -93.27 -6.22 -45.47
CA ASN N 710 -93.00 -7.62 -45.22
C ASN N 710 -92.03 -7.78 -44.04
N ALA N 711 -91.88 -9.03 -43.59
CA ALA N 711 -90.79 -9.36 -42.68
C ALA N 711 -89.44 -9.35 -43.40
N TRP N 712 -89.45 -9.54 -44.72
CA TRP N 712 -88.22 -9.44 -45.49
C TRP N 712 -87.71 -8.00 -45.55
N ARG N 713 -88.61 -7.02 -45.65
CA ARG N 713 -88.22 -5.62 -45.58
C ARG N 713 -87.65 -5.28 -44.20
N GLN N 714 -88.22 -5.86 -43.14
CA GLN N 714 -87.69 -5.67 -41.80
C GLN N 714 -86.30 -6.30 -41.66
N GLN N 715 -86.11 -7.46 -42.29
CA GLN N 715 -84.80 -8.10 -42.29
C GLN N 715 -83.76 -7.26 -43.01
N CYS N 716 -84.15 -6.68 -44.15
CA CYS N 716 -83.24 -5.79 -44.89
C CYS N 716 -82.92 -4.53 -44.08
N ARG N 717 -83.91 -3.96 -43.39
CA ARG N 717 -83.66 -2.78 -42.57
C ARG N 717 -82.71 -3.09 -41.41
N LYS N 718 -82.91 -4.24 -40.76
CA LYS N 718 -82.03 -4.65 -39.67
C LYS N 718 -80.62 -4.94 -40.18
N MET N 719 -80.51 -5.58 -41.34
CA MET N 719 -79.21 -5.87 -41.93
C MET N 719 -78.47 -4.61 -42.34
N SER N 720 -79.19 -3.62 -42.86
CA SER N 720 -78.58 -2.34 -43.18
C SER N 720 -78.16 -1.61 -41.91
N SER N 721 -78.89 -1.83 -40.82
CA SER N 721 -78.53 -1.20 -39.55
C SER N 721 -77.29 -1.85 -38.94
N GLU N 722 -77.11 -3.16 -39.13
CA GLU N 722 -76.05 -3.88 -38.42
C GLU N 722 -74.76 -4.01 -39.23
N LEU N 723 -74.80 -3.81 -40.55
CA LEU N 723 -73.63 -4.05 -41.37
C LEU N 723 -72.58 -2.95 -41.20
N ASP N 724 -71.31 -3.34 -41.35
CA ASP N 724 -70.20 -2.41 -41.20
C ASP N 724 -69.73 -1.82 -42.52
N ASP N 725 -69.88 -2.55 -43.62
CA ASP N 725 -69.48 -2.06 -44.93
C ASP N 725 -70.48 -1.00 -45.36
N PRO N 726 -70.06 0.25 -45.61
CA PRO N 726 -71.04 1.30 -45.96
C PRO N 726 -71.75 1.08 -47.28
N TYR N 727 -71.11 0.45 -48.27
CA TYR N 727 -71.75 0.26 -49.57
C TYR N 727 -72.88 -0.75 -49.48
N LEU N 728 -72.64 -1.89 -48.80
CA LEU N 728 -73.69 -2.87 -48.62
C LEU N 728 -74.81 -2.33 -47.72
N ARG N 729 -74.47 -1.47 -46.76
CA ARG N 729 -75.49 -0.78 -45.97
C ARG N 729 -76.33 0.13 -46.86
N VAL N 730 -75.70 0.80 -47.83
CA VAL N 730 -76.42 1.62 -48.80
C VAL N 730 -77.39 0.75 -49.60
N ILE N 731 -76.92 -0.42 -50.05
CA ILE N 731 -77.77 -1.27 -50.88
C ILE N 731 -78.96 -1.78 -50.08
N PHE N 732 -78.72 -2.28 -48.88
CA PHE N 732 -79.81 -2.87 -48.10
C PHE N 732 -80.76 -1.81 -47.58
N ALA N 733 -80.29 -0.59 -47.33
CA ALA N 733 -81.19 0.48 -46.93
C ALA N 733 -81.96 1.05 -48.11
N PHE N 734 -81.42 0.95 -49.32
CA PHE N 734 -82.14 1.46 -50.48
C PHE N 734 -83.15 0.46 -51.02
N ILE N 735 -82.85 -0.84 -50.95
CA ILE N 735 -83.74 -1.85 -51.52
C ILE N 735 -85.06 -1.89 -50.77
N ALA N 736 -85.02 -1.88 -49.44
CA ALA N 736 -86.22 -1.76 -48.63
C ALA N 736 -86.56 -0.28 -48.47
N ASP N 737 -87.83 0.07 -48.72
CA ASP N 737 -88.32 1.45 -48.68
C ASP N 737 -87.53 2.33 -49.65
N ASN N 738 -87.74 2.05 -50.93
CA ASN N 738 -86.90 2.59 -52.00
C ASN N 738 -87.13 4.09 -52.18
N ASP N 739 -86.44 4.87 -51.35
CA ASP N 739 -86.34 6.31 -51.50
C ASP N 739 -84.87 6.70 -51.48
N TRP N 740 -84.55 7.82 -52.10
CA TRP N 740 -83.16 8.25 -52.23
C TRP N 740 -82.67 9.04 -51.03
N TRP N 741 -83.57 9.53 -50.18
CA TRP N 741 -83.18 10.33 -49.02
C TRP N 741 -82.53 9.51 -47.91
N ASP N 742 -82.60 8.18 -47.97
CA ASP N 742 -81.95 7.33 -46.98
C ASP N 742 -80.53 6.98 -47.36
N ILE N 743 -80.06 7.44 -48.52
CA ILE N 743 -78.74 7.14 -49.01
C ILE N 743 -77.85 8.38 -49.04
N LEU N 744 -78.41 9.52 -49.45
CA LEU N 744 -77.65 10.73 -49.72
C LEU N 744 -77.56 11.66 -48.51
N TYR N 745 -77.85 11.17 -47.30
CA TYR N 745 -77.68 11.96 -46.09
C TYR N 745 -76.61 11.42 -45.15
N GLU N 746 -76.22 10.15 -45.27
CA GLU N 746 -75.24 9.63 -44.34
C GLU N 746 -73.84 10.14 -44.73
N PRO N 747 -72.91 10.23 -43.78
CA PRO N 747 -71.54 10.60 -44.12
C PRO N 747 -70.59 9.44 -44.38
N ALA N 748 -71.10 8.21 -44.47
CA ALA N 748 -70.22 7.06 -44.68
C ALA N 748 -69.72 7.00 -46.11
N ILE N 749 -70.55 7.37 -47.08
CA ILE N 749 -70.16 7.34 -48.48
C ILE N 749 -69.69 8.72 -48.90
N SER N 750 -68.98 8.78 -50.02
CA SER N 750 -68.40 10.03 -50.49
C SER N 750 -69.47 10.99 -50.97
N LEU N 751 -69.19 12.29 -50.83
CA LEU N 751 -70.11 13.32 -51.28
C LEU N 751 -70.21 13.38 -52.79
N ARG N 752 -69.14 13.00 -53.50
CA ARG N 752 -69.19 12.92 -54.96
C ARG N 752 -70.17 11.85 -55.41
N GLU N 753 -70.16 10.68 -54.75
CA GLU N 753 -71.11 9.63 -55.09
C GLU N 753 -72.52 9.97 -54.65
N ARG N 754 -72.65 10.79 -53.60
CA ARG N 754 -73.96 11.27 -53.18
C ARG N 754 -74.54 12.26 -54.20
N LEU N 755 -73.69 13.15 -54.74
CA LEU N 755 -74.16 14.04 -55.78
C LEU N 755 -74.34 13.34 -57.12
N GLY N 756 -73.73 12.17 -57.29
CA GLY N 756 -74.01 11.35 -58.46
C GLY N 756 -75.43 10.83 -58.51
N VAL N 757 -76.13 10.77 -57.39
CA VAL N 757 -77.54 10.41 -57.36
C VAL N 757 -78.44 11.59 -57.03
N ALA N 758 -77.91 12.66 -56.42
CA ALA N 758 -78.74 13.82 -56.13
C ALA N 758 -78.98 14.65 -57.39
N LEU N 759 -77.99 14.76 -58.27
CA LEU N 759 -78.16 15.50 -59.51
C LEU N 759 -78.78 14.67 -60.62
N ARG N 760 -78.89 13.36 -60.43
CA ARG N 760 -79.37 12.45 -61.46
C ARG N 760 -80.76 11.91 -61.21
N PHE N 761 -81.06 11.50 -59.99
CA PHE N 761 -82.32 10.83 -59.66
C PHE N 761 -83.13 11.62 -58.64
N LEU N 762 -83.16 12.94 -58.79
CA LEU N 762 -83.86 13.79 -57.85
C LEU N 762 -84.23 15.08 -58.57
N ASN N 763 -85.26 15.76 -58.05
CA ASN N 763 -85.85 16.90 -58.73
C ASN N 763 -85.39 18.23 -58.14
N ASP N 764 -85.48 19.28 -58.96
CA ASP N 764 -84.90 20.57 -58.62
C ASP N 764 -85.60 21.27 -57.45
N THR N 765 -86.77 20.78 -57.04
CA THR N 765 -87.49 21.40 -55.92
C THR N 765 -86.77 21.14 -54.60
N ASP N 766 -86.28 19.91 -54.41
CA ASP N 766 -85.59 19.52 -53.19
C ASP N 766 -84.07 19.49 -53.35
N LEU N 767 -83.57 19.60 -54.58
CA LEU N 767 -82.12 19.61 -54.80
C LEU N 767 -81.48 20.85 -54.20
N THR N 768 -82.14 22.00 -54.30
CA THR N 768 -81.60 23.21 -53.69
C THR N 768 -81.61 23.11 -52.17
N THR N 769 -82.61 22.45 -51.58
CA THR N 769 -82.62 22.25 -50.14
C THR N 769 -81.48 21.32 -49.70
N PHE N 770 -81.29 20.22 -50.44
CA PHE N 770 -80.21 19.30 -50.13
C PHE N 770 -78.85 19.98 -50.25
N LEU N 771 -78.65 20.74 -51.32
CA LEU N 771 -77.38 21.42 -51.53
C LEU N 771 -77.13 22.49 -50.46
N ASP N 772 -78.18 23.21 -50.06
CA ASP N 772 -78.03 24.21 -49.00
C ASP N 772 -77.68 23.56 -47.67
N ARG N 773 -78.36 22.46 -47.31
CA ARG N 773 -78.06 21.79 -46.05
C ARG N 773 -76.65 21.19 -46.05
N THR N 774 -76.24 20.57 -47.16
CA THR N 774 -74.91 19.98 -47.21
C THR N 774 -73.81 21.04 -47.22
N SER N 775 -74.04 22.16 -47.90
CA SER N 775 -73.07 23.26 -47.89
C SER N 775 -72.96 23.88 -46.51
N SER N 776 -74.09 24.09 -45.83
CA SER N 776 -74.04 24.65 -44.48
C SER N 776 -73.42 23.68 -43.50
N THR N 777 -73.54 22.38 -43.75
CA THR N 777 -72.85 21.40 -42.92
C THR N 777 -71.34 21.46 -43.13
N VAL N 778 -70.90 21.44 -44.39
CA VAL N 778 -69.47 21.31 -44.65
C VAL N 778 -68.71 22.61 -44.45
N ILE N 779 -69.38 23.77 -44.48
CA ILE N 779 -68.68 25.03 -44.24
C ILE N 779 -68.24 25.13 -42.79
N GLU N 780 -69.15 24.81 -41.86
CA GLU N 780 -68.82 24.93 -40.44
C GLU N 780 -68.15 23.68 -39.87
N ASN N 781 -68.40 22.50 -40.44
CA ASN N 781 -67.69 21.31 -39.98
C ASN N 781 -66.26 21.27 -40.50
N GLY N 782 -66.03 21.70 -41.73
CA GLY N 782 -64.69 21.69 -42.29
C GLY N 782 -64.29 20.36 -42.86
N GLU N 783 -65.09 19.84 -43.79
CA GLU N 783 -64.81 18.58 -44.47
C GLU N 783 -64.26 18.88 -45.86
N LEU N 784 -63.17 18.20 -46.21
CA LEU N 784 -62.52 18.42 -47.50
C LEU N 784 -63.37 17.95 -48.67
N GLU N 785 -64.38 17.10 -48.43
CA GLU N 785 -65.29 16.69 -49.48
C GLU N 785 -66.33 17.76 -49.80
N GLY N 786 -66.39 18.85 -49.04
CA GLY N 786 -67.28 19.94 -49.38
C GLY N 786 -66.82 20.77 -50.58
N LEU N 787 -65.59 20.56 -51.04
CA LEU N 787 -65.09 21.23 -52.23
C LEU N 787 -65.79 20.78 -53.50
N ILE N 788 -66.56 19.69 -53.45
CA ILE N 788 -67.51 19.40 -54.52
C ILE N 788 -68.51 20.54 -54.65
N LEU N 789 -69.01 21.03 -53.51
CA LEU N 789 -70.04 22.06 -53.51
C LEU N 789 -69.45 23.45 -53.66
N THR N 790 -68.38 23.75 -52.92
CA THR N 790 -67.89 25.12 -52.89
C THR N 790 -66.76 25.40 -53.88
N GLY N 791 -66.10 24.36 -54.41
CA GLY N 791 -64.98 24.61 -55.29
C GLY N 791 -63.79 25.21 -54.56
N ILE N 792 -63.04 26.05 -55.26
CA ILE N 792 -61.90 26.74 -54.68
C ILE N 792 -62.25 28.22 -54.65
N THR N 793 -63.54 28.50 -54.41
CA THR N 793 -64.05 29.85 -54.21
C THR N 793 -63.57 30.39 -52.86
N PRO N 794 -63.83 31.67 -52.55
CA PRO N 794 -63.61 32.15 -51.17
C PRO N 794 -64.38 31.37 -50.11
N ASN N 795 -65.56 30.84 -50.44
CA ASN N 795 -66.22 29.92 -49.52
C ASN N 795 -65.42 28.63 -49.35
N GLY N 796 -64.75 28.17 -50.40
CA GLY N 796 -63.80 27.08 -50.26
C GLY N 796 -62.64 27.43 -49.36
N ILE N 797 -62.19 28.69 -49.39
CA ILE N 797 -61.13 29.12 -48.47
C ILE N 797 -61.64 29.14 -47.04
N ASP N 798 -62.91 29.50 -46.84
CA ASP N 798 -63.52 29.42 -45.51
C ASP N 798 -63.60 27.97 -45.03
N LEU N 799 -63.96 27.06 -45.93
CA LEU N 799 -63.97 25.63 -45.60
C LEU N 799 -62.57 25.13 -45.23
N LEU N 800 -61.56 25.56 -45.98
CA LEU N 800 -60.18 25.17 -45.68
C LEU N 800 -59.70 25.79 -44.37
N GLN N 801 -60.18 26.99 -44.04
CA GLN N 801 -59.83 27.61 -42.77
C GLN N 801 -60.44 26.83 -41.60
N SER N 802 -61.68 26.39 -41.74
CA SER N 802 -62.28 25.52 -40.72
C SER N 802 -61.55 24.19 -40.63
N TYR N 803 -61.09 23.66 -41.76
CA TYR N 803 -60.31 22.42 -41.77
C TYR N 803 -58.98 22.60 -41.05
N VAL N 804 -58.34 23.75 -41.22
CA VAL N 804 -57.08 24.03 -40.53
C VAL N 804 -57.34 24.21 -39.03
N ASN N 805 -58.44 24.87 -38.68
CA ASN N 805 -58.81 25.01 -37.26
C ASN N 805 -59.09 23.66 -36.61
N LYS N 806 -59.64 22.71 -37.37
CA LYS N 806 -60.01 21.43 -36.80
C LYS N 806 -58.87 20.42 -36.77
N THR N 807 -58.00 20.43 -37.79
CA THR N 807 -57.01 19.38 -37.96
C THR N 807 -55.58 19.84 -38.01
N SER N 808 -55.33 21.15 -38.20
CA SER N 808 -54.00 21.73 -38.41
C SER N 808 -53.27 21.10 -39.60
N ASP N 809 -54.05 20.77 -40.64
CA ASP N 809 -53.49 20.22 -41.89
C ASP N 809 -53.29 21.37 -42.86
N VAL N 810 -52.22 22.14 -42.63
CA VAL N 810 -51.93 23.28 -43.50
C VAL N 810 -51.32 22.83 -44.83
N GLN N 811 -50.78 21.61 -44.89
CA GLN N 811 -50.21 21.10 -46.14
C GLN N 811 -51.29 20.87 -47.19
N SER N 812 -52.35 20.15 -46.83
CA SER N 812 -53.44 19.90 -47.76
C SER N 812 -54.18 21.20 -48.09
N ALA N 813 -54.31 22.10 -47.11
CA ALA N 813 -54.94 23.38 -47.35
C ALA N 813 -54.16 24.21 -48.37
N ALA N 814 -52.83 24.24 -48.23
CA ALA N 814 -52.00 25.01 -49.17
C ALA N 814 -52.05 24.40 -50.58
N LEU N 815 -51.91 23.08 -50.67
CA LEU N 815 -51.91 22.43 -51.98
C LEU N 815 -53.27 22.50 -52.66
N ILE N 816 -54.36 22.51 -51.89
CA ILE N 816 -55.67 22.73 -52.48
C ILE N 816 -55.81 24.18 -52.92
N SER N 817 -55.33 25.11 -52.09
CA SER N 817 -55.57 26.53 -52.32
C SER N 817 -54.81 27.06 -53.54
N ILE N 818 -53.59 26.57 -53.77
CA ILE N 818 -52.76 27.10 -54.85
C ILE N 818 -53.31 26.83 -56.25
N PHE N 819 -54.36 26.01 -56.38
CA PHE N 819 -54.97 25.80 -57.68
C PHE N 819 -55.75 27.03 -58.17
N GLY N 820 -56.36 27.78 -57.25
CA GLY N 820 -57.17 28.90 -57.68
C GLY N 820 -57.13 30.15 -56.82
N SER N 821 -56.30 30.16 -55.77
CA SER N 821 -56.36 31.30 -54.86
C SER N 821 -55.65 32.56 -55.35
N PRO N 822 -54.44 32.51 -55.98
CA PRO N 822 -53.91 33.75 -56.56
C PRO N 822 -54.43 33.98 -57.98
N ARG N 823 -54.87 32.91 -58.64
CA ARG N 823 -55.28 32.99 -60.03
C ARG N 823 -56.60 33.74 -60.18
N TYR N 824 -57.54 33.54 -59.27
CA TYR N 824 -58.88 34.10 -59.40
C TYR N 824 -59.21 35.19 -58.39
N PHE N 825 -58.53 35.23 -57.24
CA PHE N 825 -58.76 36.26 -56.22
C PHE N 825 -57.43 36.49 -55.50
N ARG N 826 -57.51 37.04 -54.29
CA ARG N 826 -56.34 37.17 -53.42
C ARG N 826 -56.81 37.31 -51.98
N ASP N 827 -56.26 36.47 -51.09
CA ASP N 827 -56.58 36.54 -49.67
C ASP N 827 -55.34 36.23 -48.85
N GLN N 828 -55.34 36.74 -47.61
CA GLN N 828 -54.17 36.63 -46.75
C GLN N 828 -54.01 35.25 -46.14
N ARG N 829 -55.12 34.52 -45.95
CA ARG N 829 -55.06 33.21 -45.31
C ARG N 829 -54.29 32.20 -46.14
N VAL N 830 -54.46 32.24 -47.46
CA VAL N 830 -53.72 31.32 -48.34
C VAL N 830 -52.24 31.67 -48.35
N ASP N 831 -51.92 32.96 -48.29
CA ASP N 831 -50.52 33.38 -48.19
C ASP N 831 -49.90 32.89 -46.90
N GLU N 832 -50.65 32.95 -45.80
CA GLU N 832 -50.17 32.43 -44.53
C GLU N 832 -49.95 30.92 -44.60
N TRP N 833 -50.87 30.18 -45.24
CA TRP N 833 -50.72 28.74 -45.36
C TRP N 833 -49.53 28.36 -46.23
N ILE N 834 -49.32 29.10 -47.33
CA ILE N 834 -48.20 28.83 -48.23
C ILE N 834 -46.88 29.10 -47.53
N GLN N 835 -46.78 30.23 -46.83
CA GLN N 835 -45.55 30.56 -46.10
C GLN N 835 -45.28 29.56 -44.98
N THR N 836 -46.33 29.11 -44.28
CA THR N 836 -46.16 28.15 -43.20
C THR N 836 -45.68 26.80 -43.74
N TYR N 837 -46.27 26.34 -44.85
CA TYR N 837 -45.85 25.07 -45.42
C TYR N 837 -44.45 25.15 -46.00
N ARG N 838 -44.07 26.29 -46.58
CA ARG N 838 -42.71 26.46 -47.07
C ARG N 838 -41.70 26.48 -45.94
N ASP N 839 -42.04 27.12 -44.83
CA ASP N 839 -41.16 27.12 -43.66
C ASP N 839 -41.01 25.72 -43.08
N MET N 840 -42.11 24.95 -43.06
CA MET N 840 -42.02 23.58 -42.56
C MET N 840 -41.22 22.69 -43.50
N LEU N 841 -41.33 22.91 -44.81
CA LEU N 841 -40.51 22.18 -45.76
C LEU N 841 -39.03 22.52 -45.63
N LYS N 842 -38.73 23.79 -45.31
CA LYS N 842 -37.35 24.16 -45.01
C LYS N 842 -36.87 23.50 -43.73
N SER N 843 -37.74 23.40 -42.72
CA SER N 843 -37.32 22.84 -41.44
C SER N 843 -37.07 21.34 -41.52
N TRP N 844 -37.73 20.64 -42.43
CA TRP N 844 -37.51 19.21 -42.65
C TRP N 844 -36.40 18.94 -43.66
N GLU N 845 -35.72 19.99 -44.13
CA GLU N 845 -34.67 19.92 -45.15
C GLU N 845 -35.17 19.31 -46.46
N LEU N 846 -36.43 19.52 -46.78
CA LEU N 846 -36.99 19.11 -48.07
C LEU N 846 -37.01 20.30 -49.03
N PHE N 847 -35.80 20.72 -49.42
CA PHE N 847 -35.66 21.90 -50.26
C PHE N 847 -36.11 21.61 -51.69
N SER N 848 -35.87 20.40 -52.19
CA SER N 848 -36.30 20.03 -53.53
C SER N 848 -37.82 20.02 -53.63
N MET N 849 -38.49 19.52 -52.58
CA MET N 849 -39.96 19.54 -52.58
C MET N 849 -40.49 20.96 -52.45
N ARG N 850 -39.79 21.82 -51.72
CA ARG N 850 -40.17 23.23 -51.64
C ARG N 850 -40.05 23.91 -53.01
N ALA N 851 -38.98 23.59 -53.74
CA ALA N 851 -38.83 24.15 -55.08
C ALA N 851 -39.88 23.61 -56.05
N ARG N 852 -40.24 22.33 -55.92
CA ARG N 852 -41.33 21.79 -56.72
C ARG N 852 -42.66 22.46 -56.38
N PHE N 853 -42.87 22.75 -55.10
CA PHE N 853 -44.05 23.50 -54.68
C PHE N 853 -44.07 24.90 -55.29
N ASP N 854 -42.91 25.55 -55.33
CA ASP N 854 -42.83 26.89 -55.92
C ASP N 854 -43.10 26.88 -57.41
N VAL N 855 -42.56 25.91 -58.14
CA VAL N 855 -42.82 25.86 -59.58
C VAL N 855 -44.26 25.43 -59.86
N LEU N 856 -44.88 24.66 -58.94
CA LEU N 856 -46.28 24.33 -59.10
C LEU N 856 -47.16 25.55 -58.85
N ARG N 857 -46.77 26.39 -57.88
CA ARG N 857 -47.48 27.64 -57.64
C ARG N 857 -47.38 28.57 -58.84
N SER N 858 -46.19 28.66 -59.43
CA SER N 858 -46.01 29.52 -60.60
C SER N 858 -46.71 28.98 -61.83
N LYS N 859 -46.83 27.65 -61.96
CA LYS N 859 -47.53 27.08 -63.10
C LYS N 859 -49.04 27.26 -63.00
N LEU N 860 -49.59 27.21 -61.78
CA LEU N 860 -51.02 27.28 -61.56
C LEU N 860 -51.54 28.70 -61.36
N SER N 861 -50.69 29.72 -61.50
CA SER N 861 -51.13 31.10 -61.43
C SER N 861 -51.36 31.71 -62.81
N ARG N 862 -51.26 30.90 -63.87
CA ARG N 862 -51.50 31.40 -65.21
C ARG N 862 -53.00 31.60 -65.42
N THR N 863 -53.38 32.83 -65.79
CA THR N 863 -54.78 33.14 -66.05
C THR N 863 -55.17 32.67 -67.45
N LYS N 864 -56.42 32.95 -67.83
CA LYS N 864 -56.87 32.65 -69.19
C LYS N 864 -56.12 33.50 -70.20
N THR N 865 -55.87 34.77 -69.89
CA THR N 865 -55.05 35.60 -70.76
C THR N 865 -53.60 35.11 -70.79
N GLY N 866 -53.08 34.71 -69.64
CA GLY N 866 -51.70 34.23 -69.53
C GLY N 866 -50.83 35.02 -68.58
N VAL N 867 -51.35 36.02 -67.88
CA VAL N 867 -50.54 36.84 -66.98
C VAL N 867 -50.34 36.08 -65.67
N LEU N 868 -49.09 36.03 -65.21
CA LEU N 868 -48.80 35.46 -63.90
C LEU N 868 -49.34 36.36 -62.79
N THR N 869 -49.92 35.73 -61.77
CA THR N 869 -50.37 36.42 -60.57
C THR N 869 -49.61 35.98 -59.33
N ALA N 870 -48.72 35.00 -59.45
CA ALA N 870 -47.94 34.54 -58.30
C ALA N 870 -46.86 35.55 -57.93
N ASP N 871 -46.60 35.66 -56.63
CA ASP N 871 -45.52 36.50 -56.13
C ASP N 871 -44.23 35.69 -56.20
N ILE N 872 -43.63 35.71 -57.40
CA ILE N 872 -42.43 34.93 -57.65
C ILE N 872 -41.25 35.55 -56.93
N LYS N 873 -40.19 34.75 -56.78
CA LYS N 873 -39.00 35.22 -56.09
C LYS N 873 -38.29 36.25 -56.95
N PRO N 874 -37.94 37.41 -56.41
CA PRO N 874 -37.42 38.50 -57.24
C PRO N 874 -36.00 38.22 -57.74
N ARG N 875 -35.56 39.07 -58.66
CA ARG N 875 -34.25 38.93 -59.27
C ARG N 875 -33.15 39.22 -58.26
N GLN N 876 -32.06 38.47 -58.36
CA GLN N 876 -30.90 38.65 -57.49
C GLN N 876 -29.65 39.08 -58.25
N ILE N 877 -29.64 39.02 -59.58
CA ILE N 877 -28.51 39.42 -60.41
C ILE N 877 -28.89 40.65 -61.21
N TYR N 878 -28.12 41.72 -61.04
CA TYR N 878 -28.21 42.93 -61.85
C TYR N 878 -26.79 43.27 -62.30
N ILE N 879 -26.36 42.67 -63.41
CA ILE N 879 -24.97 42.82 -63.86
C ILE N 879 -24.78 44.22 -64.44
N GLN N 880 -23.73 44.90 -63.98
CA GLN N 880 -23.32 46.16 -64.58
C GLN N 880 -22.45 45.88 -65.80
N CYS N 881 -22.82 46.47 -66.94
CA CYS N 881 -22.04 46.27 -68.15
C CYS N 881 -20.73 47.03 -68.06
N GLN N 882 -19.65 46.42 -68.54
CA GLN N 882 -18.34 47.06 -68.42
C GLN N 882 -18.14 48.19 -69.41
N ASN N 883 -18.76 48.09 -70.59
CA ASN N 883 -18.56 49.11 -71.62
C ASN N 883 -19.37 50.38 -71.38
N CYS N 884 -20.58 50.26 -70.84
CA CYS N 884 -21.45 51.43 -70.67
C CYS N 884 -21.79 51.78 -69.23
N LYS N 885 -21.35 50.96 -68.26
CA LYS N 885 -21.60 51.19 -66.82
C LYS N 885 -23.08 51.32 -66.50
N GLN N 886 -23.91 50.47 -67.11
CA GLN N 886 -25.35 50.52 -66.91
C GLN N 886 -25.88 49.12 -66.65
N ASN N 887 -27.08 49.07 -66.05
CA ASN N 887 -27.71 47.80 -65.70
C ASN N 887 -28.15 47.05 -66.95
N ILE N 888 -27.81 45.76 -67.03
CA ILE N 888 -28.28 44.94 -68.15
C ILE N 888 -29.70 44.43 -67.96
N ASN N 889 -30.31 44.65 -66.80
CA ASN N 889 -31.65 44.14 -66.48
C ASN N 889 -32.50 45.29 -65.97
N THR N 890 -33.14 46.02 -66.90
CA THR N 890 -33.99 47.13 -66.53
C THR N 890 -35.42 46.89 -67.02
N PRO N 937 -32.59 35.72 -76.66
CA PRO N 937 -31.24 35.46 -76.13
C PRO N 937 -31.17 34.16 -75.33
N ARG N 938 -31.64 33.07 -75.93
CA ARG N 938 -31.62 31.77 -75.26
C ARG N 938 -30.28 31.06 -75.39
N HIS N 939 -29.38 31.55 -76.24
CA HIS N 939 -28.06 30.95 -76.40
C HIS N 939 -26.91 31.94 -76.23
N LYS N 940 -27.18 33.24 -76.16
CA LYS N 940 -26.14 34.24 -76.00
C LYS N 940 -26.75 35.46 -75.32
N TYR N 941 -26.16 35.87 -74.20
CA TYR N 941 -26.64 37.00 -73.41
C TYR N 941 -25.71 38.18 -73.58
N CYS N 942 -26.28 39.35 -73.89
CA CYS N 942 -25.52 40.58 -74.05
C CYS N 942 -26.26 41.72 -73.39
N CYS N 943 -25.57 42.86 -73.26
CA CYS N 943 -26.18 44.05 -72.70
C CYS N 943 -27.23 44.61 -73.66
N PRO N 944 -28.44 44.91 -73.19
CA PRO N 944 -29.46 45.42 -74.11
C PRO N 944 -29.20 46.84 -74.59
N HIS N 945 -28.47 47.65 -73.82
CA HIS N 945 -28.24 49.04 -74.21
C HIS N 945 -27.22 49.16 -75.34
N CYS N 946 -26.12 48.41 -75.26
CA CYS N 946 -25.02 48.55 -76.20
C CYS N 946 -24.67 47.29 -76.97
N GLY N 947 -25.03 46.11 -76.47
CA GLY N 947 -24.74 44.87 -77.15
C GLY N 947 -23.45 44.20 -76.72
N SER N 948 -22.69 44.80 -75.82
CA SER N 948 -21.41 44.24 -75.40
C SER N 948 -21.62 42.97 -74.59
N SER N 949 -20.65 42.05 -74.70
CA SER N 949 -20.76 40.75 -74.07
C SER N 949 -20.51 40.84 -72.57
N PHE N 950 -20.69 39.71 -71.90
CA PHE N 950 -20.49 39.62 -70.47
C PHE N 950 -19.00 39.66 -70.14
N PRO N 951 -18.64 39.91 -68.88
CA PRO N 951 -17.24 39.79 -68.46
C PRO N 951 -16.68 38.40 -68.71
N ARG N 952 -15.41 38.35 -69.08
CA ARG N 952 -14.78 37.12 -69.52
C ARG N 952 -14.54 36.17 -68.35
N CYS N 953 -14.45 34.88 -68.67
CA CYS N 953 -14.05 33.88 -67.70
C CYS N 953 -12.60 34.08 -67.27
N ALA N 954 -12.32 33.78 -66.02
CA ALA N 954 -10.97 33.97 -65.49
C ALA N 954 -10.01 32.86 -65.88
N ILE N 955 -10.51 31.76 -66.44
CA ILE N 955 -9.69 30.60 -66.76
C ILE N 955 -9.39 30.51 -68.25
N CYS N 956 -10.42 30.60 -69.09
CA CYS N 956 -10.28 30.46 -70.53
C CYS N 956 -10.41 31.77 -71.29
N LEU N 957 -10.73 32.86 -70.62
CA LEU N 957 -10.85 34.22 -71.20
C LEU N 957 -11.90 34.28 -72.31
N MET N 958 -12.90 33.42 -72.24
CA MET N 958 -14.07 33.49 -73.12
C MET N 958 -15.17 34.31 -72.45
N PRO N 959 -15.97 35.04 -73.23
CA PRO N 959 -17.07 35.82 -72.65
C PRO N 959 -18.12 34.90 -72.04
N LEU N 960 -18.55 35.23 -70.82
CA LEU N 960 -19.51 34.42 -70.10
C LEU N 960 -20.91 34.61 -70.68
N GLY N 961 -21.84 33.79 -70.20
CA GLY N 961 -23.22 33.89 -70.63
C GLY N 961 -23.49 33.35 -72.01
N THR N 962 -22.55 32.65 -72.63
CA THR N 962 -22.74 32.07 -73.95
C THR N 962 -22.66 30.55 -73.85
N SER N 963 -23.66 29.88 -74.40
CA SER N 963 -23.66 28.43 -74.50
C SER N 963 -23.04 27.99 -75.82
N ASN N 964 -22.80 26.68 -75.93
CA ASN N 964 -22.18 26.03 -77.09
C ASN N 964 -20.80 26.65 -77.40
N LEU N 965 -19.90 26.50 -76.44
CA LEU N 965 -18.52 26.91 -76.62
C LEU N 965 -17.81 25.98 -77.60
N PRO N 966 -16.74 26.45 -78.25
CA PRO N 966 -16.01 25.58 -79.20
C PRO N 966 -15.34 24.38 -78.55
N PHE N 967 -15.12 24.39 -77.24
CA PHE N 967 -14.48 23.29 -76.53
C PHE N 967 -15.48 22.64 -75.59
N VAL N 968 -15.04 21.61 -74.89
CA VAL N 968 -15.86 20.88 -73.93
C VAL N 968 -15.24 21.09 -72.55
N ILE N 969 -16.03 21.62 -71.62
CA ILE N 969 -15.58 21.87 -70.26
C ILE N 969 -15.85 20.60 -69.46
N ASN N 970 -14.91 19.67 -69.49
CA ASN N 970 -15.02 18.41 -68.74
C ASN N 970 -14.46 18.65 -67.34
N GLY N 971 -15.25 19.35 -66.53
CA GLY N 971 -14.83 19.74 -65.20
C GLY N 971 -14.86 18.59 -64.22
N THR N 972 -14.41 18.89 -63.00
CA THR N 972 -14.36 17.90 -61.93
C THR N 972 -15.76 17.57 -61.40
N ASN N 988 -26.58 6.05 -68.69
CA ASN N 988 -26.42 7.25 -67.88
C ASN N 988 -25.75 8.36 -68.67
N ARG N 989 -25.92 8.32 -70.00
CA ARG N 989 -25.35 9.36 -70.85
C ARG N 989 -26.08 10.68 -70.73
N GLU N 990 -27.36 10.65 -70.32
CA GLU N 990 -28.13 11.89 -70.21
C GLU N 990 -27.60 12.76 -69.08
N LEU N 991 -27.25 12.14 -67.94
CA LEU N 991 -26.69 12.91 -66.84
C LEU N 991 -25.30 13.43 -67.17
N VAL N 992 -24.52 12.67 -67.93
CA VAL N 992 -23.21 13.14 -68.37
C VAL N 992 -23.35 14.33 -69.31
N SER N 993 -24.30 14.27 -70.25
CA SER N 993 -24.52 15.38 -71.16
C SER N 993 -25.06 16.61 -70.43
N ARG N 994 -25.92 16.38 -69.42
CA ARG N 994 -26.42 17.47 -68.59
C ARG N 994 -25.30 18.11 -67.78
N LYS N 995 -24.38 17.31 -67.25
CA LYS N 995 -23.23 17.84 -66.52
C LYS N 995 -22.31 18.63 -67.44
N LEU N 996 -22.10 18.14 -68.66
CA LEU N 996 -21.24 18.83 -69.62
C LEU N 996 -21.83 20.17 -70.04
N LYS N 997 -23.15 20.22 -70.25
CA LYS N 997 -23.82 21.46 -70.63
C LYS N 997 -24.10 22.34 -69.42
N LEU N 998 -23.99 21.79 -68.21
CA LEU N 998 -24.05 22.55 -66.97
C LEU N 998 -22.72 23.16 -66.58
N ASN N 999 -21.62 22.61 -67.08
CA ASN N 999 -20.29 23.14 -66.75
C ASN N 999 -20.06 24.52 -67.37
N GLU N 1000 -20.73 24.85 -68.46
CA GLU N 1000 -20.53 26.17 -69.08
C GLU N 1000 -21.53 27.22 -68.61
N TRP N 1001 -21.68 27.41 -67.31
CA TRP N 1001 -22.59 28.41 -66.76
C TRP N 1001 -21.81 29.57 -66.15
N PHE N 1002 -22.58 30.47 -65.53
CA PHE N 1002 -22.08 31.72 -65.00
C PHE N 1002 -21.95 31.56 -63.49
N SER N 1003 -20.71 31.41 -63.03
CA SER N 1003 -20.40 31.24 -61.62
C SER N 1003 -19.42 32.34 -61.21
N PHE N 1004 -19.64 32.91 -60.04
CA PHE N 1004 -18.74 33.96 -59.56
C PHE N 1004 -18.73 34.00 -58.04
N CYS N 1005 -17.65 34.53 -57.51
CA CYS N 1005 -17.48 34.69 -56.07
C CYS N 1005 -18.10 36.00 -55.61
N LEU N 1006 -18.77 35.96 -54.47
CA LEU N 1006 -19.38 37.16 -53.92
C LEU N 1006 -18.47 37.94 -52.99
N SER N 1007 -17.22 37.50 -52.82
CA SER N 1007 -16.25 38.25 -52.02
C SER N 1007 -15.26 39.02 -52.87
N CYS N 1008 -14.85 38.48 -54.02
CA CYS N 1008 -13.90 39.16 -54.89
C CYS N 1008 -14.47 39.52 -56.26
N ASN N 1009 -15.69 39.05 -56.59
CA ASN N 1009 -16.43 39.41 -57.81
C ASN N 1009 -15.66 39.06 -59.08
N HIS N 1010 -15.20 37.81 -59.16
CA HIS N 1010 -14.47 37.32 -60.32
C HIS N 1010 -15.20 36.13 -60.91
N GLY N 1011 -15.46 36.19 -62.21
CA GLY N 1011 -16.31 35.21 -62.86
C GLY N 1011 -15.56 34.03 -63.46
N MET N 1012 -16.24 32.90 -63.51
CA MET N 1012 -15.69 31.67 -64.07
C MET N 1012 -16.84 30.85 -64.64
N HIS N 1013 -16.49 29.92 -65.52
CA HIS N 1013 -17.42 28.86 -65.84
C HIS N 1013 -17.49 27.88 -64.67
N ALA N 1014 -18.63 27.18 -64.57
CA ALA N 1014 -18.83 26.27 -63.45
C ALA N 1014 -17.85 25.10 -63.50
N GLY N 1015 -17.66 24.52 -64.69
CA GLY N 1015 -16.68 23.46 -64.83
C GLY N 1015 -15.25 23.96 -64.68
N HIS N 1016 -14.98 25.17 -65.16
CA HIS N 1016 -13.65 25.76 -65.00
C HIS N 1016 -13.34 26.05 -63.54
N ALA N 1017 -14.33 26.53 -62.79
CA ALA N 1017 -14.15 26.75 -61.36
C ALA N 1017 -14.03 25.45 -60.59
N GLU N 1018 -14.75 24.41 -61.02
CA GLU N 1018 -14.63 23.12 -60.36
C GLU N 1018 -13.28 22.46 -60.62
N GLU N 1019 -12.75 22.62 -61.85
CA GLU N 1019 -11.46 22.04 -62.19
C GLU N 1019 -10.30 22.83 -61.61
N TRP N 1020 -10.47 24.16 -61.48
CA TRP N 1020 -9.40 24.99 -60.93
C TRP N 1020 -9.23 24.77 -59.43
N PHE N 1021 -10.33 24.68 -58.70
CA PHE N 1021 -10.28 24.60 -57.24
C PHE N 1021 -10.14 23.17 -56.73
N ASP N 1022 -10.04 22.19 -57.63
CA ASP N 1022 -9.64 20.85 -57.25
C ASP N 1022 -8.13 20.71 -57.07
N ARG N 1023 -7.34 21.69 -57.51
CA ARG N 1023 -5.90 21.63 -57.37
C ARG N 1023 -5.33 22.85 -56.65
N HIS N 1024 -6.03 23.97 -56.70
CA HIS N 1024 -5.55 25.21 -56.09
C HIS N 1024 -6.55 25.71 -55.05
N ASN N 1025 -6.19 26.83 -54.41
CA ASN N 1025 -7.03 27.41 -53.37
C ASN N 1025 -7.10 28.94 -53.44
N VAL N 1026 -6.61 29.56 -54.52
CA VAL N 1026 -6.60 31.00 -54.66
C VAL N 1026 -7.37 31.33 -55.94
N CYS N 1027 -7.92 32.54 -56.00
CA CYS N 1027 -8.64 33.02 -57.17
C CYS N 1027 -7.69 33.07 -58.37
N PRO N 1028 -8.10 32.59 -59.55
CA PRO N 1028 -7.19 32.54 -60.70
C PRO N 1028 -6.83 33.89 -61.29
N THR N 1029 -7.55 34.96 -60.99
CA THR N 1029 -7.20 36.27 -61.51
C THR N 1029 -5.90 36.76 -60.87
N PRO N 1030 -5.00 37.37 -61.65
CA PRO N 1030 -3.75 37.90 -61.09
C PRO N 1030 -4.02 39.10 -60.18
N GLY N 1031 -3.42 39.07 -59.00
CA GLY N 1031 -3.56 40.16 -58.05
C GLY N 1031 -4.67 40.00 -57.04
N CYS N 1032 -5.35 38.87 -57.01
CA CYS N 1032 -6.44 38.62 -56.08
C CYS N 1032 -6.07 37.48 -55.14
N THR N 1033 -6.21 37.71 -53.84
CA THR N 1033 -5.97 36.70 -52.82
C THR N 1033 -7.30 36.46 -52.12
N CYS N 1034 -8.09 35.54 -52.66
CA CYS N 1034 -9.41 35.23 -52.12
C CYS N 1034 -9.64 33.73 -52.29
N GLN N 1035 -9.70 33.00 -51.18
CA GLN N 1035 -9.93 31.56 -51.20
C GLN N 1035 -11.41 31.34 -51.42
N CYS N 1036 -11.81 31.27 -52.70
CA CYS N 1036 -13.22 31.15 -53.05
C CYS N 1036 -13.78 29.77 -52.75
N ASN N 1037 -12.94 28.76 -52.53
CA ASN N 1037 -13.44 27.42 -52.26
C ASN N 1037 -14.07 27.34 -50.87
N LYS N 1038 -13.29 27.65 -49.84
CA LYS N 1038 -13.79 27.65 -48.47
C LYS N 1038 -13.02 28.63 -47.60
N MET O 1 -37.12 5.38 -24.71
CA MET O 1 -36.35 6.40 -23.99
C MET O 1 -34.87 6.03 -23.95
N GLN O 2 -34.21 6.08 -25.09
CA GLN O 2 -32.78 5.82 -25.12
C GLN O 2 -32.01 7.03 -24.58
N PRO O 3 -31.17 6.85 -23.58
CA PRO O 3 -30.39 7.98 -23.06
C PRO O 3 -29.01 8.09 -23.68
N PHE O 4 -28.55 9.34 -23.82
CA PHE O 4 -27.18 9.61 -24.22
C PHE O 4 -26.56 10.58 -23.23
N ASP O 5 -25.33 10.29 -22.80
CA ASP O 5 -24.64 11.11 -21.83
C ASP O 5 -24.01 12.30 -22.54
N SER O 6 -24.37 13.51 -22.11
CA SER O 6 -23.84 14.70 -22.78
C SER O 6 -22.40 14.98 -22.41
N GLY O 7 -21.99 14.64 -21.19
CA GLY O 7 -20.61 14.78 -20.78
C GLY O 7 -20.32 15.97 -19.89
N HIS O 8 -21.34 16.71 -19.48
CA HIS O 8 -21.13 17.84 -18.57
C HIS O 8 -20.75 17.35 -17.19
N ASP O 9 -19.95 18.15 -16.49
CA ASP O 9 -19.55 17.85 -15.12
C ASP O 9 -20.53 18.39 -14.09
N ASP O 10 -21.60 19.05 -14.52
CA ASP O 10 -22.57 19.63 -13.59
C ASP O 10 -23.94 19.60 -14.26
N LEU O 11 -24.87 20.39 -13.72
CA LEU O 11 -26.28 20.29 -14.07
C LEU O 11 -26.53 20.92 -15.44
N VAL O 12 -27.08 20.14 -16.36
CA VAL O 12 -27.45 20.65 -17.67
C VAL O 12 -28.69 21.52 -17.54
N HIS O 13 -28.57 22.80 -17.89
CA HIS O 13 -29.62 23.77 -17.64
C HIS O 13 -30.59 23.91 -18.82
N ASP O 14 -30.08 24.32 -19.98
CA ASP O 14 -30.90 24.55 -21.15
C ASP O 14 -30.44 23.67 -22.31
N VAL O 15 -31.38 22.93 -22.88
CA VAL O 15 -31.17 22.19 -24.12
C VAL O 15 -32.13 22.75 -25.16
N VAL O 16 -31.60 23.12 -26.32
CA VAL O 16 -32.40 23.69 -27.41
C VAL O 16 -32.05 23.00 -28.72
N TYR O 17 -33.08 22.76 -29.53
CA TYR O 17 -32.90 22.30 -30.90
C TYR O 17 -32.59 23.48 -31.81
N ASP O 18 -32.15 23.18 -33.01
CA ASP O 18 -31.99 24.19 -34.05
C ASP O 18 -33.24 24.18 -34.93
N PHE O 19 -33.18 24.90 -36.05
CA PHE O 19 -34.31 24.94 -36.97
C PHE O 19 -34.56 23.58 -37.63
N TYR O 20 -33.48 22.92 -38.06
CA TYR O 20 -33.62 21.66 -38.78
C TYR O 20 -33.84 20.46 -37.88
N GLY O 21 -33.60 20.58 -36.58
CA GLY O 21 -33.83 19.50 -35.65
C GLY O 21 -32.77 18.43 -35.62
N ARG O 22 -31.65 18.61 -36.32
CA ARG O 22 -30.56 17.63 -36.30
C ARG O 22 -29.37 18.10 -35.48
N HIS O 23 -29.51 19.22 -34.77
CA HIS O 23 -28.45 19.73 -33.90
C HIS O 23 -29.08 20.15 -32.59
N VAL O 24 -28.45 19.78 -31.48
CA VAL O 24 -28.85 20.24 -30.15
C VAL O 24 -27.65 20.87 -29.49
N ALA O 25 -27.90 21.95 -28.76
CA ALA O 25 -26.88 22.64 -27.99
C ALA O 25 -27.28 22.58 -26.52
N THR O 26 -26.36 22.12 -25.68
CA THR O 26 -26.62 21.96 -24.26
C THR O 26 -25.66 22.85 -23.49
N CYS O 27 -26.20 23.65 -22.58
CA CYS O 27 -25.41 24.46 -21.68
C CYS O 27 -25.63 23.98 -20.25
N SER O 28 -24.63 24.20 -19.40
CA SER O 28 -24.67 23.63 -18.06
C SER O 28 -23.92 24.55 -17.10
N SER O 29 -23.89 24.12 -15.84
CA SER O 29 -23.24 24.88 -14.77
C SER O 29 -21.74 24.65 -14.72
N ASP O 30 -21.20 23.80 -15.58
CA ASP O 30 -19.75 23.64 -15.73
C ASP O 30 -19.15 24.66 -16.70
N GLN O 31 -19.90 25.72 -17.02
CA GLN O 31 -19.47 26.83 -17.89
C GLN O 31 -19.07 26.35 -19.28
N HIS O 32 -19.82 25.39 -19.81
CA HIS O 32 -19.51 24.78 -21.10
C HIS O 32 -20.76 24.75 -21.97
N ILE O 33 -20.55 24.89 -23.27
CA ILE O 33 -21.59 24.67 -24.28
C ILE O 33 -21.15 23.51 -25.14
N LYS O 34 -22.03 22.53 -25.29
CA LYS O 34 -21.77 21.35 -26.11
C LYS O 34 -22.81 21.28 -27.21
N VAL O 35 -22.34 21.18 -28.45
CA VAL O 35 -23.21 21.04 -29.62
C VAL O 35 -23.11 19.60 -30.10
N PHE O 36 -24.26 18.94 -30.22
CA PHE O 36 -24.32 17.56 -30.65
C PHE O 36 -25.01 17.49 -32.01
N LYS O 37 -24.59 16.52 -32.82
CA LYS O 37 -25.15 16.31 -34.15
C LYS O 37 -25.69 14.90 -34.25
N LEU O 38 -26.69 14.73 -35.11
CA LEU O 38 -27.32 13.44 -35.34
C LEU O 38 -26.90 12.95 -36.71
N ASP O 39 -26.05 11.92 -36.72
CA ASP O 39 -25.63 11.33 -37.99
C ASP O 39 -26.75 10.52 -38.61
N LYS O 40 -26.90 10.63 -39.93
CA LYS O 40 -27.95 9.91 -40.63
C LYS O 40 -27.65 8.41 -40.76
N ASP O 41 -26.40 8.02 -40.60
CA ASP O 41 -26.02 6.61 -40.72
C ASP O 41 -26.02 5.90 -39.37
N THR O 42 -25.33 6.48 -38.38
CA THR O 42 -25.23 5.83 -37.08
C THR O 42 -26.52 5.98 -36.27
N SER O 43 -27.30 7.04 -36.54
CA SER O 43 -28.54 7.36 -35.83
C SER O 43 -28.32 7.46 -34.31
N ASN O 44 -27.24 8.11 -33.92
CA ASN O 44 -26.93 8.34 -32.51
C ASN O 44 -26.36 9.74 -32.35
N TRP O 45 -26.58 10.31 -31.17
CA TRP O 45 -26.17 11.69 -30.92
C TRP O 45 -24.68 11.73 -30.59
N GLU O 46 -23.89 12.33 -31.48
CA GLU O 46 -22.45 12.43 -31.31
C GLU O 46 -22.05 13.90 -31.11
N LEU O 47 -21.03 14.11 -30.28
CA LEU O 47 -20.60 15.47 -29.96
C LEU O 47 -19.89 16.09 -31.15
N SER O 48 -20.23 17.34 -31.45
CA SER O 48 -19.57 18.11 -32.49
C SER O 48 -18.49 19.02 -31.94
N ASP O 49 -18.82 19.81 -30.91
CA ASP O 49 -17.83 20.67 -30.28
C ASP O 49 -18.25 20.96 -28.85
N SER O 50 -17.25 21.09 -27.98
CA SER O 50 -17.47 21.51 -26.60
C SER O 50 -16.42 22.54 -26.23
N TRP O 51 -16.86 23.69 -25.74
CA TRP O 51 -15.93 24.77 -25.43
C TRP O 51 -16.45 25.56 -24.23
N ARG O 52 -15.51 26.14 -23.48
CA ARG O 52 -15.87 26.99 -22.35
C ARG O 52 -16.34 28.34 -22.85
N ALA O 53 -17.45 28.81 -22.30
CA ALA O 53 -18.11 30.02 -22.79
C ALA O 53 -18.07 31.16 -21.78
N HIS O 54 -18.57 30.94 -20.57
CA HIS O 54 -18.75 32.01 -19.59
C HIS O 54 -17.95 31.71 -18.33
N ASP O 55 -17.99 32.67 -17.40
CA ASP O 55 -17.38 32.53 -16.09
C ASP O 55 -18.37 32.11 -15.01
N SER O 56 -19.62 31.88 -15.37
CA SER O 56 -20.64 31.42 -14.44
C SER O 56 -21.49 30.37 -15.13
N SER O 57 -22.58 29.96 -14.47
CA SER O 57 -23.41 28.89 -14.99
C SER O 57 -24.26 29.42 -16.14
N ILE O 58 -24.08 28.82 -17.33
CA ILE O 58 -24.91 29.18 -18.47
C ILE O 58 -26.30 28.58 -18.29
N VAL O 59 -27.33 29.43 -18.38
CA VAL O 59 -28.69 29.03 -18.07
C VAL O 59 -29.64 29.18 -19.24
N ALA O 60 -29.24 29.82 -20.34
CA ALA O 60 -30.11 29.99 -21.49
C ALA O 60 -29.26 30.16 -22.74
N ILE O 61 -29.52 29.33 -23.75
CA ILE O 61 -28.90 29.44 -25.06
C ILE O 61 -29.99 29.31 -26.11
N ASP O 62 -29.73 29.90 -27.29
CA ASP O 62 -30.70 29.86 -28.36
C ASP O 62 -29.98 29.85 -29.70
N TRP O 63 -30.59 29.18 -30.68
CA TRP O 63 -30.10 29.15 -32.05
C TRP O 63 -30.71 30.31 -32.84
N ALA O 64 -29.94 30.80 -33.79
CA ALA O 64 -30.44 31.80 -34.72
C ALA O 64 -31.11 31.12 -35.91
N SER O 65 -31.75 31.93 -36.75
CA SER O 65 -32.33 31.40 -37.97
C SER O 65 -31.23 30.93 -38.92
N PRO O 66 -31.44 29.83 -39.65
CA PRO O 66 -30.38 29.31 -40.52
C PRO O 66 -30.11 30.15 -41.75
N GLU O 67 -30.94 31.15 -42.04
CA GLU O 67 -30.67 32.06 -43.15
C GLU O 67 -29.68 33.14 -42.79
N TYR O 68 -29.37 33.30 -41.51
CA TYR O 68 -28.34 34.23 -41.05
C TYR O 68 -27.02 33.54 -40.71
N GLY O 69 -26.97 32.21 -40.84
CA GLY O 69 -25.77 31.45 -40.57
C GLY O 69 -25.98 30.46 -39.43
N ARG O 70 -24.89 30.21 -38.71
CA ARG O 70 -24.88 29.34 -37.53
C ARG O 70 -24.45 30.16 -36.33
N ILE O 71 -25.42 30.79 -35.67
CA ILE O 71 -25.15 31.67 -34.54
C ILE O 71 -25.86 31.11 -33.32
N ILE O 72 -25.13 30.97 -32.22
CA ILE O 72 -25.67 30.54 -30.94
C ILE O 72 -25.43 31.65 -29.92
N ALA O 73 -26.51 32.16 -29.34
CA ALA O 73 -26.41 33.08 -28.22
C ALA O 73 -26.37 32.29 -26.92
N SER O 74 -25.90 32.94 -25.85
CA SER O 74 -25.71 32.24 -24.59
C SER O 74 -25.82 33.23 -23.44
N ALA O 75 -26.77 33.00 -22.54
CA ALA O 75 -26.94 33.82 -21.35
C ALA O 75 -26.46 33.05 -20.14
N SER O 76 -25.73 33.72 -19.26
CA SER O 76 -25.23 33.11 -18.05
C SER O 76 -25.43 34.08 -16.89
N TYR O 77 -25.06 33.62 -15.69
CA TYR O 77 -25.25 34.40 -14.48
C TYR O 77 -24.17 35.45 -14.29
N ASP O 78 -23.16 35.50 -15.14
CA ASP O 78 -22.12 36.53 -15.08
C ASP O 78 -22.49 37.78 -15.86
N LYS O 79 -23.79 38.02 -16.09
CA LYS O 79 -24.33 39.27 -16.64
C LYS O 79 -23.82 39.55 -18.05
N THR O 80 -23.63 38.51 -18.85
CA THR O 80 -23.14 38.66 -20.21
C THR O 80 -23.93 37.78 -21.16
N VAL O 81 -24.05 38.24 -22.41
CA VAL O 81 -24.56 37.43 -23.51
C VAL O 81 -23.45 37.36 -24.55
N LYS O 82 -23.05 36.14 -24.89
CA LYS O 82 -21.98 35.92 -25.86
C LYS O 82 -22.56 35.24 -27.10
N LEU O 83 -22.15 35.72 -28.27
CA LEU O 83 -22.64 35.23 -29.55
C LEU O 83 -21.54 34.39 -30.20
N TRP O 84 -21.92 33.23 -30.70
CA TRP O 84 -20.97 32.22 -31.16
C TRP O 84 -21.27 31.85 -32.60
N GLU O 85 -20.38 32.22 -33.51
CA GLU O 85 -20.47 31.85 -34.91
C GLU O 85 -19.54 30.68 -35.20
N GLU O 86 -19.97 29.82 -36.11
CA GLU O 86 -19.24 28.59 -36.43
C GLU O 86 -18.48 28.76 -37.73
N ASP O 87 -17.16 28.52 -37.67
CA ASP O 87 -16.36 28.42 -38.88
C ASP O 87 -16.15 26.95 -39.23
N PRO O 88 -16.63 26.48 -40.38
CA PRO O 88 -16.57 25.04 -40.67
C PRO O 88 -15.16 24.52 -40.96
N ASP O 89 -14.18 25.39 -41.15
CA ASP O 89 -12.80 24.95 -41.37
C ASP O 89 -12.04 24.79 -40.07
N GLN O 90 -12.62 24.04 -39.13
CA GLN O 90 -11.98 23.70 -37.87
C GLN O 90 -12.38 22.28 -37.50
N GLU O 91 -11.53 21.65 -36.68
CA GLU O 91 -11.74 20.26 -36.31
C GLU O 91 -12.85 20.13 -35.28
N GLU O 92 -13.63 19.06 -35.40
CA GLU O 92 -14.66 18.76 -34.42
C GLU O 92 -14.04 18.28 -33.11
N CYS O 93 -14.76 18.56 -32.01
CA CYS O 93 -14.34 18.24 -30.64
C CYS O 93 -12.97 18.84 -30.31
N SER O 94 -12.76 20.09 -30.71
CA SER O 94 -11.50 20.78 -30.50
C SER O 94 -11.61 22.05 -29.68
N GLY O 95 -12.80 22.62 -29.54
CA GLY O 95 -12.98 23.86 -28.81
C GLY O 95 -12.84 25.11 -29.65
N ARG O 96 -12.44 24.99 -30.91
CA ARG O 96 -12.29 26.12 -31.80
C ARG O 96 -13.29 26.10 -32.96
N ARG O 97 -14.28 25.22 -32.91
CA ARG O 97 -15.25 25.11 -33.99
C ARG O 97 -16.24 26.28 -33.98
N TRP O 98 -16.45 26.91 -32.83
CA TRP O 98 -17.40 28.01 -32.69
C TRP O 98 -16.64 29.24 -32.21
N ASN O 99 -16.65 30.29 -33.01
CA ASN O 99 -15.89 31.50 -32.73
C ASN O 99 -16.78 32.55 -32.09
N LYS O 100 -16.21 33.26 -31.11
CA LYS O 100 -16.94 34.30 -30.40
C LYS O 100 -17.15 35.51 -31.29
N LEU O 101 -18.32 36.14 -31.16
CA LEU O 101 -18.67 37.31 -31.96
C LEU O 101 -18.75 38.60 -31.14
N CYS O 102 -19.49 38.60 -30.04
CA CYS O 102 -19.69 39.81 -29.27
C CYS O 102 -19.95 39.44 -27.81
N THR O 103 -19.75 40.43 -26.94
CA THR O 103 -20.14 40.34 -25.54
C THR O 103 -21.08 41.50 -25.23
N LEU O 104 -22.28 41.18 -24.76
CA LEU O 104 -23.28 42.20 -24.45
C LEU O 104 -23.24 42.45 -22.95
N ASN O 105 -22.50 43.48 -22.56
CA ASN O 105 -22.20 43.80 -21.17
C ASN O 105 -23.18 44.81 -20.57
N ASP O 106 -24.25 45.15 -21.28
CA ASP O 106 -25.16 46.19 -20.82
C ASP O 106 -26.02 45.75 -19.65
N SER O 107 -26.14 44.45 -19.39
CA SER O 107 -27.01 43.94 -18.36
C SER O 107 -26.36 44.09 -16.99
N LYS O 108 -27.01 44.85 -16.12
CA LYS O 108 -26.59 44.96 -14.71
C LYS O 108 -27.33 43.93 -13.85
N GLY O 109 -27.28 42.67 -14.26
CA GLY O 109 -27.99 41.61 -13.56
C GLY O 109 -27.82 40.28 -14.24
N SER O 110 -27.92 39.20 -13.48
CA SER O 110 -27.68 37.86 -14.01
C SER O 110 -28.82 37.48 -14.95
N LEU O 111 -28.48 37.19 -16.20
CA LEU O 111 -29.48 36.99 -17.23
C LEU O 111 -30.07 35.58 -17.18
N TYR O 112 -31.37 35.47 -17.44
CA TYR O 112 -32.11 34.23 -17.28
C TYR O 112 -32.57 33.63 -18.59
N SER O 113 -32.99 34.44 -19.56
CA SER O 113 -33.53 33.92 -20.82
C SER O 113 -33.03 34.77 -21.98
N VAL O 114 -32.68 34.10 -23.07
CA VAL O 114 -32.34 34.74 -24.34
C VAL O 114 -33.04 33.99 -25.47
N LYS O 115 -33.81 34.72 -26.28
CA LYS O 115 -34.49 34.14 -27.44
C LYS O 115 -34.24 35.02 -28.65
N PHE O 116 -33.85 34.38 -29.76
CA PHE O 116 -33.72 35.09 -31.02
C PHE O 116 -35.10 35.41 -31.59
N ALA O 117 -35.17 36.52 -32.31
CA ALA O 117 -36.40 36.91 -32.97
C ALA O 117 -36.65 36.02 -34.18
N PRO O 118 -37.88 35.98 -34.68
CA PRO O 118 -38.12 35.33 -35.98
C PRO O 118 -37.39 36.05 -37.11
N ALA O 119 -37.09 35.28 -38.17
CA ALA O 119 -36.19 35.75 -39.22
C ALA O 119 -36.75 36.92 -40.02
N HIS O 120 -38.06 37.12 -40.04
CA HIS O 120 -38.63 38.22 -40.78
C HIS O 120 -38.47 39.56 -40.07
N LEU O 121 -38.09 39.55 -38.80
CA LEU O 121 -37.85 40.78 -38.05
C LEU O 121 -36.39 41.21 -38.07
N GLY O 122 -35.52 40.44 -38.71
CA GLY O 122 -34.11 40.71 -38.71
C GLY O 122 -33.36 39.81 -37.75
N LEU O 123 -32.07 40.11 -37.58
CA LEU O 123 -31.23 39.39 -36.63
C LEU O 123 -31.29 40.08 -35.26
N LYS O 124 -32.47 40.05 -34.66
CA LYS O 124 -32.68 40.65 -33.35
C LYS O 124 -32.44 39.61 -32.26
N LEU O 125 -32.59 40.04 -31.01
CA LEU O 125 -32.32 39.21 -29.85
C LEU O 125 -33.08 39.80 -28.67
N ALA O 126 -33.32 38.98 -27.65
CA ALA O 126 -33.99 39.43 -26.44
C ALA O 126 -33.22 38.96 -25.22
N CYS O 127 -33.25 39.78 -24.16
CA CYS O 127 -32.58 39.49 -22.90
C CYS O 127 -33.52 39.76 -21.74
N LEU O 128 -33.37 38.97 -20.67
CA LEU O 128 -34.15 39.18 -19.46
C LEU O 128 -33.38 38.62 -18.28
N GLY O 129 -33.12 39.46 -17.28
CA GLY O 129 -32.35 39.04 -16.12
C GLY O 129 -33.00 39.43 -14.80
N ASN O 130 -32.26 39.31 -13.70
CA ASN O 130 -32.78 39.67 -12.39
C ASN O 130 -32.55 41.14 -12.08
N ASP O 131 -32.95 41.99 -13.02
CA ASP O 131 -33.03 43.43 -12.82
C ASP O 131 -34.30 44.02 -13.40
N GLY O 132 -35.16 43.20 -14.00
CA GLY O 132 -36.42 43.68 -14.53
C GLY O 132 -36.35 44.37 -15.87
N ILE O 133 -35.23 44.29 -16.58
CA ILE O 133 -35.01 45.04 -17.80
C ILE O 133 -35.00 44.08 -18.97
N LEU O 134 -35.88 44.32 -19.94
CA LEU O 134 -35.92 43.58 -21.19
C LEU O 134 -35.12 44.36 -22.23
N ARG O 135 -34.07 43.72 -22.77
CA ARG O 135 -33.15 44.37 -23.70
C ARG O 135 -33.21 43.69 -25.05
N LEU O 136 -33.31 44.49 -26.12
CA LEU O 136 -33.33 44.00 -27.49
C LEU O 136 -32.09 44.48 -28.22
N TYR O 137 -31.36 43.54 -28.83
CA TYR O 137 -30.12 43.83 -29.54
C TYR O 137 -30.32 43.47 -31.00
N ASP O 138 -29.97 44.39 -31.90
CA ASP O 138 -30.09 44.17 -33.34
C ASP O 138 -28.71 44.18 -33.99
N ALA O 139 -28.55 43.35 -35.01
CA ALA O 139 -27.32 43.31 -35.80
C ALA O 139 -27.54 44.15 -37.06
N LEU O 140 -27.42 45.46 -36.91
CA LEU O 140 -27.72 46.40 -37.98
C LEU O 140 -26.58 46.54 -39.00
N GLU O 141 -25.38 46.09 -38.68
CA GLU O 141 -24.27 46.16 -39.62
C GLU O 141 -24.14 44.85 -40.36
N PRO O 142 -24.33 44.82 -41.68
CA PRO O 142 -24.29 43.54 -42.41
C PRO O 142 -22.89 43.03 -42.70
N SER O 143 -21.86 43.88 -42.65
CA SER O 143 -20.52 43.46 -43.01
C SER O 143 -19.94 42.50 -41.98
N ASP O 144 -20.06 42.86 -40.70
CA ASP O 144 -19.57 42.03 -39.60
C ASP O 144 -20.68 41.85 -38.58
N LEU O 145 -20.84 40.63 -38.10
CA LEU O 145 -21.81 40.34 -37.04
C LEU O 145 -21.16 40.41 -35.66
N ARG O 146 -20.44 41.51 -35.41
CA ARG O 146 -19.83 41.77 -34.11
C ARG O 146 -20.30 43.07 -33.48
N SER O 147 -21.11 43.86 -34.18
CA SER O 147 -21.62 45.13 -33.67
C SER O 147 -23.13 44.98 -33.51
N TRP O 148 -23.55 44.51 -32.34
CA TRP O 148 -24.95 44.35 -32.01
C TRP O 148 -25.38 45.56 -31.19
N THR O 149 -26.29 46.35 -31.74
CA THR O 149 -26.70 47.61 -31.12
C THR O 149 -27.98 47.41 -30.33
N LEU O 150 -28.02 47.95 -29.11
CA LEU O 150 -29.22 47.91 -28.30
C LEU O 150 -30.27 48.84 -28.89
N THR O 151 -31.46 48.30 -29.13
CA THR O 151 -32.56 49.06 -29.73
C THR O 151 -33.64 49.41 -28.72
N SER O 152 -34.18 48.42 -28.01
CA SER O 152 -35.23 48.64 -27.04
C SER O 152 -34.75 48.22 -25.66
N GLU O 153 -35.23 48.94 -24.64
CA GLU O 153 -34.82 48.68 -23.26
C GLU O 153 -36.03 49.01 -22.37
N MET O 154 -36.81 47.98 -22.06
CA MET O 154 -38.02 48.16 -21.25
C MET O 154 -37.69 47.90 -19.78
N LYS O 155 -38.73 47.99 -18.94
CA LYS O 155 -38.59 47.77 -17.50
C LYS O 155 -39.81 46.95 -17.06
N VAL O 156 -39.65 45.62 -17.07
CA VAL O 156 -40.75 44.73 -16.69
C VAL O 156 -41.03 44.82 -15.20
N LEU O 157 -39.98 44.88 -14.39
CA LEU O 157 -40.12 44.99 -12.94
C LEU O 157 -39.69 46.38 -12.50
N SER O 158 -40.37 46.90 -11.48
CA SER O 158 -40.05 48.23 -10.97
C SER O 158 -38.71 48.23 -10.26
N ILE O 159 -38.47 47.23 -9.41
CA ILE O 159 -37.20 47.10 -8.69
C ILE O 159 -36.66 45.71 -8.93
N PRO O 160 -35.34 45.49 -8.89
CA PRO O 160 -34.82 44.13 -9.05
C PRO O 160 -35.20 43.27 -7.86
N PRO O 161 -35.35 41.96 -8.06
CA PRO O 161 -35.66 41.06 -6.95
C PRO O 161 -34.50 40.97 -5.97
N ALA O 162 -34.84 40.60 -4.73
CA ALA O 162 -33.85 40.55 -3.67
C ALA O 162 -32.85 39.40 -3.89
N ASN O 163 -31.78 39.44 -3.10
CA ASN O 163 -30.68 38.50 -3.26
C ASN O 163 -31.10 37.07 -2.89
N HIS O 164 -31.92 36.94 -1.85
CA HIS O 164 -32.25 35.63 -1.28
C HIS O 164 -33.54 35.03 -1.81
N LEU O 165 -34.31 35.77 -2.60
CA LEU O 165 -35.56 35.25 -3.14
C LEU O 165 -35.31 34.69 -4.52
N GLN O 166 -35.90 33.52 -4.81
CA GLN O 166 -35.74 32.97 -6.13
C GLN O 166 -36.59 33.73 -7.13
N SER O 167 -36.17 33.70 -8.38
CA SER O 167 -36.84 34.43 -9.45
C SER O 167 -36.69 33.63 -10.74
N ASP O 168 -37.65 33.80 -11.64
CA ASP O 168 -37.57 33.17 -12.94
C ASP O 168 -38.10 34.12 -14.00
N PHE O 169 -37.42 34.13 -15.15
CA PHE O 169 -37.76 34.99 -16.27
C PHE O 169 -37.72 34.16 -17.54
N CYS O 170 -38.77 34.25 -18.33
CA CYS O 170 -38.88 33.51 -19.58
C CYS O 170 -39.31 34.45 -20.70
N LEU O 171 -38.92 34.09 -21.92
CA LEU O 171 -39.19 34.89 -23.10
C LEU O 171 -39.81 34.02 -24.17
N SER O 172 -40.64 34.63 -25.01
CA SER O 172 -41.25 33.90 -26.13
C SER O 172 -41.66 34.92 -27.18
N TRP O 173 -41.15 34.74 -28.39
CA TRP O 173 -41.53 35.58 -29.53
C TRP O 173 -42.76 35.01 -30.21
N CYS O 174 -43.37 35.83 -31.07
CA CYS O 174 -44.50 35.39 -31.87
C CYS O 174 -43.98 35.01 -33.24
N PRO O 175 -44.00 33.72 -33.63
CA PRO O 175 -43.44 33.28 -34.91
C PRO O 175 -44.41 33.41 -36.07
N SER O 176 -45.03 34.59 -36.21
CA SER O 176 -45.96 34.88 -37.28
C SER O 176 -45.50 36.13 -38.00
N ARG O 177 -45.28 36.03 -39.30
CA ARG O 177 -44.88 37.16 -40.12
C ARG O 177 -46.06 37.93 -40.67
N PHE O 178 -47.28 37.55 -40.29
CA PHE O 178 -48.50 38.20 -40.74
C PHE O 178 -49.20 38.95 -39.62
N SER O 179 -48.48 39.20 -38.54
CA SER O 179 -48.97 39.92 -37.37
C SER O 179 -47.87 40.87 -36.93
N PRO O 180 -48.21 41.93 -36.20
CA PRO O 180 -47.17 42.83 -35.68
C PRO O 180 -46.25 42.13 -34.68
N GLU O 181 -45.07 42.72 -34.51
CA GLU O 181 -44.02 42.16 -33.66
C GLU O 181 -44.45 42.10 -32.21
N LYS O 182 -44.48 40.90 -31.65
CA LYS O 182 -44.89 40.68 -30.28
C LYS O 182 -43.81 39.89 -29.54
N LEU O 183 -43.83 39.98 -28.22
CA LEU O 183 -42.86 39.31 -27.37
C LEU O 183 -43.53 38.99 -26.04
N ALA O 184 -43.77 37.71 -25.78
CA ALA O 184 -44.34 37.28 -24.51
C ALA O 184 -43.25 37.29 -23.46
N VAL O 185 -43.37 38.19 -22.50
CA VAL O 185 -42.35 38.41 -21.46
C VAL O 185 -42.95 38.06 -20.11
N SER O 186 -42.29 37.17 -19.39
CA SER O 186 -42.73 36.76 -18.07
C SER O 186 -41.84 37.40 -17.01
N ALA O 187 -42.47 38.13 -16.09
CA ALA O 187 -41.83 38.61 -14.87
C ALA O 187 -41.82 37.49 -13.84
N LEU O 188 -41.64 37.84 -12.56
CA LEU O 188 -41.78 36.87 -11.48
C LEU O 188 -43.13 36.17 -11.54
N GLU O 189 -44.21 36.93 -11.36
CA GLU O 189 -45.56 36.39 -11.44
C GLU O 189 -46.43 37.11 -12.45
N GLN O 190 -45.83 37.93 -13.32
CA GLN O 190 -46.55 38.71 -14.31
C GLN O 190 -46.15 38.26 -15.71
N ALA O 191 -47.14 38.03 -16.56
CA ALA O 191 -46.92 37.68 -17.97
C ALA O 191 -47.44 38.81 -18.83
N ILE O 192 -46.57 39.37 -19.67
CA ILE O 192 -46.88 40.54 -20.49
C ILE O 192 -46.67 40.18 -21.94
N ILE O 193 -47.62 40.56 -22.80
CA ILE O 193 -47.45 40.54 -24.24
C ILE O 193 -47.14 41.95 -24.70
N TYR O 194 -46.03 42.12 -25.40
CA TYR O 194 -45.63 43.43 -25.92
C TYR O 194 -46.00 43.56 -27.39
N GLN O 195 -45.95 44.79 -27.88
CA GLN O 195 -46.09 45.05 -29.31
C GLN O 195 -45.17 46.19 -29.72
N ARG O 196 -44.74 46.16 -30.98
CA ARG O 196 -43.97 47.24 -31.57
C ARG O 196 -44.94 48.25 -32.17
N GLY O 197 -45.00 49.44 -31.59
CA GLY O 197 -45.92 50.45 -32.05
C GLY O 197 -45.45 51.15 -33.31
N LYS O 198 -46.27 52.12 -33.74
CA LYS O 198 -45.95 52.89 -34.93
C LYS O 198 -44.77 53.84 -34.72
N ASP O 199 -44.43 54.14 -33.46
CA ASP O 199 -43.31 55.00 -33.13
C ASP O 199 -41.99 54.26 -33.06
N GLY O 200 -41.99 52.95 -33.30
CA GLY O 200 -40.78 52.16 -33.24
C GLY O 200 -40.37 51.75 -31.84
N LYS O 201 -41.25 51.88 -30.85
CA LYS O 201 -40.96 51.52 -29.48
C LYS O 201 -41.91 50.43 -29.02
N LEU O 202 -41.42 49.56 -28.14
CA LEU O 202 -42.24 48.49 -27.59
C LEU O 202 -43.26 49.06 -26.60
N HIS O 203 -44.49 48.55 -26.66
CA HIS O 203 -45.56 48.98 -25.78
C HIS O 203 -46.23 47.76 -25.16
N VAL O 204 -46.75 47.94 -23.96
CA VAL O 204 -47.49 46.88 -23.28
C VAL O 204 -48.83 46.70 -23.99
N ALA O 205 -49.05 45.51 -24.55
CA ALA O 205 -50.22 45.25 -25.39
C ALA O 205 -51.31 44.48 -24.66
N ALA O 206 -50.94 43.38 -23.99
CA ALA O 206 -51.90 42.62 -23.21
C ALA O 206 -51.17 41.96 -22.05
N LYS O 207 -51.93 41.62 -21.02
CA LYS O 207 -51.41 40.95 -19.83
C LYS O 207 -52.19 39.67 -19.59
N LEU O 208 -51.48 38.55 -19.51
CA LEU O 208 -52.12 37.28 -19.22
C LEU O 208 -52.42 37.20 -17.72
N PRO O 209 -53.67 37.04 -17.32
CA PRO O 209 -54.02 37.08 -15.90
C PRO O 209 -53.76 35.73 -15.23
N GLY O 210 -54.12 35.67 -13.95
CA GLY O 210 -53.86 34.48 -13.15
C GLY O 210 -52.47 34.53 -12.55
N HIS O 211 -51.76 33.40 -12.60
CA HIS O 211 -50.34 33.28 -12.27
C HIS O 211 -50.07 33.71 -10.82
N LYS O 212 -50.62 32.90 -9.91
CA LYS O 212 -50.52 33.17 -8.48
C LYS O 212 -49.11 33.01 -7.93
N SER O 213 -48.21 32.36 -8.67
CA SER O 213 -46.85 32.12 -8.20
C SER O 213 -45.90 32.33 -9.38
N LEU O 214 -44.67 31.86 -9.23
CA LEU O 214 -43.62 32.11 -10.22
C LEU O 214 -43.92 31.41 -11.54
N ILE O 215 -43.59 32.08 -12.64
CA ILE O 215 -43.78 31.52 -13.98
C ILE O 215 -42.46 30.92 -14.43
N ARG O 216 -42.46 29.61 -14.68
CA ARG O 216 -41.24 28.91 -15.03
C ARG O 216 -40.96 28.89 -16.53
N SER O 217 -41.99 28.84 -17.36
CA SER O 217 -41.77 28.72 -18.79
C SER O 217 -42.95 29.29 -19.57
N ILE O 218 -42.65 30.01 -20.64
CA ILE O 218 -43.63 30.57 -21.56
C ILE O 218 -43.31 30.07 -22.96
N SER O 219 -44.30 29.54 -23.65
CA SER O 219 -44.12 29.03 -25.01
C SER O 219 -45.27 29.48 -25.89
N TRP O 220 -44.95 30.24 -26.93
CA TRP O 220 -45.95 30.67 -27.90
C TRP O 220 -46.14 29.54 -28.89
N ALA O 221 -47.40 29.18 -29.15
CA ALA O 221 -47.66 28.10 -30.10
C ALA O 221 -47.40 28.59 -31.53
N PRO O 222 -46.79 27.75 -32.37
CA PRO O 222 -46.45 28.20 -33.73
C PRO O 222 -47.69 28.51 -34.56
N SER O 223 -47.62 29.61 -35.30
CA SER O 223 -48.74 30.09 -36.11
C SER O 223 -48.83 29.21 -37.34
N ILE O 224 -49.75 28.24 -37.31
CA ILE O 224 -49.94 27.33 -38.43
C ILE O 224 -50.91 27.87 -39.46
N GLY O 225 -51.65 28.93 -39.14
CA GLY O 225 -52.62 29.49 -40.06
C GLY O 225 -53.97 29.71 -39.41
N ARG O 226 -54.11 29.26 -38.17
CA ARG O 226 -55.33 29.46 -37.42
C ARG O 226 -55.50 30.93 -37.04
N TRP O 227 -56.74 31.31 -36.74
CA TRP O 227 -57.06 32.70 -36.46
C TRP O 227 -56.84 33.09 -35.01
N TYR O 228 -56.42 32.16 -34.15
CA TYR O 228 -56.17 32.43 -32.76
C TYR O 228 -54.73 32.02 -32.40
N GLN O 229 -54.07 32.88 -31.62
CA GLN O 229 -52.75 32.57 -31.08
C GLN O 229 -52.87 31.90 -29.72
N LEU O 230 -52.02 30.92 -29.47
CA LEU O 230 -52.03 30.14 -28.23
C LEU O 230 -50.72 30.36 -27.48
N ILE O 231 -50.82 30.64 -26.18
CA ILE O 231 -49.68 30.78 -25.29
C ILE O 231 -49.81 29.74 -24.19
N ALA O 232 -48.77 28.94 -24.00
CA ALA O 232 -48.71 27.98 -22.91
C ALA O 232 -47.85 28.53 -21.79
N THR O 233 -48.24 28.25 -20.55
CA THR O 233 -47.57 28.80 -19.38
C THR O 233 -47.44 27.71 -18.31
N GLY O 234 -46.21 27.50 -17.85
CA GLY O 234 -45.95 26.65 -16.69
C GLY O 234 -45.61 27.51 -15.49
N CYS O 235 -46.32 27.27 -14.39
CA CYS O 235 -46.21 28.08 -13.19
C CYS O 235 -45.54 27.31 -12.06
N LYS O 236 -45.21 28.04 -10.99
CA LYS O 236 -44.78 27.39 -9.76
C LYS O 236 -45.91 26.67 -9.06
N ASP O 237 -47.16 27.01 -9.41
CA ASP O 237 -48.31 26.20 -9.04
C ASP O 237 -48.37 24.96 -9.95
N GLY O 238 -49.43 24.18 -9.84
CA GLY O 238 -49.56 23.00 -10.68
C GLY O 238 -50.27 23.30 -11.97
N ARG O 239 -50.34 24.58 -12.33
CA ARG O 239 -51.22 25.05 -13.39
C ARG O 239 -50.50 25.11 -14.72
N ILE O 240 -51.09 24.50 -15.75
CA ILE O 240 -50.66 24.69 -17.13
C ILE O 240 -51.70 25.54 -17.83
N ARG O 241 -51.51 26.85 -17.83
CA ARG O 241 -52.50 27.78 -18.37
C ARG O 241 -52.25 27.98 -19.86
N ILE O 242 -53.27 27.73 -20.66
CA ILE O 242 -53.22 27.94 -22.10
C ILE O 242 -54.14 29.11 -22.45
N PHE O 243 -53.55 30.18 -22.97
CA PHE O 243 -54.28 31.41 -23.28
C PHE O 243 -54.57 31.46 -24.78
N LYS O 244 -55.81 31.79 -25.12
CA LYS O 244 -56.23 31.98 -26.51
C LYS O 244 -56.24 33.46 -26.84
N ILE O 245 -55.34 33.88 -27.73
CA ILE O 245 -55.15 35.28 -28.09
C ILE O 245 -55.72 35.49 -29.49
N THR O 246 -56.66 36.42 -29.59
CA THR O 246 -57.29 36.79 -30.85
C THR O 246 -56.93 38.23 -31.17
N GLU O 247 -56.50 38.49 -32.41
CA GLU O 247 -56.06 39.81 -32.83
C GLU O 247 -56.92 40.29 -33.98
N LYS O 248 -57.29 41.57 -33.94
CA LYS O 248 -58.13 42.17 -34.98
C LYS O 248 -57.54 43.49 -35.45
N ALA O 286 -54.08 52.98 -28.82
CA ALA O 286 -53.21 54.14 -28.99
C ALA O 286 -51.77 53.72 -29.25
N GLU O 287 -51.28 54.08 -30.43
CA GLU O 287 -49.90 53.79 -30.89
C GLU O 287 -49.62 52.28 -30.91
N LEU O 288 -50.65 51.50 -31.27
CA LEU O 288 -50.49 50.08 -31.58
C LEU O 288 -51.19 49.78 -32.89
N GLN O 289 -50.65 48.80 -33.62
CA GLN O 289 -51.18 48.49 -34.95
C GLN O 289 -52.54 47.83 -34.87
N SER O 290 -52.76 46.96 -33.90
CA SER O 290 -54.03 46.25 -33.76
C SER O 290 -54.19 45.79 -32.31
N ASN O 291 -55.37 46.03 -31.75
CA ASN O 291 -55.65 45.56 -30.40
C ASN O 291 -55.88 44.05 -30.40
N LEU O 292 -55.76 43.45 -29.21
CA LEU O 292 -55.79 42.00 -29.08
C LEU O 292 -56.33 41.64 -27.70
N GLN O 293 -57.09 40.55 -27.66
CA GLN O 293 -57.78 40.12 -26.45
C GLN O 293 -57.21 38.79 -25.96
N VAL O 294 -57.33 38.56 -24.66
CA VAL O 294 -56.77 37.39 -23.99
C VAL O 294 -57.90 36.62 -23.34
N GLU O 295 -58.03 35.34 -23.68
CA GLU O 295 -59.03 34.46 -23.07
C GLU O 295 -58.32 33.20 -22.59
N LEU O 296 -58.49 32.88 -21.31
CA LEU O 296 -57.90 31.68 -20.72
C LEU O 296 -58.67 30.46 -21.23
N LEU O 297 -58.07 29.75 -22.18
CA LEU O 297 -58.73 28.61 -22.80
C LEU O 297 -58.88 27.44 -21.82
N SER O 298 -57.81 27.10 -21.12
CA SER O 298 -57.85 25.96 -20.21
C SER O 298 -56.81 26.13 -19.11
N GLU O 299 -56.99 25.36 -18.04
CA GLU O 299 -56.10 25.40 -16.89
C GLU O 299 -56.16 24.03 -16.22
N HIS O 300 -55.02 23.36 -16.13
CA HIS O 300 -54.94 21.97 -15.70
C HIS O 300 -54.04 21.85 -14.47
N ASP O 301 -54.48 21.02 -13.51
CA ASP O 301 -53.76 20.81 -12.27
C ASP O 301 -53.23 19.38 -12.15
N ASP O 302 -52.85 18.78 -13.28
CA ASP O 302 -52.53 17.35 -13.30
C ASP O 302 -51.16 17.02 -12.71
N HIS O 303 -50.27 18.00 -12.57
CA HIS O 303 -48.90 17.70 -12.17
C HIS O 303 -48.72 17.59 -10.67
N ASN O 304 -49.55 18.28 -9.88
CA ASN O 304 -49.46 18.33 -8.42
C ASN O 304 -48.09 18.78 -7.94
N GLY O 305 -47.51 19.76 -8.65
CA GLY O 305 -46.19 20.24 -8.34
C GLY O 305 -45.92 21.59 -8.98
N GLU O 306 -44.72 21.78 -9.53
CA GLU O 306 -44.38 22.97 -10.29
C GLU O 306 -44.11 22.56 -11.73
N VAL O 307 -44.82 23.17 -12.67
CA VAL O 307 -44.61 22.89 -14.09
C VAL O 307 -43.34 23.63 -14.50
N TRP O 308 -42.23 22.90 -14.63
CA TRP O 308 -40.94 23.52 -14.84
C TRP O 308 -40.76 24.00 -16.27
N SER O 309 -41.20 23.22 -17.25
CA SER O 309 -41.08 23.59 -18.64
C SER O 309 -42.38 23.26 -19.37
N VAL O 310 -42.71 24.10 -20.35
CA VAL O 310 -43.78 23.79 -21.29
C VAL O 310 -43.26 24.09 -22.70
N SER O 311 -43.61 23.23 -23.65
CA SER O 311 -43.11 23.38 -25.01
C SER O 311 -44.17 22.89 -25.99
N TRP O 312 -44.06 23.36 -27.22
CA TRP O 312 -45.00 23.05 -28.28
C TRP O 312 -44.33 22.20 -29.35
N ASN O 313 -45.15 21.70 -30.26
CA ASN O 313 -44.68 20.94 -31.40
C ASN O 313 -44.36 21.90 -32.55
N LEU O 314 -44.10 21.37 -33.74
CA LEU O 314 -43.96 22.23 -34.91
C LEU O 314 -45.29 22.85 -35.30
N THR O 315 -46.37 22.08 -35.23
CA THR O 315 -47.69 22.54 -35.62
C THR O 315 -48.50 23.09 -34.45
N GLY O 316 -47.97 23.07 -33.24
CA GLY O 316 -48.73 23.49 -32.08
C GLY O 316 -49.89 22.59 -31.74
N THR O 317 -49.75 21.28 -31.94
CA THR O 317 -50.79 20.33 -31.61
C THR O 317 -50.47 19.48 -30.39
N ILE O 318 -49.21 19.39 -30.00
CA ILE O 318 -48.80 18.61 -28.83
C ILE O 318 -48.13 19.57 -27.85
N LEU O 319 -48.61 19.57 -26.61
CA LEU O 319 -48.05 20.36 -25.53
C LEU O 319 -47.35 19.43 -24.55
N SER O 320 -46.04 19.61 -24.39
CA SER O 320 -45.25 18.81 -23.47
C SER O 320 -44.96 19.62 -22.21
N SER O 321 -45.35 19.08 -21.06
CA SER O 321 -45.17 19.74 -19.78
C SER O 321 -44.45 18.80 -18.81
N ALA O 322 -43.51 19.35 -18.05
CA ALA O 322 -42.74 18.60 -17.07
C ALA O 322 -42.98 19.16 -15.67
N GLY O 323 -43.27 18.28 -14.72
CA GLY O 323 -43.56 18.72 -13.36
C GLY O 323 -42.74 18.01 -12.30
N ASP O 324 -43.05 18.26 -11.03
CA ASP O 324 -42.33 17.66 -9.91
C ASP O 324 -42.83 16.26 -9.56
N ASP O 325 -43.83 15.74 -10.25
CA ASP O 325 -44.26 14.36 -10.04
C ASP O 325 -43.41 13.36 -10.80
N GLY O 326 -42.35 13.80 -11.45
CA GLY O 326 -41.51 12.94 -12.25
C GLY O 326 -42.11 12.55 -13.58
N LYS O 327 -43.19 13.21 -13.99
CA LYS O 327 -43.94 12.83 -15.17
C LYS O 327 -43.87 13.94 -16.22
N VAL O 328 -43.71 13.55 -17.48
CA VAL O 328 -43.81 14.46 -18.61
C VAL O 328 -45.11 14.12 -19.33
N ARG O 329 -46.03 15.09 -19.38
CA ARG O 329 -47.36 14.88 -19.93
C ARG O 329 -47.47 15.54 -21.29
N LEU O 330 -48.08 14.82 -22.24
CA LEU O 330 -48.38 15.35 -23.55
C LEU O 330 -49.85 15.70 -23.63
N TRP O 331 -50.16 16.83 -24.27
CA TRP O 331 -51.50 17.38 -24.30
C TRP O 331 -51.94 17.63 -25.74
N LYS O 332 -53.19 17.30 -26.05
CA LYS O 332 -53.74 17.49 -27.37
C LYS O 332 -55.17 18.01 -27.25
N ALA O 333 -55.64 18.64 -28.33
CA ALA O 333 -57.00 19.16 -28.40
C ALA O 333 -57.85 18.19 -29.22
N THR O 334 -58.82 17.55 -28.57
CA THR O 334 -59.69 16.58 -29.20
C THR O 334 -61.13 17.05 -29.17
N TYR O 335 -61.77 17.06 -30.35
CA TYR O 335 -63.20 17.30 -30.60
C TYR O 335 -63.61 18.77 -30.40
N SER O 336 -62.72 19.58 -29.85
CA SER O 336 -62.97 21.00 -29.61
C SER O 336 -61.63 21.70 -29.43
N ASN O 337 -61.68 22.96 -29.02
CA ASN O 337 -60.46 23.69 -28.74
C ASN O 337 -59.89 23.38 -27.35
N GLU O 338 -60.67 22.72 -26.50
CA GLU O 338 -60.21 22.41 -25.15
C GLU O 338 -59.14 21.32 -25.17
N PHE O 339 -58.03 21.57 -24.48
CA PHE O 339 -56.91 20.65 -24.49
C PHE O 339 -57.12 19.54 -23.47
N LYS O 340 -56.87 18.31 -23.89
CA LYS O 340 -57.01 17.14 -23.04
C LYS O 340 -55.69 16.40 -22.94
N CYS O 341 -55.52 15.68 -21.84
CA CYS O 341 -54.27 14.98 -21.60
C CYS O 341 -54.16 13.73 -22.47
N MET O 342 -52.95 13.17 -22.50
CA MET O 342 -52.56 12.06 -23.35
C MET O 342 -51.52 11.24 -22.61
N SER O 343 -50.68 10.53 -23.37
CA SER O 343 -49.54 9.77 -22.87
C SER O 343 -48.75 10.51 -21.79
N VAL O 344 -48.52 9.82 -20.67
CA VAL O 344 -47.76 10.35 -19.55
C VAL O 344 -46.46 9.57 -19.46
N ILE O 345 -45.33 10.28 -19.49
CA ILE O 345 -44.01 9.67 -19.53
C ILE O 345 -43.34 9.95 -18.18
N THR O 346 -43.05 8.88 -17.44
CA THR O 346 -42.37 9.00 -16.16
C THR O 346 -40.86 8.85 -16.33
N ALA O 347 -40.12 9.47 -15.43
CA ALA O 347 -38.67 9.45 -15.49
C ALA O 347 -38.06 9.29 -14.09
N MET P 1 -5.17 10.28 -86.78
CA MET P 1 -6.02 10.84 -87.82
C MET P 1 -5.88 10.08 -89.13
N GLN P 2 -6.90 10.16 -89.98
CA GLN P 2 -6.89 9.54 -91.28
C GLN P 2 -7.47 10.51 -92.30
N PRO P 3 -7.03 10.44 -93.56
CA PRO P 3 -7.63 11.28 -94.60
C PRO P 3 -9.11 10.95 -94.81
N PHE P 4 -9.88 11.98 -95.12
CA PHE P 4 -11.31 11.84 -95.34
C PHE P 4 -11.67 12.44 -96.69
N ASP P 5 -12.73 11.91 -97.29
CA ASP P 5 -13.19 12.35 -98.60
C ASP P 5 -14.29 13.38 -98.42
N SER P 6 -14.10 14.55 -99.03
CA SER P 6 -15.09 15.61 -98.98
C SER P 6 -16.23 15.34 -99.95
N GLY P 7 -17.30 16.10 -99.79
CA GLY P 7 -18.42 16.10 -100.70
C GLY P 7 -18.30 17.13 -101.81
N HIS P 8 -17.11 17.70 -102.00
CA HIS P 8 -16.95 18.79 -102.96
C HIS P 8 -17.01 18.27 -104.38
N ASP P 9 -17.68 19.03 -105.24
CA ASP P 9 -17.83 18.65 -106.64
C ASP P 9 -16.73 19.20 -107.54
N ASP P 10 -15.76 19.90 -106.97
CA ASP P 10 -14.67 20.49 -107.76
C ASP P 10 -13.48 20.70 -106.82
N LEU P 11 -12.51 21.49 -107.28
CA LEU P 11 -11.25 21.66 -106.57
C LEU P 11 -11.44 22.44 -105.28
N VAL P 12 -10.75 21.98 -104.23
CA VAL P 12 -10.73 22.69 -102.95
C VAL P 12 -9.58 23.68 -102.97
N HIS P 13 -9.87 24.96 -102.71
CA HIS P 13 -8.91 26.03 -102.92
C HIS P 13 -8.18 26.46 -101.64
N ASP P 14 -8.91 26.75 -100.57
CA ASP P 14 -8.29 27.18 -99.32
C ASP P 14 -8.91 26.45 -98.15
N VAL P 15 -8.05 25.85 -97.32
CA VAL P 15 -8.46 25.09 -96.15
C VAL P 15 -7.81 25.72 -94.93
N VAL P 16 -8.62 26.08 -93.93
CA VAL P 16 -8.15 26.86 -92.79
C VAL P 16 -8.74 26.27 -91.50
N TYR P 17 -7.86 25.97 -90.55
CA TYR P 17 -8.21 25.59 -89.19
C TYR P 17 -8.93 26.68 -88.40
N ASP P 18 -9.63 26.24 -87.36
CA ASP P 18 -10.10 27.12 -86.30
C ASP P 18 -8.97 27.34 -85.31
N PHE P 19 -9.27 27.98 -84.18
CA PHE P 19 -8.24 28.23 -83.17
C PHE P 19 -7.81 26.95 -82.47
N TYR P 20 -8.75 26.07 -82.15
CA TYR P 20 -8.48 24.92 -81.30
C TYR P 20 -8.11 23.67 -82.09
N GLY P 21 -8.10 23.73 -83.42
CA GLY P 21 -7.72 22.57 -84.19
C GLY P 21 -8.78 21.49 -84.27
N ARG P 22 -10.00 21.76 -83.83
CA ARG P 22 -11.07 20.78 -83.84
C ARG P 22 -12.03 20.98 -85.00
N HIS P 23 -11.87 22.03 -85.79
CA HIS P 23 -12.76 22.30 -86.91
C HIS P 23 -11.96 22.67 -88.15
N VAL P 24 -12.41 22.20 -89.30
CA VAL P 24 -11.76 22.42 -90.59
C VAL P 24 -12.79 23.00 -91.54
N ALA P 25 -12.53 24.19 -92.07
CA ALA P 25 -13.39 24.80 -93.07
C ALA P 25 -12.72 24.75 -94.42
N THR P 26 -13.35 24.06 -95.36
CA THR P 26 -12.84 23.89 -96.72
C THR P 26 -13.71 24.67 -97.67
N CYS P 27 -13.14 25.68 -98.34
CA CYS P 27 -13.83 26.42 -99.38
C CYS P 27 -13.38 25.91 -100.74
N SER P 28 -14.33 25.83 -101.67
CA SER P 28 -14.07 25.22 -102.97
C SER P 28 -14.69 26.07 -104.07
N SER P 29 -14.39 25.68 -105.31
CA SER P 29 -14.85 26.41 -106.48
C SER P 29 -16.29 26.09 -106.86
N ASP P 30 -16.93 25.12 -106.20
CA ASP P 30 -18.31 24.76 -106.51
C ASP P 30 -19.33 25.59 -105.75
N GLN P 31 -18.95 26.79 -105.30
CA GLN P 31 -19.77 27.69 -104.49
C GLN P 31 -20.28 26.98 -103.24
N HIS P 32 -19.34 26.54 -102.40
CA HIS P 32 -19.69 25.78 -101.21
C HIS P 32 -18.59 25.94 -100.18
N ILE P 33 -19.01 25.90 -98.91
CA ILE P 33 -18.10 25.83 -97.76
C ILE P 33 -18.54 24.66 -96.90
N LYS P 34 -17.61 23.76 -96.60
CA LYS P 34 -17.90 22.60 -95.77
C LYS P 34 -17.04 22.67 -94.51
N VAL P 35 -17.70 22.81 -93.37
CA VAL P 35 -17.05 22.87 -92.06
C VAL P 35 -17.16 21.51 -91.41
N PHE P 36 -16.02 20.93 -91.05
CA PHE P 36 -15.96 19.61 -90.43
C PHE P 36 -15.64 19.75 -88.95
N LYS P 37 -15.89 18.68 -88.20
CA LYS P 37 -15.59 18.65 -86.78
C LYS P 37 -14.84 17.37 -86.44
N LEU P 38 -13.97 17.46 -85.45
CA LEU P 38 -13.13 16.33 -85.03
C LEU P 38 -13.83 15.65 -83.86
N ASP P 39 -14.47 14.52 -84.13
CA ASP P 39 -15.11 13.75 -83.07
C ASP P 39 -14.06 13.05 -82.22
N LYS P 40 -14.25 13.11 -80.90
CA LYS P 40 -13.36 12.39 -79.99
C LYS P 40 -13.51 10.88 -80.13
N ASP P 41 -14.72 10.40 -80.39
CA ASP P 41 -14.95 9.00 -80.68
C ASP P 41 -14.52 8.65 -82.11
N THR P 42 -13.81 7.52 -82.22
CA THR P 42 -13.35 6.87 -83.47
C THR P 42 -12.30 7.66 -84.25
N SER P 43 -12.00 8.88 -83.82
CA SER P 43 -10.90 9.70 -84.34
C SER P 43 -10.97 9.91 -85.86
N ASN P 44 -12.18 10.14 -86.35
CA ASN P 44 -12.38 10.39 -87.78
C ASN P 44 -13.21 11.66 -87.98
N TRP P 45 -13.04 12.27 -89.14
CA TRP P 45 -13.70 13.54 -89.43
C TRP P 45 -15.13 13.31 -89.92
N GLU P 46 -16.06 14.06 -89.34
CA GLU P 46 -17.47 14.00 -89.70
C GLU P 46 -17.93 15.39 -90.15
N LEU P 47 -18.77 15.43 -91.17
CA LEU P 47 -19.22 16.71 -91.71
C LEU P 47 -20.23 17.35 -90.75
N SER P 48 -20.13 18.68 -90.59
CA SER P 48 -21.04 19.41 -89.73
C SER P 48 -22.00 20.31 -90.49
N ASP P 49 -21.50 21.08 -91.47
CA ASP P 49 -22.38 21.88 -92.31
C ASP P 49 -21.77 22.02 -93.69
N SER P 50 -22.64 22.26 -94.68
CA SER P 50 -22.22 22.39 -96.07
C SER P 50 -23.25 23.25 -96.80
N TRP P 51 -22.92 24.52 -97.04
CA TRP P 51 -23.89 25.43 -97.59
C TRP P 51 -23.24 26.24 -98.72
N ARG P 52 -24.08 26.76 -99.61
CA ARG P 52 -23.64 27.63 -100.68
C ARG P 52 -23.44 29.05 -100.15
N ALA P 53 -22.26 29.61 -100.38
CA ALA P 53 -21.89 30.92 -99.84
C ALA P 53 -21.81 32.02 -100.87
N HIS P 54 -21.28 31.74 -102.05
CA HIS P 54 -21.07 32.75 -103.08
C HIS P 54 -21.63 32.25 -104.40
N ASP P 55 -21.47 33.07 -105.44
CA ASP P 55 -21.93 32.73 -106.78
C ASP P 55 -20.78 32.36 -107.71
N SER P 56 -19.60 32.09 -107.17
CA SER P 56 -18.44 31.77 -107.99
C SER P 56 -17.45 30.98 -107.13
N SER P 57 -16.21 30.87 -107.61
CA SER P 57 -15.19 30.13 -106.88
C SER P 57 -14.73 30.89 -105.65
N ILE P 58 -14.86 30.27 -104.49
CA ILE P 58 -14.36 30.84 -103.24
C ILE P 58 -12.86 30.54 -103.15
N VAL P 59 -12.05 31.59 -103.12
CA VAL P 59 -10.60 31.43 -103.23
C VAL P 59 -9.87 31.63 -101.91
N ALA P 60 -10.54 32.14 -100.87
CA ALA P 60 -9.89 32.34 -99.58
C ALA P 60 -10.93 32.17 -98.48
N ILE P 61 -10.43 31.80 -97.29
CA ILE P 61 -11.26 31.63 -96.11
C ILE P 61 -10.38 31.85 -94.89
N ASP P 62 -11.00 32.26 -93.78
CA ASP P 62 -10.28 32.50 -92.54
C ASP P 62 -11.27 32.47 -91.38
N TRP P 63 -10.85 31.86 -90.28
CA TRP P 63 -11.62 31.89 -89.04
C TRP P 63 -11.26 33.13 -88.23
N ALA P 64 -12.24 33.63 -87.49
CA ALA P 64 -12.00 34.73 -86.58
C ALA P 64 -11.44 34.19 -85.26
N SER P 65 -11.09 35.12 -84.36
CA SER P 65 -10.62 34.73 -83.05
C SER P 65 -11.75 34.08 -82.25
N PRO P 66 -11.44 33.10 -81.40
CA PRO P 66 -12.51 32.38 -80.68
C PRO P 66 -13.25 33.23 -79.67
N GLU P 67 -12.68 34.35 -79.24
CA GLU P 67 -13.38 35.22 -78.29
C GLU P 67 -14.50 36.01 -78.93
N TYR P 68 -14.50 36.15 -80.25
CA TYR P 68 -15.53 36.88 -80.97
C TYR P 68 -16.60 35.97 -81.55
N GLY P 69 -16.53 34.67 -81.32
CA GLY P 69 -17.54 33.75 -81.78
C GLY P 69 -17.00 32.82 -82.86
N ARG P 70 -17.92 32.10 -83.48
CA ARG P 70 -17.59 31.21 -84.59
C ARG P 70 -17.88 31.95 -85.89
N ILE P 71 -16.90 32.71 -86.36
CA ILE P 71 -17.04 33.53 -87.56
C ILE P 71 -16.01 33.06 -88.58
N ILE P 72 -16.47 32.75 -89.78
CA ILE P 72 -15.61 32.57 -90.93
C ILE P 72 -15.88 33.70 -91.91
N ALA P 73 -14.90 33.95 -92.79
CA ALA P 73 -15.03 35.00 -93.80
C ALA P 73 -14.55 34.43 -95.12
N SER P 74 -15.38 34.56 -96.16
CA SER P 74 -15.12 33.97 -97.45
C SER P 74 -14.99 35.05 -98.51
N ALA P 75 -13.90 35.00 -99.27
CA ALA P 75 -13.69 35.88 -100.41
C ALA P 75 -13.71 35.02 -101.68
N SER P 76 -14.39 35.52 -102.70
CA SER P 76 -14.60 34.76 -103.92
C SER P 76 -14.42 35.68 -105.12
N TYR P 77 -14.76 35.16 -106.31
CA TYR P 77 -14.68 35.92 -107.54
C TYR P 77 -15.96 36.70 -107.83
N ASP P 78 -16.80 36.91 -106.83
CA ASP P 78 -17.99 37.76 -106.97
C ASP P 78 -17.75 39.16 -106.43
N LYS P 79 -16.47 39.54 -106.23
CA LYS P 79 -16.07 40.85 -105.72
C LYS P 79 -16.67 41.14 -104.34
N THR P 80 -16.89 40.10 -103.53
CA THR P 80 -17.55 40.22 -102.24
C THR P 80 -16.76 39.48 -101.17
N VAL P 81 -16.92 39.92 -99.92
CA VAL P 81 -16.50 39.17 -98.75
C VAL P 81 -17.72 38.99 -97.86
N LYS P 82 -18.10 37.73 -97.63
CA LYS P 82 -19.27 37.39 -96.83
C LYS P 82 -18.84 36.69 -95.54
N LEU P 83 -19.39 37.14 -94.42
CA LEU P 83 -19.07 36.56 -93.12
C LEU P 83 -20.18 35.62 -92.70
N TRP P 84 -19.82 34.58 -91.94
CA TRP P 84 -20.78 33.56 -91.53
C TRP P 84 -20.62 33.27 -90.04
N GLU P 85 -21.71 33.43 -89.29
CA GLU P 85 -21.73 33.12 -87.87
C GLU P 85 -22.51 31.84 -87.64
N GLU P 86 -21.96 30.93 -86.85
CA GLU P 86 -22.57 29.63 -86.65
C GLU P 86 -23.73 29.73 -85.68
N ASP P 87 -24.88 29.18 -86.06
CA ASP P 87 -26.02 29.07 -85.16
C ASP P 87 -26.15 27.63 -84.68
N PRO P 88 -25.84 27.32 -83.42
CA PRO P 88 -25.80 25.93 -82.97
C PRO P 88 -27.18 25.32 -82.73
N ASP P 89 -28.25 26.10 -82.75
CA ASP P 89 -29.57 25.55 -82.52
C ASP P 89 -30.04 24.72 -83.70
N GLN P 90 -29.62 25.07 -84.91
CA GLN P 90 -30.00 24.32 -86.10
C GLN P 90 -29.28 22.98 -86.15
N GLU P 91 -29.88 22.03 -86.85
CA GLU P 91 -29.32 20.69 -86.94
C GLU P 91 -28.11 20.69 -87.87
N GLU P 92 -27.22 19.73 -87.65
CA GLU P 92 -26.04 19.60 -88.48
C GLU P 92 -26.38 18.98 -89.83
N CYS P 93 -25.57 19.30 -90.84
CA CYS P 93 -25.76 18.88 -92.24
C CYS P 93 -27.13 19.28 -92.77
N SER P 94 -27.58 20.48 -92.41
CA SER P 94 -28.87 20.99 -92.83
C SER P 94 -28.79 22.15 -93.80
N GLY P 95 -27.72 22.93 -93.75
CA GLY P 95 -27.55 24.07 -94.62
C GLY P 95 -28.00 25.40 -94.04
N ARG P 96 -28.70 25.39 -92.91
CA ARG P 96 -29.12 26.61 -92.24
C ARG P 96 -28.35 26.89 -90.96
N ARG P 97 -27.23 26.17 -90.75
CA ARG P 97 -26.49 26.35 -89.50
C ARG P 97 -25.70 27.65 -89.49
N TRP P 98 -25.08 28.00 -90.62
CA TRP P 98 -24.25 29.20 -90.71
C TRP P 98 -25.03 30.31 -91.40
N ASN P 99 -25.21 31.43 -90.70
CA ASN P 99 -26.01 32.55 -91.18
C ASN P 99 -25.09 33.70 -91.58
N LYS P 100 -25.42 34.32 -92.71
CA LYS P 100 -24.62 35.44 -93.20
C LYS P 100 -24.77 36.65 -92.28
N LEU P 101 -23.66 37.35 -92.06
CA LEU P 101 -23.64 38.55 -91.23
C LEU P 101 -23.63 39.81 -92.08
N CYS P 102 -22.65 39.95 -92.96
CA CYS P 102 -22.50 41.15 -93.79
C CYS P 102 -21.75 40.79 -95.05
N THR P 103 -22.06 41.50 -96.12
CA THR P 103 -21.39 41.34 -97.41
C THR P 103 -20.66 42.64 -97.75
N LEU P 104 -19.34 42.56 -97.82
CA LEU P 104 -18.51 43.75 -98.07
C LEU P 104 -18.22 43.86 -99.57
N ASN P 105 -19.27 44.18 -100.32
CA ASN P 105 -19.20 44.32 -101.77
C ASN P 105 -18.72 45.72 -102.10
N ASP P 106 -17.41 45.93 -101.96
CA ASP P 106 -16.80 47.22 -102.25
C ASP P 106 -15.64 47.17 -103.22
N SER P 107 -15.19 45.99 -103.62
CA SER P 107 -14.07 45.86 -104.55
C SER P 107 -14.57 45.81 -105.99
N LYS P 108 -13.97 46.63 -106.85
CA LYS P 108 -14.32 46.59 -108.27
C LYS P 108 -13.77 45.34 -108.96
N GLY P 109 -12.78 44.69 -108.35
CA GLY P 109 -12.21 43.46 -108.88
C GLY P 109 -12.51 42.29 -107.97
N SER P 110 -12.29 41.10 -108.52
CA SER P 110 -12.51 39.87 -107.75
C SER P 110 -11.47 39.75 -106.65
N LEU P 111 -11.93 39.47 -105.43
CA LEU P 111 -11.04 39.44 -104.27
C LEU P 111 -10.35 38.09 -104.16
N TYR P 112 -9.05 38.12 -103.92
CA TYR P 112 -8.23 36.91 -103.87
C TYR P 112 -7.89 36.46 -102.45
N SER P 113 -7.64 37.39 -101.53
CA SER P 113 -7.20 37.03 -100.19
C SER P 113 -8.02 37.75 -99.14
N VAL P 114 -8.41 37.01 -98.10
CA VAL P 114 -9.03 37.55 -96.90
C VAL P 114 -8.30 37.00 -95.69
N LYS P 115 -8.00 37.87 -94.73
CA LYS P 115 -7.28 37.47 -93.54
C LYS P 115 -7.76 38.28 -92.34
N PHE P 116 -8.00 37.60 -91.22
CA PHE P 116 -8.30 38.28 -89.96
C PHE P 116 -7.02 38.73 -89.28
N ALA P 117 -7.09 39.88 -88.63
CA ALA P 117 -5.98 40.39 -87.84
C ALA P 117 -5.83 39.57 -86.56
N PRO P 118 -4.68 39.67 -85.88
CA PRO P 118 -4.57 39.06 -84.55
C PRO P 118 -5.58 39.63 -83.56
N ALA P 119 -5.93 38.80 -82.57
CA ALA P 119 -7.04 39.11 -81.66
C ALA P 119 -6.79 40.35 -80.81
N HIS P 120 -5.54 40.78 -80.64
CA HIS P 120 -5.26 41.96 -79.85
C HIS P 120 -5.44 43.26 -80.62
N LEU P 121 -5.77 43.19 -81.90
CA LEU P 121 -6.11 44.36 -82.70
C LEU P 121 -7.61 44.65 -82.73
N GLY P 122 -8.42 43.83 -82.06
CA GLY P 122 -9.85 43.86 -82.27
C GLY P 122 -10.24 43.02 -83.46
N LEU P 123 -11.55 42.98 -83.72
CA LEU P 123 -12.08 42.24 -84.87
C LEU P 123 -11.81 43.07 -86.12
N LYS P 124 -10.64 42.84 -86.73
CA LYS P 124 -10.17 43.58 -87.88
C LYS P 124 -9.92 42.61 -89.02
N LEU P 125 -10.33 43.00 -90.23
CA LEU P 125 -10.32 42.12 -91.39
C LEU P 125 -9.60 42.82 -92.53
N ALA P 126 -9.00 42.03 -93.42
CA ALA P 126 -8.23 42.54 -94.54
C ALA P 126 -8.70 41.92 -95.84
N CYS P 127 -8.56 42.68 -96.93
CA CYS P 127 -8.98 42.23 -98.25
C CYS P 127 -7.96 42.67 -99.30
N LEU P 128 -7.70 41.78 -100.26
CA LEU P 128 -6.88 42.10 -101.42
C LEU P 128 -7.47 41.43 -102.64
N GLY P 129 -7.53 42.16 -103.74
CA GLY P 129 -8.18 41.66 -104.94
C GLY P 129 -7.64 42.26 -106.22
N ASN P 130 -8.43 42.17 -107.29
CA ASN P 130 -7.97 42.56 -108.61
C ASN P 130 -7.92 44.07 -108.80
N ASP P 131 -8.64 44.83 -107.95
CA ASP P 131 -8.58 46.28 -108.02
C ASP P 131 -7.20 46.82 -107.66
N GLY P 132 -6.43 46.09 -106.84
CA GLY P 132 -5.09 46.50 -106.53
C GLY P 132 -4.92 47.35 -105.28
N ILE P 133 -5.94 47.41 -104.43
CA ILE P 133 -5.88 48.22 -103.21
C ILE P 133 -6.17 47.32 -102.01
N LEU P 134 -5.45 47.56 -100.93
CA LEU P 134 -5.64 46.84 -99.68
C LEU P 134 -6.72 47.52 -98.86
N ARG P 135 -7.76 46.77 -98.48
CA ARG P 135 -8.88 47.28 -97.73
C ARG P 135 -8.88 46.68 -96.33
N LEU P 136 -9.03 47.51 -95.32
CA LEU P 136 -9.11 47.06 -93.94
C LEU P 136 -10.50 47.37 -93.39
N TYR P 137 -11.17 46.35 -92.88
CA TYR P 137 -12.50 46.47 -92.32
C TYR P 137 -12.43 46.20 -90.83
N ASP P 138 -12.83 47.18 -90.02
CA ASP P 138 -12.80 47.06 -88.57
C ASP P 138 -14.23 47.10 -88.04
N ALA P 139 -14.50 46.34 -87.00
CA ALA P 139 -15.69 46.52 -86.18
C ALA P 139 -15.26 47.35 -84.97
N LEU P 140 -15.51 48.67 -85.05
CA LEU P 140 -15.12 49.56 -83.96
C LEU P 140 -15.92 49.26 -82.70
N GLU P 141 -17.18 48.86 -82.87
CA GLU P 141 -17.97 48.24 -81.80
C GLU P 141 -18.09 46.75 -82.12
N PRO P 142 -17.35 45.87 -81.43
CA PRO P 142 -17.53 44.42 -81.64
C PRO P 142 -18.80 43.87 -81.03
N SER P 143 -19.65 44.72 -80.45
CA SER P 143 -20.96 44.31 -79.97
C SER P 143 -21.83 43.77 -81.09
N ASP P 144 -21.88 44.48 -82.21
CA ASP P 144 -22.64 44.05 -83.38
C ASP P 144 -21.69 43.64 -84.49
N LEU P 145 -21.91 42.44 -85.04
CA LEU P 145 -21.04 41.89 -86.07
C LEU P 145 -21.43 42.34 -87.48
N ARG P 146 -22.55 43.05 -87.62
CA ARG P 146 -23.06 43.46 -88.92
C ARG P 146 -22.68 44.91 -89.27
N SER P 147 -21.88 45.56 -88.44
CA SER P 147 -21.46 46.95 -88.67
C SER P 147 -19.96 46.97 -88.95
N TRP P 148 -19.61 46.90 -90.23
CA TRP P 148 -18.22 46.92 -90.67
C TRP P 148 -17.93 48.21 -91.38
N THR P 149 -16.90 48.92 -90.94
CA THR P 149 -16.48 50.18 -91.54
C THR P 149 -15.09 50.04 -92.13
N LEU P 150 -14.93 50.48 -93.37
CA LEU P 150 -13.63 50.49 -94.03
C LEU P 150 -12.74 51.56 -93.42
N THR P 151 -11.65 51.14 -92.77
CA THR P 151 -10.82 52.05 -92.01
C THR P 151 -9.50 52.39 -92.70
N SER P 152 -9.07 51.59 -93.67
CA SER P 152 -7.83 51.85 -94.39
C SER P 152 -7.96 51.36 -95.82
N GLU P 153 -7.66 52.23 -96.78
CA GLU P 153 -7.75 51.92 -98.20
C GLU P 153 -6.41 52.31 -98.82
N MET P 154 -5.45 51.40 -98.80
CA MET P 154 -4.09 51.66 -99.21
C MET P 154 -3.82 51.02 -100.56
N LYS P 155 -3.28 51.82 -101.49
CA LYS P 155 -2.98 51.35 -102.84
C LYS P 155 -1.62 50.68 -102.85
N VAL P 156 -1.61 49.35 -103.00
CA VAL P 156 -0.36 48.60 -102.97
C VAL P 156 0.35 48.55 -104.32
N LEU P 157 -0.25 49.12 -105.36
CA LEU P 157 0.33 49.11 -106.70
C LEU P 157 0.40 50.53 -107.23
N SER P 158 1.42 50.79 -108.06
CA SER P 158 1.48 52.05 -108.79
C SER P 158 0.35 52.14 -109.80
N ILE P 159 0.06 51.06 -110.50
CA ILE P 159 -1.05 51.01 -111.46
C ILE P 159 -1.81 49.71 -111.27
N PRO P 160 -3.13 49.74 -111.54
CA PRO P 160 -3.89 48.49 -111.53
C PRO P 160 -3.46 47.58 -112.66
N PRO P 161 -3.63 46.27 -112.52
CA PRO P 161 -3.17 45.35 -113.56
C PRO P 161 -4.12 45.37 -114.76
N ALA P 162 -3.54 45.46 -115.96
CA ALA P 162 -4.34 45.34 -117.17
C ALA P 162 -4.73 43.88 -117.42
N ASN P 163 -3.78 42.96 -117.23
CA ASN P 163 -4.05 41.54 -117.37
C ASN P 163 -4.65 41.03 -116.06
N HIS P 164 -5.98 41.10 -115.97
CA HIS P 164 -6.66 40.77 -114.72
C HIS P 164 -6.71 39.27 -114.49
N LEU P 165 -6.76 38.47 -115.56
CA LEU P 165 -6.92 37.03 -115.39
C LEU P 165 -5.64 36.38 -114.92
N GLN P 166 -4.48 36.97 -115.21
CA GLN P 166 -3.19 36.46 -114.75
C GLN P 166 -2.74 37.32 -113.57
N SER P 167 -3.27 36.99 -112.39
CA SER P 167 -2.87 37.66 -111.16
C SER P 167 -3.19 36.74 -109.99
N ASP P 168 -2.51 36.99 -108.86
CA ASP P 168 -2.74 36.23 -107.64
C ASP P 168 -2.26 37.07 -106.46
N PHE P 169 -3.13 37.23 -105.47
CA PHE P 169 -2.86 38.10 -104.33
C PHE P 169 -2.91 37.29 -103.05
N CYS P 170 -2.09 37.69 -102.07
CA CYS P 170 -2.05 37.01 -100.79
C CYS P 170 -1.73 38.00 -99.68
N LEU P 171 -2.19 37.68 -98.47
CA LEU P 171 -1.99 38.50 -97.29
C LEU P 171 -1.57 37.61 -96.12
N SER P 172 -0.78 38.20 -95.22
CA SER P 172 -0.38 37.51 -94.00
C SER P 172 -0.15 38.54 -92.91
N TRP P 173 -0.80 38.36 -91.77
CA TRP P 173 -0.66 39.25 -90.63
C TRP P 173 0.52 38.83 -89.78
N CYS P 174 0.99 39.77 -88.96
CA CYS P 174 2.06 39.49 -88.01
C CYS P 174 1.47 39.18 -86.65
N PRO P 175 1.66 37.98 -86.11
CA PRO P 175 1.03 37.62 -84.82
C PRO P 175 1.77 38.13 -83.59
N SER P 176 2.73 39.04 -83.75
CA SER P 176 3.45 39.58 -82.61
C SER P 176 2.54 40.54 -81.84
N ARG P 177 2.28 40.24 -80.57
CA ARG P 177 1.30 41.01 -79.82
C ARG P 177 1.84 42.37 -79.41
N PHE P 178 3.16 42.51 -79.23
CA PHE P 178 3.73 43.73 -78.69
C PHE P 178 4.63 44.46 -79.66
N SER P 179 4.94 43.88 -80.81
CA SER P 179 5.51 44.63 -81.91
C SER P 179 4.42 45.46 -82.58
N PRO P 180 4.78 46.52 -83.31
CA PRO P 180 3.78 47.28 -84.06
C PRO P 180 3.12 46.42 -85.14
N GLU P 181 1.91 46.85 -85.52
CA GLU P 181 1.08 46.15 -86.49
C GLU P 181 1.78 46.04 -87.84
N LYS P 182 2.03 44.81 -88.28
CA LYS P 182 2.68 44.56 -89.55
C LYS P 182 1.79 43.68 -90.42
N LEU P 183 1.69 44.03 -91.71
CA LEU P 183 0.87 43.29 -92.65
C LEU P 183 1.71 43.05 -93.90
N ALA P 184 1.60 41.85 -94.46
CA ALA P 184 2.32 41.49 -95.68
C ALA P 184 1.39 41.51 -96.88
N VAL P 185 1.80 42.21 -97.94
CA VAL P 185 1.05 42.30 -99.18
C VAL P 185 1.92 41.72 -100.30
N SER P 186 1.42 40.70 -100.97
CA SER P 186 2.07 40.12 -102.15
C SER P 186 1.15 40.36 -103.34
N ALA P 187 1.37 41.46 -104.06
CA ALA P 187 0.34 41.91 -105.00
C ALA P 187 0.40 41.14 -106.33
N LEU P 188 1.45 41.36 -107.11
CA LEU P 188 1.69 40.54 -108.30
C LEU P 188 3.06 39.88 -108.27
N GLU P 189 4.13 40.65 -108.12
CA GLU P 189 5.48 40.10 -108.10
C GLU P 189 6.35 40.72 -107.01
N GLN P 190 5.78 41.54 -106.14
CA GLN P 190 6.50 42.16 -105.04
C GLN P 190 6.00 41.59 -103.73
N ALA P 191 6.58 42.08 -102.64
CA ALA P 191 6.13 41.72 -101.30
C ALA P 191 6.47 42.87 -100.37
N ILE P 192 5.45 43.53 -99.83
CA ILE P 192 5.58 44.78 -99.11
C ILE P 192 5.06 44.60 -97.70
N ILE P 193 5.85 44.99 -96.70
CA ILE P 193 5.42 44.98 -95.31
C ILE P 193 4.88 46.35 -94.96
N TYR P 194 3.68 46.39 -94.37
CA TYR P 194 2.99 47.62 -94.03
C TYR P 194 2.90 47.77 -92.52
N GLN P 195 3.34 48.91 -92.00
CA GLN P 195 3.22 49.21 -90.58
C GLN P 195 2.29 50.40 -90.34
N ARG P 196 1.81 50.48 -89.11
CA ARG P 196 0.98 51.59 -88.65
C ARG P 196 1.82 52.49 -87.76
N GLY P 197 2.04 53.72 -88.21
CA GLY P 197 2.80 54.69 -87.44
C GLY P 197 1.92 55.46 -86.48
N LYS P 198 2.43 56.62 -86.05
CA LYS P 198 1.66 57.49 -85.16
C LYS P 198 0.48 58.13 -85.88
N ASP P 199 0.51 58.19 -87.22
CA ASP P 199 -0.56 58.79 -87.99
C ASP P 199 -1.82 57.93 -88.04
N GLY P 200 -1.74 56.67 -87.64
CA GLY P 200 -2.87 55.76 -87.77
C GLY P 200 -3.10 55.25 -89.17
N LYS P 201 -2.16 55.48 -90.09
CA LYS P 201 -2.28 55.05 -91.47
C LYS P 201 -1.15 54.08 -91.81
N LEU P 202 -1.39 53.23 -92.79
CA LEU P 202 -0.40 52.26 -93.22
C LEU P 202 0.72 52.94 -94.00
N HIS P 203 1.95 52.48 -93.80
CA HIS P 203 3.11 52.97 -94.52
C HIS P 203 3.95 51.78 -94.98
N VAL P 204 4.69 51.97 -96.07
CA VAL P 204 5.59 50.92 -96.55
C VAL P 204 6.79 50.84 -95.61
N ALA P 205 7.05 49.64 -95.08
CA ALA P 205 8.15 49.43 -94.15
C ALA P 205 9.36 48.78 -94.83
N ALA P 206 9.16 47.65 -95.50
CA ALA P 206 10.25 46.96 -96.18
C ALA P 206 9.68 46.19 -97.36
N LYS P 207 10.56 45.89 -98.32
CA LYS P 207 10.18 45.19 -99.54
C LYS P 207 11.04 43.94 -99.67
N LEU P 208 10.39 42.79 -99.77
CA LEU P 208 11.12 41.53 -99.97
C LEU P 208 11.58 41.44 -101.42
N PRO P 209 12.89 41.29 -101.66
CA PRO P 209 13.38 41.29 -103.05
C PRO P 209 13.20 39.95 -103.75
N GLY P 210 13.71 39.84 -104.97
CA GLY P 210 13.56 38.62 -105.74
C GLY P 210 12.19 38.53 -106.38
N HIS P 211 11.56 37.35 -106.29
CA HIS P 211 10.17 37.11 -106.69
C HIS P 211 9.95 37.43 -108.17
N LYS P 212 10.61 36.62 -109.01
CA LYS P 212 10.54 36.81 -110.45
C LYS P 212 9.16 36.47 -111.03
N SER P 213 8.32 35.74 -110.31
CA SER P 213 7.03 35.34 -110.84
C SER P 213 5.89 35.74 -109.89
N LEU P 214 4.69 35.25 -110.17
CA LEU P 214 3.54 35.54 -109.33
C LEU P 214 3.68 34.85 -107.98
N ILE P 215 3.17 35.52 -106.94
CA ILE P 215 3.26 35.01 -105.57
C ILE P 215 1.96 34.32 -105.24
N ARG P 216 2.02 33.02 -105.01
CA ARG P 216 0.84 32.22 -104.74
C ARG P 216 0.56 32.04 -103.26
N SER P 217 1.51 32.37 -102.38
CA SER P 217 1.32 32.24 -100.95
C SER P 217 2.30 33.11 -100.20
N ILE P 218 1.91 33.45 -98.96
CA ILE P 218 2.77 34.18 -98.04
C ILE P 218 2.36 33.77 -96.63
N SER P 219 3.34 33.70 -95.73
CA SER P 219 3.09 33.22 -94.38
C SER P 219 4.12 33.82 -93.43
N TRP P 220 3.67 34.69 -92.53
CA TRP P 220 4.52 35.20 -91.47
C TRP P 220 4.75 34.09 -90.45
N ALA P 221 5.90 34.15 -89.77
CA ALA P 221 6.12 33.06 -88.82
C ALA P 221 5.93 33.53 -87.39
N PRO P 222 5.31 32.70 -86.54
CA PRO P 222 5.21 33.04 -85.11
C PRO P 222 6.54 32.85 -84.39
N SER P 223 7.22 33.94 -84.06
CA SER P 223 8.52 33.88 -83.43
C SER P 223 8.33 33.90 -81.91
N ILE P 224 8.49 32.74 -81.28
CA ILE P 224 8.34 32.63 -79.83
C ILE P 224 9.73 32.82 -79.23
N GLY P 225 10.08 34.07 -78.96
CA GLY P 225 11.31 34.40 -78.28
C GLY P 225 12.49 34.70 -79.18
N ARG P 226 12.36 34.47 -80.49
CA ARG P 226 13.46 34.76 -81.41
C ARG P 226 13.66 36.26 -81.57
N TRP P 227 14.89 36.64 -81.86
CA TRP P 227 15.25 38.02 -82.14
C TRP P 227 15.01 38.42 -83.59
N TYR P 228 14.53 37.49 -84.41
CA TYR P 228 14.23 37.74 -85.81
C TYR P 228 12.86 37.18 -86.14
N GLN P 229 12.36 37.52 -87.33
CA GLN P 229 11.07 37.05 -87.82
C GLN P 229 11.26 36.48 -89.22
N LEU P 230 10.42 35.51 -89.56
CA LEU P 230 10.53 34.79 -90.82
C LEU P 230 9.27 34.97 -91.66
N ILE P 231 9.47 35.20 -92.96
CA ILE P 231 8.39 35.26 -93.93
C ILE P 231 8.67 34.24 -95.02
N ALA P 232 7.71 33.36 -95.28
CA ALA P 232 7.81 32.34 -96.30
C ALA P 232 6.92 32.70 -97.47
N THR P 233 7.49 32.72 -98.67
CA THR P 233 6.77 33.09 -99.89
C THR P 233 6.92 31.98 -100.92
N GLY P 234 5.79 31.52 -101.43
CA GLY P 234 5.76 30.56 -102.53
C GLY P 234 5.40 31.27 -103.83
N CYS P 235 6.09 30.88 -104.91
CA CYS P 235 5.96 31.59 -106.16
C CYS P 235 5.49 30.67 -107.28
N LYS P 236 5.02 31.28 -108.37
CA LYS P 236 4.67 30.53 -109.58
C LYS P 236 5.89 29.89 -110.20
N ASP P 237 7.06 30.52 -110.07
CA ASP P 237 8.30 29.95 -110.57
C ASP P 237 8.71 28.67 -109.84
N GLY P 238 8.23 28.47 -108.62
CA GLY P 238 8.51 27.25 -107.88
C GLY P 238 9.51 27.40 -106.77
N ARG P 239 9.88 28.63 -106.39
CA ARG P 239 10.94 28.88 -105.43
C ARG P 239 10.35 29.27 -104.09
N ILE P 240 10.67 28.50 -103.06
CA ILE P 240 10.43 28.89 -101.68
C ILE P 240 11.47 29.91 -101.26
N ARG P 241 11.02 31.02 -100.68
CA ARG P 241 11.93 32.05 -100.20
C ARG P 241 11.60 32.34 -98.75
N ILE P 242 12.62 32.27 -97.89
CA ILE P 242 12.48 32.54 -96.46
C ILE P 242 13.29 33.78 -96.14
N PHE P 243 12.62 34.82 -95.64
CA PHE P 243 13.22 36.11 -95.39
C PHE P 243 13.39 36.31 -93.89
N LYS P 244 14.59 36.68 -93.47
CA LYS P 244 14.89 36.88 -92.05
C LYS P 244 14.64 38.36 -91.74
N ILE P 245 13.53 38.63 -91.06
CA ILE P 245 13.14 39.99 -90.73
C ILE P 245 13.64 40.33 -89.34
N THR P 246 14.37 41.43 -89.23
CA THR P 246 14.91 41.90 -87.95
C THR P 246 14.36 43.29 -87.67
N GLU P 247 13.89 43.51 -86.45
CA GLU P 247 13.23 44.75 -86.07
C GLU P 247 14.00 45.39 -84.92
N LYS P 248 14.24 46.69 -85.03
CA LYS P 248 14.87 47.47 -83.99
C LYS P 248 14.05 48.72 -83.73
N LEU P 249 13.79 49.01 -82.45
CA LEU P 249 13.00 50.17 -82.07
C LEU P 249 13.82 51.46 -82.17
N GLU P 287 5.01 58.46 -89.44
CA GLU P 287 6.36 57.96 -89.25
C GLU P 287 6.36 56.67 -88.43
N LEU P 288 7.11 55.68 -88.90
CA LEU P 288 7.15 54.38 -88.25
C LEU P 288 7.98 54.43 -86.98
N GLN P 289 7.68 53.54 -86.04
CA GLN P 289 8.40 53.44 -84.79
C GLN P 289 9.54 52.43 -84.83
N SER P 290 9.72 51.73 -85.95
CA SER P 290 10.75 50.71 -86.06
C SER P 290 11.11 50.52 -87.52
N ASN P 291 12.40 50.38 -87.79
CA ASN P 291 12.89 50.11 -89.14
C ASN P 291 13.19 48.63 -89.30
N LEU P 292 12.96 48.14 -90.51
CA LEU P 292 13.07 46.72 -90.82
C LEU P 292 14.16 46.51 -91.87
N GLN P 293 15.04 45.54 -91.62
CA GLN P 293 16.03 45.11 -92.60
C GLN P 293 15.71 43.69 -93.04
N VAL P 294 15.77 43.46 -94.35
CA VAL P 294 15.39 42.19 -94.93
C VAL P 294 16.64 41.50 -95.46
N GLU P 295 16.86 40.27 -95.00
CA GLU P 295 17.96 39.44 -95.48
C GLU P 295 17.38 38.11 -95.93
N LEU P 296 17.63 37.75 -97.18
CA LEU P 296 17.14 36.49 -97.73
C LEU P 296 17.91 35.35 -97.07
N LEU P 297 17.26 34.66 -96.14
CA LEU P 297 17.94 33.61 -95.38
C LEU P 297 18.18 32.38 -96.23
N SER P 298 17.21 32.01 -97.08
CA SER P 298 17.31 30.77 -97.84
C SER P 298 16.42 30.85 -99.07
N GLU P 299 16.77 30.05 -100.07
CA GLU P 299 16.00 29.93 -101.29
C GLU P 299 16.01 28.48 -101.74
N HIS P 300 14.83 27.94 -102.05
CA HIS P 300 14.70 26.52 -102.34
C HIS P 300 13.77 26.29 -103.53
N ASP P 301 14.31 25.74 -104.61
CA ASP P 301 13.55 25.42 -105.82
C ASP P 301 13.33 23.91 -105.94
N ASP P 302 13.13 23.25 -104.81
CA ASP P 302 13.03 21.78 -104.81
C ASP P 302 11.70 21.28 -105.35
N HIS P 303 10.67 22.12 -105.41
CA HIS P 303 9.43 21.76 -106.08
C HIS P 303 9.62 21.97 -107.57
N ASN P 304 9.76 20.87 -108.31
CA ASN P 304 9.95 20.94 -109.76
C ASN P 304 8.61 21.27 -110.42
N GLY P 305 8.26 22.55 -110.37
CA GLY P 305 6.97 22.98 -110.85
C GLY P 305 6.51 24.30 -110.24
N GLU P 306 5.32 24.31 -109.68
CA GLU P 306 4.67 25.52 -109.19
C GLU P 306 4.26 25.32 -107.74
N VAL P 307 4.65 26.23 -106.86
CA VAL P 307 4.31 26.18 -105.45
C VAL P 307 3.03 26.98 -105.22
N TRP P 308 2.05 26.35 -104.57
CA TRP P 308 0.75 26.99 -104.35
C TRP P 308 0.51 27.43 -102.91
N SER P 309 1.22 26.87 -101.93
CA SER P 309 0.97 27.23 -100.55
C SER P 309 2.20 27.03 -99.69
N VAL P 310 2.43 27.95 -98.75
CA VAL P 310 3.40 27.78 -97.68
C VAL P 310 2.75 28.18 -96.36
N SER P 311 3.14 27.51 -95.29
CA SER P 311 2.55 27.74 -93.98
C SER P 311 3.50 27.27 -92.89
N TRP P 312 3.83 28.16 -91.96
CA TRP P 312 4.64 27.78 -90.81
C TRP P 312 3.82 26.97 -89.81
N ASN P 313 4.51 26.38 -88.85
CA ASN P 313 3.85 25.80 -87.68
C ASN P 313 3.77 26.85 -86.58
N LEU P 314 3.40 26.43 -85.38
CA LEU P 314 3.23 27.39 -84.30
C LEU P 314 4.54 27.76 -83.60
N THR P 315 5.62 27.02 -83.86
CA THR P 315 6.94 27.42 -83.37
C THR P 315 7.65 28.39 -84.30
N GLY P 316 7.27 28.42 -85.57
CA GLY P 316 8.05 29.14 -86.56
C GLY P 316 9.28 28.39 -87.01
N THR P 317 9.33 27.07 -86.80
CA THR P 317 10.50 26.26 -87.11
C THR P 317 10.31 25.40 -88.35
N ILE P 318 9.21 24.67 -88.44
CA ILE P 318 8.95 23.79 -89.57
C ILE P 318 7.99 24.49 -90.52
N LEU P 319 8.30 24.45 -91.81
CA LEU P 319 7.51 25.11 -92.84
C LEU P 319 7.02 24.09 -93.85
N SER P 320 5.73 24.08 -94.12
CA SER P 320 5.16 23.25 -95.16
C SER P 320 5.19 23.97 -96.50
N SER P 321 5.14 23.18 -97.57
CA SER P 321 5.12 23.73 -98.93
C SER P 321 4.48 22.71 -99.83
N ALA P 322 3.32 23.05 -100.40
CA ALA P 322 2.59 22.16 -101.28
C ALA P 322 2.67 22.67 -102.71
N GLY P 323 2.99 21.76 -103.64
CA GLY P 323 3.10 22.10 -105.04
C GLY P 323 1.98 21.51 -105.88
N ASP P 324 2.08 21.75 -107.19
CA ASP P 324 1.13 21.24 -108.15
C ASP P 324 1.39 19.79 -108.55
N ASP P 325 2.48 19.20 -108.07
CA ASP P 325 2.82 17.81 -108.36
C ASP P 325 2.21 16.84 -107.36
N GLY P 326 1.37 17.32 -106.45
CA GLY P 326 0.83 16.46 -105.41
C GLY P 326 1.80 16.17 -104.29
N LYS P 327 2.88 16.92 -104.17
CA LYS P 327 3.92 16.68 -103.19
C LYS P 327 3.91 17.79 -102.15
N VAL P 328 4.15 17.41 -100.89
CA VAL P 328 4.21 18.34 -99.77
C VAL P 328 5.54 18.15 -99.08
N ARG P 329 6.31 19.24 -98.92
CA ARG P 329 7.63 19.18 -98.33
C ARG P 329 7.67 19.98 -97.05
N LEU P 330 8.40 19.45 -96.06
CA LEU P 330 8.58 20.09 -94.76
C LEU P 330 10.01 20.58 -94.63
N TRP P 331 10.17 21.84 -94.26
CA TRP P 331 11.49 22.47 -94.17
C TRP P 331 11.77 22.86 -92.74
N LYS P 332 12.91 22.40 -92.22
CA LYS P 332 13.38 22.76 -90.89
C LYS P 332 14.79 23.32 -90.99
N ALA P 333 15.06 24.37 -90.22
CA ALA P 333 16.37 25.00 -90.23
C ALA P 333 17.41 24.05 -89.65
N THR P 334 18.58 24.02 -90.28
CA THR P 334 19.68 23.16 -89.87
C THR P 334 20.51 23.87 -88.79
N TYR P 335 21.71 23.34 -88.53
CA TYR P 335 22.60 23.96 -87.56
C TYR P 335 23.02 25.35 -88.00
N SER P 336 23.29 25.53 -89.28
CA SER P 336 23.55 26.85 -89.85
C SER P 336 22.22 27.56 -90.11
N ASN P 337 22.31 28.80 -90.55
CA ASN P 337 21.11 29.58 -90.88
C ASN P 337 20.68 29.27 -92.32
N GLU P 338 20.21 28.05 -92.51
CA GLU P 338 19.84 27.56 -93.83
C GLU P 338 18.88 26.38 -93.66
N PHE P 339 17.67 26.52 -94.21
CA PHE P 339 16.67 25.48 -94.13
C PHE P 339 16.98 24.34 -95.10
N LYS P 340 16.57 23.13 -94.72
CA LYS P 340 16.71 21.97 -95.59
C LYS P 340 15.44 21.15 -95.51
N CYS P 341 15.17 20.40 -96.58
CA CYS P 341 13.96 19.60 -96.65
C CYS P 341 14.07 18.42 -95.69
N MET P 342 13.02 18.22 -94.88
CA MET P 342 12.99 17.13 -93.91
C MET P 342 12.21 15.92 -94.41
N SER P 343 11.09 16.13 -95.10
CA SER P 343 10.32 15.02 -95.62
C SER P 343 9.57 15.45 -96.87
N VAL P 344 9.21 14.46 -97.68
CA VAL P 344 8.37 14.63 -98.86
C VAL P 344 7.15 13.74 -98.69
N ILE P 345 5.96 14.32 -98.85
CA ILE P 345 4.70 13.59 -98.70
C ILE P 345 4.09 13.44 -100.09
N THR P 346 3.92 12.19 -100.52
CA THR P 346 3.37 11.86 -101.82
C THR P 346 1.99 11.25 -101.66
N ALA P 347 1.07 11.56 -102.57
CA ALA P 347 -0.32 11.19 -102.42
C ALA P 347 -0.74 10.20 -103.50
N GLN P 348 0.09 9.19 -103.74
CA GLN P 348 -0.23 8.12 -104.69
C GLN P 348 -1.48 7.33 -104.29
N GLU Q 3 -66.52 4.04 67.64
CA GLU Q 3 -65.25 3.80 68.31
C GLU Q 3 -64.73 2.39 68.05
N CYS Q 4 -63.44 2.30 67.74
CA CYS Q 4 -62.78 1.03 67.47
C CYS Q 4 -62.23 0.36 68.73
N LEU Q 5 -62.17 1.09 69.84
CA LEU Q 5 -61.73 0.49 71.08
C LEU Q 5 -62.82 -0.44 71.64
N PRO Q 6 -62.45 -1.63 72.11
CA PRO Q 6 -63.46 -2.58 72.62
C PRO Q 6 -63.95 -2.16 73.98
N ASN Q 7 -65.27 -2.13 74.15
CA ASN Q 7 -65.87 -1.79 75.44
C ASN Q 7 -67.20 -2.53 75.55
N SER Q 8 -67.18 -3.69 76.19
CA SER Q 8 -68.40 -4.39 76.55
C SER Q 8 -69.01 -3.72 77.77
N CYS Q 9 -70.20 -3.14 77.60
CA CYS Q 9 -70.79 -2.22 78.56
C CYS Q 9 -71.69 -2.90 79.58
N LEU Q 10 -71.43 -4.16 79.92
CA LEU Q 10 -72.27 -4.87 80.87
C LEU Q 10 -72.16 -4.28 82.27
N LEU Q 11 -73.27 -4.32 83.00
CA LEU Q 11 -73.29 -4.05 84.43
C LEU Q 11 -73.69 -5.24 85.27
N GLY Q 12 -74.35 -6.24 84.69
CA GLY Q 12 -74.76 -7.41 85.44
C GLY Q 12 -75.69 -8.27 84.61
N VAL Q 13 -76.17 -9.33 85.26
CA VAL Q 13 -77.05 -10.29 84.61
C VAL Q 13 -78.20 -10.60 85.56
N HIS Q 14 -79.31 -11.05 84.99
CA HIS Q 14 -80.48 -11.48 85.73
C HIS Q 14 -80.79 -12.93 85.41
N LEU Q 15 -81.72 -13.49 86.18
CA LEU Q 15 -82.41 -14.73 85.83
C LEU Q 15 -83.86 -14.54 86.28
N VAL Q 16 -84.69 -14.03 85.37
CA VAL Q 16 -86.07 -13.70 85.68
C VAL Q 16 -86.96 -14.78 85.08
N ILE Q 17 -87.63 -15.53 85.94
CA ILE Q 17 -88.54 -16.58 85.52
C ILE Q 17 -89.96 -16.16 85.90
N SER Q 18 -90.94 -16.79 85.26
CA SER Q 18 -92.34 -16.52 85.52
C SER Q 18 -93.10 -17.82 85.68
N THR Q 19 -94.11 -17.79 86.54
CA THR Q 19 -95.00 -18.95 86.72
C THR Q 19 -96.45 -18.52 86.63
N HIS Q 20 -97.37 -19.44 86.97
CA HIS Q 20 -98.78 -19.07 87.06
C HIS Q 20 -99.05 -18.14 88.23
N SER Q 21 -98.27 -18.26 89.31
CA SER Q 21 -98.45 -17.38 90.48
C SER Q 21 -97.91 -15.98 90.24
N GLY Q 22 -97.05 -15.79 89.25
CA GLY Q 22 -96.53 -14.48 88.94
C GLY Q 22 -95.02 -14.50 88.76
N PRO Q 23 -94.47 -13.45 88.17
CA PRO Q 23 -93.02 -13.41 87.93
C PRO Q 23 -92.25 -13.15 89.22
N GLN Q 24 -91.02 -13.67 89.24
CA GLN Q 24 -90.12 -13.50 90.36
C GLN Q 24 -88.69 -13.43 89.83
N ILE Q 25 -87.72 -13.35 90.74
CA ILE Q 25 -86.31 -13.37 90.36
C ILE Q 25 -85.64 -14.53 91.07
N VAL Q 26 -84.57 -15.04 90.46
CA VAL Q 26 -83.93 -16.26 90.94
C VAL Q 26 -82.48 -15.99 91.33
N TYR Q 27 -81.70 -15.46 90.40
CA TYR Q 27 -80.28 -15.22 90.65
C TYR Q 27 -79.81 -14.04 89.81
N HIS Q 28 -79.33 -12.99 90.46
CA HIS Q 28 -78.75 -11.85 89.78
C HIS Q 28 -77.35 -11.60 90.32
N TYR Q 29 -76.46 -11.11 89.45
CA TYR Q 29 -75.06 -10.95 89.84
C TYR Q 29 -74.44 -9.89 88.93
N PRO Q 30 -73.69 -8.92 89.46
CA PRO Q 30 -73.39 -8.66 90.87
C PRO Q 30 -74.48 -7.91 91.62
N PRO Q 31 -74.53 -8.08 92.96
CA PRO Q 31 -75.38 -7.25 93.81
C PRO Q 31 -74.68 -5.97 94.27
N SER Q 32 -74.19 -5.18 93.32
CA SER Q 32 -73.51 -3.93 93.61
C SER Q 32 -74.41 -2.75 93.28
N ASN Q 33 -74.01 -1.58 93.75
CA ASN Q 33 -74.80 -0.36 93.59
C ASN Q 33 -74.51 0.31 92.25
N THR Q 34 -75.31 1.32 91.95
CA THR Q 34 -75.21 2.04 90.68
C THR Q 34 -73.95 2.89 90.61
N ALA Q 35 -73.51 3.45 91.75
CA ALA Q 35 -72.37 4.36 91.75
C ALA Q 35 -71.07 3.66 91.39
N PHE Q 36 -70.89 2.41 91.84
CA PHE Q 36 -69.68 1.67 91.48
C PHE Q 36 -69.72 1.20 90.03
N LEU Q 37 -70.89 0.74 89.58
CA LEU Q 37 -70.98 0.18 88.22
C LEU Q 37 -70.94 1.25 87.15
N THR Q 38 -71.41 2.47 87.44
CA THR Q 38 -71.43 3.53 86.44
C THR Q 38 -70.12 4.32 86.44
N ASN Q 39 -69.76 4.90 87.58
CA ASN Q 39 -68.53 5.68 87.69
C ASN Q 39 -67.30 4.77 87.72
N GLU Q 364 -70.71 -26.69 108.01
CA GLU Q 364 -70.57 -28.14 108.08
C GLU Q 364 -69.95 -28.69 106.80
N GLU Q 365 -70.67 -29.58 106.11
CA GLU Q 365 -70.15 -30.14 104.87
C GLU Q 365 -70.19 -29.13 103.74
N GLU Q 366 -71.13 -28.17 103.79
CA GLU Q 366 -71.20 -27.15 102.75
C GLU Q 366 -69.99 -26.23 102.79
N ASP Q 367 -69.50 -25.91 104.00
CA ASP Q 367 -68.29 -25.10 104.12
C ASP Q 367 -67.07 -25.83 103.57
N MET Q 368 -66.97 -27.14 103.82
CA MET Q 368 -65.88 -27.94 103.26
C MET Q 368 -65.97 -28.00 101.74
N GLU Q 369 -67.19 -28.17 101.21
CA GLU Q 369 -67.37 -28.23 99.77
C GLU Q 369 -67.02 -26.90 99.10
N VAL Q 370 -67.44 -25.78 99.69
CA VAL Q 370 -67.14 -24.48 99.08
C VAL Q 370 -65.65 -24.15 99.24
N SER Q 371 -65.01 -24.62 100.32
CA SER Q 371 -63.57 -24.42 100.47
C SER Q 371 -62.79 -25.23 99.44
N ALA Q 372 -63.22 -26.47 99.19
CA ALA Q 372 -62.57 -27.28 98.17
C ALA Q 372 -62.80 -26.71 96.77
N MET Q 373 -63.97 -26.13 96.53
CA MET Q 373 -64.26 -25.55 95.21
C MET Q 373 -63.49 -24.26 95.00
N LEU Q 374 -63.29 -23.46 96.06
CA LEU Q 374 -62.43 -22.28 95.94
C LEU Q 374 -60.96 -22.65 95.80
N GLN Q 375 -60.54 -23.74 96.45
CA GLN Q 375 -59.14 -24.18 96.32
C GLN Q 375 -58.86 -24.74 94.94
N ASP Q 376 -59.82 -25.48 94.37
CA ASP Q 376 -59.65 -26.09 93.05
C ASP Q 376 -59.90 -25.11 91.91
N GLY Q 377 -60.39 -23.90 92.19
CA GLY Q 377 -60.68 -22.95 91.15
C GLY Q 377 -62.02 -23.12 90.47
N LYS Q 378 -62.91 -23.95 91.03
CA LYS Q 378 -64.22 -24.14 90.44
C LYS Q 378 -65.14 -22.94 90.61
N ILE Q 379 -64.85 -22.06 91.58
CA ILE Q 379 -65.62 -20.87 91.83
C ILE Q 379 -64.75 -19.66 91.49
N SER Q 380 -65.20 -18.86 90.52
CA SER Q 380 -64.47 -17.68 90.06
C SER Q 380 -65.40 -16.48 90.17
N MET Q 381 -65.44 -15.88 91.35
CA MET Q 381 -66.17 -14.63 91.57
C MET Q 381 -65.18 -13.48 91.68
N ASN Q 382 -65.72 -12.27 91.61
CA ASN Q 382 -64.93 -11.04 91.70
C ASN Q 382 -65.15 -10.43 93.08
N GLU Q 383 -64.06 -10.27 93.84
CA GLU Q 383 -64.16 -9.82 95.22
C GLU Q 383 -64.48 -8.33 95.33
N ILE Q 384 -64.26 -7.54 94.28
CA ILE Q 384 -64.58 -6.13 94.35
C ILE Q 384 -66.09 -5.89 94.29
N PHE Q 385 -66.86 -6.86 93.79
CA PHE Q 385 -68.31 -6.73 93.76
C PHE Q 385 -68.96 -6.87 95.14
N PHE Q 386 -68.21 -7.39 96.13
CA PHE Q 386 -68.75 -7.65 97.46
C PHE Q 386 -68.05 -6.83 98.53
N GLU Q 387 -67.36 -5.75 98.14
CA GLU Q 387 -66.75 -4.86 99.12
C GLU Q 387 -67.81 -4.02 99.81
N GLU Q 388 -67.42 -3.38 100.91
CA GLU Q 388 -68.36 -2.63 101.73
C GLU Q 388 -68.86 -1.38 101.02
N GLU Q 389 -68.01 -0.73 100.24
CA GLU Q 389 -68.40 0.46 99.49
C GLU Q 389 -68.96 0.12 98.10
N ASN Q 390 -68.91 -1.14 97.68
CA ASN Q 390 -69.38 -1.57 96.38
C ASN Q 390 -70.45 -2.64 96.50
N PHE Q 391 -71.36 -2.50 97.47
CA PHE Q 391 -72.40 -3.48 97.71
C PHE Q 391 -73.76 -2.81 97.74
N GLN Q 392 -74.75 -3.48 97.17
CA GLN Q 392 -76.15 -3.12 97.29
C GLN Q 392 -76.91 -4.35 97.78
N ASP Q 393 -78.08 -4.11 98.35
CA ASP Q 393 -78.87 -5.19 98.93
C ASP Q 393 -79.33 -6.15 97.84
N ILE Q 394 -79.56 -7.40 98.23
CA ILE Q 394 -79.98 -8.42 97.27
C ILE Q 394 -81.37 -8.12 96.73
N ASN Q 395 -82.21 -7.45 97.52
CA ASN Q 395 -83.57 -7.13 97.11
C ASN Q 395 -83.65 -5.88 96.24
N LYS Q 396 -82.54 -5.17 96.03
CA LYS Q 396 -82.54 -3.96 95.20
C LYS Q 396 -81.57 -4.13 94.04
N ILE Q 397 -82.03 -3.80 92.84
CA ILE Q 397 -81.21 -3.83 91.63
C ILE Q 397 -81.36 -2.47 90.96
N LEU Q 398 -80.33 -1.61 91.09
CA LEU Q 398 -80.25 -0.32 90.40
C LEU Q 398 -81.45 0.58 90.72
N GLU Q 399 -81.66 0.79 92.02
CA GLU Q 399 -82.79 1.56 92.58
C GLU Q 399 -84.15 0.96 92.20
N PHE Q 400 -84.19 -0.34 91.91
CA PHE Q 400 -85.43 -1.04 91.65
C PHE Q 400 -85.50 -2.29 92.52
N ASP Q 401 -86.71 -2.67 92.90
CA ASP Q 401 -86.93 -3.88 93.66
C ASP Q 401 -86.83 -5.11 92.75
N ASN Q 402 -86.69 -6.28 93.37
CA ASN Q 402 -86.70 -7.53 92.61
C ASN Q 402 -88.05 -7.76 91.95
N ASP Q 403 -89.13 -7.51 92.68
CA ASP Q 403 -90.47 -7.66 92.12
C ASP Q 403 -90.73 -6.64 91.02
N PHE Q 404 -90.18 -5.43 91.17
CA PHE Q 404 -90.32 -4.40 90.14
C PHE Q 404 -89.63 -4.83 88.85
N VAL Q 405 -88.37 -5.29 88.96
CA VAL Q 405 -87.62 -5.76 87.81
C VAL Q 405 -88.30 -6.96 87.16
N ALA Q 406 -88.77 -7.91 87.98
CA ALA Q 406 -89.53 -9.04 87.46
C ALA Q 406 -90.87 -8.63 86.87
N GLU Q 407 -91.38 -7.45 87.23
CA GLU Q 407 -92.59 -6.94 86.59
C GLU Q 407 -92.30 -6.37 85.20
N PHE Q 408 -91.31 -5.50 85.07
CA PHE Q 408 -91.12 -4.88 83.76
C PHE Q 408 -90.17 -5.64 82.84
N CYS Q 409 -89.57 -6.76 83.30
CA CYS Q 409 -88.79 -7.62 82.44
C CYS Q 409 -89.50 -8.94 82.10
N SER Q 410 -90.78 -9.07 82.43
CA SER Q 410 -91.58 -10.25 82.05
C SER Q 410 -92.75 -9.79 81.19
N PRO Q 411 -92.54 -9.63 79.89
CA PRO Q 411 -93.57 -9.07 79.01
C PRO Q 411 -94.59 -10.13 78.61
N GLU Q 412 -95.53 -9.70 77.78
CA GLU Q 412 -96.60 -10.57 77.30
C GLU Q 412 -96.07 -11.54 76.24
N ARG Q 413 -96.94 -12.45 75.79
CA ARG Q 413 -96.54 -13.48 74.84
C ARG Q 413 -96.20 -12.90 73.48
N GLU Q 414 -96.79 -11.75 73.12
CA GLU Q 414 -96.46 -11.10 71.86
C GLU Q 414 -95.10 -10.42 71.90
N MET Q 415 -94.65 -10.00 73.08
CA MET Q 415 -93.35 -9.37 73.23
C MET Q 415 -92.28 -10.35 73.70
N CYS Q 416 -92.61 -11.63 73.79
CA CYS Q 416 -91.67 -12.68 74.12
C CYS Q 416 -91.27 -13.45 72.87
N ASN Q 417 -90.23 -14.29 73.02
CA ASN Q 417 -89.58 -15.01 71.93
C ASN Q 417 -89.09 -14.06 70.82
N THR Q 418 -88.60 -12.90 71.22
CA THR Q 418 -88.12 -11.90 70.29
C THR Q 418 -87.18 -10.95 71.03
N ARG Q 419 -86.65 -9.98 70.31
CA ARG Q 419 -85.67 -9.06 70.89
C ARG Q 419 -86.35 -8.13 71.89
N PHE Q 420 -85.96 -8.22 73.15
CA PHE Q 420 -86.42 -7.31 74.20
C PHE Q 420 -85.38 -6.22 74.40
N GLU Q 421 -85.61 -5.08 73.76
CA GLU Q 421 -84.81 -3.88 74.00
C GLU Q 421 -85.64 -2.91 74.83
N PHE Q 422 -85.03 -2.40 75.91
CA PHE Q 422 -85.75 -1.55 76.85
C PHE Q 422 -84.75 -0.66 77.57
N THR Q 423 -84.86 0.65 77.40
CA THR Q 423 -83.93 1.60 78.00
C THR Q 423 -84.63 2.35 79.12
N VAL Q 424 -83.98 2.42 80.28
CA VAL Q 424 -84.41 3.27 81.38
C VAL Q 424 -83.31 4.33 81.53
N ASP Q 425 -83.56 5.50 80.94
CA ASP Q 425 -82.59 6.59 80.82
C ASP Q 425 -81.30 6.09 80.18
N ASN Q 426 -80.28 5.84 80.98
CA ASN Q 426 -78.98 5.41 80.49
C ASN Q 426 -78.71 3.93 80.68
N PHE Q 427 -79.66 3.18 81.24
CA PHE Q 427 -79.53 1.74 81.38
C PHE Q 427 -80.43 1.07 80.34
N CYS Q 428 -79.86 0.21 79.51
CA CYS Q 428 -80.61 -0.56 78.53
C CYS Q 428 -80.76 -1.99 79.02
N PHE Q 429 -82.01 -2.47 79.08
CA PHE Q 429 -82.32 -3.83 79.52
C PHE Q 429 -82.47 -4.69 78.28
N LEU Q 430 -81.38 -5.32 77.88
CA LEU Q 430 -81.33 -6.10 76.64
C LEU Q 430 -81.37 -7.58 76.97
N GLY Q 431 -82.25 -8.31 76.29
CA GLY Q 431 -82.34 -9.74 76.50
C GLY Q 431 -83.25 -10.38 75.48
N LEU Q 432 -83.23 -11.72 75.46
CA LEU Q 432 -84.11 -12.53 74.62
C LEU Q 432 -84.89 -13.45 75.54
N PRO Q 433 -86.08 -13.03 75.98
CA PRO Q 433 -86.89 -13.89 76.86
C PRO Q 433 -87.50 -15.05 76.10
N ILE Q 434 -87.47 -16.23 76.71
CA ILE Q 434 -88.01 -17.44 76.11
C ILE Q 434 -89.32 -17.79 76.82
N HIS Q 435 -90.41 -17.82 76.07
CA HIS Q 435 -91.72 -18.16 76.57
C HIS Q 435 -92.21 -19.44 75.92
N VAL Q 436 -92.91 -20.27 76.69
CA VAL Q 436 -93.49 -21.48 76.14
C VAL Q 436 -94.65 -21.09 75.23
N ASP Q 437 -94.95 -21.94 74.27
CA ASP Q 437 -96.01 -21.65 73.31
C ASP Q 437 -97.38 -21.93 73.92
N SER Q 438 -98.43 -21.80 73.10
CA SER Q 438 -99.78 -22.06 73.59
C SER Q 438 -100.02 -23.54 73.83
N GLN Q 439 -99.40 -24.41 73.03
CA GLN Q 439 -99.61 -25.85 73.20
C GLN Q 439 -98.88 -26.38 74.44
N GLY Q 440 -97.80 -25.73 74.84
CA GLY Q 440 -97.03 -26.14 75.99
C GLY Q 440 -95.69 -26.78 75.71
N ARG Q 441 -95.06 -26.51 74.57
CA ARG Q 441 -93.74 -27.02 74.24
C ARG Q 441 -92.74 -25.88 74.18
N TRP Q 442 -91.56 -26.10 74.75
CA TRP Q 442 -90.55 -25.04 74.77
C TRP Q 442 -89.90 -24.85 73.41
N ARG Q 443 -89.86 -25.89 72.57
CA ARG Q 443 -89.12 -25.85 71.32
C ARG Q 443 -89.96 -26.47 70.21
N LYS Q 444 -89.70 -26.01 68.99
CA LYS Q 444 -90.29 -26.56 67.78
C LYS Q 444 -89.28 -27.50 67.13
N SER Q 445 -89.54 -28.80 67.18
CA SER Q 445 -88.63 -29.78 66.61
C SER Q 445 -89.12 -30.29 65.26
N ASP Q 525 -92.52 -29.22 90.72
CA ASP Q 525 -93.10 -27.93 91.07
C ASP Q 525 -92.83 -26.90 89.98
N LEU Q 526 -91.56 -26.49 89.87
CA LEU Q 526 -91.17 -25.52 88.85
C LEU Q 526 -91.05 -26.12 87.45
N GLY Q 527 -91.08 -27.45 87.34
CA GLY Q 527 -91.03 -28.10 86.04
C GLY Q 527 -92.28 -27.93 85.20
N LYS Q 528 -93.42 -27.69 85.84
CA LYS Q 528 -94.69 -27.50 85.13
C LYS Q 528 -95.30 -26.12 85.33
N ASN Q 529 -94.98 -25.42 86.41
CA ASN Q 529 -95.52 -24.09 86.64
C ASN Q 529 -94.84 -23.02 85.78
N MET Q 530 -93.57 -23.20 85.47
CA MET Q 530 -92.81 -22.17 84.77
C MET Q 530 -93.21 -22.13 83.30
N ASN Q 531 -93.51 -20.93 82.80
CA ASN Q 531 -93.88 -20.73 81.40
C ASN Q 531 -92.98 -19.71 80.70
N MET Q 532 -92.01 -19.14 81.40
CA MET Q 532 -91.15 -18.09 80.85
C MET Q 532 -89.91 -17.98 81.72
N PHE Q 533 -88.75 -17.81 81.07
CA PHE Q 533 -87.53 -17.41 81.75
C PHE Q 533 -86.83 -16.35 80.91
N HIS Q 534 -86.12 -15.43 81.59
CA HIS Q 534 -85.50 -14.29 80.94
C HIS Q 534 -84.12 -14.04 81.56
N VAL Q 535 -83.08 -14.25 80.76
CA VAL Q 535 -81.70 -13.94 81.16
C VAL Q 535 -81.43 -12.53 80.67
N CYS Q 536 -81.75 -11.55 81.51
CA CYS Q 536 -81.69 -10.15 81.11
C CYS Q 536 -80.30 -9.57 81.37
N PHE Q 537 -79.77 -8.88 80.38
CA PHE Q 537 -78.46 -8.24 80.46
C PHE Q 537 -78.66 -6.73 80.49
N VAL Q 538 -78.04 -6.07 81.45
CA VAL Q 538 -78.11 -4.62 81.59
C VAL Q 538 -76.84 -4.00 81.03
N MET Q 539 -76.99 -3.06 80.11
CA MET Q 539 -75.88 -2.33 79.52
C MET Q 539 -76.09 -0.83 79.72
N ASN Q 540 -74.99 -0.09 79.78
CA ASN Q 540 -75.02 1.37 79.78
C ASN Q 540 -74.06 1.92 78.73
N PRO Q 541 -74.39 1.77 77.45
CA PRO Q 541 -73.57 2.40 76.40
C PRO Q 541 -73.89 3.88 76.26
N HIS Q 542 -72.92 4.60 75.71
CA HIS Q 542 -73.13 6.00 75.37
C HIS Q 542 -74.10 6.12 74.20
N LEU Q 543 -74.70 7.30 74.07
CA LEU Q 543 -75.73 7.51 73.06
C LEU Q 543 -75.18 7.49 71.65
N ILE Q 544 -73.89 7.76 71.48
CA ILE Q 544 -73.28 7.74 70.15
C ILE Q 544 -72.87 6.31 69.76
N GLU Q 545 -72.74 5.40 70.72
CA GLU Q 545 -72.33 4.03 70.45
C GLU Q 545 -73.37 3.01 70.92
N TYR Q 546 -74.60 3.46 71.19
CA TYR Q 546 -75.64 2.59 71.74
C TYR Q 546 -75.99 1.45 70.80
N ASN Q 547 -76.27 1.79 69.53
CA ASN Q 547 -76.72 0.79 68.55
C ASN Q 547 -75.65 -0.26 68.29
N LYS Q 548 -74.39 0.16 68.19
CA LYS Q 548 -73.29 -0.78 67.93
C LYS Q 548 -73.12 -1.77 69.08
N ARG Q 549 -73.08 -1.27 70.32
CA ARG Q 549 -72.87 -2.12 71.48
C ARG Q 549 -74.02 -3.09 71.67
N ILE Q 550 -75.26 -2.59 71.56
CA ILE Q 550 -76.41 -3.46 71.75
C ILE Q 550 -76.51 -4.49 70.64
N ASP Q 551 -76.21 -4.10 69.39
CA ASP Q 551 -76.25 -5.04 68.28
C ASP Q 551 -75.20 -6.13 68.41
N ASP Q 552 -73.95 -5.77 68.78
CA ASP Q 552 -72.92 -6.79 68.88
C ASP Q 552 -73.18 -7.72 70.07
N MET Q 553 -73.64 -7.17 71.20
CA MET Q 553 -73.94 -8.00 72.36
C MET Q 553 -75.08 -8.97 72.06
N TYR Q 554 -76.15 -8.49 71.42
CA TYR Q 554 -77.28 -9.35 71.10
C TYR Q 554 -76.91 -10.39 70.06
N GLN Q 555 -76.06 -10.02 69.09
CA GLN Q 555 -75.70 -10.97 68.04
C GLN Q 555 -74.68 -12.01 68.53
N PHE Q 556 -73.83 -11.67 69.50
CA PHE Q 556 -72.72 -12.55 69.84
C PHE Q 556 -72.82 -13.24 71.20
N VAL Q 557 -73.69 -12.79 72.11
CA VAL Q 557 -73.76 -13.44 73.42
C VAL Q 557 -75.19 -13.86 73.72
N VAL Q 558 -76.12 -12.89 73.67
CA VAL Q 558 -77.46 -13.06 74.22
C VAL Q 558 -78.24 -14.11 73.42
N THR Q 559 -78.21 -14.00 72.09
CA THR Q 559 -78.97 -14.91 71.23
C THR Q 559 -78.47 -16.35 71.39
N ARG Q 560 -77.15 -16.53 71.38
CA ARG Q 560 -76.58 -17.87 71.48
C ARG Q 560 -76.86 -18.49 72.83
N LEU Q 561 -76.68 -17.71 73.91
CA LEU Q 561 -76.92 -18.22 75.26
C LEU Q 561 -78.39 -18.56 75.47
N SER Q 562 -79.30 -17.71 74.97
CA SER Q 562 -80.73 -17.98 75.14
C SER Q 562 -81.18 -19.17 74.30
N LEU Q 563 -80.62 -19.34 73.11
CA LEU Q 563 -80.97 -20.50 72.28
C LEU Q 563 -80.45 -21.79 72.88
N LEU Q 564 -79.23 -21.78 73.42
CA LEU Q 564 -78.70 -22.97 74.08
C LEU Q 564 -79.49 -23.30 75.34
N LEU Q 565 -79.90 -22.27 76.10
CA LEU Q 565 -80.73 -22.50 77.27
C LEU Q 565 -82.10 -23.04 76.89
N ARG Q 566 -82.67 -22.56 75.78
CA ARG Q 566 -83.93 -23.10 75.29
C ARG Q 566 -83.80 -24.57 74.91
N TYR Q 567 -82.70 -24.91 74.23
CA TYR Q 567 -82.46 -26.30 73.84
C TYR Q 567 -82.28 -27.21 75.05
N VAL Q 568 -81.49 -26.77 76.04
CA VAL Q 568 -81.25 -27.64 77.19
C VAL Q 568 -82.48 -27.71 78.10
N GLN Q 569 -83.32 -26.67 78.11
CA GLN Q 569 -84.58 -26.75 78.85
C GLN Q 569 -85.57 -27.66 78.15
N SER Q 570 -85.61 -27.63 76.82
CA SER Q 570 -86.51 -28.50 76.07
C SER Q 570 -86.10 -29.96 76.19
N LYS Q 571 -84.80 -30.24 76.18
CA LYS Q 571 -84.33 -31.62 76.17
C LYS Q 571 -84.08 -32.19 77.56
N THR Q 572 -83.86 -31.34 78.57
CA THR Q 572 -83.43 -31.81 79.89
C THR Q 572 -84.21 -31.19 81.05
N SER Q 573 -84.83 -30.03 80.85
CA SER Q 573 -85.44 -29.21 81.92
C SER Q 573 -84.40 -28.85 82.98
N TYR Q 574 -83.40 -28.09 82.53
CA TYR Q 574 -82.20 -27.74 83.28
C TYR Q 574 -82.35 -26.45 84.09
N ILE Q 575 -82.93 -25.42 83.48
CA ILE Q 575 -83.09 -24.12 84.15
C ILE Q 575 -84.09 -24.24 85.30
N SER Q 576 -85.10 -25.11 85.18
CA SER Q 576 -86.04 -25.32 86.28
C SER Q 576 -85.35 -25.91 87.51
N SER Q 577 -84.51 -26.92 87.29
CA SER Q 577 -83.76 -27.53 88.39
C SER Q 577 -82.74 -26.56 88.98
N GLU Q 578 -82.10 -25.75 88.13
CA GLU Q 578 -81.14 -24.77 88.62
C GLU Q 578 -81.82 -23.70 89.46
N CYS Q 579 -83.00 -23.24 89.04
CA CYS Q 579 -83.76 -22.28 89.84
C CYS Q 579 -84.22 -22.90 91.15
N HIS Q 580 -84.63 -24.17 91.13
CA HIS Q 580 -85.03 -24.86 92.35
C HIS Q 580 -83.89 -24.98 93.34
N ILE Q 581 -82.69 -25.36 92.86
CA ILE Q 581 -81.58 -25.52 93.79
C ILE Q 581 -81.06 -24.15 94.26
N ILE Q 582 -81.19 -23.11 93.43
CA ILE Q 582 -80.80 -21.76 93.86
C ILE Q 582 -81.72 -21.28 94.97
N LEU Q 583 -83.04 -21.49 94.82
CA LEU Q 583 -83.98 -21.07 95.85
C LEU Q 583 -83.81 -21.90 97.13
N LYS Q 584 -83.53 -23.21 96.98
CA LYS Q 584 -83.28 -24.06 98.14
C LYS Q 584 -82.03 -23.64 98.90
N GLU Q 585 -80.97 -23.28 98.17
CA GLU Q 585 -79.75 -22.82 98.83
C GLU Q 585 -79.93 -21.44 99.46
N LYS Q 586 -80.75 -20.58 98.85
CA LYS Q 586 -81.05 -19.28 99.45
C LYS Q 586 -81.83 -19.46 100.76
N GLU Q 587 -82.79 -20.38 100.79
CA GLU Q 587 -83.53 -20.66 102.01
C GLU Q 587 -82.62 -21.30 103.07
N ARG Q 588 -81.72 -22.20 102.65
CA ARG Q 588 -80.87 -22.89 103.60
C ARG Q 588 -79.72 -22.03 104.11
N VAL Q 589 -79.38 -20.95 103.42
CA VAL Q 589 -78.39 -20.01 103.94
C VAL Q 589 -79.04 -18.91 104.77
N LEU Q 590 -80.16 -18.35 104.30
CA LEU Q 590 -80.76 -17.22 105.01
C LEU Q 590 -81.48 -17.64 106.29
N LYS Q 591 -82.04 -18.84 106.34
CA LYS Q 591 -82.88 -19.24 107.45
C LYS Q 591 -82.41 -20.49 108.19
N HIS Q 592 -81.31 -21.10 107.78
CA HIS Q 592 -80.86 -22.31 108.45
C HIS Q 592 -79.41 -22.27 108.91
N SER Q 593 -78.52 -21.64 108.15
CA SER Q 593 -77.10 -21.70 108.43
C SER Q 593 -76.73 -20.72 109.53
N LYS Q 594 -76.06 -21.21 110.57
CA LYS Q 594 -75.52 -20.35 111.61
C LYS Q 594 -74.22 -19.67 111.20
N THR Q 595 -73.57 -20.13 110.14
CA THR Q 595 -72.40 -19.45 109.62
C THR Q 595 -72.77 -18.08 109.04
N TYR Q 596 -73.96 -17.99 108.44
CA TYR Q 596 -74.45 -16.73 107.90
C TYR Q 596 -74.65 -15.68 108.99
N GLN Q 597 -75.17 -16.09 110.14
CA GLN Q 597 -75.37 -15.16 111.25
C GLN Q 597 -74.08 -14.81 111.98
N SER Q 598 -73.05 -15.64 111.86
CA SER Q 598 -71.79 -15.39 112.54
C SER Q 598 -70.82 -14.57 111.71
N ILE Q 599 -71.22 -14.14 110.51
CA ILE Q 599 -70.37 -13.37 109.61
C ILE Q 599 -70.82 -11.91 109.67
N ARG Q 600 -69.88 -11.02 109.96
CA ARG Q 600 -70.19 -9.60 110.13
C ARG Q 600 -70.18 -8.88 108.79
N GLY Q 601 -71.02 -7.85 108.70
CA GLY Q 601 -71.14 -7.07 107.48
C GLY Q 601 -72.11 -7.68 106.47
N ALA Q 602 -72.98 -6.84 105.90
CA ALA Q 602 -73.91 -7.31 104.87
C ALA Q 602 -73.19 -7.70 103.60
N GLY Q 603 -72.09 -7.03 103.27
CA GLY Q 603 -71.34 -7.39 102.08
C GLY Q 603 -70.69 -8.77 102.19
N ASN Q 604 -70.12 -9.08 103.36
CA ASN Q 604 -69.54 -10.40 103.54
C ASN Q 604 -70.61 -11.49 103.65
N LYS Q 605 -71.76 -11.15 104.22
CA LYS Q 605 -72.90 -12.07 104.23
C LYS Q 605 -73.35 -12.40 102.82
N GLY Q 606 -73.47 -11.37 101.97
CA GLY Q 606 -73.81 -11.61 100.57
C GLY Q 606 -72.74 -12.35 99.81
N LYS Q 607 -71.47 -12.12 100.17
CA LYS Q 607 -70.36 -12.85 99.55
C LYS Q 607 -70.43 -14.34 99.90
N TYR Q 608 -70.70 -14.67 101.15
CA TYR Q 608 -70.83 -16.07 101.55
C TYR Q 608 -72.06 -16.72 100.92
N LEU Q 609 -73.18 -15.99 100.86
CA LEU Q 609 -74.38 -16.51 100.22
C LEU Q 609 -74.17 -16.78 98.74
N TYR Q 610 -73.49 -15.85 98.04
CA TYR Q 610 -73.17 -16.06 96.64
C TYR Q 610 -72.15 -17.18 96.46
N GLN Q 611 -71.23 -17.34 97.41
CA GLN Q 611 -70.27 -18.45 97.34
C GLN Q 611 -70.98 -19.79 97.43
N ARG Q 612 -71.97 -19.88 98.33
CA ARG Q 612 -72.76 -21.12 98.43
C ARG Q 612 -73.59 -21.35 97.18
N ILE Q 613 -74.19 -20.29 96.62
CA ILE Q 613 -75.00 -20.43 95.40
C ILE Q 613 -74.14 -20.89 94.24
N LEU Q 614 -73.00 -20.22 94.01
CA LEU Q 614 -72.06 -20.63 92.96
C LEU Q 614 -71.51 -22.03 93.20
N ALA Q 615 -71.34 -22.44 94.46
CA ALA Q 615 -70.87 -23.79 94.72
C ALA Q 615 -71.93 -24.85 94.39
N LYS Q 616 -73.20 -24.56 94.68
CA LYS Q 616 -74.25 -25.54 94.47
C LYS Q 616 -74.90 -25.49 93.10
N SER Q 617 -74.87 -24.34 92.42
CA SER Q 617 -75.58 -24.15 91.16
C SER Q 617 -74.62 -24.09 90.00
N SER Q 618 -75.02 -24.66 88.87
CA SER Q 618 -74.24 -24.63 87.64
C SER Q 618 -74.64 -23.50 86.71
N LEU Q 619 -75.91 -23.09 86.70
CA LEU Q 619 -76.31 -21.93 85.91
C LEU Q 619 -75.73 -20.64 86.47
N ALA Q 620 -75.59 -20.57 87.80
CA ALA Q 620 -74.95 -19.42 88.42
C ALA Q 620 -73.50 -19.30 88.00
N ARG Q 621 -72.81 -20.44 87.88
CA ARG Q 621 -71.42 -20.45 87.41
C ARG Q 621 -71.33 -19.98 85.96
N ALA Q 622 -72.28 -20.41 85.12
CA ALA Q 622 -72.30 -19.99 83.72
C ALA Q 622 -72.50 -18.48 83.62
N LEU Q 623 -73.47 -17.94 84.37
CA LEU Q 623 -73.74 -16.50 84.29
C LEU Q 623 -72.59 -15.68 84.87
N THR Q 624 -72.00 -16.14 85.98
CA THR Q 624 -70.89 -15.43 86.60
C THR Q 624 -69.67 -15.41 85.70
N GLU Q 625 -69.33 -16.56 85.10
CA GLU Q 625 -68.21 -16.62 84.18
C GLU Q 625 -68.48 -15.81 82.91
N CYS Q 626 -69.73 -15.80 82.43
CA CYS Q 626 -70.07 -15.00 81.27
C CYS Q 626 -69.89 -13.51 81.53
N VAL Q 627 -70.40 -13.02 82.65
CA VAL Q 627 -70.26 -11.60 82.98
C VAL Q 627 -68.80 -11.24 83.21
N ASP Q 628 -68.06 -12.08 83.95
CA ASP Q 628 -66.68 -11.78 84.28
C ASP Q 628 -65.77 -11.81 83.06
N LYS Q 629 -66.01 -12.72 82.12
CA LYS Q 629 -65.15 -12.83 80.95
C LYS Q 629 -65.65 -12.02 79.75
N ILE Q 630 -66.85 -11.44 79.80
CA ILE Q 630 -67.24 -10.48 78.79
C ILE Q 630 -66.87 -9.06 79.21
N GLN Q 631 -67.03 -8.73 80.50
CA GLN Q 631 -66.57 -7.43 80.99
C GLN Q 631 -65.05 -7.30 80.93
N ARG Q 632 -64.32 -8.40 80.94
CA ARG Q 632 -62.87 -8.37 80.82
C ARG Q 632 -62.39 -8.51 79.39
N ASN Q 633 -63.31 -8.55 78.41
CA ASN Q 633 -63.02 -8.64 76.98
C ASN Q 633 -62.21 -9.91 76.65
N GLU Q 634 -62.76 -11.05 77.05
CA GLU Q 634 -62.12 -12.35 76.86
C GLU Q 634 -63.16 -13.33 76.31
N ILE Q 635 -62.72 -14.56 76.09
CA ILE Q 635 -63.59 -15.63 75.63
C ILE Q 635 -64.19 -16.31 76.86
N ALA Q 636 -65.52 -16.33 76.93
CA ALA Q 636 -66.23 -16.87 78.08
C ALA Q 636 -66.63 -18.31 77.80
N CYS Q 637 -65.90 -19.25 78.39
CA CYS Q 637 -66.24 -20.66 78.30
C CYS Q 637 -67.11 -21.03 79.50
N LEU Q 638 -68.34 -21.46 79.23
CA LEU Q 638 -69.32 -21.70 80.28
C LEU Q 638 -69.71 -23.18 80.28
N GLU Q 639 -69.86 -23.75 81.47
CA GLU Q 639 -70.27 -25.13 81.64
C GLU Q 639 -71.76 -25.17 81.92
N ILE Q 640 -72.52 -25.87 81.07
CA ILE Q 640 -73.96 -25.98 81.21
C ILE Q 640 -74.33 -27.45 81.19
N ASN Q 641 -75.01 -27.90 82.26
CA ASN Q 641 -75.60 -29.23 82.43
C ASN Q 641 -74.55 -30.34 82.46
N ASP Q 642 -73.26 -29.98 82.58
CA ASP Q 642 -72.10 -30.88 82.57
C ASP Q 642 -72.04 -31.76 81.32
N ASP Q 643 -72.68 -31.34 80.23
CA ASP Q 643 -72.69 -32.08 78.98
C ASP Q 643 -72.44 -31.23 77.75
N LYS Q 644 -72.62 -29.91 77.82
CA LYS Q 644 -72.38 -29.02 76.70
C LYS Q 644 -71.69 -27.77 77.21
N VAL Q 645 -70.79 -27.22 76.40
CA VAL Q 645 -70.12 -25.98 76.73
C VAL Q 645 -70.43 -24.95 75.65
N ILE Q 646 -70.41 -23.68 76.05
CA ILE Q 646 -70.62 -22.56 75.14
C ILE Q 646 -69.46 -21.58 75.31
N SER Q 647 -68.94 -21.10 74.19
CA SER Q 647 -67.87 -20.10 74.18
C SER Q 647 -68.46 -18.81 73.65
N LEU Q 648 -68.35 -17.74 74.42
CA LEU Q 648 -68.93 -16.46 74.06
C LEU Q 648 -67.87 -15.39 74.08
N GLN Q 649 -67.88 -14.53 73.05
CA GLN Q 649 -66.96 -13.41 72.98
C GLN Q 649 -67.59 -12.32 72.12
N ILE Q 650 -67.06 -11.11 72.29
CA ILE Q 650 -67.31 -10.01 71.37
C ILE Q 650 -66.02 -9.76 70.60
N PRO Q 651 -66.02 -9.82 69.27
CA PRO Q 651 -64.77 -9.72 68.51
C PRO Q 651 -64.11 -8.35 68.67
N ILE Q 652 -62.79 -8.37 68.62
CA ILE Q 652 -61.98 -7.17 68.86
C ILE Q 652 -61.48 -6.64 67.52
N GLN Q 653 -61.70 -5.36 67.27
CA GLN Q 653 -61.17 -4.70 66.08
C GLN Q 653 -59.74 -4.27 66.36
N ASN Q 654 -58.78 -5.12 65.97
CA ASN Q 654 -57.37 -4.82 66.12
C ASN Q 654 -56.60 -5.04 64.83
N GLU Q 655 -57.33 -5.15 63.71
CA GLU Q 655 -56.74 -5.30 62.39
C GLU Q 655 -57.18 -4.14 61.52
N PHE Q 656 -56.24 -3.57 60.77
CA PHE Q 656 -56.53 -2.41 59.92
C PHE Q 656 -55.66 -2.47 58.69
N GLU Q 657 -56.30 -2.35 57.51
CA GLU Q 657 -55.56 -2.25 56.26
C GLU Q 657 -55.06 -0.82 56.04
N LYS Q 658 -55.97 0.14 55.96
CA LYS Q 658 -55.57 1.54 55.89
C LYS Q 658 -55.24 2.06 57.29
N MET Q 659 -54.31 3.01 57.34
CA MET Q 659 -53.80 3.50 58.61
C MET Q 659 -54.81 4.40 59.30
N PRO Q 660 -55.26 4.06 60.51
CA PRO Q 660 -56.18 4.94 61.23
C PRO Q 660 -55.49 6.20 61.74
N ASN Q 661 -56.29 7.25 61.93
CA ASN Q 661 -55.77 8.49 62.48
C ASN Q 661 -55.43 8.29 63.95
N PHE Q 662 -54.15 8.49 64.29
CA PHE Q 662 -53.68 8.21 65.64
C PHE Q 662 -54.29 9.17 66.66
N LYS Q 663 -54.25 10.46 66.39
CA LYS Q 663 -54.62 11.48 67.36
C LYS Q 663 -56.07 11.97 67.18
N LEU Q 664 -56.90 11.22 66.48
CA LEU Q 664 -58.32 11.55 66.40
C LEU Q 664 -59.23 10.38 66.74
N GLN Q 665 -58.88 9.16 66.34
CA GLN Q 665 -59.63 7.97 66.70
C GLN Q 665 -58.68 6.95 67.34
N PRO Q 666 -58.76 6.75 68.65
CA PRO Q 666 -57.81 5.86 69.33
C PRO Q 666 -57.98 4.40 68.90
N VAL Q 667 -56.86 3.72 68.76
CA VAL Q 667 -56.80 2.34 68.30
C VAL Q 667 -55.87 1.61 69.25
N LEU Q 668 -56.20 0.34 69.56
CA LEU Q 668 -55.41 -0.50 70.45
C LEU Q 668 -53.95 -0.56 70.05
N ARG Q 669 -53.08 -0.30 71.01
CA ARG Q 669 -51.64 -0.33 70.77
C ARG Q 669 -51.19 -1.77 70.58
N GLY Q 670 -50.48 -2.02 69.48
CA GLY Q 670 -50.18 -3.37 69.07
C GLY Q 670 -51.10 -3.93 68.01
N SER Q 671 -51.94 -3.09 67.41
CA SER Q 671 -52.81 -3.54 66.34
C SER Q 671 -51.99 -3.87 65.10
N TYR Q 672 -52.51 -4.80 64.30
CA TYR Q 672 -51.79 -5.36 63.17
C TYR Q 672 -52.03 -4.51 61.93
N LEU Q 673 -51.02 -3.73 61.54
CA LEU Q 673 -51.11 -2.87 60.35
C LEU Q 673 -50.61 -3.66 59.15
N THR Q 674 -51.50 -4.52 58.64
CA THR Q 674 -51.18 -5.42 57.54
C THR Q 674 -52.29 -5.33 56.49
N SER Q 675 -51.96 -5.76 55.28
CA SER Q 675 -52.96 -5.92 54.24
C SER Q 675 -53.56 -7.32 54.22
N ILE Q 676 -53.08 -8.22 55.08
CA ILE Q 676 -53.66 -9.55 55.24
C ILE Q 676 -54.39 -9.55 56.58
N LEU Q 677 -55.70 -9.75 56.54
CA LEU Q 677 -56.55 -9.57 57.70
C LEU Q 677 -57.40 -10.81 57.90
N ASN Q 678 -57.74 -11.07 59.17
CA ASN Q 678 -58.70 -12.13 59.45
C ASN Q 678 -60.08 -11.78 58.89
N MET Q 679 -60.50 -10.52 59.06
CA MET Q 679 -61.85 -10.12 58.70
C MET Q 679 -62.08 -10.14 57.19
N LYS Q 680 -61.03 -10.05 56.39
CA LYS Q 680 -61.15 -10.25 54.95
C LYS Q 680 -61.43 -11.71 54.61
N PHE Q 681 -61.12 -12.62 55.53
CA PHE Q 681 -61.33 -14.05 55.34
C PHE Q 681 -62.53 -14.58 56.12
N LEU Q 682 -62.86 -13.96 57.26
CA LEU Q 682 -64.05 -14.34 58.01
C LEU Q 682 -65.33 -13.99 57.23
N GLU Q 683 -65.30 -12.86 56.51
CA GLU Q 683 -66.46 -12.46 55.71
C GLU Q 683 -66.66 -13.36 54.50
N LYS Q 684 -65.61 -14.04 54.06
CA LYS Q 684 -65.74 -15.02 52.97
C LYS Q 684 -66.45 -16.28 53.43
N SER Q 685 -66.46 -16.57 54.73
CA SER Q 685 -67.16 -17.74 55.26
C SER Q 685 -68.58 -17.40 55.64
N ASP Q 743 -57.26 -18.55 48.06
CA ASP Q 743 -57.38 -19.63 49.04
C ASP Q 743 -56.65 -19.28 50.33
N LEU Q 744 -57.28 -19.62 51.46
CA LEU Q 744 -56.68 -19.35 52.75
C LEU Q 744 -55.56 -20.34 53.10
N LEU Q 745 -55.55 -21.53 52.50
CA LEU Q 745 -54.52 -22.52 52.81
C LEU Q 745 -53.16 -22.16 52.22
N ASN Q 746 -53.08 -21.17 51.33
CA ASN Q 746 -51.80 -20.67 50.85
C ASN Q 746 -51.07 -19.83 51.89
N TYR Q 747 -51.72 -19.49 53.00
CA TYR Q 747 -51.14 -18.67 54.05
C TYR Q 747 -50.74 -19.54 55.24
N ALA Q 748 -50.12 -18.90 56.23
CA ALA Q 748 -49.61 -19.58 57.41
C ALA Q 748 -50.15 -18.91 58.67
N LEU Q 749 -50.33 -19.72 59.70
CA LEU Q 749 -50.89 -19.24 60.96
C LEU Q 749 -49.80 -18.71 61.87
N LEU Q 750 -50.21 -17.96 62.89
CA LEU Q 750 -49.28 -17.33 63.82
C LEU Q 750 -49.92 -17.27 65.20
N LEU Q 751 -49.45 -18.12 66.11
CA LEU Q 751 -50.05 -18.24 67.43
C LEU Q 751 -49.89 -16.95 68.23
N LEU Q 752 -50.97 -16.54 68.90
CA LEU Q 752 -50.98 -15.31 69.68
C LEU Q 752 -50.44 -15.51 71.10
N ASP Q 753 -50.15 -16.74 71.50
CA ASP Q 753 -49.59 -17.01 72.83
C ASP Q 753 -48.71 -18.24 72.74
N GLU Q 754 -48.28 -18.75 73.90
CA GLU Q 754 -47.51 -19.98 73.95
C GLU Q 754 -48.41 -21.16 73.57
N PRO Q 755 -47.84 -22.20 72.94
CA PRO Q 755 -48.65 -23.36 72.54
C PRO Q 755 -49.34 -24.09 73.69
N ASN Q 756 -48.68 -24.20 74.85
CA ASN Q 756 -49.31 -24.85 75.99
C ASN Q 756 -50.48 -24.03 76.55
N ASN Q 757 -50.37 -22.70 76.52
CA ASN Q 757 -51.48 -21.86 76.92
C ASN Q 757 -52.66 -22.02 75.96
N ILE Q 758 -52.38 -22.16 74.67
CA ILE Q 758 -53.45 -22.36 73.69
C ILE Q 758 -54.10 -23.72 73.88
N ILE Q 759 -53.31 -24.74 74.22
CA ILE Q 759 -53.87 -26.07 74.52
C ILE Q 759 -54.75 -26.00 75.76
N SER Q 760 -54.29 -25.30 76.80
CA SER Q 760 -55.09 -25.14 78.02
C SER Q 760 -56.38 -24.38 77.76
N SER Q 761 -56.34 -23.38 76.88
CA SER Q 761 -57.56 -22.64 76.55
C SER Q 761 -58.51 -23.48 75.70
N LEU Q 762 -57.96 -24.31 74.80
CA LEU Q 762 -58.79 -25.11 73.91
C LEU Q 762 -59.33 -26.38 74.56
N GLU Q 763 -58.75 -26.81 75.69
CA GLU Q 763 -59.35 -27.90 76.46
C GLU Q 763 -60.65 -27.48 77.15
N THR Q 764 -60.86 -26.18 77.34
CA THR Q 764 -62.10 -25.67 77.90
C THR Q 764 -63.17 -25.47 76.84
N PHE Q 765 -62.86 -25.70 75.56
CA PHE Q 765 -63.82 -25.58 74.49
C PHE Q 765 -64.66 -26.84 74.30
N SER Q 766 -64.40 -27.89 75.07
CA SER Q 766 -65.20 -29.11 75.03
C SER Q 766 -65.04 -29.83 76.36
N TYR Q 767 -65.69 -30.99 76.47
CA TYR Q 767 -65.70 -31.77 77.69
C TYR Q 767 -65.31 -33.23 77.51
N GLN Q 768 -65.49 -33.79 76.30
CA GLN Q 768 -65.31 -35.21 76.07
C GLN Q 768 -64.05 -35.54 75.29
N ASP Q 769 -63.27 -34.52 74.88
CA ASP Q 769 -62.08 -34.65 74.05
C ASP Q 769 -62.39 -35.39 72.75
N ASP Q 770 -63.24 -34.75 71.94
CA ASP Q 770 -63.73 -35.35 70.70
C ASP Q 770 -62.67 -35.27 69.61
N ILE Q 771 -63.06 -35.61 68.38
CA ILE Q 771 -62.11 -35.63 67.26
C ILE Q 771 -61.68 -34.22 66.89
N GLY Q 772 -62.57 -33.24 67.00
CA GLY Q 772 -62.22 -31.87 66.64
C GLY Q 772 -61.19 -31.26 67.58
N THR Q 773 -61.36 -31.46 68.88
CA THR Q 773 -60.39 -30.93 69.85
C THR Q 773 -59.05 -31.65 69.76
N ILE Q 774 -59.06 -32.96 69.50
CA ILE Q 774 -57.82 -33.70 69.33
C ILE Q 774 -57.07 -33.23 68.09
N ILE Q 775 -57.80 -33.03 66.98
CA ILE Q 775 -57.19 -32.54 65.74
C ILE Q 775 -56.64 -31.13 65.94
N LEU Q 776 -57.41 -30.27 66.63
CA LEU Q 776 -56.99 -28.90 66.87
C LEU Q 776 -55.77 -28.83 67.79
N LYS Q 777 -55.73 -29.69 68.82
CA LYS Q 777 -54.58 -29.77 69.72
C LYS Q 777 -53.34 -30.26 68.98
N HIS Q 778 -53.50 -31.25 68.10
CA HIS Q 778 -52.37 -31.75 67.33
C HIS Q 778 -51.86 -30.69 66.35
N LEU Q 779 -52.77 -29.90 65.79
CA LEU Q 779 -52.36 -28.84 64.86
C LEU Q 779 -51.66 -27.70 65.60
N VAL Q 780 -52.11 -27.38 66.81
CA VAL Q 780 -51.48 -26.32 67.59
C VAL Q 780 -50.10 -26.76 68.08
N ARG Q 781 -49.96 -28.02 68.52
CA ARG Q 781 -48.70 -28.51 69.03
C ARG Q 781 -47.61 -28.54 67.96
N ASN Q 782 -47.95 -28.98 66.75
CA ASN Q 782 -47.01 -29.03 65.63
C ASN Q 782 -47.40 -27.93 64.65
N ILE Q 783 -46.88 -26.72 64.87
CA ILE Q 783 -47.16 -25.59 64.00
C ILE Q 783 -45.89 -24.75 63.86
N GLN Q 784 -45.74 -24.12 62.70
CA GLN Q 784 -44.63 -23.22 62.39
C GLN Q 784 -45.16 -22.09 61.52
N PRO Q 785 -44.87 -20.83 61.86
CA PRO Q 785 -45.37 -19.71 61.05
C PRO Q 785 -44.65 -19.51 59.72
N ASN Q 786 -43.57 -20.23 59.46
CA ASN Q 786 -42.78 -20.05 58.25
C ASN Q 786 -43.14 -21.04 57.14
N ILE Q 787 -44.14 -21.90 57.34
CA ILE Q 787 -44.50 -22.92 56.37
C ILE Q 787 -46.00 -22.82 56.12
N PRO Q 788 -46.47 -22.93 54.87
CA PRO Q 788 -47.90 -22.71 54.61
C PRO Q 788 -48.78 -23.83 55.15
N LEU Q 789 -50.07 -23.49 55.30
CA LEU Q 789 -51.05 -24.42 55.84
C LEU Q 789 -51.39 -25.56 54.88
N ARG Q 790 -51.07 -25.42 53.59
CA ARG Q 790 -51.29 -26.51 52.65
C ARG Q 790 -50.38 -27.71 52.92
N SER Q 791 -49.25 -27.50 53.58
CA SER Q 791 -48.31 -28.56 53.91
C SER Q 791 -48.72 -29.37 55.14
N TYR Q 792 -49.79 -28.98 55.84
CA TYR Q 792 -50.18 -29.63 57.08
C TYR Q 792 -51.30 -30.65 56.88
N ARG Q 793 -51.48 -31.15 55.66
CA ARG Q 793 -52.43 -32.24 55.44
C ARG Q 793 -51.96 -33.54 56.09
N TYR Q 794 -50.65 -33.73 56.22
CA TYR Q 794 -50.11 -34.95 56.82
C TYR Q 794 -50.37 -35.04 58.32
N LEU Q 795 -50.60 -33.90 58.98
CA LEU Q 795 -50.85 -33.92 60.42
C LEU Q 795 -52.23 -34.47 60.74
N ILE Q 796 -53.18 -34.39 59.81
CA ILE Q 796 -54.53 -34.89 60.02
C ILE Q 796 -54.86 -36.09 59.15
N THR Q 797 -54.01 -36.42 58.16
CA THR Q 797 -54.15 -37.70 57.46
C THR Q 797 -53.82 -38.85 58.40
N ASP Q 798 -52.86 -38.66 59.31
CA ASP Q 798 -52.56 -39.69 60.30
C ASP Q 798 -53.63 -39.79 61.38
N LEU Q 799 -54.39 -38.72 61.61
CA LEU Q 799 -55.43 -38.71 62.62
C LEU Q 799 -56.76 -39.25 62.13
N LEU Q 800 -56.85 -39.62 60.85
CA LEU Q 800 -58.07 -40.21 60.30
C LEU Q 800 -57.77 -41.54 59.61
N ASN Q 814 -62.52 -29.73 47.01
CA ASN Q 814 -61.21 -30.30 46.74
C ASN Q 814 -61.03 -31.62 47.48
N SER Q 815 -60.61 -31.53 48.74
CA SER Q 815 -60.31 -32.71 49.55
C SER Q 815 -60.91 -32.54 50.94
N LEU Q 816 -61.14 -33.68 51.59
CA LEU Q 816 -61.72 -33.66 52.94
C LEU Q 816 -60.71 -33.14 53.96
N GLU Q 817 -59.43 -33.48 53.78
CA GLU Q 817 -58.40 -32.97 54.67
C GLU Q 817 -58.22 -31.46 54.50
N SER Q 818 -58.34 -30.97 53.26
CA SER Q 818 -58.29 -29.53 53.03
C SER Q 818 -59.46 -28.82 53.68
N SER Q 819 -60.64 -29.44 53.65
CA SER Q 819 -61.81 -28.85 54.32
C SER Q 819 -61.64 -28.83 55.83
N ILE Q 820 -61.06 -29.91 56.39
CA ILE Q 820 -60.80 -29.93 57.83
C ILE Q 820 -59.76 -28.89 58.22
N LEU Q 821 -58.73 -28.73 57.38
CA LEU Q 821 -57.71 -27.71 57.63
C LEU Q 821 -58.32 -26.30 57.58
N ARG Q 822 -59.20 -26.06 56.61
CA ARG Q 822 -59.87 -24.76 56.52
C ARG Q 822 -60.75 -24.51 57.74
N SER Q 823 -61.53 -25.51 58.15
CA SER Q 823 -62.41 -25.35 59.31
C SER Q 823 -61.62 -25.12 60.59
N CYS Q 824 -60.49 -25.82 60.75
CA CYS Q 824 -59.65 -25.63 61.92
C CYS Q 824 -58.98 -24.26 61.90
N ALA Q 825 -58.63 -23.77 60.70
CA ALA Q 825 -58.05 -22.43 60.60
C ALA Q 825 -59.08 -21.35 60.96
N LEU Q 826 -60.33 -21.51 60.51
CA LEU Q 826 -61.40 -20.61 60.94
C LEU Q 826 -61.61 -20.68 62.45
N HIS Q 827 -61.54 -21.88 63.02
CA HIS Q 827 -61.71 -22.02 64.46
C HIS Q 827 -60.60 -21.33 65.25
N LEU Q 828 -59.35 -21.44 64.78
CA LEU Q 828 -58.25 -20.80 65.50
C LEU Q 828 -58.23 -19.28 65.28
N MET Q 829 -58.47 -18.82 64.06
CA MET Q 829 -58.37 -17.38 63.79
C MET Q 829 -59.63 -16.61 64.15
N TYR Q 830 -60.75 -17.29 64.39
CA TYR Q 830 -61.94 -16.58 64.85
C TYR Q 830 -61.94 -16.37 66.36
N TRP Q 831 -61.36 -17.29 67.12
CA TRP Q 831 -61.41 -17.23 68.58
C TRP Q 831 -60.14 -16.67 69.19
N ARG Q 832 -59.44 -15.78 68.47
CA ARG Q 832 -58.28 -15.03 68.98
C ARG Q 832 -57.15 -15.96 69.45
N HIS Q 833 -56.86 -16.98 68.66
CA HIS Q 833 -55.80 -17.93 68.98
C HIS Q 833 -54.62 -17.84 68.03
N ALA Q 834 -54.85 -17.91 66.72
CA ALA Q 834 -53.76 -17.99 65.75
C ALA Q 834 -54.10 -17.07 64.59
N ARG Q 835 -53.43 -15.92 64.55
CA ARG Q 835 -53.62 -14.96 63.48
C ARG Q 835 -53.01 -15.48 62.17
N ILE Q 836 -53.56 -14.99 61.05
CA ILE Q 836 -53.09 -15.35 59.73
C ILE Q 836 -52.03 -14.34 59.30
N VAL Q 837 -50.94 -14.85 58.70
CA VAL Q 837 -49.86 -14.02 58.17
C VAL Q 837 -49.40 -14.62 56.85
N ILE Q 838 -48.74 -13.78 56.06
CA ILE Q 838 -47.89 -14.28 54.97
C ILE Q 838 -46.75 -15.09 55.59
N PRO Q 839 -46.37 -16.25 55.03
CA PRO Q 839 -45.32 -17.07 55.64
C PRO Q 839 -43.99 -16.33 55.74
N LEU Q 840 -43.43 -16.34 56.96
CA LEU Q 840 -42.28 -15.51 57.27
C LEU Q 840 -41.01 -16.08 56.67
N SER Q 841 -40.22 -15.22 56.02
CA SER Q 841 -38.94 -15.62 55.48
C SER Q 841 -37.92 -14.55 55.81
N SER Q 842 -36.64 -14.95 55.83
CA SER Q 842 -35.57 -13.99 56.04
C SER Q 842 -35.32 -13.11 54.81
N LYS Q 843 -35.90 -13.46 53.67
CA LYS Q 843 -35.75 -12.69 52.43
C LYS Q 843 -36.78 -11.58 52.31
N TYR Q 844 -37.71 -11.47 53.26
CA TYR Q 844 -38.81 -10.51 53.17
C TYR Q 844 -38.46 -9.27 53.98
N THR Q 845 -38.88 -8.12 53.47
CA THR Q 845 -38.60 -6.87 54.13
C THR Q 845 -39.63 -6.61 55.22
N TYR Q 846 -39.16 -6.39 56.44
CA TYR Q 846 -40.00 -6.23 57.62
C TYR Q 846 -39.69 -4.90 58.28
N ILE Q 847 -40.72 -4.06 58.42
CA ILE Q 847 -40.55 -2.73 59.00
C ILE Q 847 -41.30 -2.68 60.33
N VAL Q 848 -40.93 -1.70 61.14
CA VAL Q 848 -41.59 -1.50 62.43
C VAL Q 848 -42.90 -0.75 62.19
N SER Q 849 -44.00 -1.32 62.68
CA SER Q 849 -45.31 -0.74 62.46
C SER Q 849 -45.45 0.57 63.24
N PRO Q 850 -46.19 1.54 62.70
CA PRO Q 850 -46.55 2.73 63.51
C PRO Q 850 -47.39 2.39 64.73
N LEU Q 851 -48.21 1.34 64.65
CA LEU Q 851 -49.03 0.91 65.77
C LEU Q 851 -48.31 -0.04 66.72
N ALA Q 852 -46.98 0.01 66.74
CA ALA Q 852 -46.20 -0.88 67.61
C ALA Q 852 -46.42 -0.51 69.08
N PRO Q 853 -46.58 -1.49 69.97
CA PRO Q 853 -46.82 -1.16 71.38
C PRO Q 853 -45.57 -0.67 72.08
N ILE Q 854 -45.22 0.60 71.86
CA ILE Q 854 -44.07 1.22 72.50
C ILE Q 854 -44.54 2.10 73.64
N GLN Q 855 -45.39 3.07 73.32
CA GLN Q 855 -45.97 3.92 74.34
C GLN Q 855 -47.15 3.21 75.01
N GLY Q 856 -47.60 3.80 76.10
CA GLY Q 856 -48.78 3.31 76.81
C GLY Q 856 -48.43 2.31 77.89
N TYR Q 857 -49.05 2.46 79.05
CA TYR Q 857 -48.81 1.53 80.15
C TYR Q 857 -49.43 0.17 79.88
N THR Q 858 -50.56 0.15 79.19
CA THR Q 858 -51.22 -1.09 78.81
C THR Q 858 -51.72 -0.95 77.37
N ILE Q 859 -52.55 -1.90 76.94
CA ILE Q 859 -52.98 -1.97 75.55
C ILE Q 859 -53.92 -0.79 75.24
N ASP Q 860 -54.76 -0.41 76.18
CA ASP Q 860 -55.76 0.63 76.00
C ASP Q 860 -55.62 1.70 77.09
N ASP Q 861 -54.39 2.18 77.28
CA ASP Q 861 -54.13 3.16 78.33
C ASP Q 861 -54.61 4.56 77.92
N TYR Q 862 -53.97 5.14 76.90
CA TYR Q 862 -54.26 6.48 76.37
C TYR Q 862 -54.37 7.58 77.42
N VAL Q 888 -44.30 2.05 84.15
CA VAL Q 888 -43.41 1.46 83.17
C VAL Q 888 -44.16 1.18 81.86
N PRO Q 889 -43.70 1.79 80.78
CA PRO Q 889 -44.39 1.63 79.49
C PRO Q 889 -44.23 0.22 78.94
N LEU Q 890 -45.01 -0.06 77.90
CA LEU Q 890 -45.08 -1.40 77.33
C LEU Q 890 -43.78 -1.81 76.64
N ILE Q 891 -42.96 -0.84 76.21
CA ILE Q 891 -41.71 -1.17 75.54
C ILE Q 891 -40.75 -1.87 76.50
N TYR Q 892 -40.67 -1.40 77.75
CA TYR Q 892 -39.78 -2.04 78.71
C TYR Q 892 -40.33 -3.38 79.17
N GLN Q 893 -41.64 -3.48 79.32
CA GLN Q 893 -42.29 -4.75 79.66
C GLN Q 893 -42.03 -5.80 78.58
N ASN Q 894 -42.20 -5.41 77.31
CA ASN Q 894 -41.96 -6.35 76.22
C ASN Q 894 -40.47 -6.61 76.02
N SER Q 895 -39.60 -5.67 76.41
CA SER Q 895 -38.17 -5.94 76.38
C SER Q 895 -37.80 -6.97 77.44
N MET Q 896 -38.41 -6.88 78.62
CA MET Q 896 -38.23 -7.90 79.65
C MET Q 896 -38.75 -9.25 79.18
N LEU Q 897 -39.91 -9.25 78.50
CA LEU Q 897 -40.48 -10.48 77.96
C LEU Q 897 -39.59 -11.07 76.88
N PHE Q 898 -38.99 -10.21 76.05
CA PHE Q 898 -38.05 -10.65 75.02
C PHE Q 898 -36.78 -11.22 75.62
N ARG Q 899 -36.28 -10.59 76.68
CA ARG Q 899 -35.09 -11.10 77.37
C ARG Q 899 -35.39 -12.45 78.02
N SER Q 900 -36.60 -12.61 78.56
CA SER Q 900 -36.99 -13.89 79.14
C SER Q 900 -37.12 -14.97 78.07
N LYS Q 901 -37.69 -14.62 76.92
CA LYS Q 901 -37.88 -15.62 75.87
C LYS Q 901 -36.58 -15.94 75.13
N PHE Q 902 -35.77 -14.92 74.84
CA PHE Q 902 -34.49 -15.09 74.14
C PHE Q 902 -33.37 -14.48 74.97
N PRO Q 903 -32.72 -15.27 75.82
CA PRO Q 903 -31.62 -14.74 76.63
C PRO Q 903 -30.25 -14.74 75.94
N SER Q 904 -30.15 -15.27 74.73
CA SER Q 904 -28.89 -15.32 73.99
C SER Q 904 -28.87 -14.35 72.82
N LEU Q 905 -29.76 -13.37 72.82
CA LEU Q 905 -29.98 -12.44 71.74
C LEU Q 905 -29.87 -11.01 72.25
N PRO Q 906 -29.58 -10.04 71.37
CA PRO Q 906 -29.63 -8.64 71.77
C PRO Q 906 -31.05 -8.22 72.17
N SER Q 907 -31.11 -7.11 72.91
CA SER Q 907 -32.36 -6.66 73.50
C SER Q 907 -33.36 -6.18 72.46
N LEU Q 908 -34.62 -6.10 72.88
CA LEU Q 908 -35.69 -5.59 72.03
C LEU Q 908 -35.46 -4.17 71.51
N PRO Q 909 -34.89 -3.21 72.27
CA PRO Q 909 -34.48 -1.95 71.63
C PRO Q 909 -33.47 -2.11 70.51
N ILE Q 910 -32.51 -3.03 70.64
CA ILE Q 910 -31.52 -3.24 69.59
C ILE Q 910 -32.16 -3.79 68.33
N PHE Q 911 -33.07 -4.76 68.47
CA PHE Q 911 -33.76 -5.32 67.30
C PHE Q 911 -34.69 -4.29 66.67
N LEU Q 912 -35.40 -3.50 67.48
CA LEU Q 912 -36.32 -2.52 66.93
C LEU Q 912 -35.64 -1.27 66.41
N SER Q 913 -34.37 -1.05 66.76
CA SER Q 913 -33.59 0.02 66.15
C SER Q 913 -32.83 -0.43 64.91
N LEU Q 914 -32.36 -1.69 64.87
CA LEU Q 914 -31.70 -2.19 63.68
C LEU Q 914 -32.64 -2.31 62.48
N LEU Q 915 -33.93 -2.44 62.71
CA LEU Q 915 -34.91 -2.54 61.64
C LEU Q 915 -35.53 -1.20 61.25
N SER Q 916 -35.24 -0.13 61.99
CA SER Q 916 -35.88 1.16 61.73
C SER Q 916 -34.89 2.31 61.87
N THR Q 917 -33.66 2.15 61.36
CA THR Q 917 -32.72 3.26 61.22
C THR Q 917 -32.06 3.36 59.85
N ASP Q 918 -32.14 2.32 59.02
CA ASP Q 918 -31.64 2.36 57.66
C ASP Q 918 -32.79 2.13 56.69
N LYS Q 919 -32.45 2.04 55.41
CA LYS Q 919 -33.44 1.68 54.40
C LYS Q 919 -33.93 0.26 54.64
N PRO Q 920 -35.23 -0.02 54.47
CA PRO Q 920 -35.76 -1.32 54.87
C PRO Q 920 -35.34 -2.43 53.92
N GLN Q 921 -34.42 -3.27 54.35
CA GLN Q 921 -33.93 -4.39 53.58
C GLN Q 921 -34.55 -5.69 54.09
N ALA Q 922 -34.08 -6.81 53.55
CA ALA Q 922 -34.58 -8.13 53.92
C ALA Q 922 -34.17 -8.47 55.35
N TYR Q 923 -34.93 -9.39 55.96
CA TYR Q 923 -34.67 -9.75 57.34
C TYR Q 923 -33.38 -10.56 57.52
N SER Q 924 -32.84 -11.12 56.44
CA SER Q 924 -31.62 -11.92 56.51
C SER Q 924 -30.37 -11.09 56.83
N ASN Q 925 -30.45 -9.77 56.76
CA ASN Q 925 -29.31 -8.90 57.03
C ASN Q 925 -29.15 -8.60 58.51
N ILE Q 926 -30.03 -9.11 59.37
CA ILE Q 926 -29.91 -8.92 60.81
C ILE Q 926 -29.35 -10.19 61.42
N ILE Q 927 -29.65 -11.34 60.82
CA ILE Q 927 -29.18 -12.63 61.31
C ILE Q 927 -27.69 -12.78 60.97
N PRO Q 928 -26.82 -12.98 61.97
CA PRO Q 928 -25.38 -13.06 61.69
C PRO Q 928 -24.98 -14.34 60.98
N SER Q 929 -25.47 -15.49 61.46
CA SER Q 929 -25.07 -16.78 60.95
C SER Q 929 -26.30 -17.66 60.75
N ARG Q 930 -26.09 -18.79 60.07
CA ARG Q 930 -27.18 -19.74 59.86
C ARG Q 930 -27.55 -20.48 61.14
N GLU Q 931 -26.63 -20.56 62.12
CA GLU Q 931 -26.97 -21.15 63.40
C GLU Q 931 -27.90 -20.26 64.21
N HIS Q 932 -27.88 -18.96 63.96
CA HIS Q 932 -28.77 -18.02 64.61
C HIS Q 932 -30.10 -17.87 63.89
N LYS Q 933 -30.26 -18.52 62.73
CA LYS Q 933 -31.46 -18.32 61.91
C LYS Q 933 -32.76 -18.76 62.57
N PRO Q 934 -32.89 -19.96 63.19
CA PRO Q 934 -34.20 -20.30 63.77
C PRO Q 934 -34.58 -19.45 64.96
N VAL Q 935 -33.62 -19.10 65.82
CA VAL Q 935 -33.97 -18.25 66.96
C VAL Q 935 -34.25 -16.82 66.51
N TYR Q 936 -33.63 -16.35 65.42
CA TYR Q 936 -33.96 -15.04 64.89
C TYR Q 936 -35.33 -15.05 64.21
N LEU Q 937 -35.70 -16.16 63.58
CA LEU Q 937 -37.05 -16.28 63.03
C LEU Q 937 -38.10 -16.37 64.12
N ASN Q 938 -37.76 -17.02 65.24
CA ASN Q 938 -38.64 -17.01 66.41
C ASN Q 938 -38.79 -15.60 66.97
N ALA Q 939 -37.70 -14.83 67.00
CA ALA Q 939 -37.77 -13.43 67.42
C ALA Q 939 -38.65 -12.61 66.48
N LEU Q 940 -38.54 -12.88 65.17
CA LEU Q 940 -39.37 -12.19 64.19
C LEU Q 940 -40.85 -12.54 64.37
N ALA Q 941 -41.14 -13.82 64.62
CA ALA Q 941 -42.52 -14.24 64.89
C ALA Q 941 -43.05 -13.63 66.18
N TRP Q 942 -42.18 -13.50 67.19
CA TRP Q 942 -42.54 -12.81 68.42
C TRP Q 942 -42.85 -11.34 68.17
N LEU Q 943 -42.07 -10.69 67.32
CA LEU Q 943 -42.31 -9.28 67.02
C LEU Q 943 -43.61 -9.10 66.24
N ILE Q 944 -43.90 -9.99 65.29
CA ILE Q 944 -45.11 -9.89 64.49
C ILE Q 944 -46.35 -10.22 65.33
N GLN Q 945 -46.25 -11.23 66.20
CA GLN Q 945 -47.40 -11.65 67.01
C GLN Q 945 -47.76 -10.62 68.07
N TYR Q 946 -46.84 -9.71 68.40
CA TYR Q 946 -47.08 -8.64 69.35
C TYR Q 946 -47.45 -7.33 68.65
N GLY Q 947 -47.54 -7.33 67.33
CA GLY Q 947 -47.87 -6.13 66.60
C GLY Q 947 -46.74 -5.13 66.47
N TYR Q 948 -45.51 -5.54 66.81
CA TYR Q 948 -44.36 -4.65 66.73
C TYR Q 948 -43.88 -4.43 65.30
N VAL Q 949 -43.91 -5.48 64.47
CA VAL Q 949 -43.28 -5.46 63.15
C VAL Q 949 -44.27 -5.99 62.12
N THR Q 950 -44.49 -5.21 61.05
CA THR Q 950 -45.28 -5.64 59.91
C THR Q 950 -44.36 -5.92 58.72
N GLN Q 951 -44.98 -6.26 57.59
CA GLN Q 951 -44.26 -6.58 56.36
C GLN Q 951 -44.39 -5.43 55.36
N LEU Q 952 -43.30 -5.12 54.67
CA LEU Q 952 -43.29 -4.10 53.63
C LEU Q 952 -43.45 -4.81 52.28
N LEU Q 953 -44.66 -4.77 51.74
CA LEU Q 953 -45.00 -5.42 50.49
C LEU Q 953 -44.70 -4.53 49.29
N THR Q 954 -44.56 -5.16 48.13
CA THR Q 954 -44.21 -4.49 46.89
C THR Q 954 -45.44 -4.45 46.00
N PHE Q 955 -45.79 -3.26 45.53
CA PHE Q 955 -46.92 -3.06 44.64
C PHE Q 955 -46.45 -2.45 43.33
N ILE Q 956 -46.96 -2.96 42.22
CA ILE Q 956 -46.46 -2.60 40.89
C ILE Q 956 -47.59 -2.01 40.06
N ASN Q 957 -47.33 -0.85 39.46
CA ASN Q 957 -48.19 -0.22 38.47
C ASN Q 957 -47.37 0.04 37.22
N ILE Q 958 -48.03 0.10 36.08
CA ILE Q 958 -47.35 0.16 34.78
C ILE Q 958 -47.44 1.58 34.23
N ARG Q 959 -46.32 2.06 33.69
CA ARG Q 959 -46.16 3.44 33.26
C ARG Q 959 -45.57 3.47 31.86
N VAL Q 960 -46.04 4.39 31.02
CA VAL Q 960 -45.66 4.47 29.62
C VAL Q 960 -45.16 5.88 29.32
N ASP Q 961 -43.98 5.98 28.73
CA ASP Q 961 -43.38 7.28 28.40
C ASP Q 961 -43.69 7.65 26.96
N LYS Q 962 -43.05 8.69 26.45
CA LYS Q 962 -43.35 9.19 25.11
C LYS Q 962 -42.77 8.30 24.01
N HIS Q 963 -41.69 7.57 24.29
CA HIS Q 963 -41.06 6.74 23.27
C HIS Q 963 -41.94 5.56 22.88
N ILE Q 964 -42.60 4.94 23.87
CA ILE Q 964 -43.52 3.84 23.58
C ILE Q 964 -44.73 4.36 22.80
N LYS Q 965 -45.20 5.56 23.15
CA LYS Q 965 -46.32 6.16 22.42
C LYS Q 965 -45.95 6.45 20.97
N MET Q 966 -44.75 6.96 20.74
CA MET Q 966 -44.31 7.24 19.37
C MET Q 966 -44.10 5.95 18.58
N ALA Q 967 -43.59 4.90 19.23
CA ALA Q 967 -43.45 3.61 18.54
C ALA Q 967 -44.81 3.02 18.19
N VAL Q 968 -45.79 3.17 19.09
CA VAL Q 968 -47.14 2.68 18.81
C VAL Q 968 -47.79 3.50 17.71
N ASP Q 969 -47.54 4.81 17.67
CA ASP Q 969 -48.03 5.64 16.58
C ASP Q 969 -47.41 5.24 15.25
N GLU Q 970 -46.12 4.89 15.25
CA GLU Q 970 -45.47 4.42 14.04
C GLU Q 970 -46.05 3.08 13.59
N ASP Q 971 -46.33 2.18 14.53
CA ASP Q 971 -46.95 0.91 14.18
C ASP Q 971 -48.37 1.10 13.67
N LEU Q 972 -49.11 2.06 14.21
CA LEU Q 972 -50.45 2.38 13.72
C LEU Q 972 -50.38 2.96 12.32
N GLU Q 973 -49.38 3.80 12.05
CA GLU Q 973 -49.20 4.35 10.70
C GLU Q 973 -48.75 3.27 9.73
N LYS Q 974 -48.10 2.22 10.23
CA LYS Q 974 -47.65 1.13 9.37
C LYS Q 974 -48.83 0.36 8.80
N GLU Q 975 -49.89 0.17 9.58
CA GLU Q 975 -51.07 -0.54 9.12
C GLU Q 975 -52.19 0.44 8.73
N PHE Q 1059 -40.34 20.96 20.31
CA PHE Q 1059 -41.00 20.72 19.03
C PHE Q 1059 -40.17 19.79 18.16
N GLU Q 1060 -40.04 20.14 16.88
CA GLU Q 1060 -39.27 19.34 15.93
C GLU Q 1060 -37.86 19.87 15.69
N TYR Q 1061 -37.59 21.13 16.00
CA TYR Q 1061 -36.26 21.68 15.82
C TYR Q 1061 -35.33 21.39 17.00
N ASP Q 1062 -35.85 20.90 18.11
CA ASP Q 1062 -35.03 20.59 19.27
C ASP Q 1062 -35.47 19.26 19.88
N ASP Q 1063 -34.56 18.63 20.62
CA ASP Q 1063 -34.81 17.35 21.27
C ASP Q 1063 -34.47 17.44 22.76
N PRO Q 1064 -35.35 18.00 23.58
CA PRO Q 1064 -35.08 18.04 25.02
C PRO Q 1064 -35.35 16.68 25.65
N GLU Q 1065 -34.40 16.22 26.46
CA GLU Q 1065 -34.49 14.92 27.09
C GLU Q 1065 -35.02 14.98 28.51
N MET Q 1066 -35.40 16.17 29.00
CA MET Q 1066 -35.95 16.35 30.33
C MET Q 1066 -37.40 16.85 30.27
N GLN Q 1067 -38.11 16.51 29.20
CA GLN Q 1067 -39.48 16.94 28.98
C GLN Q 1067 -40.35 15.76 28.54
N HIS Q 1068 -40.25 14.66 29.28
CA HIS Q 1068 -40.99 13.46 28.94
C HIS Q 1068 -42.49 13.65 29.09
N ASP Q 1069 -43.24 12.99 28.21
CA ASP Q 1069 -44.71 12.95 28.25
C ASP Q 1069 -45.10 11.57 28.77
N TYR Q 1070 -45.16 11.43 30.10
CA TYR Q 1070 -45.40 10.13 30.67
C TYR Q 1070 -46.90 9.86 30.74
N THR Q 1071 -47.26 8.65 31.16
CA THR Q 1071 -48.65 8.21 31.33
C THR Q 1071 -48.64 6.93 32.16
N ILE Q 1072 -49.55 6.85 33.12
CA ILE Q 1072 -49.69 5.68 33.98
C ILE Q 1072 -50.98 4.98 33.60
N ILE Q 1073 -50.87 3.76 33.08
CA ILE Q 1073 -52.03 2.94 32.76
C ILE Q 1073 -52.53 2.30 34.05
N LEU Q 1074 -53.68 2.77 34.54
CA LEU Q 1074 -54.11 2.44 35.89
C LEU Q 1074 -54.56 0.98 36.02
N GLU Q 1075 -55.40 0.52 35.10
CA GLU Q 1075 -55.87 -0.87 35.11
C GLU Q 1075 -55.61 -1.52 33.76
N PRO Q 1076 -54.50 -2.26 33.61
CA PRO Q 1076 -54.15 -2.81 32.30
C PRO Q 1076 -55.05 -3.94 31.82
N GLU Q 1077 -55.92 -4.46 32.69
CA GLU Q 1077 -56.89 -5.47 32.23
C GLU Q 1077 -57.93 -4.84 31.32
N ARG Q 1078 -58.53 -3.72 31.74
CA ARG Q 1078 -59.50 -3.02 30.92
C ARG Q 1078 -58.83 -1.88 30.14
N ALA Q 1079 -57.80 -2.23 29.39
CA ALA Q 1079 -57.11 -1.28 28.54
C ALA Q 1079 -57.72 -1.28 27.14
N THR Q 1080 -57.58 -0.15 26.45
CA THR Q 1080 -58.12 -0.02 25.09
C THR Q 1080 -57.12 -0.64 24.11
N ALA Q 1081 -57.36 -0.44 22.82
CA ALA Q 1081 -56.48 -1.05 21.81
C ALA Q 1081 -55.12 -0.35 21.79
N ILE Q 1082 -55.11 0.98 21.90
CA ILE Q 1082 -53.85 1.72 21.88
C ILE Q 1082 -53.09 1.49 23.18
N GLU Q 1083 -53.81 1.33 24.30
CA GLU Q 1083 -53.12 1.16 25.57
C GLU Q 1083 -52.58 -0.26 25.70
N LYS Q 1084 -53.30 -1.25 25.16
CA LYS Q 1084 -52.75 -2.60 25.11
C LYS Q 1084 -51.58 -2.68 24.15
N ARG Q 1085 -51.57 -1.84 23.10
CA ARG Q 1085 -50.38 -1.74 22.27
C ARG Q 1085 -49.22 -1.09 23.02
N TRP Q 1086 -49.53 -0.14 23.92
CA TRP Q 1086 -48.49 0.46 24.74
C TRP Q 1086 -47.89 -0.57 25.68
N LEU Q 1087 -48.75 -1.43 26.24
CA LEU Q 1087 -48.30 -2.47 27.15
C LEU Q 1087 -47.46 -3.51 26.41
N TYR Q 1088 -47.87 -3.89 25.20
CA TYR Q 1088 -47.13 -4.92 24.49
C TYR Q 1088 -45.95 -4.35 23.72
N ARG Q 1089 -45.80 -3.03 23.68
CA ARG Q 1089 -44.57 -2.40 23.23
C ARG Q 1089 -43.62 -2.06 24.37
N CYS Q 1090 -44.10 -2.13 25.62
CA CYS Q 1090 -43.19 -2.03 26.75
C CYS Q 1090 -42.22 -3.22 26.78
N ILE Q 1091 -42.72 -4.41 26.46
CA ILE Q 1091 -41.88 -5.58 26.21
C ILE Q 1091 -41.68 -5.69 24.71
N TYR Q 1092 -40.52 -5.25 24.22
CA TYR Q 1092 -40.20 -5.33 22.80
C TYR Q 1092 -39.00 -6.21 22.54
N GLY Q 1093 -37.86 -5.94 23.16
CA GLY Q 1093 -36.63 -6.69 22.94
C GLY Q 1093 -36.28 -7.68 24.03
N GLN Q 1094 -37.15 -7.92 24.99
CA GLN Q 1094 -36.85 -8.83 26.08
C GLN Q 1094 -36.92 -10.28 25.60
N PRO Q 1095 -36.20 -11.20 26.27
CA PRO Q 1095 -36.28 -12.62 25.91
C PRO Q 1095 -37.65 -13.25 26.17
N SER Q 1096 -37.80 -14.52 25.77
CA SER Q 1096 -39.11 -15.17 25.82
C SER Q 1096 -39.59 -15.42 27.23
N ASP Q 1097 -38.68 -15.70 28.16
CA ASP Q 1097 -39.08 -15.93 29.55
C ASP Q 1097 -39.62 -14.65 30.18
N ILE Q 1098 -39.02 -13.51 29.84
CA ILE Q 1098 -39.55 -12.23 30.28
C ILE Q 1098 -40.90 -11.93 29.63
N GLN Q 1099 -41.07 -12.34 28.37
CA GLN Q 1099 -42.36 -12.17 27.69
C GLN Q 1099 -43.44 -12.99 28.38
N ILE Q 1100 -43.10 -14.22 28.78
CA ILE Q 1100 -44.08 -15.09 29.43
C ILE Q 1100 -44.40 -14.55 30.81
N LEU Q 1101 -43.40 -14.10 31.56
CA LEU Q 1101 -43.65 -13.62 32.91
C LEU Q 1101 -44.40 -12.29 32.89
N PHE Q 1102 -44.18 -11.47 31.85
CA PHE Q 1102 -44.95 -10.23 31.72
C PHE Q 1102 -46.39 -10.54 31.34
N ASN Q 1103 -46.60 -11.54 30.47
CA ASN Q 1103 -47.96 -11.87 30.05
C ASN Q 1103 -48.76 -12.47 31.19
N LYS Q 1104 -48.13 -13.32 32.00
CA LYS Q 1104 -48.82 -13.97 33.10
C LYS Q 1104 -49.09 -13.01 34.25
N LEU Q 1105 -48.31 -11.93 34.37
CA LEU Q 1105 -48.42 -10.98 35.47
C LEU Q 1105 -48.93 -9.62 35.04
N LEU Q 1106 -49.50 -9.51 33.84
CA LEU Q 1106 -49.94 -8.19 33.36
C LEU Q 1106 -51.19 -7.74 34.09
N LYS Q 1107 -52.13 -8.66 34.37
CA LYS Q 1107 -53.39 -8.29 34.99
C LYS Q 1107 -53.24 -7.84 36.44
N TYR Q 1108 -52.14 -8.20 37.10
CA TYR Q 1108 -51.89 -7.83 38.49
C TYR Q 1108 -51.09 -6.55 38.64
N PHE Q 1109 -50.75 -5.88 37.54
CA PHE Q 1109 -49.92 -4.67 37.59
C PHE Q 1109 -50.79 -3.42 37.68
N ASN Q 1110 -51.49 -3.30 38.81
CA ASN Q 1110 -52.43 -2.20 39.00
C ASN Q 1110 -52.20 -1.41 40.28
N GLY Q 1111 -51.13 -1.68 41.02
CA GLY Q 1111 -50.85 -0.96 42.26
C GLY Q 1111 -51.66 -1.36 43.47
N LYS Q 1112 -52.37 -2.50 43.43
CA LYS Q 1112 -53.18 -2.94 44.55
C LYS Q 1112 -52.85 -4.34 45.04
N VAL Q 1113 -52.28 -5.18 44.21
CA VAL Q 1113 -51.96 -6.57 44.55
C VAL Q 1113 -50.50 -6.63 44.97
N PRO Q 1114 -50.20 -7.02 46.21
CA PRO Q 1114 -48.79 -7.15 46.61
C PRO Q 1114 -48.12 -8.30 45.89
N MET Q 1115 -46.84 -8.12 45.56
CA MET Q 1115 -46.12 -9.09 44.76
C MET Q 1115 -45.82 -10.38 45.50
N GLU Q 1116 -45.92 -10.39 46.83
CA GLU Q 1116 -45.77 -11.63 47.57
C GLU Q 1116 -46.94 -12.57 47.29
N LEU Q 1117 -48.14 -12.01 47.13
CA LEU Q 1117 -49.28 -12.84 46.81
C LEU Q 1117 -49.22 -13.30 45.37
N VAL Q 1118 -48.61 -12.49 44.50
CA VAL Q 1118 -48.43 -12.91 43.11
C VAL Q 1118 -47.43 -14.04 43.03
N ILE Q 1119 -46.37 -13.98 43.85
CA ILE Q 1119 -45.37 -15.05 43.90
C ILE Q 1119 -46.01 -16.34 44.40
N ILE Q 1120 -46.84 -16.24 45.44
CA ILE Q 1120 -47.48 -17.44 46.00
C ILE Q 1120 -48.49 -18.02 45.02
N LYS Q 1121 -49.34 -17.17 44.43
CA LYS Q 1121 -50.43 -17.65 43.60
C LYS Q 1121 -49.94 -18.15 42.24
N GLU Q 1122 -49.00 -17.42 41.62
CA GLU Q 1122 -48.58 -17.74 40.27
C GLU Q 1122 -47.43 -18.74 40.21
N GLU Q 1123 -46.96 -19.24 41.37
CA GLU Q 1123 -45.91 -20.26 41.47
C GLU Q 1123 -44.62 -19.83 40.78
N ILE Q 1124 -44.28 -18.55 40.92
CA ILE Q 1124 -43.03 -18.03 40.41
C ILE Q 1124 -42.05 -17.85 41.56
N SER Q 1125 -40.79 -17.58 41.23
CA SER Q 1125 -39.74 -17.40 42.22
C SER Q 1125 -39.37 -15.93 42.33
N ARG Q 1126 -38.55 -15.63 43.35
CA ARG Q 1126 -38.12 -14.26 43.59
C ARG Q 1126 -37.04 -13.80 42.62
N HIS Q 1127 -36.23 -14.72 42.11
CA HIS Q 1127 -35.23 -14.35 41.11
C HIS Q 1127 -35.85 -13.93 39.78
N ASP Q 1128 -36.96 -14.57 39.41
CA ASP Q 1128 -37.70 -14.16 38.21
C ASP Q 1128 -38.30 -12.77 38.38
N LEU Q 1129 -38.87 -12.51 39.55
CA LEU Q 1129 -39.47 -11.19 39.80
C LEU Q 1129 -38.41 -10.11 39.85
N LYS Q 1130 -37.25 -10.40 40.47
CA LYS Q 1130 -36.19 -9.39 40.50
C LYS Q 1130 -35.58 -9.20 39.12
N LYS Q 1131 -35.63 -10.22 38.27
CA LYS Q 1131 -35.24 -10.06 36.87
C LYS Q 1131 -36.19 -9.14 36.14
N LEU Q 1132 -37.49 -9.28 36.41
CA LEU Q 1132 -38.46 -8.46 35.69
C LEU Q 1132 -38.46 -7.02 36.21
N LEU Q 1133 -38.13 -6.83 37.49
CA LEU Q 1133 -37.95 -5.47 38.02
C LEU Q 1133 -36.68 -4.82 37.47
N ASN Q 1134 -35.60 -5.58 37.31
CA ASN Q 1134 -34.37 -4.98 36.81
C ASN Q 1134 -34.46 -4.70 35.31
N ALA Q 1135 -35.05 -5.60 34.54
CA ALA Q 1135 -35.18 -5.42 33.10
C ALA Q 1135 -36.23 -4.38 32.73
N LEU Q 1136 -37.10 -3.98 33.65
CA LEU Q 1136 -38.16 -3.00 33.39
C LEU Q 1136 -38.17 -1.99 34.54
N ASP Q 1137 -37.36 -0.94 34.41
CA ASP Q 1137 -37.18 0.00 35.51
C ASP Q 1137 -37.98 1.29 35.32
N LYS Q 1138 -37.89 1.92 34.16
CA LYS Q 1138 -38.61 3.16 33.91
C LYS Q 1138 -40.09 2.95 33.62
N TYR Q 1139 -40.53 1.72 33.35
CA TYR Q 1139 -41.91 1.46 33.00
C TYR Q 1139 -42.75 0.96 34.16
N LEU Q 1140 -42.13 0.45 35.22
CA LEU Q 1140 -42.83 -0.10 36.36
C LEU Q 1140 -42.79 0.88 37.53
N ILE Q 1141 -43.96 1.19 38.06
CA ILE Q 1141 -44.07 2.03 39.25
C ILE Q 1141 -43.90 1.12 40.47
N GLU Q 1142 -43.00 1.51 41.37
CA GLU Q 1142 -42.74 0.75 42.59
C GLU Q 1142 -43.45 1.41 43.77
N ILE Q 1143 -44.38 0.69 44.39
CA ILE Q 1143 -45.16 1.18 45.51
C ILE Q 1143 -44.94 0.22 46.69
N HIS Q 1144 -44.52 0.77 47.82
CA HIS Q 1144 -44.17 -0.03 49.00
C HIS Q 1144 -45.00 0.43 50.18
N HIS Q 1145 -45.93 -0.42 50.61
CA HIS Q 1145 -46.65 -0.23 51.87
C HIS Q 1145 -47.06 -1.60 52.40
N TRP Q 1146 -47.67 -1.61 53.57
CA TRP Q 1146 -47.99 -2.85 54.27
C TRP Q 1146 -49.15 -3.60 53.63
N ILE R 99 -60.79 14.21 132.56
CA ILE R 99 -62.18 14.46 132.90
C ILE R 99 -62.98 13.17 132.81
N LYS R 100 -63.52 12.72 133.93
CA LYS R 100 -64.28 11.48 133.98
C LYS R 100 -65.66 11.68 133.37
N ALA R 101 -66.23 10.59 132.87
CA ALA R 101 -67.58 10.59 132.34
C ALA R 101 -68.55 10.10 133.40
N TYR R 102 -69.68 10.78 133.53
CA TYR R 102 -70.62 10.59 134.63
C TYR R 102 -71.89 9.95 134.10
N GLN R 103 -72.09 8.67 134.42
CA GLN R 103 -73.29 7.97 133.98
C GLN R 103 -74.51 8.49 134.74
N ALA R 104 -75.62 8.65 134.00
CA ALA R 104 -76.82 9.24 134.57
C ALA R 104 -78.04 8.66 133.86
N GLU R 105 -79.19 8.79 134.51
CA GLU R 105 -80.45 8.32 133.97
C GLU R 105 -81.10 9.42 133.12
N LEU R 106 -82.36 9.22 132.74
CA LEU R 106 -83.08 10.19 131.93
C LEU R 106 -84.48 10.37 132.48
N GLY R 107 -84.98 11.60 132.44
CA GLY R 107 -86.34 11.90 132.85
C GLY R 107 -86.86 13.12 132.13
N TYR R 108 -88.18 13.16 131.94
CA TYR R 108 -88.84 14.26 131.26
C TYR R 108 -89.76 15.01 132.22
N HIS R 109 -90.15 16.21 131.82
CA HIS R 109 -91.07 17.03 132.59
C HIS R 109 -91.79 17.98 131.64
N GLU R 110 -92.87 18.57 132.15
CA GLU R 110 -93.67 19.51 131.37
C GLU R 110 -93.18 20.94 131.59
N SER R 111 -93.63 21.84 130.71
CA SER R 111 -93.22 23.24 130.76
C SER R 111 -93.83 24.00 131.91
N ARG R 112 -94.86 23.46 132.57
CA ARG R 112 -95.50 24.15 133.69
C ARG R 112 -94.66 24.15 134.96
N PHE R 113 -93.61 23.34 135.02
CA PHE R 113 -92.76 23.26 136.21
C PHE R 113 -91.43 23.99 136.05
N SER R 114 -90.92 24.11 134.83
CA SER R 114 -89.64 24.78 134.60
C SER R 114 -89.65 25.40 133.21
N GLU R 115 -88.78 26.39 133.03
CA GLU R 115 -88.62 27.07 131.76
C GLU R 115 -87.30 26.74 131.06
N ASN R 116 -86.38 26.06 131.73
CA ASN R 116 -85.10 25.71 131.13
C ASN R 116 -85.26 24.48 130.23
N LEU R 117 -84.18 24.13 129.54
CA LEU R 117 -84.20 22.98 128.63
C LEU R 117 -83.70 21.71 129.31
N VAL R 118 -82.46 21.71 129.81
CA VAL R 118 -81.87 20.58 130.48
C VAL R 118 -81.47 21.00 131.89
N MET R 119 -81.93 20.25 132.88
CA MET R 119 -81.66 20.54 134.28
C MET R 119 -80.96 19.36 134.93
N LEU R 120 -79.95 19.65 135.75
CA LEU R 120 -79.22 18.64 136.50
C LEU R 120 -79.45 18.86 137.99
N ASN R 121 -78.77 18.06 138.81
CA ASN R 121 -78.75 18.22 140.26
C ASN R 121 -77.37 18.68 140.69
N LEU R 122 -77.30 19.84 141.33
CA LEU R 122 -76.02 20.33 141.83
C LEU R 122 -75.56 19.55 143.06
N VAL R 123 -76.50 18.95 143.81
CA VAL R 123 -76.12 18.09 144.92
C VAL R 123 -75.49 16.80 144.42
N GLU R 124 -76.05 16.22 143.35
CA GLU R 124 -75.52 14.98 142.80
C GLU R 124 -74.22 15.19 142.01
N PHE R 125 -73.96 16.42 141.55
CA PHE R 125 -72.76 16.74 140.80
C PHE R 125 -72.10 17.96 141.43
N PRO R 126 -71.38 17.79 142.53
CA PRO R 126 -70.71 18.93 143.16
C PRO R 126 -69.49 19.43 142.39
N ASP R 127 -68.89 18.59 141.55
CA ASP R 127 -67.73 19.00 140.77
C ASP R 127 -68.07 19.92 139.61
N ILE R 128 -69.33 19.97 139.21
CA ILE R 128 -69.78 20.80 138.09
C ILE R 128 -70.39 22.08 138.65
N LYS R 129 -69.75 23.21 138.36
CA LYS R 129 -70.30 24.50 138.74
C LYS R 129 -71.53 24.83 137.89
N PRO R 130 -72.49 25.56 138.45
CA PRO R 130 -73.64 25.98 137.64
C PRO R 130 -73.26 26.96 136.56
N GLY R 131 -73.98 26.87 135.43
CA GLY R 131 -73.72 27.76 134.31
C GLY R 131 -72.51 27.38 133.48
N ASP R 132 -72.14 26.11 133.46
CA ASP R 132 -70.98 25.63 132.70
C ASP R 132 -71.43 24.73 131.56
N LEU R 133 -70.67 24.76 130.48
CA LEU R 133 -70.98 23.96 129.30
C LEU R 133 -70.69 22.49 129.59
N VAL R 134 -71.73 21.66 129.56
CA VAL R 134 -71.65 20.26 129.94
C VAL R 134 -72.10 19.41 128.77
N GLU R 135 -71.21 18.57 128.26
CA GLU R 135 -71.54 17.66 127.18
C GLU R 135 -72.45 16.54 127.67
N LEU R 136 -73.41 16.15 126.84
CA LEU R 136 -74.29 15.03 127.11
C LEU R 136 -74.19 14.04 125.95
N LYS R 137 -73.97 12.77 126.28
CA LYS R 137 -73.80 11.73 125.27
C LYS R 137 -74.26 10.40 125.82
N THR R 138 -75.11 9.70 125.08
CA THR R 138 -75.45 8.31 125.39
C THR R 138 -74.55 7.39 124.57
N TYR R 139 -73.53 6.84 125.24
CA TYR R 139 -72.49 6.10 124.54
C TYR R 139 -71.79 5.17 125.51
N HIS R 140 -71.27 4.07 124.98
CA HIS R 140 -70.48 3.13 125.76
C HIS R 140 -69.10 2.99 125.12
N LYS R 141 -68.50 4.15 124.77
CA LYS R 141 -67.23 4.25 124.05
C LYS R 141 -67.27 3.49 122.72
N ASN R 142 -68.42 3.51 122.07
CA ASN R 142 -68.62 2.84 120.79
C ASN R 142 -69.56 3.66 119.92
N PRO R 143 -69.37 3.63 118.59
CA PRO R 143 -70.33 4.26 117.67
C PRO R 143 -71.52 3.36 117.34
N SER R 144 -72.47 3.30 118.27
CA SER R 144 -73.61 2.40 118.17
C SER R 144 -74.60 2.96 117.16
N ALA R 145 -74.41 2.57 115.90
CA ALA R 145 -75.24 2.95 114.75
C ALA R 145 -75.39 4.46 114.60
N SER R 146 -76.57 4.99 114.92
CA SER R 146 -76.83 6.42 114.84
C SER R 146 -77.20 7.03 116.18
N ASN R 147 -77.91 6.29 117.04
CA ASN R 147 -78.26 6.80 118.36
C ASN R 147 -77.07 6.80 119.32
N GLY R 148 -76.04 5.99 119.04
CA GLY R 148 -74.87 5.95 119.89
C GLY R 148 -73.99 7.17 119.79
N ASP R 149 -74.07 7.90 118.68
CA ASP R 149 -73.33 9.14 118.48
C ASP R 149 -74.33 10.29 118.52
N LYS R 150 -74.62 10.76 119.73
CA LYS R 150 -75.54 11.88 119.95
C LYS R 150 -74.90 12.81 120.98
N LYS R 151 -74.11 13.77 120.50
CA LYS R 151 -73.44 14.74 121.36
C LYS R 151 -74.31 15.99 121.44
N ILE R 152 -74.85 16.25 122.62
CA ILE R 152 -75.78 17.36 122.83
C ILE R 152 -75.21 18.26 123.92
N TYR R 153 -75.09 19.54 123.63
CA TYR R 153 -74.63 20.52 124.59
C TYR R 153 -75.80 21.11 125.36
N PHE R 154 -75.53 21.57 126.58
CA PHE R 154 -76.49 22.32 127.38
C PHE R 154 -75.72 23.13 128.42
N ILE R 155 -76.47 23.77 129.31
CA ILE R 155 -75.90 24.57 130.39
C ILE R 155 -76.31 23.93 131.71
N ALA R 156 -75.33 23.74 132.60
CA ALA R 156 -75.58 23.11 133.91
C ALA R 156 -76.47 24.02 134.75
N LYS R 157 -77.70 23.59 134.99
CA LYS R 157 -78.65 24.32 135.82
C LYS R 157 -79.30 23.36 136.81
N ASP R 158 -79.47 23.83 138.04
CA ASP R 158 -80.01 23.00 139.10
C ASP R 158 -81.51 22.83 138.95
N PHE R 159 -82.07 21.89 139.73
CA PHE R 159 -83.50 21.66 139.74
C PHE R 159 -84.21 22.78 140.51
N ASP R 160 -85.55 22.76 140.44
CA ASP R 160 -86.39 23.65 141.19
C ASP R 160 -86.89 22.95 142.45
N GLY R 161 -87.68 23.68 143.25
CA GLY R 161 -88.26 23.07 144.43
C GLY R 161 -89.27 21.99 144.11
N GLU R 162 -90.16 22.24 143.15
CA GLU R 162 -91.11 21.23 142.73
C GLU R 162 -90.43 20.08 141.99
N THR R 163 -89.37 20.37 141.23
CA THR R 163 -88.63 19.32 140.56
C THR R 163 -87.90 18.42 141.55
N LYS R 164 -87.35 19.01 142.61
CA LYS R 164 -86.69 18.22 143.65
C LYS R 164 -87.70 17.44 144.47
N ARG R 165 -88.88 18.02 144.71
CA ARG R 165 -89.91 17.33 145.47
C ARG R 165 -90.53 16.17 144.68
N ARG R 166 -90.64 16.31 143.37
CA ARG R 166 -91.30 15.30 142.53
C ARG R 166 -90.31 14.26 142.01
N ALA R 167 -89.30 14.69 141.26
CA ALA R 167 -88.40 13.77 140.57
C ALA R 167 -87.41 13.19 141.58
N LYS R 168 -87.37 11.86 141.67
CA LYS R 168 -86.44 11.16 142.54
C LYS R 168 -85.51 10.22 141.80
N THR R 169 -86.03 9.43 140.87
CA THR R 169 -85.24 8.42 140.16
C THR R 169 -84.62 8.93 138.87
N SER R 170 -84.87 10.18 138.49
CA SER R 170 -84.35 10.75 137.24
C SER R 170 -83.21 11.70 137.58
N ASN R 171 -82.02 11.41 137.05
CA ASN R 171 -80.87 12.29 137.27
C ASN R 171 -80.96 13.54 136.41
N VAL R 172 -81.44 13.42 135.18
CA VAL R 172 -81.51 14.53 134.23
C VAL R 172 -82.97 14.77 133.87
N SER R 173 -83.43 16.00 134.07
CA SER R 173 -84.79 16.41 133.71
C SER R 173 -84.71 17.27 132.47
N ILE R 174 -85.18 16.74 131.33
CA ILE R 174 -85.12 17.40 130.05
C ILE R 174 -86.54 17.72 129.61
N LEU R 175 -86.77 18.98 129.21
CA LEU R 175 -88.08 19.41 128.77
C LEU R 175 -88.52 18.66 127.51
N SER R 176 -89.77 18.21 127.52
CA SER R 176 -90.31 17.41 126.42
C SER R 176 -90.57 18.29 125.19
N GLY R 177 -90.59 17.65 124.02
CA GLY R 177 -90.84 18.35 122.77
C GLY R 177 -89.83 18.05 121.70
N GLN R 178 -89.12 19.09 121.25
CA GLN R 178 -88.18 18.91 120.14
C GLN R 178 -86.92 18.16 120.58
N LEU R 179 -86.41 18.48 121.78
CA LEU R 179 -85.19 17.83 122.25
C LEU R 179 -85.43 16.38 122.60
N GLN R 180 -86.61 16.05 123.14
CA GLN R 180 -86.97 14.66 123.39
C GLN R 180 -87.05 13.87 122.08
N THR R 181 -87.64 14.47 121.05
CA THR R 181 -87.73 13.82 119.74
C THR R 181 -86.35 13.64 119.12
N LEU R 182 -85.46 14.63 119.29
CA LEU R 182 -84.11 14.52 118.77
C LEU R 182 -83.31 13.43 119.50
N LEU R 183 -83.50 13.32 120.82
CA LEU R 183 -82.78 12.31 121.59
C LEU R 183 -83.23 10.90 121.23
N ASP R 184 -84.55 10.72 121.05
CA ASP R 184 -85.18 9.44 120.69
C ASP R 184 -84.82 8.33 121.69
N LEU R 185 -84.98 8.65 122.98
CA LEU R 185 -84.65 7.71 124.05
C LEU R 185 -85.85 7.52 124.96
N PRO R 186 -86.08 6.31 125.44
CA PRO R 186 -87.15 6.08 126.41
C PRO R 186 -86.75 6.55 127.79
N SER R 187 -87.73 6.50 128.71
CA SER R 187 -87.52 6.95 130.07
C SER R 187 -86.56 6.02 130.82
N ARG R 188 -85.81 6.62 131.76
CA ARG R 188 -84.83 5.91 132.61
C ARG R 188 -83.76 5.19 131.77
N SER R 189 -83.32 5.83 130.69
CA SER R 189 -82.27 5.29 129.86
C SER R 189 -80.91 5.76 130.36
N ARG R 190 -79.91 4.91 130.16
CA ARG R 190 -78.57 5.15 130.70
C ARG R 190 -77.80 6.05 129.73
N ILE R 191 -77.54 7.29 130.16
CA ILE R 191 -76.74 8.23 129.38
C ILE R 191 -75.48 8.55 130.17
N TRP R 192 -74.60 9.35 129.59
CA TRP R 192 -73.37 9.75 130.24
C TRP R 192 -73.20 11.27 130.14
N ILE R 193 -72.48 11.82 131.11
CA ILE R 193 -72.34 13.27 131.26
C ILE R 193 -70.85 13.60 131.36
N LYS R 194 -70.40 14.55 130.54
CA LYS R 194 -69.02 15.01 130.53
C LYS R 194 -69.00 16.52 130.64
N LEU R 195 -68.10 17.04 131.45
CA LEU R 195 -67.99 18.48 131.70
C LEU R 195 -66.79 19.04 130.94
N LYS R 196 -67.02 20.12 130.20
CA LYS R 196 -65.93 20.84 129.52
C LYS R 196 -65.72 22.18 130.19
N PRO R 197 -64.61 22.39 130.90
CA PRO R 197 -64.38 23.69 131.57
C PRO R 197 -64.03 24.81 130.62
N ASN R 198 -63.64 24.51 129.39
CA ASN R 198 -63.26 25.52 128.41
C ASN R 198 -64.40 25.74 127.43
N LYS R 199 -64.74 27.01 127.21
CA LYS R 199 -65.83 27.38 126.32
C LYS R 199 -65.37 28.02 125.02
N PHE R 200 -64.27 28.78 125.04
CA PHE R 200 -63.82 29.48 123.85
C PHE R 200 -63.31 28.52 122.78
N ASP R 201 -62.78 27.37 123.16
CA ASP R 201 -62.38 26.35 122.19
C ASP R 201 -63.57 25.60 121.61
N LEU R 202 -64.72 25.60 122.30
CA LEU R 202 -65.91 24.91 121.84
C LEU R 202 -66.96 25.85 121.27
N GLN R 203 -66.59 27.10 121.00
CA GLN R 203 -67.50 28.03 120.34
C GLN R 203 -67.73 27.61 118.90
N ALA R 204 -68.99 27.49 118.51
CA ALA R 204 -69.31 27.11 117.14
C ALA R 204 -68.96 28.23 116.17
N ASP R 205 -68.49 27.84 114.98
CA ASP R 205 -68.12 28.81 113.96
C ASP R 205 -69.35 29.47 113.37
N VAL R 206 -70.35 28.67 112.99
CA VAL R 206 -71.56 29.16 112.32
C VAL R 206 -72.77 28.56 113.02
N VAL R 207 -73.68 29.42 113.45
CA VAL R 207 -75.00 29.02 113.91
C VAL R 207 -76.02 29.70 113.02
N GLU R 208 -76.74 28.91 112.23
CA GLU R 208 -77.73 29.44 111.31
C GLU R 208 -79.03 29.77 112.04
N PHE R 209 -79.87 30.56 111.38
CA PHE R 209 -81.14 31.01 111.97
C PHE R 209 -82.08 31.40 110.85
N ASN R 210 -83.21 30.72 110.75
CA ASN R 210 -84.17 30.93 109.68
C ASN R 210 -85.36 31.72 110.20
N ILE R 211 -85.75 32.75 109.46
CA ILE R 211 -86.77 33.71 109.89
C ILE R 211 -87.92 33.67 108.90
N LYS R 212 -89.14 33.50 109.42
CA LYS R 212 -90.32 33.37 108.58
C LYS R 212 -91.41 34.36 109.01
N ASP R 213 -92.12 34.91 108.02
CA ASP R 213 -93.38 35.62 108.17
C ASP R 213 -93.29 36.88 109.02
N CYS R 214 -92.09 37.44 109.18
CA CYS R 214 -91.95 38.62 110.02
C CYS R 214 -90.74 39.43 109.56
N LEU R 215 -90.70 40.69 109.99
CA LEU R 215 -89.62 41.61 109.68
C LEU R 215 -88.67 41.72 110.87
N LEU R 216 -87.40 41.41 110.65
CA LEU R 216 -86.36 41.55 111.67
C LEU R 216 -85.23 42.38 111.08
N ASN R 217 -84.99 43.56 111.66
CA ASN R 217 -83.90 44.41 111.22
C ASN R 217 -82.56 43.78 111.60
N ARG R 218 -81.49 44.33 111.00
CA ARG R 218 -80.14 43.89 111.34
C ARG R 218 -79.77 44.25 112.77
N GLY R 219 -80.25 45.40 113.26
CA GLY R 219 -80.08 45.72 114.67
C GLY R 219 -80.84 44.77 115.58
N ASP R 220 -82.02 44.31 115.13
CA ASP R 220 -82.75 43.32 115.90
C ASP R 220 -82.04 41.97 115.89
N MET R 221 -81.38 41.63 114.77
CA MET R 221 -80.55 40.44 114.73
C MET R 221 -79.35 40.58 115.68
N TRP R 222 -78.77 41.78 115.75
CA TRP R 222 -77.68 42.03 116.69
C TRP R 222 -78.14 41.90 118.14
N VAL R 223 -79.33 42.40 118.45
CA VAL R 223 -79.86 42.28 119.80
C VAL R 223 -80.19 40.83 120.14
N LEU R 224 -80.72 40.08 119.17
CA LEU R 224 -81.00 38.67 119.38
C LEU R 224 -79.72 37.87 119.59
N SER R 225 -78.65 38.20 118.86
CA SER R 225 -77.37 37.56 119.10
C SER R 225 -76.76 37.99 120.43
N SER R 226 -77.06 39.22 120.87
CA SER R 226 -76.63 39.65 122.20
C SER R 226 -77.34 38.87 123.30
N LYS R 227 -78.59 38.46 123.04
CA LYS R 227 -79.31 37.61 123.97
C LYS R 227 -78.91 36.14 123.88
N LEU R 228 -78.20 35.75 122.82
CA LEU R 228 -77.76 34.38 122.62
C LEU R 228 -76.31 34.15 123.05
N VAL R 229 -75.70 35.11 123.74
CA VAL R 229 -74.36 34.93 124.26
C VAL R 229 -74.40 33.96 125.44
N ASP R 230 -73.48 32.99 125.43
CA ASP R 230 -73.39 31.92 126.44
C ASP R 230 -74.69 31.14 126.56
N THR R 231 -75.11 30.57 125.43
CA THR R 231 -76.32 29.75 125.37
C THR R 231 -76.09 28.64 124.36
N CYS R 232 -76.46 27.41 124.74
CA CYS R 232 -76.26 26.24 123.91
C CYS R 232 -77.52 25.91 123.13
N VAL R 233 -77.37 25.63 121.83
CA VAL R 233 -78.47 25.35 120.94
C VAL R 233 -78.19 24.03 120.21
N PHE R 234 -79.26 23.46 119.66
CA PHE R 234 -79.18 22.23 118.88
C PHE R 234 -79.93 22.41 117.57
N MET R 235 -79.93 21.35 116.76
CA MET R 235 -80.49 21.44 115.41
C MET R 235 -82.01 21.45 115.44
N ASP R 236 -82.60 22.25 114.54
CA ASP R 236 -84.04 22.40 114.36
C ASP R 236 -84.75 22.86 115.63
N GLN R 237 -84.07 23.69 116.43
CA GLN R 237 -84.65 24.23 117.65
C GLN R 237 -85.45 25.49 117.33
N ARG R 238 -86.71 25.51 117.75
CA ARG R 238 -87.59 26.65 117.54
C ARG R 238 -87.34 27.67 118.65
N LEU R 239 -86.55 28.69 118.36
CA LEU R 239 -86.26 29.75 119.32
C LEU R 239 -87.39 30.76 119.33
N ALA R 240 -87.19 31.87 120.05
CA ALA R 240 -88.19 32.92 120.14
C ALA R 240 -87.50 34.25 120.37
N PHE R 241 -88.23 35.33 120.08
CA PHE R 241 -87.73 36.68 120.30
C PHE R 241 -88.93 37.59 120.52
N LEU R 242 -89.04 38.12 121.75
CA LEU R 242 -90.18 38.95 122.19
C LEU R 242 -91.51 38.21 122.02
N ASP R 243 -91.48 36.89 122.25
CA ASP R 243 -92.60 35.93 122.20
C ASP R 243 -93.46 36.05 120.94
N SER R 244 -92.90 36.59 119.84
CA SER R 244 -93.62 36.66 118.58
C SER R 244 -92.76 36.35 117.36
N ILE R 245 -91.44 36.32 117.48
CA ILE R 245 -90.54 36.11 116.36
C ILE R 245 -89.92 34.73 116.53
N ARG R 246 -90.44 33.76 115.79
CA ARG R 246 -89.92 32.40 115.84
C ARG R 246 -88.63 32.29 115.02
N GLY R 247 -88.00 31.12 115.11
CA GLY R 247 -86.79 30.89 114.35
C GLY R 247 -86.26 29.47 114.46
N THR R 248 -85.92 28.88 113.32
CA THR R 248 -85.44 27.50 113.26
C THR R 248 -83.95 27.50 112.93
N ILE R 249 -83.17 26.78 113.74
CA ILE R 249 -81.73 26.68 113.56
C ILE R 249 -81.47 25.46 112.67
N LYS R 250 -81.25 25.71 111.39
CA LYS R 250 -81.15 24.64 110.40
C LYS R 250 -79.71 24.24 110.10
N GLY R 251 -78.73 24.79 110.82
CA GLY R 251 -77.36 24.38 110.62
C GLY R 251 -76.39 24.90 111.65
N ILE R 252 -75.58 24.01 112.23
CA ILE R 252 -74.52 24.37 113.16
C ILE R 252 -73.21 23.80 112.62
N TYR R 253 -72.19 24.66 112.54
CA TYR R 253 -70.91 24.28 111.95
C TYR R 253 -69.78 24.58 112.91
N ARG R 254 -68.78 23.71 112.93
CA ARG R 254 -67.58 23.89 113.75
C ARG R 254 -66.43 23.15 113.09
N ASN R 255 -65.34 23.88 112.81
CA ASN R 255 -64.11 23.35 112.22
C ASN R 255 -64.37 22.64 110.89
N GLY R 256 -65.28 23.22 110.09
CA GLY R 256 -65.61 22.64 108.80
C GLY R 256 -66.50 21.42 108.85
N LYS R 257 -67.06 21.08 110.01
CA LYS R 257 -67.90 19.91 110.16
C LYS R 257 -69.27 20.31 110.70
N LYS R 258 -70.31 19.69 110.15
CA LYS R 258 -71.67 19.94 110.61
C LYS R 258 -71.95 19.10 111.85
N ILE R 259 -72.50 19.73 112.89
CA ILE R 259 -72.78 19.07 114.15
C ILE R 259 -74.24 19.32 114.52
N VAL R 260 -74.80 18.39 115.29
CA VAL R 260 -76.20 18.49 115.68
C VAL R 260 -76.39 19.62 116.70
N SER R 261 -75.47 19.75 117.65
CA SER R 261 -75.55 20.78 118.68
C SER R 261 -74.23 21.51 118.78
N GLY R 262 -74.30 22.80 119.12
CA GLY R 262 -73.12 23.61 119.28
C GLY R 262 -73.31 24.62 120.40
N TYR R 263 -72.26 25.40 120.64
CA TYR R 263 -72.26 26.43 121.67
C TYR R 263 -72.06 27.78 121.01
N ILE R 264 -72.88 28.76 121.40
CA ILE R 264 -72.81 30.11 120.87
C ILE R 264 -72.02 30.97 121.85
N GLY R 265 -70.90 31.50 121.37
CA GLY R 265 -70.08 32.39 122.18
C GLY R 265 -70.01 33.80 121.63
N GLU R 266 -68.98 34.55 122.03
CA GLU R 266 -68.82 35.91 121.54
C GLU R 266 -68.33 35.92 120.09
N GLN R 267 -67.42 35.02 119.75
CA GLN R 267 -66.87 34.93 118.40
C GLN R 267 -67.67 34.03 117.48
N THR R 268 -68.86 33.60 117.90
CA THR R 268 -69.72 32.77 117.07
C THR R 268 -70.33 33.62 115.96
N ARG R 269 -69.98 33.31 114.71
CA ARG R 269 -70.48 34.05 113.55
C ARG R 269 -71.88 33.54 113.22
N ILE R 270 -72.84 34.03 114.00
CA ILE R 270 -74.24 33.63 113.82
C ILE R 270 -74.81 34.32 112.59
N ILE R 271 -75.44 33.53 111.72
CA ILE R 271 -75.94 34.00 110.43
C ILE R 271 -77.45 33.90 110.44
N PHE R 272 -78.13 35.00 110.12
CA PHE R 272 -79.58 35.05 110.06
C PHE R 272 -80.00 35.03 108.59
N ARG R 273 -80.82 34.05 108.23
CA ARG R 273 -81.40 33.96 106.91
C ARG R 273 -82.91 34.05 107.00
N SER R 274 -83.53 34.56 105.93
CA SER R 274 -84.97 34.82 105.91
C SER R 274 -85.61 34.03 104.77
N GLU R 275 -86.64 33.26 105.09
CA GLU R 275 -87.50 32.65 104.09
C GLU R 275 -88.72 33.50 103.79
N SER R 276 -88.83 34.68 104.42
CA SER R 276 -89.79 35.71 104.03
C SER R 276 -88.99 36.91 103.56
N ALA R 277 -88.86 37.05 102.24
CA ALA R 277 -87.94 38.01 101.67
C ALA R 277 -88.47 38.52 100.34
N ARG R 278 -88.04 39.73 99.98
CA ARG R 278 -88.38 40.33 98.69
C ARG R 278 -87.32 39.93 97.68
N LEU R 279 -87.73 39.24 96.62
CA LEU R 279 -86.82 38.73 95.60
C LEU R 279 -87.13 39.39 94.26
N ILE R 280 -86.09 39.86 93.59
CA ILE R 280 -86.21 40.54 92.30
C ILE R 280 -85.52 39.69 91.26
N PHE R 281 -86.25 39.34 90.20
CA PHE R 281 -85.71 38.59 89.08
C PHE R 281 -85.63 39.51 87.88
N LEU R 282 -84.42 39.67 87.33
CA LEU R 282 -84.17 40.49 86.16
C LEU R 282 -83.81 39.56 85.00
N ILE R 283 -84.74 39.38 84.08
CA ILE R 283 -84.52 38.53 82.92
C ILE R 283 -83.83 39.35 81.84
N GLN R 284 -82.64 38.92 81.44
CA GLN R 284 -81.80 39.68 80.52
C GLN R 284 -82.13 39.21 79.11
N ILE R 285 -83.13 39.86 78.52
CA ILE R 285 -83.59 39.50 77.18
C ILE R 285 -82.58 40.02 76.17
N THR R 286 -81.93 39.10 75.46
CA THR R 286 -80.91 39.43 74.49
C THR R 286 -81.15 38.58 73.25
N ASP R 287 -80.19 38.59 72.32
CA ASP R 287 -80.29 37.75 71.13
C ASP R 287 -80.09 36.28 71.46
N GLU R 288 -79.44 35.97 72.59
CA GLU R 288 -79.10 34.61 72.96
C GLU R 288 -80.20 33.91 73.76
N MET R 289 -81.30 34.58 74.06
CA MET R 289 -82.42 33.91 74.72
C MET R 289 -83.08 32.90 73.80
N TRP R 290 -83.11 33.17 72.50
CA TRP R 290 -83.62 32.24 71.51
C TRP R 290 -82.52 31.44 70.84
N ASN R 291 -81.29 31.54 71.34
CA ASN R 291 -80.19 30.75 70.83
C ASN R 291 -80.23 29.35 71.43
N PHE R 292 -80.01 28.35 70.57
CA PHE R 292 -80.10 26.96 70.99
C PHE R 292 -78.82 26.50 71.67
N GLU R 293 -78.97 25.72 72.74
CA GLU R 293 -77.87 25.06 73.42
C GLU R 293 -77.49 23.81 72.62
N GLU R 294 -76.31 23.25 72.93
CA GLU R 294 -75.81 22.09 72.21
C GLU R 294 -76.71 20.87 72.38
N THR R 295 -77.42 20.78 73.52
CA THR R 295 -78.37 19.69 73.69
C THR R 295 -79.57 19.83 72.77
N GLY R 296 -80.00 21.07 72.50
CA GLY R 296 -81.10 21.29 71.58
C GLY R 296 -82.24 22.11 72.14
N GLU R 297 -82.00 22.84 73.23
CA GLU R 297 -83.03 23.61 73.91
C GLU R 297 -82.69 25.10 73.85
N GLN R 298 -83.68 25.92 73.47
CA GLN R 298 -83.56 27.36 73.66
C GLN R 298 -83.52 27.69 75.15
N LEU R 299 -82.78 28.75 75.47
CA LEU R 299 -82.48 29.03 76.87
C LEU R 299 -83.68 29.60 77.62
N PHE R 300 -84.60 30.28 76.93
CA PHE R 300 -85.79 30.73 77.64
C PHE R 300 -86.73 29.56 77.92
N GLN R 301 -86.69 28.52 77.09
CA GLN R 301 -87.43 27.29 77.39
C GLN R 301 -86.89 26.65 78.66
N LYS R 302 -85.56 26.66 78.82
CA LYS R 302 -84.95 26.24 80.09
C LYS R 302 -85.44 27.11 81.24
N MET R 303 -85.47 28.43 81.04
CA MET R 303 -85.82 29.36 82.11
C MET R 303 -87.26 29.16 82.57
N VAL R 304 -88.17 28.86 81.64
CA VAL R 304 -89.58 28.74 81.99
C VAL R 304 -90.02 27.30 82.22
N ASN R 305 -89.17 26.30 81.95
CA ASN R 305 -89.58 24.92 82.14
C ASN R 305 -88.69 24.10 83.07
N SER R 306 -87.53 24.62 83.51
CA SER R 306 -86.66 23.83 84.37
C SER R 306 -86.18 24.64 85.57
N PHE R 307 -86.16 25.97 85.44
CA PHE R 307 -85.67 26.84 86.50
C PHE R 307 -86.80 27.36 87.39
N PHE R 308 -87.74 28.10 86.80
CA PHE R 308 -88.84 28.66 87.59
C PHE R 308 -89.76 27.62 88.22
N PRO R 309 -90.24 26.57 87.52
CA PRO R 309 -91.01 25.53 88.23
C PRO R 309 -90.25 24.82 89.34
N LYS R 310 -88.97 24.55 89.15
CA LYS R 310 -88.18 23.89 90.19
C LYS R 310 -87.96 24.81 91.39
N ILE R 311 -87.71 26.10 91.13
CA ILE R 311 -87.50 27.02 92.24
C ILE R 311 -88.81 27.30 92.97
N PHE R 312 -89.94 27.25 92.27
CA PHE R 312 -91.23 27.40 92.95
C PHE R 312 -91.56 26.17 93.77
N LYS R 313 -91.22 24.98 93.25
CA LYS R 313 -91.40 23.75 94.02
C LYS R 313 -90.52 23.74 95.26
N LYS R 314 -89.29 24.25 95.14
CA LYS R 314 -88.41 24.32 96.30
C LYS R 314 -88.87 25.38 97.30
N TRP R 315 -89.47 26.47 96.82
CA TRP R 315 -90.04 27.47 97.71
C TRP R 315 -91.24 26.91 98.47
N LYS R 316 -92.09 26.14 97.78
CA LYS R 316 -93.25 25.54 98.41
C LYS R 316 -92.84 24.42 99.38
N ASP R 317 -91.78 23.68 99.06
CA ASP R 317 -91.36 22.56 99.91
C ASP R 317 -90.82 23.06 101.25
N VAL R 318 -90.06 24.16 101.24
CA VAL R 318 -89.61 24.78 102.49
C VAL R 318 -90.71 25.64 103.10
N ASP R 319 -91.81 25.85 102.36
CA ASP R 319 -92.93 26.71 102.76
C ASP R 319 -92.46 28.13 103.05
N THR R 320 -91.68 28.68 102.12
CA THR R 320 -91.28 30.08 102.18
C THR R 320 -92.41 30.97 101.70
N HIS R 321 -92.47 32.19 102.24
CA HIS R 321 -93.48 33.17 101.90
C HIS R 321 -92.77 34.42 101.39
N HIS R 322 -92.46 34.43 100.10
CA HIS R 322 -91.69 35.51 99.49
C HIS R 322 -92.62 36.47 98.76
N THR R 323 -92.05 37.58 98.29
CA THR R 323 -92.66 38.43 97.28
C THR R 323 -91.72 38.49 96.09
N ILE R 324 -92.11 37.87 94.98
CA ILE R 324 -91.30 37.89 93.78
C ILE R 324 -91.54 39.20 93.03
N THR R 325 -90.56 39.60 92.23
CA THR R 325 -90.70 40.76 91.37
C THR R 325 -89.91 40.49 90.10
N ILE R 326 -90.60 40.22 89.00
CA ILE R 326 -89.98 39.82 87.75
C ILE R 326 -90.16 40.97 86.75
N ALA R 327 -89.03 41.40 86.18
CA ALA R 327 -89.02 42.46 85.18
C ALA R 327 -88.09 42.06 84.05
N PHE R 328 -88.52 42.28 82.82
CA PHE R 328 -87.65 42.09 81.68
C PHE R 328 -86.60 43.21 81.63
N ALA R 329 -85.58 42.97 80.82
CA ALA R 329 -84.41 43.86 80.80
C ALA R 329 -83.79 43.73 79.41
N ILE R 330 -84.06 44.72 78.57
CA ILE R 330 -83.77 44.64 77.13
C ILE R 330 -82.81 45.77 76.75
N SER R 331 -81.75 45.41 76.03
CA SER R 331 -80.92 46.38 75.33
C SER R 331 -81.12 46.16 73.84
N MET R 332 -81.47 47.21 73.12
CA MET R 332 -81.80 47.14 71.70
C MET R 332 -80.75 47.84 70.88
N ASP R 333 -80.17 47.11 69.91
CA ASP R 333 -79.17 47.68 69.04
C ASP R 333 -79.84 48.42 67.89
N LEU R 334 -79.52 49.70 67.74
CA LEU R 334 -80.16 50.55 66.74
C LEU R 334 -79.32 50.73 65.50
N SER R 335 -78.16 50.09 65.43
CA SER R 335 -77.28 50.17 64.28
C SER R 335 -77.37 48.92 63.43
N ASP R 336 -76.98 49.07 62.17
CA ASP R 336 -77.00 47.99 61.20
C ASP R 336 -75.66 47.26 61.09
N THR R 337 -74.70 47.60 61.93
CA THR R 337 -73.41 46.93 61.94
C THR R 337 -73.54 45.50 62.44
N SER R 338 -72.78 44.60 61.82
CA SER R 338 -72.79 43.19 62.21
C SER R 338 -72.11 43.01 63.57
N PHE R 339 -72.54 41.96 64.27
CA PHE R 339 -71.99 41.66 65.59
C PHE R 339 -70.57 41.08 65.52
N LYS R 340 -70.16 40.58 64.35
CA LYS R 340 -68.80 40.10 64.18
C LYS R 340 -67.78 41.22 64.15
N ASP R 341 -68.20 42.44 63.80
CA ASP R 341 -67.30 43.58 63.73
C ASP R 341 -67.10 44.30 65.07
N LEU R 342 -67.74 43.85 66.14
CA LEU R 342 -67.64 44.53 67.41
C LEU R 342 -66.31 44.19 68.09
N THR R 343 -65.59 45.22 68.55
CA THR R 343 -64.31 45.02 69.23
C THR R 343 -64.55 44.54 70.66
N PRO R 344 -63.73 43.60 71.15
CA PRO R 344 -63.87 43.14 72.54
C PRO R 344 -63.37 44.19 73.53
N GLY R 345 -64.27 44.66 74.39
CA GLY R 345 -63.94 45.65 75.42
C GLY R 345 -64.75 46.93 75.31
N GLU R 346 -65.20 47.28 74.12
CA GLU R 346 -65.95 48.50 73.87
C GLU R 346 -67.44 48.22 73.88
N SER R 347 -68.20 49.05 74.59
CA SER R 347 -69.64 48.88 74.63
C SER R 347 -70.27 49.46 73.37
N LEU R 348 -71.57 49.22 73.21
CA LEU R 348 -72.27 49.74 72.04
C LEU R 348 -72.46 51.25 72.13
N LYS R 349 -72.09 51.95 71.06
CA LYS R 349 -72.20 53.41 71.05
C LYS R 349 -73.63 53.86 70.84
N ASN R 350 -74.36 53.17 69.96
CA ASN R 350 -75.75 53.50 69.64
C ASN R 350 -76.63 52.36 70.13
N SER R 351 -77.40 52.61 71.18
CA SER R 351 -78.25 51.58 71.76
C SER R 351 -79.44 52.25 72.43
N GLN R 352 -80.51 51.47 72.57
CA GLN R 352 -81.68 51.87 73.33
C GLN R 352 -81.99 50.79 74.35
N ASP R 353 -82.31 51.20 75.58
CA ASP R 353 -82.49 50.27 76.69
C ASP R 353 -83.94 50.30 77.15
N TYR R 354 -84.52 49.12 77.33
CA TYR R 354 -85.92 48.98 77.70
C TYR R 354 -86.05 48.20 79.02
N PHE R 355 -87.17 48.39 79.68
CA PHE R 355 -87.46 47.70 80.93
C PHE R 355 -88.95 47.40 80.99
N ARG R 356 -89.30 46.13 80.88
CA ARG R 356 -90.68 45.67 80.94
C ARG R 356 -90.88 44.94 82.27
N ILE R 357 -91.61 45.56 83.18
CA ILE R 357 -91.90 44.93 84.47
C ILE R 357 -93.07 43.98 84.28
N VAL R 358 -92.79 42.68 84.38
CA VAL R 358 -93.83 41.67 84.14
C VAL R 358 -94.69 41.48 85.38
N VAL R 359 -94.07 41.05 86.48
CA VAL R 359 -94.76 40.83 87.74
C VAL R 359 -94.23 41.83 88.76
N ASP R 360 -95.15 42.57 89.38
CA ASP R 360 -94.80 43.51 90.43
C ASP R 360 -94.63 42.78 91.76
N GLN R 361 -94.62 43.51 92.87
CA GLN R 361 -94.40 42.88 94.18
C GLN R 361 -95.58 42.00 94.57
N VAL R 362 -95.48 40.71 94.23
CA VAL R 362 -96.58 39.77 94.32
C VAL R 362 -96.11 38.56 95.12
N SER R 363 -96.93 38.12 96.07
CA SER R 363 -96.60 36.94 96.87
C SER R 363 -96.54 35.69 96.00
N ILE R 364 -95.66 34.76 96.39
CA ILE R 364 -95.34 33.60 95.56
C ILE R 364 -96.37 32.49 95.64
N ILE R 365 -97.46 32.68 96.40
CA ILE R 365 -98.58 31.74 96.38
C ILE R 365 -99.42 31.86 95.13
N HIS R 366 -99.24 32.92 94.35
CA HIS R 366 -99.90 33.10 93.06
C HIS R 366 -98.96 32.73 91.91
N TRP R 367 -98.18 31.66 92.10
CA TRP R 367 -97.17 31.27 91.12
C TRP R 367 -97.75 30.85 89.78
N VAL R 368 -98.99 30.35 89.77
CA VAL R 368 -99.65 30.02 88.51
C VAL R 368 -99.87 31.28 87.68
N ASP R 369 -100.39 32.32 88.32
CA ASP R 369 -100.60 33.61 87.64
C ASP R 369 -99.26 34.24 87.26
N ILE R 370 -98.25 34.07 88.12
CA ILE R 370 -96.92 34.61 87.85
C ILE R 370 -96.33 33.97 86.61
N MET R 371 -96.40 32.63 86.50
CA MET R 371 -95.87 31.93 85.33
C MET R 371 -96.68 32.26 84.08
N GLU R 372 -98.00 32.38 84.22
CA GLU R 372 -98.83 32.74 83.06
C GLU R 372 -98.49 34.12 82.54
N THR R 373 -98.35 35.10 83.44
CA THR R 373 -97.98 36.46 83.04
C THR R 373 -96.57 36.50 82.44
N LEU R 374 -95.64 35.73 83.02
CA LEU R 374 -94.27 35.70 82.50
C LEU R 374 -94.23 35.14 81.10
N ARG R 375 -94.95 34.04 80.87
CA ARG R 375 -94.97 33.42 79.54
C ARG R 375 -95.68 34.30 78.52
N GLU R 376 -96.79 34.93 78.91
CA GLU R 376 -97.51 35.81 78.00
C GLU R 376 -96.67 37.03 77.63
N GLU R 377 -96.00 37.64 78.61
CA GLU R 377 -95.21 38.82 78.32
C GLU R 377 -93.96 38.47 77.54
N PHE R 378 -93.37 37.30 77.78
CA PHE R 378 -92.22 36.90 76.96
C PHE R 378 -92.64 36.57 75.53
N MET R 379 -93.85 36.03 75.33
CA MET R 379 -94.32 35.81 73.97
C MET R 379 -94.70 37.12 73.28
N GLU R 380 -95.11 38.12 74.05
CA GLU R 380 -95.53 39.40 73.47
C GLU R 380 -94.40 40.42 73.35
N ILE R 381 -93.25 40.16 73.98
CA ILE R 381 -92.18 41.15 74.03
C ILE R 381 -91.56 41.36 72.65
N ARG R 382 -91.58 40.34 71.78
CA ARG R 382 -91.03 40.47 70.44
C ARG R 382 -91.87 41.41 69.58
N LYS R 383 -93.19 41.25 69.65
CA LYS R 383 -94.10 42.19 68.98
C LYS R 383 -94.02 43.57 69.61
N ASP R 384 -93.83 43.64 70.93
CA ASP R 384 -93.75 44.93 71.62
C ASP R 384 -92.52 45.73 71.20
N LEU R 385 -91.39 45.07 70.99
CA LEU R 385 -90.13 45.77 70.76
C LEU R 385 -89.70 45.83 69.31
N LEU R 386 -89.80 44.71 68.59
CA LEU R 386 -89.26 44.64 67.23
C LEU R 386 -90.23 45.16 66.18
N ASN R 387 -91.39 45.66 66.57
CA ASN R 387 -92.35 46.28 65.67
C ASN R 387 -92.44 47.76 66.02
N LYS R 388 -91.54 48.56 65.45
CA LYS R 388 -91.54 49.99 65.71
C LYS R 388 -92.65 50.68 64.93
N GLN R 389 -93.09 51.81 65.44
CA GLN R 389 -94.19 52.57 64.85
C GLN R 389 -93.63 53.74 64.06
N THR R 390 -93.93 53.79 62.77
CA THR R 390 -93.51 54.89 61.92
C THR R 390 -94.63 55.93 61.85
N ASP R 391 -94.23 57.20 61.72
CA ASP R 391 -95.19 58.30 61.70
C ASP R 391 -96.02 58.35 60.42
N LYS R 392 -95.68 57.55 59.41
CA LYS R 392 -96.43 57.54 58.15
C LYS R 392 -97.73 56.76 58.23
N GLY R 393 -98.09 56.21 59.38
CA GLY R 393 -99.33 55.49 59.55
C GLY R 393 -99.23 53.98 59.56
N TYR R 394 -98.02 53.43 59.54
CA TYR R 394 -97.85 51.98 59.54
C TYR R 394 -96.63 51.64 60.40
N SER R 395 -96.47 50.33 60.66
CA SER R 395 -95.43 49.83 61.54
C SER R 395 -94.41 49.04 60.73
N VAL R 396 -93.14 49.24 61.06
CA VAL R 396 -92.03 48.60 60.36
C VAL R 396 -91.33 47.65 61.32
N ALA R 397 -91.14 46.40 60.88
CA ALA R 397 -90.43 45.40 61.68
C ALA R 397 -88.95 45.75 61.71
N ASN R 398 -88.53 46.44 62.76
CA ASN R 398 -87.15 46.92 62.87
C ASN R 398 -86.68 46.77 64.31
N GLY R 399 -85.37 46.78 64.47
CA GLY R 399 -84.75 46.65 65.77
C GLY R 399 -84.08 45.31 65.95
N ARG R 400 -83.07 45.27 66.81
CA ARG R 400 -82.32 44.06 67.07
C ARG R 400 -81.91 44.03 68.53
N PHE R 401 -82.03 42.86 69.15
CA PHE R 401 -81.56 42.68 70.51
C PHE R 401 -80.04 42.69 70.55
N SER R 402 -79.49 43.34 71.58
CA SER R 402 -78.05 43.37 71.76
C SER R 402 -77.56 42.00 72.22
N PRO R 403 -76.31 41.65 71.94
CA PRO R 403 -75.75 40.41 72.51
C PRO R 403 -75.51 40.54 74.00
N VAL R 404 -75.27 39.38 74.63
CA VAL R 404 -75.12 39.33 76.08
C VAL R 404 -73.87 40.08 76.52
N ILE R 405 -72.77 39.93 75.77
CA ILE R 405 -71.50 40.54 76.12
C ILE R 405 -71.58 42.06 76.03
N LYS R 406 -72.27 42.58 75.02
CA LYS R 406 -72.44 44.01 74.82
C LYS R 406 -73.72 44.56 75.44
N SER R 407 -74.41 43.77 76.27
CA SER R 407 -75.66 44.21 76.85
C SER R 407 -75.40 45.22 77.97
N ASN R 408 -76.49 45.75 78.52
CA ASN R 408 -76.42 46.86 79.47
C ASN R 408 -76.42 46.33 80.91
N PHE R 409 -75.45 45.45 81.19
CA PHE R 409 -75.46 44.67 82.43
C PHE R 409 -75.35 45.56 83.67
N LEU R 410 -74.42 46.51 83.64
CA LEU R 410 -74.27 47.43 84.78
C LEU R 410 -75.49 48.35 84.91
N GLU R 411 -76.13 48.68 83.79
CA GLU R 411 -77.40 49.42 83.85
C GLU R 411 -78.49 48.57 84.50
N LEU R 412 -78.49 47.25 84.24
CA LEU R 412 -79.47 46.38 84.91
C LEU R 412 -79.22 46.32 86.40
N VAL R 413 -77.94 46.24 86.80
CA VAL R 413 -77.61 46.18 88.22
C VAL R 413 -77.96 47.49 88.92
N ASN R 414 -77.74 48.62 88.24
CA ASN R 414 -78.12 49.91 88.82
C ASN R 414 -79.63 50.09 88.86
N PHE R 415 -80.35 49.54 87.88
CA PHE R 415 -81.80 49.47 87.91
C PHE R 415 -82.28 48.67 89.12
N ALA R 416 -81.59 47.57 89.43
CA ALA R 416 -81.90 46.80 90.63
C ALA R 416 -81.62 47.59 91.90
N THR R 417 -80.49 48.31 91.95
CA THR R 417 -80.10 49.03 93.16
C THR R 417 -80.80 50.37 93.31
N THR R 418 -81.64 50.76 92.36
CA THR R 418 -82.47 51.96 92.54
C THR R 418 -83.35 51.87 93.79
N ILE R 419 -83.83 50.67 94.12
CA ILE R 419 -84.87 50.52 95.14
C ILE R 419 -84.31 50.43 96.55
N LEU R 420 -82.99 50.54 96.72
CA LEU R 420 -82.38 50.48 98.04
C LEU R 420 -81.58 51.74 98.35
N THR R 421 -81.66 52.75 97.47
CA THR R 421 -80.92 54.00 97.66
C THR R 421 -81.33 54.71 98.94
N ASP R 422 -82.62 54.66 99.28
CA ASP R 422 -83.12 55.34 100.47
C ASP R 422 -83.35 54.29 101.55
N PRO R 423 -82.58 54.31 102.65
CA PRO R 423 -82.87 53.41 103.78
C PRO R 423 -84.22 53.66 104.44
N PHE R 424 -84.67 54.91 104.48
CA PHE R 424 -85.92 55.26 105.14
C PHE R 424 -87.12 55.22 104.20
N LYS R 425 -87.29 54.09 103.50
CA LYS R 425 -88.42 53.91 102.60
C LYS R 425 -89.55 53.24 103.36
N GLN R 426 -90.60 52.82 102.64
CA GLN R 426 -91.70 52.11 103.27
C GLN R 426 -91.27 50.72 103.72
N LEU R 427 -91.79 50.31 104.88
CA LEU R 427 -91.36 49.07 105.51
C LEU R 427 -92.25 47.92 105.03
N ASP R 428 -91.62 46.88 104.48
CA ASP R 428 -92.31 45.61 104.25
C ASP R 428 -92.29 44.83 105.55
N LEU R 429 -93.39 44.91 106.31
CA LEU R 429 -93.41 44.38 107.66
C LEU R 429 -93.48 42.86 107.73
N ARG R 430 -93.66 42.17 106.60
CA ARG R 430 -93.70 40.72 106.59
C ARG R 430 -92.50 40.07 105.91
N HIS R 431 -91.61 40.86 105.32
CA HIS R 431 -90.46 40.33 104.58
C HIS R 431 -89.20 41.08 104.96
N THR R 432 -88.06 40.40 104.84
CA THR R 432 -86.83 40.87 105.44
C THR R 432 -85.75 41.21 104.42
N THR R 433 -85.37 40.28 103.55
CA THR R 433 -84.17 40.40 102.73
C THR R 433 -84.54 40.85 101.32
N THR R 434 -83.69 41.69 100.74
CA THR R 434 -83.82 42.13 99.34
C THR R 434 -82.73 41.43 98.53
N HIS R 435 -83.11 40.38 97.82
CA HIS R 435 -82.18 39.58 97.03
C HIS R 435 -82.51 39.71 95.55
N VAL R 436 -81.50 40.03 94.74
CA VAL R 436 -81.67 40.24 93.31
C VAL R 436 -81.01 39.10 92.56
N MET R 437 -81.78 38.45 91.68
CA MET R 437 -81.28 37.39 90.81
C MET R 437 -81.37 37.85 89.36
N ILE R 438 -80.26 37.72 88.63
CA ILE R 438 -80.20 38.06 87.21
C ILE R 438 -80.10 36.78 86.42
N ILE R 439 -81.09 36.53 85.56
CA ILE R 439 -81.09 35.36 84.68
C ILE R 439 -80.53 35.80 83.33
N SER R 440 -79.43 35.19 82.91
CA SER R 440 -78.77 35.57 81.68
C SER R 440 -78.53 34.35 80.81
N PRO R 441 -78.64 34.48 79.49
CA PRO R 441 -78.29 33.39 78.58
C PRO R 441 -76.82 33.33 78.18
N GLY R 442 -75.94 34.07 78.86
CA GLY R 442 -74.53 34.08 78.55
C GLY R 442 -73.73 33.13 79.42
N SER R 443 -72.43 33.40 79.50
CA SER R 443 -71.50 32.58 80.25
C SER R 443 -70.56 33.43 81.09
N GLY R 444 -71.08 34.52 81.66
CA GLY R 444 -70.29 35.35 82.55
C GLY R 444 -69.31 36.28 81.89
N LEU R 445 -69.42 36.51 80.58
CA LEU R 445 -68.54 37.43 79.86
C LEU R 445 -69.34 38.67 79.48
N PHE R 446 -68.87 39.83 79.92
CA PHE R 446 -69.56 41.09 79.68
C PHE R 446 -68.55 42.17 79.31
N ASP R 447 -68.82 42.89 78.23
CA ASP R 447 -68.05 44.08 77.88
C ASP R 447 -68.69 45.29 78.54
N VAL R 448 -67.92 46.00 79.35
CA VAL R 448 -68.45 47.05 80.23
C VAL R 448 -67.61 48.31 80.08
N ASP R 449 -68.20 49.43 80.49
CA ASP R 449 -67.48 50.68 80.62
C ASP R 449 -66.74 50.74 81.96
N TYR R 450 -65.56 51.37 81.94
CA TYR R 450 -64.70 51.36 83.12
C TYR R 450 -65.26 52.25 84.23
N SER R 451 -65.69 53.47 83.89
CA SER R 451 -66.21 54.39 84.90
C SER R 451 -67.53 53.89 85.45
N LEU R 452 -68.38 53.33 84.57
CA LEU R 452 -69.62 52.73 85.04
C LEU R 452 -69.36 51.51 85.91
N LEU R 453 -68.31 50.74 85.62
CA LEU R 453 -67.94 49.62 86.48
C LEU R 453 -67.50 50.10 87.85
N ARG R 454 -66.70 51.18 87.90
CA ARG R 454 -66.29 51.76 89.17
C ARG R 454 -67.49 52.26 89.97
N LEU R 455 -68.43 52.94 89.30
CA LEU R 455 -69.61 53.46 89.99
C LEU R 455 -70.50 52.32 90.48
N THR R 456 -70.64 51.27 89.68
CA THR R 456 -71.43 50.11 90.08
C THR R 456 -70.82 49.40 91.27
N GLY R 457 -69.49 49.26 91.30
CA GLY R 457 -68.83 48.68 92.45
C GLY R 457 -68.97 49.51 93.71
N LYS R 458 -68.79 50.84 93.59
CA LYS R 458 -68.94 51.72 94.74
C LYS R 458 -70.37 51.75 95.25
N LYS R 459 -71.36 51.59 94.36
CA LYS R 459 -72.74 51.55 94.81
C LYS R 459 -73.08 50.21 95.44
N LEU R 460 -72.57 49.10 94.89
CA LEU R 460 -72.88 47.78 95.43
C LEU R 460 -72.16 47.52 96.75
N LEU R 461 -71.05 48.22 97.00
CA LEU R 461 -70.39 48.08 98.29
C LEU R 461 -71.05 48.92 99.38
N SER R 462 -72.07 49.72 99.05
CA SER R 462 -72.70 50.61 100.01
C SER R 462 -74.17 50.25 100.25
N LEU R 463 -74.59 49.04 99.89
CA LEU R 463 -75.98 48.64 100.06
C LEU R 463 -76.08 47.13 100.22
N GLU R 464 -77.22 46.68 100.73
CA GLU R 464 -77.39 45.30 101.18
C GLU R 464 -78.07 44.45 100.11
N MET R 465 -77.34 44.17 99.03
CA MET R 465 -77.82 43.28 97.99
C MET R 465 -76.74 42.28 97.61
N THR R 466 -77.18 41.09 97.22
CA THR R 466 -76.31 40.06 96.64
C THR R 466 -76.84 39.73 95.25
N MET R 467 -76.16 40.22 94.23
CA MET R 467 -76.53 39.95 92.84
C MET R 467 -76.11 38.52 92.51
N ASP R 468 -77.06 37.59 92.53
CA ASP R 468 -76.79 36.19 92.21
C ASP R 468 -77.13 35.96 90.74
N LEU R 469 -76.12 36.13 89.90
CA LEU R 469 -76.28 35.85 88.47
C LEU R 469 -76.37 34.35 88.24
N ILE R 470 -77.38 33.92 87.48
CA ILE R 470 -77.53 32.53 87.07
C ILE R 470 -77.49 32.47 85.55
N CYS R 471 -76.66 31.57 85.01
CA CYS R 471 -76.43 31.45 83.59
C CYS R 471 -77.04 30.16 83.07
N LEU R 472 -77.86 30.25 82.02
CA LEU R 472 -78.52 29.11 81.44
C LEU R 472 -77.65 28.37 80.43
N SER R 473 -76.45 28.87 80.16
CA SER R 473 -75.49 28.17 79.33
C SER R 473 -74.48 27.43 80.20
N LYS R 474 -73.66 26.60 79.55
CA LYS R 474 -72.70 25.79 80.27
C LYS R 474 -71.53 26.65 80.77
N ALA R 475 -70.81 26.10 81.75
CA ALA R 475 -69.69 26.83 82.35
C ALA R 475 -68.54 26.92 81.36
N PRO R 476 -67.99 28.13 81.12
CA PRO R 476 -66.96 28.27 80.08
C PRO R 476 -65.56 27.93 80.59
N LEU R 477 -64.56 28.16 79.74
CA LEU R 477 -63.18 27.81 80.03
C LEU R 477 -62.44 28.87 80.83
N HIS R 478 -63.05 30.02 81.07
CA HIS R 478 -62.42 31.10 81.83
C HIS R 478 -63.07 31.25 83.20
N ILE R 479 -62.41 32.04 84.05
CA ILE R 479 -62.93 32.28 85.39
C ILE R 479 -64.13 33.23 85.30
N VAL R 480 -65.20 32.90 86.02
CA VAL R 480 -66.42 33.68 85.97
C VAL R 480 -66.64 34.38 87.30
N PRO R 481 -67.26 35.57 87.33
CA PRO R 481 -67.69 36.40 86.19
C PRO R 481 -66.52 37.17 85.57
N LEU R 482 -66.49 37.33 84.26
CA LEU R 482 -65.39 37.99 83.56
C LEU R 482 -65.89 39.27 82.92
N PHE R 483 -65.23 40.38 83.23
CA PHE R 483 -65.55 41.69 82.67
C PHE R 483 -64.39 42.19 81.83
N ARG R 484 -64.69 42.61 80.61
CA ARG R 484 -63.70 43.18 79.70
C ARG R 484 -64.02 44.65 79.50
N TYR R 485 -63.04 45.51 79.74
CA TYR R 485 -63.22 46.95 79.57
C TYR R 485 -61.99 47.54 78.92
N ARG R 486 -62.17 48.70 78.29
CA ARG R 486 -61.09 49.45 77.68
C ARG R 486 -60.79 50.69 78.52
N ASP R 487 -59.51 50.93 78.75
CA ASP R 487 -59.08 52.03 79.60
C ASP R 487 -59.10 53.33 78.81
N PHE R 488 -58.53 54.39 79.39
CA PHE R 488 -58.43 55.68 78.70
C PHE R 488 -57.42 55.65 77.55
N GLU R 489 -56.53 54.65 77.52
CA GLU R 489 -55.57 54.51 76.43
C GLU R 489 -55.95 53.39 75.48
N ASN R 490 -57.24 53.03 75.43
CA ASN R 490 -57.79 51.95 74.59
C ASN R 490 -57.08 50.62 74.83
N LYS R 491 -56.86 50.30 76.11
CA LYS R 491 -56.16 49.08 76.50
C LYS R 491 -57.14 48.07 77.08
N LEU R 492 -57.14 46.87 76.52
CA LEU R 492 -58.05 45.82 76.99
C LEU R 492 -57.58 45.28 78.34
N HIS R 493 -58.54 45.06 79.24
CA HIS R 493 -58.28 44.53 80.57
C HIS R 493 -59.34 43.49 80.90
N HIS R 494 -58.98 42.60 81.83
CA HIS R 494 -59.91 41.60 82.34
C HIS R 494 -59.94 41.68 83.86
N CYS R 495 -61.14 41.62 84.42
CA CYS R 495 -61.32 41.69 85.86
C CYS R 495 -62.51 40.84 86.27
N VAL R 496 -62.45 40.31 87.48
CA VAL R 496 -63.52 39.51 88.08
C VAL R 496 -64.10 40.29 89.25
N PRO R 497 -65.36 40.71 89.18
CA PRO R 497 -65.95 41.46 90.29
C PRO R 497 -66.24 40.56 91.49
N LEU R 498 -66.03 41.11 92.68
CA LEU R 498 -66.23 40.35 93.91
C LEU R 498 -67.71 40.18 94.25
N TRP R 499 -68.54 41.15 93.88
CA TRP R 499 -69.94 41.18 94.32
C TRP R 499 -70.86 40.32 93.48
N LEU R 500 -70.38 39.71 92.39
CA LEU R 500 -71.22 38.90 91.52
C LEU R 500 -70.86 37.43 91.69
N SER R 501 -71.87 36.61 92.01
CA SER R 501 -71.70 35.17 92.13
C SER R 501 -72.45 34.49 90.99
N VAL R 502 -71.77 33.58 90.29
CA VAL R 502 -72.30 32.96 89.08
C VAL R 502 -72.65 31.51 89.39
N PHE R 503 -73.89 31.14 89.08
CA PHE R 503 -74.35 29.76 89.15
C PHE R 503 -74.78 29.30 87.76
N PHE R 504 -74.72 28.00 87.52
CA PHE R 504 -75.08 27.43 86.23
C PHE R 504 -76.17 26.39 86.39
N TRP R 505 -77.17 26.46 85.51
CA TRP R 505 -78.32 25.55 85.54
C TRP R 505 -78.10 24.43 84.53
N ASN R 506 -78.17 23.19 85.00
CA ASN R 506 -78.00 22.03 84.14
C ASN R 506 -79.27 21.19 84.08
N GLU R 515 -68.34 12.13 81.44
CA GLU R 515 -69.01 12.52 80.21
C GLU R 515 -68.57 13.90 79.76
N TRP R 516 -68.22 14.03 78.49
CA TRP R 516 -67.73 15.29 77.95
C TRP R 516 -68.91 16.21 77.61
N THR R 517 -68.77 17.48 77.99
CA THR R 517 -69.77 18.50 77.71
C THR R 517 -69.13 19.64 76.94
N PRO R 518 -69.75 20.11 75.85
CA PRO R 518 -69.17 21.23 75.10
C PRO R 518 -69.28 22.54 75.85
N ARG R 519 -68.15 23.04 76.35
CA ARG R 519 -68.10 24.24 77.17
C ARG R 519 -67.71 25.49 76.39
N CYS R 520 -67.46 25.37 75.09
CA CYS R 520 -67.14 26.51 74.24
C CYS R 520 -68.22 26.64 73.18
N LYS R 521 -68.71 27.86 72.99
CA LYS R 521 -69.85 28.12 72.11
C LYS R 521 -69.34 28.58 70.76
N ILE R 522 -69.63 27.79 69.73
CA ILE R 522 -69.41 28.19 68.35
C ILE R 522 -70.78 28.14 67.67
N TYR R 523 -71.41 29.30 67.50
CA TYR R 523 -72.78 29.34 67.04
C TYR R 523 -72.90 29.04 65.55
N ASP R 524 -71.93 29.51 64.76
CA ASP R 524 -72.04 29.35 63.31
C ASP R 524 -71.76 27.93 62.86
N LEU R 525 -71.09 27.12 63.69
CA LEU R 525 -70.87 25.72 63.36
C LEU R 525 -71.89 24.79 64.00
N GLN R 526 -72.42 25.15 65.17
CA GLN R 526 -73.51 24.38 65.76
C GLN R 526 -74.79 24.54 64.95
N MET R 527 -75.12 25.78 64.56
CA MET R 527 -76.30 26.04 63.75
C MET R 527 -76.05 25.83 62.26
N MET R 528 -74.81 25.54 61.86
CA MET R 528 -74.41 25.42 60.45
C MET R 528 -74.77 26.67 59.65
N GLY R 529 -74.49 27.83 60.23
CA GLY R 529 -74.88 29.09 59.62
C GLY R 529 -74.04 29.53 58.44
N ILE R 530 -72.88 28.91 58.23
CA ILE R 530 -71.99 29.26 57.13
C ILE R 530 -72.05 28.14 56.10
N THR R 531 -72.37 28.51 54.86
CA THR R 531 -72.49 27.55 53.78
C THR R 531 -71.12 26.98 53.44
N GLU R 532 -71.09 25.67 53.12
CA GLU R 532 -69.83 24.91 53.01
C GLU R 532 -68.90 25.47 51.93
N ASN R 533 -69.44 26.10 50.88
CA ASN R 533 -68.60 26.64 49.83
C ASN R 533 -67.97 27.98 50.17
N GLU R 534 -68.35 28.61 51.28
CA GLU R 534 -67.87 29.97 51.56
C GLU R 534 -67.05 30.08 52.84
N LEU R 535 -66.81 28.99 53.56
CA LEU R 535 -65.83 29.02 54.65
C LEU R 535 -64.63 28.13 54.35
N ILE R 536 -64.39 27.84 53.06
CA ILE R 536 -63.20 27.09 52.66
C ILE R 536 -61.97 27.90 53.01
N ARG R 537 -60.94 27.20 53.50
CA ARG R 537 -59.72 27.83 54.01
C ARG R 537 -59.02 28.63 52.91
N GLU R 538 -58.65 29.87 53.25
CA GLU R 538 -57.99 30.78 52.32
C GLU R 538 -56.50 30.91 52.58
N VAL R 539 -56.08 31.01 53.84
CA VAL R 539 -54.67 31.13 54.18
C VAL R 539 -54.10 29.75 54.47
N ASP R 540 -52.96 29.45 53.86
CA ASP R 540 -52.38 28.12 53.88
C ASP R 540 -51.00 28.16 54.55
N VAL R 541 -50.27 27.05 54.43
CA VAL R 541 -48.88 26.99 54.87
C VAL R 541 -48.06 28.06 54.13
N GLU R 542 -47.06 28.60 54.81
CA GLU R 542 -46.22 29.63 54.23
C GLU R 542 -45.29 29.05 53.16
N TYR R 543 -44.51 29.93 52.54
CA TYR R 543 -43.76 29.62 51.33
C TYR R 543 -42.27 29.39 51.62
N LEU R 544 -41.92 29.16 52.88
CA LEU R 544 -40.55 28.87 53.34
C LEU R 544 -39.60 30.00 52.95
N GLN R 545 -39.82 31.15 53.57
CA GLN R 545 -38.97 32.32 53.35
C GLN R 545 -37.56 32.08 53.88
N LEU R 546 -36.60 32.78 53.28
CA LEU R 546 -35.20 32.60 53.61
C LEU R 546 -34.78 33.50 54.77
N ASN R 547 -33.47 33.58 55.00
CA ASN R 547 -32.90 34.34 56.10
C ASN R 547 -32.00 35.48 55.64
N LYS R 548 -31.59 35.50 54.36
CA LYS R 548 -30.59 36.41 53.80
C LYS R 548 -29.24 36.28 54.53
N LYS R 549 -28.96 35.08 55.03
CA LYS R 549 -27.66 34.76 55.60
C LYS R 549 -27.22 33.35 55.23
N VAL R 550 -27.95 32.67 54.34
CA VAL R 550 -27.79 31.26 54.06
C VAL R 550 -27.45 31.10 52.59
N LYS R 551 -26.34 30.42 52.30
CA LYS R 551 -25.86 30.23 50.93
C LYS R 551 -25.92 28.78 50.46
N SER R 552 -26.35 27.85 51.31
CA SER R 552 -26.39 26.44 50.95
C SER R 552 -27.72 25.83 51.38
N LEU R 553 -28.13 24.79 50.66
CA LEU R 553 -29.38 24.11 51.00
C LEU R 553 -29.24 23.32 52.30
N SER R 554 -28.07 22.71 52.51
CA SER R 554 -27.80 22.01 53.76
C SER R 554 -27.76 22.97 54.93
N GLU R 555 -27.19 24.16 54.74
CA GLU R 555 -27.20 25.19 55.78
C GLU R 555 -28.61 25.66 56.06
N PHE R 556 -29.46 25.76 55.03
CA PHE R 556 -30.86 26.11 55.24
C PHE R 556 -31.58 25.04 56.06
N MET R 557 -31.33 23.76 55.76
CA MET R 557 -31.95 22.68 56.53
C MET R 557 -31.47 22.69 57.97
N ASN R 558 -30.17 22.95 58.18
CA ASN R 558 -29.63 23.01 59.55
C ASN R 558 -30.21 24.18 60.32
N ASP R 559 -30.35 25.35 59.68
CA ASP R 559 -30.91 26.50 60.36
C ASP R 559 -32.40 26.35 60.61
N TYR R 560 -33.11 25.59 59.76
CA TYR R 560 -34.52 25.31 60.04
C TYR R 560 -34.67 24.32 61.18
N ASP R 561 -33.81 23.29 61.22
CA ASP R 561 -33.88 22.30 62.29
C ASP R 561 -33.41 22.86 63.63
N LYS R 562 -32.52 23.87 63.61
CA LYS R 562 -32.07 24.47 64.85
C LYS R 562 -33.13 25.37 65.48
N ASN R 563 -33.98 25.99 64.65
CA ASN R 563 -35.01 26.91 65.13
C ASN R 563 -36.41 26.33 65.01
N ALA R 564 -36.52 25.00 64.87
CA ALA R 564 -37.83 24.36 64.70
C ALA R 564 -38.64 24.33 65.98
N PHE R 565 -38.01 24.56 67.14
CA PHE R 565 -38.70 24.52 68.43
C PHE R 565 -38.60 25.84 69.18
N GLU R 566 -38.21 26.92 68.49
CA GLU R 566 -38.07 28.22 69.13
C GLU R 566 -39.45 28.81 69.36
N VAL R 567 -39.60 29.50 70.50
CA VAL R 567 -40.84 30.18 70.92
C VAL R 567 -42.03 29.24 70.98
N GLU R 846 -61.17 48.56 94.88
CA GLU R 846 -61.12 47.32 95.63
C GLU R 846 -62.32 46.43 95.31
N THR R 847 -63.06 46.80 94.27
CA THR R 847 -64.25 46.07 93.85
C THR R 847 -63.98 45.07 92.73
N TRP R 848 -62.74 44.95 92.27
CA TRP R 848 -62.38 43.97 91.27
C TRP R 848 -60.93 43.54 91.47
N VAL R 849 -60.60 42.36 90.96
CA VAL R 849 -59.23 41.87 90.90
C VAL R 849 -58.84 41.72 89.44
N ASP R 850 -57.67 42.27 89.09
CA ASP R 850 -57.25 42.36 87.69
C ASP R 850 -56.67 41.01 87.26
N ILE R 851 -57.40 40.31 86.40
CA ILE R 851 -56.89 39.07 85.80
C ILE R 851 -55.92 39.44 84.69
N LYS R 852 -54.74 38.83 84.71
CA LYS R 852 -53.72 39.11 83.69
C LYS R 852 -54.18 38.65 82.31
N SER R 853 -54.74 37.44 82.22
CA SER R 853 -55.26 36.93 80.97
C SER R 853 -56.30 35.86 81.27
N PRO R 854 -57.41 35.80 80.52
CA PRO R 854 -58.39 34.74 80.75
C PRO R 854 -57.89 33.36 80.33
N SER R 855 -56.85 33.28 79.50
CA SER R 855 -56.35 32.00 79.00
C SER R 855 -55.36 31.33 79.95
N ILE R 856 -54.94 32.01 81.02
CA ILE R 856 -54.11 31.38 82.04
C ILE R 856 -54.93 31.23 83.32
N PRO R 857 -54.81 30.13 84.05
CA PRO R 857 -55.66 29.90 85.21
C PRO R 857 -55.12 30.60 86.46
N VAL R 858 -55.88 30.52 87.53
CA VAL R 858 -55.51 31.12 88.81
C VAL R 858 -55.21 30.01 89.81
N SER R 859 -54.49 30.38 90.86
CA SER R 859 -54.15 29.43 91.91
C SER R 859 -55.38 29.14 92.78
N SER R 860 -55.25 28.10 93.61
CA SER R 860 -56.34 27.72 94.50
C SER R 860 -56.59 28.77 95.57
N GLU R 861 -55.52 29.37 96.12
CA GLU R 861 -55.69 30.40 97.13
C GLU R 861 -56.26 31.68 96.54
N PHE R 862 -55.94 31.99 95.28
CA PHE R 862 -56.53 33.14 94.62
C PHE R 862 -58.02 32.92 94.37
N ALA R 863 -58.41 31.72 93.95
CA ALA R 863 -59.82 31.40 93.76
C ALA R 863 -60.56 31.36 95.09
N ASN R 864 -59.85 31.04 96.18
CA ASN R 864 -60.45 31.16 97.51
C ASN R 864 -60.58 32.62 97.94
N GLU R 865 -59.72 33.49 97.39
CA GLU R 865 -59.79 34.91 97.73
C GLU R 865 -61.00 35.61 97.11
N LEU R 866 -61.57 35.06 96.05
CA LEU R 866 -62.72 35.68 95.40
C LEU R 866 -63.99 35.51 96.23
N LEU R 867 -64.21 36.45 97.15
CA LEU R 867 -65.45 36.57 97.90
C LEU R 867 -65.51 37.99 98.47
N PRO R 868 -66.70 38.58 98.55
CA PRO R 868 -66.80 39.95 99.09
C PRO R 868 -66.45 39.99 100.57
N ILE R 869 -65.85 41.12 100.97
CA ILE R 869 -65.40 41.26 102.35
C ILE R 869 -66.57 41.62 103.26
N ARG R 870 -67.54 42.39 102.77
CA ARG R 870 -68.71 42.74 103.56
C ARG R 870 -69.64 41.54 103.77
N TRP R 871 -69.50 40.50 102.96
CA TRP R 871 -70.27 39.26 103.09
C TRP R 871 -69.36 38.07 103.33
N LYS R 872 -68.19 38.32 103.93
CA LYS R 872 -67.19 37.27 104.13
C LYS R 872 -67.60 36.26 105.19
N ASP R 873 -68.53 36.62 106.08
CA ASP R 873 -68.89 35.81 107.22
C ASP R 873 -70.15 34.98 106.97
N VAL R 874 -70.32 34.51 105.73
CA VAL R 874 -71.46 33.65 105.40
C VAL R 874 -70.94 32.26 105.00
N TRP R 886 -77.68 26.52 96.52
CA TRP R 886 -79.13 26.34 96.59
C TRP R 886 -79.72 27.11 97.78
N ARG R 887 -78.94 27.22 98.85
CA ARG R 887 -79.42 27.90 100.05
C ARG R 887 -79.56 29.41 99.84
N SER R 888 -78.73 29.99 98.97
CA SER R 888 -78.88 31.41 98.66
C SER R 888 -80.10 31.69 97.81
N PHE R 889 -80.50 30.75 96.95
CA PHE R 889 -81.67 30.96 96.11
C PHE R 889 -82.96 30.90 96.92
N THR R 890 -83.08 29.88 97.77
CA THR R 890 -84.34 29.65 98.47
C THR R 890 -84.47 30.49 99.74
N THR R 891 -83.38 30.59 100.52
CA THR R 891 -83.41 31.30 101.80
C THR R 891 -82.25 32.29 101.85
N PRO R 892 -82.41 33.46 101.22
CA PRO R 892 -81.30 34.42 101.15
C PRO R 892 -80.94 35.01 102.51
N ALA R 893 -79.67 35.36 102.66
CA ALA R 893 -79.12 35.85 103.92
C ALA R 893 -79.04 37.37 103.94
N GLU R 894 -79.26 37.93 105.12
CA GLU R 894 -79.09 39.37 105.32
C GLU R 894 -77.60 39.71 105.40
N LEU R 895 -77.31 41.01 105.41
CA LEU R 895 -75.95 41.52 105.59
C LEU R 895 -75.42 41.10 106.96
N PRO R 896 -74.27 40.41 107.03
CA PRO R 896 -73.77 39.93 108.32
C PRO R 896 -73.43 41.06 109.28
N ILE R 897 -73.68 40.79 110.57
CA ILE R 897 -73.54 41.81 111.61
C ILE R 897 -72.07 42.20 111.81
N THR R 898 -71.15 41.28 111.49
CA THR R 898 -69.74 41.49 111.72
C THR R 898 -68.95 41.36 110.42
N ILE R 899 -67.80 42.04 110.38
CA ILE R 899 -66.85 41.93 109.27
C ILE R 899 -65.46 41.82 109.88
N SER R 900 -64.64 40.92 109.33
CA SER R 900 -63.28 40.68 109.83
C SER R 900 -62.23 41.34 108.95
N ASP R 901 -62.52 42.53 108.43
CA ASP R 901 -61.61 43.23 107.53
C ASP R 901 -61.56 44.70 107.91
N PHE R 902 -60.49 45.36 107.48
CA PHE R 902 -60.24 46.75 107.82
C PHE R 902 -59.19 47.30 106.87
N PRO R 903 -59.20 48.60 106.58
CA PRO R 903 -58.09 49.20 105.84
C PRO R 903 -56.79 49.15 106.62
N SER R 904 -55.68 49.07 105.88
CA SER R 904 -54.37 49.02 106.49
C SER R 904 -53.98 50.41 107.03
N LYS R 905 -52.82 50.45 107.70
CA LYS R 905 -52.38 51.68 108.36
C LYS R 905 -52.03 52.77 107.34
N ASP R 906 -51.43 52.39 106.21
CA ASP R 906 -51.11 53.38 105.18
C ASP R 906 -52.37 53.85 104.44
N ASP R 907 -53.35 52.96 104.25
CA ASP R 907 -54.57 53.36 103.57
C ASP R 907 -55.46 54.24 104.45
N PHE R 908 -55.40 54.05 105.77
CA PHE R 908 -56.17 54.88 106.69
C PHE R 908 -55.68 56.32 106.70
N ASP R 909 -54.40 56.55 106.43
CA ASP R 909 -53.83 57.89 106.38
C ASP R 909 -53.71 58.43 104.96
N ARG R 910 -54.18 57.70 103.95
CA ARG R 910 -54.01 58.11 102.56
C ARG R 910 -55.22 58.91 102.05
N ASN R 911 -56.39 58.30 102.05
CA ASN R 911 -57.59 58.87 101.44
C ASN R 911 -58.74 58.91 102.44
N PHE R 912 -58.46 59.41 103.64
CA PHE R 912 -59.47 59.52 104.68
C PHE R 912 -59.41 60.89 105.33
N ILE R 913 -60.58 61.38 105.74
CA ILE R 913 -60.72 62.59 106.54
C ILE R 913 -61.41 62.25 107.85
N PHE R 914 -61.13 63.04 108.87
CA PHE R 914 -61.52 62.73 110.24
C PHE R 914 -62.59 63.70 110.71
N ARG R 915 -63.72 63.17 111.17
CA ARG R 915 -64.76 63.94 111.82
C ARG R 915 -65.07 63.32 113.18
N ASN R 916 -65.26 64.18 114.18
CA ASN R 916 -65.41 63.73 115.56
C ASN R 916 -66.73 64.24 116.14
N HIS R 917 -67.40 63.39 116.91
CA HIS R 917 -68.62 63.74 117.62
C HIS R 917 -68.39 63.65 119.12
N SER R 918 -69.28 64.32 119.86
CA SER R 918 -69.31 64.21 121.33
C SER R 918 -70.76 64.39 121.77
N VAL R 919 -71.45 63.26 121.96
CA VAL R 919 -72.89 63.25 122.23
C VAL R 919 -73.11 62.77 123.66
N THR R 920 -74.02 63.45 124.37
CA THR R 920 -74.18 63.28 125.80
C THR R 920 -75.67 63.14 126.10
N LEU R 921 -75.98 62.46 127.21
CA LEU R 921 -77.36 62.34 127.67
C LEU R 921 -77.96 63.72 127.97
N ASN R 922 -79.25 63.86 127.68
CA ASN R 922 -80.00 65.05 128.01
C ASN R 922 -81.00 64.75 129.13
N THR R 923 -81.22 65.76 129.98
CA THR R 923 -81.98 65.58 131.21
C THR R 923 -83.46 65.32 130.97
N ASP R 924 -83.97 65.64 129.78
CA ASP R 924 -85.38 65.38 129.48
C ASP R 924 -85.65 63.90 129.24
N GLN R 925 -84.68 63.17 128.69
CA GLN R 925 -84.88 61.75 128.39
C GLN R 925 -84.51 60.82 129.54
N GLU R 926 -83.79 61.31 130.56
CA GLU R 926 -83.52 60.47 131.71
C GLU R 926 -84.68 60.40 132.70
N GLN R 927 -85.73 61.19 132.50
CA GLN R 927 -86.97 60.96 133.23
C GLN R 927 -87.58 59.61 132.86
N TYR R 928 -87.53 59.24 131.58
CA TYR R 928 -87.78 57.88 131.16
C TYR R 928 -86.59 56.99 131.51
N ASN R 929 -86.80 55.68 131.44
CA ASN R 929 -85.76 54.70 131.73
C ASN R 929 -84.78 54.69 130.55
N GLN R 930 -83.84 55.63 130.58
CA GLN R 930 -82.86 55.82 129.50
C GLN R 930 -81.53 56.18 130.12
N THR R 931 -80.61 55.22 130.14
CA THR R 931 -79.23 55.46 130.53
C THR R 931 -78.40 55.74 129.28
N TYR R 932 -77.08 55.74 129.40
CA TYR R 932 -76.23 55.85 128.22
C TYR R 932 -76.17 54.55 127.43
N LYS R 933 -76.43 53.40 128.08
CA LYS R 933 -76.28 52.11 127.43
C LYS R 933 -77.34 51.89 126.36
N ASP R 934 -78.62 52.04 126.73
CA ASP R 934 -79.69 51.77 125.77
C ASP R 934 -79.74 52.82 124.66
N LEU R 935 -79.35 54.07 124.95
CA LEU R 935 -79.16 55.06 123.89
C LEU R 935 -78.01 54.68 122.96
N LEU R 936 -76.94 54.12 123.53
CA LEU R 936 -75.81 53.67 122.73
C LEU R 936 -76.22 52.54 121.80
N ARG R 937 -76.94 51.54 122.32
CA ARG R 937 -77.36 50.44 121.46
C ARG R 937 -78.47 50.86 120.51
N ASP R 938 -79.21 51.94 120.80
CA ASP R 938 -80.12 52.49 119.81
C ASP R 938 -79.36 53.14 118.67
N MET R 939 -78.25 53.82 118.98
CA MET R 939 -77.39 54.35 117.92
C MET R 939 -76.78 53.23 117.09
N ILE R 940 -76.35 52.14 117.73
CA ILE R 940 -75.84 50.99 116.98
C ILE R 940 -76.96 50.33 116.18
N TYR R 941 -78.20 50.37 116.69
CA TYR R 941 -79.36 49.90 115.94
C TYR R 941 -79.56 50.71 114.67
N MET R 942 -79.41 52.04 114.76
CA MET R 942 -79.50 52.90 113.58
C MET R 942 -78.37 52.63 112.59
N ARG R 943 -77.15 52.44 113.09
CA ARG R 943 -76.02 52.11 112.22
C ARG R 943 -76.21 50.78 111.50
N LEU R 944 -76.69 49.75 112.22
CA LEU R 944 -77.02 48.48 111.58
C LEU R 944 -78.16 48.62 110.57
N LEU R 945 -79.11 49.53 110.84
CA LEU R 945 -80.19 49.79 109.89
C LEU R 945 -79.65 50.42 108.62
N THR R 946 -78.70 51.36 108.73
CA THR R 946 -78.13 51.98 107.55
C THR R 946 -77.23 51.01 106.79
N GLY R 947 -76.54 50.11 107.49
CA GLY R 947 -75.73 49.11 106.82
C GLY R 947 -74.35 48.91 107.40
N PHE R 948 -74.10 49.47 108.58
CA PHE R 948 -72.80 49.29 109.24
C PHE R 948 -72.69 47.89 109.83
N GLN R 949 -71.47 47.35 109.79
CA GLN R 949 -71.15 46.06 110.41
C GLN R 949 -70.11 46.26 111.50
N ILE R 950 -70.28 45.54 112.61
CA ILE R 950 -69.44 45.74 113.79
C ILE R 950 -68.15 44.96 113.59
N CYS R 951 -67.04 45.67 113.44
CA CYS R 951 -65.76 45.04 113.09
C CYS R 951 -65.15 44.37 114.32
N VAL R 952 -64.95 43.06 114.24
CA VAL R 952 -64.12 42.31 115.17
C VAL R 952 -63.22 41.39 114.37
N GLY R 953 -61.97 41.28 114.80
CA GLY R 953 -61.00 40.48 114.05
C GLY R 953 -59.58 40.81 114.47
N ARG R 954 -58.66 40.59 113.53
CA ARG R 954 -57.23 40.79 113.76
C ARG R 954 -56.74 42.16 113.33
N GLN R 955 -57.16 42.61 112.13
CA GLN R 955 -56.67 43.89 111.62
C GLN R 955 -57.20 45.06 112.43
N VAL R 956 -58.44 44.95 112.93
CA VAL R 956 -59.00 46.00 113.77
C VAL R 956 -58.28 46.04 115.11
N GLU R 957 -57.91 44.87 115.64
CA GLU R 957 -57.15 44.83 116.89
C GLU R 957 -55.73 45.36 116.69
N LYS R 958 -55.11 45.04 115.56
CA LYS R 958 -53.76 45.53 115.28
C LYS R 958 -53.73 47.00 114.89
N ILE R 959 -54.86 47.58 114.51
CA ILE R 959 -54.93 49.01 114.24
C ILE R 959 -55.45 49.80 115.43
N GLU R 960 -56.09 49.14 116.40
CA GLU R 960 -56.53 49.84 117.60
C GLU R 960 -55.38 50.09 118.56
N LEU R 961 -54.46 49.12 118.69
CA LEU R 961 -53.31 49.25 119.58
C LEU R 961 -52.27 50.25 119.09
N SER R 962 -52.38 50.72 117.85
CA SER R 962 -51.48 51.74 117.31
C SER R 962 -51.99 53.16 117.56
N ARG R 963 -52.80 53.36 118.58
CA ARG R 963 -53.37 54.67 118.90
C ARG R 963 -52.30 55.64 119.38
N VAL R 971 -60.10 46.93 124.36
CA VAL R 971 -60.72 45.68 123.94
C VAL R 971 -61.83 45.95 122.94
N VAL R 972 -61.75 45.27 121.79
CA VAL R 972 -62.79 45.42 120.78
C VAL R 972 -64.04 44.65 121.23
N ASN R 973 -65.21 45.15 120.83
CA ASN R 973 -66.48 44.59 121.24
C ASN R 973 -67.33 44.29 120.02
N LYS R 974 -68.27 43.35 120.20
CA LYS R 974 -69.25 43.01 119.18
C LYS R 974 -70.68 43.20 119.66
N TYR R 975 -70.98 42.82 120.90
CA TYR R 975 -72.26 43.09 121.53
C TYR R 975 -72.05 43.96 122.76
N LEU R 976 -73.11 44.17 123.52
CA LEU R 976 -73.03 44.92 124.77
C LEU R 976 -73.36 44.03 125.96
N ASN R 981 -70.51 46.76 133.09
CA ASN R 981 -69.32 47.12 132.33
C ASN R 981 -69.38 48.58 131.90
N ASP R 982 -68.24 49.10 131.44
CA ASP R 982 -68.17 50.47 130.94
C ASP R 982 -67.40 50.62 129.64
N ALA R 983 -66.67 49.60 129.19
CA ALA R 983 -65.90 49.66 127.96
C ALA R 983 -66.70 49.04 126.82
N PHE R 984 -67.06 49.86 125.83
CA PHE R 984 -67.92 49.46 124.72
C PHE R 984 -67.32 49.91 123.39
N LYS R 985 -66.04 49.58 123.20
CA LYS R 985 -65.31 49.98 122.00
C LYS R 985 -65.78 49.15 120.81
N LEU R 986 -66.64 49.73 119.97
CA LEU R 986 -67.07 49.11 118.73
C LEU R 986 -66.46 49.81 117.53
N TYR R 987 -66.43 49.11 116.41
CA TYR R 987 -65.93 49.63 115.15
C TYR R 987 -66.92 49.28 114.06
N LEU R 988 -67.54 50.29 113.46
CA LEU R 988 -68.58 50.08 112.45
C LEU R 988 -68.11 50.69 111.13
N MET R 989 -68.23 49.91 110.05
CA MET R 989 -67.62 50.27 108.77
C MET R 989 -68.58 50.00 107.62
N ILE R 990 -68.71 50.99 106.73
CA ILE R 990 -69.29 50.77 105.40
C ILE R 990 -68.22 51.16 104.39
N ASP R 991 -68.56 51.08 103.10
CA ASP R 991 -67.62 51.47 102.05
C ASP R 991 -67.31 52.97 102.07
N SER R 992 -68.22 53.78 102.59
CA SER R 992 -68.04 55.23 102.61
C SER R 992 -67.25 55.69 103.84
N GLU R 993 -67.74 55.39 105.03
CA GLU R 993 -67.16 55.91 106.26
C GLU R 993 -67.03 54.80 107.29
N ILE R 994 -66.06 54.97 108.20
CA ILE R 994 -65.81 54.02 109.28
C ILE R 994 -66.03 54.75 110.59
N HIS R 995 -66.79 54.13 111.50
CA HIS R 995 -67.14 54.74 112.76
C HIS R 995 -66.49 53.98 113.91
N ARG R 996 -65.74 54.69 114.74
CA ARG R 996 -65.21 54.17 115.99
C ARG R 996 -66.03 54.77 117.13
N ILE R 997 -66.67 53.92 117.92
CA ILE R 997 -67.55 54.35 118.99
C ILE R 997 -67.03 53.79 120.30
N THR R 998 -66.76 54.67 121.26
CA THR R 998 -66.28 54.27 122.58
C THR R 998 -67.14 54.93 123.64
N CYS R 999 -67.30 54.24 124.77
CA CYS R 999 -68.11 54.73 125.88
C CYS R 999 -67.25 54.75 127.15
N SER R 1000 -67.86 55.21 128.23
CA SER R 1000 -67.21 55.30 129.53
C SER R 1000 -68.29 55.31 130.61
N SER R 1001 -67.87 55.52 131.85
CA SER R 1001 -68.81 55.63 132.96
C SER R 1001 -69.41 57.02 133.10
N SER R 1002 -68.85 58.02 132.43
CA SER R 1002 -69.37 59.37 132.52
C SER R 1002 -70.64 59.55 131.70
N GLY R 1003 -70.84 58.74 130.67
CA GLY R 1003 -72.00 58.83 129.82
C GLY R 1003 -71.76 59.49 128.47
N ILE R 1004 -70.59 60.09 128.25
CA ILE R 1004 -70.29 60.72 126.98
C ILE R 1004 -69.88 59.64 125.99
N ILE R 1005 -70.51 59.64 124.81
CA ILE R 1005 -70.20 58.69 123.75
C ILE R 1005 -69.32 59.38 122.72
N ASP R 1006 -68.10 58.86 122.56
CA ASP R 1006 -67.15 59.41 121.59
C ASP R 1006 -67.29 58.66 120.27
N VAL R 1007 -67.71 59.39 119.22
CA VAL R 1007 -67.92 58.82 117.90
C VAL R 1007 -66.97 59.51 116.93
N GLU R 1008 -66.13 58.73 116.25
CA GLU R 1008 -65.15 59.24 115.31
C GLU R 1008 -65.49 58.71 113.91
N ARG R 1009 -65.68 59.62 112.96
CA ARG R 1009 -66.10 59.28 111.62
C ARG R 1009 -64.90 59.43 110.67
N TYR R 1010 -64.52 58.32 110.03
CA TYR R 1010 -63.44 58.33 109.04
C TYR R 1010 -64.06 58.23 107.65
N LEU R 1011 -64.48 59.38 107.12
CA LEU R 1011 -65.04 59.43 105.78
C LEU R 1011 -63.96 59.20 104.73
N ARG R 1012 -64.39 58.72 103.56
CA ARG R 1012 -63.47 58.40 102.48
C ARG R 1012 -62.90 59.66 101.84
N LEU R 1018 -66.37 61.01 90.49
CA LEU R 1018 -66.67 59.64 90.06
C LEU R 1018 -68.06 59.55 89.47
N PHE R 1019 -69.00 60.31 90.06
CA PHE R 1019 -70.37 60.36 89.55
C PHE R 1019 -70.54 61.37 88.43
N ASP R 1020 -69.55 62.23 88.19
CA ASP R 1020 -69.65 63.23 87.12
C ASP R 1020 -69.07 62.76 85.80
N GLN R 1021 -68.27 61.69 85.80
CA GLN R 1021 -67.65 61.17 84.59
C GLN R 1021 -68.46 60.04 83.96
N VAL R 1022 -69.77 59.97 84.24
CA VAL R 1022 -70.66 59.00 83.63
C VAL R 1022 -71.79 59.76 82.94
N PRO R 1023 -72.13 59.43 81.70
CA PRO R 1023 -73.18 60.18 81.00
C PRO R 1023 -74.56 59.92 81.60
N SER R 1024 -75.44 60.89 81.40
CA SER R 1024 -76.83 60.77 81.85
C SER R 1024 -77.54 59.66 81.08
N TYR R 1025 -78.34 58.88 81.80
CA TYR R 1025 -78.95 57.68 81.24
C TYR R 1025 -80.40 57.59 81.71
N ILE R 1026 -81.34 57.86 80.82
CA ILE R 1026 -82.76 57.78 81.10
C ILE R 1026 -83.37 56.72 80.19
N PRO R 1027 -83.61 55.51 80.70
CA PRO R 1027 -84.14 54.43 79.87
C PRO R 1027 -85.64 54.58 79.66
N LEU R 1028 -86.21 53.59 78.97
CA LEU R 1028 -87.64 53.51 78.74
C LEU R 1028 -88.22 52.36 79.56
N VAL R 1029 -89.23 52.66 80.36
CA VAL R 1029 -89.74 51.73 81.37
C VAL R 1029 -91.21 51.46 81.09
N LYS R 1030 -91.56 50.18 80.98
CA LYS R 1030 -92.93 49.72 80.84
C LYS R 1030 -93.31 48.95 82.09
N THR R 1031 -94.30 49.46 82.83
CA THR R 1031 -94.75 48.81 84.05
C THR R 1031 -95.81 47.75 83.71
N ARG R 1032 -96.45 47.21 84.74
CA ARG R 1032 -97.38 46.10 84.54
C ARG R 1032 -98.67 46.54 83.88
N TYR R 1033 -99.13 47.76 84.15
CA TYR R 1033 -100.42 48.23 83.67
C TYR R 1033 -100.30 49.15 82.46
N GLU R 1034 -99.11 49.34 81.92
CA GLU R 1034 -98.92 50.18 80.74
C GLU R 1034 -99.01 49.35 79.46
N SER R 1035 -99.34 50.05 78.37
CA SER R 1035 -99.38 49.45 77.05
C SER R 1035 -98.34 50.03 76.10
N SER R 1036 -97.68 51.12 76.47
CA SER R 1036 -96.68 51.76 75.62
C SER R 1036 -95.44 52.07 76.44
N PHE R 1037 -94.28 52.01 75.78
CA PHE R 1037 -93.02 52.33 76.43
C PHE R 1037 -92.91 53.84 76.65
N ARG R 1038 -92.67 54.23 77.89
CA ARG R 1038 -92.58 55.64 78.27
C ARG R 1038 -91.24 55.93 78.91
N ASP R 1039 -90.86 57.21 78.91
CA ASP R 1039 -89.60 57.64 79.49
C ASP R 1039 -89.61 57.48 81.01
N ALA R 1040 -88.50 56.95 81.54
CA ALA R 1040 -88.38 56.73 82.97
C ALA R 1040 -88.25 58.06 83.72
N MET R 1041 -88.65 58.05 84.98
CA MET R 1041 -88.64 59.25 85.82
C MET R 1041 -87.42 59.33 86.73
N ILE R 1042 -86.48 58.39 86.63
CA ILE R 1042 -85.30 58.38 87.48
C ILE R 1042 -84.09 57.93 86.65
N ASP R 1043 -82.94 58.53 86.93
CA ASP R 1043 -81.68 58.04 86.39
C ASP R 1043 -81.19 56.87 87.23
N PRO R 1044 -81.10 55.66 86.68
CA PRO R 1044 -80.65 54.52 87.50
C PRO R 1044 -79.19 54.58 87.91
N LEU R 1045 -78.33 55.17 87.06
CA LEU R 1045 -76.92 55.25 87.39
C LEU R 1045 -76.64 56.32 88.44
N HIS R 1046 -77.30 57.47 88.35
CA HIS R 1046 -76.93 58.63 89.15
C HIS R 1046 -77.66 58.70 90.49
N VAL R 1047 -78.59 57.80 90.76
CA VAL R 1047 -79.18 57.67 92.09
C VAL R 1047 -78.30 56.74 92.92
N LYS R 1048 -78.15 57.06 94.20
CA LYS R 1048 -77.17 56.38 95.03
C LYS R 1048 -77.60 56.43 96.49
N ARG R 1049 -76.90 55.64 97.31
CA ARG R 1049 -77.08 55.68 98.76
C ARG R 1049 -76.28 56.85 99.30
N GLU R 1050 -76.97 57.90 99.72
CA GLU R 1050 -76.31 59.11 100.18
C GLU R 1050 -75.77 58.93 101.59
N SER R 1051 -74.66 59.61 101.87
CA SER R 1051 -74.10 59.62 103.22
C SER R 1051 -75.04 60.37 104.15
N LEU R 1052 -75.57 59.66 105.14
CA LEU R 1052 -76.54 60.25 106.07
C LEU R 1052 -75.88 61.29 106.95
N ASN R 1053 -76.62 62.36 107.26
CA ASN R 1053 -76.16 63.38 108.18
C ASN R 1053 -76.20 62.84 109.60
N TRP R 1054 -75.14 62.16 110.02
CA TRP R 1054 -75.15 61.42 111.28
C TRP R 1054 -75.15 62.32 112.50
N ASN R 1055 -74.68 63.56 112.38
CA ASN R 1055 -74.66 64.48 113.52
C ASN R 1055 -76.08 64.80 113.99
N GLN R 1056 -76.98 65.09 113.05
CA GLN R 1056 -78.36 65.37 113.41
C GLN R 1056 -79.08 64.11 113.88
N ILE R 1057 -78.67 62.94 113.36
CA ILE R 1057 -79.22 61.67 113.83
C ILE R 1057 -78.88 61.44 115.29
N ASP R 1058 -77.60 61.63 115.64
CA ASP R 1058 -77.20 61.51 117.05
C ASP R 1058 -77.85 62.60 117.90
N GLN R 1059 -78.06 63.78 117.33
CA GLN R 1059 -78.72 64.85 118.07
C GLN R 1059 -80.17 64.51 118.40
N VAL R 1060 -80.89 63.88 117.46
CA VAL R 1060 -82.30 63.59 117.73
C VAL R 1060 -82.48 62.30 118.53
N LEU R 1061 -81.58 61.32 118.41
CA LEU R 1061 -81.59 60.22 119.37
C LEU R 1061 -81.11 60.65 120.75
N ALA R 1062 -80.32 61.72 120.85
CA ALA R 1062 -79.94 62.24 122.16
C ALA R 1062 -81.12 62.94 122.82
N GLY R 1063 -81.94 63.64 122.05
CA GLY R 1063 -83.05 64.39 122.60
C GLY R 1063 -82.86 65.90 122.49
N ASP R 1070 -85.74 71.38 110.87
CA ASP R 1070 -85.10 70.13 110.50
C ASP R 1070 -85.29 69.84 109.01
N ARG R 1071 -84.69 70.68 108.17
CA ARG R 1071 -84.81 70.53 106.74
C ARG R 1071 -83.97 69.36 106.23
N LYS R 1072 -84.48 68.72 105.17
CA LYS R 1072 -83.78 67.64 104.44
C LYS R 1072 -83.42 66.47 105.36
N TRP R 1073 -84.34 66.10 106.24
CA TRP R 1073 -84.13 64.99 107.16
C TRP R 1073 -85.47 64.35 107.49
N HIS R 1074 -85.52 63.02 107.43
CA HIS R 1074 -86.72 62.28 107.76
C HIS R 1074 -86.36 60.89 108.23
N GLY R 1075 -87.15 60.37 109.17
CA GLY R 1075 -86.96 59.02 109.68
C GLY R 1075 -87.84 58.01 108.98
N PHE R 1076 -87.94 56.83 109.59
CA PHE R 1076 -88.86 55.81 109.10
C PHE R 1076 -90.29 56.28 109.31
N ARG R 1077 -91.15 56.03 108.31
CA ARG R 1077 -92.47 56.64 108.33
C ARG R 1077 -93.44 55.79 107.52
N ALA R 1078 -94.71 55.79 107.95
CA ALA R 1078 -95.76 55.04 107.27
C ALA R 1078 -97.10 55.72 107.53
N LYS R 1079 -97.78 56.12 106.47
CA LYS R 1079 -99.11 56.72 106.58
C LYS R 1079 -100.15 55.61 106.58
N TYR R 1080 -101.17 55.77 107.42
CA TYR R 1080 -102.21 54.76 107.60
C TYR R 1080 -103.58 55.37 107.36
N VAL R 1081 -104.39 54.68 106.54
CA VAL R 1081 -105.71 55.14 106.15
C VAL R 1081 -106.74 54.14 106.67
N VAL R 1082 -107.71 54.62 107.44
CA VAL R 1082 -108.85 53.81 107.83
C VAL R 1082 -110.04 54.21 106.96
N LEU R 1083 -110.84 53.22 106.57
CA LEU R 1083 -111.86 53.39 105.56
C LEU R 1083 -113.18 52.75 105.98
N PRO R 1084 -114.31 53.33 105.58
CA PRO R 1084 -115.60 52.73 105.92
C PRO R 1084 -115.87 51.49 105.07
N THR R 1085 -116.19 50.39 105.75
CA THR R 1085 -116.54 49.13 105.10
C THR R 1085 -117.77 48.56 105.80
N ASP R 1086 -118.05 47.29 105.52
CA ASP R 1086 -119.26 46.64 106.01
C ASP R 1086 -119.21 46.46 107.52
N ILE R 1087 -120.38 46.45 108.13
CA ILE R 1087 -120.52 46.36 109.58
C ILE R 1087 -120.85 44.91 109.95
N PRO R 1088 -120.16 44.31 110.92
CA PRO R 1088 -120.49 42.94 111.32
C PRO R 1088 -121.87 42.87 111.95
N PRO R 1089 -122.56 41.74 111.86
CA PRO R 1089 -123.92 41.65 112.40
C PRO R 1089 -123.99 41.71 113.91
N ASN R 1090 -122.93 41.30 114.61
CA ASN R 1090 -122.92 41.39 116.06
C ASN R 1090 -122.74 42.83 116.55
N THR R 1091 -122.22 43.72 115.70
CA THR R 1091 -122.10 45.13 116.07
C THR R 1091 -123.47 45.80 116.13
N TYR R 1092 -124.42 45.36 115.30
CA TYR R 1092 -125.75 45.94 115.28
C TYR R 1092 -126.59 45.60 116.50
N SER R 1093 -126.16 44.66 117.33
CA SER R 1093 -126.86 44.31 118.56
C SER R 1093 -126.28 45.01 119.78
N MET R 1094 -125.40 45.99 119.58
CA MET R 1094 -124.81 46.72 120.70
C MET R 1094 -125.76 47.76 121.25
N ASN R 1104 -127.63 54.58 113.84
CA ASN R 1104 -127.22 54.87 112.47
C ASN R 1104 -125.87 54.21 112.21
N PRO R 1105 -125.68 53.65 111.01
CA PRO R 1105 -124.33 53.20 110.61
C PRO R 1105 -123.27 54.29 110.67
N GLU R 1106 -123.63 55.53 110.32
CA GLU R 1106 -122.72 56.64 110.51
C GLU R 1106 -122.42 56.89 111.98
N GLU R 1107 -123.43 56.71 112.84
CA GLU R 1107 -123.23 56.92 114.27
C GLU R 1107 -122.30 55.86 114.87
N ILE R 1108 -122.46 54.60 114.48
CA ILE R 1108 -121.58 53.58 115.02
C ILE R 1108 -120.19 53.66 114.38
N ARG R 1109 -120.09 54.18 113.15
CA ARG R 1109 -118.77 54.37 112.55
C ARG R 1109 -118.02 55.52 113.21
N VAL R 1110 -118.71 56.62 113.52
CA VAL R 1110 -118.02 57.71 114.23
C VAL R 1110 -117.75 57.31 115.68
N GLU R 1111 -118.58 56.42 116.26
CA GLU R 1111 -118.27 55.86 117.57
C GLU R 1111 -117.01 55.01 117.53
N GLY R 1112 -116.85 54.19 116.48
CA GLY R 1112 -115.63 53.42 116.32
C GLY R 1112 -114.41 54.29 116.09
N LEU R 1113 -114.57 55.39 115.34
CA LEU R 1113 -113.48 56.33 115.14
C LEU R 1113 -113.07 57.00 116.44
N ARG R 1114 -114.06 57.41 117.25
CA ARG R 1114 -113.78 58.01 118.55
C ARG R 1114 -113.12 57.01 119.50
N ARG R 1115 -113.55 55.74 119.42
CA ARG R 1115 -112.93 54.70 120.23
C ARG R 1115 -111.48 54.46 119.82
N LEU R 1116 -111.20 54.52 118.51
CA LEU R 1116 -109.83 54.38 118.02
C LEU R 1116 -108.96 55.54 118.47
N ILE R 1117 -109.51 56.76 118.43
CA ILE R 1117 -108.79 57.95 118.89
C ILE R 1117 -108.50 57.84 120.39
N GLY R 1118 -109.49 57.39 121.17
CA GLY R 1118 -109.27 57.17 122.59
C GLY R 1118 -108.27 56.08 122.88
N SER R 1119 -108.25 55.03 122.06
CA SER R 1119 -107.26 53.97 122.24
C SER R 1119 -105.86 54.44 121.90
N ILE R 1120 -105.72 55.33 120.92
CA ILE R 1120 -104.42 55.92 120.63
C ILE R 1120 -103.97 56.83 121.77
N THR R 1121 -104.88 57.69 122.27
CA THR R 1121 -104.52 58.59 123.35
C THR R 1121 -104.37 57.88 124.70
N ARG R 1122 -104.85 56.64 124.82
CA ARG R 1122 -104.56 55.82 125.98
C ARG R 1122 -103.25 55.06 125.85
N SER R 1123 -102.64 55.07 124.67
CA SER R 1123 -101.33 54.46 124.45
C SER R 1123 -100.19 55.44 124.64
N ARG R 1124 -100.47 56.61 125.21
CA ARG R 1124 -99.46 57.64 125.45
C ARG R 1124 -98.33 57.13 126.33
N LEU R 1125 -97.09 57.36 125.90
CA LEU R 1125 -95.93 56.97 126.69
C LEU R 1125 -95.78 57.91 127.89
N ARG R 1126 -95.71 57.33 129.08
CA ARG R 1126 -95.68 58.10 130.32
C ARG R 1126 -94.32 57.93 130.99
N THR R 1127 -93.91 59.00 131.70
CA THR R 1127 -92.70 58.95 132.48
C THR R 1127 -92.87 58.06 133.71
N GLU R 1128 -91.75 57.63 134.27
CA GLU R 1128 -91.79 56.85 135.51
C GLU R 1128 -92.22 57.69 136.70
N LYS R 1129 -92.06 59.02 136.63
CA LYS R 1129 -92.52 59.90 137.70
C LYS R 1129 -94.03 59.94 137.76
N GLU R 1130 -94.69 59.94 136.61
CA GLU R 1130 -96.16 59.98 136.55
C GLU R 1130 -96.81 58.61 136.65
N LYS R 1131 -96.03 57.53 136.56
CA LYS R 1131 -96.56 56.17 136.68
C LYS R 1131 -96.45 55.62 138.09
N LYS R 1132 -95.96 56.41 139.04
CA LYS R 1132 -95.83 55.97 140.43
C LYS R 1132 -97.18 56.01 141.15
N MET R 1146 -115.12 67.51 115.47
CA MET R 1146 -115.86 68.20 114.42
C MET R 1146 -116.16 67.26 113.26
N PHE R 1147 -117.45 67.13 112.92
CA PHE R 1147 -117.88 66.28 111.81
C PHE R 1147 -118.90 67.02 110.96
N TYR R 1148 -118.81 66.82 109.65
CA TYR R 1148 -119.68 67.51 108.69
C TYR R 1148 -119.68 66.69 107.40
N THR R 1149 -120.34 67.23 106.38
CA THR R 1149 -120.28 66.69 105.02
C THR R 1149 -120.02 67.82 104.04
N GLY R 1150 -119.28 67.51 102.97
CA GLY R 1150 -119.00 68.49 101.94
C GLY R 1150 -117.53 68.84 101.83
N PRO R 1151 -117.21 69.84 101.01
CA PRO R 1151 -115.83 70.28 100.85
C PRO R 1151 -115.29 70.95 102.11
N LEU R 1152 -113.96 71.01 102.19
CA LEU R 1152 -113.31 71.46 103.42
C LEU R 1152 -113.42 72.97 103.59
N TYR R 1153 -113.29 73.73 102.50
CA TYR R 1153 -113.29 75.18 102.61
C TYR R 1153 -114.65 75.73 102.99
N ASN R 1154 -115.73 75.02 102.64
CA ASN R 1154 -117.06 75.39 103.11
C ASN R 1154 -117.17 75.28 104.63
N PHE R 1155 -116.58 74.22 105.20
CA PHE R 1155 -116.59 74.09 106.66
C PHE R 1155 -115.63 75.07 107.31
N ILE R 1156 -114.54 75.44 106.62
CA ILE R 1156 -113.62 76.43 107.17
C ILE R 1156 -114.29 77.79 107.24
N ASN R 1157 -114.95 78.22 106.16
CA ASN R 1157 -115.63 79.51 106.16
C ASN R 1157 -116.96 79.47 106.89
N GLU R 1158 -117.48 78.28 107.21
CA GLU R 1158 -118.74 78.20 107.96
C GLU R 1158 -118.52 78.57 109.43
N GLN R 1159 -117.42 78.10 110.02
CA GLN R 1159 -117.10 78.41 111.41
C GLN R 1159 -116.29 79.68 111.57
N GLN R 1160 -115.97 80.37 110.48
CA GLN R 1160 -115.22 81.62 110.55
C GLN R 1160 -116.15 82.80 110.81
N PRO R 1339 -101.87 83.65 109.89
CA PRO R 1339 -102.61 82.72 110.75
C PRO R 1339 -102.45 81.26 110.32
N ILE R 1340 -102.17 80.38 111.28
CA ILE R 1340 -101.91 78.97 111.03
C ILE R 1340 -102.97 78.16 111.75
N LEU R 1341 -103.70 77.33 111.01
CA LEU R 1341 -104.69 76.42 111.57
C LEU R 1341 -104.17 75.00 111.43
N MET R 1342 -103.82 74.39 112.56
CA MET R 1342 -103.35 73.01 112.57
C MET R 1342 -104.55 72.06 112.46
N LEU R 1343 -104.47 71.13 111.52
CA LEU R 1343 -105.52 70.15 111.30
C LEU R 1343 -105.19 68.79 111.91
N SER R 1344 -104.13 68.71 112.71
CA SER R 1344 -103.73 67.45 113.32
C SER R 1344 -103.12 67.72 114.69
N ASN R 1345 -103.03 66.66 115.49
CA ASN R 1345 -102.55 66.76 116.86
C ASN R 1345 -101.27 65.94 117.02
N SER R 1346 -100.45 66.35 117.99
CA SER R 1346 -99.16 65.70 118.26
C SER R 1346 -99.27 64.83 119.50
N LEU R 1347 -98.63 63.67 119.45
CA LEU R 1347 -98.72 62.68 120.52
C LEU R 1347 -97.58 61.69 120.35
N VAL R 1348 -96.94 61.33 121.47
CA VAL R 1348 -95.80 60.42 121.47
C VAL R 1348 -96.21 59.18 122.26
N ILE R 1349 -96.53 58.10 121.55
CA ILE R 1349 -97.16 56.94 122.16
C ILE R 1349 -96.11 55.92 122.55
N ASP R 1350 -96.48 55.01 123.44
CA ASP R 1350 -95.68 53.84 123.77
C ASP R 1350 -96.17 52.67 122.92
N VAL R 1351 -95.29 52.15 122.05
CA VAL R 1351 -95.68 51.08 121.15
C VAL R 1351 -95.87 49.77 121.91
N ASP R 1352 -94.96 49.47 122.84
CA ASP R 1352 -95.04 48.23 123.59
C ASP R 1352 -95.42 48.52 125.04
N PRO R 1353 -96.66 48.22 125.46
CA PRO R 1353 -97.02 48.44 126.86
C PRO R 1353 -96.70 47.26 127.77
N ALA R 1354 -96.51 46.07 127.18
CA ALA R 1354 -96.24 44.87 127.96
C ALA R 1354 -94.78 44.74 128.39
N GLY R 1355 -93.90 45.60 127.87
CA GLY R 1355 -92.49 45.53 128.23
C GLY R 1355 -91.77 44.29 127.73
N LYS R 1356 -92.05 43.86 126.50
CA LYS R 1356 -91.35 42.71 125.94
C LYS R 1356 -89.89 43.04 125.66
N SER R 1357 -89.63 44.19 125.05
CA SER R 1357 -88.27 44.60 124.74
C SER R 1357 -87.66 45.35 125.93
N SER R 1358 -86.33 45.42 125.93
CA SER R 1358 -85.60 46.03 127.03
C SER R 1358 -85.30 47.51 126.80
N LYS R 1359 -85.77 48.09 125.70
CA LYS R 1359 -85.50 49.47 125.34
C LYS R 1359 -86.81 50.26 125.30
N GLN R 1360 -86.69 51.55 125.00
CA GLN R 1360 -87.85 52.42 124.84
C GLN R 1360 -88.35 52.36 123.40
N GLU R 1361 -89.64 52.08 123.24
CA GLU R 1361 -90.31 52.05 121.95
C GLU R 1361 -91.30 53.19 121.92
N SER R 1362 -90.86 54.34 121.42
CA SER R 1362 -91.68 55.55 121.35
C SER R 1362 -91.87 55.94 119.90
N CYS R 1363 -93.12 56.24 119.54
CA CYS R 1363 -93.47 56.66 118.18
C CYS R 1363 -94.37 57.89 118.26
N THR R 1364 -94.32 58.69 117.20
CA THR R 1364 -95.08 59.94 117.14
C THR R 1364 -96.31 59.74 116.25
N VAL R 1365 -97.47 60.17 116.74
CA VAL R 1365 -98.74 59.94 116.09
C VAL R 1365 -99.36 61.28 115.73
N HIS R 1366 -99.79 61.42 114.48
CA HIS R 1366 -100.60 62.53 114.02
C HIS R 1366 -101.90 61.97 113.47
N TYR R 1367 -103.03 62.48 113.96
CA TYR R 1367 -104.33 62.06 113.47
C TYR R 1367 -105.15 63.29 113.09
N ASP R 1368 -106.08 63.09 112.16
CA ASP R 1368 -106.84 64.19 111.60
C ASP R 1368 -107.83 64.74 112.63
N ARG R 1369 -107.87 66.07 112.75
CA ARG R 1369 -108.75 66.70 113.72
C ARG R 1369 -110.20 66.69 113.25
N VAL R 1370 -110.43 66.61 111.94
CA VAL R 1370 -111.77 66.72 111.38
C VAL R 1370 -111.97 65.54 110.43
N HIS R 1371 -113.24 65.16 110.23
CA HIS R 1371 -113.55 63.93 109.51
C HIS R 1371 -114.82 64.11 108.70
N ASN R 1372 -114.84 63.52 107.50
CA ASN R 1372 -116.02 63.33 106.68
C ASN R 1372 -116.16 61.85 106.33
N PRO R 1373 -117.39 61.36 106.18
CA PRO R 1373 -117.59 60.02 105.63
C PRO R 1373 -117.12 59.87 104.18
N ASP R 1374 -117.03 60.97 103.43
CA ASP R 1374 -116.51 60.94 102.07
C ASP R 1374 -115.04 61.29 101.98
N HIS R 1375 -114.37 61.50 103.11
CA HIS R 1375 -112.97 61.87 103.15
C HIS R 1375 -112.19 60.83 103.94
N CYS R 1376 -111.01 60.47 103.43
CA CYS R 1376 -110.19 59.47 104.09
C CYS R 1376 -109.59 60.02 105.38
N PHE R 1377 -109.54 59.16 106.41
CA PHE R 1377 -108.98 59.51 107.71
C PHE R 1377 -107.55 59.02 107.78
N HIS R 1378 -106.65 59.85 108.28
CA HIS R 1378 -105.21 59.62 108.17
C HIS R 1378 -104.60 59.40 109.56
N ILE R 1379 -103.82 58.34 109.68
CA ILE R 1379 -103.04 58.05 110.89
C ILE R 1379 -101.57 58.03 110.48
N ARG R 1380 -100.74 58.75 111.22
CA ARG R 1380 -99.32 58.85 110.93
C ARG R 1380 -98.51 58.18 112.04
N LEU R 1381 -97.42 57.51 111.65
CA LEU R 1381 -96.51 56.87 112.59
C LEU R 1381 -95.09 57.27 112.25
N GLU R 1382 -94.46 58.06 113.12
CA GLU R 1382 -93.10 58.55 112.92
C GLU R 1382 -92.20 57.91 113.97
N TRP R 1383 -91.37 56.96 113.55
CA TRP R 1383 -90.51 56.23 114.46
C TRP R 1383 -89.09 56.17 113.90
N LEU R 1384 -88.11 56.17 114.80
CA LEU R 1384 -86.71 56.13 114.42
C LEU R 1384 -86.07 54.77 114.68
N THR R 1385 -86.12 54.29 115.92
CA THR R 1385 -85.37 53.11 116.32
C THR R 1385 -86.24 52.02 116.94
N THR R 1386 -87.56 52.10 116.78
CA THR R 1386 -88.46 51.12 117.36
C THR R 1386 -88.40 49.79 116.60
N THR R 1387 -88.73 48.71 117.30
CA THR R 1387 -88.79 47.40 116.68
C THR R 1387 -90.01 47.34 115.76
N PRO R 1388 -89.84 46.99 114.48
CA PRO R 1388 -90.97 47.02 113.55
C PRO R 1388 -92.05 45.97 113.82
N LYS R 1389 -91.72 44.87 114.51
CA LYS R 1389 -92.76 43.90 114.85
C LYS R 1389 -93.76 44.46 115.86
N LEU R 1390 -93.30 45.30 116.80
CA LEU R 1390 -94.22 45.92 117.74
C LEU R 1390 -95.14 46.91 117.03
N ILE R 1391 -94.60 47.64 116.05
CA ILE R 1391 -95.43 48.51 115.21
C ILE R 1391 -96.44 47.68 114.43
N ASP R 1392 -96.01 46.52 113.92
CA ASP R 1392 -96.90 45.67 113.14
C ASP R 1392 -98.04 45.10 113.98
N ASP R 1393 -97.74 44.65 115.21
CA ASP R 1393 -98.84 44.12 116.04
C ASP R 1393 -99.72 45.24 116.59
N LEU R 1394 -99.17 46.44 116.78
CA LEU R 1394 -100.01 47.59 117.13
C LEU R 1394 -100.95 47.94 115.99
N VAL R 1395 -100.46 47.90 114.75
CA VAL R 1395 -101.30 48.14 113.58
C VAL R 1395 -102.35 47.04 113.43
N GLY R 1396 -101.99 45.80 113.76
CA GLY R 1396 -102.96 44.72 113.73
C GLY R 1396 -104.05 44.88 114.78
N ASN R 1397 -103.66 45.31 115.99
CA ASN R 1397 -104.64 45.59 117.04
C ASN R 1397 -105.57 46.73 116.64
N TRP R 1398 -105.03 47.80 116.05
CA TRP R 1398 -105.87 48.90 115.58
C TRP R 1398 -106.79 48.45 114.46
N SER R 1399 -106.31 47.58 113.57
CA SER R 1399 -107.14 47.08 112.48
C SER R 1399 -108.26 46.20 113.00
N ARG R 1400 -107.98 45.37 114.02
CA ARG R 1400 -109.02 44.57 114.65
C ARG R 1400 -110.05 45.45 115.36
N LEU R 1401 -109.58 46.52 116.01
CA LEU R 1401 -110.49 47.45 116.68
C LEU R 1401 -111.37 48.17 115.66
N CYS R 1402 -110.80 48.51 114.50
CA CYS R 1402 -111.59 49.18 113.46
C CYS R 1402 -112.57 48.22 112.80
N GLU R 1403 -112.16 46.96 112.61
CA GLU R 1403 -113.03 45.97 111.99
C GLU R 1403 -114.14 45.51 112.92
N ARG R 1404 -113.94 45.64 114.23
CA ARG R 1404 -115.02 45.35 115.18
C ARG R 1404 -116.15 46.37 115.05
N TYR R 1405 -115.84 47.61 114.69
CA TYR R 1405 -116.83 48.68 114.55
C TYR R 1405 -117.14 48.99 113.09
N GLY R 1406 -116.78 48.10 112.17
CA GLY R 1406 -117.16 48.27 110.78
C GLY R 1406 -116.27 49.20 109.97
N LEU R 1407 -115.00 49.32 110.32
CA LEU R 1407 -114.03 50.10 109.54
C LEU R 1407 -112.97 49.15 108.99
N LYS R 1408 -111.94 49.74 108.35
CA LYS R 1408 -110.88 48.93 107.75
C LYS R 1408 -109.62 49.78 107.70
N MET R 1409 -108.71 49.53 108.64
CA MET R 1409 -107.40 50.18 108.62
C MET R 1409 -106.51 49.52 107.57
N ILE R 1410 -105.92 50.33 106.69
CA ILE R 1410 -105.10 49.84 105.60
C ILE R 1410 -103.86 50.70 105.50
N GLU R 1411 -102.77 50.11 105.01
CA GLU R 1411 -101.47 50.75 104.98
C GLU R 1411 -101.19 51.32 103.59
N ILE R 1412 -100.69 52.56 103.56
CA ILE R 1412 -100.60 53.33 102.31
C ILE R 1412 -99.25 54.01 102.25
N PRO R 1413 -98.72 54.21 101.03
CA PRO R 1413 -97.49 54.98 100.89
C PRO R 1413 -97.61 56.41 101.39
N TRP R 1414 -96.54 56.89 102.04
CA TRP R 1414 -96.50 58.27 102.50
C TRP R 1414 -96.29 59.23 101.33
N GLU R 1415 -95.40 58.88 100.41
CA GLU R 1415 -95.11 59.75 99.29
C GLU R 1415 -96.29 59.81 98.31
N GLU R 1416 -96.32 60.88 97.53
CA GLU R 1416 -97.39 61.07 96.55
C GLU R 1416 -97.25 60.06 95.41
N LEU R 1417 -98.38 59.81 94.74
CA LEU R 1417 -98.43 58.78 93.72
C LEU R 1417 -97.64 59.19 92.48
N CYS R 1418 -97.56 60.49 92.20
CA CYS R 1418 -96.79 61.00 91.07
C CYS R 1418 -95.28 60.84 91.25
N THR R 1419 -94.82 60.57 92.48
CA THR R 1419 -93.39 60.47 92.77
C THR R 1419 -92.86 59.04 92.76
N ILE R 1420 -93.75 58.03 92.74
CA ILE R 1420 -93.29 56.64 92.81
C ILE R 1420 -92.38 56.20 91.66
N PRO R 1421 -92.55 56.61 90.38
CA PRO R 1421 -91.57 56.14 89.38
C PRO R 1421 -90.17 56.67 89.61
N SER R 1422 -90.05 57.91 90.09
CA SER R 1422 -88.77 58.54 90.37
C SER R 1422 -88.13 58.02 91.65
N VAL R 1423 -88.73 57.05 92.33
CA VAL R 1423 -88.16 56.42 93.52
C VAL R 1423 -88.08 54.92 93.27
N ASN R 1424 -89.23 54.30 92.98
CA ASN R 1424 -89.33 52.86 92.80
C ASN R 1424 -89.70 52.58 91.34
N PRO R 1425 -88.74 52.24 90.48
CA PRO R 1425 -89.05 52.04 89.05
C PRO R 1425 -89.82 50.76 88.76
N PHE R 1426 -89.79 49.78 89.67
CA PHE R 1426 -90.50 48.53 89.43
C PHE R 1426 -91.99 48.63 89.73
N HIS R 1427 -92.42 49.69 90.41
CA HIS R 1427 -93.82 49.83 90.77
C HIS R 1427 -94.67 50.10 89.53
N SER R 1428 -95.88 49.56 89.52
CA SER R 1428 -96.82 49.84 88.44
C SER R 1428 -97.34 51.27 88.53
N PHE R 1429 -97.48 51.90 87.36
CA PHE R 1429 -97.90 53.29 87.25
C PHE R 1429 -98.30 53.54 85.80
N VAL R 1430 -99.50 54.09 85.57
CA VAL R 1430 -100.03 54.24 84.23
C VAL R 1430 -100.55 55.66 84.04
N GLU R 1431 -100.54 56.11 82.79
CA GLU R 1431 -101.14 57.38 82.39
C GLU R 1431 -102.56 57.12 81.88
N ILE R 1432 -103.52 57.83 82.46
CA ILE R 1432 -104.93 57.69 82.09
C ILE R 1432 -105.36 58.96 81.36
N LYS R 1433 -105.70 58.82 80.09
CA LYS R 1433 -106.24 59.91 79.29
C LYS R 1433 -107.69 59.58 78.96
N LEU R 1434 -108.61 60.31 79.61
CA LEU R 1434 -110.04 60.03 79.44
C LEU R 1434 -110.49 60.41 78.03
N ALA R 1435 -111.42 59.62 77.48
CA ALA R 1435 -111.82 59.79 76.08
C ALA R 1435 -112.67 61.04 75.89
N ILE R 1436 -113.63 61.26 76.79
CA ILE R 1436 -114.59 62.36 76.66
C ILE R 1436 -114.07 63.54 77.48
N ASN R 1437 -113.57 64.56 76.78
CA ASN R 1437 -113.08 65.76 77.45
C ASN R 1437 -114.24 66.73 77.66
N PRO R 1438 -114.59 67.08 78.90
CA PRO R 1438 -115.65 68.08 79.11
C PRO R 1438 -115.26 69.47 78.60
N TRP R 1439 -113.98 69.83 78.65
CA TRP R 1439 -113.53 71.14 78.20
C TRP R 1439 -113.43 71.24 76.69
N GLU R 1440 -113.58 70.14 75.96
CA GLU R 1440 -113.47 70.14 74.50
C GLU R 1440 -114.73 69.66 73.80
N ASP R 1441 -115.35 68.60 74.29
CA ASP R 1441 -116.55 68.06 73.64
C ASP R 1441 -117.75 68.97 73.91
N PRO R 1442 -118.50 69.36 72.89
CA PRO R 1442 -119.63 70.28 73.10
C PRO R 1442 -120.88 69.61 73.64
N GLU R 1443 -120.88 68.29 73.85
CA GLU R 1443 -122.05 67.63 74.42
C GLU R 1443 -122.23 68.00 75.89
N PHE R 1444 -121.14 68.09 76.63
CA PHE R 1444 -121.15 68.54 78.02
C PHE R 1444 -120.19 69.73 78.12
N LYS R 1445 -120.75 70.93 78.06
CA LYS R 1445 -119.95 72.15 78.18
C LYS R 1445 -120.81 73.25 78.79
N ASP R 1446 -120.31 73.88 79.84
CA ASP R 1446 -121.04 74.95 80.52
C ASP R 1446 -120.04 75.83 81.25
N ARG R 1447 -120.20 77.14 81.11
CA ARG R 1447 -119.31 78.06 81.82
C ARG R 1447 -119.60 78.08 83.31
N GLU R 1448 -120.87 78.03 83.69
CA GLU R 1448 -121.24 78.12 85.10
C GLU R 1448 -120.83 76.87 85.87
N LEU R 1449 -121.00 75.69 85.25
CA LEU R 1449 -120.62 74.44 85.91
C LEU R 1449 -119.11 74.35 86.09
N PHE R 1450 -118.34 74.73 85.07
CA PHE R 1450 -116.89 74.70 85.19
C PHE R 1450 -116.36 75.80 86.09
N ALA R 1451 -117.10 76.90 86.24
CA ALA R 1451 -116.71 77.94 87.20
C ALA R 1451 -116.98 77.49 88.64
N LYS R 1452 -118.12 76.81 88.86
CA LYS R 1452 -118.42 76.33 90.21
C LYS R 1452 -117.58 75.11 90.56
N SER R 1453 -117.41 74.19 89.63
CA SER R 1453 -116.64 72.95 89.87
C SER R 1453 -115.85 72.63 88.60
N LYS R 1454 -114.55 72.91 88.61
CA LYS R 1454 -113.73 72.71 87.43
C LYS R 1454 -113.57 71.24 87.08
N PHE R 1455 -113.48 70.37 88.10
CA PHE R 1455 -113.28 68.94 87.92
C PHE R 1455 -114.50 68.14 88.37
N TYR R 1456 -115.70 68.63 88.04
CA TYR R 1456 -116.93 67.98 88.49
C TYR R 1456 -117.08 66.59 87.88
N TYR R 1457 -116.82 66.47 86.57
CA TYR R 1457 -117.02 65.21 85.88
C TYR R 1457 -115.98 64.17 86.30
N HIS R 1458 -114.74 64.61 86.51
CA HIS R 1458 -113.70 63.69 86.95
C HIS R 1458 -113.95 63.22 88.38
N VAL R 1459 -114.38 64.13 89.26
CA VAL R 1459 -114.72 63.76 90.63
C VAL R 1459 -115.89 62.79 90.67
N TYR R 1460 -116.91 63.02 89.83
CA TYR R 1460 -118.03 62.09 89.79
C TYR R 1460 -117.63 60.74 89.19
N LEU R 1461 -116.71 60.74 88.22
CA LEU R 1461 -116.21 59.49 87.67
C LEU R 1461 -115.44 58.69 88.70
N LEU R 1462 -114.60 59.36 89.50
CA LEU R 1462 -113.87 58.69 90.57
C LEU R 1462 -114.81 58.20 91.66
N LYS R 1463 -115.83 58.99 92.00
CA LYS R 1463 -116.76 58.61 93.05
C LYS R 1463 -117.66 57.46 92.62
N ALA R 1464 -118.02 57.39 91.34
CA ALA R 1464 -118.86 56.30 90.87
C ALA R 1464 -118.13 54.97 90.83
N SER R 1465 -116.80 54.99 90.76
CA SER R 1465 -115.99 53.78 90.77
C SER R 1465 -115.52 53.39 92.17
N GLY R 1466 -115.90 54.14 93.19
CA GLY R 1466 -115.55 53.77 94.55
C GLY R 1466 -114.26 54.35 95.08
N PHE R 1467 -113.82 55.49 94.57
CA PHE R 1467 -112.55 56.10 94.97
C PHE R 1467 -112.84 57.22 95.96
N LEU R 1468 -112.46 57.01 97.23
CA LEU R 1468 -112.54 58.03 98.25
C LEU R 1468 -111.43 59.06 98.05
N LEU R 1469 -111.66 60.26 98.59
CA LEU R 1469 -110.73 61.37 98.41
C LEU R 1469 -109.68 61.35 99.52
N ASP R 1470 -108.44 61.69 99.17
CA ASP R 1470 -107.33 61.70 100.11
C ASP R 1470 -106.96 63.09 100.62
N ASN R 1471 -106.60 63.99 99.71
CA ASN R 1471 -106.12 65.32 100.09
C ASN R 1471 -107.31 66.25 100.28
N ARG R 1472 -107.75 66.38 101.53
CA ARG R 1472 -108.87 67.26 101.83
C ARG R 1472 -108.49 68.73 101.71
N ALA R 1473 -107.21 69.06 101.92
CA ALA R 1473 -106.73 70.43 101.88
C ALA R 1473 -106.28 70.85 100.49
N SER R 1474 -106.74 70.18 99.45
CA SER R 1474 -106.32 70.48 98.09
C SER R 1474 -106.93 71.78 97.60
N LYS R 1475 -106.16 72.50 96.79
CA LYS R 1475 -106.58 73.78 96.23
C LYS R 1475 -107.05 73.66 94.78
N PHE R 1476 -107.27 72.45 94.29
CA PHE R 1476 -107.80 72.24 92.94
C PHE R 1476 -109.31 71.98 92.94
N LEU R 1477 -109.90 71.69 94.09
CA LEU R 1477 -111.34 71.48 94.22
C LEU R 1477 -111.97 72.52 95.13
N GLN R 1478 -111.43 73.73 95.14
CA GLN R 1478 -111.82 74.77 96.08
C GLN R 1478 -112.81 75.74 95.45
N ASN R 1479 -113.42 76.55 96.32
CA ASN R 1479 -114.32 77.62 95.90
C ASN R 1479 -113.88 79.00 96.37
N GLN R 1480 -113.17 79.09 97.49
CA GLN R 1480 -112.71 80.36 98.04
C GLN R 1480 -111.45 80.10 98.85
N ASP R 1481 -110.69 81.15 99.08
CA ASP R 1481 -109.44 81.05 99.85
C ASP R 1481 -109.49 81.93 101.09
N ILE R 1482 -109.17 81.32 102.23
CA ILE R 1482 -109.05 82.00 103.52
C ILE R 1482 -108.08 81.18 104.37
N GLU R 1483 -107.67 81.71 105.51
CA GLU R 1483 -106.68 81.02 106.33
C GLU R 1483 -105.40 80.88 105.53
N PHE R 1484 -104.78 82.01 105.20
CA PHE R 1484 -103.55 81.99 104.39
C PHE R 1484 -102.68 80.76 104.59
N ASP R 1485 -102.22 80.52 105.80
CA ASP R 1485 -101.30 79.41 106.03
C ASP R 1485 -102.08 78.23 106.60
N ILE R 1486 -102.00 77.09 105.92
CA ILE R 1486 -102.53 75.82 106.42
C ILE R 1486 -101.37 74.85 106.59
N MET R 1487 -101.38 74.11 107.69
CA MET R 1487 -100.30 73.18 107.98
C MET R 1487 -100.83 72.01 108.78
N TYR R 1488 -100.30 70.82 108.49
CA TYR R 1488 -100.51 69.66 109.34
C TYR R 1488 -99.49 69.65 110.47
N SER R 1489 -99.73 68.79 111.46
CA SER R 1489 -98.81 68.67 112.58
C SER R 1489 -97.50 67.98 112.20
N TRP R 1490 -97.48 67.25 111.09
CA TRP R 1490 -96.25 66.63 110.59
C TRP R 1490 -95.55 67.47 109.54
N GLY R 1491 -96.08 68.63 109.20
CA GLY R 1491 -95.47 69.52 108.23
C GLY R 1491 -96.47 69.97 107.18
N LYS R 1492 -95.95 70.71 106.19
CA LYS R 1492 -96.79 71.25 105.14
C LYS R 1492 -97.19 70.14 104.16
N PRO R 1493 -98.39 70.23 103.58
CA PRO R 1493 -98.80 69.25 102.56
C PRO R 1493 -98.13 69.55 101.22
N GLN R 1494 -97.15 68.72 100.87
CA GLN R 1494 -96.40 68.88 99.63
C GLN R 1494 -97.00 68.00 98.53
N PHE R 1495 -98.25 68.27 98.19
CA PHE R 1495 -98.99 67.46 97.23
C PHE R 1495 -99.21 68.27 95.95
N LYS R 1496 -98.84 67.68 94.82
CA LYS R 1496 -98.96 68.34 93.52
C LYS R 1496 -100.33 68.14 92.87
N TYR R 1497 -100.92 66.96 93.03
CA TYR R 1497 -102.21 66.63 92.43
C TYR R 1497 -103.20 66.18 93.51
N VAL R 1498 -104.40 65.79 93.07
CA VAL R 1498 -105.49 65.44 93.96
C VAL R 1498 -105.55 63.92 94.03
N GLN R 1499 -105.09 63.37 95.15
CA GLN R 1499 -104.97 61.92 95.28
C GLN R 1499 -106.29 61.31 95.70
N TYR R 1500 -106.56 60.10 95.20
CA TYR R 1500 -107.76 59.36 95.52
C TYR R 1500 -107.41 57.95 95.95
N ILE R 1501 -108.13 57.45 96.96
CA ILE R 1501 -107.91 56.12 97.51
C ILE R 1501 -109.15 55.27 97.21
N HIS R 1502 -108.93 54.04 96.77
CA HIS R 1502 -110.03 53.10 96.60
C HIS R 1502 -110.62 52.71 97.94
N HIS R 1503 -111.92 52.42 97.94
CA HIS R 1503 -112.60 52.04 99.18
C HIS R 1503 -112.11 50.70 99.70
N THR R 1504 -111.68 49.80 98.80
CA THR R 1504 -111.00 48.58 99.24
C THR R 1504 -109.55 48.83 99.59
N GLY R 1505 -108.99 49.97 99.18
CA GLY R 1505 -107.62 50.31 99.49
C GLY R 1505 -106.57 49.58 98.68
N ALA R 1506 -106.98 48.80 97.67
CA ALA R 1506 -106.01 48.08 96.84
C ALA R 1506 -105.33 48.99 95.82
N TYR R 1507 -105.99 50.06 95.39
CA TYR R 1507 -105.47 50.91 94.33
C TYR R 1507 -105.54 52.38 94.74
N VAL R 1508 -104.65 53.18 94.17
CA VAL R 1508 -104.55 54.60 94.44
C VAL R 1508 -104.71 55.36 93.13
N ALA R 1509 -105.56 56.39 93.14
CA ALA R 1509 -105.76 57.26 91.99
C ALA R 1509 -105.28 58.68 92.32
N GLU R 1510 -105.08 59.47 91.28
CA GLU R 1510 -104.61 60.83 91.44
C GLU R 1510 -105.12 61.68 90.28
N LEU R 1511 -105.66 62.85 90.59
CA LEU R 1511 -106.29 63.73 89.60
C LEU R 1511 -105.44 64.98 89.43
N ARG R 1512 -105.02 65.23 88.18
CA ARG R 1512 -104.11 66.32 87.87
C ARG R 1512 -104.89 67.61 87.65
N GLU R 1513 -104.21 68.63 87.12
CA GLU R 1513 -104.85 69.89 86.76
C GLU R 1513 -105.35 69.91 85.31
N ASN R 1514 -104.86 69.01 84.47
CA ASN R 1514 -105.28 68.92 83.08
C ASN R 1514 -106.33 67.84 82.84
N GLY R 1515 -106.86 67.23 83.91
CA GLY R 1515 -107.87 66.21 83.78
C GLY R 1515 -107.35 64.81 83.55
N CYS R 1516 -106.04 64.63 83.35
CA CYS R 1516 -105.47 63.31 83.20
C CYS R 1516 -105.28 62.66 84.57
N LEU R 1517 -105.62 61.38 84.65
CA LEU R 1517 -105.57 60.66 85.91
C LEU R 1517 -104.30 59.84 86.03
N PHE R 1518 -103.86 59.64 87.27
CA PHE R 1518 -102.85 58.64 87.60
C PHE R 1518 -103.52 57.46 88.29
N LEU R 1519 -102.85 56.31 88.28
CA LEU R 1519 -103.46 55.08 88.76
C LEU R 1519 -102.36 54.09 89.09
N ALA R 1520 -102.34 53.61 90.33
CA ALA R 1520 -101.31 52.66 90.75
C ALA R 1520 -101.81 51.83 91.93
N PRO R 1521 -101.50 50.55 91.99
CA PRO R 1521 -102.00 49.70 93.08
C PRO R 1521 -101.25 49.96 94.37
N ASN R 1522 -101.82 49.46 95.47
CA ASN R 1522 -101.20 49.54 96.80
C ASN R 1522 -100.52 48.20 97.04
N ASN R 1523 -99.26 48.10 96.58
CA ASN R 1523 -98.51 46.86 96.66
C ASN R 1523 -98.11 46.48 98.08
N ILE R 1524 -98.11 47.44 99.01
CA ILE R 1524 -97.72 47.14 100.39
C ILE R 1524 -98.79 46.28 101.06
N TYR R 1525 -100.06 46.63 100.87
CA TYR R 1525 -101.15 45.79 101.39
C TYR R 1525 -101.27 44.50 100.59
N ILE R 1526 -101.22 44.59 99.27
CA ILE R 1526 -101.37 43.43 98.40
C ILE R 1526 -100.12 42.56 98.46
N LYS R 1550 -108.16 42.86 89.07
CA LYS R 1550 -109.48 42.71 88.45
C LYS R 1550 -110.21 44.05 88.38
N VAL R 1551 -110.29 44.73 89.52
CA VAL R 1551 -110.94 46.03 89.57
C VAL R 1551 -110.10 47.08 88.86
N ILE R 1552 -108.77 46.91 88.87
CA ILE R 1552 -107.88 47.88 88.21
C ILE R 1552 -108.08 47.85 86.70
N LEU R 1553 -108.24 46.66 86.11
CA LEU R 1553 -108.50 46.57 84.68
C LEU R 1553 -109.90 47.06 84.33
N ASN R 1554 -110.87 46.85 85.25
CA ASN R 1554 -112.21 47.36 85.04
C ASN R 1554 -112.24 48.87 85.01
N PHE R 1555 -111.52 49.52 85.93
CA PHE R 1555 -111.47 50.98 85.96
C PHE R 1555 -110.67 51.53 84.78
N LYS R 1556 -109.61 50.83 84.38
CA LYS R 1556 -108.84 51.27 83.21
C LYS R 1556 -109.66 51.15 81.93
N SER R 1557 -110.50 50.12 81.82
CA SER R 1557 -111.37 49.98 80.66
C SER R 1557 -112.52 50.99 80.72
N THR R 1558 -113.02 51.31 81.92
CA THR R 1558 -114.06 52.31 82.06
C THR R 1558 -113.56 53.70 81.66
N CYS R 1559 -112.33 54.04 82.06
CA CYS R 1559 -111.75 55.33 81.69
C CYS R 1559 -111.44 55.41 80.20
N LEU R 1560 -111.26 54.28 79.53
CA LEU R 1560 -110.88 54.23 78.13
C LEU R 1560 -112.00 53.72 77.23
N ASP R 1561 -113.25 53.85 77.65
CA ASP R 1561 -114.40 53.46 76.84
C ASP R 1561 -115.25 54.67 76.54
N TYR R 1562 -115.64 54.82 75.27
CA TYR R 1562 -116.53 55.92 74.89
C TYR R 1562 -117.90 55.77 75.53
N GLN R 1563 -118.44 54.55 75.54
CA GLN R 1563 -119.81 54.32 75.99
C GLN R 1563 -119.93 54.48 77.51
N LYS R 1564 -118.99 53.88 78.26
CA LYS R 1564 -119.06 53.93 79.71
C LYS R 1564 -118.82 55.34 80.24
N LEU R 1565 -117.82 56.03 79.70
CA LEU R 1565 -117.54 57.40 80.12
C LEU R 1565 -118.66 58.35 79.72
N ARG R 1566 -119.25 58.13 78.53
CA ARG R 1566 -120.38 58.94 78.11
C ARG R 1566 -121.59 58.73 79.01
N SER R 1567 -121.84 57.48 79.41
CA SER R 1567 -122.96 57.18 80.32
C SER R 1567 -122.72 57.78 81.69
N ILE R 1568 -121.49 57.71 82.19
CA ILE R 1568 -121.17 58.28 83.50
C ILE R 1568 -121.31 59.79 83.48
N PHE R 1569 -120.84 60.45 82.41
CA PHE R 1569 -120.98 61.89 82.31
C PHE R 1569 -122.43 62.31 82.10
N LEU R 1570 -123.22 61.51 81.39
CA LEU R 1570 -124.65 61.77 81.25
C LEU R 1570 -125.37 61.66 82.60
N ASP R 1571 -125.01 60.66 83.40
CA ASP R 1571 -125.56 60.54 84.75
C ASP R 1571 -125.13 61.72 85.62
N ALA R 1572 -123.89 62.20 85.44
CA ALA R 1572 -123.42 63.36 86.18
C ALA R 1572 -124.22 64.61 85.81
N LYS R 1573 -124.49 64.79 84.52
CA LYS R 1573 -125.29 65.94 84.08
C LYS R 1573 -126.73 65.82 84.56
N GLU R 1574 -127.28 64.61 84.57
CA GLU R 1574 -128.64 64.38 85.08
C GLU R 1574 -128.73 64.69 86.57
N MET R 1575 -127.70 64.32 87.33
CA MET R 1575 -127.67 64.66 88.75
C MET R 1575 -127.45 66.16 88.96
N TRP R 1576 -126.71 66.81 88.06
CA TRP R 1576 -126.49 68.25 88.18
C TRP R 1576 -127.76 69.03 87.89
N ILE R 1577 -128.53 68.61 86.88
CA ILE R 1577 -129.75 69.31 86.53
C ILE R 1577 -130.83 69.07 87.58
N THR R 1578 -131.11 67.80 87.87
CA THR R 1578 -132.16 67.45 88.83
C THR R 1578 -131.67 67.58 90.27
N GLY S 7 -80.70 11.99 57.46
CA GLY S 7 -80.20 12.59 58.68
C GLY S 7 -81.03 12.25 59.90
N PHE S 8 -82.26 12.76 59.93
CA PHE S 8 -83.17 12.53 61.04
C PHE S 8 -84.30 11.61 60.59
N VAL S 9 -84.63 10.64 61.44
CA VAL S 9 -85.67 9.67 61.10
C VAL S 9 -87.05 10.32 61.18
N PRO S 10 -87.93 10.11 60.21
CA PRO S 10 -89.31 10.59 60.35
C PRO S 10 -90.07 9.82 61.41
N ILE S 11 -91.01 10.52 62.05
CA ILE S 11 -91.87 9.87 63.04
C ILE S 11 -92.87 8.96 62.33
N HIS S 12 -93.09 7.78 62.90
CA HIS S 12 -94.03 6.83 62.30
C HIS S 12 -95.46 7.09 62.78
N THR S 13 -95.66 7.18 64.09
CA THR S 13 -96.98 7.47 64.63
C THR S 13 -96.80 8.23 65.93
N ILE S 14 -97.50 9.36 66.07
CA ILE S 14 -97.58 10.10 67.33
C ILE S 14 -98.97 9.92 67.91
N PHE S 15 -99.04 9.55 69.19
CA PHE S 15 -100.31 9.43 69.89
C PHE S 15 -100.14 9.86 71.34
N TYR S 16 -101.24 10.37 71.91
CA TYR S 16 -101.24 10.89 73.28
C TYR S 16 -102.09 9.96 74.13
N SER S 17 -101.43 9.21 75.02
CA SER S 17 -102.09 8.27 75.89
C SER S 17 -102.23 8.85 77.29
N VAL S 18 -103.40 8.65 77.88
CA VAL S 18 -103.73 9.15 79.21
C VAL S 18 -104.32 7.99 80.00
N PHE S 19 -104.18 8.05 81.32
CA PHE S 19 -104.73 7.02 82.19
C PHE S 19 -106.12 7.46 82.64
N HIS S 20 -107.15 6.84 82.07
CA HIS S 20 -108.50 7.09 82.51
C HIS S 20 -108.75 6.41 83.85
N PRO S 21 -109.45 7.06 84.79
CA PRO S 21 -109.74 6.44 86.09
C PRO S 21 -110.72 5.28 86.02
N THR S 22 -111.42 5.07 84.91
CA THR S 22 -112.41 4.00 84.80
C THR S 22 -111.91 2.83 83.97
N GLU S 23 -111.47 3.08 82.74
CA GLU S 23 -111.02 2.03 81.83
C GLU S 23 -109.50 1.94 81.74
N GLY S 24 -108.78 2.57 82.67
CA GLY S 24 -107.34 2.43 82.71
C GLY S 24 -106.65 3.23 81.61
N SER S 25 -105.47 2.75 81.21
CA SER S 25 -104.69 3.42 80.18
C SER S 25 -105.36 3.26 78.82
N LYS S 26 -105.45 4.36 78.08
CA LYS S 26 -106.09 4.35 76.77
C LYS S 26 -105.49 5.44 75.90
N ILE S 27 -105.65 5.29 74.59
CA ILE S 27 -105.20 6.28 73.62
C ILE S 27 -106.31 7.31 73.42
N LYS S 28 -105.99 8.58 73.64
CA LYS S 28 -106.97 9.64 73.48
C LYS S 28 -107.01 10.13 72.04
N TYR S 29 -105.86 10.54 71.50
CA TYR S 29 -105.73 11.01 70.13
C TYR S 29 -104.51 10.35 69.50
N GLU S 30 -104.54 10.23 68.17
CA GLU S 30 -103.50 9.47 67.46
C GLU S 30 -103.43 9.95 66.03
N PHE S 31 -102.29 10.53 65.64
CA PHE S 31 -102.05 10.87 64.25
C PHE S 31 -100.87 10.05 63.71
N PRO S 32 -101.01 9.37 62.55
CA PRO S 32 -102.19 9.25 61.66
C PRO S 32 -103.35 8.48 62.29
N PRO S 33 -104.59 8.71 61.87
CA PRO S 33 -105.72 8.02 62.48
C PRO S 33 -105.70 6.53 62.17
N ASN S 34 -105.82 5.72 63.23
CA ASN S 34 -105.78 4.26 63.17
C ASN S 34 -104.49 3.76 62.52
N ASN S 35 -103.38 4.44 62.82
CA ASN S 35 -102.08 4.03 62.28
C ASN S 35 -101.52 2.83 63.02
N LEU S 36 -101.77 2.73 64.33
CA LEU S 36 -101.22 1.62 65.11
C LEU S 36 -101.94 0.31 64.78
N LYS S 37 -103.26 0.36 64.61
CA LYS S 37 -104.01 -0.85 64.29
C LYS S 37 -103.77 -1.28 62.85
N ASN S 38 -103.48 -0.34 61.95
CA ASN S 38 -103.21 -0.71 60.56
C ASN S 38 -101.85 -1.38 60.41
N HIS S 39 -100.91 -1.07 61.32
CA HIS S 39 -99.56 -1.62 61.27
C HIS S 39 -99.38 -2.76 62.26
N GLY S 40 -100.46 -3.24 62.86
CA GLY S 40 -100.41 -4.34 63.80
C GLY S 40 -99.88 -4.02 65.17
N ILE S 41 -99.86 -2.75 65.55
CA ILE S 41 -99.37 -2.34 66.87
C ILE S 41 -100.55 -2.26 67.83
N ASN S 42 -100.53 -3.12 68.85
CA ASN S 42 -101.61 -3.20 69.83
C ASN S 42 -101.17 -2.50 71.11
N PHE S 43 -101.92 -1.45 71.50
CA PHE S 43 -101.52 -0.64 72.64
C PHE S 43 -101.68 -1.40 73.95
N ASN S 44 -102.60 -2.37 74.02
CA ASN S 44 -102.82 -3.12 75.25
C ASN S 44 -101.67 -4.06 75.57
N THR S 45 -100.81 -4.37 74.60
CA THR S 45 -99.65 -5.22 74.88
C THR S 45 -98.61 -4.49 75.73
N PHE S 46 -98.40 -3.21 75.47
CA PHE S 46 -97.38 -2.44 76.17
C PHE S 46 -97.96 -1.27 76.95
N LYS S 47 -99.23 -1.38 77.36
CA LYS S 47 -99.87 -0.32 78.12
C LYS S 47 -99.28 -0.15 79.52
N ASN S 48 -98.62 -1.19 80.04
CA ASN S 48 -98.00 -1.11 81.36
C ASN S 48 -96.61 -0.49 81.30
N TYR S 49 -96.09 -0.24 80.11
CA TYR S 49 -94.87 0.53 79.94
C TYR S 49 -95.14 2.00 79.62
N ILE S 50 -96.25 2.26 78.93
CA ILE S 50 -96.65 3.64 78.63
C ILE S 50 -97.08 4.36 79.90
N ILE S 51 -97.89 3.70 80.72
CA ILE S 51 -98.25 4.22 82.03
C ILE S 51 -97.73 3.25 83.09
N PRO S 52 -96.45 3.33 83.45
CA PRO S 52 -95.89 2.40 84.43
C PRO S 52 -96.10 2.92 85.84
N LYS S 53 -95.50 2.24 86.81
CA LYS S 53 -95.48 2.73 88.17
C LYS S 53 -94.66 4.02 88.25
N PRO S 54 -94.92 4.87 89.26
CA PRO S 54 -94.22 6.16 89.33
C PRO S 54 -92.70 6.07 89.51
N ILE S 55 -92.15 4.91 89.81
CA ILE S 55 -90.70 4.74 89.82
C ILE S 55 -90.15 4.86 88.40
N LEU S 56 -90.79 4.19 87.44
CA LEU S 56 -90.36 4.27 86.06
C LEU S 56 -90.77 5.57 85.36
N CYS S 57 -91.68 6.33 85.95
CA CYS S 57 -92.14 7.57 85.34
C CYS S 57 -91.06 8.66 85.45
N HIS S 58 -91.21 9.69 84.61
CA HIS S 58 -90.22 10.77 84.45
C HIS S 58 -88.84 10.22 84.08
N LYS S 59 -88.83 9.20 83.22
CA LYS S 59 -87.60 8.61 82.71
C LYS S 59 -87.75 8.43 81.21
N LEU S 60 -86.63 8.55 80.49
CA LEU S 60 -86.63 8.37 79.04
C LEU S 60 -86.76 6.88 78.73
N ILE S 61 -87.96 6.46 78.33
CA ILE S 61 -88.25 5.07 78.06
C ILE S 61 -88.30 4.86 76.55
N THR S 62 -87.47 3.96 76.05
CA THR S 62 -87.48 3.58 74.65
C THR S 62 -87.45 2.06 74.57
N PHE S 63 -88.40 1.48 73.83
CA PHE S 63 -88.46 0.04 73.70
C PHE S 63 -88.82 -0.36 72.28
N LYS S 64 -88.49 -1.60 71.95
CA LYS S 64 -88.69 -2.17 70.63
C LYS S 64 -89.95 -3.02 70.60
N TYR S 65 -90.82 -2.75 69.63
CA TYR S 65 -92.03 -3.54 69.40
C TYR S 65 -92.02 -3.95 67.93
N GLY S 66 -91.56 -5.16 67.65
CA GLY S 66 -91.48 -5.66 66.30
C GLY S 66 -90.47 -4.91 65.46
N THR S 67 -90.91 -4.35 64.34
CA THR S 67 -90.05 -3.56 63.48
C THR S 67 -90.06 -2.08 63.85
N TYR S 68 -90.71 -1.71 64.95
CA TYR S 68 -90.88 -0.32 65.34
C TYR S 68 -90.24 -0.10 66.71
N ARG S 69 -89.66 1.08 66.89
CA ARG S 69 -89.11 1.52 68.17
C ARG S 69 -90.01 2.58 68.77
N ILE S 70 -90.41 2.38 70.02
CA ILE S 70 -91.43 3.20 70.67
C ILE S 70 -90.76 4.01 71.77
N VAL S 71 -90.70 5.33 71.59
CA VAL S 71 -90.05 6.25 72.52
C VAL S 71 -91.14 7.02 73.28
N CYS S 72 -91.03 7.04 74.60
CA CYS S 72 -92.03 7.73 75.42
C CYS S 72 -91.37 8.32 76.65
N TYR S 73 -92.02 9.34 77.20
CA TYR S 73 -91.63 9.95 78.47
C TYR S 73 -92.85 9.97 79.39
N PRO S 74 -93.08 8.91 80.15
CA PRO S 74 -94.25 8.88 81.04
C PRO S 74 -94.13 9.89 82.18
N VAL S 75 -95.25 10.56 82.45
CA VAL S 75 -95.33 11.60 83.47
C VAL S 75 -96.48 11.27 84.41
N THR S 76 -96.21 11.28 85.71
CA THR S 76 -97.23 11.06 86.72
C THR S 76 -97.19 12.20 87.73
N ILE S 77 -98.32 12.87 87.93
CA ILE S 77 -98.45 13.97 88.86
C ILE S 77 -99.37 13.54 90.00
N ASN S 78 -98.87 13.65 91.23
CA ASN S 78 -99.63 13.27 92.42
C ASN S 78 -100.21 14.52 93.07
N SER S 79 -101.54 14.63 93.08
CA SER S 79 -102.22 15.76 93.68
C SER S 79 -103.63 15.36 94.05
N PRO S 80 -104.19 15.87 95.16
CA PRO S 80 -105.55 15.47 95.54
C PRO S 80 -106.64 16.05 94.67
N ILE S 81 -106.33 16.96 93.74
CA ILE S 81 -107.33 17.51 92.84
C ILE S 81 -107.85 16.43 91.88
N TYR S 82 -106.97 15.53 91.46
CA TYR S 82 -107.33 14.51 90.49
C TYR S 82 -108.00 13.32 91.17
N ALA S 83 -108.76 12.57 90.39
CA ALA S 83 -109.30 11.30 90.84
C ALA S 83 -108.18 10.28 91.03
N ARG S 84 -108.38 9.39 92.02
CA ARG S 84 -107.43 8.38 92.47
C ARG S 84 -106.10 8.98 92.95
N ASN S 85 -106.12 10.26 93.35
CA ASN S 85 -105.00 10.98 93.96
C ASN S 85 -103.79 11.12 93.03
N PHE S 86 -103.95 10.87 91.73
CA PHE S 86 -102.85 11.00 90.79
C PHE S 86 -103.41 11.20 89.39
N PHE S 87 -102.58 11.81 88.53
CA PHE S 87 -102.91 11.99 87.12
C PHE S 87 -101.69 11.59 86.29
N SER S 88 -101.92 10.75 85.27
CA SER S 88 -100.84 10.21 84.46
C SER S 88 -101.17 10.36 82.98
N PHE S 89 -100.18 10.78 82.20
CA PHE S 89 -100.31 10.89 80.75
C PHE S 89 -98.98 10.50 80.12
N ASN S 90 -98.97 10.44 78.80
CA ASN S 90 -97.74 10.11 78.07
C ASN S 90 -97.88 10.57 76.63
N PHE S 91 -96.98 11.44 76.19
CA PHE S 91 -96.86 11.83 74.79
C PHE S 91 -95.88 10.84 74.14
N VAL S 92 -96.41 9.88 73.39
CA VAL S 92 -95.66 8.71 72.96
C VAL S 92 -95.30 8.87 71.47
N PHE S 93 -94.04 8.60 71.15
CA PHE S 93 -93.53 8.70 69.80
C PHE S 93 -93.14 7.31 69.31
N VAL S 94 -93.52 6.98 68.07
CA VAL S 94 -93.18 5.70 67.46
C VAL S 94 -92.24 5.96 66.29
N PHE S 95 -91.12 5.26 66.25
CA PHE S 95 -90.12 5.33 65.20
C PHE S 95 -89.82 3.93 64.67
N PRO S 96 -89.28 3.83 63.46
CA PRO S 96 -88.76 2.53 63.00
C PRO S 96 -87.57 2.08 63.84
N TYR S 97 -87.31 0.77 63.82
CA TYR S 97 -86.23 0.20 64.61
C TYR S 97 -84.86 0.50 64.01
N ASP S 98 -84.73 0.39 62.69
CA ASP S 98 -83.42 0.52 62.04
C ASP S 98 -83.10 1.98 61.75
N CYS S 99 -82.89 2.73 62.82
CA CYS S 99 -82.46 4.12 62.73
C CYS S 99 -81.73 4.48 64.01
N GLU S 100 -81.51 5.78 64.20
CA GLU S 100 -80.94 6.33 65.43
C GLU S 100 -81.94 7.35 65.96
N THR S 101 -82.61 7.01 67.06
CA THR S 101 -83.56 7.90 67.70
C THR S 101 -82.90 8.84 68.70
N SER S 102 -81.56 8.80 68.78
CA SER S 102 -80.83 9.70 69.67
C SER S 102 -81.06 11.19 69.44
N PRO S 103 -81.12 11.73 68.22
CA PRO S 103 -81.44 13.18 68.10
C PRO S 103 -82.85 13.54 68.55
N TYR S 104 -83.80 12.59 68.58
CA TYR S 104 -85.17 12.90 68.94
C TYR S 104 -85.47 12.74 70.43
N GLU S 105 -84.62 12.03 71.17
CA GLU S 105 -84.90 11.76 72.58
C GLU S 105 -84.91 13.00 73.48
N PRO S 106 -83.97 13.97 73.39
CA PRO S 106 -84.13 15.19 74.19
C PRO S 106 -85.37 15.99 73.86
N ALA S 107 -85.83 15.97 72.61
CA ALA S 107 -87.05 16.69 72.23
C ALA S 107 -88.28 16.09 72.93
N ILE S 108 -88.38 14.76 72.95
CA ILE S 108 -89.51 14.11 73.59
C ILE S 108 -89.43 14.27 75.10
N THR S 109 -88.21 14.20 75.67
CA THR S 109 -88.02 14.43 77.10
C THR S 109 -88.43 15.84 77.50
N ARG S 110 -88.05 16.84 76.71
CA ARG S 110 -88.40 18.22 77.04
C ARG S 110 -89.87 18.51 76.79
N LEU S 111 -90.48 17.85 75.80
CA LEU S 111 -91.92 17.96 75.60
C LEU S 111 -92.68 17.40 76.81
N GLY S 112 -92.25 16.24 77.31
CA GLY S 112 -92.87 15.66 78.48
C GLY S 112 -92.69 16.53 79.72
N LYS S 113 -91.49 17.10 79.89
CA LYS S 113 -91.24 17.95 81.05
C LYS S 113 -92.04 19.25 80.97
N MET S 114 -92.16 19.84 79.78
CA MET S 114 -92.95 21.06 79.62
C MET S 114 -94.43 20.80 79.85
N PHE S 115 -94.94 19.64 79.39
CA PHE S 115 -96.34 19.32 79.66
C PHE S 115 -96.56 18.94 81.11
N LYS S 116 -95.54 18.40 81.77
CA LYS S 116 -95.60 18.20 83.22
C LYS S 116 -95.72 19.53 83.95
N VAL S 117 -94.93 20.51 83.52
CA VAL S 117 -94.99 21.86 84.10
C VAL S 117 -96.36 22.49 83.89
N LEU S 118 -96.90 22.36 82.68
CA LEU S 118 -98.20 22.96 82.37
C LEU S 118 -99.34 22.27 83.13
N GLU S 119 -99.29 20.94 83.25
CA GLU S 119 -100.31 20.23 84.02
C GLU S 119 -100.21 20.52 85.51
N GLU S 120 -98.99 20.69 86.02
CA GLU S 120 -98.84 21.06 87.43
C GLU S 120 -99.25 22.50 87.68
N GLN S 121 -99.14 23.37 86.67
CA GLN S 121 -99.43 24.79 86.84
C GLN S 121 -100.91 25.10 86.67
N ASN S 122 -101.47 24.84 85.49
CA ASN S 122 -102.83 25.27 85.18
C ASN S 122 -103.78 24.13 84.82
N GLN S 123 -103.34 22.88 84.98
CA GLN S 123 -104.14 21.68 84.70
C GLN S 123 -104.68 21.69 83.27
N LEU S 124 -103.74 21.71 82.32
CA LEU S 124 -104.08 21.87 80.91
C LEU S 124 -104.66 20.59 80.33
N LEU S 125 -103.90 19.49 80.39
CA LEU S 125 -104.30 18.24 79.76
C LEU S 125 -105.50 17.60 80.46
N SER S 126 -105.62 17.78 81.78
CA SER S 126 -106.76 17.19 82.48
C SER S 126 -108.05 17.92 82.14
N LYS S 127 -108.00 19.24 82.02
CA LYS S 127 -109.18 20.00 81.63
C LYS S 127 -109.47 19.91 80.14
N SER S 128 -108.47 19.54 79.33
CA SER S 128 -108.67 19.42 77.89
C SER S 128 -109.54 18.23 77.49
N GLU S 129 -109.79 17.29 78.41
CA GLU S 129 -110.62 16.13 78.10
C GLU S 129 -112.10 16.48 78.06
N ARG S 130 -112.50 17.57 78.71
CA ARG S 130 -113.90 18.04 78.80
C ARG S 130 -114.80 16.96 79.39
N ASP S 131 -114.29 16.25 80.39
CA ASP S 131 -115.05 15.23 81.11
C ASP S 131 -114.70 15.29 82.59
N PRO S 132 -115.70 15.51 83.47
CA PRO S 132 -115.44 15.66 84.91
C PRO S 132 -115.34 14.33 85.65
N VAL S 133 -114.61 13.38 85.08
CA VAL S 133 -114.32 12.11 85.75
C VAL S 133 -112.85 11.97 86.13
N PHE S 134 -111.97 12.83 85.62
CA PHE S 134 -110.58 12.87 86.02
C PHE S 134 -110.35 13.58 87.35
N PHE S 135 -111.37 14.23 87.90
CA PHE S 135 -111.23 15.05 89.10
C PHE S 135 -112.02 14.42 90.24
N ASP S 136 -111.97 15.07 91.40
CA ASP S 136 -112.66 14.58 92.59
C ASP S 136 -114.09 15.12 92.66
N PHE S 195 -107.66 25.02 72.62
CA PHE S 195 -106.53 24.14 72.34
C PHE S 195 -107.01 22.74 71.98
N SER S 196 -106.41 22.16 70.94
CA SER S 196 -106.79 20.85 70.43
C SER S 196 -105.58 19.92 70.51
N ILE S 197 -105.81 18.71 71.03
CA ILE S 197 -104.73 17.72 71.08
C ILE S 197 -104.40 17.23 69.67
N GLN S 198 -105.45 16.96 68.87
CA GLN S 198 -105.25 16.36 67.56
C GLN S 198 -104.52 17.30 66.61
N ASP S 199 -104.86 18.60 66.64
CA ASP S 199 -104.18 19.59 65.81
C ASP S 199 -102.73 19.75 66.24
N LEU S 200 -102.46 19.71 67.54
CA LEU S 200 -101.09 19.79 68.03
C LEU S 200 -100.27 18.58 67.59
N LEU S 201 -100.86 17.39 67.64
CA LEU S 201 -100.15 16.19 67.19
C LEU S 201 -99.90 16.22 65.69
N MET S 202 -100.88 16.68 64.90
CA MET S 202 -100.70 16.84 63.47
C MET S 202 -99.58 17.82 63.14
N ARG S 203 -99.56 18.97 63.84
CA ARG S 203 -98.55 19.97 63.59
C ARG S 203 -97.16 19.49 64.00
N ILE S 204 -97.05 18.82 65.14
CA ILE S 204 -95.76 18.28 65.59
C ILE S 204 -95.26 17.24 64.60
N PHE S 205 -96.15 16.33 64.18
CA PHE S 205 -95.80 15.25 63.25
C PHE S 205 -95.30 15.82 61.92
N GLN S 206 -96.07 16.70 61.31
CA GLN S 206 -95.70 17.17 59.97
C GLN S 206 -94.56 18.19 60.00
N ASP S 207 -94.44 18.97 61.07
CA ASP S 207 -93.34 19.92 61.16
C ASP S 207 -92.02 19.20 61.44
N LEU S 208 -92.04 18.14 62.25
CA LEU S 208 -90.82 17.38 62.48
C LEU S 208 -90.50 16.42 61.34
N ASN S 209 -91.49 16.05 60.52
CA ASN S 209 -91.22 15.20 59.36
C ASN S 209 -90.90 16.01 58.10
N ASN S 210 -91.16 17.31 58.09
CA ASN S 210 -90.92 18.13 56.89
C ASN S 210 -89.86 19.20 57.08
N TYR S 211 -89.62 19.67 58.30
CA TYR S 211 -88.71 20.76 58.54
C TYR S 211 -87.66 20.48 59.61
N SER S 212 -87.81 19.41 60.39
CA SER S 212 -87.01 19.12 61.59
C SER S 212 -87.06 20.27 62.60
N GLU S 213 -88.16 21.02 62.62
CA GLU S 213 -88.33 22.19 63.46
C GLU S 213 -89.83 22.43 63.60
N CYS S 214 -90.21 23.11 64.68
CA CYS S 214 -91.60 23.48 64.89
C CYS S 214 -91.71 24.67 65.82
N LEU S 215 -92.76 25.48 65.61
CA LEU S 215 -93.16 26.56 66.52
C LEU S 215 -94.69 26.56 66.51
N ILE S 216 -95.27 25.85 67.47
CA ILE S 216 -96.70 25.59 67.52
C ILE S 216 -97.27 26.19 68.79
N PRO S 217 -97.95 27.33 68.70
CA PRO S 217 -98.52 27.96 69.91
C PRO S 217 -99.71 27.17 70.44
N ILE S 218 -99.68 26.87 71.72
CA ILE S 218 -100.76 26.14 72.39
C ILE S 218 -101.55 27.01 73.36
N ASP S 219 -101.05 28.18 73.72
CA ASP S 219 -101.73 29.08 74.65
C ASP S 219 -101.38 30.52 74.28
N GLU S 220 -101.69 31.45 75.19
CA GLU S 220 -101.31 32.85 74.98
C GLU S 220 -99.89 33.13 75.41
N GLY S 221 -99.22 32.18 76.06
CA GLY S 221 -97.85 32.35 76.49
C GLY S 221 -97.00 31.11 76.30
N ASN S 222 -97.61 30.05 75.79
CA ASN S 222 -96.94 28.76 75.64
C ASN S 222 -96.92 28.34 74.18
N ALA S 223 -95.79 27.78 73.76
CA ALA S 223 -95.63 27.28 72.41
C ALA S 223 -94.66 26.11 72.44
N VAL S 224 -94.80 25.22 71.47
CA VAL S 224 -93.91 24.06 71.33
C VAL S 224 -92.80 24.45 70.36
N ASP S 225 -91.61 24.69 70.88
CA ASP S 225 -90.45 25.05 70.08
C ASP S 225 -89.44 23.90 70.17
N ILE S 226 -89.42 23.06 69.13
CA ILE S 226 -88.55 21.88 69.07
C ILE S 226 -87.67 22.00 67.83
N LYS S 227 -86.37 21.86 68.03
CA LYS S 227 -85.40 21.75 66.93
C LYS S 227 -84.54 20.51 67.15
N ILE S 228 -84.47 19.67 66.12
CA ILE S 228 -83.73 18.41 66.20
C ILE S 228 -82.28 18.67 65.78
N PHE S 229 -81.33 18.42 66.69
CA PHE S 229 -79.92 18.62 66.44
C PHE S 229 -79.20 17.28 66.23
N PRO S 230 -78.19 17.24 65.36
CA PRO S 230 -77.41 16.00 65.20
C PRO S 230 -76.49 15.77 66.39
N LEU S 231 -76.17 14.50 66.62
CA LEU S 231 -75.26 14.09 67.68
C LEU S 231 -73.85 13.93 67.14
N LEU S 232 -72.89 14.54 67.82
CA LEU S 232 -71.49 14.53 67.40
C LEU S 232 -70.64 13.71 68.35
N ARG S 233 -69.60 13.08 67.81
CA ARG S 233 -68.70 12.28 68.63
C ARG S 233 -67.87 13.19 69.54
N PRO S 234 -67.60 12.77 70.77
CA PRO S 234 -66.79 13.60 71.67
C PRO S 234 -65.34 13.62 71.22
N PRO S 235 -64.62 14.72 71.45
CA PRO S 235 -63.20 14.76 71.08
C PRO S 235 -62.35 13.86 71.97
N THR S 236 -61.24 13.40 71.39
CA THR S 236 -60.34 12.52 72.08
C THR S 236 -59.49 13.29 73.09
N THR S 237 -58.83 12.55 73.98
CA THR S 237 -57.91 13.11 74.95
C THR S 237 -56.46 12.91 74.54
N CYS S 238 -56.22 12.45 73.32
CA CYS S 238 -54.88 12.15 72.83
C CYS S 238 -54.14 13.35 72.26
N VAL S 239 -54.76 14.53 72.24
CA VAL S 239 -54.08 15.72 71.77
C VAL S 239 -53.02 16.15 72.78
N SER S 240 -51.84 16.52 72.28
CA SER S 240 -50.71 16.81 73.15
C SER S 240 -50.01 18.05 72.62
N LEU S 241 -48.85 18.37 73.22
CA LEU S 241 -48.14 19.59 72.89
C LEU S 241 -47.45 19.50 71.53
N GLU S 242 -46.96 18.31 71.17
CA GLU S 242 -46.19 18.21 69.93
C GLU S 242 -47.08 18.17 68.68
N ASP S 243 -48.39 18.03 68.83
CA ASP S 243 -49.29 17.99 67.68
C ASP S 243 -49.53 19.41 67.16
N VAL S 244 -49.45 19.56 65.84
CA VAL S 244 -49.80 20.85 65.23
C VAL S 244 -51.23 20.77 64.71
N PRO S 245 -52.02 21.83 64.86
CA PRO S 245 -53.39 21.81 64.34
C PRO S 245 -53.49 22.38 62.93
N LEU S 246 -54.35 21.76 62.14
CA LEU S 246 -54.64 22.22 60.78
C LEU S 246 -56.10 22.64 60.73
N SER S 247 -56.34 23.93 60.51
CA SER S 247 -57.69 24.44 60.39
C SER S 247 -58.19 24.12 58.98
N SER S 248 -59.29 23.36 58.90
CA SER S 248 -59.86 23.02 57.60
C SER S 248 -60.78 24.10 57.07
N VAL S 249 -61.06 25.14 57.86
CA VAL S 249 -61.96 26.21 57.46
C VAL S 249 -61.29 27.54 57.75
N ASN S 250 -61.82 28.60 57.15
CA ASN S 250 -61.36 29.96 57.40
C ASN S 250 -61.96 30.40 58.73
N LEU S 251 -61.19 30.34 59.80
CA LEU S 251 -61.69 30.60 61.14
C LEU S 251 -61.88 32.08 61.46
N LYS S 252 -61.37 33.00 60.64
CA LYS S 252 -61.54 34.41 60.94
C LYS S 252 -62.96 34.91 60.67
N LYS S 253 -63.64 34.32 59.69
CA LYS S 253 -64.98 34.75 59.33
C LYS S 253 -66.07 34.05 60.15
N ILE S 254 -65.72 32.99 60.88
CA ILE S 254 -66.67 32.33 61.77
C ILE S 254 -66.77 33.05 63.12
N ILE S 255 -65.81 33.91 63.44
CA ILE S 255 -65.75 34.55 64.75
C ILE S 255 -66.88 35.57 64.86
N ASP S 256 -67.83 35.30 65.73
CA ASP S 256 -68.84 36.24 66.20
C ASP S 256 -68.60 36.51 67.69
N VAL S 257 -69.53 37.25 68.30
CA VAL S 257 -69.30 37.73 69.67
C VAL S 257 -69.42 36.62 70.70
N ASN S 258 -69.98 35.47 70.34
CA ASN S 258 -70.22 34.38 71.28
C ASN S 258 -69.05 33.43 71.41
N TRP S 259 -67.94 33.65 70.70
CA TRP S 259 -66.81 32.74 70.80
C TRP S 259 -66.09 32.91 72.14
N ASP S 260 -65.41 31.85 72.56
CA ASP S 260 -64.58 31.94 73.75
C ASP S 260 -63.38 32.86 73.50
N PRO S 261 -62.98 33.68 74.48
CA PRO S 261 -61.79 34.53 74.30
C PRO S 261 -60.51 33.74 74.08
N THR S 262 -60.37 32.58 74.71
CA THR S 262 -59.19 31.74 74.51
C THR S 262 -59.13 31.26 73.06
N MET S 263 -60.26 30.75 72.55
CA MET S 263 -60.32 30.29 71.16
C MET S 263 -60.09 31.44 70.20
N MET S 264 -60.63 32.62 70.52
CA MET S 264 -60.38 33.81 69.71
C MET S 264 -58.90 34.18 69.69
N SER S 265 -58.19 33.92 70.80
CA SER S 265 -56.75 34.14 70.80
C SER S 265 -56.03 33.07 69.99
N ILE S 266 -56.53 31.84 70.01
CA ILE S 266 -55.88 30.75 69.29
C ILE S 266 -56.00 30.94 67.77
N VAL S 267 -57.13 31.54 67.31
CA VAL S 267 -57.42 31.59 65.87
C VAL S 267 -56.33 32.22 65.00
N PRO S 268 -55.73 33.40 65.34
CA PRO S 268 -54.70 33.94 64.43
C PRO S 268 -53.37 33.21 64.43
N TYR S 269 -53.26 32.06 65.10
CA TYR S 269 -52.01 31.31 65.14
C TYR S 269 -52.13 29.88 64.62
N ILE S 270 -53.31 29.48 64.14
CA ILE S 270 -53.46 28.14 63.53
C ILE S 270 -53.14 28.29 62.05
N ASP S 271 -51.85 28.24 61.73
CA ASP S 271 -51.39 28.40 60.36
C ASP S 271 -50.98 27.07 59.73
N GLY S 272 -51.17 25.96 60.44
CA GLY S 272 -50.81 24.65 59.95
C GLY S 272 -49.38 24.22 60.20
N LEU S 273 -48.55 25.07 60.82
CA LEU S 273 -47.17 24.69 61.09
C LEU S 273 -46.71 25.09 62.50
N ASN S 274 -47.60 25.59 63.34
CA ASN S 274 -47.26 26.01 64.70
C ASN S 274 -47.71 24.94 65.68
N SER S 275 -46.84 24.58 66.61
CA SER S 275 -47.21 23.62 67.64
C SER S 275 -48.09 24.30 68.68
N ILE S 276 -48.78 23.46 69.47
CA ILE S 276 -49.69 23.95 70.50
C ILE S 276 -48.92 24.68 71.61
N ALA S 277 -47.71 24.21 71.92
CA ALA S 277 -46.85 24.95 72.84
C ALA S 277 -46.41 26.29 72.23
N LYS S 278 -46.09 26.30 70.93
CA LYS S 278 -45.71 27.54 70.27
C LYS S 278 -46.88 28.51 70.18
N ILE S 279 -48.08 27.99 69.95
CA ILE S 279 -49.27 28.84 69.91
C ILE S 279 -49.59 29.38 71.31
N SER S 280 -49.39 28.54 72.33
CA SER S 280 -49.60 28.97 73.72
C SER S 280 -48.61 30.06 74.12
N LYS S 281 -47.34 29.91 73.70
CA LYS S 281 -46.35 30.95 74.01
C LYS S 281 -46.60 32.22 73.20
N LEU S 282 -47.10 32.08 71.97
CA LEU S 282 -47.34 33.26 71.14
C LEU S 282 -48.56 34.03 71.62
N SER S 283 -49.58 33.32 72.10
CA SER S 283 -50.82 33.95 72.55
C SER S 283 -50.85 34.20 74.05
N ASN S 284 -49.75 33.92 74.76
CA ASN S 284 -49.64 34.05 76.22
C ASN S 284 -50.73 33.25 76.94
N SER S 285 -50.92 32.00 76.48
CA SER S 285 -52.01 31.16 76.97
C SER S 285 -51.45 29.92 77.66
N ASP S 286 -52.20 29.44 78.65
CA ASP S 286 -51.86 28.17 79.29
C ASP S 286 -52.15 27.02 78.33
N PRO S 287 -51.25 26.04 78.25
CA PRO S 287 -51.43 24.94 77.27
C PRO S 287 -52.67 24.08 77.50
N GLY S 288 -53.18 24.00 78.73
CA GLY S 288 -54.38 23.21 78.98
C GLY S 288 -55.63 23.78 78.34
N LEU S 289 -55.80 25.11 78.41
CA LEU S 289 -56.94 25.74 77.76
C LEU S 289 -56.82 25.68 76.24
N VAL S 290 -55.59 25.73 75.71
CA VAL S 290 -55.39 25.57 74.28
C VAL S 290 -55.75 24.14 73.86
N ILE S 291 -55.41 23.16 74.69
CA ILE S 291 -55.77 21.76 74.44
C ILE S 291 -57.28 21.60 74.42
N GLU S 292 -57.97 22.23 75.38
CA GLU S 292 -59.42 22.13 75.44
C GLU S 292 -60.09 22.86 74.27
N CYS S 293 -59.51 23.99 73.82
CA CYS S 293 -60.07 24.69 72.68
C CYS S 293 -59.86 23.92 71.38
N ILE S 294 -58.71 23.28 71.23
CA ILE S 294 -58.48 22.41 70.07
C ILE S 294 -59.42 21.21 70.11
N ARG S 295 -59.70 20.69 71.30
CA ARG S 295 -60.67 19.59 71.43
C ARG S 295 -62.08 20.06 71.06
N HIS S 296 -62.46 21.27 71.47
CA HIS S 296 -63.78 21.80 71.11
C HIS S 296 -63.89 22.02 69.61
N LEU S 297 -62.80 22.48 68.97
CA LEU S 297 -62.83 22.66 67.52
C LEU S 297 -62.82 21.32 66.80
N ILE S 298 -62.23 20.29 67.40
CA ILE S 298 -62.32 18.93 66.88
C ILE S 298 -63.76 18.42 66.97
N TYR S 299 -64.44 18.77 68.07
CA TYR S 299 -65.82 18.34 68.29
C TYR S 299 -66.77 18.87 67.21
N TYR S 300 -66.44 20.01 66.62
CA TYR S 300 -67.24 20.58 65.54
C TYR S 300 -66.71 20.18 64.16
N LYS S 301 -65.75 19.25 64.11
CA LYS S 301 -65.22 18.64 62.87
C LYS S 301 -64.61 19.68 61.93
N CYS S 302 -63.66 20.46 62.45
CA CYS S 302 -63.04 21.51 61.64
C CYS S 302 -61.52 21.60 61.78
N VAL S 303 -60.91 20.94 62.75
CA VAL S 303 -59.46 20.96 62.94
C VAL S 303 -58.95 19.53 63.04
N THR S 304 -57.95 19.20 62.24
CA THR S 304 -57.29 17.90 62.26
C THR S 304 -55.82 18.08 62.66
N LEU S 305 -55.36 17.25 63.59
CA LEU S 305 -54.02 17.36 64.13
C LEU S 305 -52.98 16.79 63.16
N SER S 306 -51.75 17.26 63.30
CA SER S 306 -50.64 16.79 62.47
C SER S 306 -49.35 16.91 63.28
N ASP S 307 -48.21 16.87 62.60
CA ASP S 307 -46.89 16.78 63.20
C ASP S 307 -46.06 18.01 62.87
N ILE S 308 -45.06 18.27 63.72
CA ILE S 308 -44.11 19.36 63.47
C ILE S 308 -43.21 18.99 62.29
N PHE S 309 -43.07 19.91 61.34
CA PHE S 309 -42.23 19.68 60.17
C PHE S 309 -40.77 19.95 60.52
N GLN S 310 -39.94 18.91 60.39
CA GLN S 310 -38.49 19.05 60.49
C GLN S 310 -37.84 18.27 59.36
N PHE S 311 -36.62 18.67 59.02
CA PHE S 311 -35.85 17.92 58.03
C PHE S 311 -35.17 16.70 58.64
N SER S 312 -35.21 16.55 59.97
CA SER S 312 -34.77 15.33 60.64
C SER S 312 -35.87 14.29 60.72
N ASN S 313 -37.06 14.58 60.22
CA ASN S 313 -38.19 13.66 60.25
C ASN S 313 -38.02 12.57 59.19
N ILE S 314 -38.73 11.46 59.40
CA ILE S 314 -38.72 10.33 58.49
C ILE S 314 -40.15 10.11 58.02
N TYR S 315 -40.37 10.29 56.72
CA TYR S 315 -41.68 10.11 56.11
C TYR S 315 -41.67 8.91 55.18
N ALA S 316 -42.77 8.16 55.18
CA ALA S 316 -42.91 6.99 54.33
C ALA S 316 -44.28 7.02 53.67
N PRO S 317 -44.40 6.48 52.45
CA PRO S 317 -45.71 6.40 51.79
C PRO S 317 -46.69 5.49 52.51
N SER S 318 -47.96 5.86 52.44
CA SER S 318 -49.03 5.09 53.07
C SER S 318 -49.65 4.14 52.04
N SER S 319 -50.72 3.46 52.46
CA SER S 319 -51.49 2.60 51.56
C SER S 319 -52.41 3.36 50.62
N LEU S 320 -52.62 4.65 50.84
CA LEU S 320 -53.47 5.47 49.99
C LEU S 320 -52.70 6.27 48.97
N ILE S 321 -51.49 5.84 48.62
CA ILE S 321 -50.68 6.54 47.63
C ILE S 321 -51.29 6.40 46.23
N ARG S 322 -52.06 5.33 45.99
CA ARG S 322 -52.75 5.18 44.71
C ARG S 322 -53.91 6.16 44.57
N ASN S 323 -54.36 6.80 45.65
CA ASN S 323 -55.37 7.83 45.51
C ASN S 323 -54.83 9.10 44.87
N PHE S 324 -53.50 9.24 44.79
CA PHE S 324 -52.90 10.28 43.95
C PHE S 324 -53.14 9.97 42.48
N LEU S 325 -53.33 8.69 42.15
CA LEU S 325 -53.61 8.22 40.81
C LEU S 325 -55.10 8.11 40.56
N THR S 326 -55.84 7.54 41.50
CA THR S 326 -57.26 7.29 41.31
C THR S 326 -58.08 8.44 41.94
N ASP S 327 -57.88 9.61 41.37
CA ASP S 327 -58.62 10.83 41.71
C ASP S 327 -58.44 11.83 40.57
N PRO S 328 -59.51 12.39 40.02
CA PRO S 328 -59.37 13.29 38.88
C PRO S 328 -58.88 14.68 39.23
N LEU S 329 -58.89 15.08 40.50
CA LEU S 329 -58.55 16.45 40.87
C LEU S 329 -57.54 16.55 42.02
N MET S 330 -56.91 15.45 42.40
CA MET S 330 -55.91 15.50 43.48
C MET S 330 -54.56 15.99 42.96
N ALA S 331 -54.14 15.48 41.80
CA ALA S 331 -52.82 15.80 41.27
C ALA S 331 -52.76 17.25 40.79
N SER S 332 -53.86 17.75 40.22
CA SER S 332 -53.91 19.15 39.80
C SER S 332 -53.83 20.08 41.00
N ASP S 333 -54.49 19.73 42.10
CA ASP S 333 -54.36 20.49 43.33
C ASP S 333 -52.94 20.41 43.88
N CYS S 334 -52.28 19.26 43.72
CA CYS S 334 -50.87 19.15 44.11
C CYS S 334 -49.99 20.09 43.29
N GLN S 335 -50.25 20.16 41.98
CA GLN S 335 -49.52 21.06 41.09
C GLN S 335 -49.72 22.51 41.50
N SER S 336 -50.96 22.89 41.79
CA SER S 336 -51.26 24.26 42.20
C SER S 336 -50.82 24.56 43.62
N TYR S 337 -50.51 23.54 44.41
CA TYR S 337 -50.17 23.70 45.83
C TYR S 337 -48.67 23.75 46.08
N VAL S 338 -47.92 22.75 45.62
CA VAL S 338 -46.52 22.59 46.03
C VAL S 338 -45.55 23.57 45.38
N THR S 339 -46.01 24.36 44.41
CA THR S 339 -45.10 25.21 43.63
C THR S 339 -45.02 26.61 44.23
N PHE S 340 -43.81 27.17 44.24
CA PHE S 340 -43.62 28.57 44.62
C PHE S 340 -44.33 29.48 43.62
N PRO S 341 -44.85 30.63 44.08
CA PRO S 341 -45.50 31.56 43.15
C PRO S 341 -44.55 32.17 42.13
N GLU S 342 -43.29 32.40 42.51
CA GLU S 342 -42.27 32.90 41.60
C GLU S 342 -41.08 31.95 41.60
N VAL S 343 -40.01 32.35 40.92
CA VAL S 343 -38.75 31.61 40.96
C VAL S 343 -38.08 31.97 42.28
N SER S 344 -38.26 31.11 43.28
CA SER S 344 -37.81 31.41 44.63
C SER S 344 -36.29 31.29 44.73
N LYS S 345 -35.74 31.88 45.80
CA LYS S 345 -34.31 31.84 46.02
C LYS S 345 -33.82 30.47 46.45
N ILE S 346 -34.71 29.66 47.05
CA ILE S 346 -34.36 28.28 47.40
C ILE S 346 -34.05 27.48 46.15
N SER S 347 -34.73 27.78 45.04
CA SER S 347 -34.43 27.19 43.74
C SER S 347 -33.18 27.79 43.08
N ASN S 348 -32.36 28.53 43.82
CA ASN S 348 -31.05 28.94 43.35
C ASN S 348 -29.91 28.52 44.27
N LEU S 349 -30.21 28.12 45.51
CA LEU S 349 -29.17 27.69 46.44
C LEU S 349 -28.61 26.33 46.03
N PRO S 350 -27.30 26.16 46.07
CA PRO S 350 -26.72 24.83 45.90
C PRO S 350 -26.86 24.02 47.19
N LEU S 351 -26.60 22.71 47.06
CA LEU S 351 -26.70 21.82 48.22
C LEU S 351 -25.62 22.12 49.24
N ASN S 352 -24.38 22.34 48.77
CA ASN S 352 -23.26 22.65 49.65
C ASN S 352 -22.44 23.78 49.05
N LYS S 353 -21.96 24.67 49.90
CA LYS S 353 -21.15 25.80 49.46
C LYS S 353 -20.24 26.27 50.59
N PHE S 431 -43.27 26.43 33.61
CA PHE S 431 -44.47 25.61 33.69
C PHE S 431 -44.54 24.92 35.06
N LEU S 432 -45.73 24.46 35.42
CA LEU S 432 -45.88 23.71 36.66
C LEU S 432 -45.23 22.33 36.52
N PRO S 433 -44.77 21.75 37.63
CA PRO S 433 -44.27 20.36 37.60
C PRO S 433 -45.37 19.39 37.23
N THR S 434 -45.01 18.40 36.41
CA THR S 434 -45.98 17.40 35.98
C THR S 434 -46.35 16.47 37.14
N ARG S 435 -47.54 15.86 37.01
CA ARG S 435 -48.06 15.00 38.07
C ARG S 435 -47.25 13.72 38.22
N SER S 436 -46.63 13.26 37.13
CA SER S 436 -45.76 12.08 37.22
C SER S 436 -44.53 12.37 38.08
N CYS S 437 -43.98 13.58 37.96
CA CYS S 437 -42.86 14.00 38.80
C CYS S 437 -43.26 14.03 40.27
N LEU S 438 -44.45 14.54 40.57
CA LEU S 438 -44.92 14.60 41.95
C LEU S 438 -45.15 13.20 42.51
N PHE S 439 -45.69 12.29 41.70
CA PHE S 439 -45.89 10.92 42.14
C PHE S 439 -44.54 10.23 42.38
N ASP S 440 -43.57 10.46 41.51
CA ASP S 440 -42.24 9.87 41.68
C ASP S 440 -41.54 10.42 42.91
N LEU S 441 -41.81 11.69 43.25
CA LEU S 441 -41.26 12.23 44.49
C LEU S 441 -41.97 11.67 45.71
N TYR S 442 -43.27 11.36 45.58
CA TYR S 442 -44.00 10.78 46.70
C TYR S 442 -43.59 9.34 46.95
N ARG S 443 -43.24 8.60 45.90
CA ARG S 443 -42.79 7.21 46.09
C ARG S 443 -41.42 7.14 46.76
N SER S 444 -40.53 8.08 46.44
CA SER S 444 -39.12 7.99 46.84
C SER S 444 -38.89 8.12 48.35
N LEU S 445 -39.88 8.55 49.12
CA LEU S 445 -39.79 8.49 50.57
C LEU S 445 -39.74 7.05 51.05
N SER S 446 -39.06 6.82 52.17
CA SER S 446 -38.87 5.47 52.68
C SER S 446 -38.66 5.48 54.18
N GLN S 447 -38.87 4.32 54.80
CA GLN S 447 -38.67 4.17 56.23
C GLN S 447 -37.19 4.15 56.57
N GLY S 448 -36.83 4.78 57.69
CA GLY S 448 -35.45 4.86 58.13
C GLY S 448 -34.60 5.87 57.40
N GLN S 449 -35.12 6.52 56.37
CA GLN S 449 -34.42 7.53 55.61
C GLN S 449 -35.01 8.88 55.96
N THR S 450 -34.19 9.75 56.56
CA THR S 450 -34.67 11.04 57.02
C THR S 450 -34.92 11.97 55.83
N LEU S 451 -35.63 13.07 56.12
CA LEU S 451 -35.97 14.03 55.07
C LEU S 451 -34.76 14.81 54.60
N LYS S 452 -33.72 14.94 55.43
CA LYS S 452 -32.48 15.55 54.98
C LYS S 452 -31.81 14.71 53.90
N THR S 453 -31.72 13.40 54.12
CA THR S 453 -31.11 12.51 53.14
C THR S 453 -31.96 12.43 51.86
N TRP S 454 -33.29 12.36 52.03
CA TRP S 454 -34.19 12.32 50.87
C TRP S 454 -34.11 13.61 50.07
N TYR S 455 -33.99 14.75 50.74
CA TYR S 455 -33.94 16.02 50.05
C TYR S 455 -32.58 16.27 49.40
N GLU S 456 -31.50 15.79 50.01
CA GLU S 456 -30.18 15.91 49.42
C GLU S 456 -29.91 14.86 48.35
N SER S 457 -30.72 13.80 48.29
CA SER S 457 -30.63 12.88 47.16
C SER S 457 -31.45 13.36 45.98
N LYS S 458 -32.53 14.09 46.21
CA LYS S 458 -33.38 14.66 45.17
C LYS S 458 -33.55 16.14 45.47
N TYR S 459 -32.58 16.95 45.01
CA TYR S 459 -32.65 18.39 45.14
C TYR S 459 -32.61 19.13 43.81
N MET S 460 -32.03 18.53 42.76
CA MET S 460 -32.13 19.12 41.44
C MET S 460 -33.55 19.07 40.89
N ILE S 461 -34.31 18.03 41.24
CA ILE S 461 -35.70 17.90 40.78
C ILE S 461 -36.57 18.99 41.38
N LEU S 462 -36.42 19.24 42.69
CA LEU S 462 -37.22 20.26 43.34
C LEU S 462 -36.74 21.66 42.99
N LYS S 463 -35.45 21.82 42.68
CA LYS S 463 -34.94 23.12 42.28
C LYS S 463 -35.42 23.47 40.88
N GLU S 464 -35.37 22.51 39.96
CA GLU S 464 -35.81 22.76 38.59
C GLU S 464 -37.32 22.91 38.50
N ASN S 465 -38.08 22.17 39.32
CA ASN S 465 -39.52 22.24 39.27
C ASN S 465 -40.12 23.26 40.25
N ASN S 466 -39.27 23.95 41.02
CA ASN S 466 -39.68 25.03 41.94
C ASN S 466 -40.69 24.52 42.97
N ILE S 467 -40.34 23.43 43.64
CA ILE S 467 -41.24 22.71 44.54
C ILE S 467 -40.87 23.03 45.99
N ASP S 468 -41.84 23.48 46.77
CA ASP S 468 -41.65 23.65 48.21
C ASP S 468 -41.79 22.31 48.90
N ILE S 469 -40.74 21.89 49.60
CA ILE S 469 -40.72 20.57 50.22
C ILE S 469 -41.66 20.51 51.42
N ARG S 470 -41.78 21.62 52.17
CA ARG S 470 -42.71 21.68 53.28
C ARG S 470 -44.15 21.58 52.80
N ARG S 471 -44.47 22.27 51.70
CA ARG S 471 -45.81 22.22 51.15
C ARG S 471 -46.11 20.85 50.56
N PHE S 472 -45.08 20.23 49.97
CA PHE S 472 -45.18 18.87 49.44
C PHE S 472 -45.50 17.87 50.55
N ILE S 473 -44.78 17.95 51.67
CA ILE S 473 -45.02 17.04 52.80
C ILE S 473 -46.38 17.30 53.42
N THR S 474 -46.78 18.58 53.52
CA THR S 474 -48.08 18.91 54.09
C THR S 474 -49.23 18.40 53.21
N PHE S 475 -49.09 18.50 51.89
CA PHE S 475 -50.11 17.97 51.00
C PHE S 475 -50.15 16.44 51.08
N GLY S 476 -48.98 15.81 51.22
CA GLY S 476 -48.95 14.35 51.36
C GLY S 476 -49.62 13.89 52.64
N LEU S 477 -49.44 14.63 53.72
CA LEU S 477 -50.07 14.26 54.99
C LEU S 477 -51.55 14.58 54.96
N GLU S 478 -51.94 15.65 54.25
CA GLU S 478 -53.35 16.04 54.19
C GLU S 478 -54.18 15.07 53.35
N LYS S 479 -53.60 14.50 52.30
CA LYS S 479 -54.29 13.50 51.49
C LYS S 479 -54.07 12.09 52.01
N ARG S 480 -53.36 11.92 53.12
CA ARG S 480 -53.11 10.63 53.78
C ARG S 480 -52.43 9.64 52.85
N ILE S 481 -51.55 10.16 51.99
CA ILE S 481 -50.75 9.30 51.12
C ILE S 481 -49.37 9.01 51.69
N ILE S 482 -48.91 9.80 52.67
CA ILE S 482 -47.69 9.49 53.40
C ILE S 482 -47.94 9.65 54.89
N TYR S 483 -47.07 9.02 55.68
CA TYR S 483 -47.15 9.09 57.14
C TYR S 483 -45.74 9.32 57.69
N ARG S 484 -45.68 9.82 58.92
CA ARG S 484 -44.43 10.07 59.61
C ARG S 484 -44.10 8.91 60.53
N CYS S 485 -42.87 8.42 60.47
CA CYS S 485 -42.40 7.40 61.40
C CYS S 485 -41.80 8.12 62.60
N TYR S 486 -42.50 8.03 63.74
CA TYR S 486 -42.08 8.74 64.93
C TYR S 486 -40.85 8.09 65.56
N SER S 487 -39.99 8.91 66.14
CA SER S 487 -38.73 8.47 66.74
C SER S 487 -38.87 8.34 68.25
N PHE S 488 -38.52 7.16 68.76
CA PHE S 488 -38.70 6.85 70.18
C PHE S 488 -37.36 6.58 70.85
N PRO S 489 -36.83 7.49 71.68
CA PRO S 489 -35.55 7.24 72.39
C PRO S 489 -35.68 6.40 73.66
N VAL S 490 -35.70 5.08 73.50
CA VAL S 490 -35.81 4.18 74.65
C VAL S 490 -34.40 3.87 75.15
N MET S 491 -34.28 3.55 76.44
CA MET S 491 -33.04 3.08 77.01
C MET S 491 -33.01 1.56 77.05
N ILE S 492 -32.04 1.00 77.76
CA ILE S 492 -31.90 -0.44 77.89
C ILE S 492 -33.02 -1.02 78.76
N MET S 565 -21.55 21.21 76.20
CA MET S 565 -22.94 21.27 76.61
C MET S 565 -23.07 21.94 77.97
N PRO S 566 -24.03 22.87 78.09
CA PRO S 566 -24.22 23.58 79.37
C PRO S 566 -24.82 22.66 80.43
N LYS S 567 -24.76 23.15 81.66
CA LYS S 567 -25.28 22.39 82.80
C LYS S 567 -26.80 22.40 82.78
N LEU S 568 -27.40 21.21 82.68
CA LEU S 568 -28.84 21.09 82.61
C LEU S 568 -29.48 21.30 83.98
N SER S 569 -30.64 21.94 83.99
CA SER S 569 -31.27 22.37 85.24
C SER S 569 -31.95 21.20 85.94
N ASP S 570 -32.38 21.45 87.18
CA ASP S 570 -33.01 20.40 87.99
C ASP S 570 -34.40 20.06 87.47
N GLU S 571 -35.22 21.08 87.19
CA GLU S 571 -36.53 20.83 86.62
C GLU S 571 -36.42 20.31 85.20
N GLU S 572 -35.42 20.78 84.46
CA GLU S 572 -35.18 20.32 83.09
C GLU S 572 -34.79 18.85 83.09
N GLU S 573 -33.89 18.44 83.99
CA GLU S 573 -33.52 17.03 84.06
C GLU S 573 -34.66 16.18 84.62
N GLY S 574 -35.50 16.75 85.48
CA GLY S 574 -36.64 16.01 85.98
C GLY S 574 -37.67 15.71 84.90
N ILE S 575 -38.00 16.71 84.07
CA ILE S 575 -38.96 16.48 83.01
C ILE S 575 -38.33 15.65 81.90
N LEU S 576 -37.01 15.75 81.70
CA LEU S 576 -36.33 14.87 80.76
C LEU S 576 -36.38 13.41 81.22
N GLU S 577 -36.17 13.17 82.51
CA GLU S 577 -36.25 11.82 83.06
C GLU S 577 -37.68 11.29 82.99
N GLU S 578 -38.67 12.15 83.25
CA GLU S 578 -40.06 11.72 83.15
C GLU S 578 -40.45 11.41 81.71
N SER S 579 -39.92 12.16 80.75
CA SER S 579 -40.19 11.87 79.35
C SER S 579 -39.48 10.59 78.90
N ILE S 580 -38.28 10.33 79.43
CA ILE S 580 -37.57 9.10 79.07
C ILE S 580 -38.25 7.88 79.67
N ARG S 581 -38.68 7.98 80.93
CA ARG S 581 -39.33 6.88 81.62
C ARG S 581 -40.74 6.61 81.10
N ASN S 582 -41.31 7.53 80.33
CA ASN S 582 -42.62 7.34 79.70
C ASN S 582 -42.52 6.97 78.23
N ALA S 583 -41.29 6.77 77.72
CA ALA S 583 -41.01 6.38 76.33
C ALA S 583 -41.60 7.38 75.33
N GLU S 584 -41.51 8.66 75.64
CA GLU S 584 -42.08 9.69 74.79
C GLU S 584 -41.20 9.90 73.55
N THR S 585 -41.80 10.51 72.53
CA THR S 585 -41.10 10.75 71.27
C THR S 585 -40.06 11.87 71.44
N PHE S 586 -39.21 12.01 70.42
CA PHE S 586 -38.28 13.14 70.37
C PHE S 586 -39.00 14.47 70.23
N ASP S 587 -40.15 14.49 69.54
CA ASP S 587 -40.89 15.73 69.37
C ASP S 587 -41.41 16.28 70.69
N LYS S 588 -41.93 15.41 71.56
CA LYS S 588 -42.46 15.85 72.84
C LYS S 588 -41.37 16.35 73.76
N ILE S 589 -40.21 15.67 73.77
CA ILE S 589 -39.09 16.12 74.59
C ILE S 589 -38.54 17.45 74.07
N CYS S 590 -38.44 17.59 72.74
CA CYS S 590 -37.96 18.84 72.16
C CYS S 590 -38.91 19.99 72.42
N VAL S 591 -40.22 19.73 72.40
CA VAL S 591 -41.20 20.75 72.74
C VAL S 591 -41.10 21.12 74.21
N LEU S 592 -40.96 20.13 75.10
CA LEU S 592 -40.97 20.39 76.54
C LEU S 592 -39.71 21.12 76.98
N LEU S 593 -38.56 20.80 76.40
CA LEU S 593 -37.32 21.48 76.76
C LEU S 593 -37.05 22.74 75.93
N SER S 594 -37.86 22.99 74.90
CA SER S 594 -37.67 24.10 73.95
C SER S 594 -36.27 24.05 73.32
N LYS S 595 -35.85 22.85 72.93
CA LYS S 595 -34.51 22.62 72.43
C LYS S 595 -34.60 21.84 71.12
N PRO S 596 -33.59 21.99 70.25
CA PRO S 596 -33.54 21.13 69.04
C PRO S 596 -33.21 19.68 69.37
N LYS S 597 -33.17 18.85 68.33
CA LYS S 597 -32.98 17.42 68.53
C LYS S 597 -31.56 17.09 68.97
N LEU S 598 -30.58 17.87 68.52
CA LEU S 598 -29.17 17.55 68.79
C LEU S 598 -28.81 17.79 70.25
N GLU S 599 -29.35 18.85 70.85
CA GLU S 599 -29.08 19.11 72.27
C GLU S 599 -29.71 18.03 73.16
N VAL S 600 -30.92 17.60 72.81
CA VAL S 600 -31.59 16.53 73.54
C VAL S 600 -30.81 15.22 73.39
N GLU S 601 -30.33 14.94 72.17
CA GLU S 601 -29.53 13.74 71.93
C GLU S 601 -28.21 13.78 72.71
N SER S 602 -27.57 14.95 72.76
CA SER S 602 -26.32 15.09 73.53
C SER S 602 -26.56 14.90 75.02
N TYR S 603 -27.65 15.46 75.54
CA TYR S 603 -27.96 15.30 76.96
C TYR S 603 -28.31 13.85 77.28
N LEU S 604 -28.99 13.16 76.36
CA LEU S 604 -29.33 11.76 76.56
C LEU S 604 -28.09 10.87 76.49
N ASN S 605 -27.17 11.17 75.56
CA ASN S 605 -25.91 10.43 75.49
C ASN S 605 -25.05 10.67 76.73
N GLU S 606 -25.12 11.87 77.30
CA GLU S 606 -24.47 12.10 78.58
C GLU S 606 -25.12 11.29 79.69
N LEU S 607 -26.45 11.19 79.67
CA LEU S 607 -27.16 10.47 80.73
C LEU S 607 -27.03 8.96 80.59
N GLY S 608 -27.01 8.43 79.37
CA GLY S 608 -26.91 7.00 79.20
C GLY S 608 -26.80 6.63 77.73
N GLU S 609 -27.02 5.35 77.46
CA GLU S 609 -27.06 4.82 76.10
C GLU S 609 -28.51 4.56 75.69
N PHE S 610 -28.86 4.96 74.48
CA PHE S 610 -30.24 4.92 74.03
C PHE S 610 -30.30 4.47 72.58
N LYS S 611 -31.45 3.92 72.21
CA LYS S 611 -31.74 3.50 70.84
C LYS S 611 -33.01 4.16 70.35
N VAL S 612 -33.06 4.43 69.06
CA VAL S 612 -34.16 5.15 68.43
C VAL S 612 -34.94 4.18 67.53
N ILE S 613 -36.26 4.12 67.74
CA ILE S 613 -37.16 3.35 66.89
C ILE S 613 -37.92 4.33 66.02
N ASN S 614 -37.81 4.18 64.70
CA ASN S 614 -38.59 4.97 63.76
C ASN S 614 -39.77 4.13 63.29
N SER S 615 -40.81 4.08 64.13
CA SER S 615 -41.99 3.27 63.87
C SER S 615 -42.89 3.89 62.80
N GLU T 3 71.91 61.30 -2.34
CA GLU T 3 70.65 62.03 -2.42
C GLU T 3 70.03 61.89 -3.81
N CYS T 4 68.73 61.62 -3.83
CA CYS T 4 67.97 61.46 -5.06
C CYS T 4 67.42 62.77 -5.60
N LEU T 5 67.46 63.85 -4.80
CA LEU T 5 67.01 65.14 -5.30
C LEU T 5 68.04 65.70 -6.27
N PRO T 6 67.61 66.25 -7.41
CA PRO T 6 68.56 66.75 -8.41
C PRO T 6 69.18 68.07 -7.99
N ASN T 7 70.51 68.14 -8.06
CA ASN T 7 71.24 69.36 -7.74
C ASN T 7 72.50 69.38 -8.60
N SER T 8 72.43 70.06 -9.75
CA SER T 8 73.62 70.31 -10.54
C SER T 8 74.41 71.45 -9.90
N CYS T 9 75.63 71.14 -9.45
CA CYS T 9 76.39 72.01 -8.57
C CYS T 9 77.33 72.96 -9.32
N LEU T 10 76.97 73.35 -10.54
CA LEU T 10 77.83 74.24 -11.32
C LEU T 10 77.93 75.63 -10.71
N LEU T 11 79.11 76.23 -10.85
CA LEU T 11 79.30 77.65 -10.56
C LEU T 11 79.66 78.48 -11.78
N GLY T 12 80.14 77.86 -12.85
CA GLY T 12 80.51 78.59 -14.05
C GLY T 12 81.26 77.69 -15.01
N VAL T 13 81.69 78.30 -16.11
CA VAL T 13 82.39 77.58 -17.17
C VAL T 13 83.59 78.42 -17.60
N HIS T 14 84.58 77.74 -18.17
CA HIS T 14 85.75 78.37 -18.73
C HIS T 14 85.86 78.03 -20.21
N LEU T 15 86.79 78.71 -20.88
CA LEU T 15 87.29 78.29 -22.19
C LEU T 15 88.79 78.62 -22.15
N VAL T 16 89.59 77.65 -21.72
CA VAL T 16 91.01 77.84 -21.55
C VAL T 16 91.73 77.19 -22.71
N ILE T 17 92.39 78.01 -23.52
CA ILE T 17 93.16 77.54 -24.66
C ILE T 17 94.64 77.82 -24.39
N SER T 18 95.49 77.10 -25.13
CA SER T 18 96.93 77.25 -24.99
C SER T 18 97.55 77.38 -26.37
N THR T 19 98.63 78.16 -26.46
CA THR T 19 99.39 78.28 -27.69
C THR T 19 100.87 78.10 -27.43
N HIS T 20 101.71 78.36 -28.44
CA HIS T 20 103.15 78.35 -28.22
C HIS T 20 103.60 79.49 -27.33
N SER T 21 102.90 80.63 -27.37
CA SER T 21 103.23 81.76 -26.52
C SER T 21 102.83 81.56 -25.07
N GLY T 22 101.91 80.63 -24.81
CA GLY T 22 101.48 80.35 -23.45
C GLY T 22 99.98 80.27 -23.35
N PRO T 23 99.47 79.71 -22.24
CA PRO T 23 98.02 79.57 -22.08
C PRO T 23 97.37 80.90 -21.75
N GLN T 24 96.10 81.01 -22.13
CA GLN T 24 95.31 82.19 -21.86
C GLN T 24 93.86 81.76 -21.65
N ILE T 25 92.98 82.74 -21.47
CA ILE T 25 91.55 82.49 -21.33
C ILE T 25 90.83 83.28 -22.41
N VAL T 26 89.65 82.77 -22.81
CA VAL T 26 88.95 83.32 -23.97
C VAL T 26 87.58 83.84 -23.54
N TYR T 27 86.76 82.96 -22.96
CA TYR T 27 85.41 83.34 -22.55
C TYR T 27 85.00 82.51 -21.35
N HIS T 28 84.68 83.18 -20.24
CA HIS T 28 84.18 82.53 -19.05
C HIS T 28 82.87 83.18 -18.63
N TYR T 29 81.98 82.38 -18.06
CA TYR T 29 80.64 82.84 -17.72
C TYR T 29 80.07 81.98 -16.62
N PRO T 30 79.47 82.57 -15.56
CA PRO T 30 79.30 84.01 -15.31
C PRO T 30 80.53 84.67 -14.68
N PRO T 31 80.68 85.99 -14.87
CA PRO T 31 81.70 86.76 -14.15
C PRO T 31 81.18 87.31 -12.81
N SER T 32 80.69 86.41 -11.97
CA SER T 32 80.18 86.76 -10.64
C SER T 32 81.17 86.34 -9.57
N ASN T 33 80.94 86.85 -8.37
CA ASN T 33 81.84 86.61 -7.24
C ASN T 33 81.49 85.29 -6.55
N THR T 34 82.37 84.89 -5.63
CA THR T 34 82.20 83.63 -4.91
C THR T 34 81.04 83.68 -3.93
N ALA T 35 80.79 84.85 -3.32
CA ALA T 35 79.75 84.97 -2.29
C ALA T 35 78.35 84.74 -2.86
N PHE T 36 78.09 85.21 -4.08
CA PHE T 36 76.78 84.99 -4.69
C PHE T 36 76.63 83.54 -5.16
N LEU T 37 77.70 82.97 -5.73
CA LEU T 37 77.62 81.63 -6.30
C LEU T 37 77.56 80.55 -5.22
N THR T 38 78.17 80.79 -4.06
CA THR T 38 78.18 79.80 -2.99
C THR T 38 76.95 79.92 -2.10
N ASN T 39 76.74 81.09 -1.51
CA ASN T 39 75.59 81.32 -0.63
C ASN T 39 74.30 81.46 -1.44
N GLU T 364 76.14 101.45 -33.07
CA GLU T 364 75.87 101.52 -34.50
C GLU T 364 75.09 100.29 -34.98
N GLU T 365 75.67 99.56 -35.92
CA GLU T 365 75.00 98.35 -36.43
C GLU T 365 75.05 97.22 -35.41
N GLU T 366 76.08 97.19 -34.55
CA GLU T 366 76.17 96.16 -33.53
C GLU T 366 75.05 96.29 -32.49
N ASP T 367 74.68 97.53 -32.15
CA ASP T 367 73.57 97.75 -31.24
C ASP T 367 72.24 97.28 -31.85
N MET T 368 72.05 97.55 -33.14
CA MET T 368 70.85 97.08 -33.82
C MET T 368 70.81 95.56 -33.89
N GLU T 369 71.96 94.93 -34.17
CA GLU T 369 72.03 93.48 -34.23
C GLU T 369 71.74 92.84 -32.88
N VAL T 370 72.32 93.39 -31.80
CA VAL T 370 72.09 92.80 -30.49
C VAL T 370 70.66 93.08 -30.02
N SER T 371 70.06 94.21 -30.42
CA SER T 371 68.67 94.47 -30.09
C SER T 371 67.74 93.51 -30.81
N ALA T 372 68.02 93.23 -32.09
CA ALA T 372 67.22 92.26 -32.83
C ALA T 372 67.39 90.85 -32.28
N MET T 373 68.59 90.51 -31.82
CA MET T 373 68.82 89.18 -31.27
C MET T 373 68.16 89.01 -29.90
N LEU T 374 68.13 90.08 -29.09
CA LEU T 374 67.39 90.03 -27.84
C LEU T 374 65.88 90.01 -28.07
N GLN T 375 65.41 90.70 -29.10
CA GLN T 375 63.97 90.68 -29.40
C GLN T 375 63.53 89.34 -29.94
N ASP T 376 64.36 88.70 -30.77
CA ASP T 376 64.02 87.41 -31.35
C ASP T 376 64.26 86.24 -30.40
N GLY T 377 64.88 86.46 -29.25
CA GLY T 377 65.17 85.39 -28.33
C GLY T 377 66.43 84.61 -28.63
N LYS T 378 67.28 85.10 -29.53
CA LYS T 378 68.52 84.40 -29.86
C LYS T 378 69.55 84.49 -28.76
N ILE T 379 69.42 85.46 -27.86
CA ILE T 379 70.34 85.63 -26.73
C ILE T 379 69.57 85.35 -25.45
N SER T 380 70.02 84.34 -24.71
CA SER T 380 69.39 83.92 -23.46
C SER T 380 70.44 83.94 -22.36
N MET T 381 70.64 85.11 -21.76
CA MET T 381 71.51 85.27 -20.61
C MET T 381 70.68 85.45 -19.34
N ASN T 382 71.34 85.33 -18.20
CA ASN T 382 70.70 85.48 -16.90
C ASN T 382 71.08 86.84 -16.33
N GLU T 383 70.09 87.67 -16.05
CA GLU T 383 70.34 89.05 -15.62
C GLU T 383 70.82 89.14 -14.18
N ILE T 384 70.60 88.10 -13.36
CA ILE T 384 71.07 88.14 -11.98
C ILE T 384 72.58 87.97 -11.89
N PHE T 385 73.22 87.43 -12.93
CA PHE T 385 74.67 87.29 -12.93
C PHE T 385 75.39 88.61 -13.14
N PHE T 386 74.70 89.65 -13.59
CA PHE T 386 75.31 90.94 -13.91
C PHE T 386 74.77 92.06 -13.03
N GLU T 387 74.15 91.73 -11.90
CA GLU T 387 73.71 92.75 -10.97
C GLU T 387 74.90 93.37 -10.23
N GLU T 388 74.65 94.51 -9.57
CA GLU T 388 75.72 95.26 -8.93
C GLU T 388 76.28 94.51 -7.72
N GLU T 389 75.43 93.80 -6.98
CA GLU T 389 75.87 93.03 -5.83
C GLU T 389 76.30 91.62 -6.19
N ASN T 390 76.12 91.20 -7.44
CA ASN T 390 76.45 89.85 -7.90
C ASN T 390 77.44 89.89 -9.07
N PHE T 391 78.41 90.80 -9.01
CA PHE T 391 79.38 90.95 -10.09
C PHE T 391 80.79 90.91 -9.54
N GLN T 392 81.68 90.25 -10.28
CA GLN T 392 83.11 90.28 -10.05
C GLN T 392 83.79 90.69 -11.35
N ASP T 393 85.02 91.18 -11.22
CA ASP T 393 85.76 91.69 -12.38
C ASP T 393 86.06 90.57 -13.35
N ILE T 394 86.22 90.93 -14.63
CA ILE T 394 86.47 89.95 -15.68
C ILE T 394 87.84 89.31 -15.49
N ASN T 395 88.78 90.02 -14.88
CA ASN T 395 90.12 89.49 -14.68
C ASN T 395 90.23 88.59 -13.45
N LYS T 396 89.17 88.45 -12.66
CA LYS T 396 89.19 87.61 -11.47
C LYS T 396 88.12 86.53 -11.58
N ILE T 397 88.51 85.29 -11.30
CA ILE T 397 87.59 84.15 -11.28
C ILE T 397 87.81 83.44 -9.95
N LEU T 398 86.88 83.62 -9.01
CA LEU T 398 86.85 82.92 -7.72
C LEU T 398 88.15 83.13 -6.94
N GLU T 399 88.48 84.41 -6.74
CA GLU T 399 89.71 84.88 -6.08
C GLU T 399 90.98 84.41 -6.80
N PHE T 400 90.88 84.13 -8.11
CA PHE T 400 92.03 83.79 -8.93
C PHE T 400 92.02 84.66 -10.17
N ASP T 401 93.21 84.97 -10.68
CA ASP T 401 93.35 85.72 -11.90
C ASP T 401 93.05 84.86 -13.12
N ASN T 402 92.83 85.52 -14.27
CA ASN T 402 92.65 84.79 -15.52
C ASN T 402 93.92 84.05 -15.91
N ASP T 403 95.07 84.71 -15.77
CA ASP T 403 96.34 84.07 -16.08
C ASP T 403 96.63 82.94 -15.10
N PHE T 404 96.23 83.10 -13.85
CA PHE T 404 96.41 82.06 -12.84
C PHE T 404 95.59 80.83 -13.19
N VAL T 405 94.30 81.03 -13.52
CA VAL T 405 93.41 79.92 -13.89
C VAL T 405 93.91 79.24 -15.15
N ALA T 406 94.32 80.04 -16.15
CA ALA T 406 94.91 79.48 -17.36
C ALA T 406 96.24 78.78 -17.09
N GLU T 407 96.92 79.10 -15.99
CA GLU T 407 98.12 78.38 -15.62
C GLU T 407 97.80 77.01 -15.02
N PHE T 408 96.91 76.95 -14.03
CA PHE T 408 96.71 75.66 -13.37
C PHE T 408 95.59 74.82 -14.00
N CYS T 409 94.90 75.32 -15.03
CA CYS T 409 93.96 74.51 -15.80
C CYS T 409 94.48 74.11 -17.17
N SER T 410 95.75 74.36 -17.47
CA SER T 410 96.38 73.93 -18.72
C SER T 410 97.54 73.00 -18.40
N PRO T 411 97.27 71.72 -18.22
CA PRO T 411 98.31 70.78 -17.78
C PRO T 411 99.18 70.33 -18.94
N GLU T 412 100.11 69.43 -18.64
CA GLU T 412 101.05 68.90 -19.62
C GLU T 412 100.34 67.90 -20.54
N ARG T 413 101.10 67.40 -21.53
CA ARG T 413 100.57 66.50 -22.53
C ARG T 413 100.18 65.15 -21.95
N GLU T 414 100.83 64.74 -20.85
CA GLU T 414 100.48 63.47 -20.21
C GLU T 414 99.17 63.57 -19.42
N MET T 415 98.81 64.76 -18.95
CA MET T 415 97.57 64.97 -18.20
C MET T 415 96.43 65.49 -19.07
N CYS T 416 96.63 65.58 -20.38
CA CYS T 416 95.59 65.99 -21.31
C CYS T 416 94.99 64.77 -22.01
N ASN T 417 93.88 65.01 -22.71
CA ASN T 417 93.05 63.97 -23.33
C ASN T 417 92.60 62.91 -22.33
N THR T 418 92.30 63.35 -21.10
CA THR T 418 91.87 62.47 -20.02
C THR T 418 91.13 63.31 -18.99
N ARG T 419 90.67 62.64 -17.93
CA ARG T 419 89.87 63.30 -16.92
C ARG T 419 90.74 64.24 -16.07
N PHE T 420 90.43 65.53 -16.13
CA PHE T 420 91.09 66.55 -15.30
C PHE T 420 90.20 66.81 -14.09
N GLU T 421 90.51 66.14 -12.98
CA GLU T 421 89.90 66.43 -11.69
C GLU T 421 90.87 67.19 -10.81
N PHE T 422 90.41 68.29 -10.22
CA PHE T 422 91.28 69.16 -9.44
C PHE T 422 90.43 69.93 -8.45
N THR T 423 90.65 69.72 -7.16
CA THR T 423 89.87 70.37 -6.11
C THR T 423 90.70 71.42 -5.40
N VAL T 424 90.14 72.62 -5.26
CA VAL T 424 90.72 73.67 -4.44
C VAL T 424 89.75 73.88 -3.27
N ASP T 425 90.05 73.26 -2.14
CA ASP T 425 89.18 73.17 -0.96
C ASP T 425 87.82 72.63 -1.35
N ASN T 426 86.83 73.52 -1.50
CA ASN T 426 85.47 73.10 -1.79
C ASN T 426 85.07 73.32 -3.24
N PHE T 427 85.97 73.83 -4.08
CA PHE T 427 85.72 74.00 -5.51
C PHE T 427 86.48 72.92 -6.27
N CYS T 428 85.76 72.14 -7.07
CA CYS T 428 86.36 71.13 -7.93
C CYS T 428 86.40 71.61 -9.37
N PHE T 429 87.59 71.59 -9.97
CA PHE T 429 87.78 72.03 -11.35
C PHE T 429 87.77 70.77 -12.23
N LEU T 430 86.59 70.44 -12.75
CA LEU T 430 86.36 69.23 -13.51
C LEU T 430 86.26 69.55 -15.00
N GLY T 431 87.00 68.81 -15.82
CA GLY T 431 86.94 69.02 -17.25
C GLY T 431 87.68 67.92 -17.99
N LEU T 432 87.49 67.92 -19.31
CA LEU T 432 88.19 67.02 -20.23
C LEU T 432 88.94 67.89 -21.24
N PRO T 433 90.21 68.21 -20.98
CA PRO T 433 90.98 69.03 -21.92
C PRO T 433 91.36 68.23 -23.16
N ILE T 434 91.25 68.88 -24.31
CA ILE T 434 91.56 68.27 -25.60
C ILE T 434 92.87 68.86 -26.10
N HIS T 435 93.87 68.01 -26.30
CA HIS T 435 95.18 68.41 -26.79
C HIS T 435 95.43 67.75 -28.14
N VAL T 436 96.09 68.50 -29.04
CA VAL T 436 96.48 67.94 -30.32
C VAL T 436 97.60 66.93 -30.10
N ASP T 437 97.73 65.96 -31.01
CA ASP T 437 98.74 64.93 -30.85
C ASP T 437 100.11 65.45 -31.29
N SER T 438 101.10 64.55 -31.29
CA SER T 438 102.45 64.92 -31.70
C SER T 438 102.54 65.17 -33.20
N GLN T 439 101.76 64.43 -33.99
CA GLN T 439 101.81 64.60 -35.45
C GLN T 439 101.14 65.88 -35.88
N GLY T 440 100.17 66.37 -35.12
CA GLY T 440 99.46 67.58 -35.43
C GLY T 440 98.01 67.40 -35.89
N ARG T 441 97.35 66.31 -35.53
CA ARG T 441 95.95 66.09 -35.86
C ARG T 441 95.11 66.10 -34.59
N TRP T 442 93.94 66.75 -34.66
CA TRP T 442 93.09 66.85 -33.49
C TRP T 442 92.40 65.54 -33.17
N ARG T 443 92.17 64.70 -34.18
CA ARG T 443 91.37 63.49 -34.04
C ARG T 443 92.06 62.34 -34.74
N LYS T 444 91.79 61.12 -34.26
CA LYS T 444 92.26 59.89 -34.87
C LYS T 444 91.13 59.32 -35.71
N SER T 445 91.30 59.34 -37.03
CA SER T 445 90.28 58.83 -37.94
C SER T 445 90.66 57.47 -38.48
N ASP T 525 96.13 82.47 -37.73
CA ASP T 525 96.86 82.77 -36.51
C ASP T 525 96.62 81.71 -35.44
N LEU T 526 95.40 81.69 -34.90
CA LEU T 526 95.04 80.72 -33.88
C LEU T 526 94.75 79.33 -34.44
N GLY T 527 94.64 79.21 -35.78
CA GLY T 527 94.42 77.91 -36.39
C GLY T 527 95.62 76.98 -36.34
N LYS T 528 96.83 77.53 -36.21
CA LYS T 528 98.04 76.73 -36.13
C LYS T 528 98.80 76.88 -34.81
N ASN T 529 98.63 77.99 -34.09
CA ASN T 529 99.32 78.16 -32.83
C ASN T 529 98.67 77.35 -31.70
N MET T 530 97.36 77.17 -31.75
CA MET T 530 96.65 76.51 -30.67
C MET T 530 96.91 75.00 -30.69
N ASN T 531 97.28 74.45 -29.54
CA ASN T 531 97.54 73.02 -29.40
C ASN T 531 96.69 72.37 -28.32
N MET T 532 95.85 73.15 -27.63
CA MET T 532 95.05 72.65 -26.52
C MET T 532 93.92 73.64 -26.28
N PHE T 533 92.73 73.11 -26.00
CA PHE T 533 91.63 73.89 -25.47
C PHE T 533 90.94 73.10 -24.36
N HIS T 534 90.40 73.83 -23.39
CA HIS T 534 89.83 73.21 -22.19
C HIS T 534 88.57 73.96 -21.79
N VAL T 535 87.42 73.28 -21.91
CA VAL T 535 86.14 73.82 -21.46
C VAL T 535 85.96 73.33 -20.02
N CYS T 536 86.49 74.11 -19.08
CA CYS T 536 86.55 73.70 -17.68
C CYS T 536 85.27 74.09 -16.96
N PHE T 537 84.72 73.14 -16.19
CA PHE T 537 83.51 73.34 -15.40
C PHE T 537 83.89 73.33 -13.93
N VAL T 538 83.45 74.36 -13.21
CA VAL T 538 83.69 74.47 -11.77
C VAL T 538 82.45 74.03 -11.02
N MET T 539 82.62 73.08 -10.09
CA MET T 539 81.53 72.60 -9.26
C MET T 539 81.90 72.76 -7.80
N ASN T 540 80.89 72.92 -6.95
CA ASN T 540 81.06 72.89 -5.50
C ASN T 540 80.06 71.92 -4.87
N PRO T 541 80.25 70.62 -5.05
CA PRO T 541 79.40 69.65 -4.36
C PRO T 541 79.83 69.48 -2.91
N HIS T 542 78.89 69.01 -2.10
CA HIS T 542 79.21 68.67 -0.73
C HIS T 542 80.09 67.42 -0.70
N LEU T 543 80.80 67.24 0.42
CA LEU T 543 81.78 66.17 0.53
C LEU T 543 81.12 64.79 0.57
N ILE T 544 79.85 64.72 0.96
CA ILE T 544 79.14 63.45 1.00
C ILE T 544 78.58 63.08 -0.38
N GLU T 545 78.43 64.06 -1.27
CA GLU T 545 77.89 63.83 -2.61
C GLU T 545 78.85 64.22 -3.72
N TYR T 546 80.15 64.40 -3.39
CA TYR T 546 81.13 64.89 -4.35
C TYR T 546 81.31 63.92 -5.52
N ASN T 547 81.52 62.64 -5.21
CA ASN T 547 81.80 61.64 -6.23
C ASN T 547 80.61 61.45 -7.18
N LYS T 548 79.39 61.46 -6.63
CA LYS T 548 78.20 61.28 -7.46
C LYS T 548 78.03 62.44 -8.43
N ARG T 549 78.13 63.67 -7.93
CA ARG T 549 77.92 64.85 -8.77
C ARG T 549 78.98 64.95 -9.86
N ILE T 550 80.26 64.74 -9.48
CA ILE T 550 81.33 64.84 -10.46
C ILE T 550 81.22 63.72 -11.49
N ASP T 551 80.86 62.51 -11.06
CA ASP T 551 80.73 61.39 -11.99
C ASP T 551 79.58 61.61 -12.97
N ASP T 552 78.43 62.07 -12.49
CA ASP T 552 77.29 62.25 -13.40
C ASP T 552 77.55 63.42 -14.36
N MET T 553 78.14 64.51 -13.87
CA MET T 553 78.45 65.64 -14.74
C MET T 553 79.46 65.25 -15.81
N TYR T 554 80.52 64.55 -15.42
CA TYR T 554 81.54 64.15 -16.38
C TYR T 554 81.01 63.12 -17.38
N GLN T 555 80.14 62.22 -16.92
CA GLN T 555 79.62 61.20 -17.82
C GLN T 555 78.54 61.74 -18.75
N PHE T 556 77.79 62.76 -18.35
CA PHE T 556 76.62 63.16 -19.12
C PHE T 556 76.74 64.51 -19.83
N VAL T 557 77.70 65.36 -19.48
CA VAL T 557 77.79 66.66 -20.14
C VAL T 557 79.19 66.86 -20.70
N VAL T 558 80.20 66.76 -19.82
CA VAL T 558 81.54 67.22 -20.14
C VAL T 558 82.16 66.37 -21.24
N THR T 559 82.06 65.04 -21.12
CA THR T 559 82.66 64.13 -22.08
C THR T 559 82.03 64.30 -23.45
N ARG T 560 80.69 64.37 -23.51
CA ARG T 560 79.99 64.49 -24.77
C ARG T 560 80.28 65.82 -25.45
N LEU T 561 80.26 66.92 -24.67
CA LEU T 561 80.53 68.24 -25.22
C LEU T 561 81.97 68.34 -25.72
N SER T 562 82.92 67.79 -24.96
CA SER T 562 84.32 67.85 -25.37
C SER T 562 84.58 66.98 -26.60
N LEU T 563 83.92 65.83 -26.70
CA LEU T 563 84.10 64.98 -27.88
C LEU T 563 83.48 65.62 -29.12
N LEU T 564 82.31 66.26 -28.98
CA LEU T 564 81.72 66.96 -30.12
C LEU T 564 82.56 68.16 -30.52
N LEU T 565 83.12 68.88 -29.54
CA LEU T 565 84.02 69.99 -29.86
C LEU T 565 85.29 69.50 -30.53
N ARG T 566 85.82 68.36 -30.10
CA ARG T 566 86.98 67.77 -30.77
C ARG T 566 86.68 67.40 -32.21
N TYR T 567 85.50 66.82 -32.44
CA TYR T 567 85.11 66.44 -33.80
C TYR T 567 84.94 67.68 -34.70
N VAL T 568 84.27 68.72 -34.19
CA VAL T 568 84.03 69.90 -35.02
C VAL T 568 85.33 70.70 -35.20
N GLN T 569 86.26 70.63 -34.24
CA GLN T 569 87.56 71.26 -34.41
C GLN T 569 88.41 70.52 -35.44
N SER T 570 88.33 69.18 -35.43
CA SER T 570 89.08 68.40 -36.40
C SER T 570 88.55 68.58 -37.82
N LYS T 571 87.23 68.67 -37.96
CA LYS T 571 86.63 68.73 -39.30
C LYS T 571 86.44 70.14 -39.82
N THR T 572 86.37 71.16 -38.94
CA THR T 572 86.01 72.51 -39.34
C THR T 572 86.93 73.59 -38.79
N SER T 573 87.66 73.31 -37.69
CA SER T 573 88.43 74.31 -36.93
C SER T 573 87.50 75.43 -36.44
N TYR T 574 86.56 75.04 -35.58
CA TYR T 574 85.47 75.87 -35.11
C TYR T 574 85.81 76.65 -33.84
N ILE T 575 86.45 75.99 -32.87
CA ILE T 575 86.82 76.64 -31.63
C ILE T 575 87.89 77.72 -31.87
N SER T 576 88.77 77.51 -32.84
CA SER T 576 89.77 78.52 -33.18
C SER T 576 89.10 79.80 -33.72
N SER T 577 88.14 79.65 -34.63
CA SER T 577 87.43 80.80 -35.17
C SER T 577 86.57 81.48 -34.11
N GLU T 578 85.96 80.69 -33.21
CA GLU T 578 85.16 81.27 -32.14
C GLU T 578 86.03 82.06 -31.17
N CYS T 579 87.22 81.56 -30.84
CA CYS T 579 88.15 82.29 -29.99
C CYS T 579 88.63 83.56 -30.68
N HIS T 580 88.87 83.50 -31.99
CA HIS T 580 89.30 84.67 -32.75
C HIS T 580 88.22 85.75 -32.75
N ILE T 581 86.96 85.38 -32.98
CA ILE T 581 85.90 86.38 -33.02
C ILE T 581 85.57 86.89 -31.62
N ILE T 582 85.75 86.06 -30.59
CA ILE T 582 85.57 86.52 -29.21
C ILE T 582 86.62 87.57 -28.84
N LEU T 583 87.89 87.31 -29.20
CA LEU T 583 88.94 88.27 -28.91
C LEU T 583 88.76 89.55 -29.73
N LYS T 584 88.33 89.43 -30.99
CA LYS T 584 88.07 90.60 -31.82
C LYS T 584 86.94 91.44 -31.24
N GLU T 585 85.87 90.80 -30.75
CA GLU T 585 84.76 91.55 -30.17
C GLU T 585 85.16 92.16 -28.82
N LYS T 586 86.02 91.48 -28.06
CA LYS T 586 86.53 92.06 -26.82
C LYS T 586 87.36 93.32 -27.10
N GLU T 587 88.21 93.26 -28.13
CA GLU T 587 88.98 94.44 -28.51
C GLU T 587 88.09 95.55 -29.04
N ARG T 588 87.05 95.21 -29.81
CA ARG T 588 86.19 96.22 -30.40
C ARG T 588 85.20 96.81 -29.40
N VAL T 589 84.94 96.15 -28.28
CA VAL T 589 84.11 96.74 -27.24
C VAL T 589 84.96 97.50 -26.21
N LEU T 590 86.10 96.94 -25.80
CA LEU T 590 86.88 97.60 -24.75
C LEU T 590 87.64 98.82 -25.26
N LYS T 591 88.06 98.83 -26.52
CA LYS T 591 88.95 99.88 -27.02
C LYS T 591 88.38 100.67 -28.20
N HIS T 592 87.18 100.36 -28.66
CA HIS T 592 86.66 101.08 -29.82
C HIS T 592 85.26 101.66 -29.61
N SER T 593 84.40 100.96 -28.89
CA SER T 593 83.00 101.35 -28.80
C SER T 593 82.82 102.48 -27.78
N LYS T 594 82.17 103.56 -28.20
CA LYS T 594 81.80 104.65 -27.30
C LYS T 594 80.56 104.34 -26.49
N THR T 595 79.79 103.31 -26.88
CA THR T 595 78.66 102.87 -26.08
C THR T 595 79.13 102.28 -24.76
N TYR T 596 80.28 101.58 -24.78
CA TYR T 596 80.85 101.02 -23.57
C TYR T 596 81.22 102.10 -22.55
N GLN T 597 81.78 103.20 -23.02
CA GLN T 597 82.15 104.30 -22.12
C GLN T 597 80.95 105.12 -21.66
N SER T 598 79.84 105.07 -22.39
CA SER T 598 78.65 105.83 -22.02
C SER T 598 77.71 105.07 -21.10
N ILE T 599 78.07 103.85 -20.70
CA ILE T 599 77.24 103.02 -19.85
C ILE T 599 77.83 103.04 -18.44
N ARG T 600 77.00 103.41 -17.46
CA ARG T 600 77.46 103.56 -16.09
C ARG T 600 77.43 102.22 -15.35
N GLY T 601 78.36 102.07 -14.41
CA GLY T 601 78.47 100.85 -13.64
C GLY T 601 79.28 99.77 -14.32
N ALA T 602 80.19 99.13 -13.56
CA ALA T 602 81.00 98.06 -14.12
C ALA T 602 80.16 96.82 -14.43
N GLY T 603 79.10 96.58 -13.65
CA GLY T 603 78.23 95.45 -13.92
C GLY T 603 77.46 95.61 -15.22
N ASN T 604 76.95 96.81 -15.48
CA ASN T 604 76.25 97.04 -16.74
C ASN T 604 77.21 97.08 -17.93
N LYS T 605 78.43 97.56 -17.70
CA LYS T 605 79.47 97.49 -18.74
C LYS T 605 79.77 96.04 -19.11
N GLY T 606 79.94 95.18 -18.10
CA GLY T 606 80.16 93.77 -18.36
C GLY T 606 78.95 93.09 -18.98
N LYS T 607 77.74 93.53 -18.62
CA LYS T 607 76.53 93.00 -19.23
C LYS T 607 76.45 93.35 -20.71
N TYR T 608 76.79 94.60 -21.07
CA TYR T 608 76.79 94.98 -22.48
C TYR T 608 77.90 94.27 -23.25
N LEU T 609 79.07 94.11 -22.64
CA LEU T 609 80.17 93.39 -23.27
C LEU T 609 79.81 91.93 -23.52
N TYR T 610 79.18 91.29 -22.53
CA TYR T 610 78.72 89.92 -22.71
C TYR T 610 77.58 89.84 -23.72
N GLN T 611 76.73 90.87 -23.79
CA GLN T 611 75.67 90.88 -24.79
C GLN T 611 76.25 90.93 -26.20
N ARG T 612 77.29 91.74 -26.40
CA ARG T 612 77.96 91.78 -27.70
C ARG T 612 78.66 90.45 -28.02
N ILE T 613 79.30 89.84 -27.02
CA ILE T 613 79.99 88.56 -27.23
C ILE T 613 78.99 87.47 -27.60
N LEU T 614 77.91 87.34 -26.82
CA LEU T 614 76.86 86.37 -27.13
C LEU T 614 76.18 86.65 -28.46
N ALA T 615 76.08 87.93 -28.86
CA ALA T 615 75.49 88.23 -30.16
C ALA T 615 76.41 87.83 -31.31
N LYS T 616 77.72 88.03 -31.16
CA LYS T 616 78.64 87.75 -32.26
C LYS T 616 79.20 86.33 -32.26
N SER T 617 79.23 85.65 -31.12
CA SER T 617 79.88 84.35 -31.00
C SER T 617 78.84 83.25 -30.83
N SER T 618 79.10 82.09 -31.42
CA SER T 618 78.24 80.93 -31.31
C SER T 618 78.67 79.97 -30.21
N LEU T 619 79.97 79.86 -29.92
CA LEU T 619 80.41 79.04 -28.80
C LEU T 619 80.00 79.65 -27.48
N ALA T 620 79.97 80.99 -27.39
CA ALA T 620 79.50 81.64 -26.17
C ALA T 620 78.03 81.33 -25.93
N ARG T 621 77.23 81.28 -27.00
CA ARG T 621 75.82 80.91 -26.86
C ARG T 621 75.66 79.46 -26.41
N ALA T 622 76.50 78.56 -26.94
CA ALA T 622 76.45 77.16 -26.53
C ALA T 622 76.81 77.00 -25.05
N LEU T 623 77.88 77.67 -24.60
CA LEU T 623 78.28 77.55 -23.20
C LEU T 623 77.28 78.21 -22.26
N THR T 624 76.74 79.37 -22.65
CA THR T 624 75.76 80.06 -21.83
C THR T 624 74.48 79.25 -21.69
N GLU T 625 73.98 78.70 -22.81
CA GLU T 625 72.78 77.86 -22.75
C GLU T 625 73.03 76.58 -21.98
N CYS T 626 74.23 76.00 -22.10
CA CYS T 626 74.57 74.79 -21.36
C CYS T 626 74.57 75.04 -19.86
N VAL T 627 75.22 76.12 -19.42
CA VAL T 627 75.26 76.44 -17.99
C VAL T 627 73.87 76.79 -17.47
N ASP T 628 73.12 77.59 -18.23
CA ASP T 628 71.80 78.04 -17.78
C ASP T 628 70.80 76.89 -17.72
N LYS T 629 70.87 75.94 -18.65
CA LYS T 629 69.91 74.84 -18.67
C LYS T 629 70.40 73.60 -17.91
N ILE T 630 71.64 73.56 -17.46
CA ILE T 630 72.06 72.52 -16.54
C ILE T 630 71.86 72.97 -15.09
N GLN T 631 72.16 74.24 -14.78
CA GLN T 631 71.87 74.76 -13.45
C GLN T 631 70.37 74.81 -13.16
N ARG T 632 69.53 74.90 -14.19
CA ARG T 632 68.09 74.89 -14.01
C ARG T 632 67.48 73.49 -14.10
N ASN T 633 68.32 72.45 -14.22
CA ASN T 633 67.91 71.05 -14.28
C ASN T 633 66.96 70.78 -15.46
N GLU T 634 67.43 71.14 -16.64
CA GLU T 634 66.64 70.99 -17.87
C GLU T 634 67.52 70.37 -18.96
N ILE T 635 66.94 70.17 -20.13
CA ILE T 635 67.66 69.66 -21.28
C ILE T 635 68.28 70.83 -22.03
N ALA T 636 69.59 70.80 -22.20
CA ALA T 636 70.32 71.89 -22.83
C ALA T 636 70.53 71.55 -24.30
N CYS T 637 69.76 72.19 -25.17
CA CYS T 637 69.94 72.04 -26.61
C CYS T 637 70.84 73.18 -27.09
N LEU T 638 72.01 72.82 -27.64
CA LEU T 638 73.02 73.80 -28.01
C LEU T 638 73.27 73.74 -29.51
N GLU T 639 73.42 74.92 -30.11
CA GLU T 639 73.70 75.05 -31.53
C GLU T 639 75.20 75.24 -31.72
N ILE T 640 75.83 74.35 -32.48
CA ILE T 640 77.26 74.39 -32.73
C ILE T 640 77.47 74.36 -34.24
N ASN T 641 78.16 75.38 -34.76
CA ASN T 641 78.61 75.52 -36.14
C ASN T 641 77.45 75.63 -37.12
N ASP T 642 76.22 75.84 -36.62
CA ASP T 642 74.97 75.90 -37.40
C ASP T 642 74.73 74.66 -38.25
N ASP T 643 75.34 73.53 -37.88
CA ASP T 643 75.18 72.28 -38.64
C ASP T 643 74.94 71.07 -37.76
N LYS T 644 75.26 71.12 -36.46
CA LYS T 644 75.03 70.00 -35.56
C LYS T 644 74.50 70.54 -34.23
N VAL T 645 73.61 69.78 -33.61
CA VAL T 645 73.09 70.13 -32.31
C VAL T 645 73.43 69.03 -31.31
N ILE T 646 73.54 69.44 -30.04
CA ILE T 646 73.80 68.53 -28.93
C ILE T 646 72.75 68.77 -27.86
N SER T 647 72.21 67.69 -27.30
CA SER T 647 71.25 67.75 -26.22
C SER T 647 71.92 67.20 -24.97
N LEU T 648 71.95 68.01 -23.91
CA LEU T 648 72.64 67.64 -22.68
C LEU T 648 71.67 67.73 -21.50
N GLN T 649 71.72 66.72 -20.65
CA GLN T 649 70.91 66.70 -19.43
C GLN T 649 71.60 65.83 -18.39
N ILE T 650 71.21 66.03 -17.14
CA ILE T 650 71.52 65.12 -16.05
C ILE T 650 70.21 64.44 -15.66
N PRO T 651 70.13 63.11 -15.68
CA PRO T 651 68.84 62.44 -15.44
C PRO T 651 68.33 62.66 -14.02
N ILE T 652 67.01 62.71 -13.91
CA ILE T 652 66.34 63.01 -12.66
C ILE T 652 65.79 61.72 -12.07
N GLN T 653 66.11 61.48 -10.79
CA GLN T 653 65.55 60.33 -10.08
C GLN T 653 64.19 60.72 -9.53
N ASN T 654 63.13 60.38 -10.28
CA ASN T 654 61.76 60.65 -9.86
C ASN T 654 60.90 59.39 -9.99
N GLU T 655 61.54 58.23 -10.14
CA GLU T 655 60.87 56.94 -10.22
C GLU T 655 61.38 56.06 -9.08
N PHE T 656 60.45 55.37 -8.41
CA PHE T 656 60.82 54.54 -7.28
C PHE T 656 59.90 53.32 -7.23
N GLU T 657 60.50 52.14 -7.16
CA GLU T 657 59.73 50.92 -6.97
C GLU T 657 59.36 50.72 -5.51
N LYS T 658 60.34 50.63 -4.63
CA LYS T 658 60.08 50.60 -3.20
C LYS T 658 59.84 52.01 -2.68
N MET T 659 59.01 52.12 -1.66
CA MET T 659 58.60 53.42 -1.15
C MET T 659 59.72 54.07 -0.35
N PRO T 660 60.20 55.24 -0.75
CA PRO T 660 61.24 55.92 0.03
C PRO T 660 60.70 56.48 1.34
N ASN T 661 61.60 56.62 2.30
CA ASN T 661 61.26 57.21 3.60
C ASN T 661 60.98 58.69 3.42
N PHE T 662 59.76 59.11 3.75
CA PHE T 662 59.34 60.50 3.52
C PHE T 662 60.12 61.47 4.40
N LYS T 663 60.21 61.19 5.70
CA LYS T 663 60.74 62.12 6.68
C LYS T 663 62.21 61.85 7.02
N LEU T 664 62.92 61.10 6.17
CA LEU T 664 64.36 60.93 6.36
C LEU T 664 65.16 61.21 5.10
N GLN T 665 64.66 60.84 3.94
CA GLN T 665 65.31 61.16 2.66
C GLN T 665 64.31 61.85 1.74
N PRO T 666 64.45 63.16 1.53
CA PRO T 666 63.46 63.89 0.71
C PRO T 666 63.48 63.45 -0.74
N VAL T 667 62.28 63.38 -1.33
CA VAL T 667 62.06 62.91 -2.70
C VAL T 667 61.13 63.93 -3.35
N LEU T 668 61.35 64.21 -4.63
CA LEU T 668 60.55 65.15 -5.40
C LEU T 668 59.06 64.84 -5.32
N ARG T 669 58.28 65.87 -4.98
CA ARG T 669 56.83 65.73 -4.86
C ARG T 669 56.23 65.57 -6.25
N GLY T 670 55.43 64.52 -6.42
CA GLY T 670 54.96 64.13 -7.73
C GLY T 670 55.73 63.01 -8.36
N SER T 671 56.62 62.36 -7.61
CA SER T 671 57.36 61.23 -8.15
C SER T 671 56.44 60.05 -8.38
N TYR T 672 56.80 59.23 -9.36
CA TYR T 672 55.93 58.15 -9.82
C TYR T 672 56.17 56.90 -8.99
N LEU T 673 55.22 56.59 -8.09
CA LEU T 673 55.31 55.41 -7.24
C LEU T 673 54.64 54.24 -7.98
N THR T 674 55.38 53.67 -8.91
CA THR T 674 54.90 52.62 -9.79
C THR T 674 55.93 51.49 -9.82
N SER T 675 55.47 50.31 -10.21
CA SER T 675 56.38 49.20 -10.48
C SER T 675 56.83 49.16 -11.93
N ILE T 676 56.34 50.08 -12.77
CA ILE T 676 56.80 50.22 -14.14
C ILE T 676 57.63 51.51 -14.20
N LEU T 677 58.91 51.36 -14.51
CA LEU T 677 59.87 52.44 -14.40
C LEU T 677 60.61 52.59 -15.73
N ASN T 678 61.03 53.82 -16.02
CA ASN T 678 61.91 54.02 -17.17
C ASN T 678 63.25 53.33 -16.95
N MET T 679 63.81 53.45 -15.73
CA MET T 679 65.15 52.97 -15.46
C MET T 679 65.24 51.44 -15.49
N LYS T 680 64.12 50.75 -15.31
CA LYS T 680 64.09 49.30 -15.51
C LYS T 680 64.21 48.95 -16.99
N PHE T 681 63.91 49.90 -17.89
CA PHE T 681 63.99 49.69 -19.33
C PHE T 681 65.20 50.37 -19.95
N LEU T 682 65.69 51.46 -19.36
CA LEU T 682 66.91 52.10 -19.82
C LEU T 682 68.12 51.21 -19.59
N GLU T 683 68.14 50.49 -18.46
CA GLU T 683 69.26 49.59 -18.16
C GLU T 683 69.28 48.36 -19.06
N LYS T 684 68.14 48.00 -19.66
CA LYS T 684 68.12 46.92 -20.62
C LYS T 684 68.75 47.31 -21.95
N SER T 685 68.84 48.60 -22.25
CA SER T 685 69.46 49.06 -23.48
C SER T 685 70.95 49.34 -23.27
N ASP T 743 58.62 42.65 -23.63
CA ASP T 743 58.71 43.64 -24.69
C ASP T 743 58.18 44.99 -24.24
N LEU T 744 58.89 46.05 -24.63
CA LEU T 744 58.48 47.40 -24.28
C LEU T 744 57.30 47.88 -25.12
N LEU T 745 57.09 47.32 -26.30
CA LEU T 745 55.99 47.74 -27.16
C LEU T 745 54.63 47.30 -26.66
N ASN T 746 54.58 46.41 -25.67
CA ASN T 746 53.33 46.03 -25.01
C ASN T 746 52.79 47.12 -24.10
N TYR T 747 53.56 48.18 -23.84
CA TYR T 747 53.18 49.27 -22.97
C TYR T 747 52.77 50.49 -23.80
N ALA T 748 52.31 51.52 -23.11
CA ALA T 748 51.82 52.73 -23.75
C ALA T 748 52.52 53.94 -23.16
N LEU T 749 52.69 54.96 -23.99
CA LEU T 749 53.40 56.17 -23.60
C LEU T 749 52.45 57.16 -22.93
N LEU T 750 53.03 58.13 -22.24
CA LEU T 750 52.24 59.12 -21.50
C LEU T 750 52.99 60.44 -21.51
N LEU T 751 52.50 61.40 -22.31
CA LEU T 751 53.20 62.67 -22.49
C LEU T 751 53.24 63.46 -21.19
N LEU T 752 54.40 64.04 -20.90
CA LEU T 752 54.59 64.82 -19.68
C LEU T 752 54.16 66.28 -19.84
N ASP T 753 53.78 66.70 -21.03
CA ASP T 753 53.32 68.06 -21.27
C ASP T 753 52.30 68.03 -22.42
N GLU T 754 51.92 69.22 -22.90
CA GLU T 754 51.05 69.32 -24.05
C GLU T 754 51.80 68.85 -25.31
N PRO T 755 51.08 68.28 -26.28
CA PRO T 755 51.76 67.81 -27.51
C PRO T 755 52.45 68.91 -28.29
N ASN T 756 51.87 70.12 -28.34
CA ASN T 756 52.51 71.22 -29.04
C ASN T 756 53.77 71.68 -28.34
N ASN T 757 53.79 71.64 -27.00
CA ASN T 757 55.02 71.95 -26.27
C ASN T 757 56.10 70.92 -26.54
N ILE T 758 55.72 69.65 -26.67
CA ILE T 758 56.69 68.60 -26.98
C ILE T 758 57.23 68.78 -28.40
N ILE T 759 56.37 69.18 -29.34
CA ILE T 759 56.81 69.46 -30.70
C ILE T 759 57.77 70.66 -30.71
N SER T 760 57.45 71.71 -29.95
CA SER T 760 58.32 72.88 -29.87
C SER T 760 59.68 72.53 -29.25
N SER T 761 59.69 71.65 -28.25
CA SER T 761 60.96 71.23 -27.66
C SER T 761 61.74 70.32 -28.60
N LEU T 762 61.05 69.47 -29.36
CA LEU T 762 61.72 68.53 -30.25
C LEU T 762 62.17 69.14 -31.57
N GLU T 763 61.63 70.31 -31.95
CA GLU T 763 62.18 71.02 -33.11
C GLU T 763 63.55 71.60 -32.82
N THR T 764 63.89 71.80 -31.55
CA THR T 764 65.22 72.26 -31.16
C THR T 764 66.20 71.09 -31.02
N PHE T 765 65.74 69.85 -31.19
CA PHE T 765 66.59 68.68 -31.12
C PHE T 765 67.29 68.38 -32.45
N SER T 766 67.02 69.15 -33.49
CA SER T 766 67.70 69.00 -34.77
C SER T 766 67.61 70.32 -35.52
N TYR T 767 68.16 70.33 -36.74
CA TYR T 767 68.21 71.53 -37.56
C TYR T 767 67.67 71.35 -38.98
N GLN T 768 67.69 70.14 -39.51
CA GLN T 768 67.36 69.90 -40.91
C GLN T 768 66.02 69.23 -41.11
N ASP T 769 65.31 68.88 -40.04
CA ASP T 769 64.04 68.15 -40.06
C ASP T 769 64.18 66.84 -40.83
N ASP T 770 65.00 65.95 -40.28
CA ASP T 770 65.32 64.68 -40.94
C ASP T 770 64.17 63.68 -40.75
N ILE T 771 64.42 62.42 -41.15
CA ILE T 771 63.37 61.39 -41.08
C ILE T 771 63.04 61.04 -39.63
N GLY T 772 64.05 61.05 -38.75
CA GLY T 772 63.81 60.71 -37.36
C GLY T 772 62.96 61.73 -36.63
N THR T 773 63.22 63.02 -36.85
CA THR T 773 62.40 64.06 -36.22
C THR T 773 60.99 64.09 -36.79
N ILE T 774 60.84 63.83 -38.10
CA ILE T 774 59.50 63.76 -38.70
C ILE T 774 58.72 62.59 -38.13
N ILE T 775 59.36 61.43 -37.99
CA ILE T 775 58.72 60.25 -37.41
C ILE T 775 58.34 60.51 -35.95
N LEU T 776 59.24 61.15 -35.20
CA LEU T 776 58.99 61.44 -33.79
C LEU T 776 57.86 62.45 -33.63
N LYS T 777 57.82 63.48 -34.49
CA LYS T 777 56.74 64.46 -34.47
C LYS T 777 55.41 63.82 -34.82
N HIS T 778 55.40 62.91 -35.79
CA HIS T 778 54.17 62.21 -36.16
C HIS T 778 53.70 61.31 -35.03
N LEU T 779 54.64 60.69 -34.32
CA LEU T 779 54.27 59.84 -33.19
C LEU T 779 53.72 60.66 -32.02
N VAL T 780 54.30 61.84 -31.78
CA VAL T 780 53.82 62.70 -30.69
C VAL T 780 52.44 63.27 -31.03
N ARG T 781 52.24 63.69 -32.28
CA ARG T 781 50.96 64.28 -32.69
C ARG T 781 49.81 63.29 -32.59
N ASN T 782 50.03 62.05 -33.04
CA ASN T 782 49.01 61.00 -32.98
C ASN T 782 49.42 60.02 -31.90
N ILE T 783 49.01 60.31 -30.65
CA ILE T 783 49.30 59.45 -29.52
C ILE T 783 48.09 59.41 -28.59
N GLN T 784 47.93 58.28 -27.91
CA GLN T 784 46.87 58.08 -26.94
C GLN T 784 47.45 57.21 -25.84
N PRO T 785 47.29 57.60 -24.57
CA PRO T 785 47.85 56.79 -23.47
C PRO T 785 47.09 55.51 -23.17
N ASN T 786 45.93 55.29 -23.80
CA ASN T 786 45.10 54.13 -23.53
C ASN T 786 45.29 52.99 -24.53
N ILE T 787 46.21 53.12 -25.47
CA ILE T 787 46.40 52.12 -26.51
C ILE T 787 47.89 51.76 -26.58
N PRO T 788 48.23 50.47 -26.71
CA PRO T 788 49.65 50.08 -26.65
C PRO T 788 50.45 50.55 -27.86
N LEU T 789 51.77 50.58 -27.67
CA LEU T 789 52.70 51.02 -28.70
C LEU T 789 52.82 50.02 -29.86
N ARG T 790 52.41 48.77 -29.67
CA ARG T 790 52.42 47.80 -30.77
C ARG T 790 51.42 48.16 -31.87
N SER T 791 50.38 48.93 -31.56
CA SER T 791 49.38 49.34 -32.53
C SER T 791 49.82 50.53 -33.38
N TYR T 792 50.98 51.13 -33.10
CA TYR T 792 51.41 52.34 -33.79
C TYR T 792 52.41 52.04 -34.91
N ARG T 793 52.45 50.81 -35.41
CA ARG T 793 53.27 50.51 -36.58
C ARG T 793 52.73 51.18 -37.85
N TYR T 794 51.42 51.42 -37.91
CA TYR T 794 50.82 52.04 -39.09
C TYR T 794 51.19 53.51 -39.22
N LEU T 795 51.58 54.16 -38.12
CA LEU T 795 51.95 55.57 -38.17
C LEU T 795 53.30 55.78 -38.85
N ILE T 796 54.16 54.77 -38.86
CA ILE T 796 55.48 54.87 -39.50
C ILE T 796 55.60 53.98 -40.71
N THR T 797 54.66 53.06 -40.95
CA THR T 797 54.60 52.36 -42.23
C THR T 797 54.24 53.32 -43.35
N ASP T 798 53.38 54.30 -43.07
CA ASP T 798 53.05 55.33 -44.07
C ASP T 798 54.19 56.32 -44.29
N LEU T 799 55.07 56.49 -43.31
CA LEU T 799 56.17 57.44 -43.42
C LEU T 799 57.40 56.86 -44.11
N LEU T 800 57.38 55.58 -44.47
CA LEU T 800 58.48 54.96 -45.19
C LEU T 800 58.01 54.28 -46.46
N ASN T 814 63.02 41.24 -35.07
CA ASN T 814 61.65 41.10 -35.54
C ASN T 814 61.44 41.89 -36.83
N SER T 815 61.13 43.18 -36.68
CA SER T 815 60.81 44.04 -37.81
C SER T 815 61.54 45.36 -37.67
N LEU T 816 61.73 46.03 -38.81
CA LEU T 816 62.42 47.32 -38.82
C LEU T 816 61.55 48.41 -38.22
N GLU T 817 60.23 48.34 -38.45
CA GLU T 817 59.32 49.30 -37.85
C GLU T 817 59.25 49.13 -36.34
N SER T 818 59.34 47.89 -35.85
CA SER T 818 59.40 47.65 -34.41
C SER T 818 60.67 48.24 -33.80
N SER T 819 61.78 48.16 -34.53
CA SER T 819 63.04 48.75 -34.07
C SER T 819 62.94 50.26 -34.04
N ILE T 820 62.29 50.87 -35.05
CA ILE T 820 62.09 52.31 -35.07
C ILE T 820 61.19 52.75 -33.91
N LEU T 821 60.14 51.97 -33.64
CA LEU T 821 59.25 52.27 -32.52
C LEU T 821 59.99 52.19 -31.19
N ARG T 822 60.84 51.16 -31.03
CA ARG T 822 61.63 51.03 -29.80
C ARG T 822 62.60 52.21 -29.63
N SER T 823 63.30 52.58 -30.71
CA SER T 823 64.26 53.68 -30.63
C SER T 823 63.55 54.99 -30.33
N CYS T 824 62.38 55.22 -30.93
CA CYS T 824 61.63 56.44 -30.67
C CYS T 824 61.10 56.46 -29.24
N ALA T 825 60.72 55.29 -28.70
CA ALA T 825 60.25 55.22 -27.32
C ALA T 825 61.39 55.52 -26.35
N LEU T 826 62.58 54.97 -26.61
CA LEU T 826 63.76 55.35 -25.81
C LEU T 826 64.08 56.83 -25.92
N HIS T 827 63.94 57.40 -27.12
CA HIS T 827 64.21 58.83 -27.29
C HIS T 827 63.22 59.70 -26.52
N LEU T 828 61.93 59.33 -26.51
CA LEU T 828 60.95 60.13 -25.78
C LEU T 828 61.05 59.93 -24.28
N MET T 829 61.24 58.69 -23.82
CA MET T 829 61.24 58.45 -22.38
C MET T 829 62.58 58.73 -21.72
N TYR T 830 63.67 58.86 -22.49
CA TYR T 830 64.93 59.24 -21.88
C TYR T 830 65.06 60.74 -21.71
N TRP T 831 64.48 61.54 -22.61
CA TRP T 831 64.66 62.98 -22.60
C TRP T 831 63.48 63.71 -21.96
N ARG T 832 62.82 63.06 -20.99
CA ARG T 832 61.77 63.68 -20.16
C ARG T 832 60.60 64.22 -20.99
N HIS T 833 60.16 63.43 -21.97
CA HIS T 833 59.04 63.80 -22.83
C HIS T 833 57.81 62.94 -22.60
N ALA T 834 57.93 61.62 -22.68
CA ALA T 834 56.78 60.72 -22.63
C ALA T 834 57.13 59.53 -21.75
N ARG T 835 56.59 59.53 -20.53
CA ARG T 835 56.80 58.44 -19.61
C ARG T 835 56.06 57.19 -20.05
N ILE T 836 56.57 56.03 -19.64
CA ILE T 836 55.97 54.74 -19.95
C ILE T 836 55.01 54.36 -18.81
N VAL T 837 53.84 53.86 -19.20
CA VAL T 837 52.82 53.38 -18.27
C VAL T 837 52.20 52.11 -18.81
N ILE T 838 51.58 51.35 -17.92
CA ILE T 838 50.61 50.33 -18.34
C ILE T 838 49.44 51.04 -19.03
N PRO T 839 48.92 50.51 -20.15
CA PRO T 839 47.84 51.20 -20.86
C PRO T 839 46.59 51.41 -20.00
N LEU T 840 46.14 52.66 -19.96
CA LEU T 840 45.10 53.07 -19.02
C LEU T 840 43.73 52.58 -19.47
N SER T 841 42.98 51.99 -18.54
CA SER T 841 41.62 51.54 -18.79
C SER T 841 40.75 51.96 -17.62
N SER T 842 39.44 52.08 -17.89
CA SER T 842 38.50 52.36 -16.82
C SER T 842 38.25 51.14 -15.92
N LYS T 843 38.69 49.96 -16.33
CA LYS T 843 38.52 48.74 -15.55
C LYS T 843 39.65 48.53 -14.54
N TYR T 844 40.64 49.40 -14.51
CA TYR T 844 41.82 49.22 -13.67
C TYR T 844 41.65 50.05 -12.40
N THR T 845 42.14 49.51 -11.29
CA THR T 845 42.03 50.19 -10.00
C THR T 845 43.17 51.19 -9.86
N TYR T 846 42.81 52.45 -9.60
CA TYR T 846 43.76 53.54 -9.54
C TYR T 846 43.65 54.22 -8.18
N ILE T 847 44.77 54.28 -7.46
CA ILE T 847 44.78 54.87 -6.12
C ILE T 847 45.63 56.13 -6.15
N VAL T 848 45.43 56.96 -5.12
CA VAL T 848 46.20 58.19 -4.98
C VAL T 848 47.55 57.85 -4.37
N SER T 849 48.62 58.29 -5.04
CA SER T 849 49.96 57.98 -4.60
C SER T 849 50.28 58.74 -3.30
N PRO T 850 51.08 58.15 -2.41
CA PRO T 850 51.59 58.92 -1.27
C PRO T 850 52.47 60.08 -1.66
N LEU T 851 53.19 59.98 -2.79
CA LEU T 851 54.04 61.05 -3.28
C LEU T 851 53.28 62.05 -4.17
N ALA T 852 51.96 62.15 -4.01
CA ALA T 852 51.17 63.07 -4.82
C ALA T 852 51.51 64.52 -4.46
N PRO T 853 51.65 65.39 -5.46
CA PRO T 853 52.00 66.80 -5.17
C PRO T 853 50.86 67.57 -4.56
N ILE T 854 50.63 67.37 -3.25
CA ILE T 854 49.59 68.07 -2.51
C ILE T 854 50.26 69.16 -1.69
N GLN T 855 51.20 68.75 -0.83
CA GLN T 855 51.97 69.70 -0.05
C GLN T 855 53.11 70.26 -0.89
N GLY T 856 53.74 71.31 -0.36
CA GLY T 856 54.90 71.90 -0.98
C GLY T 856 54.51 73.04 -1.91
N TYR T 857 55.27 74.14 -1.84
CA TYR T 857 54.99 75.27 -2.70
C TYR T 857 55.40 74.98 -4.14
N THR T 858 56.45 74.19 -4.32
CA THR T 858 56.91 73.78 -5.64
C THR T 858 57.29 72.31 -5.56
N ILE T 859 57.96 71.82 -6.62
CA ILE T 859 58.26 70.39 -6.73
C ILE T 859 59.31 69.99 -5.69
N ASP T 860 60.28 70.86 -5.42
CA ASP T 860 61.39 70.57 -4.51
C ASP T 860 61.50 71.65 -3.44
N ASP T 861 60.38 71.98 -2.80
CA ASP T 861 60.38 73.04 -1.80
C ASP T 861 61.00 72.57 -0.48
N TYR T 862 60.32 71.64 0.19
CA TYR T 862 60.73 71.07 1.49
C TYR T 862 61.12 72.12 2.55
N VAL T 888 51.08 79.62 -1.86
CA VAL T 888 50.04 78.75 -2.35
C VAL T 888 50.61 77.39 -2.72
N PRO T 889 50.11 76.34 -2.06
CA PRO T 889 50.64 75.00 -2.30
C PRO T 889 50.29 74.48 -3.69
N LEU T 890 50.93 73.37 -4.05
CA LEU T 890 50.80 72.80 -5.38
C LEU T 890 49.41 72.25 -5.64
N ILE T 891 48.66 71.90 -4.60
CA ILE T 891 47.32 71.34 -4.78
C ILE T 891 46.38 72.39 -5.36
N TYR T 892 46.47 73.64 -4.92
CA TYR T 892 45.58 74.68 -5.45
C TYR T 892 46.00 75.09 -6.85
N GLN T 893 47.31 75.12 -7.11
CA GLN T 893 47.82 75.42 -8.45
C GLN T 893 47.36 74.36 -9.45
N ASN T 894 47.50 73.08 -9.07
CA ASN T 894 47.07 72.01 -9.95
C ASN T 894 45.55 71.90 -10.04
N SER T 895 44.83 72.35 -9.01
CA SER T 895 43.37 72.43 -9.11
C SER T 895 42.94 73.50 -10.12
N MET T 896 43.64 74.64 -10.12
CA MET T 896 43.39 75.67 -11.12
C MET T 896 43.72 75.16 -12.51
N LEU T 897 44.85 74.44 -12.64
CA LEU T 897 45.24 73.86 -13.92
C LEU T 897 44.24 72.79 -14.39
N PHE T 898 43.70 72.01 -13.45
CA PHE T 898 42.69 71.00 -13.78
C PHE T 898 41.38 71.65 -14.23
N ARG T 899 40.98 72.73 -13.56
CA ARG T 899 39.79 73.46 -13.97
C ARG T 899 39.98 74.09 -15.34
N SER T 900 41.18 74.59 -15.62
CA SER T 900 41.47 75.15 -16.93
C SER T 900 41.46 74.09 -18.02
N LYS T 901 42.00 72.90 -17.74
CA LYS T 901 42.06 71.86 -18.75
C LYS T 901 40.70 71.17 -18.95
N PHE T 902 39.98 70.93 -17.85
CA PHE T 902 38.66 70.29 -17.91
C PHE T 902 37.66 71.19 -17.20
N PRO T 903 36.98 72.07 -17.93
CA PRO T 903 35.99 72.95 -17.31
C PRO T 903 34.60 72.36 -17.17
N SER T 904 34.36 71.15 -17.67
CA SER T 904 33.07 70.50 -17.58
C SER T 904 33.08 69.34 -16.59
N LEU T 905 34.05 69.31 -15.70
CA LEU T 905 34.30 68.22 -14.77
C LEU T 905 34.36 68.76 -13.35
N PRO T 906 34.12 67.91 -12.35
CA PRO T 906 34.33 68.34 -10.96
C PRO T 906 35.79 68.66 -10.68
N SER T 907 36.00 69.39 -9.60
CA SER T 907 37.32 69.93 -9.27
C SER T 907 38.29 68.82 -8.87
N LEU T 908 39.58 69.16 -8.92
CA LEU T 908 40.63 68.24 -8.48
C LEU T 908 40.50 67.75 -7.04
N PRO T 909 40.09 68.57 -6.04
CA PRO T 909 39.77 67.98 -4.73
C PRO T 909 38.66 66.93 -4.78
N ILE T 910 37.62 67.13 -5.59
CA ILE T 910 36.54 66.15 -5.67
C ILE T 910 37.03 64.84 -6.28
N PHE T 911 37.83 64.91 -7.34
CA PHE T 911 38.36 63.70 -7.96
C PHE T 911 39.35 62.99 -7.04
N LEU T 912 40.20 63.75 -6.34
CA LEU T 912 41.19 63.14 -5.46
C LEU T 912 40.61 62.66 -4.14
N SER T 913 39.39 63.11 -3.80
CA SER T 913 38.69 62.57 -2.64
C SER T 913 37.81 61.38 -2.99
N LEU T 914 37.20 61.37 -4.18
CA LEU T 914 36.40 60.23 -4.61
C LEU T 914 37.22 58.97 -4.81
N LEU T 915 38.51 59.10 -5.08
CA LEU T 915 39.38 57.94 -5.28
C LEU T 915 40.10 57.50 -4.00
N SER T 916 40.00 58.26 -2.91
CA SER T 916 40.75 57.93 -1.70
C SER T 916 39.90 58.16 -0.45
N THR T 917 38.63 57.74 -0.48
CA THR T 917 37.80 57.67 0.72
C THR T 917 37.06 56.36 0.88
N ASP T 918 36.96 55.53 -0.15
CA ASP T 918 36.37 54.21 -0.06
C ASP T 918 37.43 53.16 -0.41
N LYS T 919 36.99 51.90 -0.46
CA LYS T 919 37.86 50.84 -0.92
C LYS T 919 38.21 51.06 -2.40
N PRO T 920 39.45 50.81 -2.81
CA PRO T 920 39.87 51.16 -4.17
C PRO T 920 39.27 50.24 -5.22
N GLN T 921 38.29 50.73 -5.96
CA GLN T 921 37.64 49.99 -7.01
C GLN T 921 38.15 50.47 -8.38
N ALA T 922 37.53 49.97 -9.44
CA ALA T 922 37.93 50.32 -10.80
C ALA T 922 37.58 51.78 -11.09
N TYR T 923 38.28 52.35 -12.08
CA TYR T 923 38.09 53.76 -12.40
C TYR T 923 36.75 54.02 -13.08
N SER T 924 36.09 52.99 -13.60
CA SER T 924 34.80 53.16 -14.29
C SER T 924 33.66 53.54 -13.35
N ASN T 925 33.85 53.46 -12.03
CA ASN T 925 32.81 53.80 -11.08
C ASN T 925 32.77 55.29 -10.75
N ILE T 926 33.66 56.09 -11.34
CA ILE T 926 33.67 57.53 -11.15
C ILE T 926 33.03 58.19 -12.36
N ILE T 927 33.18 57.56 -13.53
CA ILE T 927 32.63 58.08 -14.77
C ILE T 927 31.12 57.87 -14.79
N PRO T 928 30.32 58.94 -14.91
CA PRO T 928 28.85 58.77 -14.86
C PRO T 928 28.28 58.09 -16.10
N SER T 929 28.70 58.52 -17.28
CA SER T 929 28.13 58.04 -18.53
C SER T 929 29.24 57.73 -19.52
N ARG T 930 28.87 57.05 -20.61
CA ARG T 930 29.83 56.74 -21.66
C ARG T 930 30.24 57.97 -22.46
N GLU T 931 29.40 59.02 -22.48
CA GLU T 931 29.79 60.26 -23.13
C GLU T 931 30.88 60.99 -22.36
N HIS T 932 30.95 60.76 -21.05
CA HIS T 932 31.99 61.34 -20.21
C HIS T 932 33.25 60.50 -20.16
N LYS T 933 33.24 59.33 -20.80
CA LYS T 933 34.37 58.40 -20.69
C LYS T 933 35.68 58.92 -21.28
N PRO T 934 35.74 59.52 -22.50
CA PRO T 934 37.05 59.98 -22.97
C PRO T 934 37.60 61.15 -22.17
N VAL T 935 36.75 62.09 -21.76
CA VAL T 935 37.25 63.22 -20.97
C VAL T 935 37.64 62.76 -19.56
N TYR T 936 36.98 61.73 -19.03
CA TYR T 936 37.42 61.19 -17.73
C TYR T 936 38.71 60.41 -17.86
N LEU T 937 38.94 59.75 -19.00
CA LEU T 937 40.22 59.10 -19.23
C LEU T 937 41.33 60.12 -19.44
N ASN T 938 41.01 61.25 -20.06
CA ASN T 938 41.96 62.35 -20.16
C ASN T 938 42.28 62.92 -18.79
N ALA T 939 41.28 63.02 -17.91
CA ALA T 939 41.51 63.45 -16.53
C ALA T 939 42.41 62.46 -15.79
N LEU T 940 42.19 61.16 -16.03
CA LEU T 940 43.03 60.13 -15.42
C LEU T 940 44.48 60.22 -15.92
N ALA T 941 44.65 60.47 -17.22
CA ALA T 941 45.98 60.65 -17.79
C ALA T 941 46.65 61.91 -17.23
N TRP T 942 45.88 62.96 -17.01
CA TRP T 942 46.41 64.16 -16.37
C TRP T 942 46.84 63.89 -14.94
N LEU T 943 46.07 63.07 -14.22
CA LEU T 943 46.44 62.75 -12.84
C LEU T 943 47.69 61.89 -12.78
N ILE T 944 47.81 60.93 -13.70
CA ILE T 944 48.97 60.05 -13.72
C ILE T 944 50.22 60.80 -14.18
N GLN T 945 50.09 61.70 -15.17
CA GLN T 945 51.23 62.42 -15.70
C GLN T 945 51.80 63.43 -14.71
N TYR T 946 51.02 63.82 -13.70
CA TYR T 946 51.46 64.73 -12.66
C TYR T 946 51.91 63.99 -11.40
N GLY T 947 51.90 62.66 -11.42
CA GLY T 947 52.29 61.90 -10.25
C GLY T 947 51.25 61.86 -9.15
N TYR T 948 50.01 62.28 -9.45
CA TYR T 948 48.95 62.29 -8.45
C TYR T 948 48.38 60.90 -8.18
N VAL T 949 48.25 60.07 -9.22
CA VAL T 949 47.52 58.81 -9.12
C VAL T 949 48.35 57.69 -9.74
N THR T 950 48.56 56.62 -8.97
CA THR T 950 49.21 55.41 -9.47
C THR T 950 48.17 54.29 -9.63
N GLN T 951 48.65 53.12 -10.03
CA GLN T 951 47.82 51.94 -10.26
C GLN T 951 47.98 50.94 -9.14
N LEU T 952 46.88 50.32 -8.72
CA LEU T 952 46.89 49.28 -7.70
C LEU T 952 46.85 47.94 -8.41
N LEU T 953 48.01 47.30 -8.50
CA LEU T 953 48.17 46.02 -9.18
C LEU T 953 47.88 44.84 -8.26
N THR T 954 47.57 43.70 -8.86
CA THR T 954 47.20 42.49 -8.15
C THR T 954 48.35 41.49 -8.24
N PHE T 955 48.78 40.99 -7.08
CA PHE T 955 49.86 40.02 -6.99
C PHE T 955 49.35 38.75 -6.32
N ILE T 956 49.72 37.59 -6.87
CA ILE T 956 49.17 36.31 -6.45
C ILE T 956 50.30 35.41 -5.94
N ASN T 957 50.08 34.84 -4.75
CA ASN T 957 50.94 33.79 -4.20
C ASN T 957 50.06 32.60 -3.84
N ILE T 958 50.65 31.41 -3.84
CA ILE T 958 49.90 30.16 -3.70
C ILE T 958 50.10 29.61 -2.29
N ARG T 959 49.00 29.15 -1.69
CA ARG T 959 48.97 28.73 -0.29
C ARG T 959 48.29 27.37 -0.19
N VAL T 960 48.81 26.51 0.69
CA VAL T 960 48.33 25.13 0.81
C VAL T 960 47.98 24.87 2.27
N ASP T 961 46.77 24.37 2.51
CA ASP T 961 46.28 24.07 3.85
C ASP T 961 46.51 22.59 4.18
N LYS T 962 45.92 22.13 5.29
CA LYS T 962 46.16 20.77 5.74
C LYS T 962 45.40 19.74 4.93
N HIS T 963 44.27 20.12 4.31
CA HIS T 963 43.47 19.16 3.56
C HIS T 963 44.20 18.70 2.29
N ILE T 964 44.87 19.63 1.60
CA ILE T 964 45.65 19.28 0.43
C ILE T 964 46.83 18.41 0.81
N LYS T 965 47.46 18.70 1.96
CA LYS T 965 48.57 17.88 2.44
C LYS T 965 48.12 16.47 2.77
N MET T 966 46.96 16.33 3.41
CA MET T 966 46.44 15.00 3.73
C MET T 966 46.03 14.23 2.49
N ALA T 967 45.48 14.93 1.49
CA ALA T 967 45.15 14.26 0.23
C ALA T 967 46.40 13.80 -0.50
N VAL T 968 47.46 14.62 -0.48
CA VAL T 968 48.72 14.25 -1.09
C VAL T 968 49.36 13.08 -0.36
N ASP T 969 49.25 13.06 0.98
CA ASP T 969 49.74 11.92 1.75
C ASP T 969 48.97 10.65 1.42
N GLU T 970 47.65 10.77 1.22
CA GLU T 970 46.85 9.62 0.80
C GLU T 970 47.26 9.12 -0.57
N ASP T 971 47.52 10.05 -1.51
CA ASP T 971 47.97 9.65 -2.84
C ASP T 971 49.36 9.02 -2.80
N LEU T 972 50.23 9.50 -1.91
CA LEU T 972 51.54 8.89 -1.74
C LEU T 972 51.43 7.49 -1.15
N GLU T 973 50.51 7.31 -0.20
CA GLU T 973 50.28 5.98 0.37
C GLU T 973 49.62 5.05 -0.64
N LYS T 974 48.90 5.61 -1.61
CA LYS T 974 48.26 4.78 -2.63
C LYS T 974 49.29 4.12 -3.53
N GLU T 975 50.37 4.81 -3.85
CA GLU T 975 51.41 4.25 -4.70
C GLU T 975 52.60 3.78 -3.86
N PHE T 1059 43.81 16.10 17.76
CA PHE T 1059 44.33 14.78 17.45
C PHE T 1059 43.34 14.00 16.58
N GLU T 1060 43.13 12.73 16.93
CA GLU T 1060 42.22 11.87 16.20
C GLU T 1060 40.84 11.75 16.84
N TYR T 1061 40.72 12.06 18.13
CA TYR T 1061 39.43 12.00 18.80
C TYR T 1061 38.59 13.25 18.61
N ASP T 1062 39.17 14.32 18.08
CA ASP T 1062 38.44 15.57 17.85
C ASP T 1062 38.81 16.14 16.49
N ASP T 1063 37.92 16.97 15.95
CA ASP T 1063 38.12 17.62 14.65
C ASP T 1063 37.91 19.12 14.78
N PRO T 1064 38.92 19.85 15.26
CA PRO T 1064 38.80 21.31 15.34
C PRO T 1064 38.99 21.93 13.96
N GLU T 1065 38.08 22.83 13.59
CA GLU T 1065 38.10 23.47 12.29
C GLU T 1065 38.76 24.85 12.31
N MET T 1066 39.29 25.27 13.46
CA MET T 1066 39.98 26.56 13.58
C MET T 1066 41.45 26.36 13.94
N GLN T 1067 42.03 25.24 13.53
CA GLN T 1067 43.43 24.91 13.83
C GLN T 1067 44.14 24.41 12.58
N HIS T 1068 44.00 25.16 11.48
CA HIS T 1068 44.59 24.77 10.21
C HIS T 1068 46.12 24.81 10.27
N ASP T 1069 46.73 23.89 9.53
CA ASP T 1069 48.17 23.80 9.35
C ASP T 1069 48.46 24.29 7.94
N TYR T 1070 48.62 25.61 7.79
CA TYR T 1070 48.77 26.18 6.47
C TYR T 1070 50.24 26.14 6.04
N THR T 1071 50.49 26.53 4.79
CA THR T 1071 51.83 26.59 4.21
C THR T 1071 51.75 27.43 2.93
N ILE T 1072 52.70 28.34 2.77
CA ILE T 1072 52.78 29.20 1.58
C ILE T 1072 53.95 28.73 0.75
N ILE T 1073 53.67 28.23 -0.45
CA ILE T 1073 54.72 27.84 -1.40
C ILE T 1073 55.22 29.09 -2.09
N LEU T 1074 56.45 29.51 -1.75
CA LEU T 1074 56.93 30.82 -2.13
C LEU T 1074 57.23 30.91 -3.63
N GLU T 1075 57.94 29.93 -4.17
CA GLU T 1075 58.27 29.91 -5.59
C GLU T 1075 57.87 28.57 -6.19
N PRO T 1076 56.68 28.49 -6.81
CA PRO T 1076 56.18 27.19 -7.30
C PRO T 1076 56.93 26.66 -8.50
N GLU T 1077 57.78 27.46 -9.14
CA GLU T 1077 58.61 26.94 -10.23
C GLU T 1077 59.65 25.95 -9.71
N ARG T 1078 60.38 26.33 -8.67
CA ARG T 1078 61.36 25.43 -8.07
C ARG T 1078 60.77 24.70 -6.86
N ALA T 1079 59.65 24.02 -7.10
CA ALA T 1079 59.00 23.23 -6.07
C ALA T 1079 59.50 21.79 -6.13
N THR T 1080 59.42 21.11 -4.99
CA THR T 1080 59.86 19.72 -4.89
C THR T 1080 58.75 18.81 -5.42
N ALA T 1081 58.91 17.50 -5.23
CA ALA T 1081 57.91 16.56 -5.74
C ALA T 1081 56.62 16.64 -4.92
N ILE T 1082 56.76 16.75 -3.59
CA ILE T 1082 55.57 16.83 -2.74
C ILE T 1082 54.90 18.18 -2.91
N GLU T 1083 55.68 19.24 -3.14
CA GLU T 1083 55.08 20.56 -3.26
C GLU T 1083 54.42 20.73 -4.62
N LYS T 1084 55.00 20.14 -5.67
CA LYS T 1084 54.32 20.13 -6.97
C LYS T 1084 53.07 19.26 -6.93
N ARG T 1085 53.07 18.22 -6.08
CA ARG T 1085 51.83 17.48 -5.87
C ARG T 1085 50.81 18.32 -5.11
N TRP T 1086 51.27 19.19 -4.20
CA TRP T 1086 50.35 20.09 -3.51
C TRP T 1086 49.73 21.07 -4.48
N LEU T 1087 50.55 21.57 -5.42
CA LEU T 1087 50.06 22.51 -6.43
C LEU T 1087 49.07 21.83 -7.38
N TYR T 1088 49.36 20.59 -7.78
CA TYR T 1088 48.48 19.93 -8.73
C TYR T 1088 47.29 19.26 -8.05
N ARG T 1089 47.26 19.22 -6.72
CA ARG T 1089 46.08 18.86 -5.98
C ARG T 1089 45.26 20.07 -5.55
N CYS T 1090 45.82 21.28 -5.67
CA CYS T 1090 45.03 22.48 -5.49
C CYS T 1090 43.96 22.59 -6.59
N ILE T 1091 44.31 22.24 -7.81
CA ILE T 1091 43.36 22.07 -8.90
C ILE T 1091 43.02 20.58 -8.98
N TYR T 1092 41.86 20.20 -8.43
CA TYR T 1092 41.42 18.81 -8.47
C TYR T 1092 40.11 18.66 -9.22
N GLY T 1093 39.07 19.38 -8.83
CA GLY T 1093 37.76 19.27 -9.45
C GLY T 1093 37.39 20.38 -10.41
N GLN T 1094 38.33 21.28 -10.74
CA GLN T 1094 38.03 22.38 -11.62
C GLN T 1094 37.90 21.91 -13.07
N PRO T 1095 37.15 22.64 -13.91
CA PRO T 1095 37.05 22.27 -15.33
C PRO T 1095 38.36 22.42 -16.10
N SER T 1096 38.34 22.01 -17.38
CA SER T 1096 39.57 21.93 -18.16
C SER T 1096 40.14 23.31 -18.49
N ASP T 1097 39.28 24.31 -18.68
CA ASP T 1097 39.76 25.67 -18.96
C ASP T 1097 40.49 26.25 -17.75
N ILE T 1098 39.99 25.95 -16.55
CA ILE T 1098 40.68 26.36 -15.32
C ILE T 1098 42.00 25.60 -15.17
N GLN T 1099 42.03 24.33 -15.59
CA GLN T 1099 43.27 23.55 -15.55
C GLN T 1099 44.32 24.14 -16.49
N ILE T 1100 43.88 24.56 -17.68
CA ILE T 1100 44.80 25.13 -18.66
C ILE T 1100 45.30 26.49 -18.17
N LEU T 1101 44.40 27.31 -17.63
CA LEU T 1101 44.81 28.64 -17.18
C LEU T 1101 45.69 28.56 -15.94
N PHE T 1102 45.47 27.55 -15.09
CA PHE T 1102 46.35 27.34 -13.95
C PHE T 1102 47.72 26.87 -14.39
N ASN T 1103 47.77 26.00 -15.40
CA ASN T 1103 49.04 25.47 -15.88
C ASN T 1103 49.86 26.56 -16.56
N LYS T 1104 49.21 27.42 -17.33
CA LYS T 1104 49.90 28.49 -18.04
C LYS T 1104 50.34 29.61 -17.10
N LEU T 1105 49.69 29.76 -15.96
CA LEU T 1105 49.96 30.85 -15.03
C LEU T 1105 50.57 30.38 -13.71
N LEU T 1106 51.05 29.14 -13.64
CA LEU T 1106 51.59 28.63 -12.38
C LEU T 1106 52.94 29.27 -12.04
N LYS T 1107 53.78 29.47 -13.06
CA LYS T 1107 55.12 29.99 -12.81
C LYS T 1107 55.13 31.45 -12.35
N TYR T 1108 54.06 32.19 -12.60
CA TYR T 1108 53.95 33.59 -12.21
C TYR T 1108 53.28 33.79 -10.84
N PHE T 1109 52.95 32.71 -10.14
CA PHE T 1109 52.24 32.80 -8.86
C PHE T 1109 53.24 32.84 -7.70
N ASN T 1110 54.01 33.92 -7.64
CA ASN T 1110 55.07 34.05 -6.64
C ASN T 1110 55.00 35.35 -5.85
N GLY T 1111 53.95 36.15 -6.03
CA GLY T 1111 53.82 37.41 -5.31
C GLY T 1111 54.67 38.57 -5.79
N LYS T 1112 55.27 38.47 -6.98
CA LYS T 1112 56.11 39.53 -7.51
C LYS T 1112 55.68 40.04 -8.88
N VAL T 1113 54.97 39.24 -9.66
CA VAL T 1113 54.55 39.62 -11.01
C VAL T 1113 53.12 40.12 -10.94
N PRO T 1114 52.85 41.38 -11.30
CA PRO T 1114 51.46 41.88 -11.29
C PRO T 1114 50.64 41.21 -12.36
N MET T 1115 49.35 40.98 -12.05
CA MET T 1115 48.49 40.23 -12.94
C MET T 1115 48.11 41.00 -14.19
N GLU T 1116 48.32 42.32 -14.21
CA GLU T 1116 48.09 43.08 -15.43
C GLU T 1116 49.13 42.73 -16.48
N LEU T 1117 50.37 42.49 -16.05
CA LEU T 1117 51.40 42.09 -16.99
C LEU T 1117 51.19 40.66 -17.43
N VAL T 1118 50.60 39.83 -16.56
CA VAL T 1118 50.29 38.46 -16.93
C VAL T 1118 49.18 38.44 -17.98
N ILE T 1119 48.19 39.34 -17.82
CA ILE T 1119 47.11 39.46 -18.79
C ILE T 1119 47.65 39.92 -20.14
N ILE T 1120 48.56 40.90 -20.12
CA ILE T 1120 49.12 41.42 -21.37
C ILE T 1120 50.00 40.37 -22.05
N LYS T 1121 50.88 39.72 -21.27
CA LYS T 1121 51.85 38.81 -21.85
C LYS T 1121 51.22 37.50 -22.30
N GLU T 1122 50.32 36.94 -21.49
CA GLU T 1122 49.77 35.63 -21.76
C GLU T 1122 48.52 35.66 -22.64
N GLU T 1123 48.09 36.85 -23.08
CA GLU T 1123 46.95 37.04 -23.99
C GLU T 1123 45.66 36.44 -23.43
N ILE T 1124 45.45 36.60 -22.13
CA ILE T 1124 44.23 36.17 -21.49
C ILE T 1124 43.36 37.39 -21.21
N SER T 1125 42.11 37.15 -20.82
CA SER T 1125 41.16 38.21 -20.54
C SER T 1125 40.93 38.33 -19.03
N ARG T 1126 40.23 39.40 -18.65
CA ARG T 1126 39.96 39.66 -17.25
C ARG T 1126 38.85 38.77 -16.68
N HIS T 1127 37.91 38.32 -17.52
CA HIS T 1127 36.88 37.41 -17.04
C HIS T 1127 37.43 36.05 -16.68
N ASP T 1128 38.44 35.57 -17.43
CA ASP T 1128 39.10 34.32 -17.09
C ASP T 1128 39.86 34.44 -15.78
N LEU T 1129 40.56 35.56 -15.58
CA LEU T 1129 41.32 35.75 -14.35
C LEU T 1129 40.38 35.90 -13.16
N LYS T 1130 39.27 36.62 -13.32
CA LYS T 1130 38.33 36.74 -12.20
C LYS T 1130 37.63 35.42 -11.93
N LYS T 1131 37.50 34.57 -12.95
CA LYS T 1131 37.00 33.21 -12.73
C LYS T 1131 37.99 32.40 -11.90
N LEU T 1132 39.28 32.55 -12.18
CA LEU T 1132 40.27 31.76 -11.47
C LEU T 1132 40.47 32.28 -10.05
N LEU T 1133 40.27 33.58 -9.84
CA LEU T 1133 40.29 34.13 -8.48
C LEU T 1133 39.07 33.69 -7.68
N ASN T 1134 37.90 33.63 -8.31
CA ASN T 1134 36.70 33.23 -7.57
C ASN T 1134 36.68 31.73 -7.29
N ALA T 1135 37.11 30.92 -8.26
CA ALA T 1135 37.14 29.47 -8.06
C ALA T 1135 38.25 29.01 -7.13
N LEU T 1136 39.23 29.85 -6.83
CA LEU T 1136 40.36 29.50 -5.96
C LEU T 1136 40.57 30.64 -4.96
N ASP T 1137 39.86 30.58 -3.83
CA ASP T 1137 39.86 31.68 -2.89
C ASP T 1137 40.76 31.43 -1.68
N LYS T 1138 40.64 30.26 -1.06
CA LYS T 1138 41.46 29.95 0.11
C LYS T 1138 42.88 29.54 -0.23
N TYR T 1139 43.17 29.23 -1.50
CA TYR T 1139 44.49 28.76 -1.88
C TYR T 1139 45.37 29.86 -2.47
N LEU T 1140 44.77 30.96 -2.93
CA LEU T 1140 45.50 32.05 -3.55
C LEU T 1140 45.63 33.21 -2.58
N ILE T 1141 46.86 33.67 -2.38
CA ILE T 1141 47.13 34.84 -1.58
C ILE T 1141 46.97 36.07 -2.47
N GLU T 1142 46.20 37.05 -2.00
CA GLU T 1142 45.97 38.28 -2.75
C GLU T 1142 46.82 39.39 -2.16
N ILE T 1143 47.71 39.94 -2.98
CA ILE T 1143 48.63 41.00 -2.57
C ILE T 1143 48.42 42.18 -3.50
N HIS T 1144 48.15 43.35 -2.93
CA HIS T 1144 47.80 44.55 -3.68
C HIS T 1144 48.78 45.67 -3.33
N HIS T 1145 49.64 46.02 -4.28
CA HIS T 1145 50.48 47.20 -4.17
C HIS T 1145 50.78 47.71 -5.57
N TRP T 1146 51.49 48.84 -5.65
CA TRP T 1146 51.72 49.51 -6.91
C TRP T 1146 52.74 48.80 -7.79
N ILE U 99 72.28 126.65 8.53
CA ILE U 99 73.71 126.90 8.64
C ILE U 99 74.38 126.71 7.28
N LYS U 100 74.95 127.79 6.76
CA LYS U 100 75.59 127.76 5.46
C LYS U 100 76.94 127.06 5.53
N ALA U 101 77.36 126.50 4.39
CA ALA U 101 78.67 125.88 4.26
C ALA U 101 79.65 126.87 3.66
N TYR U 102 80.85 126.91 4.22
CA TYR U 102 81.85 127.94 3.94
C TYR U 102 83.01 127.32 3.18
N GLN U 103 83.09 127.62 1.88
CA GLN U 103 84.18 127.11 1.05
C GLN U 103 85.50 127.75 1.45
N ALA U 104 86.56 126.93 1.49
CA ALA U 104 87.86 127.39 1.93
C ALA U 104 88.95 126.59 1.22
N GLU U 105 90.16 127.14 1.24
CA GLU U 105 91.31 126.49 0.63
C GLU U 105 92.00 125.59 1.65
N LEU U 106 93.19 125.10 1.32
CA LEU U 106 93.93 124.22 2.21
C LEU U 106 95.39 124.65 2.25
N GLY U 107 96.00 124.55 3.42
CA GLY U 107 97.41 124.84 3.58
C GLY U 107 97.99 124.08 4.75
N TYR U 108 99.28 123.77 4.66
CA TYR U 108 99.98 123.02 5.69
C TYR U 108 101.04 123.90 6.33
N HIS U 109 101.52 123.47 7.50
CA HIS U 109 102.58 124.16 8.21
C HIS U 109 103.31 123.16 9.10
N GLU U 110 104.48 123.58 9.58
CA GLU U 110 105.31 122.75 10.43
C GLU U 110 104.99 123.01 11.91
N SER U 111 105.46 122.10 12.77
CA SER U 111 105.20 122.18 14.20
C SER U 111 105.97 123.29 14.90
N ARG U 112 106.99 123.86 14.24
CA ARG U 112 107.78 124.93 14.85
C ARG U 112 107.04 126.26 14.92
N PHE U 113 105.92 126.40 14.23
CA PHE U 113 105.16 127.65 14.23
C PHE U 113 103.91 127.60 15.09
N SER U 114 103.32 126.42 15.26
CA SER U 114 102.11 126.29 16.07
C SER U 114 102.07 124.90 16.69
N GLU U 115 101.29 124.79 17.77
CA GLU U 115 101.10 123.52 18.47
C GLU U 115 99.72 122.93 18.28
N ASN U 116 98.79 123.67 17.69
CA ASN U 116 97.44 123.18 17.46
C ASN U 116 97.41 122.26 16.23
N LEU U 117 96.23 121.67 15.98
CA LEU U 117 96.06 120.76 14.85
C LEU U 117 95.51 121.49 13.63
N VAL U 118 94.32 122.07 13.77
CA VAL U 118 93.66 122.80 12.68
C VAL U 118 93.43 124.23 13.15
N MET U 119 93.88 125.19 12.35
CA MET U 119 93.75 126.60 12.66
C MET U 119 92.98 127.31 11.55
N LEU U 120 92.07 128.21 11.94
CA LEU U 120 91.31 129.02 11.00
C LEU U 120 91.68 130.49 11.19
N ASN U 121 90.98 131.35 10.47
CA ASN U 121 91.10 132.80 10.61
C ASN U 121 89.81 133.34 11.20
N LEU U 122 89.91 133.99 12.36
CA LEU U 122 88.73 134.59 12.97
C LEU U 122 88.30 135.86 12.24
N VAL U 123 89.23 136.52 11.54
CA VAL U 123 88.86 137.66 10.72
C VAL U 123 88.06 137.21 9.50
N GLU U 124 88.47 136.12 8.87
CA GLU U 124 87.77 135.61 7.70
C GLU U 124 86.46 134.93 8.04
N PHE U 125 86.29 134.48 9.29
CA PHE U 125 85.06 133.83 9.74
C PHE U 125 84.58 134.50 11.01
N PRO U 126 83.92 135.66 10.89
CA PRO U 126 83.42 136.34 12.10
C PRO U 126 82.22 135.68 12.72
N ASP U 127 81.47 134.88 11.95
CA ASP U 127 80.29 134.20 12.49
C ASP U 127 80.64 133.01 13.37
N ILE U 128 81.87 132.51 13.31
CA ILE U 128 82.31 131.37 14.09
C ILE U 128 83.07 131.88 15.30
N LYS U 129 82.53 131.64 16.49
CA LYS U 129 83.24 131.99 17.72
C LYS U 129 84.43 131.06 17.93
N PRO U 130 85.50 131.54 18.56
CA PRO U 130 86.63 130.65 18.88
C PRO U 130 86.25 129.60 19.91
N GLY U 131 86.86 128.42 19.77
CA GLY U 131 86.61 127.33 20.67
C GLY U 131 85.31 126.59 20.45
N ASP U 132 84.81 126.59 19.22
CA ASP U 132 83.55 125.93 18.87
C ASP U 132 83.83 124.76 17.95
N LEU U 133 82.98 123.73 18.06
CA LEU U 133 83.13 122.54 17.25
C LEU U 133 82.72 122.85 15.81
N VAL U 134 83.66 122.73 14.89
CA VAL U 134 83.48 123.13 13.49
C VAL U 134 83.75 121.91 12.62
N GLU U 135 82.74 121.49 11.86
CA GLU U 135 82.90 120.38 10.94
C GLU U 135 83.73 120.80 9.74
N LEU U 136 84.58 119.89 9.25
CA LEU U 136 85.37 120.09 8.05
C LEU U 136 85.08 118.95 7.09
N LYS U 137 84.77 119.29 5.84
CA LYS U 137 84.42 118.29 4.84
C LYS U 137 84.79 118.81 3.46
N THR U 138 85.51 117.99 2.71
CA THR U 138 85.77 118.26 1.28
C THR U 138 84.72 117.52 0.46
N TYR U 139 83.72 118.27 0.00
CA TYR U 139 82.56 117.67 -0.64
C TYR U 139 81.87 118.71 -1.51
N HIS U 140 81.21 118.24 -2.57
CA HIS U 140 80.41 119.11 -3.43
C HIS U 140 78.97 118.63 -3.43
N LYS U 141 78.46 118.33 -2.24
CA LYS U 141 77.12 117.75 -2.01
C LYS U 141 76.95 116.43 -2.76
N ASN U 142 78.02 115.66 -2.85
CA ASN U 142 78.03 114.37 -3.54
C ASN U 142 78.94 113.41 -2.80
N PRO U 143 78.62 112.11 -2.82
CA PRO U 143 79.55 111.09 -2.27
C PRO U 143 80.61 110.66 -3.29
N SER U 144 81.62 111.50 -3.46
CA SER U 144 82.66 111.29 -4.47
C SER U 144 83.61 110.20 -4.01
N ALA U 145 83.26 108.96 -4.37
CA ALA U 145 84.03 107.74 -4.07
C ALA U 145 84.32 107.58 -2.58
N SER U 146 85.56 107.79 -2.18
CA SER U 146 85.99 107.69 -0.79
C SER U 146 86.52 109.00 -0.23
N ASN U 147 87.22 109.79 -1.05
CA ASN U 147 87.74 111.08 -0.59
C ASN U 147 86.64 112.12 -0.47
N GLY U 148 85.51 111.94 -1.15
CA GLY U 148 84.42 112.90 -1.07
C GLY U 148 83.67 112.86 0.25
N ASP U 149 83.75 111.75 0.98
CA ASP U 149 83.13 111.61 2.29
C ASP U 149 84.24 111.57 3.33
N LYS U 150 84.69 112.76 3.75
CA LYS U 150 85.74 112.90 4.78
C LYS U 150 85.27 113.97 5.76
N LYS U 151 84.55 113.55 6.79
CA LYS U 151 84.05 114.45 7.83
C LYS U 151 85.05 114.45 8.98
N ILE U 152 85.70 115.59 9.20
CA ILE U 152 86.75 115.73 10.20
C ILE U 152 86.35 116.86 11.16
N TYR U 153 86.35 116.55 12.46
CA TYR U 153 86.06 117.55 13.47
C TYR U 153 87.36 118.20 13.93
N PHE U 154 87.23 119.44 14.43
CA PHE U 154 88.34 120.16 15.06
C PHE U 154 87.75 121.25 15.95
N ILE U 155 88.62 122.08 16.51
CA ILE U 155 88.23 123.19 17.37
C ILE U 155 88.66 124.48 16.69
N ALA U 156 87.74 125.44 16.60
CA ALA U 156 88.01 126.73 15.94
C ALA U 156 89.05 127.50 16.74
N LYS U 157 90.24 127.64 16.16
CA LYS U 157 91.33 128.40 16.78
C LYS U 157 91.93 129.34 15.75
N ASP U 158 92.25 130.56 16.18
CA ASP U 158 92.77 131.57 15.27
C ASP U 158 94.23 131.30 14.95
N PHE U 159 94.73 132.03 13.95
CA PHE U 159 96.14 131.94 13.57
C PHE U 159 97.02 132.63 14.60
N ASP U 160 98.32 132.46 14.44
CA ASP U 160 99.32 133.14 15.24
C ASP U 160 99.84 134.36 14.48
N GLY U 161 100.76 135.10 15.11
CA GLY U 161 101.37 136.23 14.45
C GLY U 161 102.23 135.84 13.26
N GLU U 162 103.06 134.80 13.44
CA GLU U 162 103.88 134.31 12.34
C GLU U 162 103.02 133.63 11.26
N THR U 163 101.95 132.95 11.67
CA THR U 163 101.04 132.34 10.70
C THR U 163 100.31 133.39 9.88
N LYS U 164 99.89 134.49 10.51
CA LYS U 164 99.24 135.57 9.77
C LYS U 164 100.24 136.33 8.90
N ARG U 165 101.48 136.46 9.35
CA ARG U 165 102.49 137.14 8.55
C ARG U 165 102.93 136.31 7.35
N ARG U 166 102.94 134.98 7.49
CA ARG U 166 103.44 134.11 6.44
C ARG U 166 102.31 133.67 5.49
N ALA U 167 101.30 133.00 6.03
CA ALA U 167 100.26 132.39 5.20
C ALA U 167 99.29 133.47 4.73
N LYS U 168 99.12 133.56 3.41
CA LYS U 168 98.20 134.51 2.80
C LYS U 168 97.11 133.85 1.97
N THR U 169 97.47 132.87 1.14
CA THR U 169 96.53 132.25 0.22
C THR U 169 95.86 131.00 0.79
N SER U 170 96.22 130.59 2.01
CA SER U 170 95.66 129.40 2.63
C SER U 170 94.66 129.82 3.70
N ASN U 171 93.41 129.38 3.54
CA ASN U 171 92.38 129.69 4.52
C ASN U 171 92.52 128.83 5.77
N VAL U 172 92.88 127.56 5.60
CA VAL U 172 92.98 126.60 6.71
C VAL U 172 94.42 126.13 6.79
N SER U 173 95.02 126.28 7.96
CA SER U 173 96.38 125.80 8.23
C SER U 173 96.29 124.56 9.10
N ILE U 174 96.61 123.40 8.53
CA ILE U 174 96.51 122.11 9.21
C ILE U 174 97.92 121.57 9.37
N LEU U 175 98.25 121.15 10.60
CA LEU U 175 99.57 120.60 10.90
C LEU U 175 99.83 119.32 10.11
N SER U 176 101.03 119.25 9.53
CA SER U 176 101.40 118.11 8.69
C SER U 176 101.66 116.87 9.55
N GLY U 177 101.53 115.71 8.90
CA GLY U 177 101.77 114.45 9.58
C GLY U 177 100.66 113.44 9.39
N GLN U 178 100.02 113.04 10.50
CA GLN U 178 98.99 112.00 10.44
C GLN U 178 97.71 112.55 9.83
N LEU U 179 97.32 113.77 10.19
CA LEU U 179 96.07 114.34 9.68
C LEU U 179 96.17 114.68 8.19
N GLN U 180 97.35 115.13 7.75
CA GLN U 180 97.59 115.36 6.33
C GLN U 180 97.50 114.05 5.54
N THR U 181 98.07 112.97 6.08
CA THR U 181 97.99 111.67 5.42
C THR U 181 96.57 111.15 5.39
N LEU U 182 95.80 111.37 6.46
CA LEU U 182 94.40 110.96 6.49
C LEU U 182 93.57 111.75 5.49
N LEU U 183 93.83 113.05 5.37
CA LEU U 183 93.08 113.88 4.42
C LEU U 183 93.38 113.49 2.97
N ASP U 184 94.66 113.23 2.67
CA ASP U 184 95.14 112.84 1.34
C ASP U 184 94.75 113.86 0.27
N LEU U 185 95.02 115.13 0.57
CA LEU U 185 94.69 116.21 -0.33
C LEU U 185 95.92 117.05 -0.63
N PRO U 186 96.08 117.51 -1.87
CA PRO U 186 97.18 118.40 -2.21
C PRO U 186 96.93 119.82 -1.70
N SER U 187 97.96 120.65 -1.87
CA SER U 187 97.90 122.04 -1.40
C SER U 187 96.92 122.85 -2.23
N ARG U 188 96.31 123.86 -1.58
CA ARG U 188 95.35 124.77 -2.19
C ARG U 188 94.16 124.03 -2.79
N SER U 189 93.69 122.99 -2.10
CA SER U 189 92.52 122.24 -2.53
C SER U 189 91.26 122.86 -1.93
N ARG U 190 90.16 122.75 -2.67
CA ARG U 190 88.91 123.39 -2.29
C ARG U 190 88.16 122.50 -1.31
N ILE U 191 88.06 122.94 -0.06
CA ILE U 191 87.30 122.22 0.96
C ILE U 191 86.16 123.12 1.42
N TRP U 192 85.31 122.59 2.31
CA TRP U 192 84.18 123.35 2.84
C TRP U 192 84.17 123.26 4.36
N ILE U 193 83.60 124.28 4.99
CA ILE U 193 83.61 124.43 6.43
C ILE U 193 82.17 124.67 6.90
N LYS U 194 81.74 123.88 7.89
CA LYS U 194 80.41 124.01 8.48
C LYS U 194 80.54 124.08 9.99
N LEU U 195 79.78 124.98 10.61
CA LEU U 195 79.83 125.19 12.04
C LEU U 195 78.63 124.55 12.71
N LYS U 196 78.88 123.77 13.76
CA LYS U 196 77.82 123.18 14.57
C LYS U 196 77.80 123.83 15.94
N PRO U 197 76.78 124.64 16.27
CA PRO U 197 76.76 125.29 17.59
C PRO U 197 76.43 124.35 18.74
N ASN U 198 75.91 123.15 18.47
CA ASN U 198 75.55 122.19 19.50
C ASN U 198 76.63 121.12 19.61
N LYS U 199 77.07 120.85 20.83
CA LYS U 199 78.11 119.87 21.09
C LYS U 199 77.61 118.60 21.76
N PHE U 200 76.60 118.70 22.63
CA PHE U 200 76.12 117.54 23.36
C PHE U 200 75.43 116.53 22.44
N ASP U 201 74.82 116.99 21.35
CA ASP U 201 74.25 116.07 20.38
C ASP U 201 75.31 115.40 19.50
N LEU U 202 76.49 115.98 19.40
CA LEU U 202 77.56 115.44 18.57
C LEU U 202 78.65 114.76 19.39
N GLN U 203 78.39 114.50 20.67
CA GLN U 203 79.33 113.75 21.50
C GLN U 203 79.38 112.30 21.04
N ALA U 204 80.59 111.80 20.81
CA ALA U 204 80.77 110.42 20.39
C ALA U 204 80.45 109.46 21.52
N ASP U 205 79.85 108.32 21.18
CA ASP U 205 79.50 107.32 22.18
C ASP U 205 80.74 106.63 22.73
N VAL U 206 81.64 106.18 21.85
CA VAL U 206 82.81 105.42 22.24
C VAL U 206 84.02 106.02 21.54
N VAL U 207 85.04 106.38 22.31
CA VAL U 207 86.36 106.74 21.80
C VAL U 207 87.36 105.77 22.38
N GLU U 208 87.95 104.94 21.53
CA GLU U 208 88.91 103.95 21.97
C GLU U 208 90.29 104.58 22.18
N PHE U 209 91.16 103.85 22.88
CA PHE U 209 92.50 104.34 23.20
C PHE U 209 93.38 103.15 23.50
N ASN U 210 94.44 102.97 22.71
CA ASN U 210 95.33 101.83 22.82
C ASN U 210 96.63 102.26 23.49
N ILE U 211 97.06 101.48 24.48
CA ILE U 211 98.19 101.83 25.33
C ILE U 211 99.27 100.76 25.18
N LYS U 212 100.50 101.20 24.89
CA LYS U 212 101.60 100.28 24.65
C LYS U 212 102.80 100.62 25.53
N ASP U 213 103.48 99.58 26.01
CA ASP U 213 104.82 99.63 26.59
C ASP U 213 104.90 100.48 27.85
N CYS U 214 103.79 100.73 28.54
CA CYS U 214 103.82 101.57 29.72
C CYS U 214 102.67 101.19 30.65
N LEU U 215 102.79 101.62 31.90
CA LEU U 215 101.79 101.38 32.93
C LEU U 215 100.96 102.65 33.12
N LEU U 216 99.64 102.52 32.94
CA LEU U 216 98.70 103.62 33.19
C LEU U 216 97.62 103.13 34.14
N ASN U 217 97.55 103.73 35.33
CA ASN U 217 96.53 103.36 36.28
C ASN U 217 95.16 103.85 35.80
N ARG U 218 94.11 103.34 36.45
CA ARG U 218 92.76 103.78 36.15
C ARG U 218 92.54 105.24 36.55
N GLY U 219 93.17 105.68 37.63
CA GLY U 219 93.15 107.10 37.97
C GLY U 219 93.88 107.94 36.94
N ASP U 220 94.96 107.41 36.36
CA ASP U 220 95.65 108.11 35.29
C ASP U 220 94.80 108.17 34.03
N MET U 221 94.03 107.11 33.76
CA MET U 221 93.07 107.15 32.67
C MET U 221 91.98 108.19 32.92
N TRP U 222 91.52 108.30 34.17
CA TRP U 222 90.55 109.32 34.53
C TRP U 222 91.10 110.74 34.35
N VAL U 223 92.37 110.94 34.73
CA VAL U 223 93.00 112.25 34.55
C VAL U 223 93.20 112.56 33.06
N LEU U 224 93.56 111.55 32.27
CA LEU U 224 93.72 111.74 30.83
C LEU U 224 92.39 112.06 30.17
N SER U 225 91.30 111.42 30.61
CA SER U 225 89.99 111.77 30.09
C SER U 225 89.54 113.13 30.58
N SER U 226 90.00 113.56 31.77
CA SER U 226 89.72 114.91 32.23
C SER U 226 90.44 115.94 31.40
N LYS U 227 91.61 115.59 30.85
CA LYS U 227 92.31 116.47 29.93
C LYS U 227 91.77 116.40 28.52
N LEU U 228 90.93 115.40 28.21
CA LEU U 228 90.34 115.23 26.89
C LEU U 228 88.92 115.77 26.80
N VAL U 229 88.47 116.50 27.83
CA VAL U 229 87.15 117.13 27.77
C VAL U 229 87.19 118.31 26.80
N ASP U 230 86.18 118.36 25.92
CA ASP U 230 86.06 119.38 24.86
C ASP U 230 87.29 119.39 23.96
N THR U 231 87.56 118.23 23.36
CA THR U 231 88.67 118.08 22.42
C THR U 231 88.25 117.10 21.34
N CYS U 232 88.53 117.44 20.08
CA CYS U 232 88.14 116.64 18.94
C CYS U 232 89.30 115.76 18.50
N VAL U 233 89.01 114.48 18.24
CA VAL U 233 90.02 113.50 17.85
C VAL U 233 89.56 112.80 16.57
N PHE U 234 90.51 112.17 15.90
CA PHE U 234 90.25 111.41 14.68
C PHE U 234 90.91 110.03 14.79
N MET U 235 90.75 109.23 13.75
CA MET U 235 91.22 107.85 13.77
C MET U 235 92.73 107.77 13.63
N ASP U 236 93.32 106.82 14.38
CA ASP U 236 94.77 106.53 14.38
C ASP U 236 95.60 107.76 14.76
N GLN U 237 95.07 108.59 15.65
CA GLN U 237 95.79 109.77 16.14
C GLN U 237 96.69 109.39 17.29
N ARG U 238 97.97 109.71 17.18
CA ARG U 238 98.94 109.43 18.24
C ARG U 238 98.88 110.55 19.27
N LEU U 239 98.17 110.31 20.37
CA LEU U 239 98.05 111.28 21.44
C LEU U 239 99.29 111.21 22.35
N ALA U 240 99.23 111.93 23.46
CA ALA U 240 100.34 111.96 24.41
C ALA U 240 99.80 112.22 25.80
N PHE U 241 100.61 111.88 26.80
CA PHE U 241 100.26 112.13 28.20
C PHE U 241 101.56 112.27 28.97
N LEU U 242 101.83 113.47 29.49
CA LEU U 242 103.07 113.82 30.19
C LEU U 242 104.30 113.57 29.32
N ASP U 243 104.15 113.80 28.01
CA ASP U 243 105.16 113.67 26.94
C ASP U 243 105.92 112.34 26.97
N SER U 244 105.35 111.29 27.57
CA SER U 244 105.97 109.98 27.58
C SER U 244 105.00 108.83 27.35
N ILE U 245 103.69 109.05 27.46
CA ILE U 245 102.69 108.00 27.35
C ILE U 245 101.96 108.21 26.03
N ARG U 246 102.32 107.44 25.01
CA ARG U 246 101.67 107.54 23.72
C ARG U 246 100.33 106.82 23.73
N GLY U 247 99.58 106.96 22.64
CA GLY U 247 98.30 106.29 22.52
C GLY U 247 97.64 106.46 21.17
N THR U 248 97.16 105.35 20.60
CA THR U 248 96.55 105.35 19.28
C THR U 248 95.05 105.13 19.42
N ILE U 249 94.26 106.00 18.80
CA ILE U 249 92.81 105.93 18.84
C ILE U 249 92.36 105.09 17.65
N LYS U 250 92.07 103.82 17.91
CA LYS U 250 91.79 102.84 16.85
C LYS U 250 90.30 102.66 16.60
N GLY U 251 89.44 103.44 17.24
CA GLY U 251 88.01 103.36 16.97
C GLY U 251 87.18 104.46 17.60
N ILE U 252 86.33 105.10 16.79
CA ILE U 252 85.40 106.11 17.25
C ILE U 252 84.00 105.68 16.81
N TYR U 253 83.06 105.68 17.77
CA TYR U 253 81.72 105.19 17.53
C TYR U 253 80.70 106.25 17.94
N ARG U 254 79.62 106.35 17.17
CA ARG U 254 78.52 107.25 17.47
C ARG U 254 77.25 106.71 16.85
N ASN U 255 76.22 106.52 17.69
CA ASN U 255 74.90 106.02 17.29
C ASN U 255 74.99 104.67 16.58
N GLY U 256 75.86 103.81 17.06
CA GLY U 256 76.04 102.49 16.47
C GLY U 256 76.80 102.47 15.17
N LYS U 257 77.42 103.57 14.76
CA LYS U 257 78.14 103.66 13.50
C LYS U 257 79.58 104.08 13.77
N LYS U 258 80.51 103.45 13.06
CA LYS U 258 81.92 103.80 13.16
C LYS U 258 82.23 105.01 12.27
N ILE U 259 82.90 106.00 12.84
CA ILE U 259 83.23 107.24 12.15
C ILE U 259 84.73 107.48 12.26
N VAL U 260 85.26 108.21 11.26
CA VAL U 260 86.70 108.49 11.23
C VAL U 260 87.08 109.48 12.32
N SER U 261 86.26 110.50 12.54
CA SER U 261 86.52 111.51 13.55
C SER U 261 85.28 111.72 14.40
N GLY U 262 85.51 112.06 15.67
CA GLY U 262 84.43 112.31 16.60
C GLY U 262 84.81 113.40 17.57
N TYR U 263 83.86 113.73 18.45
CA TYR U 263 84.04 114.76 19.47
C TYR U 263 83.93 114.11 20.84
N ILE U 264 84.87 114.42 21.73
CA ILE U 264 84.89 113.88 23.08
C ILE U 264 84.27 114.92 24.01
N GLY U 265 83.16 114.54 24.65
CA GLY U 265 82.51 115.41 25.62
C GLY U 265 82.53 114.85 27.02
N GLU U 266 81.62 115.33 27.87
CA GLU U 266 81.56 114.83 29.24
C GLU U 266 80.95 113.43 29.30
N GLN U 267 79.92 113.17 28.49
CA GLN U 267 79.26 111.88 28.47
C GLN U 267 79.87 110.90 27.48
N THR U 268 81.05 111.22 26.94
CA THR U 268 81.74 110.33 26.02
C THR U 268 82.35 109.17 26.79
N ARG U 269 81.86 107.96 26.54
CA ARG U 269 82.35 106.77 27.24
C ARG U 269 83.66 106.33 26.60
N ILE U 270 84.74 107.02 26.98
CA ILE U 270 86.06 106.74 26.45
C ILE U 270 86.60 105.47 27.09
N ILE U 271 87.09 104.55 26.26
CA ILE U 271 87.52 103.23 26.70
C ILE U 271 89.02 103.13 26.45
N PHE U 272 89.77 102.76 27.49
CA PHE U 272 91.21 102.59 27.39
C PHE U 272 91.53 101.09 27.34
N ARG U 273 92.21 100.68 26.27
CA ARG U 273 92.68 99.31 26.14
C ARG U 273 94.20 99.29 26.09
N SER U 274 94.79 98.17 26.53
CA SER U 274 96.23 98.04 26.65
C SER U 274 96.71 96.86 25.82
N GLU U 275 97.68 97.12 24.94
CA GLU U 275 98.39 96.04 24.26
C GLU U 275 99.67 95.65 24.99
N SER U 276 99.93 96.25 26.15
CA SER U 276 100.97 95.79 27.06
C SER U 276 100.25 95.38 28.35
N ALA U 277 100.03 94.09 28.51
CA ALA U 277 99.16 93.59 29.56
C ALA U 277 99.63 92.22 30.01
N ARG U 278 99.31 91.87 31.26
CA ARG U 278 99.59 90.56 31.81
C ARG U 278 98.42 89.64 31.53
N LEU U 279 98.67 88.56 30.78
CA LEU U 279 97.62 87.64 30.38
C LEU U 279 97.89 86.27 30.99
N ILE U 280 96.85 85.67 31.57
CA ILE U 280 96.93 84.38 32.24
C ILE U 280 96.08 83.40 31.47
N PHE U 281 96.69 82.29 31.04
CA PHE U 281 95.98 81.22 30.35
C PHE U 281 95.90 80.02 31.28
N LEU U 282 94.68 79.58 31.57
CA LEU U 282 94.43 78.41 32.40
C LEU U 282 93.89 77.30 31.52
N ILE U 283 94.74 76.30 31.25
CA ILE U 283 94.35 75.17 30.43
C ILE U 283 93.67 74.15 31.34
N GLN U 284 92.42 73.82 31.03
CA GLN U 284 91.61 72.97 31.89
C GLN U 284 91.79 71.53 31.42
N ILE U 285 92.81 70.87 31.95
CA ILE U 285 93.12 69.50 31.58
C ILE U 285 92.11 68.56 32.22
N THR U 286 91.31 67.90 31.40
CA THR U 286 90.25 67.01 31.86
C THR U 286 90.31 65.74 31.01
N ASP U 287 89.28 64.91 31.14
CA ASP U 287 89.20 63.71 30.31
C ASP U 287 88.87 64.04 28.86
N GLU U 288 88.30 65.22 28.60
CA GLU U 288 87.85 65.61 27.28
C GLU U 288 88.92 66.33 26.48
N MET U 289 90.12 66.52 27.03
CA MET U 289 91.21 67.09 26.25
C MET U 289 91.70 66.13 25.18
N TRP U 290 91.63 64.82 25.45
CA TRP U 290 91.96 63.79 24.48
C TRP U 290 90.72 63.23 23.79
N ASN U 291 89.56 63.84 24.01
CA ASN U 291 88.34 63.44 23.31
C ASN U 291 88.30 64.04 21.92
N PHE U 292 87.91 63.22 20.95
CA PHE U 292 87.90 63.64 19.55
C PHE U 292 86.64 64.43 19.22
N GLU U 293 86.82 65.48 18.43
CA GLU U 293 85.71 66.25 17.90
C GLU U 293 85.13 65.50 16.69
N GLU U 294 83.93 65.92 16.26
CA GLU U 294 83.25 65.24 15.15
C GLU U 294 84.03 65.35 13.84
N THR U 295 84.81 66.42 13.67
CA THR U 295 85.66 66.54 12.48
C THR U 295 86.79 65.51 12.50
N GLY U 296 87.32 65.19 13.67
CA GLY U 296 88.37 64.19 13.78
C GLY U 296 89.63 64.65 14.47
N GLU U 297 89.55 65.74 15.22
CA GLU U 297 90.71 66.33 15.89
C GLU U 297 90.51 66.28 17.40
N GLN U 298 91.54 65.82 18.11
CA GLN U 298 91.57 66.00 19.55
C GLN U 298 91.69 67.47 19.90
N LEU U 299 91.08 67.86 21.02
CA LEU U 299 90.92 69.28 21.33
C LEU U 299 92.22 69.93 21.78
N PHE U 300 93.15 69.16 22.35
CA PHE U 300 94.45 69.76 22.66
C PHE U 300 95.27 69.97 21.39
N GLN U 301 95.04 69.14 20.36
CA GLN U 301 95.66 69.40 19.07
C GLN U 301 95.16 70.72 18.47
N LYS U 302 93.86 70.99 18.64
CA LYS U 302 93.32 72.30 18.29
C LYS U 302 93.99 73.41 19.10
N MET U 303 94.15 73.19 20.41
CA MET U 303 94.69 74.21 21.30
C MET U 303 96.14 74.56 20.94
N VAL U 304 96.93 73.56 20.55
CA VAL U 304 98.34 73.78 20.28
C VAL U 304 98.65 74.00 18.80
N ASN U 305 97.68 73.79 17.90
CA ASN U 305 97.94 73.96 16.48
C ASN U 305 97.05 74.97 15.76
N SER U 306 96.00 75.50 16.40
CA SER U 306 95.12 76.43 15.71
C SER U 306 94.84 77.66 16.56
N PHE U 307 94.94 77.52 17.89
CA PHE U 307 94.64 78.62 18.80
C PHE U 307 95.87 79.41 19.20
N PHE U 308 96.85 78.76 19.84
CA PHE U 308 98.04 79.47 20.30
C PHE U 308 98.90 80.03 19.16
N PRO U 309 99.22 79.29 18.07
CA PRO U 309 99.94 79.95 16.97
C PRO U 309 99.20 81.12 16.33
N LYS U 310 97.88 81.02 16.20
CA LYS U 310 97.12 82.11 15.61
C LYS U 310 97.06 83.32 16.54
N ILE U 311 96.92 83.08 17.85
CA ILE U 311 96.87 84.21 18.78
C ILE U 311 98.26 84.84 18.92
N PHE U 312 99.34 84.06 18.78
CA PHE U 312 100.67 84.66 18.81
C PHE U 312 100.94 85.44 17.54
N LYS U 313 100.45 84.95 16.40
CA LYS U 313 100.57 85.70 15.14
C LYS U 313 99.79 87.00 15.21
N LYS U 314 98.60 86.98 15.83
CA LYS U 314 97.82 88.20 15.97
C LYS U 314 98.44 89.16 16.97
N TRP U 315 99.10 88.64 18.01
CA TRP U 315 99.83 89.50 18.94
C TRP U 315 101.03 90.15 18.26
N LYS U 316 101.74 89.40 17.42
CA LYS U 316 102.88 89.96 16.70
C LYS U 316 102.45 90.95 15.62
N ASP U 317 101.30 90.70 14.97
CA ASP U 317 100.84 91.57 13.89
C ASP U 317 100.46 92.96 14.43
N VAL U 318 99.81 93.01 15.59
CA VAL U 318 99.52 94.28 16.25
C VAL U 318 100.74 94.81 16.99
N ASP U 319 101.80 93.99 17.10
CA ASP U 319 103.04 94.32 17.82
C ASP U 319 102.74 94.63 19.29
N THR U 320 101.95 93.76 19.91
CA THR U 320 101.71 93.84 21.35
C THR U 320 102.91 93.28 22.12
N HIS U 321 103.11 93.82 23.32
CA HIS U 321 104.20 93.41 24.21
C HIS U 321 103.59 92.96 25.52
N HIS U 322 103.17 91.69 25.57
CA HIS U 322 102.48 91.13 26.72
C HIS U 322 103.45 90.33 27.60
N THR U 323 102.95 89.90 28.76
CA THR U 323 103.56 88.86 29.56
C THR U 323 102.54 87.74 29.72
N ILE U 324 102.78 86.61 29.07
CA ILE U 324 101.88 85.48 29.18
C ILE U 324 102.18 84.71 30.46
N THR U 325 101.17 83.99 30.95
CA THR U 325 101.36 83.10 32.10
C THR U 325 100.44 81.90 31.91
N ILE U 326 101.02 80.76 31.57
CA ILE U 326 100.27 79.56 31.24
C ILE U 326 100.44 78.54 32.35
N ALA U 327 99.32 78.06 32.88
CA ALA U 327 99.32 77.06 33.93
C ALA U 327 98.27 76.01 33.62
N PHE U 328 98.65 74.74 33.81
CA PHE U 328 97.67 73.68 33.69
C PHE U 328 96.74 73.68 34.90
N ALA U 329 95.64 72.94 34.78
CA ALA U 329 94.57 73.00 35.78
C ALA U 329 93.84 71.65 35.72
N ILE U 330 94.14 70.79 36.69
CA ILE U 330 93.76 69.39 36.65
C ILE U 330 92.89 69.08 37.87
N SER U 331 91.76 68.44 37.64
CA SER U 331 90.97 67.81 38.70
C SER U 331 91.02 66.31 38.46
N MET U 332 91.41 65.56 39.49
CA MET U 332 91.62 64.12 39.38
C MET U 332 90.56 63.39 40.20
N ASP U 333 89.85 62.48 39.54
CA ASP U 333 88.83 61.69 40.23
C ASP U 333 89.48 60.49 40.90
N LEU U 334 89.28 60.37 42.21
CA LEU U 334 89.92 59.34 43.00
C LEU U 334 88.99 58.16 43.29
N SER U 335 87.78 58.18 42.77
CA SER U 335 86.81 57.11 42.96
C SER U 335 86.70 56.24 41.72
N ASP U 336 86.22 55.00 41.93
CA ASP U 336 86.06 54.03 40.86
C ASP U 336 84.66 54.05 40.26
N THR U 337 83.81 54.97 40.68
CA THR U 337 82.47 55.07 40.12
C THR U 337 82.52 55.56 38.67
N SER U 338 81.64 54.99 37.84
CA SER U 338 81.57 55.37 36.44
C SER U 338 81.00 56.77 36.28
N PHE U 339 81.39 57.44 35.20
CA PHE U 339 80.92 58.79 34.93
C PHE U 339 79.46 58.83 34.49
N LYS U 340 78.92 57.69 34.03
CA LYS U 340 77.51 57.62 33.68
C LYS U 340 76.60 57.66 34.91
N ASP U 341 77.11 57.28 36.07
CA ASP U 341 76.33 57.28 37.31
C ASP U 341 76.30 58.63 38.03
N LEU U 342 76.98 59.64 37.51
CA LEU U 342 77.04 60.93 38.19
C LEU U 342 75.74 61.70 37.98
N THR U 343 75.16 62.21 39.07
CA THR U 343 73.93 62.98 38.98
C THR U 343 74.22 64.39 38.48
N PRO U 344 73.36 64.94 37.61
CA PRO U 344 73.57 66.31 37.12
C PRO U 344 73.26 67.34 38.19
N GLY U 345 74.27 68.14 38.56
CA GLY U 345 74.13 69.18 39.57
C GLY U 345 75.05 69.02 40.76
N GLU U 346 75.43 67.80 41.08
CA GLU U 346 76.27 67.50 42.24
C GLU U 346 77.72 67.36 41.80
N SER U 347 78.62 68.00 42.55
CA SER U 347 80.04 67.91 42.25
C SER U 347 80.60 66.61 42.80
N LEU U 348 81.86 66.34 42.47
CA LEU U 348 82.50 65.12 42.94
C LEU U 348 82.83 65.21 44.43
N LYS U 349 82.44 64.19 45.17
CA LYS U 349 82.65 64.19 46.61
C LYS U 349 84.11 63.88 46.95
N ASN U 350 84.71 62.94 46.23
CA ASN U 350 86.10 62.53 46.44
C ASN U 350 86.91 62.93 45.23
N SER U 351 87.78 63.93 45.39
CA SER U 351 88.56 64.43 44.28
C SER U 351 89.86 65.03 44.79
N GLN U 352 90.86 65.08 43.90
CA GLN U 352 92.11 65.76 44.17
C GLN U 352 92.38 66.73 43.04
N ASP U 353 92.82 67.93 43.38
CA ASP U 353 92.99 69.02 42.43
C ASP U 353 94.46 69.38 42.30
N TYR U 354 94.94 69.52 41.07
CA TYR U 354 96.33 69.78 40.77
C TYR U 354 96.47 71.08 39.97
N PHE U 355 97.66 71.67 40.05
CA PHE U 355 97.96 72.90 39.31
C PHE U 355 99.42 72.85 38.87
N ARG U 356 99.64 72.72 37.56
CA ARG U 356 100.97 72.69 36.97
C ARG U 356 101.18 74.00 36.22
N ILE U 357 102.03 74.88 36.78
CA ILE U 357 102.34 76.14 36.12
C ILE U 357 103.41 75.87 35.07
N VAL U 358 103.04 75.99 33.81
CA VAL U 358 103.96 75.69 32.71
C VAL U 358 104.89 76.87 32.44
N VAL U 359 104.33 78.01 32.08
CA VAL U 359 105.10 79.21 31.79
C VAL U 359 104.75 80.27 32.82
N ASP U 360 105.78 80.82 33.47
CA ASP U 360 105.60 81.90 34.43
C ASP U 360 105.48 83.23 33.70
N GLN U 361 105.64 84.35 34.42
CA GLN U 361 105.48 85.66 33.81
C GLN U 361 106.59 85.95 32.82
N VAL U 362 106.35 85.63 31.55
CA VAL U 362 107.35 85.62 30.50
C VAL U 362 106.83 86.45 29.34
N SER U 363 107.67 87.34 28.80
CA SER U 363 107.30 88.16 27.66
C SER U 363 107.04 87.30 26.42
N ILE U 364 106.10 87.77 25.59
CA ILE U 364 105.60 86.97 24.46
C ILE U 364 106.52 86.98 23.26
N ILE U 365 107.67 87.65 23.34
CA ILE U 365 108.68 87.56 22.28
C ILE U 365 109.43 86.23 22.31
N HIS U 366 109.30 85.46 23.39
CA HIS U 366 109.84 84.12 23.52
C HIS U 366 108.78 83.06 23.24
N TRP U 367 107.92 83.31 22.25
CA TRP U 367 106.78 82.41 21.98
C TRP U 367 107.22 81.04 21.51
N VAL U 368 108.40 80.91 20.89
CA VAL U 368 108.93 79.61 20.52
C VAL U 368 109.20 78.77 21.76
N ASP U 369 109.87 79.37 22.74
CA ASP U 369 110.14 78.69 24.00
C ASP U 369 108.86 78.42 24.78
N ILE U 370 107.90 79.36 24.69
CA ILE U 370 106.61 79.19 25.36
C ILE U 370 105.86 77.99 24.79
N MET U 371 105.81 77.88 23.46
CA MET U 371 105.13 76.75 22.82
C MET U 371 105.86 75.44 23.08
N GLU U 372 107.20 75.48 23.08
CA GLU U 372 107.97 74.27 23.36
C GLU U 372 107.72 73.77 24.77
N THR U 373 107.73 74.68 25.76
CA THR U 373 107.46 74.30 27.14
C THR U 373 106.03 73.81 27.31
N LEU U 374 105.07 74.45 26.64
CA LEU U 374 103.67 74.03 26.73
C LEU U 374 103.48 72.63 26.17
N ARG U 375 104.07 72.35 25.01
CA ARG U 375 103.95 71.04 24.39
C ARG U 375 104.65 69.97 25.19
N GLU U 376 105.86 70.27 25.72
CA GLU U 376 106.58 69.31 26.53
C GLU U 376 105.84 68.98 27.82
N GLU U 377 105.30 70.00 28.49
CA GLU U 377 104.60 69.75 29.74
C GLU U 377 103.25 69.07 29.51
N PHE U 378 102.59 69.36 28.39
CA PHE U 378 101.35 68.63 28.10
C PHE U 378 101.63 67.17 27.73
N MET U 379 102.75 66.90 27.07
CA MET U 379 103.10 65.51 26.81
C MET U 379 103.55 64.78 28.07
N GLU U 380 104.12 65.51 29.03
CA GLU U 380 104.61 64.88 30.26
C GLU U 380 103.58 64.83 31.39
N ILE U 381 102.46 65.55 31.25
CA ILE U 381 101.50 65.65 32.35
C ILE U 381 100.82 64.32 32.63
N ARG U 382 100.67 63.46 31.62
CA ARG U 382 100.04 62.16 31.82
C ARG U 382 100.93 61.25 32.65
N LYS U 383 102.23 61.22 32.35
CA LYS U 383 103.18 60.49 33.18
C LYS U 383 103.30 61.12 34.57
N ASP U 384 103.19 62.45 34.65
CA ASP U 384 103.32 63.13 35.94
C ASP U 384 102.15 62.79 36.87
N LEU U 385 100.94 62.69 36.34
CA LEU U 385 99.75 62.55 37.19
C LEU U 385 99.21 61.13 37.28
N LEU U 386 99.11 60.42 36.16
CA LEU U 386 98.44 59.12 36.13
C LEU U 386 99.36 57.97 36.53
N ASN U 387 100.60 58.26 36.90
CA ASN U 387 101.55 57.27 37.38
C ASN U 387 101.83 57.60 38.85
N LYS U 388 100.97 57.10 39.74
CA LYS U 388 101.13 57.37 41.16
C LYS U 388 102.24 56.50 41.74
N GLN U 389 102.84 56.98 42.83
CA GLN U 389 103.95 56.31 43.48
C GLN U 389 103.44 55.59 44.72
N THR U 390 103.63 54.28 44.77
CA THR U 390 103.27 53.48 45.94
C THR U 390 104.47 53.34 46.86
N ASP U 391 104.20 53.28 48.17
CA ASP U 391 105.26 53.20 49.17
C ASP U 391 105.98 51.86 49.18
N LYS U 392 105.48 50.86 48.44
CA LYS U 392 106.10 49.55 48.38
C LYS U 392 107.32 49.49 47.47
N GLY U 393 107.72 50.60 46.86
CA GLY U 393 108.89 50.63 46.01
C GLY U 393 108.63 50.64 44.52
N TYR U 394 107.38 50.71 44.09
CA TYR U 394 107.05 50.72 42.67
C TYR U 394 105.89 51.68 42.42
N SER U 395 105.63 51.94 41.14
CA SER U 395 104.62 52.90 40.72
C SER U 395 103.46 52.18 40.05
N VAL U 396 102.25 52.60 40.35
CA VAL U 396 101.02 51.99 39.84
C VAL U 396 100.32 52.99 38.94
N ALA U 397 99.97 52.55 37.73
CA ALA U 397 99.24 53.40 36.79
C ALA U 397 97.81 53.54 37.29
N ASN U 398 97.53 54.62 38.01
CA ASN U 398 96.22 54.83 38.62
C ASN U 398 95.85 56.30 38.52
N GLY U 399 94.56 56.55 38.65
CA GLY U 399 94.03 57.89 38.60
C GLY U 399 93.24 58.14 37.32
N ARG U 400 92.31 59.08 37.39
CA ARG U 400 91.46 59.41 36.27
C ARG U 400 91.16 60.90 36.29
N PHE U 401 91.21 61.53 35.13
CA PHE U 401 90.84 62.93 35.02
C PHE U 401 89.33 63.10 35.17
N SER U 402 88.93 64.15 35.88
CA SER U 402 87.52 64.44 36.06
C SER U 402 86.95 64.97 34.73
N PRO U 403 85.65 64.80 34.50
CA PRO U 403 85.02 65.42 33.33
C PRO U 403 84.91 66.93 33.50
N VAL U 404 84.62 67.59 32.37
CA VAL U 404 84.58 69.05 32.34
C VAL U 404 83.43 69.57 33.21
N ILE U 405 82.28 68.89 33.16
CA ILE U 405 81.10 69.34 33.89
C ILE U 405 81.33 69.24 35.40
N LYS U 406 81.99 68.18 35.84
CA LYS U 406 82.29 67.95 37.25
C LYS U 406 83.65 68.48 37.66
N SER U 407 84.31 69.26 36.80
CA SER U 407 85.65 69.75 37.12
C SER U 407 85.57 70.87 38.15
N ASN U 408 86.75 71.35 38.56
CA ASN U 408 86.87 72.30 39.67
C ASN U 408 86.93 73.73 39.15
N PHE U 409 85.91 74.10 38.36
CA PHE U 409 85.95 75.35 37.59
C PHE U 409 86.02 76.58 38.49
N LEU U 410 85.20 76.62 39.54
CA LEU U 410 85.25 77.75 40.46
C LEU U 410 86.56 77.79 41.24
N GLU U 411 87.14 76.61 41.51
CA GLU U 411 88.47 76.56 42.09
C GLU U 411 89.52 77.12 41.13
N LEU U 412 89.35 76.89 39.83
CA LEU U 412 90.28 77.46 38.85
C LEU U 412 90.15 78.98 38.81
N VAL U 413 88.91 79.48 38.88
CA VAL U 413 88.68 80.92 38.85
C VAL U 413 89.23 81.57 40.12
N ASN U 414 89.10 80.90 41.27
CA ASN U 414 89.67 81.44 42.50
C ASN U 414 91.18 81.37 42.49
N PHE U 415 91.75 80.33 41.86
CA PHE U 415 93.19 80.26 41.63
C PHE U 415 93.67 81.44 40.78
N ALA U 416 92.88 81.81 39.76
CA ALA U 416 93.19 82.99 38.97
C ALA U 416 93.10 84.27 39.79
N THR U 417 92.07 84.40 40.63
CA THR U 417 91.85 85.63 41.39
C THR U 417 92.70 85.71 42.66
N THR U 418 93.50 84.69 42.95
CA THR U 418 94.47 84.79 44.05
C THR U 418 95.42 85.97 43.86
N ILE U 419 95.81 86.27 42.61
CA ILE U 419 96.90 87.21 42.36
C ILE U 419 96.44 88.66 42.32
N LEU U 420 95.16 88.93 42.56
CA LEU U 420 94.65 90.30 42.55
C LEU U 420 94.01 90.67 43.89
N THR U 421 94.12 89.79 44.90
CA THR U 421 93.50 90.03 46.20
C THR U 421 94.08 91.28 46.86
N ASP U 422 95.38 91.52 46.70
CA ASP U 422 96.03 92.67 47.31
C ASP U 422 96.23 93.74 46.25
N PRO U 423 95.55 94.89 46.34
CA PRO U 423 95.83 95.98 45.40
C PRO U 423 97.25 96.55 45.52
N PHE U 424 97.82 96.57 46.72
CA PHE U 424 99.15 97.14 46.94
C PHE U 424 100.26 96.10 46.78
N LYS U 425 100.26 95.39 45.65
CA LYS U 425 101.33 94.43 45.39
C LYS U 425 102.44 95.11 44.60
N GLN U 426 103.39 94.31 44.09
CA GLN U 426 104.46 94.85 43.27
C GLN U 426 103.93 95.31 41.92
N LEU U 427 104.48 96.42 41.43
CA LEU U 427 103.98 97.07 40.22
C LEU U 427 104.72 96.53 39.00
N ASP U 428 103.96 96.03 38.03
CA ASP U 428 104.49 95.74 36.70
C ASP U 428 104.49 97.05 35.92
N LEU U 429 105.64 97.73 35.87
CA LEU U 429 105.71 99.09 35.35
C LEU U 429 105.63 99.15 33.83
N ARG U 430 105.66 98.02 33.13
CA ARG U 430 105.55 98.02 31.68
C ARG U 430 104.24 97.43 31.16
N HIS U 431 103.39 96.90 32.02
CA HIS U 431 102.14 96.26 31.61
C HIS U 431 101.00 96.73 32.49
N THR U 432 99.79 96.70 31.92
CA THR U 432 98.65 97.39 32.50
C THR U 432 97.54 96.46 32.94
N THR U 433 97.01 95.63 32.05
CA THR U 433 95.76 94.92 32.29
C THR U 433 96.04 93.48 32.71
N THR U 434 95.23 92.95 33.62
CA THR U 434 95.29 91.56 34.05
C THR U 434 94.07 90.85 33.46
N HIS U 435 94.28 90.11 32.38
CA HIS U 435 93.22 89.42 31.66
C HIS U 435 93.44 87.91 31.77
N VAL U 436 92.40 87.19 32.19
CA VAL U 436 92.47 85.75 32.40
C VAL U 436 91.65 85.06 31.33
N MET U 437 92.26 84.12 30.61
CA MET U 437 91.61 83.30 29.61
C MET U 437 91.62 81.85 30.07
N ILE U 438 90.46 81.21 30.06
CA ILE U 438 90.33 79.80 30.43
C ILE U 438 90.05 79.00 29.16
N ILE U 439 90.94 78.09 28.83
CA ILE U 439 90.77 77.19 27.69
C ILE U 439 90.18 75.89 28.21
N SER U 440 88.99 75.54 27.71
CA SER U 440 88.31 74.35 28.18
C SER U 440 87.88 73.49 27.00
N PRO U 441 87.92 72.17 27.16
CA PRO U 441 87.40 71.28 26.11
C PRO U 441 85.90 70.99 26.22
N GLY U 442 85.16 71.73 27.03
CA GLY U 442 83.74 71.54 27.20
C GLY U 442 82.93 72.48 26.35
N SER U 443 81.67 72.67 26.74
CA SER U 443 80.73 73.51 26.01
C SER U 443 79.96 74.42 26.95
N GLY U 444 80.64 74.93 27.98
CA GLY U 444 80.03 75.89 28.88
C GLY U 444 79.09 75.30 29.92
N LEU U 445 79.10 73.98 30.12
CA LEU U 445 78.26 73.34 31.12
C LEU U 445 79.13 72.87 32.28
N PHE U 446 78.80 73.35 33.48
CA PHE U 446 79.59 73.05 34.67
C PHE U 446 78.67 72.75 35.85
N ASP U 447 78.92 71.64 36.54
CA ASP U 447 78.23 71.35 37.79
C ASP U 447 79.03 71.96 38.94
N VAL U 448 78.38 72.83 39.71
CA VAL U 448 79.07 73.65 40.70
C VAL U 448 78.34 73.57 42.03
N ASP U 449 79.08 73.94 43.08
CA ASP U 449 78.49 74.12 44.40
C ASP U 449 77.87 75.51 44.52
N TYR U 450 76.76 75.60 45.25
CA TYR U 450 76.00 76.84 45.31
C TYR U 450 76.73 77.91 46.12
N SER U 451 77.24 77.55 47.30
CA SER U 451 77.93 78.51 48.15
C SER U 451 79.25 78.95 47.52
N LEU U 452 79.96 78.02 46.88
CA LEU U 452 81.17 78.39 46.16
C LEU U 452 80.87 79.28 44.96
N LEU U 453 79.72 79.06 44.30
CA LEU U 453 79.32 79.95 43.22
C LEU U 453 79.03 81.36 43.72
N ARG U 454 78.35 81.46 44.88
CA ARG U 454 78.10 82.76 45.48
C ARG U 454 79.39 83.47 45.85
N LEU U 455 80.34 82.73 46.45
CA LEU U 455 81.62 83.32 46.84
C LEU U 455 82.43 83.74 45.62
N THR U 456 82.40 82.94 44.56
CA THR U 456 83.11 83.27 43.33
C THR U 456 82.52 84.52 42.67
N GLY U 457 81.19 84.64 42.67
CA GLY U 457 80.56 85.85 42.14
C GLY U 457 80.89 87.09 42.96
N LYS U 458 80.82 86.98 44.29
CA LYS U 458 81.16 88.12 45.15
C LYS U 458 82.62 88.51 45.04
N LYS U 459 83.51 87.55 44.79
CA LYS U 459 84.91 87.87 44.61
C LYS U 459 85.18 88.49 43.24
N LEU U 460 84.52 87.99 42.19
CA LEU U 460 84.73 88.50 40.84
C LEU U 460 84.09 89.87 40.64
N LEU U 461 83.09 90.22 41.43
CA LEU U 461 82.53 91.56 41.35
C LEU U 461 83.34 92.60 42.11
N SER U 462 84.41 92.20 42.80
CA SER U 462 85.21 93.11 43.60
C SER U 462 86.65 93.23 43.10
N LEU U 463 86.92 92.83 41.85
CA LEU U 463 88.27 92.89 41.32
C LEU U 463 88.21 93.04 39.80
N GLU U 464 89.35 93.46 39.24
CA GLU U 464 89.42 93.90 37.84
C GLU U 464 89.94 92.78 36.93
N MET U 465 89.08 91.76 36.75
CA MET U 465 89.40 90.68 35.82
C MET U 465 88.19 90.39 34.94
N THR U 466 88.47 89.96 33.70
CA THR U 466 87.46 89.46 32.78
C THR U 466 87.83 88.03 32.41
N MET U 467 87.11 87.07 32.98
CA MET U 467 87.33 85.66 32.68
C MET U 467 86.74 85.36 31.31
N ASP U 468 87.60 85.30 30.30
CA ASP U 468 87.18 85.01 28.93
C ASP U 468 87.35 83.51 28.70
N LEU U 469 86.30 82.75 28.96
CA LEU U 469 86.31 81.32 28.68
C LEU U 469 86.27 81.07 27.18
N ILE U 470 87.16 80.23 26.69
CA ILE U 470 87.15 79.79 25.30
C ILE U 470 86.99 78.28 25.25
N CYS U 471 86.05 77.81 24.44
CA CYS U 471 85.69 76.40 24.36
C CYS U 471 86.16 75.84 23.03
N LEU U 472 86.89 74.72 23.07
CA LEU U 472 87.40 74.10 21.87
C LEU U 472 86.40 73.15 21.21
N SER U 473 85.22 72.99 21.81
CA SER U 473 84.12 72.25 21.21
C SER U 473 83.13 73.21 20.56
N LYS U 474 82.19 72.63 19.81
CA LYS U 474 81.21 73.43 19.09
C LYS U 474 80.19 74.02 20.05
N ALA U 475 79.50 75.06 19.58
CA ALA U 475 78.52 75.75 20.41
C ALA U 475 77.29 74.87 20.65
N PRO U 476 76.87 74.69 21.90
CA PRO U 476 75.78 73.75 22.18
C PRO U 476 74.41 74.36 21.98
N LEU U 477 73.36 73.61 22.33
CA LEU U 477 71.98 74.01 22.12
C LEU U 477 71.42 74.87 23.24
N HIS U 478 72.17 75.09 24.32
CA HIS U 478 71.72 75.91 25.44
C HIS U 478 72.48 77.22 25.48
N ILE U 479 71.99 78.14 26.32
CA ILE U 479 72.62 79.43 26.49
C ILE U 479 73.89 79.26 27.32
N VAL U 480 74.97 79.88 26.87
CA VAL U 480 76.26 79.72 27.54
C VAL U 480 76.66 81.03 28.21
N PRO U 481 77.38 80.99 29.34
CA PRO U 481 77.78 79.81 30.12
C PRO U 481 76.64 79.28 30.98
N LEU U 482 76.52 77.97 31.14
CA LEU U 482 75.42 77.36 31.89
C LEU U 482 76.00 76.66 33.12
N PHE U 483 75.47 77.00 34.29
CA PHE U 483 75.88 76.40 35.55
C PHE U 483 74.70 75.64 36.15
N ARG U 484 74.94 74.39 36.52
CA ARG U 484 73.93 73.56 37.18
C ARG U 484 74.38 73.32 38.61
N TYR U 485 73.50 73.62 39.55
CA TYR U 485 73.81 73.44 40.97
C TYR U 485 72.58 72.88 41.68
N ARG U 486 72.83 72.24 42.80
CA ARG U 486 71.78 71.71 43.66
C ARG U 486 71.69 72.55 44.93
N ASP U 487 70.47 72.90 45.31
CA ASP U 487 70.23 73.78 46.45
C ASP U 487 70.31 72.97 47.74
N PHE U 488 69.90 73.59 48.86
CA PHE U 488 69.88 72.89 50.14
C PHE U 488 68.79 71.83 50.21
N GLU U 489 67.81 71.87 49.32
CA GLU U 489 66.76 70.86 49.28
C GLU U 489 66.94 69.88 48.12
N ASN U 490 68.17 69.75 47.62
CA ASN U 490 68.54 68.87 46.50
C ASN U 490 67.72 69.19 45.24
N LYS U 491 67.57 70.48 44.94
CA LYS U 491 66.77 70.92 43.80
C LYS U 491 67.68 71.42 42.69
N LEU U 492 67.52 70.86 41.50
CA LEU U 492 68.36 71.28 40.37
C LEU U 492 67.95 72.65 39.87
N HIS U 493 68.95 73.47 39.55
CA HIS U 493 68.73 74.82 39.03
C HIS U 493 69.72 75.08 37.90
N HIS U 494 69.36 76.03 37.04
CA HIS U 494 70.24 76.47 35.96
C HIS U 494 70.37 77.99 36.04
N CYS U 495 71.60 78.47 35.88
CA CYS U 495 71.87 79.91 35.93
C CYS U 495 73.01 80.23 34.98
N VAL U 496 72.98 81.45 34.46
CA VAL U 496 74.03 81.95 33.56
C VAL U 496 74.76 83.08 34.28
N PRO U 497 76.05 82.91 34.60
CA PRO U 497 76.79 83.97 35.28
C PRO U 497 77.09 85.14 34.36
N LEU U 498 77.02 86.35 34.91
CA LEU U 498 77.24 87.55 34.12
C LEU U 498 78.72 87.78 33.81
N TRP U 499 79.62 87.35 34.70
CA TRP U 499 81.03 87.69 34.58
C TRP U 499 81.80 86.78 33.64
N LEU U 500 81.19 85.74 33.09
CA LEU U 500 81.88 84.81 32.20
C LEU U 500 81.38 84.99 30.78
N SER U 501 82.31 85.24 29.86
CA SER U 501 82.03 85.37 28.44
C SER U 501 82.62 84.17 27.71
N VAL U 502 81.82 83.52 26.87
CA VAL U 502 82.18 82.27 26.22
C VAL U 502 82.46 82.55 24.74
N PHE U 503 83.63 82.13 24.28
CA PHE U 503 83.99 82.16 22.87
C PHE U 503 84.27 80.73 22.39
N PHE U 504 84.09 80.51 21.10
CA PHE U 504 84.29 79.20 20.50
C PHE U 504 85.32 79.29 19.39
N TRP U 505 86.25 78.35 19.37
CA TRP U 505 87.32 78.32 18.38
C TRP U 505 86.95 77.36 17.25
N ASN U 506 86.96 77.87 16.02
CA ASN U 506 86.63 77.04 14.86
C ASN U 506 87.83 76.91 13.93
N GLU U 515 75.62 75.08 5.88
CA GLU U 515 76.19 73.78 6.20
C GLU U 515 75.86 73.37 7.63
N TRP U 516 75.39 72.14 7.78
CA TRP U 516 75.00 71.63 9.09
C TRP U 516 76.22 71.16 9.87
N THR U 517 76.27 71.55 11.16
CA THR U 517 77.33 71.15 12.06
C THR U 517 76.74 70.44 13.27
N PRO U 518 77.29 69.28 13.65
CA PRO U 518 76.77 68.57 14.83
C PRO U 518 77.10 69.29 16.13
N ARG U 519 76.08 69.88 16.75
CA ARG U 519 76.24 70.69 17.95
C ARG U 519 75.91 69.94 19.24
N CYS U 520 75.52 68.67 19.15
CA CYS U 520 75.24 67.84 20.31
C CYS U 520 76.22 66.68 20.35
N LYS U 521 76.81 66.43 21.52
CA LYS U 521 77.87 65.46 21.68
C LYS U 521 77.31 64.14 22.19
N ILE U 522 77.44 63.10 21.38
CA ILE U 522 77.16 61.73 21.80
C ILE U 522 78.46 60.97 21.61
N TYR U 523 79.18 60.75 22.71
CA TYR U 523 80.54 60.20 22.60
C TYR U 523 80.51 58.71 22.29
N ASP U 524 79.54 57.98 22.86
CA ASP U 524 79.53 56.54 22.67
C ASP U 524 79.07 56.12 21.29
N LEU U 525 78.39 57.01 20.56
CA LEU U 525 78.00 56.71 19.18
C LEU U 525 78.95 57.29 18.15
N GLN U 526 79.60 58.42 18.46
CA GLN U 526 80.64 58.94 17.58
C GLN U 526 81.87 58.03 17.61
N MET U 527 82.29 57.61 18.80
CA MET U 527 83.43 56.72 18.95
C MET U 527 83.06 55.25 18.77
N MET U 528 81.77 54.95 18.60
CA MET U 528 81.23 53.58 18.52
C MET U 528 81.66 52.76 19.73
N GLY U 529 81.54 53.35 20.91
CA GLY U 529 81.98 52.71 22.14
C GLY U 529 81.10 51.61 22.67
N ILE U 530 79.87 51.49 22.17
CA ILE U 530 78.94 50.46 22.60
C ILE U 530 78.82 49.42 21.50
N THR U 531 79.08 48.16 21.85
CA THR U 531 79.03 47.07 20.88
C THR U 531 77.58 46.84 20.44
N GLU U 532 77.40 46.53 19.14
CA GLU U 532 76.07 46.51 18.52
C GLU U 532 75.12 45.52 19.16
N ASN U 533 75.64 44.44 19.74
CA ASN U 533 74.76 43.44 20.36
C ASN U 533 74.29 43.83 21.75
N GLU U 534 74.80 44.90 22.35
CA GLU U 534 74.48 45.23 23.73
C GLU U 534 73.78 46.57 23.92
N LEU U 535 73.49 47.32 22.85
CA LEU U 535 72.62 48.48 22.98
C LEU U 535 71.31 48.29 22.21
N ILE U 536 70.94 47.04 21.94
CA ILE U 536 69.66 46.75 21.31
C ILE U 536 68.53 47.19 22.24
N ARG U 537 67.49 47.78 21.66
CA ARG U 537 66.40 48.36 22.42
C ARG U 537 65.69 47.32 23.28
N GLU U 538 65.49 47.64 24.56
CA GLU U 538 64.85 46.75 25.51
C GLU U 538 63.41 47.13 25.81
N VAL U 539 63.12 48.41 25.97
CA VAL U 539 61.76 48.86 26.25
C VAL U 539 61.08 49.22 24.94
N ASP U 540 59.86 48.73 24.76
CA ASP U 540 59.14 48.81 23.50
C ASP U 540 57.84 49.59 23.69
N VAL U 541 56.99 49.53 22.67
CA VAL U 541 55.64 50.08 22.75
C VAL U 541 54.88 49.38 23.89
N GLU U 542 53.98 50.14 24.54
CA GLU U 542 53.22 49.61 25.65
C GLU U 542 52.16 48.61 25.16
N TYR U 543 51.43 48.05 26.12
CA TYR U 543 50.55 46.91 25.88
C TYR U 543 49.08 47.30 25.81
N LEU U 544 48.80 48.60 25.60
CA LEU U 544 47.46 49.15 25.46
C LEU U 544 46.59 48.83 26.68
N GLN U 545 46.98 49.43 27.80
CA GLN U 545 46.24 49.27 29.04
C GLN U 545 44.86 49.91 28.93
N LEU U 546 43.93 49.39 29.73
CA LEU U 546 42.54 49.82 29.68
C LEU U 546 42.30 51.00 30.62
N ASN U 547 41.03 51.33 30.83
CA ASN U 547 40.61 52.47 31.62
C ASN U 547 39.79 52.07 32.85
N LYS U 548 39.31 50.82 32.90
CA LYS U 548 38.36 50.33 33.91
C LYS U 548 37.05 51.15 33.92
N LYS U 549 36.68 51.68 32.75
CA LYS U 549 35.41 52.34 32.56
C LYS U 549 34.80 52.02 31.20
N VAL U 550 35.39 51.09 30.46
CA VAL U 550 35.06 50.84 29.06
C VAL U 550 34.59 49.39 28.93
N LYS U 551 33.40 49.19 28.36
CA LYS U 551 32.81 47.87 28.21
C LYS U 551 32.67 47.42 26.77
N SER U 552 33.07 48.24 25.80
CA SER U 552 32.95 47.89 24.39
C SER U 552 34.24 48.23 23.65
N LEU U 553 34.49 47.48 22.58
CA LEU U 553 35.70 47.72 21.78
C LEU U 553 35.58 49.04 21.00
N SER U 554 34.38 49.35 20.51
CA SER U 554 34.15 50.62 19.83
C SER U 554 34.30 51.79 20.79
N GLU U 555 33.83 51.63 22.03
CA GLU U 555 34.02 52.66 23.04
C GLU U 555 35.50 52.83 23.40
N PHE U 556 36.26 51.73 23.41
CA PHE U 556 37.70 51.82 23.63
C PHE U 556 38.39 52.57 22.50
N MET U 557 38.00 52.30 21.24
CA MET U 557 38.58 53.03 20.11
C MET U 557 38.22 54.51 20.17
N ASN U 558 36.98 54.82 20.55
CA ASN U 558 36.56 56.21 20.65
C ASN U 558 37.30 56.94 21.76
N ASP U 559 37.50 56.28 22.91
CA ASP U 559 38.21 56.91 24.01
C ASP U 559 39.70 57.04 23.72
N TYR U 560 40.26 56.14 22.91
CA TYR U 560 41.66 56.30 22.50
C TYR U 560 41.81 57.43 21.50
N ASP U 561 40.87 57.55 20.55
CA ASP U 561 40.94 58.61 19.55
C ASP U 561 40.64 59.98 20.15
N LYS U 562 39.84 60.03 21.22
CA LYS U 562 39.54 61.31 21.85
C LYS U 562 40.72 61.85 22.65
N ASN U 563 41.56 60.97 23.19
CA ASN U 563 42.69 61.36 24.02
C ASN U 563 44.03 61.14 23.32
N ALA U 564 44.02 60.98 21.99
CA ALA U 564 45.25 60.71 21.25
C ALA U 564 46.15 61.92 21.15
N PHE U 565 45.65 63.12 21.43
CA PHE U 565 46.44 64.35 21.31
C PHE U 565 46.51 65.10 22.64
N GLU U 566 46.16 64.45 23.74
CA GLU U 566 46.18 65.08 25.05
C GLU U 566 47.62 65.19 25.54
N VAL U 567 47.92 66.30 26.22
CA VAL U 567 49.24 66.59 26.80
C VAL U 567 50.36 66.55 25.75
N GLU U 846 73.21 88.87 42.80
CA GLU U 846 73.08 89.61 41.56
C GLU U 846 74.16 89.19 40.56
N THR U 847 74.83 88.08 40.86
CA THR U 847 75.90 87.56 40.01
C THR U 847 75.42 86.47 39.06
N TRP U 848 74.13 86.13 39.07
CA TRP U 848 73.59 85.17 38.13
C TRP U 848 72.13 85.50 37.86
N VAL U 849 71.65 85.02 36.71
CA VAL U 849 70.24 85.08 36.35
C VAL U 849 69.71 83.65 36.26
N ASP U 850 68.58 83.40 36.92
CA ASP U 850 68.06 82.04 37.06
C ASP U 850 67.31 81.66 35.78
N ILE U 851 67.90 80.75 35.01
CA ILE U 851 67.24 80.19 33.84
C ILE U 851 66.23 79.16 34.29
N LYS U 852 64.98 79.28 33.81
CA LYS U 852 63.93 78.34 34.20
C LYS U 852 64.22 76.93 33.71
N SER U 853 64.66 76.79 32.45
CA SER U 853 65.03 75.49 31.90
C SER U 853 65.97 75.71 30.73
N PRO U 854 67.01 74.88 30.58
CA PRO U 854 67.90 75.02 29.41
C PRO U 854 67.23 74.66 28.09
N SER U 855 66.13 73.91 28.12
CA SER U 855 65.46 73.46 26.91
C SER U 855 64.50 74.48 26.33
N ILE U 856 64.24 75.58 27.02
CA ILE U 856 63.43 76.67 26.48
C ILE U 856 64.34 77.87 26.23
N PRO U 857 64.16 78.60 25.12
CA PRO U 857 65.08 79.69 24.80
C PRO U 857 64.71 80.97 25.54
N VAL U 858 65.54 81.99 25.34
CA VAL U 858 65.34 83.29 25.97
C VAL U 858 65.00 84.30 24.89
N SER U 859 64.40 85.41 25.32
CA SER U 859 64.05 86.49 24.41
C SER U 859 65.30 87.27 24.00
N SER U 860 65.13 88.12 22.98
CA SER U 860 66.24 88.93 22.49
C SER U 860 66.67 89.96 23.52
N GLU U 861 65.70 90.58 24.21
CA GLU U 861 66.05 91.58 25.22
C GLU U 861 66.70 90.93 26.45
N PHE U 862 66.30 89.70 26.78
CA PHE U 862 66.96 88.98 27.87
C PHE U 862 68.39 88.63 27.51
N ALA U 863 68.63 88.18 26.27
CA ALA U 863 69.99 87.90 25.82
C ALA U 863 70.82 89.18 25.71
N ASN U 864 70.17 90.31 25.47
CA ASN U 864 70.87 91.59 25.52
C ASN U 864 71.17 92.01 26.96
N GLU U 865 70.37 91.51 27.91
CA GLU U 865 70.60 91.84 29.32
C GLU U 865 71.82 91.12 29.89
N LEU U 866 72.25 90.01 29.29
CA LEU U 866 73.41 89.28 29.80
C LEU U 866 74.72 90.01 29.50
N LEU U 867 75.10 90.91 30.41
CA LEU U 867 76.40 91.56 30.40
C LEU U 867 76.66 92.10 31.80
N PRO U 868 77.90 92.09 32.27
CA PRO U 868 78.19 92.62 33.61
C PRO U 868 77.96 94.12 33.69
N ILE U 869 77.52 94.56 34.86
CA ILE U 869 77.20 95.97 35.04
C ILE U 869 78.46 96.80 35.28
N ARG U 870 79.46 96.22 35.95
CA ARG U 870 80.73 96.91 36.17
C ARG U 870 81.55 97.05 34.89
N TRP U 871 81.23 96.25 33.86
CA TRP U 871 81.89 96.33 32.56
C TRP U 871 80.88 96.64 31.46
N LYS U 872 79.79 97.32 31.83
CA LYS U 872 78.71 97.61 30.89
C LYS U 872 79.10 98.64 29.84
N ASP U 873 80.13 99.44 30.09
CA ASP U 873 80.50 100.56 29.23
C ASP U 873 81.64 100.20 28.28
N VAL U 874 81.67 98.96 27.80
CA VAL U 874 82.68 98.54 26.84
C VAL U 874 82.01 98.18 25.51
N TRP U 886 87.54 89.36 19.10
CA TRP U 886 88.97 89.33 18.82
C TRP U 886 89.71 90.45 19.53
N ARG U 887 89.04 91.58 19.68
CA ARG U 887 89.65 92.75 20.31
C ARG U 887 89.89 92.54 21.80
N SER U 888 89.06 91.73 22.47
CA SER U 888 89.29 91.42 23.87
C SER U 888 90.48 90.48 24.05
N PHE U 889 90.71 89.57 23.09
CA PHE U 889 91.82 88.64 23.20
C PHE U 889 93.16 89.34 23.01
N THR U 890 93.27 90.18 21.97
CA THR U 890 94.55 90.76 21.62
C THR U 890 94.86 92.01 22.44
N THR U 891 93.87 92.88 22.64
CA THR U 891 94.05 94.16 23.34
C THR U 891 93.01 94.29 24.44
N PRO U 892 93.24 93.65 25.59
CA PRO U 892 92.23 93.64 26.66
C PRO U 892 92.03 95.02 27.27
N ALA U 893 90.82 95.25 27.76
CA ALA U 893 90.41 96.54 28.30
C ALA U 893 90.48 96.55 29.82
N GLU U 894 90.83 97.71 30.37
CA GLU U 894 90.83 97.90 31.81
C GLU U 894 89.39 98.10 32.29
N LEU U 895 89.22 98.11 33.62
CA LEU U 895 87.94 98.39 34.25
C LEU U 895 87.47 99.79 33.88
N PRO U 896 86.29 99.96 33.30
CA PRO U 896 85.84 101.29 32.87
C PRO U 896 85.69 102.27 34.02
N ILE U 897 86.01 103.53 33.72
CA ILE U 897 86.06 104.58 34.74
C ILE U 897 84.65 104.90 35.25
N THR U 898 83.63 104.66 34.45
CA THR U 898 82.26 105.00 34.80
C THR U 898 81.36 103.76 34.75
N ILE U 899 80.30 103.81 35.54
CA ILE U 899 79.25 102.80 35.54
C ILE U 899 77.90 103.51 35.56
N SER U 900 76.96 103.04 34.76
CA SER U 900 75.62 103.63 34.66
C SER U 900 74.58 102.84 35.43
N ASP U 901 74.95 102.30 36.59
CA ASP U 901 74.05 101.48 37.38
C ASP U 901 74.17 101.87 38.85
N PHE U 902 73.15 101.51 39.62
CA PHE U 902 73.06 101.88 41.03
C PHE U 902 72.00 101.00 41.68
N PRO U 903 72.12 100.72 42.98
CA PRO U 903 71.02 100.06 43.68
C PRO U 903 69.78 100.94 43.76
N SER U 904 68.61 100.29 43.78
CA SER U 904 67.34 100.99 43.86
C SER U 904 67.14 101.56 45.27
N LYS U 905 66.04 102.31 45.43
CA LYS U 905 65.78 102.99 46.70
C LYS U 905 65.46 101.99 47.82
N ASP U 906 64.74 100.92 47.50
CA ASP U 906 64.44 99.90 48.51
C ASP U 906 65.66 99.06 48.85
N ASP U 907 66.53 98.79 47.87
CA ASP U 907 67.74 98.01 48.15
C ASP U 907 68.77 98.81 48.94
N PHE U 908 68.79 100.14 48.75
CA PHE U 908 69.72 100.98 49.50
C PHE U 908 69.38 101.02 50.99
N ASP U 909 68.11 100.86 51.34
CA ASP U 909 67.67 100.84 52.73
C ASP U 909 67.50 99.43 53.29
N ARG U 910 67.81 98.39 52.51
CA ARG U 910 67.57 97.02 52.95
C ARG U 910 68.81 96.41 53.61
N ASN U 911 69.91 96.32 52.89
CA ASN U 911 71.11 95.61 53.34
C ASN U 911 72.33 96.51 53.24
N PHE U 912 72.21 97.74 53.76
CA PHE U 912 73.30 98.69 53.75
C PHE U 912 73.43 99.35 55.12
N ILE U 913 74.67 99.67 55.48
CA ILE U 913 74.98 100.45 56.67
C ILE U 913 75.73 101.71 56.24
N PHE U 914 75.61 102.76 57.05
CA PHE U 914 76.07 104.10 56.70
C PHE U 914 77.26 104.47 57.57
N ARG U 915 78.36 104.86 56.92
CA ARG U 915 79.52 105.43 57.58
C ARG U 915 79.87 106.76 56.93
N ASN U 916 80.21 107.75 57.76
CA ASN U 916 80.43 109.11 57.30
C ASN U 916 81.83 109.58 57.66
N HIS U 917 82.46 110.31 56.75
CA HIS U 917 83.76 110.92 56.96
C HIS U 917 83.66 112.43 56.90
N SER U 918 84.66 113.11 57.46
CA SER U 918 84.79 114.55 57.35
C SER U 918 86.28 114.87 57.38
N VAL U 919 86.88 115.01 56.20
CA VAL U 919 88.32 115.17 56.05
C VAL U 919 88.61 116.57 55.54
N THR U 920 89.63 117.20 56.12
CA THR U 920 89.90 118.61 55.93
C THR U 920 91.39 118.79 55.63
N LEU U 921 91.72 119.88 54.92
CA LEU U 921 93.11 120.23 54.67
C LEU U 921 93.86 120.48 55.97
N ASN U 922 95.12 120.08 55.99
CA ASN U 922 96.02 120.35 57.11
C ASN U 922 97.07 121.39 56.71
N THR U 923 97.44 122.22 57.69
CA THR U 923 98.29 123.39 57.43
C THR U 923 99.71 123.02 57.04
N ASP U 924 100.15 121.79 57.31
CA ASP U 924 101.51 121.38 56.92
C ASP U 924 101.62 121.13 55.42
N GLN U 925 100.54 120.68 54.79
CA GLN U 925 100.57 120.35 53.37
C GLN U 925 100.20 121.53 52.47
N GLU U 926 99.63 122.61 53.01
CA GLU U 926 99.37 123.79 52.19
C GLU U 926 100.59 124.67 52.01
N GLN U 927 101.70 124.38 52.70
CA GLN U 927 102.97 125.01 52.35
C GLN U 927 103.41 124.61 50.95
N TYR U 928 103.22 123.35 50.60
CA TYR U 928 103.31 122.92 49.21
C TYR U 928 102.07 123.36 48.44
N ASN U 929 102.15 123.27 47.11
CA ASN U 929 101.03 123.64 46.25
C ASN U 929 99.98 122.55 46.33
N GLN U 930 99.14 122.65 47.36
CA GLN U 930 98.12 121.63 47.65
C GLN U 930 96.87 122.36 48.15
N THR U 931 95.86 122.48 47.29
CA THR U 931 94.55 122.97 47.68
C THR U 931 93.67 121.77 48.04
N TYR U 932 92.36 122.00 48.18
CA TYR U 932 91.44 120.89 48.37
C TYR U 932 91.19 120.12 47.09
N LYS U 933 91.36 120.77 45.93
CA LYS U 933 91.02 120.14 44.65
C LYS U 933 91.97 118.99 44.32
N ASP U 934 93.28 119.25 44.33
CA ASP U 934 94.23 118.22 43.96
C ASP U 934 94.29 117.09 44.99
N LEU U 935 94.07 117.41 46.28
CA LEU U 935 93.90 116.36 47.28
C LEU U 935 92.64 115.53 47.02
N LEU U 936 91.56 116.19 46.59
CA LEU U 936 90.33 115.48 46.25
C LEU U 936 90.55 114.52 45.08
N ARG U 937 91.20 114.99 44.02
CA ARG U 937 91.44 114.10 42.88
C ARG U 937 92.51 113.07 43.19
N ASP U 938 93.37 113.30 44.19
CA ASP U 938 94.26 112.24 44.64
C ASP U 938 93.49 111.15 45.37
N MET U 939 92.48 111.55 46.16
CA MET U 939 91.60 110.56 46.78
C MET U 939 90.83 109.77 45.72
N ILE U 940 90.32 110.45 44.70
CA ILE U 940 89.65 109.75 43.60
C ILE U 940 90.63 108.86 42.83
N TYR U 941 91.90 109.28 42.75
CA TYR U 941 92.95 108.44 42.15
C TYR U 941 93.13 107.15 42.95
N MET U 942 93.13 107.26 44.29
CA MET U 942 93.23 106.07 45.14
C MET U 942 92.00 105.17 44.98
N ARG U 943 90.80 105.77 44.91
CA ARG U 943 89.58 104.99 44.71
C ARG U 943 89.58 104.25 43.37
N LEU U 944 90.01 104.93 42.31
CA LEU U 944 90.16 104.27 41.01
C LEU U 944 91.23 103.19 41.04
N LEU U 945 92.29 103.38 41.84
CA LEU U 945 93.30 102.35 41.98
C LEU U 945 92.75 101.11 42.67
N THR U 946 91.93 101.31 43.70
CA THR U 946 91.32 100.16 44.38
C THR U 946 90.26 99.48 43.52
N GLY U 947 89.55 100.24 42.70
CA GLY U 947 88.58 99.64 41.80
C GLY U 947 87.23 100.33 41.74
N PHE U 948 87.14 101.52 42.32
CA PHE U 948 85.89 102.28 42.27
C PHE U 948 85.68 102.89 40.89
N GLN U 949 84.42 102.94 40.48
CA GLN U 949 84.01 103.59 39.23
C GLN U 949 83.09 104.76 39.53
N ILE U 950 83.27 105.84 38.79
CA ILE U 950 82.55 107.09 39.06
C ILE U 950 81.17 106.99 38.41
N CYS U 951 80.12 106.93 39.22
CA CYS U 951 78.77 106.68 38.73
C CYS U 951 78.19 107.95 38.11
N VAL U 952 77.87 107.88 36.83
CA VAL U 952 77.05 108.88 36.16
C VAL U 952 75.98 108.16 35.33
N GLY U 953 74.77 108.69 35.35
CA GLY U 953 73.67 108.02 34.66
C GLY U 953 72.33 108.56 35.12
N ARG U 954 71.32 107.69 35.00
CA ARG U 954 69.94 108.04 35.34
C ARG U 954 69.55 107.64 36.76
N GLN U 955 69.92 106.42 37.19
CA GLN U 955 69.52 105.94 38.50
C GLN U 955 70.23 106.73 39.61
N VAL U 956 71.48 107.12 39.38
CA VAL U 956 72.20 107.92 40.35
C VAL U 956 71.59 109.32 40.46
N GLU U 957 71.15 109.88 39.33
CA GLU U 957 70.48 111.17 39.35
C GLU U 957 69.11 111.08 40.02
N LYS U 958 68.38 109.98 39.78
CA LYS U 958 67.07 109.82 40.39
C LYS U 958 67.16 109.43 41.87
N ILE U 959 68.31 108.96 42.33
CA ILE U 959 68.50 108.69 43.75
C ILE U 959 69.18 109.84 44.48
N GLU U 960 69.82 110.77 43.75
CA GLU U 960 70.42 111.93 44.39
C GLU U 960 69.36 112.97 44.75
N LEU U 961 68.37 113.16 43.88
CA LEU U 961 67.31 114.13 44.12
C LEU U 961 66.34 113.72 45.21
N SER U 962 66.40 112.46 45.67
CA SER U 962 65.57 111.99 46.78
C SER U 962 66.23 112.19 48.14
N ARG U 963 67.13 113.17 48.25
CA ARG U 963 67.85 113.43 49.50
C ARG U 963 66.91 113.98 50.58
N VAL U 971 74.15 118.29 41.10
CA VAL U 971 74.61 117.85 39.79
C VAL U 971 75.67 116.76 39.96
N VAL U 972 75.44 115.62 39.30
CA VAL U 972 76.42 114.54 39.34
C VAL U 972 77.61 114.90 38.46
N ASN U 973 78.79 114.41 38.84
CA ASN U 973 80.04 114.74 38.16
C ASN U 973 80.77 113.45 37.78
N LYS U 974 81.61 113.56 36.76
CA LYS U 974 82.49 112.48 36.34
C LYS U 974 83.96 112.85 36.38
N TYR U 975 84.31 114.07 35.98
CA TYR U 975 85.66 114.60 36.11
C TYR U 975 85.62 115.84 37.00
N LEU U 976 86.77 116.50 37.10
CA LEU U 976 86.85 117.75 37.84
C LEU U 976 87.19 118.93 36.92
N ASN U 981 85.21 126.23 39.84
CA ASN U 981 84.01 125.56 40.33
C ASN U 981 84.16 125.13 41.78
N ASP U 982 83.04 124.76 42.41
CA ASP U 982 83.07 124.25 43.78
C ASP U 982 82.21 123.02 44.00
N ALA U 983 81.36 122.63 43.07
CA ALA U 983 80.50 121.47 43.22
C ALA U 983 81.15 120.27 42.53
N PHE U 984 81.49 119.25 43.31
CA PHE U 984 82.23 118.09 42.84
C PHE U 984 81.57 116.81 43.35
N LYS U 985 80.26 116.72 43.15
CA LYS U 985 79.48 115.57 43.63
C LYS U 985 79.77 114.35 42.77
N LEU U 986 80.61 113.45 43.28
CA LEU U 986 80.89 112.18 42.63
C LEU U 986 80.26 111.03 43.39
N TYR U 987 80.08 109.91 42.70
CA TYR U 987 79.53 108.70 43.27
C TYR U 987 80.40 107.52 42.84
N LEU U 988 81.07 106.89 43.79
CA LEU U 988 82.00 105.80 43.49
C LEU U 988 81.50 104.51 44.13
N MET U 989 81.46 103.43 43.35
CA MET U 989 80.80 102.21 43.77
C MET U 989 81.64 100.98 43.42
N ILE U 990 81.79 100.07 44.39
CA ILE U 990 82.24 98.72 44.13
C ILE U 990 81.15 97.78 44.62
N ASP U 991 81.39 96.47 44.53
CA ASP U 991 80.41 95.50 45.00
C ASP U 991 80.27 95.52 46.52
N SER U 992 81.29 95.98 47.24
CA SER U 992 81.25 96.00 48.70
C SER U 992 80.59 97.27 49.23
N GLU U 993 81.15 98.43 48.88
CA GLU U 993 80.71 99.69 49.45
C GLU U 993 80.55 100.73 48.35
N ILE U 994 79.68 101.71 48.61
CA ILE U 994 79.42 102.81 47.69
C ILE U 994 79.80 104.10 48.37
N HIS U 995 80.56 104.95 47.68
CA HIS U 995 81.07 106.19 48.23
C HIS U 995 80.42 107.38 47.53
N ARG U 996 79.82 108.26 48.32
CA ARG U 996 79.34 109.55 47.84
C ARG U 996 80.29 110.63 48.35
N ILE U 997 80.90 111.36 47.43
CA ILE U 997 81.91 112.36 47.76
C ILE U 997 81.43 113.71 47.24
N THR U 998 81.34 114.69 48.14
CA THR U 998 80.92 116.03 47.79
C THR U 998 81.93 117.03 48.35
N CYS U 999 82.08 118.15 47.65
CA CYS U 999 83.02 119.18 48.04
C CYS U 999 82.29 120.52 48.15
N SER U 1000 83.02 121.55 48.53
CA SER U 1000 82.48 122.89 48.69
C SER U 1000 83.64 123.88 48.58
N SER U 1001 83.33 125.17 48.83
CA SER U 1001 84.37 126.19 48.82
C SER U 1001 85.12 126.29 50.14
N SER U 1002 84.61 125.66 51.20
CA SER U 1002 85.28 125.70 52.50
C SER U 1002 86.49 124.78 52.57
N GLY U 1003 86.53 123.74 51.75
CA GLY U 1003 87.62 122.79 51.74
C GLY U 1003 87.34 121.47 52.42
N ILE U 1004 86.23 121.35 53.14
CA ILE U 1004 85.88 120.10 53.80
C ILE U 1004 85.28 119.15 52.78
N ILE U 1005 85.80 117.93 52.72
CA ILE U 1005 85.32 116.90 51.80
C ILE U 1005 84.43 115.94 52.58
N ASP U 1006 83.16 115.89 52.19
CA ASP U 1006 82.19 115.00 52.83
C ASP U 1006 82.16 113.67 52.07
N VAL U 1007 82.56 112.60 52.75
CA VAL U 1007 82.60 111.27 52.16
C VAL U 1007 81.65 110.36 52.94
N GLU U 1008 80.69 109.77 52.25
CA GLU U 1008 79.69 108.89 52.86
C GLU U 1008 79.87 107.49 52.31
N ARG U 1009 80.08 106.52 53.19
CA ARG U 1009 80.36 105.13 52.82
C ARG U 1009 79.12 104.29 53.09
N TYR U 1010 78.58 103.68 52.03
CA TYR U 1010 77.44 102.78 52.15
C TYR U 1010 77.94 101.34 51.99
N LEU U 1011 78.42 100.78 53.10
CA LEU U 1011 78.89 99.39 53.11
C LEU U 1011 77.71 98.44 52.98
N ARG U 1012 78.00 97.24 52.48
CA ARG U 1012 76.97 96.24 52.25
C ARG U 1012 76.47 95.64 53.56
N LEU U 1018 79.17 83.95 54.65
CA LEU U 1018 79.31 83.54 53.26
C LEU U 1018 80.63 82.82 53.03
N PHE U 1019 81.68 83.32 53.69
CA PHE U 1019 82.99 82.69 53.62
C PHE U 1019 83.17 81.55 54.61
N ASP U 1020 82.24 81.38 55.55
CA ASP U 1020 82.34 80.31 56.53
C ASP U 1020 81.61 79.05 56.12
N GLN U 1021 80.72 79.12 55.12
CA GLN U 1021 79.96 77.97 54.67
C GLN U 1021 80.61 77.29 53.46
N VAL U 1022 81.91 77.46 53.27
CA VAL U 1022 82.65 76.78 52.22
C VAL U 1022 83.79 76.00 52.87
N PRO U 1023 83.99 74.73 52.50
CA PRO U 1023 85.05 73.95 53.14
C PRO U 1023 86.44 74.43 52.75
N SER U 1024 87.41 74.15 53.62
CA SER U 1024 88.80 74.50 53.35
C SER U 1024 89.33 73.68 52.18
N TYR U 1025 90.10 74.34 51.32
CA TYR U 1025 90.55 73.75 50.06
C TYR U 1025 92.01 74.13 49.84
N ILE U 1026 92.90 73.16 50.00
CA ILE U 1026 94.33 73.34 49.78
C ILE U 1026 94.76 72.40 48.66
N PRO U 1027 94.93 72.91 47.45
CA PRO U 1027 95.28 72.07 46.31
C PRO U 1027 96.77 71.75 46.31
N LEU U 1028 97.20 71.03 45.27
CA LEU U 1028 98.59 70.70 45.05
C LEU U 1028 99.11 71.50 43.86
N VAL U 1029 100.20 72.22 44.07
CA VAL U 1029 100.69 73.20 43.10
C VAL U 1029 102.10 72.81 42.68
N LYS U 1030 102.32 72.69 41.37
CA LYS U 1030 103.63 72.46 40.79
C LYS U 1030 104.04 73.68 39.99
N THR U 1031 105.12 74.33 40.40
CA THR U 1031 105.60 75.52 39.72
C THR U 1031 106.52 75.12 38.56
N ARG U 1032 107.20 76.09 37.95
CA ARG U 1032 107.99 75.82 36.76
C ARG U 1032 109.27 75.06 37.07
N TYR U 1033 109.85 75.29 38.25
CA TYR U 1033 111.14 74.70 38.59
C TYR U 1033 111.03 73.50 39.51
N GLU U 1034 109.81 73.05 39.83
CA GLU U 1034 109.62 71.89 40.68
C GLU U 1034 109.55 70.61 39.85
N SER U 1035 109.86 69.50 40.52
CA SER U 1035 109.75 68.18 39.92
C SER U 1035 108.70 67.30 40.58
N SER U 1036 108.16 67.71 41.72
CA SER U 1036 107.17 66.94 42.46
C SER U 1036 106.03 67.84 42.89
N PHE U 1037 104.82 67.27 42.94
CA PHE U 1037 103.64 67.99 43.38
C PHE U 1037 103.69 68.21 44.88
N ARG U 1038 103.58 69.47 45.31
CA ARG U 1038 103.66 69.83 46.72
C ARG U 1038 102.38 70.56 47.14
N ASP U 1039 102.14 70.56 48.45
CA ASP U 1039 100.98 71.23 49.01
C ASP U 1039 101.09 72.74 48.86
N ALA U 1040 99.99 73.37 48.43
CA ALA U 1040 99.97 74.81 48.23
C ALA U 1040 100.02 75.54 49.58
N MET U 1041 100.52 76.77 49.54
CA MET U 1041 100.70 77.59 50.73
C MET U 1041 99.57 78.59 50.94
N ILE U 1042 98.55 78.58 50.08
CA ILE U 1042 97.44 79.52 50.19
C ILE U 1042 96.14 78.78 49.85
N ASP U 1043 95.07 79.14 50.56
CA ASP U 1043 93.73 78.70 50.18
C ASP U 1043 93.21 79.59 49.06
N PRO U 1044 92.97 79.06 47.86
CA PRO U 1044 92.49 79.91 46.76
C PRO U 1044 91.08 80.43 46.97
N LEU U 1045 90.22 79.66 47.63
CA LEU U 1045 88.85 80.10 47.84
C LEU U 1045 88.76 81.16 48.93
N HIS U 1046 89.50 81.00 50.01
CA HIS U 1046 89.33 81.81 51.21
C HIS U 1046 90.16 83.09 51.21
N VAL U 1047 91.02 83.29 50.22
CA VAL U 1047 91.70 84.57 50.04
C VAL U 1047 90.81 85.47 49.20
N LYS U 1048 90.80 86.77 49.53
CA LYS U 1048 89.82 87.68 48.96
C LYS U 1048 90.36 89.10 48.97
N ARG U 1049 89.67 89.98 48.25
CA ARG U 1049 89.96 91.41 48.27
C ARG U 1049 89.33 92.01 49.52
N GLU U 1050 90.17 92.36 50.49
CA GLU U 1050 89.65 92.87 51.76
C GLU U 1050 89.21 94.32 51.61
N SER U 1051 88.21 94.69 52.41
CA SER U 1051 87.75 96.08 52.45
C SER U 1051 88.82 96.95 53.10
N LEU U 1052 89.35 97.89 52.34
CA LEU U 1052 90.43 98.75 52.81
C LEU U 1052 89.94 99.69 53.90
N ASN U 1053 90.80 99.95 54.88
CA ASN U 1053 90.49 100.91 55.93
C ASN U 1053 90.58 102.33 55.36
N TRP U 1054 89.48 102.82 54.78
CA TRP U 1054 89.52 104.06 54.03
C TRP U 1054 89.69 105.30 54.90
N ASN U 1055 89.33 105.21 56.19
CA ASN U 1055 89.48 106.35 57.08
C ASN U 1055 90.95 106.70 57.28
N GLN U 1056 91.80 105.70 57.50
CA GLN U 1056 93.23 105.97 57.64
C GLN U 1056 93.86 106.37 56.32
N ILE U 1057 93.31 105.87 55.21
CA ILE U 1057 93.79 106.28 53.89
C ILE U 1057 93.54 107.78 53.67
N ASP U 1058 92.32 108.24 53.96
CA ASP U 1058 92.03 109.67 53.87
C ASP U 1058 92.82 110.46 54.88
N GLN U 1059 93.10 109.88 56.06
CA GLN U 1059 93.91 110.57 57.06
C GLN U 1059 95.35 110.77 56.60
N VAL U 1060 95.93 109.78 55.92
CA VAL U 1060 97.32 109.93 55.51
C VAL U 1060 97.47 110.72 54.21
N LEU U 1061 96.48 110.67 53.31
CA LEU U 1061 96.48 111.63 52.21
C LEU U 1061 96.16 113.05 52.68
N ALA U 1062 95.46 113.20 53.80
CA ALA U 1062 95.26 114.53 54.37
C ALA U 1062 96.53 115.09 54.97
N GLY U 1063 97.33 114.23 55.59
CA GLY U 1063 98.54 114.68 56.27
C GLY U 1063 98.46 114.56 57.78
N ASP U 1070 100.97 102.95 62.91
CA ASP U 1070 100.19 102.61 61.72
C ASP U 1070 100.27 101.11 61.44
N ARG U 1071 99.71 100.31 62.34
CA ARG U 1071 99.73 98.86 62.20
C ARG U 1071 98.75 98.41 61.13
N LYS U 1072 99.13 97.31 60.45
CA LYS U 1072 98.29 96.62 59.45
C LYS U 1072 97.88 97.55 58.31
N TRP U 1073 98.82 98.36 57.84
CA TRP U 1073 98.56 99.29 56.75
C TRP U 1073 99.84 99.53 55.97
N HIS U 1074 99.75 99.47 54.64
CA HIS U 1074 100.90 99.71 53.79
C HIS U 1074 100.42 100.20 52.43
N GLY U 1075 101.22 101.08 51.82
CA GLY U 1075 100.93 101.61 50.51
C GLY U 1075 101.65 100.82 49.42
N PHE U 1076 101.67 101.42 48.23
CA PHE U 1076 102.44 100.86 47.12
C PHE U 1076 103.92 100.95 47.45
N ARG U 1077 104.66 99.89 47.11
CA ARG U 1077 106.04 99.80 47.61
C ARG U 1077 106.86 98.91 46.68
N ALA U 1078 108.14 99.23 46.56
CA ALA U 1078 109.07 98.47 45.72
C ALA U 1078 110.48 98.63 46.28
N LYS U 1079 111.11 97.51 46.62
CA LYS U 1079 112.49 97.50 47.09
C LYS U 1079 113.44 97.42 45.89
N TYR U 1080 114.52 98.17 45.95
CA TYR U 1080 115.46 98.28 44.83
C TYR U 1080 116.87 97.92 45.30
N VAL U 1081 117.53 97.05 44.55
CA VAL U 1081 118.86 96.55 44.88
C VAL U 1081 119.82 97.00 43.76
N VAL U 1082 120.89 97.69 44.13
CA VAL U 1082 121.98 97.98 43.20
C VAL U 1082 123.12 97.03 43.47
N LEU U 1083 123.79 96.59 42.41
CA LEU U 1083 124.74 95.49 42.48
C LEU U 1083 126.00 95.83 41.71
N PRO U 1084 127.16 95.33 42.17
CA PRO U 1084 128.41 95.58 41.43
C PRO U 1084 128.48 94.72 40.18
N THR U 1085 128.73 95.37 39.05
CA THR U 1085 128.90 94.71 37.76
C THR U 1085 130.12 95.31 37.06
N ASP U 1086 130.26 95.01 35.77
CA ASP U 1086 131.43 95.41 35.01
C ASP U 1086 131.47 96.93 34.83
N ILE U 1087 132.67 97.45 34.69
CA ILE U 1087 132.92 98.89 34.58
C ILE U 1087 133.13 99.22 33.11
N PRO U 1088 132.47 100.25 32.57
CA PRO U 1088 132.69 100.62 31.17
C PRO U 1088 134.10 101.15 30.97
N PRO U 1089 134.67 100.99 29.76
CA PRO U 1089 136.06 101.43 29.55
C PRO U 1089 136.24 102.94 29.59
N ASN U 1090 135.21 103.72 29.27
CA ASN U 1090 135.32 105.16 29.37
C ASN U 1090 135.34 105.66 30.81
N THR U 1091 134.84 104.85 31.75
CA THR U 1091 134.89 105.23 33.16
C THR U 1091 136.32 105.18 33.69
N TYR U 1092 137.14 104.28 33.16
CA TYR U 1092 138.53 104.14 33.61
C TYR U 1092 139.41 105.31 33.20
N SER U 1093 138.96 106.16 32.29
CA SER U 1093 139.72 107.34 31.87
C SER U 1093 139.30 108.60 32.62
N MET U 1094 138.52 108.46 33.68
CA MET U 1094 138.08 109.62 34.46
C MET U 1094 139.19 110.10 35.40
N ASN U 1104 141.14 102.55 42.04
CA ASN U 1104 140.66 101.22 42.37
C ASN U 1104 139.23 101.07 41.83
N PRO U 1105 138.89 99.88 41.31
CA PRO U 1105 137.48 99.60 40.99
C PRO U 1105 136.54 99.74 42.18
N GLU U 1106 136.98 99.36 43.38
CA GLU U 1106 136.21 99.61 44.58
C GLU U 1106 136.06 101.10 44.85
N GLU U 1107 137.11 101.89 44.57
CA GLU U 1107 137.04 103.33 44.79
C GLU U 1107 136.06 103.99 43.82
N ILE U 1108 136.06 103.60 42.54
CA ILE U 1108 135.12 104.21 41.62
C ILE U 1108 133.70 103.67 41.84
N ARG U 1109 133.57 102.46 42.38
CA ARG U 1109 132.23 101.96 42.70
C ARG U 1109 131.65 102.67 43.92
N VAL U 1110 132.47 102.93 44.94
CA VAL U 1110 131.96 103.67 46.08
C VAL U 1110 131.76 105.15 45.72
N GLU U 1111 132.53 105.66 44.74
CA GLU U 1111 132.27 107.00 44.22
C GLU U 1111 130.93 107.06 43.50
N GLY U 1112 130.61 106.03 42.72
CA GLY U 1112 129.30 105.97 42.07
C GLY U 1112 128.17 105.83 43.06
N LEU U 1113 128.38 105.05 44.13
CA LEU U 1113 127.38 104.93 45.18
C LEU U 1113 127.15 106.27 45.89
N ARG U 1114 128.23 107.00 46.19
CA ARG U 1114 128.10 108.31 46.81
C ARG U 1114 127.43 109.31 45.88
N ARG U 1115 127.72 109.21 44.58
CA ARG U 1115 127.06 110.07 43.59
C ARG U 1115 125.57 109.76 43.51
N LEU U 1116 125.20 108.48 43.59
CA LEU U 1116 123.79 108.11 43.59
C LEU U 1116 123.08 108.62 44.84
N ILE U 1117 123.74 108.52 46.00
CA ILE U 1117 123.17 109.05 47.25
C ILE U 1117 123.01 110.56 47.17
N GLY U 1118 123.99 111.25 46.61
CA GLY U 1118 123.87 112.70 46.42
C GLY U 1118 122.78 113.07 45.42
N SER U 1119 122.59 112.26 44.39
CA SER U 1119 121.53 112.50 43.42
C SER U 1119 120.15 112.28 44.03
N ILE U 1120 120.03 111.31 44.94
CA ILE U 1120 118.78 111.12 45.66
C ILE U 1120 118.51 112.28 46.61
N THR U 1121 119.53 112.71 47.36
CA THR U 1121 119.35 113.82 48.30
C THR U 1121 119.24 115.17 47.59
N ARG U 1122 119.60 115.26 46.31
CA ARG U 1122 119.32 116.46 45.52
C ARG U 1122 117.94 116.42 44.88
N SER U 1123 117.24 115.30 44.97
CA SER U 1123 115.87 115.18 44.49
C SER U 1123 114.84 115.45 45.58
N ARG U 1124 115.29 116.00 46.71
CA ARG U 1124 114.41 116.31 47.84
C ARG U 1124 113.30 117.28 47.44
N LEU U 1125 112.06 116.94 47.79
CA LEU U 1125 110.94 117.83 47.52
C LEU U 1125 110.98 119.02 48.46
N ARG U 1126 110.94 120.22 47.88
CA ARG U 1126 111.08 121.46 48.64
C ARG U 1126 109.78 122.24 48.62
N THR U 1127 109.53 122.96 49.70
CA THR U 1127 108.38 123.85 49.78
C THR U 1127 108.56 125.05 48.87
N GLU U 1128 107.45 125.71 48.55
CA GLU U 1128 107.51 126.94 47.77
C GLU U 1128 108.11 128.09 48.56
N LYS U 1129 108.07 128.03 49.89
CA LYS U 1129 108.69 129.06 50.70
C LYS U 1129 110.22 129.00 50.60
N GLU U 1130 110.78 127.80 50.54
CA GLU U 1130 112.23 127.63 50.43
C GLU U 1130 112.74 127.67 49.00
N LYS U 1131 111.86 127.66 48.01
CA LYS U 1131 112.25 127.74 46.61
C LYS U 1131 112.20 129.16 46.06
N LYS U 1132 111.87 130.15 46.89
CA LYS U 1132 111.81 131.53 46.45
C LYS U 1132 113.21 132.14 46.35
N MET U 1146 130.15 105.08 56.07
CA MET U 1146 130.88 103.98 56.69
C MET U 1146 130.99 102.80 55.73
N PHE U 1147 132.22 102.35 55.48
CA PHE U 1147 132.48 101.22 54.60
C PHE U 1147 133.50 100.30 55.25
N TYR U 1148 133.30 99.00 55.06
CA TYR U 1148 134.15 97.98 55.67
C TYR U 1148 133.99 96.69 54.87
N THR U 1149 134.61 95.62 55.37
CA THR U 1149 134.40 94.26 54.85
C THR U 1149 134.17 93.32 56.01
N GLY U 1150 133.32 92.31 55.79
CA GLY U 1150 133.05 91.31 56.80
C GLY U 1150 131.62 91.32 57.29
N PRO U 1151 131.34 90.53 58.32
CA PRO U 1151 129.99 90.48 58.88
C PRO U 1151 129.61 91.77 59.59
N LEU U 1152 128.30 91.96 59.77
CA LEU U 1152 127.78 93.23 60.27
C LEU U 1152 128.05 93.40 61.76
N TYR U 1153 127.92 92.32 62.54
CA TYR U 1153 128.05 92.43 63.99
C TYR U 1153 129.49 92.71 64.40
N ASN U 1154 130.46 92.27 63.60
CA ASN U 1154 131.85 92.64 63.83
C ASN U 1154 132.07 94.14 63.69
N PHE U 1155 131.44 94.75 62.69
CA PHE U 1155 131.53 96.21 62.54
C PHE U 1155 130.73 96.94 63.60
N ILE U 1156 129.64 96.34 64.09
CA ILE U 1156 128.87 96.96 65.15
C ILE U 1156 129.67 96.99 66.45
N ASN U 1157 130.27 95.85 66.82
CA ASN U 1157 131.07 95.78 68.03
C ASN U 1157 132.45 96.40 67.87
N GLU U 1158 132.89 96.67 66.64
CA GLU U 1158 134.18 97.31 66.43
C GLU U 1158 134.13 98.79 66.81
N GLN U 1159 133.06 99.48 66.46
CA GLN U 1159 132.89 100.89 66.79
C GLN U 1159 132.22 101.11 68.14
N GLN U 1160 131.89 100.04 68.86
CA GLN U 1160 131.28 100.16 70.17
C GLN U 1160 132.34 100.33 71.26
N PRO U 1339 118.19 100.54 73.52
CA PRO U 1339 118.91 101.34 72.53
C PRO U 1339 118.56 100.96 71.10
N ILE U 1340 118.30 101.95 70.26
CA ILE U 1340 117.87 101.75 68.88
C ILE U 1340 118.91 102.37 67.96
N LEU U 1341 119.46 101.57 67.05
CA LEU U 1341 120.41 102.03 66.05
C LEU U 1341 119.73 101.97 64.69
N MET U 1342 119.41 103.12 64.12
CA MET U 1342 118.82 103.18 62.80
C MET U 1342 119.89 102.96 61.74
N LEU U 1343 119.62 102.02 60.82
CA LEU U 1343 120.55 101.72 59.74
C LEU U 1343 120.13 102.35 58.42
N SER U 1344 119.14 103.24 58.44
CA SER U 1344 118.66 103.88 57.22
C SER U 1344 118.20 105.30 57.55
N ASN U 1345 118.07 106.11 56.50
CA ASN U 1345 117.71 107.51 56.64
C ASN U 1345 116.37 107.76 55.96
N SER U 1346 115.67 108.80 56.44
CA SER U 1346 114.35 109.16 55.93
C SER U 1346 114.47 110.39 55.04
N LEU U 1347 113.71 110.39 53.95
CA LEU U 1347 113.79 111.45 52.96
C LEU U 1347 112.55 111.38 52.08
N VAL U 1348 111.98 112.54 51.77
CA VAL U 1348 110.75 112.64 50.98
C VAL U 1348 111.10 113.39 49.70
N ILE U 1349 111.25 112.66 48.61
CA ILE U 1349 111.81 113.21 47.38
C ILE U 1349 110.69 113.68 46.46
N ASP U 1350 111.05 114.55 45.51
CA ASP U 1350 110.16 114.94 44.42
C ASP U 1350 110.47 114.07 43.22
N VAL U 1351 109.48 113.27 42.81
CA VAL U 1351 109.68 112.33 41.70
C VAL U 1351 109.80 113.08 40.38
N ASP U 1352 108.94 114.08 40.15
CA ASP U 1352 108.96 114.84 38.91
C ASP U 1352 109.47 116.24 39.17
N PRO U 1353 110.69 116.57 38.73
CA PRO U 1353 111.19 117.94 38.91
C PRO U 1353 110.82 118.87 37.75
N ALA U 1354 110.46 118.30 36.60
CA ALA U 1354 110.13 119.11 35.43
C ALA U 1354 108.71 119.64 35.45
N GLY U 1355 107.88 119.20 36.39
CA GLY U 1355 106.50 119.66 36.46
C GLY U 1355 105.62 119.23 35.31
N LYS U 1356 105.77 117.98 34.85
CA LYS U 1356 104.91 117.48 33.78
C LYS U 1356 103.47 117.31 34.25
N SER U 1357 103.28 116.72 35.43
CA SER U 1357 101.95 116.52 35.98
C SER U 1357 101.52 117.75 36.77
N SER U 1358 100.21 117.85 36.99
CA SER U 1358 99.62 118.99 37.67
C SER U 1358 99.46 118.78 39.16
N LYS U 1359 99.90 117.65 39.70
CA LYS U 1359 99.74 117.31 41.10
C LYS U 1359 101.12 117.17 41.76
N GLN U 1360 101.10 116.87 43.05
CA GLN U 1360 102.32 116.62 43.80
C GLN U 1360 102.71 115.15 43.70
N GLU U 1361 103.95 114.89 43.29
CA GLU U 1361 104.50 113.55 43.20
C GLU U 1361 105.61 113.44 44.25
N SER U 1362 105.25 112.98 45.44
CA SER U 1362 106.17 112.84 46.56
C SER U 1362 106.30 111.38 46.94
N CYS U 1363 107.53 110.92 47.11
CA CYS U 1363 107.81 109.54 47.49
C CYS U 1363 108.83 109.54 48.62
N THR U 1364 108.78 108.49 49.44
CA THR U 1364 109.65 108.35 50.61
C THR U 1364 110.77 107.38 50.29
N VAL U 1365 112.00 107.77 50.60
CA VAL U 1365 113.20 107.02 50.24
C VAL U 1365 113.91 106.60 51.51
N HIS U 1366 114.24 105.31 51.61
CA HIS U 1366 115.12 104.80 52.65
C HIS U 1366 116.30 104.14 51.96
N TYR U 1367 117.52 104.53 52.35
CA TYR U 1367 118.73 103.94 51.81
C TYR U 1367 119.64 103.50 52.95
N ASP U 1368 120.46 102.49 52.66
CA ASP U 1368 121.29 101.88 53.69
C ASP U 1368 122.40 102.83 54.11
N ARG U 1369 122.59 102.96 55.44
CA ARG U 1369 123.61 103.85 55.96
C ARG U 1369 125.02 103.28 55.80
N VAL U 1370 125.13 101.95 55.72
CA VAL U 1370 126.42 101.29 55.68
C VAL U 1370 126.42 100.32 54.50
N HIS U 1371 127.62 100.01 54.00
CA HIS U 1371 127.74 99.27 52.74
C HIS U 1371 128.95 98.36 52.80
N ASN U 1372 128.81 97.17 52.22
CA ASN U 1372 129.90 96.26 51.93
C ASN U 1372 129.87 95.89 50.45
N PRO U 1373 131.02 95.65 49.84
CA PRO U 1373 131.04 95.08 48.48
C PRO U 1373 130.44 93.68 48.40
N ASP U 1374 130.40 92.94 49.50
CA ASP U 1374 129.78 91.62 49.55
C ASP U 1374 128.35 91.65 50.05
N HIS U 1375 127.80 92.83 50.33
CA HIS U 1375 126.45 92.98 50.83
C HIS U 1375 125.62 93.83 49.87
N CYS U 1376 124.38 93.43 49.66
CA CYS U 1376 123.52 94.16 48.73
C CYS U 1376 123.08 95.49 49.34
N PHE U 1377 123.03 96.51 48.49
CA PHE U 1377 122.62 97.85 48.88
C PHE U 1377 121.14 98.04 48.54
N HIS U 1378 120.38 98.61 49.46
CA HIS U 1378 118.93 98.62 49.37
C HIS U 1378 118.41 100.04 49.20
N ILE U 1379 117.54 100.23 48.22
CA ILE U 1379 116.83 101.48 48.00
C ILE U 1379 115.34 101.20 48.13
N ARG U 1380 114.64 101.99 48.93
CA ARG U 1380 113.21 101.82 49.17
C ARG U 1380 112.44 102.99 48.57
N LEU U 1381 111.26 102.68 48.01
CA LEU U 1381 110.38 103.71 47.45
C LEU U 1381 108.97 103.48 47.99
N GLU U 1382 108.50 104.40 48.83
CA GLU U 1382 107.18 104.32 49.45
C GLU U 1382 106.31 105.43 48.90
N TRP U 1383 105.36 105.09 48.04
CA TRP U 1383 104.51 106.07 47.37
C TRP U 1383 103.06 105.63 47.47
N LEU U 1384 102.16 106.61 47.55
CA LEU U 1384 100.73 106.34 47.64
C LEU U 1384 99.99 106.66 46.35
N THR U 1385 100.09 107.90 45.86
CA THR U 1385 99.27 108.37 44.76
C THR U 1385 100.08 108.91 43.59
N THR U 1386 101.38 108.64 43.55
CA THR U 1386 102.23 109.15 42.48
C THR U 1386 101.98 108.39 41.18
N THR U 1387 102.25 109.07 40.07
CA THR U 1387 102.15 108.44 38.76
C THR U 1387 103.27 107.42 38.58
N PRO U 1388 102.96 106.16 38.25
CA PRO U 1388 104.01 105.13 38.19
C PRO U 1388 104.99 105.32 37.04
N LYS U 1389 104.61 106.03 35.98
CA LYS U 1389 105.56 106.29 34.89
C LYS U 1389 106.68 107.22 35.34
N LEU U 1390 106.38 108.18 36.21
CA LEU U 1390 107.43 109.05 36.73
C LEU U 1390 108.39 108.28 37.63
N ILE U 1391 107.86 107.35 38.42
CA ILE U 1391 108.69 106.44 39.21
C ILE U 1391 109.55 105.58 38.29
N ASP U 1392 108.97 105.11 37.17
CA ASP U 1392 109.71 104.27 36.24
C ASP U 1392 110.85 105.02 35.56
N ASP U 1393 110.62 106.27 35.14
CA ASP U 1393 111.70 106.99 34.49
C ASP U 1393 112.73 107.48 35.51
N LEU U 1394 112.32 107.72 36.76
CA LEU U 1394 113.29 108.00 37.82
C LEU U 1394 114.18 106.79 38.08
N VAL U 1395 113.59 105.59 38.10
CA VAL U 1395 114.36 104.37 38.27
C VAL U 1395 115.27 104.14 37.07
N GLY U 1396 114.82 104.49 35.87
CA GLY U 1396 115.67 104.39 34.69
C GLY U 1396 116.84 105.35 34.74
N ASN U 1397 116.61 106.58 35.20
CA ASN U 1397 117.68 107.55 35.38
C ASN U 1397 118.70 107.08 36.42
N TRP U 1398 118.21 106.52 37.53
CA TRP U 1398 119.11 106.00 38.55
C TRP U 1398 119.90 104.80 38.02
N SER U 1399 119.26 103.95 37.20
CA SER U 1399 119.96 102.81 36.63
C SER U 1399 121.02 103.24 35.63
N ARG U 1400 120.73 104.28 34.83
CA ARG U 1400 121.74 104.83 33.94
C ARG U 1400 122.90 105.45 34.71
N LEU U 1401 122.60 106.14 35.81
CA LEU U 1401 123.64 106.72 36.65
C LEU U 1401 124.51 105.64 37.28
N CYS U 1402 123.90 104.52 37.68
CA CYS U 1402 124.66 103.43 38.27
C CYS U 1402 125.49 102.70 37.21
N GLU U 1403 124.94 102.55 35.99
CA GLU U 1403 125.65 101.86 34.93
C GLU U 1403 126.78 102.70 34.36
N ARG U 1404 126.70 104.03 34.51
CA ARG U 1404 127.82 104.89 34.11
C ARG U 1404 129.02 104.67 35.00
N TYR U 1405 128.81 104.33 36.28
CA TYR U 1405 129.88 104.11 37.24
C TYR U 1405 130.12 102.62 37.52
N GLY U 1406 129.59 101.74 36.68
CA GLY U 1406 129.88 100.32 36.82
C GLY U 1406 129.04 99.58 37.83
N LEU U 1407 127.81 100.02 38.08
CA LEU U 1407 126.88 99.32 38.95
C LEU U 1407 125.68 98.85 38.12
N LYS U 1408 124.68 98.30 38.81
CA LYS U 1408 123.49 97.78 38.13
C LYS U 1408 122.32 97.82 39.10
N MET U 1409 121.46 98.83 38.94
CA MET U 1409 120.24 98.91 39.73
C MET U 1409 119.20 97.93 39.17
N ILE U 1410 118.65 97.10 40.05
CA ILE U 1410 117.70 96.07 39.65
C ILE U 1410 116.55 96.07 40.65
N GLU U 1411 115.36 95.67 40.17
CA GLU U 1411 114.14 95.73 40.95
C GLU U 1411 113.81 94.37 41.55
N ILE U 1412 113.45 94.37 42.83
CA ILE U 1412 113.35 93.13 43.62
C ILE U 1412 112.06 93.17 44.43
N PRO U 1413 111.47 92.00 44.69
CA PRO U 1413 110.30 91.94 45.58
C PRO U 1413 110.60 92.44 47.00
N TRP U 1414 109.63 93.16 47.56
CA TRP U 1414 109.76 93.63 48.94
C TRP U 1414 109.55 92.48 49.92
N GLU U 1415 108.57 91.63 49.67
CA GLU U 1415 108.26 90.52 50.56
C GLU U 1415 109.35 89.47 50.51
N GLU U 1416 109.43 88.68 51.58
CA GLU U 1416 110.42 87.61 51.66
C GLU U 1416 110.10 86.50 50.68
N LEU U 1417 111.15 85.75 50.33
CA LEU U 1417 111.03 84.72 49.30
C LEU U 1417 110.18 83.54 49.78
N CYS U 1418 110.20 83.26 51.09
CA CYS U 1418 109.40 82.19 51.66
C CYS U 1418 107.91 82.48 51.64
N THR U 1419 107.51 83.73 51.41
CA THR U 1419 106.11 84.13 51.46
C THR U 1419 105.45 84.15 50.08
N ILE U 1420 106.23 84.07 48.99
CA ILE U 1420 105.64 84.17 47.65
C ILE U 1420 104.61 83.09 47.30
N PRO U 1421 104.73 81.80 47.70
CA PRO U 1421 103.64 80.87 47.32
C PRO U 1421 102.32 81.22 47.99
N SER U 1422 102.35 81.69 49.23
CA SER U 1422 101.15 82.08 49.97
C SER U 1422 100.56 83.40 49.50
N VAL U 1423 101.13 84.03 48.47
CA VAL U 1423 100.59 85.26 47.90
C VAL U 1423 100.35 85.04 46.41
N ASN U 1424 101.41 84.68 45.68
CA ASN U 1424 101.36 84.50 44.24
C ASN U 1424 101.59 83.04 43.91
N PRO U 1425 100.53 82.25 43.65
CA PRO U 1425 100.74 80.81 43.40
C PRO U 1425 101.36 80.50 42.06
N PHE U 1426 101.30 81.41 41.09
CA PHE U 1426 101.86 81.15 39.77
C PHE U 1426 103.37 81.33 39.73
N HIS U 1427 103.95 81.97 40.74
CA HIS U 1427 105.38 82.23 40.75
C HIS U 1427 106.16 80.93 40.95
N SER U 1428 107.32 80.84 40.30
CA SER U 1428 108.19 79.69 40.49
C SER U 1428 108.83 79.73 41.87
N PHE U 1429 108.94 78.55 42.49
CA PHE U 1429 109.48 78.40 43.83
C PHE U 1429 109.79 76.91 44.05
N VAL U 1430 111.00 76.60 44.49
CA VAL U 1430 111.45 75.22 44.58
C VAL U 1430 112.07 74.98 45.96
N GLU U 1431 112.02 73.73 46.41
CA GLU U 1431 112.69 73.28 47.61
C GLU U 1431 114.04 72.68 47.24
N ILE U 1432 115.11 73.18 47.85
CA ILE U 1432 116.45 72.68 47.58
C ILE U 1432 116.93 71.92 48.82
N LYS U 1433 117.16 70.62 48.64
CA LYS U 1433 117.73 69.76 49.68
C LYS U 1433 119.10 69.33 49.22
N LEU U 1434 120.15 69.88 49.84
CA LEU U 1434 121.52 69.59 49.43
C LEU U 1434 121.88 68.14 49.76
N ALA U 1435 122.66 67.52 48.87
CA ALA U 1435 122.95 66.10 49.00
C ALA U 1435 123.92 65.82 50.13
N ILE U 1436 124.97 66.62 50.25
CA ILE U 1436 126.03 66.40 51.23
C ILE U 1436 125.72 67.25 52.45
N ASN U 1437 125.30 66.62 53.53
CA ASN U 1437 125.01 67.32 54.77
C ASN U 1437 126.28 67.42 55.60
N PRO U 1438 126.79 68.63 55.87
CA PRO U 1438 127.96 68.76 56.75
C PRO U 1438 127.71 68.31 58.18
N TRP U 1439 126.47 68.48 58.68
CA TRP U 1439 126.15 68.10 60.04
C TRP U 1439 125.92 66.60 60.21
N GLU U 1440 125.88 65.84 59.12
CA GLU U 1440 125.65 64.40 59.18
C GLU U 1440 126.78 63.58 58.58
N ASP U 1441 127.34 63.98 57.45
CA ASP U 1441 128.40 63.21 56.82
C ASP U 1441 129.71 63.39 57.58
N PRO U 1442 130.41 62.30 57.92
CA PRO U 1442 131.65 62.43 58.70
C PRO U 1442 132.87 62.85 57.89
N GLU U 1443 132.74 63.03 56.57
CA GLU U 1443 133.87 63.48 55.78
C GLU U 1443 134.23 64.93 56.10
N PHE U 1444 133.21 65.77 56.29
CA PHE U 1444 133.39 67.16 56.69
C PHE U 1444 132.56 67.33 57.97
N LYS U 1445 133.22 67.23 59.12
CA LYS U 1445 132.56 67.42 60.40
C LYS U 1445 133.56 67.96 61.41
N ASP U 1446 133.18 69.06 62.07
CA ASP U 1446 134.05 69.69 63.05
C ASP U 1446 133.19 70.49 64.01
N ARG U 1447 133.46 70.36 65.31
CA ARG U 1447 132.71 71.12 66.30
C ARG U 1447 133.11 72.59 66.28
N GLU U 1448 134.41 72.88 66.11
CA GLU U 1448 134.89 74.25 66.16
C GLU U 1448 134.44 75.04 64.95
N LEU U 1449 134.45 74.43 63.76
CA LEU U 1449 134.02 75.12 62.55
C LEU U 1449 132.53 75.43 62.60
N PHE U 1450 131.72 74.48 63.05
CA PHE U 1450 130.27 74.72 63.14
C PHE U 1450 129.93 75.64 64.30
N ALA U 1451 130.78 75.73 65.33
CA ALA U 1451 130.56 76.70 66.40
C ALA U 1451 130.90 78.11 65.93
N LYS U 1452 131.99 78.25 65.16
CA LYS U 1452 132.36 79.57 64.65
C LYS U 1452 131.44 80.01 63.52
N SER U 1453 131.08 79.10 62.62
CA SER U 1453 130.22 79.40 61.48
C SER U 1453 129.32 78.20 61.23
N LYS U 1454 128.06 78.31 61.65
CA LYS U 1454 127.13 77.18 61.55
C LYS U 1454 126.79 76.87 60.10
N PHE U 1455 126.69 77.89 59.26
CA PHE U 1455 126.30 77.73 57.86
C PHE U 1455 127.45 78.10 56.92
N TYR U 1456 128.67 77.67 57.28
CA TYR U 1456 129.86 78.03 56.50
C TYR U 1456 129.80 77.42 55.10
N TYR U 1457 129.42 76.14 55.01
CA TYR U 1457 129.44 75.45 53.73
C TYR U 1457 128.34 75.96 52.81
N HIS U 1458 127.16 76.27 53.38
CA HIS U 1458 126.07 76.80 52.57
C HIS U 1458 126.37 78.22 52.08
N VAL U 1459 126.96 79.04 52.95
CA VAL U 1459 127.37 80.39 52.55
C VAL U 1459 128.43 80.34 51.46
N TYR U 1460 129.40 79.42 51.59
CA TYR U 1460 130.42 79.30 50.56
C TYR U 1460 129.85 78.74 49.25
N LEU U 1461 128.86 77.86 49.34
CA LEU U 1461 128.20 77.36 48.13
C LEU U 1461 127.45 78.47 47.42
N LEU U 1462 126.75 79.32 48.18
CA LEU U 1462 126.05 80.45 47.57
C LEU U 1462 127.03 81.47 47.00
N LYS U 1463 128.14 81.71 47.69
CA LYS U 1463 129.13 82.68 47.23
C LYS U 1463 129.87 82.20 45.99
N ALA U 1464 130.11 80.89 45.89
CA ALA U 1464 130.82 80.36 44.73
C ALA U 1464 129.95 80.38 43.47
N SER U 1465 128.63 80.42 43.62
CA SER U 1465 127.72 80.50 42.50
C SER U 1465 127.31 81.92 42.15
N GLY U 1466 127.83 82.92 42.87
CA GLY U 1466 127.56 84.30 42.54
C GLY U 1466 126.36 84.92 43.23
N PHE U 1467 126.00 84.43 44.42
CA PHE U 1467 124.84 84.93 45.14
C PHE U 1467 125.31 85.89 46.22
N LEU U 1468 125.01 87.18 46.04
CA LEU U 1468 125.27 88.18 47.06
C LEU U 1468 124.25 88.07 48.19
N LEU U 1469 124.64 88.57 49.37
CA LEU U 1469 123.81 88.45 50.56
C LEU U 1469 122.86 89.65 50.65
N ASP U 1470 121.64 89.40 51.12
CA ASP U 1470 120.62 90.43 51.23
C ASP U 1470 120.43 90.95 52.66
N ASN U 1471 120.09 90.07 53.60
CA ASN U 1471 119.76 90.47 54.96
C ASN U 1471 121.05 90.55 55.77
N ARG U 1472 121.62 91.76 55.87
CA ARG U 1472 122.84 91.95 56.63
C ARG U 1472 122.59 91.85 58.13
N ALA U 1473 121.37 92.17 58.58
CA ALA U 1473 121.04 92.17 60.00
C ALA U 1473 120.51 90.81 60.48
N SER U 1474 120.81 89.73 59.76
CA SER U 1474 120.29 88.43 60.11
C SER U 1474 120.99 87.88 61.35
N LYS U 1475 120.23 87.15 62.16
CA LYS U 1475 120.75 86.55 63.39
C LYS U 1475 121.07 85.07 63.25
N PHE U 1476 121.11 84.55 62.02
CA PHE U 1476 121.49 83.18 61.76
C PHE U 1476 122.94 83.03 61.34
N LEU U 1477 123.60 84.12 60.98
CA LEU U 1477 125.01 84.12 60.60
C LEU U 1477 125.83 84.97 61.55
N GLN U 1478 125.42 85.03 62.82
CA GLN U 1478 126.00 85.95 63.79
C GLN U 1478 127.03 85.24 64.67
N ASN U 1479 127.80 86.04 65.40
CA ASN U 1479 128.76 85.56 66.37
C ASN U 1479 128.51 86.06 67.79
N GLN U 1480 127.91 87.25 67.93
CA GLN U 1480 127.64 87.84 69.23
C GLN U 1480 126.42 88.75 69.08
N ASP U 1481 125.80 89.05 70.21
CA ASP U 1481 124.62 89.91 70.23
C ASP U 1481 124.85 91.16 71.08
N ILE U 1482 124.57 92.32 70.49
CA ILE U 1482 124.63 93.61 71.16
C ILE U 1482 123.66 94.53 70.44
N GLU U 1483 123.41 95.71 71.00
CA GLU U 1483 122.42 96.62 70.41
C GLU U 1483 121.07 95.92 70.40
N PHE U 1484 120.55 95.65 71.59
CA PHE U 1484 119.27 94.94 71.71
C PHE U 1484 118.29 95.21 70.58
N ASP U 1485 117.91 96.46 70.38
CA ASP U 1485 116.90 96.77 69.38
C ASP U 1485 117.59 97.29 68.11
N ILE U 1486 117.34 96.62 66.99
CA ILE U 1486 117.77 97.07 65.68
C ILE U 1486 116.54 97.34 64.83
N MET U 1487 116.56 98.45 64.08
CA MET U 1487 115.42 98.83 63.27
C MET U 1487 115.90 99.58 62.04
N TYR U 1488 115.21 99.34 60.92
CA TYR U 1488 115.37 100.16 59.74
C TYR U 1488 114.45 101.38 59.83
N SER U 1489 114.68 102.35 58.94
CA SER U 1489 113.85 103.55 58.93
C SER U 1489 112.45 103.28 58.38
N TRP U 1490 112.25 102.18 57.66
CA TRP U 1490 110.93 101.79 57.18
C TRP U 1490 110.23 100.79 58.10
N GLY U 1491 110.86 100.39 59.20
CA GLY U 1491 110.27 99.48 60.15
C GLY U 1491 111.21 98.35 60.49
N LYS U 1492 110.70 97.40 61.27
CA LYS U 1492 111.50 96.28 61.72
C LYS U 1492 111.71 95.27 60.59
N PRO U 1493 112.86 94.60 60.56
CA PRO U 1493 113.10 93.55 59.55
C PRO U 1493 112.36 92.28 59.91
N GLN U 1494 111.28 91.99 59.19
CA GLN U 1494 110.45 90.81 59.43
C GLN U 1494 110.88 89.67 58.51
N PHE U 1495 112.13 89.23 58.67
CA PHE U 1495 112.72 88.21 57.81
C PHE U 1495 112.91 86.93 58.61
N LYS U 1496 112.41 85.82 58.08
CA LYS U 1496 112.51 84.52 58.74
C LYS U 1496 113.79 83.77 58.41
N TYR U 1497 114.28 83.88 57.18
CA TYR U 1497 115.48 83.18 56.73
C TYR U 1497 116.50 84.19 56.18
N VAL U 1498 117.62 83.66 55.68
CA VAL U 1498 118.73 84.47 55.21
C VAL U 1498 118.64 84.53 53.69
N GLN U 1499 118.20 85.68 53.18
CA GLN U 1499 117.95 85.83 51.75
C GLN U 1499 119.24 86.15 51.00
N TYR U 1500 119.34 85.62 49.77
CA TYR U 1500 120.49 85.85 48.91
C TYR U 1500 120.02 86.30 47.54
N ILE U 1501 120.76 87.25 46.96
CA ILE U 1501 120.45 87.81 45.65
C ILE U 1501 121.57 87.43 44.69
N HIS U 1502 121.20 87.00 43.49
CA HIS U 1502 122.17 86.73 42.44
C HIS U 1502 122.84 88.04 41.99
N HIS U 1503 124.09 87.92 41.56
CA HIS U 1503 124.83 89.10 41.10
C HIS U 1503 124.25 89.66 39.81
N THR U 1504 123.67 88.80 38.97
CA THR U 1504 122.90 89.28 37.82
C THR U 1504 121.51 89.76 38.22
N GLY U 1505 121.05 89.39 39.41
CA GLY U 1505 119.75 89.81 39.90
C GLY U 1505 118.58 89.08 39.29
N ALA U 1506 118.82 88.05 38.48
CA ALA U 1506 117.73 87.28 37.88
C ALA U 1506 117.07 86.32 38.87
N TYR U 1507 117.80 85.84 39.87
CA TYR U 1507 117.30 84.83 40.77
C TYR U 1507 117.54 85.23 42.22
N VAL U 1508 116.69 84.73 43.11
CA VAL U 1508 116.76 85.00 44.54
C VAL U 1508 116.91 83.68 45.28
N ALA U 1509 117.85 83.63 46.22
CA ALA U 1509 118.05 82.47 47.07
C ALA U 1509 117.74 82.83 48.54
N GLU U 1510 117.54 81.80 49.35
CA GLU U 1510 117.21 81.99 50.75
C GLU U 1510 117.71 80.79 51.55
N LEU U 1511 118.39 81.05 52.66
CA LEU U 1511 119.01 80.01 53.47
C LEU U 1511 118.28 79.88 54.80
N ARG U 1512 117.79 78.69 55.10
CA ARG U 1512 116.96 78.44 56.27
C ARG U 1512 117.85 78.15 57.48
N GLU U 1513 117.24 77.67 58.56
CA GLU U 1513 117.97 77.26 59.75
C GLU U 1513 118.36 75.79 59.72
N ASN U 1514 117.74 74.98 58.87
CA ASN U 1514 118.06 73.57 58.74
C ASN U 1514 118.98 73.27 57.56
N GLY U 1515 119.51 74.30 56.91
CA GLY U 1515 120.42 74.11 55.80
C GLY U 1515 119.76 73.94 54.46
N CYS U 1516 118.43 73.81 54.41
CA CYS U 1516 117.73 73.71 53.14
C CYS U 1516 117.58 75.09 52.52
N LEU U 1517 117.78 75.16 51.20
CA LEU U 1517 117.76 76.43 50.49
C LEU U 1517 116.42 76.63 49.79
N PHE U 1518 116.05 77.90 49.63
CA PHE U 1518 114.98 78.32 48.73
C PHE U 1518 115.58 78.95 47.50
N LEU U 1519 114.80 78.99 46.42
CA LEU U 1519 115.32 79.43 45.12
C LEU U 1519 114.14 79.83 44.25
N ALA U 1520 114.16 81.08 43.77
CA ALA U 1520 113.07 81.58 42.93
C ALA U 1520 113.58 82.70 42.06
N PRO U 1521 113.14 82.80 40.80
CA PRO U 1521 113.64 83.86 39.91
C PRO U 1521 113.03 85.21 40.25
N ASN U 1522 113.63 86.25 39.69
CA ASN U 1522 113.14 87.62 39.84
C ASN U 1522 112.34 87.95 38.57
N ASN U 1523 111.05 87.60 38.61
CA ASN U 1523 110.17 87.75 37.46
C ASN U 1523 109.85 89.22 37.14
N ILE U 1524 110.04 90.12 38.10
CA ILE U 1524 109.74 91.53 37.86
C ILE U 1524 110.76 92.13 36.91
N TYR U 1525 112.05 91.82 37.08
CA TYR U 1525 113.05 92.27 36.13
C TYR U 1525 112.96 91.49 34.83
N ILE U 1526 112.81 90.18 34.90
CA ILE U 1526 112.74 89.33 33.72
C ILE U 1526 111.40 89.52 33.01
N LYS U 1550 118.71 79.39 32.45
CA LYS U 1550 119.95 78.68 32.16
C LYS U 1550 120.80 78.55 33.41
N VAL U 1551 121.05 79.68 34.08
CA VAL U 1551 121.84 79.67 35.32
C VAL U 1551 121.05 79.02 36.44
N ILE U 1552 119.72 79.13 36.42
CA ILE U 1552 118.89 78.53 37.45
C ILE U 1552 118.97 77.01 37.41
N LEU U 1553 118.96 76.41 36.21
CA LEU U 1553 119.10 74.97 36.09
C LEU U 1553 120.50 74.52 36.43
N ASN U 1554 121.51 75.34 36.12
CA ASN U 1554 122.88 75.03 36.49
C ASN U 1554 123.06 74.99 38.00
N PHE U 1555 122.49 75.96 38.71
CA PHE U 1555 122.60 75.98 40.18
C PHE U 1555 121.77 74.87 40.81
N LYS U 1556 120.61 74.56 40.22
CA LYS U 1556 119.79 73.46 40.73
C LYS U 1556 120.49 72.12 40.53
N SER U 1557 121.20 71.96 39.42
CA SER U 1557 121.96 70.72 39.21
C SER U 1557 123.20 70.66 40.08
N THR U 1558 123.83 71.83 40.36
CA THR U 1558 124.97 71.87 41.24
C THR U 1558 124.58 71.51 42.68
N CYS U 1559 123.43 72.01 43.14
CA CYS U 1559 122.96 71.68 44.49
C CYS U 1559 122.53 70.23 44.61
N LEU U 1560 122.19 69.57 43.49
CA LEU U 1560 121.69 68.20 43.50
C LEU U 1560 122.68 67.21 42.88
N ASP U 1561 123.96 67.54 42.87
CA ASP U 1561 125.01 66.66 42.37
C ASP U 1561 125.96 66.30 43.50
N TYR U 1562 126.28 65.01 43.62
CA TYR U 1562 127.25 64.56 44.61
C TYR U 1562 128.64 65.12 44.32
N GLN U 1563 129.05 65.07 43.06
CA GLN U 1563 130.42 65.43 42.69
C GLN U 1563 130.66 66.94 42.84
N LYS U 1564 129.74 67.76 42.33
CA LYS U 1564 129.92 69.20 42.36
C LYS U 1564 129.85 69.75 43.78
N LEU U 1565 128.88 69.28 44.57
CA LEU U 1565 128.76 69.72 45.95
C LEU U 1565 129.94 69.22 46.79
N ARG U 1566 130.41 67.99 46.52
CA ARG U 1566 131.58 67.48 47.22
C ARG U 1566 132.83 68.28 46.90
N SER U 1567 132.99 68.67 45.62
CA SER U 1567 134.14 69.48 45.23
C SER U 1567 134.07 70.88 45.84
N ILE U 1568 132.88 71.48 45.89
CA ILE U 1568 132.72 72.80 46.48
C ILE U 1568 133.00 72.75 47.98
N PHE U 1569 132.52 71.72 48.67
CA PHE U 1569 132.79 71.59 50.10
C PHE U 1569 134.25 71.28 50.37
N LEU U 1570 134.91 70.52 49.49
CA LEU U 1570 136.34 70.27 49.61
C LEU U 1570 137.14 71.55 49.43
N ASP U 1571 136.75 72.39 48.47
CA ASP U 1571 137.39 73.70 48.30
C ASP U 1571 137.15 74.59 49.51
N ALA U 1572 135.96 74.51 50.10
CA ALA U 1572 135.66 75.27 51.32
C ALA U 1572 136.55 74.84 52.48
N LYS U 1573 136.73 73.52 52.64
CA LYS U 1573 137.60 73.00 53.69
C LYS U 1573 139.06 73.38 53.43
N GLU U 1574 139.49 73.35 52.16
CA GLU U 1574 140.84 73.76 51.82
C GLU U 1574 141.09 75.23 52.11
N MET U 1575 140.08 76.07 51.85
CA MET U 1575 140.21 77.49 52.19
C MET U 1575 140.16 77.71 53.71
N TRP U 1576 139.42 76.86 54.42
CA TRP U 1576 139.35 76.98 55.87
C TRP U 1576 140.68 76.59 56.52
N ILE U 1577 141.31 75.53 56.02
CA ILE U 1577 142.57 75.07 56.60
C ILE U 1577 143.70 76.03 56.25
N THR U 1578 143.87 76.32 54.96
CA THR U 1578 144.95 77.20 54.51
C THR U 1578 144.59 78.67 54.69
N GLY V 7 85.85 50.32 4.60
CA GLY V 7 85.53 51.58 5.24
C GLY V 7 86.44 52.72 4.81
N PHE V 8 87.71 52.63 5.18
CA PHE V 8 88.70 53.64 4.86
C PHE V 8 89.68 53.08 3.82
N VAL V 9 89.99 53.90 2.82
CA VAL V 9 90.88 53.45 1.74
C VAL V 9 92.32 53.40 2.26
N PRO V 10 93.08 52.34 1.98
CA PRO V 10 94.50 52.35 2.34
C PRO V 10 95.28 53.33 1.48
N ILE V 11 96.34 53.89 2.08
CA ILE V 11 97.23 54.78 1.34
C ILE V 11 98.07 53.97 0.36
N HIS V 12 98.23 54.50 -0.84
CA HIS V 12 99.02 53.80 -1.86
C HIS V 12 100.50 54.14 -1.75
N THR V 13 100.83 55.43 -1.72
CA THR V 13 102.21 55.88 -1.56
C THR V 13 102.20 57.21 -0.82
N ILE V 14 103.03 57.31 0.22
CA ILE V 14 103.27 58.57 0.90
C ILE V 14 104.68 59.04 0.56
N PHE V 15 104.79 60.30 0.17
CA PHE V 15 106.09 60.89 -0.12
C PHE V 15 106.09 62.35 0.30
N TYR V 16 107.28 62.85 0.66
CA TYR V 16 107.46 64.21 1.14
C TYR V 16 108.27 64.98 0.11
N SER V 17 107.61 65.91 -0.58
CA SER V 17 108.26 66.71 -1.61
C SER V 17 108.57 68.08 -1.03
N VAL V 18 109.77 68.57 -1.32
CA VAL V 18 110.24 69.86 -0.83
C VAL V 18 110.78 70.64 -2.02
N PHE V 19 110.75 71.97 -1.91
CA PHE V 19 111.28 72.84 -2.96
C PHE V 19 112.73 73.18 -2.61
N HIS V 20 113.66 72.57 -3.32
CA HIS V 20 115.08 72.89 -3.17
C HIS V 20 115.36 74.24 -3.86
N PRO V 21 116.18 75.10 -3.24
CA PRO V 21 116.50 76.39 -3.87
C PRO V 21 117.36 76.28 -5.12
N THR V 22 117.98 75.12 -5.39
CA THR V 22 118.84 74.97 -6.56
C THR V 22 118.16 74.19 -7.69
N GLU V 23 117.67 72.99 -7.42
CA GLU V 23 117.06 72.16 -8.44
C GLU V 23 115.53 72.16 -8.39
N GLY V 24 114.94 73.12 -7.67
CA GLY V 24 113.49 73.25 -7.67
C GLY V 24 112.80 72.19 -6.83
N SER V 25 111.57 71.88 -7.22
CA SER V 25 110.78 70.89 -6.51
C SER V 25 111.32 69.48 -6.74
N LYS V 26 111.46 68.71 -5.67
CA LYS V 26 111.97 67.35 -5.75
C LYS V 26 111.39 66.53 -4.62
N ILE V 27 111.42 65.21 -4.79
CA ILE V 27 110.96 64.28 -3.77
C ILE V 27 112.13 63.97 -2.84
N LYS V 28 111.93 64.22 -1.54
CA LYS V 28 112.97 63.98 -0.55
C LYS V 28 112.94 62.54 -0.04
N TYR V 29 111.80 62.10 0.47
CA TYR V 29 111.61 60.75 0.98
C TYR V 29 110.30 60.20 0.44
N GLU V 30 110.22 58.87 0.33
CA GLU V 30 109.06 58.24 -0.30
C GLU V 30 108.93 56.81 0.20
N PHE V 31 107.83 56.52 0.88
CA PHE V 31 107.50 55.16 1.27
C PHE V 31 106.22 54.72 0.59
N PRO V 32 106.19 53.56 -0.09
CA PRO V 32 107.26 52.55 -0.32
C PRO V 32 108.38 53.06 -1.22
N PRO V 33 109.60 52.52 -1.10
CA PRO V 33 110.71 53.03 -1.91
C PRO V 33 110.50 52.74 -3.39
N ASN V 34 110.65 53.79 -4.21
CA ASN V 34 110.45 53.75 -5.67
C ASN V 34 109.06 53.23 -6.03
N ASN V 35 108.05 53.62 -5.24
CA ASN V 35 106.68 53.20 -5.52
C ASN V 35 106.07 54.01 -6.66
N LEU V 36 106.43 55.29 -6.78
CA LEU V 36 105.85 56.13 -7.82
C LEU V 36 106.38 55.77 -9.19
N LYS V 37 107.69 55.48 -9.29
CA LYS V 37 108.29 55.12 -10.56
C LYS V 37 107.89 53.71 -10.99
N ASN V 38 107.61 52.82 -10.04
CA ASN V 38 107.19 51.47 -10.39
C ASN V 38 105.77 51.43 -10.92
N HIS V 39 104.94 52.39 -10.52
CA HIS V 39 103.54 52.45 -10.93
C HIS V 39 103.29 53.44 -12.06
N GLY V 40 104.35 53.96 -12.67
CA GLY V 40 104.21 54.88 -13.78
C GLY V 40 103.82 56.29 -13.40
N ILE V 41 104.00 56.69 -12.15
CA ILE V 41 103.65 58.03 -11.69
C ILE V 41 104.88 58.92 -11.82
N ASN V 42 104.79 59.93 -12.68
CA ASN V 42 105.91 60.84 -12.93
C ASN V 42 105.66 62.14 -12.18
N PHE V 43 106.57 62.47 -11.26
CA PHE V 43 106.38 63.64 -10.40
C PHE V 43 106.54 64.95 -11.17
N ASN V 44 107.34 64.95 -12.24
CA ASN V 44 107.57 66.16 -13.01
C ASN V 44 106.36 66.62 -13.79
N THR V 45 105.37 65.73 -13.99
CA THR V 45 104.15 66.13 -14.68
C THR V 45 103.31 67.07 -13.83
N PHE V 46 103.23 66.82 -12.52
CA PHE V 46 102.39 67.60 -11.62
C PHE V 46 103.21 68.31 -10.54
N LYS V 47 104.48 68.61 -10.82
CA LYS V 47 105.31 69.30 -9.84
C LYS V 47 104.87 70.74 -9.61
N ASN V 48 104.14 71.33 -10.56
CA ASN V 48 103.63 72.68 -10.44
C ASN V 48 102.32 72.73 -9.66
N TYR V 49 101.74 71.58 -9.35
CA TYR V 49 100.60 71.49 -8.45
C TYR V 49 101.00 71.14 -7.02
N ILE V 50 102.08 70.38 -6.85
CA ILE V 50 102.59 70.05 -5.52
C ILE V 50 103.17 71.28 -4.85
N ILE V 51 103.98 72.05 -5.59
CA ILE V 51 104.49 73.33 -5.13
C ILE V 51 103.96 74.41 -6.06
N PRO V 52 102.71 74.86 -5.86
CA PRO V 52 102.15 75.88 -6.75
C PRO V 52 102.53 77.28 -6.28
N LYS V 53 101.95 78.29 -6.91
CA LYS V 53 102.10 79.65 -6.43
C LYS V 53 101.42 79.82 -5.07
N PRO V 54 101.86 80.80 -4.26
CA PRO V 54 101.31 80.94 -2.90
C PRO V 54 99.81 81.26 -2.83
N ILE V 55 99.17 81.60 -3.95
CA ILE V 55 97.71 81.75 -3.94
C ILE V 55 97.05 80.40 -3.73
N LEU V 56 97.52 79.38 -4.45
CA LEU V 56 96.99 78.03 -4.31
C LEU V 56 97.50 77.32 -3.06
N CYS V 57 98.52 77.85 -2.40
CA CYS V 57 99.10 77.23 -1.22
C CYS V 57 98.18 77.41 -0.02
N HIS V 58 98.42 76.57 1.00
CA HIS V 58 97.57 76.47 2.19
C HIS V 58 96.12 76.15 1.83
N LYS V 59 95.94 75.29 0.84
CA LYS V 59 94.63 74.80 0.43
C LYS V 59 94.70 73.30 0.21
N LEU V 60 93.60 72.62 0.50
CA LEU V 60 93.51 71.17 0.30
C LEU V 60 93.39 70.88 -1.18
N ILE V 61 94.49 70.44 -1.78
CA ILE V 61 94.56 70.18 -3.21
C ILE V 61 94.50 68.67 -3.44
N THR V 62 93.53 68.22 -4.22
CA THR V 62 93.40 66.82 -4.58
C THR V 62 93.19 66.73 -6.09
N PHE V 63 94.00 65.92 -6.77
CA PHE V 63 93.88 65.78 -8.21
C PHE V 63 94.07 64.33 -8.60
N LYS V 64 93.58 64.00 -9.79
CA LYS V 64 93.60 62.65 -10.34
C LYS V 64 94.75 62.50 -11.32
N TYR V 65 95.57 61.46 -11.12
CA TYR V 65 96.66 61.11 -12.03
C TYR V 65 96.48 59.64 -12.39
N GLY V 66 95.86 59.39 -13.54
CA GLY V 66 95.60 58.03 -13.99
C GLY V 66 94.62 57.28 -13.11
N THR V 67 95.03 56.14 -12.57
CA THR V 67 94.21 55.36 -11.67
C THR V 67 94.40 55.75 -10.21
N TYR V 68 95.16 56.81 -9.94
CA TYR V 68 95.51 57.21 -8.58
C TYR V 68 94.98 58.62 -8.31
N ARG V 69 94.55 58.84 -7.08
CA ARG V 69 94.14 60.16 -6.60
C ARG V 69 95.20 60.69 -5.65
N ILE V 70 95.65 61.91 -5.90
CA ILE V 70 96.81 62.49 -5.20
C ILE V 70 96.31 63.64 -4.35
N VAL V 71 96.37 63.48 -3.03
CA VAL V 71 95.90 64.47 -2.07
C VAL V 71 97.10 65.15 -1.43
N CYS V 72 97.10 66.49 -1.42
CA CYS V 72 98.21 67.23 -0.86
C CYS V 72 97.71 68.52 -0.23
N TYR V 73 98.50 69.04 0.71
CA TYR V 73 98.27 70.34 1.33
C TYR V 73 99.57 71.14 1.21
N PRO V 74 99.74 71.88 0.11
CA PRO V 74 100.97 72.66 -0.05
C PRO V 74 101.07 73.80 0.96
N VAL V 75 102.26 73.97 1.52
CA VAL V 75 102.53 74.98 2.54
C VAL V 75 103.71 75.82 2.09
N THR V 76 103.55 77.14 2.12
CA THR V 76 104.63 78.07 1.80
C THR V 76 104.77 79.06 2.95
N ILE V 77 105.97 79.17 3.50
CA ILE V 77 106.27 80.07 4.60
C ILE V 77 107.22 81.15 4.09
N ASN V 78 106.83 82.41 4.26
CA ASN V 78 107.63 83.54 3.80
C ASN V 78 108.37 84.12 5.01
N SER V 79 109.70 84.03 4.98
CA SER V 79 110.54 84.55 6.05
C SER V 79 111.92 84.81 5.51
N PRO V 80 112.62 85.86 5.97
CA PRO V 80 113.97 86.14 5.45
C PRO V 80 115.04 85.17 5.90
N ILE V 81 114.73 84.25 6.83
CA ILE V 81 115.71 83.26 7.27
C ILE V 81 116.03 82.28 6.14
N TYR V 82 115.04 81.95 5.32
CA TYR V 82 115.23 80.97 4.27
C TYR V 82 115.84 81.62 3.02
N ALA V 83 116.46 80.79 2.20
CA ALA V 83 116.91 81.21 0.89
C ALA V 83 115.72 81.49 -0.02
N ARG V 84 115.91 82.48 -0.92
CA ARG V 84 114.90 83.00 -1.83
C ARG V 84 113.67 83.57 -1.11
N ASN V 85 113.84 83.95 0.16
CA ASN V 85 112.84 84.62 1.00
C ASN V 85 111.59 83.78 1.23
N PHE V 86 111.63 82.48 0.96
CA PHE V 86 110.48 81.62 1.19
C PHE V 86 110.94 80.18 1.31
N PHE V 87 110.12 79.37 2.00
CA PHE V 87 110.33 77.93 2.12
C PHE V 87 109.03 77.22 1.83
N SER V 88 109.09 76.19 0.98
CA SER V 88 107.90 75.48 0.53
C SER V 88 108.11 73.98 0.65
N PHE V 89 107.11 73.29 1.17
CA PHE V 89 107.11 71.83 1.28
C PHE V 89 105.69 71.33 1.04
N ASN V 90 105.56 70.01 0.99
CA ASN V 90 104.24 69.40 0.81
C ASN V 90 104.31 67.95 1.28
N PHE V 91 103.49 67.60 2.27
CA PHE V 91 103.29 66.23 2.70
C PHE V 91 102.15 65.64 1.86
N VAL V 92 102.50 64.83 0.87
CA VAL V 92 101.58 64.43 -0.18
C VAL V 92 101.12 62.99 0.05
N PHE V 93 99.82 62.76 -0.05
CA PHE V 93 99.23 61.45 0.14
C PHE V 93 98.64 60.99 -1.20
N VAL V 94 98.90 59.73 -1.57
CA VAL V 94 98.36 59.14 -2.79
C VAL V 94 97.40 58.02 -2.43
N PHE V 95 96.20 58.07 -3.02
CA PHE V 95 95.14 57.09 -2.85
C PHE V 95 94.70 56.61 -4.22
N PRO V 96 94.06 55.43 -4.30
CA PRO V 96 93.40 55.05 -5.55
C PRO V 96 92.24 55.97 -5.90
N TYR V 97 91.89 55.98 -7.19
CA TYR V 97 90.84 56.87 -7.67
C TYR V 97 89.45 56.39 -7.28
N ASP V 98 89.19 55.08 -7.38
CA ASP V 98 87.85 54.53 -7.16
C ASP V 98 87.61 54.26 -5.68
N CYS V 99 87.53 55.35 -4.92
CA CYS V 99 87.20 55.28 -3.51
C CYS V 99 86.61 56.63 -3.10
N GLU V 100 86.49 56.84 -1.79
CA GLU V 100 86.08 58.12 -1.21
C GLU V 100 87.20 58.56 -0.28
N THR V 101 87.91 59.61 -0.69
CA THR V 101 89.00 60.20 0.09
C THR V 101 88.52 61.24 1.09
N SER V 102 87.21 61.42 1.21
CA SER V 102 86.65 62.37 2.18
C SER V 102 87.06 62.14 3.64
N PRO V 103 87.10 60.90 4.19
CA PRO V 103 87.57 60.77 5.59
C PRO V 103 89.05 61.12 5.80
N TYR V 104 89.88 61.08 4.76
CA TYR V 104 91.31 61.33 4.93
C TYR V 104 91.71 62.78 4.75
N GLU V 105 90.86 63.61 4.12
CA GLU V 105 91.23 64.99 3.84
C GLU V 105 91.45 65.88 5.07
N PRO V 106 90.62 65.86 6.14
CA PRO V 106 90.98 66.63 7.34
C PRO V 106 92.28 66.19 8.01
N ALA V 107 92.62 64.90 7.94
CA ALA V 107 93.87 64.43 8.51
C ALA V 107 95.07 65.02 7.79
N ILE V 108 95.04 65.03 6.46
CA ILE V 108 96.15 65.60 5.68
C ILE V 108 96.21 67.11 5.85
N THR V 109 95.04 67.76 5.92
CA THR V 109 95.01 69.21 6.16
C THR V 109 95.60 69.56 7.52
N ARG V 110 95.26 68.79 8.57
CA ARG V 110 95.77 69.07 9.90
C ARG V 110 97.25 68.71 10.01
N LEU V 111 97.70 67.68 9.29
CA LEU V 111 99.13 67.37 9.24
C LEU V 111 99.91 68.50 8.62
N GLY V 112 99.40 69.05 7.51
CA GLY V 112 100.05 70.18 6.87
C GLY V 112 100.06 71.42 7.75
N LYS V 113 98.96 71.67 8.45
CA LYS V 113 98.89 72.84 9.33
C LYS V 113 99.82 72.69 10.54
N MET V 114 99.90 71.48 11.10
CA MET V 114 100.79 71.24 12.23
C MET V 114 102.26 71.36 11.82
N PHE V 115 102.61 70.86 10.62
CA PHE V 115 103.99 71.03 10.16
C PHE V 115 104.28 72.46 9.77
N LYS V 116 103.27 73.21 9.33
CA LYS V 116 103.43 74.65 9.12
C LYS V 116 103.72 75.36 10.44
N VAL V 117 103.01 74.99 11.50
CA VAL V 117 103.23 75.57 12.82
C VAL V 117 104.62 75.24 13.32
N LEU V 118 105.06 73.98 13.16
CA LEU V 118 106.37 73.58 13.64
C LEU V 118 107.50 74.25 12.85
N GLU V 119 107.34 74.37 11.53
CA GLU V 119 108.35 75.05 10.72
C GLU V 119 108.40 76.54 11.03
N GLU V 120 107.25 77.16 11.30
CA GLU V 120 107.24 78.57 11.67
C GLU V 120 107.80 78.78 13.08
N GLN V 121 107.68 77.78 13.95
CA GLN V 121 108.11 77.92 15.34
C GLN V 121 109.59 77.63 15.51
N ASN V 122 110.03 76.41 15.20
CA ASN V 122 111.39 75.98 15.51
C ASN V 122 112.19 75.55 14.28
N GLN V 123 111.64 75.74 13.08
CA GLN V 123 112.29 75.40 11.80
C GLN V 123 112.70 73.93 11.77
N LEU V 124 111.70 73.05 11.90
CA LEU V 124 111.94 71.62 12.03
C LEU V 124 112.34 71.00 10.70
N LEU V 125 111.48 71.13 9.69
CA LEU V 125 111.71 70.46 8.41
C LEU V 125 112.89 71.07 7.65
N SER V 126 113.13 72.37 7.81
CA SER V 126 114.26 72.99 7.12
C SER V 126 115.58 72.54 7.72
N LYS V 127 115.65 72.42 9.04
CA LYS V 127 116.87 71.94 9.70
C LYS V 127 117.03 70.42 9.57
N SER V 128 115.94 69.70 9.30
CA SER V 128 116.02 68.25 9.17
C SER V 128 116.76 67.80 7.91
N GLU V 129 116.97 68.70 6.94
CA GLU V 129 117.67 68.34 5.72
C GLU V 129 119.17 68.21 5.92
N ARG V 130 119.72 68.82 6.98
CA ARG V 130 121.16 68.81 7.30
C ARG V 130 121.99 69.34 6.13
N ASP V 131 121.49 70.38 5.48
CA ASP V 131 122.18 71.05 4.39
C ASP V 131 121.96 72.55 4.48
N PRO V 132 123.01 73.36 4.58
CA PRO V 132 122.86 74.82 4.74
C PRO V 132 122.70 75.56 3.42
N VAL V 133 121.84 75.03 2.55
CA VAL V 133 121.47 75.71 1.31
C VAL V 133 120.03 76.18 1.30
N PHE V 134 119.21 75.73 2.25
CA PHE V 134 117.85 76.23 2.42
C PHE V 134 117.79 77.57 3.13
N PHE V 135 118.91 78.06 3.67
CA PHE V 135 118.95 79.27 4.47
C PHE V 135 119.76 80.34 3.75
N ASP V 136 119.88 81.50 4.38
CA ASP V 136 120.61 82.62 3.80
C ASP V 136 122.08 82.58 4.19
N PHE V 195 115.27 63.03 14.82
CA PHE V 195 114.04 62.84 14.08
C PHE V 195 114.32 62.45 12.63
N SER V 196 113.60 61.46 12.13
CA SER V 196 113.77 60.93 10.79
C SER V 196 112.48 61.11 10.01
N ILE V 197 112.59 61.60 8.77
CA ILE V 197 111.43 61.74 7.91
C ILE V 197 110.93 60.37 7.47
N GLN V 198 111.86 59.49 7.09
CA GLN V 198 111.49 58.19 6.52
C GLN V 198 110.78 57.31 7.55
N ASP V 199 111.25 57.32 8.80
CA ASP V 199 110.59 56.56 9.85
C ASP V 199 109.20 57.10 10.15
N LEU V 200 109.05 58.43 10.12
CA LEU V 200 107.74 59.03 10.33
C LEU V 200 106.78 58.65 9.21
N LEU V 201 107.26 58.65 7.97
CA LEU V 201 106.40 58.26 6.84
C LEU V 201 106.03 56.79 6.91
N MET V 202 106.98 55.92 7.31
CA MET V 202 106.69 54.51 7.50
C MET V 202 105.63 54.30 8.57
N ARG V 203 105.78 54.99 9.70
CA ARG V 203 104.84 54.85 10.81
C ARG V 203 103.46 55.37 10.44
N ILE V 204 103.39 56.53 9.76
CA ILE V 204 102.10 57.08 9.33
C ILE V 204 101.43 56.13 8.34
N PHE V 205 102.18 55.63 7.36
CA PHE V 205 101.66 54.73 6.33
C PHE V 205 101.09 53.46 6.95
N GLN V 206 101.89 52.77 7.78
CA GLN V 206 101.44 51.48 8.29
C GLN V 206 100.42 51.62 9.40
N ASP V 207 100.47 52.70 10.19
CA ASP V 207 99.47 52.89 11.23
C ASP V 207 98.12 53.27 10.64
N LEU V 208 98.11 54.08 9.57
CA LEU V 208 96.84 54.40 8.93
C LEU V 208 96.33 53.28 8.03
N ASN V 209 97.21 52.39 7.55
CA ASN V 209 96.75 51.26 6.76
C ASN V 209 96.41 50.03 7.60
N ASN V 210 96.82 49.98 8.86
CA ASN V 210 96.58 48.82 9.70
C ASN V 210 95.68 49.07 10.90
N TYR V 211 95.59 50.30 11.39
CA TYR V 211 94.84 50.58 12.60
C TYR V 211 93.84 51.73 12.47
N SER V 212 93.92 52.52 11.39
CA SER V 212 93.18 53.78 11.20
C SER V 212 93.45 54.78 12.33
N GLU V 213 94.62 54.69 12.96
CA GLU V 213 94.99 55.53 14.09
C GLU V 213 96.51 55.56 14.17
N CYS V 214 97.03 56.61 14.80
CA CYS V 214 98.47 56.71 15.01
C CYS V 214 98.77 57.64 16.19
N LEU V 215 99.88 57.34 16.87
CA LEU V 215 100.45 58.22 17.90
C LEU V 215 101.97 58.11 17.74
N ILE V 216 102.56 59.01 16.97
CA ILE V 216 103.95 58.93 16.56
C ILE V 216 104.70 60.14 17.11
N PRO V 217 105.48 59.96 18.18
CA PRO V 217 106.22 61.10 18.75
C PRO V 217 107.38 61.51 17.86
N ILE V 218 107.46 62.81 17.55
CA ILE V 218 108.55 63.35 16.75
C ILE V 218 109.49 64.24 17.54
N ASP V 219 109.12 64.65 18.74
CA ASP V 219 109.95 65.51 19.59
C ASP V 219 109.66 65.17 21.05
N GLU V 220 110.11 66.04 21.95
CA GLU V 220 109.81 65.89 23.36
C GLU V 220 108.46 66.46 23.75
N GLY V 221 107.79 67.18 22.83
CA GLY V 221 106.48 67.72 23.11
C GLY V 221 105.52 67.61 21.95
N ASN V 222 105.99 67.06 20.84
CA ASN V 222 105.19 66.97 19.62
C ASN V 222 105.01 65.52 19.21
N ALA V 223 103.81 65.19 18.77
CA ALA V 223 103.49 63.86 18.29
C ALA V 223 102.42 63.96 17.21
N VAL V 224 102.40 62.99 16.31
CA VAL V 224 101.41 62.93 15.24
C VAL V 224 100.26 62.03 15.73
N ASP V 225 99.14 62.65 16.09
CA ASP V 225 97.96 61.93 16.55
C ASP V 225 96.86 62.10 15.50
N ILE V 226 96.67 61.09 14.66
CA ILE V 226 95.69 61.13 13.58
C ILE V 226 94.73 59.97 13.77
N LYS V 227 93.43 60.26 13.78
CA LYS V 227 92.39 59.25 13.76
C LYS V 227 91.42 59.55 12.62
N ILE V 228 91.16 58.55 11.78
CA ILE V 228 90.30 58.71 10.61
C ILE V 228 88.87 58.40 11.01
N PHE V 229 87.97 59.40 10.87
CA PHE V 229 86.57 59.24 11.22
C PHE V 229 85.71 59.11 9.96
N PRO V 230 84.65 58.30 10.01
CA PRO V 230 83.72 58.23 8.87
C PRO V 230 82.86 59.47 8.74
N LEU V 231 82.43 59.72 7.51
CA LEU V 231 81.56 60.85 7.18
C LEU V 231 80.10 60.39 7.18
N LEU V 232 79.25 61.14 7.88
CA LEU V 232 77.84 60.80 8.03
C LEU V 232 76.98 61.82 7.29
N ARG V 233 75.84 61.34 6.77
CA ARG V 233 74.91 62.21 6.06
C ARG V 233 74.24 63.19 7.02
N PRO V 234 74.02 64.44 6.60
CA PRO V 234 73.36 65.40 7.48
C PRO V 234 71.90 65.05 7.66
N PRO V 235 71.31 65.37 8.82
CA PRO V 235 69.88 65.11 9.01
C PRO V 235 69.00 66.02 8.17
N THR V 236 67.82 65.51 7.84
CA THR V 236 66.87 66.24 7.02
C THR V 236 66.18 67.33 7.84
N THR V 237 65.51 68.23 7.14
CA THR V 237 64.72 69.29 7.76
C THR V 237 63.23 68.98 7.72
N CYS V 238 62.85 67.76 7.32
CA CYS V 238 61.46 67.38 7.17
C CYS V 238 60.82 66.90 8.47
N VAL V 239 61.57 66.85 9.57
CA VAL V 239 60.99 66.45 10.85
C VAL V 239 60.06 67.55 11.35
N SER V 240 58.89 67.16 11.86
CA SER V 240 57.87 68.11 12.24
C SER V 240 57.26 67.67 13.57
N LEU V 241 56.21 68.37 13.99
CA LEU V 241 55.60 68.11 15.29
C LEU V 241 54.81 66.81 15.30
N GLU V 242 54.16 66.47 14.18
CA GLU V 242 53.30 65.30 14.18
C GLU V 242 54.07 63.98 14.07
N ASP V 243 55.37 64.03 13.79
CA ASP V 243 56.15 62.82 13.69
C ASP V 243 56.49 62.27 15.07
N VAL V 244 56.33 60.97 15.25
CA VAL V 244 56.74 60.33 16.50
C VAL V 244 58.11 59.70 16.29
N PRO V 245 59.00 59.79 17.28
CA PRO V 245 60.32 59.16 17.13
C PRO V 245 60.35 57.76 17.70
N LEU V 246 61.08 56.89 17.00
CA LEU V 246 61.30 55.51 17.43
C LEU V 246 62.79 55.35 17.69
N SER V 247 63.15 55.11 18.94
CA SER V 247 64.54 54.88 19.30
C SER V 247 64.90 53.45 18.92
N SER V 248 65.90 53.29 18.05
CA SER V 248 66.33 51.97 17.64
C SER V 248 67.32 51.36 18.61
N VAL V 249 67.77 52.11 19.62
CA VAL V 249 68.73 51.65 20.60
C VAL V 249 68.21 51.98 21.99
N ASN V 250 68.80 51.33 22.99
CA ASN V 250 68.50 51.60 24.39
C ASN V 250 69.24 52.88 24.79
N LEU V 251 68.52 54.00 24.82
CA LEU V 251 69.14 55.29 25.04
C LEU V 251 69.51 55.56 26.50
N LYS V 252 69.02 54.76 27.45
CA LYS V 252 69.35 55.01 28.85
C LYS V 252 70.79 54.63 29.19
N LYS V 253 71.33 53.62 28.52
CA LYS V 253 72.68 53.15 28.81
C LYS V 253 73.75 53.88 28.02
N ILE V 254 73.36 54.66 27.00
CA ILE V 254 74.32 55.47 26.25
C ILE V 254 74.60 56.79 26.96
N ILE V 255 73.75 57.19 27.91
CA ILE V 255 73.85 58.50 28.56
C ILE V 255 75.07 58.49 29.47
N ASP V 256 76.08 59.28 29.12
CA ASP V 256 77.19 59.64 29.98
C ASP V 256 77.11 61.14 30.27
N VAL V 257 78.14 61.67 30.93
CA VAL V 257 78.07 63.03 31.44
C VAL V 257 78.17 64.07 30.30
N ASN V 258 78.62 63.67 29.11
CA ASN V 258 78.83 64.59 28.01
C ASN V 258 77.60 64.83 27.15
N TRP V 259 76.47 64.20 27.48
CA TRP V 259 75.27 64.39 26.66
C TRP V 259 74.68 65.78 26.89
N ASP V 260 73.94 66.26 25.89
CA ASP V 260 73.23 67.51 26.03
C ASP V 260 72.08 67.35 27.04
N PRO V 261 71.84 68.36 27.89
CA PRO V 261 70.70 68.28 28.82
C PRO V 261 69.35 68.17 28.15
N THR V 262 69.17 68.80 26.98
CA THR V 262 67.93 68.69 26.25
C THR V 262 67.70 67.25 25.78
N MET V 263 68.74 66.64 25.20
CA MET V 263 68.65 65.25 24.76
C MET V 263 68.43 64.32 25.95
N MET V 264 69.08 64.60 27.07
CA MET V 264 68.87 63.84 28.30
C MET V 264 67.43 63.95 28.78
N SER V 265 66.79 65.10 28.56
CA SER V 265 65.38 65.25 28.90
C SER V 265 64.49 64.49 27.91
N ILE V 266 64.88 64.47 26.63
CA ILE V 266 64.06 63.81 25.62
C ILE V 266 64.08 62.29 25.79
N VAL V 267 65.21 61.74 26.26
CA VAL V 267 65.40 60.28 26.29
C VAL V 267 64.32 59.49 27.05
N PRO V 268 63.89 59.89 28.29
CA PRO V 268 62.87 59.06 28.96
C PRO V 268 61.46 59.16 28.41
N TYR V 269 61.28 59.83 27.26
CA TYR V 269 59.96 59.97 26.66
C TYR V 269 59.89 59.44 25.23
N ILE V 270 60.97 58.86 24.71
CA ILE V 270 60.94 58.25 23.38
C ILE V 270 60.51 56.80 23.58
N ASP V 271 59.20 56.60 23.66
CA ASP V 271 58.63 55.27 23.89
C ASP V 271 58.02 54.68 22.62
N GLY V 272 58.16 55.36 21.49
CA GLY V 272 57.63 54.89 20.23
C GLY V 272 56.19 55.25 19.93
N LEU V 273 55.51 55.97 20.84
CA LEU V 273 54.12 56.36 20.58
C LEU V 273 53.83 57.80 20.99
N ASN V 274 54.83 58.57 21.40
CA ASN V 274 54.65 59.95 21.82
C ASN V 274 55.08 60.89 20.71
N SER V 275 54.25 61.90 20.42
CA SER V 275 54.60 62.89 19.42
C SER V 275 55.63 63.87 20.00
N ILE V 276 56.27 64.60 19.09
CA ILE V 276 57.30 65.56 19.47
C ILE V 276 56.71 66.71 20.27
N ALA V 277 55.48 67.14 19.95
CA ALA V 277 54.77 68.09 20.79
C ALA V 277 54.43 67.50 22.16
N LYS V 278 54.02 66.24 22.19
CA LYS V 278 53.73 65.59 23.48
C LYS V 278 54.99 65.41 24.31
N ILE V 279 56.11 65.09 23.66
CA ILE V 279 57.37 64.95 24.38
C ILE V 279 57.85 66.32 24.89
N SER V 280 57.65 67.36 24.07
CA SER V 280 58.00 68.72 24.47
C SER V 280 57.16 69.20 25.65
N LYS V 281 55.87 68.89 25.65
CA LYS V 281 55.03 69.26 26.78
C LYS V 281 55.33 68.43 28.01
N LEU V 282 55.72 67.17 27.82
CA LEU V 282 56.00 66.30 28.96
C LEU V 282 57.33 66.69 29.62
N SER V 283 58.32 67.08 28.81
CA SER V 283 59.65 67.43 29.30
C SER V 283 59.83 68.92 29.55
N ASN V 284 58.76 69.71 29.39
CA ASN V 284 58.79 71.18 29.52
C ASN V 284 59.85 71.81 28.61
N SER V 285 59.89 71.35 27.37
CA SER V 285 60.93 71.75 26.42
C SER V 285 60.32 72.49 25.25
N ASP V 286 61.09 73.43 24.69
CA ASP V 286 60.70 74.10 23.47
C ASP V 286 60.79 73.14 22.29
N PRO V 287 59.79 73.14 21.39
CA PRO V 287 59.79 72.18 20.28
C PRO V 287 60.96 72.30 19.32
N GLY V 288 61.56 73.48 19.19
CA GLY V 288 62.70 73.65 18.30
C GLY V 288 63.93 72.87 18.76
N LEU V 289 64.23 72.92 20.06
CA LEU V 289 65.35 72.15 20.58
C LEU V 289 65.09 70.64 20.53
N VAL V 290 63.83 70.23 20.68
CA VAL V 290 63.48 68.83 20.50
C VAL V 290 63.67 68.40 19.05
N ILE V 291 63.32 69.29 18.10
CA ILE V 291 63.54 69.02 16.68
C ILE V 291 65.03 68.88 16.39
N GLU V 292 65.85 69.76 16.97
CA GLU V 292 67.29 69.69 16.76
C GLU V 292 67.90 68.44 17.40
N CYS V 293 67.38 68.03 18.56
CA CYS V 293 67.89 66.82 19.19
C CYS V 293 67.50 65.56 18.41
N ILE V 294 66.27 65.53 17.87
CA ILE V 294 65.87 64.42 17.02
C ILE V 294 66.69 64.40 15.74
N ARG V 295 67.04 65.57 15.20
CA ARG V 295 67.92 65.63 14.04
C ARG V 295 69.32 65.12 14.36
N HIS V 296 69.85 65.47 15.53
CA HIS V 296 71.16 64.99 15.94
C HIS V 296 71.16 63.48 16.16
N LEU V 297 70.07 62.94 16.72
CA LEU V 297 69.97 61.50 16.90
C LEU V 297 69.79 60.77 15.56
N ILE V 298 69.15 61.43 14.60
CA ILE V 298 69.08 60.91 13.24
C ILE V 298 70.46 60.89 12.61
N TYR V 299 71.26 61.93 12.89
CA TYR V 299 72.62 62.04 12.36
C TYR V 299 73.51 60.89 12.82
N TYR V 300 73.25 60.33 13.99
CA TYR V 300 74.01 59.20 14.50
C TYR V 300 73.33 57.86 14.19
N LYS V 301 72.29 57.88 13.34
CA LYS V 301 71.60 56.69 12.82
C LYS V 301 71.03 55.80 13.93
N CYS V 302 70.21 56.40 14.80
CA CYS V 302 69.63 55.66 15.91
C CYS V 302 68.15 55.93 16.16
N VAL V 303 67.55 56.94 15.54
CA VAL V 303 66.13 57.25 15.71
C VAL V 303 65.49 57.39 14.33
N THR V 304 64.40 56.66 14.11
CA THR V 304 63.62 56.73 12.88
C THR V 304 62.22 57.26 13.19
N LEU V 305 61.77 58.22 12.39
CA LEU V 305 60.48 58.87 12.62
C LEU V 305 59.32 57.98 12.17
N SER V 306 58.16 58.22 12.75
CA SER V 306 56.95 57.49 12.40
C SER V 306 55.74 58.41 12.63
N ASP V 307 54.55 57.82 12.70
CA ASP V 307 53.29 58.53 12.74
C ASP V 307 52.57 58.28 14.05
N ILE V 308 51.67 59.21 14.41
CA ILE V 308 50.83 59.04 15.59
C ILE V 308 49.81 57.93 15.31
N PHE V 309 49.68 57.00 16.26
CA PHE V 309 48.74 55.90 16.12
C PHE V 309 47.34 56.36 16.53
N GLN V 310 46.40 56.30 15.58
CA GLN V 310 45.00 56.51 15.86
C GLN V 310 44.19 55.42 15.16
N PHE V 311 42.99 55.18 15.67
CA PHE V 311 42.08 54.26 15.00
C PHE V 311 41.33 54.91 13.85
N SER V 312 41.46 56.23 13.69
CA SER V 312 40.97 56.92 12.51
C SER V 312 41.97 56.92 11.36
N ASN V 313 43.14 56.33 11.56
CA ASN V 313 44.17 56.29 10.53
C ASN V 313 43.84 55.24 9.48
N ILE V 314 44.44 55.40 8.31
CA ILE V 314 44.27 54.49 7.19
C ILE V 314 45.63 53.91 6.83
N TYR V 315 45.78 52.61 7.01
CA TYR V 315 47.02 51.90 6.70
C TYR V 315 46.82 50.97 5.53
N ALA V 316 47.82 50.88 4.65
CA ALA V 316 47.75 50.02 3.48
C ALA V 316 49.06 49.26 3.36
N PRO V 317 49.02 48.03 2.82
CA PRO V 317 50.27 47.28 2.59
C PRO V 317 51.15 47.93 1.54
N SER V 318 52.46 47.78 1.74
CA SER V 318 53.45 48.33 0.83
C SER V 318 53.89 47.26 -0.16
N SER V 319 54.89 47.60 -0.98
CA SER V 319 55.47 46.64 -1.91
C SER V 319 56.42 45.64 -1.24
N LEU V 320 56.80 45.87 0.01
CA LEU V 320 57.67 44.97 0.74
C LEU V 320 56.90 44.04 1.68
N ILE V 321 55.63 43.78 1.37
CA ILE V 321 54.83 42.88 2.19
C ILE V 321 55.29 41.43 2.01
N ARG V 322 55.92 41.11 0.88
CA ARG V 322 56.49 39.79 0.68
C ARG V 322 57.73 39.53 1.53
N ASN V 323 58.32 40.58 2.11
CA ASN V 323 59.43 40.37 3.03
C ASN V 323 58.98 39.77 4.35
N PHE V 324 57.68 39.78 4.64
CA PHE V 324 57.14 38.98 5.73
C PHE V 324 57.24 37.49 5.42
N LEU V 325 57.28 37.13 4.14
CA LEU V 325 57.41 35.77 3.66
C LEU V 325 58.86 35.40 3.41
N THR V 326 59.62 36.29 2.78
CA THR V 326 61.00 36.01 2.40
C THR V 326 61.95 36.59 3.45
N ASP V 327 61.84 36.02 4.66
CA ASP V 327 62.71 36.33 5.78
C ASP V 327 62.59 35.22 6.81
N PRO V 328 63.70 34.63 7.26
CA PRO V 328 63.62 33.49 8.18
C PRO V 328 63.29 33.85 9.62
N LEU V 329 63.39 35.13 10.01
CA LEU V 329 63.22 35.53 11.40
C LEU V 329 62.27 36.70 11.60
N MET V 330 61.54 37.12 10.56
CA MET V 330 60.60 38.23 10.71
C MET V 330 59.29 37.78 11.33
N ALA V 331 58.76 36.65 10.86
CA ALA V 331 57.45 36.18 11.32
C ALA V 331 57.50 35.69 12.76
N SER V 332 58.60 35.04 13.16
CA SER V 332 58.74 34.58 14.54
C SER V 332 58.84 35.76 15.49
N ASP V 333 59.56 36.82 15.09
CA ASP V 333 59.60 38.04 15.88
C ASP V 333 58.24 38.70 15.94
N CYS V 334 57.47 38.62 14.84
CA CYS V 334 56.09 39.13 14.86
C CYS V 334 55.23 38.36 15.86
N GLN V 335 55.37 37.04 15.89
CA GLN V 335 54.61 36.21 16.83
C GLN V 335 54.97 36.56 18.28
N SER V 336 56.26 36.69 18.57
CA SER V 336 56.68 37.02 19.92
C SER V 336 56.47 38.48 20.28
N TYR V 337 56.19 39.35 19.30
CA TYR V 337 56.08 40.78 19.50
C TYR V 337 54.64 41.25 19.65
N VAL V 338 53.76 40.91 18.70
CA VAL V 338 52.42 41.50 18.65
C VAL V 338 51.46 40.94 19.70
N THR V 339 51.85 39.90 20.43
CA THR V 339 50.94 39.20 21.33
C THR V 339 51.04 39.75 22.75
N PHE V 340 49.89 39.85 23.41
CA PHE V 340 49.85 40.22 24.82
C PHE V 340 50.55 39.16 25.66
N PRO V 341 51.22 39.56 26.76
CA PRO V 341 51.88 38.57 27.62
C PRO V 341 50.92 37.63 28.31
N GLU V 342 49.73 38.09 28.66
CA GLU V 342 48.69 37.28 29.26
C GLU V 342 47.41 37.39 28.44
N VAL V 343 46.34 36.79 28.95
CA VAL V 343 45.00 36.94 28.34
C VAL V 343 44.49 38.31 28.77
N SER V 344 44.66 39.30 27.89
CA SER V 344 44.35 40.68 28.24
C SER V 344 42.84 40.90 28.28
N LYS V 345 42.45 42.00 28.91
CA LYS V 345 41.03 42.34 29.04
C LYS V 345 40.44 42.82 27.72
N ILE V 346 41.27 43.35 26.82
CA ILE V 346 40.81 43.74 25.49
C ILE V 346 40.32 42.52 24.72
N SER V 347 40.94 41.36 24.95
CA SER V 347 40.47 40.09 24.39
C SER V 347 39.25 39.53 25.13
N ASN V 348 38.58 40.32 25.95
CA ASN V 348 37.29 39.96 26.50
C ASN V 348 36.19 40.97 26.20
N LEU V 349 36.53 42.17 25.76
CA LEU V 349 35.54 43.17 25.44
C LEU V 349 34.81 42.81 24.14
N PRO V 350 33.49 42.94 24.11
CA PRO V 350 32.76 42.82 22.84
C PRO V 350 32.92 44.09 22.01
N LEU V 351 32.51 43.97 20.74
CA LEU V 351 32.60 45.12 19.83
C LEU V 351 31.63 46.22 20.22
N ASN V 352 30.40 45.84 20.58
CA ASN V 352 29.38 46.81 20.98
C ASN V 352 28.65 46.26 22.21
N LYS V 353 28.33 47.16 23.12
CA LYS V 353 27.60 46.78 24.34
C LYS V 353 26.83 47.97 24.90
N PHE V 431 48.36 29.29 22.82
CA PHE V 431 49.48 29.30 21.90
C PHE V 431 49.58 30.65 21.19
N LEU V 432 50.75 30.93 20.61
CA LEU V 432 50.91 32.16 19.85
C LEU V 432 50.13 32.08 18.54
N PRO V 433 49.70 33.23 18.01
CA PRO V 433 49.07 33.25 16.68
C PRO V 433 50.03 32.79 15.60
N THR V 434 49.51 32.01 14.65
CA THR V 434 50.34 31.51 13.57
C THR V 434 50.70 32.63 12.60
N ARG V 435 51.81 32.41 11.87
CA ARG V 435 52.33 33.42 10.97
C ARG V 435 51.42 33.64 9.76
N SER V 436 50.66 32.60 9.37
CA SER V 436 49.68 32.74 8.30
C SER V 436 48.56 33.71 8.71
N CYS V 437 48.13 33.64 9.97
CA CYS V 437 47.14 34.58 10.49
C CYS V 437 47.66 36.02 10.46
N LEU V 438 48.92 36.21 10.84
CA LEU V 438 49.51 37.55 10.82
C LEU V 438 49.62 38.08 9.40
N PHE V 439 50.01 37.21 8.46
CA PHE V 439 50.09 37.64 7.06
C PHE V 439 48.71 37.98 6.50
N ASP V 440 47.69 37.19 6.85
CA ASP V 440 46.33 37.47 6.39
C ASP V 440 45.78 38.75 7.01
N LEU V 441 46.22 39.08 8.24
CA LEU V 441 45.83 40.36 8.82
C LEU V 441 46.58 41.52 8.16
N TYR V 442 47.81 41.28 7.73
CA TYR V 442 48.58 42.33 7.06
C TYR V 442 48.05 42.62 5.66
N ARG V 443 47.53 41.59 4.97
CA ARG V 443 46.96 41.81 3.64
C ARG V 443 45.65 42.58 3.71
N SER V 444 44.83 42.33 4.73
CA SER V 444 43.46 42.85 4.78
C SER V 444 43.37 44.35 4.93
N LEU V 445 44.47 45.04 5.27
CA LEU V 445 44.48 46.49 5.22
C LEU V 445 44.34 47.00 3.78
N SER V 446 43.73 48.17 3.63
CA SER V 446 43.46 48.70 2.30
C SER V 446 43.37 50.21 2.34
N GLN V 447 43.53 50.82 1.18
CA GLN V 447 43.43 52.27 1.05
C GLN V 447 41.98 52.73 1.18
N GLY V 448 41.79 53.86 1.85
CA GLY V 448 40.46 54.40 2.05
C GLY V 448 39.64 53.72 3.13
N GLN V 449 40.15 52.65 3.72
CA GLN V 449 39.49 51.93 4.80
C GLN V 449 40.24 52.23 6.09
N THR V 450 39.56 52.88 7.03
CA THR V 450 40.20 53.30 8.27
C THR V 450 40.45 52.09 9.17
N LEU V 451 41.29 52.31 10.19
CA LEU V 451 41.63 51.25 11.12
C LEU V 451 40.47 50.87 12.03
N LYS V 452 39.53 51.79 12.25
CA LYS V 452 38.31 51.44 12.99
C LYS V 452 37.47 50.44 12.23
N THR V 453 37.27 50.66 10.93
CA THR V 453 36.50 49.74 10.10
C THR V 453 37.22 48.40 9.95
N TRP V 454 38.54 48.44 9.75
CA TRP V 454 39.32 47.22 9.62
C TRP V 454 39.30 46.41 10.92
N TYR V 455 39.37 47.10 12.07
CA TYR V 455 39.39 46.40 13.34
C TYR V 455 38.01 45.89 13.72
N GLU V 456 36.93 46.59 13.35
CA GLU V 456 35.58 46.11 13.62
C GLU V 456 35.13 45.07 12.60
N SER V 457 35.81 44.94 11.46
CA SER V 457 35.54 43.83 10.56
C SER V 457 36.29 42.57 10.96
N LYS V 458 37.47 42.72 11.57
CA LYS V 458 38.29 41.60 12.05
C LYS V 458 38.61 41.88 13.51
N TYR V 459 37.71 41.50 14.40
CA TYR V 459 37.93 41.60 15.84
C TYR V 459 37.84 40.28 16.58
N MET V 460 37.12 39.29 16.04
CA MET V 460 37.15 37.96 16.64
C MET V 460 38.52 37.29 16.45
N ILE V 461 39.19 37.58 15.33
CA ILE V 461 40.51 36.99 15.08
C ILE V 461 41.53 37.52 16.07
N LEU V 462 41.52 38.82 16.32
CA LEU V 462 42.48 39.41 17.26
C LEU V 462 42.10 39.09 18.70
N LYS V 463 40.82 38.89 18.98
CA LYS V 463 40.40 38.54 20.33
C LYS V 463 40.80 37.11 20.65
N GLU V 464 40.60 36.20 19.69
CA GLU V 464 40.95 34.80 19.92
C GLU V 464 42.45 34.59 19.92
N ASN V 465 43.19 35.36 19.10
CA ASN V 465 44.63 35.19 19.02
C ASN V 465 45.40 36.12 19.96
N ASN V 466 44.71 36.97 20.73
CA ASN V 466 45.30 37.85 21.73
C ASN V 466 46.33 38.79 21.12
N ILE V 467 45.93 39.49 20.07
CA ILE V 467 46.83 40.31 19.26
C ILE V 467 46.59 41.78 19.60
N ASP V 468 47.67 42.50 19.94
CA ASP V 468 47.61 43.93 20.13
C ASP V 468 47.68 44.64 18.78
N ILE V 469 46.65 45.42 18.46
CA ILE V 469 46.55 46.05 17.14
C ILE V 469 47.59 47.17 17.00
N ARG V 470 47.85 47.90 18.08
CA ARG V 470 48.88 48.94 18.05
C ARG V 470 50.26 48.35 17.83
N ARG V 471 50.55 47.24 18.49
CA ARG V 471 51.85 46.59 18.33
C ARG V 471 51.98 45.98 16.95
N PHE V 472 50.87 45.47 16.41
CA PHE V 472 50.80 44.95 15.05
C PHE V 472 51.12 46.03 14.02
N ILE V 473 50.48 47.20 14.18
CA ILE V 473 50.70 48.31 13.25
C ILE V 473 52.13 48.83 13.36
N THR V 474 52.67 48.88 14.60
CA THR V 474 54.03 49.35 14.80
C THR V 474 55.05 48.40 14.17
N PHE V 475 54.82 47.08 14.29
CA PHE V 475 55.70 46.12 13.63
C PHE V 475 55.59 46.21 12.12
N GLY V 476 54.39 46.45 11.60
CA GLY V 476 54.22 46.61 10.16
C GLY V 476 54.95 47.82 9.63
N LEU V 477 54.92 48.92 10.38
CA LEU V 477 55.61 50.12 9.95
C LEU V 477 57.12 49.99 10.13
N GLU V 478 57.55 49.26 11.16
CA GLU V 478 58.98 49.09 11.42
C GLU V 478 59.65 48.19 10.38
N LYS V 479 58.94 47.18 9.89
CA LYS V 479 59.47 46.32 8.84
C LYS V 479 59.17 46.83 7.44
N ARG V 480 58.53 48.01 7.33
CA ARG V 480 58.22 48.68 6.06
C ARG V 480 57.36 47.80 5.15
N ILE V 481 56.47 47.02 5.75
CA ILE V 481 55.53 46.21 4.99
C ILE V 481 54.17 46.88 4.83
N ILE V 482 53.86 47.90 5.63
CA ILE V 482 52.67 48.71 5.43
C ILE V 482 53.05 50.18 5.55
N TYR V 483 52.18 51.03 5.00
CA TYR V 483 52.36 52.47 5.04
C TYR V 483 51.04 53.13 5.40
N ARG V 484 51.12 54.36 5.88
CA ARG V 484 49.94 55.13 6.25
C ARG V 484 49.57 56.07 5.12
N CYS V 485 48.29 56.10 4.76
CA CYS V 485 47.78 57.05 3.78
C CYS V 485 47.36 58.29 4.54
N TYR V 486 48.12 59.37 4.38
CA TYR V 486 47.88 60.60 5.12
C TYR V 486 46.64 61.31 4.60
N SER V 487 45.93 61.97 5.52
CA SER V 487 44.68 62.67 5.21
C SER V 487 44.94 64.16 5.05
N PHE V 488 44.50 64.71 3.92
CA PHE V 488 44.77 66.11 3.58
C PHE V 488 43.45 66.88 3.46
N PRO V 489 43.10 67.74 4.41
CA PRO V 489 41.85 68.54 4.30
C PRO V 489 41.99 69.80 3.44
N VAL V 490 41.86 69.66 2.13
CA VAL V 490 41.95 70.80 1.22
C VAL V 490 40.56 71.40 1.08
N MET V 491 40.50 72.70 0.78
CA MET V 491 39.25 73.37 0.47
C MET V 491 39.07 73.44 -1.05
N ILE V 492 38.08 74.23 -1.48
CA ILE V 492 37.81 74.40 -2.90
C ILE V 492 38.93 75.21 -3.57
N MET V 565 29.61 73.44 19.58
CA MET V 565 31.03 73.74 19.50
C MET V 565 31.34 75.08 20.16
N PRO V 566 32.39 75.12 20.99
CA PRO V 566 32.75 76.36 21.67
C PRO V 566 33.34 77.38 20.70
N LYS V 567 33.44 78.61 21.19
CA LYS V 567 33.97 79.71 20.38
C LYS V 567 35.48 79.57 20.23
N LEU V 568 35.95 79.44 19.00
CA LEU V 568 37.36 79.24 18.71
C LEU V 568 38.12 80.55 18.86
N SER V 569 39.34 80.47 19.38
CA SER V 569 40.11 81.65 19.74
C SER V 569 40.72 82.31 18.50
N ASP V 570 41.27 83.51 18.72
CA ASP V 570 41.86 84.27 17.62
C ASP V 570 43.16 83.64 17.12
N GLU V 571 44.05 83.29 18.06
CA GLU V 571 45.29 82.61 17.68
C GLU V 571 45.01 81.20 17.16
N GLU V 572 44.00 80.54 17.75
CA GLU V 572 43.61 79.21 17.29
C GLU V 572 43.07 79.25 15.87
N GLU V 573 42.21 80.22 15.55
CA GLU V 573 41.72 80.33 14.18
C GLU V 573 42.81 80.81 13.23
N GLY V 574 43.76 81.61 13.71
CA GLY V 574 44.87 82.01 12.86
C GLY V 574 45.77 80.86 12.47
N ILE V 575 46.13 80.01 13.43
CA ILE V 575 46.98 78.87 13.11
C ILE V 575 46.19 77.81 12.34
N LEU V 576 44.87 77.73 12.56
CA LEU V 576 44.03 76.85 11.75
C LEU V 576 43.99 77.31 10.30
N GLU V 577 43.84 78.62 10.08
CA GLU V 577 43.84 79.16 8.72
C GLU V 577 45.21 78.98 8.06
N GLU V 578 46.29 79.17 8.81
CA GLU V 578 47.62 78.96 8.26
C GLU V 578 47.87 77.50 7.92
N SER V 579 47.34 76.58 8.72
CA SER V 579 47.47 75.16 8.40
C SER V 579 46.62 74.78 7.19
N ILE V 580 45.45 75.40 7.05
CA ILE V 580 44.59 75.10 5.89
C ILE V 580 45.20 75.66 4.61
N ARG V 581 45.74 76.88 4.67
CA ARG V 581 46.33 77.51 3.49
C ARG V 581 47.66 76.88 3.10
N ASN V 582 48.26 76.04 3.95
CA ASN V 582 49.49 75.33 3.64
C ASN V 582 49.23 73.87 3.29
N ALA V 583 47.95 73.46 3.21
CA ALA V 583 47.52 72.10 2.85
C ALA V 583 48.12 71.04 3.78
N GLU V 584 48.18 71.36 5.07
CA GLU V 584 48.77 70.45 6.05
C GLU V 584 47.83 69.29 6.34
N THR V 585 48.40 68.22 6.90
CA THR V 585 47.63 67.02 7.21
C THR V 585 46.74 67.26 8.43
N PHE V 586 45.83 66.31 8.67
CA PHE V 586 45.01 66.34 9.88
C PHE V 586 45.86 66.14 11.15
N ASP V 587 46.95 65.37 11.05
CA ASP V 587 47.81 65.14 12.21
C ASP V 587 48.47 66.42 12.70
N LYS V 588 48.96 67.25 11.76
CA LYS V 588 49.63 68.48 12.15
C LYS V 588 48.66 69.49 12.75
N ILE V 589 47.44 69.58 12.18
CA ILE V 589 46.43 70.48 12.74
C ILE V 589 45.98 70.00 14.11
N CYS V 590 45.80 68.69 14.28
CA CYS V 590 45.40 68.14 15.56
C CYS V 590 46.49 68.34 16.63
N VAL V 591 47.74 68.23 16.23
CA VAL V 591 48.85 68.51 17.14
C VAL V 591 48.90 69.98 17.51
N LEU V 592 48.71 70.87 16.52
CA LEU V 592 48.84 72.30 16.77
C LEU V 592 47.70 72.85 17.62
N LEU V 593 46.48 72.34 17.41
CA LEU V 593 45.35 72.78 18.22
C LEU V 593 45.16 71.99 19.50
N SER V 594 45.92 70.90 19.68
CA SER V 594 45.79 69.96 20.81
C SER V 594 44.36 69.43 20.92
N LYS V 595 43.79 69.06 19.78
CA LYS V 595 42.40 68.65 19.68
C LYS V 595 42.31 67.34 18.92
N PRO V 596 41.25 66.55 19.18
CA PRO V 596 41.04 65.35 18.36
C PRO V 596 40.58 65.68 16.94
N LYS V 597 40.38 64.64 16.12
CA LYS V 597 40.05 64.86 14.72
C LYS V 597 38.64 65.40 14.54
N LEU V 598 37.71 65.03 15.43
CA LEU V 598 36.31 65.41 15.24
C LEU V 598 36.09 66.90 15.51
N GLU V 599 36.78 67.45 16.52
CA GLU V 599 36.66 68.88 16.79
C GLU V 599 37.25 69.72 15.66
N VAL V 600 38.38 69.28 15.11
CA VAL V 600 39.00 69.97 13.98
C VAL V 600 38.08 69.89 12.75
N GLU V 601 37.48 68.72 12.52
CA GLU V 601 36.55 68.55 11.42
C GLU V 601 35.32 69.44 11.58
N SER V 602 34.79 69.53 12.80
CA SER V 602 33.64 70.39 13.06
C SER V 602 33.97 71.86 12.85
N TYR V 603 35.16 72.29 13.31
CA TYR V 603 35.56 73.68 13.11
C TYR V 603 35.79 73.98 11.63
N LEU V 604 36.33 73.02 10.88
CA LEU V 604 36.54 73.21 9.46
C LEU V 604 35.22 73.25 8.69
N ASN V 605 34.26 72.40 9.09
CA ASN V 605 32.93 72.44 8.48
C ASN V 605 32.19 73.73 8.81
N GLU V 606 32.43 74.29 10.01
CA GLU V 606 31.92 75.62 10.31
C GLU V 606 32.58 76.68 9.43
N LEU V 607 33.89 76.54 9.19
CA LEU V 607 34.59 77.55 8.41
C LEU V 607 34.32 77.43 6.91
N GLY V 608 34.12 76.23 6.40
CA GLY V 608 33.85 76.08 4.98
C GLY V 608 33.59 74.63 4.62
N GLU V 609 33.64 74.35 3.33
CA GLU V 609 33.51 73.00 2.80
C GLU V 609 34.87 72.45 2.39
N PHE V 610 35.14 71.20 2.75
CA PHE V 610 36.46 70.63 2.58
C PHE V 610 36.33 69.18 2.13
N LYS V 611 37.38 68.70 1.46
CA LYS V 611 37.48 67.31 1.02
C LYS V 611 38.78 66.72 1.55
N VAL V 612 38.76 65.42 1.82
CA VAL V 612 39.88 64.71 2.42
C VAL V 612 40.47 63.76 1.38
N ILE V 613 41.78 63.86 1.18
CA ILE V 613 42.53 62.94 0.32
C ILE V 613 43.35 62.02 1.21
N ASN V 614 43.13 60.72 1.09
CA ASN V 614 43.93 59.73 1.81
C ASN V 614 44.99 59.18 0.84
N SER V 615 46.06 59.95 0.67
CA SER V 615 47.13 59.62 -0.26
C SER V 615 48.02 58.50 0.28
ZN ZN W . -63.72 -66.50 -12.31
ZN ZN X . -78.51 -67.89 -8.99
ZN ZN Y . -77.04 -68.63 -12.88
ZN ZN Z . -68.22 -66.61 9.62
ZN ZN AA . -79.12 -84.32 4.76
ZN ZN BA . -59.34 -75.41 -0.02
ZN ZN CA . -59.73 -77.00 3.86
ZN ZN DA . 25.55 -54.22 23.79
ZN ZN EA . 28.56 -54.74 45.14
ZN ZN FA . 32.73 -64.86 28.62
ZN ZN GA . 21.45 -74.79 45.25
ZN ZN HA . 11.67 -56.15 33.80
ZN ZN IA . 10.72 -70.56 28.14
ZN ZN JA . 9.12 -58.67 35.84
ZN ZN KA . 56.54 -17.22 -71.62
ZN ZN LA . 71.36 -15.15 -74.29
ZN ZN MA . 69.52 -18.89 -74.91
ZN ZN NA . 62.90 4.25 -72.01
ZN ZN OA . 71.76 -1.27 -90.65
ZN ZN PA . 52.50 -4.42 -80.02
ZN ZN QA . 53.07 -0.58 -81.63
ZN ZN RA . -27.78 26.37 -51.31
ZN ZN SA . -28.93 47.89 -51.41
ZN ZN TA . -35.43 31.96 -61.25
ZN ZN UA . -23.64 47.66 -72.04
ZN ZN VA . -13.32 35.15 -54.40
ZN ZN WA . -14.14 29.63 -68.88
ZN ZN XA . -10.84 36.99 -57.10
#